data_8ZDK
#
_entry.id   8ZDK
#
loop_
_entity.id
_entity.type
_entity.pdbx_description
1 polymer 'Major Capsid Protein (gp8)'
2 polymer 'Capsid Cement Protein (gp113)'
#
loop_
_entity_poly.entity_id
_entity_poly.type
_entity_poly.pdbx_seq_one_letter_code
_entity_poly.pdbx_strand_id
1 'polypeptide(L)'
;MAHIFVKPELVAEIGVKQLQREIVLPGLVWTNPLTDFGGSKNDTITVRVPAITTANRRDLRDPDRTVIASELVEHSFGVT
LDKHVYAALKFTDEQRTLDIRDYTKQVLMPQVSAVAYELEDYIAELIEGAPYEETILIDPADTVPAFITADQRMGEANVP
TDSRRLVVGSAVAAALAKDKQFRHADWSGDQANAALREAHVGRLAGMNVIRSNAIAPDKAYLWHRTAFILAYRTPVVPEG
AKAGASFSANGVALRWLADYDYSQLGDRTLLDVFTGRKVVTEVDGSFVRAVELQLQASSITIVGGAFALATTTGTKQLKV
RDDNGTDVTARCTFASSAGTKATVSAAGLVTGVAAGTADITASYVPPQGGTAKTATVTVTVP
;
1,2,3,4,5,6,M,N,O,P,Q,R,m,n,o,p,q,r,T,U,V,W,X,Y,t,u,v,w,x,y
2 'polypeptide(L)' MGLISDPVEVDPIQVGRDEAGWVQELRDREAWPKQEVPEQAKKPAKVGN 7,S,s,Z,z
#
# COMPACT_ATOMS: atom_id res chain seq x y z
N ALA A 2 69.73 -56.42 -76.52
CA ALA A 2 70.96 -55.83 -75.98
C ALA A 2 70.66 -54.99 -74.75
N HIS A 3 70.76 -53.68 -74.89
CA HIS A 3 70.45 -52.78 -73.78
C HIS A 3 68.99 -52.89 -73.42
N ILE A 4 68.70 -52.85 -72.13
CA ILE A 4 67.34 -52.93 -71.61
C ILE A 4 67.13 -51.78 -70.65
N PHE A 5 66.07 -51.01 -70.87
CA PHE A 5 65.74 -49.86 -70.03
C PHE A 5 64.40 -50.10 -69.36
N VAL A 6 64.24 -49.50 -68.18
CA VAL A 6 63.00 -49.61 -67.41
C VAL A 6 62.27 -48.27 -67.54
N LYS A 7 61.12 -48.28 -68.19
CA LYS A 7 60.36 -47.08 -68.44
C LYS A 7 58.91 -47.27 -68.00
N PRO A 8 58.24 -46.21 -67.58
CA PRO A 8 56.84 -46.32 -67.17
C PRO A 8 55.89 -46.13 -68.33
N GLU A 9 54.67 -46.63 -68.15
CA GLU A 9 53.61 -46.44 -69.14
C GLU A 9 52.93 -45.12 -68.86
N LEU A 10 53.30 -44.09 -69.62
CA LEU A 10 52.67 -42.79 -69.43
C LEU A 10 51.21 -42.83 -69.84
N VAL A 11 50.38 -42.14 -69.07
CA VAL A 11 48.98 -41.93 -69.40
C VAL A 11 48.73 -40.44 -69.33
N ALA A 12 48.29 -39.85 -70.42
CA ALA A 12 48.06 -38.42 -70.49
C ALA A 12 46.71 -38.15 -71.13
N GLU A 13 46.09 -37.05 -70.73
CA GLU A 13 44.83 -36.61 -71.29
C GLU A 13 45.07 -35.40 -72.18
N ILE A 14 44.55 -35.45 -73.41
CA ILE A 14 44.83 -34.45 -74.42
C ILE A 14 43.58 -33.67 -74.82
N GLY A 15 42.48 -33.84 -74.09
CA GLY A 15 41.24 -33.18 -74.41
C GLY A 15 40.25 -34.03 -75.18
N VAL A 16 40.67 -35.21 -75.65
CA VAL A 16 39.74 -36.12 -76.29
C VAL A 16 38.79 -36.66 -75.24
N LYS A 17 37.49 -36.55 -75.50
CA LYS A 17 36.48 -36.99 -74.56
C LYS A 17 35.30 -37.58 -75.33
N GLN A 18 34.53 -38.42 -74.65
CA GLN A 18 33.38 -39.02 -75.30
C GLN A 18 32.37 -37.95 -75.67
N LEU A 19 31.85 -38.02 -76.89
CA LEU A 19 30.92 -37.02 -77.36
C LEU A 19 29.56 -37.20 -76.71
N GLN A 20 28.99 -36.10 -76.22
CA GLN A 20 27.74 -36.12 -75.48
C GLN A 20 26.76 -35.13 -76.10
N ARG A 21 25.48 -35.38 -75.86
CA ARG A 21 24.43 -34.51 -76.37
C ARG A 21 24.49 -33.15 -75.68
N GLU A 22 23.83 -32.17 -76.29
CA GLU A 22 23.72 -30.83 -75.73
C GLU A 22 22.34 -30.66 -75.09
N ILE A 23 22.33 -30.20 -73.84
CA ILE A 23 21.10 -30.08 -73.06
C ILE A 23 20.33 -28.86 -73.58
N VAL A 24 19.20 -29.10 -74.24
CA VAL A 24 18.42 -28.01 -74.81
C VAL A 24 16.97 -28.03 -74.32
N LEU A 25 16.35 -29.21 -74.29
CA LEU A 25 14.92 -29.28 -73.98
C LEU A 25 14.56 -28.75 -72.61
N PRO A 26 15.23 -29.12 -71.51
CA PRO A 26 14.87 -28.51 -70.22
C PRO A 26 15.08 -27.01 -70.26
N GLY A 27 14.19 -26.29 -69.62
CA GLY A 27 14.16 -24.85 -69.70
C GLY A 27 13.21 -24.30 -70.74
N LEU A 28 12.85 -25.13 -71.73
CA LEU A 28 11.82 -24.78 -72.70
C LEU A 28 10.46 -25.34 -72.31
N VAL A 29 10.36 -26.01 -71.17
CA VAL A 29 9.13 -26.65 -70.73
C VAL A 29 8.78 -26.08 -69.36
N TRP A 30 7.51 -25.68 -69.21
CA TRP A 30 7.02 -25.10 -67.96
C TRP A 30 7.28 -26.02 -66.78
N THR A 31 8.17 -25.60 -65.89
CA THR A 31 8.53 -26.38 -64.70
C THR A 31 7.97 -25.71 -63.46
N ASN A 32 7.41 -26.52 -62.57
CA ASN A 32 6.78 -26.04 -61.34
C ASN A 32 7.32 -26.83 -60.16
N PRO A 33 8.21 -26.25 -59.36
CA PRO A 33 8.62 -26.91 -58.12
C PRO A 33 7.45 -26.96 -57.15
N LEU A 34 7.43 -28.00 -56.32
CA LEU A 34 6.37 -28.13 -55.34
C LEU A 34 6.81 -27.62 -53.96
N ASP A 43 3.31 -33.72 -53.12
CA ASP A 43 2.67 -34.95 -53.56
C ASP A 43 1.98 -34.74 -54.91
N THR A 44 1.25 -33.64 -55.02
CA THR A 44 0.57 -33.28 -56.25
C THR A 44 0.19 -31.81 -56.16
N ILE A 45 -0.14 -31.23 -57.31
CA ILE A 45 -0.67 -29.87 -57.32
C ILE A 45 -1.83 -29.83 -58.30
N THR A 46 -2.71 -28.87 -58.11
CA THR A 46 -3.91 -28.72 -58.93
C THR A 46 -3.91 -27.36 -59.60
N VAL A 47 -4.42 -27.32 -60.83
CA VAL A 47 -4.52 -26.10 -61.62
C VAL A 47 -6.00 -25.87 -61.91
N ARG A 48 -6.47 -24.67 -61.61
CA ARG A 48 -7.87 -24.28 -61.78
C ARG A 48 -8.00 -23.47 -63.06
N VAL A 49 -8.86 -23.92 -63.98
CA VAL A 49 -9.13 -23.19 -65.21
C VAL A 49 -10.34 -22.29 -64.95
N PRO A 50 -10.25 -20.99 -65.19
CA PRO A 50 -11.41 -20.12 -64.97
C PRO A 50 -12.56 -20.48 -65.89
N ALA A 51 -13.76 -20.23 -65.40
CA ALA A 51 -14.97 -20.59 -66.14
C ALA A 51 -15.32 -19.55 -67.19
N ILE A 52 -16.00 -20.00 -68.25
CA ILE A 52 -16.54 -19.13 -69.28
C ILE A 52 -18.02 -19.46 -69.43
N THR A 53 -18.76 -18.52 -70.02
CA THR A 53 -20.20 -18.65 -70.13
C THR A 53 -20.66 -18.12 -71.49
N THR A 54 -21.98 -18.08 -71.65
CA THR A 54 -22.64 -17.58 -72.86
C THR A 54 -23.57 -16.43 -72.49
N ALA A 55 -24.26 -15.91 -73.49
CA ALA A 55 -25.17 -14.79 -73.27
C ALA A 55 -26.19 -14.77 -74.40
N ASN A 56 -27.45 -15.00 -74.09
CA ASN A 56 -28.48 -15.07 -75.11
C ASN A 56 -28.96 -13.67 -75.49
N ARG A 57 -29.77 -13.62 -76.53
CA ARG A 57 -30.38 -12.38 -76.99
C ARG A 57 -31.88 -12.59 -77.14
N ARG A 58 -32.64 -11.54 -76.87
CA ARG A 58 -34.09 -11.55 -76.96
C ARG A 58 -34.57 -10.32 -77.70
N ASP A 59 -35.78 -10.41 -78.24
CA ASP A 59 -36.35 -9.29 -78.97
C ASP A 59 -36.66 -8.13 -78.03
N LEU A 60 -36.90 -6.97 -78.62
CA LEU A 60 -37.20 -5.76 -77.87
C LEU A 60 -38.69 -5.52 -77.85
N ARG A 61 -39.21 -5.12 -76.68
CA ARG A 61 -40.64 -4.91 -76.46
C ARG A 61 -41.45 -6.18 -76.71
N ASP A 62 -40.84 -7.33 -76.46
CA ASP A 62 -41.55 -8.59 -76.60
C ASP A 62 -42.53 -8.77 -75.43
N PRO A 63 -43.76 -9.22 -75.69
CA PRO A 63 -44.68 -9.51 -74.58
C PRO A 63 -44.13 -10.54 -73.62
N ASP A 64 -43.37 -11.51 -74.11
CA ASP A 64 -42.67 -12.42 -73.22
C ASP A 64 -41.62 -11.66 -72.42
N ARG A 65 -41.44 -12.05 -71.17
CA ARG A 65 -40.57 -11.33 -70.24
C ARG A 65 -39.56 -12.26 -69.58
N THR A 66 -39.20 -13.35 -70.24
CA THR A 66 -38.35 -14.36 -69.63
C THR A 66 -36.91 -14.19 -70.06
N VAL A 67 -36.00 -14.67 -69.22
CA VAL A 67 -34.56 -14.62 -69.48
C VAL A 67 -33.98 -16.00 -69.23
N ILE A 68 -33.06 -16.40 -70.09
CA ILE A 68 -32.38 -17.69 -69.96
C ILE A 68 -31.11 -17.46 -69.13
N ALA A 69 -31.03 -18.12 -67.99
CA ALA A 69 -29.86 -17.97 -67.14
C ALA A 69 -28.67 -18.70 -67.75
N SER A 70 -27.48 -18.24 -67.41
CA SER A 70 -26.25 -18.84 -67.88
C SER A 70 -25.58 -19.62 -66.75
N GLU A 71 -24.51 -20.33 -67.10
CA GLU A 71 -23.84 -21.23 -66.19
C GLU A 71 -22.37 -20.86 -66.06
N LEU A 72 -21.85 -20.91 -64.83
CA LEU A 72 -20.45 -20.63 -64.56
C LEU A 72 -19.85 -21.86 -63.91
N VAL A 73 -19.39 -22.80 -64.74
CA VAL A 73 -18.81 -24.04 -64.26
C VAL A 73 -17.29 -23.95 -64.39
N GLU A 74 -16.60 -23.99 -63.26
CA GLU A 74 -15.15 -23.84 -63.22
C GLU A 74 -14.50 -25.21 -63.02
N HIS A 75 -13.56 -25.55 -63.90
CA HIS A 75 -12.93 -26.86 -63.87
C HIS A 75 -11.53 -26.76 -63.26
N SER A 76 -10.94 -27.91 -63.01
CA SER A 76 -9.58 -27.98 -62.52
C SER A 76 -9.02 -29.36 -62.80
N PHE A 77 -7.74 -29.41 -63.14
CA PHE A 77 -7.03 -30.68 -63.30
C PHE A 77 -5.82 -30.67 -62.36
N GLY A 78 -4.98 -31.69 -62.46
CA GLY A 78 -3.88 -31.80 -61.54
C GLY A 78 -2.72 -32.59 -62.10
N VAL A 79 -1.54 -32.33 -61.55
CA VAL A 79 -0.34 -33.07 -61.89
C VAL A 79 0.21 -33.70 -60.62
N THR A 80 0.85 -34.86 -60.78
CA THR A 80 1.34 -35.62 -59.65
C THR A 80 2.70 -36.22 -59.97
N LEU A 81 3.47 -36.49 -58.93
CA LEU A 81 4.81 -37.05 -59.09
C LEU A 81 4.69 -38.56 -59.28
N ASP A 82 5.29 -39.08 -60.35
CA ASP A 82 5.17 -40.49 -60.66
C ASP A 82 6.47 -41.08 -61.18
N LYS A 83 7.61 -40.44 -60.91
CA LYS A 83 8.86 -40.98 -61.37
C LYS A 83 9.98 -40.51 -60.45
N HIS A 84 11.05 -41.29 -60.39
CA HIS A 84 12.19 -41.00 -59.53
C HIS A 84 13.45 -41.19 -60.35
N VAL A 85 14.05 -40.09 -60.80
CA VAL A 85 15.24 -40.15 -61.64
C VAL A 85 16.46 -40.09 -60.74
N TYR A 86 17.32 -41.11 -60.82
CA TYR A 86 18.43 -41.23 -59.91
C TYR A 86 19.66 -41.75 -60.65
N ALA A 87 20.82 -41.41 -60.11
CA ALA A 87 22.10 -41.98 -60.53
C ALA A 87 22.86 -42.35 -59.28
N ALA A 88 23.20 -43.63 -59.14
CA ALA A 88 23.82 -44.15 -57.93
C ALA A 88 25.14 -44.82 -58.26
N LEU A 89 26.14 -44.58 -57.43
CA LEU A 89 27.46 -45.15 -57.59
C LEU A 89 27.96 -45.70 -56.26
N LYS A 90 28.48 -46.92 -56.28
CA LYS A 90 29.00 -47.58 -55.09
C LYS A 90 30.50 -47.81 -55.26
N PHE A 91 31.28 -47.34 -54.30
CA PHE A 91 32.73 -47.43 -54.34
C PHE A 91 33.23 -48.18 -53.13
N THR A 92 33.91 -49.29 -53.34
CA THR A 92 34.60 -49.93 -52.22
C THR A 92 35.70 -49.03 -51.70
N ASP A 93 36.05 -49.22 -50.43
CA ASP A 93 36.97 -48.30 -49.78
C ASP A 93 38.33 -48.28 -50.46
N GLU A 94 38.76 -49.41 -51.01
CA GLU A 94 40.05 -49.45 -51.70
C GLU A 94 40.06 -48.52 -52.90
N GLN A 95 39.03 -48.61 -53.75
CA GLN A 95 38.99 -47.76 -54.93
C GLN A 95 38.46 -46.36 -54.64
N ARG A 96 37.85 -46.15 -53.48
CA ARG A 96 37.58 -44.78 -53.04
C ARG A 96 38.84 -44.11 -52.53
N THR A 97 39.78 -44.89 -51.99
CA THR A 97 41.01 -44.34 -51.45
C THR A 97 42.06 -44.12 -52.53
N LEU A 98 42.39 -45.18 -53.27
CA LEU A 98 43.58 -45.19 -54.11
C LEU A 98 43.23 -45.45 -55.59
N ASP A 99 42.02 -45.09 -56.00
CA ASP A 99 41.65 -45.16 -57.41
C ASP A 99 40.96 -43.90 -57.91
N ILE A 100 40.50 -43.02 -57.03
CA ILE A 100 39.83 -41.79 -57.40
C ILE A 100 40.75 -40.65 -57.03
N ARG A 101 41.39 -40.05 -58.04
CA ARG A 101 42.31 -38.95 -57.77
C ARG A 101 41.56 -37.75 -57.19
N ASP A 102 40.52 -37.30 -57.87
CA ASP A 102 39.72 -36.17 -57.42
C ASP A 102 38.24 -36.53 -57.51
N TYR A 103 37.51 -36.13 -56.49
CA TYR A 103 36.13 -36.58 -56.35
C TYR A 103 35.20 -35.83 -57.29
N THR A 104 35.30 -34.50 -57.32
CA THR A 104 34.38 -33.66 -58.09
C THR A 104 34.69 -33.69 -59.58
N LYS A 105 35.52 -34.62 -60.03
CA LYS A 105 35.82 -34.77 -61.45
C LYS A 105 35.63 -36.18 -61.96
N GLN A 106 35.71 -37.19 -61.09
CA GLN A 106 35.46 -38.57 -61.49
C GLN A 106 34.11 -39.10 -61.05
N VAL A 107 33.45 -38.43 -60.12
CA VAL A 107 32.20 -38.96 -59.56
C VAL A 107 31.05 -37.98 -59.77
N LEU A 108 31.17 -36.78 -59.23
CA LEU A 108 30.03 -35.86 -59.19
C LEU A 108 29.63 -35.41 -60.58
N MET A 109 30.60 -34.97 -61.39
CA MET A 109 30.26 -34.48 -62.72
C MET A 109 29.60 -35.52 -63.60
N PRO A 110 30.10 -36.76 -63.70
CA PRO A 110 29.36 -37.77 -64.46
C PRO A 110 27.97 -38.03 -63.92
N GLN A 111 27.77 -38.02 -62.60
CA GLN A 111 26.43 -38.22 -62.07
C GLN A 111 25.49 -37.11 -62.51
N VAL A 112 25.93 -35.86 -62.37
CA VAL A 112 25.08 -34.73 -62.76
C VAL A 112 24.77 -34.78 -64.24
N SER A 113 25.77 -35.13 -65.06
CA SER A 113 25.53 -35.23 -66.49
C SER A 113 24.52 -36.32 -66.80
N ALA A 114 24.65 -37.48 -66.15
CA ALA A 114 23.74 -38.58 -66.42
C ALA A 114 22.32 -38.22 -66.03
N VAL A 115 22.15 -37.58 -64.88
CA VAL A 115 20.81 -37.21 -64.45
C VAL A 115 20.22 -36.14 -65.36
N ALA A 116 21.05 -35.20 -65.82
CA ALA A 116 20.57 -34.19 -66.75
C ALA A 116 20.08 -34.82 -68.05
N TYR A 117 20.85 -35.76 -68.58
CA TYR A 117 20.44 -36.41 -69.83
C TYR A 117 19.20 -37.25 -69.61
N GLU A 118 19.07 -37.90 -68.45
CA GLU A 118 17.86 -38.65 -68.16
C GLU A 118 16.64 -37.75 -68.08
N LEU A 119 16.77 -36.58 -67.44
CA LEU A 119 15.65 -35.65 -67.38
C LEU A 119 15.28 -35.14 -68.76
N GLU A 120 16.28 -34.85 -69.59
CA GLU A 120 15.98 -34.41 -70.95
C GLU A 120 15.26 -35.51 -71.73
N ASP A 121 15.69 -36.76 -71.57
CA ASP A 121 14.98 -37.85 -72.23
C ASP A 121 13.55 -37.97 -71.70
N TYR A 122 13.36 -37.73 -70.41
CA TYR A 122 12.03 -37.76 -69.82
C TYR A 122 11.13 -36.71 -70.46
N ILE A 123 11.63 -35.49 -70.59
CA ILE A 123 10.85 -34.41 -71.19
C ILE A 123 10.57 -34.71 -72.65
N ALA A 124 11.56 -35.25 -73.36
CA ALA A 124 11.35 -35.60 -74.77
C ALA A 124 10.29 -36.68 -74.93
N GLU A 125 10.29 -37.67 -74.05
CA GLU A 125 9.24 -38.69 -74.09
C GLU A 125 7.89 -38.07 -73.80
N LEU A 126 7.85 -37.09 -72.89
CA LEU A 126 6.59 -36.37 -72.63
C LEU A 126 6.09 -35.68 -73.88
N ILE A 127 6.98 -34.97 -74.57
CA ILE A 127 6.57 -34.16 -75.72
C ILE A 127 6.17 -35.04 -76.88
N GLU A 128 6.97 -36.05 -77.19
CA GLU A 128 6.68 -36.89 -78.35
C GLU A 128 5.46 -37.78 -78.12
N GLY A 129 5.16 -38.10 -76.87
CA GLY A 129 4.07 -38.99 -76.55
C GLY A 129 2.72 -38.32 -76.35
N ALA A 130 2.62 -37.01 -76.56
CA ALA A 130 1.37 -36.33 -76.35
C ALA A 130 0.34 -36.79 -77.37
N PRO A 131 -0.95 -36.77 -77.02
CA PRO A 131 -1.99 -37.26 -77.94
C PRO A 131 -2.32 -36.26 -79.05
N TYR A 132 -1.40 -36.15 -80.00
CA TYR A 132 -1.66 -35.31 -81.17
C TYR A 132 -2.67 -36.00 -82.07
N GLU A 133 -3.71 -35.27 -82.47
CA GLU A 133 -4.74 -35.85 -83.33
C GLU A 133 -4.33 -35.90 -84.78
N GLU A 134 -3.33 -35.12 -85.18
CA GLU A 134 -2.92 -35.06 -86.57
C GLU A 134 -1.47 -34.61 -86.63
N THR A 135 -0.76 -35.08 -87.65
CA THR A 135 0.64 -34.71 -87.86
C THR A 135 0.76 -34.01 -89.20
N ILE A 136 1.21 -32.75 -89.17
CA ILE A 136 1.44 -32.02 -90.41
C ILE A 136 2.62 -32.65 -91.13
N LEU A 137 2.47 -32.83 -92.44
CA LEU A 137 3.51 -33.44 -93.25
C LEU A 137 4.31 -32.35 -93.95
N ILE A 138 5.59 -32.28 -93.65
CA ILE A 138 6.48 -31.28 -94.23
C ILE A 138 7.00 -31.82 -95.55
N ASP A 139 6.46 -31.32 -96.65
CA ASP A 139 6.98 -31.70 -97.96
C ASP A 139 8.36 -31.10 -98.14
N PRO A 140 9.41 -31.90 -98.30
CA PRO A 140 10.75 -31.33 -98.39
C PRO A 140 10.97 -30.41 -99.58
N ALA A 141 10.17 -30.53 -100.64
CA ALA A 141 10.31 -29.61 -101.77
C ALA A 141 9.98 -28.18 -101.36
N ASP A 142 8.90 -27.99 -100.60
CA ASP A 142 8.54 -26.68 -100.06
C ASP A 142 8.10 -26.90 -98.62
N THR A 143 8.98 -26.54 -97.68
CA THR A 143 8.77 -26.88 -96.28
C THR A 143 7.98 -25.83 -95.53
N VAL A 144 7.99 -24.58 -95.97
CA VAL A 144 7.36 -23.50 -95.22
C VAL A 144 5.83 -23.51 -95.28
N PRO A 145 5.16 -24.01 -96.33
CA PRO A 145 3.70 -24.17 -96.20
C PRO A 145 3.30 -25.06 -95.05
N ALA A 146 4.09 -26.10 -94.76
CA ALA A 146 3.80 -26.96 -93.63
C ALA A 146 3.85 -26.20 -92.31
N PHE A 147 4.87 -25.37 -92.13
CA PHE A 147 4.94 -24.61 -90.88
C PHE A 147 3.89 -23.51 -90.82
N ILE A 148 3.55 -22.92 -91.96
CA ILE A 148 2.48 -21.93 -91.97
C ILE A 148 1.16 -22.56 -91.58
N THR A 149 0.85 -23.75 -92.10
CA THR A 149 -0.40 -24.39 -91.72
C THR A 149 -0.34 -24.92 -90.29
N ALA A 150 0.84 -25.29 -89.80
CA ALA A 150 0.96 -25.64 -88.40
C ALA A 150 0.65 -24.44 -87.51
N ASP A 151 1.14 -23.26 -87.89
CA ASP A 151 0.80 -22.05 -87.16
C ASP A 151 -0.69 -21.73 -87.27
N GLN A 152 -1.27 -21.97 -88.45
CA GLN A 152 -2.70 -21.71 -88.63
C GLN A 152 -3.54 -22.61 -87.73
N ARG A 153 -3.10 -23.86 -87.54
CA ARG A 153 -3.85 -24.78 -86.69
C ARG A 153 -3.97 -24.26 -85.27
N MET A 154 -2.89 -23.70 -84.74
CA MET A 154 -2.96 -23.12 -83.40
C MET A 154 -3.55 -21.72 -83.40
N GLY A 155 -3.61 -21.07 -84.55
CA GLY A 155 -4.29 -19.79 -84.62
C GLY A 155 -5.80 -19.92 -84.64
N GLU A 156 -6.32 -21.03 -85.17
CA GLU A 156 -7.76 -21.24 -85.17
C GLU A 156 -8.26 -21.84 -83.87
N ALA A 157 -7.37 -22.24 -82.97
CA ALA A 157 -7.74 -22.67 -81.65
C ALA A 157 -7.57 -21.56 -80.62
N ASN A 158 -7.30 -20.34 -81.07
CA ASN A 158 -7.19 -19.17 -80.21
C ASN A 158 -6.06 -19.32 -79.20
N VAL A 159 -5.07 -20.13 -79.50
CA VAL A 159 -3.87 -20.20 -78.66
C VAL A 159 -3.11 -18.89 -78.76
N PRO A 160 -2.63 -18.33 -77.66
CA PRO A 160 -1.94 -17.04 -77.74
C PRO A 160 -0.73 -17.10 -78.68
N THR A 161 -0.50 -16.00 -79.38
CA THR A 161 0.52 -15.92 -80.41
C THR A 161 1.89 -15.55 -79.87
N ASP A 162 2.12 -15.72 -78.57
CA ASP A 162 3.41 -15.46 -77.97
C ASP A 162 3.82 -16.64 -77.10
N SER A 163 5.11 -16.70 -76.80
CA SER A 163 5.74 -17.76 -76.03
C SER A 163 5.63 -19.12 -76.70
N ARG A 164 5.21 -19.17 -77.96
CA ARG A 164 5.23 -20.41 -78.70
C ARG A 164 6.67 -20.85 -78.92
N ARG A 165 6.92 -22.14 -78.80
CA ARG A 165 8.26 -22.69 -78.93
C ARG A 165 8.26 -23.77 -79.99
N LEU A 166 9.23 -23.70 -80.91
CA LEU A 166 9.36 -24.64 -82.02
C LEU A 166 10.69 -25.37 -81.87
N VAL A 167 10.61 -26.65 -81.50
CA VAL A 167 11.78 -27.49 -81.36
C VAL A 167 11.82 -28.44 -82.54
N VAL A 168 12.93 -28.40 -83.27
CA VAL A 168 13.06 -29.07 -84.56
C VAL A 168 14.13 -30.13 -84.44
N GLY A 169 13.80 -31.35 -84.86
CA GLY A 169 14.77 -32.42 -84.87
C GLY A 169 15.85 -32.18 -85.90
N SER A 170 16.89 -32.99 -85.82
CA SER A 170 18.07 -32.79 -86.66
C SER A 170 17.72 -32.88 -88.14
N ALA A 171 16.96 -33.91 -88.52
CA ALA A 171 16.65 -34.10 -89.94
C ALA A 171 15.76 -32.98 -90.46
N VAL A 172 14.82 -32.50 -89.65
CA VAL A 172 13.96 -31.42 -90.12
C VAL A 172 14.75 -30.13 -90.29
N ALA A 173 15.71 -29.86 -89.39
CA ALA A 173 16.55 -28.69 -89.55
C ALA A 173 17.38 -28.79 -90.82
N ALA A 174 17.94 -29.97 -91.09
CA ALA A 174 18.69 -30.15 -92.32
C ALA A 174 17.80 -29.95 -93.55
N ALA A 175 16.60 -30.49 -93.51
CA ALA A 175 15.69 -30.34 -94.65
C ALA A 175 15.29 -28.89 -94.84
N LEU A 176 15.13 -28.14 -93.75
CA LEU A 176 14.85 -26.72 -93.86
C LEU A 176 16.00 -26.00 -94.52
N ALA A 177 17.23 -26.32 -94.13
CA ALA A 177 18.38 -25.66 -94.76
C ALA A 177 18.50 -26.03 -96.23
N LYS A 178 18.16 -27.26 -96.60
CA LYS A 178 18.26 -27.71 -97.99
C LYS A 178 17.18 -27.11 -98.88
N ASP A 179 16.14 -26.52 -98.31
CA ASP A 179 14.99 -26.10 -99.10
C ASP A 179 15.37 -25.02 -100.09
N LYS A 180 14.74 -25.06 -101.26
CA LYS A 180 14.92 -23.99 -102.24
C LYS A 180 14.45 -22.66 -101.69
N GLN A 181 13.45 -22.68 -100.80
CA GLN A 181 12.93 -21.46 -100.22
C GLN A 181 13.97 -20.70 -99.43
N PHE A 182 14.96 -21.39 -98.86
CA PHE A 182 15.93 -20.72 -98.01
C PHE A 182 17.30 -20.61 -98.62
N ARG A 183 17.71 -21.58 -99.45
CA ARG A 183 19.00 -21.47 -100.12
C ARG A 183 19.01 -20.32 -101.13
N HIS A 184 17.99 -20.25 -101.98
CA HIS A 184 17.98 -19.27 -103.06
C HIS A 184 17.72 -17.89 -102.48
N ALA A 185 18.71 -17.01 -102.59
CA ALA A 185 18.60 -15.69 -101.97
C ALA A 185 17.51 -14.85 -102.61
N ASP A 186 17.25 -15.04 -103.90
CA ASP A 186 16.15 -14.30 -104.53
C ASP A 186 14.81 -14.68 -103.94
N TRP A 187 14.69 -15.90 -103.40
CA TRP A 187 13.46 -16.34 -102.77
C TRP A 187 13.46 -16.09 -101.28
N SER A 188 14.55 -16.43 -100.60
CA SER A 188 14.61 -16.26 -99.15
C SER A 188 14.51 -14.79 -98.77
N GLY A 189 15.19 -13.92 -99.51
CA GLY A 189 15.12 -12.51 -99.24
C GLY A 189 16.46 -11.91 -98.86
N ASP A 190 17.22 -12.61 -98.02
CA ASP A 190 18.50 -12.09 -97.53
C ASP A 190 19.61 -12.38 -98.52
N GLN A 191 20.18 -11.33 -99.09
CA GLN A 191 21.29 -11.46 -100.01
C GLN A 191 22.61 -11.75 -99.30
N ALA A 192 22.56 -12.06 -98.01
CA ALA A 192 23.72 -12.45 -97.23
C ALA A 192 23.52 -13.88 -96.79
N ASN A 193 23.14 -14.73 -97.75
CA ASN A 193 22.52 -16.03 -97.55
C ASN A 193 23.10 -16.76 -96.35
N ALA A 194 22.24 -17.13 -95.42
CA ALA A 194 22.66 -17.86 -94.23
C ALA A 194 22.30 -19.33 -94.29
N ALA A 195 21.27 -19.69 -95.06
CA ALA A 195 20.92 -21.10 -95.21
C ALA A 195 21.88 -21.84 -96.12
N LEU A 196 22.77 -21.13 -96.80
CA LEU A 196 23.76 -21.74 -97.68
C LEU A 196 25.18 -21.49 -97.21
N ARG A 197 25.50 -20.29 -96.76
CA ARG A 197 26.83 -20.03 -96.24
C ARG A 197 27.00 -20.49 -94.80
N GLU A 198 25.92 -20.75 -94.08
CA GLU A 198 26.02 -21.23 -92.70
C GLU A 198 25.05 -22.34 -92.36
N ALA A 199 24.17 -22.75 -93.27
CA ALA A 199 23.26 -23.88 -93.06
C ALA A 199 22.42 -23.69 -91.81
N HIS A 200 21.94 -22.47 -91.59
CA HIS A 200 21.18 -22.13 -90.39
C HIS A 200 19.94 -21.35 -90.82
N VAL A 201 18.76 -21.98 -90.72
CA VAL A 201 17.53 -21.30 -91.08
C VAL A 201 17.23 -20.18 -90.10
N GLY A 202 17.30 -20.46 -88.81
CA GLY A 202 17.15 -19.42 -87.80
C GLY A 202 15.72 -19.08 -87.44
N ARG A 203 15.02 -18.36 -88.31
CA ARG A 203 13.65 -17.95 -88.05
C ARG A 203 12.76 -18.41 -89.18
N LEU A 204 11.61 -18.98 -88.83
CA LEU A 204 10.67 -19.54 -89.77
C LEU A 204 9.26 -19.25 -89.29
N ALA A 205 8.39 -18.86 -90.22
CA ALA A 205 7.06 -18.37 -89.85
C ALA A 205 7.21 -17.33 -88.76
N GLY A 206 6.40 -17.41 -87.71
CA GLY A 206 6.55 -16.49 -86.61
C GLY A 206 7.38 -17.06 -85.48
N MET A 207 8.15 -18.10 -85.76
CA MET A 207 8.77 -18.91 -84.73
C MET A 207 10.27 -18.92 -84.90
N ASN A 208 10.98 -19.13 -83.81
CA ASN A 208 12.43 -19.27 -83.83
C ASN A 208 12.78 -20.74 -83.68
N VAL A 209 13.39 -21.30 -84.71
CA VAL A 209 13.73 -22.72 -84.72
C VAL A 209 14.77 -23.00 -83.65
N ILE A 210 14.55 -24.03 -82.84
CA ILE A 210 15.53 -24.48 -81.87
C ILE A 210 15.83 -25.94 -82.19
N ARG A 211 17.05 -26.22 -82.65
CA ARG A 211 17.40 -27.57 -83.03
C ARG A 211 17.72 -28.41 -81.80
N SER A 212 17.30 -29.67 -81.83
CA SER A 212 17.51 -30.58 -80.71
C SER A 212 17.79 -31.98 -81.22
N ASN A 213 18.45 -32.78 -80.39
CA ASN A 213 18.72 -34.17 -80.69
C ASN A 213 17.96 -35.14 -79.79
N ALA A 214 17.28 -34.65 -78.76
CA ALA A 214 16.51 -35.54 -77.91
C ALA A 214 15.33 -36.13 -78.66
N ILE A 215 14.59 -35.30 -79.39
CA ILE A 215 13.43 -35.75 -80.15
C ILE A 215 13.90 -36.51 -81.37
N ALA A 216 12.97 -37.20 -82.03
CA ALA A 216 13.32 -37.96 -83.22
C ALA A 216 13.88 -37.03 -84.28
N PRO A 217 14.78 -37.53 -85.14
CA PRO A 217 15.45 -36.64 -86.10
C PRO A 217 14.49 -35.93 -87.04
N ASP A 218 13.42 -36.58 -87.48
CA ASP A 218 12.56 -36.04 -88.52
C ASP A 218 11.20 -35.58 -87.99
N LYS A 219 11.15 -35.03 -86.79
CA LYS A 219 9.91 -34.53 -86.23
C LYS A 219 10.15 -33.18 -85.59
N ALA A 220 9.21 -32.26 -85.79
CA ALA A 220 9.29 -30.92 -85.23
C ALA A 220 8.02 -30.62 -84.47
N TYR A 221 8.17 -30.16 -83.23
CA TYR A 221 7.03 -29.91 -82.36
C TYR A 221 6.92 -28.42 -82.07
N LEU A 222 5.73 -27.88 -82.26
CA LEU A 222 5.43 -26.50 -81.91
C LEU A 222 4.44 -26.52 -80.76
N TRP A 223 4.69 -25.76 -79.71
CA TRP A 223 3.79 -25.82 -78.59
C TRP A 223 3.82 -24.51 -77.80
N HIS A 224 2.66 -24.12 -77.29
CA HIS A 224 2.57 -22.96 -76.41
C HIS A 224 3.17 -23.29 -75.06
N ARG A 225 3.48 -22.23 -74.30
CA ARG A 225 4.14 -22.42 -73.02
C ARG A 225 3.34 -23.29 -72.07
N THR A 226 2.02 -23.14 -72.06
CA THR A 226 1.15 -23.87 -71.16
C THR A 226 0.74 -25.23 -71.72
N ALA A 227 1.48 -25.78 -72.67
CA ALA A 227 1.07 -27.04 -73.27
C ALA A 227 1.50 -28.22 -72.42
N PHE A 228 2.78 -28.31 -72.08
CA PHE A 228 3.31 -29.38 -71.26
C PHE A 228 3.83 -28.81 -69.95
N ILE A 229 3.59 -29.52 -68.86
CA ILE A 229 4.01 -29.10 -67.53
C ILE A 229 4.82 -30.21 -66.89
N LEU A 230 5.93 -29.83 -66.26
CA LEU A 230 6.80 -30.75 -65.54
C LEU A 230 6.95 -30.27 -64.11
N ALA A 231 6.89 -31.19 -63.16
CA ALA A 231 6.99 -30.85 -61.75
C ALA A 231 8.03 -31.74 -61.09
N TYR A 232 8.62 -31.22 -60.01
CA TYR A 232 9.63 -31.96 -59.27
C TYR A 232 9.59 -31.52 -57.82
N ARG A 233 10.24 -32.30 -56.96
CA ARG A 233 10.17 -32.05 -55.51
C ARG A 233 11.51 -31.91 -54.81
N THR A 234 12.62 -32.40 -55.38
CA THR A 234 13.92 -32.31 -54.73
C THR A 234 13.88 -32.93 -53.34
N PRO A 235 13.90 -34.26 -53.24
CA PRO A 235 13.66 -34.90 -51.94
C PRO A 235 14.69 -34.51 -50.90
N VAL A 236 14.26 -34.52 -49.65
CA VAL A 236 15.13 -34.16 -48.53
C VAL A 236 16.01 -35.36 -48.19
N VAL A 237 17.17 -35.07 -47.60
CA VAL A 237 18.10 -36.15 -47.23
C VAL A 237 17.53 -36.91 -46.03
N PRO A 238 17.70 -38.22 -45.96
CA PRO A 238 17.23 -38.97 -44.79
C PRO A 238 18.12 -38.71 -43.59
N GLU A 239 17.64 -39.15 -42.43
CA GLU A 239 18.42 -38.96 -41.21
C GLU A 239 19.67 -39.83 -41.20
N GLY A 240 19.58 -41.05 -41.74
CA GLY A 240 20.69 -41.97 -41.67
C GLY A 240 21.66 -41.90 -42.84
N ALA A 241 21.95 -40.69 -43.31
CA ALA A 241 22.89 -40.53 -44.42
C ALA A 241 23.34 -39.08 -44.48
N LYS A 242 24.65 -38.87 -44.53
CA LYS A 242 25.20 -37.52 -44.55
C LYS A 242 24.84 -36.81 -45.86
N ALA A 243 24.54 -35.53 -45.74
CA ALA A 243 24.11 -34.73 -46.88
C ALA A 243 25.34 -34.31 -47.69
N GLY A 244 25.14 -33.39 -48.61
CA GLY A 244 26.23 -32.91 -49.44
C GLY A 244 25.84 -31.65 -50.18
N ALA A 245 26.64 -31.32 -51.18
CA ALA A 245 26.44 -30.09 -51.93
C ALA A 245 25.19 -30.19 -52.79
N SER A 246 24.73 -29.04 -53.28
CA SER A 246 23.59 -28.94 -54.16
C SER A 246 24.07 -28.67 -55.58
N PHE A 247 23.62 -29.50 -56.52
CA PHE A 247 24.09 -29.41 -57.90
C PHE A 247 23.07 -28.79 -58.83
N SER A 248 21.83 -29.27 -58.83
CA SER A 248 20.72 -28.64 -59.53
C SER A 248 21.01 -28.50 -61.02
N ALA A 249 21.03 -29.66 -61.69
CA ALA A 249 21.24 -29.68 -63.13
C ALA A 249 20.19 -28.85 -63.84
N ASN A 250 20.65 -28.01 -64.77
CA ASN A 250 19.83 -27.21 -65.69
C ASN A 250 18.53 -26.71 -65.07
N GLY A 251 18.62 -26.02 -63.95
CA GLY A 251 17.45 -25.44 -63.32
C GLY A 251 16.81 -26.31 -62.26
N VAL A 252 16.39 -27.51 -62.63
CA VAL A 252 15.78 -28.42 -61.68
C VAL A 252 16.80 -28.80 -60.61
N ALA A 253 16.40 -28.72 -59.35
CA ALA A 253 17.28 -29.04 -58.25
C ALA A 253 17.41 -30.55 -58.09
N LEU A 254 18.50 -30.96 -57.43
CA LEU A 254 18.78 -32.37 -57.22
C LEU A 254 19.26 -32.60 -55.79
N ARG A 255 18.99 -33.79 -55.29
CA ARG A 255 19.46 -34.20 -53.97
C ARG A 255 20.67 -35.11 -54.13
N TRP A 256 21.77 -34.75 -53.48
CA TRP A 256 22.96 -35.58 -53.44
C TRP A 256 23.10 -36.19 -52.05
N LEU A 257 23.33 -37.49 -52.02
CA LEU A 257 23.31 -38.28 -50.80
C LEU A 257 24.50 -39.22 -50.77
N ALA A 258 25.02 -39.46 -49.57
CA ALA A 258 26.10 -40.41 -49.39
C ALA A 258 25.86 -41.19 -48.10
N ASP A 259 26.06 -42.50 -48.14
CA ASP A 259 25.81 -43.32 -46.96
C ASP A 259 26.79 -44.49 -46.98
N TYR A 260 27.80 -44.44 -46.11
CA TYR A 260 28.77 -45.53 -46.04
C TYR A 260 28.10 -46.83 -45.65
N ASP A 261 28.42 -47.89 -46.37
CA ASP A 261 27.87 -49.22 -46.10
C ASP A 261 28.95 -50.01 -45.37
N TYR A 262 28.90 -49.99 -44.04
CA TYR A 262 29.88 -50.69 -43.24
C TYR A 262 29.92 -52.17 -43.56
N SER A 263 28.78 -52.76 -43.87
CA SER A 263 28.73 -54.19 -44.16
C SER A 263 29.57 -54.54 -45.38
N GLN A 264 29.52 -53.70 -46.41
CA GLN A 264 30.30 -53.91 -47.62
C GLN A 264 31.62 -53.15 -47.62
N LEU A 265 31.92 -52.43 -46.54
CA LEU A 265 33.12 -51.60 -46.44
C LEU A 265 33.22 -50.56 -47.54
N GLY A 266 32.08 -50.18 -48.12
CA GLY A 266 32.12 -49.28 -49.25
C GLY A 266 31.10 -48.16 -49.17
N ASP A 267 31.47 -47.00 -49.70
CA ASP A 267 30.59 -45.86 -49.73
C ASP A 267 29.59 -45.99 -50.88
N ARG A 268 28.44 -45.33 -50.71
CA ARG A 268 27.39 -45.30 -51.71
C ARG A 268 26.91 -43.87 -51.87
N THR A 269 26.73 -43.45 -53.11
CA THR A 269 26.32 -42.10 -53.43
C THR A 269 25.12 -42.14 -54.38
N LEU A 270 24.26 -41.15 -54.25
CA LEU A 270 23.00 -41.14 -54.98
C LEU A 270 22.60 -39.70 -55.27
N LEU A 271 22.42 -39.37 -56.54
CA LEU A 271 21.97 -38.05 -56.95
C LEU A 271 20.65 -38.22 -57.68
N ASP A 272 19.58 -37.65 -57.13
CA ASP A 272 18.25 -37.99 -57.64
C ASP A 272 17.28 -36.84 -57.49
N VAL A 273 16.08 -37.05 -58.03
CA VAL A 273 14.98 -36.09 -57.95
C VAL A 273 13.68 -36.82 -58.27
N PHE A 274 12.61 -36.44 -57.57
CA PHE A 274 11.28 -36.94 -57.86
C PHE A 274 10.62 -36.03 -58.89
N THR A 275 10.11 -36.61 -59.96
CA THR A 275 9.60 -35.83 -61.08
C THR A 275 8.29 -36.40 -61.58
N GLY A 276 7.50 -35.54 -62.22
CA GLY A 276 6.22 -35.92 -62.79
C GLY A 276 5.76 -35.00 -63.90
N ARG A 277 5.39 -35.58 -65.04
CA ARG A 277 5.05 -34.82 -66.24
C ARG A 277 3.55 -34.85 -66.49
N LYS A 278 3.08 -33.93 -67.33
CA LYS A 278 1.68 -33.91 -67.72
C LYS A 278 1.50 -33.05 -68.96
N VAL A 279 0.54 -33.43 -69.79
CA VAL A 279 0.12 -32.62 -70.93
C VAL A 279 -1.15 -31.89 -70.54
N VAL A 280 -1.21 -30.60 -70.84
CA VAL A 280 -2.38 -29.80 -70.52
C VAL A 280 -3.40 -29.98 -71.63
N THR A 281 -4.50 -30.65 -71.32
CA THR A 281 -5.57 -30.88 -72.28
C THR A 281 -6.74 -29.96 -71.97
N GLU A 282 -7.63 -29.83 -72.94
CA GLU A 282 -8.74 -28.90 -72.82
C GLU A 282 -9.84 -29.48 -71.95
N VAL A 283 -10.91 -28.69 -71.76
CA VAL A 283 -12.02 -29.12 -70.92
C VAL A 283 -12.68 -30.36 -71.50
N ASP A 284 -12.90 -30.38 -72.80
CA ASP A 284 -13.53 -31.52 -73.45
C ASP A 284 -12.55 -32.65 -73.76
N GLY A 285 -11.27 -32.48 -73.44
CA GLY A 285 -10.28 -33.52 -73.62
C GLY A 285 -9.45 -33.39 -74.88
N SER A 286 -9.87 -32.55 -75.83
CA SER A 286 -9.09 -32.35 -77.04
C SER A 286 -7.78 -31.64 -76.72
N PHE A 287 -6.77 -31.90 -77.54
CA PHE A 287 -5.44 -31.33 -77.36
C PHE A 287 -5.18 -30.38 -78.54
N VAL A 288 -5.07 -29.09 -78.24
CA VAL A 288 -4.92 -28.07 -79.27
C VAL A 288 -3.79 -27.10 -78.99
N ARG A 289 -3.10 -27.22 -77.85
CA ARG A 289 -2.03 -26.31 -77.51
C ARG A 289 -0.68 -26.75 -78.06
N ALA A 290 -0.63 -27.84 -78.81
CA ALA A 290 0.63 -28.31 -79.37
C ALA A 290 0.36 -29.02 -80.68
N VAL A 291 1.18 -28.74 -81.68
CA VAL A 291 1.04 -29.34 -83.00
C VAL A 291 2.34 -30.02 -83.35
N GLU A 292 2.22 -31.12 -84.11
CA GLU A 292 3.31 -32.00 -84.45
C GLU A 292 3.48 -32.04 -85.96
N LEU A 293 4.73 -31.99 -86.42
CA LEU A 293 5.05 -32.05 -87.84
C LEU A 293 6.03 -33.18 -88.07
N GLN A 294 5.79 -33.98 -89.10
CA GLN A 294 6.67 -35.09 -89.44
C GLN A 294 7.10 -34.94 -90.89
N LEU A 295 8.41 -35.05 -91.12
CA LEU A 295 8.95 -34.92 -92.47
C LEU A 295 8.49 -36.08 -93.34
N GLN A 296 8.11 -35.78 -94.57
CA GLN A 296 7.67 -36.82 -95.49
C GLN A 296 8.85 -37.67 -95.95
N ALA A 297 8.52 -38.82 -96.54
CA ALA A 297 9.53 -39.70 -97.12
C ALA A 297 9.01 -40.21 -98.45
N SER A 298 9.78 -39.98 -99.52
CA SER A 298 9.37 -40.42 -100.84
C SER A 298 9.77 -41.87 -101.13
N SER A 299 10.96 -42.27 -100.71
CA SER A 299 11.43 -43.63 -100.93
C SER A 299 12.57 -43.91 -99.97
N ILE A 300 12.96 -45.17 -99.89
CA ILE A 300 14.03 -45.60 -99.01
C ILE A 300 15.05 -46.39 -99.81
N THR A 301 16.28 -46.40 -99.35
CA THR A 301 17.37 -47.14 -99.96
C THR A 301 18.15 -47.86 -98.87
N ILE A 302 18.59 -49.07 -99.18
CA ILE A 302 19.42 -49.85 -98.27
C ILE A 302 20.87 -49.46 -98.56
N VAL A 303 21.53 -48.84 -97.58
CA VAL A 303 22.88 -48.37 -97.81
C VAL A 303 23.83 -49.56 -97.83
N GLY A 304 24.88 -49.44 -98.64
CA GLY A 304 25.84 -50.51 -98.82
C GLY A 304 25.70 -51.28 -100.12
N GLY A 305 24.58 -51.13 -100.83
CA GLY A 305 24.44 -51.81 -102.10
C GLY A 305 24.35 -53.31 -101.93
N ALA A 306 24.59 -54.02 -103.04
CA ALA A 306 24.51 -55.48 -103.07
C ALA A 306 25.72 -56.06 -102.36
N PHE A 307 25.66 -56.06 -101.04
CA PHE A 307 26.76 -56.53 -100.22
C PHE A 307 26.88 -58.05 -100.27
N ALA A 308 28.08 -58.53 -99.94
CA ALA A 308 28.36 -59.95 -99.84
C ALA A 308 28.88 -60.27 -98.45
N LEU A 309 28.44 -61.40 -97.91
CA LEU A 309 28.81 -61.76 -96.56
C LEU A 309 30.24 -62.30 -96.50
N ALA A 310 30.72 -62.53 -95.28
CA ALA A 310 32.06 -63.06 -95.06
C ALA A 310 32.10 -64.57 -95.07
N THR A 311 31.28 -65.21 -94.23
CA THR A 311 31.13 -66.65 -94.20
C THR A 311 29.67 -67.01 -94.42
N THR A 312 29.39 -68.32 -94.45
CA THR A 312 28.01 -68.77 -94.62
C THR A 312 27.16 -68.40 -93.42
N THR A 313 27.77 -68.19 -92.26
CA THR A 313 27.07 -67.73 -91.07
C THR A 313 27.30 -66.24 -90.80
N GLY A 314 27.82 -65.50 -91.78
CA GLY A 314 28.12 -64.09 -91.61
C GLY A 314 26.92 -63.23 -91.24
N THR A 315 27.09 -62.37 -90.25
CA THR A 315 26.03 -61.49 -89.77
C THR A 315 26.32 -60.08 -90.25
N LYS A 316 25.37 -59.51 -91.01
CA LYS A 316 25.46 -58.15 -91.51
C LYS A 316 24.31 -57.34 -90.95
N GLN A 317 24.62 -56.22 -90.30
CA GLN A 317 23.59 -55.35 -89.74
C GLN A 317 23.18 -54.34 -90.81
N LEU A 318 21.95 -54.45 -91.30
CA LEU A 318 21.49 -53.57 -92.35
C LEU A 318 21.21 -52.18 -91.79
N LYS A 319 21.06 -51.22 -92.70
CA LYS A 319 20.71 -49.85 -92.34
C LYS A 319 20.03 -49.22 -93.54
N VAL A 320 18.79 -48.78 -93.36
CA VAL A 320 17.98 -48.23 -94.43
C VAL A 320 17.80 -46.75 -94.19
N ARG A 321 18.06 -45.95 -95.22
CA ARG A 321 17.92 -44.50 -95.14
C ARG A 321 16.87 -44.05 -96.13
N ASP A 322 15.96 -43.21 -95.70
CA ASP A 322 14.91 -42.70 -96.59
C ASP A 322 15.51 -41.67 -97.54
N ASP A 323 14.67 -41.02 -98.34
CA ASP A 323 15.18 -40.09 -99.34
C ASP A 323 15.91 -38.91 -98.69
N ASN A 324 15.35 -38.38 -97.61
CA ASN A 324 15.97 -37.24 -96.93
C ASN A 324 16.89 -37.68 -95.80
N GLY A 325 17.80 -38.60 -96.13
CA GLY A 325 18.88 -39.02 -95.24
C GLY A 325 18.55 -39.21 -93.77
N THR A 326 17.65 -40.12 -93.46
CA THR A 326 17.29 -40.42 -92.08
C THR A 326 17.31 -41.93 -91.88
N ASP A 327 17.83 -42.36 -90.73
CA ASP A 327 17.94 -43.78 -90.43
C ASP A 327 16.57 -44.30 -89.99
N VAL A 328 15.94 -45.12 -90.83
CA VAL A 328 14.63 -45.67 -90.54
C VAL A 328 14.72 -47.18 -90.42
N THR A 329 15.89 -47.67 -90.02
CA THR A 329 16.05 -49.11 -89.84
C THR A 329 15.14 -49.64 -88.75
N ALA A 330 15.01 -48.89 -87.65
CA ALA A 330 14.19 -49.35 -86.53
C ALA A 330 12.74 -49.51 -86.95
N ARG A 331 12.18 -48.51 -87.62
CA ARG A 331 10.78 -48.53 -88.03
C ARG A 331 10.61 -49.07 -89.46
N CYS A 332 11.15 -50.26 -89.70
CA CYS A 332 11.09 -50.88 -91.01
C CYS A 332 10.78 -52.37 -90.83
N THR A 333 10.30 -52.99 -91.92
CA THR A 333 9.99 -54.41 -91.92
C THR A 333 10.83 -55.10 -92.98
N PHE A 334 11.63 -56.08 -92.57
CA PHE A 334 12.52 -56.79 -93.48
C PHE A 334 11.94 -58.14 -93.86
N ALA A 335 12.07 -58.49 -95.13
CA ALA A 335 11.60 -59.77 -95.64
C ALA A 335 12.70 -60.38 -96.49
N SER A 336 13.11 -61.59 -96.15
CA SER A 336 14.08 -62.34 -96.95
C SER A 336 13.32 -63.08 -98.04
N SER A 337 13.68 -62.82 -99.30
CA SER A 337 12.98 -63.46 -100.41
C SER A 337 13.15 -64.98 -100.36
N ALA A 338 14.37 -65.44 -100.07
CA ALA A 338 14.67 -66.86 -100.00
C ALA A 338 15.32 -67.15 -98.66
N GLY A 339 14.57 -67.74 -97.74
CA GLY A 339 15.11 -68.08 -96.44
C GLY A 339 16.04 -69.28 -96.43
N THR A 340 16.11 -70.01 -97.53
CA THR A 340 17.00 -71.16 -97.63
C THR A 340 18.46 -70.75 -97.73
N LYS A 341 18.73 -69.51 -98.15
CA LYS A 341 20.10 -69.01 -98.27
C LYS A 341 20.48 -68.03 -97.16
N ALA A 342 19.56 -67.15 -96.78
CA ALA A 342 19.83 -66.19 -95.72
C ALA A 342 18.52 -65.73 -95.13
N THR A 343 18.56 -65.37 -93.85
CA THR A 343 17.38 -64.91 -93.12
C THR A 343 17.69 -63.62 -92.39
N VAL A 344 16.70 -62.75 -92.31
CA VAL A 344 16.84 -61.43 -91.70
C VAL A 344 15.76 -61.26 -90.65
N SER A 345 16.14 -60.78 -89.48
CA SER A 345 15.19 -60.56 -88.40
C SER A 345 14.53 -59.20 -88.58
N ALA A 346 13.81 -58.73 -87.57
CA ALA A 346 13.20 -57.42 -87.63
C ALA A 346 14.22 -56.30 -87.43
N ALA A 347 15.37 -56.61 -86.83
CA ALA A 347 16.40 -55.61 -86.60
C ALA A 347 17.40 -55.50 -87.75
N GLY A 348 17.21 -56.28 -88.82
CA GLY A 348 18.07 -56.16 -89.97
C GLY A 348 19.35 -56.96 -89.93
N LEU A 349 19.47 -57.91 -89.01
CA LEU A 349 20.68 -58.74 -88.92
C LEU A 349 20.54 -59.89 -89.92
N VAL A 350 21.05 -59.65 -91.13
CA VAL A 350 21.04 -60.68 -92.16
C VAL A 350 22.10 -61.73 -91.81
N THR A 351 21.67 -62.97 -91.69
CA THR A 351 22.57 -64.10 -91.42
C THR A 351 22.35 -65.15 -92.48
N GLY A 352 23.45 -65.61 -93.10
CA GLY A 352 23.34 -66.59 -94.15
C GLY A 352 22.95 -67.96 -93.63
N VAL A 353 22.40 -68.77 -94.54
CA VAL A 353 22.01 -70.14 -94.26
C VAL A 353 22.75 -71.12 -95.17
N ALA A 354 22.72 -70.88 -96.47
CA ALA A 354 23.40 -71.71 -97.44
C ALA A 354 24.13 -70.83 -98.43
N ALA A 355 25.18 -71.38 -99.03
CA ALA A 355 25.96 -70.65 -100.04
C ALA A 355 25.11 -70.45 -101.28
N GLY A 356 24.69 -69.22 -101.52
CA GLY A 356 23.86 -68.92 -102.68
C GLY A 356 23.47 -67.47 -102.67
N THR A 357 22.71 -67.08 -103.68
CA THR A 357 22.26 -65.70 -103.84
C THR A 357 20.82 -65.58 -103.39
N ALA A 358 20.56 -64.59 -102.53
CA ALA A 358 19.22 -64.32 -102.01
C ALA A 358 18.94 -62.83 -102.14
N ASP A 359 17.69 -62.46 -101.88
CA ASP A 359 17.26 -61.07 -101.93
C ASP A 359 16.63 -60.69 -100.60
N ILE A 360 16.94 -59.48 -100.14
CA ILE A 360 16.37 -58.91 -98.92
C ILE A 360 15.63 -57.64 -99.31
N THR A 361 14.36 -57.55 -98.93
CA THR A 361 13.54 -56.38 -99.25
C THR A 361 13.06 -55.74 -97.97
N ALA A 362 13.30 -54.45 -97.82
CA ALA A 362 12.89 -53.70 -96.65
C ALA A 362 11.73 -52.78 -97.05
N SER A 363 10.60 -52.94 -96.38
CA SER A 363 9.40 -52.15 -96.63
C SER A 363 9.18 -51.21 -95.46
N TYR A 364 8.92 -49.93 -95.78
CA TYR A 364 8.74 -48.89 -94.80
C TYR A 364 7.47 -48.13 -95.11
N VAL A 365 6.58 -48.02 -94.12
CA VAL A 365 5.34 -47.27 -94.29
C VAL A 365 5.64 -45.79 -94.08
N PRO A 366 5.43 -44.95 -95.09
CA PRO A 366 5.82 -43.54 -94.97
C PRO A 366 4.95 -42.83 -93.95
N PRO A 367 5.43 -41.70 -93.41
CA PRO A 367 4.60 -40.96 -92.46
C PRO A 367 3.28 -40.52 -93.05
N GLN A 368 3.25 -40.20 -94.33
CA GLN A 368 1.99 -39.82 -94.97
C GLN A 368 1.06 -41.01 -95.17
N GLY A 369 1.54 -42.23 -94.92
CA GLY A 369 0.72 -43.41 -95.10
C GLY A 369 0.63 -43.83 -96.55
N GLY A 370 -0.16 -44.87 -96.77
CA GLY A 370 -0.37 -45.39 -98.10
C GLY A 370 0.48 -46.62 -98.39
N THR A 371 0.82 -46.82 -99.65
CA THR A 371 1.60 -47.98 -100.04
C THR A 371 3.02 -47.86 -99.50
N ALA A 372 3.47 -48.88 -98.80
CA ALA A 372 4.80 -48.85 -98.21
C ALA A 372 5.87 -48.88 -99.30
N LYS A 373 6.92 -48.09 -99.10
CA LYS A 373 8.02 -48.05 -100.04
C LYS A 373 9.01 -49.15 -99.73
N THR A 374 9.45 -49.85 -100.76
CA THR A 374 10.31 -51.01 -100.61
C THR A 374 11.64 -50.79 -101.30
N ALA A 375 12.72 -51.16 -100.62
CA ALA A 375 14.06 -51.14 -101.17
C ALA A 375 14.61 -52.56 -101.15
N THR A 376 15.16 -53.00 -102.29
CA THR A 376 15.66 -54.35 -102.44
C THR A 376 17.18 -54.34 -102.44
N VAL A 377 17.75 -55.49 -102.07
CA VAL A 377 19.18 -55.69 -102.08
C VAL A 377 19.46 -57.16 -102.33
N THR A 378 20.55 -57.45 -103.03
CA THR A 378 20.94 -58.81 -103.36
C THR A 378 22.18 -59.18 -102.54
N VAL A 379 22.12 -60.33 -101.87
CA VAL A 379 23.19 -60.79 -101.00
C VAL A 379 23.67 -62.13 -101.54
N THR A 380 24.99 -62.34 -101.49
CA THR A 380 25.61 -63.59 -101.93
C THR A 380 26.30 -64.24 -100.73
N VAL A 381 25.63 -65.20 -100.11
CA VAL A 381 26.17 -65.87 -98.92
C VAL A 381 27.19 -66.92 -99.37
N PRO A 382 28.43 -66.86 -98.87
CA PRO A 382 29.48 -67.82 -99.22
C PRO A 382 29.37 -69.12 -98.44
N ALA B 2 81.10 -29.11 -147.46
CA ALA B 2 80.52 -27.85 -147.03
C ALA B 2 81.25 -27.32 -145.80
N HIS B 3 80.93 -26.10 -145.42
CA HIS B 3 81.54 -25.50 -144.24
C HIS B 3 81.07 -26.23 -142.98
N ILE B 4 82.03 -26.64 -142.15
CA ILE B 4 81.72 -27.31 -140.89
C ILE B 4 82.37 -26.51 -139.77
N PHE B 5 81.57 -26.16 -138.78
CA PHE B 5 82.04 -25.36 -137.66
C PHE B 5 81.97 -26.17 -136.37
N VAL B 6 82.87 -25.87 -135.45
CA VAL B 6 82.89 -26.49 -134.13
C VAL B 6 82.32 -25.50 -133.14
N LYS B 7 81.23 -25.87 -132.49
CA LYS B 7 80.54 -24.98 -131.58
C LYS B 7 80.20 -25.69 -130.29
N PRO B 8 80.16 -24.98 -129.17
CA PRO B 8 79.80 -25.61 -127.91
C PRO B 8 78.33 -25.99 -127.89
N GLU B 9 77.93 -26.64 -126.81
CA GLU B 9 76.53 -26.98 -126.57
C GLU B 9 76.08 -26.20 -125.35
N LEU B 10 75.30 -25.15 -125.58
CA LEU B 10 74.93 -24.24 -124.51
C LEU B 10 73.84 -24.83 -123.64
N VAL B 11 73.82 -24.42 -122.38
CA VAL B 11 72.81 -24.84 -121.42
C VAL B 11 72.32 -23.60 -120.69
N ALA B 12 71.00 -23.45 -120.58
CA ALA B 12 70.41 -22.30 -119.93
C ALA B 12 69.28 -22.75 -119.02
N GLU B 13 68.97 -21.90 -118.04
CA GLU B 13 67.87 -22.13 -117.10
C GLU B 13 66.86 -20.99 -117.30
N ILE B 14 65.89 -21.23 -118.19
CA ILE B 14 64.88 -20.21 -118.49
C ILE B 14 63.79 -20.14 -117.45
N GLY B 15 63.85 -20.93 -116.39
CA GLY B 15 62.87 -20.91 -115.34
C GLY B 15 61.86 -22.02 -115.38
N VAL B 16 61.85 -22.84 -116.44
CA VAL B 16 60.98 -24.01 -116.45
C VAL B 16 61.47 -25.00 -115.41
N LYS B 17 60.54 -25.77 -114.86
CA LYS B 17 60.87 -26.76 -113.85
C LYS B 17 59.78 -27.82 -113.88
N GLN B 18 59.75 -28.67 -112.86
CA GLN B 18 58.71 -29.67 -112.71
C GLN B 18 57.65 -29.11 -111.78
N LEU B 19 56.43 -29.01 -112.26
CA LEU B 19 55.35 -28.47 -111.45
C LEU B 19 55.03 -29.42 -110.31
N GLN B 20 54.87 -28.87 -109.11
CA GLN B 20 54.70 -29.67 -107.92
C GLN B 20 53.60 -29.09 -107.04
N ARG B 21 53.05 -29.95 -106.19
CA ARG B 21 51.93 -29.60 -105.34
C ARG B 21 52.32 -28.53 -104.34
N GLU B 22 51.35 -27.72 -103.94
CA GLU B 22 51.53 -26.75 -102.89
C GLU B 22 51.18 -27.39 -101.55
N ILE B 23 52.06 -27.22 -100.56
CA ILE B 23 51.88 -27.89 -99.28
C ILE B 23 50.80 -27.18 -98.48
N VAL B 24 49.70 -27.89 -98.20
CA VAL B 24 48.60 -27.33 -97.43
C VAL B 24 48.29 -28.20 -96.21
N LEU B 25 48.29 -29.53 -96.40
CA LEU B 25 47.78 -30.43 -95.37
C LEU B 25 48.52 -30.35 -94.05
N PRO B 26 49.86 -30.33 -94.00
CA PRO B 26 50.53 -30.44 -92.69
C PRO B 26 50.15 -29.35 -91.70
N GLY B 27 49.72 -28.20 -92.16
CA GLY B 27 49.33 -27.15 -91.24
C GLY B 27 47.92 -27.25 -90.71
N LEU B 28 47.20 -28.31 -91.02
CA LEU B 28 45.80 -28.44 -90.64
C LEU B 28 45.57 -29.45 -89.54
N VAL B 29 46.17 -30.64 -89.64
CA VAL B 29 45.92 -31.73 -88.71
C VAL B 29 46.49 -31.40 -87.34
N TRP B 30 46.09 -32.18 -86.34
CA TRP B 30 46.56 -31.98 -84.98
C TRP B 30 47.98 -32.50 -84.84
N THR B 31 48.93 -31.60 -84.57
CA THR B 31 50.33 -31.95 -84.51
C THR B 31 50.84 -31.86 -83.09
N ASN B 32 51.49 -32.92 -82.63
CA ASN B 32 52.21 -32.98 -81.37
C ASN B 32 51.36 -32.58 -80.17
N PRO B 33 50.35 -33.35 -79.81
CA PRO B 33 49.75 -33.17 -78.50
C PRO B 33 50.56 -33.91 -77.45
N LEU B 34 51.24 -34.95 -77.92
CA LEU B 34 52.02 -35.85 -77.08
C LEU B 34 53.47 -35.78 -77.51
N THR B 35 54.37 -35.55 -76.56
CA THR B 35 55.78 -35.35 -76.89
C THR B 35 56.70 -36.38 -76.24
N ASP B 36 56.42 -36.79 -75.01
CA ASP B 36 57.35 -37.64 -74.26
C ASP B 36 57.20 -39.10 -74.66
N PHE B 37 57.40 -39.36 -75.95
CA PHE B 37 57.35 -40.74 -76.43
C PHE B 37 58.51 -41.55 -75.89
N GLY B 38 59.70 -40.96 -75.83
CA GLY B 38 60.75 -41.55 -75.03
C GLY B 38 60.38 -41.56 -73.57
N GLY B 39 60.84 -42.57 -72.85
CA GLY B 39 60.44 -42.71 -71.48
C GLY B 39 59.08 -43.32 -71.27
N SER B 40 58.50 -43.94 -72.30
CA SER B 40 57.27 -44.70 -72.18
C SER B 40 57.43 -46.03 -72.89
N LYS B 41 56.83 -47.08 -72.31
CA LYS B 41 57.02 -48.42 -72.84
C LYS B 41 56.48 -48.53 -74.25
N ASN B 42 57.27 -49.15 -75.14
CA ASN B 42 56.90 -49.38 -76.53
C ASN B 42 56.54 -48.09 -77.25
N ASP B 43 57.12 -46.97 -76.80
CA ASP B 43 56.96 -45.67 -77.46
C ASP B 43 55.49 -45.28 -77.57
N THR B 44 54.71 -45.60 -76.54
CA THR B 44 53.28 -45.37 -76.53
C THR B 44 52.90 -44.53 -75.31
N ILE B 45 52.03 -43.56 -75.52
CA ILE B 45 51.66 -42.57 -74.52
C ILE B 45 50.17 -42.68 -74.22
N THR B 46 49.66 -43.91 -74.13
CA THR B 46 48.24 -44.21 -74.12
C THR B 46 47.39 -43.13 -73.46
N VAL B 47 46.43 -42.63 -74.21
CA VAL B 47 45.60 -41.49 -73.81
C VAL B 47 44.35 -42.02 -73.14
N ARG B 48 44.01 -41.45 -71.98
CA ARG B 48 42.78 -41.84 -71.31
C ARG B 48 41.62 -41.00 -71.81
N VAL B 49 40.44 -41.58 -71.76
CA VAL B 49 39.19 -40.92 -72.14
C VAL B 49 38.24 -41.09 -70.96
N PRO B 50 37.72 -40.01 -70.39
CA PRO B 50 36.96 -40.10 -69.15
C PRO B 50 35.68 -40.92 -69.30
N ALA B 51 35.22 -41.44 -68.18
CA ALA B 51 34.07 -42.32 -68.14
C ALA B 51 32.78 -41.52 -68.04
N ILE B 52 31.75 -41.98 -68.72
CA ILE B 52 30.40 -41.46 -68.57
C ILE B 52 29.53 -42.54 -67.95
N THR B 53 28.37 -42.12 -67.47
CA THR B 53 27.44 -43.05 -66.83
C THR B 53 26.03 -42.73 -67.27
N THR B 54 25.11 -43.64 -66.96
CA THR B 54 23.71 -43.47 -67.27
C THR B 54 22.90 -43.48 -65.98
N ALA B 55 21.83 -42.69 -65.97
CA ALA B 55 20.91 -42.65 -64.85
C ALA B 55 19.83 -43.71 -65.03
N ASN B 56 18.94 -43.79 -64.06
CA ASN B 56 17.87 -44.79 -64.10
C ASN B 56 16.57 -44.16 -63.63
N ARG B 57 15.46 -44.63 -64.18
CA ARG B 57 14.15 -44.14 -63.81
C ARG B 57 13.44 -45.18 -62.94
N ARG B 58 13.05 -44.76 -61.75
CA ARG B 58 12.31 -45.60 -60.82
C ARG B 58 10.94 -44.96 -60.61
N ASP B 59 9.88 -45.74 -60.82
CA ASP B 59 8.55 -45.22 -60.53
C ASP B 59 8.35 -45.15 -59.03
N LEU B 60 7.85 -44.00 -58.56
CA LEU B 60 7.60 -43.85 -57.14
C LEU B 60 6.52 -44.82 -56.69
N ARG B 61 6.59 -45.19 -55.42
CA ARG B 61 5.66 -46.14 -54.81
C ARG B 61 5.72 -47.49 -55.52
N ASP B 62 6.92 -48.07 -55.52
CA ASP B 62 7.18 -49.38 -56.07
C ASP B 62 7.60 -50.33 -54.95
N PRO B 63 7.29 -51.63 -55.03
CA PRO B 63 7.57 -52.52 -53.91
C PRO B 63 9.03 -52.55 -53.49
N ASP B 64 9.92 -53.00 -54.38
CA ASP B 64 11.35 -52.97 -54.07
C ASP B 64 12.12 -52.07 -55.03
N ARG B 65 12.10 -52.38 -56.33
CA ARG B 65 12.83 -51.66 -57.37
C ARG B 65 14.17 -51.15 -56.83
N THR B 66 15.03 -52.08 -56.41
CA THR B 66 16.29 -51.70 -55.79
C THR B 66 17.09 -50.79 -56.71
N VAL B 67 17.69 -49.76 -56.13
CA VAL B 67 18.47 -48.81 -56.90
C VAL B 67 19.60 -49.54 -57.60
N ILE B 68 19.61 -49.48 -58.92
CA ILE B 68 20.61 -50.17 -59.72
C ILE B 68 21.83 -49.27 -59.83
N ALA B 69 22.96 -49.72 -59.29
CA ALA B 69 24.19 -48.96 -59.39
C ALA B 69 24.70 -48.94 -60.82
N SER B 70 25.16 -47.78 -61.25
CA SER B 70 25.76 -47.62 -62.56
C SER B 70 27.27 -47.64 -62.45
N GLU B 71 27.93 -47.93 -63.56
CA GLU B 71 29.37 -48.16 -63.59
C GLU B 71 30.09 -47.00 -64.25
N LEU B 72 31.40 -46.91 -63.98
CA LEU B 72 32.26 -45.91 -64.57
C LEU B 72 33.40 -46.63 -65.29
N VAL B 73 33.36 -46.64 -66.62
CA VAL B 73 34.37 -47.34 -67.39
C VAL B 73 35.20 -46.34 -68.18
N GLU B 74 36.33 -45.91 -67.61
CA GLU B 74 37.25 -45.06 -68.34
C GLU B 74 37.90 -45.84 -69.47
N HIS B 75 38.10 -45.19 -70.61
CA HIS B 75 38.64 -45.88 -71.77
C HIS B 75 40.02 -45.35 -72.11
N SER B 76 40.67 -45.96 -73.09
CA SER B 76 42.02 -45.56 -73.43
C SER B 76 42.32 -45.94 -74.87
N PHE B 77 43.29 -45.24 -75.45
CA PHE B 77 43.79 -45.58 -76.78
C PHE B 77 45.20 -45.04 -76.92
N GLY B 78 46.11 -45.88 -77.43
CA GLY B 78 47.52 -45.56 -77.46
C GLY B 78 47.96 -44.89 -78.75
N VAL B 79 48.81 -43.88 -78.61
CA VAL B 79 49.43 -43.19 -79.73
C VAL B 79 50.93 -43.48 -79.67
N THR B 80 51.50 -43.91 -80.79
CA THR B 80 52.87 -44.39 -80.82
C THR B 80 53.63 -43.86 -82.03
N LEU B 81 54.95 -43.74 -81.86
CA LEU B 81 55.85 -43.46 -82.98
C LEU B 81 56.18 -44.78 -83.66
N ASP B 82 55.92 -44.85 -84.96
CA ASP B 82 56.16 -46.10 -85.67
C ASP B 82 56.75 -45.91 -87.06
N LYS B 83 57.22 -44.71 -87.41
CA LYS B 83 57.81 -44.51 -88.72
C LYS B 83 59.05 -43.65 -88.61
N HIS B 84 59.95 -43.83 -89.57
CA HIS B 84 61.20 -43.08 -89.62
C HIS B 84 61.34 -42.59 -91.06
N VAL B 85 60.96 -41.35 -91.31
CA VAL B 85 60.97 -40.80 -92.66
C VAL B 85 62.33 -40.20 -92.93
N TYR B 86 62.98 -40.65 -94.00
CA TYR B 86 64.34 -40.25 -94.28
C TYR B 86 64.52 -39.99 -95.77
N ALA B 87 65.66 -39.37 -96.08
CA ALA B 87 66.13 -39.21 -97.45
C ALA B 87 67.64 -39.26 -97.40
N ALA B 88 68.23 -40.24 -98.08
CA ALA B 88 69.67 -40.51 -97.99
C ALA B 88 70.29 -40.49 -99.37
N LEU B 89 71.51 -39.95 -99.44
CA LEU B 89 72.24 -39.81 -100.69
C LEU B 89 73.66 -40.33 -100.53
N LYS B 90 74.18 -40.90 -101.61
CA LYS B 90 75.56 -41.39 -101.65
C LYS B 90 76.24 -40.77 -102.85
N PHE B 91 77.20 -39.88 -102.61
CA PHE B 91 77.95 -39.20 -103.66
C PHE B 91 79.39 -39.65 -103.65
N THR B 92 79.86 -40.21 -104.76
CA THR B 92 81.27 -40.55 -104.83
C THR B 92 82.09 -39.26 -104.92
N ASP B 93 83.40 -39.40 -104.68
CA ASP B 93 84.28 -38.22 -104.70
C ASP B 93 84.27 -37.52 -106.05
N GLU B 94 84.27 -38.30 -107.14
CA GLU B 94 84.22 -37.72 -108.46
C GLU B 94 82.94 -36.91 -108.66
N GLN B 95 81.81 -37.43 -108.18
CA GLN B 95 80.57 -36.68 -108.28
C GLN B 95 80.56 -35.46 -107.36
N ARG B 96 81.19 -35.58 -106.19
CA ARG B 96 81.24 -34.44 -105.28
C ARG B 96 82.12 -33.32 -105.83
N THR B 97 83.11 -33.66 -106.65
CA THR B 97 84.07 -32.68 -107.15
C THR B 97 83.66 -32.12 -108.51
N LEU B 98 83.50 -32.98 -109.51
CA LEU B 98 83.33 -32.55 -110.88
C LEU B 98 81.87 -32.44 -111.31
N ASP B 99 80.92 -32.88 -110.50
CA ASP B 99 79.52 -32.88 -110.89
C ASP B 99 78.68 -31.83 -110.18
N ILE B 100 78.91 -31.60 -108.90
CA ILE B 100 78.05 -30.73 -108.10
C ILE B 100 78.56 -29.31 -108.19
N ARG B 101 77.68 -28.40 -108.58
CA ARG B 101 78.00 -26.97 -108.70
C ARG B 101 77.77 -26.24 -107.38
N ASP B 102 76.52 -26.24 -106.91
CA ASP B 102 76.13 -25.55 -105.68
C ASP B 102 75.47 -26.60 -104.78
N TYR B 103 76.21 -27.08 -103.79
CA TYR B 103 75.71 -28.18 -102.96
C TYR B 103 74.46 -27.77 -102.20
N THR B 104 74.45 -26.58 -101.62
CA THR B 104 73.33 -26.17 -100.78
C THR B 104 72.07 -25.91 -101.57
N LYS B 105 72.14 -25.88 -102.89
CA LYS B 105 70.97 -25.69 -103.74
C LYS B 105 70.69 -26.89 -104.63
N GLN B 106 71.73 -27.52 -105.16
CA GLN B 106 71.54 -28.69 -106.00
C GLN B 106 71.17 -29.94 -105.21
N VAL B 107 71.59 -30.02 -103.95
CA VAL B 107 71.48 -31.24 -103.17
C VAL B 107 70.58 -31.07 -101.95
N LEU B 108 70.86 -30.06 -101.12
CA LEU B 108 70.14 -29.93 -99.86
C LEU B 108 68.69 -29.55 -100.07
N MET B 109 68.44 -28.55 -100.91
CA MET B 109 67.06 -28.12 -101.15
C MET B 109 66.19 -29.22 -101.76
N PRO B 110 66.62 -29.96 -102.78
CA PRO B 110 65.80 -31.08 -103.24
C PRO B 110 65.52 -32.11 -102.17
N GLN B 111 66.51 -32.38 -101.31
CA GLN B 111 66.31 -33.35 -100.25
C GLN B 111 65.25 -32.88 -99.26
N VAL B 112 65.34 -31.62 -98.83
CA VAL B 112 64.36 -31.09 -97.88
C VAL B 112 62.97 -31.08 -98.50
N SER B 113 62.87 -30.67 -99.77
CA SER B 113 61.56 -30.67 -100.44
C SER B 113 61.00 -32.08 -100.53
N ALA B 114 61.86 -33.06 -100.80
CA ALA B 114 61.39 -34.44 -100.89
C ALA B 114 60.85 -34.92 -99.56
N VAL B 115 61.54 -34.61 -98.47
CA VAL B 115 61.03 -35.02 -97.16
C VAL B 115 59.73 -34.30 -96.83
N ALA B 116 59.62 -33.02 -97.19
CA ALA B 116 58.38 -32.30 -96.93
C ALA B 116 57.21 -32.93 -97.68
N TYR B 117 57.40 -33.25 -98.95
CA TYR B 117 56.34 -33.89 -99.72
C TYR B 117 56.02 -35.28 -99.19
N GLU B 118 57.02 -36.01 -98.70
CA GLU B 118 56.74 -37.31 -98.11
C GLU B 118 55.91 -37.18 -96.84
N LEU B 119 56.19 -36.18 -96.01
CA LEU B 119 55.37 -35.98 -94.83
C LEU B 119 53.95 -35.59 -95.21
N GLU B 120 53.78 -34.76 -96.24
CA GLU B 120 52.44 -34.43 -96.69
C GLU B 120 51.71 -35.67 -97.18
N ASP B 121 52.40 -36.55 -97.91
CA ASP B 121 51.78 -37.80 -98.35
C ASP B 121 51.45 -38.69 -97.16
N TYR B 122 52.28 -38.68 -96.12
CA TYR B 122 51.99 -39.42 -94.90
C TYR B 122 50.66 -38.96 -94.31
N ILE B 123 50.50 -37.65 -94.14
CA ILE B 123 49.26 -37.10 -93.59
C ILE B 123 48.09 -37.39 -94.52
N ALA B 124 48.30 -37.26 -95.83
CA ALA B 124 47.22 -37.46 -96.80
C ALA B 124 46.73 -38.90 -96.80
N GLU B 125 47.65 -39.86 -96.72
CA GLU B 125 47.23 -41.25 -96.65
C GLU B 125 46.68 -41.60 -95.27
N LEU B 126 47.00 -40.82 -94.25
CA LEU B 126 46.29 -40.97 -92.98
C LEU B 126 44.84 -40.57 -93.13
N ILE B 127 44.59 -39.38 -93.66
CA ILE B 127 43.22 -38.87 -93.74
C ILE B 127 42.40 -39.67 -94.74
N GLU B 128 42.96 -39.89 -95.92
CA GLU B 128 42.21 -40.56 -96.98
C GLU B 128 41.90 -42.01 -96.62
N GLY B 129 42.86 -42.72 -96.05
CA GLY B 129 42.61 -44.08 -95.60
C GLY B 129 42.23 -44.11 -94.14
N ALA B 130 40.94 -44.12 -93.85
CA ALA B 130 40.45 -44.08 -92.48
C ALA B 130 39.17 -44.88 -92.42
N PRO B 131 38.81 -45.40 -91.26
CA PRO B 131 37.58 -46.20 -91.17
C PRO B 131 36.31 -45.37 -91.33
N TYR B 132 36.01 -44.99 -92.56
CA TYR B 132 34.81 -44.19 -92.85
C TYR B 132 33.62 -45.12 -93.04
N GLU B 133 32.54 -44.84 -92.32
CA GLU B 133 31.35 -45.67 -92.40
C GLU B 133 30.51 -45.34 -93.62
N GLU B 134 30.08 -44.09 -93.72
CA GLU B 134 29.22 -43.64 -94.81
C GLU B 134 29.96 -42.66 -95.68
N THR B 135 29.97 -42.92 -96.98
CA THR B 135 30.55 -42.01 -97.96
C THR B 135 29.41 -41.22 -98.58
N ILE B 136 29.28 -39.95 -98.18
CA ILE B 136 28.21 -39.12 -98.70
C ILE B 136 28.50 -38.75 -100.14
N LEU B 137 27.52 -38.95 -101.01
CA LEU B 137 27.69 -38.73 -102.44
C LEU B 137 27.23 -37.32 -102.78
N ILE B 138 28.09 -36.56 -103.43
CA ILE B 138 27.81 -35.18 -103.81
C ILE B 138 27.17 -35.18 -105.19
N ASP B 139 25.99 -34.62 -105.29
CA ASP B 139 25.33 -34.51 -106.59
C ASP B 139 25.96 -33.37 -107.37
N PRO B 140 26.55 -33.61 -108.54
CA PRO B 140 27.16 -32.51 -109.30
C PRO B 140 26.17 -31.42 -109.69
N ALA B 141 24.91 -31.78 -109.92
CA ALA B 141 23.92 -30.77 -110.27
C ALA B 141 23.49 -29.95 -109.07
N ASP B 142 23.49 -30.54 -107.87
CA ASP B 142 23.09 -29.85 -106.65
C ASP B 142 24.06 -30.30 -105.55
N THR B 143 25.14 -29.55 -105.37
CA THR B 143 26.16 -29.94 -104.42
C THR B 143 25.79 -29.61 -102.98
N VAL B 144 25.00 -28.55 -102.76
CA VAL B 144 24.74 -28.09 -101.40
C VAL B 144 24.07 -29.15 -100.53
N PRO B 145 23.06 -29.89 -101.00
CA PRO B 145 22.45 -30.89 -100.12
C PRO B 145 23.45 -31.89 -99.56
N ALA B 146 24.48 -32.26 -100.32
CA ALA B 146 25.48 -33.17 -99.80
C ALA B 146 26.21 -32.55 -98.61
N PHE B 147 26.54 -31.27 -98.70
CA PHE B 147 27.28 -30.65 -97.60
C PHE B 147 26.38 -30.37 -96.41
N ILE B 148 25.11 -30.07 -96.64
CA ILE B 148 24.18 -29.96 -95.52
C ILE B 148 24.04 -31.31 -94.83
N THR B 149 24.03 -32.39 -95.61
CA THR B 149 24.00 -33.72 -95.02
C THR B 149 25.26 -34.00 -94.22
N ALA B 150 26.41 -33.57 -94.73
CA ALA B 150 27.66 -33.77 -93.99
C ALA B 150 27.62 -33.04 -92.66
N ASP B 151 27.15 -31.80 -92.67
CA ASP B 151 27.02 -31.06 -91.41
C ASP B 151 26.02 -31.73 -90.48
N GLN B 152 24.91 -32.22 -91.02
CA GLN B 152 23.90 -32.88 -90.20
C GLN B 152 24.48 -34.13 -89.55
N ARG B 153 25.24 -34.92 -90.30
CA ARG B 153 25.78 -36.15 -89.74
C ARG B 153 26.91 -35.88 -88.76
N MET B 154 27.66 -34.80 -88.96
CA MET B 154 28.63 -34.41 -87.94
C MET B 154 27.94 -33.96 -86.66
N GLY B 155 26.83 -33.22 -86.79
CA GLY B 155 26.10 -32.78 -85.62
C GLY B 155 25.25 -33.85 -84.96
N GLU B 156 24.96 -34.93 -85.68
CA GLU B 156 24.21 -36.03 -85.10
C GLU B 156 25.07 -36.85 -84.15
N ALA B 157 26.37 -36.87 -84.37
CA ALA B 157 27.31 -37.52 -83.48
C ALA B 157 27.76 -36.60 -82.35
N ASN B 158 27.17 -35.42 -82.24
CA ASN B 158 27.47 -34.47 -81.18
C ASN B 158 28.92 -33.97 -81.25
N VAL B 159 29.50 -34.01 -82.44
CA VAL B 159 30.84 -33.45 -82.65
C VAL B 159 30.78 -31.94 -82.47
N PRO B 160 31.74 -31.32 -81.79
CA PRO B 160 31.69 -29.87 -81.60
C PRO B 160 31.68 -29.12 -82.93
N THR B 161 30.99 -27.99 -82.94
CA THR B 161 30.80 -27.22 -84.16
C THR B 161 32.00 -26.37 -84.54
N ASP B 162 32.98 -26.22 -83.66
CA ASP B 162 34.14 -25.40 -83.93
C ASP B 162 35.36 -26.26 -84.25
N SER B 163 36.39 -25.60 -84.81
CA SER B 163 37.63 -26.25 -85.21
C SER B 163 37.38 -27.39 -86.19
N ARG B 164 36.42 -27.20 -87.08
CA ARG B 164 36.13 -28.14 -88.16
C ARG B 164 36.85 -27.66 -89.41
N ARG B 165 37.48 -28.58 -90.13
CA ARG B 165 38.19 -28.26 -91.35
C ARG B 165 37.65 -29.09 -92.50
N LEU B 166 37.46 -28.43 -93.64
CA LEU B 166 36.94 -29.08 -94.84
C LEU B 166 37.96 -28.92 -95.96
N VAL B 167 38.53 -30.04 -96.41
CA VAL B 167 39.55 -30.06 -97.46
C VAL B 167 38.96 -30.79 -98.64
N VAL B 168 38.91 -30.12 -99.79
CA VAL B 168 38.27 -30.67 -100.98
C VAL B 168 39.33 -30.89 -102.04
N GLY B 169 39.08 -31.85 -102.92
CA GLY B 169 39.94 -32.07 -104.06
C GLY B 169 39.70 -31.03 -105.13
N SER B 170 40.48 -31.13 -106.21
CA SER B 170 40.31 -30.19 -107.31
C SER B 170 38.93 -30.34 -107.94
N ALA B 171 38.50 -31.58 -108.17
CA ALA B 171 37.23 -31.81 -108.86
C ALA B 171 36.05 -31.32 -108.03
N VAL B 172 36.09 -31.54 -106.71
CA VAL B 172 34.99 -31.07 -105.87
C VAL B 172 34.93 -29.56 -105.88
N ALA B 173 36.08 -28.89 -105.83
CA ALA B 173 36.09 -27.43 -105.89
C ALA B 173 35.51 -26.94 -107.21
N ALA B 174 35.90 -27.57 -108.32
CA ALA B 174 35.34 -27.18 -109.61
C ALA B 174 33.84 -27.42 -109.66
N ALA B 175 33.38 -28.55 -109.12
CA ALA B 175 31.96 -28.86 -109.12
C ALA B 175 31.18 -27.84 -108.30
N LEU B 176 31.76 -27.40 -107.19
CA LEU B 176 31.13 -26.31 -106.43
C LEU B 176 31.05 -25.05 -107.26
N ALA B 177 32.14 -24.71 -107.96
CA ALA B 177 32.11 -23.51 -108.78
C ALA B 177 31.16 -23.65 -109.95
N LYS B 178 31.03 -24.84 -110.51
CA LYS B 178 30.16 -25.10 -111.65
C LYS B 178 28.71 -25.26 -111.26
N ASP B 179 28.40 -25.28 -109.96
CA ASP B 179 27.04 -25.48 -109.51
C ASP B 179 26.22 -24.21 -109.71
N LYS B 180 24.98 -24.37 -110.18
CA LYS B 180 24.12 -23.23 -110.41
C LYS B 180 23.76 -22.50 -109.13
N GLN B 181 23.92 -23.15 -107.98
CA GLN B 181 23.62 -22.50 -106.71
C GLN B 181 24.57 -21.32 -106.45
N PHE B 182 25.80 -21.42 -106.90
CA PHE B 182 26.77 -20.35 -106.69
C PHE B 182 27.02 -19.50 -107.93
N ARG B 183 26.88 -20.07 -109.12
CA ARG B 183 27.10 -19.29 -110.34
C ARG B 183 26.05 -18.20 -110.49
N HIS B 184 24.78 -18.54 -110.33
CA HIS B 184 23.69 -17.60 -110.50
C HIS B 184 23.65 -16.65 -109.31
N ALA B 185 23.85 -15.36 -109.56
CA ALA B 185 24.02 -14.41 -108.47
C ALA B 185 22.76 -14.29 -107.63
N ASP B 186 21.58 -14.37 -108.24
CA ASP B 186 20.35 -14.30 -107.44
C ASP B 186 20.26 -15.47 -106.48
N TRP B 187 20.62 -16.67 -106.93
CA TRP B 187 20.53 -17.84 -106.07
C TRP B 187 21.55 -17.80 -104.95
N SER B 188 22.82 -17.52 -105.29
CA SER B 188 23.86 -17.49 -104.27
C SER B 188 23.69 -16.29 -103.34
N GLY B 189 23.39 -15.13 -103.91
CA GLY B 189 23.17 -13.95 -103.10
C GLY B 189 24.19 -12.86 -103.30
N ASP B 190 25.45 -13.24 -103.55
CA ASP B 190 26.51 -12.25 -103.70
C ASP B 190 26.45 -11.67 -105.10
N GLN B 191 26.15 -10.37 -105.19
CA GLN B 191 26.11 -9.73 -106.50
C GLN B 191 27.48 -9.62 -107.13
N ALA B 192 28.54 -9.72 -106.33
CA ALA B 192 29.90 -9.74 -106.89
C ALA B 192 30.13 -10.98 -107.72
N ASN B 193 29.47 -12.08 -107.37
CA ASN B 193 29.55 -13.34 -108.10
C ASN B 193 30.99 -13.82 -108.21
N ALA B 194 31.57 -14.12 -107.06
CA ALA B 194 32.92 -14.67 -107.02
C ALA B 194 33.00 -16.04 -107.68
N ALA B 195 31.88 -16.76 -107.76
CA ALA B 195 31.88 -18.09 -108.35
C ALA B 195 31.81 -18.07 -109.87
N LEU B 196 31.59 -16.91 -110.47
CA LEU B 196 31.60 -16.76 -111.92
C LEU B 196 32.76 -15.92 -112.42
N ARG B 197 33.08 -14.83 -111.72
CA ARG B 197 34.29 -14.10 -112.06
C ARG B 197 35.54 -14.87 -111.68
N GLU B 198 35.42 -15.85 -110.78
CA GLU B 198 36.49 -16.78 -110.47
C GLU B 198 35.88 -18.16 -110.27
N ALA B 199 36.72 -19.16 -110.09
CA ALA B 199 36.23 -20.46 -109.66
C ALA B 199 36.16 -20.56 -108.15
N HIS B 200 36.50 -19.49 -107.45
CA HIS B 200 36.53 -19.51 -105.99
C HIS B 200 35.11 -19.62 -105.44
N VAL B 201 34.98 -20.36 -104.35
CA VAL B 201 33.69 -20.54 -103.68
C VAL B 201 33.69 -19.91 -102.30
N GLY B 202 34.64 -20.28 -101.45
CA GLY B 202 34.73 -19.70 -100.12
C GLY B 202 33.91 -20.50 -99.13
N ARG B 203 33.08 -19.80 -98.35
CA ARG B 203 32.30 -20.48 -97.33
C ARG B 203 31.18 -21.27 -97.95
N LEU B 204 30.84 -22.38 -97.32
CA LEU B 204 29.82 -23.29 -97.83
C LEU B 204 29.29 -24.11 -96.66
N ALA B 205 28.01 -23.94 -96.35
CA ALA B 205 27.36 -24.67 -95.26
C ALA B 205 28.12 -24.49 -93.95
N GLY B 206 28.62 -23.28 -93.71
CA GLY B 206 29.39 -23.02 -92.52
C GLY B 206 30.73 -23.73 -92.47
N MET B 207 31.39 -23.87 -93.60
CA MET B 207 32.72 -24.48 -93.67
C MET B 207 33.56 -23.66 -94.63
N ASN B 208 34.81 -23.43 -94.27
CA ASN B 208 35.74 -22.72 -95.13
C ASN B 208 36.44 -23.74 -96.02
N VAL B 209 36.07 -23.75 -97.30
CA VAL B 209 36.61 -24.72 -98.24
C VAL B 209 38.11 -24.50 -98.40
N ILE B 210 38.89 -25.57 -98.30
CA ILE B 210 40.33 -25.52 -98.52
C ILE B 210 40.68 -26.48 -99.64
N ARG B 211 41.28 -25.95 -100.71
CA ARG B 211 41.65 -26.77 -101.85
C ARG B 211 42.96 -27.50 -101.58
N SER B 212 43.09 -28.68 -102.17
CA SER B 212 44.29 -29.48 -102.02
C SER B 212 44.41 -30.42 -103.20
N ASN B 213 45.63 -30.92 -103.41
CA ASN B 213 45.88 -31.91 -104.44
C ASN B 213 46.34 -33.25 -103.89
N ALA B 214 46.76 -33.31 -102.63
CA ALA B 214 47.24 -34.56 -102.07
C ALA B 214 46.13 -35.60 -102.03
N ILE B 215 44.92 -35.20 -101.63
CA ILE B 215 43.79 -36.09 -101.57
C ILE B 215 43.30 -36.38 -102.98
N ALA B 216 42.43 -37.38 -103.11
CA ALA B 216 41.93 -37.75 -104.42
C ALA B 216 41.17 -36.58 -105.05
N PRO B 217 41.15 -36.50 -106.38
CA PRO B 217 40.55 -35.31 -107.02
C PRO B 217 39.10 -35.07 -106.66
N ASP B 218 38.30 -36.12 -106.49
CA ASP B 218 36.86 -35.97 -106.31
C ASP B 218 36.40 -36.40 -104.93
N LYS B 219 37.19 -36.13 -103.91
CA LYS B 219 36.82 -36.48 -102.54
C LYS B 219 37.10 -35.30 -101.63
N ALA B 220 36.20 -35.09 -100.68
CA ALA B 220 36.28 -33.98 -99.74
C ALA B 220 36.15 -34.51 -98.32
N TYR B 221 37.08 -34.16 -97.46
CA TYR B 221 37.10 -34.66 -96.09
C TYR B 221 36.80 -33.53 -95.14
N LEU B 222 35.82 -33.73 -94.26
CA LEU B 222 35.42 -32.75 -93.26
C LEU B 222 35.67 -33.37 -91.89
N TRP B 223 36.63 -32.82 -91.16
CA TRP B 223 37.02 -33.46 -89.90
C TRP B 223 37.16 -32.42 -88.80
N HIS B 224 36.80 -32.84 -87.59
CA HIS B 224 37.06 -32.06 -86.40
C HIS B 224 38.54 -32.13 -86.05
N ARG B 225 38.99 -31.18 -85.25
CA ARG B 225 40.42 -31.09 -84.94
C ARG B 225 40.93 -32.36 -84.26
N THR B 226 40.14 -32.91 -83.35
CA THR B 226 40.59 -34.05 -82.56
C THR B 226 40.41 -35.38 -83.28
N ALA B 227 40.26 -35.37 -84.61
CA ALA B 227 40.04 -36.63 -85.32
C ALA B 227 41.35 -37.35 -85.60
N PHE B 228 42.33 -36.64 -86.14
CA PHE B 228 43.62 -37.23 -86.48
C PHE B 228 44.72 -36.57 -85.67
N ILE B 229 45.67 -37.38 -85.20
CA ILE B 229 46.77 -36.91 -84.36
C ILE B 229 48.08 -37.25 -85.05
N LEU B 230 48.95 -36.26 -85.19
CA LEU B 230 50.29 -36.45 -85.72
C LEU B 230 51.31 -36.17 -84.63
N ALA B 231 52.38 -36.95 -84.62
CA ALA B 231 53.46 -36.79 -83.65
C ALA B 231 54.79 -36.86 -84.38
N TYR B 232 55.71 -35.97 -84.00
CA TYR B 232 57.00 -35.86 -84.64
C TYR B 232 58.09 -35.83 -83.59
N ARG B 233 59.28 -36.32 -83.96
CA ARG B 233 60.42 -36.32 -83.07
C ARG B 233 61.68 -36.19 -83.91
N THR B 234 62.47 -35.17 -83.65
CA THR B 234 63.73 -35.00 -84.37
C THR B 234 64.80 -35.86 -83.71
N PRO B 235 65.44 -36.76 -84.45
CA PRO B 235 66.49 -37.57 -83.86
C PRO B 235 67.63 -36.71 -83.34
N VAL B 236 68.22 -37.13 -82.22
CA VAL B 236 69.33 -36.40 -81.64
C VAL B 236 70.61 -36.83 -82.34
N VAL B 237 71.35 -35.88 -82.87
CA VAL B 237 72.62 -36.17 -83.55
C VAL B 237 73.59 -36.66 -82.48
N PRO B 238 74.13 -37.87 -82.62
CA PRO B 238 75.00 -38.41 -81.57
C PRO B 238 76.32 -37.67 -81.54
N GLU B 239 77.01 -37.83 -80.41
CA GLU B 239 78.30 -37.18 -80.23
C GLU B 239 79.34 -37.67 -81.23
N GLY B 240 79.23 -38.92 -81.67
CA GLY B 240 80.25 -39.48 -82.53
C GLY B 240 79.97 -39.32 -84.01
N ALA B 241 79.44 -38.18 -84.41
CA ALA B 241 79.14 -37.93 -85.81
C ALA B 241 79.47 -36.49 -86.15
N LYS B 242 79.81 -36.27 -87.41
CA LYS B 242 80.10 -34.91 -87.88
C LYS B 242 78.86 -34.05 -87.71
N ALA B 243 79.06 -32.84 -87.21
CA ALA B 243 77.93 -31.95 -86.93
C ALA B 243 77.15 -31.67 -88.20
N GLY B 244 75.82 -31.66 -88.07
CA GLY B 244 74.95 -31.39 -89.19
C GLY B 244 74.00 -30.25 -88.87
N ALA B 245 73.36 -29.75 -89.93
CA ALA B 245 72.42 -28.64 -89.79
C ALA B 245 71.09 -29.16 -89.27
N SER B 246 70.09 -28.29 -89.21
CA SER B 246 68.80 -28.58 -88.62
C SER B 246 67.67 -28.09 -89.52
N PHE B 247 67.71 -28.50 -90.78
CA PHE B 247 66.69 -28.08 -91.73
C PHE B 247 65.30 -28.44 -91.23
N SER B 248 64.34 -27.56 -91.47
CA SER B 248 62.96 -27.76 -91.04
C SER B 248 62.06 -27.71 -92.26
N ALA B 249 61.15 -28.68 -92.35
CA ALA B 249 60.20 -28.77 -93.45
C ALA B 249 58.79 -28.70 -92.90
N ASN B 250 58.02 -27.71 -93.34
CA ASN B 250 56.62 -27.56 -92.94
C ASN B 250 56.49 -27.52 -91.41
N GLY B 251 57.39 -26.81 -90.76
CA GLY B 251 57.35 -26.66 -89.31
C GLY B 251 58.16 -27.68 -88.53
N VAL B 252 58.06 -28.95 -88.89
CA VAL B 252 58.81 -29.98 -88.17
C VAL B 252 60.29 -29.85 -88.50
N ALA B 253 61.13 -30.09 -87.51
CA ALA B 253 62.56 -30.05 -87.72
C ALA B 253 63.08 -31.41 -88.17
N LEU B 254 64.23 -31.40 -88.82
CA LEU B 254 64.79 -32.59 -89.42
C LEU B 254 66.25 -32.70 -89.01
N ARG B 255 66.76 -33.92 -88.91
CA ARG B 255 68.16 -34.13 -88.59
C ARG B 255 68.90 -34.42 -89.88
N TRP B 256 69.92 -33.61 -90.17
CA TRP B 256 70.80 -33.84 -91.30
C TRP B 256 72.14 -34.31 -90.79
N LEU B 257 72.67 -35.36 -91.42
CA LEU B 257 73.86 -36.02 -90.93
C LEU B 257 74.72 -36.44 -92.11
N ALA B 258 75.98 -36.04 -92.10
CA ALA B 258 76.92 -36.37 -93.15
C ALA B 258 78.00 -37.27 -92.59
N ASP B 259 78.50 -38.19 -93.42
CA ASP B 259 79.51 -39.14 -92.99
C ASP B 259 80.27 -39.62 -94.22
N TYR B 260 81.58 -39.40 -94.23
CA TYR B 260 82.41 -39.94 -95.29
C TYR B 260 82.48 -41.46 -95.16
N ASP B 261 82.76 -42.12 -96.28
CA ASP B 261 82.89 -43.57 -96.32
C ASP B 261 84.19 -43.87 -97.06
N TYR B 262 85.22 -44.21 -96.28
CA TYR B 262 86.52 -44.50 -96.86
C TYR B 262 86.50 -45.77 -97.69
N SER B 263 85.72 -46.77 -97.25
CA SER B 263 85.69 -48.04 -97.96
C SER B 263 85.19 -47.86 -99.38
N GLN B 264 84.13 -47.09 -99.56
CA GLN B 264 83.58 -46.81 -100.89
C GLN B 264 84.02 -45.46 -101.45
N LEU B 265 84.85 -44.72 -100.70
CA LEU B 265 85.38 -43.44 -101.16
C LEU B 265 84.27 -42.47 -101.55
N GLY B 266 83.25 -42.37 -100.70
CA GLY B 266 82.12 -41.52 -101.04
C GLY B 266 81.45 -40.96 -99.80
N ASP B 267 80.89 -39.77 -99.94
CA ASP B 267 80.14 -39.15 -98.87
C ASP B 267 78.74 -39.74 -98.82
N ARG B 268 78.19 -39.84 -97.61
CA ARG B 268 76.84 -40.32 -97.39
C ARG B 268 76.11 -39.31 -96.53
N THR B 269 74.91 -38.91 -96.96
CA THR B 269 74.11 -37.94 -96.22
C THR B 269 72.76 -38.56 -95.91
N LEU B 270 72.21 -38.18 -94.75
CA LEU B 270 70.92 -38.69 -94.30
C LEU B 270 70.16 -37.56 -93.63
N LEU B 271 68.95 -37.28 -94.11
CA LEU B 271 68.09 -36.27 -93.52
C LEU B 271 66.77 -36.93 -93.14
N ASP B 272 66.43 -36.91 -91.86
CA ASP B 272 65.37 -37.78 -91.39
C ASP B 272 64.69 -37.24 -90.13
N VAL B 273 63.59 -37.90 -89.78
CA VAL B 273 62.78 -37.55 -88.63
C VAL B 273 61.95 -38.78 -88.26
N PHE B 274 61.46 -38.82 -87.03
CA PHE B 274 60.59 -39.90 -86.57
C PHE B 274 59.16 -39.39 -86.53
N THR B 275 58.24 -40.17 -87.07
CA THR B 275 56.84 -39.76 -87.17
C THR B 275 55.92 -40.86 -86.66
N GLY B 276 54.74 -40.43 -86.24
CA GLY B 276 53.67 -41.34 -85.87
C GLY B 276 52.33 -40.68 -86.07
N ARG B 277 51.31 -41.49 -86.32
CA ARG B 277 49.99 -40.96 -86.61
C ARG B 277 48.94 -41.83 -85.94
N LYS B 278 47.76 -41.24 -85.73
CA LYS B 278 46.67 -41.97 -85.09
C LYS B 278 45.34 -41.40 -85.54
N VAL B 279 44.34 -42.28 -85.64
CA VAL B 279 42.95 -41.92 -85.89
C VAL B 279 42.18 -42.12 -84.60
N VAL B 280 41.48 -41.07 -84.16
CA VAL B 280 40.79 -41.09 -82.87
C VAL B 280 39.41 -41.70 -83.10
N THR B 281 39.32 -43.01 -82.99
CA THR B 281 38.05 -43.69 -83.05
C THR B 281 37.35 -43.59 -81.69
N GLU B 282 36.07 -43.94 -81.68
CA GLU B 282 35.30 -43.88 -80.44
C GLU B 282 35.53 -45.14 -79.61
N VAL B 283 34.87 -45.19 -78.45
CA VAL B 283 35.08 -46.29 -77.53
C VAL B 283 34.55 -47.60 -78.09
N ASP B 284 33.52 -47.55 -78.94
CA ASP B 284 32.97 -48.74 -79.55
C ASP B 284 33.64 -49.09 -80.87
N GLY B 285 34.65 -48.32 -81.30
CA GLY B 285 35.34 -48.57 -82.54
C GLY B 285 34.81 -47.77 -83.71
N SER B 286 33.67 -47.12 -83.58
CA SER B 286 33.14 -46.29 -84.66
C SER B 286 33.96 -45.02 -84.81
N PHE B 287 34.04 -44.53 -86.04
CA PHE B 287 34.72 -43.29 -86.35
C PHE B 287 33.67 -42.26 -86.72
N VAL B 288 33.53 -41.22 -85.90
CA VAL B 288 32.47 -40.23 -86.08
C VAL B 288 32.99 -38.80 -86.07
N ARG B 289 34.28 -38.59 -85.94
CA ARG B 289 34.82 -37.23 -85.95
C ARG B 289 35.27 -36.77 -87.33
N ALA B 290 35.04 -37.56 -88.37
CA ALA B 290 35.38 -37.15 -89.72
C ALA B 290 34.37 -37.75 -90.68
N VAL B 291 34.14 -37.06 -91.79
CA VAL B 291 33.15 -37.44 -92.78
C VAL B 291 33.77 -37.31 -94.16
N GLU B 292 33.56 -38.32 -95.00
CA GLU B 292 34.11 -38.35 -96.34
C GLU B 292 32.99 -38.11 -97.35
N LEU B 293 33.26 -37.28 -98.34
CA LEU B 293 32.31 -36.88 -99.36
C LEU B 293 32.90 -37.25 -100.71
N GLN B 294 32.10 -37.84 -101.58
CA GLN B 294 32.59 -38.24 -102.88
C GLN B 294 31.65 -37.73 -103.97
N LEU B 295 32.23 -37.26 -105.07
CA LEU B 295 31.43 -36.82 -106.20
C LEU B 295 30.71 -38.02 -106.81
N GLN B 296 29.45 -37.80 -107.20
CA GLN B 296 28.60 -38.86 -107.74
C GLN B 296 28.79 -38.89 -109.25
N ALA B 297 29.62 -39.82 -109.72
CA ALA B 297 29.83 -39.98 -111.16
C ALA B 297 28.60 -40.60 -111.80
N SER B 298 28.38 -40.25 -113.07
CA SER B 298 27.21 -40.74 -113.80
C SER B 298 27.51 -41.32 -115.16
N SER B 299 28.68 -41.04 -115.75
CA SER B 299 29.06 -41.62 -117.03
C SER B 299 30.53 -41.36 -117.24
N ILE B 300 31.18 -42.24 -118.00
CA ILE B 300 32.61 -42.11 -118.29
C ILE B 300 32.81 -42.17 -119.81
N THR B 301 33.89 -41.55 -120.27
CA THR B 301 34.25 -41.52 -121.67
C THR B 301 35.76 -41.56 -121.79
N ILE B 302 36.25 -42.20 -122.85
CA ILE B 302 37.69 -42.27 -123.10
C ILE B 302 38.16 -40.94 -123.66
N VAL B 303 39.26 -40.42 -123.12
CA VAL B 303 39.77 -39.14 -123.57
C VAL B 303 40.25 -39.25 -125.00
N GLY B 304 40.06 -38.16 -125.76
CA GLY B 304 40.54 -38.10 -127.12
C GLY B 304 39.65 -38.77 -128.16
N GLY B 305 38.62 -39.50 -127.73
CA GLY B 305 37.77 -40.20 -128.67
C GLY B 305 38.54 -41.22 -129.47
N ALA B 306 38.16 -41.36 -130.74
CA ALA B 306 38.84 -42.30 -131.63
C ALA B 306 40.30 -41.93 -131.79
N PHE B 307 41.16 -42.94 -131.81
CA PHE B 307 42.59 -42.70 -131.92
C PHE B 307 43.24 -43.84 -132.69
N ALA B 308 44.45 -43.59 -133.15
CA ALA B 308 45.23 -44.55 -133.91
C ALA B 308 46.64 -44.63 -133.34
N LEU B 309 47.25 -45.81 -133.46
CA LEU B 309 48.59 -46.02 -132.95
C LEU B 309 49.63 -45.46 -133.91
N ALA B 310 50.88 -45.44 -133.46
CA ALA B 310 51.96 -44.91 -134.28
C ALA B 310 52.21 -45.81 -135.49
N THR B 311 52.51 -47.08 -135.24
CA THR B 311 52.72 -48.05 -136.32
C THR B 311 51.76 -49.22 -136.13
N THR B 312 51.95 -50.28 -136.93
CA THR B 312 51.20 -51.50 -136.70
C THR B 312 51.59 -52.17 -135.39
N THR B 313 52.72 -51.78 -134.81
CA THR B 313 53.19 -52.34 -133.53
C THR B 313 53.62 -51.17 -132.64
N GLY B 314 52.72 -50.72 -131.78
CA GLY B 314 53.02 -49.62 -130.88
C GLY B 314 52.12 -49.65 -129.67
N THR B 315 52.46 -48.82 -128.70
CA THR B 315 51.70 -48.71 -127.46
C THR B 315 51.34 -47.26 -127.19
N LYS B 316 50.21 -47.07 -126.51
CA LYS B 316 49.80 -45.76 -126.04
C LYS B 316 48.97 -45.94 -124.79
N GLN B 317 49.42 -45.34 -123.68
CA GLN B 317 48.69 -45.45 -122.44
C GLN B 317 47.34 -44.77 -122.56
N LEU B 318 46.28 -45.45 -122.15
CA LEU B 318 44.93 -44.92 -122.29
C LEU B 318 44.54 -44.14 -121.04
N LYS B 319 43.58 -43.25 -121.21
CA LYS B 319 43.05 -42.45 -120.11
C LYS B 319 41.55 -42.30 -120.28
N VAL B 320 40.81 -42.39 -119.18
CA VAL B 320 39.36 -42.30 -119.20
C VAL B 320 38.93 -41.30 -118.14
N ARG B 321 37.97 -40.45 -118.50
CA ARG B 321 37.46 -39.40 -117.61
C ARG B 321 35.96 -39.54 -117.49
N ASP B 322 35.44 -39.36 -116.27
CA ASP B 322 34.00 -39.37 -116.10
C ASP B 322 33.44 -37.99 -116.40
N ASP B 323 32.13 -37.84 -116.21
CA ASP B 323 31.48 -36.57 -116.49
C ASP B 323 31.87 -35.47 -115.53
N ASN B 324 32.53 -35.79 -114.43
CA ASN B 324 33.03 -34.78 -113.51
C ASN B 324 34.46 -34.35 -113.83
N GLY B 325 35.06 -34.90 -114.88
CA GLY B 325 36.40 -34.52 -115.28
C GLY B 325 37.52 -35.20 -114.54
N THR B 326 37.22 -36.09 -113.60
CA THR B 326 38.27 -36.77 -112.87
C THR B 326 38.92 -37.85 -113.73
N ASP B 327 40.10 -38.27 -113.31
CA ASP B 327 40.85 -39.32 -113.99
C ASP B 327 40.56 -40.63 -113.25
N VAL B 328 39.66 -41.43 -113.81
CA VAL B 328 39.27 -42.70 -113.22
C VAL B 328 39.92 -43.88 -113.93
N THR B 329 41.06 -43.64 -114.59
CA THR B 329 41.75 -44.73 -115.29
C THR B 329 42.19 -45.81 -114.31
N ALA B 330 42.67 -45.41 -113.13
CA ALA B 330 43.14 -46.39 -112.17
C ALA B 330 42.02 -47.29 -111.66
N ARG B 331 40.79 -46.80 -111.65
CA ARG B 331 39.66 -47.54 -111.09
C ARG B 331 38.89 -48.34 -112.14
N CYS B 332 39.31 -48.30 -113.40
CA CYS B 332 38.56 -48.92 -114.48
C CYS B 332 39.10 -50.31 -114.81
N THR B 333 38.28 -51.07 -115.52
CA THR B 333 38.65 -52.38 -116.05
C THR B 333 38.53 -52.32 -117.57
N PHE B 334 39.57 -52.77 -118.27
CA PHE B 334 39.65 -52.63 -119.71
C PHE B 334 39.55 -53.99 -120.40
N ALA B 335 38.85 -54.02 -121.52
CA ALA B 335 38.72 -55.22 -122.32
C ALA B 335 38.85 -54.84 -123.79
N SER B 336 39.22 -55.82 -124.62
CA SER B 336 39.39 -55.62 -126.05
C SER B 336 38.35 -56.44 -126.80
N SER B 337 37.70 -55.80 -127.78
CA SER B 337 36.71 -56.52 -128.59
C SER B 337 37.37 -57.63 -129.41
N ALA B 338 38.54 -57.34 -129.99
CA ALA B 338 39.27 -58.32 -130.81
C ALA B 338 40.75 -58.20 -130.45
N GLY B 339 41.26 -59.14 -129.66
CA GLY B 339 42.64 -59.11 -129.28
C GLY B 339 43.61 -59.48 -130.39
N THR B 340 43.11 -60.00 -131.51
CA THR B 340 43.99 -60.33 -132.62
C THR B 340 44.63 -59.06 -133.20
N LYS B 341 43.86 -57.99 -133.31
CA LYS B 341 44.40 -56.74 -133.84
C LYS B 341 45.25 -56.03 -132.80
N ALA B 342 44.63 -55.63 -131.68
CA ALA B 342 45.33 -54.94 -130.61
C ALA B 342 44.90 -55.54 -129.27
N THR B 343 45.81 -55.48 -128.30
CA THR B 343 45.57 -55.99 -126.96
C THR B 343 45.71 -54.85 -125.97
N VAL B 344 44.79 -54.79 -125.01
CA VAL B 344 44.79 -53.76 -123.98
C VAL B 344 45.20 -54.40 -122.66
N SER B 345 45.95 -53.65 -121.86
CA SER B 345 46.38 -54.11 -120.55
C SER B 345 45.31 -53.83 -119.51
N ALA B 346 45.49 -54.41 -118.33
CA ALA B 346 44.57 -54.14 -117.23
C ALA B 346 44.68 -52.69 -116.77
N ALA B 347 45.89 -52.15 -116.74
CA ALA B 347 46.07 -50.77 -116.33
C ALA B 347 45.53 -49.77 -117.36
N GLY B 348 45.44 -50.17 -118.63
CA GLY B 348 44.90 -49.32 -119.65
C GLY B 348 45.72 -49.25 -120.91
N LEU B 349 47.00 -49.65 -120.83
CA LEU B 349 47.87 -49.55 -121.98
C LEU B 349 47.40 -50.50 -123.09
N VAL B 350 47.54 -50.05 -124.33
CA VAL B 350 47.12 -50.82 -125.49
C VAL B 350 48.33 -51.14 -126.34
N THR B 351 48.39 -52.37 -126.86
CA THR B 351 49.51 -52.84 -127.66
C THR B 351 49.06 -53.15 -129.08
N GLY B 352 49.87 -52.74 -130.05
CA GLY B 352 49.58 -52.97 -131.45
C GLY B 352 50.01 -54.33 -131.95
N VAL B 353 49.23 -55.37 -131.63
CA VAL B 353 49.58 -56.71 -132.09
C VAL B 353 49.60 -56.78 -133.62
N ALA B 354 48.57 -56.24 -134.25
CA ALA B 354 48.47 -56.29 -135.71
C ALA B 354 47.67 -55.10 -136.20
N ALA B 355 47.86 -54.78 -137.48
CA ALA B 355 47.13 -53.69 -138.10
C ALA B 355 45.65 -54.03 -138.24
N GLY B 356 44.80 -53.06 -138.00
CA GLY B 356 43.37 -53.26 -138.10
C GLY B 356 42.64 -52.37 -137.11
N THR B 357 41.31 -52.44 -137.18
CA THR B 357 40.44 -51.65 -136.34
C THR B 357 39.84 -52.53 -135.25
N ALA B 358 39.94 -52.07 -134.02
CA ALA B 358 39.43 -52.79 -132.86
C ALA B 358 38.71 -51.82 -131.95
N ASP B 359 38.07 -52.37 -130.92
CA ASP B 359 37.35 -51.59 -129.93
C ASP B 359 37.82 -51.97 -128.53
N ILE B 360 37.98 -50.96 -127.68
CA ILE B 360 38.36 -51.14 -126.29
C ILE B 360 37.23 -50.64 -125.42
N THR B 361 36.79 -51.48 -124.49
CA THR B 361 35.70 -51.16 -123.58
C THR B 361 36.26 -50.94 -122.19
N ALA B 362 35.93 -49.80 -121.58
CA ALA B 362 36.34 -49.48 -120.23
C ALA B 362 35.10 -49.46 -119.35
N SER B 363 35.13 -50.23 -118.26
CA SER B 363 34.03 -50.35 -117.34
C SER B 363 34.45 -49.79 -115.98
N TYR B 364 33.63 -48.91 -115.42
CA TYR B 364 33.94 -48.26 -114.15
C TYR B 364 32.74 -48.41 -113.23
N VAL B 365 32.98 -48.91 -112.03
CA VAL B 365 31.92 -48.99 -111.02
C VAL B 365 31.77 -47.62 -110.36
N PRO B 366 30.59 -47.05 -110.36
CA PRO B 366 30.42 -45.70 -109.81
C PRO B 366 30.56 -45.71 -108.30
N PRO B 367 30.87 -44.55 -107.70
CA PRO B 367 30.91 -44.50 -106.23
C PRO B 367 29.59 -44.87 -105.58
N GLN B 368 28.47 -44.52 -106.20
CA GLN B 368 27.17 -44.92 -105.65
C GLN B 368 26.89 -46.40 -105.87
N GLY B 369 27.72 -47.10 -106.65
CA GLY B 369 27.52 -48.51 -106.89
C GLY B 369 26.47 -48.78 -107.93
N GLY B 370 26.19 -50.07 -108.12
CA GLY B 370 25.20 -50.50 -109.08
C GLY B 370 25.81 -50.97 -110.38
N THR B 371 25.15 -50.68 -111.50
CA THR B 371 25.68 -51.06 -112.80
C THR B 371 26.95 -50.30 -113.09
N ALA B 372 27.90 -50.98 -113.76
CA ALA B 372 29.16 -50.36 -114.12
C ALA B 372 28.98 -49.58 -115.41
N LYS B 373 29.35 -48.31 -115.39
CA LYS B 373 29.26 -47.50 -116.60
C LYS B 373 30.34 -47.92 -117.58
N THR B 374 29.95 -48.16 -118.83
CA THR B 374 30.84 -48.71 -119.83
C THR B 374 30.97 -47.74 -121.00
N ALA B 375 32.20 -47.48 -121.41
CA ALA B 375 32.47 -46.61 -122.55
C ALA B 375 33.37 -47.35 -123.54
N THR B 376 32.99 -47.34 -124.81
CA THR B 376 33.72 -48.05 -125.84
C THR B 376 34.36 -47.06 -126.80
N VAL B 377 35.67 -47.23 -127.01
CA VAL B 377 36.41 -46.40 -127.93
C VAL B 377 36.94 -47.29 -129.04
N THR B 378 37.23 -46.69 -130.19
CA THR B 378 37.73 -47.42 -131.35
C THR B 378 39.17 -47.02 -131.65
N VAL B 379 39.97 -48.01 -132.02
CA VAL B 379 41.39 -47.83 -132.31
C VAL B 379 41.67 -48.40 -133.69
N THR B 380 42.50 -47.70 -134.46
CA THR B 380 42.87 -48.13 -135.81
C THR B 380 44.39 -48.25 -135.86
N VAL B 381 44.90 -49.42 -135.54
CA VAL B 381 46.35 -49.67 -135.55
C VAL B 381 46.81 -49.75 -137.00
N PRO B 382 47.73 -48.88 -137.43
CA PRO B 382 48.24 -48.88 -138.81
C PRO B 382 49.09 -50.11 -139.12
N ALA C 2 23.83 14.45 -180.46
CA ALA C 2 24.01 15.13 -179.18
C ALA C 2 25.47 15.53 -178.98
N HIS C 3 25.70 16.48 -178.10
CA HIS C 3 27.05 16.92 -177.81
C HIS C 3 27.83 15.82 -177.11
N ILE C 4 29.02 15.54 -177.60
CA ILE C 4 29.90 14.52 -177.02
C ILE C 4 31.08 15.24 -176.39
N PHE C 5 31.17 15.19 -175.07
CA PHE C 5 32.24 15.84 -174.34
C PHE C 5 33.26 14.80 -173.89
N VAL C 6 34.52 15.04 -174.22
CA VAL C 6 35.60 14.16 -173.77
C VAL C 6 36.07 14.65 -172.40
N LYS C 7 36.10 13.73 -171.43
CA LYS C 7 36.48 14.07 -170.08
C LYS C 7 37.44 13.03 -169.53
N PRO C 8 38.35 13.43 -168.64
CA PRO C 8 39.35 12.49 -168.14
C PRO C 8 38.76 11.52 -167.14
N GLU C 9 39.50 10.46 -166.87
CA GLU C 9 39.19 9.57 -165.76
C GLU C 9 39.77 10.16 -164.48
N LEU C 10 39.03 10.05 -163.38
CA LEU C 10 39.50 10.54 -162.10
C LEU C 10 39.56 9.41 -161.09
N VAL C 11 40.63 9.42 -160.29
CA VAL C 11 40.83 8.46 -159.21
C VAL C 11 41.07 9.24 -157.94
N ALA C 12 40.31 8.92 -156.90
CA ALA C 12 40.43 9.59 -155.60
C ALA C 12 40.54 8.54 -154.52
N GLU C 13 41.19 8.91 -153.42
CA GLU C 13 41.33 8.05 -152.25
C GLU C 13 40.52 8.67 -151.12
N ILE C 14 39.29 8.17 -150.95
CA ILE C 14 38.37 8.70 -149.95
C ILE C 14 38.55 8.09 -148.58
N GLY C 15 39.50 7.16 -148.41
CA GLY C 15 39.72 6.52 -147.14
C GLY C 15 39.13 5.13 -147.00
N VAL C 16 38.58 4.56 -148.06
CA VAL C 16 38.10 3.20 -148.03
C VAL C 16 39.30 2.27 -148.23
N LYS C 17 39.54 1.40 -147.27
CA LYS C 17 40.69 0.52 -147.27
C LYS C 17 40.23 -0.92 -147.09
N GLN C 18 41.09 -1.85 -147.50
CA GLN C 18 40.82 -3.26 -147.24
C GLN C 18 40.82 -3.53 -145.74
N LEU C 19 39.81 -4.23 -145.26
CA LEU C 19 39.66 -4.46 -143.84
C LEU C 19 40.58 -5.58 -143.39
N GLN C 20 41.38 -5.32 -142.36
CA GLN C 20 42.32 -6.30 -141.83
C GLN C 20 42.30 -6.27 -140.33
N ARG C 21 42.50 -7.43 -139.72
CA ARG C 21 42.40 -7.56 -138.28
C ARG C 21 43.55 -6.82 -137.60
N GLU C 22 43.52 -6.85 -136.27
CA GLU C 22 44.57 -6.25 -135.46
C GLU C 22 45.57 -7.32 -135.05
N ILE C 23 46.58 -6.91 -134.31
CA ILE C 23 47.66 -7.80 -133.86
C ILE C 23 47.60 -7.87 -132.34
N VAL C 24 47.28 -9.05 -131.81
CA VAL C 24 47.21 -9.23 -130.37
C VAL C 24 48.00 -10.41 -129.86
N LEU C 25 48.41 -11.35 -130.70
CA LEU C 25 49.11 -12.54 -130.22
C LEU C 25 50.57 -12.30 -129.86
N PRO C 26 51.36 -11.60 -130.70
CA PRO C 26 52.78 -11.44 -130.37
C PRO C 26 53.04 -10.77 -129.02
N GLY C 27 52.12 -9.96 -128.52
CA GLY C 27 52.31 -9.39 -127.21
C GLY C 27 51.97 -10.29 -126.06
N LEU C 28 51.55 -11.52 -126.33
CA LEU C 28 51.13 -12.46 -125.30
C LEU C 28 52.08 -13.61 -125.08
N VAL C 29 52.65 -14.16 -126.15
CA VAL C 29 53.54 -15.31 -126.04
C VAL C 29 54.85 -14.89 -125.42
N TRP C 30 55.63 -15.87 -124.98
CA TRP C 30 56.89 -15.63 -124.29
C TRP C 30 57.99 -15.53 -125.34
N THR C 31 58.40 -14.30 -125.64
CA THR C 31 59.33 -14.04 -126.74
C THR C 31 60.74 -13.84 -126.24
N ASN C 32 61.70 -14.38 -126.99
CA ASN C 32 63.13 -14.24 -126.74
C ASN C 32 63.53 -14.47 -125.28
N PRO C 33 63.29 -15.68 -124.74
CA PRO C 33 63.98 -16.04 -123.50
C PRO C 33 65.35 -16.62 -123.72
N LEU C 34 65.64 -17.04 -124.96
CA LEU C 34 66.94 -17.56 -125.35
C LEU C 34 67.43 -16.78 -126.56
N THR C 35 68.70 -16.38 -126.55
CA THR C 35 69.23 -15.50 -127.58
C THR C 35 70.29 -16.15 -128.45
N ASP C 36 71.35 -16.69 -127.85
CA ASP C 36 72.50 -17.19 -128.60
C ASP C 36 72.15 -18.55 -129.20
N PHE C 37 71.42 -18.50 -130.31
CA PHE C 37 71.07 -19.73 -131.02
C PHE C 37 72.15 -20.13 -132.01
N GLY C 38 72.81 -19.17 -132.65
CA GLY C 38 73.85 -19.49 -133.60
C GLY C 38 75.05 -20.17 -132.96
N GLY C 39 75.48 -19.67 -131.82
CA GLY C 39 76.62 -20.23 -131.14
C GLY C 39 76.30 -21.45 -130.32
N SER C 40 75.74 -22.48 -130.96
CA SER C 40 75.46 -23.73 -130.29
C SER C 40 75.35 -24.83 -131.33
N LYS C 41 75.48 -26.07 -130.86
CA LYS C 41 75.43 -27.21 -131.76
C LYS C 41 74.04 -27.37 -132.34
N ASN C 42 73.96 -27.56 -133.66
CA ASN C 42 72.72 -27.85 -134.37
C ASN C 42 71.66 -26.77 -134.19
N ASP C 43 72.08 -25.56 -133.85
CA ASP C 43 71.17 -24.44 -133.61
C ASP C 43 70.20 -24.74 -132.47
N THR C 44 70.58 -25.63 -131.56
CA THR C 44 69.75 -25.98 -130.42
C THR C 44 70.40 -25.52 -129.13
N ILE C 45 69.59 -24.98 -128.23
CA ILE C 45 70.00 -24.71 -126.86
C ILE C 45 69.26 -25.68 -125.96
N THR C 46 69.99 -26.38 -125.11
CA THR C 46 69.42 -27.38 -124.22
C THR C 46 69.13 -26.73 -122.87
N VAL C 47 67.89 -26.82 -122.42
CA VAL C 47 67.47 -26.31 -121.13
C VAL C 47 67.43 -27.48 -120.15
N ARG C 48 68.03 -27.29 -118.98
CA ARG C 48 68.00 -28.30 -117.93
C ARG C 48 66.87 -28.02 -116.97
N VAL C 49 66.08 -29.05 -116.70
CA VAL C 49 64.99 -28.98 -115.73
C VAL C 49 65.54 -29.41 -114.37
N PRO C 50 65.49 -28.58 -113.35
CA PRO C 50 66.08 -28.93 -112.06
C PRO C 50 65.48 -30.22 -111.50
N ALA C 51 66.32 -31.01 -110.84
CA ALA C 51 65.96 -32.34 -110.38
C ALA C 51 65.16 -32.29 -109.09
N ILE C 52 64.40 -33.36 -108.86
CA ILE C 52 63.69 -33.58 -107.60
C ILE C 52 63.85 -35.04 -107.23
N THR C 53 63.98 -35.29 -105.92
CA THR C 53 64.18 -36.63 -105.39
C THR C 53 62.94 -37.07 -104.64
N THR C 54 63.01 -38.28 -104.09
CA THR C 54 61.91 -38.86 -103.33
C THR C 54 62.43 -39.38 -102.01
N ALA C 55 61.66 -39.17 -100.95
CA ALA C 55 62.02 -39.67 -99.64
C ALA C 55 61.47 -41.08 -99.45
N ASN C 56 61.95 -41.75 -98.41
CA ASN C 56 61.53 -43.09 -98.09
C ASN C 56 61.27 -43.19 -96.60
N ARG C 57 60.48 -44.18 -96.20
CA ARG C 57 60.15 -44.37 -94.80
C ARG C 57 60.41 -45.81 -94.41
N ARG C 58 60.94 -46.00 -93.21
CA ARG C 58 61.24 -47.33 -92.69
C ARG C 58 60.73 -47.43 -91.26
N ASP C 59 60.46 -48.65 -90.84
CA ASP C 59 59.92 -48.88 -89.50
C ASP C 59 60.94 -48.53 -88.43
N LEU C 60 60.47 -47.90 -87.36
CA LEU C 60 61.33 -47.59 -86.24
C LEU C 60 61.79 -48.86 -85.53
N ARG C 61 63.02 -48.83 -85.02
CA ARG C 61 63.60 -49.95 -84.26
C ARG C 61 63.64 -51.23 -85.09
N ASP C 62 63.73 -51.09 -86.39
CA ASP C 62 63.81 -52.25 -87.26
C ASP C 62 65.19 -52.90 -87.11
N PRO C 63 65.25 -54.22 -86.93
CA PRO C 63 66.57 -54.86 -86.75
C PRO C 63 67.54 -54.62 -87.89
N ASP C 64 67.08 -54.47 -89.12
CA ASP C 64 67.98 -54.11 -90.21
C ASP C 64 68.04 -52.60 -90.36
N ARG C 65 69.18 -52.11 -90.84
CA ARG C 65 69.45 -50.68 -90.85
C ARG C 65 69.72 -50.13 -92.25
N THR C 66 69.42 -50.89 -93.30
CA THR C 66 69.67 -50.42 -94.65
C THR C 66 68.72 -49.29 -95.01
N VAL C 67 69.25 -48.32 -95.75
CA VAL C 67 68.46 -47.19 -96.23
C VAL C 67 68.49 -47.19 -97.76
N ILE C 68 67.47 -46.58 -98.35
CA ILE C 68 67.31 -46.55 -99.79
C ILE C 68 67.82 -45.20 -100.29
N ALA C 69 68.78 -45.24 -101.21
CA ALA C 69 69.37 -44.02 -101.73
C ALA C 69 68.42 -43.36 -102.73
N SER C 70 68.72 -42.10 -103.04
CA SER C 70 67.95 -41.33 -104.00
C SER C 70 68.89 -40.71 -105.02
N GLU C 71 68.56 -40.85 -106.29
CA GLU C 71 69.36 -40.28 -107.37
C GLU C 71 68.72 -38.99 -107.86
N LEU C 72 69.55 -37.96 -108.04
CA LEU C 72 69.10 -36.66 -108.52
C LEU C 72 69.21 -36.66 -110.03
N VAL C 73 68.11 -36.99 -110.70
CA VAL C 73 68.09 -37.10 -112.15
C VAL C 73 67.62 -35.77 -112.74
N GLU C 74 68.46 -35.16 -113.55
CA GLU C 74 68.12 -33.93 -114.26
C GLU C 74 67.76 -34.25 -115.70
N HIS C 75 66.73 -33.58 -116.20
CA HIS C 75 66.27 -33.77 -117.57
C HIS C 75 66.59 -32.53 -118.39
N SER C 76 66.45 -32.66 -119.70
CA SER C 76 66.79 -31.55 -120.59
C SER C 76 65.95 -31.61 -121.85
N PHE C 77 65.76 -30.46 -122.48
CA PHE C 77 65.06 -30.41 -123.75
C PHE C 77 65.59 -29.26 -124.59
N GLY C 78 65.47 -29.40 -125.90
CA GLY C 78 66.08 -28.47 -126.84
C GLY C 78 65.13 -27.45 -127.43
N VAL C 79 65.66 -26.26 -127.68
CA VAL C 79 64.97 -25.18 -128.37
C VAL C 79 65.78 -24.80 -129.59
N THR C 80 65.11 -24.65 -130.73
CA THR C 80 65.81 -24.56 -132.01
C THR C 80 65.16 -23.52 -132.91
N LEU C 81 65.95 -22.98 -133.84
CA LEU C 81 65.46 -22.11 -134.90
C LEU C 81 65.17 -22.95 -136.14
N ASP C 82 63.97 -22.81 -136.71
CA ASP C 82 63.58 -23.68 -137.80
C ASP C 82 62.77 -23.01 -138.90
N LYS C 83 62.56 -21.70 -138.87
CA LYS C 83 61.75 -21.05 -139.90
C LYS C 83 62.41 -19.76 -140.35
N HIS C 84 62.13 -19.38 -141.60
CA HIS C 84 62.71 -18.21 -142.23
C HIS C 84 61.57 -17.42 -142.86
N VAL C 85 60.98 -16.50 -142.12
CA VAL C 85 59.82 -15.76 -142.59
C VAL C 85 60.27 -14.61 -143.46
N TYR C 86 59.74 -14.55 -144.69
CA TYR C 86 60.21 -13.58 -145.66
C TYR C 86 59.04 -13.05 -146.47
N ALA C 87 59.29 -11.90 -147.10
CA ALA C 87 58.39 -11.33 -148.10
C ALA C 87 59.26 -10.78 -149.22
N ALA C 88 59.14 -11.33 -150.42
CA ALA C 88 59.98 -10.99 -151.54
C ALA C 88 59.14 -10.40 -152.66
N LEU C 89 59.61 -9.29 -153.23
CA LEU C 89 58.89 -8.59 -154.28
C LEU C 89 59.82 -8.31 -155.44
N LYS C 90 59.40 -8.66 -156.65
CA LYS C 90 60.16 -8.37 -157.86
C LYS C 90 59.39 -7.35 -158.69
N PHE C 91 60.09 -6.31 -159.14
CA PHE C 91 59.50 -5.24 -159.93
C PHE C 91 60.22 -5.14 -161.26
N THR C 92 59.50 -5.40 -162.34
CA THR C 92 60.08 -5.16 -163.66
C THR C 92 60.39 -3.68 -163.81
N ASP C 93 61.45 -3.37 -164.55
CA ASP C 93 61.92 -2.00 -164.62
C ASP C 93 60.84 -1.05 -165.11
N GLU C 94 59.95 -1.52 -166.00
CA GLU C 94 58.82 -0.72 -166.42
C GLU C 94 57.91 -0.38 -165.24
N GLN C 95 57.64 -1.35 -164.37
CA GLN C 95 56.81 -1.10 -163.20
C GLN C 95 57.51 -0.18 -162.22
N ARG C 96 58.83 -0.32 -162.08
CA ARG C 96 59.57 0.53 -161.16
C ARG C 96 59.57 1.98 -161.62
N THR C 97 59.72 2.21 -162.93
CA THR C 97 59.82 3.57 -163.44
C THR C 97 58.47 4.26 -163.43
N LEU C 98 57.43 3.60 -163.94
CA LEU C 98 56.15 4.24 -164.19
C LEU C 98 55.14 4.01 -163.06
N ASP C 99 54.82 2.75 -162.77
CA ASP C 99 53.69 2.45 -161.89
C ASP C 99 53.92 2.95 -160.48
N ILE C 100 55.10 2.72 -159.92
CA ILE C 100 55.36 3.04 -158.52
C ILE C 100 55.63 4.53 -158.39
N ARG C 101 54.83 5.22 -157.57
CA ARG C 101 54.97 6.65 -157.41
C ARG C 101 55.44 7.07 -156.03
N ASP C 102 55.37 6.19 -155.03
CA ASP C 102 55.89 6.50 -153.69
C ASP C 102 56.32 5.19 -153.06
N TYR C 103 57.62 4.91 -153.09
CA TYR C 103 58.11 3.59 -152.70
C TYR C 103 57.79 3.28 -151.25
N THR C 104 57.99 4.25 -150.36
CA THR C 104 57.75 3.99 -148.93
C THR C 104 56.29 3.66 -148.68
N LYS C 105 55.38 4.49 -149.21
CA LYS C 105 53.96 4.31 -148.92
C LYS C 105 53.35 3.16 -149.72
N GLN C 106 53.92 2.82 -150.87
CA GLN C 106 53.29 1.87 -151.76
C GLN C 106 53.92 0.49 -151.76
N VAL C 107 55.15 0.33 -151.25
CA VAL C 107 55.81 -0.96 -151.33
C VAL C 107 56.32 -1.41 -149.97
N LEU C 108 57.07 -0.54 -149.28
CA LEU C 108 57.69 -0.96 -148.02
C LEU C 108 56.64 -1.23 -146.95
N MET C 109 55.66 -0.34 -146.81
CA MET C 109 54.64 -0.54 -145.79
C MET C 109 53.82 -1.82 -146.02
N PRO C 110 53.34 -2.12 -147.22
CA PRO C 110 52.70 -3.43 -147.41
C PRO C 110 53.61 -4.60 -147.09
N GLN C 111 54.90 -4.51 -147.41
CA GLN C 111 55.81 -5.60 -147.08
C GLN C 111 55.89 -5.80 -145.57
N VAL C 112 56.06 -4.71 -144.82
CA VAL C 112 56.18 -4.82 -143.38
C VAL C 112 54.89 -5.36 -142.77
N SER C 113 53.75 -4.88 -143.25
CA SER C 113 52.48 -5.39 -142.75
C SER C 113 52.31 -6.87 -143.05
N ALA C 114 52.70 -7.30 -144.25
CA ALA C 114 52.59 -8.71 -144.60
C ALA C 114 53.47 -9.57 -143.70
N VAL C 115 54.70 -9.11 -143.43
CA VAL C 115 55.59 -9.88 -142.57
C VAL C 115 55.03 -9.93 -141.15
N ALA C 116 54.48 -8.83 -140.66
CA ALA C 116 53.90 -8.83 -139.31
C ALA C 116 52.73 -9.81 -139.23
N TYR C 117 51.87 -9.83 -140.24
CA TYR C 117 50.76 -10.76 -140.23
C TYR C 117 51.23 -12.20 -140.35
N GLU C 118 52.31 -12.43 -141.10
CA GLU C 118 52.87 -13.77 -141.17
C GLU C 118 53.42 -14.22 -139.82
N LEU C 119 54.06 -13.31 -139.09
CA LEU C 119 54.54 -13.65 -137.76
C LEU C 119 53.38 -13.97 -136.82
N GLU C 120 52.29 -13.20 -136.91
CA GLU C 120 51.13 -13.53 -136.10
C GLU C 120 50.56 -14.89 -136.46
N ASP C 121 50.51 -15.20 -137.76
CA ASP C 121 50.04 -16.52 -138.18
C ASP C 121 50.95 -17.62 -137.67
N TYR C 122 52.26 -17.36 -137.67
CA TYR C 122 53.22 -18.31 -137.11
C TYR C 122 52.92 -18.59 -135.64
N ILE C 123 52.71 -17.54 -134.87
CA ILE C 123 52.41 -17.69 -133.46
C ILE C 123 51.10 -18.43 -133.26
N ALA C 124 50.08 -18.10 -134.06
CA ALA C 124 48.80 -18.77 -133.94
C ALA C 124 48.90 -20.25 -134.28
N GLU C 125 49.66 -20.59 -135.32
CA GLU C 125 49.87 -21.99 -135.66
C GLU C 125 50.55 -22.72 -134.53
N LEU C 126 51.53 -22.07 -133.88
CA LEU C 126 52.15 -22.66 -132.71
C LEU C 126 51.13 -22.89 -131.60
N ILE C 127 50.30 -21.89 -131.33
CA ILE C 127 49.39 -21.96 -130.19
C ILE C 127 48.36 -23.05 -130.41
N GLU C 128 47.73 -23.08 -131.57
CA GLU C 128 46.65 -24.03 -131.80
C GLU C 128 47.10 -25.27 -132.55
N GLY C 129 48.38 -25.42 -132.83
CA GLY C 129 48.92 -26.68 -133.27
C GLY C 129 49.56 -27.49 -132.18
N ALA C 130 49.49 -27.03 -130.93
CA ALA C 130 50.18 -27.68 -129.84
C ALA C 130 49.59 -29.06 -129.58
N PRO C 131 50.36 -29.97 -129.00
CA PRO C 131 49.84 -31.32 -128.72
C PRO C 131 48.83 -31.34 -127.60
N TYR C 132 47.60 -30.92 -127.87
CA TYR C 132 46.55 -30.97 -126.87
C TYR C 132 45.97 -32.38 -126.78
N GLU C 133 45.93 -32.92 -125.57
CA GLU C 133 45.38 -34.26 -125.38
C GLU C 133 43.90 -34.31 -125.71
N GLU C 134 43.15 -33.29 -125.30
CA GLU C 134 41.71 -33.26 -125.49
C GLU C 134 41.26 -31.82 -125.66
N THR C 135 40.09 -31.65 -126.25
CA THR C 135 39.50 -30.34 -126.46
C THR C 135 38.22 -30.26 -125.63
N ILE C 136 38.25 -29.40 -124.59
CA ILE C 136 37.08 -29.22 -123.76
C ILE C 136 35.97 -28.59 -124.59
N LEU C 137 34.78 -29.16 -124.51
CA LEU C 137 33.66 -28.71 -125.33
C LEU C 137 32.82 -27.71 -124.56
N ILE C 138 32.54 -26.56 -125.17
CA ILE C 138 31.73 -25.52 -124.57
C ILE C 138 30.31 -25.68 -125.07
N ASP C 139 29.38 -25.87 -124.16
CA ASP C 139 27.97 -25.89 -124.52
C ASP C 139 27.46 -24.48 -124.68
N PRO C 140 26.95 -24.08 -125.84
CA PRO C 140 26.48 -22.70 -126.00
C PRO C 140 25.39 -22.30 -125.02
N ALA C 141 24.59 -23.25 -124.54
CA ALA C 141 23.56 -22.92 -123.56
C ALA C 141 24.15 -22.59 -122.20
N ASP C 142 25.24 -23.26 -121.82
CA ASP C 142 25.92 -23.04 -120.54
C ASP C 142 27.42 -23.06 -120.82
N THR C 143 28.00 -21.87 -121.00
CA THR C 143 29.37 -21.76 -121.43
C THR C 143 30.37 -21.64 -120.28
N VAL C 144 29.91 -21.51 -119.04
CA VAL C 144 30.81 -21.37 -117.91
C VAL C 144 31.41 -22.70 -117.44
N PRO C 145 30.66 -23.80 -117.41
CA PRO C 145 31.29 -25.06 -116.99
C PRO C 145 32.50 -25.44 -117.81
N ALA C 146 32.53 -25.13 -119.10
CA ALA C 146 33.70 -25.44 -119.91
C ALA C 146 34.93 -24.68 -119.40
N PHE C 147 34.79 -23.40 -119.10
CA PHE C 147 35.94 -22.63 -118.66
C PHE C 147 36.35 -23.01 -117.24
N ILE C 148 35.39 -23.32 -116.37
CA ILE C 148 35.76 -23.79 -115.05
C ILE C 148 36.45 -25.15 -115.14
N THR C 149 36.05 -25.98 -116.10
CA THR C 149 36.75 -27.24 -116.33
C THR C 149 38.16 -26.98 -116.82
N ALA C 150 38.36 -25.98 -117.68
CA ALA C 150 39.71 -25.65 -118.11
C ALA C 150 40.56 -25.21 -116.94
N ASP C 151 40.00 -24.38 -116.06
CA ASP C 151 40.71 -23.97 -114.86
C ASP C 151 41.05 -25.17 -114.00
N GLN C 152 40.11 -26.11 -113.85
CA GLN C 152 40.36 -27.33 -113.09
C GLN C 152 41.49 -28.13 -113.69
N ARG C 153 41.51 -28.27 -115.01
CA ARG C 153 42.56 -29.04 -115.66
C ARG C 153 43.92 -28.41 -115.43
N MET C 154 44.00 -27.09 -115.55
CA MET C 154 45.29 -26.44 -115.30
C MET C 154 45.65 -26.38 -113.84
N GLY C 155 44.68 -26.53 -112.93
CA GLY C 155 45.01 -26.59 -111.52
C GLY C 155 45.43 -27.97 -111.05
N GLU C 156 44.93 -29.01 -111.72
CA GLU C 156 45.32 -30.37 -111.36
C GLU C 156 46.81 -30.59 -111.61
N ALA C 157 47.32 -30.11 -112.73
CA ALA C 157 48.72 -30.27 -113.09
C ALA C 157 49.62 -29.32 -112.33
N ASN C 158 49.08 -28.61 -111.33
CA ASN C 158 49.84 -27.71 -110.47
C ASN C 158 50.45 -26.54 -111.23
N VAL C 159 49.93 -26.23 -112.42
CA VAL C 159 50.42 -25.07 -113.16
C VAL C 159 50.13 -23.81 -112.35
N PRO C 160 51.07 -22.87 -112.24
CA PRO C 160 50.83 -21.68 -111.41
C PRO C 160 49.61 -20.90 -111.89
N THR C 161 48.94 -20.28 -110.94
CA THR C 161 47.71 -19.56 -111.20
C THR C 161 47.93 -18.14 -111.70
N ASP C 162 49.17 -17.70 -111.81
CA ASP C 162 49.47 -16.34 -112.22
C ASP C 162 49.97 -16.28 -113.67
N SER C 163 49.73 -15.14 -114.30
CA SER C 163 50.18 -14.86 -115.66
C SER C 163 49.58 -15.84 -116.66
N ARG C 164 48.36 -16.30 -116.41
CA ARG C 164 47.65 -17.10 -117.40
C ARG C 164 47.02 -16.19 -118.45
N ARG C 165 46.96 -16.67 -119.68
CA ARG C 165 46.38 -15.92 -120.78
C ARG C 165 45.22 -16.70 -121.38
N LEU C 166 44.12 -16.02 -121.66
CA LEU C 166 42.96 -16.63 -122.30
C LEU C 166 42.62 -15.87 -123.57
N VAL C 167 42.82 -16.52 -124.71
CA VAL C 167 42.51 -15.92 -126.00
C VAL C 167 41.34 -16.68 -126.59
N VAL C 168 40.22 -15.98 -126.80
CA VAL C 168 38.99 -16.59 -127.28
C VAL C 168 38.74 -16.14 -128.70
N GLY C 169 38.35 -17.07 -129.55
CA GLY C 169 37.97 -16.73 -130.90
C GLY C 169 36.71 -15.89 -130.92
N SER C 170 36.44 -15.28 -132.07
CA SER C 170 35.31 -14.36 -132.16
C SER C 170 33.99 -15.07 -131.90
N ALA C 171 33.80 -16.26 -132.44
CA ALA C 171 32.56 -16.99 -132.21
C ALA C 171 32.39 -17.35 -130.75
N VAL C 172 33.49 -17.68 -130.06
CA VAL C 172 33.40 -18.01 -128.65
C VAL C 172 32.99 -16.80 -127.83
N ALA C 173 33.55 -15.63 -128.15
CA ALA C 173 33.15 -14.41 -127.44
C ALA C 173 31.68 -14.09 -127.70
N ALA C 174 31.24 -14.28 -128.94
CA ALA C 174 29.83 -14.05 -129.24
C ALA C 174 28.95 -15.01 -128.46
N ALA C 175 29.35 -16.28 -128.36
CA ALA C 175 28.57 -17.25 -127.61
C ALA C 175 28.54 -16.90 -126.13
N LEU C 176 29.66 -16.38 -125.60
CA LEU C 176 29.66 -15.91 -124.23
C LEU C 176 28.67 -14.77 -124.04
N ALA C 177 28.63 -13.85 -124.99
CA ALA C 177 27.68 -12.74 -124.89
C ALA C 177 26.25 -13.23 -124.96
N LYS C 178 25.96 -14.18 -125.85
CA LYS C 178 24.60 -14.70 -125.98
C LYS C 178 24.17 -15.53 -124.78
N ASP C 179 25.12 -16.04 -124.01
CA ASP C 179 24.79 -16.95 -122.92
C ASP C 179 23.91 -16.25 -121.90
N LYS C 180 22.86 -16.93 -121.48
CA LYS C 180 21.95 -16.38 -120.48
C LYS C 180 22.65 -16.09 -119.17
N GLN C 181 23.73 -16.81 -118.87
CA GLN C 181 24.40 -16.64 -117.58
C GLN C 181 25.00 -15.25 -117.44
N PHE C 182 25.60 -14.72 -118.50
CA PHE C 182 26.17 -13.39 -118.47
C PHE C 182 25.19 -12.30 -118.90
N ARG C 183 24.12 -12.67 -119.57
CA ARG C 183 23.24 -11.70 -120.19
C ARG C 183 22.08 -11.27 -119.31
N HIS C 184 21.66 -12.11 -118.37
CA HIS C 184 20.41 -11.86 -117.66
C HIS C 184 20.54 -10.97 -116.43
N ALA C 185 21.74 -10.54 -116.06
CA ALA C 185 21.89 -9.42 -115.12
C ALA C 185 21.30 -9.72 -113.74
N ASP C 186 20.73 -10.89 -113.56
CA ASP C 186 20.50 -11.47 -112.25
C ASP C 186 21.20 -12.80 -112.09
N TRP C 187 21.41 -13.52 -113.19
CA TRP C 187 22.29 -14.67 -113.22
C TRP C 187 23.75 -14.27 -113.18
N SER C 188 24.10 -13.09 -113.67
CA SER C 188 25.48 -12.64 -113.66
C SER C 188 25.80 -11.72 -112.51
N GLY C 189 24.82 -10.96 -112.03
CA GLY C 189 25.00 -10.10 -110.89
C GLY C 189 25.29 -8.65 -111.23
N ASP C 190 25.82 -8.36 -112.41
CA ASP C 190 26.05 -6.97 -112.77
C ASP C 190 24.74 -6.30 -113.12
N GLN C 191 24.61 -5.05 -112.70
CA GLN C 191 23.43 -4.26 -113.01
C GLN C 191 23.62 -3.38 -114.23
N ALA C 192 24.85 -3.02 -114.57
CA ALA C 192 25.10 -2.36 -115.84
C ALA C 192 24.82 -3.30 -117.00
N ASN C 193 24.91 -4.61 -116.77
CA ASN C 193 24.63 -5.63 -117.78
C ASN C 193 25.51 -5.42 -119.01
N ALA C 194 26.82 -5.54 -118.79
CA ALA C 194 27.77 -5.30 -119.87
C ALA C 194 27.56 -6.27 -121.02
N ALA C 195 27.08 -7.48 -120.75
CA ALA C 195 26.92 -8.45 -121.81
C ALA C 195 25.74 -8.12 -122.71
N LEU C 196 24.73 -7.43 -122.19
CA LEU C 196 23.57 -7.05 -122.99
C LEU C 196 23.73 -5.67 -123.61
N ARG C 197 24.06 -4.66 -122.80
CA ARG C 197 24.25 -3.32 -123.33
C ARG C 197 25.38 -3.31 -124.35
N GLU C 198 26.60 -3.56 -123.91
CA GLU C 198 27.69 -3.81 -124.82
C GLU C 198 27.66 -5.28 -125.23
N ALA C 199 28.71 -5.76 -125.86
CA ALA C 199 28.76 -7.16 -126.28
C ALA C 199 29.93 -7.91 -125.69
N HIS C 200 30.78 -7.28 -124.89
CA HIS C 200 31.96 -7.95 -124.35
C HIS C 200 31.64 -8.47 -122.96
N VAL C 201 31.95 -9.75 -122.73
CA VAL C 201 31.68 -10.35 -121.43
C VAL C 201 32.63 -9.80 -120.37
N GLY C 202 33.90 -9.60 -120.73
CA GLY C 202 34.86 -9.06 -119.78
C GLY C 202 35.60 -10.18 -119.07
N ARG C 203 35.66 -10.10 -117.75
CA ARG C 203 36.38 -11.08 -116.95
C ARG C 203 35.56 -12.36 -116.84
N LEU C 204 36.15 -13.46 -117.30
CA LEU C 204 35.51 -14.76 -117.25
C LEU C 204 35.85 -15.42 -115.91
N ALA C 205 35.74 -16.75 -115.83
CA ALA C 205 35.97 -17.46 -114.58
C ALA C 205 37.46 -17.48 -114.27
N GLY C 206 37.91 -16.41 -113.63
CA GLY C 206 39.28 -16.34 -113.16
C GLY C 206 40.30 -15.92 -114.20
N MET C 207 39.87 -15.28 -115.28
CA MET C 207 40.79 -14.93 -116.36
C MET C 207 40.12 -13.92 -117.27
N ASN C 208 40.89 -12.95 -117.75
CA ASN C 208 40.37 -11.90 -118.62
C ASN C 208 40.44 -12.37 -120.06
N VAL C 209 39.29 -12.31 -120.75
CA VAL C 209 39.25 -12.78 -122.13
C VAL C 209 39.97 -11.80 -123.04
N ILE C 210 40.58 -12.31 -124.09
CA ILE C 210 41.17 -11.49 -125.14
C ILE C 210 40.65 -12.01 -126.47
N ARG C 211 39.97 -11.15 -127.23
CA ARG C 211 39.39 -11.57 -128.50
C ARG C 211 40.43 -11.45 -129.60
N SER C 212 40.60 -12.52 -130.36
CA SER C 212 41.57 -12.54 -131.45
C SER C 212 40.97 -13.26 -132.64
N ASN C 213 41.16 -12.70 -133.83
CA ASN C 213 40.68 -13.32 -135.04
C ASN C 213 41.72 -14.21 -135.71
N ALA C 214 42.95 -14.23 -135.19
CA ALA C 214 43.98 -15.09 -135.78
C ALA C 214 43.65 -16.56 -135.56
N ILE C 215 43.17 -16.91 -134.37
CA ILE C 215 42.83 -18.29 -134.06
C ILE C 215 41.52 -18.66 -134.75
N ALA C 216 41.19 -19.95 -134.74
CA ALA C 216 39.97 -20.40 -135.37
C ALA C 216 38.77 -19.74 -134.69
N PRO C 217 37.71 -19.43 -135.43
CA PRO C 217 36.62 -18.61 -134.86
C PRO C 217 35.97 -19.21 -133.64
N ASP C 218 35.79 -20.53 -133.60
CA ASP C 218 34.99 -21.18 -132.56
C ASP C 218 35.85 -21.89 -131.52
N LYS C 219 37.03 -21.36 -131.22
CA LYS C 219 37.93 -22.02 -130.29
C LYS C 219 38.53 -20.99 -129.34
N ALA C 220 38.94 -21.46 -128.17
CA ALA C 220 39.61 -20.65 -127.17
C ALA C 220 40.83 -21.41 -126.67
N TYR C 221 41.83 -20.67 -126.22
CA TYR C 221 43.06 -21.27 -125.74
C TYR C 221 43.46 -20.57 -124.46
N LEU C 222 43.68 -21.36 -123.41
CA LEU C 222 44.11 -20.84 -122.11
C LEU C 222 45.48 -21.41 -121.82
N TRP C 223 46.50 -20.56 -121.78
CA TRP C 223 47.85 -21.06 -121.60
C TRP C 223 48.60 -20.21 -120.59
N HIS C 224 49.38 -20.89 -119.76
CA HIS C 224 50.29 -20.23 -118.84
C HIS C 224 51.43 -19.58 -119.62
N ARG C 225 52.10 -18.61 -118.98
CA ARG C 225 53.10 -17.83 -119.69
C ARG C 225 54.23 -18.70 -120.21
N THR C 226 54.75 -19.60 -119.39
CA THR C 226 55.88 -20.43 -119.79
C THR C 226 55.43 -21.72 -120.45
N ALA C 227 54.55 -21.60 -121.44
CA ALA C 227 54.12 -22.75 -122.22
C ALA C 227 54.57 -22.68 -123.67
N PHE C 228 54.67 -21.49 -124.23
CA PHE C 228 55.11 -21.29 -125.60
C PHE C 228 56.31 -20.38 -125.61
N ILE C 229 57.34 -20.76 -126.36
CA ILE C 229 58.59 -20.01 -126.45
C ILE C 229 58.80 -19.60 -127.89
N LEU C 230 59.02 -18.30 -128.11
CA LEU C 230 59.34 -17.75 -129.42
C LEU C 230 60.75 -17.21 -129.41
N ALA C 231 61.47 -17.40 -130.51
CA ALA C 231 62.81 -16.86 -130.66
C ALA C 231 62.92 -16.22 -132.04
N TYR C 232 63.47 -15.02 -132.09
CA TYR C 232 63.63 -14.28 -133.34
C TYR C 232 65.08 -13.90 -133.51
N ARG C 233 65.54 -13.88 -134.77
CA ARG C 233 66.89 -13.46 -135.08
C ARG C 233 66.86 -12.64 -136.37
N THR C 234 67.62 -11.56 -136.38
CA THR C 234 67.71 -10.70 -137.55
C THR C 234 68.88 -11.15 -138.39
N PRO C 235 68.66 -11.59 -139.63
CA PRO C 235 69.79 -11.98 -140.48
C PRO C 235 70.73 -10.81 -140.73
N VAL C 236 72.02 -11.10 -140.78
CA VAL C 236 73.05 -10.08 -140.96
C VAL C 236 73.25 -9.85 -142.45
N VAL C 237 73.30 -8.59 -142.84
CA VAL C 237 73.43 -8.26 -144.27
C VAL C 237 74.79 -8.71 -144.77
N PRO C 238 74.86 -9.50 -145.84
CA PRO C 238 76.15 -9.96 -146.35
C PRO C 238 76.93 -8.81 -146.97
N GLU C 239 78.25 -8.99 -147.02
CA GLU C 239 79.11 -7.97 -147.61
C GLU C 239 78.84 -7.80 -149.10
N GLY C 240 78.63 -8.90 -149.81
CA GLY C 240 78.41 -8.84 -151.24
C GLY C 240 76.98 -8.52 -151.62
N ALA C 241 76.41 -7.47 -151.03
CA ALA C 241 75.07 -7.04 -151.36
C ALA C 241 74.90 -5.57 -151.00
N LYS C 242 74.06 -4.88 -151.76
CA LYS C 242 73.78 -3.48 -151.50
C LYS C 242 73.15 -3.33 -150.13
N ALA C 243 73.64 -2.37 -149.34
CA ALA C 243 73.21 -2.23 -147.97
C ALA C 243 71.71 -1.98 -147.90
N GLY C 244 71.05 -2.63 -146.94
CA GLY C 244 69.63 -2.49 -146.74
C GLY C 244 69.31 -1.84 -145.41
N ALA C 245 68.01 -1.62 -145.18
CA ALA C 245 67.52 -0.99 -143.98
C ALA C 245 67.17 -2.04 -142.93
N SER C 246 66.58 -1.62 -141.83
CA SER C 246 66.27 -2.50 -140.70
C SER C 246 64.87 -2.23 -140.17
N PHE C 247 63.89 -2.31 -141.06
CA PHE C 247 62.50 -2.11 -140.65
C PHE C 247 62.10 -3.08 -139.56
N SER C 248 61.33 -2.59 -138.59
CA SER C 248 60.88 -3.37 -137.45
C SER C 248 59.40 -3.65 -137.58
N ALA C 249 59.03 -4.91 -137.45
CA ALA C 249 57.63 -5.33 -137.46
C ALA C 249 57.24 -5.75 -136.05
N ASN C 250 56.21 -5.11 -135.51
CA ASN C 250 55.59 -5.39 -134.21
C ASN C 250 56.58 -5.85 -133.15
N GLY C 251 57.70 -5.13 -133.03
CA GLY C 251 58.71 -5.44 -132.04
C GLY C 251 59.80 -6.39 -132.50
N VAL C 252 59.76 -6.84 -133.75
CA VAL C 252 60.75 -7.76 -134.30
C VAL C 252 61.54 -7.01 -135.35
N ALA C 253 62.87 -7.08 -135.25
CA ALA C 253 63.74 -6.39 -136.19
C ALA C 253 63.96 -7.26 -137.42
N LEU C 254 63.49 -6.79 -138.57
CA LEU C 254 63.63 -7.51 -139.82
C LEU C 254 64.90 -7.06 -140.54
N ARG C 255 65.22 -7.76 -141.63
CA ARG C 255 66.34 -7.41 -142.48
C ARG C 255 65.82 -7.16 -143.89
N TRP C 256 66.13 -6.01 -144.45
CA TRP C 256 65.73 -5.66 -145.81
C TRP C 256 66.94 -5.68 -146.71
N LEU C 257 66.78 -6.24 -147.91
CA LEU C 257 67.90 -6.43 -148.82
C LEU C 257 67.39 -6.34 -150.25
N ALA C 258 68.00 -5.45 -151.03
CA ALA C 258 67.59 -5.24 -152.42
C ALA C 258 68.68 -5.71 -153.36
N ASP C 259 68.26 -6.07 -154.57
CA ASP C 259 69.19 -6.55 -155.59
C ASP C 259 68.61 -6.23 -156.95
N TYR C 260 69.44 -6.26 -157.97
CA TYR C 260 69.00 -6.00 -159.33
C TYR C 260 69.22 -7.23 -160.20
N ASP C 261 68.14 -7.94 -160.49
CA ASP C 261 68.19 -9.06 -161.42
C ASP C 261 68.36 -8.48 -162.81
N TYR C 262 69.61 -8.42 -163.26
CA TYR C 262 69.89 -7.92 -164.60
C TYR C 262 69.43 -8.90 -165.66
N SER C 263 69.38 -10.19 -165.34
CA SER C 263 68.95 -11.18 -166.32
C SER C 263 67.51 -10.94 -166.75
N GLN C 264 66.63 -10.65 -165.79
CA GLN C 264 65.24 -10.35 -166.08
C GLN C 264 64.95 -8.86 -166.09
N LEU C 265 65.97 -8.01 -165.91
CA LEU C 265 65.82 -6.56 -165.97
C LEU C 265 64.78 -6.08 -164.96
N GLY C 266 65.04 -6.32 -163.68
CA GLY C 266 64.10 -5.92 -162.66
C GLY C 266 64.71 -5.87 -161.29
N ASP C 267 64.18 -4.98 -160.46
CA ASP C 267 64.55 -4.94 -159.06
C ASP C 267 63.96 -6.13 -158.33
N ARG C 268 64.58 -6.49 -157.22
CA ARG C 268 64.16 -7.67 -156.46
C ARG C 268 64.53 -7.44 -155.00
N THR C 269 63.53 -7.26 -154.15
CA THR C 269 63.74 -6.95 -152.75
C THR C 269 63.24 -8.10 -151.88
N LEU C 270 63.85 -8.24 -150.70
CA LEU C 270 63.53 -9.31 -149.78
C LEU C 270 63.55 -8.75 -148.36
N LEU C 271 62.51 -9.06 -147.58
CA LEU C 271 62.41 -8.62 -146.18
C LEU C 271 62.20 -9.86 -145.33
N ASP C 272 63.17 -10.19 -144.49
CA ASP C 272 63.18 -11.51 -143.87
C ASP C 272 63.65 -11.47 -142.43
N VAL C 273 63.32 -12.53 -141.70
CA VAL C 273 63.69 -12.71 -140.29
C VAL C 273 63.66 -14.19 -139.97
N PHE C 274 64.64 -14.67 -139.21
CA PHE C 274 64.66 -16.06 -138.77
C PHE C 274 63.87 -16.20 -137.48
N THR C 275 63.15 -17.30 -137.34
CA THR C 275 62.27 -17.46 -136.20
C THR C 275 62.17 -18.93 -135.83
N GLY C 276 61.82 -19.17 -134.57
CA GLY C 276 61.67 -20.51 -134.06
C GLY C 276 60.67 -20.54 -132.92
N ARG C 277 60.00 -21.68 -132.78
CA ARG C 277 58.93 -21.82 -131.82
C ARG C 277 59.09 -23.13 -131.06
N LYS C 278 58.56 -23.15 -129.84
CA LYS C 278 58.65 -24.36 -129.01
C LYS C 278 57.49 -24.38 -128.04
N VAL C 279 57.04 -25.58 -127.68
CA VAL C 279 56.10 -25.78 -126.57
C VAL C 279 56.85 -26.47 -125.45
N VAL C 280 56.60 -26.03 -124.23
CA VAL C 280 57.32 -26.55 -123.06
C VAL C 280 56.52 -27.75 -122.56
N THR C 281 56.79 -28.91 -123.14
CA THR C 281 56.17 -30.13 -122.68
C THR C 281 56.77 -30.57 -121.35
N GLU C 282 56.08 -31.49 -120.69
CA GLU C 282 56.53 -31.97 -119.40
C GLU C 282 57.67 -32.97 -119.57
N VAL C 283 58.14 -33.50 -118.44
CA VAL C 283 59.25 -34.45 -118.46
C VAL C 283 58.82 -35.76 -119.09
N ASP C 284 57.66 -36.28 -118.68
CA ASP C 284 57.19 -37.56 -119.21
C ASP C 284 56.84 -37.45 -120.69
N GLY C 285 56.23 -36.34 -121.09
CA GLY C 285 55.87 -36.13 -122.49
C GLY C 285 54.53 -35.46 -122.65
N SER C 286 53.72 -35.48 -121.60
CA SER C 286 52.41 -34.85 -121.64
C SER C 286 52.53 -33.34 -121.70
N PHE C 287 51.53 -32.70 -122.30
CA PHE C 287 51.44 -31.25 -122.38
C PHE C 287 50.32 -30.80 -121.45
N VAL C 288 50.68 -30.10 -120.38
CA VAL C 288 49.72 -29.73 -119.34
C VAL C 288 49.62 -28.24 -119.12
N ARG C 289 50.45 -27.43 -119.77
CA ARG C 289 50.48 -26.00 -119.48
C ARG C 289 49.49 -25.20 -120.31
N ALA C 290 48.71 -25.83 -121.19
CA ALA C 290 47.76 -25.11 -122.01
C ALA C 290 46.56 -25.99 -122.31
N VAL C 291 45.40 -25.36 -122.46
CA VAL C 291 44.13 -26.06 -122.67
C VAL C 291 43.43 -25.45 -123.86
N GLU C 292 42.86 -26.33 -124.69
CA GLU C 292 42.10 -25.95 -125.88
C GLU C 292 40.62 -26.21 -125.63
N LEU C 293 39.80 -25.19 -125.85
CA LEU C 293 38.35 -25.31 -125.69
C LEU C 293 37.70 -25.09 -127.04
N GLN C 294 36.72 -25.91 -127.37
CA GLN C 294 36.01 -25.80 -128.64
C GLN C 294 34.52 -25.63 -128.39
N LEU C 295 33.89 -24.80 -129.22
CA LEU C 295 32.46 -24.56 -129.11
C LEU C 295 31.69 -25.68 -129.76
N GLN C 296 30.70 -26.22 -129.05
CA GLN C 296 29.93 -27.34 -129.56
C GLN C 296 29.04 -26.91 -130.71
N ALA C 297 28.67 -27.89 -131.54
CA ALA C 297 27.75 -27.68 -132.65
C ALA C 297 26.66 -28.72 -132.60
N SER C 298 25.43 -28.30 -132.88
CA SER C 298 24.28 -29.19 -132.82
C SER C 298 23.57 -29.39 -134.15
N SER C 299 23.67 -28.44 -135.08
CA SER C 299 23.05 -28.57 -136.38
C SER C 299 23.70 -27.59 -137.32
N ILE C 300 23.65 -27.91 -138.61
CA ILE C 300 24.20 -27.04 -139.64
C ILE C 300 23.09 -26.72 -140.64
N THR C 301 23.20 -25.56 -141.26
CA THR C 301 22.24 -25.12 -142.25
C THR C 301 22.98 -24.53 -143.45
N ILE C 302 22.47 -24.81 -144.65
CA ILE C 302 22.97 -24.16 -145.85
C ILE C 302 22.55 -22.70 -145.83
N VAL C 303 23.33 -21.87 -146.50
CA VAL C 303 23.07 -20.43 -146.58
C VAL C 303 22.46 -20.11 -147.92
N GLY C 304 21.32 -19.41 -147.91
CA GLY C 304 20.64 -19.01 -149.12
C GLY C 304 19.43 -19.84 -149.49
N GLY C 305 19.17 -20.93 -148.76
CA GLY C 305 18.02 -21.76 -149.06
C GLY C 305 18.21 -22.56 -150.34
N ALA C 306 17.10 -23.14 -150.80
CA ALA C 306 17.11 -24.02 -151.97
C ALA C 306 16.94 -23.23 -153.27
N PHE C 307 17.73 -22.20 -153.45
CA PHE C 307 17.58 -21.32 -154.60
C PHE C 307 18.14 -21.98 -155.85
N ALA C 308 17.54 -21.65 -156.99
CA ALA C 308 17.84 -22.30 -158.25
C ALA C 308 19.12 -21.75 -158.85
N LEU C 309 19.50 -22.31 -160.00
CA LEU C 309 20.70 -21.91 -160.72
C LEU C 309 20.30 -21.33 -162.07
N ALA C 310 20.95 -20.24 -162.45
CA ALA C 310 20.56 -19.52 -163.66
C ALA C 310 20.84 -20.33 -164.92
N THR C 311 22.04 -20.89 -165.04
CA THR C 311 22.44 -21.59 -166.24
C THR C 311 23.29 -22.80 -165.87
N THR C 312 23.48 -23.69 -166.84
CA THR C 312 24.26 -24.90 -166.59
C THR C 312 25.69 -24.57 -166.21
N THR C 313 26.32 -23.64 -166.94
CA THR C 313 27.68 -23.23 -166.59
C THR C 313 27.74 -22.41 -165.31
N GLY C 314 26.59 -21.99 -164.79
CA GLY C 314 26.54 -21.23 -163.55
C GLY C 314 27.11 -21.98 -162.37
N THR C 315 27.99 -21.33 -161.62
CA THR C 315 28.64 -21.93 -160.45
C THR C 315 28.25 -21.15 -159.22
N LYS C 316 27.83 -21.86 -158.16
CA LYS C 316 27.51 -21.21 -156.90
C LYS C 316 28.32 -21.85 -155.78
N GLN C 317 28.89 -21.00 -154.93
CA GLN C 317 29.72 -21.44 -153.82
C GLN C 317 28.84 -21.57 -152.58
N LEU C 318 28.48 -22.80 -152.24
CA LEU C 318 27.64 -23.02 -151.08
C LEU C 318 28.37 -22.60 -149.81
N LYS C 319 27.62 -22.05 -148.86
CA LYS C 319 28.14 -21.72 -147.55
C LYS C 319 27.25 -22.37 -146.50
N VAL C 320 27.88 -22.94 -145.49
CA VAL C 320 27.17 -23.62 -144.41
C VAL C 320 27.48 -22.91 -143.11
N ARG C 321 26.59 -23.08 -142.14
CA ARG C 321 26.77 -22.43 -140.84
C ARG C 321 26.15 -23.32 -139.77
N ASP C 322 26.88 -23.52 -138.68
CA ASP C 322 26.32 -24.24 -137.55
C ASP C 322 25.44 -23.28 -136.74
N ASP C 323 24.75 -23.82 -135.74
CA ASP C 323 23.85 -23.01 -134.93
C ASP C 323 24.58 -21.95 -134.11
N ASN C 324 25.90 -22.04 -134.00
CA ASN C 324 26.68 -21.02 -133.34
C ASN C 324 27.01 -19.84 -134.24
N GLY C 325 26.70 -19.93 -135.52
CA GLY C 325 27.06 -18.90 -136.48
C GLY C 325 28.44 -19.05 -137.08
N THR C 326 29.21 -20.05 -136.66
CA THR C 326 30.54 -20.27 -137.21
C THR C 326 30.45 -20.74 -138.66
N ASP C 327 31.34 -20.23 -139.50
CA ASP C 327 31.45 -20.70 -140.87
C ASP C 327 32.23 -22.00 -140.91
N VAL C 328 31.56 -23.08 -141.32
CA VAL C 328 32.18 -24.39 -141.31
C VAL C 328 32.22 -24.96 -142.73
N THR C 329 32.36 -24.09 -143.72
CA THR C 329 32.41 -24.55 -145.10
C THR C 329 33.62 -25.45 -145.34
N ALA C 330 34.77 -25.11 -144.75
CA ALA C 330 35.97 -25.90 -144.94
C ALA C 330 35.92 -27.23 -144.19
N ARG C 331 34.96 -27.42 -143.29
CA ARG C 331 34.87 -28.62 -142.48
C ARG C 331 33.70 -29.51 -142.88
N CYS C 332 33.18 -29.35 -144.08
CA CYS C 332 32.02 -30.10 -144.53
C CYS C 332 32.35 -30.89 -145.79
N THR C 333 31.72 -32.05 -145.91
CA THR C 333 31.83 -32.88 -147.09
C THR C 333 30.50 -32.84 -147.84
N PHE C 334 30.55 -32.56 -149.12
CA PHE C 334 29.36 -32.34 -149.93
C PHE C 334 29.14 -33.51 -150.88
N ALA C 335 27.89 -33.90 -151.06
CA ALA C 335 27.51 -34.94 -152.00
C ALA C 335 26.29 -34.47 -152.78
N SER C 336 26.13 -35.02 -153.98
CA SER C 336 25.02 -34.67 -154.85
C SER C 336 24.19 -35.91 -155.15
N SER C 337 22.88 -35.82 -154.93
CA SER C 337 22.00 -36.94 -155.23
C SER C 337 21.92 -37.21 -156.72
N ALA C 338 21.84 -36.16 -157.53
CA ALA C 338 21.72 -36.27 -158.98
C ALA C 338 23.03 -35.76 -159.60
N GLY C 339 23.97 -36.67 -159.79
CA GLY C 339 25.26 -36.28 -160.34
C GLY C 339 25.16 -35.76 -161.77
N THR C 340 24.30 -36.37 -162.58
CA THR C 340 24.15 -35.93 -163.96
C THR C 340 23.60 -34.52 -164.03
N LYS C 341 22.66 -34.17 -163.15
CA LYS C 341 22.06 -32.84 -163.20
C LYS C 341 23.03 -31.78 -162.71
N ALA C 342 23.69 -32.02 -161.58
CA ALA C 342 24.58 -31.03 -161.00
C ALA C 342 25.63 -31.74 -160.16
N THR C 343 26.86 -31.21 -160.20
CA THR C 343 28.00 -31.77 -159.49
C THR C 343 28.55 -30.74 -158.51
N VAL C 344 28.83 -31.19 -157.29
CA VAL C 344 29.34 -30.32 -156.24
C VAL C 344 30.79 -30.70 -155.95
N SER C 345 31.66 -29.69 -155.86
CA SER C 345 33.05 -29.93 -155.54
C SER C 345 33.21 -30.26 -154.06
N ALA C 346 34.40 -30.72 -153.70
CA ALA C 346 34.69 -31.05 -152.31
C ALA C 346 34.86 -29.80 -151.44
N ALA C 347 34.91 -28.62 -152.03
CA ALA C 347 35.07 -27.38 -151.29
C ALA C 347 33.79 -26.57 -151.22
N GLY C 348 32.66 -27.13 -151.64
CA GLY C 348 31.38 -26.47 -151.56
C GLY C 348 30.91 -25.86 -152.86
N LEU C 349 31.81 -25.65 -153.83
CA LEU C 349 31.40 -25.13 -155.12
C LEU C 349 30.57 -26.16 -155.86
N VAL C 350 29.44 -25.74 -156.41
CA VAL C 350 28.56 -26.64 -157.14
C VAL C 350 28.13 -26.00 -158.46
N THR C 351 28.11 -26.81 -159.51
CA THR C 351 27.78 -26.38 -160.86
C THR C 351 26.81 -27.38 -161.48
N GLY C 352 25.77 -26.86 -162.14
CA GLY C 352 24.83 -27.73 -162.82
C GLY C 352 25.38 -28.28 -164.12
N VAL C 353 24.73 -29.33 -164.61
CA VAL C 353 25.11 -29.92 -165.90
C VAL C 353 23.90 -29.99 -166.81
N ALA C 354 22.86 -30.68 -166.36
CA ALA C 354 21.66 -30.89 -167.16
C ALA C 354 20.42 -30.60 -166.31
N ALA C 355 19.33 -30.26 -167.01
CA ALA C 355 18.11 -29.86 -166.33
C ALA C 355 17.59 -30.97 -165.42
N GLY C 356 17.00 -30.58 -164.30
CA GLY C 356 16.45 -31.52 -163.35
C GLY C 356 16.59 -30.99 -161.94
N THR C 357 16.56 -31.91 -160.98
CA THR C 357 16.67 -31.56 -159.57
C THR C 357 17.80 -32.38 -158.95
N ALA C 358 18.66 -31.70 -158.18
CA ALA C 358 19.75 -32.34 -157.45
C ALA C 358 19.64 -31.97 -155.98
N ASP C 359 19.65 -32.98 -155.12
CA ASP C 359 19.51 -32.78 -153.67
C ASP C 359 20.90 -32.80 -153.06
N ILE C 360 21.55 -31.64 -153.06
CA ILE C 360 22.87 -31.50 -152.45
C ILE C 360 22.76 -31.71 -150.95
N THR C 361 23.71 -32.45 -150.39
CA THR C 361 23.78 -32.66 -148.96
C THR C 361 25.17 -32.30 -148.45
N ALA C 362 25.22 -31.60 -147.33
CA ALA C 362 26.47 -31.23 -146.68
C ALA C 362 26.51 -31.89 -145.31
N SER C 363 27.56 -32.67 -145.07
CA SER C 363 27.74 -33.38 -143.82
C SER C 363 28.90 -32.78 -143.05
N TYR C 364 28.75 -32.71 -141.73
CA TYR C 364 29.74 -32.08 -140.87
C TYR C 364 29.79 -32.84 -139.57
N VAL C 365 30.92 -33.47 -139.28
CA VAL C 365 31.11 -34.15 -138.00
C VAL C 365 31.43 -33.11 -136.94
N PRO C 366 30.64 -32.99 -135.89
CA PRO C 366 30.83 -31.91 -134.93
C PRO C 366 32.09 -32.12 -134.12
N PRO C 367 32.50 -31.15 -133.31
CA PRO C 367 33.65 -31.36 -132.43
C PRO C 367 33.47 -32.55 -131.49
N GLN C 368 32.26 -32.80 -131.01
CA GLN C 368 32.02 -33.96 -130.17
C GLN C 368 32.08 -35.27 -130.93
N GLY C 369 32.11 -35.23 -132.25
CA GLY C 369 32.18 -36.44 -133.03
C GLY C 369 30.84 -37.15 -133.11
N GLY C 370 30.90 -38.42 -133.52
CA GLY C 370 29.71 -39.22 -133.64
C GLY C 370 29.00 -39.03 -134.96
N THR C 371 27.66 -39.04 -134.93
CA THR C 371 26.88 -38.87 -136.15
C THR C 371 27.12 -37.48 -136.74
N ALA C 372 27.24 -37.44 -138.06
CA ALA C 372 27.52 -36.19 -138.75
C ALA C 372 26.22 -35.42 -138.99
N LYS C 373 26.20 -34.16 -138.58
CA LYS C 373 25.06 -33.31 -138.87
C LYS C 373 24.94 -33.13 -140.38
N THR C 374 23.70 -33.09 -140.87
CA THR C 374 23.42 -33.08 -142.30
C THR C 374 22.51 -31.91 -142.63
N ALA C 375 22.84 -31.18 -143.69
CA ALA C 375 21.99 -30.13 -144.23
C ALA C 375 21.72 -30.41 -145.69
N THR C 376 20.44 -30.40 -146.07
CA THR C 376 20.01 -30.74 -147.42
C THR C 376 19.46 -29.50 -148.12
N VAL C 377 19.96 -29.24 -149.33
CA VAL C 377 19.49 -28.13 -150.16
C VAL C 377 19.20 -28.67 -151.55
N THR C 378 18.04 -28.31 -152.09
CA THR C 378 17.63 -28.78 -153.41
C THR C 378 17.88 -27.70 -154.45
N VAL C 379 18.60 -28.05 -155.51
CA VAL C 379 18.90 -27.13 -156.60
C VAL C 379 18.21 -27.64 -157.86
N THR C 380 17.63 -26.71 -158.61
CA THR C 380 16.92 -27.04 -159.85
C THR C 380 17.74 -26.52 -161.02
N VAL C 381 18.38 -27.44 -161.72
CA VAL C 381 19.18 -27.06 -162.90
C VAL C 381 18.25 -26.80 -164.07
N PRO C 382 18.32 -25.62 -164.71
CA PRO C 382 17.43 -25.22 -165.80
C PRO C 382 17.56 -26.10 -167.03
N ALA D 2 -40.29 34.89 -138.71
CA ALA D 2 -39.23 34.11 -139.33
C ALA D 2 -38.01 34.97 -139.58
N HIS D 3 -37.23 35.21 -138.53
CA HIS D 3 -36.03 36.01 -138.67
C HIS D 3 -34.98 35.26 -139.48
N ILE D 4 -34.36 35.95 -140.44
CA ILE D 4 -33.29 35.38 -141.24
C ILE D 4 -32.14 36.37 -141.25
N PHE D 5 -30.97 35.92 -140.81
CA PHE D 5 -29.78 36.74 -140.75
C PHE D 5 -28.78 36.27 -141.78
N VAL D 6 -28.22 37.20 -142.55
CA VAL D 6 -27.16 36.88 -143.49
C VAL D 6 -25.83 36.95 -142.75
N LYS D 7 -25.07 35.86 -142.81
CA LYS D 7 -23.86 35.75 -142.01
C LYS D 7 -22.69 35.32 -142.88
N PRO D 8 -21.48 35.71 -142.52
CA PRO D 8 -20.32 35.34 -143.32
C PRO D 8 -19.86 33.92 -143.04
N GLU D 9 -19.23 33.33 -144.04
CA GLU D 9 -18.52 32.08 -143.84
C GLU D 9 -17.22 32.37 -143.09
N LEU D 10 -16.83 31.46 -142.22
CA LEU D 10 -15.60 31.62 -141.46
C LEU D 10 -14.71 30.41 -141.62
N VAL D 11 -13.41 30.67 -141.76
CA VAL D 11 -12.40 29.63 -141.80
C VAL D 11 -11.33 29.97 -140.78
N ALA D 12 -10.98 29.01 -139.94
CA ALA D 12 -10.04 29.23 -138.86
C ALA D 12 -8.91 28.23 -138.93
N GLU D 13 -7.73 28.67 -138.49
CA GLU D 13 -6.54 27.84 -138.44
C GLU D 13 -6.27 27.52 -136.98
N ILE D 14 -6.82 26.40 -136.49
CA ILE D 14 -6.65 26.02 -135.10
C ILE D 14 -5.33 25.33 -134.82
N GLY D 15 -4.65 24.83 -135.86
CA GLY D 15 -3.37 24.18 -135.64
C GLY D 15 -3.42 22.69 -135.75
N VAL D 16 -4.17 22.16 -136.72
CA VAL D 16 -4.15 20.75 -137.06
C VAL D 16 -3.48 20.62 -138.41
N LYS D 17 -2.24 20.13 -138.41
CA LYS D 17 -1.50 19.94 -139.64
C LYS D 17 -1.71 18.52 -140.16
N GLN D 18 -1.23 18.27 -141.38
CA GLN D 18 -1.22 16.91 -141.89
C GLN D 18 -0.01 16.18 -141.34
N LEU D 19 -0.24 15.01 -140.74
CA LEU D 19 0.83 14.26 -140.11
C LEU D 19 1.85 13.82 -141.14
N GLN D 20 3.13 14.03 -140.84
CA GLN D 20 4.20 13.68 -141.76
C GLN D 20 5.39 13.14 -140.98
N ARG D 21 6.21 12.36 -141.67
CA ARG D 21 7.34 11.70 -141.06
C ARG D 21 8.37 12.71 -140.57
N GLU D 22 9.16 12.30 -139.58
CA GLU D 22 10.28 13.08 -139.10
C GLU D 22 11.55 12.57 -139.78
N ILE D 23 12.32 13.49 -140.37
CA ILE D 23 13.45 13.12 -141.20
C ILE D 23 14.65 12.83 -140.29
N VAL D 24 15.20 11.61 -140.41
CA VAL D 24 16.32 11.19 -139.59
C VAL D 24 17.48 10.75 -140.46
N LEU D 25 17.18 9.98 -141.50
CA LEU D 25 18.21 9.27 -142.28
C LEU D 25 19.30 10.17 -142.85
N PRO D 26 19.01 11.31 -143.50
CA PRO D 26 20.07 12.01 -144.25
C PRO D 26 21.28 12.39 -143.41
N GLY D 27 21.11 12.66 -142.12
CA GLY D 27 22.25 13.01 -141.34
C GLY D 27 23.13 11.86 -140.92
N LEU D 28 22.75 10.63 -141.23
CA LEU D 28 23.48 9.46 -140.78
C LEU D 28 24.39 8.85 -141.85
N VAL D 29 24.02 8.98 -143.12
CA VAL D 29 24.82 8.43 -144.21
C VAL D 29 26.01 9.33 -144.49
N TRP D 30 26.87 8.89 -145.39
CA TRP D 30 28.13 9.56 -145.69
C TRP D 30 27.98 10.37 -146.97
N THR D 31 27.80 11.67 -146.83
CA THR D 31 27.29 12.53 -147.90
C THR D 31 28.40 13.40 -148.46
N ASN D 32 28.45 13.52 -149.78
CA ASN D 32 29.39 14.39 -150.49
C ASN D 32 30.84 14.20 -150.05
N PRO D 33 31.38 12.98 -150.18
CA PRO D 33 32.83 12.83 -150.01
C PRO D 33 33.61 13.47 -151.14
N LEU D 34 33.01 13.52 -152.33
CA LEU D 34 33.69 14.01 -153.53
C LEU D 34 32.64 14.56 -154.49
N THR D 35 32.88 15.76 -155.02
CA THR D 35 31.98 16.38 -155.98
C THR D 35 32.82 16.86 -157.18
N ASP D 36 33.05 15.95 -158.12
CA ASP D 36 33.71 16.33 -159.36
C ASP D 36 33.15 15.53 -160.53
N PHE D 37 31.88 15.16 -160.46
CA PHE D 37 31.30 14.30 -161.49
C PHE D 37 31.18 15.00 -162.83
N GLY D 38 31.26 16.33 -162.86
CA GLY D 38 31.24 17.02 -164.14
C GLY D 38 32.56 17.04 -164.87
N GLY D 39 33.62 16.52 -164.24
CA GLY D 39 34.91 16.50 -164.88
C GLY D 39 35.45 15.10 -165.10
N SER D 40 34.62 14.08 -164.92
CA SER D 40 35.02 12.70 -165.07
C SER D 40 34.15 12.00 -166.10
N LYS D 41 34.72 10.99 -166.74
CA LYS D 41 34.02 10.28 -167.81
C LYS D 41 32.81 9.55 -167.26
N ASN D 42 31.70 9.62 -168.00
CA ASN D 42 30.45 8.95 -167.66
C ASN D 42 29.91 9.38 -166.31
N ASP D 43 30.36 10.52 -165.80
CA ASP D 43 29.94 11.04 -164.51
C ASP D 43 30.31 10.08 -163.37
N THR D 44 31.32 9.24 -163.59
CA THR D 44 31.76 8.28 -162.61
C THR D 44 33.13 8.69 -162.09
N ILE D 45 33.25 8.85 -160.78
CA ILE D 45 34.54 9.03 -160.13
C ILE D 45 35.00 7.67 -159.64
N THR D 46 36.23 7.30 -159.99
CA THR D 46 36.80 6.05 -159.54
C THR D 46 37.49 6.27 -158.20
N VAL D 47 37.28 5.33 -157.28
CA VAL D 47 37.89 5.34 -155.97
C VAL D 47 38.82 4.15 -155.88
N ARG D 48 40.06 4.39 -155.50
CA ARG D 48 41.09 3.37 -155.41
C ARG D 48 41.33 2.99 -153.96
N VAL D 49 41.33 1.69 -153.68
CA VAL D 49 41.68 1.19 -152.35
C VAL D 49 43.14 0.76 -152.37
N PRO D 50 43.89 0.98 -151.30
CA PRO D 50 45.31 0.61 -151.31
C PRO D 50 45.49 -0.89 -151.41
N ALA D 51 46.60 -1.28 -152.02
CA ALA D 51 46.92 -2.69 -152.16
C ALA D 51 47.43 -3.27 -150.85
N ILE D 52 47.51 -4.59 -150.80
CA ILE D 52 48.11 -5.28 -149.67
C ILE D 52 48.57 -6.65 -150.16
N THR D 53 49.53 -7.24 -149.44
CA THR D 53 50.18 -8.47 -149.86
C THR D 53 50.25 -9.44 -148.70
N THR D 54 50.85 -10.59 -148.96
CA THR D 54 51.07 -11.63 -147.97
C THR D 54 52.50 -12.14 -148.05
N ALA D 55 53.04 -12.53 -146.91
CA ALA D 55 54.40 -13.05 -146.84
C ALA D 55 54.40 -14.55 -147.10
N ASN D 56 55.51 -15.21 -146.83
CA ASN D 56 55.62 -16.65 -147.03
C ASN D 56 56.52 -17.21 -145.94
N ARG D 57 56.93 -18.46 -146.12
CA ARG D 57 57.78 -19.12 -145.14
C ARG D 57 58.64 -20.16 -145.84
N ARG D 58 59.74 -20.51 -145.20
CA ARG D 58 60.60 -21.57 -145.72
C ARG D 58 61.41 -22.13 -144.56
N ASP D 59 61.76 -23.41 -144.67
CA ASP D 59 62.54 -24.05 -143.62
C ASP D 59 63.96 -23.50 -143.61
N LEU D 60 64.49 -23.31 -142.41
CA LEU D 60 65.83 -22.77 -142.26
C LEU D 60 66.86 -23.78 -142.74
N ARG D 61 67.95 -23.27 -143.35
CA ARG D 61 69.06 -24.09 -143.85
C ARG D 61 68.59 -25.12 -144.86
N ASP D 62 67.45 -24.90 -145.47
CA ASP D 62 66.96 -25.86 -146.45
C ASP D 62 67.77 -25.75 -147.74
N PRO D 63 68.10 -26.87 -148.37
CA PRO D 63 68.84 -26.80 -149.65
C PRO D 63 68.07 -26.12 -150.76
N ASP D 64 66.74 -26.06 -150.69
CA ASP D 64 65.94 -25.46 -151.76
C ASP D 64 65.87 -23.96 -151.53
N ARG D 65 66.92 -23.26 -151.97
CA ARG D 65 66.98 -21.81 -151.83
C ARG D 65 66.16 -21.18 -152.95
N THR D 66 64.91 -20.83 -152.65
CA THR D 66 64.02 -20.24 -153.64
C THR D 66 62.91 -19.50 -152.93
N VAL D 67 62.75 -18.23 -153.27
CA VAL D 67 61.72 -17.37 -152.65
C VAL D 67 60.53 -17.27 -153.58
N ILE D 68 59.35 -17.16 -153.00
CA ILE D 68 58.10 -17.04 -153.74
C ILE D 68 57.71 -15.57 -153.75
N ALA D 69 57.72 -14.95 -154.93
CA ALA D 69 57.44 -13.53 -155.03
C ALA D 69 55.96 -13.27 -154.83
N SER D 70 55.64 -12.39 -153.88
CA SER D 70 54.27 -11.99 -153.66
C SER D 70 53.88 -10.93 -154.68
N GLU D 71 52.57 -10.66 -154.76
CA GLU D 71 52.04 -9.71 -155.74
C GLU D 71 51.14 -8.70 -155.04
N LEU D 72 51.26 -7.45 -155.46
CA LEU D 72 50.47 -6.34 -154.91
C LEU D 72 49.43 -5.93 -155.93
N VAL D 73 48.17 -5.96 -155.53
CA VAL D 73 47.06 -5.67 -156.43
C VAL D 73 46.21 -4.56 -155.81
N GLU D 74 45.93 -3.52 -156.60
CA GLU D 74 45.08 -2.42 -156.19
C GLU D 74 43.71 -2.57 -156.83
N HIS D 75 42.66 -2.31 -156.07
CA HIS D 75 41.30 -2.42 -156.55
C HIS D 75 40.62 -1.06 -156.53
N SER D 76 39.48 -0.97 -157.22
CA SER D 76 38.80 0.30 -157.37
C SER D 76 37.32 0.05 -157.61
N PHE D 77 36.52 1.10 -157.38
CA PHE D 77 35.10 1.04 -157.64
C PHE D 77 34.59 2.42 -158.04
N GLY D 78 33.49 2.44 -158.78
CA GLY D 78 32.97 3.67 -159.38
C GLY D 78 31.81 4.25 -158.59
N VAL D 79 31.75 5.57 -158.53
CA VAL D 79 30.66 6.31 -157.90
C VAL D 79 30.04 7.21 -158.95
N THR D 80 28.73 7.10 -159.15
CA THR D 80 28.06 7.69 -160.30
C THR D 80 26.87 8.53 -159.86
N LEU D 81 26.63 9.61 -160.58
CA LEU D 81 25.38 10.37 -160.47
C LEU D 81 24.36 9.76 -161.42
N ASP D 82 23.16 9.45 -160.91
CA ASP D 82 22.18 8.76 -161.72
C ASP D 82 20.74 9.19 -161.49
N LYS D 83 20.46 10.10 -160.56
CA LYS D 83 19.08 10.47 -160.28
C LYS D 83 18.94 11.99 -160.28
N HIS D 84 17.75 12.44 -160.66
CA HIS D 84 17.40 13.86 -160.73
C HIS D 84 16.12 14.04 -159.94
N VAL D 85 16.23 14.54 -158.72
CA VAL D 85 15.08 14.67 -157.83
C VAL D 85 14.51 16.06 -157.99
N TYR D 86 13.23 16.15 -158.36
CA TYR D 86 12.60 17.43 -158.64
C TYR D 86 11.21 17.49 -158.04
N ALA D 87 10.67 18.70 -158.03
CA ALA D 87 9.29 18.96 -157.62
C ALA D 87 8.82 20.17 -158.40
N ALA D 88 7.77 20.00 -159.18
CA ALA D 88 7.30 21.03 -160.10
C ALA D 88 5.89 21.46 -159.74
N LEU D 89 5.56 22.69 -160.13
CA LEU D 89 4.26 23.26 -159.82
C LEU D 89 3.82 24.21 -160.94
N LYS D 90 2.56 24.10 -161.33
CA LYS D 90 1.95 25.05 -162.24
C LYS D 90 0.92 25.88 -161.49
N PHE D 91 0.72 27.11 -161.95
CA PHE D 91 -0.18 28.04 -161.27
C PHE D 91 -0.78 28.98 -162.29
N THR D 92 -2.04 28.77 -162.63
CA THR D 92 -2.69 29.68 -163.57
C THR D 92 -2.73 31.08 -162.96
N ASP D 93 -2.68 32.09 -163.85
CA ASP D 93 -2.59 33.47 -163.39
C ASP D 93 -3.74 33.84 -162.47
N GLU D 94 -4.93 33.30 -162.72
CA GLU D 94 -6.06 33.53 -161.83
C GLU D 94 -5.74 33.02 -160.42
N GLN D 95 -5.18 31.83 -160.32
CA GLN D 95 -4.82 31.30 -159.00
C GLN D 95 -3.72 32.14 -158.36
N ARG D 96 -2.71 32.53 -159.14
CA ARG D 96 -1.61 33.31 -158.60
C ARG D 96 -2.09 34.66 -158.08
N THR D 97 -3.15 35.20 -158.67
CA THR D 97 -3.67 36.50 -158.24
C THR D 97 -4.66 36.38 -157.10
N LEU D 98 -5.51 35.35 -157.10
CA LEU D 98 -6.62 35.26 -156.17
C LEU D 98 -6.54 34.10 -155.20
N ASP D 99 -5.60 33.17 -155.36
CA ASP D 99 -5.52 32.02 -154.46
C ASP D 99 -4.29 32.06 -153.57
N ILE D 100 -3.11 32.29 -154.14
CA ILE D 100 -1.87 32.02 -153.41
C ILE D 100 -1.71 32.96 -152.23
N ARG D 101 -1.51 34.25 -152.50
CA ARG D 101 -1.56 35.36 -151.55
C ARG D 101 -0.60 35.21 -150.38
N ASP D 102 0.14 34.11 -150.31
CA ASP D 102 1.14 33.88 -149.28
C ASP D 102 2.33 33.12 -149.86
N TYR D 103 2.80 33.55 -151.03
CA TYR D 103 3.66 32.72 -151.85
C TYR D 103 4.93 32.27 -151.13
N THR D 104 5.37 33.00 -150.12
CA THR D 104 6.57 32.60 -149.40
C THR D 104 6.36 31.31 -148.63
N LYS D 105 5.30 31.24 -147.83
CA LYS D 105 5.08 30.13 -146.92
C LYS D 105 3.89 29.26 -147.31
N GLN D 106 3.38 29.41 -148.54
CA GLN D 106 2.29 28.58 -149.01
C GLN D 106 2.67 27.69 -150.17
N VAL D 107 3.68 28.07 -150.96
CA VAL D 107 4.12 27.30 -152.12
C VAL D 107 5.55 26.82 -151.97
N LEU D 108 6.45 27.70 -151.54
CA LEU D 108 7.86 27.34 -151.47
C LEU D 108 8.11 26.32 -150.35
N MET D 109 7.56 26.57 -149.17
CA MET D 109 7.78 25.65 -148.06
C MET D 109 7.25 24.24 -148.32
N PRO D 110 6.03 24.06 -148.85
CA PRO D 110 5.63 22.69 -149.21
C PRO D 110 6.54 22.04 -150.22
N GLN D 111 7.03 22.81 -151.19
CA GLN D 111 7.95 22.24 -152.18
C GLN D 111 9.23 21.76 -151.54
N VAL D 112 9.81 22.59 -150.67
CA VAL D 112 11.06 22.20 -150.01
C VAL D 112 10.84 20.98 -149.12
N SER D 113 9.74 20.94 -148.38
CA SER D 113 9.46 19.78 -147.54
C SER D 113 9.28 18.53 -148.37
N ALA D 114 8.58 18.62 -149.50
CA ALA D 114 8.36 17.46 -150.34
C ALA D 114 9.67 16.94 -150.90
N VAL D 115 10.54 17.84 -151.36
CA VAL D 115 11.80 17.35 -151.92
C VAL D 115 12.70 16.79 -150.81
N ALA D 116 12.62 17.33 -149.59
CA ALA D 116 13.37 16.75 -148.49
C ALA D 116 12.91 15.33 -148.19
N TYR D 117 11.59 15.13 -148.14
CA TYR D 117 11.08 13.79 -147.92
C TYR D 117 11.47 12.86 -149.06
N GLU D 118 11.51 13.36 -150.29
CA GLU D 118 11.93 12.53 -151.40
C GLU D 118 13.40 12.14 -151.28
N LEU D 119 14.26 13.05 -150.83
CA LEU D 119 15.65 12.69 -150.60
C LEU D 119 15.78 11.64 -149.50
N GLU D 120 15.00 11.77 -148.44
CA GLU D 120 15.01 10.74 -147.40
C GLU D 120 14.57 9.40 -147.94
N ASP D 121 13.53 9.40 -148.78
CA ASP D 121 13.08 8.15 -149.39
C ASP D 121 14.16 7.57 -150.29
N TYR D 122 14.90 8.42 -150.99
CA TYR D 122 16.00 7.96 -151.82
C TYR D 122 17.07 7.27 -150.99
N ILE D 123 17.42 7.87 -149.85
CA ILE D 123 18.42 7.26 -148.97
C ILE D 123 17.91 5.93 -148.44
N ALA D 124 16.65 5.88 -148.01
CA ALA D 124 16.10 4.64 -147.49
C ALA D 124 16.08 3.55 -148.56
N GLU D 125 15.79 3.93 -149.81
CA GLU D 125 15.87 2.96 -150.90
C GLU D 125 17.29 2.50 -151.13
N LEU D 126 18.26 3.39 -150.93
CA LEU D 126 19.66 2.98 -150.99
C LEU D 126 19.97 1.91 -149.95
N ILE D 127 19.59 2.16 -148.70
CA ILE D 127 19.88 1.20 -147.63
C ILE D 127 19.13 -0.10 -147.86
N GLU D 128 17.85 -0.03 -148.20
CA GLU D 128 17.02 -1.20 -148.45
C GLU D 128 17.21 -1.63 -149.90
N GLY D 129 18.16 -2.52 -150.14
CA GLY D 129 18.41 -2.94 -151.50
C GLY D 129 19.87 -3.19 -151.79
N ALA D 130 20.73 -2.87 -150.84
CA ALA D 130 22.12 -3.22 -150.97
C ALA D 130 22.26 -4.75 -151.03
N PRO D 131 23.24 -5.27 -151.73
CA PRO D 131 23.35 -6.73 -151.87
C PRO D 131 23.74 -7.41 -150.58
N TYR D 132 22.79 -7.55 -149.66
CA TYR D 132 23.05 -8.26 -148.42
C TYR D 132 23.11 -9.76 -148.67
N GLU D 133 24.21 -10.38 -148.25
CA GLU D 133 24.32 -11.83 -148.41
C GLU D 133 23.50 -12.58 -147.38
N GLU D 134 23.37 -12.04 -146.17
CA GLU D 134 22.71 -12.71 -145.07
C GLU D 134 21.64 -11.79 -144.48
N THR D 135 20.58 -12.39 -143.97
CA THR D 135 19.53 -11.67 -143.26
C THR D 135 19.45 -12.25 -141.85
N ILE D 136 19.91 -11.49 -140.87
CA ILE D 136 19.97 -11.96 -139.48
C ILE D 136 18.56 -11.91 -138.92
N LEU D 137 17.86 -13.05 -138.94
CA LEU D 137 16.48 -13.09 -138.49
C LEU D 137 16.41 -12.77 -137.00
N ILE D 138 15.43 -11.96 -136.62
CA ILE D 138 15.23 -11.55 -135.25
C ILE D 138 14.06 -12.34 -134.68
N ASP D 139 14.34 -13.18 -133.69
CA ASP D 139 13.26 -13.90 -133.02
C ASP D 139 12.56 -12.96 -132.06
N PRO D 140 11.24 -12.71 -132.22
CA PRO D 140 10.58 -11.74 -131.35
C PRO D 140 10.59 -12.14 -129.89
N ALA D 141 10.73 -13.43 -129.59
CA ALA D 141 10.82 -13.84 -128.19
C ALA D 141 12.18 -13.50 -127.59
N ASP D 142 13.25 -13.73 -128.35
CA ASP D 142 14.62 -13.44 -127.90
C ASP D 142 15.29 -12.63 -129.01
N THR D 143 15.14 -11.31 -128.94
CA THR D 143 15.66 -10.44 -130.00
C THR D 143 17.16 -10.23 -129.88
N VAL D 144 17.71 -10.26 -128.67
CA VAL D 144 19.11 -9.89 -128.49
C VAL D 144 20.07 -10.79 -129.26
N PRO D 145 19.93 -12.13 -129.25
CA PRO D 145 20.90 -12.94 -129.99
C PRO D 145 21.05 -12.56 -131.45
N ALA D 146 19.98 -12.11 -132.10
CA ALA D 146 20.12 -11.64 -133.48
C ALA D 146 21.06 -10.45 -133.56
N PHE D 147 20.93 -9.49 -132.64
CA PHE D 147 21.78 -8.31 -132.69
C PHE D 147 23.22 -8.65 -132.33
N ILE D 148 23.43 -9.53 -131.35
CA ILE D 148 24.78 -9.95 -131.02
C ILE D 148 25.40 -10.70 -132.20
N THR D 149 24.59 -11.49 -132.90
CA THR D 149 25.07 -12.17 -134.11
C THR D 149 25.45 -11.17 -135.18
N ALA D 150 24.66 -10.11 -135.35
CA ALA D 150 25.02 -9.08 -136.32
C ALA D 150 26.33 -8.41 -135.96
N ASP D 151 26.51 -8.10 -134.67
CA ASP D 151 27.76 -7.49 -134.24
C ASP D 151 28.94 -8.44 -134.47
N GLN D 152 28.76 -9.72 -134.17
CA GLN D 152 29.82 -10.70 -134.44
C GLN D 152 30.11 -10.79 -135.93
N ARG D 153 29.07 -10.74 -136.75
CA ARG D 153 29.25 -10.83 -138.19
C ARG D 153 30.06 -9.66 -138.72
N MET D 154 29.81 -8.47 -138.19
CA MET D 154 30.61 -7.32 -138.61
C MET D 154 32.01 -7.36 -138.04
N GLY D 155 32.19 -7.95 -136.84
CA GLY D 155 33.52 -8.09 -136.28
C GLY D 155 34.35 -9.17 -136.96
N GLU D 156 33.70 -10.13 -137.63
CA GLU D 156 34.44 -11.11 -138.41
C GLU D 156 35.18 -10.46 -139.57
N ALA D 157 34.53 -9.51 -140.23
CA ALA D 157 35.12 -8.80 -141.36
C ALA D 157 36.06 -7.68 -140.92
N ASN D 158 36.42 -7.62 -139.64
CA ASN D 158 37.38 -6.66 -139.13
C ASN D 158 36.91 -5.22 -139.33
N VAL D 159 35.60 -5.03 -139.44
CA VAL D 159 35.06 -3.68 -139.63
C VAL D 159 35.39 -2.84 -138.41
N PRO D 160 35.78 -1.58 -138.55
CA PRO D 160 36.07 -0.75 -137.38
C PRO D 160 34.87 -0.68 -136.45
N THR D 161 35.15 -0.66 -135.15
CA THR D 161 34.09 -0.72 -134.16
C THR D 161 33.43 0.63 -133.90
N ASP D 162 33.97 1.72 -134.43
CA ASP D 162 33.43 3.04 -134.19
C ASP D 162 32.68 3.55 -135.41
N SER D 163 31.82 4.54 -135.18
CA SER D 163 31.04 5.18 -136.22
C SER D 163 30.12 4.18 -136.93
N ARG D 164 29.50 3.31 -136.16
CA ARG D 164 28.46 2.42 -136.66
C ARG D 164 27.10 2.99 -136.27
N ARG D 165 26.15 2.93 -137.20
CA ARG D 165 24.80 3.41 -136.97
C ARG D 165 23.84 2.23 -137.08
N LEU D 166 22.95 2.12 -136.11
CA LEU D 166 21.90 1.11 -136.13
C LEU D 166 20.56 1.80 -136.25
N VAL D 167 19.88 1.57 -137.37
CA VAL D 167 18.58 2.17 -137.66
C VAL D 167 17.54 1.07 -137.66
N VAL D 168 16.57 1.17 -136.76
CA VAL D 168 15.55 0.14 -136.58
C VAL D 168 14.21 0.71 -137.02
N GLY D 169 13.43 -0.11 -137.70
CA GLY D 169 12.10 0.28 -138.10
C GLY D 169 11.18 0.36 -136.90
N SER D 170 9.93 0.76 -137.16
CA SER D 170 8.97 0.88 -136.08
C SER D 170 8.66 -0.47 -135.44
N ALA D 171 8.46 -1.50 -136.26
CA ALA D 171 8.10 -2.80 -135.72
C ALA D 171 9.22 -3.39 -134.88
N VAL D 172 10.46 -3.26 -135.33
CA VAL D 172 11.59 -3.79 -134.57
C VAL D 172 11.77 -3.00 -133.27
N ALA D 173 11.61 -1.68 -133.33
CA ALA D 173 11.72 -0.88 -132.12
C ALA D 173 10.63 -1.22 -131.12
N ALA D 174 9.45 -1.61 -131.61
CA ALA D 174 8.40 -2.05 -130.68
C ALA D 174 8.70 -3.43 -130.14
N ALA D 175 9.18 -4.34 -130.99
CA ALA D 175 9.46 -5.70 -130.53
C ALA D 175 10.57 -5.73 -129.51
N LEU D 176 11.54 -4.80 -129.60
CA LEU D 176 12.58 -4.73 -128.60
C LEU D 176 11.99 -4.39 -127.24
N ALA D 177 11.03 -3.47 -127.20
CA ALA D 177 10.39 -3.13 -125.93
C ALA D 177 9.51 -4.28 -125.44
N LYS D 178 8.83 -4.97 -126.35
CA LYS D 178 7.99 -6.09 -125.96
C LYS D 178 8.79 -7.31 -125.55
N ASP D 179 10.09 -7.33 -125.83
CA ASP D 179 10.91 -8.49 -125.48
C ASP D 179 11.04 -8.61 -123.97
N LYS D 180 10.92 -9.84 -123.47
CA LYS D 180 11.07 -10.07 -122.04
C LYS D 180 12.48 -9.80 -121.57
N GLN D 181 13.46 -9.79 -122.48
CA GLN D 181 14.82 -9.49 -122.10
C GLN D 181 14.94 -8.06 -121.58
N PHE D 182 14.28 -7.11 -122.24
CA PHE D 182 14.33 -5.72 -121.80
C PHE D 182 13.17 -5.34 -120.90
N ARG D 183 12.01 -5.95 -121.09
CA ARG D 183 10.83 -5.58 -120.33
C ARG D 183 10.96 -5.98 -118.86
N HIS D 184 11.41 -7.21 -118.61
CA HIS D 184 11.55 -7.72 -117.25
C HIS D 184 12.78 -7.07 -116.61
N ALA D 185 12.60 -6.45 -115.46
CA ALA D 185 13.68 -5.69 -114.85
C ALA D 185 14.84 -6.59 -114.44
N ASP D 186 14.54 -7.74 -113.83
CA ASP D 186 15.59 -8.59 -113.31
C ASP D 186 16.49 -9.11 -114.42
N TRP D 187 15.92 -9.34 -115.60
CA TRP D 187 16.71 -9.85 -116.71
C TRP D 187 17.61 -8.80 -117.33
N SER D 188 17.43 -7.51 -117.02
CA SER D 188 18.16 -6.49 -117.74
C SER D 188 18.65 -5.37 -116.84
N GLY D 189 18.92 -5.67 -115.58
CA GLY D 189 19.38 -4.61 -114.68
C GLY D 189 18.33 -3.53 -114.57
N ASP D 190 18.77 -2.28 -114.76
CA ASP D 190 17.92 -1.09 -114.94
C ASP D 190 16.62 -1.14 -114.15
N GLN D 191 16.72 -1.25 -112.83
CA GLN D 191 15.53 -1.37 -111.99
C GLN D 191 14.52 -0.25 -112.23
N ALA D 192 14.94 0.85 -112.86
CA ALA D 192 13.98 1.87 -113.27
C ALA D 192 13.07 1.35 -114.37
N ASN D 193 13.53 0.39 -115.16
CA ASN D 193 12.74 -0.26 -116.20
C ASN D 193 12.21 0.74 -117.21
N ALA D 194 13.13 1.40 -117.91
CA ALA D 194 12.73 2.32 -118.96
C ALA D 194 12.08 1.60 -120.13
N ALA D 195 12.43 0.32 -120.34
CA ALA D 195 11.88 -0.41 -121.47
C ALA D 195 10.41 -0.72 -121.29
N LEU D 196 9.88 -0.59 -120.08
CA LEU D 196 8.47 -0.83 -119.80
C LEU D 196 7.72 0.46 -119.52
N ARG D 197 8.24 1.31 -118.64
CA ARG D 197 7.55 2.54 -118.29
C ARG D 197 7.47 3.48 -119.50
N GLU D 198 8.56 3.60 -120.26
CA GLU D 198 8.59 4.46 -121.43
C GLU D 198 8.60 3.69 -122.75
N ALA D 199 8.60 2.36 -122.71
CA ALA D 199 8.50 1.53 -123.91
C ALA D 199 9.57 1.90 -124.92
N HIS D 200 10.77 2.19 -124.42
CA HIS D 200 11.85 2.71 -125.25
C HIS D 200 13.16 2.08 -124.78
N VAL D 201 13.74 1.22 -125.61
CA VAL D 201 15.04 0.64 -125.32
C VAL D 201 16.11 1.49 -125.99
N GLY D 202 17.14 1.82 -125.22
CA GLY D 202 18.12 2.80 -125.68
C GLY D 202 19.31 2.20 -126.39
N ARG D 203 19.96 1.24 -125.76
CA ARG D 203 21.21 0.70 -126.27
C ARG D 203 21.26 -0.80 -126.03
N LEU D 204 21.65 -1.55 -127.06
CA LEU D 204 21.80 -2.99 -126.93
C LEU D 204 22.92 -3.44 -127.83
N ALA D 205 23.65 -4.47 -127.39
CA ALA D 205 24.74 -5.06 -128.16
C ALA D 205 25.76 -4.00 -128.57
N GLY D 206 25.99 -3.03 -127.68
CA GLY D 206 26.99 -2.01 -127.91
C GLY D 206 26.72 -1.08 -129.08
N MET D 207 25.48 -0.63 -129.24
CA MET D 207 25.16 0.31 -130.31
C MET D 207 23.81 0.93 -130.04
N ASN D 208 23.75 2.26 -130.11
CA ASN D 208 22.51 2.97 -129.90
C ASN D 208 21.55 2.73 -131.05
N VAL D 209 20.26 2.65 -130.74
CA VAL D 209 19.23 2.47 -131.75
C VAL D 209 18.73 3.82 -132.19
N ILE D 210 18.38 3.92 -133.47
CA ILE D 210 17.79 5.12 -134.05
C ILE D 210 16.54 4.69 -134.78
N ARG D 211 15.40 5.24 -134.40
CA ARG D 211 14.13 4.88 -134.99
C ARG D 211 13.83 5.78 -136.17
N SER D 212 13.24 5.21 -137.21
CA SER D 212 12.87 5.97 -138.39
C SER D 212 11.79 5.22 -139.14
N ASN D 213 10.74 5.92 -139.53
CA ASN D 213 9.66 5.31 -140.29
C ASN D 213 9.97 5.22 -141.77
N ALA D 214 11.11 5.77 -142.21
CA ALA D 214 11.45 5.73 -143.63
C ALA D 214 11.68 4.30 -144.11
N ILE D 215 12.38 3.50 -143.32
CA ILE D 215 12.69 2.13 -143.69
C ILE D 215 11.47 1.25 -143.43
N ALA D 216 11.49 0.03 -143.96
CA ALA D 216 10.36 -0.87 -143.79
C ALA D 216 10.16 -1.17 -142.30
N PRO D 217 8.92 -1.38 -141.87
CA PRO D 217 8.66 -1.45 -140.43
C PRO D 217 9.42 -2.54 -139.69
N ASP D 218 9.58 -3.72 -140.30
CA ASP D 218 10.15 -4.86 -139.60
C ASP D 218 11.61 -5.12 -139.99
N LYS D 219 12.35 -4.08 -140.33
CA LYS D 219 13.74 -4.23 -140.71
C LYS D 219 14.62 -3.32 -139.86
N ALA D 220 15.82 -3.81 -139.57
CA ALA D 220 16.85 -3.03 -138.91
C ALA D 220 18.12 -3.14 -139.73
N TYR D 221 18.90 -2.07 -139.76
CA TYR D 221 20.13 -2.04 -140.54
C TYR D 221 21.25 -1.50 -139.66
N LEU D 222 22.35 -2.25 -139.59
CA LEU D 222 23.51 -1.81 -138.83
C LEU D 222 24.66 -1.65 -139.82
N TRP D 223 25.14 -0.42 -139.97
CA TRP D 223 26.14 -0.17 -141.00
C TRP D 223 27.24 0.74 -140.47
N HIS D 224 28.45 0.50 -140.95
CA HIS D 224 29.59 1.36 -140.67
C HIS D 224 29.53 2.57 -141.59
N ARG D 225 30.19 3.65 -141.17
CA ARG D 225 30.11 4.90 -141.93
C ARG D 225 30.50 4.71 -143.38
N THR D 226 31.54 3.92 -143.64
CA THR D 226 32.09 3.81 -144.99
C THR D 226 31.32 2.84 -145.86
N ALA D 227 30.08 2.51 -145.52
CA ALA D 227 29.34 1.53 -146.30
C ALA D 227 28.52 2.15 -147.41
N PHE D 228 27.92 3.31 -147.17
CA PHE D 228 27.01 3.94 -148.12
C PHE D 228 27.54 5.31 -148.48
N ILE D 229 27.56 5.62 -149.77
CA ILE D 229 28.10 6.89 -150.27
C ILE D 229 26.98 7.64 -150.97
N LEU D 230 26.85 8.92 -150.68
CA LEU D 230 25.90 9.78 -151.38
C LEU D 230 26.59 10.99 -151.94
N ALA D 231 26.04 11.53 -153.02
CA ALA D 231 26.58 12.72 -153.65
C ALA D 231 25.45 13.56 -154.20
N TYR D 232 25.57 14.87 -154.00
CA TYR D 232 24.56 15.83 -154.43
C TYR D 232 25.22 16.92 -155.26
N ARG D 233 24.55 17.31 -156.34
CA ARG D 233 25.01 18.39 -157.20
C ARG D 233 23.84 19.33 -157.47
N THR D 234 24.06 20.61 -157.22
CA THR D 234 23.03 21.60 -157.47
C THR D 234 23.10 22.04 -158.93
N PRO D 235 22.06 21.84 -159.72
CA PRO D 235 22.10 22.28 -161.12
C PRO D 235 22.27 23.78 -161.22
N VAL D 236 23.03 24.22 -162.21
CA VAL D 236 23.24 25.63 -162.43
C VAL D 236 22.05 26.21 -163.17
N VAL D 237 21.74 27.47 -162.88
CA VAL D 237 20.65 28.16 -163.55
C VAL D 237 21.08 28.49 -164.97
N PRO D 238 20.37 28.00 -165.98
CA PRO D 238 20.81 28.23 -167.36
C PRO D 238 20.78 29.70 -167.72
N GLU D 239 21.65 30.09 -168.65
CA GLU D 239 21.74 31.49 -169.04
C GLU D 239 20.44 31.99 -169.63
N GLY D 240 19.80 31.19 -170.49
CA GLY D 240 18.56 31.60 -171.11
C GLY D 240 17.34 31.33 -170.26
N ALA D 241 17.49 31.43 -168.95
CA ALA D 241 16.38 31.22 -168.03
C ALA D 241 16.38 32.32 -166.98
N LYS D 242 15.18 32.67 -166.54
CA LYS D 242 15.04 33.70 -165.51
C LYS D 242 15.77 33.31 -164.24
N ALA D 243 16.47 34.26 -163.65
CA ALA D 243 17.25 33.98 -162.45
C ALA D 243 16.35 33.47 -161.34
N GLY D 244 16.80 32.42 -160.66
CA GLY D 244 16.01 31.82 -159.61
C GLY D 244 16.55 32.08 -158.22
N ALA D 245 16.58 31.04 -157.39
CA ALA D 245 17.07 31.15 -156.02
C ALA D 245 17.67 29.80 -155.64
N SER D 246 17.89 29.61 -154.34
CA SER D 246 18.43 28.34 -153.85
C SER D 246 17.96 28.12 -152.42
N PHE D 247 17.12 27.13 -152.22
CA PHE D 247 16.63 26.76 -150.91
C PHE D 247 17.31 25.48 -150.47
N SER D 248 17.85 25.46 -149.26
CA SER D 248 18.58 24.33 -148.74
C SER D 248 17.63 23.41 -147.99
N ALA D 249 17.56 22.15 -148.39
CA ALA D 249 16.77 21.14 -147.71
C ALA D 249 17.70 20.08 -147.13
N ASN D 250 17.68 19.94 -145.81
CA ASN D 250 18.50 18.94 -145.12
C ASN D 250 19.99 19.16 -145.37
N GLY D 251 20.40 20.40 -145.58
CA GLY D 251 21.79 20.70 -145.85
C GLY D 251 22.13 20.64 -147.32
N VAL D 252 21.27 19.97 -148.10
CA VAL D 252 21.45 19.91 -149.54
C VAL D 252 20.98 21.21 -150.17
N ALA D 253 21.74 21.72 -151.13
CA ALA D 253 21.38 22.93 -151.85
C ALA D 253 20.59 22.57 -153.09
N LEU D 254 19.48 23.26 -153.30
CA LEU D 254 18.55 22.98 -154.39
C LEU D 254 18.54 24.14 -155.37
N ARG D 255 18.06 23.87 -156.58
CA ARG D 255 17.92 24.90 -157.60
C ARG D 255 16.45 25.15 -157.87
N TRP D 256 16.04 26.41 -157.79
CA TRP D 256 14.65 26.80 -158.01
C TRP D 256 14.57 27.66 -159.27
N LEU D 257 13.68 27.30 -160.17
CA LEU D 257 13.54 27.94 -161.46
C LEU D 257 12.14 28.53 -161.58
N ALA D 258 11.93 29.31 -162.64
CA ALA D 258 10.62 29.86 -162.94
C ALA D 258 10.57 30.25 -164.40
N ASP D 259 9.49 29.87 -165.09
CA ASP D 259 9.33 30.22 -166.49
C ASP D 259 7.86 30.35 -166.80
N TYR D 260 7.39 31.58 -166.99
CA TYR D 260 5.99 31.83 -167.30
C TYR D 260 5.60 31.12 -168.58
N ASP D 261 4.47 30.42 -168.55
CA ASP D 261 3.97 29.68 -169.70
C ASP D 261 2.86 30.51 -170.35
N TYR D 262 3.21 31.24 -171.40
CA TYR D 262 2.22 32.07 -172.08
C TYR D 262 1.13 31.21 -172.72
N SER D 263 1.45 29.99 -173.12
CA SER D 263 0.45 29.14 -173.76
C SER D 263 -0.67 28.79 -172.79
N GLN D 264 -0.33 28.46 -171.55
CA GLN D 264 -1.34 28.12 -170.55
C GLN D 264 -1.69 29.30 -169.65
N LEU D 265 -1.16 30.48 -169.93
CA LEU D 265 -1.47 31.69 -169.17
C LEU D 265 -1.24 31.47 -167.68
N GLY D 266 -0.12 30.85 -167.35
CA GLY D 266 0.19 30.57 -165.97
C GLY D 266 1.68 30.38 -165.75
N ASP D 267 2.08 30.51 -164.50
CA ASP D 267 3.46 30.34 -164.10
C ASP D 267 3.87 28.88 -164.23
N ARG D 268 5.11 28.61 -163.86
CA ARG D 268 5.67 27.25 -163.88
C ARG D 268 6.95 27.28 -163.07
N THR D 269 7.04 26.43 -162.06
CA THR D 269 8.19 26.42 -161.16
C THR D 269 8.71 25.01 -161.01
N LEU D 270 10.02 24.90 -160.76
CA LEU D 270 10.68 23.61 -160.66
C LEU D 270 11.83 23.72 -159.68
N LEU D 271 11.83 22.87 -158.66
CA LEU D 271 12.89 22.83 -157.65
C LEU D 271 13.54 21.46 -157.69
N ASP D 272 14.84 21.41 -157.96
CA ASP D 272 15.46 20.12 -158.22
C ASP D 272 16.92 20.09 -157.78
N VAL D 273 17.47 18.88 -157.85
CA VAL D 273 18.85 18.61 -157.47
C VAL D 273 19.23 17.28 -158.11
N PHE D 274 20.54 17.03 -158.25
CA PHE D 274 21.04 15.78 -158.80
C PHE D 274 21.64 14.95 -157.67
N THR D 275 21.27 13.66 -157.63
CA THR D 275 21.70 12.78 -156.56
C THR D 275 22.30 11.51 -157.13
N GLY D 276 23.25 10.95 -156.40
CA GLY D 276 23.84 9.68 -156.75
C GLY D 276 24.21 8.91 -155.51
N ARG D 277 24.11 7.58 -155.59
CA ARG D 277 24.33 6.72 -154.44
C ARG D 277 25.23 5.56 -154.82
N LYS D 278 25.95 5.04 -153.82
CA LYS D 278 26.86 3.91 -154.03
C LYS D 278 26.88 3.03 -152.80
N VAL D 279 26.95 1.73 -153.03
CA VAL D 279 27.10 0.74 -151.97
C VAL D 279 28.52 0.21 -152.04
N VAL D 280 29.25 0.32 -150.93
CA VAL D 280 30.66 -0.02 -150.93
C VAL D 280 30.84 -1.52 -150.77
N THR D 281 30.90 -2.22 -151.89
CA THR D 281 31.23 -3.64 -151.87
C THR D 281 32.73 -3.80 -151.68
N GLU D 282 33.13 -5.03 -151.35
CA GLU D 282 34.54 -5.30 -151.14
C GLU D 282 35.21 -5.77 -152.43
N VAL D 283 36.53 -5.91 -152.38
CA VAL D 283 37.31 -6.24 -153.55
C VAL D 283 36.94 -7.61 -154.12
N ASP D 284 36.39 -8.49 -153.30
CA ASP D 284 35.94 -9.80 -153.74
C ASP D 284 34.45 -9.83 -154.07
N GLY D 285 33.84 -8.67 -154.21
CA GLY D 285 32.42 -8.60 -154.54
C GLY D 285 31.49 -9.12 -153.46
N SER D 286 31.83 -8.90 -152.19
CA SER D 286 31.00 -9.29 -151.08
C SER D 286 30.76 -8.09 -150.19
N PHE D 287 29.50 -7.86 -149.84
CA PHE D 287 29.12 -6.70 -149.03
C PHE D 287 29.16 -7.10 -147.56
N VAL D 288 30.13 -6.55 -146.82
CA VAL D 288 30.35 -6.94 -145.44
C VAL D 288 30.26 -5.78 -144.46
N ARG D 289 30.14 -4.54 -144.94
CA ARG D 289 30.15 -3.38 -144.06
C ARG D 289 28.79 -3.03 -143.50
N ALA D 290 27.75 -3.77 -143.86
CA ALA D 290 26.42 -3.51 -143.34
C ALA D 290 25.66 -4.82 -143.21
N VAL D 291 24.84 -4.92 -142.17
CA VAL D 291 24.08 -6.13 -141.90
C VAL D 291 22.61 -5.76 -141.77
N GLU D 292 21.75 -6.65 -142.27
CA GLU D 292 20.32 -6.46 -142.30
C GLU D 292 19.67 -7.47 -141.37
N LEU D 293 18.72 -7.01 -140.56
CA LEU D 293 17.99 -7.84 -139.62
C LEU D 293 16.51 -7.72 -139.93
N GLN D 294 15.80 -8.84 -139.91
CA GLN D 294 14.38 -8.86 -140.21
C GLN D 294 13.65 -9.63 -139.12
N LEU D 295 12.50 -9.12 -138.71
CA LEU D 295 11.69 -9.81 -137.72
C LEU D 295 11.18 -11.13 -138.27
N GLN D 296 11.01 -12.10 -137.38
CA GLN D 296 10.61 -13.46 -137.74
C GLN D 296 9.12 -13.60 -137.52
N ALA D 297 8.35 -13.55 -138.60
CA ALA D 297 6.91 -13.78 -138.53
C ALA D 297 6.63 -15.26 -138.35
N SER D 298 5.60 -15.57 -137.56
CA SER D 298 5.24 -16.95 -137.28
C SER D 298 3.79 -17.29 -137.60
N SER D 299 2.92 -16.31 -137.77
CA SER D 299 1.52 -16.55 -138.08
C SER D 299 0.88 -15.25 -138.50
N ILE D 300 0.00 -15.32 -139.50
CA ILE D 300 -0.69 -14.15 -140.01
C ILE D 300 -2.18 -14.31 -139.77
N THR D 301 -2.83 -13.22 -139.39
CA THR D 301 -4.26 -13.18 -139.19
C THR D 301 -4.84 -12.03 -140.00
N ILE D 302 -6.01 -12.25 -140.60
CA ILE D 302 -6.70 -11.22 -141.36
C ILE D 302 -7.60 -10.46 -140.41
N VAL D 303 -7.37 -9.15 -140.31
CA VAL D 303 -8.12 -8.34 -139.37
C VAL D 303 -9.57 -8.23 -139.82
N GLY D 304 -10.47 -8.03 -138.85
CA GLY D 304 -11.88 -7.91 -139.12
C GLY D 304 -12.65 -9.21 -139.02
N GLY D 305 -11.96 -10.35 -139.04
CA GLY D 305 -12.64 -11.63 -138.93
C GLY D 305 -13.56 -11.87 -140.12
N ALA D 306 -14.51 -12.78 -139.90
CA ALA D 306 -15.52 -13.06 -140.92
C ALA D 306 -16.36 -11.82 -141.16
N PHE D 307 -16.53 -11.46 -142.43
CA PHE D 307 -17.22 -10.24 -142.79
C PHE D 307 -18.16 -10.51 -143.95
N ALA D 308 -19.20 -9.69 -144.05
CA ALA D 308 -20.18 -9.79 -145.11
C ALA D 308 -20.11 -8.56 -146.00
N LEU D 309 -20.16 -8.76 -147.31
CA LEU D 309 -20.11 -7.65 -148.24
C LEU D 309 -21.37 -6.81 -148.13
N ALA D 310 -21.25 -5.52 -148.47
CA ALA D 310 -22.37 -4.61 -148.35
C ALA D 310 -23.49 -4.99 -149.31
N THR D 311 -23.15 -5.20 -150.58
CA THR D 311 -24.11 -5.56 -151.61
C THR D 311 -23.62 -6.80 -152.33
N THR D 312 -24.38 -7.21 -153.36
CA THR D 312 -23.94 -8.33 -154.18
C THR D 312 -22.67 -7.98 -154.95
N THR D 313 -22.57 -6.75 -155.44
CA THR D 313 -21.39 -6.26 -156.13
C THR D 313 -20.49 -5.42 -155.23
N GLY D 314 -20.54 -5.68 -153.92
CA GLY D 314 -19.75 -4.90 -152.98
C GLY D 314 -18.27 -5.17 -153.08
N THR D 315 -17.50 -4.30 -152.45
CA THR D 315 -16.05 -4.41 -152.45
C THR D 315 -15.53 -4.17 -151.03
N LYS D 316 -14.33 -4.70 -150.78
CA LYS D 316 -13.72 -4.58 -149.47
C LYS D 316 -12.21 -4.72 -149.64
N GLN D 317 -11.46 -3.96 -148.85
CA GLN D 317 -10.00 -4.01 -148.87
C GLN D 317 -9.53 -4.80 -147.65
N LEU D 318 -8.91 -5.94 -147.89
CA LEU D 318 -8.44 -6.77 -146.79
C LEU D 318 -7.17 -6.19 -146.18
N LYS D 319 -6.82 -6.70 -145.01
CA LYS D 319 -5.61 -6.28 -144.31
C LYS D 319 -5.13 -7.42 -143.44
N VAL D 320 -3.89 -7.85 -143.67
CA VAL D 320 -3.31 -9.01 -143.00
C VAL D 320 -2.19 -8.52 -142.08
N ARG D 321 -2.19 -9.00 -140.84
CA ARG D 321 -1.16 -8.65 -139.87
C ARG D 321 -0.53 -9.92 -139.34
N ASP D 322 0.79 -9.96 -139.31
CA ASP D 322 1.48 -11.11 -138.74
C ASP D 322 1.36 -11.08 -137.21
N ASP D 323 2.01 -12.03 -136.56
CA ASP D 323 1.95 -12.10 -135.10
C ASP D 323 2.61 -10.89 -134.45
N ASN D 324 3.41 -10.13 -135.19
CA ASN D 324 4.03 -8.92 -134.69
C ASN D 324 3.17 -7.69 -134.93
N GLY D 325 2.04 -7.84 -135.59
CA GLY D 325 1.19 -6.70 -135.90
C GLY D 325 1.60 -5.92 -137.13
N THR D 326 2.69 -6.29 -137.79
CA THR D 326 3.15 -5.57 -138.97
C THR D 326 2.18 -5.77 -140.12
N ASP D 327 1.82 -4.68 -140.79
CA ASP D 327 0.98 -4.76 -141.98
C ASP D 327 1.76 -5.46 -143.09
N VAL D 328 1.30 -6.63 -143.50
CA VAL D 328 2.00 -7.46 -144.46
C VAL D 328 1.13 -7.72 -145.69
N THR D 329 0.12 -6.89 -145.90
CA THR D 329 -0.83 -7.12 -146.99
C THR D 329 -0.15 -7.06 -148.35
N ALA D 330 0.85 -6.20 -148.51
CA ALA D 330 1.54 -6.08 -149.78
C ALA D 330 2.49 -7.24 -150.05
N ARG D 331 2.71 -8.12 -149.09
CA ARG D 331 3.61 -9.26 -149.24
C ARG D 331 2.87 -10.58 -149.26
N CYS D 332 1.56 -10.56 -149.47
CA CYS D 332 0.74 -11.76 -149.43
C CYS D 332 0.14 -12.04 -150.80
N THR D 333 -0.19 -13.32 -151.02
CA THR D 333 -0.90 -13.76 -152.21
C THR D 333 -2.27 -14.26 -151.79
N PHE D 334 -3.31 -13.74 -152.44
CA PHE D 334 -4.68 -13.98 -152.04
C PHE D 334 -5.36 -14.93 -153.02
N ALA D 335 -6.12 -15.88 -152.49
CA ALA D 335 -6.86 -16.84 -153.30
C ALA D 335 -8.28 -16.95 -152.77
N SER D 336 -9.20 -17.29 -153.68
CA SER D 336 -10.61 -17.44 -153.35
C SER D 336 -11.04 -18.88 -153.58
N SER D 337 -11.75 -19.45 -152.60
CA SER D 337 -12.21 -20.83 -152.72
C SER D 337 -13.20 -20.98 -153.85
N ALA D 338 -14.09 -20.01 -154.03
CA ALA D 338 -15.12 -20.06 -155.07
C ALA D 338 -15.13 -18.73 -155.80
N GLY D 339 -14.50 -18.70 -156.97
CA GLY D 339 -14.48 -17.50 -157.79
C GLY D 339 -15.77 -17.19 -158.50
N THR D 340 -16.73 -18.12 -158.47
CA THR D 340 -18.03 -17.88 -159.09
C THR D 340 -18.87 -16.90 -158.29
N LYS D 341 -18.57 -16.73 -157.00
CA LYS D 341 -19.35 -15.87 -156.12
C LYS D 341 -18.55 -14.68 -155.60
N ALA D 342 -17.34 -14.91 -155.10
CA ALA D 342 -16.49 -13.84 -154.59
C ALA D 342 -15.10 -14.00 -155.21
N THR D 343 -14.58 -12.90 -155.75
CA THR D 343 -13.27 -12.89 -156.37
C THR D 343 -12.37 -11.92 -155.62
N VAL D 344 -11.19 -12.37 -155.23
CA VAL D 344 -10.22 -11.55 -154.51
C VAL D 344 -9.05 -11.26 -155.44
N SER D 345 -8.68 -9.99 -155.52
CA SER D 345 -7.58 -9.57 -156.37
C SER D 345 -6.24 -9.92 -155.73
N ALA D 346 -5.16 -9.62 -156.43
CA ALA D 346 -3.82 -9.86 -155.91
C ALA D 346 -3.40 -8.83 -154.87
N ALA D 347 -4.14 -7.73 -154.73
CA ALA D 347 -3.81 -6.67 -153.79
C ALA D 347 -4.71 -6.71 -152.56
N GLY D 348 -5.33 -7.85 -152.28
CA GLY D 348 -6.20 -7.97 -151.13
C GLY D 348 -7.57 -7.35 -151.31
N LEU D 349 -7.95 -6.98 -152.53
CA LEU D 349 -9.25 -6.40 -152.79
C LEU D 349 -10.24 -7.52 -153.13
N VAL D 350 -11.27 -7.68 -152.30
CA VAL D 350 -12.27 -8.71 -152.47
C VAL D 350 -13.55 -8.07 -152.98
N THR D 351 -14.14 -8.66 -154.01
CA THR D 351 -15.38 -8.19 -154.59
C THR D 351 -16.33 -9.37 -154.74
N GLY D 352 -17.62 -9.05 -154.84
CA GLY D 352 -18.66 -10.06 -154.98
C GLY D 352 -19.22 -10.06 -156.39
N VAL D 353 -19.25 -11.24 -156.99
CA VAL D 353 -19.86 -11.41 -158.30
C VAL D 353 -21.15 -12.22 -158.24
N ALA D 354 -21.39 -12.95 -157.16
CA ALA D 354 -22.63 -13.69 -156.99
C ALA D 354 -22.90 -13.87 -155.50
N ALA D 355 -24.17 -13.95 -155.15
CA ALA D 355 -24.55 -14.14 -153.76
C ALA D 355 -24.15 -15.53 -153.28
N GLY D 356 -23.66 -15.61 -152.04
CA GLY D 356 -23.25 -16.87 -151.48
C GLY D 356 -22.04 -16.75 -150.57
N THR D 357 -21.64 -17.86 -149.96
CA THR D 357 -20.51 -17.86 -149.04
C THR D 357 -19.26 -18.39 -149.72
N ALA D 358 -18.12 -17.82 -149.35
CA ALA D 358 -16.83 -18.19 -149.94
C ALA D 358 -15.76 -18.05 -148.88
N ASP D 359 -14.60 -18.63 -149.15
CA ASP D 359 -13.45 -18.54 -148.26
C ASP D 359 -12.33 -17.83 -149.00
N ILE D 360 -11.84 -16.74 -148.40
CA ILE D 360 -10.70 -15.98 -148.92
C ILE D 360 -9.50 -16.33 -148.06
N THR D 361 -8.43 -16.80 -148.69
CA THR D 361 -7.23 -17.18 -147.99
C THR D 361 -6.06 -16.31 -148.44
N ALA D 362 -5.15 -16.06 -147.52
CA ALA D 362 -3.95 -15.28 -147.77
C ALA D 362 -2.75 -16.12 -147.38
N SER D 363 -1.80 -16.26 -148.30
CA SER D 363 -0.58 -17.01 -148.09
C SER D 363 0.60 -16.03 -148.10
N TYR D 364 1.41 -16.08 -147.06
CA TYR D 364 2.54 -15.17 -146.90
C TYR D 364 3.79 -16.00 -146.64
N VAL D 365 4.81 -15.81 -147.47
CA VAL D 365 6.08 -16.50 -147.28
C VAL D 365 6.86 -15.76 -146.20
N PRO D 366 7.17 -16.40 -145.08
CA PRO D 366 7.83 -15.69 -143.98
C PRO D 366 9.24 -15.29 -144.35
N PRO D 367 9.82 -14.33 -143.61
CA PRO D 367 11.20 -13.95 -143.90
C PRO D 367 12.19 -15.09 -143.75
N GLN D 368 11.90 -16.07 -142.89
CA GLN D 368 12.76 -17.24 -142.76
C GLN D 368 12.53 -18.26 -143.86
N GLY D 369 11.53 -18.06 -144.72
CA GLY D 369 11.26 -18.99 -145.77
C GLY D 369 10.50 -20.21 -145.29
N GLY D 370 10.37 -21.19 -146.18
CA GLY D 370 9.68 -22.41 -145.85
C GLY D 370 8.21 -22.38 -146.19
N THR D 371 7.40 -23.14 -145.45
CA THR D 371 5.97 -23.18 -145.73
C THR D 371 5.33 -21.81 -145.51
N ALA D 372 4.38 -21.48 -146.37
CA ALA D 372 3.75 -20.17 -146.32
C ALA D 372 2.66 -20.14 -145.27
N LYS D 373 2.72 -19.13 -144.39
CA LYS D 373 1.65 -18.95 -143.42
C LYS D 373 0.35 -18.65 -144.13
N THR D 374 -0.73 -19.29 -143.68
CA THR D 374 -2.02 -19.22 -144.36
C THR D 374 -3.08 -18.76 -143.39
N ALA D 375 -3.87 -17.77 -143.80
CA ALA D 375 -4.99 -17.29 -143.00
C ALA D 375 -6.25 -17.28 -143.86
N THR D 376 -7.30 -17.92 -143.37
CA THR D 376 -8.55 -18.09 -144.11
C THR D 376 -9.68 -17.39 -143.39
N VAL D 377 -10.48 -16.63 -144.13
CA VAL D 377 -11.61 -15.88 -143.59
C VAL D 377 -12.81 -16.11 -144.50
N THR D 378 -13.98 -16.36 -143.90
CA THR D 378 -15.18 -16.64 -144.66
C THR D 378 -15.95 -15.35 -144.92
N VAL D 379 -16.25 -15.10 -146.19
CA VAL D 379 -17.04 -13.95 -146.61
C VAL D 379 -18.39 -14.46 -147.08
N THR D 380 -19.41 -13.61 -146.96
CA THR D 380 -20.79 -13.96 -147.33
C THR D 380 -21.38 -12.83 -148.15
N VAL D 381 -21.34 -12.96 -149.46
CA VAL D 381 -22.00 -11.99 -150.34
C VAL D 381 -23.51 -12.14 -150.19
N PRO D 382 -24.25 -11.06 -149.90
CA PRO D 382 -25.70 -11.12 -149.71
C PRO D 382 -26.45 -11.65 -150.92
N ALA E 2 -51.38 -0.89 -72.30
CA ALA E 2 -50.72 -0.22 -71.18
C ALA E 2 -50.55 1.26 -71.46
N HIS E 3 -49.42 1.81 -71.06
CA HIS E 3 -49.14 3.22 -71.30
C HIS E 3 -49.02 3.49 -72.79
N ILE E 4 -49.54 4.63 -73.22
CA ILE E 4 -49.45 5.07 -74.61
C ILE E 4 -48.79 6.43 -74.64
N PHE E 5 -47.71 6.55 -75.41
CA PHE E 5 -46.93 7.77 -75.51
C PHE E 5 -47.05 8.36 -76.90
N VAL E 6 -46.97 9.68 -76.98
CA VAL E 6 -46.97 10.39 -78.24
C VAL E 6 -45.54 10.83 -78.53
N LYS E 7 -44.94 10.26 -79.56
CA LYS E 7 -43.55 10.53 -79.87
C LYS E 7 -43.41 10.97 -81.31
N PRO E 8 -42.42 11.82 -81.61
CA PRO E 8 -42.27 12.33 -82.97
C PRO E 8 -41.36 11.46 -83.82
N GLU E 9 -41.73 11.28 -85.08
CA GLU E 9 -40.82 10.66 -86.02
C GLU E 9 -39.62 11.56 -86.24
N LEU E 10 -38.43 10.97 -86.28
CA LEU E 10 -37.20 11.72 -86.39
C LEU E 10 -36.52 11.39 -87.71
N VAL E 11 -35.99 12.43 -88.36
CA VAL E 11 -35.25 12.29 -89.60
C VAL E 11 -33.85 12.80 -89.38
N ALA E 12 -32.85 12.00 -89.72
CA ALA E 12 -31.46 12.33 -89.47
C ALA E 12 -30.66 12.23 -90.76
N GLU E 13 -29.60 13.01 -90.84
CA GLU E 13 -28.63 12.94 -91.93
C GLU E 13 -27.30 12.50 -91.34
N ILE E 14 -26.91 11.26 -91.61
CA ILE E 14 -25.71 10.69 -91.03
C ILE E 14 -24.54 10.65 -92.00
N GLY E 15 -24.70 11.17 -93.21
CA GLY E 15 -23.64 11.16 -94.18
C GLY E 15 -23.76 10.09 -95.25
N VAL E 16 -24.85 9.32 -95.25
CA VAL E 16 -25.10 8.39 -96.33
C VAL E 16 -25.69 9.16 -97.49
N LYS E 17 -25.03 9.09 -98.65
CA LYS E 17 -25.45 9.80 -99.84
C LYS E 17 -25.40 8.86 -101.03
N GLN E 18 -26.16 9.18 -102.06
CA GLN E 18 -26.16 8.37 -103.26
C GLN E 18 -24.79 8.42 -103.92
N LEU E 19 -24.30 7.27 -104.34
CA LEU E 19 -22.98 7.18 -104.94
C LEU E 19 -23.00 7.64 -106.38
N GLN E 20 -22.00 8.41 -106.77
CA GLN E 20 -21.93 8.95 -108.12
C GLN E 20 -20.49 8.98 -108.61
N ARG E 21 -20.35 9.02 -109.93
CA ARG E 21 -19.05 9.01 -110.57
C ARG E 21 -18.26 10.27 -110.24
N GLU E 22 -16.94 10.14 -110.22
CA GLU E 22 -16.05 11.27 -110.05
C GLU E 22 -15.73 11.87 -111.41
N ILE E 23 -15.82 13.20 -111.52
CA ILE E 23 -15.67 13.87 -112.79
C ILE E 23 -14.21 13.88 -113.20
N VAL E 24 -13.91 13.29 -114.36
CA VAL E 24 -12.54 13.21 -114.86
C VAL E 24 -12.44 13.73 -116.28
N LEU E 25 -13.34 13.25 -117.15
CA LEU E 25 -13.15 13.44 -118.59
C LEU E 25 -13.03 14.88 -119.03
N PRO E 26 -13.89 15.83 -118.62
CA PRO E 26 -13.67 17.21 -119.03
C PRO E 26 -12.35 17.73 -118.50
N GLY E 27 -11.68 18.53 -119.32
CA GLY E 27 -10.35 18.99 -119.04
C GLY E 27 -9.25 18.15 -119.65
N LEU E 28 -9.58 16.92 -120.04
CA LEU E 28 -8.69 16.08 -120.82
C LEU E 28 -8.95 16.20 -122.31
N VAL E 29 -9.92 17.02 -122.69
CA VAL E 29 -10.33 17.16 -124.08
C VAL E 29 -10.13 18.60 -124.51
N TRP E 30 -9.62 18.77 -125.73
CA TRP E 30 -9.34 20.08 -126.28
C TRP E 30 -10.61 20.91 -126.38
N THR E 31 -10.69 21.94 -125.55
CA THR E 31 -11.94 22.64 -125.24
C THR E 31 -11.86 24.08 -125.71
N ASN E 32 -12.90 24.52 -126.40
CA ASN E 32 -13.06 25.90 -126.87
C ASN E 32 -11.79 26.48 -127.49
N PRO E 33 -11.24 25.84 -128.53
CA PRO E 33 -10.20 26.53 -129.30
C PRO E 33 -10.79 27.71 -130.06
N LEU E 34 -11.85 27.43 -130.80
CA LEU E 34 -12.56 28.40 -131.62
C LEU E 34 -13.94 28.65 -131.02
N THR E 35 -14.31 29.92 -130.90
CA THR E 35 -15.45 30.30 -130.06
C THR E 35 -16.58 30.99 -130.80
N ASP E 36 -16.28 31.91 -131.71
CA ASP E 36 -17.32 32.74 -132.33
C ASP E 36 -18.11 31.91 -133.33
N PHE E 37 -18.88 30.96 -132.78
CA PHE E 37 -19.76 30.17 -133.64
C PHE E 37 -20.94 30.97 -134.14
N GLY E 38 -21.26 32.09 -133.49
CA GLY E 38 -22.39 32.90 -133.91
C GLY E 38 -22.21 33.54 -135.26
N GLY E 39 -21.02 34.08 -135.52
CA GLY E 39 -20.75 34.74 -136.78
C GLY E 39 -20.35 33.79 -137.89
N SER E 40 -21.18 32.79 -138.17
CA SER E 40 -20.92 31.86 -139.25
C SER E 40 -22.21 31.22 -139.69
N LYS E 41 -22.29 30.89 -140.98
CA LYS E 41 -23.46 30.21 -141.50
C LYS E 41 -23.60 28.83 -140.90
N ASN E 42 -24.82 28.44 -140.58
CA ASN E 42 -25.16 27.14 -140.01
C ASN E 42 -24.46 26.91 -138.67
N ASP E 43 -24.01 27.97 -138.02
CA ASP E 43 -23.31 27.89 -136.74
C ASP E 43 -22.06 27.03 -136.84
N THR E 44 -21.53 26.89 -138.04
CA THR E 44 -20.41 26.01 -138.33
C THR E 44 -19.20 26.84 -138.72
N ILE E 45 -18.07 26.61 -138.05
CA ILE E 45 -16.82 27.26 -138.40
C ILE E 45 -15.95 26.25 -139.13
N THR E 46 -15.51 26.64 -140.33
CA THR E 46 -14.61 25.79 -141.10
C THR E 46 -13.19 25.89 -140.55
N VAL E 47 -12.51 24.75 -140.53
CA VAL E 47 -11.11 24.67 -140.11
C VAL E 47 -10.30 24.21 -141.31
N ARG E 48 -9.26 24.96 -141.64
CA ARG E 48 -8.40 24.68 -142.77
C ARG E 48 -7.17 23.90 -142.32
N VAL E 49 -6.85 22.84 -143.04
CA VAL E 49 -5.65 22.05 -142.80
C VAL E 49 -4.67 22.35 -143.92
N PRO E 50 -3.47 22.85 -143.63
CA PRO E 50 -2.56 23.25 -144.70
C PRO E 50 -2.16 22.07 -145.58
N ALA E 51 -1.88 22.37 -146.84
CA ALA E 51 -1.59 21.36 -147.84
C ALA E 51 -0.14 20.93 -147.82
N ILE E 52 0.10 19.68 -148.22
CA ILE E 52 1.43 19.15 -148.44
C ILE E 52 1.46 18.56 -149.85
N THR E 53 2.67 18.43 -150.38
CA THR E 53 2.85 17.96 -151.75
C THR E 53 3.90 16.85 -151.76
N THR E 54 4.15 16.32 -152.95
CA THR E 54 5.12 15.26 -153.14
C THR E 54 6.06 15.65 -154.27
N ALA E 55 7.27 15.09 -154.23
CA ALA E 55 8.28 15.35 -155.23
C ALA E 55 8.56 14.08 -156.01
N ASN E 56 8.68 14.22 -157.33
CA ASN E 56 8.90 13.07 -158.19
C ASN E 56 10.39 12.82 -158.38
N ARG E 57 10.72 11.84 -159.19
CA ARG E 57 12.10 11.52 -159.52
C ARG E 57 12.20 11.14 -160.99
N ARG E 58 13.36 11.41 -161.58
CA ARG E 58 13.64 11.00 -162.94
C ARG E 58 15.12 10.72 -163.06
N ASP E 59 15.45 9.74 -163.89
CA ASP E 59 16.85 9.36 -164.06
C ASP E 59 17.60 10.42 -164.84
N LEU E 60 18.85 10.62 -164.47
CA LEU E 60 19.68 11.66 -165.07
C LEU E 60 19.99 11.32 -166.52
N ARG E 61 20.10 12.37 -167.34
CA ARG E 61 20.45 12.25 -168.76
C ARG E 61 19.45 11.38 -169.53
N ASP E 62 18.19 11.44 -169.14
CA ASP E 62 17.16 10.68 -169.84
C ASP E 62 16.75 11.42 -171.12
N PRO E 63 16.64 10.73 -172.25
CA PRO E 63 16.10 11.39 -173.45
C PRO E 63 14.68 11.89 -173.27
N ASP E 64 13.89 11.24 -172.42
CA ASP E 64 12.50 11.65 -172.17
C ASP E 64 12.51 12.76 -171.12
N ARG E 65 12.84 13.97 -171.57
CA ARG E 65 12.91 15.12 -170.68
C ARG E 65 11.50 15.69 -170.52
N THR E 66 10.73 15.04 -169.65
CA THR E 66 9.36 15.44 -169.35
C THR E 66 9.16 15.49 -167.84
N VAL E 67 8.46 16.52 -167.39
CA VAL E 67 8.30 16.82 -165.97
C VAL E 67 6.85 16.60 -165.57
N ILE E 68 6.65 16.01 -164.38
CA ILE E 68 5.32 15.74 -163.85
C ILE E 68 5.05 16.72 -162.72
N ALA E 69 3.99 17.50 -162.86
CA ALA E 69 3.69 18.55 -161.90
C ALA E 69 2.93 17.99 -160.71
N SER E 70 3.29 18.46 -159.53
CA SER E 70 2.62 18.08 -158.31
C SER E 70 1.37 18.92 -158.12
N GLU E 71 0.66 18.72 -157.01
CA GLU E 71 -0.56 19.46 -156.74
C GLU E 71 -0.62 19.86 -155.27
N LEU E 72 -1.20 21.02 -155.01
CA LEU E 72 -1.37 21.54 -153.66
C LEU E 72 -2.87 21.69 -153.40
N VAL E 73 -3.44 20.76 -152.64
CA VAL E 73 -4.86 20.76 -152.32
C VAL E 73 -4.99 20.95 -150.81
N GLU E 74 -5.74 21.97 -150.41
CA GLU E 74 -5.97 22.27 -149.01
C GLU E 74 -7.31 21.69 -148.59
N HIS E 75 -7.29 20.88 -147.54
CA HIS E 75 -8.49 20.26 -147.03
C HIS E 75 -9.05 21.05 -145.86
N SER E 76 -10.29 20.75 -145.49
CA SER E 76 -10.93 21.48 -144.42
C SER E 76 -12.06 20.64 -143.86
N PHE E 77 -12.36 20.85 -142.58
CA PHE E 77 -13.55 20.26 -141.98
C PHE E 77 -14.34 21.36 -141.28
N GLY E 78 -15.36 20.98 -140.51
CA GLY E 78 -16.20 21.98 -139.91
C GLY E 78 -16.69 21.64 -138.51
N VAL E 79 -16.50 22.56 -137.57
CA VAL E 79 -16.97 22.38 -136.21
C VAL E 79 -18.31 23.05 -136.06
N THR E 80 -19.30 22.31 -135.55
CA THR E 80 -20.67 22.79 -135.48
C THR E 80 -21.17 22.78 -134.04
N LEU E 81 -21.89 23.84 -133.67
CA LEU E 81 -22.49 23.99 -132.35
C LEU E 81 -23.96 23.60 -132.48
N ASP E 82 -24.32 22.40 -132.01
CA ASP E 82 -25.64 21.91 -132.33
C ASP E 82 -26.34 21.11 -131.23
N LYS E 83 -25.93 21.22 -129.97
CA LYS E 83 -26.67 20.60 -128.89
C LYS E 83 -26.90 21.61 -127.78
N HIS E 84 -27.97 21.41 -127.02
CA HIS E 84 -28.40 22.35 -125.99
C HIS E 84 -28.64 21.55 -124.72
N VAL E 85 -27.74 21.64 -123.75
CA VAL E 85 -27.82 20.87 -122.52
C VAL E 85 -28.41 21.76 -121.45
N TYR E 86 -29.49 21.29 -120.82
CA TYR E 86 -30.20 22.09 -119.84
C TYR E 86 -30.68 21.20 -118.70
N ALA E 87 -31.17 21.87 -117.66
CA ALA E 87 -31.81 21.21 -116.51
C ALA E 87 -32.87 22.18 -115.99
N ALA E 88 -34.12 21.76 -116.01
CA ALA E 88 -35.24 22.61 -115.69
C ALA E 88 -35.98 22.10 -114.46
N LEU E 89 -36.38 23.02 -113.60
CA LEU E 89 -37.12 22.70 -112.38
C LEU E 89 -38.33 23.61 -112.25
N LYS E 90 -39.37 23.10 -111.61
CA LYS E 90 -40.54 23.90 -111.29
C LYS E 90 -40.95 23.63 -109.84
N PHE E 91 -41.30 24.70 -109.14
CA PHE E 91 -41.66 24.62 -107.73
C PHE E 91 -42.92 25.43 -107.50
N THR E 92 -43.99 24.78 -107.06
CA THR E 92 -45.17 25.52 -106.66
C THR E 92 -44.85 26.34 -105.42
N ASP E 93 -45.54 27.48 -105.26
CA ASP E 93 -45.20 28.41 -104.19
C ASP E 93 -45.32 27.76 -102.82
N GLU E 94 -46.21 26.78 -102.67
CA GLU E 94 -46.27 26.05 -101.41
C GLU E 94 -44.97 25.30 -101.16
N GLN E 95 -44.43 24.64 -102.18
CA GLN E 95 -43.18 23.92 -102.02
C GLN E 95 -42.02 24.87 -101.77
N ARG E 96 -42.01 26.02 -102.46
CA ARG E 96 -40.94 27.00 -102.25
C ARG E 96 -41.01 27.61 -100.86
N THR E 97 -42.21 27.74 -100.30
CA THR E 97 -42.33 28.34 -98.98
C THR E 97 -42.01 27.35 -97.87
N LEU E 98 -42.67 26.19 -97.89
CA LEU E 98 -42.60 25.25 -96.79
C LEU E 98 -41.56 24.16 -97.01
N ASP E 99 -41.61 23.47 -98.15
CA ASP E 99 -40.81 22.27 -98.32
C ASP E 99 -39.33 22.59 -98.53
N ILE E 100 -39.02 23.57 -99.36
CA ILE E 100 -37.63 23.91 -99.66
C ILE E 100 -37.04 24.64 -98.46
N ARG E 101 -36.10 23.99 -97.77
CA ARG E 101 -35.49 24.61 -96.60
C ARG E 101 -34.51 25.70 -97.00
N ASP E 102 -33.44 25.32 -97.70
CA ASP E 102 -32.46 26.26 -98.21
C ASP E 102 -32.33 26.07 -99.71
N TYR E 103 -32.44 27.16 -100.46
CA TYR E 103 -32.51 27.04 -101.91
C TYR E 103 -31.18 26.60 -102.51
N THR E 104 -30.06 26.95 -101.87
CA THR E 104 -28.76 26.66 -102.46
C THR E 104 -28.43 25.17 -102.37
N LYS E 105 -28.37 24.63 -101.17
CA LYS E 105 -27.90 23.27 -100.98
C LYS E 105 -28.95 22.22 -101.37
N GLN E 106 -30.18 22.63 -101.65
CA GLN E 106 -31.25 21.69 -101.92
C GLN E 106 -31.77 21.74 -103.34
N VAL E 107 -31.49 22.80 -104.10
CA VAL E 107 -31.99 22.96 -105.46
C VAL E 107 -30.85 23.24 -106.44
N LEU E 108 -30.04 24.26 -106.15
CA LEU E 108 -29.04 24.70 -107.13
C LEU E 108 -27.91 23.69 -107.28
N MET E 109 -27.38 23.18 -106.18
CA MET E 109 -26.24 22.27 -106.27
C MET E 109 -26.60 20.97 -107.01
N PRO E 110 -27.70 20.28 -106.72
CA PRO E 110 -28.05 19.13 -107.54
C PRO E 110 -28.27 19.47 -109.00
N GLN E 111 -28.81 20.65 -109.29
CA GLN E 111 -29.05 21.04 -110.67
C GLN E 111 -27.75 21.22 -111.44
N VAL E 112 -26.81 21.97 -110.88
CA VAL E 112 -25.54 22.18 -111.56
C VAL E 112 -24.75 20.88 -111.64
N SER E 113 -24.85 20.03 -110.62
CA SER E 113 -24.19 18.73 -110.70
C SER E 113 -24.78 17.88 -111.81
N ALA E 114 -26.10 17.91 -111.98
CA ALA E 114 -26.72 17.16 -113.06
C ALA E 114 -26.24 17.65 -114.42
N VAL E 115 -26.13 18.97 -114.58
CA VAL E 115 -25.63 19.50 -115.84
C VAL E 115 -24.18 19.08 -116.07
N ALA E 116 -23.36 19.10 -115.02
CA ALA E 116 -21.97 18.69 -115.16
C ALA E 116 -21.86 17.23 -115.58
N TYR E 117 -22.65 16.36 -114.95
CA TYR E 117 -22.63 14.96 -115.34
C TYR E 117 -23.14 14.77 -116.75
N GLU E 118 -24.11 15.58 -117.18
CA GLU E 118 -24.57 15.50 -118.56
C GLU E 118 -23.46 15.87 -119.53
N LEU E 119 -22.68 16.91 -119.20
CA LEU E 119 -21.56 17.28 -120.06
C LEU E 119 -20.51 16.19 -120.12
N GLU E 120 -20.22 15.56 -118.98
CA GLU E 120 -19.23 14.48 -119.00
C GLU E 120 -19.73 13.30 -119.82
N ASP E 121 -21.02 12.96 -119.70
CA ASP E 121 -21.58 11.90 -120.53
C ASP E 121 -21.53 12.28 -122.00
N TYR E 122 -21.69 13.56 -122.32
CA TYR E 122 -21.55 14.04 -123.69
C TYR E 122 -20.14 13.78 -124.21
N ILE E 123 -19.14 14.12 -123.41
CA ILE E 123 -17.75 13.89 -123.82
C ILE E 123 -17.49 12.40 -123.99
N ALA E 124 -18.00 11.59 -123.08
CA ALA E 124 -17.79 10.14 -123.17
C ALA E 124 -18.43 9.57 -124.42
N GLU E 125 -19.64 10.05 -124.76
CA GLU E 125 -20.25 9.63 -126.01
C GLU E 125 -19.41 10.04 -127.21
N LEU E 126 -18.83 11.24 -127.15
CA LEU E 126 -17.91 11.66 -128.21
C LEU E 126 -16.75 10.69 -128.36
N ILE E 127 -16.08 10.39 -127.26
CA ILE E 127 -14.86 9.59 -127.33
C ILE E 127 -15.16 8.17 -127.75
N GLU E 128 -16.18 7.56 -127.15
CA GLU E 128 -16.51 6.17 -127.46
C GLU E 128 -17.00 6.02 -128.88
N GLY E 129 -17.73 7.00 -129.39
CA GLY E 129 -18.32 6.88 -130.71
C GLY E 129 -17.41 7.20 -131.86
N ALA E 130 -16.15 7.53 -131.60
CA ALA E 130 -15.24 7.91 -132.65
C ALA E 130 -15.01 6.73 -133.61
N PRO E 131 -14.80 7.00 -134.88
CA PRO E 131 -14.67 5.90 -135.87
C PRO E 131 -13.29 5.26 -135.86
N TYR E 132 -13.01 4.52 -134.79
CA TYR E 132 -11.78 3.75 -134.74
C TYR E 132 -11.83 2.63 -135.77
N GLU E 133 -10.69 2.36 -136.39
CA GLU E 133 -10.63 1.37 -137.46
C GLU E 133 -10.28 -0.03 -136.95
N GLU E 134 -9.34 -0.13 -136.03
CA GLU E 134 -8.94 -1.42 -135.48
C GLU E 134 -8.85 -1.33 -133.97
N THR E 135 -9.38 -2.34 -133.29
CA THR E 135 -9.35 -2.41 -131.84
C THR E 135 -8.20 -3.30 -131.41
N ILE E 136 -7.28 -2.72 -130.64
CA ILE E 136 -6.12 -3.47 -130.15
C ILE E 136 -6.57 -4.27 -128.94
N LEU E 137 -6.56 -5.59 -129.06
CA LEU E 137 -7.05 -6.46 -128.00
C LEU E 137 -5.97 -6.63 -126.94
N ILE E 138 -6.29 -6.25 -125.71
CA ILE E 138 -5.38 -6.42 -124.59
C ILE E 138 -5.52 -7.84 -124.07
N ASP E 139 -4.44 -8.58 -124.07
CA ASP E 139 -4.45 -9.91 -123.48
C ASP E 139 -4.28 -9.80 -121.98
N PRO E 140 -5.23 -10.29 -121.17
CA PRO E 140 -5.12 -10.10 -119.72
C PRO E 140 -3.88 -10.72 -119.11
N ALA E 141 -3.39 -11.84 -119.65
CA ALA E 141 -2.19 -12.46 -119.10
C ALA E 141 -0.96 -11.59 -119.35
N ASP E 142 -0.88 -10.96 -120.52
CA ASP E 142 0.25 -10.11 -120.90
C ASP E 142 -0.31 -8.83 -121.50
N THR E 143 -0.45 -7.80 -120.67
CA THR E 143 -1.14 -6.59 -121.12
C THR E 143 -0.19 -5.57 -121.73
N VAL E 144 1.08 -5.59 -121.34
CA VAL E 144 2.02 -4.60 -121.86
C VAL E 144 2.18 -4.66 -123.36
N PRO E 145 2.28 -5.82 -124.01
CA PRO E 145 2.40 -5.81 -125.47
C PRO E 145 1.28 -5.08 -126.18
N ALA E 146 0.05 -5.13 -125.66
CA ALA E 146 -1.03 -4.39 -126.30
C ALA E 146 -0.79 -2.89 -126.25
N PHE E 147 -0.34 -2.38 -125.10
CA PHE E 147 -0.13 -0.94 -124.99
C PHE E 147 1.07 -0.50 -125.81
N ILE E 148 2.12 -1.31 -125.85
CA ILE E 148 3.26 -0.99 -126.71
C ILE E 148 2.84 -1.00 -128.16
N THR E 149 1.95 -1.91 -128.54
CA THR E 149 1.42 -1.93 -129.90
C THR E 149 0.61 -0.69 -130.19
N ALA E 150 -0.18 -0.22 -129.22
CA ALA E 150 -0.93 1.02 -129.43
C ALA E 150 0.02 2.20 -129.63
N ASP E 151 1.09 2.26 -128.84
CA ASP E 151 2.08 3.32 -129.02
C ASP E 151 2.74 3.22 -130.39
N GLN E 152 3.04 2.00 -130.83
CA GLN E 152 3.60 1.81 -132.16
C GLN E 152 2.64 2.27 -133.24
N ARG E 153 1.34 1.97 -133.07
CA ARG E 153 0.36 2.40 -134.06
C ARG E 153 0.27 3.91 -134.14
N MET E 154 0.32 4.58 -132.98
CA MET E 154 0.32 6.04 -132.99
C MET E 154 1.59 6.57 -133.65
N GLY E 155 2.73 5.93 -133.39
CA GLY E 155 3.98 6.39 -133.99
C GLY E 155 4.03 6.19 -135.48
N GLU E 156 3.46 5.10 -135.99
CA GLU E 156 3.48 4.83 -137.42
C GLU E 156 2.63 5.83 -138.19
N ALA E 157 1.69 6.49 -137.53
CA ALA E 157 0.92 7.55 -138.16
C ALA E 157 1.58 8.91 -138.01
N ASN E 158 2.77 8.95 -137.41
CA ASN E 158 3.55 10.17 -137.21
C ASN E 158 2.87 11.15 -136.28
N VAL E 159 1.96 10.66 -135.45
CA VAL E 159 1.31 11.51 -134.45
C VAL E 159 2.35 12.01 -133.46
N PRO E 160 2.31 13.29 -133.05
CA PRO E 160 3.31 13.77 -132.10
C PRO E 160 3.26 13.01 -130.79
N THR E 161 4.42 12.89 -130.16
CA THR E 161 4.57 12.05 -128.97
C THR E 161 4.29 12.80 -127.68
N ASP E 162 3.89 14.06 -127.73
CA ASP E 162 3.62 14.84 -126.53
C ASP E 162 2.13 15.16 -126.43
N SER E 163 1.70 15.41 -125.19
CA SER E 163 0.31 15.75 -124.88
C SER E 163 -0.65 14.65 -125.30
N ARG E 164 -0.21 13.40 -125.21
CA ARG E 164 -1.10 12.26 -125.39
C ARG E 164 -1.76 11.93 -124.06
N ARG E 165 -2.97 11.39 -124.14
CA ARG E 165 -3.73 11.02 -122.96
C ARG E 165 -4.21 9.59 -123.08
N LEU E 166 -4.08 8.84 -122.00
CA LEU E 166 -4.54 7.45 -121.95
C LEU E 166 -5.54 7.31 -120.82
N VAL E 167 -6.79 7.06 -121.17
CA VAL E 167 -7.88 6.90 -120.22
C VAL E 167 -8.35 5.46 -120.27
N VAL E 168 -8.31 4.78 -119.14
CA VAL E 168 -8.70 3.38 -119.05
C VAL E 168 -9.91 3.25 -118.16
N GLY E 169 -10.74 2.26 -118.45
CA GLY E 169 -11.88 1.96 -117.62
C GLY E 169 -11.47 1.23 -116.35
N SER E 170 -12.46 0.93 -115.53
CA SER E 170 -12.18 0.23 -114.29
C SER E 170 -11.64 -1.17 -114.55
N ALA E 171 -12.26 -1.89 -115.48
CA ALA E 171 -11.83 -3.26 -115.74
C ALA E 171 -10.43 -3.32 -116.33
N VAL E 172 -10.10 -2.38 -117.22
CA VAL E 172 -8.77 -2.38 -117.82
C VAL E 172 -7.71 -2.10 -116.77
N ALA E 173 -7.95 -1.13 -115.88
CA ALA E 173 -6.99 -0.85 -114.84
C ALA E 173 -6.85 -2.02 -113.87
N ALA E 174 -7.96 -2.69 -113.57
CA ALA E 174 -7.89 -3.88 -112.74
C ALA E 174 -7.05 -4.96 -113.42
N ALA E 175 -7.21 -5.13 -114.73
CA ALA E 175 -6.41 -6.12 -115.45
C ALA E 175 -4.94 -5.75 -115.45
N LEU E 176 -4.64 -4.45 -115.56
CA LEU E 176 -3.26 -3.99 -115.49
C LEU E 176 -2.66 -4.33 -114.13
N ALA E 177 -3.38 -4.06 -113.05
CA ALA E 177 -2.88 -4.39 -111.73
C ALA E 177 -2.71 -5.89 -111.56
N LYS E 178 -3.67 -6.67 -112.06
CA LYS E 178 -3.61 -8.13 -111.96
C LYS E 178 -2.55 -8.74 -112.86
N ASP E 179 -2.01 -7.98 -113.80
CA ASP E 179 -0.99 -8.52 -114.69
C ASP E 179 0.27 -8.86 -113.90
N LYS E 180 0.89 -10.00 -114.23
CA LYS E 180 2.09 -10.40 -113.53
C LYS E 180 3.27 -9.50 -113.83
N GLN E 181 3.23 -8.74 -114.93
CA GLN E 181 4.33 -7.87 -115.26
C GLN E 181 4.53 -6.80 -114.21
N PHE E 182 3.44 -6.20 -113.75
CA PHE E 182 3.52 -5.16 -112.71
C PHE E 182 3.42 -5.74 -111.32
N ARG E 183 2.73 -6.87 -111.15
CA ARG E 183 2.51 -7.41 -109.83
C ARG E 183 3.77 -8.02 -109.25
N HIS E 184 4.55 -8.72 -110.08
CA HIS E 184 5.79 -9.34 -109.62
C HIS E 184 6.87 -8.27 -109.54
N ALA E 185 7.30 -7.95 -108.33
CA ALA E 185 8.20 -6.84 -108.11
C ALA E 185 9.63 -7.13 -108.54
N ASP E 186 9.87 -8.21 -109.28
CA ASP E 186 11.16 -8.41 -109.93
C ASP E 186 11.11 -8.14 -111.42
N TRP E 187 9.94 -8.33 -112.03
CA TRP E 187 9.79 -8.12 -113.46
C TRP E 187 9.53 -6.67 -113.83
N SER E 188 9.38 -5.78 -112.84
CA SER E 188 9.02 -4.40 -113.16
C SER E 188 9.77 -3.40 -112.31
N GLY E 189 10.89 -3.80 -111.71
CA GLY E 189 11.49 -2.95 -110.71
C GLY E 189 10.48 -2.73 -109.61
N ASP E 190 10.31 -1.47 -109.23
CA ASP E 190 9.26 -1.07 -108.30
C ASP E 190 9.27 -1.94 -107.04
N GLN E 191 10.38 -1.88 -106.32
CA GLN E 191 10.51 -2.72 -105.13
C GLN E 191 9.52 -2.35 -104.05
N ALA E 192 8.95 -1.15 -104.08
CA ALA E 192 7.83 -0.85 -103.22
C ALA E 192 6.59 -1.63 -103.63
N ASN E 193 6.53 -2.06 -104.89
CA ASN E 193 5.45 -2.89 -105.41
C ASN E 193 4.09 -2.22 -105.22
N ALA E 194 3.92 -1.08 -105.89
CA ALA E 194 2.64 -0.40 -105.84
C ALA E 194 1.54 -1.23 -106.48
N ALA E 195 1.87 -2.02 -107.51
CA ALA E 195 0.84 -2.80 -108.18
C ALA E 195 0.29 -3.92 -107.32
N LEU E 196 0.96 -4.27 -106.22
CA LEU E 196 0.50 -5.30 -105.30
C LEU E 196 -0.05 -4.71 -104.02
N ARG E 197 0.66 -3.78 -103.40
CA ARG E 197 0.25 -3.22 -102.12
C ARG E 197 -0.58 -1.95 -102.27
N GLU E 198 -0.83 -1.50 -103.49
CA GLU E 198 -1.68 -0.35 -103.71
C GLU E 198 -2.65 -0.51 -104.87
N ALA E 199 -2.52 -1.56 -105.68
CA ALA E 199 -3.38 -1.84 -106.82
C ALA E 199 -3.36 -0.72 -107.84
N HIS E 200 -2.31 0.09 -107.85
CA HIS E 200 -2.19 1.23 -108.75
C HIS E 200 -1.06 0.99 -109.72
N VAL E 201 -1.29 1.31 -110.99
CA VAL E 201 -0.31 1.08 -112.04
C VAL E 201 0.47 2.34 -112.37
N GLY E 202 -0.21 3.46 -112.55
CA GLY E 202 0.51 4.69 -112.84
C GLY E 202 1.09 4.66 -114.23
N ARG E 203 2.36 5.02 -114.34
CA ARG E 203 2.99 5.12 -115.65
C ARG E 203 3.06 3.77 -116.33
N LEU E 204 2.96 3.78 -117.66
CA LEU E 204 2.95 2.55 -118.44
C LEU E 204 3.21 2.90 -119.90
N ALA E 205 4.23 2.29 -120.48
CA ALA E 205 4.52 2.40 -121.92
C ALA E 205 4.67 3.85 -122.36
N GLY E 206 5.12 4.73 -121.46
CA GLY E 206 5.33 6.13 -121.78
C GLY E 206 4.15 7.04 -121.52
N MET E 207 2.99 6.50 -121.19
CA MET E 207 1.77 7.28 -121.05
C MET E 207 1.21 7.08 -119.64
N ASN E 208 0.88 8.19 -118.98
CA ASN E 208 0.28 8.11 -117.67
C ASN E 208 -1.15 7.60 -117.77
N VAL E 209 -1.53 6.72 -116.85
CA VAL E 209 -2.84 6.10 -116.86
C VAL E 209 -3.81 6.97 -116.08
N ILE E 210 -4.94 7.31 -116.70
CA ILE E 210 -6.01 8.05 -116.04
C ILE E 210 -7.25 7.16 -115.99
N ARG E 211 -7.78 6.96 -114.80
CA ARG E 211 -8.89 6.02 -114.59
C ARG E 211 -10.20 6.80 -114.56
N SER E 212 -11.14 6.39 -115.42
CA SER E 212 -12.44 7.04 -115.48
C SER E 212 -13.53 5.99 -115.58
N ASN E 213 -14.66 6.26 -114.93
CA ASN E 213 -15.81 5.37 -114.99
C ASN E 213 -16.81 5.77 -116.07
N ALA E 214 -16.58 6.88 -116.78
CA ALA E 214 -17.49 7.29 -117.83
C ALA E 214 -17.46 6.31 -119.00
N ILE E 215 -16.28 5.82 -119.35
CA ILE E 215 -16.11 4.92 -120.48
C ILE E 215 -16.48 3.51 -120.07
N ALA E 216 -16.66 2.62 -121.04
CA ALA E 216 -16.99 1.23 -120.75
C ALA E 216 -15.85 0.59 -119.96
N PRO E 217 -16.18 -0.32 -119.04
CA PRO E 217 -15.12 -0.86 -118.16
C PRO E 217 -13.98 -1.52 -118.89
N ASP E 218 -14.26 -2.27 -119.97
CA ASP E 218 -13.24 -3.03 -120.67
C ASP E 218 -12.68 -2.28 -121.87
N LYS E 219 -12.65 -0.95 -121.81
CA LYS E 219 -12.16 -0.14 -122.91
C LYS E 219 -11.13 0.85 -122.40
N ALA E 220 -10.11 1.10 -123.21
CA ALA E 220 -9.13 2.14 -122.97
C ALA E 220 -8.96 2.94 -124.25
N TYR E 221 -8.72 4.23 -124.11
CA TYR E 221 -8.58 5.12 -125.25
C TYR E 221 -7.31 5.92 -125.09
N LEU E 222 -6.48 5.93 -126.13
CA LEU E 222 -5.27 6.74 -126.14
C LEU E 222 -5.40 7.73 -127.28
N TRP E 223 -5.38 9.02 -126.97
CA TRP E 223 -5.61 10.03 -127.99
C TRP E 223 -4.65 11.18 -127.83
N HIS E 224 -4.23 11.72 -128.97
CA HIS E 224 -3.51 12.99 -129.01
C HIS E 224 -4.49 14.12 -128.75
N ARG E 225 -3.95 15.25 -128.27
CA ARG E 225 -4.83 16.37 -127.91
C ARG E 225 -5.66 16.82 -129.09
N THR E 226 -5.03 16.99 -130.25
CA THR E 226 -5.73 17.52 -131.41
C THR E 226 -6.53 16.45 -132.11
N ALA E 227 -7.35 15.73 -131.38
CA ALA E 227 -8.18 14.70 -131.98
C ALA E 227 -9.65 14.90 -131.71
N PHE E 228 -10.02 15.37 -130.52
CA PHE E 228 -11.41 15.63 -130.17
C PHE E 228 -11.54 17.11 -129.87
N ILE E 229 -12.41 17.79 -130.62
CA ILE E 229 -12.67 19.21 -130.40
C ILE E 229 -13.99 19.34 -129.67
N LEU E 230 -13.99 20.12 -128.59
CA LEU E 230 -15.17 20.32 -127.76
C LEU E 230 -15.39 21.81 -127.62
N ALA E 231 -16.59 22.27 -127.96
CA ALA E 231 -16.90 23.70 -128.00
C ALA E 231 -18.12 24.00 -127.14
N TYR E 232 -18.06 25.10 -126.38
CA TYR E 232 -19.13 25.49 -125.48
C TYR E 232 -19.49 26.95 -125.72
N ARG E 233 -20.74 27.29 -125.39
CA ARG E 233 -21.21 28.65 -125.45
C ARG E 233 -22.23 28.86 -124.34
N THR E 234 -22.14 30.01 -123.68
CA THR E 234 -23.07 30.34 -122.62
C THR E 234 -24.18 31.22 -123.17
N PRO E 235 -25.43 30.80 -123.13
CA PRO E 235 -26.50 31.65 -123.64
C PRO E 235 -26.58 32.95 -122.86
N VAL E 236 -26.93 34.02 -123.56
CA VAL E 236 -27.05 35.33 -122.94
C VAL E 236 -28.41 35.44 -122.29
N VAL E 237 -28.47 36.11 -121.15
CA VAL E 237 -29.73 36.35 -120.47
C VAL E 237 -30.51 37.37 -121.30
N PRO E 238 -31.70 37.04 -121.79
CA PRO E 238 -32.43 37.98 -122.63
C PRO E 238 -32.87 39.20 -121.85
N GLU E 239 -33.15 40.27 -122.58
CA GLU E 239 -33.48 41.55 -121.96
C GLU E 239 -34.75 41.46 -121.13
N GLY E 240 -35.75 40.74 -121.62
CA GLY E 240 -37.00 40.60 -120.89
C GLY E 240 -37.01 39.41 -119.96
N ALA E 241 -36.04 39.33 -119.05
CA ALA E 241 -35.97 38.22 -118.11
C ALA E 241 -35.38 38.71 -116.81
N LYS E 242 -35.77 38.04 -115.72
CA LYS E 242 -35.23 38.37 -114.41
C LYS E 242 -33.75 38.06 -114.36
N ALA E 243 -32.96 39.01 -113.85
CA ALA E 243 -31.51 38.86 -113.86
C ALA E 243 -31.07 37.65 -113.06
N GLY E 244 -30.60 36.61 -113.75
CA GLY E 244 -30.12 35.41 -113.11
C GLY E 244 -28.60 35.41 -112.92
N ALA E 245 -28.13 34.41 -112.21
CA ALA E 245 -26.72 34.25 -111.93
C ALA E 245 -26.07 33.34 -112.97
N SER E 246 -24.76 33.18 -112.85
CA SER E 246 -24.01 32.28 -113.70
C SER E 246 -23.23 31.31 -112.82
N PHE E 247 -23.22 30.05 -113.22
CA PHE E 247 -22.58 28.99 -112.46
C PHE E 247 -21.50 28.32 -113.30
N SER E 248 -20.60 27.63 -112.61
CA SER E 248 -19.47 26.95 -113.25
C SER E 248 -19.64 25.44 -113.08
N ALA E 249 -19.58 24.73 -114.20
CA ALA E 249 -19.64 23.27 -114.23
C ALA E 249 -18.34 22.78 -114.85
N ASN E 250 -17.36 22.46 -114.01
CA ASN E 250 -16.10 21.87 -114.44
C ASN E 250 -15.41 22.71 -115.51
N GLY E 251 -15.45 24.03 -115.34
CA GLY E 251 -14.84 24.95 -116.26
C GLY E 251 -15.79 25.56 -117.27
N VAL E 252 -16.96 24.97 -117.47
CA VAL E 252 -17.94 25.52 -118.39
C VAL E 252 -18.79 26.54 -117.65
N ALA E 253 -19.26 27.56 -118.37
CA ALA E 253 -20.12 28.58 -117.79
C ALA E 253 -21.56 28.35 -118.22
N LEU E 254 -22.46 28.24 -117.26
CA LEU E 254 -23.86 27.97 -117.52
C LEU E 254 -24.69 29.24 -117.33
N ARG E 255 -25.89 29.21 -117.90
CA ARG E 255 -26.84 30.31 -117.78
C ARG E 255 -27.98 29.86 -116.87
N TRP E 256 -28.25 30.62 -115.83
CA TRP E 256 -29.34 30.35 -114.90
C TRP E 256 -30.44 31.38 -115.10
N LEU E 257 -31.65 30.90 -115.35
CA LEU E 257 -32.78 31.77 -115.66
C LEU E 257 -33.96 31.36 -114.81
N ALA E 258 -34.53 32.30 -114.08
CA ALA E 258 -35.70 32.05 -113.25
C ALA E 258 -36.85 32.90 -113.76
N ASP E 259 -38.06 32.36 -113.69
CA ASP E 259 -39.23 33.09 -114.16
C ASP E 259 -40.46 32.60 -113.40
N TYR E 260 -41.30 33.53 -112.98
CA TYR E 260 -42.53 33.17 -112.30
C TYR E 260 -43.52 32.55 -113.28
N ASP E 261 -44.51 31.86 -112.73
CA ASP E 261 -45.54 31.18 -113.51
C ASP E 261 -46.91 31.47 -112.94
N TYR E 262 -47.21 32.77 -112.79
CA TYR E 262 -48.44 33.24 -112.15
C TYR E 262 -49.68 32.44 -112.56
N SER E 263 -49.73 31.98 -113.81
CA SER E 263 -50.86 31.17 -114.24
C SER E 263 -50.94 29.88 -113.43
N GLN E 264 -49.81 29.27 -113.14
CA GLN E 264 -49.74 28.06 -112.33
C GLN E 264 -49.26 28.31 -110.92
N LEU E 265 -49.06 29.57 -110.53
CA LEU E 265 -48.65 29.95 -109.19
C LEU E 265 -47.41 29.18 -108.74
N GLY E 266 -46.37 29.28 -109.55
CA GLY E 266 -45.13 28.60 -109.24
C GLY E 266 -43.96 29.30 -109.91
N ASP E 267 -42.77 28.79 -109.60
CA ASP E 267 -41.53 29.32 -110.13
C ASP E 267 -40.90 28.27 -111.04
N ARG E 268 -40.25 28.73 -112.11
CA ARG E 268 -39.59 27.85 -113.04
C ARG E 268 -38.15 28.30 -113.21
N THR E 269 -37.23 27.35 -113.21
CA THR E 269 -35.81 27.63 -113.27
C THR E 269 -35.17 26.77 -114.35
N LEU E 270 -34.13 27.32 -114.98
CA LEU E 270 -33.50 26.68 -116.13
C LEU E 270 -32.00 26.95 -116.11
N LEU E 271 -31.21 25.88 -116.16
CA LEU E 271 -29.76 25.98 -116.24
C LEU E 271 -29.32 25.37 -117.56
N ASP E 272 -28.69 26.18 -118.43
CA ASP E 272 -28.46 25.70 -119.79
C ASP E 272 -27.11 26.15 -120.32
N VAL E 273 -26.70 25.49 -121.40
CA VAL E 273 -25.44 25.76 -122.09
C VAL E 273 -25.50 25.11 -123.47
N PHE E 274 -24.92 25.77 -124.46
CA PHE E 274 -24.85 25.21 -125.80
C PHE E 274 -23.53 24.49 -125.98
N THR E 275 -23.59 23.27 -126.51
CA THR E 275 -22.43 22.41 -126.63
C THR E 275 -22.32 21.89 -128.05
N GLY E 276 -21.08 21.59 -128.45
CA GLY E 276 -20.84 20.99 -129.75
C GLY E 276 -19.55 20.20 -129.71
N ARG E 277 -19.47 19.18 -130.56
CA ARG E 277 -18.31 18.29 -130.55
C ARG E 277 -17.90 17.98 -131.98
N LYS E 278 -16.65 17.56 -132.13
CA LYS E 278 -16.12 17.20 -133.43
C LYS E 278 -14.98 16.19 -133.26
N VAL E 279 -14.88 15.28 -134.22
CA VAL E 279 -13.81 14.30 -134.30
C VAL E 279 -12.91 14.68 -135.46
N VAL E 280 -11.63 14.84 -135.19
CA VAL E 280 -10.70 15.34 -136.20
C VAL E 280 -10.25 14.20 -137.09
N THR E 281 -10.99 13.96 -138.17
CA THR E 281 -10.57 12.93 -139.11
C THR E 281 -9.45 13.45 -139.99
N GLU E 282 -8.65 12.52 -140.50
CA GLU E 282 -7.59 12.89 -141.42
C GLU E 282 -8.18 13.27 -142.77
N VAL E 283 -7.34 13.88 -143.62
CA VAL E 283 -7.81 14.40 -144.91
C VAL E 283 -8.35 13.28 -145.79
N ASP E 284 -7.86 12.06 -145.62
CA ASP E 284 -8.34 10.92 -146.39
C ASP E 284 -9.50 10.22 -145.72
N GLY E 285 -10.03 10.77 -144.63
CA GLY E 285 -11.19 10.22 -143.97
C GLY E 285 -10.91 9.15 -142.93
N SER E 286 -9.65 8.81 -142.70
CA SER E 286 -9.28 7.78 -141.74
C SER E 286 -8.93 8.43 -140.41
N PHE E 287 -9.46 7.87 -139.33
CA PHE E 287 -9.18 8.37 -137.99
C PHE E 287 -7.92 7.70 -137.47
N VAL E 288 -6.89 8.50 -137.20
CA VAL E 288 -5.58 7.93 -136.86
C VAL E 288 -5.05 8.57 -135.59
N ARG E 289 -5.68 9.64 -135.12
CA ARG E 289 -5.19 10.37 -133.97
C ARG E 289 -5.67 9.80 -132.65
N ALA E 290 -6.15 8.57 -132.63
CA ALA E 290 -6.57 7.91 -131.40
C ALA E 290 -6.68 6.42 -131.64
N VAL E 291 -6.46 5.65 -130.59
CA VAL E 291 -6.50 4.20 -130.65
C VAL E 291 -7.35 3.67 -129.51
N GLU E 292 -8.12 2.62 -129.81
CA GLU E 292 -9.06 2.01 -128.89
C GLU E 292 -8.58 0.62 -128.54
N LEU E 293 -8.47 0.34 -127.24
CA LEU E 293 -8.02 -0.95 -126.74
C LEU E 293 -9.16 -1.61 -125.98
N GLN E 294 -9.29 -2.92 -126.13
CA GLN E 294 -10.35 -3.65 -125.46
C GLN E 294 -9.78 -4.94 -124.88
N LEU E 295 -10.22 -5.28 -123.68
CA LEU E 295 -9.75 -6.51 -123.04
C LEU E 295 -10.28 -7.73 -123.78
N GLN E 296 -9.46 -8.77 -123.81
CA GLN E 296 -9.88 -10.04 -124.39
C GLN E 296 -10.68 -10.84 -123.37
N ALA E 297 -11.73 -11.51 -123.84
CA ALA E 297 -12.58 -12.33 -123.00
C ALA E 297 -12.45 -13.78 -123.45
N SER E 298 -12.24 -14.69 -122.49
CA SER E 298 -12.08 -16.09 -122.78
C SER E 298 -13.24 -16.96 -122.31
N SER E 299 -14.05 -16.47 -121.38
CA SER E 299 -15.21 -17.23 -120.92
C SER E 299 -16.17 -16.27 -120.24
N ILE E 300 -17.42 -16.72 -120.09
CA ILE E 300 -18.44 -15.96 -119.37
C ILE E 300 -19.15 -16.89 -118.41
N THR E 301 -19.64 -16.33 -117.32
CA THR E 301 -20.39 -17.07 -116.32
C THR E 301 -21.59 -16.24 -115.88
N ILE E 302 -22.72 -16.90 -115.70
CA ILE E 302 -23.92 -16.22 -115.24
C ILE E 302 -23.88 -16.14 -113.71
N VAL E 303 -24.00 -14.93 -113.19
CA VAL E 303 -23.85 -14.72 -111.75
C VAL E 303 -24.96 -15.45 -111.01
N GLY E 304 -24.57 -16.26 -110.02
CA GLY E 304 -25.49 -17.04 -109.23
C GLY E 304 -25.63 -18.48 -109.66
N GLY E 305 -25.24 -18.82 -110.88
CA GLY E 305 -25.34 -20.18 -111.35
C GLY E 305 -26.78 -20.66 -111.41
N ALA E 306 -26.96 -21.95 -111.16
CA ALA E 306 -28.29 -22.53 -111.15
C ALA E 306 -29.11 -21.97 -110.00
N PHE E 307 -30.38 -21.66 -110.27
CA PHE E 307 -31.27 -21.14 -109.25
C PHE E 307 -32.71 -21.35 -109.70
N ALA E 308 -33.64 -21.14 -108.77
CA ALA E 308 -35.06 -21.32 -109.03
C ALA E 308 -35.83 -20.12 -108.53
N LEU E 309 -36.90 -19.76 -109.25
CA LEU E 309 -37.74 -18.64 -108.85
C LEU E 309 -38.66 -19.04 -107.71
N ALA E 310 -39.16 -18.03 -107.00
CA ALA E 310 -40.11 -18.28 -105.91
C ALA E 310 -41.43 -18.82 -106.45
N THR E 311 -41.92 -18.27 -107.56
CA THR E 311 -43.20 -18.68 -108.11
C THR E 311 -43.12 -18.56 -109.63
N THR E 312 -44.21 -18.95 -110.30
CA THR E 312 -44.26 -18.84 -111.75
C THR E 312 -44.20 -17.39 -112.19
N THR E 313 -44.94 -16.50 -111.50
CA THR E 313 -44.99 -15.09 -111.88
C THR E 313 -43.77 -14.31 -111.43
N GLY E 314 -42.90 -14.89 -110.62
CA GLY E 314 -41.70 -14.19 -110.20
C GLY E 314 -40.77 -13.91 -111.36
N THR E 315 -40.11 -12.75 -111.29
CA THR E 315 -39.20 -12.31 -112.33
C THR E 315 -37.81 -12.09 -111.73
N LYS E 316 -36.79 -12.55 -112.44
CA LYS E 316 -35.41 -12.39 -111.98
C LYS E 316 -34.58 -11.73 -113.06
N GLN E 317 -33.72 -10.80 -112.66
CA GLN E 317 -32.82 -10.13 -113.58
C GLN E 317 -31.49 -10.88 -113.62
N LEU E 318 -31.09 -11.34 -114.79
CA LEU E 318 -29.86 -12.10 -114.92
C LEU E 318 -28.66 -11.17 -114.85
N LYS E 319 -27.48 -11.79 -114.75
CA LYS E 319 -26.22 -11.07 -114.69
C LYS E 319 -25.14 -11.97 -115.25
N VAL E 320 -24.47 -11.54 -116.32
CA VAL E 320 -23.42 -12.30 -116.97
C VAL E 320 -22.11 -11.53 -116.83
N ARG E 321 -21.06 -12.23 -116.42
CA ARG E 321 -19.75 -11.62 -116.24
C ARG E 321 -18.72 -12.44 -116.99
N ASP E 322 -17.88 -11.77 -117.79
CA ASP E 322 -16.82 -12.46 -118.49
C ASP E 322 -15.67 -12.75 -117.52
N ASP E 323 -14.66 -13.47 -118.01
CA ASP E 323 -13.58 -13.91 -117.14
C ASP E 323 -12.79 -12.73 -116.59
N ASN E 324 -12.70 -11.63 -117.34
CA ASN E 324 -12.02 -10.44 -116.83
C ASN E 324 -12.80 -9.75 -115.73
N GLY E 325 -14.05 -10.13 -115.50
CA GLY E 325 -14.87 -9.48 -114.50
C GLY E 325 -15.48 -8.20 -115.00
N THR E 326 -16.25 -8.27 -116.07
CA THR E 326 -16.90 -7.10 -116.66
C THR E 326 -18.38 -7.38 -116.81
N ASP E 327 -19.21 -6.40 -116.44
CA ASP E 327 -20.65 -6.52 -116.59
C ASP E 327 -21.01 -6.55 -118.06
N VAL E 328 -21.35 -7.73 -118.58
CA VAL E 328 -21.53 -7.94 -120.00
C VAL E 328 -22.96 -8.38 -120.31
N THR E 329 -23.89 -8.14 -119.39
CA THR E 329 -25.27 -8.58 -119.59
C THR E 329 -25.88 -7.89 -120.80
N ALA E 330 -25.65 -6.59 -120.95
CA ALA E 330 -26.25 -5.83 -122.04
C ALA E 330 -25.73 -6.25 -123.41
N ARG E 331 -24.64 -7.01 -123.48
CA ARG E 331 -24.05 -7.40 -124.75
C ARG E 331 -24.26 -8.87 -125.10
N CYS E 332 -24.94 -9.63 -124.23
CA CYS E 332 -25.16 -11.05 -124.46
C CYS E 332 -26.55 -11.29 -125.05
N THR E 333 -26.71 -12.44 -125.68
CA THR E 333 -27.99 -12.89 -126.20
C THR E 333 -28.45 -14.10 -125.41
N PHE E 334 -29.66 -14.02 -124.87
CA PHE E 334 -30.19 -15.08 -124.02
C PHE E 334 -31.16 -15.93 -124.82
N ALA E 335 -31.12 -17.24 -124.57
CA ALA E 335 -32.06 -18.17 -125.16
C ALA E 335 -32.54 -19.15 -124.10
N SER E 336 -33.74 -19.67 -124.28
CA SER E 336 -34.33 -20.63 -123.35
C SER E 336 -34.50 -21.96 -124.07
N SER E 337 -33.91 -23.01 -123.50
CA SER E 337 -34.03 -24.34 -124.11
C SER E 337 -35.47 -24.82 -124.08
N ALA E 338 -36.16 -24.63 -122.95
CA ALA E 338 -37.55 -25.01 -122.80
C ALA E 338 -38.36 -23.74 -122.57
N GLY E 339 -38.76 -23.08 -123.66
CA GLY E 339 -39.55 -21.87 -123.55
C GLY E 339 -40.96 -22.11 -123.07
N THR E 340 -41.45 -23.34 -123.18
CA THR E 340 -42.79 -23.67 -122.68
C THR E 340 -42.87 -23.56 -121.16
N LYS E 341 -41.74 -23.70 -120.45
CA LYS E 341 -41.72 -23.66 -119.00
C LYS E 341 -41.17 -22.37 -118.45
N ALA E 342 -39.98 -21.95 -118.88
CA ALA E 342 -39.36 -20.72 -118.42
C ALA E 342 -38.93 -19.90 -119.63
N THR E 343 -39.28 -18.62 -119.64
CA THR E 343 -38.91 -17.71 -120.71
C THR E 343 -38.04 -16.59 -120.16
N VAL E 344 -37.04 -16.21 -120.93
CA VAL E 344 -36.11 -15.14 -120.56
C VAL E 344 -36.05 -14.13 -121.69
N SER E 345 -36.16 -12.85 -121.34
CA SER E 345 -36.10 -11.81 -122.35
C SER E 345 -34.67 -11.63 -122.83
N ALA E 346 -34.53 -10.88 -123.93
CA ALA E 346 -33.19 -10.60 -124.45
C ALA E 346 -32.39 -9.70 -123.53
N ALA E 347 -33.03 -9.01 -122.60
CA ALA E 347 -32.35 -8.10 -121.69
C ALA E 347 -31.96 -8.75 -120.38
N GLY E 348 -32.27 -10.03 -120.17
CA GLY E 348 -31.91 -10.72 -118.95
C GLY E 348 -33.00 -10.90 -117.94
N LEU E 349 -34.25 -10.58 -118.28
CA LEU E 349 -35.38 -10.83 -117.40
C LEU E 349 -35.92 -12.22 -117.66
N VAL E 350 -35.94 -13.06 -116.62
CA VAL E 350 -36.37 -14.45 -116.73
C VAL E 350 -37.61 -14.64 -115.88
N THR E 351 -38.59 -15.35 -116.44
CA THR E 351 -39.82 -15.69 -115.77
C THR E 351 -40.27 -17.05 -116.24
N GLY E 352 -40.72 -17.89 -115.30
CA GLY E 352 -41.14 -19.23 -115.65
C GLY E 352 -42.64 -19.39 -115.74
N VAL E 353 -43.16 -19.49 -116.96
CA VAL E 353 -44.61 -19.58 -117.13
C VAL E 353 -45.14 -20.90 -116.62
N ALA E 354 -44.40 -22.00 -116.83
CA ALA E 354 -44.85 -23.32 -116.45
C ALA E 354 -43.80 -23.99 -115.58
N ALA E 355 -44.26 -24.75 -114.59
CA ALA E 355 -43.35 -25.43 -113.68
C ALA E 355 -42.55 -26.49 -114.41
N GLY E 356 -41.30 -26.66 -113.99
CA GLY E 356 -40.42 -27.64 -114.62
C GLY E 356 -39.02 -27.10 -114.87
N THR E 357 -38.13 -27.95 -115.37
CA THR E 357 -36.74 -27.56 -115.57
C THR E 357 -36.53 -27.02 -116.99
N ALA E 358 -35.86 -25.88 -117.09
CA ALA E 358 -35.54 -25.28 -118.37
C ALA E 358 -34.14 -24.67 -118.32
N ASP E 359 -33.45 -24.71 -119.44
CA ASP E 359 -32.09 -24.19 -119.53
C ASP E 359 -32.12 -22.80 -120.16
N ILE E 360 -31.42 -21.86 -119.52
CA ILE E 360 -31.16 -20.54 -120.07
C ILE E 360 -29.68 -20.47 -120.45
N THR E 361 -29.42 -20.14 -121.71
CA THR E 361 -28.06 -20.06 -122.22
C THR E 361 -27.79 -18.64 -122.67
N ALA E 362 -26.69 -18.07 -122.18
CA ALA E 362 -26.24 -16.74 -122.56
C ALA E 362 -25.06 -16.90 -123.50
N SER E 363 -25.17 -16.28 -124.67
CA SER E 363 -24.13 -16.32 -125.69
C SER E 363 -23.52 -14.94 -125.82
N TYR E 364 -22.19 -14.88 -125.76
CA TYR E 364 -21.45 -13.64 -125.86
C TYR E 364 -20.41 -13.76 -126.97
N VAL E 365 -20.47 -12.84 -127.93
CA VAL E 365 -19.45 -12.79 -128.97
C VAL E 365 -18.27 -12.00 -128.43
N PRO E 366 -17.10 -12.61 -128.28
CA PRO E 366 -15.97 -11.92 -127.66
C PRO E 366 -15.45 -10.82 -128.57
N PRO E 367 -14.72 -9.86 -128.00
CA PRO E 367 -14.17 -8.77 -128.85
C PRO E 367 -13.27 -9.27 -129.96
N GLN E 368 -12.54 -10.37 -129.74
CA GLN E 368 -11.76 -10.94 -130.83
C GLN E 368 -12.65 -11.47 -131.93
N GLY E 369 -13.85 -11.95 -131.57
CA GLY E 369 -14.77 -12.49 -132.55
C GLY E 369 -14.83 -14.00 -132.50
N GLY E 370 -15.05 -14.62 -133.66
CA GLY E 370 -15.05 -16.08 -133.71
C GLY E 370 -16.22 -16.69 -132.96
N THR E 371 -15.95 -17.86 -132.37
CA THR E 371 -16.99 -18.58 -131.66
C THR E 371 -17.47 -17.79 -130.45
N ALA E 372 -18.76 -17.93 -130.15
CA ALA E 372 -19.38 -17.21 -129.05
C ALA E 372 -19.33 -18.04 -127.79
N LYS E 373 -18.83 -17.45 -126.71
CA LYS E 373 -18.80 -18.14 -125.43
C LYS E 373 -20.22 -18.32 -124.91
N THR E 374 -20.48 -19.48 -124.30
CA THR E 374 -21.82 -19.81 -123.84
C THR E 374 -21.78 -20.19 -122.37
N ALA E 375 -22.68 -19.59 -121.60
CA ALA E 375 -22.87 -19.93 -120.19
C ALA E 375 -24.28 -20.45 -119.99
N THR E 376 -24.39 -21.64 -119.39
CA THR E 376 -25.66 -22.33 -119.26
C THR E 376 -26.07 -22.40 -117.79
N VAL E 377 -27.36 -22.20 -117.54
CA VAL E 377 -27.92 -22.31 -116.20
C VAL E 377 -29.24 -23.07 -116.29
N THR E 378 -29.42 -24.04 -115.41
CA THR E 378 -30.67 -24.80 -115.31
C THR E 378 -31.53 -24.18 -114.22
N VAL E 379 -32.75 -23.76 -114.58
CA VAL E 379 -33.68 -23.15 -113.66
C VAL E 379 -34.95 -23.98 -113.64
N THR E 380 -35.38 -24.35 -112.44
CA THR E 380 -36.61 -25.11 -112.25
C THR E 380 -37.70 -24.19 -111.72
N VAL E 381 -38.81 -24.10 -112.45
CA VAL E 381 -39.94 -23.26 -112.08
C VAL E 381 -40.85 -24.05 -111.14
N PRO E 382 -41.17 -23.52 -109.96
CA PRO E 382 -42.12 -24.15 -109.03
C PRO E 382 -43.56 -24.00 -109.50
N ILE F 14 0.02 -23.16 -62.21
CA ILE F 14 -1.33 -22.66 -61.97
C ILE F 14 -1.61 -21.45 -62.84
N GLY F 15 -2.77 -21.42 -63.48
CA GLY F 15 -3.17 -20.26 -64.24
C GLY F 15 -3.33 -20.46 -65.73
N VAL F 16 -3.75 -21.66 -66.14
CA VAL F 16 -4.07 -21.88 -67.55
C VAL F 16 -5.51 -21.46 -67.79
N LYS F 17 -5.71 -20.63 -68.80
CA LYS F 17 -7.03 -20.11 -69.14
C LYS F 17 -7.61 -20.86 -70.32
N GLN F 18 -8.93 -20.93 -70.36
CA GLN F 18 -9.60 -21.50 -71.52
C GLN F 18 -9.35 -20.65 -72.74
N LEU F 19 -9.16 -21.29 -73.88
CA LEU F 19 -8.81 -20.57 -75.10
C LEU F 19 -10.06 -19.90 -75.67
N GLN F 20 -9.98 -18.59 -75.86
CA GLN F 20 -11.11 -17.81 -76.32
C GLN F 20 -10.69 -16.85 -77.42
N ARG F 21 -11.63 -16.54 -78.30
CA ARG F 21 -11.38 -15.68 -79.45
C ARG F 21 -11.06 -14.26 -79.01
N GLU F 22 -10.28 -13.57 -79.83
CA GLU F 22 -10.04 -12.14 -79.63
C GLU F 22 -11.11 -11.32 -80.33
N ILE F 23 -11.28 -10.09 -79.86
CA ILE F 23 -12.39 -9.24 -80.29
C ILE F 23 -11.81 -8.13 -81.17
N VAL F 24 -12.17 -8.13 -82.45
CA VAL F 24 -11.77 -7.08 -83.38
C VAL F 24 -12.98 -6.37 -83.97
N LEU F 25 -14.05 -7.11 -84.26
CA LEU F 25 -15.16 -6.56 -85.05
C LEU F 25 -15.78 -5.28 -84.50
N PRO F 26 -16.05 -5.14 -83.20
CA PRO F 26 -16.75 -3.92 -82.74
C PRO F 26 -16.07 -2.63 -83.10
N GLY F 27 -14.75 -2.62 -83.23
CA GLY F 27 -14.07 -1.39 -83.61
C GLY F 27 -14.05 -1.08 -85.08
N LEU F 28 -14.56 -1.98 -85.93
CA LEU F 28 -14.47 -1.81 -87.37
C LEU F 28 -15.81 -1.51 -88.03
N VAL F 29 -16.84 -1.19 -87.25
CA VAL F 29 -18.15 -0.90 -87.80
C VAL F 29 -18.60 0.48 -87.35
N TRP F 30 -19.56 1.03 -88.08
CA TRP F 30 -20.10 2.36 -87.83
C TRP F 30 -21.02 2.26 -86.62
N THR F 31 -20.44 2.39 -85.43
CA THR F 31 -21.20 2.24 -84.20
C THR F 31 -21.79 3.58 -83.77
N ASN F 32 -23.08 3.57 -83.45
CA ASN F 32 -23.80 4.73 -82.96
C ASN F 32 -23.60 5.98 -83.82
N PRO F 33 -24.00 5.95 -85.09
CA PRO F 33 -23.93 7.17 -85.89
C PRO F 33 -25.04 8.14 -85.53
N LEU F 34 -26.21 7.60 -85.23
CA LEU F 34 -27.40 8.38 -84.89
C LEU F 34 -28.02 7.77 -83.65
N THR F 35 -28.32 8.61 -82.67
CA THR F 35 -28.78 8.15 -81.37
C THR F 35 -30.20 8.68 -81.16
N ASP F 36 -30.70 8.58 -79.92
CA ASP F 36 -32.04 9.04 -79.56
C ASP F 36 -33.11 8.25 -80.31
N PHE F 37 -33.03 6.93 -80.21
CA PHE F 37 -34.10 6.09 -80.72
C PHE F 37 -35.33 6.16 -79.83
N GLY F 38 -35.18 6.65 -78.61
CA GLY F 38 -36.33 6.75 -77.72
C GLY F 38 -37.35 7.74 -78.20
N GLY F 39 -36.89 8.88 -78.73
CA GLY F 39 -37.81 9.89 -79.22
C GLY F 39 -38.23 9.68 -80.65
N SER F 40 -38.75 8.49 -80.97
CA SER F 40 -39.22 8.21 -82.32
C SER F 40 -40.22 7.07 -82.26
N LYS F 41 -41.21 7.14 -83.14
CA LYS F 41 -42.23 6.09 -83.18
C LYS F 41 -41.62 4.78 -83.64
N ASN F 42 -42.03 3.69 -82.99
CA ASN F 42 -41.58 2.34 -83.28
C ASN F 42 -40.08 2.16 -83.08
N ASP F 43 -39.45 3.11 -82.38
CA ASP F 43 -38.01 3.07 -82.12
C ASP F 43 -37.20 3.07 -83.41
N THR F 44 -37.73 3.73 -84.45
CA THR F 44 -37.06 3.81 -85.74
C THR F 44 -36.75 5.26 -86.05
N ILE F 45 -35.55 5.51 -86.56
CA ILE F 45 -35.16 6.82 -87.06
C ILE F 45 -35.00 6.72 -88.57
N THR F 46 -35.58 7.68 -89.28
CA THR F 46 -35.64 7.65 -90.74
C THR F 46 -34.50 8.50 -91.30
N VAL F 47 -33.41 7.84 -91.69
CA VAL F 47 -32.30 8.53 -92.31
C VAL F 47 -32.71 9.01 -93.69
N ARG F 48 -32.43 10.27 -94.00
CA ARG F 48 -32.78 10.89 -95.27
C ARG F 48 -31.57 10.90 -96.19
N VAL F 49 -31.71 10.27 -97.35
CA VAL F 49 -30.69 10.26 -98.38
C VAL F 49 -31.02 11.38 -99.37
N PRO F 50 -30.15 12.36 -99.57
CA PRO F 50 -30.50 13.51 -100.40
C PRO F 50 -30.66 13.12 -101.87
N ALA F 51 -31.36 13.98 -102.59
CA ALA F 51 -31.76 13.69 -103.96
C ALA F 51 -30.71 14.13 -104.96
N ILE F 52 -30.68 13.44 -106.10
CA ILE F 52 -29.89 13.83 -107.26
C ILE F 52 -30.85 14.18 -108.39
N THR F 53 -30.28 14.68 -109.48
CA THR F 53 -31.07 15.22 -110.57
C THR F 53 -30.57 14.64 -111.90
N THR F 54 -31.46 14.55 -112.87
CA THR F 54 -31.10 14.21 -114.22
C THR F 54 -31.26 15.44 -115.11
N ALA F 55 -30.29 15.66 -116.00
CA ALA F 55 -30.36 16.76 -116.94
C ALA F 55 -31.04 16.29 -118.23
N ASN F 56 -31.00 17.12 -119.27
CA ASN F 56 -31.63 16.77 -120.53
C ASN F 56 -30.81 17.36 -121.67
N ARG F 57 -31.21 17.06 -122.90
CA ARG F 57 -30.47 17.47 -124.07
C ARG F 57 -31.44 17.89 -125.15
N ARG F 58 -31.46 19.17 -125.47
CA ARG F 58 -32.29 19.73 -126.51
C ARG F 58 -31.46 19.84 -127.80
N ASP F 59 -32.03 20.52 -128.79
CA ASP F 59 -31.34 20.75 -130.06
C ASP F 59 -31.55 22.20 -130.45
N LEU F 60 -30.48 22.88 -130.86
CA LEU F 60 -30.60 24.28 -131.21
C LEU F 60 -31.50 24.47 -132.44
N ARG F 61 -32.21 25.60 -132.45
CA ARG F 61 -33.07 25.99 -133.56
C ARG F 61 -34.15 24.94 -133.84
N ASP F 62 -34.51 24.20 -132.82
CA ASP F 62 -35.55 23.19 -132.94
C ASP F 62 -36.90 23.88 -132.90
N PRO F 63 -37.79 23.64 -133.88
CA PRO F 63 -39.06 24.37 -133.90
C PRO F 63 -39.88 24.25 -132.62
N ASP F 64 -39.89 23.09 -131.97
CA ASP F 64 -40.57 22.99 -130.69
C ASP F 64 -39.63 23.40 -129.57
N ARG F 65 -40.16 24.17 -128.62
CA ARG F 65 -39.36 24.84 -127.62
C ARG F 65 -39.87 24.51 -126.22
N THR F 66 -40.09 23.22 -125.96
CA THR F 66 -40.52 22.75 -124.66
C THR F 66 -39.36 22.07 -123.94
N VAL F 67 -39.41 22.07 -122.61
CA VAL F 67 -38.35 21.54 -121.77
C VAL F 67 -38.93 20.47 -120.85
N ILE F 68 -38.17 19.42 -120.64
CA ILE F 68 -38.58 18.33 -119.76
C ILE F 68 -38.15 18.66 -118.34
N ALA F 69 -39.13 18.76 -117.44
CA ALA F 69 -38.84 19.15 -116.07
C ALA F 69 -38.25 17.99 -115.29
N SER F 70 -37.18 18.26 -114.55
CA SER F 70 -36.54 17.25 -113.73
C SER F 70 -37.31 17.05 -112.43
N GLU F 71 -36.80 16.18 -111.57
CA GLU F 71 -37.43 15.88 -110.30
C GLU F 71 -36.38 15.83 -109.20
N LEU F 72 -36.81 16.09 -107.97
CA LEU F 72 -35.95 16.05 -106.79
C LEU F 72 -36.60 15.13 -105.77
N VAL F 73 -36.34 13.84 -105.86
CA VAL F 73 -36.93 12.85 -104.98
C VAL F 73 -35.90 12.47 -103.93
N GLU F 74 -36.11 12.94 -102.69
CA GLU F 74 -35.24 12.57 -101.58
C GLU F 74 -35.68 11.23 -101.02
N HIS F 75 -34.74 10.32 -100.87
CA HIS F 75 -35.09 8.99 -100.42
C HIS F 75 -34.85 8.86 -98.92
N SER F 76 -35.21 7.70 -98.36
CA SER F 76 -35.05 7.51 -96.94
C SER F 76 -35.02 6.03 -96.62
N PHE F 77 -34.47 5.71 -95.45
CA PHE F 77 -34.48 4.35 -94.96
C PHE F 77 -34.41 4.36 -93.45
N GLY F 78 -34.98 3.34 -92.82
CA GLY F 78 -35.13 3.31 -91.38
C GLY F 78 -34.04 2.53 -90.66
N VAL F 79 -33.70 2.99 -89.46
CA VAL F 79 -32.82 2.28 -88.55
C VAL F 79 -33.59 2.02 -87.26
N THR F 80 -33.56 0.78 -86.79
CA THR F 80 -34.41 0.36 -85.69
C THR F 80 -33.61 -0.40 -84.63
N LEU F 81 -33.97 -0.20 -83.36
CA LEU F 81 -33.50 -1.04 -82.28
C LEU F 81 -34.44 -2.24 -82.15
N ASP F 82 -33.91 -3.44 -82.29
CA ASP F 82 -34.77 -4.62 -82.31
C ASP F 82 -34.23 -5.80 -81.53
N LYS F 83 -33.08 -5.69 -80.86
CA LYS F 83 -32.54 -6.80 -80.11
C LYS F 83 -32.12 -6.33 -78.72
N HIS F 84 -32.04 -7.28 -77.80
CA HIS F 84 -31.73 -7.01 -76.40
C HIS F 84 -30.77 -8.10 -75.95
N VAL F 85 -29.48 -7.81 -75.98
CA VAL F 85 -28.47 -8.79 -75.66
C VAL F 85 -28.24 -8.78 -74.15
N TYR F 86 -28.37 -9.95 -73.52
CA TYR F 86 -28.28 -10.04 -72.07
C TYR F 86 -27.50 -11.28 -71.67
N ALA F 87 -26.94 -11.22 -70.47
CA ALA F 87 -26.36 -12.37 -69.81
C ALA F 87 -26.90 -12.40 -68.39
N ALA F 88 -27.54 -13.51 -68.02
CA ALA F 88 -28.18 -13.64 -66.73
C ALA F 88 -27.45 -14.66 -65.88
N LEU F 89 -27.55 -14.48 -64.56
CA LEU F 89 -26.90 -15.38 -63.63
C LEU F 89 -27.77 -15.57 -62.41
N LYS F 90 -27.85 -16.82 -61.94
CA LYS F 90 -28.68 -17.19 -60.80
C LYS F 90 -27.76 -17.66 -59.68
N PHE F 91 -27.61 -16.83 -58.65
CA PHE F 91 -26.77 -17.14 -57.50
C PHE F 91 -27.59 -17.14 -56.22
N THR F 92 -27.30 -18.11 -55.35
CA THR F 92 -27.92 -18.21 -54.04
C THR F 92 -26.90 -17.90 -52.96
N ASP F 93 -27.39 -17.77 -51.73
CA ASP F 93 -26.51 -17.42 -50.61
C ASP F 93 -25.50 -18.53 -50.35
N GLU F 94 -25.89 -19.79 -50.53
CA GLU F 94 -24.94 -20.88 -50.33
C GLU F 94 -23.84 -20.84 -51.38
N GLN F 95 -24.15 -20.33 -52.58
CA GLN F 95 -23.12 -20.20 -53.61
C GLN F 95 -22.23 -18.99 -53.35
N ARG F 96 -22.78 -17.93 -52.78
CA ARG F 96 -22.01 -16.73 -52.50
C ARG F 96 -21.27 -16.86 -51.19
N THR F 97 -20.04 -16.33 -51.14
CA THR F 97 -19.14 -16.31 -50.00
C THR F 97 -18.65 -17.69 -49.59
N LEU F 98 -19.10 -18.75 -50.24
CA LEU F 98 -18.67 -20.11 -49.95
C LEU F 98 -17.95 -20.75 -51.12
N ASP F 99 -18.48 -20.58 -52.33
CA ASP F 99 -17.86 -21.07 -53.55
C ASP F 99 -17.09 -19.98 -54.29
N ILE F 100 -17.71 -18.82 -54.50
CA ILE F 100 -17.06 -17.70 -55.16
C ILE F 100 -16.37 -16.85 -54.11
N ARG F 101 -15.06 -16.66 -54.26
CA ARG F 101 -14.29 -15.85 -53.33
C ARG F 101 -13.97 -14.46 -53.87
N ASP F 102 -14.06 -14.26 -55.17
CA ASP F 102 -13.84 -12.94 -55.78
C ASP F 102 -14.95 -12.72 -56.80
N TYR F 103 -15.98 -11.98 -56.39
CA TYR F 103 -17.12 -11.76 -57.28
C TYR F 103 -16.73 -10.96 -58.51
N THR F 104 -15.91 -9.93 -58.34
CA THR F 104 -15.54 -9.07 -59.46
C THR F 104 -14.60 -9.77 -60.44
N LYS F 105 -14.09 -10.94 -60.10
CA LYS F 105 -13.16 -11.67 -60.96
C LYS F 105 -13.75 -12.94 -61.52
N GLN F 106 -14.47 -13.72 -60.72
CA GLN F 106 -15.05 -14.98 -61.17
C GLN F 106 -16.49 -14.86 -61.63
N VAL F 107 -17.10 -13.67 -61.55
CA VAL F 107 -18.48 -13.53 -62.00
C VAL F 107 -18.63 -12.38 -62.98
N LEU F 108 -18.24 -11.17 -62.56
CA LEU F 108 -18.50 -10.00 -63.39
C LEU F 108 -17.70 -10.05 -64.68
N MET F 109 -16.41 -10.31 -64.59
CA MET F 109 -15.58 -10.37 -65.79
C MET F 109 -16.01 -11.47 -66.75
N PRO F 110 -16.30 -12.70 -66.31
CA PRO F 110 -16.76 -13.71 -67.27
C PRO F 110 -18.04 -13.33 -68.00
N GLN F 111 -19.01 -12.75 -67.31
CA GLN F 111 -20.25 -12.41 -68.02
C GLN F 111 -20.08 -11.17 -68.87
N VAL F 112 -19.20 -10.24 -68.47
CA VAL F 112 -18.88 -9.12 -69.36
C VAL F 112 -18.24 -9.63 -70.65
N SER F 113 -17.32 -10.60 -70.53
CA SER F 113 -16.72 -11.18 -71.71
C SER F 113 -17.76 -11.92 -72.54
N ALA F 114 -18.70 -12.59 -71.88
CA ALA F 114 -19.75 -13.29 -72.61
C ALA F 114 -20.58 -12.33 -73.44
N VAL F 115 -20.97 -11.19 -72.85
CA VAL F 115 -21.75 -10.21 -73.60
C VAL F 115 -20.91 -9.62 -74.73
N ALA F 116 -19.62 -9.37 -74.48
CA ALA F 116 -18.77 -8.84 -75.54
C ALA F 116 -18.70 -9.80 -76.71
N TYR F 117 -18.53 -11.09 -76.42
CA TYR F 117 -18.47 -12.08 -77.49
C TYR F 117 -19.81 -12.17 -78.21
N GLU F 118 -20.91 -12.03 -77.47
CA GLU F 118 -22.22 -12.07 -78.11
C GLU F 118 -22.40 -10.89 -79.05
N LEU F 119 -21.96 -9.70 -78.66
CA LEU F 119 -22.04 -8.55 -79.55
C LEU F 119 -21.16 -8.73 -80.77
N GLU F 120 -19.97 -9.31 -80.59
CA GLU F 120 -19.12 -9.57 -81.74
C GLU F 120 -19.78 -10.55 -82.69
N ASP F 121 -20.44 -11.58 -82.15
CA ASP F 121 -21.17 -12.51 -83.00
C ASP F 121 -22.36 -11.84 -83.67
N TYR F 122 -23.00 -10.89 -82.99
CA TYR F 122 -24.09 -10.14 -83.60
C TYR F 122 -23.60 -9.37 -84.82
N ILE F 123 -22.48 -8.68 -84.67
CA ILE F 123 -21.90 -7.94 -85.79
C ILE F 123 -21.47 -8.89 -86.89
N ALA F 124 -20.89 -10.04 -86.52
CA ALA F 124 -20.47 -11.01 -87.53
C ALA F 124 -21.65 -11.55 -88.32
N GLU F 125 -22.76 -11.84 -87.64
CA GLU F 125 -23.96 -12.27 -88.35
C GLU F 125 -24.47 -11.17 -89.28
N LEU F 126 -24.37 -9.92 -88.83
CA LEU F 126 -24.79 -8.82 -89.69
C LEU F 126 -23.93 -8.76 -90.96
N ILE F 127 -22.62 -8.90 -90.81
CA ILE F 127 -21.72 -8.75 -91.94
C ILE F 127 -21.85 -9.94 -92.88
N GLU F 128 -21.87 -11.15 -92.35
CA GLU F 128 -21.95 -12.33 -93.20
C GLU F 128 -23.31 -12.48 -93.85
N GLY F 129 -24.36 -12.04 -93.16
CA GLY F 129 -25.72 -12.19 -93.65
C GLY F 129 -26.20 -11.10 -94.57
N ALA F 130 -25.33 -10.18 -94.96
CA ALA F 130 -25.74 -9.11 -95.85
C ALA F 130 -26.10 -9.67 -97.22
N PRO F 131 -27.01 -9.02 -97.95
CA PRO F 131 -27.44 -9.56 -99.24
C PRO F 131 -26.40 -9.39 -100.33
N TYR F 132 -25.29 -10.12 -100.23
CA TYR F 132 -24.28 -10.07 -101.28
C TYR F 132 -24.80 -10.71 -102.54
N GLU F 133 -24.68 -10.00 -103.67
CA GLU F 133 -25.19 -10.52 -104.93
C GLU F 133 -24.33 -11.65 -105.46
N GLU F 134 -23.04 -11.66 -105.13
CA GLU F 134 -22.12 -12.65 -105.67
C GLU F 134 -20.96 -12.81 -104.72
N THR F 135 -20.23 -13.90 -104.90
CA THR F 135 -19.07 -14.23 -104.10
C THR F 135 -17.85 -14.28 -105.00
N ILE F 136 -16.77 -13.65 -104.58
CA ILE F 136 -15.53 -13.63 -105.33
C ILE F 136 -14.68 -14.81 -104.89
N LEU F 137 -14.19 -15.60 -105.85
CA LEU F 137 -13.44 -16.80 -105.55
C LEU F 137 -11.96 -16.47 -105.49
N ILE F 138 -11.30 -16.93 -104.42
CA ILE F 138 -9.89 -16.70 -104.20
C ILE F 138 -9.15 -17.97 -104.58
N ASP F 139 -8.37 -17.91 -105.64
CA ASP F 139 -7.53 -19.05 -106.03
C ASP F 139 -6.35 -19.15 -105.08
N PRO F 140 -6.16 -20.27 -104.38
CA PRO F 140 -5.04 -20.35 -103.42
C PRO F 140 -3.69 -20.18 -104.06
N ALA F 141 -3.51 -20.58 -105.31
CA ALA F 141 -2.22 -20.44 -105.96
C ALA F 141 -1.85 -18.97 -106.15
N ASP F 142 -2.80 -18.14 -106.57
CA ASP F 142 -2.58 -16.70 -106.73
C ASP F 142 -3.79 -16.00 -106.13
N THR F 143 -3.64 -15.49 -104.92
CA THR F 143 -4.77 -14.89 -104.22
C THR F 143 -4.96 -13.42 -104.54
N VAL F 144 -3.94 -12.76 -105.09
CA VAL F 144 -4.03 -11.32 -105.34
C VAL F 144 -5.13 -10.95 -106.32
N PRO F 145 -5.31 -11.64 -107.45
CA PRO F 145 -6.38 -11.23 -108.38
C PRO F 145 -7.75 -11.15 -107.74
N ALA F 146 -8.05 -12.03 -106.79
CA ALA F 146 -9.34 -11.95 -106.12
C ALA F 146 -9.49 -10.66 -105.34
N PHE F 147 -8.44 -10.24 -104.64
CA PHE F 147 -8.54 -9.00 -103.88
C PHE F 147 -8.54 -7.77 -104.78
N ILE F 148 -7.79 -7.83 -105.88
CA ILE F 148 -7.81 -6.71 -106.83
C ILE F 148 -9.19 -6.57 -107.46
N THR F 149 -9.81 -7.68 -107.84
CA THR F 149 -11.16 -7.58 -108.39
C THR F 149 -12.19 -7.25 -107.33
N ALA F 150 -11.93 -7.55 -106.06
CA ALA F 150 -12.79 -7.06 -105.00
C ALA F 150 -12.71 -5.54 -104.90
N ASP F 151 -11.50 -5.00 -104.94
CA ASP F 151 -11.34 -3.55 -104.95
C ASP F 151 -11.95 -2.93 -106.19
N GLN F 152 -11.93 -3.66 -107.31
CA GLN F 152 -12.51 -3.16 -108.54
C GLN F 152 -14.03 -3.17 -108.53
N ARG F 153 -14.64 -4.16 -107.86
CA ARG F 153 -16.10 -4.17 -107.76
C ARG F 153 -16.62 -2.98 -106.99
N MET F 154 -15.84 -2.46 -106.05
CA MET F 154 -16.24 -1.28 -105.29
C MET F 154 -15.84 0.02 -105.98
N GLY F 155 -15.10 -0.06 -107.08
CA GLY F 155 -14.83 1.13 -107.87
C GLY F 155 -15.85 1.31 -108.96
N GLU F 156 -16.52 0.22 -109.33
CA GLU F 156 -17.59 0.31 -110.32
C GLU F 156 -18.88 0.85 -109.73
N ALA F 157 -19.02 0.82 -108.40
CA ALA F 157 -20.17 1.40 -107.72
C ALA F 157 -19.85 2.76 -107.12
N ASN F 158 -18.69 3.33 -107.44
CA ASN F 158 -18.31 4.68 -107.03
C ASN F 158 -18.25 4.81 -105.51
N VAL F 159 -17.99 3.71 -104.82
CA VAL F 159 -17.81 3.76 -103.37
C VAL F 159 -16.52 4.50 -103.04
N PRO F 160 -16.52 5.43 -102.08
CA PRO F 160 -15.29 6.14 -101.76
C PRO F 160 -14.22 5.19 -101.25
N THR F 161 -12.96 5.58 -101.46
CA THR F 161 -11.83 4.78 -101.03
C THR F 161 -11.29 5.19 -99.66
N ASP F 162 -11.95 6.12 -98.99
CA ASP F 162 -11.41 6.66 -97.74
C ASP F 162 -11.37 5.59 -96.65
N SER F 163 -12.53 5.13 -96.22
CA SER F 163 -12.64 4.24 -95.05
C SER F 163 -13.13 2.89 -95.53
N ARG F 164 -12.19 2.02 -95.89
CA ARG F 164 -12.50 0.66 -96.30
C ARG F 164 -11.83 -0.30 -95.32
N ARG F 165 -12.59 -1.30 -94.88
CA ARG F 165 -12.11 -2.28 -93.93
C ARG F 165 -12.10 -3.65 -94.59
N LEU F 166 -11.02 -4.39 -94.41
CA LEU F 166 -10.89 -5.74 -94.94
C LEU F 166 -10.60 -6.70 -93.79
N VAL F 167 -11.54 -7.59 -93.52
CA VAL F 167 -11.42 -8.59 -92.46
C VAL F 167 -11.38 -9.96 -93.10
N VAL F 168 -10.31 -10.70 -92.87
CA VAL F 168 -10.13 -12.01 -93.45
C VAL F 168 -10.19 -13.07 -92.36
N GLY F 169 -10.70 -14.24 -92.71
CA GLY F 169 -10.70 -15.35 -91.78
C GLY F 169 -9.30 -15.91 -91.61
N SER F 170 -9.18 -16.85 -90.68
CA SER F 170 -7.87 -17.45 -90.43
C SER F 170 -7.35 -18.17 -91.66
N ALA F 171 -8.22 -18.90 -92.36
CA ALA F 171 -7.79 -19.66 -93.53
C ALA F 171 -7.30 -18.76 -94.64
N VAL F 172 -7.99 -17.63 -94.86
CA VAL F 172 -7.55 -16.71 -95.93
C VAL F 172 -6.19 -16.12 -95.59
N ALA F 173 -5.97 -15.77 -94.33
CA ALA F 173 -4.66 -15.25 -93.92
C ALA F 173 -3.58 -16.30 -94.12
N ALA F 174 -3.88 -17.55 -93.77
CA ALA F 174 -2.90 -18.63 -93.99
C ALA F 174 -2.61 -18.79 -95.47
N ALA F 175 -3.63 -18.73 -96.32
CA ALA F 175 -3.42 -18.84 -97.76
C ALA F 175 -2.59 -17.67 -98.28
N LEU F 176 -2.83 -16.48 -97.75
CA LEU F 176 -2.03 -15.32 -98.15
C LEU F 176 -0.57 -15.54 -97.81
N ALA F 177 -0.29 -16.04 -96.61
CA ALA F 177 1.09 -16.31 -96.24
C ALA F 177 1.70 -17.38 -97.13
N LYS F 178 0.93 -18.43 -97.44
CA LYS F 178 1.43 -19.50 -98.30
C LYS F 178 1.64 -19.05 -99.74
N ASP F 179 0.95 -18.00 -100.17
CA ASP F 179 1.00 -17.58 -101.56
C ASP F 179 2.43 -17.21 -101.95
N LYS F 180 2.87 -17.73 -103.09
CA LYS F 180 4.19 -17.39 -103.59
C LYS F 180 4.31 -15.91 -103.94
N GLN F 181 3.20 -15.21 -104.10
CA GLN F 181 3.27 -13.78 -104.38
C GLN F 181 3.83 -13.00 -103.20
N PHE F 182 3.54 -13.41 -101.98
CA PHE F 182 4.03 -12.74 -100.80
C PHE F 182 5.21 -13.44 -100.15
N ARG F 183 5.45 -14.70 -100.50
CA ARG F 183 6.44 -15.53 -99.82
C ARG F 183 7.81 -15.49 -100.46
N HIS F 184 7.90 -15.25 -101.77
CA HIS F 184 9.16 -15.41 -102.47
C HIS F 184 10.06 -14.18 -102.43
N ALA F 185 9.61 -13.05 -101.88
CA ALA F 185 10.50 -11.94 -101.57
C ALA F 185 11.22 -11.37 -102.78
N ASP F 186 10.94 -11.91 -103.97
CA ASP F 186 11.29 -11.26 -105.21
C ASP F 186 10.08 -11.05 -106.11
N TRP F 187 9.04 -11.86 -105.97
CA TRP F 187 7.75 -11.57 -106.54
C TRP F 187 6.99 -10.53 -105.76
N SER F 188 7.43 -10.20 -104.54
CA SER F 188 6.78 -9.19 -103.73
C SER F 188 7.62 -7.94 -103.52
N GLY F 189 8.94 -8.03 -103.66
CA GLY F 189 9.80 -6.89 -103.48
C GLY F 189 10.13 -6.57 -102.04
N ASP F 190 9.60 -7.33 -101.09
CA ASP F 190 9.88 -7.11 -99.68
C ASP F 190 11.15 -7.86 -99.33
N GLN F 191 12.30 -7.18 -99.36
CA GLN F 191 13.55 -7.86 -99.09
C GLN F 191 13.77 -7.99 -97.59
N ALA F 192 12.71 -8.37 -96.89
CA ALA F 192 12.76 -8.91 -95.54
C ALA F 192 11.83 -10.09 -95.42
N ASN F 193 10.94 -10.27 -96.39
CA ASN F 193 10.07 -11.43 -96.52
C ASN F 193 9.26 -11.66 -95.25
N ALA F 194 8.44 -10.66 -94.94
CA ALA F 194 7.61 -10.71 -93.74
C ALA F 194 6.56 -11.81 -93.81
N ALA F 195 6.36 -12.44 -94.96
CA ALA F 195 5.48 -13.58 -95.07
C ALA F 195 6.20 -14.89 -94.85
N LEU F 196 7.51 -14.86 -94.65
CA LEU F 196 8.30 -16.06 -94.36
C LEU F 196 8.97 -15.97 -92.99
N ARG F 197 9.72 -14.89 -92.73
CA ARG F 197 10.26 -14.68 -91.40
C ARG F 197 9.19 -14.26 -90.39
N GLU F 198 7.99 -13.95 -90.87
CA GLU F 198 6.81 -13.79 -90.04
C GLU F 198 5.66 -14.43 -90.80
N ALA F 199 4.58 -14.77 -90.09
CA ALA F 199 3.43 -15.34 -90.77
C ALA F 199 2.45 -14.28 -91.22
N HIS F 200 2.90 -13.05 -91.42
CA HIS F 200 2.02 -11.89 -91.55
C HIS F 200 2.04 -11.35 -92.96
N VAL F 201 0.89 -10.89 -93.42
CA VAL F 201 0.76 -10.18 -94.70
C VAL F 201 -0.07 -8.93 -94.42
N GLY F 202 0.60 -7.83 -94.15
CA GLY F 202 -0.08 -6.63 -93.71
C GLY F 202 -0.93 -5.96 -94.76
N ARG F 203 -0.29 -5.40 -95.78
CA ARG F 203 -0.98 -4.61 -96.81
C ARG F 203 -1.12 -5.42 -98.09
N LEU F 204 -2.30 -5.31 -98.70
CA LEU F 204 -2.61 -6.10 -99.89
C LEU F 204 -3.66 -5.37 -100.70
N ALA F 205 -3.38 -5.15 -101.98
CA ALA F 205 -4.30 -4.52 -102.91
C ALA F 205 -4.77 -3.16 -102.40
N GLY F 206 -3.92 -2.50 -101.62
CA GLY F 206 -4.22 -1.17 -101.12
C GLY F 206 -5.02 -1.12 -99.84
N MET F 207 -5.44 -2.25 -99.30
CA MET F 207 -6.26 -2.30 -98.09
C MET F 207 -5.55 -3.10 -97.01
N ASN F 208 -5.58 -2.58 -95.78
CA ASN F 208 -4.98 -3.29 -94.66
C ASN F 208 -5.77 -4.54 -94.35
N VAL F 209 -5.08 -5.59 -93.94
CA VAL F 209 -5.69 -6.87 -93.63
C VAL F 209 -5.87 -6.97 -92.12
N ILE F 210 -7.08 -7.34 -91.69
CA ILE F 210 -7.36 -7.59 -90.29
C ILE F 210 -7.78 -9.05 -90.14
N ARG F 211 -7.06 -9.79 -89.32
CA ARG F 211 -7.37 -11.19 -89.08
C ARG F 211 -8.47 -11.31 -88.04
N SER F 212 -9.38 -12.25 -88.24
CA SER F 212 -10.44 -12.47 -87.26
C SER F 212 -10.91 -13.91 -87.33
N ASN F 213 -11.50 -14.37 -86.22
CA ASN F 213 -12.09 -15.69 -86.16
C ASN F 213 -13.60 -15.67 -86.03
N ALA F 214 -14.19 -14.50 -85.79
CA ALA F 214 -15.65 -14.42 -85.69
C ALA F 214 -16.30 -14.78 -87.01
N ILE F 215 -15.74 -14.32 -88.13
CA ILE F 215 -16.28 -14.62 -89.45
C ILE F 215 -15.90 -16.04 -89.82
N ALA F 216 -16.52 -16.56 -90.88
CA ALA F 216 -16.23 -17.91 -91.33
C ALA F 216 -14.76 -18.03 -91.70
N PRO F 217 -14.13 -19.18 -91.44
CA PRO F 217 -12.67 -19.27 -91.63
C PRO F 217 -12.20 -19.00 -93.04
N ASP F 218 -12.96 -19.39 -94.06
CA ASP F 218 -12.51 -19.30 -95.43
C ASP F 218 -13.07 -18.11 -96.19
N LYS F 219 -13.66 -17.15 -95.49
CA LYS F 219 -14.25 -15.98 -96.14
C LYS F 219 -13.55 -14.71 -95.68
N ALA F 220 -13.53 -13.73 -96.58
CA ALA F 220 -13.03 -12.40 -96.30
C ALA F 220 -14.06 -11.38 -96.74
N TYR F 221 -14.12 -10.25 -96.05
CA TYR F 221 -15.12 -9.23 -96.33
C TYR F 221 -14.45 -7.87 -96.42
N LEU F 222 -14.86 -7.09 -97.41
CA LEU F 222 -14.35 -5.74 -97.59
C LEU F 222 -15.53 -4.79 -97.64
N TRP F 223 -15.57 -3.82 -96.75
CA TRP F 223 -16.73 -2.95 -96.69
C TRP F 223 -16.32 -1.51 -96.41
N HIS F 224 -17.04 -0.59 -97.04
CA HIS F 224 -16.92 0.82 -96.73
C HIS F 224 -17.49 1.09 -95.35
N ARG F 225 -17.09 2.21 -94.75
CA ARG F 225 -17.57 2.52 -93.40
C ARG F 225 -19.08 2.64 -93.36
N THR F 226 -19.66 3.25 -94.40
CA THR F 226 -21.11 3.45 -94.46
C THR F 226 -21.82 2.30 -95.15
N ALA F 227 -21.60 1.08 -94.67
CA ALA F 227 -22.25 -0.08 -95.24
C ALA F 227 -23.03 -0.84 -94.17
N PHE F 228 -22.53 -0.80 -92.94
CA PHE F 228 -23.17 -1.46 -91.81
C PHE F 228 -23.25 -0.47 -90.65
N ILE F 229 -24.39 -0.45 -89.97
CA ILE F 229 -24.62 0.49 -88.87
C ILE F 229 -25.02 -0.30 -87.63
N LEU F 230 -24.33 -0.05 -86.52
CA LEU F 230 -24.66 -0.62 -85.23
C LEU F 230 -25.11 0.50 -84.29
N ALA F 231 -26.26 0.31 -83.66
CA ALA F 231 -26.82 1.27 -82.73
C ALA F 231 -26.96 0.60 -81.37
N TYR F 232 -26.44 1.25 -80.34
CA TYR F 232 -26.45 0.71 -79.00
C TYR F 232 -27.18 1.65 -78.06
N ARG F 233 -27.83 1.08 -77.05
CA ARG F 233 -28.47 1.85 -76.01
C ARG F 233 -28.27 1.14 -74.68
N THR F 234 -27.65 1.83 -73.75
CA THR F 234 -27.51 1.29 -72.41
C THR F 234 -28.85 1.42 -71.70
N PRO F 235 -29.46 0.33 -71.26
CA PRO F 235 -30.70 0.47 -70.49
C PRO F 235 -30.46 1.27 -69.22
N VAL F 236 -31.41 2.15 -68.90
CA VAL F 236 -31.26 2.97 -67.71
C VAL F 236 -31.50 2.12 -66.47
N VAL F 237 -30.63 2.26 -65.48
CA VAL F 237 -30.74 1.46 -64.26
C VAL F 237 -32.01 1.88 -63.54
N PRO F 238 -32.95 0.96 -63.33
CA PRO F 238 -34.20 1.34 -62.68
C PRO F 238 -33.97 1.77 -61.24
N GLU F 239 -34.82 2.69 -60.78
CA GLU F 239 -34.74 3.14 -59.40
C GLU F 239 -35.06 2.04 -58.40
N GLY F 240 -35.78 0.99 -58.82
CA GLY F 240 -36.21 -0.05 -57.92
C GLY F 240 -35.29 -1.25 -57.86
N ALA F 241 -34.04 -1.09 -58.29
CA ALA F 241 -33.08 -2.18 -58.31
C ALA F 241 -32.11 -2.04 -57.14
N LYS F 242 -31.90 -3.14 -56.43
CA LYS F 242 -30.98 -3.12 -55.29
C LYS F 242 -29.56 -2.79 -55.75
N ALA F 243 -29.06 -3.51 -56.74
CA ALA F 243 -27.74 -3.26 -57.29
C ALA F 243 -27.88 -2.32 -58.48
N GLY F 244 -26.82 -2.18 -59.26
CA GLY F 244 -26.89 -1.40 -60.47
C GLY F 244 -25.61 -0.64 -60.76
N ALA F 245 -25.10 -0.81 -61.97
CA ALA F 245 -23.87 -0.15 -62.39
C ALA F 245 -23.78 -0.24 -63.90
N SER F 246 -22.86 0.53 -64.47
CA SER F 246 -22.61 0.55 -65.89
C SER F 246 -21.22 0.02 -66.17
N PHE F 247 -21.13 -1.03 -66.97
CA PHE F 247 -19.86 -1.61 -67.37
C PHE F 247 -19.58 -1.28 -68.82
N SER F 248 -18.40 -1.66 -69.29
CA SER F 248 -18.02 -1.41 -70.67
C SER F 248 -17.52 -2.70 -71.29
N ALA F 249 -17.80 -2.87 -72.59
CA ALA F 249 -17.36 -4.07 -73.30
C ALA F 249 -17.06 -3.67 -74.74
N ASN F 250 -15.79 -3.32 -74.98
CA ASN F 250 -15.33 -2.86 -76.28
C ASN F 250 -16.13 -1.64 -76.73
N GLY F 251 -16.12 -0.63 -75.89
CA GLY F 251 -16.78 0.63 -76.20
C GLY F 251 -18.21 0.78 -75.73
N VAL F 252 -19.07 -0.19 -76.05
CA VAL F 252 -20.47 -0.12 -75.64
C VAL F 252 -20.57 -0.23 -74.13
N ALA F 253 -21.52 0.50 -73.56
CA ALA F 253 -21.77 0.49 -72.13
C ALA F 253 -22.96 -0.41 -71.83
N LEU F 254 -22.74 -1.43 -71.03
CA LEU F 254 -23.76 -2.38 -70.62
C LEU F 254 -24.29 -1.98 -69.24
N ARG F 255 -25.51 -2.40 -68.95
CA ARG F 255 -26.12 -2.16 -67.66
C ARG F 255 -26.17 -3.46 -66.88
N TRP F 256 -25.69 -3.42 -65.64
CA TRP F 256 -25.68 -4.58 -64.75
C TRP F 256 -26.56 -4.28 -63.55
N LEU F 257 -27.46 -5.20 -63.22
CA LEU F 257 -28.33 -5.01 -62.06
C LEU F 257 -28.62 -6.35 -61.41
N ALA F 258 -28.66 -6.35 -60.08
CA ALA F 258 -29.02 -7.51 -59.29
C ALA F 258 -30.12 -7.13 -58.33
N ASP F 259 -31.12 -8.00 -58.17
CA ASP F 259 -32.34 -7.63 -57.48
C ASP F 259 -32.60 -8.38 -56.19
N TYR F 260 -31.93 -9.50 -55.94
CA TYR F 260 -32.28 -10.42 -54.86
C TYR F 260 -33.73 -10.89 -55.04
N ASP F 261 -33.92 -11.63 -56.12
CA ASP F 261 -35.26 -12.05 -56.55
C ASP F 261 -35.95 -12.95 -55.54
N TYR F 262 -35.19 -13.52 -54.59
CA TYR F 262 -35.72 -14.39 -53.52
C TYR F 262 -36.68 -15.46 -54.04
N SER F 263 -36.50 -15.88 -55.29
CA SER F 263 -37.26 -17.01 -55.80
C SER F 263 -36.93 -18.27 -55.02
N GLN F 264 -35.64 -18.49 -54.76
CA GLN F 264 -35.13 -19.49 -53.84
C GLN F 264 -34.16 -18.85 -52.87
N LEU F 265 -34.50 -17.63 -52.42
CA LEU F 265 -33.63 -16.81 -51.59
C LEU F 265 -32.29 -16.55 -52.27
N GLY F 266 -32.31 -16.50 -53.61
CA GLY F 266 -31.10 -16.31 -54.37
C GLY F 266 -31.15 -15.10 -55.28
N ASP F 267 -30.13 -14.26 -55.20
CA ASP F 267 -30.08 -13.04 -56.00
C ASP F 267 -29.74 -13.37 -57.45
N ARG F 268 -30.53 -12.81 -58.36
CA ARG F 268 -30.26 -12.92 -59.78
C ARG F 268 -29.58 -11.65 -60.27
N THR F 269 -28.67 -11.81 -61.23
CA THR F 269 -28.00 -10.67 -61.84
C THR F 269 -28.21 -10.70 -63.34
N LEU F 270 -28.27 -9.51 -63.94
CA LEU F 270 -28.50 -9.36 -65.37
C LEU F 270 -27.59 -8.28 -65.91
N LEU F 271 -26.95 -8.56 -67.05
CA LEU F 271 -26.04 -7.61 -67.70
C LEU F 271 -26.45 -7.52 -69.15
N ASP F 272 -26.94 -6.36 -69.58
CA ASP F 272 -27.59 -6.32 -70.89
C ASP F 272 -27.40 -4.97 -71.57
N VAL F 273 -27.83 -4.92 -72.82
CA VAL F 273 -27.76 -3.71 -73.65
C VAL F 273 -28.73 -3.90 -74.81
N PHE F 274 -29.35 -2.80 -75.25
CA PHE F 274 -30.24 -2.84 -76.40
C PHE F 274 -29.43 -2.56 -77.66
N THR F 275 -29.61 -3.38 -78.69
CA THR F 275 -28.80 -3.31 -79.88
C THR F 275 -29.68 -3.34 -81.12
N GLY F 276 -29.21 -2.68 -82.17
CA GLY F 276 -29.87 -2.73 -83.46
C GLY F 276 -28.84 -2.63 -84.57
N ARG F 277 -29.14 -3.29 -85.69
CA ARG F 277 -28.20 -3.36 -86.80
C ARG F 277 -28.92 -3.04 -88.10
N LYS F 278 -28.18 -2.42 -89.03
CA LYS F 278 -28.74 -2.03 -90.31
C LYS F 278 -27.73 -2.22 -91.42
N VAL F 279 -28.19 -2.74 -92.55
CA VAL F 279 -27.41 -2.87 -93.76
C VAL F 279 -27.82 -1.74 -94.71
N VAL F 280 -26.89 -0.86 -95.03
CA VAL F 280 -27.21 0.32 -95.82
C VAL F 280 -27.28 -0.05 -97.29
N THR F 281 -28.47 -0.39 -97.76
CA THR F 281 -28.67 -0.65 -99.19
C THR F 281 -28.87 0.66 -99.94
N GLU F 282 -28.70 0.59 -101.25
CA GLU F 282 -28.88 1.77 -102.09
C GLU F 282 -30.37 2.05 -102.29
N VAL F 283 -30.67 3.12 -103.03
CA VAL F 283 -32.05 3.51 -103.25
C VAL F 283 -32.80 2.50 -104.11
N ASP F 284 -32.09 1.68 -104.88
CA ASP F 284 -32.70 0.64 -105.70
C ASP F 284 -32.64 -0.73 -105.05
N GLY F 285 -32.26 -0.80 -103.78
CA GLY F 285 -32.21 -2.06 -103.07
C GLY F 285 -31.16 -3.03 -103.58
N SER F 286 -30.01 -2.52 -104.01
CA SER F 286 -28.88 -3.35 -104.41
C SER F 286 -27.70 -3.02 -103.52
N PHE F 287 -27.08 -4.04 -102.94
CA PHE F 287 -26.03 -3.86 -101.96
C PHE F 287 -24.68 -3.81 -102.67
N VAL F 288 -24.02 -2.65 -102.64
CA VAL F 288 -22.81 -2.45 -103.42
C VAL F 288 -21.68 -1.89 -102.56
N ARG F 289 -21.98 -1.58 -101.30
CA ARG F 289 -20.98 -0.98 -100.42
C ARG F 289 -20.20 -2.02 -99.63
N ALA F 290 -20.30 -3.29 -99.98
CA ALA F 290 -19.50 -4.33 -99.34
C ALA F 290 -19.45 -5.54 -100.27
N VAL F 291 -18.31 -6.21 -100.27
CA VAL F 291 -18.06 -7.35 -101.15
C VAL F 291 -17.45 -8.48 -100.33
N GLU F 292 -17.90 -9.70 -100.58
CA GLU F 292 -17.38 -10.87 -99.90
C GLU F 292 -16.58 -11.74 -100.86
N LEU F 293 -15.57 -12.40 -100.32
CA LEU F 293 -14.69 -13.29 -101.06
C LEU F 293 -14.62 -14.61 -100.32
N GLN F 294 -14.54 -15.71 -101.05
CA GLN F 294 -14.45 -17.02 -100.43
C GLN F 294 -13.27 -17.78 -101.00
N LEU F 295 -12.56 -18.48 -100.13
CA LEU F 295 -11.44 -19.30 -100.56
C LEU F 295 -11.94 -20.46 -101.41
N GLN F 296 -11.30 -20.66 -102.56
CA GLN F 296 -11.68 -21.72 -103.46
C GLN F 296 -11.08 -23.04 -103.01
N ALA F 297 -11.92 -24.07 -102.91
CA ALA F 297 -11.50 -25.38 -102.44
C ALA F 297 -11.46 -26.36 -103.61
N SER F 298 -10.46 -27.23 -103.60
CA SER F 298 -10.27 -28.21 -104.66
C SER F 298 -10.44 -29.65 -104.21
N SER F 299 -10.12 -29.98 -102.97
CA SER F 299 -10.25 -31.34 -102.50
C SER F 299 -10.44 -31.33 -100.99
N ILE F 300 -10.94 -32.44 -100.47
CA ILE F 300 -11.18 -32.61 -99.04
C ILE F 300 -10.50 -33.89 -98.59
N THR F 301 -9.84 -33.84 -97.44
CA THR F 301 -9.27 -35.00 -96.80
C THR F 301 -9.89 -35.14 -95.42
N ILE F 302 -10.22 -36.36 -95.03
CA ILE F 302 -10.80 -36.60 -93.73
C ILE F 302 -9.68 -36.84 -92.73
N VAL F 303 -9.69 -36.09 -91.64
CA VAL F 303 -8.58 -36.10 -90.71
C VAL F 303 -8.57 -37.42 -89.93
N GLY F 304 -7.37 -37.83 -89.50
CA GLY F 304 -7.20 -39.00 -88.70
C GLY F 304 -7.01 -40.30 -89.47
N GLY F 305 -7.37 -40.32 -90.75
CA GLY F 305 -7.21 -41.50 -91.56
C GLY F 305 -8.03 -42.67 -91.01
N ALA F 306 -7.57 -43.87 -91.32
CA ALA F 306 -8.21 -45.07 -90.80
C ALA F 306 -8.01 -45.15 -89.29
N PHE F 307 -9.07 -45.51 -88.57
CA PHE F 307 -9.06 -45.54 -87.11
C PHE F 307 -9.88 -46.72 -86.63
N ALA F 308 -9.98 -46.84 -85.31
CA ALA F 308 -10.75 -47.88 -84.66
C ALA F 308 -11.48 -47.30 -83.46
N LEU F 309 -12.63 -47.89 -83.15
CA LEU F 309 -13.46 -47.44 -82.05
C LEU F 309 -13.05 -48.11 -80.74
N ALA F 310 -13.56 -47.59 -79.64
CA ALA F 310 -13.32 -48.22 -78.34
C ALA F 310 -14.11 -49.51 -78.19
N THR F 311 -15.39 -49.48 -78.55
CA THR F 311 -16.27 -50.63 -78.43
C THR F 311 -16.99 -50.85 -79.75
N THR F 312 -17.74 -51.96 -79.81
CA THR F 312 -18.58 -52.21 -80.98
C THR F 312 -19.65 -51.13 -81.12
N THR F 313 -20.22 -50.68 -79.99
CA THR F 313 -21.22 -49.63 -79.98
C THR F 313 -20.62 -48.27 -79.63
N GLY F 314 -19.36 -48.04 -80.01
CA GLY F 314 -18.71 -46.79 -79.74
C GLY F 314 -19.11 -45.69 -80.71
N THR F 315 -18.62 -44.48 -80.44
CA THR F 315 -18.92 -43.31 -81.25
C THR F 315 -17.67 -42.48 -81.43
N LYS F 316 -17.45 -42.01 -82.65
CA LYS F 316 -16.37 -41.07 -82.93
C LYS F 316 -16.86 -39.95 -83.82
N GLN F 317 -16.46 -38.72 -83.51
CA GLN F 317 -16.89 -37.55 -84.26
C GLN F 317 -15.89 -37.32 -85.39
N LEU F 318 -16.29 -37.67 -86.61
CA LEU F 318 -15.42 -37.49 -87.76
C LEU F 318 -15.23 -36.00 -88.06
N LYS F 319 -14.11 -35.68 -88.68
CA LYS F 319 -13.80 -34.30 -89.04
C LYS F 319 -13.16 -34.28 -90.42
N VAL F 320 -13.66 -33.41 -91.29
CA VAL F 320 -13.17 -33.28 -92.65
C VAL F 320 -12.51 -31.91 -92.78
N ARG F 321 -11.40 -31.86 -93.51
CA ARG F 321 -10.68 -30.62 -93.72
C ARG F 321 -10.36 -30.50 -95.20
N ASP F 322 -10.66 -29.35 -95.78
CA ASP F 322 -10.30 -29.14 -97.17
C ASP F 322 -8.79 -28.91 -97.28
N ASP F 323 -8.31 -28.85 -98.53
CA ASP F 323 -6.89 -28.68 -98.75
C ASP F 323 -6.37 -27.40 -98.12
N ASN F 324 -7.19 -26.35 -98.09
CA ASN F 324 -6.79 -25.11 -97.42
C ASN F 324 -6.62 -25.33 -95.92
N GLY F 325 -7.54 -26.07 -95.30
CA GLY F 325 -7.41 -26.36 -93.89
C GLY F 325 -8.64 -25.99 -93.08
N THR F 326 -9.70 -25.55 -93.75
CA THR F 326 -10.92 -25.18 -93.04
C THR F 326 -11.66 -26.44 -92.61
N ASP F 327 -12.25 -26.41 -91.43
CA ASP F 327 -13.08 -27.52 -90.98
C ASP F 327 -14.38 -27.51 -91.75
N VAL F 328 -14.55 -28.46 -92.65
CA VAL F 328 -15.71 -28.49 -93.54
C VAL F 328 -16.70 -29.56 -93.10
N THR F 329 -16.62 -29.98 -91.84
CA THR F 329 -17.52 -31.03 -91.34
C THR F 329 -18.97 -30.61 -91.44
N ALA F 330 -19.28 -29.38 -91.06
CA ALA F 330 -20.67 -28.93 -91.07
C ALA F 330 -21.22 -28.75 -92.48
N ARG F 331 -20.37 -28.78 -93.50
CA ARG F 331 -20.79 -28.57 -94.88
C ARG F 331 -20.64 -29.83 -95.72
N CYS F 332 -20.55 -30.99 -95.09
CA CYS F 332 -20.31 -32.24 -95.78
C CYS F 332 -21.50 -33.18 -95.59
N THR F 333 -21.75 -34.01 -96.60
CA THR F 333 -22.75 -35.07 -96.54
C THR F 333 -22.02 -36.41 -96.45
N PHE F 334 -22.40 -37.22 -95.46
CA PHE F 334 -21.68 -38.45 -95.15
C PHE F 334 -22.52 -39.66 -95.51
N ALA F 335 -21.87 -40.67 -96.09
CA ALA F 335 -22.51 -41.92 -96.44
C ALA F 335 -21.62 -43.08 -96.01
N SER F 336 -22.26 -44.23 -95.76
CA SER F 336 -21.57 -45.42 -95.32
C SER F 336 -21.69 -46.50 -96.39
N SER F 337 -20.55 -47.15 -96.68
CA SER F 337 -20.58 -48.26 -97.62
C SER F 337 -21.28 -49.48 -97.03
N ALA F 338 -21.05 -49.75 -95.75
CA ALA F 338 -21.65 -50.90 -95.07
C ALA F 338 -22.28 -50.41 -93.77
N GLY F 339 -23.60 -50.24 -93.78
CA GLY F 339 -24.30 -49.84 -92.57
C GLY F 339 -24.50 -50.95 -91.56
N THR F 340 -24.38 -52.21 -91.99
CA THR F 340 -24.53 -53.34 -91.09
C THR F 340 -23.38 -53.47 -90.11
N LYS F 341 -22.24 -52.83 -90.39
CA LYS F 341 -21.11 -52.81 -89.47
C LYS F 341 -21.00 -51.50 -88.70
N ALA F 342 -21.21 -50.37 -89.36
CA ALA F 342 -21.21 -49.08 -88.71
C ALA F 342 -22.03 -48.10 -89.54
N THR F 343 -22.52 -47.06 -88.89
CA THR F 343 -23.32 -46.03 -89.53
C THR F 343 -22.71 -44.66 -89.22
N VAL F 344 -22.98 -43.71 -90.11
CA VAL F 344 -22.46 -42.36 -89.97
C VAL F 344 -23.60 -41.37 -90.06
N SER F 345 -23.65 -40.44 -89.12
CA SER F 345 -24.70 -39.43 -89.08
C SER F 345 -24.41 -38.31 -90.08
N ALA F 346 -25.43 -37.47 -90.31
CA ALA F 346 -25.25 -36.32 -91.19
C ALA F 346 -24.29 -35.29 -90.61
N ALA F 347 -24.06 -35.32 -89.29
CA ALA F 347 -23.16 -34.40 -88.64
C ALA F 347 -21.74 -34.95 -88.52
N GLY F 348 -21.47 -36.12 -89.08
CA GLY F 348 -20.15 -36.71 -89.04
C GLY F 348 -19.95 -37.73 -87.94
N LEU F 349 -20.85 -37.81 -86.97
CA LEU F 349 -20.71 -38.79 -85.90
C LEU F 349 -20.88 -40.20 -86.46
N VAL F 350 -20.01 -41.10 -86.04
CA VAL F 350 -19.99 -42.47 -86.53
C VAL F 350 -20.19 -43.40 -85.34
N THR F 351 -21.19 -44.28 -85.45
CA THR F 351 -21.49 -45.26 -84.42
C THR F 351 -21.43 -46.66 -85.02
N GLY F 352 -20.67 -47.54 -84.39
CA GLY F 352 -20.59 -48.90 -84.87
C GLY F 352 -21.75 -49.76 -84.39
N VAL F 353 -22.10 -50.75 -85.21
CA VAL F 353 -23.13 -51.71 -84.84
C VAL F 353 -22.65 -53.15 -84.90
N ALA F 354 -21.51 -53.42 -85.54
CA ALA F 354 -20.93 -54.76 -85.56
C ALA F 354 -19.42 -54.63 -85.70
N ALA F 355 -18.72 -55.69 -85.29
CA ALA F 355 -17.26 -55.68 -85.36
C ALA F 355 -16.81 -55.97 -86.79
N GLY F 356 -16.01 -55.08 -87.34
CA GLY F 356 -15.52 -55.25 -88.69
C GLY F 356 -15.11 -53.92 -89.29
N THR F 357 -14.79 -53.95 -90.57
CA THR F 357 -14.37 -52.77 -91.30
C THR F 357 -15.52 -52.21 -92.11
N ALA F 358 -15.57 -50.88 -92.20
CA ALA F 358 -16.56 -50.20 -93.01
C ALA F 358 -15.86 -49.07 -93.76
N ASP F 359 -16.46 -48.66 -94.88
CA ASP F 359 -15.95 -47.56 -95.67
C ASP F 359 -16.93 -46.40 -95.60
N ILE F 360 -16.43 -45.23 -95.19
CA ILE F 360 -17.24 -44.04 -95.02
C ILE F 360 -16.77 -42.99 -96.01
N THR F 361 -17.69 -42.47 -96.80
CA THR F 361 -17.38 -41.44 -97.78
C THR F 361 -18.02 -40.12 -97.39
N ALA F 362 -17.32 -39.04 -97.70
CA ALA F 362 -17.78 -37.69 -97.41
C ALA F 362 -17.76 -36.90 -98.70
N SER F 363 -18.89 -36.25 -99.01
CA SER F 363 -19.01 -35.45 -100.22
C SER F 363 -19.22 -34.00 -99.82
N TYR F 364 -18.48 -33.10 -100.46
CA TYR F 364 -18.56 -31.67 -100.19
C TYR F 364 -18.62 -30.94 -101.52
N VAL F 365 -19.72 -30.25 -101.78
CA VAL F 365 -19.80 -29.44 -103.00
C VAL F 365 -18.87 -28.23 -102.85
N PRO F 366 -17.96 -28.00 -103.80
CA PRO F 366 -17.02 -26.90 -103.64
C PRO F 366 -17.72 -25.56 -103.76
N PRO F 367 -17.14 -24.51 -103.18
CA PRO F 367 -17.76 -23.17 -103.33
C PRO F 367 -17.88 -22.72 -104.77
N GLN F 368 -16.92 -23.08 -105.63
CA GLN F 368 -17.02 -22.70 -107.03
C GLN F 368 -18.10 -23.44 -107.78
N GLY F 369 -18.69 -24.48 -107.17
CA GLY F 369 -19.71 -25.26 -107.82
C GLY F 369 -19.14 -26.43 -108.60
N GLY F 370 -20.03 -27.25 -109.11
CA GLY F 370 -19.66 -28.42 -109.88
C GLY F 370 -19.77 -29.70 -109.10
N THR F 371 -19.03 -30.70 -109.57
CA THR F 371 -19.06 -32.01 -108.94
C THR F 371 -18.44 -31.96 -107.56
N ALA F 372 -19.12 -32.55 -106.58
CA ALA F 372 -18.65 -32.49 -105.20
C ALA F 372 -17.40 -33.34 -105.01
N LYS F 373 -16.48 -32.84 -104.20
CA LYS F 373 -15.29 -33.61 -103.86
C LYS F 373 -15.64 -34.71 -102.87
N THR F 374 -14.93 -35.84 -103.00
CA THR F 374 -15.23 -37.04 -102.24
C THR F 374 -13.98 -37.54 -101.53
N ALA F 375 -14.10 -37.81 -100.23
CA ALA F 375 -13.01 -38.36 -99.42
C ALA F 375 -13.50 -39.62 -98.73
N THR F 376 -12.79 -40.73 -98.94
CA THR F 376 -13.19 -42.03 -98.44
C THR F 376 -12.19 -42.51 -97.38
N VAL F 377 -12.71 -43.05 -96.28
CA VAL F 377 -11.90 -43.50 -95.17
C VAL F 377 -12.41 -44.87 -94.73
N THR F 378 -11.55 -45.62 -94.06
CA THR F 378 -11.90 -46.93 -93.52
C THR F 378 -11.97 -46.85 -92.00
N VAL F 379 -13.03 -47.39 -91.43
CA VAL F 379 -13.29 -47.37 -90.00
C VAL F 379 -13.35 -48.80 -89.48
N THR F 380 -12.71 -49.04 -88.36
CA THR F 380 -12.67 -50.37 -87.75
C THR F 380 -13.49 -50.33 -86.46
N VAL F 381 -14.44 -51.23 -86.33
CA VAL F 381 -15.32 -51.31 -85.18
C VAL F 381 -15.00 -52.59 -84.41
N PRO F 382 -14.48 -52.51 -83.18
CA PRO F 382 -14.15 -53.71 -82.42
C PRO F 382 -15.40 -54.49 -82.00
N GLY G 2 82.35 -28.09 -154.80
CA GLY G 2 82.72 -28.41 -156.17
C GLY G 2 82.87 -27.17 -157.03
N LEU G 3 81.75 -26.53 -157.35
CA LEU G 3 81.74 -25.30 -158.12
C LEU G 3 80.86 -24.29 -157.42
N ILE G 4 81.21 -23.00 -157.57
CA ILE G 4 80.47 -21.95 -156.88
C ILE G 4 79.07 -21.78 -157.47
N SER G 5 78.84 -22.28 -158.68
CA SER G 5 77.53 -22.19 -159.32
C SER G 5 76.68 -23.43 -159.10
N ASP G 6 77.20 -24.44 -158.39
CA ASP G 6 76.43 -25.64 -158.14
C ASP G 6 75.32 -25.36 -157.14
N PRO G 7 74.25 -26.15 -157.15
CA PRO G 7 73.22 -26.01 -156.12
C PRO G 7 73.80 -26.28 -154.75
N VAL G 8 73.29 -25.55 -153.75
CA VAL G 8 73.86 -25.63 -152.41
C VAL G 8 73.71 -27.04 -151.85
N GLU G 9 74.77 -27.52 -151.20
CA GLU G 9 74.76 -28.85 -150.63
C GLU G 9 73.89 -28.89 -149.38
N VAL G 10 73.51 -30.11 -148.98
CA VAL G 10 72.74 -30.29 -147.76
C VAL G 10 73.55 -29.83 -146.56
N ASP G 11 72.95 -28.97 -145.75
CA ASP G 11 73.67 -28.38 -144.63
C ASP G 11 73.91 -29.42 -143.54
N PRO G 12 75.16 -29.67 -143.13
CA PRO G 12 75.40 -30.61 -142.02
C PRO G 12 74.72 -30.18 -140.74
N ILE G 13 74.59 -28.88 -140.50
CA ILE G 13 73.86 -28.42 -139.32
C ILE G 13 72.42 -28.87 -139.38
N GLN G 14 71.80 -28.80 -140.56
CA GLN G 14 70.44 -29.30 -140.72
C GLN G 14 70.38 -30.79 -140.45
N VAL G 15 71.37 -31.55 -140.93
CA VAL G 15 71.36 -32.99 -140.72
C VAL G 15 71.42 -33.31 -139.23
N GLY G 16 72.33 -32.64 -138.52
CA GLY G 16 72.42 -32.87 -137.08
C GLY G 16 71.17 -32.42 -136.33
N ARG G 17 70.61 -31.28 -136.73
CA ARG G 17 69.41 -30.77 -136.07
C ARG G 17 68.23 -31.71 -136.24
N ASP G 18 68.06 -32.25 -137.45
CA ASP G 18 67.00 -33.21 -137.68
C ASP G 18 67.27 -34.54 -136.97
N GLU G 19 68.56 -34.92 -136.86
CA GLU G 19 68.89 -36.13 -136.11
C GLU G 19 68.53 -35.98 -134.64
N ALA G 20 68.83 -34.83 -134.05
CA ALA G 20 68.47 -34.60 -132.65
C ALA G 20 66.96 -34.60 -132.46
N GLY G 21 66.21 -34.21 -133.49
CA GLY G 21 64.77 -34.29 -133.45
C GLY G 21 64.09 -33.36 -132.46
N TRP G 22 64.54 -32.11 -132.37
CA TRP G 22 63.91 -31.11 -131.52
C TRP G 22 63.18 -30.04 -132.33
N VAL G 23 63.11 -30.19 -133.64
CA VAL G 23 62.31 -29.26 -134.45
C VAL G 23 60.84 -29.48 -134.14
N GLN G 24 60.13 -28.38 -133.92
CA GLN G 24 58.75 -28.46 -133.44
C GLN G 24 57.80 -28.89 -134.55
N GLU G 25 56.98 -29.89 -134.26
CA GLU G 25 55.96 -30.37 -135.17
C GLU G 25 54.59 -30.11 -134.57
N LEU G 26 53.67 -29.62 -135.39
CA LEU G 26 52.36 -29.20 -134.94
C LEU G 26 51.28 -29.75 -135.86
N ARG G 27 50.07 -29.84 -135.32
CA ARG G 27 48.92 -30.28 -136.10
C ARG G 27 48.48 -29.18 -137.05
N ASP G 28 48.07 -29.57 -138.24
CA ASP G 28 47.62 -28.60 -139.24
C ASP G 28 46.33 -27.93 -138.79
N ARG G 29 46.22 -26.63 -139.02
CA ARG G 29 45.02 -25.90 -138.63
C ARG G 29 43.82 -26.35 -139.44
N GLU G 30 43.96 -26.40 -140.76
CA GLU G 30 42.85 -26.72 -141.66
C GLU G 30 42.85 -28.22 -141.92
N ALA G 31 42.28 -28.96 -140.98
CA ALA G 31 42.17 -30.41 -141.13
C ALA G 31 41.03 -30.89 -140.25
N TRP G 32 39.94 -31.35 -140.88
CA TRP G 32 38.81 -31.88 -140.15
C TRP G 32 38.64 -33.35 -140.47
N PRO G 33 38.59 -34.24 -139.47
CA PRO G 33 38.66 -33.97 -138.02
C PRO G 33 40.06 -33.59 -137.59
N LYS G 34 40.25 -33.15 -136.35
CA LYS G 34 41.57 -32.71 -135.90
C LYS G 34 42.57 -33.87 -135.97
N GLN G 35 43.77 -33.55 -136.41
CA GLN G 35 44.79 -34.56 -136.62
C GLN G 35 45.29 -35.09 -135.28
N GLU G 36 45.96 -36.23 -135.33
CA GLU G 36 46.54 -36.79 -134.13
C GLU G 36 47.85 -36.07 -133.79
N VAL G 37 48.24 -36.19 -132.53
CA VAL G 37 49.45 -35.52 -132.06
C VAL G 37 50.67 -36.15 -132.74
N PRO G 38 51.55 -35.36 -133.33
CA PRO G 38 52.75 -35.94 -133.96
C PRO G 38 53.66 -36.56 -132.93
N GLU G 39 54.44 -37.55 -133.37
CA GLU G 39 55.29 -38.30 -132.45
C GLU G 39 56.34 -37.40 -131.80
N GLN G 40 56.84 -36.42 -132.54
CA GLN G 40 57.86 -35.54 -131.99
C GLN G 40 57.34 -34.74 -130.80
N ALA G 41 56.09 -34.30 -130.87
CA ALA G 41 55.53 -33.48 -129.81
C ALA G 41 55.33 -34.24 -128.50
N LYS G 42 55.45 -35.57 -128.52
CA LYS G 42 55.30 -36.37 -127.32
C LYS G 42 56.63 -36.95 -126.84
N LYS G 43 57.74 -36.39 -127.29
CA LYS G 43 59.05 -36.92 -126.93
C LYS G 43 59.36 -36.61 -125.47
N PRO G 44 59.66 -37.60 -124.64
CA PRO G 44 60.07 -37.32 -123.27
C PRO G 44 61.42 -36.62 -123.23
N ALA G 45 61.62 -35.83 -122.18
CA ALA G 45 62.87 -35.10 -122.03
C ALA G 45 64.04 -36.06 -121.81
N LYS G 46 65.15 -35.77 -122.48
CA LYS G 46 66.36 -36.55 -122.30
C LYS G 46 66.86 -36.41 -120.87
N VAL G 47 67.55 -37.45 -120.39
CA VAL G 47 67.97 -37.51 -118.99
C VAL G 47 69.37 -36.95 -118.80
N GLY G 48 69.89 -36.25 -119.81
CA GLY G 48 71.21 -35.67 -119.68
C GLY G 48 71.63 -34.99 -120.96
N ASN G 49 72.90 -34.57 -120.99
CA ASN G 49 73.48 -33.90 -122.15
C ASN G 49 74.83 -34.50 -122.51
N ALA H 2 83.32 -56.65 61.23
CA ALA H 2 83.65 -55.48 62.03
C ALA H 2 82.69 -54.33 61.74
N HIS H 3 83.20 -53.29 61.07
CA HIS H 3 82.35 -52.18 60.71
C HIS H 3 81.29 -52.62 59.71
N ILE H 4 80.09 -52.09 59.87
CA ILE H 4 78.95 -52.42 59.02
C ILE H 4 78.37 -51.12 58.50
N PHE H 5 78.18 -51.03 57.19
CA PHE H 5 77.65 -49.83 56.55
C PHE H 5 76.35 -50.16 55.85
N VAL H 6 75.47 -49.17 55.75
CA VAL H 6 74.19 -49.31 55.08
C VAL H 6 74.28 -48.60 53.74
N LYS H 7 74.09 -49.36 52.66
CA LYS H 7 74.28 -48.85 51.31
C LYS H 7 73.08 -49.21 50.45
N PRO H 8 72.79 -48.38 49.43
CA PRO H 8 71.70 -48.70 48.51
C PRO H 8 72.21 -49.44 47.29
N GLU H 9 71.41 -50.41 46.82
CA GLU H 9 71.73 -51.15 45.60
C GLU H 9 71.51 -50.22 44.41
N LEU H 10 72.58 -49.63 43.91
CA LEU H 10 72.47 -48.67 42.82
C LEU H 10 72.04 -49.37 41.52
N VAL H 11 71.20 -48.69 40.76
CA VAL H 11 70.81 -49.13 39.43
C VAL H 11 71.09 -47.98 38.46
N ALA H 12 71.85 -48.26 37.42
CA ALA H 12 72.23 -47.25 36.44
C ALA H 12 72.03 -47.79 35.04
N GLU H 13 71.81 -46.88 34.10
CA GLU H 13 71.69 -47.21 32.69
C GLU H 13 72.89 -46.65 31.95
N ILE H 14 73.56 -47.49 31.17
CA ILE H 14 74.79 -47.12 30.50
C ILE H 14 74.66 -47.12 28.98
N GLY H 15 73.47 -47.35 28.45
CA GLY H 15 73.28 -47.44 27.02
C GLY H 15 73.20 -48.84 26.48
N VAL H 16 73.48 -49.85 27.30
CA VAL H 16 73.29 -51.23 26.88
C VAL H 16 71.79 -51.49 26.77
N LYS H 17 71.36 -51.96 25.61
CA LYS H 17 69.95 -52.21 25.35
C LYS H 17 69.81 -53.49 24.55
N GLN H 18 68.61 -54.06 24.60
CA GLN H 18 68.34 -55.27 23.82
C GLN H 18 68.43 -54.96 22.33
N LEU H 19 69.03 -55.86 21.59
CA LEU H 19 69.26 -55.64 20.17
C LEU H 19 68.03 -55.97 19.35
N GLN H 20 67.63 -55.04 18.49
CA GLN H 20 66.39 -55.14 17.73
C GLN H 20 66.69 -54.98 16.25
N ARG H 21 65.85 -55.60 15.42
CA ARG H 21 66.04 -55.59 13.98
C ARG H 21 65.79 -54.19 13.41
N GLU H 22 66.57 -53.85 12.38
CA GLU H 22 66.35 -52.60 11.64
C GLU H 22 65.15 -52.74 10.72
N ILE H 23 64.26 -51.75 10.76
CA ILE H 23 63.03 -51.80 9.99
C ILE H 23 63.28 -51.25 8.59
N VAL H 24 63.11 -52.10 7.57
CA VAL H 24 63.36 -51.68 6.20
C VAL H 24 62.15 -51.92 5.30
N LEU H 25 61.53 -53.10 5.43
CA LEU H 25 60.50 -53.51 4.47
C LEU H 25 59.32 -52.55 4.38
N PRO H 26 58.69 -52.10 5.47
CA PRO H 26 57.55 -51.19 5.31
C PRO H 26 57.99 -49.88 4.67
N GLY H 27 57.46 -49.62 3.48
CA GLY H 27 57.88 -48.47 2.71
C GLY H 27 58.22 -48.87 1.29
N LEU H 28 58.71 -50.10 1.13
CA LEU H 28 59.02 -50.65 -0.17
C LEU H 28 57.83 -51.39 -0.79
N VAL H 29 56.77 -51.62 -0.04
CA VAL H 29 55.61 -52.36 -0.51
C VAL H 29 54.47 -51.38 -0.70
N TRP H 30 53.73 -51.53 -1.80
CA TRP H 30 52.67 -50.58 -2.11
C TRP H 30 51.68 -50.52 -0.96
N THR H 31 51.28 -49.31 -0.57
CA THR H 31 50.45 -49.13 0.61
C THR H 31 49.28 -48.20 0.32
N ASN H 32 48.10 -48.61 0.77
CA ASN H 32 46.94 -47.74 0.68
C ASN H 32 46.18 -47.65 2.00
N PRO H 33 45.95 -46.44 2.50
CA PRO H 33 45.01 -46.23 3.61
C PRO H 33 43.58 -46.25 3.06
N LEU H 34 42.80 -47.21 3.51
CA LEU H 34 41.46 -47.42 2.96
C LEU H 34 40.52 -46.27 3.30
N ASP H 43 36.27 -51.27 4.12
CA ASP H 43 36.08 -52.71 4.20
C ASP H 43 36.83 -53.42 3.09
N THR H 44 36.88 -52.80 1.92
CA THR H 44 37.60 -53.36 0.77
C THR H 44 37.91 -52.25 -0.21
N ILE H 45 38.86 -52.53 -1.10
CA ILE H 45 39.17 -51.64 -2.21
C ILE H 45 39.25 -52.47 -3.48
N THR H 46 38.62 -51.97 -4.54
CA THR H 46 38.66 -52.64 -5.83
C THR H 46 39.58 -51.88 -6.77
N VAL H 47 40.19 -52.61 -7.70
CA VAL H 47 41.07 -52.02 -8.70
C VAL H 47 40.33 -52.02 -10.03
N ARG H 48 40.92 -51.33 -11.01
CA ARG H 48 40.25 -51.02 -12.27
C ARG H 48 41.17 -51.30 -13.45
N VAL H 49 41.71 -52.52 -13.52
CA VAL H 49 42.69 -52.82 -14.57
C VAL H 49 42.08 -52.55 -15.94
N PRO H 50 42.78 -51.92 -16.85
CA PRO H 50 42.20 -51.59 -18.15
C PRO H 50 42.02 -52.81 -19.02
N ALA H 51 41.56 -52.60 -20.26
CA ALA H 51 41.28 -53.67 -21.19
C ALA H 51 42.13 -53.52 -22.43
N ILE H 52 42.63 -54.64 -22.95
CA ILE H 52 43.40 -54.66 -24.18
C ILE H 52 42.65 -55.51 -25.21
N THR H 53 42.92 -55.23 -26.48
CA THR H 53 42.25 -55.92 -27.58
C THR H 53 43.26 -56.26 -28.65
N THR H 54 42.78 -56.91 -29.71
CA THR H 54 43.61 -57.35 -30.81
C THR H 54 42.99 -56.91 -32.13
N ALA H 55 43.84 -56.45 -33.05
CA ALA H 55 43.39 -56.04 -34.36
C ALA H 55 43.47 -57.22 -35.33
N ASN H 56 43.19 -56.96 -36.60
CA ASN H 56 43.20 -58.01 -37.61
C ASN H 56 43.62 -57.41 -38.94
N ARG H 57 44.03 -58.28 -39.85
CA ARG H 57 44.45 -57.86 -41.17
C ARG H 57 43.73 -58.68 -42.24
N ARG H 58 43.37 -58.01 -43.34
CA ARG H 58 42.72 -58.64 -44.47
C ARG H 58 43.35 -58.11 -45.74
N ASP H 59 43.22 -58.89 -46.81
CA ASP H 59 43.82 -58.52 -48.08
C ASP H 59 43.10 -57.32 -48.70
N LEU H 60 43.84 -56.54 -49.46
CA LEU H 60 43.23 -55.46 -50.22
C LEU H 60 42.43 -56.00 -51.39
N ARG H 61 41.31 -55.33 -51.68
CA ARG H 61 40.48 -55.65 -52.83
C ARG H 61 39.95 -57.08 -52.78
N ASP H 62 39.86 -57.63 -51.58
CA ASP H 62 39.29 -58.96 -51.39
C ASP H 62 37.78 -58.86 -51.46
N PRO H 63 37.11 -59.63 -52.34
CA PRO H 63 35.64 -59.52 -52.43
C PRO H 63 34.92 -59.87 -51.15
N ASP H 64 35.54 -60.62 -50.24
CA ASP H 64 34.92 -60.92 -48.95
C ASP H 64 35.02 -59.68 -48.07
N ARG H 65 33.98 -58.84 -48.10
CA ARG H 65 33.99 -57.57 -47.37
C ARG H 65 33.46 -57.82 -45.97
N THR H 66 34.27 -58.48 -45.14
CA THR H 66 33.90 -58.77 -43.77
C THR H 66 34.99 -58.34 -42.82
N VAL H 67 34.58 -57.94 -41.62
CA VAL H 67 35.49 -57.46 -40.60
C VAL H 67 35.23 -58.25 -39.32
N ILE H 68 36.31 -58.73 -38.71
CA ILE H 68 36.22 -59.48 -37.46
C ILE H 68 36.21 -58.48 -36.32
N ALA H 69 35.11 -58.43 -35.58
CA ALA H 69 35.00 -57.50 -34.48
C ALA H 69 35.90 -57.93 -33.32
N SER H 70 36.33 -56.95 -32.55
CA SER H 70 37.18 -57.18 -31.39
C SER H 70 36.41 -56.94 -30.10
N GLU H 71 37.04 -57.29 -28.98
CA GLU H 71 36.40 -57.27 -27.68
C GLU H 71 37.22 -56.43 -26.72
N LEU H 72 36.52 -55.78 -25.79
CA LEU H 72 37.15 -54.95 -24.76
C LEU H 72 36.58 -55.38 -23.41
N VAL H 73 37.21 -56.37 -22.79
CA VAL H 73 36.75 -56.91 -21.51
C VAL H 73 37.63 -56.33 -20.40
N GLU H 74 37.00 -55.68 -19.44
CA GLU H 74 37.70 -55.00 -18.35
C GLU H 74 37.58 -55.82 -17.08
N HIS H 75 38.71 -56.15 -16.48
CA HIS H 75 38.76 -57.00 -15.30
C HIS H 75 38.88 -56.15 -14.04
N SER H 76 38.96 -56.83 -12.91
CA SER H 76 39.13 -56.16 -11.62
C SER H 76 39.40 -57.21 -10.56
N PHE H 77 40.01 -56.78 -9.46
CA PHE H 77 40.18 -57.62 -8.29
C PHE H 77 40.13 -56.74 -7.06
N GLY H 78 39.92 -57.37 -5.90
CA GLY H 78 39.71 -56.66 -4.66
C GLY H 78 40.75 -57.00 -3.61
N VAL H 79 40.96 -56.05 -2.70
CA VAL H 79 41.81 -56.22 -1.53
C VAL H 79 40.93 -55.99 -0.31
N THR H 80 40.89 -56.95 0.60
CA THR H 80 40.02 -56.93 1.75
C THR H 80 40.84 -56.96 3.03
N LEU H 81 40.36 -56.26 4.05
CA LEU H 81 41.01 -56.26 5.35
C LEU H 81 40.76 -57.60 6.04
N ASP H 82 41.84 -58.26 6.45
CA ASP H 82 41.72 -59.60 7.01
C ASP H 82 42.29 -59.72 8.41
N LYS H 83 43.44 -59.12 8.69
CA LYS H 83 44.12 -59.30 9.96
C LYS H 83 44.03 -58.03 10.80
N HIS H 84 44.19 -58.22 12.11
CA HIS H 84 44.11 -57.14 13.09
C HIS H 84 45.40 -57.17 13.92
N VAL H 85 46.31 -56.24 13.66
CA VAL H 85 47.60 -56.21 14.33
C VAL H 85 47.46 -55.30 15.55
N TYR H 86 47.79 -55.85 16.72
CA TYR H 86 47.60 -55.10 17.96
C TYR H 86 48.67 -55.47 18.96
N ALA H 87 48.91 -54.55 19.88
CA ALA H 87 49.78 -54.76 21.05
C ALA H 87 49.10 -54.12 22.24
N ALA H 88 48.80 -54.93 23.26
CA ALA H 88 48.02 -54.50 24.39
C ALA H 88 48.81 -54.68 25.68
N LEU H 89 48.71 -53.68 26.56
CA LEU H 89 49.39 -53.72 27.84
C LEU H 89 48.38 -53.41 28.94
N LYS H 90 48.36 -54.24 29.97
CA LYS H 90 47.45 -54.08 31.09
C LYS H 90 48.24 -53.89 32.38
N PHE H 91 47.95 -52.82 33.10
CA PHE H 91 48.62 -52.50 34.35
C PHE H 91 47.60 -52.48 35.47
N THR H 92 48.03 -52.85 36.67
CA THR H 92 47.22 -52.54 37.84
C THR H 92 47.47 -51.10 38.24
N ASP H 93 46.67 -50.61 39.18
CA ASP H 93 46.82 -49.22 39.60
C ASP H 93 48.10 -49.00 40.37
N GLU H 94 48.53 -50.00 41.15
CA GLU H 94 49.74 -49.85 41.94
C GLU H 94 50.97 -49.66 41.05
N GLN H 95 51.14 -50.53 40.05
CA GLN H 95 52.32 -50.41 39.20
C GLN H 95 52.18 -49.28 38.20
N ARG H 96 50.96 -48.82 37.93
CA ARG H 96 50.80 -47.60 37.15
C ARG H 96 51.21 -46.38 37.97
N THR H 97 51.02 -46.44 39.28
CA THR H 97 51.40 -45.33 40.15
C THR H 97 52.86 -45.38 40.57
N LEU H 98 53.33 -46.55 41.02
CA LEU H 98 54.63 -46.66 41.64
C LEU H 98 55.71 -47.14 40.68
N ASP H 99 55.45 -48.22 39.95
CA ASP H 99 56.52 -48.88 39.19
C ASP H 99 56.90 -48.08 37.95
N ILE H 100 55.92 -47.51 37.25
CA ILE H 100 56.20 -46.80 36.01
C ILE H 100 56.67 -45.39 36.34
N ARG H 101 57.90 -45.06 35.94
CA ARG H 101 58.41 -43.73 36.17
C ARG H 101 57.87 -42.74 35.16
N ASP H 102 58.22 -42.93 33.89
CA ASP H 102 57.74 -42.09 32.80
C ASP H 102 57.00 -42.95 31.78
N TYR H 103 55.90 -42.40 31.27
CA TYR H 103 55.01 -43.21 30.43
C TYR H 103 55.61 -43.47 29.07
N THR H 104 56.11 -42.43 28.41
CA THR H 104 56.63 -42.62 27.05
C THR H 104 58.10 -43.00 27.07
N LYS H 105 58.43 -43.96 27.94
CA LYS H 105 59.67 -44.70 27.85
C LYS H 105 59.51 -46.18 28.17
N GLN H 106 58.41 -46.58 28.80
CA GLN H 106 58.20 -47.95 29.21
C GLN H 106 56.93 -48.55 28.64
N VAL H 107 55.94 -47.74 28.30
CA VAL H 107 54.65 -48.22 27.84
C VAL H 107 54.43 -47.93 26.36
N LEU H 108 54.75 -46.72 25.92
CA LEU H 108 54.40 -46.32 24.56
C LEU H 108 55.46 -46.71 23.54
N MET H 109 56.73 -46.39 23.79
CA MET H 109 57.76 -46.72 22.83
C MET H 109 57.92 -48.21 22.60
N PRO H 110 57.99 -49.07 23.63
CA PRO H 110 58.04 -50.51 23.35
C PRO H 110 56.82 -51.00 22.60
N GLN H 111 55.66 -50.44 22.88
CA GLN H 111 54.44 -50.87 22.21
C GLN H 111 54.49 -50.52 20.72
N VAL H 112 54.90 -49.29 20.40
CA VAL H 112 55.02 -48.88 19.00
C VAL H 112 56.06 -49.74 18.30
N SER H 113 57.16 -50.04 18.97
CA SER H 113 58.17 -50.91 18.37
C SER H 113 57.60 -52.29 18.07
N ALA H 114 56.84 -52.85 19.01
CA ALA H 114 56.27 -54.17 18.79
C ALA H 114 55.31 -54.19 17.63
N VAL H 115 54.46 -53.16 17.53
CA VAL H 115 53.52 -53.11 16.41
C VAL H 115 54.27 -52.94 15.09
N ALA H 116 55.32 -52.12 15.08
CA ALA H 116 56.09 -51.95 13.85
C ALA H 116 56.73 -53.26 13.41
N TYR H 117 57.31 -54.00 14.36
CA TYR H 117 57.93 -55.28 13.99
C TYR H 117 56.89 -56.28 13.54
N GLU H 118 55.70 -56.28 14.15
CA GLU H 118 54.64 -57.16 13.68
C GLU H 118 54.22 -56.81 12.26
N LEU H 119 54.10 -55.52 11.95
CA LEU H 119 53.72 -55.12 10.59
C LEU H 119 54.79 -55.53 9.59
N GLU H 120 56.06 -55.33 9.93
CA GLU H 120 57.13 -55.72 9.01
C GLU H 120 57.14 -57.23 8.81
N ASP H 121 56.90 -58.00 9.88
CA ASP H 121 56.82 -59.44 9.74
C ASP H 121 55.65 -59.85 8.87
N TYR H 122 54.53 -59.13 8.99
CA TYR H 122 53.39 -59.38 8.11
C TYR H 122 53.76 -59.16 6.65
N ILE H 123 54.43 -58.05 6.37
CA ILE H 123 54.85 -57.75 5.00
C ILE H 123 55.81 -58.82 4.49
N ALA H 124 56.75 -59.24 5.33
CA ALA H 124 57.71 -60.26 4.92
C ALA H 124 57.01 -61.58 4.64
N GLU H 125 56.02 -61.94 5.45
CA GLU H 125 55.23 -63.13 5.18
C GLU H 125 54.51 -63.01 3.85
N LEU H 126 54.02 -61.82 3.53
CA LEU H 126 53.40 -61.60 2.23
C LEU H 126 54.39 -61.82 1.10
N ILE H 127 55.59 -61.26 1.22
CA ILE H 127 56.58 -61.34 0.14
C ILE H 127 57.04 -62.78 -0.06
N GLU H 128 57.43 -63.44 1.03
CA GLU H 128 57.99 -64.78 0.92
C GLU H 128 56.95 -65.78 0.43
N GLY H 129 55.72 -65.67 0.92
CA GLY H 129 54.67 -66.54 0.46
C GLY H 129 53.89 -65.94 -0.70
N ALA H 130 54.25 -66.33 -1.91
CA ALA H 130 53.59 -65.85 -3.12
C ALA H 130 53.71 -66.94 -4.17
N PRO H 131 52.78 -67.00 -5.12
CA PRO H 131 52.85 -68.06 -6.11
C PRO H 131 53.97 -67.88 -7.11
N TYR H 132 55.21 -68.03 -6.65
CA TYR H 132 56.35 -67.92 -7.55
C TYR H 132 56.44 -69.18 -8.40
N GLU H 133 56.48 -68.99 -9.72
CA GLU H 133 56.52 -70.13 -10.63
C GLU H 133 57.82 -70.92 -10.46
N GLU H 134 58.94 -70.23 -10.35
CA GLU H 134 60.23 -70.90 -10.16
C GLU H 134 61.17 -69.95 -9.45
N THR H 135 62.21 -70.52 -8.87
CA THR H 135 63.21 -69.76 -8.12
C THR H 135 64.52 -69.81 -8.88
N ILE H 136 65.09 -68.63 -9.16
CA ILE H 136 66.40 -68.58 -9.80
C ILE H 136 67.46 -68.93 -8.77
N LEU H 137 68.32 -69.89 -9.11
CA LEU H 137 69.33 -70.37 -8.18
C LEU H 137 70.60 -69.55 -8.35
N ILE H 138 71.00 -68.86 -7.29
CA ILE H 138 72.20 -68.02 -7.30
C ILE H 138 73.39 -68.92 -7.04
N ASP H 139 74.21 -69.15 -8.05
CA ASP H 139 75.44 -69.90 -7.84
C ASP H 139 76.42 -69.04 -7.07
N PRO H 140 76.84 -69.44 -5.87
CA PRO H 140 77.74 -68.58 -5.09
C PRO H 140 79.08 -68.32 -5.75
N ALA H 141 79.50 -69.16 -6.69
CA ALA H 141 80.75 -68.91 -7.41
C ALA H 141 80.64 -67.65 -8.27
N ASP H 142 79.55 -67.53 -9.04
CA ASP H 142 79.27 -66.33 -9.81
C ASP H 142 77.80 -65.98 -9.64
N THR H 143 77.55 -64.83 -9.03
CA THR H 143 76.20 -64.44 -8.66
C THR H 143 75.55 -63.50 -9.66
N VAL H 144 76.34 -62.74 -10.43
CA VAL H 144 75.76 -61.81 -11.40
C VAL H 144 74.92 -62.52 -12.46
N PRO H 145 75.32 -63.67 -13.02
CA PRO H 145 74.44 -64.34 -13.98
C PRO H 145 73.07 -64.64 -13.42
N ALA H 146 72.95 -65.00 -12.15
CA ALA H 146 71.63 -65.26 -11.56
C ALA H 146 70.77 -64.01 -11.54
N PHE H 147 71.34 -62.86 -11.17
CA PHE H 147 70.55 -61.64 -11.12
C PHE H 147 70.22 -61.13 -12.51
N ILE H 148 71.13 -61.30 -13.46
CA ILE H 148 70.82 -60.95 -14.85
C ILE H 148 69.71 -61.84 -15.38
N THR H 149 69.74 -63.12 -15.00
CA THR H 149 68.66 -64.02 -15.39
C THR H 149 67.33 -63.60 -14.79
N ALA H 150 67.35 -63.19 -13.51
CA ALA H 150 66.11 -62.71 -12.89
C ALA H 150 65.60 -61.46 -13.59
N ASP H 151 66.50 -60.53 -13.92
CA ASP H 151 66.10 -59.32 -14.62
C ASP H 151 65.53 -59.65 -15.99
N GLN H 152 66.16 -60.56 -16.73
CA GLN H 152 65.64 -60.97 -18.03
C GLN H 152 64.27 -61.62 -17.88
N ARG H 153 64.11 -62.48 -16.87
CA ARG H 153 62.85 -63.17 -16.66
C ARG H 153 61.74 -62.18 -16.38
N MET H 154 62.04 -61.15 -15.60
CA MET H 154 61.03 -60.16 -15.24
C MET H 154 60.80 -59.12 -16.32
N GLY H 155 61.76 -58.91 -17.22
CA GLY H 155 61.59 -57.95 -18.28
C GLY H 155 61.07 -58.58 -19.55
N GLU H 156 61.04 -59.91 -19.58
CA GLU H 156 60.41 -60.61 -20.69
C GLU H 156 58.90 -60.58 -20.58
N ALA H 157 58.37 -60.48 -19.37
CA ALA H 157 56.94 -60.32 -19.15
C ALA H 157 56.48 -58.89 -19.30
N ASN H 158 57.30 -58.03 -19.90
CA ASN H 158 56.96 -56.64 -20.19
C ASN H 158 56.71 -55.82 -18.94
N VAL H 159 57.23 -56.25 -17.80
CA VAL H 159 57.13 -55.44 -16.58
C VAL H 159 57.96 -54.18 -16.75
N PRO H 160 57.47 -53.01 -16.35
CA PRO H 160 58.25 -51.79 -16.52
C PRO H 160 59.59 -51.88 -15.80
N THR H 161 60.60 -51.24 -16.39
CA THR H 161 61.97 -51.31 -15.90
C THR H 161 62.28 -50.25 -14.86
N ASP H 162 61.27 -49.71 -14.19
CA ASP H 162 61.49 -48.74 -13.13
C ASP H 162 60.68 -49.12 -11.90
N SER H 163 61.04 -48.52 -10.77
CA SER H 163 60.38 -48.76 -9.48
C SER H 163 60.48 -50.20 -9.04
N ARG H 164 61.47 -50.94 -9.54
CA ARG H 164 61.71 -52.30 -9.05
C ARG H 164 62.46 -52.24 -7.73
N ARG H 165 62.20 -53.21 -6.87
CA ARG H 165 62.83 -53.31 -5.57
C ARG H 165 63.53 -54.65 -5.46
N LEU H 166 64.79 -54.63 -5.05
CA LEU H 166 65.56 -55.85 -4.81
C LEU H 166 65.92 -55.89 -3.33
N VAL H 167 65.31 -56.81 -2.60
CA VAL H 167 65.54 -56.98 -1.17
C VAL H 167 66.19 -58.33 -0.96
N VAL H 168 67.36 -58.34 -0.32
CA VAL H 168 68.13 -59.55 -0.13
C VAL H 168 68.24 -59.83 1.37
N GLY H 169 68.42 -61.10 1.70
CA GLY H 169 68.67 -61.49 3.07
C GLY H 169 70.12 -61.29 3.45
N SER H 170 70.44 -61.64 4.69
CA SER H 170 71.81 -61.50 5.15
C SER H 170 72.75 -62.38 4.36
N ALA H 171 72.38 -63.65 4.17
CA ALA H 171 73.28 -64.58 3.51
C ALA H 171 73.49 -64.21 2.04
N VAL H 172 72.45 -63.75 1.36
CA VAL H 172 72.61 -63.36 -0.03
C VAL H 172 73.53 -62.15 -0.15
N ALA H 173 73.37 -61.17 0.72
CA ALA H 173 74.26 -60.01 0.69
C ALA H 173 75.71 -60.41 0.96
N ALA H 174 75.91 -61.29 1.94
CA ALA H 174 77.26 -61.76 2.22
C ALA H 174 77.85 -62.51 1.04
N ALA H 175 77.05 -63.36 0.39
CA ALA H 175 77.54 -64.09 -0.77
C ALA H 175 77.86 -63.16 -1.91
N LEU H 176 77.07 -62.10 -2.08
CA LEU H 176 77.36 -61.10 -3.09
C LEU H 176 78.67 -60.42 -2.83
N ALA H 177 78.92 -60.04 -1.58
CA ALA H 177 80.18 -59.38 -1.27
C ALA H 177 81.37 -60.33 -1.36
N LYS H 178 81.14 -61.63 -1.15
CA LYS H 178 82.21 -62.60 -1.27
C LYS H 178 82.52 -62.97 -2.71
N ASP H 179 81.65 -62.63 -3.65
CA ASP H 179 81.83 -63.05 -5.03
C ASP H 179 83.11 -62.48 -5.61
N LYS H 180 83.83 -63.31 -6.35
CA LYS H 180 85.04 -62.84 -7.01
C LYS H 180 84.73 -61.80 -8.06
N GLN H 181 83.48 -61.72 -8.52
CA GLN H 181 83.11 -60.69 -9.46
C GLN H 181 83.13 -59.31 -8.83
N PHE H 182 82.90 -59.22 -7.52
CA PHE H 182 82.86 -57.94 -6.84
C PHE H 182 84.10 -57.67 -6.00
N ARG H 183 84.71 -58.72 -5.46
CA ARG H 183 85.92 -58.54 -4.67
C ARG H 183 87.09 -58.08 -5.54
N HIS H 184 87.32 -58.76 -6.66
CA HIS H 184 88.47 -58.48 -7.51
C HIS H 184 88.23 -57.19 -8.28
N ALA H 185 89.13 -56.22 -8.09
CA ALA H 185 88.92 -54.90 -8.69
C ALA H 185 89.13 -54.93 -10.20
N ASP H 186 89.94 -55.85 -10.71
CA ASP H 186 90.11 -55.94 -12.15
C ASP H 186 88.82 -56.37 -12.84
N TRP H 187 87.99 -57.14 -12.14
CA TRP H 187 86.71 -57.59 -12.68
C TRP H 187 85.57 -56.65 -12.31
N SER H 188 85.48 -56.25 -11.04
CA SER H 188 84.37 -55.40 -10.61
C SER H 188 84.41 -54.05 -11.32
N GLY H 189 85.61 -53.49 -11.47
CA GLY H 189 85.73 -52.24 -12.20
C GLY H 189 86.28 -51.09 -11.39
N ASP H 190 85.84 -50.98 -10.13
CA ASP H 190 86.25 -49.88 -9.29
C ASP H 190 87.50 -50.26 -8.51
N GLN H 191 88.58 -49.51 -8.72
CA GLN H 191 89.83 -49.73 -8.01
C GLN H 191 89.78 -49.25 -6.56
N ALA H 192 88.60 -48.91 -6.07
CA ALA H 192 88.41 -48.47 -4.69
C ALA H 192 87.45 -49.42 -4.00
N ASN H 193 87.73 -50.72 -4.11
CA ASN H 193 86.80 -51.79 -3.77
C ASN H 193 85.90 -51.44 -2.60
N ALA H 194 84.60 -51.53 -2.84
CA ALA H 194 83.63 -51.46 -1.76
C ALA H 194 83.23 -52.83 -1.28
N ALA H 195 83.37 -53.86 -2.13
CA ALA H 195 83.06 -55.22 -1.72
C ALA H 195 84.17 -55.86 -0.91
N LEU H 196 85.33 -55.22 -0.81
CA LEU H 196 86.44 -55.74 -0.03
C LEU H 196 86.83 -54.81 1.10
N ARG H 197 86.90 -53.51 0.86
CA ARG H 197 87.21 -52.57 1.93
C ARG H 197 85.99 -52.19 2.76
N GLU H 198 84.78 -52.50 2.28
CA GLU H 198 83.56 -52.21 3.04
C GLU H 198 82.54 -53.32 3.02
N ALA H 199 82.74 -54.38 2.23
CA ALA H 199 81.82 -55.50 2.17
C ALA H 199 80.40 -55.05 1.83
N HIS H 200 80.29 -54.17 0.84
CA HIS H 200 79.00 -53.60 0.45
C HIS H 200 78.91 -53.58 -1.06
N VAL H 201 78.08 -54.45 -1.63
CA VAL H 201 77.96 -54.52 -3.07
C VAL H 201 77.33 -53.24 -3.63
N GLY H 202 76.22 -52.81 -3.06
CA GLY H 202 75.65 -51.54 -3.44
C GLY H 202 74.64 -51.59 -4.56
N ARG H 203 75.06 -52.05 -5.75
CA ARG H 203 74.17 -52.07 -6.89
C ARG H 203 74.69 -53.04 -7.94
N LEU H 204 73.80 -53.86 -8.49
CA LEU H 204 74.17 -54.72 -9.60
C LEU H 204 72.94 -54.91 -10.48
N ALA H 205 73.20 -55.20 -11.76
CA ALA H 205 72.15 -55.55 -12.72
C ALA H 205 71.06 -54.50 -12.77
N GLY H 206 71.44 -53.24 -12.62
CA GLY H 206 70.51 -52.13 -12.77
C GLY H 206 69.61 -51.89 -11.58
N MET H 207 69.73 -52.67 -10.51
CA MET H 207 68.88 -52.54 -9.34
C MET H 207 69.76 -52.40 -8.11
N ASN H 208 69.27 -51.62 -7.14
CA ASN H 208 70.03 -51.31 -5.94
C ASN H 208 69.68 -52.30 -4.83
N VAL H 209 70.68 -52.99 -4.33
CA VAL H 209 70.47 -54.00 -3.29
C VAL H 209 70.00 -53.32 -2.01
N ILE H 210 69.01 -53.92 -1.35
CA ILE H 210 68.62 -53.48 -0.01
C ILE H 210 68.64 -54.69 0.90
N ARG H 211 69.47 -54.64 1.94
CA ARG H 211 69.56 -55.76 2.86
C ARG H 211 68.38 -55.74 3.83
N SER H 212 68.06 -56.92 4.35
CA SER H 212 66.99 -57.04 5.33
C SER H 212 67.17 -58.31 6.13
N ASN H 213 66.55 -58.34 7.30
CA ASN H 213 66.54 -59.52 8.15
C ASN H 213 65.15 -60.10 8.36
N ALA H 214 64.10 -59.41 7.92
CA ALA H 214 62.77 -59.99 8.01
C ALA H 214 62.63 -61.23 7.14
N ILE H 215 63.14 -61.16 5.91
CA ILE H 215 63.07 -62.27 4.98
C ILE H 215 64.12 -63.30 5.36
N ALA H 216 64.03 -64.49 4.76
CA ALA H 216 64.97 -65.55 5.06
C ALA H 216 66.39 -65.11 4.69
N PRO H 217 67.40 -65.60 5.40
CA PRO H 217 68.76 -65.10 5.15
C PRO H 217 69.28 -65.34 3.74
N ASP H 218 68.90 -66.44 3.10
CA ASP H 218 69.48 -66.83 1.82
C ASP H 218 68.49 -66.71 0.66
N LYS H 219 67.60 -65.73 0.72
CA LYS H 219 66.62 -65.53 -0.34
C LYS H 219 66.55 -64.06 -0.69
N ALA H 220 66.43 -63.76 -1.99
CA ALA H 220 66.39 -62.40 -2.48
C ALA H 220 65.20 -62.25 -3.41
N TYR H 221 64.41 -61.21 -3.21
CA TYR H 221 63.20 -60.98 -3.99
C TYR H 221 63.34 -59.70 -4.79
N LEU H 222 62.97 -59.78 -6.07
CA LEU H 222 62.96 -58.62 -6.96
C LEU H 222 61.54 -58.43 -7.46
N TRP H 223 60.92 -57.33 -7.10
CA TRP H 223 59.52 -57.15 -7.45
C TRP H 223 59.24 -55.72 -7.89
N HIS H 224 58.33 -55.58 -8.85
CA HIS H 224 57.88 -54.27 -9.28
C HIS H 224 56.99 -53.66 -8.21
N ARG H 225 56.82 -52.33 -8.27
CA ARG H 225 56.07 -51.63 -7.24
C ARG H 225 54.63 -52.12 -7.18
N THR H 226 54.01 -52.31 -8.33
CA THR H 226 52.61 -52.76 -8.39
C THR H 226 52.51 -54.28 -8.35
N ALA H 227 53.21 -54.89 -7.40
CA ALA H 227 53.21 -56.34 -7.26
C ALA H 227 52.82 -56.83 -5.88
N PHE H 228 52.92 -55.99 -4.86
CA PHE H 228 52.48 -56.33 -3.52
C PHE H 228 51.78 -55.13 -2.92
N ILE H 229 50.49 -55.26 -2.66
CA ILE H 229 49.66 -54.17 -2.18
C ILE H 229 49.16 -54.50 -0.78
N LEU H 230 49.39 -53.58 0.15
CA LEU H 230 48.95 -53.70 1.52
C LEU H 230 48.02 -52.55 1.85
N ALA H 231 46.82 -52.87 2.29
CA ALA H 231 45.81 -51.89 2.64
C ALA H 231 45.65 -51.87 4.15
N TYR H 232 45.67 -50.69 4.73
CA TYR H 232 45.53 -50.55 6.17
C TYR H 232 44.44 -49.55 6.50
N ARG H 233 43.83 -49.75 7.66
CA ARG H 233 42.82 -48.84 8.18
C ARG H 233 43.06 -48.62 9.67
N THR H 234 42.98 -47.37 10.09
CA THR H 234 43.11 -47.03 11.50
C THR H 234 41.72 -47.02 12.13
N PRO H 235 41.44 -47.90 13.08
CA PRO H 235 40.09 -47.96 13.65
C PRO H 235 39.77 -46.68 14.42
N VAL H 236 38.49 -46.40 14.53
CA VAL H 236 38.03 -45.25 15.30
C VAL H 236 37.98 -45.63 16.78
N VAL H 237 38.23 -44.66 17.64
CA VAL H 237 38.19 -44.90 19.08
C VAL H 237 36.75 -45.14 19.52
N PRO H 238 36.48 -46.16 20.31
CA PRO H 238 35.10 -46.41 20.75
C PRO H 238 34.66 -45.35 21.75
N GLU H 239 33.33 -45.31 21.97
CA GLU H 239 32.79 -44.37 22.93
C GLU H 239 33.26 -44.67 24.34
N GLY H 240 33.34 -45.95 24.69
CA GLY H 240 33.69 -46.34 26.05
C GLY H 240 35.17 -46.35 26.35
N ALA H 241 35.95 -45.55 25.62
CA ALA H 241 37.39 -45.48 25.86
C ALA H 241 37.89 -44.13 25.37
N LYS H 242 39.09 -43.77 25.83
CA LYS H 242 39.64 -42.45 25.55
C LYS H 242 40.34 -42.44 24.20
N ALA H 243 41.02 -41.34 23.89
CA ALA H 243 41.67 -41.14 22.60
C ALA H 243 43.18 -41.20 22.69
N GLY H 244 43.78 -40.44 23.59
CA GLY H 244 45.22 -40.48 23.74
C GLY H 244 45.96 -39.81 22.59
N ALA H 245 47.18 -40.28 22.36
CA ALA H 245 48.08 -39.67 21.40
C ALA H 245 47.73 -40.13 19.98
N SER H 246 48.62 -39.81 19.03
CA SER H 246 48.43 -40.11 17.62
C SER H 246 49.64 -40.86 17.08
N PHE H 247 50.03 -41.92 17.76
CA PHE H 247 51.20 -42.69 17.35
C PHE H 247 50.97 -43.31 15.97
N SER H 248 52.08 -43.58 15.29
CA SER H 248 52.03 -44.20 13.98
C SER H 248 53.29 -45.01 13.75
N ALA H 249 53.13 -46.13 13.07
CA ALA H 249 54.26 -46.97 12.69
C ALA H 249 54.93 -46.34 11.47
N ASN H 250 55.75 -47.11 10.77
CA ASN H 250 56.53 -46.57 9.66
C ASN H 250 55.58 -46.27 8.51
N GLY H 251 54.97 -45.08 8.58
CA GLY H 251 53.97 -44.64 7.61
C GLY H 251 52.57 -45.08 7.95
N VAL H 252 52.41 -46.33 8.38
CA VAL H 252 51.09 -46.84 8.74
C VAL H 252 50.67 -46.20 10.06
N ALA H 253 49.57 -45.45 10.02
CA ALA H 253 49.06 -44.85 11.24
C ALA H 253 48.47 -45.91 12.15
N LEU H 254 48.52 -45.65 13.45
CA LEU H 254 48.09 -46.61 14.46
C LEU H 254 47.07 -45.96 15.39
N ARG H 255 46.21 -46.80 15.97
CA ARG H 255 45.20 -46.35 16.90
C ARG H 255 45.63 -46.72 18.31
N TRP H 256 45.64 -45.73 19.21
CA TRP H 256 45.99 -45.94 20.61
C TRP H 256 44.76 -45.72 21.48
N LEU H 257 44.55 -46.63 22.42
CA LEU H 257 43.39 -46.62 23.30
C LEU H 257 43.82 -46.48 24.75
N ALA H 258 42.82 -46.43 25.62
CA ALA H 258 42.97 -46.48 27.06
C ALA H 258 41.60 -46.68 27.70
N ASP H 259 41.45 -47.67 28.56
CA ASP H 259 40.14 -47.94 29.16
C ASP H 259 40.36 -48.52 30.55
N TYR H 260 40.22 -47.67 31.57
CA TYR H 260 40.38 -48.12 32.94
C TYR H 260 39.34 -49.19 33.27
N ASP H 261 39.79 -50.27 33.88
CA ASP H 261 38.92 -51.38 34.26
C ASP H 261 38.65 -51.27 35.75
N TYR H 262 37.52 -50.63 36.10
CA TYR H 262 37.18 -50.46 37.51
C TYR H 262 37.03 -51.79 38.21
N SER H 263 36.48 -52.79 37.52
CA SER H 263 36.25 -54.09 38.14
C SER H 263 37.56 -54.77 38.53
N GLN H 264 38.68 -54.40 37.91
CA GLN H 264 39.97 -54.94 38.27
C GLN H 264 40.92 -53.88 38.82
N LEU H 265 40.45 -52.65 38.99
CA LEU H 265 41.26 -51.54 39.50
C LEU H 265 42.48 -51.28 38.64
N GLY H 266 42.43 -51.67 37.37
CA GLY H 266 43.59 -51.57 36.50
C GLY H 266 43.24 -50.87 35.19
N ASP H 267 44.29 -50.40 34.54
CA ASP H 267 44.19 -49.71 33.27
C ASP H 267 44.66 -50.62 32.14
N ARG H 268 44.15 -50.35 30.94
CA ARG H 268 44.46 -51.14 29.75
C ARG H 268 44.73 -50.21 28.59
N THR H 269 45.74 -50.54 27.78
CA THR H 269 46.12 -49.74 26.63
C THR H 269 46.33 -50.65 25.44
N LEU H 270 46.15 -50.09 24.24
CA LEU H 270 46.14 -50.89 23.03
C LEU H 270 46.56 -50.05 21.83
N LEU H 271 47.56 -50.51 21.08
CA LEU H 271 47.85 -50.01 19.75
C LEU H 271 47.38 -51.03 18.72
N ASP H 272 46.66 -50.57 17.71
CA ASP H 272 46.13 -51.53 16.76
C ASP H 272 45.89 -50.88 15.41
N VAL H 273 45.73 -51.76 14.42
CA VAL H 273 45.48 -51.36 13.04
C VAL H 273 44.88 -52.57 12.33
N PHE H 274 44.06 -52.31 11.31
CA PHE H 274 43.46 -53.38 10.50
C PHE H 274 44.20 -53.45 9.18
N THR H 275 44.77 -54.61 8.86
CA THR H 275 45.62 -54.74 7.68
C THR H 275 45.12 -55.87 6.79
N GLY H 276 45.39 -55.72 5.49
CA GLY H 276 45.09 -56.74 4.52
C GLY H 276 46.06 -56.71 3.35
N ARG H 277 46.66 -57.85 3.05
CA ARG H 277 47.68 -57.95 2.01
C ARG H 277 47.11 -58.59 0.76
N LYS H 278 47.76 -58.32 -0.37
CA LYS H 278 47.33 -58.91 -1.63
C LYS H 278 48.50 -58.89 -2.61
N VAL H 279 48.60 -59.95 -3.41
CA VAL H 279 49.56 -60.03 -4.50
C VAL H 279 48.84 -59.73 -5.79
N VAL H 280 49.42 -58.88 -6.62
CA VAL H 280 48.78 -58.44 -7.86
C VAL H 280 49.12 -59.48 -8.91
N THR H 281 48.31 -60.54 -8.98
CA THR H 281 48.48 -61.53 -10.02
C THR H 281 47.87 -61.03 -11.32
N GLU H 282 48.22 -61.71 -12.40
CA GLU H 282 47.80 -61.29 -13.72
C GLU H 282 46.35 -61.71 -14.00
N VAL H 283 45.86 -61.38 -15.19
CA VAL H 283 44.52 -61.76 -15.58
C VAL H 283 44.40 -63.28 -15.64
N ASP H 284 45.41 -63.94 -16.22
CA ASP H 284 45.39 -65.39 -16.34
C ASP H 284 45.59 -66.10 -15.02
N GLY H 285 45.95 -65.37 -13.96
CA GLY H 285 46.28 -65.97 -12.69
C GLY H 285 47.75 -66.22 -12.47
N SER H 286 48.56 -66.14 -13.52
CA SER H 286 50.00 -66.26 -13.37
C SER H 286 50.58 -65.04 -12.68
N PHE H 287 51.72 -65.23 -12.03
CA PHE H 287 52.37 -64.18 -11.26
C PHE H 287 53.72 -63.89 -11.89
N VAL H 288 53.88 -62.69 -12.45
CA VAL H 288 55.06 -62.38 -13.24
C VAL H 288 55.70 -61.08 -12.80
N ARG H 289 55.06 -60.36 -11.87
CA ARG H 289 55.60 -59.09 -11.42
C ARG H 289 56.62 -59.23 -10.31
N ALA H 290 57.04 -60.44 -9.98
CA ALA H 290 58.02 -60.63 -8.92
C ALA H 290 58.77 -61.93 -9.15
N VAL H 291 60.06 -61.92 -8.83
CA VAL H 291 60.91 -63.08 -8.99
C VAL H 291 61.64 -63.36 -7.68
N GLU H 292 61.88 -64.64 -7.44
CA GLU H 292 62.48 -65.14 -6.21
C GLU H 292 63.81 -65.79 -6.55
N LEU H 293 64.82 -65.54 -5.73
CA LEU H 293 66.14 -66.12 -5.92
C LEU H 293 66.58 -66.77 -4.62
N GLN H 294 67.20 -67.94 -4.72
CA GLN H 294 67.65 -68.67 -3.55
C GLN H 294 69.08 -69.15 -3.78
N LEU H 295 69.93 -68.97 -2.77
CA LEU H 295 71.31 -69.39 -2.88
C LEU H 295 71.40 -70.91 -2.99
N GLN H 296 72.25 -71.38 -3.90
CA GLN H 296 72.51 -72.81 -3.99
C GLN H 296 73.31 -73.28 -2.79
N ALA H 297 73.12 -74.54 -2.42
CA ALA H 297 73.88 -75.18 -1.37
C ALA H 297 74.52 -76.45 -1.92
N SER H 298 75.82 -76.61 -1.69
CA SER H 298 76.53 -77.78 -2.18
C SER H 298 76.82 -78.82 -1.10
N SER H 299 76.94 -78.39 0.15
CA SER H 299 77.21 -79.33 1.24
C SER H 299 76.80 -78.67 2.55
N ILE H 300 76.67 -79.49 3.59
CA ILE H 300 76.35 -79.01 4.93
C ILE H 300 77.30 -79.65 5.92
N THR H 301 77.44 -79.00 7.07
CA THR H 301 78.28 -79.49 8.15
C THR H 301 77.60 -79.18 9.47
N ILE H 302 77.74 -80.10 10.43
CA ILE H 302 77.31 -79.84 11.80
C ILE H 302 78.41 -79.07 12.51
N VAL H 303 78.06 -77.93 13.09
CA VAL H 303 79.05 -77.14 13.81
C VAL H 303 79.38 -77.83 15.14
N GLY H 304 80.66 -77.83 15.49
CA GLY H 304 81.12 -78.44 16.71
C GLY H 304 81.79 -79.79 16.54
N GLY H 305 81.65 -80.42 15.37
CA GLY H 305 82.33 -81.68 15.15
C GLY H 305 81.78 -82.78 16.04
N ALA H 306 82.59 -83.82 16.19
CA ALA H 306 82.22 -85.00 16.97
C ALA H 306 82.25 -84.65 18.45
N PHE H 307 81.10 -84.28 18.99
CA PHE H 307 80.99 -83.84 20.37
C PHE H 307 80.69 -85.02 21.29
N ALA H 308 80.76 -84.74 22.60
CA ALA H 308 80.44 -85.71 23.63
C ALA H 308 79.50 -85.08 24.64
N LEU H 309 78.51 -85.84 25.10
CA LEU H 309 77.55 -85.31 26.05
C LEU H 309 78.14 -85.26 27.45
N ALA H 310 77.42 -84.60 28.35
CA ALA H 310 77.86 -84.48 29.73
C ALA H 310 77.46 -85.70 30.55
N THR H 311 76.20 -86.11 30.44
CA THR H 311 75.69 -87.30 31.12
C THR H 311 75.09 -88.24 30.11
N THR H 312 74.69 -89.42 30.59
CA THR H 312 74.05 -90.39 29.71
C THR H 312 72.69 -89.89 29.23
N THR H 313 72.08 -88.96 29.97
CA THR H 313 70.80 -88.38 29.59
C THR H 313 70.93 -86.93 29.13
N GLY H 314 72.15 -86.50 28.78
CA GLY H 314 72.36 -85.12 28.41
C GLY H 314 71.71 -84.77 27.07
N THR H 315 71.34 -83.50 26.94
CA THR H 315 70.67 -82.99 25.74
C THR H 315 71.57 -81.95 25.09
N LYS H 316 71.81 -82.11 23.80
CA LYS H 316 72.60 -81.18 23.01
C LYS H 316 71.80 -80.74 21.80
N GLN H 317 71.69 -79.44 21.59
CA GLN H 317 70.96 -78.91 20.44
C GLN H 317 71.92 -78.74 19.27
N LEU H 318 71.69 -79.49 18.20
CA LEU H 318 72.55 -79.43 17.04
C LEU H 318 72.29 -78.15 16.25
N LYS H 319 73.22 -77.84 15.36
CA LYS H 319 73.07 -76.71 14.44
C LYS H 319 73.85 -77.04 13.17
N VAL H 320 73.17 -77.05 12.04
CA VAL H 320 73.76 -77.42 10.76
C VAL H 320 73.89 -76.17 9.90
N ARG H 321 75.07 -75.96 9.36
CA ARG H 321 75.35 -74.82 8.50
C ARG H 321 75.79 -75.33 7.14
N ASP H 322 75.23 -74.75 6.08
CA ASP H 322 75.62 -75.13 4.72
C ASP H 322 76.94 -74.43 4.37
N ASP H 323 77.36 -74.56 3.11
CA ASP H 323 78.63 -73.97 2.70
C ASP H 323 78.62 -72.45 2.75
N ASN H 324 77.45 -71.82 2.74
CA ASN H 324 77.34 -70.38 2.82
C ASN H 324 77.19 -69.87 4.25
N GLY H 325 77.25 -70.76 5.24
CA GLY H 325 77.11 -70.36 6.63
C GLY H 325 75.69 -70.18 7.11
N THR H 326 74.70 -70.37 6.25
CA THR H 326 73.31 -70.23 6.66
C THR H 326 72.94 -71.33 7.65
N ASP H 327 72.11 -70.99 8.62
CA ASP H 327 71.64 -71.96 9.61
C ASP H 327 70.46 -72.71 9.03
N VAL H 328 70.69 -73.96 8.63
CA VAL H 328 69.65 -74.76 8.01
C VAL H 328 69.20 -75.87 8.96
N THR H 329 69.31 -75.61 10.26
CA THR H 329 68.86 -76.59 11.24
C THR H 329 67.37 -76.86 11.09
N ALA H 330 66.57 -75.81 10.91
CA ALA H 330 65.13 -75.99 10.80
C ALA H 330 64.77 -76.80 9.56
N ARG H 331 65.42 -76.54 8.44
CA ARG H 331 65.10 -77.19 7.18
C ARG H 331 66.00 -78.40 6.94
N CYS H 332 65.97 -79.32 7.90
CA CYS H 332 66.85 -80.48 7.83
C CYS H 332 66.16 -81.66 8.50
N THR H 333 66.65 -82.86 8.19
CA THR H 333 66.13 -84.08 8.79
C THR H 333 67.27 -84.86 9.43
N PHE H 334 67.15 -85.13 10.72
CA PHE H 334 68.19 -85.83 11.46
C PHE H 334 67.80 -87.28 11.69
N ALA H 335 68.76 -88.18 11.49
CA ALA H 335 68.56 -89.60 11.74
C ALA H 335 69.67 -90.10 12.64
N SER H 336 69.28 -90.76 13.73
CA SER H 336 70.24 -91.40 14.62
C SER H 336 70.40 -92.85 14.18
N SER H 337 71.60 -93.21 13.71
CA SER H 337 71.83 -94.56 13.24
C SER H 337 71.65 -95.58 14.35
N ALA H 338 72.16 -95.27 15.54
CA ALA H 338 72.06 -96.16 16.69
C ALA H 338 71.07 -95.54 17.66
N GLY H 339 69.82 -95.98 17.58
CA GLY H 339 68.78 -95.44 18.44
C GLY H 339 68.98 -95.78 19.91
N THR H 340 69.52 -96.96 20.20
CA THR H 340 69.68 -97.38 21.59
C THR H 340 70.67 -96.52 22.35
N LYS H 341 71.75 -96.08 21.69
CA LYS H 341 72.72 -95.25 22.38
C LYS H 341 72.18 -93.83 22.61
N ALA H 342 71.59 -93.23 21.59
CA ALA H 342 71.04 -91.89 21.69
C ALA H 342 70.02 -91.70 20.57
N THR H 343 69.15 -90.72 20.76
CA THR H 343 68.10 -90.41 19.80
C THR H 343 68.05 -88.92 19.54
N VAL H 344 67.77 -88.57 18.30
CA VAL H 344 67.74 -87.17 17.87
C VAL H 344 66.34 -86.87 17.33
N SER H 345 65.79 -85.74 17.77
CA SER H 345 64.44 -85.35 17.38
C SER H 345 64.47 -84.69 16.02
N ALA H 346 63.36 -84.07 15.62
CA ALA H 346 63.32 -83.30 14.38
C ALA H 346 64.01 -81.96 14.52
N ALA H 347 64.12 -81.43 15.73
CA ALA H 347 64.77 -80.14 15.96
C ALA H 347 66.25 -80.28 16.27
N GLY H 348 66.79 -81.50 16.25
CA GLY H 348 68.20 -81.69 16.51
C GLY H 348 68.57 -81.82 17.97
N LEU H 349 67.61 -82.05 18.85
CA LEU H 349 67.90 -82.19 20.28
C LEU H 349 68.37 -83.61 20.54
N VAL H 350 69.67 -83.84 20.35
CA VAL H 350 70.26 -85.15 20.59
C VAL H 350 70.21 -85.43 22.09
N THR H 351 69.62 -86.56 22.46
CA THR H 351 69.52 -86.98 23.86
C THR H 351 70.06 -88.39 23.98
N GLY H 352 70.98 -88.59 24.91
CA GLY H 352 71.54 -89.90 25.13
C GLY H 352 70.52 -90.84 25.76
N VAL H 353 70.68 -92.13 25.46
CA VAL H 353 69.84 -93.19 26.02
C VAL H 353 70.68 -94.21 26.78
N ALA H 354 71.74 -94.71 26.14
CA ALA H 354 72.66 -95.64 26.79
C ALA H 354 74.08 -95.23 26.47
N ALA H 355 75.00 -95.58 27.36
CA ALA H 355 76.41 -95.24 27.16
C ALA H 355 76.96 -95.99 25.96
N GLY H 356 77.70 -95.28 25.13
CA GLY H 356 78.27 -95.87 23.93
C GLY H 356 78.40 -94.84 22.84
N THR H 357 78.87 -95.31 21.69
CA THR H 357 79.10 -94.45 20.54
C THR H 357 77.96 -94.59 19.54
N ALA H 358 77.38 -93.46 19.14
CA ALA H 358 76.33 -93.42 18.15
C ALA H 358 76.70 -92.44 17.06
N ASP H 359 75.99 -92.50 15.95
CA ASP H 359 76.19 -91.59 14.84
C ASP H 359 74.89 -90.87 14.52
N ILE H 360 74.98 -89.57 14.30
CA ILE H 360 73.84 -88.75 13.91
C ILE H 360 74.14 -88.18 12.53
N THR H 361 73.22 -88.40 11.58
CA THR H 361 73.39 -87.91 10.23
C THR H 361 72.27 -86.94 9.89
N ALA H 362 72.65 -85.75 9.43
CA ALA H 362 71.70 -84.72 9.06
C ALA H 362 71.66 -84.63 7.55
N SER H 363 70.46 -84.78 6.99
CA SER H 363 70.25 -84.72 5.55
C SER H 363 69.45 -83.45 5.23
N TYR H 364 69.93 -82.70 4.24
CA TYR H 364 69.33 -81.45 3.81
C TYR H 364 69.09 -81.49 2.32
N VAL H 365 67.86 -81.22 1.90
CA VAL H 365 67.54 -81.17 0.47
C VAL H 365 67.91 -79.80 -0.06
N PRO H 366 68.87 -79.71 -0.98
CA PRO H 366 69.33 -78.40 -1.44
C PRO H 366 68.25 -77.68 -2.20
N PRO H 367 68.31 -76.34 -2.26
CA PRO H 367 67.31 -75.60 -3.05
C PRO H 367 67.26 -76.02 -4.50
N GLN H 368 68.40 -76.40 -5.07
CA GLN H 368 68.43 -76.88 -6.46
C GLN H 368 67.91 -78.30 -6.60
N GLY H 369 67.34 -78.87 -5.54
CA GLY H 369 66.83 -80.22 -5.63
C GLY H 369 67.95 -81.24 -5.73
N GLY H 370 67.59 -82.41 -6.23
CA GLY H 370 68.55 -83.49 -6.38
C GLY H 370 68.73 -84.26 -5.09
N THR H 371 69.77 -85.09 -5.09
CA THR H 371 70.08 -85.91 -3.93
C THR H 371 70.39 -85.04 -2.73
N ALA H 372 69.79 -85.36 -1.59
CA ALA H 372 70.01 -84.58 -0.38
C ALA H 372 71.44 -84.73 0.09
N LYS H 373 72.02 -83.63 0.57
CA LYS H 373 73.38 -83.63 1.09
C LYS H 373 73.35 -84.04 2.56
N THR H 374 74.21 -84.99 2.92
CA THR H 374 74.23 -85.53 4.26
C THR H 374 75.56 -85.24 4.93
N ALA H 375 75.49 -84.85 6.21
CA ALA H 375 76.67 -84.63 7.03
C ALA H 375 76.54 -85.44 8.30
N THR H 376 77.60 -86.15 8.67
CA THR H 376 77.57 -87.06 9.81
C THR H 376 78.30 -86.45 10.99
N VAL H 377 78.01 -86.99 12.17
CA VAL H 377 78.68 -86.60 13.40
C VAL H 377 78.64 -87.79 14.36
N THR H 378 79.69 -87.93 15.16
CA THR H 378 79.82 -89.05 16.08
C THR H 378 79.66 -88.55 17.51
N VAL H 379 78.75 -89.18 18.25
CA VAL H 379 78.45 -88.81 19.63
C VAL H 379 78.88 -89.96 20.54
N THR H 380 79.46 -89.60 21.68
CA THR H 380 79.91 -90.59 22.67
C THR H 380 79.14 -90.32 23.96
N VAL H 381 78.02 -91.03 24.12
CA VAL H 381 77.17 -90.85 25.31
C VAL H 381 77.85 -91.52 26.51
N PRO H 382 78.05 -90.80 27.62
CA PRO H 382 78.70 -91.32 28.82
C PRO H 382 77.79 -92.24 29.62
N ALA I 2 155.18 -64.55 33.41
CA ALA I 2 154.24 -63.86 32.52
C ALA I 2 153.83 -62.53 33.11
N HIS I 3 153.28 -61.66 32.28
CA HIS I 3 152.84 -60.34 32.72
C HIS I 3 151.40 -60.43 33.20
N ILE I 4 151.20 -60.13 34.47
CA ILE I 4 149.86 -60.13 35.08
C ILE I 4 149.47 -58.69 35.36
N PHE I 5 148.29 -58.31 34.90
CA PHE I 5 147.79 -56.96 35.07
C PHE I 5 146.50 -56.98 35.86
N VAL I 6 146.22 -55.90 36.57
CA VAL I 6 144.99 -55.73 37.33
C VAL I 6 144.14 -54.70 36.63
N LYS I 7 142.94 -55.10 36.21
CA LYS I 7 142.10 -54.23 35.41
C LYS I 7 140.71 -54.17 36.01
N PRO I 8 140.06 -53.01 35.96
CA PRO I 8 138.71 -52.90 36.51
C PRO I 8 137.70 -53.65 35.66
N GLU I 9 136.63 -54.10 36.30
CA GLU I 9 135.46 -54.58 35.57
C GLU I 9 134.78 -53.37 34.96
N LEU I 10 134.31 -53.52 33.72
CA LEU I 10 133.65 -52.44 33.02
C LEU I 10 132.24 -52.84 32.64
N VAL I 11 131.29 -51.92 32.86
CA VAL I 11 129.89 -52.14 32.54
C VAL I 11 129.38 -50.93 31.79
N ALA I 12 128.71 -51.18 30.66
CA ALA I 12 128.16 -50.12 29.84
C ALA I 12 126.75 -50.48 29.41
N GLU I 13 125.95 -49.47 29.13
CA GLU I 13 124.60 -49.63 28.61
C GLU I 13 124.58 -49.06 27.19
N ILE I 14 124.89 -49.91 26.21
CA ILE I 14 124.89 -49.46 24.83
C ILE I 14 123.48 -49.11 24.38
N GLY I 15 122.47 -49.85 24.87
CA GLY I 15 121.10 -49.60 24.46
C GLY I 15 120.34 -50.90 24.32
N VAL I 16 121.02 -52.01 24.54
CA VAL I 16 120.37 -53.31 24.49
C VAL I 16 119.50 -53.49 25.72
N LYS I 17 118.23 -53.81 25.51
CA LYS I 17 117.29 -54.00 26.59
C LYS I 17 116.36 -55.14 26.24
N GLN I 18 115.63 -55.62 27.23
CA GLN I 18 114.64 -56.67 26.97
C GLN I 18 113.53 -56.10 26.12
N LEU I 19 113.09 -56.90 25.14
CA LEU I 19 112.08 -56.47 24.20
C LEU I 19 110.69 -56.76 24.76
N GLN I 20 109.84 -55.74 24.77
CA GLN I 20 108.53 -55.83 25.40
C GLN I 20 107.46 -55.40 24.42
N ARG I 21 106.21 -55.68 24.81
CA ARG I 21 105.06 -55.45 23.96
C ARG I 21 104.81 -53.96 23.76
N GLU I 22 103.82 -53.65 22.94
CA GLU I 22 103.32 -52.29 22.76
C GLU I 22 101.89 -52.25 23.27
N ILE I 23 101.60 -51.30 24.15
CA ILE I 23 100.30 -51.24 24.81
C ILE I 23 99.28 -50.69 23.83
N VAL I 24 98.33 -51.54 23.43
CA VAL I 24 97.29 -51.13 22.49
C VAL I 24 95.90 -51.39 23.09
N LEU I 25 95.73 -52.54 23.73
CA LEU I 25 94.40 -52.96 24.17
C LEU I 25 93.72 -52.01 25.13
N PRO I 26 94.37 -51.48 26.17
CA PRO I 26 93.63 -50.67 27.16
C PRO I 26 92.93 -49.46 26.58
N GLY I 27 93.39 -48.93 25.47
CA GLY I 27 92.73 -47.79 24.86
C GLY I 27 91.53 -48.11 24.02
N LEU I 28 91.13 -49.37 23.90
CA LEU I 28 90.04 -49.77 23.03
C LEU I 28 88.78 -50.18 23.77
N VAL I 29 88.91 -50.95 24.86
CA VAL I 29 87.73 -51.46 25.54
C VAL I 29 86.99 -50.33 26.24
N TRP I 30 85.70 -50.56 26.46
CA TRP I 30 84.84 -49.60 27.14
C TRP I 30 85.24 -49.49 28.60
N THR I 31 85.83 -48.37 28.98
CA THR I 31 86.38 -48.20 30.32
C THR I 31 85.57 -47.17 31.09
N ASN I 32 85.33 -47.49 32.36
CA ASN I 32 84.69 -46.58 33.31
C ASN I 32 83.38 -45.96 32.80
N PRO I 33 82.36 -46.78 32.57
CA PRO I 33 81.03 -46.20 32.37
C PRO I 33 80.31 -46.04 33.69
N LEU I 34 80.73 -46.83 34.68
CA LEU I 34 80.16 -46.84 36.02
C LEU I 34 81.25 -46.48 37.01
N THR I 35 80.99 -45.48 37.85
CA THR I 35 82.00 -44.98 38.77
C THR I 35 81.66 -45.19 40.23
N ASP I 36 80.41 -44.99 40.62
CA ASP I 36 80.02 -45.05 42.03
C ASP I 36 79.94 -46.50 42.51
N PHE I 37 81.10 -47.16 42.53
CA PHE I 37 81.14 -48.52 43.05
C PHE I 37 81.08 -48.53 44.57
N GLY I 38 81.59 -47.50 45.22
CA GLY I 38 81.22 -47.25 46.59
C GLY I 38 79.80 -46.75 46.68
N GLY I 39 79.22 -46.88 47.86
CA GLY I 39 77.82 -46.51 47.99
C GLY I 39 76.88 -47.43 47.26
N SER I 40 77.27 -48.67 47.01
CA SER I 40 76.40 -49.68 46.44
C SER I 40 76.74 -51.02 47.06
N LYS I 41 75.70 -51.80 47.36
CA LYS I 41 75.89 -53.04 48.10
C LYS I 41 76.77 -54.01 47.33
N ASN I 42 77.73 -54.61 48.02
CA ASN I 42 78.60 -55.64 47.45
C ASN I 42 79.43 -55.10 46.28
N ASP I 43 79.66 -53.79 46.26
CA ASP I 43 80.51 -53.15 45.25
C ASP I 43 79.99 -53.44 43.84
N THR I 44 78.67 -53.51 43.70
CA THR I 44 78.04 -53.89 42.45
C THR I 44 77.01 -52.85 42.04
N ILE I 45 77.06 -52.42 40.79
CA ILE I 45 76.01 -51.61 40.18
C ILE I 45 75.24 -52.51 39.24
N THR I 46 73.93 -52.58 39.43
CA THR I 46 73.10 -53.48 38.62
C THR I 46 72.56 -52.69 37.44
N VAL I 47 73.30 -52.74 36.32
CA VAL I 47 72.86 -52.07 35.11
C VAL I 47 71.55 -52.70 34.64
N ARG I 48 70.59 -51.86 34.27
CA ARG I 48 69.32 -52.36 33.78
C ARG I 48 69.25 -52.24 32.28
N VAL I 49 68.58 -53.22 31.67
CA VAL I 49 68.33 -53.30 30.23
C VAL I 49 66.83 -53.15 30.03
N PRO I 50 66.37 -52.15 29.28
CA PRO I 50 64.94 -51.88 29.20
C PRO I 50 64.18 -53.02 28.55
N ALA I 51 62.90 -53.12 28.91
CA ALA I 51 62.06 -54.21 28.42
C ALA I 51 61.68 -53.99 26.96
N ILE I 52 61.42 -55.09 26.27
CA ILE I 52 60.83 -55.08 24.94
C ILE I 52 59.62 -56.01 24.97
N THR I 53 58.65 -55.70 24.13
CA THR I 53 57.40 -56.45 24.09
C THR I 53 57.17 -56.98 22.69
N THR I 54 56.15 -57.82 22.56
CA THR I 54 55.77 -58.40 21.27
C THR I 54 54.31 -58.10 21.00
N ALA I 55 53.98 -57.97 19.72
CA ALA I 55 52.62 -57.73 19.29
C ALA I 55 51.94 -59.04 18.92
N ASN I 56 50.64 -58.99 18.76
CA ASN I 56 49.83 -60.17 18.47
C ASN I 56 49.00 -59.92 17.22
N ARG I 57 48.75 -61.00 16.49
CA ARG I 57 47.93 -60.97 15.29
C ARG I 57 46.67 -61.76 15.55
N ARG I 58 45.54 -61.08 15.62
CA ARG I 58 44.24 -61.73 15.75
C ARG I 58 43.46 -61.55 14.45
N ASP I 59 42.80 -62.63 14.03
CA ASP I 59 42.04 -62.57 12.80
C ASP I 59 40.83 -61.67 12.96
N LEU I 60 40.67 -60.72 12.05
CA LEU I 60 39.51 -59.84 12.09
C LEU I 60 38.25 -60.64 11.79
N ARG I 61 37.15 -60.24 12.43
CA ARG I 61 35.86 -60.94 12.31
C ARG I 61 35.97 -62.38 12.79
N ASP I 62 36.26 -62.52 14.08
CA ASP I 62 36.37 -63.81 14.75
C ASP I 62 35.45 -63.81 15.96
N PRO I 63 34.95 -64.99 16.37
CA PRO I 63 34.02 -65.04 17.52
C PRO I 63 34.51 -64.31 18.76
N ASP I 64 35.62 -64.76 19.35
CA ASP I 64 36.10 -64.12 20.57
C ASP I 64 37.44 -63.42 20.39
N ARG I 65 38.48 -64.15 19.99
CA ARG I 65 39.84 -63.62 19.88
C ARG I 65 40.13 -62.59 20.96
N THR I 66 40.00 -63.02 22.21
CA THR I 66 40.28 -62.14 23.33
C THR I 66 41.70 -61.60 23.22
N VAL I 67 41.82 -60.28 23.40
CA VAL I 67 43.13 -59.64 23.26
C VAL I 67 44.07 -60.20 24.32
N ILE I 68 45.25 -60.62 23.89
CA ILE I 68 46.24 -61.20 24.79
C ILE I 68 47.18 -60.11 25.27
N ALA I 69 47.22 -59.91 26.58
CA ALA I 69 48.11 -58.91 27.15
C ALA I 69 49.57 -59.33 26.97
N SER I 70 50.43 -58.33 26.79
CA SER I 70 51.86 -58.55 26.65
C SER I 70 52.56 -58.27 27.98
N GLU I 71 53.86 -58.52 28.00
CA GLU I 71 54.67 -58.35 29.20
C GLU I 71 55.71 -57.26 28.97
N LEU I 72 56.32 -56.82 30.06
CA LEU I 72 57.33 -55.78 30.05
C LEU I 72 58.51 -56.17 30.92
N VAL I 73 59.02 -57.38 30.71
CA VAL I 73 60.09 -57.90 31.56
C VAL I 73 61.36 -57.08 31.31
N GLU I 74 61.71 -56.21 32.26
CA GLU I 74 62.98 -55.51 32.22
C GLU I 74 64.05 -56.40 32.81
N HIS I 75 65.27 -56.28 32.29
CA HIS I 75 66.33 -57.19 32.70
C HIS I 75 67.47 -56.42 33.33
N SER I 76 68.44 -57.15 33.88
CA SER I 76 69.53 -56.48 34.58
C SER I 76 70.74 -57.39 34.65
N PHE I 77 71.89 -56.79 34.90
CA PHE I 77 73.11 -57.54 35.16
C PHE I 77 74.05 -56.66 35.97
N GLY I 78 74.83 -57.30 36.85
CA GLY I 78 75.65 -56.58 37.81
C GLY I 78 77.09 -56.45 37.37
N VAL I 79 77.62 -55.24 37.46
CA VAL I 79 79.02 -54.94 37.21
C VAL I 79 79.67 -54.63 38.56
N THR I 80 80.77 -55.30 38.85
CA THR I 80 81.36 -55.28 40.18
C THR I 80 82.86 -55.08 40.13
N LEU I 81 83.39 -54.53 41.23
CA LEU I 81 84.83 -54.43 41.44
C LEU I 81 85.29 -55.67 42.21
N ASP I 82 86.17 -56.45 41.61
CA ASP I 82 86.56 -57.69 42.28
C ASP I 82 88.04 -58.01 42.12
N LYS I 83 88.89 -57.02 41.85
CA LYS I 83 90.31 -57.32 41.75
C LYS I 83 91.10 -56.12 42.25
N HIS I 84 92.30 -56.40 42.74
CA HIS I 84 93.20 -55.39 43.28
C HIS I 84 94.57 -55.65 42.66
N VAL I 85 94.87 -54.91 41.60
CA VAL I 85 96.12 -55.10 40.88
C VAL I 85 97.20 -54.27 41.56
N TYR I 86 98.27 -54.93 42.00
CA TYR I 86 99.30 -54.28 42.78
C TYR I 86 100.68 -54.74 42.33
N ALA I 87 101.67 -53.96 42.73
CA ALA I 87 103.09 -54.31 42.55
C ALA I 87 103.82 -53.79 43.77
N ALA I 88 104.38 -54.69 44.56
CA ALA I 88 104.98 -54.35 45.84
C ALA I 88 106.47 -54.68 45.84
N LEU I 89 107.23 -53.89 46.59
CA LEU I 89 108.67 -53.99 46.62
C LEU I 89 109.17 -53.87 48.05
N LYS I 90 110.26 -54.57 48.34
CA LYS I 90 110.86 -54.58 49.67
C LYS I 90 112.37 -54.41 49.52
N PHE I 91 112.90 -53.32 50.09
CA PHE I 91 114.30 -52.95 49.95
C PHE I 91 114.92 -52.78 51.32
N THR I 92 115.92 -53.57 51.65
CA THR I 92 116.61 -53.36 52.91
C THR I 92 117.41 -52.05 52.85
N ASP I 93 117.83 -51.57 54.02
CA ASP I 93 118.60 -50.34 54.07
C ASP I 93 119.91 -50.47 53.31
N GLU I 94 120.55 -51.64 53.40
CA GLU I 94 121.78 -51.86 52.65
C GLU I 94 121.54 -51.74 51.16
N GLN I 95 120.46 -52.35 50.67
CA GLN I 95 120.16 -52.27 49.25
C GLN I 95 119.76 -50.86 48.85
N ARG I 96 119.00 -50.17 49.70
CA ARG I 96 118.59 -48.80 49.38
C ARG I 96 119.79 -47.86 49.33
N THR I 97 120.81 -48.13 50.15
CA THR I 97 121.98 -47.27 50.19
C THR I 97 123.00 -47.59 49.12
N LEU I 98 123.18 -48.87 48.79
CA LEU I 98 124.25 -49.31 47.91
C LEU I 98 123.76 -49.77 46.55
N ASP I 99 122.79 -50.69 46.48
CA ASP I 99 122.35 -51.21 45.20
C ASP I 99 121.74 -50.11 44.34
N ILE I 100 120.83 -49.33 44.91
CA ILE I 100 120.06 -48.36 44.13
C ILE I 100 120.92 -47.14 43.85
N ARG I 101 121.03 -46.77 42.58
CA ARG I 101 121.72 -45.56 42.17
C ARG I 101 120.79 -44.45 41.73
N ASP I 102 119.74 -44.78 40.96
CA ASP I 102 118.73 -43.81 40.55
C ASP I 102 117.37 -44.43 40.84
N TYR I 103 116.76 -44.05 41.96
CA TYR I 103 115.54 -44.70 42.41
C TYR I 103 114.41 -44.50 41.41
N THR I 104 114.22 -43.28 40.92
CA THR I 104 113.08 -42.98 40.07
C THR I 104 113.22 -43.53 38.66
N LYS I 105 114.27 -44.29 38.37
CA LYS I 105 114.44 -44.89 37.06
C LYS I 105 114.67 -46.39 37.19
N GLN I 106 115.29 -46.79 38.29
CA GLN I 106 115.57 -48.19 38.55
C GLN I 106 114.46 -48.89 39.30
N VAL I 107 113.53 -48.16 39.91
CA VAL I 107 112.51 -48.77 40.74
C VAL I 107 111.11 -48.35 40.32
N LEU I 108 110.86 -47.03 40.27
CA LEU I 108 109.50 -46.55 40.02
C LEU I 108 109.05 -46.86 38.60
N MET I 109 109.88 -46.56 37.61
CA MET I 109 109.50 -46.84 36.23
C MET I 109 109.29 -48.32 35.96
N PRO I 110 110.13 -49.24 36.42
CA PRO I 110 109.80 -50.66 36.26
C PRO I 110 108.48 -51.06 36.91
N GLN I 111 108.17 -50.49 38.08
CA GLN I 111 106.89 -50.80 38.72
C GLN I 111 105.73 -50.33 37.86
N VAL I 112 105.80 -49.10 37.35
CA VAL I 112 104.72 -48.58 36.55
C VAL I 112 104.54 -49.40 35.28
N SER I 113 105.64 -49.76 34.63
CA SER I 113 105.55 -50.58 33.43
C SER I 113 104.95 -51.95 33.76
N ALA I 114 105.34 -52.53 34.90
CA ALA I 114 104.80 -53.83 35.28
C ALA I 114 103.29 -53.77 35.51
N VAL I 115 102.83 -52.73 36.18
CA VAL I 115 101.39 -52.59 36.41
C VAL I 115 100.66 -52.36 35.10
N ALA I 116 101.24 -51.57 34.19
CA ALA I 116 100.60 -51.33 32.91
C ALA I 116 100.47 -52.62 32.13
N TYR I 117 101.53 -53.43 32.09
CA TYR I 117 101.46 -54.68 31.35
C TYR I 117 100.51 -55.67 32.00
N GLU I 118 100.43 -55.66 33.34
CA GLU I 118 99.48 -56.54 34.01
C GLU I 118 98.05 -56.14 33.71
N LEU I 119 97.78 -54.84 33.64
CA LEU I 119 96.44 -54.40 33.25
C LEU I 119 96.11 -54.78 31.82
N GLU I 120 97.08 -54.65 30.91
CA GLU I 120 96.82 -55.07 29.54
C GLU I 120 96.56 -56.57 29.47
N ASP I 121 97.30 -57.37 30.24
CA ASP I 121 97.03 -58.79 30.30
C ASP I 121 95.65 -59.08 30.88
N TYR I 122 95.23 -58.29 31.86
CA TYR I 122 93.89 -58.42 32.43
C TYR I 122 92.83 -58.22 31.36
N ILE I 123 92.95 -57.15 30.58
CA ILE I 123 91.98 -56.89 29.51
C ILE I 123 92.06 -57.99 28.45
N ALA I 124 93.27 -58.43 28.11
CA ALA I 124 93.43 -59.43 27.06
C ALA I 124 92.82 -60.76 27.46
N GLU I 125 93.00 -61.16 28.73
CA GLU I 125 92.38 -62.39 29.18
C GLU I 125 90.90 -62.23 29.42
N LEU I 126 90.41 -60.99 29.56
CA LEU I 126 88.96 -60.78 29.52
C LEU I 126 88.41 -61.04 28.12
N ILE I 127 89.06 -60.46 27.10
CA ILE I 127 88.55 -60.57 25.74
C ILE I 127 88.70 -62.01 25.24
N GLU I 128 89.88 -62.60 25.45
CA GLU I 128 90.13 -63.94 24.92
C GLU I 128 89.23 -64.97 25.56
N GLY I 129 89.12 -64.95 26.88
CA GLY I 129 88.22 -65.87 27.55
C GLY I 129 86.83 -65.30 27.67
N ALA I 130 85.97 -65.64 26.73
CA ALA I 130 84.61 -65.10 26.69
C ALA I 130 83.71 -66.19 26.12
N PRO I 131 82.42 -66.15 26.43
CA PRO I 131 81.54 -67.20 25.93
C PRO I 131 81.29 -67.11 24.44
N TYR I 132 82.29 -67.42 23.63
CA TYR I 132 82.14 -67.50 22.19
C TYR I 132 81.63 -68.88 21.82
N GLU I 133 80.59 -68.93 20.98
CA GLU I 133 80.02 -70.21 20.57
C GLU I 133 80.43 -70.63 19.17
N GLU I 134 80.70 -69.68 18.28
CA GLU I 134 81.12 -69.99 16.92
C GLU I 134 82.46 -69.33 16.64
N THR I 135 83.47 -70.15 16.44
CA THR I 135 84.82 -69.67 16.11
C THR I 135 84.95 -69.73 14.59
N ILE I 136 84.89 -68.57 13.95
CA ILE I 136 85.01 -68.51 12.50
C ILE I 136 86.43 -68.89 12.10
N LEU I 137 86.54 -69.75 11.10
CA LEU I 137 87.84 -70.24 10.65
C LEU I 137 88.27 -69.46 9.41
N ILE I 138 89.43 -68.81 9.50
CA ILE I 138 89.95 -68.02 8.41
C ILE I 138 90.76 -68.93 7.49
N ASP I 139 90.37 -68.99 6.23
CA ASP I 139 91.14 -69.76 5.27
C ASP I 139 92.38 -68.96 4.88
N PRO I 140 93.59 -69.48 5.11
CA PRO I 140 94.78 -68.71 4.76
C PRO I 140 94.89 -68.40 3.28
N ALA I 141 94.36 -69.27 2.42
CA ALA I 141 94.39 -69.01 0.99
C ALA I 141 93.44 -67.89 0.61
N ASP I 142 92.25 -67.85 1.23
CA ASP I 142 91.23 -66.85 0.93
C ASP I 142 90.72 -66.31 2.26
N THR I 143 91.37 -65.25 2.76
CA THR I 143 91.05 -64.74 4.08
C THR I 143 89.77 -63.92 4.10
N VAL I 144 89.46 -63.22 3.00
CA VAL I 144 88.33 -62.28 3.03
C VAL I 144 87.00 -62.96 3.36
N PRO I 145 86.65 -64.12 2.80
CA PRO I 145 85.35 -64.72 3.15
C PRO I 145 85.15 -64.89 4.64
N ALA I 146 86.20 -65.21 5.40
CA ALA I 146 86.03 -65.32 6.84
C ALA I 146 85.58 -64.00 7.45
N PHE I 147 86.17 -62.89 7.01
CA PHE I 147 85.80 -61.61 7.58
C PHE I 147 84.44 -61.12 7.09
N ILE I 148 84.09 -61.43 5.85
CA ILE I 148 82.72 -61.14 5.41
C ILE I 148 81.72 -61.93 6.23
N THR I 149 82.05 -63.18 6.56
CA THR I 149 81.20 -63.97 7.44
C THR I 149 81.11 -63.35 8.82
N ALA I 150 82.23 -62.85 9.34
CA ALA I 150 82.21 -62.21 10.65
C ALA I 150 81.29 -60.99 10.65
N ASP I 151 81.40 -60.16 9.62
CA ASP I 151 80.49 -59.02 9.51
C ASP I 151 79.05 -59.46 9.37
N GLN I 152 78.80 -60.52 8.59
CA GLN I 152 77.44 -60.99 8.40
C GLN I 152 76.85 -61.49 9.71
N ARG I 153 77.64 -62.20 10.50
CA ARG I 153 77.13 -62.71 11.78
C ARG I 153 76.95 -61.60 12.79
N MET I 154 77.79 -60.58 12.76
CA MET I 154 77.54 -59.43 13.62
C MET I 154 76.25 -58.72 13.23
N GLY I 155 76.00 -58.57 11.92
CA GLY I 155 74.79 -57.93 11.47
C GLY I 155 73.54 -58.77 11.64
N GLU I 156 73.70 -60.09 11.71
CA GLU I 156 72.55 -60.98 11.90
C GLU I 156 72.00 -60.86 13.32
N ALA I 157 72.82 -60.46 14.27
CA ALA I 157 72.40 -60.23 15.64
C ALA I 157 71.94 -58.81 15.87
N ASN I 158 71.85 -58.01 14.82
CA ASN I 158 71.38 -56.61 14.89
C ASN I 158 72.31 -55.75 15.75
N VAL I 159 73.57 -56.15 15.84
CA VAL I 159 74.56 -55.31 16.53
C VAL I 159 74.77 -54.04 15.73
N PRO I 160 74.88 -52.87 16.37
CA PRO I 160 75.07 -51.63 15.62
C PRO I 160 76.35 -51.68 14.79
N THR I 161 76.30 -51.02 13.64
CA THR I 161 77.39 -51.06 12.68
C THR I 161 78.54 -50.13 13.02
N ASP I 162 78.38 -49.26 14.00
CA ASP I 162 79.43 -48.31 14.37
C ASP I 162 80.11 -48.74 15.66
N SER I 163 81.28 -48.14 15.90
CA SER I 163 82.07 -48.39 17.11
C SER I 163 82.49 -49.84 17.23
N ARG I 164 82.62 -50.53 16.09
CA ARG I 164 83.17 -51.88 16.07
C ARG I 164 84.68 -51.81 16.00
N ARG I 165 85.34 -52.69 16.73
CA ARG I 165 86.79 -52.75 16.74
C ARG I 165 87.24 -54.16 16.39
N LEU I 166 88.28 -54.24 15.56
CA LEU I 166 88.83 -55.51 15.11
C LEU I 166 90.31 -55.55 15.49
N VAL I 167 90.66 -56.46 16.40
CA VAL I 167 92.03 -56.61 16.89
C VAL I 167 92.51 -57.98 16.47
N VAL I 168 93.59 -58.01 15.69
CA VAL I 168 94.11 -59.26 15.15
C VAL I 168 95.47 -59.53 15.75
N GLY I 169 95.83 -60.81 15.81
CA GLY I 169 97.15 -61.20 16.24
C GLY I 169 98.17 -60.95 15.16
N SER I 170 99.42 -61.27 15.46
CA SER I 170 100.47 -61.11 14.46
C SER I 170 100.25 -62.05 13.28
N ALA I 171 99.90 -63.30 13.56
CA ALA I 171 99.76 -64.29 12.50
C ALA I 171 98.60 -63.94 11.57
N VAL I 172 97.48 -63.47 12.12
CA VAL I 172 96.35 -63.11 11.27
C VAL I 172 96.70 -61.94 10.37
N ALA I 173 97.39 -60.94 10.92
CA ALA I 173 97.79 -59.80 10.10
C ALA I 173 98.74 -60.24 8.99
N ALA I 174 99.69 -61.11 9.30
CA ALA I 174 100.58 -61.62 8.26
C ALA I 174 99.83 -62.41 7.22
N ALA I 175 98.86 -63.21 7.64
CA ALA I 175 98.06 -63.97 6.68
C ALA I 175 97.27 -63.06 5.77
N LEU I 176 96.74 -61.97 6.32
CA LEU I 176 96.08 -60.98 5.47
C LEU I 176 97.05 -60.39 4.46
N ALA I 177 98.26 -60.04 4.91
CA ALA I 177 99.24 -59.47 3.99
C ALA I 177 99.71 -60.50 2.97
N LYS I 178 99.75 -61.77 3.35
CA LYS I 178 100.18 -62.84 2.45
C LYS I 178 99.09 -63.31 1.51
N ASP I 179 97.87 -62.80 1.65
CA ASP I 179 96.76 -63.23 0.82
C ASP I 179 96.85 -62.60 -0.55
N LYS I 180 96.62 -63.39 -1.59
CA LYS I 180 96.68 -62.87 -2.95
C LYS I 180 95.63 -61.81 -3.21
N GLN I 181 94.57 -61.77 -2.40
CA GLN I 181 93.53 -60.78 -2.61
C GLN I 181 94.07 -59.36 -2.40
N PHE I 182 94.91 -59.18 -1.40
CA PHE I 182 95.51 -57.87 -1.14
C PHE I 182 96.89 -57.72 -1.77
N ARG I 183 97.63 -58.81 -1.88
CA ARG I 183 98.99 -58.74 -2.41
C ARG I 183 98.98 -58.34 -3.88
N HIS I 184 98.06 -58.88 -4.67
CA HIS I 184 98.00 -58.59 -6.09
C HIS I 184 97.28 -57.27 -6.32
N ALA I 185 97.93 -56.37 -7.07
CA ALA I 185 97.39 -55.02 -7.22
C ALA I 185 96.05 -55.02 -7.93
N ASP I 186 95.91 -55.82 -8.98
CA ASP I 186 94.65 -55.83 -9.72
C ASP I 186 93.50 -56.35 -8.86
N TRP I 187 93.74 -57.40 -8.08
CA TRP I 187 92.68 -57.96 -7.26
C TRP I 187 92.33 -57.01 -6.12
N SER I 188 93.33 -56.47 -5.44
CA SER I 188 93.05 -55.58 -4.31
C SER I 188 92.50 -54.25 -4.79
N GLY I 189 93.10 -53.68 -5.83
CA GLY I 189 92.62 -52.42 -6.36
C GLY I 189 93.61 -51.29 -6.23
N ASP I 190 94.32 -51.22 -5.10
CA ASP I 190 95.24 -50.12 -4.86
C ASP I 190 96.53 -50.35 -5.63
N GLN I 191 96.82 -49.46 -6.58
CA GLN I 191 98.04 -49.58 -7.35
C GLN I 191 99.28 -49.31 -6.50
N ALA I 192 99.12 -48.61 -5.37
CA ALA I 192 100.25 -48.40 -4.47
C ALA I 192 100.74 -49.71 -3.88
N ASN I 193 99.84 -50.70 -3.75
CA ASN I 193 100.17 -52.02 -3.24
C ASN I 193 100.82 -51.93 -1.86
N ALA I 194 100.05 -51.42 -0.90
CA ALA I 194 100.52 -51.36 0.47
C ALA I 194 100.74 -52.75 1.05
N ALA I 195 100.06 -53.76 0.54
CA ALA I 195 100.20 -55.11 1.05
C ALA I 195 101.41 -55.85 0.51
N LEU I 196 102.11 -55.27 -0.47
CA LEU I 196 103.32 -55.85 -1.01
C LEU I 196 104.55 -54.99 -0.73
N ARG I 197 104.45 -53.68 -0.96
CA ARG I 197 105.52 -52.79 -0.57
C ARG I 197 105.75 -52.85 0.93
N GLU I 198 104.68 -52.89 1.71
CA GLU I 198 104.73 -53.18 3.14
C GLU I 198 103.91 -54.44 3.40
N ALA I 199 103.80 -54.80 4.68
CA ALA I 199 102.92 -55.89 5.09
C ALA I 199 101.63 -55.37 5.71
N HIS I 200 101.28 -54.13 5.43
CA HIS I 200 100.18 -53.45 6.07
C HIS I 200 98.94 -53.57 5.19
N VAL I 201 97.84 -54.07 5.78
CA VAL I 201 96.60 -54.22 5.02
C VAL I 201 95.65 -53.07 5.26
N GLY I 202 95.60 -52.52 6.46
CA GLY I 202 94.72 -51.39 6.72
C GLY I 202 93.29 -51.84 6.78
N ARG I 203 92.42 -51.14 6.05
CA ARG I 203 91.00 -51.43 6.10
C ARG I 203 90.70 -52.79 5.47
N LEU I 204 89.65 -53.43 5.98
CA LEU I 204 89.30 -54.77 5.53
C LEU I 204 87.86 -55.05 5.90
N ALA I 205 87.02 -55.29 4.89
CA ALA I 205 85.62 -55.64 5.10
C ALA I 205 84.91 -54.62 6.00
N GLY I 206 85.20 -53.34 5.77
CA GLY I 206 84.61 -52.31 6.59
C GLY I 206 85.12 -52.26 8.01
N MET I 207 86.33 -52.75 8.25
CA MET I 207 86.91 -52.79 9.59
C MET I 207 88.35 -52.33 9.52
N ASN I 208 88.77 -51.52 10.48
CA ASN I 208 90.15 -51.06 10.55
C ASN I 208 90.94 -52.05 11.40
N VAL I 209 91.79 -52.83 10.74
CA VAL I 209 92.57 -53.84 11.44
C VAL I 209 93.51 -53.17 12.43
N ILE I 210 93.54 -53.67 13.66
CA ILE I 210 94.47 -53.20 14.67
C ILE I 210 95.35 -54.37 15.09
N ARG I 211 96.65 -54.23 14.92
CA ARG I 211 97.58 -55.28 15.30
C ARG I 211 97.82 -55.24 16.80
N SER I 212 97.89 -56.43 17.41
CA SER I 212 98.19 -56.54 18.82
C SER I 212 99.01 -57.79 19.04
N ASN I 213 99.77 -57.80 20.13
CA ASN I 213 100.58 -58.94 20.48
C ASN I 213 100.14 -59.60 21.78
N ALA I 214 99.21 -59.00 22.52
CA ALA I 214 98.76 -59.60 23.77
C ALA I 214 97.89 -60.82 23.50
N ILE I 215 97.00 -60.75 22.52
CA ILE I 215 96.11 -61.85 22.19
C ILE I 215 96.92 -62.96 21.51
N ALA I 216 96.32 -64.13 21.37
CA ALA I 216 97.02 -65.26 20.77
C ALA I 216 97.42 -64.92 19.34
N PRO I 217 98.53 -65.49 18.86
CA PRO I 217 99.07 -65.06 17.55
C PRO I 217 98.09 -65.21 16.40
N ASP I 218 97.29 -66.28 16.37
CA ASP I 218 96.49 -66.61 15.21
C ASP I 218 94.99 -66.44 15.46
N LYS I 219 94.60 -65.49 16.30
CA LYS I 219 93.19 -65.25 16.57
C LYS I 219 92.89 -63.77 16.48
N ALA I 220 91.74 -63.45 15.91
CA ALA I 220 91.27 -62.08 15.77
C ALA I 220 89.93 -61.94 16.46
N TYR I 221 89.73 -60.82 17.15
CA TYR I 221 88.50 -60.57 17.88
C TYR I 221 87.86 -59.31 17.35
N LEU I 222 86.58 -59.40 16.99
CA LEU I 222 85.83 -58.26 16.48
C LEU I 222 84.68 -58.01 17.44
N TRP I 223 84.69 -56.87 18.11
CA TRP I 223 83.69 -56.62 19.14
C TRP I 223 83.12 -55.22 19.01
N HIS I 224 81.83 -55.11 19.31
CA HIS I 224 81.18 -53.82 19.44
C HIS I 224 81.64 -53.15 20.72
N ARG I 225 81.45 -51.83 20.80
CA ARG I 225 81.92 -51.08 21.96
C ARG I 225 81.36 -51.63 23.26
N THR I 226 80.07 -51.91 23.29
CA THR I 226 79.39 -52.30 24.52
C THR I 226 79.61 -53.76 24.88
N ALA I 227 80.53 -54.45 24.23
CA ALA I 227 80.71 -55.87 24.51
C ALA I 227 81.40 -56.12 25.83
N PHE I 228 82.44 -55.34 26.14
CA PHE I 228 83.22 -55.51 27.35
C PHE I 228 83.28 -54.21 28.12
N ILE I 229 83.20 -54.31 29.45
CA ILE I 229 83.19 -53.14 30.33
C ILE I 229 84.33 -53.27 31.32
N LEU I 230 85.14 -52.22 31.42
CA LEU I 230 86.20 -52.14 32.42
C LEU I 230 85.89 -51.03 33.42
N ALA I 231 86.23 -51.29 34.68
CA ALA I 231 86.02 -50.32 35.75
C ALA I 231 87.29 -50.22 36.56
N TYR I 232 87.70 -49.00 36.87
CA TYR I 232 88.93 -48.73 37.59
C TYR I 232 88.65 -47.78 38.73
N ARG I 233 89.35 -47.97 39.85
CA ARG I 233 89.25 -47.07 40.98
C ARG I 233 90.62 -46.92 41.63
N THR I 234 91.03 -45.69 41.85
CA THR I 234 92.31 -45.44 42.50
C THR I 234 92.10 -45.46 44.01
N PRO I 235 92.79 -46.33 44.74
CA PRO I 235 92.62 -46.33 46.19
C PRO I 235 93.01 -45.00 46.79
N VAL I 236 92.25 -44.57 47.79
CA VAL I 236 92.54 -43.32 48.47
C VAL I 236 93.61 -43.57 49.51
N VAL I 237 94.73 -42.88 49.40
CA VAL I 237 95.82 -43.06 50.36
C VAL I 237 95.38 -42.51 51.72
N PRO I 238 95.43 -43.30 52.78
CA PRO I 238 94.94 -42.82 54.08
C PRO I 238 95.89 -41.79 54.68
N GLU I 239 95.34 -41.00 55.59
CA GLU I 239 96.11 -39.97 56.28
C GLU I 239 97.21 -40.56 57.15
N GLY I 240 97.11 -41.83 57.52
CA GLY I 240 98.10 -42.47 58.36
C GLY I 240 99.31 -43.01 57.65
N ALA I 241 99.51 -42.65 56.39
CA ALA I 241 100.62 -43.15 55.61
C ALA I 241 101.42 -41.98 55.05
N LYS I 242 102.72 -42.21 54.85
CA LYS I 242 103.57 -41.19 54.27
C LYS I 242 103.04 -40.79 52.89
N ALA I 243 102.97 -39.49 52.65
CA ALA I 243 102.35 -38.98 51.43
C ALA I 243 103.11 -39.48 50.20
N GLY I 244 102.49 -40.37 49.43
CA GLY I 244 103.09 -40.88 48.23
C GLY I 244 102.52 -40.23 46.99
N ALA I 245 103.26 -40.37 45.89
CA ALA I 245 102.84 -39.81 44.62
C ALA I 245 101.73 -40.66 44.00
N SER I 246 101.13 -40.14 42.95
CA SER I 246 100.10 -40.84 42.19
C SER I 246 100.59 -40.98 40.76
N PHE I 247 100.66 -42.21 40.28
CA PHE I 247 101.24 -42.48 38.96
C PHE I 247 100.14 -42.77 37.95
N SER I 248 100.56 -42.91 36.69
CA SER I 248 99.64 -43.16 35.60
C SER I 248 100.09 -44.36 34.81
N ALA I 249 99.11 -45.07 34.24
CA ALA I 249 99.40 -46.23 33.40
C ALA I 249 98.25 -46.36 32.41
N ASN I 250 98.53 -46.09 31.14
CA ASN I 250 97.56 -46.26 30.06
C ASN I 250 96.28 -45.48 30.31
N GLY I 251 96.36 -44.42 31.11
CA GLY I 251 95.19 -43.64 31.42
C GLY I 251 94.73 -43.79 32.85
N VAL I 252 94.81 -44.99 33.39
CA VAL I 252 94.34 -45.22 34.76
C VAL I 252 95.36 -44.61 35.71
N ALA I 253 94.89 -44.24 36.90
CA ALA I 253 95.77 -43.71 37.93
C ALA I 253 96.03 -44.78 38.99
N LEU I 254 97.23 -44.80 39.51
CA LEU I 254 97.67 -45.79 40.49
C LEU I 254 98.15 -45.09 41.74
N ARG I 255 97.81 -45.66 42.89
CA ARG I 255 98.27 -45.12 44.17
C ARG I 255 99.61 -45.75 44.52
N TRP I 256 100.61 -44.91 44.78
CA TRP I 256 101.91 -45.35 45.24
C TRP I 256 102.04 -44.99 46.71
N LEU I 257 102.44 -45.97 47.52
CA LEU I 257 102.50 -45.81 48.97
C LEU I 257 103.76 -46.44 49.49
N ALA I 258 104.56 -45.67 50.22
CA ALA I 258 105.80 -46.15 50.80
C ALA I 258 105.69 -46.14 52.32
N ASP I 259 106.36 -47.09 52.95
CA ASP I 259 106.30 -47.22 54.40
C ASP I 259 107.56 -47.93 54.88
N TYR I 260 108.26 -47.32 55.82
CA TYR I 260 109.41 -47.97 56.42
C TYR I 260 108.95 -49.11 57.31
N ASP I 261 109.85 -50.06 57.54
CA ASP I 261 109.59 -51.20 58.41
C ASP I 261 110.78 -51.31 59.36
N TYR I 262 110.59 -50.83 60.58
CA TYR I 262 111.68 -50.82 61.55
C TYR I 262 112.03 -52.23 61.99
N SER I 263 111.03 -53.09 62.15
CA SER I 263 111.31 -54.43 62.66
C SER I 263 112.22 -55.20 61.71
N GLN I 264 111.99 -55.10 60.41
CA GLN I 264 112.84 -55.75 59.42
C GLN I 264 113.87 -54.81 58.82
N LEU I 265 113.87 -53.54 59.21
CA LEU I 265 114.86 -52.55 58.77
C LEU I 265 114.88 -52.45 57.25
N GLY I 266 113.74 -52.10 56.68
CA GLY I 266 113.64 -51.99 55.23
C GLY I 266 112.43 -51.23 54.78
N ASP I 267 112.57 -50.55 53.66
CA ASP I 267 111.46 -49.84 53.05
C ASP I 267 110.55 -50.80 52.30
N ARG I 268 109.26 -50.49 52.29
CA ARG I 268 108.27 -51.27 51.56
C ARG I 268 107.44 -50.31 50.71
N THR I 269 107.26 -50.64 49.43
CA THR I 269 106.50 -49.79 48.53
C THR I 269 105.40 -50.60 47.87
N LEU I 270 104.31 -49.93 47.53
CA LEU I 270 103.15 -50.59 46.93
C LEU I 270 102.51 -49.66 45.92
N LEU I 271 102.42 -50.09 44.67
CA LEU I 271 101.75 -49.34 43.62
C LEU I 271 100.55 -50.15 43.15
N ASP I 272 99.35 -49.60 43.28
CA ASP I 272 98.19 -50.46 43.08
C ASP I 272 96.97 -49.67 42.63
N VAL I 273 95.95 -50.43 42.21
CA VAL I 273 94.69 -49.89 41.72
C VAL I 273 93.65 -50.99 41.88
N PHE I 274 92.37 -50.62 41.89
CA PHE I 274 91.28 -51.57 41.98
C PHE I 274 90.62 -51.70 40.62
N THR I 275 90.41 -52.92 40.16
CA THR I 275 89.91 -53.18 38.82
C THR I 275 88.72 -54.13 38.86
N GLY I 276 87.86 -54.00 37.85
CA GLY I 276 86.77 -54.93 37.64
C GLY I 276 86.44 -54.97 36.18
N ARG I 277 85.84 -56.09 35.76
CA ARG I 277 85.56 -56.28 34.34
C ARG I 277 84.24 -57.02 34.19
N LYS I 278 83.64 -56.89 33.00
CA LYS I 278 82.38 -57.54 32.73
C LYS I 278 82.24 -57.80 31.24
N VAL I 279 81.58 -58.91 30.91
CA VAL I 279 81.21 -59.25 29.55
C VAL I 279 79.70 -59.10 29.43
N VAL I 280 79.25 -58.26 28.49
CA VAL I 280 77.83 -57.98 28.37
C VAL I 280 77.14 -59.08 27.57
N THR I 281 76.65 -60.10 28.25
CA THR I 281 75.84 -61.11 27.60
C THR I 281 74.42 -60.61 27.43
N GLU I 282 73.65 -61.29 26.59
CA GLU I 282 72.27 -60.90 26.37
C GLU I 282 71.36 -61.49 27.44
N VAL I 283 70.06 -61.25 27.28
CA VAL I 283 69.11 -61.65 28.32
C VAL I 283 69.03 -63.17 28.43
N ASP I 284 69.17 -63.89 27.33
CA ASP I 284 69.13 -65.34 27.36
C ASP I 284 70.48 -65.96 27.67
N GLY I 285 71.52 -65.16 27.86
CA GLY I 285 72.84 -65.66 28.16
C GLY I 285 73.75 -65.79 26.96
N SER I 286 73.23 -65.65 25.75
CA SER I 286 74.07 -65.71 24.57
C SER I 286 74.95 -64.47 24.47
N PHE I 287 76.12 -64.65 23.85
CA PHE I 287 77.05 -63.57 23.60
C PHE I 287 77.07 -63.29 22.12
N VAL I 288 76.61 -62.09 21.73
CA VAL I 288 76.45 -61.75 20.32
C VAL I 288 77.12 -60.43 19.94
N ARG I 289 77.74 -59.74 20.88
CA ARG I 289 78.39 -58.48 20.58
C ARG I 289 79.87 -58.64 20.23
N ALA I 290 80.38 -59.86 20.15
CA ALA I 290 81.76 -60.09 19.79
C ALA I 290 81.87 -61.43 19.09
N VAL I 291 82.73 -61.48 18.08
CA VAL I 291 82.99 -62.71 17.35
C VAL I 291 84.49 -62.97 17.32
N GLU I 292 84.84 -64.25 17.23
CA GLU I 292 86.21 -64.73 17.30
C GLU I 292 86.55 -65.43 15.99
N LEU I 293 87.71 -65.12 15.44
CA LEU I 293 88.18 -65.71 14.20
C LEU I 293 89.51 -66.40 14.48
N GLN I 294 89.69 -67.59 13.92
CA GLN I 294 90.92 -68.34 14.12
C GLN I 294 91.44 -68.83 12.77
N LEU I 295 92.74 -68.81 12.60
CA LEU I 295 93.33 -69.29 11.36
C LEU I 295 93.14 -70.80 11.23
N GLN I 296 92.95 -71.24 9.99
CA GLN I 296 92.68 -72.64 9.69
C GLN I 296 94.01 -73.36 9.49
N ALA I 297 94.55 -73.89 10.58
CA ALA I 297 95.78 -74.67 10.50
C ALA I 297 95.52 -75.95 9.72
N SER I 298 96.49 -76.33 8.88
CA SER I 298 96.33 -77.48 8.02
C SER I 298 97.49 -78.47 8.07
N SER I 299 98.63 -78.12 8.65
CA SER I 299 99.76 -79.02 8.76
C SER I 299 100.78 -78.41 9.69
N ILE I 300 101.43 -79.24 10.50
CA ILE I 300 102.41 -78.77 11.46
C ILE I 300 103.73 -79.49 11.22
N THR I 301 104.83 -78.82 11.60
CA THR I 301 106.17 -79.36 11.44
C THR I 301 107.02 -78.89 12.62
N ILE I 302 107.97 -79.74 13.03
CA ILE I 302 108.89 -79.39 14.09
C ILE I 302 109.92 -78.41 13.54
N VAL I 303 110.20 -77.34 14.31
CA VAL I 303 111.13 -76.33 13.86
C VAL I 303 112.53 -76.93 13.75
N GLY I 304 113.27 -76.51 12.74
CA GLY I 304 114.65 -76.92 12.56
C GLY I 304 114.85 -78.31 12.00
N GLY I 305 113.78 -79.08 11.78
CA GLY I 305 113.94 -80.42 11.28
C GLY I 305 114.68 -81.30 12.27
N ALA I 306 115.46 -82.23 11.72
CA ALA I 306 116.24 -83.14 12.55
C ALA I 306 117.28 -82.38 13.35
N PHE I 307 117.56 -82.87 14.55
CA PHE I 307 118.49 -82.19 15.44
C PHE I 307 119.18 -83.21 16.34
N ALA I 308 120.25 -82.76 16.98
CA ALA I 308 121.05 -83.60 17.86
C ALA I 308 121.32 -82.86 19.16
N LEU I 309 121.51 -83.61 20.23
CA LEU I 309 121.77 -83.04 21.53
C LEU I 309 123.27 -82.77 21.70
N ALA I 310 123.59 -81.91 22.66
CA ALA I 310 124.99 -81.58 22.92
C ALA I 310 125.77 -82.79 23.41
N THR I 311 125.18 -83.58 24.29
CA THR I 311 125.81 -84.80 24.80
C THR I 311 124.72 -85.87 24.91
N THR I 312 125.10 -87.01 25.49
CA THR I 312 124.13 -88.08 25.69
C THR I 312 123.04 -87.66 26.68
N THR I 313 123.44 -86.99 27.77
CA THR I 313 122.52 -86.65 28.85
C THR I 313 121.82 -85.31 28.65
N GLY I 314 122.21 -84.54 27.65
CA GLY I 314 121.65 -83.20 27.47
C GLY I 314 120.18 -83.22 27.14
N THR I 315 119.56 -82.05 27.31
CA THR I 315 118.14 -81.86 27.05
C THR I 315 117.94 -80.68 26.11
N LYS I 316 116.81 -80.67 25.42
CA LYS I 316 116.45 -79.55 24.55
C LYS I 316 114.95 -79.40 24.47
N GLN I 317 114.48 -78.16 24.50
CA GLN I 317 113.05 -77.88 24.40
C GLN I 317 112.68 -77.74 22.93
N LEU I 318 111.77 -78.60 22.46
CA LEU I 318 111.34 -78.52 21.08
C LEU I 318 110.37 -77.37 20.88
N LYS I 319 110.02 -77.16 19.61
CA LYS I 319 109.06 -76.14 19.21
C LYS I 319 108.46 -76.59 17.88
N VAL I 320 107.14 -76.49 17.76
CA VAL I 320 106.44 -76.95 16.57
C VAL I 320 105.61 -75.80 16.02
N ARG I 321 105.67 -75.62 14.70
CA ARG I 321 104.96 -74.54 14.02
C ARG I 321 104.07 -75.13 12.94
N ASP I 322 102.86 -74.61 12.82
CA ASP I 322 101.99 -75.05 11.74
C ASP I 322 102.37 -74.33 10.45
N ASP I 323 101.58 -74.54 9.40
CA ASP I 323 101.85 -73.90 8.12
C ASP I 323 101.60 -72.40 8.15
N ASN I 324 100.94 -71.88 9.18
CA ASN I 324 100.74 -70.45 9.33
C ASN I 324 101.86 -69.77 10.11
N GLY I 325 102.86 -70.53 10.55
CA GLY I 325 103.98 -69.96 11.27
C GLY I 325 103.76 -69.75 12.74
N THR I 326 102.60 -70.09 13.27
CA THR I 326 102.32 -69.90 14.69
C THR I 326 103.01 -70.96 15.52
N ASP I 327 103.32 -70.60 16.76
CA ASP I 327 103.97 -71.52 17.70
C ASP I 327 102.87 -72.27 18.46
N VAL I 328 102.57 -73.48 18.01
CA VAL I 328 101.53 -74.29 18.63
C VAL I 328 102.12 -75.30 19.61
N THR I 329 103.37 -75.11 20.02
CA THR I 329 104.00 -76.05 20.93
C THR I 329 103.25 -76.14 22.26
N ALA I 330 102.61 -75.05 22.67
CA ALA I 330 101.89 -75.04 23.93
C ALA I 330 100.61 -75.86 23.90
N ARG I 331 100.17 -76.33 22.73
CA ARG I 331 98.90 -77.02 22.60
C ARG I 331 99.02 -78.33 21.83
N CYS I 332 100.20 -78.94 21.81
CA CYS I 332 100.43 -80.21 21.13
C CYS I 332 100.68 -81.31 22.14
N THR I 333 100.56 -82.55 21.66
CA THR I 333 100.85 -83.73 22.45
C THR I 333 102.06 -84.44 21.85
N PHE I 334 103.07 -84.72 22.68
CA PHE I 334 104.32 -85.27 22.22
C PHE I 334 104.47 -86.72 22.67
N ALA I 335 105.03 -87.55 21.80
CA ALA I 335 105.29 -88.94 22.11
C ALA I 335 106.64 -89.33 21.51
N SER I 336 107.23 -90.40 22.06
CA SER I 336 108.52 -90.89 21.59
C SER I 336 108.34 -92.27 21.00
N SER I 337 108.92 -92.49 19.81
CA SER I 337 108.87 -93.82 19.19
C SER I 337 109.63 -94.83 20.04
N ALA I 338 110.79 -94.45 20.57
CA ALA I 338 111.61 -95.33 21.39
C ALA I 338 112.15 -94.51 22.56
N GLY I 339 111.57 -94.69 23.74
CA GLY I 339 112.02 -93.96 24.91
C GLY I 339 113.34 -94.44 25.48
N THR I 340 113.85 -95.57 25.00
CA THR I 340 115.13 -96.07 25.49
C THR I 340 116.28 -95.15 25.11
N LYS I 341 116.15 -94.39 24.02
CA LYS I 341 117.18 -93.48 23.58
C LYS I 341 116.95 -92.07 24.15
N ALA I 342 115.79 -91.49 23.86
CA ALA I 342 115.44 -90.19 24.40
C ALA I 342 113.98 -90.20 24.83
N THR I 343 113.69 -89.44 25.88
CA THR I 343 112.34 -89.36 26.44
C THR I 343 111.82 -87.94 26.26
N VAL I 344 110.61 -87.82 25.73
CA VAL I 344 110.00 -86.52 25.48
C VAL I 344 109.02 -86.21 26.60
N SER I 345 108.92 -84.94 26.95
CA SER I 345 107.97 -84.48 27.95
C SER I 345 106.68 -84.06 27.29
N ALA I 346 105.63 -83.91 28.11
CA ALA I 346 104.36 -83.44 27.60
C ALA I 346 104.41 -81.98 27.16
N ALA I 347 105.39 -81.22 27.64
CA ALA I 347 105.55 -79.82 27.26
C ALA I 347 106.45 -79.65 26.04
N GLY I 348 107.02 -80.73 25.51
CA GLY I 348 107.85 -80.68 24.33
C GLY I 348 109.33 -80.89 24.57
N LEU I 349 109.77 -80.85 25.83
CA LEU I 349 111.19 -81.04 26.12
C LEU I 349 111.59 -82.49 25.85
N VAL I 350 112.84 -82.68 25.44
CA VAL I 350 113.42 -83.99 25.20
C VAL I 350 114.68 -84.12 26.06
N THR I 351 114.84 -85.29 26.68
CA THR I 351 115.98 -85.60 27.52
C THR I 351 116.63 -86.87 27.02
N GLY I 352 117.95 -86.85 26.90
CA GLY I 352 118.67 -88.01 26.41
C GLY I 352 119.06 -89.00 27.50
N VAL I 353 118.29 -90.07 27.66
CA VAL I 353 118.67 -91.10 28.62
C VAL I 353 119.88 -91.88 28.12
N ALA I 354 119.95 -92.16 26.82
CA ALA I 354 121.03 -92.94 26.25
C ALA I 354 121.32 -92.45 24.84
N ALA I 355 122.51 -92.78 24.36
CA ALA I 355 122.91 -92.38 23.01
C ALA I 355 122.21 -93.25 21.97
N GLY I 356 121.78 -92.61 20.89
CA GLY I 356 121.12 -93.32 19.82
C GLY I 356 120.18 -92.40 19.05
N THR I 357 119.50 -92.98 18.07
CA THR I 357 118.58 -92.25 17.23
C THR I 357 117.15 -92.58 17.63
N ALA I 358 116.33 -91.55 17.80
CA ALA I 358 114.96 -91.71 18.22
C ALA I 358 114.06 -90.84 17.36
N ASP I 359 112.77 -91.14 17.37
CA ASP I 359 111.77 -90.41 16.64
C ASP I 359 110.76 -89.83 17.62
N ILE I 360 110.44 -88.55 17.47
CA ILE I 360 109.49 -87.86 18.32
C ILE I 360 108.33 -87.39 17.46
N THR I 361 107.11 -87.74 17.87
CA THR I 361 105.91 -87.42 17.12
C THR I 361 105.09 -86.39 17.90
N ALA I 362 104.71 -85.31 17.22
CA ALA I 362 103.88 -84.28 17.80
C ALA I 362 102.54 -84.26 17.08
N SER I 363 101.46 -84.34 17.85
CA SER I 363 100.11 -84.35 17.32
C SER I 363 99.38 -83.10 17.80
N TYR I 364 98.70 -82.44 16.87
CA TYR I 364 98.00 -81.19 17.14
C TYR I 364 96.60 -81.27 16.56
N VAL I 365 95.60 -80.99 17.40
CA VAL I 365 94.22 -80.95 16.94
C VAL I 365 93.96 -79.60 16.29
N PRO I 366 93.56 -79.57 15.03
CA PRO I 366 93.37 -78.31 14.33
C PRO I 366 92.19 -77.54 14.91
N PRO I 367 92.16 -76.22 14.73
CA PRO I 367 90.98 -75.45 15.17
C PRO I 367 89.70 -75.93 14.54
N GLN I 368 89.74 -76.36 13.28
CA GLN I 368 88.55 -76.94 12.65
C GLN I 368 88.18 -78.29 13.23
N GLY I 369 89.07 -78.91 14.00
CA GLY I 369 88.78 -80.21 14.58
C GLY I 369 89.00 -81.35 13.60
N GLY I 370 88.72 -82.55 14.09
CA GLY I 370 88.85 -83.74 13.27
C GLY I 370 90.13 -84.50 13.55
N THR I 371 90.75 -85.03 12.50
CA THR I 371 92.00 -85.77 12.67
C THR I 371 93.10 -84.84 13.15
N ALA I 372 93.95 -85.37 14.02
CA ALA I 372 95.07 -84.60 14.56
C ALA I 372 96.23 -84.64 13.58
N LYS I 373 96.73 -83.47 13.19
CA LYS I 373 97.88 -83.43 12.31
C LYS I 373 99.12 -83.84 13.08
N THR I 374 99.90 -84.76 12.51
CA THR I 374 101.04 -85.35 13.19
C THR I 374 102.32 -85.07 12.41
N ALA I 375 103.36 -84.67 13.12
CA ALA I 375 104.67 -84.40 12.52
C ALA I 375 105.73 -85.16 13.30
N THR I 376 106.60 -85.85 12.57
CA THR I 376 107.64 -86.67 13.18
C THR I 376 109.02 -86.09 12.90
N VAL I 377 109.85 -86.04 13.94
CA VAL I 377 111.20 -85.52 13.84
C VAL I 377 112.15 -86.60 14.35
N THR I 378 113.39 -86.55 13.86
CA THR I 378 114.41 -87.51 14.23
C THR I 378 115.49 -86.82 15.05
N VAL I 379 115.74 -87.34 16.25
CA VAL I 379 116.77 -86.83 17.14
C VAL I 379 117.90 -87.84 17.20
N THR I 380 119.14 -87.36 17.19
CA THR I 380 120.32 -88.22 17.23
C THR I 380 121.12 -87.82 18.48
N VAL I 381 120.79 -88.45 19.61
CA VAL I 381 121.49 -88.19 20.86
C VAL I 381 122.89 -88.80 20.76
N PRO I 382 123.95 -88.00 20.92
CA PRO I 382 125.32 -88.50 20.75
C PRO I 382 125.77 -89.40 21.89
N ALA J 2 163.86 -66.53 -45.46
CA ALA J 2 163.00 -65.44 -45.04
C ALA J 2 163.70 -64.53 -44.04
N HIS J 3 163.47 -63.23 -44.17
CA HIS J 3 164.09 -62.28 -43.27
C HIS J 3 163.51 -62.42 -41.87
N ILE J 4 164.38 -62.47 -40.88
CA ILE J 4 163.99 -62.64 -39.49
C ILE J 4 164.35 -61.37 -38.74
N PHE J 5 163.34 -60.72 -38.16
CA PHE J 5 163.53 -59.47 -37.44
C PHE J 5 163.42 -59.72 -35.94
N VAL J 6 164.38 -59.21 -35.19
CA VAL J 6 164.37 -59.35 -33.73
C VAL J 6 163.63 -58.15 -33.15
N LYS J 7 162.41 -58.39 -32.68
CA LYS J 7 161.59 -57.34 -32.11
C LYS J 7 161.41 -57.57 -30.62
N PRO J 8 161.31 -56.50 -29.83
CA PRO J 8 161.18 -56.67 -28.38
C PRO J 8 159.80 -57.14 -27.99
N GLU J 9 159.72 -57.74 -26.80
CA GLU J 9 158.43 -58.00 -26.20
C GLU J 9 157.82 -56.68 -25.71
N LEU J 10 156.49 -56.61 -25.74
CA LEU J 10 155.80 -55.44 -25.24
C LEU J 10 154.72 -55.84 -24.24
N VAL J 11 154.58 -55.03 -23.20
CA VAL J 11 153.57 -55.21 -22.17
C VAL J 11 152.84 -53.90 -22.01
N ALA J 12 151.52 -53.93 -22.11
CA ALA J 12 150.70 -52.74 -22.00
C ALA J 12 149.56 -52.99 -21.01
N GLU J 13 149.05 -51.90 -20.44
CA GLU J 13 147.92 -51.96 -19.52
C GLU J 13 146.80 -51.14 -20.14
N ILE J 14 145.81 -51.85 -20.69
CA ILE J 14 144.73 -51.21 -21.43
C ILE J 14 143.51 -51.03 -20.54
N GLY J 15 143.67 -51.28 -19.25
CA GLY J 15 142.61 -51.06 -18.29
C GLY J 15 141.77 -52.27 -17.95
N VAL J 16 142.10 -53.45 -18.47
CA VAL J 16 141.43 -54.67 -18.03
C VAL J 16 141.96 -55.04 -16.65
N LYS J 17 141.04 -55.31 -15.72
CA LYS J 17 141.39 -55.58 -14.34
C LYS J 17 140.75 -56.88 -13.89
N GLN J 18 141.13 -57.31 -12.69
CA GLN J 18 140.50 -58.46 -12.07
C GLN J 18 139.20 -58.04 -11.41
N LEU J 19 138.13 -58.74 -11.71
CA LEU J 19 136.82 -58.37 -11.20
C LEU J 19 136.72 -58.72 -9.72
N GLN J 20 136.33 -57.72 -8.93
CA GLN J 20 136.18 -57.90 -7.49
C GLN J 20 134.90 -57.24 -7.02
N ARG J 21 134.23 -57.88 -6.08
CA ARG J 21 132.94 -57.40 -5.61
C ARG J 21 133.11 -56.07 -4.88
N GLU J 22 132.00 -55.33 -4.81
CA GLU J 22 131.97 -54.10 -4.03
C GLU J 22 131.87 -54.41 -2.55
N ILE J 23 132.18 -53.42 -1.73
CA ILE J 23 132.15 -53.55 -0.28
C ILE J 23 130.93 -52.81 0.24
N VAL J 24 129.96 -53.56 0.78
CA VAL J 24 128.71 -53.00 1.25
C VAL J 24 128.45 -53.31 2.72
N LEU J 25 128.79 -54.52 3.18
CA LEU J 25 128.42 -54.91 4.53
C LEU J 25 128.99 -54.05 5.65
N PRO J 26 130.26 -53.62 5.63
CA PRO J 26 130.78 -52.88 6.80
C PRO J 26 130.02 -51.62 7.13
N GLY J 27 129.34 -51.01 6.16
CA GLY J 27 128.54 -49.84 6.44
C GLY J 27 127.17 -50.15 7.00
N LEU J 28 126.85 -51.41 7.22
CA LEU J 28 125.52 -51.82 7.69
C LEU J 28 125.50 -52.21 9.16
N VAL J 29 126.46 -53.03 9.59
CA VAL J 29 126.45 -53.55 10.95
C VAL J 29 126.76 -52.42 11.93
N TRP J 30 126.52 -52.69 13.21
CA TRP J 30 126.67 -51.71 14.28
C TRP J 30 128.11 -51.74 14.76
N THR J 31 128.91 -50.79 14.29
CA THR J 31 130.33 -50.78 14.55
C THR J 31 130.67 -49.88 15.72
N ASN J 32 131.63 -50.32 16.53
CA ASN J 32 132.16 -49.56 17.66
C ASN J 32 131.08 -48.93 18.54
N PRO J 33 130.27 -49.73 19.22
CA PRO J 33 129.44 -49.17 20.30
C PRO J 33 130.18 -49.22 21.61
N LEU J 34 131.23 -50.04 21.67
CA LEU J 34 132.09 -50.17 22.84
C LEU J 34 133.53 -49.94 22.40
N THR J 35 134.28 -49.18 23.21
CA THR J 35 135.62 -48.77 22.83
C THR J 35 136.71 -49.32 23.73
N ASP J 36 136.61 -49.11 25.04
CA ASP J 36 137.69 -49.45 25.97
C ASP J 36 137.67 -50.94 26.26
N PHE J 37 138.23 -51.72 25.33
CA PHE J 37 138.33 -53.15 25.54
C PHE J 37 139.59 -53.55 26.29
N GLY J 38 140.69 -52.83 26.09
CA GLY J 38 141.91 -53.15 26.80
C GLY J 38 141.88 -52.77 28.27
N GLY J 39 141.03 -51.81 28.63
CA GLY J 39 140.93 -51.35 29.99
C GLY J 39 139.99 -52.14 30.88
N SER J 40 139.46 -53.25 30.40
CA SER J 40 138.58 -54.09 31.19
C SER J 40 139.18 -55.47 31.36
N LYS J 41 138.68 -56.19 32.37
CA LYS J 41 139.22 -57.50 32.68
C LYS J 41 138.92 -58.49 31.57
N ASN J 42 139.92 -59.30 31.23
CA ASN J 42 139.78 -60.40 30.27
C ASN J 42 139.36 -59.88 28.90
N ASP J 43 139.70 -58.64 28.57
CA ASP J 43 139.31 -58.00 27.31
C ASP J 43 137.80 -58.05 27.10
N THR J 44 137.04 -58.11 28.18
CA THR J 44 135.60 -58.29 28.12
C THR J 44 134.90 -57.14 28.82
N ILE J 45 133.94 -56.53 28.14
CA ILE J 45 133.06 -55.53 28.73
C ILE J 45 131.71 -56.18 28.95
N THR J 46 131.18 -56.07 30.16
CA THR J 46 129.91 -56.71 30.51
C THR J 46 128.78 -55.71 30.32
N VAL J 47 128.10 -55.79 29.18
CA VAL J 47 126.92 -54.96 28.95
C VAL J 47 125.82 -55.38 29.90
N ARG J 48 125.11 -54.40 30.43
CA ARG J 48 124.04 -54.61 31.41
C ARG J 48 122.69 -54.37 30.77
N VAL J 49 121.77 -55.29 31.01
CA VAL J 49 120.41 -55.23 30.47
C VAL J 49 119.48 -54.76 31.60
N PRO J 50 118.72 -53.69 31.40
CA PRO J 50 117.87 -53.17 32.48
C PRO J 50 116.84 -54.19 32.93
N ALA J 51 116.44 -54.07 34.19
CA ALA J 51 115.58 -55.04 34.84
C ALA J 51 114.13 -54.90 34.37
N ILE J 52 113.34 -55.93 34.70
CA ILE J 52 111.92 -56.00 34.37
C ILE J 52 111.19 -56.50 35.62
N THR J 53 109.90 -56.20 35.69
CA THR J 53 109.13 -56.51 36.88
C THR J 53 107.76 -57.05 36.48
N THR J 54 107.16 -57.82 37.39
CA THR J 54 105.83 -58.38 37.19
C THR J 54 104.92 -57.96 38.34
N ALA J 55 103.68 -57.63 38.00
CA ALA J 55 102.69 -57.27 39.00
C ALA J 55 101.91 -58.50 39.44
N ASN J 56 100.94 -58.30 40.32
CA ASN J 56 100.17 -59.39 40.88
C ASN J 56 98.73 -58.94 41.10
N ARG J 57 97.83 -59.91 41.23
CA ARG J 57 96.44 -59.65 41.55
C ARG J 57 96.06 -60.33 42.84
N ARG J 58 95.22 -59.67 43.63
CA ARG J 58 94.62 -60.28 44.80
C ARG J 58 93.16 -59.84 44.88
N ASP J 59 92.33 -60.69 45.47
CA ASP J 59 90.91 -60.40 45.53
C ASP J 59 90.62 -59.23 46.45
N LEU J 60 89.68 -58.39 46.04
CA LEU J 60 89.27 -57.28 46.89
C LEU J 60 88.60 -57.80 48.15
N ARG J 61 88.85 -57.11 49.27
CA ARG J 61 88.24 -57.46 50.56
C ARG J 61 88.59 -58.89 50.99
N ASP J 62 89.76 -59.35 50.58
CA ASP J 62 90.21 -60.67 50.97
C ASP J 62 90.61 -60.65 52.45
N PRO J 63 90.16 -61.61 53.26
CA PRO J 63 90.51 -61.58 54.69
C PRO J 63 92.02 -61.56 54.97
N ASP J 64 92.85 -62.21 54.17
CA ASP J 64 94.28 -62.14 54.37
C ASP J 64 94.88 -61.06 53.47
N ARG J 65 95.80 -60.28 54.02
CA ARG J 65 96.27 -59.07 53.37
C ARG J 65 97.73 -59.17 52.95
N THR J 66 98.21 -60.40 52.72
CA THR J 66 99.58 -60.59 52.29
C THR J 66 99.74 -60.16 50.83
N VAL J 67 100.92 -59.62 50.53
CA VAL J 67 101.26 -59.19 49.18
C VAL J 67 102.49 -59.93 48.72
N ILE J 68 102.64 -60.06 47.41
CA ILE J 68 103.73 -60.82 46.81
C ILE J 68 104.76 -59.83 46.29
N ALA J 69 105.99 -59.93 46.77
CA ALA J 69 107.07 -59.10 46.28
C ALA J 69 107.49 -59.55 44.90
N SER J 70 108.25 -58.68 44.22
CA SER J 70 108.69 -58.94 42.85
C SER J 70 110.09 -58.36 42.68
N GLU J 71 111.11 -59.19 42.84
CA GLU J 71 112.47 -58.69 42.81
C GLU J 71 112.86 -58.20 41.42
N LEU J 72 113.65 -57.13 41.40
CA LEU J 72 114.24 -56.61 40.16
C LEU J 72 115.52 -57.38 39.88
N VAL J 73 115.57 -58.07 38.75
CA VAL J 73 116.73 -58.87 38.36
C VAL J 73 117.35 -58.27 37.12
N GLU J 74 118.65 -58.01 37.17
CA GLU J 74 119.40 -57.45 36.06
C GLU J 74 120.32 -58.50 35.48
N HIS J 75 120.40 -58.55 34.15
CA HIS J 75 121.22 -59.52 33.46
C HIS J 75 122.37 -58.81 32.75
N SER J 76 123.34 -59.61 32.31
CA SER J 76 124.53 -59.03 31.69
C SER J 76 125.12 -60.03 30.71
N PHE J 77 125.87 -59.51 29.74
CA PHE J 77 126.56 -60.37 28.79
C PHE J 77 127.82 -59.68 28.30
N GLY J 78 128.83 -60.49 27.98
CA GLY J 78 130.16 -59.98 27.69
C GLY J 78 130.42 -59.79 26.21
N VAL J 79 131.16 -58.73 25.89
CA VAL J 79 131.64 -58.46 24.55
C VAL J 79 133.16 -58.38 24.61
N THR J 80 133.84 -59.07 23.71
CA THR J 80 135.30 -59.17 23.80
C THR J 80 135.92 -59.07 22.41
N LEU J 81 137.25 -59.07 22.39
CA LEU J 81 138.05 -59.02 21.17
C LEU J 81 138.74 -60.37 20.97
N ASP J 82 138.63 -60.93 19.77
CA ASP J 82 139.13 -62.29 19.57
C ASP J 82 139.77 -62.54 18.22
N LYS J 83 140.08 -61.52 17.42
CA LYS J 83 140.67 -61.76 16.10
C LYS J 83 141.72 -60.72 15.79
N HIS J 84 142.64 -61.11 14.91
CA HIS J 84 143.80 -60.31 14.53
C HIS J 84 143.97 -60.32 13.02
N VAL J 85 142.90 -60.01 12.29
CA VAL J 85 142.97 -60.02 10.83
C VAL J 85 144.13 -59.16 10.35
N TYR J 86 144.88 -59.69 9.39
CA TYR J 86 146.13 -59.08 8.98
C TYR J 86 146.43 -59.45 7.53
N ALA J 87 147.47 -58.84 6.99
CA ALA J 87 148.00 -59.18 5.69
C ALA J 87 149.51 -58.99 5.74
N ALA J 88 150.25 -60.06 5.53
CA ALA J 88 151.69 -60.06 5.67
C ALA J 88 152.34 -60.40 4.34
N LEU J 89 153.41 -59.69 4.01
CA LEU J 89 154.14 -59.90 2.78
C LEU J 89 155.62 -60.01 3.08
N LYS J 90 156.33 -60.83 2.30
CA LYS J 90 157.77 -60.91 2.38
C LYS J 90 158.36 -60.75 0.99
N PHE J 91 159.30 -59.84 0.84
CA PHE J 91 159.95 -59.56 -0.43
C PHE J 91 161.43 -59.85 -0.30
N THR J 92 161.91 -60.83 -1.05
CA THR J 92 163.33 -61.08 -1.10
C THR J 92 164.02 -59.88 -1.74
N ASP J 93 165.26 -59.63 -1.33
CA ASP J 93 165.95 -58.40 -1.74
C ASP J 93 165.99 -58.26 -3.25
N GLU J 94 166.18 -59.38 -3.96
CA GLU J 94 166.15 -59.34 -5.41
C GLU J 94 164.80 -58.87 -5.93
N GLN J 95 163.71 -59.35 -5.32
CA GLN J 95 162.39 -58.92 -5.73
C GLN J 95 162.15 -57.46 -5.38
N ARG J 96 162.76 -56.99 -4.29
CA ARG J 96 162.55 -55.61 -3.86
C ARG J 96 163.25 -54.63 -4.79
N THR J 97 164.50 -54.91 -5.15
CA THR J 97 165.24 -53.97 -5.98
C THR J 97 164.77 -54.00 -7.43
N LEU J 98 164.55 -55.18 -7.98
CA LEU J 98 164.30 -55.31 -9.41
C LEU J 98 162.81 -55.30 -9.75
N ASP J 99 162.05 -56.25 -9.23
CA ASP J 99 160.71 -56.50 -9.74
C ASP J 99 159.76 -55.36 -9.43
N ILE J 100 159.83 -54.79 -8.22
CA ILE J 100 158.85 -53.80 -7.80
C ILE J 100 159.17 -52.47 -8.46
N ARG J 101 158.19 -51.91 -9.17
CA ARG J 101 158.37 -50.62 -9.86
C ARG J 101 157.90 -49.47 -8.98
N ASP J 102 156.63 -49.47 -8.59
CA ASP J 102 156.05 -48.44 -7.72
C ASP J 102 155.48 -49.12 -6.49
N TYR J 103 156.13 -48.93 -5.35
CA TYR J 103 155.74 -49.64 -4.13
C TYR J 103 154.32 -49.30 -3.71
N THR J 104 153.92 -48.03 -3.83
CA THR J 104 152.62 -47.62 -3.34
C THR J 104 151.49 -48.34 -4.09
N LYS J 105 151.51 -48.28 -5.41
CA LYS J 105 150.42 -48.80 -6.21
C LYS J 105 150.57 -50.27 -6.55
N GLN J 106 151.70 -50.89 -6.21
CA GLN J 106 151.92 -52.30 -6.53
C GLN J 106 151.94 -53.22 -5.33
N VAL J 107 152.10 -52.68 -4.12
CA VAL J 107 152.19 -53.49 -2.90
C VAL J 107 151.23 -53.00 -1.83
N LEU J 108 151.24 -51.70 -1.54
CA LEU J 108 150.41 -51.20 -0.45
C LEU J 108 148.93 -51.26 -0.79
N MET J 109 148.56 -50.84 -2.01
CA MET J 109 147.15 -50.85 -2.37
C MET J 109 146.56 -52.26 -2.43
N PRO J 110 147.20 -53.26 -3.05
CA PRO J 110 146.64 -54.62 -2.95
C PRO J 110 146.56 -55.12 -1.54
N GLN J 111 147.52 -54.77 -0.69
CA GLN J 111 147.49 -55.20 0.70
C GLN J 111 146.29 -54.61 1.43
N VAL J 112 146.04 -53.31 1.25
CA VAL J 112 144.90 -52.67 1.89
C VAL J 112 143.60 -53.25 1.37
N SER J 113 143.53 -53.54 0.06
CA SER J 113 142.32 -54.14 -0.48
C SER J 113 142.09 -55.53 0.11
N ALA J 114 143.16 -56.30 0.28
CA ALA J 114 143.01 -57.62 0.89
C ALA J 114 142.50 -57.52 2.32
N VAL J 115 143.03 -56.56 3.08
CA VAL J 115 142.55 -56.39 4.45
C VAL J 115 141.09 -55.99 4.46
N ALA J 116 140.69 -55.08 3.57
CA ALA J 116 139.29 -54.66 3.52
C ALA J 116 138.38 -55.83 3.18
N TYR J 117 138.77 -56.66 2.22
CA TYR J 117 137.94 -57.81 1.88
C TYR J 117 137.91 -58.82 3.00
N GLU J 118 139.00 -58.97 3.75
CA GLU J 118 138.97 -59.88 4.88
C GLU J 118 138.05 -59.37 5.97
N LEU J 119 138.02 -58.05 6.19
CA LEU J 119 137.08 -57.49 7.15
C LEU J 119 135.64 -57.74 6.72
N GLU J 120 135.36 -57.56 5.43
CA GLU J 120 134.01 -57.83 4.95
C GLU J 120 133.66 -59.30 5.11
N ASP J 121 134.60 -60.20 4.84
CA ASP J 121 134.36 -61.62 5.03
C ASP J 121 134.12 -61.93 6.51
N TYR J 122 134.84 -61.24 7.40
CA TYR J 122 134.63 -61.38 8.83
C TYR J 122 133.20 -61.02 9.21
N ILE J 123 132.73 -59.87 8.73
CA ILE J 123 131.37 -59.42 9.03
C ILE J 123 130.36 -60.40 8.44
N ALA J 124 130.59 -60.87 7.22
CA ALA J 124 129.66 -61.81 6.60
C ALA J 124 129.61 -63.13 7.36
N GLU J 125 130.77 -63.63 7.79
CA GLU J 125 130.80 -64.85 8.60
C GLU J 125 130.02 -64.65 9.88
N LEU J 126 130.12 -63.46 10.49
CA LEU J 126 129.31 -63.16 11.66
C LEU J 126 127.83 -63.21 11.32
N ILE J 127 127.44 -62.60 10.21
CA ILE J 127 126.03 -62.47 9.89
C ILE J 127 125.40 -63.81 9.58
N GLU J 128 126.05 -64.61 8.74
CA GLU J 128 125.48 -65.88 8.33
C GLU J 128 125.92 -67.04 9.22
N GLY J 129 126.74 -66.78 10.23
CA GLY J 129 127.04 -67.77 11.23
C GLY J 129 126.28 -67.60 12.53
N ALA J 130 125.35 -66.66 12.59
CA ALA J 130 124.64 -66.39 13.81
C ALA J 130 123.77 -67.57 14.20
N PRO J 131 123.45 -67.71 15.48
CA PRO J 131 122.61 -68.84 15.90
C PRO J 131 121.16 -68.72 15.45
N TYR J 132 120.91 -68.95 14.17
CA TYR J 132 119.54 -68.97 13.66
C TYR J 132 118.91 -70.30 13.98
N GLU J 133 117.77 -70.27 14.68
CA GLU J 133 117.10 -71.50 15.05
C GLU J 133 116.38 -72.15 13.87
N GLU J 134 115.97 -71.35 12.88
CA GLU J 134 115.31 -71.88 11.70
C GLU J 134 115.60 -70.98 10.52
N THR J 135 115.48 -71.53 9.32
CA THR J 135 115.70 -70.80 8.08
C THR J 135 114.42 -70.80 7.27
N ILE J 136 113.77 -69.65 7.18
CA ILE J 136 112.52 -69.55 6.43
C ILE J 136 112.82 -69.77 4.95
N LEU J 137 112.05 -70.64 4.33
CA LEU J 137 112.31 -71.06 2.96
C LEU J 137 111.54 -70.17 1.99
N ILE J 138 112.25 -69.63 1.00
CA ILE J 138 111.64 -68.83 -0.05
C ILE J 138 111.26 -69.76 -1.19
N ASP J 139 110.00 -69.72 -1.60
CA ASP J 139 109.55 -70.47 -2.76
C ASP J 139 109.76 -69.61 -4.00
N PRO J 140 110.56 -70.04 -4.99
CA PRO J 140 110.80 -69.19 -6.16
C PRO J 140 109.54 -68.83 -6.92
N ALA J 141 108.51 -69.69 -6.90
CA ALA J 141 107.26 -69.37 -7.57
C ALA J 141 106.55 -68.19 -6.89
N ASP J 142 106.59 -68.14 -5.56
CA ASP J 142 105.96 -67.06 -4.80
C ASP J 142 106.93 -66.65 -3.69
N THR J 143 107.67 -65.57 -3.92
CA THR J 143 108.76 -65.18 -3.04
C THR J 143 108.34 -64.18 -1.96
N VAL J 144 107.10 -63.68 -1.99
CA VAL J 144 106.66 -62.70 -1.01
C VAL J 144 106.25 -63.35 0.31
N PRO J 145 105.56 -64.48 0.34
CA PRO J 145 105.20 -65.08 1.63
C PRO J 145 106.39 -65.31 2.53
N ALA J 146 107.55 -65.66 1.99
CA ALA J 146 108.72 -65.85 2.84
C ALA J 146 109.11 -64.56 3.55
N PHE J 147 109.10 -63.44 2.82
CA PHE J 147 109.51 -62.19 3.44
C PHE J 147 108.47 -61.67 4.41
N ILE J 148 107.18 -61.86 4.10
CA ILE J 148 106.15 -61.50 5.05
C ILE J 148 106.25 -62.35 6.30
N THR J 149 106.64 -63.62 6.14
CA THR J 149 106.86 -64.47 7.30
C THR J 149 108.06 -64.00 8.11
N ALA J 150 109.12 -63.54 7.45
CA ALA J 150 110.26 -63.00 8.19
C ALA J 150 109.85 -61.78 8.99
N ASP J 151 109.06 -60.89 8.37
CA ASP J 151 108.55 -59.74 9.09
C ASP J 151 107.68 -60.16 10.26
N GLN J 152 106.86 -61.19 10.07
CA GLN J 152 106.04 -61.71 11.17
C GLN J 152 106.90 -62.23 12.30
N ARG J 153 107.96 -62.97 11.97
CA ARG J 153 108.84 -63.51 13.01
C ARG J 153 109.49 -62.39 13.81
N MET J 154 109.95 -61.35 13.12
CA MET J 154 110.58 -60.26 13.85
C MET J 154 109.57 -59.32 14.52
N GLY J 155 108.30 -59.40 14.17
CA GLY J 155 107.30 -58.62 14.87
C GLY J 155 106.78 -59.35 16.10
N GLU J 156 106.81 -60.68 16.05
CA GLU J 156 106.35 -61.48 17.19
C GLU J 156 107.25 -61.25 18.40
N ALA J 157 108.55 -61.19 18.19
CA ALA J 157 109.50 -60.99 19.27
C ALA J 157 109.58 -59.52 19.71
N ASN J 158 108.68 -58.68 19.21
CA ASN J 158 108.58 -57.27 19.59
C ASN J 158 109.81 -56.47 19.19
N VAL J 159 110.58 -56.95 18.23
CA VAL J 159 111.73 -56.18 17.75
C VAL J 159 111.24 -54.90 17.10
N PRO J 160 111.85 -53.75 17.37
CA PRO J 160 111.36 -52.50 16.80
C PRO J 160 111.39 -52.52 15.29
N THR J 161 110.46 -51.77 14.69
CA THR J 161 110.27 -51.78 13.25
C THR J 161 111.17 -50.81 12.51
N ASP J 162 112.02 -50.07 13.21
CA ASP J 162 112.91 -49.10 12.59
C ASP J 162 114.35 -49.60 12.58
N SER J 163 115.10 -49.15 11.58
CA SER J 163 116.50 -49.52 11.39
C SER J 163 116.65 -51.03 11.23
N ARG J 164 115.90 -51.57 10.28
CA ARG J 164 115.98 -52.97 9.90
C ARG J 164 116.67 -53.05 8.55
N ARG J 165 117.70 -53.89 8.46
CA ARG J 165 118.46 -54.03 7.21
C ARG J 165 118.17 -55.39 6.61
N LEU J 166 117.91 -55.41 5.31
CA LEU J 166 117.66 -56.64 4.56
C LEU J 166 118.69 -56.76 3.45
N VAL J 167 119.56 -57.75 3.58
CA VAL J 167 120.63 -57.99 2.61
C VAL J 167 120.37 -59.33 1.94
N VAL J 168 120.23 -59.32 0.63
CA VAL J 168 119.95 -60.53 -0.14
C VAL J 168 121.18 -60.92 -0.93
N GLY J 169 121.32 -62.21 -1.18
CA GLY J 169 122.32 -62.69 -2.09
C GLY J 169 121.93 -62.43 -3.52
N SER J 170 122.87 -62.67 -4.44
CA SER J 170 122.61 -62.41 -5.85
C SER J 170 121.47 -63.28 -6.36
N ALA J 171 121.47 -64.56 -5.99
CA ALA J 171 120.44 -65.47 -6.48
C ALA J 171 119.07 -65.09 -5.95
N VAL J 172 118.99 -64.63 -4.71
CA VAL J 172 117.69 -64.24 -4.15
C VAL J 172 117.15 -63.02 -4.88
N ALA J 173 118.00 -62.04 -5.18
CA ALA J 173 117.55 -60.88 -5.94
C ALA J 173 117.09 -61.28 -7.34
N ALA J 174 117.83 -62.19 -7.98
CA ALA J 174 117.41 -62.66 -9.28
C ALA J 174 116.06 -63.37 -9.21
N ALA J 175 115.85 -64.18 -8.17
CA ALA J 175 114.57 -64.87 -8.03
C ALA J 175 113.44 -63.90 -7.76
N LEU J 176 113.71 -62.83 -7.01
CA LEU J 176 112.70 -61.80 -6.83
C LEU J 176 112.34 -61.15 -8.15
N ALA J 177 113.36 -60.86 -8.98
CA ALA J 177 113.08 -60.27 -10.28
C ALA J 177 112.27 -61.22 -11.15
N LYS J 178 112.60 -62.52 -11.12
CA LYS J 178 111.90 -63.50 -11.93
C LYS J 178 110.53 -63.85 -11.41
N ASP J 179 110.18 -63.44 -10.19
CA ASP J 179 108.87 -63.75 -9.64
C ASP J 179 107.80 -63.01 -10.42
N LYS J 180 106.72 -63.72 -10.76
CA LYS J 180 105.64 -63.08 -11.50
C LYS J 180 104.99 -61.98 -10.70
N GLN J 181 105.07 -62.05 -9.37
CA GLN J 181 104.40 -61.07 -8.53
C GLN J 181 105.00 -59.68 -8.75
N PHE J 182 106.31 -59.57 -8.86
CA PHE J 182 106.96 -58.29 -9.09
C PHE J 182 107.12 -57.96 -10.56
N ARG J 183 106.93 -58.92 -11.45
CA ARG J 183 107.25 -58.76 -12.86
C ARG J 183 106.04 -58.41 -13.71
N HIS J 184 104.83 -58.78 -13.29
CA HIS J 184 103.68 -58.73 -14.17
C HIS J 184 102.97 -57.40 -14.22
N ALA J 185 103.32 -56.44 -13.37
CA ALA J 185 102.90 -55.06 -13.56
C ALA J 185 101.40 -54.86 -13.49
N ASP J 186 100.65 -55.94 -13.33
CA ASP J 186 99.28 -55.89 -12.86
C ASP J 186 99.11 -56.57 -11.52
N TRP J 187 99.99 -57.52 -11.21
CA TRP J 187 100.09 -58.10 -9.88
C TRP J 187 100.91 -57.24 -8.94
N SER J 188 101.67 -56.27 -9.45
CA SER J 188 102.47 -55.41 -8.62
C SER J 188 102.03 -53.96 -8.62
N GLY J 189 101.29 -53.53 -9.64
CA GLY J 189 100.86 -52.16 -9.70
C GLY J 189 101.91 -51.16 -10.11
N ASP J 190 103.11 -51.63 -10.44
CA ASP J 190 104.19 -50.74 -10.87
C ASP J 190 104.13 -50.68 -12.39
N GLN J 191 103.44 -49.66 -12.90
CA GLN J 191 103.26 -49.54 -14.35
C GLN J 191 104.59 -49.37 -15.07
N ALA J 192 105.57 -48.74 -14.43
CA ALA J 192 106.90 -48.63 -15.01
C ALA J 192 107.56 -50.00 -15.14
N ASN J 193 107.11 -50.98 -14.36
CA ASN J 193 107.64 -52.34 -14.40
C ASN J 193 109.14 -52.34 -14.17
N ALA J 194 109.54 -51.92 -12.97
CA ALA J 194 110.95 -51.88 -12.63
C ALA J 194 111.57 -53.27 -12.69
N ALA J 195 110.82 -54.30 -12.33
CA ALA J 195 111.39 -55.65 -12.30
C ALA J 195 111.56 -56.23 -13.70
N LEU J 196 110.78 -55.77 -14.67
CA LEU J 196 110.92 -56.28 -16.03
C LEU J 196 111.87 -55.43 -16.86
N ARG J 197 111.65 -54.11 -16.88
CA ARG J 197 112.55 -53.23 -17.62
C ARG J 197 113.95 -53.29 -17.06
N GLU J 198 114.12 -52.84 -15.83
CA GLU J 198 115.36 -53.07 -15.09
C GLU J 198 115.28 -54.45 -14.46
N ALA J 199 116.18 -54.73 -13.52
CA ALA J 199 116.16 -56.02 -12.85
C ALA J 199 116.11 -55.92 -11.33
N HIS J 200 116.05 -54.72 -10.77
CA HIS J 200 116.07 -54.56 -9.32
C HIS J 200 114.63 -54.45 -8.83
N VAL J 201 114.30 -55.26 -7.83
CA VAL J 201 112.95 -55.25 -7.28
C VAL J 201 112.71 -54.00 -6.45
N GLY J 202 113.72 -53.56 -5.69
CA GLY J 202 113.57 -52.37 -4.87
C GLY J 202 112.97 -52.64 -3.51
N ARG J 203 112.03 -51.80 -3.09
CA ARG J 203 111.39 -51.97 -1.80
C ARG J 203 110.52 -53.22 -1.78
N LEU J 204 110.56 -53.94 -0.67
CA LEU J 204 109.86 -55.21 -0.56
C LEU J 204 109.40 -55.40 0.88
N ALA J 205 108.10 -55.58 1.08
CA ALA J 205 107.54 -55.94 2.38
C ALA J 205 108.00 -54.99 3.48
N GLY J 206 108.04 -53.70 3.15
CA GLY J 206 108.42 -52.69 4.12
C GLY J 206 109.88 -52.73 4.55
N MET J 207 110.78 -53.03 3.62
CA MET J 207 112.21 -52.97 3.92
C MET J 207 112.97 -52.97 2.60
N ASN J 208 113.83 -51.97 2.41
CA ASN J 208 114.59 -51.86 1.18
C ASN J 208 115.57 -53.02 1.04
N VAL J 209 115.73 -53.49 -0.19
CA VAL J 209 116.56 -54.64 -0.51
C VAL J 209 117.96 -54.15 -0.83
N ILE J 210 118.98 -54.77 -0.21
CA ILE J 210 120.36 -54.45 -0.49
C ILE J 210 121.04 -55.70 -1.00
N ARG J 211 121.63 -55.62 -2.19
CA ARG J 211 122.25 -56.79 -2.80
C ARG J 211 123.73 -56.85 -2.44
N SER J 212 124.17 -58.01 -1.96
CA SER J 212 125.55 -58.21 -1.57
C SER J 212 126.03 -59.58 -2.02
N ASN J 213 127.22 -59.64 -2.55
CA ASN J 213 127.81 -60.91 -2.98
C ASN J 213 128.68 -61.55 -1.90
N ALA J 214 128.89 -60.88 -0.77
CA ALA J 214 129.66 -61.49 0.31
C ALA J 214 128.93 -62.68 0.90
N ILE J 215 127.61 -62.57 1.10
CA ILE J 215 126.83 -63.63 1.69
C ILE J 215 126.62 -64.74 0.65
N ALA J 216 126.13 -65.88 1.10
CA ALA J 216 125.90 -66.99 0.20
C ALA J 216 124.90 -66.60 -0.88
N PRO J 217 125.06 -67.08 -2.11
CA PRO J 217 124.25 -66.55 -3.22
C PRO J 217 122.75 -66.68 -3.03
N ASP J 218 122.28 -67.78 -2.45
CA ASP J 218 120.85 -68.09 -2.40
C ASP J 218 120.27 -67.85 -1.02
N LYS J 219 120.75 -66.85 -0.31
CA LYS J 219 120.28 -66.59 1.04
C LYS J 219 120.10 -65.09 1.25
N ALA J 220 119.24 -64.75 2.20
CA ALA J 220 119.00 -63.38 2.60
C ALA J 220 118.99 -63.31 4.12
N TYR J 221 119.34 -62.15 4.65
CA TYR J 221 119.36 -61.97 6.09
C TYR J 221 118.70 -60.64 6.41
N LEU J 222 117.75 -60.66 7.35
CA LEU J 222 117.07 -59.47 7.79
C LEU J 222 117.36 -59.28 9.27
N TRP J 223 118.01 -58.19 9.62
CA TRP J 223 118.40 -58.00 11.01
C TRP J 223 118.16 -56.57 11.45
N HIS J 224 117.74 -56.43 12.71
CA HIS J 224 117.62 -55.14 13.35
C HIS J 224 119.01 -54.56 13.59
N ARG J 225 119.06 -53.24 13.79
CA ARG J 225 120.36 -52.58 13.91
C ARG J 225 121.15 -53.10 15.10
N THR J 226 120.48 -53.28 16.24
CA THR J 226 121.16 -53.71 17.46
C THR J 226 121.18 -55.24 17.61
N ALA J 227 121.56 -55.93 16.54
CA ALA J 227 121.69 -57.37 16.59
C ALA J 227 123.12 -57.84 16.51
N PHE J 228 123.96 -57.19 15.72
CA PHE J 228 125.35 -57.55 15.56
C PHE J 228 126.23 -56.38 15.97
N ILE J 229 127.27 -56.67 16.75
CA ILE J 229 128.18 -55.66 17.27
C ILE J 229 129.58 -55.95 16.75
N LEU J 230 130.20 -54.95 16.15
CA LEU J 230 131.58 -55.03 15.70
C LEU J 230 132.42 -54.04 16.49
N ALA J 231 133.65 -54.44 16.83
CA ALA J 231 134.55 -53.59 17.58
C ALA J 231 135.94 -53.73 17.00
N TYR J 232 136.51 -52.61 16.54
CA TYR J 232 137.84 -52.58 15.97
C TYR J 232 138.77 -51.76 16.85
N ARG J 233 139.98 -52.27 17.04
CA ARG J 233 141.02 -51.57 17.77
C ARG J 233 142.29 -51.59 16.94
N THR J 234 142.88 -50.43 16.74
CA THR J 234 144.11 -50.33 15.97
C THR J 234 145.30 -50.67 16.86
N PRO J 235 146.13 -51.63 16.48
CA PRO J 235 147.32 -51.93 17.28
C PRO J 235 148.30 -50.78 17.28
N VAL J 236 149.04 -50.66 18.38
CA VAL J 236 149.99 -49.57 18.58
C VAL J 236 151.36 -50.06 18.17
N VAL J 237 152.06 -49.26 17.37
CA VAL J 237 153.41 -49.63 16.92
C VAL J 237 154.34 -49.71 18.12
N PRO J 238 155.12 -50.77 18.27
CA PRO J 238 156.03 -50.87 19.42
C PRO J 238 157.23 -49.96 19.23
N GLU J 239 157.91 -49.70 20.34
CA GLU J 239 159.11 -48.86 20.29
C GLU J 239 160.23 -49.52 19.51
N GLY J 240 160.43 -50.82 19.70
CA GLY J 240 161.52 -51.51 19.04
C GLY J 240 161.19 -51.94 17.62
N ALA J 241 160.74 -50.99 16.80
CA ALA J 241 160.44 -51.28 15.41
C ALA J 241 160.50 -49.98 14.61
N LYS J 242 160.81 -50.11 13.32
CA LYS J 242 160.83 -48.94 12.45
C LYS J 242 159.45 -48.30 12.41
N ALA J 243 159.42 -46.98 12.52
CA ALA J 243 158.16 -46.26 12.61
C ALA J 243 157.33 -46.49 11.36
N GLY J 244 156.22 -47.21 11.49
CA GLY J 244 155.35 -47.46 10.37
C GLY J 244 154.31 -46.38 10.19
N ALA J 245 153.55 -46.49 9.11
CA ALA J 245 152.48 -45.57 8.80
C ALA J 245 151.14 -46.17 9.17
N SER J 246 150.07 -45.41 8.96
CA SER J 246 148.72 -45.85 9.28
C SER J 246 147.83 -45.70 8.05
N PHE J 247 147.08 -46.74 7.73
CA PHE J 247 146.16 -46.74 6.61
C PHE J 247 144.75 -46.97 7.12
N SER J 248 143.78 -46.82 6.22
CA SER J 248 142.38 -46.97 6.54
C SER J 248 141.71 -47.87 5.51
N ALA J 249 140.93 -48.84 5.98
CA ALA J 249 140.15 -49.71 5.13
C ALA J 249 138.72 -49.76 5.64
N ASN J 250 137.78 -49.30 4.83
CA ASN J 250 136.37 -49.18 5.23
C ASN J 250 136.21 -48.30 6.47
N GLY J 251 137.04 -47.28 6.60
CA GLY J 251 136.97 -46.43 7.77
C GLY J 251 137.57 -47.03 9.02
N VAL J 252 138.29 -48.14 8.90
CA VAL J 252 138.94 -48.78 10.04
C VAL J 252 140.43 -48.49 9.94
N ALA J 253 141.00 -47.90 10.99
CA ALA J 253 142.41 -47.57 10.98
C ALA J 253 143.24 -48.82 11.17
N LEU J 254 144.22 -49.02 10.29
CA LEU J 254 145.10 -50.18 10.33
C LEU J 254 146.48 -49.76 10.81
N ARG J 255 147.28 -50.74 11.18
CA ARG J 255 148.66 -50.52 11.59
C ARG J 255 149.60 -51.20 10.60
N TRP J 256 150.59 -50.46 10.13
CA TRP J 256 151.56 -50.97 9.17
C TRP J 256 152.93 -51.03 9.82
N LEU J 257 153.58 -52.18 9.69
CA LEU J 257 154.89 -52.43 10.28
C LEU J 257 155.79 -53.03 9.22
N ALA J 258 157.07 -52.74 9.31
CA ALA J 258 158.05 -53.26 8.35
C ALA J 258 159.32 -53.62 9.08
N ASP J 259 159.81 -54.84 8.89
CA ASP J 259 161.01 -55.31 9.54
C ASP J 259 161.89 -56.02 8.54
N TYR J 260 163.20 -55.80 8.59
CA TYR J 260 164.12 -56.42 7.65
C TYR J 260 164.57 -57.76 8.21
N ASP J 261 164.01 -58.85 7.72
CA ASP J 261 164.46 -60.19 8.06
C ASP J 261 165.83 -60.37 7.42
N TYR J 262 166.86 -60.23 8.25
CA TYR J 262 168.23 -60.37 7.78
C TYR J 262 168.62 -61.83 7.55
N SER J 263 167.88 -62.77 8.13
CA SER J 263 168.25 -64.17 8.04
C SER J 263 168.24 -64.66 6.59
N GLN J 264 167.20 -64.31 5.84
CA GLN J 264 167.10 -64.66 4.43
C GLN J 264 167.07 -63.43 3.54
N LEU J 265 167.66 -62.33 4.01
CA LEU J 265 167.92 -61.16 3.19
C LEU J 265 166.65 -60.68 2.50
N GLY J 266 165.65 -60.34 3.30
CA GLY J 266 164.38 -59.92 2.72
C GLY J 266 163.60 -59.04 3.67
N ASP J 267 162.82 -58.14 3.10
CA ASP J 267 161.92 -57.34 3.89
C ASP J 267 160.67 -58.15 4.21
N ARG J 268 160.04 -57.85 5.35
CA ARG J 268 158.75 -58.41 5.68
C ARG J 268 157.88 -57.32 6.27
N THR J 269 156.73 -57.09 5.64
CA THR J 269 155.78 -56.07 6.07
C THR J 269 154.50 -56.73 6.54
N LEU J 270 153.81 -56.04 7.44
CA LEU J 270 152.61 -56.55 8.07
C LEU J 270 151.61 -55.42 8.21
N LEU J 271 150.34 -55.70 7.91
CA LEU J 271 149.29 -54.70 8.01
C LEU J 271 148.13 -55.32 8.76
N ASP J 272 147.82 -54.82 9.95
CA ASP J 272 146.92 -55.56 10.83
C ASP J 272 146.02 -54.64 11.63
N VAL J 273 144.96 -55.23 12.16
CA VAL J 273 143.99 -54.56 13.01
C VAL J 273 143.34 -55.61 13.90
N PHE J 274 143.05 -55.24 15.15
CA PHE J 274 142.36 -56.13 16.08
C PHE J 274 140.87 -55.95 15.92
N THR J 275 140.13 -57.05 15.92
CA THR J 275 138.69 -56.96 15.68
C THR J 275 137.96 -58.00 16.52
N GLY J 276 136.71 -57.70 16.81
CA GLY J 276 135.87 -58.60 17.58
C GLY J 276 134.43 -58.41 17.19
N ARG J 277 133.65 -59.49 17.30
CA ARG J 277 132.28 -59.53 16.85
C ARG J 277 131.41 -60.16 17.93
N LYS J 278 130.13 -59.79 17.92
CA LYS J 278 129.20 -60.28 18.93
C LYS J 278 127.80 -60.31 18.34
N VAL J 279 127.03 -61.34 18.72
CA VAL J 279 125.60 -61.41 18.40
C VAL J 279 124.82 -61.17 19.68
N VAL J 280 123.87 -60.24 19.63
CA VAL J 280 123.12 -59.84 20.81
C VAL J 280 121.96 -60.82 20.97
N THR J 281 122.21 -61.88 21.73
CA THR J 281 121.17 -62.85 22.04
C THR J 281 120.28 -62.31 23.15
N GLU J 282 119.14 -62.98 23.36
CA GLU J 282 118.20 -62.55 24.37
C GLU J 282 118.65 -63.00 25.76
N VAL J 283 117.79 -62.76 26.75
CA VAL J 283 118.11 -63.12 28.13
C VAL J 283 118.10 -64.63 28.30
N ASP J 284 117.08 -65.29 27.77
CA ASP J 284 116.97 -66.73 27.95
C ASP J 284 117.95 -67.49 27.08
N GLY J 285 118.34 -66.93 25.94
CA GLY J 285 119.30 -67.59 25.08
C GLY J 285 118.90 -67.59 23.62
N SER J 286 117.61 -67.38 23.35
CA SER J 286 117.12 -67.37 21.99
C SER J 286 117.63 -66.15 21.24
N PHE J 287 117.80 -66.31 19.93
CA PHE J 287 118.21 -65.23 19.04
C PHE J 287 116.99 -64.81 18.22
N VAL J 288 116.50 -63.59 18.44
CA VAL J 288 115.25 -63.14 17.85
C VAL J 288 115.40 -61.87 17.04
N ARG J 289 116.58 -61.26 17.02
CA ARG J 289 116.74 -59.98 16.32
C ARG J 289 117.18 -60.12 14.88
N ALA J 290 117.32 -61.34 14.36
CA ALA J 290 117.72 -61.51 12.98
C ALA J 290 117.14 -62.81 12.45
N VAL J 291 116.74 -62.80 11.17
CA VAL J 291 116.14 -63.96 10.54
C VAL J 291 116.87 -64.27 9.25
N GLU J 292 116.94 -65.56 8.94
CA GLU J 292 117.67 -66.09 7.80
C GLU J 292 116.69 -66.70 6.82
N LEU J 293 116.75 -66.28 5.57
CA LEU J 293 115.86 -66.71 4.51
C LEU J 293 116.68 -67.48 3.49
N GLN J 294 116.18 -68.63 3.05
CA GLN J 294 116.91 -69.42 2.06
C GLN J 294 116.01 -69.77 0.90
N LEU J 295 116.61 -69.82 -0.29
CA LEU J 295 115.86 -70.08 -1.51
C LEU J 295 115.71 -71.59 -1.70
N GLN J 296 114.48 -72.03 -1.94
CA GLN J 296 114.21 -73.45 -2.10
C GLN J 296 114.80 -73.96 -3.41
N ALA J 297 115.07 -75.27 -3.44
CA ALA J 297 115.57 -75.93 -4.64
C ALA J 297 114.68 -77.13 -4.94
N SER J 298 114.46 -77.39 -6.22
CA SER J 298 113.60 -78.47 -6.66
C SER J 298 114.28 -79.51 -7.52
N SER J 299 115.34 -79.16 -8.24
CA SER J 299 116.07 -80.11 -9.05
C SER J 299 117.46 -79.55 -9.32
N ILE J 300 118.36 -80.44 -9.70
CA ILE J 300 119.73 -80.06 -10.01
C ILE J 300 120.12 -80.68 -11.35
N THR J 301 121.02 -80.00 -12.06
CA THR J 301 121.55 -80.47 -13.33
C THR J 301 123.03 -80.15 -13.41
N ILE J 302 123.77 -81.03 -14.07
CA ILE J 302 125.20 -80.80 -14.29
C ILE J 302 125.38 -79.97 -15.55
N VAL J 303 126.15 -78.90 -15.44
CA VAL J 303 126.43 -78.04 -16.58
C VAL J 303 127.42 -78.74 -17.51
N GLY J 304 127.06 -78.86 -18.78
CA GLY J 304 127.90 -79.50 -19.77
C GLY J 304 127.33 -80.76 -20.38
N GLY J 305 126.16 -81.21 -19.93
CA GLY J 305 125.58 -82.41 -20.51
C GLY J 305 126.38 -83.66 -20.15
N ALA J 306 126.31 -84.66 -21.03
CA ALA J 306 126.96 -85.95 -20.82
C ALA J 306 128.27 -86.06 -21.59
N PHE J 307 129.01 -84.96 -21.70
CA PHE J 307 130.23 -84.97 -22.49
C PHE J 307 131.26 -85.91 -21.88
N ALA J 308 132.07 -86.50 -22.75
CA ALA J 308 133.03 -87.53 -22.37
C ALA J 308 134.44 -86.95 -22.34
N LEU J 309 135.38 -87.79 -21.91
CA LEU J 309 136.79 -87.43 -21.85
C LEU J 309 137.51 -87.89 -23.11
N ALA J 310 138.57 -87.15 -23.46
CA ALA J 310 139.36 -87.49 -24.63
C ALA J 310 140.60 -88.29 -24.27
N THR J 311 141.11 -88.15 -23.05
CA THR J 311 142.31 -88.85 -22.61
C THR J 311 142.01 -89.59 -21.31
N THR J 312 142.74 -90.69 -21.09
CA THR J 312 142.54 -91.47 -19.87
C THR J 312 142.94 -90.68 -18.63
N THR J 313 143.84 -89.72 -18.76
CA THR J 313 144.23 -88.84 -17.67
C THR J 313 143.44 -87.54 -17.65
N GLY J 314 142.43 -87.41 -18.50
CA GLY J 314 141.65 -86.20 -18.56
C GLY J 314 140.91 -85.93 -17.27
N THR J 315 140.77 -84.65 -16.94
CA THR J 315 140.10 -84.20 -15.73
C THR J 315 139.01 -83.21 -16.10
N LYS J 316 137.80 -83.48 -15.64
CA LYS J 316 136.68 -82.57 -15.86
C LYS J 316 136.13 -82.11 -14.52
N GLN J 317 135.86 -80.82 -14.40
CA GLN J 317 135.34 -80.22 -13.18
C GLN J 317 133.85 -79.99 -13.36
N LEU J 318 133.04 -80.85 -12.76
CA LEU J 318 131.59 -80.71 -12.87
C LEU J 318 131.14 -79.44 -12.17
N LYS J 319 130.05 -78.86 -12.68
CA LYS J 319 129.43 -77.67 -12.10
C LYS J 319 127.93 -77.93 -12.01
N VAL J 320 127.48 -78.35 -10.84
CA VAL J 320 126.07 -78.61 -10.63
C VAL J 320 125.35 -77.29 -10.33
N ARG J 321 124.18 -77.12 -10.94
CA ARG J 321 123.34 -75.96 -10.65
C ARG J 321 121.93 -76.43 -10.38
N ASP J 322 121.29 -75.83 -9.40
CA ASP J 322 119.87 -76.09 -9.17
C ASP J 322 119.03 -75.21 -10.06
N ASP J 323 117.71 -75.42 -10.02
CA ASP J 323 116.80 -74.69 -10.89
C ASP J 323 116.80 -73.20 -10.61
N ASN J 324 117.31 -72.78 -9.46
CA ASN J 324 117.45 -71.36 -9.16
C ASN J 324 118.66 -70.74 -9.83
N GLY J 325 119.55 -71.54 -10.40
CA GLY J 325 120.75 -71.05 -11.03
C GLY J 325 121.95 -70.95 -10.13
N THR J 326 121.82 -71.26 -8.85
CA THR J 326 122.94 -71.16 -7.93
C THR J 326 123.95 -72.26 -8.19
N ASP J 327 125.20 -72.01 -7.81
CA ASP J 327 126.25 -73.01 -7.92
C ASP J 327 126.28 -73.85 -6.65
N VAL J 328 125.86 -75.10 -6.75
CA VAL J 328 125.77 -75.97 -5.58
C VAL J 328 126.81 -77.08 -5.69
N THR J 329 127.90 -76.81 -6.40
CA THR J 329 128.93 -77.84 -6.57
C THR J 329 129.55 -78.21 -5.25
N ALA J 330 129.80 -77.23 -4.38
CA ALA J 330 130.36 -77.53 -3.07
C ALA J 330 129.35 -78.21 -2.15
N ARG J 331 128.06 -78.09 -2.44
CA ARG J 331 127.02 -78.64 -1.60
C ARG J 331 126.54 -80.02 -2.04
N CYS J 332 127.15 -80.59 -3.08
CA CYS J 332 126.72 -81.87 -3.62
C CYS J 332 127.71 -82.96 -3.25
N THR J 333 127.23 -84.20 -3.33
CA THR J 333 128.06 -85.39 -3.14
C THR J 333 128.00 -86.22 -4.41
N PHE J 334 129.15 -86.64 -4.90
CA PHE J 334 129.25 -87.31 -6.19
C PHE J 334 129.62 -88.77 -6.00
N ALA J 335 129.05 -89.62 -6.85
CA ALA J 335 129.37 -91.04 -6.87
C ALA J 335 129.49 -91.50 -8.32
N SER J 336 130.22 -92.59 -8.52
CA SER J 336 130.45 -93.15 -9.84
C SER J 336 129.90 -94.56 -9.90
N SER J 337 129.07 -94.84 -10.91
CA SER J 337 128.55 -96.19 -11.07
C SER J 337 129.65 -97.18 -11.44
N ALA J 338 130.53 -96.80 -12.34
CA ALA J 338 131.62 -97.66 -12.80
C ALA J 338 132.94 -97.05 -12.33
N GLY J 339 133.34 -97.41 -11.11
CA GLY J 339 134.57 -96.87 -10.56
C GLY J 339 135.81 -97.28 -11.34
N THR J 340 135.80 -98.50 -11.89
CA THR J 340 136.94 -98.97 -12.66
C THR J 340 137.12 -98.20 -13.96
N LYS J 341 136.08 -97.49 -14.42
CA LYS J 341 136.17 -96.72 -15.65
C LYS J 341 136.54 -95.26 -15.38
N ALA J 342 135.80 -94.60 -14.48
CA ALA J 342 136.07 -93.22 -14.15
C ALA J 342 135.75 -92.99 -12.68
N THR J 343 136.66 -92.32 -11.98
CA THR J 343 136.50 -91.97 -10.58
C THR J 343 136.16 -90.49 -10.45
N VAL J 344 135.46 -90.15 -9.38
CA VAL J 344 135.06 -88.79 -9.09
C VAL J 344 135.50 -88.44 -7.68
N SER J 345 136.11 -87.26 -7.52
CA SER J 345 136.50 -86.80 -6.21
C SER J 345 135.29 -86.23 -5.47
N ALA J 346 135.46 -86.04 -4.16
CA ALA J 346 134.38 -85.48 -3.36
C ALA J 346 134.08 -84.03 -3.71
N ALA J 347 134.99 -83.35 -4.41
CA ALA J 347 134.80 -81.96 -4.79
C ALA J 347 134.25 -81.80 -6.20
N GLY J 348 133.93 -82.89 -6.88
CA GLY J 348 133.34 -82.84 -8.20
C GLY J 348 134.28 -83.15 -9.34
N LEU J 349 135.58 -83.18 -9.09
CA LEU J 349 136.53 -83.49 -10.15
C LEU J 349 136.39 -84.95 -10.57
N VAL J 350 136.42 -85.19 -11.88
CA VAL J 350 136.25 -86.52 -12.45
C VAL J 350 137.45 -86.83 -13.33
N THR J 351 138.03 -88.01 -13.14
CA THR J 351 139.14 -88.49 -13.95
C THR J 351 138.88 -89.92 -14.36
N GLY J 352 139.04 -90.21 -15.65
CA GLY J 352 138.82 -91.56 -16.15
C GLY J 352 139.94 -92.51 -15.78
N VAL J 353 139.65 -93.80 -15.94
CA VAL J 353 140.63 -94.84 -15.66
C VAL J 353 140.84 -95.71 -16.89
N ALA J 354 139.77 -96.38 -17.33
CA ALA J 354 139.86 -97.28 -18.47
C ALA J 354 138.64 -97.09 -19.37
N ALA J 355 138.81 -97.41 -20.65
CA ALA J 355 137.78 -97.16 -21.64
C ALA J 355 136.49 -97.87 -21.29
N GLY J 356 135.37 -97.18 -21.47
CA GLY J 356 134.06 -97.72 -21.15
C GLY J 356 133.10 -96.58 -20.85
N THR J 357 132.06 -96.90 -20.08
CA THR J 357 131.04 -95.94 -19.69
C THR J 357 130.91 -95.92 -18.17
N ALA J 358 130.75 -94.73 -17.62
CA ALA J 358 130.54 -94.55 -16.18
C ALA J 358 129.41 -93.56 -15.95
N ASP J 359 128.45 -93.92 -15.11
CA ASP J 359 127.27 -93.09 -14.88
C ASP J 359 127.46 -92.34 -13.56
N ILE J 360 128.08 -91.15 -13.65
CA ILE J 360 128.26 -90.32 -12.48
C ILE J 360 126.90 -89.80 -12.01
N THR J 361 126.74 -89.73 -10.70
CA THR J 361 125.53 -89.18 -10.09
C THR J 361 125.92 -88.15 -9.03
N ALA J 362 125.19 -87.04 -9.02
CA ALA J 362 125.38 -85.98 -8.04
C ALA J 362 124.11 -85.85 -7.22
N SER J 363 124.25 -85.94 -5.91
CA SER J 363 123.14 -85.83 -4.97
C SER J 363 123.27 -84.53 -4.19
N TYR J 364 122.13 -83.92 -3.89
CA TYR J 364 122.09 -82.62 -3.24
C TYR J 364 120.88 -82.58 -2.33
N VAL J 365 121.11 -82.57 -1.02
CA VAL J 365 120.02 -82.43 -0.06
C VAL J 365 119.56 -80.98 -0.10
N PRO J 366 118.31 -80.71 -0.44
CA PRO J 366 117.87 -79.34 -0.61
C PRO J 366 117.79 -78.62 0.73
N PRO J 367 117.60 -77.30 0.72
CA PRO J 367 117.43 -76.59 2.00
C PRO J 367 116.25 -77.09 2.81
N GLN J 368 115.15 -77.50 2.15
CA GLN J 368 114.01 -78.02 2.89
C GLN J 368 114.27 -79.40 3.48
N GLY J 369 115.33 -80.08 3.03
CA GLY J 369 115.63 -81.39 3.54
C GLY J 369 114.88 -82.48 2.80
N GLY J 370 114.77 -83.63 3.47
CA GLY J 370 114.08 -84.76 2.88
C GLY J 370 114.92 -85.49 1.85
N THR J 371 114.23 -86.07 0.87
CA THR J 371 114.91 -86.84 -0.18
C THR J 371 115.87 -85.94 -0.95
N ALA J 372 117.09 -86.43 -1.14
CA ALA J 372 118.11 -85.67 -1.84
C ALA J 372 117.84 -85.67 -3.34
N LYS J 373 117.88 -84.50 -3.96
CA LYS J 373 117.76 -84.42 -5.40
C LYS J 373 118.96 -85.10 -6.06
N THR J 374 118.71 -85.71 -7.21
CA THR J 374 119.70 -86.51 -7.90
C THR J 374 119.79 -86.09 -9.36
N ALA J 375 121.01 -86.06 -9.89
CA ALA J 375 121.22 -85.81 -11.31
C ALA J 375 122.30 -86.74 -11.84
N THR J 376 122.05 -87.32 -13.02
CA THR J 376 122.89 -88.36 -13.58
C THR J 376 123.50 -87.89 -14.89
N VAL J 377 124.80 -88.14 -15.06
CA VAL J 377 125.53 -87.83 -16.29
C VAL J 377 126.39 -89.03 -16.66
N THR J 378 126.27 -89.50 -17.90
CA THR J 378 127.07 -90.61 -18.39
C THR J 378 128.30 -90.06 -19.10
N VAL J 379 129.47 -90.59 -18.74
CA VAL J 379 130.74 -90.18 -19.31
C VAL J 379 131.42 -91.39 -19.93
N THR J 380 131.96 -91.20 -21.13
CA THR J 380 132.67 -92.26 -21.84
C THR J 380 134.17 -92.05 -21.68
N VAL J 381 134.85 -93.05 -21.12
CA VAL J 381 136.29 -92.99 -20.90
C VAL J 381 137.00 -93.63 -22.09
N PRO J 382 137.93 -92.92 -22.73
CA PRO J 382 138.69 -93.45 -23.86
C PRO J 382 139.73 -94.49 -23.43
N ALA K 2 102.46 -53.55 -93.45
CA ALA K 2 103.46 -54.11 -92.54
C ALA K 2 104.43 -53.05 -92.06
N HIS K 3 103.94 -52.15 -91.20
CA HIS K 3 104.79 -51.10 -90.67
C HIS K 3 105.81 -51.68 -89.70
N ILE K 4 107.07 -51.29 -89.90
CA ILE K 4 108.17 -51.74 -89.05
C ILE K 4 108.99 -50.51 -88.66
N PHE K 5 109.22 -50.36 -87.36
CA PHE K 5 109.98 -49.23 -86.84
C PHE K 5 111.23 -49.74 -86.14
N VAL K 6 112.32 -48.98 -86.25
CA VAL K 6 113.57 -49.30 -85.57
C VAL K 6 113.66 -48.41 -84.33
N LYS K 7 113.86 -49.05 -83.18
CA LYS K 7 113.76 -48.35 -81.90
C LYS K 7 114.95 -48.69 -81.03
N PRO K 8 115.29 -47.80 -80.09
CA PRO K 8 116.43 -48.05 -79.20
C PRO K 8 116.11 -49.11 -78.16
N GLU K 9 117.17 -49.56 -77.47
CA GLU K 9 117.05 -50.53 -76.39
C GLU K 9 117.20 -49.78 -75.07
N LEU K 10 116.11 -49.17 -74.62
CA LEU K 10 116.19 -48.30 -73.46
C LEU K 10 116.51 -49.07 -72.19
N VAL K 11 117.32 -48.47 -71.33
CA VAL K 11 117.60 -48.99 -70.00
C VAL K 11 117.48 -47.83 -69.01
N ALA K 12 116.84 -48.09 -67.88
CA ALA K 12 116.54 -47.03 -66.92
C ALA K 12 116.85 -47.51 -65.51
N GLU K 13 117.09 -46.56 -64.63
CA GLU K 13 117.29 -46.83 -63.22
C GLU K 13 116.17 -46.15 -62.45
N ILE K 14 115.52 -46.91 -61.56
CA ILE K 14 114.36 -46.40 -60.83
C ILE K 14 114.53 -46.47 -59.32
N GLY K 15 115.60 -47.07 -58.81
CA GLY K 15 115.77 -47.12 -57.38
C GLY K 15 115.51 -48.50 -56.82
N VAL K 16 115.71 -49.52 -57.65
CA VAL K 16 115.63 -50.91 -57.21
C VAL K 16 117.06 -51.40 -57.05
N LYS K 17 117.49 -51.58 -55.81
CA LYS K 17 118.85 -51.99 -55.49
C LYS K 17 118.83 -53.37 -54.85
N GLN K 18 119.98 -54.04 -54.90
CA GLN K 18 120.12 -55.32 -54.22
C GLN K 18 120.06 -55.10 -52.71
N LEU K 19 119.25 -55.90 -52.04
CA LEU K 19 119.09 -55.76 -50.60
C LEU K 19 120.34 -56.23 -49.86
N GLN K 20 120.74 -55.47 -48.84
CA GLN K 20 121.94 -55.76 -48.09
C GLN K 20 121.74 -55.41 -46.62
N ARG K 21 122.50 -56.08 -45.77
CA ARG K 21 122.39 -55.89 -44.33
C ARG K 21 122.85 -54.48 -43.95
N GLU K 22 122.30 -53.98 -42.85
CA GLU K 22 122.75 -52.72 -42.28
C GLU K 22 123.84 -52.99 -41.25
N ILE K 23 124.95 -52.27 -41.37
CA ILE K 23 126.12 -52.52 -40.54
C ILE K 23 125.87 -51.95 -39.15
N VAL K 24 125.96 -52.81 -38.13
CA VAL K 24 125.70 -52.41 -36.75
C VAL K 24 126.88 -52.74 -35.87
N LEU K 25 127.34 -53.99 -35.94
CA LEU K 25 128.32 -54.53 -35.01
C LEU K 25 129.61 -53.72 -34.87
N PRO K 26 130.25 -53.23 -35.95
CA PRO K 26 131.60 -52.65 -35.80
C PRO K 26 131.73 -51.55 -34.75
N GLY K 27 130.66 -50.79 -34.51
CA GLY K 27 130.74 -49.71 -33.56
C GLY K 27 130.41 -50.08 -32.14
N LEU K 28 130.38 -51.39 -31.84
CA LEU K 28 129.92 -51.88 -30.54
C LEU K 28 130.99 -52.58 -29.72
N VAL K 29 132.25 -52.59 -30.17
CA VAL K 29 133.33 -53.27 -29.48
C VAL K 29 134.52 -52.33 -29.40
N TRP K 30 135.57 -52.75 -28.69
CA TRP K 30 136.85 -52.06 -28.81
C TRP K 30 137.36 -52.14 -30.24
N THR K 31 137.75 -50.98 -30.76
CA THR K 31 138.49 -50.88 -32.00
C THR K 31 139.82 -50.21 -31.70
N ASN K 32 140.89 -50.97 -31.81
CA ASN K 32 142.25 -50.48 -31.60
C ASN K 32 142.45 -49.93 -30.20
N PRO K 33 142.40 -50.77 -29.16
CA PRO K 33 142.90 -50.32 -27.86
C PRO K 33 144.37 -50.06 -27.88
N LEU K 34 145.08 -50.65 -28.83
CA LEU K 34 146.53 -50.61 -28.89
C LEU K 34 146.96 -50.98 -30.30
N THR K 35 147.83 -50.17 -30.90
CA THR K 35 148.34 -50.41 -32.26
C THR K 35 149.86 -50.30 -32.22
N ASP K 36 150.51 -51.41 -31.91
CA ASP K 36 151.96 -51.45 -32.01
C ASP K 36 152.44 -52.85 -32.39
N PHE K 37 151.63 -53.57 -33.16
CA PHE K 37 151.95 -54.95 -33.50
C PHE K 37 153.16 -55.06 -34.41
N GLY K 38 153.56 -53.98 -35.06
CA GLY K 38 154.76 -54.02 -35.86
C GLY K 38 156.05 -53.89 -35.09
N GLY K 39 155.97 -53.70 -33.78
CA GLY K 39 157.16 -53.54 -32.98
C GLY K 39 157.26 -54.52 -31.82
N SER K 40 156.46 -55.57 -31.85
CA SER K 40 156.48 -56.58 -30.79
C SER K 40 156.63 -57.96 -31.40
N LYS K 41 157.21 -58.87 -30.63
CA LYS K 41 157.55 -60.19 -31.12
C LYS K 41 156.30 -60.98 -31.46
N ASN K 42 156.36 -61.71 -32.57
CA ASN K 42 155.25 -62.53 -33.08
C ASN K 42 153.98 -61.72 -33.33
N ASP K 43 154.12 -60.40 -33.47
CA ASP K 43 152.98 -59.51 -33.70
C ASP K 43 151.96 -59.59 -32.57
N THR K 44 152.43 -59.88 -31.36
CA THR K 44 151.57 -60.00 -30.18
C THR K 44 151.96 -58.95 -29.16
N ILE K 45 150.95 -58.34 -28.55
CA ILE K 45 151.12 -57.43 -27.43
C ILE K 45 150.62 -58.13 -26.18
N THR K 46 151.45 -58.15 -25.14
CA THR K 46 151.12 -58.89 -23.92
C THR K 46 150.48 -57.93 -22.91
N VAL K 47 149.16 -57.85 -22.95
CA VAL K 47 148.44 -57.01 -21.99
C VAL K 47 148.58 -57.61 -20.60
N ARG K 48 148.87 -56.78 -19.62
CA ARG K 48 149.09 -57.20 -18.25
C ARG K 48 147.89 -56.86 -17.38
N VAL K 49 147.40 -57.85 -16.65
CA VAL K 49 146.33 -57.68 -15.68
C VAL K 49 146.96 -57.64 -14.29
N PRO K 50 146.75 -56.58 -13.50
CA PRO K 50 147.44 -56.47 -12.22
C PRO K 50 146.98 -57.53 -11.24
N ALA K 51 147.79 -57.71 -10.20
CA ALA K 51 147.57 -58.74 -9.21
C ALA K 51 146.71 -58.25 -8.06
N ILE K 52 146.01 -59.19 -7.44
CA ILE K 52 145.30 -58.96 -6.19
C ILE K 52 145.87 -59.91 -5.16
N THR K 53 145.34 -59.88 -3.94
CA THR K 53 145.82 -60.78 -2.90
C THR K 53 144.75 -60.97 -1.86
N THR K 54 144.94 -61.97 -1.01
CA THR K 54 144.04 -62.28 0.08
C THR K 54 144.75 -62.07 1.41
N ALA K 55 144.01 -61.57 2.39
CA ALA K 55 144.53 -61.36 3.73
C ALA K 55 144.43 -62.67 4.52
N ASN K 56 144.58 -62.59 5.82
CA ASN K 56 144.47 -63.76 6.68
C ASN K 56 143.93 -63.33 8.03
N ARG K 57 143.90 -64.25 8.98
CA ARG K 57 143.42 -63.93 10.31
C ARG K 57 143.99 -64.94 11.29
N ARG K 58 144.03 -64.55 12.56
CA ARG K 58 144.52 -65.43 13.60
C ARG K 58 143.83 -65.07 14.92
N ASP K 59 143.82 -66.03 15.83
CA ASP K 59 143.21 -65.81 17.13
C ASP K 59 144.04 -64.84 17.95
N LEU K 60 143.39 -63.89 18.59
CA LEU K 60 144.09 -62.90 19.39
C LEU K 60 144.69 -63.56 20.63
N ARG K 61 145.85 -63.06 21.05
CA ARG K 61 146.58 -63.55 22.22
C ARG K 61 146.94 -65.03 22.10
N ASP K 62 146.88 -65.59 20.90
CA ASP K 62 147.24 -66.98 20.72
C ASP K 62 148.73 -67.17 20.96
N PRO K 63 149.13 -68.24 21.64
CA PRO K 63 150.58 -68.52 21.79
C PRO K 63 151.28 -68.78 20.47
N ASP K 64 150.57 -69.19 19.43
CA ASP K 64 151.18 -69.49 18.15
C ASP K 64 151.34 -68.19 17.37
N ARG K 65 152.39 -67.44 17.73
CA ARG K 65 152.67 -66.15 17.13
C ARG K 65 153.40 -66.36 15.81
N THR K 66 152.61 -66.60 14.76
CA THR K 66 153.15 -66.80 13.42
C THR K 66 152.18 -66.22 12.41
N VAL K 67 152.70 -65.89 11.23
CA VAL K 67 151.93 -65.25 10.18
C VAL K 67 152.10 -66.05 8.90
N ILE K 68 151.09 -65.94 8.02
CA ILE K 68 151.08 -66.62 6.74
C ILE K 68 151.22 -65.56 5.65
N ALA K 69 152.33 -65.60 4.93
CA ALA K 69 152.61 -64.58 3.93
C ALA K 69 151.69 -64.74 2.72
N SER K 70 151.24 -63.62 2.18
CA SER K 70 150.47 -63.62 0.95
C SER K 70 151.42 -63.54 -0.24
N GLU K 71 150.85 -63.69 -1.44
CA GLU K 71 151.66 -63.61 -2.65
C GLU K 71 150.87 -62.89 -3.74
N LEU K 72 151.52 -61.96 -4.41
CA LEU K 72 150.93 -61.20 -5.51
C LEU K 72 151.35 -61.85 -6.82
N VAL K 73 150.38 -62.24 -7.64
CA VAL K 73 150.64 -62.92 -8.91
C VAL K 73 149.97 -62.10 -10.00
N GLU K 74 150.76 -61.33 -10.74
CA GLU K 74 150.25 -60.60 -11.89
C GLU K 74 150.01 -61.56 -13.07
N HIS K 75 149.04 -61.23 -13.90
CA HIS K 75 148.70 -62.11 -15.01
C HIS K 75 148.83 -61.36 -16.33
N SER K 76 148.70 -62.08 -17.44
CA SER K 76 148.86 -61.46 -18.74
C SER K 76 148.15 -62.30 -19.79
N PHE K 77 147.84 -61.66 -20.91
CA PHE K 77 147.28 -62.35 -22.07
C PHE K 77 147.67 -61.61 -23.34
N GLY K 78 147.82 -62.36 -24.43
CA GLY K 78 148.37 -61.82 -25.66
C GLY K 78 147.28 -61.46 -26.67
N VAL K 79 147.47 -60.31 -27.33
CA VAL K 79 146.62 -59.84 -28.40
C VAL K 79 147.42 -59.93 -29.69
N THR K 80 146.88 -60.64 -30.68
CA THR K 80 147.62 -61.01 -31.88
C THR K 80 146.93 -60.48 -33.13
N LEU K 81 147.71 -60.14 -34.14
CA LEU K 81 147.22 -59.73 -35.44
C LEU K 81 147.39 -60.89 -36.41
N ASP K 82 146.27 -61.38 -36.96
CA ASP K 82 146.33 -62.66 -37.67
C ASP K 82 145.51 -62.74 -38.95
N LYS K 83 144.78 -61.70 -39.35
CA LYS K 83 143.93 -61.78 -40.53
C LYS K 83 144.23 -60.65 -41.50
N HIS K 84 144.00 -60.91 -42.77
CA HIS K 84 144.25 -59.97 -43.86
C HIS K 84 142.98 -59.94 -44.71
N VAL K 85 142.12 -58.95 -44.46
CA VAL K 85 140.85 -58.82 -45.16
C VAL K 85 141.08 -58.00 -46.41
N TYR K 86 140.79 -58.57 -47.57
CA TYR K 86 141.07 -57.92 -48.84
C TYR K 86 139.91 -58.11 -49.80
N ALA K 87 139.97 -57.36 -50.89
CA ALA K 87 139.01 -57.47 -51.99
C ALA K 87 139.76 -57.09 -53.26
N ALA K 88 139.94 -58.05 -54.15
CA ALA K 88 140.67 -57.85 -55.39
C ALA K 88 139.71 -57.67 -56.55
N LEU K 89 140.22 -57.13 -57.66
CA LEU K 89 139.35 -56.85 -58.78
C LEU K 89 140.13 -56.64 -60.08
N LYS K 90 139.84 -57.44 -61.10
CA LYS K 90 140.48 -57.33 -62.39
C LYS K 90 139.58 -56.57 -63.36
N PHE K 91 140.20 -55.97 -64.37
CA PHE K 91 139.44 -55.22 -65.37
C PHE K 91 140.22 -55.22 -66.68
N THR K 92 139.79 -56.01 -67.64
CA THR K 92 140.46 -56.02 -68.94
C THR K 92 140.37 -54.64 -69.57
N ASP K 93 141.36 -54.31 -70.39
CA ASP K 93 141.46 -52.97 -70.94
C ASP K 93 140.22 -52.58 -71.73
N GLU K 94 139.61 -53.54 -72.43
CA GLU K 94 138.36 -53.26 -73.13
C GLU K 94 137.25 -52.89 -72.15
N GLN K 95 137.16 -53.62 -71.03
CA GLN K 95 136.15 -53.30 -70.03
C GLN K 95 136.36 -51.92 -69.45
N ARG K 96 137.61 -51.56 -69.15
CA ARG K 96 137.90 -50.25 -68.58
C ARG K 96 137.60 -49.15 -69.58
N THR K 97 137.91 -49.36 -70.86
CA THR K 97 137.68 -48.32 -71.85
C THR K 97 136.20 -48.13 -72.12
N LEU K 98 135.47 -49.21 -72.30
CA LEU K 98 134.09 -49.14 -72.75
C LEU K 98 133.07 -49.31 -71.62
N ASP K 99 133.17 -50.38 -70.85
CA ASP K 99 132.12 -50.71 -69.90
C ASP K 99 132.10 -49.75 -68.71
N ILE K 100 133.25 -49.53 -68.08
CA ILE K 100 133.29 -48.75 -66.86
C ILE K 100 133.15 -47.28 -67.21
N ARG K 101 131.99 -46.70 -66.91
CA ARG K 101 131.70 -45.31 -67.24
C ARG K 101 131.80 -44.36 -66.06
N ASP K 102 131.66 -44.86 -64.82
CA ASP K 102 131.63 -44.05 -63.62
C ASP K 102 132.51 -44.67 -62.54
N TYR K 103 133.76 -44.98 -62.91
CA TYR K 103 134.69 -45.75 -62.10
C TYR K 103 134.69 -45.41 -60.61
N THR K 104 134.45 -44.14 -60.29
CA THR K 104 134.43 -43.75 -58.88
C THR K 104 133.28 -44.42 -58.14
N LYS K 105 132.06 -44.32 -58.67
CA LYS K 105 130.87 -44.82 -58.00
C LYS K 105 130.38 -46.14 -58.59
N GLN K 106 131.15 -46.75 -59.47
CA GLN K 106 130.78 -48.04 -60.05
C GLN K 106 131.71 -49.17 -59.67
N VAL K 107 132.90 -48.86 -59.14
CA VAL K 107 133.87 -49.89 -58.79
C VAL K 107 134.34 -49.68 -57.35
N LEU K 108 134.78 -48.47 -57.03
CA LEU K 108 135.34 -48.21 -55.71
C LEU K 108 134.30 -48.37 -54.61
N MET K 109 133.11 -47.84 -54.82
CA MET K 109 132.07 -47.95 -53.79
C MET K 109 131.65 -49.39 -53.52
N PRO K 110 131.41 -50.24 -54.53
CA PRO K 110 131.14 -51.65 -54.23
C PRO K 110 132.28 -52.32 -53.49
N GLN K 111 133.52 -51.99 -53.83
CA GLN K 111 134.65 -52.59 -53.14
C GLN K 111 134.66 -52.20 -51.66
N VAL K 112 134.48 -50.91 -51.38
CA VAL K 112 134.50 -50.45 -50.00
C VAL K 112 133.36 -51.09 -49.22
N SER K 113 132.17 -51.16 -49.82
CA SER K 113 131.05 -51.78 -49.13
C SER K 113 131.32 -53.25 -48.86
N ALA K 114 131.92 -53.96 -49.83
CA ALA K 114 132.21 -55.37 -49.63
C ALA K 114 133.19 -55.57 -48.49
N VAL K 115 134.23 -54.74 -48.43
CA VAL K 115 135.19 -54.89 -47.33
C VAL K 115 134.54 -54.55 -46.00
N ALA K 116 133.65 -53.56 -45.97
CA ALA K 116 132.97 -53.24 -44.73
C ALA K 116 132.11 -54.40 -44.25
N TYR K 117 131.39 -55.04 -45.16
CA TYR K 117 130.59 -56.20 -44.77
C TYR K 117 131.47 -57.34 -44.32
N GLU K 118 132.64 -57.51 -44.94
CA GLU K 118 133.57 -58.54 -44.51
C GLU K 118 134.06 -58.27 -43.10
N LEU K 119 134.35 -57.01 -42.78
CA LEU K 119 134.77 -56.67 -41.43
C LEU K 119 133.65 -56.94 -40.42
N GLU K 120 132.41 -56.61 -40.78
CA GLU K 120 131.29 -56.90 -39.90
C GLU K 120 131.15 -58.40 -39.67
N ASP K 121 131.31 -59.19 -40.73
CA ASP K 121 131.25 -60.64 -40.58
C ASP K 121 132.38 -61.15 -39.70
N TYR K 122 133.57 -60.53 -39.81
CA TYR K 122 134.68 -60.90 -38.94
C TYR K 122 134.35 -60.65 -37.48
N ILE K 123 133.77 -59.48 -37.19
CA ILE K 123 133.39 -59.17 -35.82
C ILE K 123 132.35 -60.14 -35.32
N ALA K 124 131.35 -60.44 -36.16
CA ALA K 124 130.30 -61.37 -35.77
C ALA K 124 130.86 -62.75 -35.49
N GLU K 125 131.80 -63.20 -36.30
CA GLU K 125 132.46 -64.48 -36.03
C GLU K 125 133.25 -64.43 -34.73
N LEU K 126 133.80 -63.26 -34.40
CA LEU K 126 134.46 -63.12 -33.10
C LEU K 126 133.46 -63.27 -31.96
N ILE K 127 132.29 -62.66 -32.10
CA ILE K 127 131.29 -62.70 -31.02
C ILE K 127 130.85 -64.12 -30.74
N GLU K 128 130.46 -64.85 -31.78
CA GLU K 128 130.00 -66.23 -31.65
C GLU K 128 131.16 -67.16 -31.99
N GLY K 129 131.70 -67.82 -30.98
CA GLY K 129 132.88 -68.64 -31.15
C GLY K 129 133.80 -68.50 -29.97
N ALA K 130 133.53 -67.50 -29.14
CA ALA K 130 134.26 -67.35 -27.90
C ALA K 130 133.94 -68.53 -26.98
N PRO K 131 134.88 -68.93 -26.13
CA PRO K 131 134.64 -70.11 -25.29
C PRO K 131 133.59 -69.87 -24.23
N TYR K 132 132.32 -69.84 -24.63
CA TYR K 132 131.25 -69.68 -23.66
C TYR K 132 131.10 -70.94 -22.82
N GLU K 133 131.02 -70.76 -21.51
CA GLU K 133 130.89 -71.91 -20.61
C GLU K 133 129.58 -72.64 -20.83
N GLU K 134 128.48 -71.90 -20.97
CA GLU K 134 127.18 -72.49 -21.17
C GLU K 134 126.27 -71.47 -21.83
N THR K 135 125.26 -71.97 -22.53
CA THR K 135 124.30 -71.12 -23.23
C THR K 135 123.03 -71.05 -22.40
N ILE K 136 122.59 -69.83 -22.08
CA ILE K 136 121.41 -69.61 -21.26
C ILE K 136 120.20 -69.70 -22.19
N LEU K 137 119.52 -70.84 -22.16
CA LEU K 137 118.43 -71.09 -23.08
C LEU K 137 117.26 -70.15 -22.81
N ILE K 138 116.66 -69.66 -23.89
CA ILE K 138 115.52 -68.75 -23.81
C ILE K 138 114.27 -69.55 -24.14
N ASP K 139 113.39 -69.69 -23.16
CA ASP K 139 112.12 -70.36 -23.42
C ASP K 139 111.19 -69.42 -24.16
N PRO K 140 110.71 -69.77 -25.35
CA PRO K 140 109.87 -68.84 -26.11
C PRO K 140 108.58 -68.47 -25.41
N ALA K 141 108.09 -69.31 -24.49
CA ALA K 141 106.89 -68.95 -23.74
C ALA K 141 107.19 -67.87 -22.70
N ASP K 142 108.35 -67.97 -22.03
CA ASP K 142 108.76 -67.01 -21.01
C ASP K 142 110.21 -66.64 -21.28
N THR K 143 110.40 -65.61 -22.12
CA THR K 143 111.75 -65.22 -22.53
C THR K 143 112.48 -64.44 -21.46
N VAL K 144 111.75 -63.69 -20.63
CA VAL K 144 112.41 -62.79 -19.68
C VAL K 144 113.30 -63.51 -18.68
N PRO K 145 112.87 -64.61 -18.06
CA PRO K 145 113.74 -65.25 -17.06
C PRO K 145 115.11 -65.61 -17.59
N ALA K 146 115.24 -65.97 -18.87
CA ALA K 146 116.56 -66.22 -19.44
C ALA K 146 117.42 -64.96 -19.40
N PHE K 147 116.85 -63.81 -19.74
CA PHE K 147 117.63 -62.58 -19.74
C PHE K 147 117.98 -62.14 -18.33
N ILE K 148 117.05 -62.31 -17.39
CA ILE K 148 117.36 -62.00 -16.00
C ILE K 148 118.45 -62.92 -15.48
N THR K 149 118.43 -64.19 -15.91
CA THR K 149 119.47 -65.12 -15.51
C THR K 149 120.81 -64.72 -16.09
N ALA K 150 120.83 -64.23 -17.34
CA ALA K 150 122.08 -63.75 -17.91
C ALA K 150 122.62 -62.56 -17.12
N ASP K 151 121.72 -61.64 -16.74
CA ASP K 151 122.14 -60.52 -15.90
C ASP K 151 122.69 -61.02 -14.58
N GLN K 152 122.07 -62.05 -14.00
CA GLN K 152 122.58 -62.62 -12.76
C GLN K 152 123.95 -63.24 -12.94
N ARG K 153 124.17 -63.94 -14.06
CA ARG K 153 125.48 -64.53 -14.31
C ARG K 153 126.54 -63.46 -14.38
N MET K 154 126.26 -62.36 -15.05
CA MET K 154 127.27 -61.31 -15.16
C MET K 154 127.41 -60.52 -13.87
N GLY K 155 126.36 -60.43 -13.06
CA GLY K 155 126.45 -59.69 -11.82
C GLY K 155 127.09 -60.47 -10.68
N GLU K 156 127.03 -61.80 -10.74
CA GLU K 156 127.70 -62.62 -9.75
C GLU K 156 129.17 -62.84 -10.05
N ALA K 157 129.62 -62.44 -11.24
CA ALA K 157 131.03 -62.41 -11.57
C ALA K 157 131.64 -61.03 -11.37
N ASN K 158 130.90 -60.11 -10.75
CA ASN K 158 131.34 -58.77 -10.42
C ASN K 158 131.62 -57.91 -11.63
N VAL K 159 131.14 -58.33 -12.80
CA VAL K 159 131.36 -57.53 -14.02
C VAL K 159 130.70 -56.17 -13.85
N PRO K 160 131.31 -55.07 -14.28
CA PRO K 160 130.68 -53.76 -14.11
C PRO K 160 129.33 -53.71 -14.81
N THR K 161 128.43 -52.92 -14.24
CA THR K 161 127.06 -52.85 -14.72
C THR K 161 126.87 -51.86 -15.86
N ASP K 162 127.89 -51.08 -16.20
CA ASP K 162 127.78 -50.07 -17.25
C ASP K 162 128.56 -50.51 -18.48
N SER K 163 128.24 -49.87 -19.60
CA SER K 163 128.87 -50.17 -20.89
C SER K 163 128.68 -51.64 -21.27
N ARG K 164 127.45 -52.13 -21.09
CA ARG K 164 127.08 -53.48 -21.49
C ARG K 164 126.21 -53.40 -22.73
N ARG K 165 126.52 -54.20 -23.75
CA ARG K 165 125.77 -54.22 -24.99
C ARG K 165 125.07 -55.55 -25.14
N LEU K 166 123.79 -55.51 -25.52
CA LEU K 166 123.01 -56.71 -25.80
C LEU K 166 122.62 -56.70 -27.27
N VAL K 167 123.11 -57.68 -28.01
CA VAL K 167 122.84 -57.80 -29.44
C VAL K 167 122.04 -59.06 -29.67
N VAL K 168 120.85 -58.92 -30.22
CA VAL K 168 119.94 -60.04 -30.42
C VAL K 168 119.80 -60.30 -31.91
N GLY K 169 119.63 -61.58 -32.26
CA GLY K 169 119.36 -61.94 -33.63
C GLY K 169 117.94 -61.59 -34.02
N SER K 170 117.62 -61.87 -35.29
CA SER K 170 116.27 -61.59 -35.76
C SER K 170 115.24 -62.46 -35.05
N ALA K 171 115.53 -63.75 -34.90
CA ALA K 171 114.57 -64.66 -34.29
C ALA K 171 114.34 -64.31 -32.83
N VAL K 172 115.38 -63.90 -32.11
CA VAL K 172 115.23 -63.57 -30.69
C VAL K 172 114.40 -62.31 -30.53
N ALA K 173 114.61 -61.31 -31.38
CA ALA K 173 113.78 -60.11 -31.33
C ALA K 173 112.33 -60.44 -31.65
N ALA K 174 112.11 -61.31 -32.64
CA ALA K 174 110.74 -61.71 -32.95
C ALA K 174 110.11 -62.44 -31.77
N ALA K 175 110.86 -63.33 -31.11
CA ALA K 175 110.33 -64.04 -29.96
C ALA K 175 110.02 -63.09 -28.81
N LEU K 176 110.87 -62.09 -28.61
CA LEU K 176 110.58 -61.08 -27.58
C LEU K 176 109.29 -60.36 -27.89
N ALA K 177 109.08 -60.00 -29.15
CA ALA K 177 107.83 -59.35 -29.52
C ALA K 177 106.64 -60.26 -29.32
N LYS K 178 106.78 -61.55 -29.64
CA LYS K 178 105.66 -62.48 -29.56
C LYS K 178 105.39 -62.93 -28.14
N ASP K 179 106.31 -62.70 -27.21
CA ASP K 179 106.14 -63.18 -25.85
C ASP K 179 104.95 -62.49 -25.18
N LYS K 180 104.15 -63.26 -24.46
CA LYS K 180 103.00 -62.69 -23.79
C LYS K 180 103.40 -61.74 -22.66
N GLN K 181 104.65 -61.82 -22.19
CA GLN K 181 105.11 -60.89 -21.17
C GLN K 181 105.13 -59.47 -21.69
N PHE K 182 105.57 -59.27 -22.94
CA PHE K 182 105.63 -57.96 -23.54
C PHE K 182 104.40 -57.62 -24.37
N ARG K 183 103.81 -58.63 -25.02
CA ARG K 183 102.69 -58.37 -25.90
C ARG K 183 101.44 -57.97 -25.13
N HIS K 184 101.13 -58.66 -24.04
CA HIS K 184 99.95 -58.36 -23.23
C HIS K 184 100.21 -57.09 -22.44
N ALA K 185 99.32 -56.11 -22.56
CA ALA K 185 99.56 -54.81 -21.94
C ALA K 185 99.61 -54.90 -20.42
N ASP K 186 98.67 -55.65 -19.83
CA ASP K 186 98.60 -55.72 -18.38
C ASP K 186 99.84 -56.35 -17.78
N TRP K 187 100.37 -57.37 -18.45
CA TRP K 187 101.55 -58.05 -17.94
C TRP K 187 102.81 -57.18 -18.02
N SER K 188 102.87 -56.23 -18.95
CA SER K 188 104.05 -55.42 -19.11
C SER K 188 103.86 -53.98 -18.67
N GLY K 189 102.64 -53.53 -18.41
CA GLY K 189 102.45 -52.20 -17.90
C GLY K 189 102.70 -51.10 -18.89
N ASP K 190 102.62 -51.37 -20.19
CA ASP K 190 102.74 -50.36 -21.22
C ASP K 190 101.39 -50.28 -21.95
N GLN K 191 100.52 -49.42 -21.44
CA GLN K 191 99.18 -49.31 -22.02
C GLN K 191 99.22 -48.84 -23.47
N ALA K 192 100.30 -48.21 -23.89
CA ALA K 192 100.48 -47.92 -25.31
C ALA K 192 100.76 -49.18 -26.11
N ASN K 193 101.28 -50.21 -25.46
CA ASN K 193 101.61 -51.48 -26.08
C ASN K 193 102.51 -51.29 -27.30
N ALA K 194 103.70 -50.77 -27.04
CA ALA K 194 104.70 -50.62 -28.10
C ALA K 194 105.29 -51.94 -28.54
N ALA K 195 104.85 -53.06 -27.98
CA ALA K 195 105.34 -54.37 -28.38
C ALA K 195 104.37 -55.12 -29.28
N LEU K 196 103.11 -54.69 -29.33
CA LEU K 196 102.12 -55.28 -30.22
C LEU K 196 101.80 -54.36 -31.40
N ARG K 197 101.59 -53.07 -31.14
CA ARG K 197 101.37 -52.13 -32.24
C ARG K 197 102.59 -52.07 -33.14
N GLU K 198 103.79 -52.01 -32.55
CA GLU K 198 105.04 -52.14 -33.28
C GLU K 198 105.77 -53.36 -32.74
N ALA K 199 106.16 -54.28 -33.62
CA ALA K 199 106.80 -55.49 -33.15
C ALA K 199 108.21 -55.18 -32.70
N HIS K 200 108.34 -54.46 -31.58
CA HIS K 200 109.62 -53.90 -31.20
C HIS K 200 109.66 -53.79 -29.68
N VAL K 201 110.39 -54.70 -29.04
CA VAL K 201 110.64 -54.64 -27.61
C VAL K 201 111.87 -53.75 -27.39
N GLY K 202 111.72 -52.74 -26.55
CA GLY K 202 112.79 -51.76 -26.39
C GLY K 202 113.85 -52.14 -25.39
N ARG K 203 113.44 -52.41 -24.15
CA ARG K 203 114.38 -52.61 -23.06
C ARG K 203 113.85 -53.67 -22.12
N LEU K 204 114.71 -54.62 -21.75
CA LEU K 204 114.33 -55.65 -20.79
C LEU K 204 115.55 -55.99 -19.95
N ALA K 205 115.29 -56.29 -18.68
CA ALA K 205 116.34 -56.66 -17.73
C ALA K 205 117.45 -55.62 -17.67
N GLY K 206 117.09 -54.34 -17.86
CA GLY K 206 118.05 -53.27 -17.74
C GLY K 206 118.98 -53.10 -18.91
N MET K 207 118.68 -53.70 -20.05
CA MET K 207 119.57 -53.65 -21.21
C MET K 207 118.77 -53.25 -22.44
N ASN K 208 119.28 -52.28 -23.19
CA ASN K 208 118.69 -51.94 -24.47
C ASN K 208 119.09 -52.99 -25.51
N VAL K 209 118.12 -53.49 -26.26
CA VAL K 209 118.41 -54.48 -27.28
C VAL K 209 118.89 -53.80 -28.55
N ILE K 210 119.80 -54.48 -29.26
CA ILE K 210 120.28 -54.01 -30.55
C ILE K 210 120.15 -55.16 -31.53
N ARG K 211 119.46 -54.93 -32.63
CA ARG K 211 119.19 -55.98 -33.60
C ARG K 211 120.23 -55.98 -34.68
N SER K 212 120.65 -57.17 -35.10
CA SER K 212 121.63 -57.30 -36.18
C SER K 212 121.43 -58.66 -36.84
N ASN K 213 121.50 -58.67 -38.17
CA ASN K 213 121.41 -59.90 -38.93
C ASN K 213 122.76 -60.58 -39.09
N ALA K 214 123.85 -59.95 -38.64
CA ALA K 214 125.16 -60.56 -38.77
C ALA K 214 125.27 -61.84 -37.95
N ILE K 215 124.74 -61.82 -36.73
CA ILE K 215 124.81 -62.97 -35.84
C ILE K 215 123.76 -63.99 -36.25
N ALA K 216 123.85 -65.19 -35.69
CA ALA K 216 122.89 -66.24 -36.01
C ALA K 216 121.48 -65.79 -35.62
N PRO K 217 120.46 -66.19 -36.38
CA PRO K 217 119.12 -65.62 -36.15
C PRO K 217 118.58 -65.85 -34.74
N ASP K 218 118.84 -67.01 -34.14
CA ASP K 218 118.22 -67.37 -32.87
C ASP K 218 119.19 -67.29 -31.70
N LYS K 219 120.16 -66.38 -31.76
CA LYS K 219 121.14 -66.22 -30.70
C LYS K 219 121.21 -64.77 -30.27
N ALA K 220 121.45 -64.55 -28.98
CA ALA K 220 121.63 -63.24 -28.42
C ALA K 220 122.91 -63.25 -27.61
N TYR K 221 123.59 -62.12 -27.55
CA TYR K 221 124.85 -62.01 -26.82
C TYR K 221 124.82 -60.76 -25.96
N LEU K 222 125.13 -60.93 -24.69
CA LEU K 222 125.22 -59.82 -23.76
C LEU K 222 126.67 -59.74 -23.30
N TRP K 223 127.37 -58.67 -23.68
CA TRP K 223 128.79 -58.57 -23.36
C TRP K 223 129.10 -57.20 -22.80
N HIS K 224 130.01 -57.18 -21.84
CA HIS K 224 130.55 -55.95 -21.29
C HIS K 224 131.60 -55.40 -22.24
N ARG K 225 131.89 -54.10 -22.12
CA ARG K 225 132.81 -53.46 -23.05
C ARG K 225 134.16 -54.17 -23.09
N THR K 226 134.66 -54.58 -21.92
CA THR K 226 135.99 -55.16 -21.80
C THR K 226 135.94 -56.66 -22.04
N ALA K 227 135.35 -57.05 -23.15
CA ALA K 227 135.26 -58.47 -23.47
C ALA K 227 135.90 -58.83 -24.80
N PHE K 228 135.73 -58.01 -25.83
CA PHE K 228 136.23 -58.31 -27.16
C PHE K 228 137.15 -57.20 -27.62
N ILE K 229 138.33 -57.57 -28.09
CA ILE K 229 139.35 -56.63 -28.53
C ILE K 229 139.53 -56.80 -30.03
N LEU K 230 139.54 -55.69 -30.74
CA LEU K 230 139.79 -55.69 -32.18
C LEU K 230 140.90 -54.70 -32.48
N ALA K 231 141.74 -55.06 -33.44
CA ALA K 231 142.84 -54.21 -33.87
C ALA K 231 142.91 -54.19 -35.38
N TYR K 232 143.11 -53.00 -35.93
CA TYR K 232 143.18 -52.80 -37.38
C TYR K 232 144.46 -52.08 -37.72
N ARG K 233 145.17 -52.60 -38.73
CA ARG K 233 146.38 -51.98 -39.24
C ARG K 233 146.24 -51.76 -40.74
N THR K 234 146.50 -50.55 -41.17
CA THR K 234 146.44 -50.24 -42.59
C THR K 234 147.79 -50.54 -43.24
N PRO K 235 147.86 -51.45 -44.19
CA PRO K 235 149.15 -51.76 -44.83
C PRO K 235 149.72 -50.52 -45.52
N VAL K 236 151.04 -50.40 -45.46
CA VAL K 236 151.71 -49.29 -46.13
C VAL K 236 151.83 -49.61 -47.62
N VAL K 237 151.83 -48.57 -48.44
CA VAL K 237 151.97 -48.75 -49.87
C VAL K 237 153.43 -49.07 -50.18
N PRO K 238 153.73 -50.20 -50.80
CA PRO K 238 155.13 -50.56 -51.03
C PRO K 238 155.79 -49.58 -51.99
N GLU K 239 157.12 -49.46 -51.83
CA GLU K 239 157.86 -48.50 -52.64
C GLU K 239 157.75 -48.82 -54.12
N GLY K 240 157.86 -50.10 -54.48
CA GLY K 240 157.79 -50.49 -55.88
C GLY K 240 156.38 -50.74 -56.36
N ALA K 241 155.48 -49.80 -56.09
CA ALA K 241 154.10 -49.92 -56.53
C ALA K 241 153.53 -48.53 -56.75
N LYS K 242 152.61 -48.43 -57.71
CA LYS K 242 151.98 -47.16 -58.02
C LYS K 242 151.23 -46.63 -56.81
N ALA K 243 151.37 -45.34 -56.55
CA ALA K 243 150.76 -44.74 -55.37
C ALA K 243 149.24 -44.92 -55.41
N GLY K 244 148.68 -45.31 -54.27
CA GLY K 244 147.25 -45.57 -54.21
C GLY K 244 146.48 -44.51 -53.47
N ALA K 245 145.48 -44.94 -52.71
CA ALA K 245 144.64 -44.04 -51.93
C ALA K 245 144.35 -44.71 -50.59
N SER K 246 143.40 -44.15 -49.85
CA SER K 246 143.03 -44.74 -48.56
C SER K 246 141.56 -44.42 -48.31
N PHE K 247 140.71 -45.42 -48.56
CA PHE K 247 139.30 -45.32 -48.25
C PHE K 247 139.04 -45.86 -46.86
N SER K 248 137.98 -45.35 -46.22
CA SER K 248 137.65 -45.73 -44.86
C SER K 248 136.31 -46.43 -44.83
N ALA K 249 136.25 -47.57 -44.16
CA ALA K 249 135.02 -48.34 -43.99
C ALA K 249 134.75 -48.48 -42.49
N ASN K 250 133.67 -47.87 -42.02
CA ASN K 250 133.29 -47.91 -40.61
C ASN K 250 134.40 -47.38 -39.71
N GLY K 251 135.06 -46.31 -40.16
CA GLY K 251 136.13 -45.70 -39.40
C GLY K 251 137.46 -46.41 -39.51
N VAL K 252 137.54 -47.49 -40.29
CA VAL K 252 138.77 -48.24 -40.47
C VAL K 252 139.44 -47.78 -41.75
N ALA K 253 140.71 -47.42 -41.67
CA ALA K 253 141.44 -46.97 -42.84
C ALA K 253 141.93 -48.17 -43.65
N LEU K 254 141.66 -48.15 -44.95
CA LEU K 254 142.00 -49.24 -45.86
C LEU K 254 143.07 -48.79 -46.84
N ARG K 255 143.75 -49.75 -47.44
CA ARG K 255 144.77 -49.47 -48.43
C ARG K 255 144.31 -49.95 -49.80
N TRP K 256 144.32 -49.05 -50.77
CA TRP K 256 143.93 -49.35 -52.14
C TRP K 256 145.15 -49.24 -53.04
N LEU K 257 145.38 -50.28 -53.84
CA LEU K 257 146.58 -50.38 -54.65
C LEU K 257 146.19 -50.87 -56.04
N ALA K 258 146.88 -50.39 -57.06
CA ALA K 258 146.62 -50.80 -58.44
C ALA K 258 147.94 -51.14 -59.12
N ASP K 259 147.88 -52.14 -60.00
CA ASP K 259 149.07 -52.56 -60.74
C ASP K 259 148.63 -53.16 -62.06
N TYR K 260 148.93 -52.47 -63.16
CA TYR K 260 148.55 -52.93 -64.48
C TYR K 260 149.23 -54.27 -64.79
N ASP K 261 148.49 -55.18 -65.39
CA ASP K 261 148.98 -56.50 -65.74
C ASP K 261 149.13 -56.57 -67.25
N TYR K 262 150.35 -56.39 -67.73
CA TYR K 262 150.61 -56.42 -69.16
C TYR K 262 150.33 -57.80 -69.74
N SER K 263 150.50 -58.86 -68.93
CA SER K 263 150.28 -60.21 -69.44
C SER K 263 148.82 -60.42 -69.85
N GLN K 264 147.89 -60.00 -68.99
CA GLN K 264 146.47 -60.13 -69.28
C GLN K 264 145.88 -58.88 -69.90
N LEU K 265 146.69 -57.85 -70.15
CA LEU K 265 146.24 -56.61 -70.76
C LEU K 265 145.06 -56.02 -70.00
N GLY K 266 145.19 -56.02 -68.67
CA GLY K 266 144.12 -55.51 -67.84
C GLY K 266 144.63 -54.97 -66.52
N ASP K 267 143.88 -54.00 -66.00
CA ASP K 267 144.18 -53.42 -64.71
C ASP K 267 143.83 -54.41 -63.60
N ARG K 268 144.48 -54.23 -62.46
CA ARG K 268 144.31 -55.13 -61.31
C ARG K 268 144.39 -54.29 -60.05
N THR K 269 143.35 -54.34 -59.23
CA THR K 269 143.25 -53.53 -58.03
C THR K 269 143.05 -54.40 -56.81
N LEU K 270 143.47 -53.89 -55.65
CA LEU K 270 143.42 -54.62 -54.40
C LEU K 270 143.17 -53.66 -53.26
N LEU K 271 142.14 -53.93 -52.45
CA LEU K 271 141.80 -53.08 -51.30
C LEU K 271 141.82 -53.94 -50.06
N ASP K 272 142.67 -53.61 -49.10
CA ASP K 272 142.88 -54.53 -47.98
C ASP K 272 143.19 -53.79 -46.68
N VAL K 273 143.19 -54.57 -45.60
CA VAL K 273 143.49 -54.09 -44.25
C VAL K 273 143.77 -55.31 -43.38
N PHE K 274 144.68 -55.17 -42.43
CA PHE K 274 144.98 -56.25 -41.49
C PHE K 274 144.13 -56.11 -40.24
N THR K 275 143.60 -57.23 -39.77
CA THR K 275 142.71 -57.26 -38.61
C THR K 275 143.17 -58.33 -37.64
N GLY K 276 142.88 -58.10 -36.37
CA GLY K 276 143.14 -59.09 -35.33
C GLY K 276 142.13 -58.98 -34.23
N ARG K 277 141.82 -60.12 -33.60
CA ARG K 277 140.76 -60.16 -32.60
C ARG K 277 141.21 -60.97 -31.40
N LYS K 278 140.58 -60.67 -30.26
CA LYS K 278 140.90 -61.37 -29.01
C LYS K 278 139.67 -61.36 -28.11
N VAL K 279 139.49 -62.45 -27.37
CA VAL K 279 138.48 -62.53 -26.32
C VAL K 279 139.18 -62.45 -24.98
N VAL K 280 138.67 -61.61 -24.09
CA VAL K 280 139.34 -61.37 -22.81
C VAL K 280 138.92 -62.43 -21.81
N THR K 281 139.62 -63.56 -21.82
CA THR K 281 139.41 -64.58 -20.81
C THR K 281 140.00 -64.13 -19.48
N GLU K 282 139.55 -64.78 -18.42
CA GLU K 282 140.02 -64.43 -17.09
C GLU K 282 141.28 -65.20 -16.71
N VAL K 283 141.86 -64.83 -15.57
CA VAL K 283 143.13 -65.39 -15.14
C VAL K 283 143.04 -66.89 -14.88
N ASP K 284 141.85 -67.39 -14.57
CA ASP K 284 141.65 -68.82 -14.36
C ASP K 284 141.19 -69.54 -15.62
N GLY K 285 141.31 -68.89 -16.77
CA GLY K 285 140.89 -69.50 -18.03
C GLY K 285 139.40 -69.72 -18.15
N SER K 286 138.61 -68.79 -17.62
CA SER K 286 137.15 -68.87 -17.66
C SER K 286 136.60 -67.59 -18.26
N PHE K 287 135.71 -67.72 -19.23
CA PHE K 287 135.14 -66.58 -19.92
C PHE K 287 133.85 -66.18 -19.21
N VAL K 288 133.89 -65.05 -18.49
CA VAL K 288 132.75 -64.61 -17.70
C VAL K 288 132.24 -63.24 -18.10
N ARG K 289 132.91 -62.55 -19.02
CA ARG K 289 132.54 -61.18 -19.37
C ARG K 289 131.51 -61.10 -20.48
N ALA K 290 131.01 -62.23 -20.97
CA ALA K 290 129.99 -62.22 -22.00
C ALA K 290 129.19 -63.51 -21.91
N VAL K 291 127.88 -63.40 -22.10
CA VAL K 291 126.98 -64.52 -21.98
C VAL K 291 126.20 -64.68 -23.27
N GLU K 292 126.01 -65.95 -23.66
CA GLU K 292 125.33 -66.32 -24.89
C GLU K 292 123.98 -66.91 -24.53
N LEU K 293 122.94 -66.47 -25.25
CA LEU K 293 121.59 -66.96 -25.06
C LEU K 293 121.11 -67.54 -26.38
N GLN K 294 120.41 -68.67 -26.32
CA GLN K 294 119.92 -69.33 -27.51
C GLN K 294 118.46 -69.69 -27.33
N LEU K 295 117.66 -69.49 -28.38
CA LEU K 295 116.26 -69.87 -28.32
C LEU K 295 116.12 -71.37 -28.20
N GLN K 296 115.03 -71.80 -27.58
CA GLN K 296 114.77 -73.20 -27.32
C GLN K 296 113.74 -73.72 -28.33
N ALA K 297 114.12 -74.76 -29.07
CA ALA K 297 113.26 -75.35 -30.07
C ALA K 297 112.62 -76.62 -29.53
N SER K 298 111.35 -76.83 -29.87
CA SER K 298 110.60 -77.97 -29.40
C SER K 298 110.07 -78.87 -30.50
N SER K 299 110.01 -78.39 -31.75
CA SER K 299 109.52 -79.20 -32.85
C SER K 299 109.97 -78.58 -34.15
N ILE K 300 110.24 -79.43 -35.15
CA ILE K 300 110.65 -78.99 -36.47
C ILE K 300 109.65 -79.52 -37.50
N THR K 301 109.31 -78.68 -38.46
CA THR K 301 108.42 -79.04 -39.55
C THR K 301 109.10 -78.72 -40.87
N ILE K 302 108.88 -79.58 -41.85
CA ILE K 302 109.45 -79.40 -43.18
C ILE K 302 108.43 -78.68 -44.04
N VAL K 303 108.78 -77.47 -44.48
CA VAL K 303 107.86 -76.68 -45.30
C VAL K 303 107.72 -77.33 -46.67
N GLY K 304 106.49 -77.43 -47.16
CA GLY K 304 106.24 -78.00 -48.46
C GLY K 304 105.22 -79.12 -48.44
N GLY K 305 105.10 -79.81 -47.31
CA GLY K 305 104.16 -80.90 -47.24
C GLY K 305 104.63 -82.10 -48.07
N ALA K 306 103.67 -82.98 -48.38
CA ALA K 306 103.98 -84.18 -49.13
C ALA K 306 104.24 -83.85 -50.59
N PHE K 307 105.38 -83.23 -50.86
CA PHE K 307 105.71 -82.81 -52.21
C PHE K 307 106.00 -84.03 -53.09
N ALA K 308 105.90 -83.81 -54.40
CA ALA K 308 106.21 -84.82 -55.40
C ALA K 308 107.24 -84.26 -56.37
N LEU K 309 108.22 -85.07 -56.72
CA LEU K 309 109.25 -84.63 -57.65
C LEU K 309 108.67 -84.46 -59.05
N ALA K 310 109.25 -83.52 -59.80
CA ALA K 310 108.75 -83.23 -61.14
C ALA K 310 108.96 -84.42 -62.08
N THR K 311 110.16 -84.98 -62.09
CA THR K 311 110.50 -86.09 -62.95
C THR K 311 110.99 -87.26 -62.10
N THR K 312 111.48 -88.31 -62.76
CA THR K 312 112.08 -89.43 -62.04
C THR K 312 113.46 -89.08 -61.49
N THR K 313 114.09 -88.02 -62.00
CA THR K 313 115.40 -87.59 -61.55
C THR K 313 115.36 -86.17 -61.00
N GLY K 314 114.22 -85.75 -60.48
CA GLY K 314 114.09 -84.40 -59.96
C GLY K 314 114.90 -84.18 -58.70
N THR K 315 115.27 -82.92 -58.48
CA THR K 315 116.03 -82.51 -57.30
C THR K 315 115.30 -81.35 -56.64
N LYS K 316 115.12 -81.45 -55.32
CA LYS K 316 114.48 -80.39 -54.55
C LYS K 316 115.27 -80.13 -53.28
N GLN K 317 115.51 -78.85 -52.98
CA GLN K 317 116.22 -78.46 -51.77
C GLN K 317 115.20 -78.26 -50.66
N LEU K 318 115.25 -79.12 -49.64
CA LEU K 318 114.31 -79.04 -48.55
C LEU K 318 114.63 -77.86 -47.64
N LYS K 319 113.64 -77.46 -46.86
CA LYS K 319 113.81 -76.42 -45.85
C LYS K 319 113.05 -76.80 -44.60
N VAL K 320 113.72 -76.76 -43.45
CA VAL K 320 113.14 -77.17 -42.18
C VAL K 320 113.09 -75.96 -41.27
N ARG K 321 111.97 -75.80 -40.56
CA ARG K 321 111.79 -74.68 -39.65
C ARG K 321 111.31 -75.19 -38.30
N ASP K 322 111.90 -74.69 -37.23
CA ASP K 322 111.47 -75.06 -35.89
C ASP K 322 110.18 -74.33 -35.55
N ASP K 323 109.72 -74.45 -34.31
CA ASP K 323 108.48 -73.77 -33.92
C ASP K 323 108.64 -72.25 -33.91
N ASN K 324 109.86 -71.74 -33.89
CA ASN K 324 110.11 -70.31 -33.98
C ASN K 324 110.24 -69.83 -35.42
N GLY K 325 110.17 -70.73 -36.40
CA GLY K 325 110.31 -70.35 -37.79
C GLY K 325 111.74 -70.18 -38.25
N THR K 326 112.72 -70.42 -37.39
CA THR K 326 114.12 -70.26 -37.76
C THR K 326 114.52 -71.30 -38.80
N ASP K 327 115.19 -70.86 -39.85
CA ASP K 327 115.70 -71.79 -40.86
C ASP K 327 116.78 -72.65 -40.22
N VAL K 328 116.47 -73.92 -39.99
CA VAL K 328 117.32 -74.82 -39.24
C VAL K 328 117.92 -75.90 -40.14
N THR K 329 117.80 -75.74 -41.46
CA THR K 329 118.22 -76.79 -42.38
C THR K 329 119.72 -77.02 -42.32
N ALA K 330 120.50 -75.96 -42.11
CA ALA K 330 121.95 -76.07 -42.14
C ALA K 330 122.51 -76.90 -40.99
N ARG K 331 121.71 -77.23 -39.99
CA ARG K 331 122.16 -78.02 -38.85
C ARG K 331 121.27 -79.24 -38.62
N CYS K 332 120.67 -79.77 -39.68
CA CYS K 332 119.85 -80.96 -39.62
C CYS K 332 120.56 -82.12 -40.28
N THR K 333 120.11 -83.33 -39.96
CA THR K 333 120.60 -84.55 -40.59
C THR K 333 119.44 -85.26 -41.27
N PHE K 334 119.60 -85.55 -42.55
CA PHE K 334 118.51 -86.08 -43.37
C PHE K 334 118.75 -87.53 -43.71
N ALA K 335 117.68 -88.33 -43.64
CA ALA K 335 117.73 -89.74 -43.97
C ALA K 335 116.53 -90.09 -44.84
N SER K 336 116.67 -91.15 -45.63
CA SER K 336 115.64 -91.61 -46.53
C SER K 336 115.24 -93.03 -46.16
N SER K 337 113.93 -93.29 -46.09
CA SER K 337 113.45 -94.62 -45.76
C SER K 337 113.83 -95.63 -46.83
N ALA K 338 113.73 -95.25 -48.09
CA ALA K 338 114.03 -96.14 -49.22
C ALA K 338 115.00 -95.41 -50.15
N GLY K 339 116.28 -95.72 -50.01
CA GLY K 339 117.29 -95.12 -50.87
C GLY K 339 117.35 -95.67 -52.27
N THR K 340 116.62 -96.76 -52.55
CA THR K 340 116.57 -97.29 -53.90
C THR K 340 115.89 -96.32 -54.85
N LYS K 341 114.80 -95.68 -54.42
CA LYS K 341 114.02 -94.82 -55.29
C LYS K 341 114.29 -93.34 -55.08
N ALA K 342 114.58 -92.91 -53.84
CA ALA K 342 114.84 -91.52 -53.55
C ALA K 342 115.99 -91.42 -52.56
N THR K 343 116.90 -90.48 -52.79
CA THR K 343 118.08 -90.32 -51.95
C THR K 343 118.19 -88.86 -51.53
N VAL K 344 118.37 -88.63 -50.24
CA VAL K 344 118.53 -87.28 -49.70
C VAL K 344 119.96 -87.14 -49.21
N SER K 345 120.59 -86.03 -49.57
CA SER K 345 121.98 -85.77 -49.19
C SER K 345 122.02 -85.16 -47.80
N ALA K 346 123.21 -84.77 -47.36
CA ALA K 346 123.37 -84.15 -46.05
C ALA K 346 122.91 -82.70 -46.01
N ALA K 347 122.69 -82.08 -47.16
CA ALA K 347 122.28 -80.69 -47.24
C ALA K 347 120.79 -80.54 -47.52
N GLY K 348 120.01 -81.59 -47.30
CA GLY K 348 118.59 -81.53 -47.60
C GLY K 348 118.28 -81.37 -49.07
N LEU K 349 119.00 -82.09 -49.92
CA LEU K 349 118.77 -82.07 -51.36
C LEU K 349 118.22 -83.43 -51.76
N VAL K 350 116.89 -83.55 -51.78
CA VAL K 350 116.26 -84.80 -52.15
C VAL K 350 116.32 -84.99 -53.65
N THR K 351 116.66 -86.20 -54.09
CA THR K 351 116.82 -86.54 -55.48
C THR K 351 116.07 -87.84 -55.77
N GLY K 352 115.59 -87.98 -56.99
CA GLY K 352 114.84 -89.15 -57.40
C GLY K 352 115.73 -90.13 -58.15
N VAL K 353 115.70 -91.38 -57.71
CA VAL K 353 116.44 -92.46 -58.35
C VAL K 353 115.49 -93.38 -59.12
N ALA K 354 114.37 -93.76 -58.50
CA ALA K 354 113.38 -94.62 -59.13
C ALA K 354 111.99 -94.14 -58.76
N ALA K 355 111.02 -94.52 -59.57
CA ALA K 355 109.63 -94.14 -59.31
C ALA K 355 109.11 -94.88 -58.09
N GLY K 356 108.28 -94.20 -57.29
CA GLY K 356 107.72 -94.79 -56.09
C GLY K 356 107.64 -93.83 -54.94
N THR K 357 107.09 -94.26 -53.81
CA THR K 357 106.91 -93.41 -52.64
C THR K 357 107.96 -93.73 -51.58
N ALA K 358 108.51 -92.69 -50.97
CA ALA K 358 109.52 -92.81 -49.94
C ALA K 358 109.25 -91.80 -48.85
N ASP K 359 109.91 -91.99 -47.70
CA ASP K 359 109.79 -91.10 -46.57
C ASP K 359 111.14 -90.45 -46.32
N ILE K 360 111.18 -89.12 -46.33
CA ILE K 360 112.37 -88.35 -46.00
C ILE K 360 112.19 -87.82 -44.59
N THR K 361 113.14 -88.12 -43.72
CA THR K 361 113.09 -87.68 -42.34
C THR K 361 114.27 -86.77 -42.05
N ALA K 362 114.01 -85.77 -41.20
CA ALA K 362 115.02 -84.82 -40.77
C ALA K 362 115.09 -84.85 -39.26
N SER K 363 116.28 -85.09 -38.72
CA SER K 363 116.53 -85.12 -37.29
C SER K 363 117.43 -83.95 -36.93
N TYR K 364 117.03 -83.20 -35.90
CA TYR K 364 117.72 -81.99 -35.50
C TYR K 364 117.92 -82.01 -33.99
N VAL K 365 119.16 -81.92 -33.55
CA VAL K 365 119.46 -81.90 -32.13
C VAL K 365 119.16 -80.49 -31.60
N PRO K 366 118.23 -80.35 -30.67
CA PRO K 366 117.83 -79.03 -30.19
C PRO K 366 118.95 -78.37 -29.41
N PRO K 367 118.88 -77.05 -29.22
CA PRO K 367 119.91 -76.38 -28.40
C PRO K 367 119.98 -76.90 -26.98
N GLN K 368 118.87 -77.35 -26.42
CA GLN K 368 118.89 -77.94 -25.08
C GLN K 368 119.48 -79.34 -25.07
N GLY K 369 119.66 -79.96 -26.23
CA GLY K 369 120.20 -81.31 -26.29
C GLY K 369 119.13 -82.38 -26.20
N GLY K 370 119.49 -83.55 -25.67
CA GLY K 370 118.51 -84.60 -25.53
C GLY K 370 118.15 -85.24 -26.86
N THR K 371 116.95 -85.82 -26.91
CA THR K 371 116.50 -86.51 -28.11
C THR K 371 116.35 -85.52 -29.26
N ALA K 372 116.62 -86.01 -30.47
CA ALA K 372 116.58 -85.15 -31.65
C ALA K 372 115.16 -85.03 -32.16
N LYS K 373 114.73 -83.80 -32.41
CA LYS K 373 113.42 -83.58 -33.00
C LYS K 373 113.38 -84.14 -34.41
N THR K 374 112.27 -84.78 -34.75
CA THR K 374 112.16 -85.54 -36.00
C THR K 374 110.97 -85.04 -36.80
N ALA K 375 111.16 -84.84 -38.09
CA ALA K 375 110.09 -84.46 -39.00
C ALA K 375 110.13 -85.36 -40.22
N THR K 376 108.98 -85.95 -40.56
CA THR K 376 108.88 -86.91 -41.65
C THR K 376 107.94 -86.38 -42.73
N VAL K 377 108.37 -86.47 -43.98
CA VAL K 377 107.59 -86.00 -45.12
C VAL K 377 107.67 -87.06 -46.22
N THR K 378 106.53 -87.38 -46.82
CA THR K 378 106.45 -88.41 -47.85
C THR K 378 106.61 -87.80 -49.23
N VAL K 379 107.59 -88.30 -49.98
CA VAL K 379 107.82 -87.88 -51.37
C VAL K 379 107.35 -89.01 -52.28
N THR K 380 106.90 -88.64 -53.47
CA THR K 380 106.39 -89.60 -54.45
C THR K 380 107.03 -89.29 -55.81
N VAL K 381 108.09 -90.03 -56.14
CA VAL K 381 108.69 -89.93 -57.47
C VAL K 381 107.72 -90.51 -58.49
N PRO K 382 107.36 -89.78 -59.55
CA PRO K 382 106.38 -90.22 -60.55
C PRO K 382 106.75 -91.55 -61.20
N ALA L 2 32.78 -54.08 -62.30
CA ALA L 2 32.44 -52.78 -61.74
C ALA L 2 33.17 -51.67 -62.45
N HIS L 3 33.57 -50.65 -61.71
CA HIS L 3 34.28 -49.53 -62.29
C HIS L 3 35.63 -49.99 -62.81
N ILE L 4 36.00 -49.50 -63.99
CA ILE L 4 37.29 -49.80 -64.61
C ILE L 4 38.03 -48.49 -64.80
N PHE L 5 39.21 -48.38 -64.18
CA PHE L 5 40.04 -47.20 -64.27
C PHE L 5 41.28 -47.49 -65.09
N VAL L 6 41.70 -46.52 -65.89
CA VAL L 6 42.95 -46.61 -66.64
C VAL L 6 44.01 -45.80 -65.89
N LYS L 7 45.09 -46.45 -65.52
CA LYS L 7 46.09 -45.82 -64.68
C LYS L 7 47.48 -46.04 -65.26
N PRO L 8 48.42 -45.12 -64.99
CA PRO L 8 49.78 -45.29 -65.48
C PRO L 8 50.53 -46.37 -64.71
N GLU L 9 51.82 -46.50 -64.95
CA GLU L 9 52.65 -47.53 -64.33
C GLU L 9 53.92 -46.93 -63.75
N LEU L 10 53.76 -45.92 -62.90
CA LEU L 10 54.85 -45.12 -62.34
C LEU L 10 56.09 -45.95 -62.01
N VAL L 11 57.24 -45.41 -62.38
CA VAL L 11 58.55 -45.97 -62.07
C VAL L 11 59.31 -44.96 -61.23
N ALA L 12 59.87 -45.40 -60.11
CA ALA L 12 60.52 -44.51 -59.18
C ALA L 12 61.93 -45.00 -58.87
N GLU L 13 62.80 -44.05 -58.52
CA GLU L 13 64.14 -44.34 -58.04
C GLU L 13 64.25 -43.87 -56.60
N ILE L 14 64.64 -44.77 -55.69
CA ILE L 14 64.65 -44.45 -54.27
C ILE L 14 66.01 -44.76 -53.66
N GLY L 15 67.06 -44.76 -54.46
CA GLY L 15 68.40 -44.93 -53.94
C GLY L 15 68.83 -46.36 -53.74
N VAL L 16 67.98 -47.34 -54.04
CA VAL L 16 68.41 -48.73 -54.05
C VAL L 16 69.25 -48.95 -55.31
N LYS L 17 70.52 -49.26 -55.12
CA LYS L 17 71.45 -49.44 -56.23
C LYS L 17 72.19 -50.75 -56.05
N GLN L 18 72.68 -51.29 -57.15
CA GLN L 18 73.46 -52.52 -57.09
C GLN L 18 74.72 -52.29 -56.27
N LEU L 19 75.04 -53.24 -55.42
CA LEU L 19 76.14 -53.10 -54.49
C LEU L 19 77.47 -53.32 -55.21
N GLN L 20 78.41 -52.40 -54.99
CA GLN L 20 79.70 -52.42 -55.67
C GLN L 20 80.82 -52.25 -54.66
N ARG L 21 81.97 -52.83 -55.00
CA ARG L 21 83.16 -52.70 -54.17
C ARG L 21 83.65 -51.27 -54.16
N GLU L 22 84.38 -50.92 -53.12
CA GLU L 22 85.09 -49.65 -53.06
C GLU L 22 86.49 -49.84 -53.63
N ILE L 23 87.06 -48.75 -54.13
CA ILE L 23 88.35 -48.80 -54.81
C ILE L 23 89.44 -48.42 -53.82
N VAL L 24 90.36 -49.35 -53.58
CA VAL L 24 91.47 -49.14 -52.64
C VAL L 24 92.80 -49.40 -53.31
N LEU L 25 92.91 -50.54 -53.98
CA LEU L 25 94.21 -51.02 -54.46
C LEU L 25 94.98 -50.04 -55.35
N PRO L 26 94.36 -49.34 -56.33
CA PRO L 26 95.17 -48.56 -57.27
C PRO L 26 96.09 -47.55 -56.62
N GLY L 27 95.71 -46.97 -55.50
CA GLY L 27 96.58 -45.99 -54.87
C GLY L 27 97.71 -46.54 -54.03
N LEU L 28 97.84 -47.86 -53.96
CA LEU L 28 98.78 -48.50 -53.06
C LEU L 28 99.93 -49.19 -53.79
N VAL L 29 99.94 -49.15 -55.12
CA VAL L 29 100.93 -49.85 -55.92
C VAL L 29 101.76 -48.84 -56.68
N TRP L 30 103.06 -49.07 -56.76
CA TRP L 30 103.96 -48.19 -57.51
C TRP L 30 103.47 -48.01 -58.93
N THR L 31 103.03 -46.80 -59.28
CA THR L 31 102.44 -46.55 -60.58
C THR L 31 103.33 -45.61 -61.39
N ASN L 32 103.55 -45.99 -62.63
CA ASN L 32 104.32 -45.22 -63.60
C ASN L 32 105.69 -44.80 -63.09
N PRO L 33 106.58 -45.74 -62.76
CA PRO L 33 108.00 -45.37 -62.64
C PRO L 33 108.63 -45.14 -63.99
N LEU L 34 108.11 -45.80 -65.03
CA LEU L 34 108.63 -45.72 -66.39
C LEU L 34 107.51 -45.25 -67.30
N THR L 35 107.80 -44.29 -68.17
CA THR L 35 106.80 -43.71 -69.05
C THR L 35 107.11 -43.91 -70.52
N ASP L 36 108.36 -43.76 -70.93
CA ASP L 36 108.73 -43.77 -72.35
C ASP L 36 108.79 -45.20 -72.85
N PHE L 37 107.62 -45.84 -72.89
CA PHE L 37 107.53 -47.17 -73.46
C PHE L 37 107.51 -47.14 -74.98
N GLY L 38 107.20 -46.00 -75.57
CA GLY L 38 107.14 -45.92 -77.02
C GLY L 38 108.50 -46.08 -77.68
N GLY L 39 109.52 -45.47 -77.11
CA GLY L 39 110.85 -45.54 -77.69
C GLY L 39 111.68 -46.70 -77.17
N SER L 40 111.14 -47.91 -77.24
CA SER L 40 111.89 -49.09 -76.82
C SER L 40 111.42 -50.29 -77.62
N LYS L 41 112.36 -51.17 -77.96
CA LYS L 41 112.00 -52.37 -78.71
C LYS L 41 111.11 -53.27 -77.87
N ASN L 42 110.11 -53.86 -78.52
CA ASN L 42 109.14 -54.76 -77.90
C ASN L 42 108.35 -54.08 -76.80
N ASP L 43 108.30 -52.74 -76.81
CA ASP L 43 107.59 -51.96 -75.81
C ASP L 43 108.07 -52.26 -74.40
N THR L 44 109.31 -52.71 -74.28
CA THR L 44 109.90 -53.14 -73.03
C THR L 44 111.01 -52.19 -72.61
N ILE L 45 110.91 -51.66 -71.40
CA ILE L 45 111.96 -50.85 -70.81
C ILE L 45 112.75 -51.72 -69.84
N THR L 46 114.07 -51.74 -70.00
CA THR L 46 114.93 -52.51 -69.13
C THR L 46 115.30 -51.68 -67.90
N VAL L 47 115.20 -52.31 -66.73
CA VAL L 47 115.60 -51.71 -65.47
C VAL L 47 116.85 -52.42 -64.99
N ARG L 48 117.87 -51.63 -64.66
CA ARG L 48 119.18 -52.16 -64.27
C ARG L 48 119.36 -52.02 -62.76
N VAL L 49 119.76 -53.10 -62.12
CA VAL L 49 120.02 -53.14 -60.69
C VAL L 49 121.52 -53.06 -60.47
N PRO L 50 122.03 -52.12 -59.69
CA PRO L 50 123.48 -51.98 -59.53
C PRO L 50 124.11 -53.22 -58.90
N ALA L 51 125.37 -53.44 -59.24
CA ALA L 51 126.07 -54.64 -58.81
C ALA L 51 126.60 -54.49 -57.39
N ILE L 52 126.79 -55.63 -56.73
CA ILE L 52 127.44 -55.71 -55.43
C ILE L 52 128.47 -56.83 -55.49
N THR L 53 129.45 -56.76 -54.59
CA THR L 53 130.53 -57.73 -54.57
C THR L 53 130.72 -58.28 -53.16
N THR L 54 131.65 -59.20 -53.03
CA THR L 54 132.03 -59.77 -51.75
C THR L 54 133.55 -59.72 -51.62
N ALA L 55 134.02 -59.49 -50.40
CA ALA L 55 135.44 -59.47 -50.13
C ALA L 55 135.92 -60.89 -49.82
N ASN L 56 137.17 -61.01 -49.41
CA ASN L 56 137.71 -62.29 -48.99
C ASN L 56 138.59 -62.05 -47.78
N ARG L 57 139.29 -63.09 -47.35
CA ARG L 57 140.17 -62.98 -46.19
C ARG L 57 141.23 -64.06 -46.27
N ARG L 58 142.36 -63.79 -45.62
CA ARG L 58 143.46 -64.74 -45.58
C ARG L 58 144.30 -64.42 -44.36
N ASP L 59 144.95 -65.46 -43.82
CA ASP L 59 145.77 -65.28 -42.63
C ASP L 59 147.05 -64.54 -42.98
N LEU L 60 147.53 -63.74 -42.02
CA LEU L 60 148.75 -62.99 -42.22
C LEU L 60 149.96 -63.92 -42.34
N ARG L 61 150.96 -63.46 -43.08
CA ARG L 61 152.24 -64.15 -43.22
C ARG L 61 152.08 -65.56 -43.79
N ASP L 62 151.01 -65.80 -44.52
CA ASP L 62 150.82 -67.09 -45.15
C ASP L 62 151.77 -67.24 -46.32
N PRO L 63 152.54 -68.32 -46.40
CA PRO L 63 153.40 -68.52 -47.57
C PRO L 63 152.65 -68.65 -48.87
N ASP L 64 151.36 -69.01 -48.82
CA ASP L 64 150.53 -69.09 -50.02
C ASP L 64 149.91 -67.72 -50.27
N ARG L 65 150.69 -66.85 -50.90
CA ARG L 65 150.27 -65.48 -51.18
C ARG L 65 149.56 -65.46 -52.52
N THR L 66 148.23 -65.55 -52.48
CA THR L 66 147.41 -65.59 -53.68
C THR L 66 146.05 -64.99 -53.38
N VAL L 67 145.56 -64.17 -54.30
CA VAL L 67 144.33 -63.42 -54.10
C VAL L 67 143.21 -64.04 -54.94
N ILE L 68 141.98 -63.75 -54.54
CA ILE L 68 140.78 -64.22 -55.23
C ILE L 68 140.03 -62.98 -55.73
N ALA L 69 139.77 -62.94 -57.03
CA ALA L 69 139.17 -61.77 -57.65
C ALA L 69 137.65 -61.81 -57.52
N SER L 70 137.09 -60.72 -57.03
CA SER L 70 135.64 -60.60 -56.95
C SER L 70 135.06 -60.31 -58.32
N GLU L 71 133.73 -60.37 -58.42
CA GLU L 71 133.03 -60.20 -59.68
C GLU L 71 131.96 -59.13 -59.53
N LEU L 72 131.95 -58.17 -60.46
CA LEU L 72 130.93 -57.12 -60.51
C LEU L 72 129.95 -57.48 -61.61
N VAL L 73 128.78 -58.00 -61.21
CA VAL L 73 127.77 -58.44 -62.15
C VAL L 73 126.52 -57.60 -61.93
N GLU L 74 126.07 -56.92 -62.99
CA GLU L 74 124.88 -56.09 -62.94
C GLU L 74 123.72 -56.86 -63.56
N HIS L 75 122.62 -56.97 -62.81
CA HIS L 75 121.45 -57.67 -63.30
C HIS L 75 120.39 -56.67 -63.79
N SER L 76 119.38 -57.19 -64.46
CA SER L 76 118.34 -56.34 -65.00
C SER L 76 117.07 -57.15 -65.21
N PHE L 77 115.96 -56.44 -65.27
CA PHE L 77 114.69 -57.04 -65.65
C PHE L 77 114.00 -56.10 -66.63
N GLY L 78 112.81 -56.47 -67.06
CA GLY L 78 112.11 -55.72 -68.08
C GLY L 78 110.66 -55.47 -67.73
N VAL L 79 110.18 -54.28 -68.06
CA VAL L 79 108.80 -53.88 -67.83
C VAL L 79 108.14 -53.65 -69.18
N THR L 80 106.98 -54.27 -69.39
CA THR L 80 106.36 -54.31 -70.71
C THR L 80 104.92 -53.85 -70.66
N LEU L 81 104.52 -53.05 -71.66
CA LEU L 81 103.12 -52.74 -71.91
C LEU L 81 102.55 -53.84 -72.79
N ASP L 82 101.62 -54.63 -72.24
CA ASP L 82 101.08 -55.72 -73.02
C ASP L 82 99.60 -55.99 -72.77
N LYS L 83 98.85 -55.03 -72.20
CA LYS L 83 97.42 -55.21 -72.06
C LYS L 83 96.72 -53.93 -72.50
N HIS L 84 95.47 -54.08 -72.91
CA HIS L 84 94.67 -52.98 -73.43
C HIS L 84 93.28 -53.11 -72.85
N VAL L 85 92.93 -52.22 -71.91
CA VAL L 85 91.65 -52.27 -71.21
C VAL L 85 90.71 -51.27 -71.87
N TYR L 86 89.51 -51.71 -72.21
CA TYR L 86 88.55 -50.88 -72.91
C TYR L 86 87.14 -51.19 -72.42
N ALA L 87 86.19 -50.42 -72.92
CA ALA L 87 84.76 -50.66 -72.64
C ALA L 87 83.96 -50.02 -73.76
N ALA L 88 83.52 -50.83 -74.72
CA ALA L 88 82.83 -50.33 -75.90
C ALA L 88 81.32 -50.40 -75.72
N LEU L 89 80.61 -49.44 -76.31
CA LEU L 89 79.17 -49.38 -76.25
C LEU L 89 78.59 -48.94 -77.58
N LYS L 90 77.55 -49.60 -78.03
CA LYS L 90 76.86 -49.22 -79.26
C LYS L 90 75.41 -48.86 -78.95
N PHE L 91 74.96 -47.75 -79.53
CA PHE L 91 73.60 -47.27 -79.32
C PHE L 91 72.98 -46.95 -80.67
N THR L 92 71.91 -47.66 -81.02
CA THR L 92 71.17 -47.29 -82.21
C THR L 92 70.50 -45.94 -82.01
N ASP L 93 70.27 -45.23 -83.12
CA ASP L 93 69.81 -43.85 -83.02
C ASP L 93 68.48 -43.74 -82.31
N GLU L 94 67.63 -44.76 -82.41
CA GLU L 94 66.39 -44.75 -81.64
C GLU L 94 66.68 -44.77 -80.15
N GLN L 95 67.62 -45.61 -79.72
CA GLN L 95 67.98 -45.67 -78.31
C GLN L 95 68.62 -44.38 -77.85
N ARG L 96 69.45 -43.77 -78.70
CA ARG L 96 70.08 -42.51 -78.35
C ARG L 96 69.07 -41.38 -78.27
N THR L 97 68.04 -41.42 -79.10
CA THR L 97 67.06 -40.34 -79.11
C THR L 97 66.05 -40.49 -77.98
N LEU L 98 65.38 -41.63 -77.90
CA LEU L 98 64.29 -41.83 -76.96
C LEU L 98 64.74 -42.45 -75.64
N ASP L 99 65.45 -43.56 -75.70
CA ASP L 99 65.69 -44.34 -74.49
C ASP L 99 66.71 -43.66 -73.57
N ILE L 100 67.79 -43.12 -74.13
CA ILE L 100 68.82 -42.49 -73.31
C ILE L 100 68.28 -41.15 -72.81
N ARG L 101 68.05 -41.04 -71.51
CA ARG L 101 67.54 -39.81 -70.93
C ARG L 101 68.64 -38.78 -70.71
N ASP L 102 69.61 -39.10 -69.86
CA ASP L 102 70.75 -38.23 -69.59
C ASP L 102 72.02 -38.99 -69.93
N TYR L 103 72.75 -38.51 -70.94
CA TYR L 103 73.89 -39.26 -71.43
C TYR L 103 74.97 -39.41 -70.38
N THR L 104 75.26 -38.34 -69.63
CA THR L 104 76.34 -38.40 -68.66
C THR L 104 76.05 -39.39 -67.55
N LYS L 105 74.86 -39.31 -66.95
CA LYS L 105 74.55 -40.14 -65.80
C LYS L 105 74.13 -41.55 -66.17
N GLN L 106 73.93 -41.84 -67.45
CA GLN L 106 73.46 -43.16 -67.86
C GLN L 106 74.47 -43.96 -68.65
N VAL L 107 75.47 -43.33 -69.26
CA VAL L 107 76.40 -44.04 -70.12
C VAL L 107 77.84 -43.83 -69.68
N LEU L 108 78.27 -42.57 -69.58
CA LEU L 108 79.68 -42.29 -69.33
C LEU L 108 80.11 -42.73 -67.94
N MET L 109 79.32 -42.41 -66.92
CA MET L 109 79.70 -42.81 -65.57
C MET L 109 79.77 -44.32 -65.39
N PRO L 110 78.77 -45.12 -65.81
CA PRO L 110 78.95 -46.57 -65.73
C PRO L 110 80.13 -47.08 -66.53
N GLN L 111 80.44 -46.45 -67.66
CA GLN L 111 81.56 -46.90 -68.48
C GLN L 111 82.88 -46.69 -67.76
N VAL L 112 83.11 -45.49 -67.25
CA VAL L 112 84.36 -45.23 -66.54
C VAL L 112 84.44 -46.06 -65.27
N SER L 113 83.31 -46.29 -64.60
CA SER L 113 83.32 -47.14 -63.42
C SER L 113 83.73 -48.57 -63.79
N ALA L 114 83.21 -49.09 -64.90
CA ALA L 114 83.60 -50.43 -65.32
C ALA L 114 85.08 -50.50 -65.62
N VAL L 115 85.63 -49.48 -66.28
CA VAL L 115 87.06 -49.51 -66.59
C VAL L 115 87.88 -49.41 -65.31
N ALA L 116 87.45 -48.59 -64.36
CA ALA L 116 88.16 -48.49 -63.09
C ALA L 116 88.16 -49.81 -62.34
N TYR L 117 87.01 -50.49 -62.30
CA TYR L 117 86.95 -51.78 -61.64
C TYR L 117 87.80 -52.81 -62.36
N GLU L 118 87.86 -52.75 -63.69
CA GLU L 118 88.73 -53.67 -64.42
C GLU L 118 90.19 -53.41 -64.08
N LEU L 119 90.59 -52.15 -63.96
CA LEU L 119 91.95 -51.85 -63.57
C LEU L 119 92.26 -52.36 -62.17
N GLU L 120 91.32 -52.19 -61.24
CA GLU L 120 91.54 -52.70 -59.89
C GLU L 120 91.65 -54.22 -59.88
N ASP L 121 90.82 -54.90 -60.67
CA ASP L 121 90.94 -56.35 -60.78
C ASP L 121 92.27 -56.74 -61.38
N TYR L 122 92.77 -55.94 -62.33
CA TYR L 122 94.10 -56.17 -62.88
C TYR L 122 95.18 -56.09 -61.82
N ILE L 123 95.11 -55.06 -60.98
CA ILE L 123 96.09 -54.90 -59.89
C ILE L 123 95.99 -56.06 -58.91
N ALA L 124 94.76 -56.47 -58.57
CA ALA L 124 94.58 -57.57 -57.64
C ALA L 124 95.11 -58.87 -58.21
N GLU L 125 94.92 -59.10 -59.51
CA GLU L 125 95.51 -60.28 -60.15
C GLU L 125 97.02 -60.22 -60.09
N LEU L 126 97.60 -59.03 -60.28
CA LEU L 126 99.04 -58.87 -60.16
C LEU L 126 99.53 -59.27 -58.78
N ILE L 127 98.91 -58.69 -57.74
CA ILE L 127 99.37 -58.92 -56.38
C ILE L 127 99.17 -60.36 -55.96
N GLU L 128 97.98 -60.90 -56.23
CA GLU L 128 97.66 -62.25 -55.79
C GLU L 128 98.48 -63.31 -56.54
N GLY L 129 98.83 -63.05 -57.79
CA GLY L 129 99.54 -64.03 -58.57
C GLY L 129 101.04 -64.02 -58.45
N ALA L 130 101.60 -63.19 -57.57
CA ALA L 130 103.04 -63.09 -57.43
C ALA L 130 103.63 -64.41 -56.94
N PRO L 131 104.85 -64.74 -57.33
CA PRO L 131 105.44 -66.02 -56.95
C PRO L 131 105.97 -66.04 -55.52
N TYR L 132 105.05 -66.03 -54.57
CA TYR L 132 105.43 -66.12 -53.16
C TYR L 132 106.04 -67.48 -52.87
N GLU L 133 107.00 -67.50 -51.96
CA GLU L 133 107.72 -68.73 -51.63
C GLU L 133 107.00 -69.53 -50.55
N GLU L 134 106.83 -68.94 -49.37
CA GLU L 134 106.20 -69.60 -48.24
C GLU L 134 105.01 -68.78 -47.78
N THR L 135 103.87 -69.43 -47.68
CA THR L 135 102.66 -68.78 -47.19
C THR L 135 102.61 -68.93 -45.68
N ILE L 136 102.49 -67.81 -44.98
CA ILE L 136 102.47 -67.81 -43.52
C ILE L 136 101.06 -68.05 -43.04
N LEU L 137 100.88 -69.05 -42.20
CA LEU L 137 99.57 -69.44 -41.72
C LEU L 137 99.22 -68.66 -40.48
N ILE L 138 98.09 -67.95 -40.52
CA ILE L 138 97.63 -67.15 -39.41
C ILE L 138 96.70 -68.00 -38.55
N ASP L 139 97.08 -68.20 -37.30
CA ASP L 139 96.24 -68.95 -36.38
C ASP L 139 95.15 -68.04 -35.82
N PRO L 140 93.88 -68.36 -36.01
CA PRO L 140 92.81 -67.45 -35.54
C PRO L 140 92.79 -67.25 -34.03
N ALA L 141 93.32 -68.19 -33.26
CA ALA L 141 93.34 -68.03 -31.80
C ALA L 141 94.25 -66.89 -31.39
N ASP L 142 95.42 -66.77 -32.01
CA ASP L 142 96.34 -65.66 -31.75
C ASP L 142 96.98 -65.29 -33.09
N THR L 143 96.46 -64.24 -33.72
CA THR L 143 96.94 -63.85 -35.03
C THR L 143 98.19 -62.99 -34.99
N VAL L 144 98.52 -62.41 -33.83
CA VAL L 144 99.69 -61.54 -33.74
C VAL L 144 100.99 -62.27 -34.05
N PRO L 145 101.23 -63.49 -33.55
CA PRO L 145 102.47 -64.18 -33.92
C PRO L 145 102.67 -64.33 -35.42
N ALA L 146 101.61 -64.57 -36.18
CA ALA L 146 101.76 -64.70 -37.62
C ALA L 146 102.24 -63.40 -38.26
N PHE L 147 101.66 -62.26 -37.86
CA PHE L 147 102.06 -61.00 -38.46
C PHE L 147 103.46 -60.59 -38.02
N ILE L 148 103.81 -60.86 -36.75
CA ILE L 148 105.17 -60.59 -36.31
C ILE L 148 106.15 -61.46 -37.08
N THR L 149 105.78 -62.71 -37.37
CA THR L 149 106.62 -63.57 -38.17
C THR L 149 106.77 -63.04 -39.59
N ALA L 150 105.68 -62.50 -40.16
CA ALA L 150 105.79 -61.91 -41.49
C ALA L 150 106.75 -60.73 -41.49
N ASP L 151 106.64 -59.87 -40.48
CA ASP L 151 107.56 -58.74 -40.38
C ASP L 151 109.00 -59.21 -40.22
N GLN L 152 109.20 -60.25 -39.41
CA GLN L 152 110.54 -60.79 -39.21
C GLN L 152 111.09 -61.41 -40.49
N ARG L 153 110.24 -62.09 -41.27
CA ARG L 153 110.68 -62.67 -42.52
C ARG L 153 111.08 -61.59 -43.50
N MET L 154 110.31 -60.51 -43.56
CA MET L 154 110.68 -59.42 -44.46
C MET L 154 111.91 -58.68 -43.98
N GLY L 155 112.13 -58.59 -42.67
CA GLY L 155 113.34 -57.99 -42.15
C GLY L 155 114.57 -58.85 -42.28
N GLU L 156 114.40 -60.16 -42.41
CA GLU L 156 115.54 -61.05 -42.65
C GLU L 156 116.09 -60.87 -44.06
N ALA L 157 115.29 -60.37 -44.99
CA ALA L 157 115.76 -60.08 -46.33
C ALA L 157 116.29 -58.66 -46.47
N ASN L 158 116.38 -57.93 -45.36
CA ASN L 158 116.91 -56.57 -45.32
C ASN L 158 116.06 -55.59 -46.10
N VAL L 159 114.79 -55.91 -46.32
CA VAL L 159 113.89 -54.99 -47.02
C VAL L 159 113.72 -53.73 -46.17
N PRO L 160 113.71 -52.54 -46.77
CA PRO L 160 113.55 -51.32 -45.97
C PRO L 160 112.26 -51.32 -45.19
N THR L 161 112.29 -50.69 -44.02
CA THR L 161 111.18 -50.73 -43.08
C THR L 161 110.15 -49.64 -43.31
N ASP L 162 110.33 -48.78 -44.31
CA ASP L 162 109.41 -47.70 -44.58
C ASP L 162 108.66 -47.95 -45.88
N SER L 163 107.52 -47.28 -46.01
CA SER L 163 106.66 -47.39 -47.19
C SER L 163 106.20 -48.82 -47.43
N ARG L 164 105.99 -49.57 -46.35
CA ARG L 164 105.41 -50.89 -46.44
C ARG L 164 103.90 -50.79 -46.43
N ARG L 165 103.24 -51.73 -47.10
CA ARG L 165 101.79 -51.74 -47.15
C ARG L 165 101.28 -53.11 -46.76
N LEU L 166 100.27 -53.14 -45.89
CA LEU L 166 99.61 -54.36 -45.47
C LEU L 166 98.14 -54.30 -45.84
N VAL L 167 97.73 -55.15 -46.78
CA VAL L 167 96.36 -55.21 -47.25
C VAL L 167 95.79 -56.57 -46.85
N VAL L 168 94.71 -56.54 -46.09
CA VAL L 168 94.10 -57.76 -45.58
C VAL L 168 92.72 -57.92 -46.22
N GLY L 169 92.30 -59.17 -46.36
CA GLY L 169 90.96 -59.43 -46.84
C GLY L 169 89.93 -59.17 -45.78
N SER L 170 88.66 -59.30 -46.15
CA SER L 170 87.59 -59.09 -45.18
C SER L 170 87.66 -60.14 -44.06
N ALA L 171 87.86 -61.39 -44.42
CA ALA L 171 87.89 -62.46 -43.41
C ALA L 171 89.08 -62.30 -42.49
N VAL L 172 90.23 -61.87 -43.01
CA VAL L 172 91.41 -61.68 -42.17
C VAL L 172 91.17 -60.55 -41.17
N ALA L 173 90.56 -59.45 -41.62
CA ALA L 173 90.26 -58.36 -40.69
C ALA L 173 89.27 -58.81 -39.63
N ALA L 174 88.27 -59.60 -40.02
CA ALA L 174 87.35 -60.14 -39.03
C ALA L 174 88.09 -61.04 -38.03
N ALA L 175 89.03 -61.84 -38.50
CA ALA L 175 89.79 -62.71 -37.60
C ALA L 175 90.63 -61.89 -36.64
N LEU L 176 91.22 -60.80 -37.12
CA LEU L 176 91.96 -59.90 -36.24
C LEU L 176 91.05 -59.31 -35.16
N ALA L 177 89.86 -58.86 -35.56
CA ALA L 177 88.94 -58.29 -34.59
C ALA L 177 88.44 -59.33 -33.60
N LYS L 178 88.32 -60.59 -34.03
CA LYS L 178 87.88 -61.67 -33.15
C LYS L 178 89.01 -62.24 -32.31
N ASP L 179 90.24 -61.80 -32.52
CA ASP L 179 91.35 -62.30 -31.72
C ASP L 179 91.21 -61.84 -30.28
N LYS L 180 91.56 -62.72 -29.35
CA LYS L 180 91.51 -62.35 -27.94
C LYS L 180 92.48 -61.23 -27.63
N GLN L 181 93.55 -61.10 -28.42
CA GLN L 181 94.56 -60.09 -28.14
C GLN L 181 94.00 -58.69 -28.29
N PHE L 182 93.30 -58.42 -29.39
CA PHE L 182 92.75 -57.09 -29.61
C PHE L 182 91.40 -56.91 -28.95
N ARG L 183 90.61 -57.98 -28.85
CA ARG L 183 89.27 -57.89 -28.30
C ARG L 183 89.30 -57.64 -26.80
N HIS L 184 90.14 -58.37 -26.09
CA HIS L 184 90.27 -58.22 -24.65
C HIS L 184 91.10 -56.98 -24.35
N ALA L 185 90.46 -55.91 -23.89
CA ALA L 185 91.24 -54.83 -23.31
C ALA L 185 91.94 -55.35 -22.08
N ASP L 186 93.04 -54.68 -21.73
CA ASP L 186 94.16 -54.96 -20.82
C ASP L 186 95.13 -55.93 -21.45
N TRP L 187 94.78 -56.58 -22.56
CA TRP L 187 95.73 -57.35 -23.33
C TRP L 187 96.27 -56.57 -24.50
N SER L 188 95.70 -55.40 -24.78
CA SER L 188 96.13 -54.58 -25.90
C SER L 188 96.09 -53.09 -25.58
N GLY L 189 96.08 -52.71 -24.31
CA GLY L 189 95.90 -51.32 -23.99
C GLY L 189 94.51 -50.90 -24.41
N ASP L 190 94.45 -49.86 -25.26
CA ASP L 190 93.26 -49.37 -25.95
C ASP L 190 91.99 -49.53 -25.12
N GLN L 191 91.96 -48.89 -23.94
CA GLN L 191 90.81 -49.04 -23.05
C GLN L 191 89.51 -48.61 -23.71
N ALA L 192 89.58 -47.79 -24.76
CA ALA L 192 88.39 -47.52 -25.55
C ALA L 192 87.86 -48.78 -26.22
N ASN L 193 88.72 -49.78 -26.42
CA ASN L 193 88.34 -51.07 -26.99
C ASN L 193 87.70 -50.91 -28.36
N ALA L 194 88.50 -50.41 -29.30
CA ALA L 194 88.03 -50.28 -30.67
C ALA L 194 87.71 -51.64 -31.27
N ALA L 195 88.52 -52.65 -30.94
CA ALA L 195 88.34 -53.97 -31.53
C ALA L 195 87.07 -54.66 -31.06
N LEU L 196 86.44 -54.17 -30.00
CA LEU L 196 85.18 -54.73 -29.50
C LEU L 196 83.99 -53.86 -29.84
N ARG L 197 84.10 -52.55 -29.65
CA ARG L 197 82.99 -51.66 -29.89
C ARG L 197 82.99 -51.07 -31.30
N GLU L 198 84.02 -51.35 -32.11
CA GLU L 198 84.04 -50.91 -33.49
C GLU L 198 84.51 -51.96 -34.46
N ALA L 199 85.02 -53.10 -33.99
CA ALA L 199 85.49 -54.19 -34.84
C ALA L 199 86.58 -53.73 -35.81
N HIS L 200 87.41 -52.79 -35.35
CA HIS L 200 88.47 -52.22 -36.16
C HIS L 200 89.78 -52.39 -35.42
N VAL L 201 90.80 -52.88 -36.10
CA VAL L 201 92.09 -53.15 -35.49
C VAL L 201 93.09 -52.02 -35.70
N GLY L 202 93.05 -51.38 -36.87
CA GLY L 202 93.99 -50.31 -37.13
C GLY L 202 95.42 -50.78 -37.17
N ARG L 203 96.28 -50.17 -36.37
CA ARG L 203 97.70 -50.51 -36.38
C ARG L 203 97.90 -51.92 -35.86
N LEU L 204 98.96 -52.57 -36.35
CA LEU L 204 99.25 -53.95 -36.01
C LEU L 204 100.69 -54.26 -36.36
N ALA L 205 101.50 -54.60 -35.37
CA ALA L 205 102.87 -55.06 -35.59
C ALA L 205 103.66 -54.09 -36.46
N GLY L 206 103.42 -52.80 -36.25
CA GLY L 206 104.16 -51.75 -36.94
C GLY L 206 103.60 -51.33 -38.27
N MET L 207 102.55 -51.98 -38.77
CA MET L 207 102.04 -51.72 -40.11
C MET L 207 100.54 -51.43 -40.03
N ASN L 208 100.12 -50.37 -40.71
CA ASN L 208 98.71 -50.02 -40.77
C ASN L 208 97.96 -51.04 -41.62
N VAL L 209 96.78 -51.43 -41.15
CA VAL L 209 95.96 -52.42 -41.84
C VAL L 209 95.03 -51.71 -42.81
N ILE L 210 95.04 -52.14 -44.06
CA ILE L 210 94.13 -51.61 -45.08
C ILE L 210 93.28 -52.76 -45.58
N ARG L 211 91.97 -52.59 -45.53
CA ARG L 211 91.03 -53.67 -45.85
C ARG L 211 90.48 -53.47 -47.26
N SER L 212 90.62 -54.49 -48.09
CA SER L 212 90.11 -54.45 -49.45
C SER L 212 89.40 -55.75 -49.78
N ASN L 213 88.37 -55.66 -50.60
CA ASN L 213 87.63 -56.83 -51.06
C ASN L 213 88.10 -57.36 -52.39
N ALA L 214 89.10 -56.72 -53.01
CA ALA L 214 89.61 -57.22 -54.28
C ALA L 214 90.32 -58.56 -54.10
N ILE L 215 91.07 -58.71 -53.02
CA ILE L 215 91.83 -59.92 -52.74
C ILE L 215 90.90 -60.97 -52.12
N ALA L 216 91.36 -62.21 -52.07
CA ALA L 216 90.56 -63.28 -51.49
C ALA L 216 90.34 -63.01 -50.01
N PRO L 217 89.20 -63.43 -49.46
CA PRO L 217 88.86 -63.04 -48.08
C PRO L 217 89.88 -63.48 -47.05
N ASP L 218 90.48 -64.66 -47.20
CA ASP L 218 91.38 -65.20 -46.18
C ASP L 218 92.84 -65.00 -46.53
N LYS L 219 93.17 -63.93 -47.25
CA LYS L 219 94.54 -63.65 -47.64
C LYS L 219 94.92 -62.25 -47.18
N ALA L 220 96.17 -62.08 -46.79
CA ALA L 220 96.75 -60.78 -46.49
C ALA L 220 98.09 -60.69 -47.19
N TYR L 221 98.41 -59.52 -47.70
CA TYR L 221 99.67 -59.31 -48.41
C TYR L 221 100.40 -58.13 -47.80
N LEU L 222 101.68 -58.31 -47.50
CA LEU L 222 102.53 -57.25 -47.00
C LEU L 222 103.64 -57.04 -48.02
N TRP L 223 103.70 -55.84 -48.60
CA TRP L 223 104.67 -55.62 -49.65
C TRP L 223 105.36 -54.28 -49.48
N HIS L 224 106.65 -54.26 -49.79
CA HIS L 224 107.40 -53.02 -49.94
C HIS L 224 106.96 -52.31 -51.21
N ARG L 225 107.12 -50.99 -51.22
CA ARG L 225 106.62 -50.22 -52.35
C ARG L 225 107.28 -50.64 -53.65
N THR L 226 108.56 -51.00 -53.60
CA THR L 226 109.30 -51.35 -54.80
C THR L 226 109.09 -52.79 -55.22
N ALA L 227 108.01 -53.44 -54.80
CA ALA L 227 107.79 -54.83 -55.16
C ALA L 227 106.99 -54.98 -56.44
N PHE L 228 105.91 -54.21 -56.59
CA PHE L 228 105.04 -54.29 -57.74
C PHE L 228 105.13 -53.00 -58.55
N ILE L 229 105.42 -53.13 -59.84
CA ILE L 229 105.53 -52.00 -60.75
C ILE L 229 104.33 -52.01 -61.68
N LEU L 230 103.66 -50.87 -61.80
CA LEU L 230 102.45 -50.74 -62.60
C LEU L 230 102.64 -49.58 -63.56
N ALA L 231 102.36 -49.81 -64.85
CA ALA L 231 102.60 -48.82 -65.89
C ALA L 231 101.33 -48.61 -66.69
N TYR L 232 100.97 -47.35 -66.91
CA TYR L 232 99.79 -46.98 -67.66
C TYR L 232 100.18 -46.08 -68.81
N ARG L 233 99.33 -46.02 -69.82
CA ARG L 233 99.56 -45.12 -70.94
C ARG L 233 98.23 -44.82 -71.62
N THR L 234 98.02 -43.58 -71.96
CA THR L 234 96.77 -43.18 -72.57
C THR L 234 96.90 -43.18 -74.08
N PRO L 235 96.06 -43.91 -74.80
CA PRO L 235 96.16 -43.91 -76.26
C PRO L 235 95.94 -42.51 -76.81
N VAL L 236 96.68 -42.19 -77.87
CA VAL L 236 96.55 -40.90 -78.53
C VAL L 236 95.32 -40.94 -79.43
N VAL L 237 94.49 -39.91 -79.35
CA VAL L 237 93.32 -39.82 -80.21
C VAL L 237 93.83 -39.68 -81.64
N PRO L 238 93.46 -40.58 -82.54
CA PRO L 238 94.02 -40.54 -83.90
C PRO L 238 93.57 -39.29 -84.64
N GLU L 239 94.36 -38.93 -85.64
CA GLU L 239 94.10 -37.71 -86.40
C GLU L 239 92.77 -37.78 -87.11
N GLY L 240 92.43 -38.93 -87.68
CA GLY L 240 91.18 -39.07 -88.38
C GLY L 240 90.03 -39.60 -87.53
N ALA L 241 89.70 -38.88 -86.46
CA ALA L 241 88.62 -39.30 -85.59
C ALA L 241 87.97 -38.09 -84.96
N LYS L 242 86.72 -38.27 -84.52
CA LYS L 242 86.00 -37.21 -83.83
C LYS L 242 86.68 -36.88 -82.52
N ALA L 243 86.82 -35.59 -82.25
CA ALA L 243 87.56 -35.12 -81.09
C ALA L 243 86.82 -35.54 -79.83
N GLY L 244 87.31 -36.61 -79.20
CA GLY L 244 86.72 -37.10 -77.97
C GLY L 244 87.33 -36.45 -76.75
N ALA L 245 86.78 -36.79 -75.60
CA ALA L 245 87.24 -36.27 -74.32
C ALA L 245 88.19 -37.25 -73.65
N SER L 246 88.79 -36.81 -72.56
CA SER L 246 89.68 -37.63 -71.76
C SER L 246 89.09 -37.73 -70.35
N PHE L 247 89.06 -38.95 -69.81
CA PHE L 247 88.44 -39.18 -68.52
C PHE L 247 89.49 -39.67 -67.52
N SER L 248 89.08 -39.79 -66.26
CA SER L 248 89.99 -40.20 -65.20
C SER L 248 89.37 -41.34 -64.41
N ALA L 249 90.21 -42.31 -64.04
CA ALA L 249 89.80 -43.44 -63.20
C ALA L 249 90.91 -43.64 -62.17
N ASN L 250 90.68 -43.12 -60.97
CA ASN L 250 91.61 -43.27 -59.84
C ASN L 250 93.02 -42.82 -60.22
N GLY L 251 93.12 -41.71 -60.95
CA GLY L 251 94.40 -41.19 -61.36
C GLY L 251 94.90 -41.66 -62.70
N VAL L 252 94.23 -42.63 -63.32
CA VAL L 252 94.62 -43.10 -64.64
C VAL L 252 93.86 -42.30 -65.69
N ALA L 253 94.55 -41.92 -66.76
CA ALA L 253 93.93 -41.16 -67.84
C ALA L 253 93.40 -42.11 -68.90
N LEU L 254 92.15 -41.90 -69.29
CA LEU L 254 91.43 -42.80 -70.19
C LEU L 254 91.06 -42.06 -71.46
N ARG L 255 91.30 -42.71 -72.60
CA ARG L 255 90.97 -42.14 -73.90
C ARG L 255 89.54 -42.52 -74.26
N TRP L 256 88.70 -41.52 -74.53
CA TRP L 256 87.32 -41.72 -74.94
C TRP L 256 87.17 -41.36 -76.40
N LEU L 257 86.67 -42.29 -77.19
CA LEU L 257 86.52 -42.11 -78.64
C LEU L 257 85.09 -42.43 -79.04
N ALA L 258 84.58 -41.70 -80.00
CA ALA L 258 83.23 -41.92 -80.50
C ALA L 258 83.26 -41.89 -82.01
N ASP L 259 82.37 -42.68 -82.62
CA ASP L 259 82.33 -42.75 -84.08
C ASP L 259 80.95 -43.23 -84.50
N TYR L 260 80.39 -42.58 -85.52
CA TYR L 260 79.10 -43.00 -86.03
C TYR L 260 79.24 -44.29 -86.82
N ASP L 261 78.11 -44.93 -87.09
CA ASP L 261 78.05 -46.12 -87.94
C ASP L 261 76.83 -45.93 -88.83
N TYR L 262 77.07 -45.38 -90.03
CA TYR L 262 75.99 -45.16 -90.97
C TYR L 262 75.41 -46.47 -91.48
N SER L 263 76.24 -47.50 -91.63
CA SER L 263 75.74 -48.78 -92.09
C SER L 263 74.73 -49.36 -91.11
N GLN L 264 75.03 -49.27 -89.81
CA GLN L 264 74.12 -49.74 -88.77
C GLN L 264 73.31 -48.62 -88.14
N LEU L 265 73.49 -47.38 -88.61
CA LEU L 265 72.70 -46.24 -88.16
C LEU L 265 72.74 -46.10 -86.64
N GLY L 266 73.94 -46.20 -86.09
CA GLY L 266 74.09 -46.13 -84.64
C GLY L 266 75.45 -45.64 -84.23
N ASP L 267 75.51 -45.01 -83.06
CA ASP L 267 76.76 -44.51 -82.53
C ASP L 267 77.53 -45.62 -81.83
N ARG L 268 78.86 -45.50 -81.85
CA ARG L 268 79.74 -46.44 -81.17
C ARG L 268 80.73 -45.65 -80.34
N THR L 269 81.05 -46.16 -79.15
CA THR L 269 81.92 -45.48 -78.21
C THR L 269 82.93 -46.47 -77.64
N LEU L 270 84.12 -45.95 -77.34
CA LEU L 270 85.21 -46.73 -76.78
C LEU L 270 85.87 -45.91 -75.69
N LEU L 271 86.39 -46.60 -74.68
CA LEU L 271 87.07 -45.92 -73.58
C LEU L 271 88.19 -46.83 -73.10
N ASP L 272 89.43 -46.46 -73.40
CA ASP L 272 90.52 -47.43 -73.29
C ASP L 272 91.76 -46.81 -72.65
N VAL L 273 92.70 -47.71 -72.36
CA VAL L 273 93.99 -47.38 -71.77
C VAL L 273 94.89 -48.58 -71.94
N PHE L 274 96.19 -48.33 -72.17
CA PHE L 274 97.17 -49.41 -72.26
C PHE L 274 97.80 -49.60 -70.90
N THR L 275 97.92 -50.85 -70.47
CA THR L 275 98.39 -51.18 -69.12
C THR L 275 99.47 -52.26 -69.19
N GLY L 276 100.32 -52.26 -68.17
CA GLY L 276 101.33 -53.29 -68.02
C GLY L 276 101.75 -53.39 -66.57
N ARG L 277 102.24 -54.56 -66.19
CA ARG L 277 102.57 -54.83 -64.79
C ARG L 277 103.84 -55.66 -64.71
N LYS L 278 104.47 -55.61 -63.54
CA LYS L 278 105.69 -56.37 -63.30
C LYS L 278 105.83 -56.61 -61.81
N VAL L 279 106.42 -57.75 -61.45
CA VAL L 279 106.84 -58.06 -60.09
C VAL L 279 108.36 -58.02 -60.05
N VAL L 280 108.91 -57.32 -59.07
CA VAL L 280 110.35 -57.12 -59.00
C VAL L 280 111.00 -58.29 -58.29
N THR L 281 111.31 -59.34 -59.04
CA THR L 281 111.98 -60.49 -58.44
C THR L 281 113.42 -60.13 -58.10
N GLU L 282 113.98 -60.88 -57.16
CA GLU L 282 115.37 -60.68 -56.80
C GLU L 282 116.28 -61.16 -57.93
N VAL L 283 117.54 -60.75 -57.87
CA VAL L 283 118.50 -61.07 -58.92
C VAL L 283 118.70 -62.57 -59.05
N ASP L 284 118.54 -63.32 -57.95
CA ASP L 284 118.69 -64.76 -57.98
C ASP L 284 117.38 -65.49 -58.27
N GLY L 285 116.37 -64.77 -58.74
CA GLY L 285 115.10 -65.36 -59.10
C GLY L 285 114.10 -65.47 -57.98
N SER L 286 114.49 -65.17 -56.75
CA SER L 286 113.58 -65.28 -55.62
C SER L 286 112.70 -64.05 -55.53
N PHE L 287 111.66 -64.14 -54.70
CA PHE L 287 110.76 -63.04 -54.43
C PHE L 287 110.75 -62.81 -52.92
N VAL L 288 111.30 -61.68 -52.48
CA VAL L 288 111.51 -61.46 -51.06
C VAL L 288 110.88 -60.15 -50.62
N ARG L 289 110.40 -59.37 -51.58
CA ARG L 289 109.87 -58.05 -51.28
C ARG L 289 108.38 -58.05 -50.95
N ALA L 290 107.77 -59.22 -50.82
CA ALA L 290 106.38 -59.30 -50.41
C ALA L 290 106.12 -60.65 -49.76
N VAL L 291 105.22 -60.64 -48.78
CA VAL L 291 104.92 -61.82 -47.97
C VAL L 291 103.42 -62.04 -47.96
N GLU L 292 103.03 -63.30 -48.14
CA GLU L 292 101.64 -63.70 -48.26
C GLU L 292 101.24 -64.48 -47.01
N LEU L 293 100.16 -64.04 -46.37
CA LEU L 293 99.63 -64.68 -45.18
C LEU L 293 98.24 -65.21 -45.49
N GLN L 294 97.91 -66.37 -44.92
CA GLN L 294 96.62 -67.00 -45.16
C GLN L 294 96.07 -67.54 -43.85
N LEU L 295 94.77 -67.38 -43.64
CA LEU L 295 94.14 -67.89 -42.44
C LEU L 295 94.20 -69.40 -42.42
N GLN L 296 94.24 -69.95 -41.22
CA GLN L 296 94.30 -71.39 -41.02
C GLN L 296 92.90 -71.93 -40.73
N ALA L 297 92.50 -72.97 -41.46
CA ALA L 297 91.17 -73.54 -41.36
C ALA L 297 91.23 -74.89 -40.65
N SER L 298 90.28 -75.13 -39.76
CA SER L 298 90.23 -76.36 -38.99
C SER L 298 89.01 -77.22 -39.27
N SER L 299 87.96 -76.68 -39.88
CA SER L 299 86.79 -77.45 -40.22
C SER L 299 86.00 -76.72 -41.30
N ILE L 300 85.11 -77.45 -41.95
CA ILE L 300 84.23 -76.89 -42.97
C ILE L 300 82.82 -77.40 -42.73
N THR L 301 81.84 -76.54 -42.94
CA THR L 301 80.43 -76.89 -42.82
C THR L 301 79.69 -76.45 -44.08
N ILE L 302 78.80 -77.30 -44.56
CA ILE L 302 78.00 -76.99 -45.72
C ILE L 302 76.77 -76.21 -45.27
N VAL L 303 76.50 -75.08 -45.93
CA VAL L 303 75.42 -74.20 -45.50
C VAL L 303 74.09 -74.93 -45.60
N GLY L 304 73.32 -74.90 -44.52
CA GLY L 304 72.02 -75.50 -44.47
C GLY L 304 71.98 -76.92 -43.94
N GLY L 305 73.13 -77.59 -43.84
CA GLY L 305 73.15 -78.94 -43.33
C GLY L 305 72.36 -79.89 -44.21
N ALA L 306 71.72 -80.85 -43.57
CA ALA L 306 70.89 -81.82 -44.29
C ALA L 306 69.71 -81.11 -44.95
N PHE L 307 69.42 -81.51 -46.19
CA PHE L 307 68.30 -80.92 -46.92
C PHE L 307 67.85 -81.88 -48.00
N ALA L 308 66.67 -81.61 -48.54
CA ALA L 308 66.07 -82.43 -49.60
C ALA L 308 65.56 -81.51 -50.70
N LEU L 309 65.70 -81.96 -51.95
CA LEU L 309 65.20 -81.20 -53.08
C LEU L 309 63.68 -81.31 -53.18
N ALA L 310 63.07 -80.26 -53.74
CA ALA L 310 61.63 -80.30 -53.96
C ALA L 310 61.24 -81.37 -54.96
N THR L 311 62.02 -81.50 -56.03
CA THR L 311 61.75 -82.49 -57.08
C THR L 311 63.06 -83.12 -57.51
N THR L 312 62.96 -84.11 -58.39
CA THR L 312 64.15 -84.79 -58.88
C THR L 312 65.04 -83.84 -59.69
N THR L 313 64.43 -83.02 -60.54
CA THR L 313 65.16 -82.13 -61.44
C THR L 313 65.49 -80.79 -60.80
N GLY L 314 65.10 -80.56 -59.55
CA GLY L 314 65.43 -79.32 -58.89
C GLY L 314 66.93 -79.21 -58.61
N THR L 315 67.44 -77.98 -58.66
CA THR L 315 68.85 -77.72 -58.46
C THR L 315 69.02 -76.64 -57.40
N LYS L 316 69.99 -76.85 -56.51
CA LYS L 316 70.32 -75.87 -55.48
C LYS L 316 71.83 -75.78 -55.39
N GLN L 317 72.37 -74.58 -55.62
CA GLN L 317 73.81 -74.39 -55.54
C GLN L 317 74.28 -74.58 -54.11
N LEU L 318 75.33 -75.39 -53.94
CA LEU L 318 75.85 -75.65 -52.61
C LEU L 318 76.73 -74.48 -52.15
N LYS L 319 77.05 -74.47 -50.87
CA LYS L 319 77.97 -73.50 -50.30
C LYS L 319 78.63 -74.09 -49.08
N VAL L 320 79.96 -74.00 -49.02
CA VAL L 320 80.76 -74.54 -47.92
C VAL L 320 81.53 -73.39 -47.30
N ARG L 321 81.50 -73.31 -45.97
CA ARG L 321 82.21 -72.28 -45.23
C ARG L 321 83.12 -72.94 -44.20
N ASP L 322 84.36 -72.49 -44.14
CA ASP L 322 85.27 -73.00 -43.13
C ASP L 322 85.00 -72.33 -41.79
N ASP L 323 85.72 -72.79 -40.76
CA ASP L 323 85.44 -72.32 -39.41
C ASP L 323 85.72 -70.82 -39.27
N ASN L 324 86.68 -70.29 -40.02
CA ASN L 324 86.90 -68.85 -40.02
C ASN L 324 85.77 -68.10 -40.72
N GLY L 325 84.93 -68.80 -41.47
CA GLY L 325 83.81 -68.16 -42.14
C GLY L 325 84.19 -67.55 -43.47
N THR L 326 84.73 -68.35 -44.39
CA THR L 326 85.07 -67.89 -45.72
C THR L 326 84.36 -68.77 -46.75
N ASP L 327 83.85 -68.15 -47.80
CA ASP L 327 83.15 -68.89 -48.85
C ASP L 327 84.18 -69.70 -49.62
N VAL L 328 84.26 -70.99 -49.33
CA VAL L 328 85.31 -71.86 -49.84
C VAL L 328 84.74 -72.89 -50.81
N THR L 329 83.56 -72.62 -51.38
CA THR L 329 82.95 -73.59 -52.29
C THR L 329 83.81 -73.82 -53.52
N ALA L 330 84.39 -72.75 -54.07
CA ALA L 330 85.19 -72.89 -55.28
C ALA L 330 86.47 -73.68 -55.05
N ARG L 331 86.87 -73.89 -53.80
CA ARG L 331 88.10 -74.61 -53.49
C ARG L 331 87.86 -76.00 -52.94
N CYS L 332 86.62 -76.48 -52.95
CA CYS L 332 86.27 -77.79 -52.41
C CYS L 332 85.98 -78.76 -53.55
N THR L 333 86.08 -80.06 -53.23
CA THR L 333 85.74 -81.13 -54.15
C THR L 333 84.54 -81.87 -53.58
N PHE L 334 83.48 -81.97 -54.36
CA PHE L 334 82.26 -82.62 -53.92
C PHE L 334 82.21 -84.05 -54.45
N ALA L 335 81.61 -84.94 -53.65
CA ALA L 335 81.38 -86.31 -54.09
C ALA L 335 80.03 -86.78 -53.55
N SER L 336 79.42 -87.70 -54.28
CA SER L 336 78.12 -88.26 -53.90
C SER L 336 78.28 -89.75 -53.64
N SER L 337 77.75 -90.21 -52.50
CA SER L 337 77.81 -91.63 -52.18
C SER L 337 77.00 -92.46 -53.17
N ALA L 338 75.81 -91.99 -53.52
CA ALA L 338 74.92 -92.70 -54.45
C ALA L 338 74.82 -91.87 -55.72
N GLY L 339 75.75 -92.11 -56.65
CA GLY L 339 75.75 -91.36 -57.90
C GLY L 339 74.54 -91.67 -58.75
N THR L 340 74.11 -92.93 -58.77
CA THR L 340 72.93 -93.33 -59.53
C THR L 340 71.63 -92.81 -58.94
N LYS L 341 71.67 -92.25 -57.73
CA LYS L 341 70.49 -91.72 -57.07
C LYS L 341 70.48 -90.20 -57.01
N ALA L 342 71.60 -89.58 -56.61
CA ALA L 342 71.72 -88.14 -56.56
C ALA L 342 73.14 -87.75 -56.94
N THR L 343 73.26 -86.85 -57.93
CA THR L 343 74.56 -86.43 -58.44
C THR L 343 74.80 -84.96 -58.10
N VAL L 344 76.06 -84.65 -57.78
CA VAL L 344 76.48 -83.29 -57.50
C VAL L 344 77.68 -82.96 -58.36
N SER L 345 77.65 -81.82 -59.03
CA SER L 345 78.74 -81.43 -59.90
C SER L 345 79.94 -81.00 -59.06
N ALA L 346 81.09 -80.85 -59.73
CA ALA L 346 82.28 -80.37 -59.06
C ALA L 346 82.11 -78.94 -58.58
N ALA L 347 81.39 -78.11 -59.34
CA ALA L 347 81.16 -76.73 -58.94
C ALA L 347 80.33 -76.65 -57.66
N GLY L 348 79.33 -77.52 -57.53
CA GLY L 348 78.48 -77.49 -56.36
C GLY L 348 77.01 -77.56 -56.68
N LEU L 349 76.67 -77.82 -57.93
CA LEU L 349 75.28 -78.03 -58.32
C LEU L 349 74.87 -79.46 -58.01
N VAL L 350 73.75 -79.63 -57.31
CA VAL L 350 73.28 -80.94 -56.87
C VAL L 350 71.96 -81.23 -57.56
N THR L 351 71.80 -82.47 -58.01
CA THR L 351 70.56 -82.92 -58.62
C THR L 351 70.37 -84.40 -58.30
N GLY L 352 69.15 -84.76 -57.92
CA GLY L 352 68.85 -86.15 -57.59
C GLY L 352 68.06 -86.85 -58.66
N VAL L 353 68.71 -87.75 -59.41
CA VAL L 353 68.03 -88.42 -60.51
C VAL L 353 67.00 -89.41 -59.99
N ALA L 354 67.34 -90.15 -58.93
CA ALA L 354 66.49 -91.20 -58.41
C ALA L 354 66.11 -90.90 -56.96
N ALA L 355 64.85 -91.19 -56.62
CA ALA L 355 64.37 -90.95 -55.27
C ALA L 355 65.08 -91.85 -54.27
N GLY L 356 65.30 -91.33 -53.06
CA GLY L 356 65.97 -92.09 -52.02
C GLY L 356 66.99 -91.27 -51.25
N THR L 357 67.63 -91.88 -50.27
CA THR L 357 68.60 -91.17 -49.42
C THR L 357 70.01 -91.41 -49.93
N ALA L 358 70.78 -90.33 -50.03
CA ALA L 358 72.17 -90.40 -50.49
C ALA L 358 73.00 -89.44 -49.66
N ASP L 359 74.31 -89.55 -49.81
CA ASP L 359 75.25 -88.69 -49.07
C ASP L 359 76.03 -87.80 -50.03
N ILE L 360 76.34 -86.61 -49.56
CA ILE L 360 77.20 -85.67 -50.27
C ILE L 360 78.31 -85.26 -49.33
N THR L 361 79.55 -85.51 -49.74
CA THR L 361 80.72 -85.18 -48.94
C THR L 361 81.54 -84.12 -49.67
N ALA L 362 81.81 -83.02 -48.99
CA ALA L 362 82.64 -81.95 -49.50
C ALA L 362 83.99 -82.04 -48.82
N SER L 363 85.05 -82.18 -49.61
CA SER L 363 86.41 -82.31 -49.11
C SER L 363 87.17 -81.03 -49.42
N TYR L 364 87.86 -80.50 -48.43
CA TYR L 364 88.64 -79.28 -48.59
C TYR L 364 90.04 -79.51 -48.01
N VAL L 365 91.06 -79.28 -48.84
CA VAL L 365 92.44 -79.36 -48.39
C VAL L 365 92.78 -78.05 -47.70
N PRO L 366 93.16 -78.06 -46.43
CA PRO L 366 93.40 -76.81 -45.71
C PRO L 366 94.64 -76.12 -46.23
N PRO L 367 94.78 -74.81 -45.98
CA PRO L 367 95.99 -74.11 -46.45
C PRO L 367 97.27 -74.69 -45.88
N GLN L 368 97.25 -75.21 -44.65
CA GLN L 368 98.42 -75.88 -44.12
C GLN L 368 98.67 -77.22 -44.78
N GLY L 369 97.67 -77.78 -45.44
CA GLY L 369 97.83 -79.08 -46.08
C GLY L 369 97.35 -80.23 -45.23
N GLY L 370 98.00 -81.38 -45.35
CA GLY L 370 97.65 -82.50 -44.50
C GLY L 370 96.30 -83.10 -44.86
N THR L 371 95.64 -83.65 -43.83
CA THR L 371 94.36 -84.30 -44.03
C THR L 371 93.32 -83.30 -44.51
N ALA L 372 92.42 -83.77 -45.37
CA ALA L 372 91.38 -82.92 -45.94
C ALA L 372 90.15 -82.93 -45.03
N LYS L 373 89.69 -81.74 -44.68
CA LYS L 373 88.47 -81.63 -43.90
C LYS L 373 87.27 -82.07 -44.73
N THR L 374 86.34 -82.78 -44.10
CA THR L 374 85.19 -83.33 -44.79
C THR L 374 83.91 -82.89 -44.11
N ALA L 375 82.96 -82.39 -44.91
CA ALA L 375 81.63 -82.05 -44.42
C ALA L 375 80.62 -82.93 -45.13
N THR L 376 79.77 -83.60 -44.36
CA THR L 376 78.83 -84.57 -44.87
C THR L 376 77.40 -84.08 -44.72
N VAL L 377 76.60 -84.27 -45.77
CA VAL L 377 75.19 -83.92 -45.75
C VAL L 377 74.39 -85.06 -46.36
N THR L 378 73.33 -85.48 -45.67
CA THR L 378 72.42 -86.49 -46.19
C THR L 378 71.30 -85.79 -46.94
N VAL L 379 71.12 -86.15 -48.22
CA VAL L 379 70.10 -85.55 -49.08
C VAL L 379 69.17 -86.65 -49.57
N THR L 380 67.87 -86.44 -49.41
CA THR L 380 66.87 -87.38 -49.87
C THR L 380 66.13 -86.80 -51.06
N VAL L 381 66.09 -87.56 -52.15
CA VAL L 381 65.43 -87.16 -53.39
C VAL L 381 63.99 -87.66 -53.38
N PRO L 382 63.00 -86.78 -53.61
CA PRO L 382 61.59 -87.18 -53.70
C PRO L 382 61.29 -87.91 -55.00
N ILE M 14 43.52 -46.26 -7.42
CA ILE M 14 44.31 -47.47 -7.43
C ILE M 14 44.07 -48.25 -8.72
N GLY M 15 45.05 -48.23 -9.61
CA GLY M 15 44.90 -48.93 -10.88
C GLY M 15 46.19 -49.45 -11.44
N VAL M 16 46.24 -50.74 -11.76
CA VAL M 16 47.40 -51.38 -12.36
C VAL M 16 47.06 -51.76 -13.79
N LYS M 17 47.98 -51.47 -14.70
CA LYS M 17 47.77 -51.75 -16.11
C LYS M 17 48.25 -53.15 -16.46
N GLN M 18 47.63 -53.75 -17.47
CA GLN M 18 48.10 -55.02 -17.99
C GLN M 18 49.43 -54.84 -18.69
N LEU M 19 50.28 -55.85 -18.58
CA LEU M 19 51.63 -55.77 -19.10
C LEU M 19 51.61 -55.94 -20.62
N GLN M 20 52.18 -54.97 -21.33
CA GLN M 20 52.17 -55.00 -22.78
C GLN M 20 53.55 -54.60 -23.30
N ARG M 21 53.81 -55.00 -24.54
CA ARG M 21 55.12 -54.85 -25.16
C ARG M 21 55.49 -53.38 -25.31
N GLU M 22 56.72 -53.15 -25.75
CA GLU M 22 57.24 -51.82 -26.03
C GLU M 22 57.49 -51.69 -27.53
N ILE M 23 57.10 -50.55 -28.10
CA ILE M 23 57.14 -50.35 -29.54
C ILE M 23 58.50 -49.78 -29.94
N VAL M 24 59.25 -50.56 -30.71
CA VAL M 24 60.54 -50.11 -31.23
C VAL M 24 60.60 -50.24 -32.75
N LEU M 25 60.09 -51.35 -33.27
CA LEU M 25 60.30 -51.67 -34.68
C LEU M 25 59.81 -50.62 -35.67
N PRO M 26 58.62 -50.01 -35.51
CA PRO M 26 58.14 -49.09 -36.57
C PRO M 26 59.09 -47.96 -36.90
N GLY M 27 59.85 -47.46 -35.93
CA GLY M 27 60.78 -46.40 -36.25
C GLY M 27 62.10 -46.84 -36.84
N LEU M 28 62.36 -48.14 -36.92
CA LEU M 28 63.65 -48.65 -37.33
C LEU M 28 63.65 -49.25 -38.73
N VAL M 29 62.61 -49.03 -39.52
CA VAL M 29 62.54 -49.56 -40.87
C VAL M 29 62.28 -48.43 -41.85
N TRP M 30 62.68 -48.66 -43.09
CA TRP M 30 62.47 -47.69 -44.16
C TRP M 30 60.98 -47.60 -44.44
N THR M 31 60.36 -46.51 -44.01
CA THR M 31 58.91 -46.35 -44.12
C THR M 31 58.58 -45.28 -45.14
N ASN M 32 57.60 -45.57 -45.99
CA ASN M 32 57.12 -44.65 -47.01
C ASN M 32 58.22 -43.96 -47.82
N PRO M 33 59.02 -44.71 -48.57
CA PRO M 33 59.80 -44.08 -49.64
C PRO M 33 59.01 -43.92 -50.93
N LEU M 34 57.87 -44.60 -51.03
CA LEU M 34 56.96 -44.52 -52.16
C LEU M 34 55.58 -44.22 -51.62
N THR M 35 54.90 -43.22 -52.20
CA THR M 35 53.63 -42.80 -51.63
C THR M 35 52.58 -42.50 -52.69
N ASP M 36 52.69 -43.12 -53.86
CA ASP M 36 51.72 -42.92 -54.93
C ASP M 36 51.26 -44.26 -55.48
N PHE M 37 50.91 -45.17 -54.57
CA PHE M 37 50.39 -46.47 -55.01
C PHE M 37 49.03 -46.34 -55.65
N GLY M 38 48.32 -45.23 -55.43
CA GLY M 38 47.05 -45.02 -56.07
C GLY M 38 47.15 -44.64 -57.53
N GLY M 39 48.35 -44.30 -58.00
CA GLY M 39 48.57 -43.91 -59.37
C GLY M 39 49.18 -44.95 -60.27
N SER M 40 49.22 -46.21 -59.88
CA SER M 40 49.87 -47.24 -60.66
C SER M 40 48.97 -48.46 -60.80
N LYS M 41 49.16 -49.20 -61.88
CA LYS M 41 48.38 -50.41 -62.10
C LYS M 41 48.73 -51.46 -61.06
N ASN M 42 47.69 -52.14 -60.55
CA ASN M 42 47.82 -53.17 -59.54
C ASN M 42 48.42 -52.64 -58.24
N ASP M 43 48.34 -51.32 -58.03
CA ASP M 43 48.86 -50.69 -56.82
C ASP M 43 50.33 -51.01 -56.62
N THR M 44 51.06 -51.09 -57.72
CA THR M 44 52.45 -51.54 -57.72
C THR M 44 53.33 -50.45 -58.30
N ILE M 45 54.26 -49.96 -57.51
CA ILE M 45 55.29 -49.05 -57.99
C ILE M 45 56.48 -49.88 -58.42
N THR M 46 56.98 -49.62 -59.63
CA THR M 46 58.12 -50.36 -60.18
C THR M 46 59.38 -49.56 -59.91
N VAL M 47 60.10 -49.92 -58.85
CA VAL M 47 61.38 -49.30 -58.53
C VAL M 47 62.42 -49.81 -59.51
N ARG M 48 63.17 -48.89 -60.12
CA ARG M 48 64.21 -49.26 -61.05
C ARG M 48 65.57 -49.20 -60.36
N VAL M 49 66.41 -50.17 -60.68
CA VAL M 49 67.77 -50.28 -60.16
C VAL M 49 68.73 -49.97 -61.30
N PRO M 50 69.55 -48.92 -61.17
CA PRO M 50 70.42 -48.51 -62.27
C PRO M 50 71.35 -49.63 -62.72
N ALA M 51 71.92 -49.44 -63.90
CA ALA M 51 72.69 -50.47 -64.57
C ALA M 51 74.18 -50.29 -64.34
N ILE M 52 74.87 -51.39 -64.11
CA ILE M 52 76.32 -51.43 -64.10
C ILE M 52 76.77 -52.28 -65.28
N THR M 53 77.98 -52.01 -65.76
CA THR M 53 78.49 -52.66 -66.95
C THR M 53 79.84 -53.30 -66.65
N THR M 54 80.42 -53.93 -67.67
CA THR M 54 81.68 -54.64 -67.54
C THR M 54 82.64 -54.18 -68.62
N ALA M 55 83.92 -54.29 -68.33
CA ALA M 55 84.98 -53.96 -69.26
C ALA M 55 85.66 -55.23 -69.74
N ASN M 56 86.44 -55.09 -70.81
CA ASN M 56 87.16 -56.21 -71.39
C ASN M 56 88.60 -55.83 -71.64
N ARG M 57 89.46 -56.84 -71.72
CA ARG M 57 90.89 -56.62 -71.91
C ARG M 57 91.33 -57.26 -73.22
N ARG M 58 91.95 -56.47 -74.08
CA ARG M 58 92.53 -56.96 -75.32
C ARG M 58 94.01 -57.25 -75.08
N ASP M 59 94.75 -57.46 -76.16
CA ASP M 59 96.20 -57.61 -76.08
C ASP M 59 96.81 -56.63 -77.07
N LEU M 60 97.87 -55.94 -76.65
CA LEU M 60 98.48 -54.93 -77.51
C LEU M 60 99.05 -55.58 -78.77
N ARG M 61 98.92 -54.87 -79.89
CA ARG M 61 99.46 -55.30 -81.18
C ARG M 61 98.88 -56.64 -81.63
N ASP M 62 97.68 -56.95 -81.18
CA ASP M 62 97.03 -58.18 -81.61
C ASP M 62 96.57 -58.06 -83.05
N PRO M 63 96.82 -59.06 -83.89
CA PRO M 63 96.24 -59.02 -85.24
C PRO M 63 94.73 -58.94 -85.25
N ASP M 64 94.08 -59.59 -84.29
CA ASP M 64 92.62 -59.52 -84.18
C ASP M 64 92.24 -58.19 -83.54
N ARG M 65 91.52 -57.37 -84.28
CA ARG M 65 91.26 -56.00 -83.82
C ARG M 65 89.76 -55.76 -83.66
N THR M 66 89.05 -56.70 -83.04
CA THR M 66 87.64 -56.54 -82.74
C THR M 66 87.44 -56.37 -81.24
N VAL M 67 86.36 -55.69 -80.87
CA VAL M 67 86.06 -55.40 -79.47
C VAL M 67 84.76 -56.08 -79.10
N ILE M 68 84.60 -56.34 -77.81
CA ILE M 68 83.39 -56.95 -77.26
C ILE M 68 82.54 -55.83 -76.65
N ALA M 69 81.36 -55.63 -77.20
CA ALA M 69 80.49 -54.56 -76.74
C ALA M 69 79.78 -54.98 -75.46
N SER M 70 79.89 -54.15 -74.42
CA SER M 70 79.24 -54.41 -73.15
C SER M 70 77.76 -54.06 -73.25
N GLU M 71 77.05 -54.25 -72.13
CA GLU M 71 75.61 -54.02 -72.09
C GLU M 71 75.25 -53.17 -70.89
N LEU M 72 74.17 -52.40 -71.03
CA LEU M 72 73.66 -51.53 -69.97
C LEU M 72 72.21 -51.93 -69.71
N VAL M 73 72.01 -52.91 -68.84
CA VAL M 73 70.68 -53.43 -68.54
C VAL M 73 70.26 -52.93 -67.17
N GLU M 74 69.23 -52.09 -67.14
CA GLU M 74 68.64 -51.65 -65.88
C GLU M 74 67.70 -52.72 -65.35
N HIS M 75 67.59 -52.83 -64.03
CA HIS M 75 66.73 -53.84 -63.44
C HIS M 75 65.56 -53.16 -62.74
N SER M 76 64.65 -53.97 -62.21
CA SER M 76 63.50 -53.38 -61.54
C SER M 76 62.88 -54.41 -60.61
N PHE M 77 62.10 -53.90 -59.66
CA PHE M 77 61.32 -54.75 -58.77
C PHE M 77 60.11 -53.97 -58.30
N GLY M 78 59.05 -54.69 -57.95
CA GLY M 78 57.78 -54.08 -57.61
C GLY M 78 57.54 -53.97 -56.12
N VAL M 79 56.88 -52.88 -55.73
CA VAL M 79 56.41 -52.68 -54.36
C VAL M 79 54.90 -52.51 -54.42
N THR M 80 54.18 -53.30 -53.62
CA THR M 80 52.74 -53.38 -53.74
C THR M 80 52.07 -53.23 -52.38
N LEU M 81 50.96 -52.50 -52.34
CA LEU M 81 50.08 -52.50 -51.18
C LEU M 81 49.23 -53.75 -51.23
N ASP M 82 49.29 -54.57 -50.18
CA ASP M 82 48.61 -55.85 -50.20
C ASP M 82 47.83 -56.19 -48.95
N LYS M 83 48.01 -55.47 -47.84
CA LYS M 83 47.32 -55.78 -46.60
C LYS M 83 46.53 -54.58 -46.13
N HIS M 84 45.55 -54.87 -45.26
CA HIS M 84 44.63 -53.87 -44.73
C HIS M 84 44.47 -54.16 -43.24
N VAL M 85 45.24 -53.47 -42.41
CA VAL M 85 45.24 -53.73 -40.98
C VAL M 85 44.12 -52.90 -40.35
N TYR M 86 43.23 -53.57 -39.63
CA TYR M 86 42.07 -52.93 -39.04
C TYR M 86 41.79 -53.47 -37.66
N ALA M 87 41.17 -52.64 -36.84
CA ALA M 87 40.61 -53.04 -35.56
C ALA M 87 39.16 -52.58 -35.54
N ALA M 88 38.23 -53.52 -35.40
CA ALA M 88 36.81 -53.25 -35.50
C ALA M 88 36.15 -53.52 -34.16
N LEU M 89 35.30 -52.59 -33.72
CA LEU M 89 34.57 -52.72 -32.47
C LEU M 89 33.08 -52.62 -32.72
N LYS M 90 32.34 -53.55 -32.11
CA LYS M 90 30.88 -53.60 -32.21
C LYS M 90 30.29 -53.15 -30.87
N PHE M 91 29.36 -52.19 -30.93
CA PHE M 91 28.67 -51.69 -29.75
C PHE M 91 27.17 -51.95 -29.94
N THR M 92 26.71 -53.12 -29.53
CA THR M 92 25.28 -53.37 -29.50
C THR M 92 24.68 -52.58 -28.35
N ASP M 93 24.24 -51.35 -28.63
CA ASP M 93 24.00 -50.37 -27.58
C ASP M 93 25.25 -50.30 -26.71
N GLU M 94 25.13 -50.69 -25.46
CA GLU M 94 26.27 -50.86 -24.55
C GLU M 94 27.15 -49.62 -24.54
N GLN M 95 26.58 -48.50 -24.12
CA GLN M 95 27.29 -47.23 -24.10
C GLN M 95 26.71 -46.37 -22.98
N ARG M 96 27.28 -45.17 -22.83
CA ARG M 96 26.84 -44.23 -21.81
C ARG M 96 27.00 -44.83 -20.41
N THR M 97 25.93 -45.39 -19.87
CA THR M 97 25.96 -45.98 -18.53
C THR M 97 26.22 -47.48 -18.55
N LEU M 98 25.69 -48.21 -19.53
CA LEU M 98 25.92 -49.64 -19.58
C LEU M 98 27.38 -49.99 -19.80
N ASP M 99 28.16 -49.07 -20.36
CA ASP M 99 29.56 -49.28 -20.68
C ASP M 99 30.28 -47.94 -20.57
N ILE M 100 31.41 -47.83 -21.29
CA ILE M 100 32.41 -46.78 -21.16
C ILE M 100 31.80 -45.41 -20.91
N ARG M 101 32.27 -44.73 -19.86
CA ARG M 101 31.81 -43.38 -19.57
C ARG M 101 32.59 -42.36 -20.39
N ASP M 102 33.91 -42.52 -20.49
CA ASP M 102 34.76 -41.63 -21.28
C ASP M 102 35.21 -42.38 -22.52
N TYR M 103 34.61 -42.04 -23.66
CA TYR M 103 34.92 -42.69 -24.93
C TYR M 103 36.18 -42.12 -25.55
N THR M 104 37.23 -41.97 -24.75
CA THR M 104 38.52 -41.55 -25.27
C THR M 104 39.70 -42.34 -24.72
N LYS M 105 39.57 -42.97 -23.56
CA LYS M 105 40.66 -43.71 -22.94
C LYS M 105 40.36 -45.18 -22.75
N GLN M 106 39.10 -45.59 -22.78
CA GLN M 106 38.75 -47.00 -22.63
C GLN M 106 38.31 -47.64 -23.93
N VAL M 107 38.26 -46.90 -25.03
CA VAL M 107 37.93 -47.49 -26.32
C VAL M 107 38.90 -47.04 -27.42
N LEU M 108 39.13 -45.74 -27.56
CA LEU M 108 40.03 -45.26 -28.60
C LEU M 108 41.47 -45.66 -28.31
N MET M 109 41.94 -45.43 -27.10
CA MET M 109 43.33 -45.79 -26.78
C MET M 109 43.59 -47.29 -26.92
N PRO M 110 42.76 -48.19 -26.39
CA PRO M 110 43.00 -49.62 -26.66
C PRO M 110 42.99 -49.97 -28.13
N GLN M 111 42.09 -49.35 -28.91
CA GLN M 111 42.02 -49.66 -30.33
C GLN M 111 43.28 -49.21 -31.06
N VAL M 112 43.74 -47.99 -30.77
CA VAL M 112 44.96 -47.49 -31.40
C VAL M 112 46.15 -48.34 -30.98
N SER M 113 46.21 -48.74 -29.72
CA SER M 113 47.31 -49.58 -29.28
C SER M 113 47.27 -50.93 -29.96
N ALA M 114 46.08 -51.49 -30.17
CA ALA M 114 45.96 -52.77 -30.86
C ALA M 114 46.46 -52.66 -32.29
N VAL M 115 46.07 -51.60 -32.99
CA VAL M 115 46.54 -51.42 -34.37
C VAL M 115 48.06 -51.22 -34.39
N ALA M 116 48.59 -50.47 -33.42
CA ALA M 116 50.03 -50.26 -33.38
C ALA M 116 50.77 -51.57 -33.15
N TYR M 117 50.27 -52.41 -32.25
CA TYR M 117 50.91 -53.70 -32.03
C TYR M 117 50.79 -54.59 -33.25
N GLU M 118 49.66 -54.51 -33.97
CA GLU M 118 49.53 -55.29 -35.19
C GLU M 118 50.52 -54.85 -36.24
N LEU M 119 50.74 -53.54 -36.37
CA LEU M 119 51.75 -53.05 -37.31
C LEU M 119 53.14 -53.51 -36.90
N GLU M 120 53.44 -53.48 -35.60
CA GLU M 120 54.74 -53.95 -35.15
C GLU M 120 54.92 -55.44 -35.46
N ASP M 121 53.86 -56.24 -35.26
CA ASP M 121 53.94 -57.65 -35.62
C ASP M 121 54.09 -57.84 -37.12
N TYR M 122 53.47 -56.97 -37.91
CA TYR M 122 53.63 -57.03 -39.36
C TYR M 122 55.09 -56.81 -39.74
N ILE M 123 55.72 -55.78 -39.17
CA ILE M 123 57.12 -55.53 -39.45
C ILE M 123 57.99 -56.66 -38.93
N ALA M 124 57.66 -57.21 -37.76
CA ALA M 124 58.45 -58.30 -37.19
C ALA M 124 58.39 -59.54 -38.05
N GLU M 125 57.21 -59.88 -38.56
CA GLU M 125 57.10 -61.02 -39.47
C GLU M 125 57.73 -60.73 -40.82
N LEU M 126 57.82 -59.46 -41.21
CA LEU M 126 58.60 -59.11 -42.39
C LEU M 126 60.08 -59.41 -42.17
N ILE M 127 60.61 -58.97 -41.03
CA ILE M 127 62.04 -59.10 -40.78
C ILE M 127 62.42 -60.56 -40.53
N GLU M 128 61.65 -61.27 -39.73
CA GLU M 128 61.96 -62.67 -39.45
C GLU M 128 61.73 -63.55 -40.66
N GLY M 129 60.76 -63.22 -41.49
CA GLY M 129 60.41 -64.04 -42.63
C GLY M 129 61.23 -63.82 -43.87
N ALA M 130 62.25 -62.98 -43.80
CA ALA M 130 63.08 -62.73 -44.96
C ALA M 130 63.86 -63.99 -45.34
N PRO M 131 64.23 -64.15 -46.61
CA PRO M 131 64.93 -65.37 -47.03
C PRO M 131 66.40 -65.38 -46.62
N TYR M 132 66.64 -65.47 -45.32
CA TYR M 132 68.01 -65.57 -44.82
C TYR M 132 68.58 -66.92 -45.21
N GLU M 133 69.63 -66.92 -46.02
CA GLU M 133 70.22 -68.17 -46.48
C GLU M 133 71.01 -68.86 -45.38
N GLU M 134 71.48 -68.12 -44.39
CA GLU M 134 72.35 -68.67 -43.36
C GLU M 134 72.06 -68.00 -42.02
N THR M 135 72.14 -68.79 -40.96
CA THR M 135 71.97 -68.31 -39.60
C THR M 135 73.31 -68.36 -38.89
N ILE M 136 73.67 -67.28 -38.22
CA ILE M 136 74.94 -67.17 -37.52
C ILE M 136 74.71 -67.55 -36.06
N LEU M 137 75.41 -68.57 -35.60
CA LEU M 137 75.23 -69.05 -34.23
C LEU M 137 76.02 -68.21 -33.25
N ILE M 138 75.39 -67.89 -32.13
CA ILE M 138 76.00 -67.10 -31.08
C ILE M 138 76.34 -68.03 -29.92
N ASP M 139 77.62 -68.22 -29.66
CA ASP M 139 78.04 -69.02 -28.52
C ASP M 139 77.81 -68.22 -27.24
N PRO M 140 77.03 -68.70 -26.28
CA PRO M 140 76.78 -67.91 -25.08
C PRO M 140 78.03 -67.63 -24.27
N ALA M 141 79.06 -68.47 -24.37
CA ALA M 141 80.29 -68.23 -23.62
C ALA M 141 81.02 -66.99 -24.16
N ASP M 142 81.15 -66.88 -25.47
CA ASP M 142 81.76 -65.71 -26.10
C ASP M 142 80.86 -65.29 -27.26
N THR M 143 80.15 -64.19 -27.08
CA THR M 143 79.15 -63.77 -28.05
C THR M 143 79.70 -62.82 -29.11
N VAL M 144 80.82 -62.17 -28.85
CA VAL M 144 81.34 -61.18 -29.79
C VAL M 144 81.71 -61.77 -31.14
N PRO M 145 82.36 -62.94 -31.24
CA PRO M 145 82.68 -63.48 -32.57
C PRO M 145 81.48 -63.61 -33.48
N ALA M 146 80.31 -63.97 -32.94
CA ALA M 146 79.12 -64.05 -33.78
C ALA M 146 78.77 -62.69 -34.38
N PHE M 147 78.83 -61.64 -33.59
CA PHE M 147 78.47 -60.32 -34.10
C PHE M 147 79.52 -59.79 -35.06
N ILE M 148 80.79 -60.09 -34.82
CA ILE M 148 81.83 -59.68 -35.76
C ILE M 148 81.66 -60.43 -37.08
N THR M 149 81.29 -61.71 -37.02
CA THR M 149 80.99 -62.44 -38.24
C THR M 149 79.79 -61.83 -38.96
N ALA M 150 78.78 -61.41 -38.21
CA ALA M 150 77.62 -60.76 -38.83
C ALA M 150 78.04 -59.48 -39.53
N ASP M 151 78.90 -58.70 -38.90
CA ASP M 151 79.43 -57.49 -39.55
C ASP M 151 80.23 -57.85 -40.79
N GLN M 152 81.00 -58.93 -40.73
CA GLN M 152 81.81 -59.34 -41.88
C GLN M 152 80.92 -59.75 -43.06
N ARG M 153 79.82 -60.47 -42.79
CA ARG M 153 78.99 -60.97 -43.88
C ARG M 153 78.37 -59.84 -44.67
N MET M 154 78.15 -58.69 -44.03
CA MET M 154 77.66 -57.51 -44.74
C MET M 154 78.79 -56.65 -45.28
N GLY M 155 80.04 -57.07 -45.10
CA GLY M 155 81.15 -56.39 -45.72
C GLY M 155 81.56 -57.11 -46.99
N GLU M 156 81.29 -58.40 -47.04
CA GLU M 156 81.56 -59.19 -48.26
C GLU M 156 80.55 -58.91 -49.35
N ALA M 157 79.38 -58.38 -49.00
CA ALA M 157 78.38 -57.99 -49.98
C ALA M 157 78.45 -56.51 -50.31
N ASN M 158 79.44 -55.80 -49.80
CA ASN M 158 79.66 -54.39 -50.08
C ASN M 158 78.48 -53.53 -49.62
N VAL M 159 77.81 -53.94 -48.56
CA VAL M 159 76.73 -53.14 -47.99
C VAL M 159 77.32 -51.91 -47.30
N PRO M 160 76.76 -50.72 -47.50
CA PRO M 160 77.28 -49.54 -46.82
C PRO M 160 77.21 -49.69 -45.31
N THR M 161 78.14 -49.04 -44.62
CA THR M 161 78.19 -49.08 -43.16
C THR M 161 77.29 -48.05 -42.51
N ASP M 162 76.61 -47.22 -43.28
CA ASP M 162 75.76 -46.17 -42.73
C ASP M 162 74.34 -46.68 -42.53
N SER M 163 73.68 -46.14 -41.51
CA SER M 163 72.27 -46.42 -41.24
C SER M 163 72.00 -47.91 -41.18
N ARG M 164 72.78 -48.60 -40.37
CA ARG M 164 72.67 -50.04 -40.19
C ARG M 164 72.13 -50.33 -38.80
N ARG M 165 71.06 -51.10 -38.72
CA ARG M 165 70.33 -51.32 -37.48
C ARG M 165 70.55 -52.73 -36.96
N LEU M 166 70.59 -52.87 -35.64
CA LEU M 166 70.73 -54.17 -34.99
C LEU M 166 69.71 -54.28 -33.86
N VAL M 167 68.80 -55.23 -34.00
CA VAL M 167 67.75 -55.48 -33.03
C VAL M 167 67.93 -56.87 -32.45
N VAL M 168 68.06 -56.95 -31.14
CA VAL M 168 68.28 -58.23 -30.47
C VAL M 168 67.04 -58.60 -29.67
N GLY M 169 66.88 -59.89 -29.44
CA GLY M 169 65.78 -60.38 -28.64
C GLY M 169 66.02 -60.16 -27.17
N SER M 170 65.03 -60.56 -26.37
CA SER M 170 65.17 -60.42 -24.93
C SER M 170 66.22 -61.36 -24.35
N ALA M 171 66.50 -62.47 -25.02
CA ALA M 171 67.48 -63.42 -24.53
C ALA M 171 68.89 -63.12 -25.01
N VAL M 172 69.05 -62.59 -26.22
CA VAL M 172 70.38 -62.23 -26.70
C VAL M 172 70.94 -61.10 -25.87
N ALA M 173 70.10 -60.13 -25.48
CA ALA M 173 70.58 -59.05 -24.62
C ALA M 173 71.05 -59.59 -23.27
N ALA M 174 70.30 -60.52 -22.69
CA ALA M 174 70.71 -61.13 -21.43
C ALA M 174 72.02 -61.89 -21.60
N ALA M 175 72.17 -62.63 -22.69
CA ALA M 175 73.41 -63.35 -22.93
C ALA M 175 74.58 -62.40 -23.10
N LEU M 176 74.37 -61.27 -23.77
CA LEU M 176 75.40 -60.26 -23.91
C LEU M 176 75.81 -59.73 -22.55
N ALA M 177 74.84 -59.41 -21.70
CA ALA M 177 75.17 -58.91 -20.37
C ALA M 177 75.87 -59.97 -19.54
N LYS M 178 75.54 -61.24 -19.73
CA LYS M 178 76.16 -62.32 -18.99
C LYS M 178 77.51 -62.73 -19.57
N ASP M 179 77.86 -62.26 -20.76
CA ASP M 179 79.15 -62.60 -21.36
C ASP M 179 80.27 -62.00 -20.53
N LYS M 180 81.30 -62.81 -20.26
CA LYS M 180 82.43 -62.31 -19.50
C LYS M 180 83.20 -61.24 -20.26
N GLN M 181 82.99 -61.13 -21.57
CA GLN M 181 83.65 -60.06 -22.33
C GLN M 181 83.13 -58.70 -21.91
N PHE M 182 81.86 -58.60 -21.56
CA PHE M 182 81.28 -57.34 -21.13
C PHE M 182 81.16 -57.22 -19.63
N ARG M 183 81.01 -58.35 -18.93
CA ARG M 183 80.80 -58.31 -17.49
C ARG M 183 82.08 -57.99 -16.74
N HIS M 184 83.20 -58.58 -17.14
CA HIS M 184 84.48 -58.30 -16.49
C HIS M 184 85.04 -56.99 -17.04
N ALA M 185 85.31 -56.04 -16.15
CA ALA M 185 85.73 -54.72 -16.59
C ALA M 185 87.09 -54.73 -17.25
N ASP M 186 88.01 -55.59 -16.81
CA ASP M 186 89.32 -55.63 -17.44
C ASP M 186 89.20 -56.06 -18.90
N TRP M 187 88.42 -57.12 -19.17
CA TRP M 187 88.28 -57.64 -20.52
C TRP M 187 87.54 -56.70 -21.46
N SER M 188 86.86 -55.68 -20.95
CA SER M 188 86.16 -54.75 -21.83
C SER M 188 86.70 -53.34 -21.79
N GLY M 189 87.54 -53.00 -20.83
CA GLY M 189 88.05 -51.64 -20.73
C GLY M 189 87.08 -50.63 -20.20
N ASP M 190 85.86 -51.04 -19.87
CA ASP M 190 84.84 -50.13 -19.34
C ASP M 190 84.95 -50.14 -17.83
N GLN M 191 85.71 -49.19 -17.29
CA GLN M 191 85.91 -49.17 -15.85
C GLN M 191 84.72 -48.51 -15.17
N ALA M 192 83.53 -48.90 -15.59
CA ALA M 192 82.29 -48.60 -14.89
C ALA M 192 81.35 -49.79 -14.88
N ASN M 193 81.61 -50.81 -15.70
CA ASN M 193 80.78 -52.00 -15.80
C ASN M 193 79.32 -51.64 -16.01
N ALA M 194 79.07 -51.01 -17.16
CA ALA M 194 77.70 -50.79 -17.57
C ALA M 194 76.96 -52.10 -17.77
N ALA M 195 77.67 -53.20 -17.94
CA ALA M 195 77.08 -54.52 -18.05
C ALA M 195 76.98 -55.25 -16.72
N LEU M 196 77.46 -54.65 -15.63
CA LEU M 196 77.34 -55.23 -14.30
C LEU M 196 76.50 -54.36 -13.38
N ARG M 197 76.84 -53.08 -13.26
CA ARG M 197 76.01 -52.16 -12.49
C ARG M 197 74.63 -52.04 -13.11
N GLU M 198 74.57 -51.87 -14.42
CA GLU M 198 73.35 -52.02 -15.19
C GLU M 198 73.41 -53.32 -15.97
N ALA M 199 72.26 -53.80 -16.41
CA ALA M 199 72.21 -54.99 -17.24
C ALA M 199 72.29 -54.65 -18.72
N HIS M 200 72.77 -53.46 -19.05
CA HIS M 200 72.66 -52.91 -20.39
C HIS M 200 74.03 -52.85 -21.05
N VAL M 201 74.13 -53.46 -22.22
CA VAL M 201 75.29 -53.32 -23.10
C VAL M 201 74.82 -52.60 -24.35
N GLY M 202 75.46 -51.48 -24.67
CA GLY M 202 74.96 -50.62 -25.71
C GLY M 202 75.52 -50.86 -27.09
N ARG M 203 76.84 -50.87 -27.21
CA ARG M 203 77.52 -50.90 -28.49
C ARG M 203 78.49 -52.06 -28.53
N LEU M 204 78.45 -52.84 -29.61
CA LEU M 204 79.45 -53.87 -29.84
C LEU M 204 79.60 -54.06 -31.34
N ALA M 205 80.84 -54.30 -31.77
CA ALA M 205 81.15 -54.52 -33.19
C ALA M 205 80.63 -53.38 -34.06
N GLY M 206 80.58 -52.18 -33.51
CA GLY M 206 80.15 -51.01 -34.24
C GLY M 206 78.66 -50.85 -34.36
N MET M 207 77.87 -51.77 -33.83
CA MET M 207 76.42 -51.75 -33.98
C MET M 207 75.76 -51.40 -32.66
N ASN M 208 74.82 -50.47 -32.69
CA ASN M 208 74.05 -50.09 -31.52
C ASN M 208 72.94 -51.12 -31.30
N VAL M 209 72.91 -51.69 -30.10
CA VAL M 209 71.91 -52.70 -29.76
C VAL M 209 70.58 -52.01 -29.50
N ILE M 210 69.52 -52.51 -30.11
CA ILE M 210 68.16 -52.14 -29.73
C ILE M 210 67.46 -53.40 -29.23
N ARG M 211 66.99 -53.34 -27.99
CA ARG M 211 66.26 -54.47 -27.41
C ARG M 211 64.83 -54.47 -27.90
N SER M 212 64.30 -55.66 -28.15
CA SER M 212 62.92 -55.78 -28.59
C SER M 212 62.35 -57.13 -28.18
N ASN M 213 61.04 -57.16 -27.95
CA ASN M 213 60.34 -58.39 -27.65
C ASN M 213 59.48 -58.87 -28.80
N ALA M 214 59.24 -58.03 -29.81
CA ALA M 214 58.43 -58.46 -30.95
C ALA M 214 59.08 -59.61 -31.70
N ILE M 215 60.40 -59.54 -31.88
CA ILE M 215 61.13 -60.61 -32.55
C ILE M 215 61.29 -61.78 -31.60
N ALA M 216 61.74 -62.92 -32.12
CA ALA M 216 61.88 -64.11 -31.29
C ALA M 216 62.87 -63.84 -30.16
N PRO M 217 62.65 -64.42 -28.98
CA PRO M 217 63.48 -64.05 -27.82
C PRO M 217 64.96 -64.32 -28.02
N ASP M 218 65.32 -65.39 -28.72
CA ASP M 218 66.71 -65.81 -28.85
C ASP M 218 67.27 -65.55 -30.24
N LYS M 219 66.88 -64.44 -30.86
CA LYS M 219 67.35 -64.11 -32.19
C LYS M 219 67.73 -62.64 -32.25
N ALA M 220 68.66 -62.33 -33.15
CA ALA M 220 69.07 -60.97 -33.42
C ALA M 220 69.12 -60.76 -34.92
N TYR M 221 68.83 -59.54 -35.36
CA TYR M 221 68.77 -59.21 -36.76
C TYR M 221 69.56 -57.93 -37.02
N LEU M 222 70.35 -57.96 -38.09
CA LEU M 222 71.14 -56.80 -38.49
C LEU M 222 70.80 -56.48 -39.93
N TRP M 223 70.37 -55.25 -40.18
CA TRP M 223 69.93 -54.92 -41.53
C TRP M 223 70.30 -53.49 -41.89
N HIS M 224 70.69 -53.30 -43.14
CA HIS M 224 70.87 -51.97 -43.68
C HIS M 224 69.51 -51.29 -43.85
N ARG M 225 69.53 -49.97 -43.95
CA ARG M 225 68.28 -49.24 -44.11
C ARG M 225 67.56 -49.66 -45.38
N THR M 226 68.31 -49.82 -46.47
CA THR M 226 67.73 -50.18 -47.77
C THR M 226 67.64 -51.69 -47.92
N ALA M 227 66.97 -52.33 -46.96
CA ALA M 227 66.78 -53.76 -46.99
C ALA M 227 65.36 -54.21 -46.72
N PHE M 228 64.51 -53.35 -46.16
CA PHE M 228 63.11 -53.70 -45.89
C PHE M 228 62.29 -52.44 -46.18
N ILE M 229 61.76 -52.35 -47.40
CA ILE M 229 60.89 -51.24 -47.74
C ILE M 229 59.51 -51.51 -47.18
N LEU M 230 58.89 -50.49 -46.61
CA LEU M 230 57.59 -50.65 -45.98
C LEU M 230 56.75 -49.42 -46.24
N ALA M 231 55.57 -49.61 -46.81
CA ALA M 231 54.75 -48.52 -47.32
C ALA M 231 53.39 -48.53 -46.63
N TYR M 232 52.91 -47.33 -46.32
CA TYR M 232 51.65 -47.15 -45.61
C TYR M 232 50.75 -46.24 -46.41
N ARG M 233 49.45 -46.35 -46.17
CA ARG M 233 48.50 -45.49 -46.84
C ARG M 233 47.27 -45.34 -45.96
N THR M 234 46.89 -44.09 -45.69
CA THR M 234 45.71 -43.82 -44.88
C THR M 234 44.47 -43.87 -45.74
N PRO M 235 43.50 -44.72 -45.44
CA PRO M 235 42.24 -44.67 -46.19
C PRO M 235 41.57 -43.32 -46.02
N VAL M 236 41.03 -42.79 -47.10
CA VAL M 236 40.36 -41.50 -47.05
C VAL M 236 38.99 -41.69 -46.43
N VAL M 237 38.62 -40.79 -45.52
CA VAL M 237 37.34 -40.89 -44.83
C VAL M 237 36.24 -40.67 -45.87
N PRO M 238 35.37 -41.65 -46.09
CA PRO M 238 34.30 -41.46 -47.07
C PRO M 238 33.35 -40.37 -46.62
N GLU M 239 32.77 -39.69 -47.60
CA GLU M 239 31.86 -38.59 -47.30
C GLU M 239 30.63 -39.06 -46.55
N GLY M 240 30.19 -40.29 -46.79
CA GLY M 240 28.96 -40.77 -46.18
C GLY M 240 29.14 -41.49 -44.86
N ALA M 241 30.07 -41.03 -44.04
CA ALA M 241 30.36 -41.65 -42.75
C ALA M 241 29.87 -40.76 -41.63
N LYS M 242 29.18 -41.37 -40.66
CA LYS M 242 28.61 -40.59 -39.56
C LYS M 242 29.70 -39.91 -38.75
N ALA M 243 30.78 -40.62 -38.44
CA ALA M 243 31.90 -40.03 -37.73
C ALA M 243 33.20 -40.45 -38.39
N GLY M 244 34.07 -39.48 -38.65
CA GLY M 244 35.34 -39.78 -39.26
C GLY M 244 36.48 -38.95 -38.69
N ALA M 245 37.63 -39.58 -38.48
CA ALA M 245 38.78 -38.87 -37.94
C ALA M 245 40.04 -39.59 -38.36
N SER M 246 41.17 -38.91 -38.20
CA SER M 246 42.48 -39.47 -38.51
C SER M 246 43.31 -39.48 -37.23
N PHE M 247 43.78 -40.66 -36.85
CA PHE M 247 44.60 -40.83 -35.66
C PHE M 247 46.04 -41.12 -36.05
N SER M 248 46.93 -41.06 -35.07
CA SER M 248 48.34 -41.30 -35.29
C SER M 248 48.81 -42.36 -34.30
N ALA M 249 49.26 -43.49 -34.83
CA ALA M 249 49.89 -44.54 -34.05
C ALA M 249 51.34 -44.64 -34.50
N ASN M 250 52.26 -44.26 -33.61
CA ASN M 250 53.71 -44.29 -33.81
C ASN M 250 54.13 -43.93 -35.23
N GLY M 251 53.70 -42.77 -35.70
CA GLY M 251 54.11 -42.27 -37.00
C GLY M 251 53.29 -42.74 -38.18
N VAL M 252 52.15 -43.38 -37.94
CA VAL M 252 51.29 -43.89 -39.00
C VAL M 252 49.92 -43.27 -38.83
N ALA M 253 49.37 -42.72 -39.92
CA ALA M 253 48.07 -42.07 -39.88
C ALA M 253 47.00 -43.10 -40.18
N LEU M 254 46.27 -43.51 -39.16
CA LEU M 254 45.16 -44.44 -39.29
C LEU M 254 43.87 -43.67 -39.50
N ARG M 255 42.91 -44.33 -40.14
CA ARG M 255 41.58 -43.77 -40.34
C ARG M 255 40.61 -44.41 -39.37
N TRP M 256 39.94 -43.60 -38.58
CA TRP M 256 38.91 -44.05 -37.65
C TRP M 256 37.55 -43.65 -38.20
N LEU M 257 36.63 -44.59 -38.23
CA LEU M 257 35.35 -44.42 -38.89
C LEU M 257 34.27 -45.10 -38.07
N ALA M 258 33.28 -44.33 -37.63
CA ALA M 258 32.18 -44.85 -36.83
C ALA M 258 30.88 -44.65 -37.59
N ASP M 259 30.10 -45.72 -37.70
CA ASP M 259 28.87 -45.71 -38.47
C ASP M 259 27.84 -46.61 -37.81
N TYR M 260 26.62 -46.10 -37.65
CA TYR M 260 25.50 -46.89 -37.14
C TYR M 260 25.00 -47.84 -38.23
N ASP M 261 24.11 -48.74 -37.84
CA ASP M 261 23.66 -49.78 -38.77
C ASP M 261 22.15 -49.88 -38.92
N TYR M 262 21.37 -49.60 -37.87
CA TYR M 262 19.91 -49.63 -37.88
C TYR M 262 19.34 -51.04 -37.98
N SER M 263 20.18 -52.07 -38.16
CA SER M 263 19.70 -53.43 -38.32
C SER M 263 20.43 -54.37 -37.38
N GLN M 264 21.65 -54.00 -37.00
CA GLN M 264 22.45 -54.77 -36.07
C GLN M 264 22.32 -54.24 -34.63
N LEU M 265 21.39 -53.33 -34.39
CA LEU M 265 21.06 -52.86 -33.05
C LEU M 265 22.28 -52.23 -32.37
N GLY M 266 23.08 -51.48 -33.14
CA GLY M 266 24.22 -50.80 -32.56
C GLY M 266 25.23 -50.30 -33.55
N ASP M 267 25.86 -49.17 -33.24
CA ASP M 267 26.87 -48.59 -34.11
C ASP M 267 28.15 -49.41 -34.05
N ARG M 268 28.97 -49.26 -35.09
CA ARG M 268 30.23 -49.96 -35.19
C ARG M 268 31.34 -48.96 -35.48
N THR M 269 32.55 -49.30 -35.05
CA THR M 269 33.72 -48.46 -35.28
C THR M 269 34.82 -49.28 -35.92
N LEU M 270 35.65 -48.62 -36.72
CA LEU M 270 36.70 -49.29 -37.48
C LEU M 270 37.90 -48.37 -37.56
N LEU M 271 39.07 -48.88 -37.19
CA LEU M 271 40.31 -48.12 -37.24
C LEU M 271 41.29 -48.89 -38.12
N ASP M 272 41.66 -48.33 -39.27
CA ASP M 272 42.37 -49.14 -40.24
C ASP M 272 43.40 -48.32 -41.02
N VAL M 273 44.21 -49.06 -41.78
CA VAL M 273 45.26 -48.48 -42.62
C VAL M 273 45.70 -49.54 -43.62
N PHE M 274 46.03 -49.11 -44.84
CA PHE M 274 46.54 -50.02 -45.86
C PHE M 274 48.05 -50.11 -45.74
N THR M 275 48.58 -51.32 -45.82
CA THR M 275 49.99 -51.57 -45.58
C THR M 275 50.57 -52.45 -46.67
N GLY M 276 51.86 -52.29 -46.90
CA GLY M 276 52.57 -53.15 -47.83
C GLY M 276 54.03 -53.24 -47.43
N ARG M 277 54.66 -54.36 -47.76
CA ARG M 277 56.04 -54.59 -47.35
C ARG M 277 56.80 -55.29 -48.46
N LYS M 278 58.11 -55.14 -48.44
CA LYS M 278 58.96 -55.69 -49.48
C LYS M 278 60.36 -55.88 -48.93
N VAL M 279 60.97 -57.02 -49.22
CA VAL M 279 62.38 -57.26 -48.92
C VAL M 279 63.19 -56.95 -50.17
N VAL M 280 64.15 -56.04 -50.04
CA VAL M 280 64.93 -55.60 -51.18
C VAL M 280 65.97 -56.68 -51.46
N THR M 281 65.66 -57.55 -52.41
CA THR M 281 66.60 -58.58 -52.84
C THR M 281 67.41 -58.05 -54.02
N GLU M 282 68.61 -58.60 -54.17
CA GLU M 282 69.50 -58.17 -55.22
C GLU M 282 68.98 -58.63 -56.59
N VAL M 283 69.62 -58.12 -57.65
CA VAL M 283 69.23 -58.50 -58.99
C VAL M 283 69.44 -59.99 -59.22
N ASP M 284 70.39 -60.59 -58.50
CA ASP M 284 70.59 -62.03 -58.60
C ASP M 284 69.42 -62.79 -57.98
N GLY M 285 68.75 -62.20 -57.00
CA GLY M 285 67.73 -62.89 -56.25
C GLY M 285 68.19 -63.41 -54.91
N SER M 286 69.42 -63.11 -54.50
CA SER M 286 69.96 -63.52 -53.22
C SER M 286 69.91 -62.36 -52.25
N PHE M 287 69.44 -62.62 -51.04
CA PHE M 287 69.24 -61.59 -50.02
C PHE M 287 70.53 -61.41 -49.22
N VAL M 288 71.15 -60.25 -49.35
CA VAL M 288 72.47 -60.04 -48.76
C VAL M 288 72.51 -58.76 -47.93
N ARG M 289 71.41 -58.01 -47.92
CA ARG M 289 71.36 -56.74 -47.22
C ARG M 289 70.94 -56.87 -45.77
N ALA M 290 70.77 -58.08 -45.26
CA ALA M 290 70.45 -58.28 -43.86
C ALA M 290 70.87 -59.69 -43.45
N VAL M 291 71.25 -59.84 -42.19
CA VAL M 291 71.66 -61.13 -41.65
C VAL M 291 70.94 -61.37 -40.34
N GLU M 292 70.84 -62.65 -39.98
CA GLU M 292 70.19 -63.07 -38.75
C GLU M 292 71.15 -63.93 -37.94
N LEU M 293 71.02 -63.84 -36.63
CA LEU M 293 71.84 -64.59 -35.69
C LEU M 293 70.92 -65.26 -34.70
N GLN M 294 71.23 -66.49 -34.33
CA GLN M 294 70.45 -67.21 -33.35
C GLN M 294 71.33 -67.65 -32.19
N LEU M 295 70.79 -67.54 -30.98
CA LEU M 295 71.52 -67.88 -29.78
C LEU M 295 71.62 -69.40 -29.66
N GLN M 296 72.84 -69.91 -29.65
CA GLN M 296 73.06 -71.35 -29.58
C GLN M 296 72.65 -71.89 -28.22
N ALA M 297 71.97 -73.04 -28.24
CA ALA M 297 71.50 -73.69 -27.02
C ALA M 297 72.17 -75.04 -26.86
N SER M 298 72.34 -75.46 -25.61
CA SER M 298 73.04 -76.69 -25.31
C SER M 298 72.22 -77.70 -24.51
N SER M 299 71.30 -77.27 -23.66
CA SER M 299 70.47 -78.20 -22.92
C SER M 299 69.18 -77.51 -22.52
N ILE M 300 68.20 -78.31 -22.14
CA ILE M 300 66.88 -77.83 -21.77
C ILE M 300 66.46 -78.46 -20.44
N THR M 301 65.56 -77.77 -19.75
CA THR M 301 64.95 -78.25 -18.53
C THR M 301 63.48 -77.88 -18.54
N ILE M 302 62.71 -78.54 -17.69
CA ILE M 302 61.29 -78.23 -17.51
C ILE M 302 61.15 -77.37 -16.27
N VAL M 303 60.46 -76.24 -16.41
CA VAL M 303 60.28 -75.33 -15.27
C VAL M 303 59.38 -76.00 -14.24
N GLY M 304 59.64 -75.70 -12.97
CA GLY M 304 58.83 -76.21 -11.89
C GLY M 304 59.22 -77.58 -11.39
N GLY M 305 60.03 -78.32 -12.14
CA GLY M 305 60.47 -79.63 -11.71
C GLY M 305 59.31 -80.58 -11.51
N ALA M 306 59.47 -81.48 -10.53
CA ALA M 306 58.40 -82.40 -10.18
C ALA M 306 57.22 -81.64 -9.61
N PHE M 307 56.01 -82.07 -9.97
CA PHE M 307 54.80 -81.38 -9.56
C PHE M 307 53.65 -82.39 -9.48
N ALA M 308 52.45 -81.87 -9.22
CA ALA M 308 51.26 -82.69 -9.12
C ALA M 308 50.06 -81.90 -9.61
N LEU M 309 49.01 -82.63 -9.98
CA LEU M 309 47.80 -82.04 -10.53
C LEU M 309 46.79 -81.81 -9.40
N ALA M 310 45.57 -81.41 -9.78
CA ALA M 310 44.49 -81.24 -8.81
C ALA M 310 43.68 -82.53 -8.67
N THR M 311 43.12 -83.01 -9.76
CA THR M 311 42.41 -84.27 -9.80
C THR M 311 43.18 -85.25 -10.67
N THR M 312 42.69 -86.50 -10.71
CA THR M 312 43.29 -87.48 -11.61
C THR M 312 43.14 -87.04 -13.05
N THR M 313 41.97 -86.52 -13.41
CA THR M 313 41.74 -85.96 -14.75
C THR M 313 41.99 -84.46 -14.78
N GLY M 314 43.17 -84.04 -14.32
CA GLY M 314 43.56 -82.64 -14.34
C GLY M 314 44.40 -82.29 -15.56
N THR M 315 44.76 -81.02 -15.64
CA THR M 315 45.55 -80.51 -16.75
C THR M 315 46.63 -79.57 -16.23
N LYS M 316 47.84 -79.72 -16.75
CA LYS M 316 48.95 -78.83 -16.42
C LYS M 316 49.66 -78.43 -17.70
N GLN M 317 50.04 -77.15 -17.79
CA GLN M 317 50.71 -76.63 -18.97
C GLN M 317 52.22 -76.60 -18.69
N LEU M 318 52.93 -77.58 -19.25
CA LEU M 318 54.38 -77.62 -19.08
C LEU M 318 55.03 -76.46 -19.82
N LYS M 319 56.18 -76.04 -19.31
CA LYS M 319 56.96 -74.97 -19.91
C LYS M 319 58.43 -75.36 -19.85
N VAL M 320 59.07 -75.45 -21.01
CA VAL M 320 60.46 -75.87 -21.11
C VAL M 320 61.31 -74.64 -21.38
N ARG M 321 62.39 -74.50 -20.62
CA ARG M 321 63.37 -73.44 -20.83
C ARG M 321 64.72 -74.07 -21.09
N ASP M 322 65.41 -73.58 -22.11
CA ASP M 322 66.75 -74.07 -22.41
C ASP M 322 67.74 -73.41 -21.46
N ASP M 323 69.03 -73.55 -21.75
CA ASP M 323 70.05 -73.01 -20.86
C ASP M 323 69.90 -71.50 -20.71
N ASN M 324 69.76 -70.79 -21.81
CA ASN M 324 69.70 -69.32 -21.81
C ASN M 324 68.28 -68.81 -21.73
N GLY M 325 67.52 -69.31 -20.76
CA GLY M 325 66.21 -68.79 -20.42
C GLY M 325 65.24 -68.51 -21.56
N THR M 326 65.38 -69.24 -22.67
CA THR M 326 64.48 -69.07 -23.80
C THR M 326 63.33 -70.06 -23.69
N ASP M 327 62.10 -69.56 -23.80
CA ASP M 327 60.92 -70.38 -23.63
C ASP M 327 60.73 -71.23 -24.89
N VAL M 328 61.37 -72.39 -24.90
CA VAL M 328 61.25 -73.34 -26.00
C VAL M 328 60.17 -74.34 -25.60
N THR M 329 58.92 -74.00 -25.90
CA THR M 329 57.79 -74.89 -25.66
C THR M 329 57.17 -75.38 -26.95
N ALA M 330 56.82 -74.46 -27.86
CA ALA M 330 56.27 -74.87 -29.14
C ALA M 330 57.32 -75.49 -30.06
N ARG M 331 58.60 -75.39 -29.71
CA ARG M 331 59.68 -75.88 -30.55
C ARG M 331 60.22 -77.23 -30.08
N CYS M 332 59.55 -77.88 -29.12
CA CYS M 332 60.01 -79.16 -28.60
C CYS M 332 58.86 -80.15 -28.57
N THR M 333 59.19 -81.42 -28.74
CA THR M 333 58.22 -82.50 -28.72
C THR M 333 58.18 -83.17 -27.35
N PHE M 334 57.02 -83.70 -27.00
CA PHE M 334 56.79 -84.27 -25.68
C PHE M 334 56.37 -85.72 -25.80
N ALA M 335 56.91 -86.55 -24.91
CA ALA M 335 56.56 -87.97 -24.85
C ALA M 335 56.33 -88.37 -23.41
N SER M 336 55.50 -89.39 -23.23
CA SER M 336 55.17 -89.92 -21.91
C SER M 336 55.71 -91.33 -21.78
N SER M 337 56.43 -91.60 -20.69
CA SER M 337 56.93 -92.95 -20.45
C SER M 337 55.79 -93.93 -20.22
N ALA M 338 54.79 -93.53 -19.44
CA ALA M 338 53.64 -94.36 -19.12
C ALA M 338 52.37 -93.60 -19.49
N GLY M 339 51.80 -93.92 -20.64
CA GLY M 339 50.56 -93.28 -21.05
C GLY M 339 49.34 -93.75 -20.29
N THR M 340 49.42 -94.91 -19.65
CA THR M 340 48.28 -95.43 -18.89
C THR M 340 48.03 -94.64 -17.62
N LYS M 341 49.00 -93.86 -17.16
CA LYS M 341 48.83 -93.02 -15.98
C LYS M 341 48.63 -91.55 -16.35
N ALA M 342 49.36 -91.05 -17.32
CA ALA M 342 49.18 -89.68 -17.80
C ALA M 342 49.70 -89.60 -19.23
N THR M 343 49.25 -88.57 -19.95
CA THR M 343 49.66 -88.35 -21.32
C THR M 343 49.98 -86.87 -21.50
N VAL M 344 50.76 -86.57 -22.54
CA VAL M 344 51.22 -85.22 -22.81
C VAL M 344 50.86 -84.84 -24.23
N SER M 345 50.29 -83.66 -24.40
CA SER M 345 49.97 -83.16 -25.73
C SER M 345 51.23 -82.63 -26.40
N ALA M 346 51.13 -82.45 -27.72
CA ALA M 346 52.26 -81.90 -28.47
C ALA M 346 52.52 -80.44 -28.13
N ALA M 347 51.57 -79.76 -27.51
CA ALA M 347 51.72 -78.37 -27.12
C ALA M 347 52.17 -78.20 -25.68
N GLY M 348 52.43 -79.29 -24.96
CA GLY M 348 52.89 -79.22 -23.60
C GLY M 348 51.84 -79.51 -22.55
N LEU M 349 50.57 -79.62 -22.93
CA LEU M 349 49.53 -79.97 -21.97
C LEU M 349 49.71 -81.42 -21.53
N VAL M 350 49.71 -81.63 -20.22
CA VAL M 350 49.76 -82.96 -19.63
C VAL M 350 48.48 -83.18 -18.85
N THR M 351 47.84 -84.31 -19.09
CA THR M 351 46.63 -84.69 -18.39
C THR M 351 46.74 -86.13 -17.91
N GLY M 352 46.27 -86.37 -16.70
CA GLY M 352 46.35 -87.70 -16.10
C GLY M 352 45.15 -88.55 -16.44
N VAL M 353 45.39 -89.84 -16.66
CA VAL M 353 44.33 -90.81 -16.85
C VAL M 353 44.26 -91.84 -15.73
N ALA M 354 45.22 -91.83 -14.81
CA ALA M 354 45.19 -92.71 -13.65
C ALA M 354 45.97 -92.05 -12.52
N ALA M 355 45.74 -92.54 -11.30
CA ALA M 355 46.42 -92.00 -10.13
C ALA M 355 47.78 -92.66 -9.99
N GLY M 356 48.83 -91.85 -9.98
CA GLY M 356 50.17 -92.38 -9.82
C GLY M 356 51.19 -91.49 -10.50
N THR M 357 52.41 -92.00 -10.60
CA THR M 357 53.50 -91.24 -11.17
C THR M 357 53.57 -91.42 -12.68
N ALA M 358 54.21 -90.45 -13.33
CA ALA M 358 54.45 -90.50 -14.76
C ALA M 358 55.74 -89.76 -15.06
N ASP M 359 56.48 -90.24 -16.06
CA ASP M 359 57.73 -89.63 -16.50
C ASP M 359 57.52 -89.02 -17.87
N ILE M 360 57.82 -87.73 -17.99
CA ILE M 360 57.62 -86.97 -19.22
C ILE M 360 58.98 -86.55 -19.76
N THR M 361 59.21 -86.82 -21.03
CA THR M 361 60.46 -86.48 -21.69
C THR M 361 60.19 -85.41 -22.75
N ALA M 362 60.94 -84.32 -22.69
CA ALA M 362 60.88 -83.25 -23.66
C ALA M 362 62.13 -83.28 -24.50
N SER M 363 61.96 -83.38 -25.82
CA SER M 363 63.06 -83.41 -26.77
C SER M 363 63.04 -82.13 -27.59
N TYR M 364 64.17 -81.44 -27.65
CA TYR M 364 64.30 -80.20 -28.40
C TYR M 364 65.52 -80.29 -29.29
N VAL M 365 65.31 -80.21 -30.60
CA VAL M 365 66.43 -80.16 -31.54
C VAL M 365 67.09 -78.79 -31.42
N PRO M 366 68.40 -78.72 -31.21
CA PRO M 366 69.05 -77.44 -31.01
C PRO M 366 69.17 -76.69 -32.33
N PRO M 367 69.30 -75.35 -32.28
CA PRO M 367 69.51 -74.60 -33.52
C PRO M 367 70.75 -75.02 -34.29
N GLN M 368 71.83 -75.37 -33.58
CA GLN M 368 73.05 -75.78 -34.27
C GLN M 368 72.89 -77.10 -35.01
N GLY M 369 71.93 -77.91 -34.61
CA GLY M 369 71.73 -79.20 -35.26
C GLY M 369 72.45 -80.32 -34.54
N GLY M 370 71.89 -81.52 -34.66
CA GLY M 370 72.45 -82.70 -34.04
C GLY M 370 71.43 -83.41 -33.20
N THR M 371 71.91 -84.22 -32.27
CA THR M 371 71.02 -84.96 -31.38
C THR M 371 70.22 -84.01 -30.51
N ALA M 372 68.92 -84.24 -30.44
CA ALA M 372 68.06 -83.35 -29.67
C ALA M 372 68.32 -83.50 -28.18
N LYS M 373 68.34 -82.38 -27.48
CA LYS M 373 68.50 -82.39 -26.03
C LYS M 373 67.21 -82.86 -25.36
N THR M 374 67.36 -83.75 -24.38
CA THR M 374 66.22 -84.37 -23.71
C THR M 374 66.23 -84.02 -22.24
N ALA M 375 65.08 -83.58 -21.73
CA ALA M 375 64.90 -83.27 -20.33
C ALA M 375 63.72 -84.08 -19.79
N THR M 376 63.96 -84.83 -18.72
CA THR M 376 62.97 -85.73 -18.15
C THR M 376 62.50 -85.21 -16.80
N VAL M 377 61.19 -85.18 -16.60
CA VAL M 377 60.58 -84.71 -15.36
C VAL M 377 59.56 -85.74 -14.92
N THR M 378 59.22 -85.71 -13.64
CA THR M 378 58.22 -86.62 -13.10
C THR M 378 57.03 -85.85 -12.56
N VAL M 379 55.85 -86.46 -12.68
CA VAL M 379 54.60 -85.86 -12.25
C VAL M 379 53.82 -86.88 -11.44
N THR M 380 53.14 -86.42 -10.40
CA THR M 380 52.34 -87.28 -9.53
C THR M 380 50.87 -86.90 -9.73
N VAL M 381 50.21 -87.58 -10.66
CA VAL M 381 48.78 -87.37 -10.87
C VAL M 381 48.02 -87.91 -9.66
N PRO M 382 47.15 -87.12 -9.02
CA PRO M 382 46.38 -87.45 -7.82
C PRO M 382 45.79 -88.85 -7.85
N GLY N 2 161.18 -67.12 31.31
CA GLY N 2 162.40 -67.89 31.26
C GLY N 2 163.48 -67.19 30.47
N LEU N 3 163.36 -67.23 29.15
CA LEU N 3 164.30 -66.58 28.25
C LEU N 3 163.52 -65.84 27.16
N ILE N 4 164.14 -64.79 26.62
CA ILE N 4 163.49 -64.04 25.55
C ILE N 4 163.29 -64.91 24.33
N SER N 5 164.29 -65.73 23.98
CA SER N 5 164.22 -66.57 22.81
C SER N 5 163.24 -67.73 22.97
N ASP N 6 162.72 -67.98 24.16
CA ASP N 6 161.79 -69.07 24.36
C ASP N 6 160.47 -68.79 23.65
N PRO N 7 159.73 -69.83 23.26
CA PRO N 7 158.42 -69.62 22.65
C PRO N 7 157.47 -68.93 23.62
N VAL N 8 156.55 -68.15 23.05
CA VAL N 8 155.62 -67.37 23.87
C VAL N 8 154.73 -68.31 24.66
N GLU N 9 154.59 -68.04 25.95
CA GLU N 9 153.71 -68.82 26.80
C GLU N 9 152.25 -68.38 26.63
N VAL N 10 151.34 -69.18 27.18
CA VAL N 10 149.92 -68.89 27.08
C VAL N 10 149.60 -67.63 27.87
N ASP N 11 148.81 -66.74 27.27
CA ASP N 11 148.46 -65.49 27.94
C ASP N 11 147.42 -65.76 29.01
N PRO N 12 147.65 -65.37 30.26
CA PRO N 12 146.61 -65.53 31.29
C PRO N 12 145.32 -64.81 30.95
N ILE N 13 145.40 -63.68 30.24
CA ILE N 13 144.18 -63.00 29.80
C ILE N 13 143.36 -63.91 28.88
N GLN N 14 144.04 -64.62 27.98
CA GLN N 14 143.34 -65.58 27.14
C GLN N 14 142.69 -66.67 27.96
N VAL N 15 143.41 -67.17 28.98
CA VAL N 15 142.86 -68.23 29.81
C VAL N 15 141.61 -67.76 30.52
N GLY N 16 141.66 -66.56 31.09
CA GLY N 16 140.49 -66.02 31.75
C GLY N 16 139.33 -65.75 30.80
N ARG N 17 139.63 -65.23 29.61
CA ARG N 17 138.57 -64.94 28.64
C ARG N 17 137.89 -66.22 28.17
N ASP N 18 138.67 -67.27 27.91
CA ASP N 18 138.08 -68.54 27.52
C ASP N 18 137.33 -69.18 28.68
N GLU N 19 137.78 -68.98 29.92
CA GLU N 19 137.03 -69.46 31.06
C GLU N 19 135.68 -68.77 31.17
N ALA N 20 135.65 -67.45 30.97
CA ALA N 20 134.38 -66.75 31.00
C ALA N 20 133.48 -67.19 29.86
N GLY N 21 134.05 -67.64 28.76
CA GLY N 21 133.30 -68.21 27.65
C GLY N 21 132.38 -67.24 26.94
N TRP N 22 132.79 -65.99 26.79
CA TRP N 22 132.01 -65.01 26.03
C TRP N 22 132.56 -64.79 24.63
N VAL N 23 133.57 -65.55 24.23
CA VAL N 23 134.07 -65.48 22.85
C VAL N 23 132.99 -66.01 21.91
N GLN N 24 132.85 -65.36 20.76
CA GLN N 24 131.73 -65.65 19.87
C GLN N 24 132.01 -66.91 19.04
N GLU N 25 131.05 -67.84 19.05
CA GLU N 25 131.11 -69.05 18.27
C GLU N 25 130.02 -69.03 17.22
N LEU N 26 130.35 -69.41 15.99
CA LEU N 26 129.44 -69.32 14.87
C LEU N 26 129.46 -70.61 14.08
N ARG N 27 128.34 -70.88 13.40
CA ARG N 27 128.26 -72.04 12.53
C ARG N 27 129.22 -71.88 11.35
N ASP N 28 129.68 -73.01 10.82
CA ASP N 28 130.58 -72.97 9.69
C ASP N 28 129.88 -72.38 8.48
N ARG N 29 130.61 -71.55 7.73
CA ARG N 29 130.00 -70.80 6.65
C ARG N 29 129.73 -71.68 5.43
N GLU N 30 130.56 -72.69 5.19
CA GLU N 30 130.43 -73.50 3.99
C GLU N 30 130.33 -74.99 4.29
N ALA N 31 129.48 -75.36 5.24
CA ALA N 31 129.27 -76.76 5.59
C ALA N 31 127.84 -77.15 5.24
N TRP N 32 127.69 -78.24 4.48
CA TRP N 32 126.38 -78.73 4.11
C TRP N 32 126.21 -80.14 4.63
N PRO N 33 125.09 -80.45 5.31
CA PRO N 33 123.98 -79.57 5.67
C PRO N 33 124.39 -78.55 6.72
N LYS N 34 123.55 -77.53 6.97
CA LYS N 34 123.94 -76.50 7.92
C LYS N 34 124.17 -77.10 9.30
N GLN N 35 125.24 -76.63 9.95
CA GLN N 35 125.63 -77.17 11.24
C GLN N 35 124.66 -76.75 12.33
N GLU N 36 124.71 -77.46 13.45
CA GLU N 36 123.89 -77.10 14.58
C GLU N 36 124.48 -75.93 15.34
N VAL N 37 123.65 -75.27 16.13
CA VAL N 37 124.08 -74.10 16.90
C VAL N 37 125.09 -74.54 17.96
N PRO N 38 126.26 -73.90 18.04
CA PRO N 38 127.20 -74.22 19.12
C PRO N 38 126.59 -73.89 20.48
N GLU N 39 127.02 -74.64 21.50
CA GLU N 39 126.43 -74.48 22.82
C GLU N 39 126.65 -73.08 23.38
N GLN N 40 127.74 -72.42 22.97
CA GLN N 40 128.01 -71.08 23.47
C GLN N 40 127.08 -70.03 22.88
N ALA N 41 126.73 -70.19 21.59
CA ALA N 41 125.96 -69.16 20.92
C ALA N 41 124.55 -69.02 21.47
N LYS N 42 124.05 -70.03 22.18
CA LYS N 42 122.70 -69.98 22.73
C LYS N 42 122.68 -70.04 24.25
N LYS N 43 123.79 -69.68 24.89
CA LYS N 43 123.82 -69.66 26.35
C LYS N 43 123.04 -68.48 26.89
N PRO N 44 122.41 -68.62 28.05
CA PRO N 44 121.62 -67.53 28.60
C PRO N 44 122.49 -66.47 29.27
N ALA N 45 121.91 -65.28 29.40
CA ALA N 45 122.62 -64.18 30.03
C ALA N 45 122.72 -64.40 31.54
N LYS N 46 123.91 -64.13 32.08
CA LYS N 46 124.14 -64.32 33.51
C LYS N 46 123.32 -63.32 34.32
N VAL N 47 122.74 -63.79 35.42
CA VAL N 47 122.03 -62.91 36.33
C VAL N 47 123.04 -62.11 37.14
N GLY N 48 122.89 -60.79 37.16
CA GLY N 48 123.90 -59.96 37.78
C GLY N 48 125.23 -60.14 37.07
N ASN N 49 126.29 -60.34 37.85
CA ASN N 49 127.60 -60.66 37.28
C ASN N 49 128.43 -61.47 38.26
N ALA O 2 -23.16 14.26 114.74
CA ALA O 2 -23.00 15.71 114.65
C ALA O 2 -22.93 16.14 113.19
N HIS O 3 -21.82 16.76 112.81
CA HIS O 3 -21.63 17.20 111.44
C HIS O 3 -21.54 15.99 110.51
N ILE O 4 -22.18 16.10 109.35
CA ILE O 4 -22.16 15.07 108.34
C ILE O 4 -21.61 15.67 107.07
N PHE O 5 -20.57 15.05 106.51
CA PHE O 5 -19.97 15.51 105.28
C PHE O 5 -20.15 14.46 104.20
N VAL O 6 -20.29 14.92 102.95
CA VAL O 6 -20.43 14.04 101.80
C VAL O 6 -19.11 14.05 101.05
N LYS O 7 -18.41 12.92 101.05
CA LYS O 7 -17.11 12.81 100.42
C LYS O 7 -17.08 11.59 99.52
N PRO O 8 -16.32 11.65 98.43
CA PRO O 8 -16.24 10.48 97.54
C PRO O 8 -15.37 9.39 98.13
N GLU O 9 -15.10 8.34 97.36
CA GLU O 9 -14.15 7.30 97.75
C GLU O 9 -13.04 7.30 96.71
N LEU O 10 -11.95 7.99 97.00
CA LEU O 10 -10.85 8.08 96.05
C LEU O 10 -10.26 6.71 95.78
N VAL O 11 -9.99 6.44 94.51
CA VAL O 11 -9.24 5.28 94.07
C VAL O 11 -8.01 5.79 93.35
N ALA O 12 -6.84 5.40 93.81
CA ALA O 12 -5.59 5.89 93.26
C ALA O 12 -4.65 4.73 93.00
N GLU O 13 -3.75 4.92 92.03
CA GLU O 13 -2.72 3.94 91.72
C GLU O 13 -1.38 4.49 92.19
N ILE O 14 -0.61 3.68 92.92
CA ILE O 14 0.66 4.11 93.48
C ILE O 14 1.83 3.33 92.91
N GLY O 15 1.58 2.47 91.93
CA GLY O 15 2.63 1.64 91.37
C GLY O 15 2.69 0.23 91.91
N VAL O 16 1.81 -0.12 92.84
CA VAL O 16 1.72 -1.50 93.31
C VAL O 16 1.00 -2.31 92.25
N LYS O 17 1.63 -3.40 91.80
CA LYS O 17 1.06 -4.25 90.77
C LYS O 17 1.36 -5.70 91.11
N GLN O 18 0.55 -6.60 90.55
CA GLN O 18 0.75 -8.02 90.80
C GLN O 18 2.09 -8.46 90.24
N LEU O 19 2.84 -9.21 91.04
CA LEU O 19 4.17 -9.64 90.64
C LEU O 19 4.08 -10.73 89.57
N GLN O 20 4.92 -10.61 88.55
CA GLN O 20 4.86 -11.49 87.40
C GLN O 20 6.26 -11.94 87.01
N ARG O 21 6.34 -13.11 86.39
CA ARG O 21 7.61 -13.68 85.98
C ARG O 21 8.22 -12.87 84.84
N GLU O 22 9.54 -13.01 84.68
CA GLU O 22 10.27 -12.39 83.59
C GLU O 22 10.46 -13.41 82.47
N ILE O 23 10.12 -13.01 81.25
CA ILE O 23 10.12 -13.92 80.11
C ILE O 23 11.54 -14.01 79.57
N VAL O 24 12.17 -15.17 79.71
CA VAL O 24 13.54 -15.40 79.25
C VAL O 24 13.63 -16.54 78.24
N LEU O 25 12.90 -17.63 78.46
CA LEU O 25 13.05 -18.81 77.62
C LEU O 25 12.80 -18.57 76.12
N PRO O 26 11.78 -17.83 75.69
CA PRO O 26 11.50 -17.79 74.24
C PRO O 26 12.67 -17.30 73.41
N GLY O 27 13.54 -16.47 73.97
CA GLY O 27 14.71 -16.04 73.21
C GLY O 27 15.66 -17.18 72.90
N LEU O 28 15.86 -18.09 73.85
CA LEU O 28 16.90 -19.11 73.72
C LEU O 28 16.38 -20.40 73.13
N VAL O 29 15.56 -20.32 72.08
CA VAL O 29 15.04 -21.50 71.42
C VAL O 29 14.97 -21.23 69.93
N TRP O 30 15.42 -22.19 69.13
CA TRP O 30 15.29 -22.08 67.69
C TRP O 30 13.83 -21.90 67.31
N THR O 31 13.55 -20.89 66.51
CA THR O 31 12.18 -20.52 66.17
C THR O 31 12.03 -20.45 64.66
N ASN O 32 10.89 -20.92 64.16
CA ASN O 32 10.65 -21.00 62.73
C ASN O 32 9.21 -20.58 62.41
N PRO O 33 9.03 -19.42 61.80
CA PRO O 33 7.72 -19.09 61.24
C PRO O 33 7.46 -19.85 59.96
N LEU O 34 6.18 -20.04 59.64
CA LEU O 34 5.80 -20.74 58.42
C LEU O 34 5.16 -19.79 57.43
N ASP O 43 1.53 -26.44 56.90
CA ASP O 43 1.24 -26.82 58.26
C ASP O 43 2.41 -27.55 58.90
N THR O 44 3.35 -27.98 58.07
CA THR O 44 4.51 -28.71 58.53
C THR O 44 5.75 -28.20 57.82
N ILE O 45 6.90 -28.41 58.46
CA ILE O 45 8.19 -28.11 57.87
C ILE O 45 9.04 -29.36 57.92
N THR O 46 9.68 -29.68 56.80
CA THR O 46 10.54 -30.85 56.71
C THR O 46 11.99 -30.41 56.81
N VAL O 47 12.71 -31.00 57.76
CA VAL O 47 14.13 -30.73 57.97
C VAL O 47 14.91 -31.86 57.31
N ARG O 48 15.83 -31.49 56.43
CA ARG O 48 16.63 -32.46 55.68
C ARG O 48 17.96 -32.67 56.39
N VAL O 49 18.20 -33.91 56.83
CA VAL O 49 19.44 -34.28 57.52
C VAL O 49 20.36 -34.93 56.48
N PRO O 50 21.47 -34.31 56.13
CA PRO O 50 22.33 -34.87 55.08
C PRO O 50 23.00 -36.15 55.53
N ALA O 51 23.41 -36.93 54.53
CA ALA O 51 23.96 -38.27 54.77
C ALA O 51 25.46 -38.22 55.00
N ILE O 52 25.97 -39.28 55.62
CA ILE O 52 27.40 -39.50 55.78
C ILE O 52 27.70 -40.91 55.32
N THR O 53 28.96 -41.14 54.95
CA THR O 53 29.39 -42.42 54.43
C THR O 53 30.66 -42.88 55.12
N THR O 54 31.06 -44.11 54.84
CA THR O 54 32.25 -44.70 55.43
C THR O 54 33.14 -45.26 54.33
N ALA O 55 34.45 -45.08 54.50
CA ALA O 55 35.44 -45.58 53.56
C ALA O 55 36.00 -46.91 54.05
N ASN O 56 36.86 -47.51 53.22
CA ASN O 56 37.46 -48.79 53.53
C ASN O 56 38.92 -48.78 53.10
N ARG O 57 39.65 -49.81 53.52
CA ARG O 57 41.05 -49.93 53.19
C ARG O 57 41.33 -51.35 52.71
N ARG O 58 42.22 -51.47 51.72
CA ARG O 58 42.61 -52.76 51.20
C ARG O 58 44.13 -52.78 51.04
N ASP O 59 44.70 -53.98 51.11
CA ASP O 59 46.15 -54.11 51.03
C ASP O 59 46.65 -53.70 49.66
N LEU O 60 47.83 -53.07 49.65
CA LEU O 60 48.43 -52.65 48.40
C LEU O 60 48.99 -53.86 47.65
N ARG O 61 48.84 -53.86 46.33
CA ARG O 61 49.29 -54.95 45.46
C ARG O 61 48.62 -56.27 45.82
N ASP O 62 47.41 -56.21 46.33
CA ASP O 62 46.66 -57.43 46.65
C ASP O 62 46.01 -57.96 45.38
N PRO O 63 46.21 -59.24 45.04
CA PRO O 63 45.63 -59.77 43.80
C PRO O 63 44.11 -59.78 43.78
N ASP O 64 43.46 -59.68 44.94
CA ASP O 64 41.99 -59.65 45.00
C ASP O 64 41.55 -58.21 44.72
N ARG O 65 41.25 -57.93 43.45
CA ARG O 65 40.98 -56.56 43.02
C ARG O 65 39.50 -56.22 43.18
N THR O 66 39.04 -56.16 44.43
CA THR O 66 37.64 -55.88 44.72
C THR O 66 37.52 -54.67 45.62
N VAL O 67 36.46 -53.90 45.41
CA VAL O 67 36.16 -52.72 46.22
C VAL O 67 34.71 -52.82 46.69
N ILE O 68 34.50 -52.58 47.97
CA ILE O 68 33.17 -52.65 48.57
C ILE O 68 32.60 -51.24 48.59
N ALA O 69 31.37 -51.09 48.09
CA ALA O 69 30.77 -49.78 47.91
C ALA O 69 30.30 -49.22 49.25
N SER O 70 29.83 -47.98 49.21
CA SER O 70 29.37 -47.28 50.39
C SER O 70 28.05 -46.60 50.10
N GLU O 71 27.31 -46.29 51.15
CA GLU O 71 25.94 -45.80 51.05
C GLU O 71 25.88 -44.32 51.38
N LEU O 72 24.81 -43.67 50.92
CA LEU O 72 24.56 -42.26 51.17
C LEU O 72 23.11 -42.03 51.58
N VAL O 73 22.63 -42.82 52.54
CA VAL O 73 21.23 -42.75 52.96
C VAL O 73 21.00 -41.40 53.64
N GLU O 74 20.25 -40.53 52.98
CA GLU O 74 19.99 -39.18 53.45
C GLU O 74 18.65 -39.15 54.16
N HIS O 75 18.61 -38.54 55.34
CA HIS O 75 17.44 -38.63 56.21
C HIS O 75 16.68 -37.31 56.24
N SER O 76 15.54 -37.34 56.93
CA SER O 76 14.75 -36.14 57.13
C SER O 76 13.74 -36.41 58.23
N PHE O 77 13.28 -35.34 58.87
CA PHE O 77 12.20 -35.43 59.83
C PHE O 77 11.30 -34.21 59.65
N GLY O 78 10.26 -34.12 60.48
CA GLY O 78 9.27 -33.09 60.29
C GLY O 78 8.81 -32.47 61.60
N VAL O 79 8.35 -31.23 61.49
CA VAL O 79 7.74 -30.50 62.59
C VAL O 79 6.35 -30.06 62.16
N THR O 80 5.35 -30.40 62.96
CA THR O 80 3.96 -30.11 62.63
C THR O 80 3.33 -29.23 63.70
N LEU O 81 2.44 -28.34 63.27
CA LEU O 81 1.70 -27.49 64.19
C LEU O 81 0.63 -28.32 64.89
N ASP O 82 0.57 -28.23 66.22
CA ASP O 82 -0.36 -29.07 66.96
C ASP O 82 -1.05 -28.38 68.13
N LYS O 83 -0.81 -27.10 68.37
CA LYS O 83 -1.42 -26.41 69.50
C LYS O 83 -1.89 -25.03 69.05
N HIS O 84 -2.91 -24.52 69.74
CA HIS O 84 -3.49 -23.22 69.43
C HIS O 84 -3.48 -22.43 70.73
N VAL O 85 -2.52 -21.52 70.90
CA VAL O 85 -2.41 -20.73 72.12
C VAL O 85 -3.19 -19.45 71.91
N TYR O 86 -4.21 -19.24 72.75
CA TYR O 86 -5.12 -18.12 72.57
C TYR O 86 -5.46 -17.51 73.92
N ALA O 87 -5.81 -16.23 73.88
CA ALA O 87 -6.34 -15.52 75.03
C ALA O 87 -7.53 -14.70 74.56
N ALA O 88 -8.70 -14.96 75.13
CA ALA O 88 -9.94 -14.38 74.66
C ALA O 88 -10.58 -13.56 75.77
N LEU O 89 -11.28 -12.50 75.36
CA LEU O 89 -11.96 -11.62 76.30
C LEU O 89 -13.28 -11.15 75.69
N LYS O 90 -14.38 -11.38 76.40
CA LYS O 90 -15.70 -11.00 75.94
C LYS O 90 -16.25 -9.91 76.85
N PHE O 91 -16.65 -8.79 76.26
CA PHE O 91 -17.20 -7.66 76.99
C PHE O 91 -18.64 -7.44 76.58
N THR O 92 -19.51 -7.15 77.53
CA THR O 92 -20.81 -6.64 77.16
C THR O 92 -20.69 -5.19 76.73
N ASP O 93 -21.74 -4.68 76.10
CA ASP O 93 -21.66 -3.32 75.56
C ASP O 93 -21.52 -2.28 76.68
N GLU O 94 -22.21 -2.50 77.79
CA GLU O 94 -22.08 -1.59 78.92
C GLU O 94 -20.65 -1.61 79.48
N GLN O 95 -20.07 -2.80 79.62
CA GLN O 95 -18.70 -2.89 80.13
C GLN O 95 -17.72 -2.19 79.19
N ARG O 96 -17.91 -2.36 77.89
CA ARG O 96 -17.04 -1.67 76.93
C ARG O 96 -17.25 -0.17 76.96
N THR O 97 -18.46 0.28 77.26
CA THR O 97 -18.74 1.71 77.23
C THR O 97 -18.32 2.40 78.51
N LEU O 98 -18.74 1.86 79.66
CA LEU O 98 -18.56 2.52 80.94
C LEU O 98 -17.34 2.01 81.72
N ASP O 99 -17.26 0.70 81.93
CA ASP O 99 -16.26 0.16 82.84
C ASP O 99 -14.84 0.36 82.31
N ILE O 100 -14.62 0.13 81.02
CA ILE O 100 -13.28 0.23 80.46
C ILE O 100 -12.96 1.69 80.21
N ARG O 101 -12.07 2.25 81.03
CA ARG O 101 -11.70 3.65 80.87
C ARG O 101 -10.59 3.82 79.82
N ASP O 102 -9.67 2.86 79.73
CA ASP O 102 -8.60 2.87 78.74
C ASP O 102 -8.49 1.49 78.13
N TYR O 103 -8.50 1.43 76.79
CA TYR O 103 -8.56 0.13 76.14
C TYR O 103 -7.21 -0.57 76.16
N THR O 104 -6.18 0.03 75.57
CA THR O 104 -4.88 -0.62 75.56
C THR O 104 -4.12 -0.40 76.86
N LYS O 105 -4.82 -0.55 77.98
CA LYS O 105 -4.23 -0.71 79.30
C LYS O 105 -4.96 -1.72 80.15
N GLN O 106 -6.19 -2.08 79.79
CA GLN O 106 -6.96 -3.08 80.52
C GLN O 106 -7.25 -4.33 79.70
N VAL O 107 -7.12 -4.27 78.38
CA VAL O 107 -7.49 -5.39 77.53
C VAL O 107 -6.28 -5.90 76.76
N LEU O 108 -5.67 -5.02 75.97
CA LEU O 108 -4.61 -5.45 75.07
C LEU O 108 -3.37 -5.91 75.82
N MET O 109 -2.89 -5.10 76.76
CA MET O 109 -1.66 -5.46 77.47
C MET O 109 -1.81 -6.73 78.30
N PRO O 110 -2.88 -6.92 79.10
CA PRO O 110 -3.04 -8.21 79.77
C PRO O 110 -3.14 -9.38 78.81
N GLN O 111 -3.79 -9.19 77.66
CA GLN O 111 -3.88 -10.28 76.69
C GLN O 111 -2.51 -10.67 76.17
N VAL O 112 -1.70 -9.67 75.79
CA VAL O 112 -0.37 -9.96 75.29
C VAL O 112 0.46 -10.64 76.36
N SER O 113 0.36 -10.17 77.60
CA SER O 113 1.11 -10.81 78.67
C SER O 113 0.67 -12.25 78.87
N ALA O 114 -0.63 -12.51 78.85
CA ALA O 114 -1.12 -13.88 79.05
C ALA O 114 -0.62 -14.80 77.94
N VAL O 115 -0.67 -14.34 76.70
CA VAL O 115 -0.19 -15.18 75.60
C VAL O 115 1.30 -15.41 75.72
N ALA O 116 2.07 -14.38 76.09
CA ALA O 116 3.50 -14.56 76.24
C ALA O 116 3.84 -15.57 77.32
N TYR O 117 3.16 -15.48 78.46
CA TYR O 117 3.44 -16.41 79.54
C TYR O 117 3.03 -17.82 79.18
N GLU O 118 1.91 -17.97 78.46
CA GLU O 118 1.51 -19.30 78.02
C GLU O 118 2.53 -19.87 77.05
N LEU O 119 3.05 -19.05 76.14
CA LEU O 119 4.05 -19.54 75.19
C LEU O 119 5.33 -19.96 75.92
N GLU O 120 5.76 -19.17 76.90
CA GLU O 120 6.94 -19.56 77.65
C GLU O 120 6.71 -20.85 78.43
N ASP O 121 5.52 -21.02 79.00
CA ASP O 121 5.20 -22.26 79.69
C ASP O 121 5.22 -23.43 78.73
N TYR O 122 4.71 -23.23 77.52
CA TYR O 122 4.74 -24.26 76.49
C TYR O 122 6.16 -24.65 76.14
N ILE O 123 7.04 -23.66 75.99
CA ILE O 123 8.43 -23.93 75.68
C ILE O 123 9.11 -24.67 76.82
N ALA O 124 8.83 -24.28 78.06
CA ALA O 124 9.41 -24.98 79.21
C ALA O 124 8.92 -26.41 79.28
N GLU O 125 7.65 -26.64 78.98
CA GLU O 125 7.14 -28.01 78.90
C GLU O 125 7.90 -28.80 77.84
N LEU O 126 8.18 -28.16 76.71
CA LEU O 126 8.98 -28.81 75.67
C LEU O 126 10.36 -29.18 76.19
N ILE O 127 11.02 -28.25 76.88
CA ILE O 127 12.39 -28.47 77.32
C ILE O 127 12.45 -29.58 78.36
N GLU O 128 11.59 -29.51 79.36
CA GLU O 128 11.65 -30.47 80.47
C GLU O 128 11.13 -31.83 80.09
N GLY O 129 10.32 -31.93 79.05
CA GLY O 129 9.76 -33.21 78.65
C GLY O 129 10.57 -34.00 77.65
N ALA O 130 11.74 -33.51 77.27
CA ALA O 130 12.56 -34.21 76.29
C ALA O 130 13.07 -35.52 76.88
N PRO O 131 13.31 -36.53 76.03
CA PRO O 131 13.74 -37.85 76.54
C PRO O 131 15.23 -37.91 76.88
N TYR O 132 15.59 -37.33 78.02
CA TYR O 132 16.96 -37.42 78.50
C TYR O 132 17.20 -38.82 79.07
N GLU O 133 18.26 -39.46 78.61
CA GLU O 133 18.55 -40.82 79.06
C GLU O 133 19.11 -40.82 80.48
N GLU O 134 19.90 -39.80 80.82
CA GLU O 134 20.53 -39.72 82.13
C GLU O 134 20.51 -38.27 82.61
N THR O 135 20.40 -38.10 83.93
CA THR O 135 20.40 -36.78 84.54
C THR O 135 21.64 -36.65 85.40
N ILE O 136 22.48 -35.66 85.11
CA ILE O 136 23.66 -35.42 85.91
C ILE O 136 23.23 -34.89 87.28
N LEU O 137 23.86 -35.40 88.33
CA LEU O 137 23.52 -35.01 89.69
C LEU O 137 24.50 -33.97 90.19
N ILE O 138 23.99 -32.78 90.49
CA ILE O 138 24.81 -31.67 90.97
C ILE O 138 24.98 -31.83 92.47
N ASP O 139 26.16 -32.25 92.90
CA ASP O 139 26.44 -32.33 94.33
C ASP O 139 26.54 -30.91 94.88
N PRO O 140 25.67 -30.51 95.81
CA PRO O 140 25.71 -29.12 96.29
C PRO O 140 27.00 -28.74 96.99
N ALA O 141 27.77 -29.72 97.48
CA ALA O 141 29.05 -29.39 98.10
C ALA O 141 30.04 -28.85 97.06
N ASP O 142 30.15 -29.53 95.92
CA ASP O 142 30.96 -29.07 94.80
C ASP O 142 30.14 -29.21 93.54
N THR O 143 29.68 -28.09 92.99
CA THR O 143 28.72 -28.10 91.90
C THR O 143 29.39 -28.11 90.53
N VAL O 144 30.59 -27.58 90.40
CA VAL O 144 31.24 -27.42 89.10
C VAL O 144 31.68 -28.75 88.49
N PRO O 145 32.05 -29.80 89.24
CA PRO O 145 32.29 -31.08 88.55
C PRO O 145 31.08 -31.59 87.79
N ALA O 146 29.87 -31.35 88.28
CA ALA O 146 28.69 -31.79 87.56
C ALA O 146 28.57 -31.07 86.22
N PHE O 147 28.83 -29.77 86.19
CA PHE O 147 28.75 -29.05 84.93
C PHE O 147 29.88 -29.42 83.98
N ILE O 148 31.07 -29.69 84.52
CA ILE O 148 32.15 -30.20 83.67
C ILE O 148 31.77 -31.55 83.08
N THR O 149 31.11 -32.40 83.87
CA THR O 149 30.66 -33.68 83.36
C THR O 149 29.60 -33.51 82.28
N ALA O 150 28.69 -32.54 82.46
CA ALA O 150 27.70 -32.28 81.41
C ALA O 150 28.37 -31.83 80.13
N ASP O 151 29.36 -30.94 80.24
CA ASP O 151 30.09 -30.51 79.06
C ASP O 151 30.82 -31.67 78.41
N GLN O 152 31.41 -32.55 79.21
CA GLN O 152 32.09 -33.72 78.66
C GLN O 152 31.11 -34.63 77.92
N ARG O 153 29.92 -34.83 78.49
CA ARG O 153 28.91 -35.64 77.83
C ARG O 153 28.53 -35.04 76.49
N MET O 154 28.35 -33.73 76.44
CA MET O 154 27.98 -33.12 75.17
C MET O 154 29.15 -32.98 74.22
N GLY O 155 30.38 -33.10 74.70
CA GLY O 155 31.54 -33.05 73.83
C GLY O 155 31.94 -34.40 73.27
N GLU O 156 31.58 -35.48 73.97
CA GLU O 156 31.86 -36.81 73.45
C GLU O 156 30.86 -37.25 72.41
N ALA O 157 29.74 -36.52 72.27
CA ALA O 157 28.81 -36.74 71.18
C ALA O 157 29.11 -35.84 69.98
N ASN O 158 30.22 -35.11 70.03
CA ASN O 158 30.66 -34.26 68.94
C ASN O 158 29.68 -33.13 68.64
N VAL O 159 28.93 -32.71 69.66
CA VAL O 159 28.06 -31.53 69.50
C VAL O 159 28.93 -30.29 69.42
N PRO O 160 28.65 -29.36 68.50
CA PRO O 160 29.49 -28.17 68.38
C PRO O 160 29.56 -27.38 69.68
N THR O 161 30.72 -26.77 69.91
CA THR O 161 30.98 -26.08 71.17
C THR O 161 30.35 -24.70 71.26
N ASP O 162 29.84 -24.15 70.16
CA ASP O 162 29.23 -22.84 70.19
C ASP O 162 27.71 -22.95 70.21
N SER O 163 27.06 -21.82 70.51
CA SER O 163 25.61 -21.68 70.57
C SER O 163 24.98 -22.53 71.66
N ARG O 164 25.77 -23.14 72.53
CA ARG O 164 25.20 -23.88 73.66
C ARG O 164 24.56 -22.91 74.64
N ARG O 165 23.43 -23.32 75.20
CA ARG O 165 22.69 -22.47 76.13
C ARG O 165 22.45 -23.23 77.42
N LEU O 166 22.71 -22.58 78.55
CA LEU O 166 22.57 -23.17 79.87
C LEU O 166 21.56 -22.37 80.67
N VAL O 167 20.39 -22.97 80.91
CA VAL O 167 19.32 -22.33 81.65
C VAL O 167 19.14 -23.10 82.94
N VAL O 168 19.24 -22.39 84.06
CA VAL O 168 19.15 -23.00 85.38
C VAL O 168 17.93 -22.48 86.10
N GLY O 169 17.41 -23.29 87.02
CA GLY O 169 16.31 -22.87 87.85
C GLY O 169 16.76 -21.99 88.99
N SER O 170 15.80 -21.56 89.80
CA SER O 170 16.15 -20.71 90.94
C SER O 170 17.04 -21.44 91.93
N ALA O 171 16.69 -22.68 92.26
CA ALA O 171 17.44 -23.41 93.28
C ALA O 171 18.85 -23.73 92.79
N VAL O 172 19.00 -24.06 91.51
CA VAL O 172 20.34 -24.35 91.00
C VAL O 172 21.22 -23.10 91.05
N ALA O 173 20.67 -21.95 90.68
CA ALA O 173 21.44 -20.71 90.76
C ALA O 173 21.81 -20.37 92.19
N ALA O 174 20.88 -20.57 93.12
CA ALA O 174 21.19 -20.31 94.52
C ALA O 174 22.27 -21.26 95.02
N ALA O 175 22.20 -22.53 94.65
CA ALA O 175 23.22 -23.47 95.07
C ALA O 175 24.57 -23.13 94.46
N LEU O 176 24.58 -22.64 93.23
CA LEU O 176 25.83 -22.19 92.61
C LEU O 176 26.43 -21.03 93.38
N ALA O 177 25.61 -20.06 93.75
CA ALA O 177 26.13 -18.93 94.51
C ALA O 177 26.56 -19.34 95.91
N LYS O 178 25.94 -20.39 96.46
CA LYS O 178 26.29 -20.86 97.79
C LYS O 178 27.51 -21.76 97.80
N ASP O 179 27.97 -22.20 96.63
CA ASP O 179 29.07 -23.14 96.57
C ASP O 179 30.35 -22.51 97.10
N LYS O 180 31.12 -23.30 97.87
CA LYS O 180 32.41 -22.84 98.32
C LYS O 180 33.37 -22.63 97.17
N GLN O 181 33.09 -23.22 96.01
CA GLN O 181 33.93 -23.02 94.85
C GLN O 181 33.83 -21.59 94.32
N PHE O 182 32.67 -20.96 94.45
CA PHE O 182 32.49 -19.60 93.96
C PHE O 182 32.48 -18.56 95.05
N ARG O 183 32.08 -18.93 96.27
CA ARG O 183 32.07 -17.97 97.37
C ARG O 183 33.48 -17.58 97.77
N HIS O 184 34.35 -18.57 98.00
CA HIS O 184 35.69 -18.30 98.49
C HIS O 184 36.55 -17.73 97.38
N ALA O 185 37.11 -16.55 97.61
CA ALA O 185 37.85 -15.86 96.56
C ALA O 185 39.18 -16.53 96.26
N ASP O 186 39.75 -17.25 97.23
CA ASP O 186 41.01 -17.94 96.97
C ASP O 186 40.82 -19.07 95.98
N TRP O 187 39.63 -19.66 95.93
CA TRP O 187 39.34 -20.73 94.99
C TRP O 187 38.72 -20.20 93.70
N SER O 188 37.73 -19.32 93.81
CA SER O 188 37.03 -18.83 92.63
C SER O 188 37.98 -18.07 91.70
N GLY O 189 38.85 -17.25 92.28
CA GLY O 189 39.82 -16.54 91.47
C GLY O 189 39.66 -15.04 91.52
N ASP O 190 38.43 -14.54 91.43
CA ASP O 190 38.20 -13.11 91.43
C ASP O 190 38.15 -12.61 92.86
N GLN O 191 39.06 -11.70 93.19
CA GLN O 191 39.12 -11.12 94.53
C GLN O 191 38.05 -10.06 94.75
N ALA O 192 37.06 -9.99 93.87
CA ALA O 192 35.94 -9.07 93.97
C ALA O 192 34.64 -9.85 93.87
N ASN O 193 34.51 -10.88 94.70
CA ASN O 193 33.47 -11.90 94.60
C ASN O 193 32.15 -11.35 94.08
N ALA O 194 31.68 -11.94 92.99
CA ALA O 194 30.30 -11.72 92.57
C ALA O 194 29.38 -12.73 93.20
N ALA O 195 29.90 -13.88 93.60
CA ALA O 195 29.11 -14.90 94.25
C ALA O 195 28.82 -14.60 95.71
N LEU O 196 29.48 -13.59 96.29
CA LEU O 196 29.26 -13.21 97.67
C LEU O 196 28.77 -11.78 97.80
N ARG O 197 29.38 -10.83 97.07
CA ARG O 197 28.93 -9.45 97.14
C ARG O 197 27.74 -9.18 96.24
N GLU O 198 27.43 -10.07 95.31
CA GLU O 198 26.31 -9.88 94.42
C GLU O 198 25.47 -11.13 94.18
N ALA O 199 25.81 -12.26 94.78
CA ALA O 199 25.04 -13.49 94.67
C ALA O 199 24.85 -13.91 93.23
N HIS O 200 25.83 -13.63 92.39
CA HIS O 200 25.76 -13.92 90.96
C HIS O 200 26.95 -14.78 90.58
N VAL O 201 26.73 -15.76 89.72
CA VAL O 201 27.78 -16.66 89.26
C VAL O 201 28.27 -16.26 87.87
N GLY O 202 27.35 -16.09 86.93
CA GLY O 202 27.74 -15.66 85.60
C GLY O 202 28.24 -16.78 84.72
N ARG O 203 29.53 -16.78 84.42
CA ARG O 203 30.10 -17.80 83.55
C ARG O 203 30.50 -19.02 84.36
N LEU O 204 30.42 -20.19 83.73
CA LEU O 204 30.68 -21.44 84.42
C LEU O 204 30.97 -22.51 83.38
N ALA O 205 32.19 -23.04 83.38
CA ALA O 205 32.59 -24.12 82.49
C ALA O 205 32.26 -23.79 81.03
N GLY O 206 32.60 -22.57 80.64
CA GLY O 206 32.41 -22.14 79.27
C GLY O 206 30.98 -21.82 78.89
N MET O 207 30.07 -21.81 79.85
CA MET O 207 28.65 -21.59 79.58
C MET O 207 28.16 -20.43 80.43
N ASN O 208 27.43 -19.51 79.82
CA ASN O 208 26.89 -18.36 80.51
C ASN O 208 25.57 -18.76 81.17
N VAL O 209 25.58 -18.90 82.49
CA VAL O 209 24.39 -19.31 83.22
C VAL O 209 23.29 -18.29 83.02
N ILE O 210 22.08 -18.76 82.72
CA ILE O 210 20.91 -17.89 82.61
C ILE O 210 19.84 -18.42 83.55
N ARG O 211 19.41 -17.58 84.48
CA ARG O 211 18.38 -17.98 85.42
C ARG O 211 17.01 -17.95 84.77
N SER O 212 16.10 -18.75 85.31
CA SER O 212 14.73 -18.76 84.84
C SER O 212 13.85 -19.36 85.91
N ASN O 213 12.55 -19.04 85.82
CA ASN O 213 11.56 -19.60 86.72
C ASN O 213 10.52 -20.46 86.02
N ALA O 214 10.51 -20.48 84.69
CA ALA O 214 9.59 -21.37 83.99
C ALA O 214 9.93 -22.82 84.26
N ILE O 215 11.21 -23.17 84.22
CA ILE O 215 11.65 -24.54 84.48
C ILE O 215 11.58 -24.81 85.97
N ALA O 216 11.73 -26.08 86.35
CA ALA O 216 11.67 -26.44 87.75
C ALA O 216 12.78 -25.74 88.52
N PRO O 217 12.56 -25.44 89.80
CA PRO O 217 13.56 -24.66 90.55
C PRO O 217 14.92 -25.33 90.65
N ASP O 218 14.98 -26.66 90.73
CA ASP O 218 16.23 -27.35 91.01
C ASP O 218 16.74 -28.16 89.82
N LYS O 219 16.50 -27.68 88.60
CA LYS O 219 16.95 -28.41 87.41
C LYS O 219 17.57 -27.43 86.44
N ALA O 220 18.65 -27.85 85.81
CA ALA O 220 19.39 -27.01 84.87
C ALA O 220 19.58 -27.76 83.56
N TYR O 221 19.25 -27.12 82.45
CA TYR O 221 19.31 -27.75 81.14
C TYR O 221 20.38 -27.07 80.30
N LEU O 222 21.20 -27.87 79.64
CA LEU O 222 22.19 -27.38 78.70
C LEU O 222 21.86 -27.96 77.34
N TRP O 223 21.79 -27.12 76.32
CA TRP O 223 21.40 -27.65 75.02
C TRP O 223 22.00 -26.83 73.89
N HIS O 224 22.37 -27.50 72.82
CA HIS O 224 22.81 -26.85 71.61
C HIS O 224 21.64 -26.18 70.92
N ARG O 225 21.96 -25.25 70.01
CA ARG O 225 20.91 -24.49 69.33
C ARG O 225 19.97 -25.40 68.56
N THR O 226 20.53 -26.35 67.81
CA THR O 226 19.72 -27.25 66.99
C THR O 226 19.22 -28.44 67.79
N ALA O 227 18.61 -28.18 68.94
CA ALA O 227 18.10 -29.24 69.80
C ALA O 227 16.62 -29.13 70.11
N PHE O 228 16.01 -27.96 69.90
CA PHE O 228 14.57 -27.81 70.06
C PHE O 228 14.09 -26.82 69.01
N ILE O 229 13.11 -27.20 68.19
CA ILE O 229 12.49 -26.30 67.23
C ILE O 229 11.13 -25.90 67.76
N LEU O 230 10.83 -24.60 67.71
CA LEU O 230 9.49 -24.09 67.94
C LEU O 230 9.01 -23.50 66.64
N ALA O 231 8.10 -24.21 65.96
CA ALA O 231 7.47 -23.72 64.75
C ALA O 231 6.20 -22.99 65.12
N TYR O 232 5.93 -21.89 64.44
CA TYR O 232 4.73 -21.11 64.72
C TYR O 232 4.16 -20.55 63.43
N ARG O 233 2.88 -20.17 63.51
CA ARG O 233 2.18 -19.53 62.41
C ARG O 233 1.14 -18.57 62.98
N THR O 234 1.15 -17.36 62.46
CA THR O 234 0.13 -16.39 62.84
C THR O 234 -1.09 -16.57 61.94
N PRO O 235 -2.24 -16.92 62.48
CA PRO O 235 -3.41 -17.17 61.63
C PRO O 235 -3.86 -15.90 60.93
N VAL O 236 -4.46 -16.09 59.76
CA VAL O 236 -5.04 -14.97 59.03
C VAL O 236 -6.36 -14.59 59.67
N VAL O 237 -6.71 -13.32 59.58
CA VAL O 237 -7.98 -12.85 60.16
C VAL O 237 -9.13 -13.35 59.30
N PRO O 238 -10.16 -13.94 59.89
CA PRO O 238 -11.30 -14.39 59.09
C PRO O 238 -11.98 -13.21 58.42
N GLU O 239 -12.49 -13.46 57.21
CA GLU O 239 -13.20 -12.40 56.50
C GLU O 239 -14.51 -12.05 57.17
N GLY O 240 -15.05 -12.94 58.01
CA GLY O 240 -16.27 -12.68 58.73
C GLY O 240 -16.13 -11.87 60.00
N ALA O 241 -14.91 -11.52 60.40
CA ALA O 241 -14.68 -10.76 61.61
C ALA O 241 -13.68 -9.64 61.34
N LYS O 242 -13.80 -8.57 62.10
CA LYS O 242 -12.96 -7.39 61.90
C LYS O 242 -11.54 -7.66 62.35
N ALA O 243 -10.58 -7.14 61.59
CA ALA O 243 -9.17 -7.28 61.93
C ALA O 243 -8.81 -6.26 63.00
N GLY O 244 -7.52 -6.10 63.28
CA GLY O 244 -7.10 -5.17 64.30
C GLY O 244 -5.65 -4.76 64.22
N ALA O 245 -5.00 -4.63 65.37
CA ALA O 245 -3.62 -4.16 65.45
C ALA O 245 -2.66 -5.33 65.28
N SER O 246 -1.39 -5.09 65.53
CA SER O 246 -0.35 -6.10 65.43
C SER O 246 0.39 -6.22 66.77
N PHE O 247 0.65 -7.45 67.18
CA PHE O 247 1.31 -7.69 68.46
C PHE O 247 2.29 -8.85 68.32
N SER O 248 3.31 -8.83 69.17
CA SER O 248 4.33 -9.88 69.17
C SER O 248 4.69 -10.20 70.60
N ALA O 249 4.67 -11.50 70.93
CA ALA O 249 5.01 -11.97 72.27
C ALA O 249 6.45 -12.46 72.24
N ASN O 250 7.39 -11.52 72.38
CA ASN O 250 8.82 -11.81 72.35
C ASN O 250 9.22 -12.46 71.03
N GLY O 251 9.03 -11.71 69.95
CA GLY O 251 9.43 -12.18 68.64
C GLY O 251 8.34 -12.86 67.86
N VAL O 252 7.78 -13.94 68.44
CA VAL O 252 6.70 -14.65 67.78
C VAL O 252 5.49 -13.75 67.66
N ALA O 253 5.01 -13.55 66.44
CA ALA O 253 3.90 -12.65 66.22
C ALA O 253 2.58 -13.31 66.60
N LEU O 254 1.56 -12.50 66.80
CA LEU O 254 0.24 -12.98 67.22
C LEU O 254 -0.84 -12.32 66.37
N ARG O 255 -1.97 -13.01 66.24
CA ARG O 255 -3.12 -12.50 65.52
C ARG O 255 -4.11 -11.96 66.53
N TRP O 256 -4.52 -10.70 66.35
CA TRP O 256 -5.54 -10.07 67.16
C TRP O 256 -6.81 -9.90 66.35
N LEU O 257 -7.93 -10.34 66.93
CA LEU O 257 -9.20 -10.41 66.25
C LEU O 257 -10.28 -9.83 67.15
N ALA O 258 -11.25 -9.16 66.53
CA ALA O 258 -12.39 -8.63 67.28
C ALA O 258 -13.64 -8.88 66.46
N ASP O 259 -14.67 -9.44 67.08
CA ASP O 259 -15.91 -9.79 66.36
C ASP O 259 -17.09 -9.50 67.26
N TYR O 260 -17.79 -8.40 67.00
CA TYR O 260 -18.95 -8.02 67.78
C TYR O 260 -20.03 -9.09 67.67
N ASP O 261 -20.61 -9.47 68.81
CA ASP O 261 -21.66 -10.48 68.86
C ASP O 261 -22.99 -9.76 69.05
N TYR O 262 -23.72 -9.59 67.96
CA TYR O 262 -24.99 -8.89 68.03
C TYR O 262 -25.98 -9.63 68.91
N SER O 263 -26.00 -10.96 68.83
CA SER O 263 -26.97 -11.74 69.59
C SER O 263 -26.79 -11.57 71.09
N GLN O 264 -25.58 -11.24 71.55
CA GLN O 264 -25.33 -10.99 72.96
C GLN O 264 -25.05 -9.52 73.26
N LEU O 265 -25.14 -8.65 72.25
CA LEU O 265 -24.88 -7.22 72.41
C LEU O 265 -23.51 -6.97 73.02
N GLY O 266 -22.53 -7.80 72.68
CA GLY O 266 -21.22 -7.69 73.26
C GLY O 266 -20.14 -7.92 72.22
N ASP O 267 -18.97 -7.39 72.53
CA ASP O 267 -17.80 -7.53 71.68
C ASP O 267 -16.93 -8.66 72.20
N ARG O 268 -16.15 -9.25 71.30
CA ARG O 268 -15.26 -10.36 71.63
C ARG O 268 -13.91 -10.13 70.99
N THR O 269 -12.85 -10.37 71.75
CA THR O 269 -11.49 -10.17 71.28
C THR O 269 -10.68 -11.44 71.53
N LEU O 270 -9.71 -11.69 70.65
CA LEU O 270 -8.95 -12.92 70.69
C LEU O 270 -7.54 -12.67 70.19
N LEU O 271 -6.55 -13.04 70.99
CA LEU O 271 -5.15 -12.92 70.61
C LEU O 271 -4.55 -14.33 70.62
N ASP O 272 -4.11 -14.81 69.45
CA ASP O 272 -3.75 -16.21 69.37
C ASP O 272 -2.63 -16.45 68.37
N VAL O 273 -2.17 -17.71 68.35
CA VAL O 273 -1.12 -18.16 67.45
C VAL O 273 -1.14 -19.68 67.41
N PHE O 274 -0.82 -20.26 66.25
CA PHE O 274 -0.69 -21.70 66.12
C PHE O 274 0.77 -22.07 66.34
N THR O 275 1.02 -23.06 67.19
CA THR O 275 2.37 -23.39 67.59
C THR O 275 2.57 -24.90 67.61
N GLY O 276 3.82 -25.30 67.44
CA GLY O 276 4.20 -26.70 67.52
C GLY O 276 5.65 -26.82 67.90
N ARG O 277 5.98 -27.89 68.62
CA ARG O 277 7.30 -28.07 69.17
C ARG O 277 7.88 -29.40 68.69
N LYS O 278 9.20 -29.42 68.49
CA LYS O 278 9.88 -30.64 68.09
C LYS O 278 11.22 -30.73 68.79
N VAL O 279 11.58 -31.94 69.20
CA VAL O 279 12.88 -32.23 69.79
C VAL O 279 13.71 -32.94 68.73
N VAL O 280 14.87 -32.38 68.40
CA VAL O 280 15.75 -33.02 67.44
C VAL O 280 16.25 -34.33 68.02
N THR O 281 16.09 -35.41 67.27
CA THR O 281 16.61 -36.70 67.67
C THR O 281 17.53 -37.21 66.58
N GLU O 282 18.46 -38.07 66.97
CA GLU O 282 19.45 -38.58 66.03
C GLU O 282 18.82 -39.61 65.11
N VAL O 283 19.62 -40.09 64.17
CA VAL O 283 19.16 -41.15 63.28
C VAL O 283 18.79 -42.39 64.07
N ASP O 284 19.62 -42.74 65.05
CA ASP O 284 19.33 -43.88 65.91
C ASP O 284 18.14 -43.63 66.82
N GLY O 285 17.66 -42.39 66.92
CA GLY O 285 16.60 -42.05 67.83
C GLY O 285 17.08 -41.61 69.20
N SER O 286 18.37 -41.73 69.48
CA SER O 286 18.91 -41.26 70.75
C SER O 286 18.97 -39.74 70.78
N PHE O 287 18.90 -39.18 71.97
CA PHE O 287 18.91 -37.74 72.18
C PHE O 287 20.23 -37.36 72.85
N VAL O 288 21.06 -36.59 72.14
CA VAL O 288 22.41 -36.31 72.63
C VAL O 288 22.70 -34.82 72.58
N ARG O 289 21.83 -34.04 71.95
CA ARG O 289 22.06 -32.61 71.81
C ARG O 289 21.64 -31.81 73.02
N ALA O 290 21.24 -32.46 74.11
CA ALA O 290 20.84 -31.73 75.31
C ALA O 290 21.06 -32.61 76.53
N VAL O 291 21.54 -31.99 77.60
CA VAL O 291 21.82 -32.70 78.83
C VAL O 291 21.07 -32.01 79.97
N GLU O 292 20.69 -32.81 80.96
CA GLU O 292 19.85 -32.40 82.06
C GLU O 292 20.58 -32.62 83.37
N LEU O 293 20.49 -31.66 84.28
CA LEU O 293 21.14 -31.74 85.57
C LEU O 293 20.13 -31.45 86.67
N GLN O 294 20.22 -32.19 87.77
CA GLN O 294 19.30 -32.03 88.87
C GLN O 294 20.07 -32.06 90.18
N LEU O 295 19.75 -31.13 91.07
CA LEU O 295 20.43 -31.07 92.36
C LEU O 295 20.10 -32.29 93.19
N GLN O 296 21.11 -32.82 93.87
CA GLN O 296 20.88 -33.90 94.82
C GLN O 296 20.17 -33.37 96.05
N ALA O 297 19.53 -34.29 96.77
CA ALA O 297 18.88 -33.96 98.04
C ALA O 297 19.36 -34.95 99.08
N SER O 298 19.82 -34.44 100.22
CA SER O 298 20.28 -35.28 101.31
C SER O 298 19.19 -35.61 102.32
N SER O 299 18.34 -34.65 102.65
CA SER O 299 17.26 -34.87 103.62
C SER O 299 16.20 -33.81 103.39
N ILE O 300 15.03 -34.05 103.97
CA ILE O 300 13.92 -33.12 103.89
C ILE O 300 13.43 -32.80 105.29
N THR O 301 12.79 -31.65 105.43
CA THR O 301 12.22 -31.22 106.70
C THR O 301 10.86 -30.60 106.42
N ILE O 302 9.91 -30.85 107.32
CA ILE O 302 8.61 -30.20 107.27
C ILE O 302 8.74 -28.85 107.96
N VAL O 303 8.44 -27.78 107.23
CA VAL O 303 8.58 -26.45 107.80
C VAL O 303 7.51 -26.23 108.86
N GLY O 304 7.89 -25.60 109.97
CA GLY O 304 6.99 -25.33 111.06
C GLY O 304 7.13 -26.28 112.24
N GLY O 305 7.77 -27.43 112.05
CA GLY O 305 7.95 -28.36 113.14
C GLY O 305 6.61 -28.89 113.64
N ALA O 306 6.62 -29.34 114.89
CA ALA O 306 5.39 -29.80 115.53
C ALA O 306 4.40 -28.65 115.67
N PHE O 307 3.12 -28.96 115.51
CA PHE O 307 2.09 -27.93 115.51
C PHE O 307 0.81 -28.50 116.11
N ALA O 308 -0.07 -27.59 116.52
CA ALA O 308 -1.37 -27.94 117.05
C ALA O 308 -2.44 -27.34 116.16
N LEU O 309 -3.38 -28.16 115.71
CA LEU O 309 -4.46 -27.67 114.87
C LEU O 309 -5.40 -26.78 115.68
N ALA O 310 -6.05 -25.85 114.98
CA ALA O 310 -7.03 -25.00 115.63
C ALA O 310 -8.21 -25.80 116.15
N THR O 311 -8.68 -26.76 115.36
CA THR O 311 -9.76 -27.65 115.76
C THR O 311 -9.62 -28.95 115.01
N THR O 312 -10.36 -29.97 115.46
CA THR O 312 -10.27 -31.28 114.82
C THR O 312 -10.65 -31.20 113.35
N THR O 313 -11.73 -30.49 113.04
CA THR O 313 -12.14 -30.32 111.66
C THR O 313 -11.18 -29.42 110.88
N GLY O 314 -10.26 -28.73 111.55
CA GLY O 314 -9.36 -27.82 110.87
C GLY O 314 -8.37 -28.56 109.99
N THR O 315 -8.07 -27.94 108.85
CA THR O 315 -7.19 -28.51 107.84
C THR O 315 -5.95 -27.63 107.71
N LYS O 316 -4.77 -28.25 107.75
CA LYS O 316 -3.51 -27.53 107.60
C LYS O 316 -2.76 -28.09 106.40
N GLN O 317 -2.27 -27.19 105.55
CA GLN O 317 -1.52 -27.59 104.37
C GLN O 317 -0.04 -27.65 104.73
N LEU O 318 0.54 -28.84 104.62
CA LEU O 318 1.95 -29.01 104.94
C LEU O 318 2.82 -28.43 103.83
N LYS O 319 4.10 -28.30 104.13
CA LYS O 319 5.10 -27.85 103.17
C LYS O 319 6.43 -28.45 103.55
N VAL O 320 7.05 -29.18 102.62
CA VAL O 320 8.28 -29.90 102.87
C VAL O 320 9.39 -29.29 102.03
N ARG O 321 10.50 -28.94 102.68
CA ARG O 321 11.65 -28.36 102.02
C ARG O 321 12.84 -29.29 102.19
N ASP O 322 13.53 -29.58 101.11
CA ASP O 322 14.70 -30.45 101.17
C ASP O 322 15.88 -29.65 101.72
N ASP O 323 17.07 -30.26 101.73
CA ASP O 323 18.25 -29.60 102.29
C ASP O 323 18.67 -28.37 101.50
N ASN O 324 18.15 -28.21 100.28
CA ASN O 324 18.47 -27.07 99.43
C ASN O 324 17.44 -25.96 99.56
N GLY O 325 16.50 -26.07 100.48
CA GLY O 325 15.46 -25.07 100.61
C GLY O 325 14.54 -24.98 99.42
N THR O 326 14.15 -26.13 98.86
CA THR O 326 13.26 -26.17 97.71
C THR O 326 11.93 -26.79 98.14
N ASP O 327 10.84 -26.16 97.72
CA ASP O 327 9.52 -26.69 98.02
C ASP O 327 9.32 -27.98 97.26
N VAL O 328 9.27 -29.10 97.99
CA VAL O 328 9.20 -30.42 97.38
C VAL O 328 7.92 -31.15 97.80
N THR O 329 6.89 -30.39 98.22
CA THR O 329 5.64 -31.00 98.64
C THR O 329 4.99 -31.78 97.50
N ALA O 330 5.04 -31.24 96.28
CA ALA O 330 4.39 -31.88 95.16
C ALA O 330 5.03 -33.21 94.79
N ARG O 331 6.27 -33.45 95.19
CA ARG O 331 7.00 -34.67 94.85
C ARG O 331 7.19 -35.58 96.06
N CYS O 332 6.31 -35.49 97.04
CA CYS O 332 6.46 -36.22 98.28
C CYS O 332 5.20 -37.03 98.56
N THR O 333 5.35 -38.06 99.39
CA THR O 333 4.25 -38.91 99.81
C THR O 333 4.07 -38.82 101.31
N PHE O 334 2.85 -38.54 101.75
CA PHE O 334 2.56 -38.35 103.16
C PHE O 334 1.85 -39.57 103.73
N ALA O 335 2.21 -39.93 104.95
CA ALA O 335 1.57 -41.03 105.65
C ALA O 335 1.27 -40.61 107.08
N SER O 336 0.00 -40.73 107.49
CA SER O 336 -0.39 -40.49 108.86
C SER O 336 -0.17 -41.75 109.67
N SER O 337 0.67 -41.66 110.71
CA SER O 337 0.99 -42.83 111.51
C SER O 337 -0.26 -43.40 112.18
N ALA O 338 -1.10 -42.52 112.73
CA ALA O 338 -2.33 -42.91 113.40
C ALA O 338 -3.49 -42.23 112.69
N GLY O 339 -4.14 -42.95 111.78
CA GLY O 339 -5.28 -42.40 111.07
C GLY O 339 -6.54 -42.29 111.90
N THR O 340 -6.58 -42.93 113.08
CA THR O 340 -7.72 -42.83 113.96
C THR O 340 -7.80 -41.50 114.68
N LYS O 341 -6.75 -40.67 114.58
CA LYS O 341 -6.73 -39.38 115.24
C LYS O 341 -6.59 -38.23 114.25
N ALA O 342 -5.63 -38.32 113.33
CA ALA O 342 -5.44 -37.30 112.30
C ALA O 342 -5.13 -37.97 110.98
N THR O 343 -5.65 -37.42 109.90
CA THR O 343 -5.44 -37.97 108.57
C THR O 343 -4.86 -36.90 107.65
N VAL O 344 -4.03 -37.36 106.71
CA VAL O 344 -3.33 -36.47 105.79
C VAL O 344 -3.53 -37.00 104.37
N SER O 345 -3.83 -36.09 103.44
CA SER O 345 -4.06 -36.47 102.06
C SER O 345 -2.72 -36.60 101.34
N ALA O 346 -2.77 -36.72 100.01
CA ALA O 346 -1.55 -36.73 99.22
C ALA O 346 -0.93 -35.35 99.08
N ALA O 347 -1.73 -34.29 99.16
CA ALA O 347 -1.24 -32.93 99.04
C ALA O 347 -0.83 -32.32 100.38
N GLY O 348 -0.93 -33.08 101.47
CA GLY O 348 -0.51 -32.60 102.76
C GLY O 348 -1.59 -31.95 103.59
N LEU O 349 -2.86 -32.10 103.22
CA LEU O 349 -3.97 -31.51 103.98
C LEU O 349 -4.18 -32.35 105.23
N VAL O 350 -3.43 -32.02 106.28
CA VAL O 350 -3.56 -32.71 107.56
C VAL O 350 -4.87 -32.28 108.21
N THR O 351 -5.68 -33.27 108.60
CA THR O 351 -6.94 -33.04 109.28
C THR O 351 -7.07 -34.03 110.43
N GLY O 352 -7.61 -33.56 111.55
CA GLY O 352 -7.76 -34.41 112.72
C GLY O 352 -9.13 -35.00 112.88
N VAL O 353 -9.26 -36.31 112.62
CA VAL O 353 -10.56 -36.95 112.72
C VAL O 353 -11.03 -37.00 114.18
N ALA O 354 -10.12 -37.25 115.11
CA ALA O 354 -10.46 -37.31 116.52
C ALA O 354 -9.34 -36.68 117.33
N ALA O 355 -9.72 -36.04 118.45
CA ALA O 355 -8.75 -35.34 119.28
C ALA O 355 -7.72 -36.32 119.84
N GLY O 356 -6.48 -35.87 119.92
CA GLY O 356 -5.40 -36.72 120.39
C GLY O 356 -4.07 -36.25 119.83
N THR O 357 -3.14 -37.19 119.77
CA THR O 357 -1.79 -36.92 119.26
C THR O 357 -1.47 -37.93 118.16
N ALA O 358 -1.08 -37.42 116.99
CA ALA O 358 -0.77 -38.26 115.85
C ALA O 358 0.59 -37.86 115.28
N ASP O 359 1.12 -38.70 114.41
CA ASP O 359 2.38 -38.44 113.73
C ASP O 359 2.16 -38.47 112.23
N ILE O 360 2.76 -37.51 111.53
CA ILE O 360 2.72 -37.42 110.08
C ILE O 360 4.15 -37.54 109.58
N THR O 361 4.38 -38.47 108.65
CA THR O 361 5.69 -38.69 108.09
C THR O 361 5.65 -38.46 106.58
N ALA O 362 6.55 -37.62 106.10
CA ALA O 362 6.66 -37.30 104.69
C ALA O 362 7.89 -37.99 104.14
N SER O 363 7.69 -38.82 103.12
CA SER O 363 8.77 -39.57 102.48
C SER O 363 8.95 -39.07 101.06
N TYR O 364 10.19 -38.75 100.71
CA TYR O 364 10.53 -38.18 99.41
C TYR O 364 11.67 -38.98 98.81
N VAL O 365 11.49 -39.45 97.58
CA VAL O 365 12.52 -40.20 96.88
C VAL O 365 13.51 -39.22 96.27
N PRO O 366 14.77 -39.24 96.66
CA PRO O 366 15.73 -38.24 96.19
C PRO O 366 15.98 -38.41 94.71
N PRO O 367 16.44 -37.34 94.03
CA PRO O 367 16.76 -37.49 92.61
C PRO O 367 17.81 -38.54 92.33
N GLN O 368 18.77 -38.71 93.23
CA GLN O 368 19.77 -39.76 93.03
C GLN O 368 19.16 -41.14 93.20
N GLY O 369 18.02 -41.24 93.87
CA GLY O 369 17.39 -42.52 94.08
C GLY O 369 17.74 -43.12 95.42
N GLY O 370 17.67 -44.46 95.51
CA GLY O 370 17.96 -45.12 96.75
C GLY O 370 16.81 -44.98 97.75
N THR O 371 17.15 -45.17 99.02
CA THR O 371 16.16 -45.10 100.08
C THR O 371 15.61 -43.68 100.18
N ALA O 372 14.28 -43.58 100.26
CA ALA O 372 13.65 -42.28 100.33
C ALA O 372 13.88 -41.63 101.69
N LYS O 373 14.15 -40.33 101.68
CA LYS O 373 14.35 -39.58 102.91
C LYS O 373 13.02 -39.29 103.57
N THR O 374 12.95 -39.48 104.88
CA THR O 374 11.71 -39.31 105.63
C THR O 374 11.89 -38.24 106.69
N ALA O 375 10.88 -37.37 106.81
CA ALA O 375 10.82 -36.35 107.85
C ALA O 375 9.53 -36.54 108.62
N THR O 376 9.65 -36.58 109.95
CA THR O 376 8.50 -36.80 110.82
C THR O 376 8.07 -35.51 111.48
N VAL O 377 6.80 -35.49 111.91
CA VAL O 377 6.25 -34.35 112.62
C VAL O 377 5.14 -34.86 113.52
N THR O 378 4.97 -34.22 114.66
CA THR O 378 3.96 -34.60 115.64
C THR O 378 2.88 -33.53 115.69
N VAL O 379 1.63 -33.95 115.54
CA VAL O 379 0.49 -33.05 115.53
C VAL O 379 -0.40 -33.38 116.72
N THR O 380 -0.85 -32.34 117.42
CA THR O 380 -1.76 -32.48 118.55
C THR O 380 -3.09 -31.84 118.18
N VAL O 381 -4.09 -32.67 117.91
CA VAL O 381 -5.40 -32.20 117.46
C VAL O 381 -6.33 -32.05 118.66
N PRO O 382 -7.00 -30.90 118.82
CA PRO O 382 -7.86 -30.61 119.96
C PRO O 382 -9.29 -31.12 119.77
N ALA P 2 34.46 20.54 166.57
CA ALA P 2 34.99 20.42 165.22
C ALA P 2 34.67 21.66 164.40
N HIS P 3 35.20 21.73 163.18
CA HIS P 3 34.96 22.84 162.28
C HIS P 3 33.82 22.46 161.34
N ILE P 4 32.77 23.28 161.34
CA ILE P 4 31.63 23.07 160.46
C ILE P 4 31.58 24.23 159.48
N PHE P 5 31.56 23.92 158.19
CA PHE P 5 31.52 24.91 157.14
C PHE P 5 30.23 24.77 156.35
N VAL P 6 29.64 25.91 155.99
CA VAL P 6 28.43 25.95 155.19
C VAL P 6 28.84 26.15 153.74
N LYS P 7 28.50 25.20 152.89
CA LYS P 7 28.90 25.25 151.50
C LYS P 7 27.70 25.00 150.60
N PRO P 8 27.71 25.55 149.39
CA PRO P 8 26.62 25.27 148.45
C PRO P 8 26.72 23.85 147.93
N GLU P 9 25.75 23.48 147.11
CA GLU P 9 25.72 22.18 146.45
C GLU P 9 25.82 22.44 144.96
N LEU P 10 27.05 22.40 144.44
CA LEU P 10 27.27 22.72 143.04
C LEU P 10 26.70 21.63 142.14
N VAL P 11 26.24 22.05 140.96
CA VAL P 11 25.72 21.15 139.95
C VAL P 11 26.38 21.50 138.63
N ALA P 12 26.88 20.50 137.92
CA ALA P 12 27.59 20.72 136.67
C ALA P 12 27.09 19.75 135.61
N GLU P 13 27.23 20.15 134.36
CA GLU P 13 26.95 19.30 133.21
C GLU P 13 28.24 19.06 132.45
N ILE P 14 28.59 17.78 132.27
CA ILE P 14 29.87 17.43 131.65
C ILE P 14 29.63 16.53 130.46
N GLY P 15 28.47 16.66 129.82
CA GLY P 15 28.18 15.89 128.63
C GLY P 15 27.75 14.47 128.88
N VAL P 16 27.62 14.04 130.13
CA VAL P 16 27.08 12.73 130.44
C VAL P 16 25.57 12.80 130.29
N LYS P 17 25.02 11.99 129.40
CA LYS P 17 23.59 12.02 129.13
C LYS P 17 23.04 10.60 129.10
N GLN P 18 21.79 10.45 128.70
CA GLN P 18 21.20 9.13 128.50
C GLN P 18 21.43 8.71 127.06
N LEU P 19 21.97 7.51 126.87
CA LEU P 19 22.31 7.04 125.54
C LEU P 19 21.05 6.64 124.79
N GLN P 20 20.92 7.13 123.55
CA GLN P 20 19.76 6.86 122.72
C GLN P 20 20.21 6.38 121.35
N ARG P 21 19.35 5.61 120.71
CA ARG P 21 19.69 5.02 119.42
C ARG P 21 19.72 6.10 118.34
N GLU P 22 20.04 5.67 117.13
CA GLU P 22 20.13 6.57 115.98
C GLU P 22 18.94 6.31 115.06
N ILE P 23 18.27 7.38 114.64
CA ILE P 23 17.09 7.26 113.81
C ILE P 23 17.50 6.87 112.40
N VAL P 24 17.14 5.65 112.00
CA VAL P 24 17.48 5.13 110.68
C VAL P 24 16.24 4.72 109.92
N LEU P 25 15.31 4.05 110.61
CA LEU P 25 14.16 3.45 109.94
C LEU P 25 13.28 4.44 109.19
N PRO P 26 12.93 5.61 109.74
CA PRO P 26 11.99 6.49 109.02
C PRO P 26 12.46 6.91 107.64
N GLY P 27 13.76 6.93 107.40
CA GLY P 27 14.25 7.32 106.09
C GLY P 27 14.21 6.24 105.05
N LEU P 28 13.73 5.04 105.39
CA LEU P 28 13.79 3.91 104.48
C LEU P 28 12.42 3.50 103.92
N VAL P 29 11.39 3.47 104.76
CA VAL P 29 10.09 2.96 104.30
C VAL P 29 9.45 3.95 103.33
N TRP P 30 8.43 3.46 102.63
CA TRP P 30 7.70 4.27 101.67
C TRP P 30 6.82 5.28 102.40
N THR P 31 7.10 6.56 102.21
CA THR P 31 6.42 7.63 102.94
C THR P 31 5.57 8.46 101.98
N ASN P 32 4.31 8.63 102.34
CA ASN P 32 3.39 9.52 101.64
C ASN P 32 3.32 9.27 100.13
N PRO P 33 2.81 8.13 99.70
CA PRO P 33 2.42 7.99 98.30
C PRO P 33 1.00 8.49 98.11
N LEU P 34 0.26 8.53 99.22
CA LEU P 34 -1.14 8.95 99.23
C LEU P 34 -1.28 10.13 100.18
N THR P 35 -1.89 11.20 99.68
CA THR P 35 -1.97 12.43 100.47
C THR P 35 -3.39 12.87 100.77
N ASP P 36 -4.31 12.72 99.84
CA ASP P 36 -5.66 13.24 100.00
C ASP P 36 -6.52 12.30 100.84
N PHE P 37 -6.06 12.02 102.06
CA PHE P 37 -6.84 11.22 102.98
C PHE P 37 -8.12 11.92 103.38
N GLY P 38 -8.04 13.21 103.65
CA GLY P 38 -9.25 14.01 103.71
C GLY P 38 -9.90 14.05 102.33
N GLY P 39 -11.21 13.91 102.31
CA GLY P 39 -11.91 13.80 101.04
C GLY P 39 -12.23 12.39 100.61
N SER P 40 -12.02 11.40 101.47
CA SER P 40 -12.41 10.03 101.20
C SER P 40 -13.18 9.48 102.38
N LYS P 41 -14.20 8.67 102.09
CA LYS P 41 -15.03 8.10 103.14
C LYS P 41 -14.17 7.26 104.09
N ASN P 42 -14.39 7.44 105.39
CA ASN P 42 -13.70 6.68 106.42
C ASN P 42 -12.18 6.89 106.40
N ASP P 43 -11.74 8.01 105.81
CA ASP P 43 -10.32 8.36 105.76
C ASP P 43 -9.49 7.28 105.11
N THR P 44 -10.06 6.59 104.13
CA THR P 44 -9.43 5.46 103.46
C THR P 44 -9.34 5.73 101.96
N ILE P 45 -8.15 5.53 101.40
CA ILE P 45 -7.93 5.60 99.97
C ILE P 45 -7.74 4.17 99.48
N THR P 46 -8.56 3.76 98.52
CA THR P 46 -8.55 2.37 98.06
C THR P 46 -7.62 2.27 96.87
N VAL P 47 -6.36 1.92 97.14
CA VAL P 47 -5.40 1.71 96.08
C VAL P 47 -5.83 0.51 95.25
N ARG P 48 -5.82 0.66 93.93
CA ARG P 48 -6.20 -0.43 93.05
C ARG P 48 -4.97 -1.12 92.50
N VAL P 49 -5.13 -2.41 92.18
CA VAL P 49 -4.09 -3.25 91.61
C VAL P 49 -4.64 -3.82 90.32
N PRO P 50 -3.98 -3.60 89.19
CA PRO P 50 -4.58 -3.94 87.89
C PRO P 50 -4.77 -5.43 87.72
N ALA P 51 -5.73 -5.78 86.87
CA ALA P 51 -6.06 -7.18 86.63
C ALA P 51 -5.04 -7.85 85.73
N ILE P 52 -4.93 -9.16 85.88
CA ILE P 52 -4.14 -10.00 84.99
C ILE P 52 -5.03 -11.15 84.54
N THR P 53 -4.68 -11.72 83.39
CA THR P 53 -5.46 -12.78 82.79
C THR P 53 -4.55 -13.96 82.49
N THR P 54 -5.17 -15.11 82.23
CA THR P 54 -4.47 -16.31 81.82
C THR P 54 -4.92 -16.71 80.43
N ALA P 55 -4.02 -17.31 79.68
CA ALA P 55 -4.31 -17.82 78.36
C ALA P 55 -4.57 -19.31 78.42
N ASN P 56 -5.34 -19.79 77.45
CA ASN P 56 -5.72 -21.20 77.39
C ASN P 56 -5.08 -21.86 76.17
N ARG P 57 -4.89 -23.16 76.27
CA ARG P 57 -4.28 -23.95 75.21
C ARG P 57 -5.34 -24.85 74.61
N ARG P 58 -5.66 -24.62 73.34
CA ARG P 58 -6.63 -25.42 72.62
C ARG P 58 -5.89 -26.30 71.62
N ASP P 59 -6.18 -27.60 71.66
CA ASP P 59 -5.58 -28.51 70.70
C ASP P 59 -6.07 -28.17 69.30
N LEU P 60 -5.14 -27.93 68.39
CA LEU P 60 -5.50 -27.58 67.03
C LEU P 60 -6.19 -28.75 66.35
N ARG P 61 -7.14 -28.44 65.48
CA ARG P 61 -7.99 -29.44 64.83
C ARG P 61 -8.75 -30.25 65.88
N ASP P 62 -9.59 -29.55 66.63
CA ASP P 62 -10.43 -30.10 67.69
C ASP P 62 -11.88 -30.12 67.24
N PRO P 63 -12.68 -31.10 67.72
CA PRO P 63 -14.09 -31.14 67.33
C PRO P 63 -14.84 -29.86 67.68
N ASP P 64 -14.86 -29.50 68.96
CA ASP P 64 -15.52 -28.29 69.44
C ASP P 64 -14.46 -27.34 69.96
N ARG P 65 -14.39 -26.14 69.36
CA ARG P 65 -13.40 -25.17 69.79
C ARG P 65 -13.63 -24.75 71.23
N THR P 66 -14.87 -24.39 71.57
CA THR P 66 -15.25 -23.96 72.91
C THR P 66 -14.22 -22.99 73.49
N VAL P 67 -14.03 -21.89 72.77
CA VAL P 67 -13.06 -20.88 73.17
C VAL P 67 -13.48 -20.33 74.53
N ILE P 68 -12.69 -20.63 75.55
CA ILE P 68 -13.03 -20.24 76.92
C ILE P 68 -12.54 -18.82 77.16
N ALA P 69 -13.46 -17.94 77.55
CA ALA P 69 -13.11 -16.56 77.82
C ALA P 69 -12.50 -16.44 79.20
N SER P 70 -11.35 -15.78 79.28
CA SER P 70 -10.73 -15.51 80.57
C SER P 70 -11.36 -14.26 81.18
N GLU P 71 -10.89 -13.88 82.36
CA GLU P 71 -11.50 -12.81 83.12
C GLU P 71 -10.45 -11.78 83.52
N LEU P 72 -10.93 -10.59 83.89
CA LEU P 72 -10.08 -9.48 84.32
C LEU P 72 -10.60 -9.01 85.67
N VAL P 73 -10.03 -9.53 86.74
CA VAL P 73 -10.46 -9.23 88.10
C VAL P 73 -9.46 -8.25 88.70
N GLU P 74 -9.77 -6.96 88.62
CA GLU P 74 -8.95 -5.97 89.30
C GLU P 74 -9.13 -6.06 90.80
N HIS P 75 -8.06 -5.83 91.54
CA HIS P 75 -8.11 -5.97 92.99
C HIS P 75 -7.86 -4.63 93.65
N SER P 76 -8.01 -4.58 94.96
CA SER P 76 -7.85 -3.31 95.66
C SER P 76 -7.56 -3.56 97.12
N PHE P 77 -7.01 -2.54 97.78
CA PHE P 77 -6.80 -2.56 99.21
C PHE P 77 -6.76 -1.13 99.73
N GLY P 78 -7.24 -0.94 100.95
CA GLY P 78 -7.40 0.39 101.51
C GLY P 78 -6.27 0.79 102.42
N VAL P 79 -5.80 2.03 102.26
CA VAL P 79 -4.82 2.64 103.15
C VAL P 79 -5.51 3.76 103.89
N THR P 80 -5.37 3.76 105.22
CA THR P 80 -6.16 4.64 106.06
C THR P 80 -5.30 5.34 107.09
N LEU P 81 -5.75 6.52 107.51
CA LEU P 81 -5.15 7.25 108.62
C LEU P 81 -5.85 6.81 109.90
N ASP P 82 -5.12 6.15 110.80
CA ASP P 82 -5.79 5.60 111.97
C ASP P 82 -4.99 5.78 113.26
N LYS P 83 -4.08 6.73 113.32
CA LYS P 83 -3.37 6.97 114.57
C LYS P 83 -3.06 8.46 114.70
N HIS P 84 -2.94 8.91 115.94
CA HIS P 84 -2.67 10.32 116.25
C HIS P 84 -1.54 10.33 117.27
N VAL P 85 -0.31 10.53 116.79
CA VAL P 85 0.85 10.48 117.67
C VAL P 85 1.09 11.86 118.25
N TYR P 86 1.13 11.93 119.58
CA TYR P 86 1.19 13.21 120.28
C TYR P 86 2.12 13.11 121.47
N ALA P 87 2.55 14.29 121.93
CA ALA P 87 3.25 14.43 123.19
C ALA P 87 2.76 15.71 123.84
N ALA P 88 2.18 15.60 125.03
CA ALA P 88 1.52 16.71 125.69
C ALA P 88 2.09 16.92 127.09
N LEU P 89 2.29 18.18 127.46
CA LEU P 89 2.85 18.54 128.74
C LEU P 89 1.94 19.53 129.46
N LYS P 90 1.95 19.47 130.78
CA LYS P 90 1.08 20.29 131.62
C LYS P 90 1.92 20.87 132.75
N PHE P 91 2.36 22.11 132.59
CA PHE P 91 3.09 22.80 133.65
C PHE P 91 2.12 23.56 134.54
N THR P 92 2.67 24.32 135.48
CA THR P 92 1.94 25.29 136.27
C THR P 92 2.65 26.62 136.18
N ASP P 93 2.07 27.66 136.77
CA ASP P 93 2.76 28.95 136.82
C ASP P 93 4.05 28.84 137.62
N GLU P 94 4.00 28.12 138.74
CA GLU P 94 5.18 27.97 139.59
C GLU P 94 6.30 27.26 138.84
N GLN P 95 5.98 26.16 138.15
CA GLN P 95 7.01 25.42 137.45
C GLN P 95 7.50 26.18 136.23
N ARG P 96 6.60 26.90 135.55
CA ARG P 96 7.01 27.67 134.40
C ARG P 96 7.90 28.84 134.79
N THR P 97 7.71 29.38 136.00
CA THR P 97 8.51 30.51 136.45
C THR P 97 9.82 30.08 137.10
N LEU P 98 9.81 28.98 137.85
CA LEU P 98 10.96 28.60 138.67
C LEU P 98 11.69 27.37 138.15
N ASP P 99 10.99 26.27 137.88
CA ASP P 99 11.67 25.06 137.44
C ASP P 99 12.34 25.25 136.08
N ILE P 100 11.65 25.90 135.14
CA ILE P 100 12.15 26.01 133.78
C ILE P 100 13.23 27.08 133.72
N ARG P 101 14.35 26.74 133.07
CA ARG P 101 15.44 27.68 132.84
C ARG P 101 15.56 28.09 131.38
N ASP P 102 15.67 27.12 130.48
CA ASP P 102 15.72 27.37 129.03
C ASP P 102 14.58 26.57 128.39
N TYR P 103 13.46 27.24 128.15
CA TYR P 103 12.25 26.54 127.73
C TYR P 103 12.43 25.88 126.37
N THR P 104 13.08 26.56 125.43
CA THR P 104 13.24 25.99 124.10
C THR P 104 14.21 24.82 124.07
N LYS P 105 14.96 24.59 125.15
CA LYS P 105 15.88 23.46 125.22
C LYS P 105 15.49 22.45 126.27
N GLN P 106 14.91 22.88 127.39
CA GLN P 106 14.50 21.97 128.43
C GLN P 106 13.15 21.32 128.15
N VAL P 107 12.39 21.84 127.18
CA VAL P 107 11.04 21.34 126.95
C VAL P 107 10.80 20.93 125.50
N LEU P 108 11.03 21.84 124.56
CA LEU P 108 10.69 21.57 123.17
C LEU P 108 11.58 20.49 122.57
N MET P 109 12.88 20.58 122.78
CA MET P 109 13.78 19.57 122.22
C MET P 109 13.51 18.18 122.77
N PRO P 110 13.35 17.96 124.09
CA PRO P 110 12.98 16.62 124.55
C PRO P 110 11.68 16.14 123.97
N GLN P 111 10.71 17.04 123.82
CA GLN P 111 9.41 16.66 123.28
C GLN P 111 9.52 16.20 121.83
N VAL P 112 10.24 16.97 121.01
CA VAL P 112 10.41 16.61 119.60
C VAL P 112 11.16 15.32 119.46
N SER P 113 12.22 15.13 120.26
CA SER P 113 12.97 13.87 120.19
C SER P 113 12.09 12.70 120.60
N ALA P 114 11.24 12.89 121.62
CA ALA P 114 10.34 11.83 122.05
C ALA P 114 9.38 11.43 120.94
N VAL P 115 8.82 12.42 120.25
CA VAL P 115 7.89 12.08 119.18
C VAL P 115 8.62 11.41 118.02
N ALA P 116 9.85 11.84 117.72
CA ALA P 116 10.61 11.20 116.66
C ALA P 116 10.87 9.73 116.99
N TYR P 117 11.24 9.45 118.23
CA TYR P 117 11.46 8.06 118.62
C TYR P 117 10.17 7.27 118.61
N GLU P 118 9.04 7.91 118.96
CA GLU P 118 7.77 7.20 118.87
C GLU P 118 7.41 6.85 117.44
N LEU P 119 7.69 7.75 116.49
CA LEU P 119 7.43 7.43 115.09
C LEU P 119 8.35 6.30 114.61
N GLU P 120 9.61 6.31 115.04
CA GLU P 120 10.48 5.20 114.67
C GLU P 120 9.97 3.89 115.23
N ASP P 121 9.49 3.91 116.48
CA ASP P 121 8.89 2.69 117.05
C ASP P 121 7.65 2.28 116.28
N TYR P 122 6.87 3.25 115.79
CA TYR P 122 5.71 2.94 114.96
C TYR P 122 6.13 2.16 113.72
N ILE P 123 7.14 2.66 113.01
CA ILE P 123 7.62 1.97 111.82
C ILE P 123 8.20 0.61 112.17
N ALA P 124 8.90 0.52 113.30
CA ALA P 124 9.50 -0.74 113.71
C ALA P 124 8.43 -1.79 114.02
N GLU P 125 7.36 -1.39 114.70
CA GLU P 125 6.28 -2.32 114.95
C GLU P 125 5.57 -2.70 113.66
N LEU P 126 5.54 -1.79 112.68
CA LEU P 126 4.99 -2.15 111.38
C LEU P 126 5.81 -3.24 110.73
N ILE P 127 7.13 -3.07 110.68
CA ILE P 127 7.98 -4.02 109.97
C ILE P 127 8.05 -5.34 110.71
N GLU P 128 8.25 -5.30 112.02
CA GLU P 128 8.42 -6.52 112.80
C GLU P 128 7.13 -7.32 112.88
N GLY P 129 6.00 -6.65 113.00
CA GLY P 129 4.72 -7.31 113.15
C GLY P 129 4.09 -7.77 111.85
N ALA P 130 4.78 -7.61 110.73
CA ALA P 130 4.21 -8.01 109.45
C ALA P 130 4.00 -9.52 109.40
N PRO P 131 3.01 -9.98 108.63
CA PRO P 131 2.71 -11.42 108.57
C PRO P 131 3.71 -12.22 107.72
N TYR P 132 4.83 -12.57 108.34
CA TYR P 132 5.84 -13.38 107.68
C TYR P 132 5.49 -14.86 107.84
N GLU P 133 5.60 -15.62 106.76
CA GLU P 133 5.28 -17.04 106.79
C GLU P 133 6.48 -17.94 106.87
N GLU P 134 7.62 -17.54 106.31
CA GLU P 134 8.84 -18.33 106.37
C GLU P 134 9.95 -17.47 106.95
N THR P 135 10.54 -17.93 108.05
CA THR P 135 11.62 -17.23 108.71
C THR P 135 12.92 -17.95 108.37
N ILE P 136 13.79 -17.27 107.61
CA ILE P 136 15.09 -17.84 107.28
C ILE P 136 15.93 -17.90 108.54
N LEU P 137 16.67 -19.00 108.70
CA LEU P 137 17.50 -19.20 109.88
C LEU P 137 18.96 -19.02 109.48
N ILE P 138 19.65 -18.11 110.18
CA ILE P 138 21.03 -17.76 109.89
C ILE P 138 21.93 -18.51 110.86
N ASP P 139 22.92 -19.22 110.33
CA ASP P 139 23.85 -19.93 111.19
C ASP P 139 24.77 -18.95 111.90
N PRO P 140 25.17 -19.23 113.14
CA PRO P 140 26.34 -18.55 113.70
C PRO P 140 27.60 -18.85 112.92
N ALA P 141 27.65 -20.00 112.24
CA ALA P 141 28.67 -20.33 111.27
C ALA P 141 28.34 -19.57 109.99
N ASP P 142 28.91 -19.98 108.85
CA ASP P 142 28.78 -19.23 107.61
C ASP P 142 27.36 -18.76 107.39
N THR P 143 27.18 -17.45 107.34
CA THR P 143 25.86 -16.84 107.24
C THR P 143 25.44 -16.59 105.80
N VAL P 144 26.37 -16.68 104.85
CA VAL P 144 26.02 -16.38 103.46
C VAL P 144 24.91 -17.27 102.92
N PRO P 145 24.87 -18.58 103.20
CA PRO P 145 23.74 -19.37 102.70
C PRO P 145 22.39 -18.82 103.09
N ALA P 146 22.24 -18.28 104.31
CA ALA P 146 20.96 -17.72 104.70
C ALA P 146 20.57 -16.55 103.82
N PHE P 147 21.50 -15.66 103.52
CA PHE P 147 21.17 -14.50 102.71
C PHE P 147 21.00 -14.85 101.24
N ILE P 148 21.75 -15.83 100.75
CA ILE P 148 21.49 -16.31 99.39
C ILE P 148 20.10 -16.91 99.31
N THR P 149 19.68 -17.65 100.35
CA THR P 149 18.33 -18.18 100.39
C THR P 149 17.30 -17.07 100.42
N ALA P 150 17.56 -16.02 101.21
CA ALA P 150 16.62 -14.90 101.26
C ALA P 150 16.47 -14.24 99.90
N ASP P 151 17.58 -14.00 99.22
CA ASP P 151 17.51 -13.43 97.88
C ASP P 151 16.80 -14.37 96.92
N GLN P 152 17.04 -15.67 97.04
CA GLN P 152 16.40 -16.64 96.15
C GLN P 152 14.90 -16.65 96.37
N ARG P 153 14.45 -16.56 97.62
CA ARG P 153 13.02 -16.57 97.88
C ARG P 153 12.36 -15.27 97.48
N MET P 154 13.10 -14.15 97.56
CA MET P 154 12.56 -12.92 97.01
C MET P 154 12.44 -12.99 95.50
N GLY P 155 13.41 -13.60 94.83
CA GLY P 155 13.34 -13.74 93.39
C GLY P 155 12.38 -14.79 92.91
N GLU P 156 12.00 -15.74 93.78
CA GLU P 156 11.02 -16.75 93.42
C GLU P 156 9.62 -16.15 93.36
N ALA P 157 9.38 -15.10 94.11
CA ALA P 157 8.10 -14.39 94.08
C ALA P 157 8.07 -13.31 93.03
N ASN P 158 9.11 -13.21 92.19
CA ASN P 158 9.20 -12.24 91.11
C ASN P 158 9.22 -10.81 91.63
N VAL P 159 9.67 -10.63 92.87
CA VAL P 159 9.83 -9.27 93.41
C VAL P 159 10.93 -8.56 92.65
N PRO P 160 10.77 -7.29 92.28
CA PRO P 160 11.81 -6.60 91.53
C PRO P 160 13.13 -6.57 92.28
N THR P 161 14.22 -6.64 91.53
CA THR P 161 15.56 -6.71 92.11
C THR P 161 16.10 -5.38 92.59
N ASP P 162 15.47 -4.26 92.23
CA ASP P 162 15.93 -2.96 92.63
C ASP P 162 15.12 -2.41 93.79
N SER P 163 15.67 -1.39 94.45
CA SER P 163 15.02 -0.72 95.56
C SER P 163 14.75 -1.66 96.73
N ARG P 164 15.59 -2.67 96.89
CA ARG P 164 15.50 -3.55 98.05
C ARG P 164 16.25 -2.92 99.22
N ARG P 165 15.78 -3.21 100.43
CA ARG P 165 16.40 -2.70 101.64
C ARG P 165 16.65 -3.86 102.60
N LEU P 166 17.84 -3.91 103.17
CA LEU P 166 18.21 -4.94 104.15
C LEU P 166 18.63 -4.26 105.44
N VAL P 167 17.82 -4.43 106.48
CA VAL P 167 18.06 -3.81 107.79
C VAL P 167 18.29 -4.93 108.79
N VAL P 168 19.45 -4.92 109.43
CA VAL P 168 19.83 -6.00 110.34
C VAL P 168 19.93 -5.44 111.75
N GLY P 169 19.74 -6.32 112.73
CA GLY P 169 19.96 -5.96 114.10
C GLY P 169 21.44 -5.95 114.42
N SER P 170 21.75 -5.57 115.66
CA SER P 170 23.15 -5.53 116.07
C SER P 170 23.76 -6.93 116.04
N ALA P 171 23.04 -7.92 116.54
CA ALA P 171 23.59 -9.26 116.64
C ALA P 171 23.86 -9.86 115.27
N VAL P 172 22.96 -9.63 114.31
CA VAL P 172 23.19 -10.16 112.97
C VAL P 172 24.40 -9.51 112.34
N ALA P 173 24.56 -8.20 112.52
CA ALA P 173 25.75 -7.54 111.98
C ALA P 173 27.01 -8.10 112.59
N ALA P 174 27.01 -8.34 113.91
CA ALA P 174 28.18 -8.94 114.54
C ALA P 174 28.43 -10.34 114.00
N ALA P 175 27.36 -11.12 113.81
CA ALA P 175 27.52 -12.48 113.31
C ALA P 175 28.10 -12.48 111.91
N LEU P 176 27.69 -11.51 111.08
CA LEU P 176 28.33 -11.34 109.79
C LEU P 176 29.80 -11.01 109.95
N ALA P 177 30.14 -10.09 110.86
CA ALA P 177 31.54 -9.74 111.05
C ALA P 177 32.34 -10.89 111.62
N LYS P 178 31.74 -11.71 112.47
CA LYS P 178 32.43 -12.82 113.11
C LYS P 178 32.54 -14.04 112.21
N ASP P 179 31.91 -14.02 111.04
CA ASP P 179 31.92 -15.16 110.16
C ASP P 179 33.25 -15.27 109.42
N LYS P 180 33.79 -16.49 109.36
CA LYS P 180 35.08 -16.68 108.69
C LYS P 180 35.01 -16.35 107.22
N GLN P 181 33.82 -16.33 106.62
CA GLN P 181 33.70 -16.01 105.21
C GLN P 181 34.18 -14.59 104.92
N PHE P 182 33.82 -13.64 105.78
CA PHE P 182 34.25 -12.26 105.62
C PHE P 182 35.51 -11.93 106.39
N ARG P 183 35.77 -12.64 107.48
CA ARG P 183 36.91 -12.32 108.32
C ARG P 183 38.23 -12.70 107.67
N HIS P 184 38.27 -13.82 106.95
CA HIS P 184 39.48 -14.29 106.29
C HIS P 184 39.63 -13.62 104.93
N ALA P 185 40.77 -12.98 104.70
CA ALA P 185 40.95 -12.19 103.49
C ALA P 185 40.90 -13.05 102.24
N ASP P 186 41.48 -14.25 102.29
CA ASP P 186 41.44 -15.12 101.12
C ASP P 186 40.03 -15.53 100.77
N TRP P 187 39.22 -15.84 101.78
CA TRP P 187 37.87 -16.32 101.51
C TRP P 187 36.96 -15.19 101.03
N SER P 188 37.13 -13.99 101.56
CA SER P 188 36.25 -12.89 101.18
C SER P 188 36.78 -12.09 100.02
N GLY P 189 38.08 -12.15 99.74
CA GLY P 189 38.66 -11.35 98.69
C GLY P 189 38.92 -9.92 99.07
N ASP P 190 38.58 -9.50 100.28
CA ASP P 190 38.82 -8.14 100.75
C ASP P 190 40.21 -8.10 101.37
N GLN P 191 41.21 -7.77 100.55
CA GLN P 191 42.58 -7.71 101.06
C GLN P 191 42.72 -6.64 102.13
N ALA P 192 41.96 -5.55 102.03
CA ALA P 192 41.94 -4.57 103.10
C ALA P 192 41.37 -5.14 104.39
N ASN P 193 40.55 -6.19 104.28
CA ASN P 193 39.95 -6.87 105.43
C ASN P 193 39.17 -5.88 106.30
N ALA P 194 38.14 -5.30 105.71
CA ALA P 194 37.26 -4.42 106.45
C ALA P 194 36.51 -5.17 107.55
N ALA P 195 36.34 -6.48 107.42
CA ALA P 195 35.61 -7.25 108.41
C ALA P 195 36.46 -7.66 109.60
N LEU P 196 37.77 -7.45 109.55
CA LEU P 196 38.67 -7.74 110.65
C LEU P 196 39.28 -6.47 111.24
N ARG P 197 39.75 -5.56 110.39
CA ARG P 197 40.21 -4.27 110.88
C ARG P 197 39.07 -3.52 111.54
N GLU P 198 37.88 -3.56 110.95
CA GLU P 198 36.66 -3.05 111.55
C GLU P 198 35.66 -4.20 111.66
N ALA P 199 34.50 -3.91 112.24
CA ALA P 199 33.40 -4.86 112.24
C ALA P 199 32.47 -4.66 111.07
N HIS P 200 32.77 -3.70 110.21
CA HIS P 200 31.91 -3.37 109.09
C HIS P 200 31.90 -4.51 108.07
N VAL P 201 30.72 -4.77 107.50
CA VAL P 201 30.58 -5.83 106.51
C VAL P 201 30.17 -5.24 105.17
N GLY P 202 29.39 -4.16 105.21
CA GLY P 202 29.00 -3.51 103.97
C GLY P 202 28.12 -4.42 103.12
N ARG P 203 28.48 -4.56 101.85
CA ARG P 203 27.64 -5.27 100.91
C ARG P 203 27.67 -6.76 101.15
N LEU P 204 26.54 -7.42 100.88
CA LEU P 204 26.41 -8.85 101.12
C LEU P 204 25.29 -9.39 100.25
N ALA P 205 25.60 -10.38 99.42
CA ALA P 205 24.61 -11.05 98.58
C ALA P 205 23.82 -10.05 97.74
N GLY P 206 24.51 -9.02 97.26
CA GLY P 206 23.87 -8.00 96.46
C GLY P 206 23.01 -7.02 97.22
N MET P 207 23.12 -6.97 98.55
CA MET P 207 22.33 -6.07 99.37
C MET P 207 23.25 -5.30 100.30
N ASN P 208 22.97 -4.01 100.48
CA ASN P 208 23.76 -3.16 101.36
C ASN P 208 23.21 -3.25 102.77
N VAL P 209 23.98 -3.83 103.68
CA VAL P 209 23.55 -4.02 105.05
C VAL P 209 23.38 -2.66 105.71
N ILE P 210 22.26 -2.48 106.41
CA ILE P 210 22.03 -1.27 107.20
C ILE P 210 21.81 -1.69 108.64
N ARG P 211 22.67 -1.19 109.54
CA ARG P 211 22.54 -1.52 110.94
C ARG P 211 21.46 -0.67 111.58
N SER P 212 20.65 -1.31 112.43
CA SER P 212 19.60 -0.61 113.14
C SER P 212 19.50 -1.20 114.53
N ASN P 213 19.08 -0.37 115.48
CA ASN P 213 18.90 -0.80 116.85
C ASN P 213 17.44 -0.89 117.26
N ALA P 214 16.52 -0.42 116.43
CA ALA P 214 15.10 -0.46 116.79
C ALA P 214 14.55 -1.87 116.69
N ILE P 215 14.90 -2.60 115.64
CA ILE P 215 14.41 -3.95 115.43
C ILE P 215 15.06 -4.89 116.43
N ALA P 216 14.56 -6.11 116.53
CA ALA P 216 15.09 -7.07 117.48
C ALA P 216 16.57 -7.33 117.19
N PRO P 217 17.37 -7.63 118.22
CA PRO P 217 18.81 -7.74 118.00
C PRO P 217 19.21 -8.80 116.99
N ASP P 218 18.51 -9.94 116.93
CA ASP P 218 18.96 -11.06 116.12
C ASP P 218 18.09 -11.28 114.88
N LYS P 219 17.39 -10.25 114.42
CA LYS P 219 16.53 -10.38 113.26
C LYS P 219 16.95 -9.40 112.19
N ALA P 220 16.91 -9.85 110.95
CA ALA P 220 17.15 -9.01 109.78
C ALA P 220 15.89 -9.01 108.93
N TYR P 221 15.61 -7.90 108.28
CA TYR P 221 14.45 -7.77 107.43
C TYR P 221 14.86 -7.26 106.06
N LEU P 222 14.45 -7.96 105.02
CA LEU P 222 14.77 -7.59 103.65
C LEU P 222 13.46 -7.35 102.92
N TRP P 223 13.24 -6.11 102.47
CA TRP P 223 11.96 -5.78 101.87
C TRP P 223 12.12 -4.89 100.65
N HIS P 224 11.28 -5.14 99.66
CA HIS P 224 11.14 -4.23 98.54
C HIS P 224 10.40 -2.98 98.99
N ARG P 225 10.60 -1.88 98.26
CA ARG P 225 10.07 -0.61 98.72
C ARG P 225 8.54 -0.62 98.78
N THR P 226 7.89 -1.30 97.85
CA THR P 226 6.43 -1.33 97.80
C THR P 226 5.86 -2.41 98.71
N ALA P 227 6.35 -2.47 99.93
CA ALA P 227 5.88 -3.46 100.89
C ALA P 227 5.28 -2.84 102.13
N PHE P 228 5.82 -1.73 102.60
CA PHE P 228 5.27 -1.00 103.73
C PHE P 228 5.02 0.44 103.30
N ILE P 229 3.82 0.94 103.59
CA ILE P 229 3.42 2.28 103.18
C ILE P 229 3.15 3.09 104.43
N LEU P 230 3.77 4.26 104.52
CA LEU P 230 3.58 5.19 105.62
C LEU P 230 2.88 6.43 105.12
N ALA P 231 1.97 6.97 105.94
CA ALA P 231 1.23 8.17 105.60
C ALA P 231 1.23 9.10 106.80
N TYR P 232 1.49 10.38 106.55
CA TYR P 232 1.57 11.38 107.60
C TYR P 232 0.73 12.58 107.21
N ARG P 233 0.18 13.24 108.21
CA ARG P 233 -0.62 14.45 107.99
C ARG P 233 -0.41 15.39 109.17
N THR P 234 0.02 16.61 108.90
CA THR P 234 0.16 17.59 109.95
C THR P 234 -1.20 18.20 110.25
N PRO P 235 -1.69 18.13 111.49
CA PRO P 235 -2.97 18.76 111.80
C PRO P 235 -2.91 20.26 111.57
N VAL P 236 -4.00 20.80 111.04
CA VAL P 236 -4.08 22.23 110.78
C VAL P 236 -4.37 22.94 112.07
N VAL P 237 -3.58 23.96 112.37
CA VAL P 237 -3.80 24.79 113.56
C VAL P 237 -5.16 25.47 113.40
N PRO P 238 -6.09 25.28 114.32
CA PRO P 238 -7.41 25.88 114.17
C PRO P 238 -7.34 27.39 114.31
N GLU P 239 -8.41 28.03 113.87
CA GLU P 239 -8.44 29.49 113.88
C GLU P 239 -8.41 30.05 115.29
N GLY P 240 -9.11 29.40 116.22
CA GLY P 240 -9.22 29.92 117.56
C GLY P 240 -8.20 29.38 118.55
N ALA P 241 -6.96 29.27 118.12
CA ALA P 241 -5.89 28.78 118.99
C ALA P 241 -4.70 29.71 118.91
N LYS P 242 -3.97 29.82 120.01
CA LYS P 242 -2.76 30.63 120.03
C LYS P 242 -1.78 30.09 119.00
N ALA P 243 -1.19 30.98 118.23
CA ALA P 243 -0.28 30.58 117.16
C ALA P 243 0.88 29.78 117.73
N GLY P 244 1.18 28.67 117.08
CA GLY P 244 2.27 27.81 117.50
C GLY P 244 3.15 27.42 116.33
N ALA P 245 4.42 27.18 116.63
CA ALA P 245 5.36 26.80 115.60
C ALA P 245 5.09 25.36 115.17
N SER P 246 5.71 24.98 114.06
CA SER P 246 5.65 23.62 113.53
C SER P 246 7.07 23.06 113.53
N PHE P 247 7.22 21.85 114.06
CA PHE P 247 8.54 21.26 114.20
C PHE P 247 8.68 20.02 113.33
N SER P 248 9.86 19.84 112.77
CA SER P 248 10.12 18.72 111.88
C SER P 248 10.90 17.65 112.62
N ALA P 249 10.41 16.41 112.53
CA ALA P 249 11.09 15.25 113.09
C ALA P 249 11.26 14.23 111.99
N ASN P 250 12.50 13.86 111.69
CA ASN P 250 12.80 12.84 110.68
C ASN P 250 12.14 13.14 109.34
N GLY P 251 11.82 14.40 109.09
CA GLY P 251 11.19 14.76 107.83
C GLY P 251 9.74 15.15 107.97
N VAL P 252 8.99 14.49 108.83
CA VAL P 252 7.57 14.76 108.97
C VAL P 252 7.37 15.98 109.85
N ALA P 253 6.50 16.88 109.42
CA ALA P 253 6.20 18.05 110.23
C ALA P 253 5.16 17.70 111.29
N LEU P 254 5.17 18.46 112.37
CA LEU P 254 4.31 18.22 113.51
C LEU P 254 3.82 19.56 114.03
N ARG P 255 2.55 19.57 114.44
CA ARG P 255 1.89 20.78 114.92
C ARG P 255 2.12 20.91 116.42
N TRP P 256 2.64 22.06 116.83
CA TRP P 256 2.80 22.40 118.24
C TRP P 256 1.78 23.45 118.60
N LEU P 257 1.05 23.22 119.69
CA LEU P 257 -0.05 24.06 120.09
C LEU P 257 -0.01 24.26 121.59
N ALA P 258 -0.02 25.50 122.04
CA ALA P 258 0.02 25.84 123.45
C ALA P 258 -1.26 26.55 123.84
N ASP P 259 -1.70 26.32 125.07
CA ASP P 259 -2.94 26.92 125.56
C ASP P 259 -2.85 27.04 127.07
N TYR P 260 -3.10 28.23 127.59
CA TYR P 260 -3.18 28.41 129.03
C TYR P 260 -4.45 27.78 129.57
N ASP P 261 -4.41 27.40 130.83
CA ASP P 261 -5.57 26.81 131.52
C ASP P 261 -5.78 27.61 132.79
N TYR P 262 -6.76 28.50 132.75
CA TYR P 262 -7.03 29.37 133.89
C TYR P 262 -7.57 28.59 135.07
N SER P 263 -8.40 27.59 134.82
CA SER P 263 -9.00 26.85 135.93
C SER P 263 -7.94 26.14 136.76
N GLN P 264 -6.97 25.52 136.10
CA GLN P 264 -5.86 24.87 136.80
C GLN P 264 -4.63 25.74 136.88
N LEU P 265 -4.67 26.96 136.33
CA LEU P 265 -3.58 27.92 136.44
C LEU P 265 -2.26 27.33 135.91
N GLY P 266 -2.32 26.75 134.73
CA GLY P 266 -1.13 26.11 134.18
C GLY P 266 -1.15 26.06 132.68
N ASP P 267 0.04 26.08 132.08
CA ASP P 267 0.15 25.98 130.63
C ASP P 267 -0.06 24.54 130.19
N ARG P 268 -0.50 24.37 128.95
CA ARG P 268 -0.66 23.05 128.37
C ARG P 268 -0.15 23.08 126.93
N THR P 269 0.81 22.23 126.62
CA THR P 269 1.38 22.17 125.29
C THR P 269 1.13 20.80 124.69
N LEU P 270 1.01 20.75 123.37
CA LEU P 270 0.75 19.50 122.66
C LEU P 270 1.39 19.54 121.29
N LEU P 271 2.25 18.57 121.01
CA LEU P 271 2.92 18.46 119.72
C LEU P 271 2.52 17.13 119.10
N ASP P 272 1.93 17.16 117.91
CA ASP P 272 1.33 15.94 117.39
C ASP P 272 1.30 15.92 115.87
N VAL P 273 0.93 14.74 115.36
CA VAL P 273 0.81 14.48 113.93
C VAL P 273 -0.14 13.31 113.77
N PHE P 274 -0.71 13.16 112.56
CA PHE P 274 -1.58 12.03 112.25
C PHE P 274 -0.80 11.04 111.40
N THR P 275 -0.86 9.76 111.76
CA THR P 275 -0.09 8.73 111.10
C THR P 275 -0.97 7.57 110.70
N GLY P 276 -0.55 6.90 109.64
CA GLY P 276 -1.19 5.66 109.20
C GLY P 276 -0.18 4.78 108.52
N ARG P 277 -0.38 3.47 108.60
CA ARG P 277 0.58 2.52 108.06
C ARG P 277 -0.17 1.38 107.39
N LYS P 278 0.50 0.74 106.43
CA LYS P 278 -0.10 -0.38 105.73
C LYS P 278 0.97 -1.36 105.28
N VAL P 279 0.61 -2.64 105.25
CA VAL P 279 1.43 -3.70 104.69
C VAL P 279 0.79 -4.14 103.37
N VAL P 280 1.60 -4.20 102.32
CA VAL P 280 1.08 -4.49 100.98
C VAL P 280 1.08 -6.01 100.82
N THR P 281 0.01 -6.64 101.27
CA THR P 281 -0.18 -8.06 101.00
C THR P 281 -0.69 -8.25 99.57
N GLU P 282 -0.55 -9.47 99.07
CA GLU P 282 -0.96 -9.76 97.71
C GLU P 282 -2.45 -10.04 97.65
N VAL P 283 -2.93 -10.39 96.44
CA VAL P 283 -4.36 -10.57 96.22
C VAL P 283 -4.89 -11.77 96.99
N ASP P 284 -4.06 -12.78 97.22
CA ASP P 284 -4.49 -13.95 97.96
C ASP P 284 -4.17 -13.86 99.44
N GLY P 285 -3.66 -12.73 99.91
CA GLY P 285 -3.31 -12.55 101.30
C GLY P 285 -1.90 -12.93 101.67
N SER P 286 -1.14 -13.52 100.75
CA SER P 286 0.24 -13.86 101.02
C SER P 286 1.11 -12.62 100.99
N PHE P 287 2.08 -12.57 101.90
CA PHE P 287 3.03 -11.48 101.99
C PHE P 287 4.36 -11.96 101.40
N VAL P 288 4.70 -11.45 100.22
CA VAL P 288 5.87 -11.92 99.49
C VAL P 288 6.83 -10.81 99.12
N ARG P 289 6.59 -9.59 99.57
CA ARG P 289 7.50 -8.48 99.28
C ARG P 289 8.51 -8.24 100.39
N ALA P 290 8.55 -9.11 101.40
CA ALA P 290 9.52 -8.97 102.48
C ALA P 290 9.81 -10.34 103.06
N VAL P 291 11.03 -10.50 103.58
CA VAL P 291 11.46 -11.74 104.21
C VAL P 291 12.16 -11.40 105.52
N GLU P 292 11.94 -12.26 106.51
CA GLU P 292 12.50 -12.09 107.84
C GLU P 292 13.52 -13.20 108.09
N LEU P 293 14.75 -12.79 108.43
CA LEU P 293 15.82 -13.71 108.77
C LEU P 293 16.04 -13.65 110.27
N GLN P 294 16.27 -14.79 110.89
CA GLN P 294 16.51 -14.85 112.32
C GLN P 294 17.77 -15.65 112.59
N LEU P 295 18.59 -15.16 113.51
CA LEU P 295 19.79 -15.88 113.89
C LEU P 295 19.42 -17.18 114.60
N GLN P 296 20.12 -18.25 114.24
CA GLN P 296 19.85 -19.57 114.79
C GLN P 296 20.59 -19.74 116.11
N ALA P 297 19.85 -19.88 117.19
CA ALA P 297 20.43 -20.10 118.51
C ALA P 297 20.70 -21.57 118.74
N SER P 298 21.77 -21.85 119.47
CA SER P 298 22.18 -23.22 119.74
C SER P 298 22.27 -23.56 121.22
N SER P 299 22.58 -22.60 122.07
CA SER P 299 22.64 -22.84 123.51
C SER P 299 22.54 -21.50 124.23
N ILE P 300 22.08 -21.54 125.47
CA ILE P 300 21.92 -20.34 126.28
C ILE P 300 22.62 -20.55 127.61
N THR P 301 23.04 -19.43 128.22
CA THR P 301 23.73 -19.44 129.50
C THR P 301 23.32 -18.19 130.28
N ILE P 302 23.24 -18.33 131.60
CA ILE P 302 22.95 -17.21 132.47
C ILE P 302 24.19 -16.32 132.56
N VAL P 303 24.00 -15.02 132.41
CA VAL P 303 25.14 -14.10 132.46
C VAL P 303 25.73 -14.09 133.87
N GLY P 304 27.05 -13.99 133.94
CA GLY P 304 27.73 -13.93 135.22
C GLY P 304 27.91 -15.27 135.91
N GLY P 305 27.34 -16.34 135.38
CA GLY P 305 27.46 -17.63 136.03
C GLY P 305 26.80 -17.65 137.39
N ALA P 306 27.34 -18.47 138.28
CA ALA P 306 26.81 -18.54 139.64
C ALA P 306 27.03 -17.22 140.36
N PHE P 307 26.04 -16.83 141.17
CA PHE P 307 26.08 -15.54 141.84
C PHE P 307 25.49 -15.69 143.24
N ALA P 308 25.55 -14.61 144.00
CA ALA P 308 24.99 -14.54 145.34
C ALA P 308 24.18 -13.26 145.48
N LEU P 309 23.15 -13.31 146.33
CA LEU P 309 22.30 -12.16 146.55
C LEU P 309 22.96 -11.19 147.51
N ALA P 310 22.30 -10.05 147.75
CA ALA P 310 22.83 -9.06 148.67
C ALA P 310 22.78 -9.56 150.11
N THR P 311 21.58 -9.87 150.60
CA THR P 311 21.40 -10.45 151.92
C THR P 311 20.62 -11.75 151.80
N THR P 312 20.22 -12.32 152.94
CA THR P 312 19.34 -13.48 152.88
C THR P 312 17.98 -13.14 152.29
N THR P 313 17.64 -11.85 152.23
CA THR P 313 16.39 -11.39 151.62
C THR P 313 16.72 -10.26 150.67
N GLY P 314 16.65 -10.53 149.37
CA GLY P 314 16.96 -9.52 148.37
C GLY P 314 16.51 -9.98 147.00
N THR P 315 16.50 -9.03 146.07
CA THR P 315 16.05 -9.28 144.70
C THR P 315 17.15 -8.96 143.72
N LYS P 316 17.20 -9.75 142.64
CA LYS P 316 18.10 -9.46 141.53
C LYS P 316 17.41 -9.83 140.22
N GLN P 317 17.50 -8.94 139.24
CA GLN P 317 16.93 -9.21 137.93
C GLN P 317 17.90 -10.06 137.13
N LEU P 318 17.53 -11.31 136.89
CA LEU P 318 18.40 -12.22 136.16
C LEU P 318 18.41 -11.88 134.68
N LYS P 319 19.48 -12.29 134.00
CA LYS P 319 19.63 -12.08 132.58
C LYS P 319 20.28 -13.32 131.96
N VAL P 320 19.81 -13.72 130.79
CA VAL P 320 20.30 -14.91 130.10
C VAL P 320 20.62 -14.54 128.66
N ARG P 321 21.74 -15.04 128.16
CA ARG P 321 22.19 -14.77 126.80
C ARG P 321 22.48 -16.08 126.09
N ASP P 322 22.09 -16.17 124.83
CA ASP P 322 22.39 -17.36 124.06
C ASP P 322 23.83 -17.28 123.54
N ASP P 323 24.23 -18.28 122.76
CA ASP P 323 25.58 -18.32 122.22
C ASP P 323 25.82 -17.23 121.18
N ASN P 324 24.77 -16.59 120.68
CA ASN P 324 24.91 -15.49 119.73
C ASN P 324 25.05 -14.15 120.42
N GLY P 325 24.97 -14.10 121.74
CA GLY P 325 25.11 -12.86 122.47
C GLY P 325 23.85 -12.06 122.66
N THR P 326 22.73 -12.50 122.11
CA THR P 326 21.49 -11.75 122.26
C THR P 326 20.93 -11.91 123.66
N ASP P 327 20.10 -10.94 124.06
CA ASP P 327 19.45 -10.95 125.37
C ASP P 327 18.08 -11.60 125.21
N VAL P 328 18.00 -12.88 125.51
CA VAL P 328 16.76 -13.64 125.38
C VAL P 328 16.04 -13.78 126.72
N THR P 329 16.37 -12.92 127.69
CA THR P 329 15.72 -13.01 129.00
C THR P 329 14.22 -12.78 128.89
N ALA P 330 13.81 -11.86 128.02
CA ALA P 330 12.40 -11.53 127.90
C ALA P 330 11.57 -12.65 127.29
N ARG P 331 12.21 -13.67 126.72
CA ARG P 331 11.49 -14.74 126.04
C ARG P 331 11.82 -16.12 126.60
N CYS P 332 12.30 -16.19 127.84
CA CYS P 332 12.64 -17.44 128.48
C CYS P 332 11.61 -17.80 129.55
N THR P 333 11.66 -19.04 130.00
CA THR P 333 10.84 -19.54 131.09
C THR P 333 11.74 -19.98 132.23
N PHE P 334 11.49 -19.46 133.42
CA PHE P 334 12.35 -19.69 134.57
C PHE P 334 11.70 -20.63 135.57
N ALA P 335 12.54 -21.36 136.30
CA ALA P 335 12.07 -22.25 137.35
C ALA P 335 13.16 -22.38 138.40
N SER P 336 12.75 -22.82 139.59
CA SER P 336 13.67 -23.02 140.70
C SER P 336 13.58 -24.46 141.19
N SER P 337 14.74 -25.07 141.44
CA SER P 337 14.75 -26.43 141.96
C SER P 337 14.15 -26.49 143.35
N ALA P 338 14.44 -25.51 144.20
CA ALA P 338 13.94 -25.45 145.57
C ALA P 338 13.47 -24.03 145.84
N GLY P 339 12.15 -23.83 145.83
CA GLY P 339 11.60 -22.52 146.11
C GLY P 339 11.64 -22.10 147.57
N THR P 340 12.02 -23.01 148.46
CA THR P 340 12.11 -22.68 149.87
C THR P 340 13.17 -21.62 150.12
N LYS P 341 14.32 -21.73 149.46
CA LYS P 341 15.40 -20.77 149.66
C LYS P 341 15.15 -19.50 148.86
N ALA P 342 15.05 -19.61 147.53
CA ALA P 342 14.83 -18.46 146.67
C ALA P 342 13.72 -18.78 145.67
N THR P 343 13.03 -17.75 145.24
CA THR P 343 11.92 -17.87 144.31
C THR P 343 12.19 -16.99 143.10
N VAL P 344 12.04 -17.55 141.91
CA VAL P 344 12.33 -16.84 140.66
C VAL P 344 11.01 -16.47 139.99
N SER P 345 10.91 -15.22 139.56
CA SER P 345 9.73 -14.76 138.86
C SER P 345 9.73 -15.25 137.42
N ALA P 346 8.61 -15.08 136.74
CA ALA P 346 8.52 -15.47 135.34
C ALA P 346 9.42 -14.62 134.46
N ALA P 347 9.62 -13.36 134.83
CA ALA P 347 10.48 -12.45 134.07
C ALA P 347 11.96 -12.62 134.41
N GLY P 348 12.29 -13.46 135.39
CA GLY P 348 13.66 -13.74 135.75
C GLY P 348 14.07 -13.22 137.11
N LEU P 349 13.34 -12.28 137.67
CA LEU P 349 13.72 -11.70 138.95
C LEU P 349 13.71 -12.77 140.04
N VAL P 350 14.76 -12.78 140.86
CA VAL P 350 14.95 -13.77 141.90
C VAL P 350 14.92 -13.08 143.26
N THR P 351 14.15 -13.63 144.19
CA THR P 351 14.00 -13.12 145.54
C THR P 351 14.51 -14.16 146.53
N GLY P 352 15.23 -13.70 147.55
CA GLY P 352 15.75 -14.59 148.55
C GLY P 352 14.81 -14.79 149.73
N VAL P 353 14.07 -15.89 149.73
CA VAL P 353 13.17 -16.18 150.84
C VAL P 353 13.98 -16.52 152.09
N ALA P 354 14.98 -17.37 151.95
CA ALA P 354 15.77 -17.82 153.08
C ALA P 354 17.21 -18.03 152.66
N ALA P 355 18.11 -18.03 153.63
CA ALA P 355 19.53 -18.24 153.36
C ALA P 355 19.78 -19.68 152.91
N GLY P 356 20.64 -19.83 151.93
CA GLY P 356 20.99 -21.14 151.42
C GLY P 356 21.31 -21.09 149.94
N THR P 357 21.66 -22.25 149.41
CA THR P 357 22.03 -22.39 148.01
C THR P 357 20.89 -23.04 147.25
N ALA P 358 20.47 -22.39 146.17
CA ALA P 358 19.37 -22.86 145.34
C ALA P 358 19.83 -22.93 143.88
N ASP P 359 18.99 -23.56 143.08
CA ASP P 359 19.26 -23.80 141.67
C ASP P 359 18.17 -23.12 140.83
N ILE P 360 18.58 -22.39 139.80
CA ILE P 360 17.67 -21.71 138.89
C ILE P 360 17.91 -22.23 137.49
N THR P 361 16.84 -22.66 136.83
CA THR P 361 16.91 -23.21 135.48
C THR P 361 16.09 -22.33 134.54
N ALA P 362 16.71 -21.90 133.45
CA ALA P 362 16.05 -21.10 132.43
C ALA P 362 16.00 -21.88 131.13
N SER P 363 14.81 -22.05 130.58
CA SER P 363 14.60 -22.79 129.35
C SER P 363 14.12 -21.83 128.26
N TYR P 364 14.66 -21.99 127.06
CA TYR P 364 14.38 -21.12 125.94
C TYR P 364 14.15 -21.96 124.69
N VAL P 365 13.05 -21.71 124.00
CA VAL P 365 12.76 -22.41 122.75
C VAL P 365 13.53 -21.74 121.62
N PRO P 366 14.35 -22.48 120.89
CA PRO P 366 15.14 -21.88 119.82
C PRO P 366 14.27 -21.42 118.68
N PRO P 367 14.74 -20.46 117.88
CA PRO P 367 13.96 -20.05 116.69
C PRO P 367 13.66 -21.19 115.75
N GLN P 368 14.59 -22.14 115.59
CA GLN P 368 14.32 -23.30 114.75
C GLN P 368 13.34 -24.26 115.39
N GLY P 369 13.02 -24.07 116.66
CA GLY P 369 12.07 -24.93 117.34
C GLY P 369 12.70 -26.24 117.80
N GLY P 370 11.84 -27.09 118.36
CA GLY P 370 12.29 -28.37 118.87
C GLY P 370 12.46 -28.37 120.37
N THR P 371 13.48 -29.08 120.85
CA THR P 371 13.74 -29.12 122.29
C THR P 371 14.16 -27.76 122.79
N ALA P 372 13.78 -27.45 124.02
CA ALA P 372 14.12 -26.17 124.63
C ALA P 372 15.51 -26.25 125.24
N LYS P 373 16.37 -25.31 124.84
CA LYS P 373 17.71 -25.26 125.42
C LYS P 373 17.62 -24.76 126.86
N THR P 374 18.26 -25.47 127.77
CA THR P 374 18.15 -25.21 129.19
C THR P 374 19.50 -24.85 129.79
N ALA P 375 19.52 -23.83 130.64
CA ALA P 375 20.72 -23.38 131.32
C ALA P 375 20.49 -23.35 132.81
N THR P 376 21.46 -23.85 133.57
CA THR P 376 21.36 -24.01 135.01
C THR P 376 22.37 -23.12 135.70
N VAL P 377 21.94 -22.39 136.72
CA VAL P 377 22.80 -21.53 137.52
C VAL P 377 22.53 -21.81 138.98
N THR P 378 23.53 -21.61 139.83
CA THR P 378 23.42 -21.81 141.25
C THR P 378 23.55 -20.48 141.98
N VAL P 379 22.53 -20.14 142.75
CA VAL P 379 22.49 -18.91 143.54
C VAL P 379 22.76 -19.28 144.99
N THR P 380 23.48 -18.42 145.70
CA THR P 380 23.80 -18.63 147.11
C THR P 380 23.30 -17.41 147.87
N VAL P 381 22.04 -17.46 148.30
CA VAL P 381 21.45 -16.36 149.04
C VAL P 381 22.04 -16.34 150.44
N PRO P 382 22.69 -15.23 150.86
CA PRO P 382 23.33 -15.09 152.16
C PRO P 382 22.40 -15.35 153.34
N ALA Q 2 103.25 -15.83 150.15
CA ALA Q 2 102.75 -15.19 148.95
C ALA Q 2 102.50 -13.70 149.18
N HIS Q 3 102.69 -12.91 148.14
CA HIS Q 3 102.49 -11.47 148.25
C HIS Q 3 101.01 -11.17 148.46
N ILE Q 4 100.71 -10.31 149.43
CA ILE Q 4 99.35 -9.90 149.72
C ILE Q 4 99.28 -8.39 149.60
N PHE Q 5 98.38 -7.92 148.73
CA PHE Q 5 98.20 -6.50 148.49
C PHE Q 5 96.85 -6.05 149.03
N VAL Q 6 96.82 -4.88 149.63
CA VAL Q 6 95.58 -4.28 150.09
C VAL Q 6 95.07 -3.35 149.00
N LYS Q 7 93.82 -3.54 148.59
CA LYS Q 7 93.24 -2.77 147.51
C LYS Q 7 91.86 -2.29 147.89
N PRO Q 8 91.46 -1.12 147.42
CA PRO Q 8 90.16 -0.57 147.79
C PRO Q 8 89.02 -1.29 147.10
N GLU Q 9 87.85 -1.24 147.74
CA GLU Q 9 86.63 -1.66 147.05
C GLU Q 9 86.27 -0.61 146.01
N LEU Q 10 85.69 -1.05 144.90
CA LEU Q 10 85.26 -0.14 143.85
C LEU Q 10 83.80 -0.33 143.53
N VAL Q 11 83.09 0.77 143.37
CA VAL Q 11 81.68 0.78 143.00
C VAL Q 11 81.53 1.69 141.79
N ALA Q 12 81.00 1.15 140.70
CA ALA Q 12 80.82 1.89 139.48
C ALA Q 12 79.41 1.66 138.95
N GLU Q 13 78.88 2.64 138.24
CA GLU Q 13 77.57 2.54 137.60
C GLU Q 13 77.79 2.48 136.10
N ILE Q 14 77.29 1.42 135.47
CA ILE Q 14 77.50 1.16 134.06
C ILE Q 14 76.23 1.25 133.25
N GLY Q 15 75.10 1.61 133.87
CA GLY Q 15 73.85 1.75 133.15
C GLY Q 15 72.86 0.62 133.35
N VAL Q 16 73.18 -0.36 134.18
CA VAL Q 16 72.20 -1.38 134.54
C VAL Q 16 71.29 -0.81 135.60
N LYS Q 17 69.98 -0.93 135.38
CA LYS Q 17 68.98 -0.31 136.24
C LYS Q 17 67.88 -1.31 136.54
N GLN Q 18 67.12 -1.02 137.58
CA GLN Q 18 65.93 -1.82 137.87
C GLN Q 18 64.88 -1.57 136.80
N LEU Q 19 64.38 -2.65 136.21
CA LEU Q 19 63.43 -2.51 135.10
C LEU Q 19 62.07 -2.11 135.63
N GLN Q 20 61.48 -1.08 135.02
CA GLN Q 20 60.18 -0.59 135.42
C GLN Q 20 59.33 -0.31 134.20
N ARG Q 21 58.05 -0.62 134.29
CA ARG Q 21 57.15 -0.45 133.16
C ARG Q 21 56.99 1.03 132.83
N GLU Q 22 56.48 1.29 131.63
CA GLU Q 22 56.18 2.64 131.21
C GLU Q 22 54.82 3.07 131.76
N ILE Q 23 54.54 4.36 131.67
CA ILE Q 23 53.29 4.94 132.15
C ILE Q 23 52.44 5.29 130.94
N VAL Q 24 51.31 4.60 130.79
CA VAL Q 24 50.42 4.79 129.65
C VAL Q 24 49.01 5.17 130.07
N LEU Q 25 48.49 4.56 131.14
CA LEU Q 25 47.08 4.76 131.51
C LEU Q 25 46.70 6.20 131.80
N PRO Q 26 47.46 7.01 132.55
CA PRO Q 26 46.98 8.36 132.89
C PRO Q 26 46.65 9.22 131.68
N GLY Q 27 47.29 9.00 130.55
CA GLY Q 27 46.94 9.78 129.38
C GLY Q 27 45.70 9.33 128.65
N LEU Q 28 45.06 8.26 129.12
CA LEU Q 28 43.91 7.68 128.44
C LEU Q 28 42.58 8.05 129.09
N VAL Q 29 42.50 8.00 130.41
CA VAL Q 29 41.23 8.24 131.10
C VAL Q 29 40.89 9.72 131.07
N TRP Q 30 39.65 10.02 131.42
CA TRP Q 30 39.11 11.38 131.36
C TRP Q 30 39.46 12.09 132.65
N THR Q 31 40.50 12.91 132.62
CA THR Q 31 41.04 13.53 133.82
C THR Q 31 40.49 14.94 133.99
N ASN Q 32 40.19 15.29 135.24
CA ASN Q 32 39.78 16.63 135.63
C ASN Q 32 38.68 17.23 134.75
N PRO Q 33 37.50 16.62 134.70
CA PRO Q 33 36.35 17.33 134.12
C PRO Q 33 35.64 18.21 135.12
N LEU Q 34 35.83 17.97 136.41
CA LEU Q 34 35.27 18.77 137.50
C LEU Q 34 36.41 19.26 138.38
N THR Q 35 36.36 20.53 138.77
CA THR Q 35 37.47 21.16 139.47
C THR Q 35 37.14 21.53 140.90
N ASP Q 36 36.08 22.30 141.13
CA ASP Q 36 35.79 22.85 142.45
C ASP Q 36 35.12 21.79 143.33
N PHE Q 37 35.94 20.84 143.77
CA PHE Q 37 35.44 19.79 144.64
C PHE Q 37 35.27 20.27 146.07
N GLY Q 38 36.15 21.16 146.54
CA GLY Q 38 36.02 21.67 147.89
C GLY Q 38 34.87 22.65 148.06
N GLY Q 39 34.41 23.26 146.97
CA GLY Q 39 33.34 24.24 147.07
C GLY Q 39 32.02 23.62 147.48
N SER Q 40 31.69 22.45 146.92
CA SER Q 40 30.37 21.88 147.16
C SER Q 40 30.34 21.12 148.47
N LYS Q 41 29.14 20.74 148.87
CA LYS Q 41 28.95 19.97 150.09
C LYS Q 41 29.55 18.57 149.95
N ASN Q 42 30.09 18.07 151.06
CA ASN Q 42 30.56 16.70 151.16
C ASN Q 42 31.61 16.34 150.12
N ASP Q 43 32.33 17.35 149.62
CA ASP Q 43 33.31 17.17 148.55
C ASP Q 43 32.69 16.51 147.33
N THR Q 44 31.37 16.64 147.20
CA THR Q 44 30.61 15.96 146.16
C THR Q 44 29.98 16.98 145.23
N ILE Q 45 30.24 16.83 143.94
CA ILE Q 45 29.56 17.60 142.91
C ILE Q 45 28.55 16.70 142.24
N THR Q 46 27.31 17.15 142.14
CA THR Q 46 26.22 16.34 141.59
C THR Q 46 26.08 16.66 140.11
N VAL Q 47 26.59 15.78 139.26
CA VAL Q 47 26.40 15.90 137.83
C VAL Q 47 24.93 15.63 137.49
N ARG Q 48 24.40 16.40 136.56
CA ARG Q 48 23.00 16.33 136.17
C ARG Q 48 22.86 15.63 134.83
N VAL Q 49 22.07 14.55 134.81
CA VAL Q 49 21.74 13.84 133.59
C VAL Q 49 20.42 14.40 133.06
N PRO Q 50 20.38 14.95 131.85
CA PRO Q 50 19.21 15.68 131.38
C PRO Q 50 17.99 14.79 131.22
N ALA Q 51 16.89 15.42 130.83
CA ALA Q 51 15.58 14.80 130.85
C ALA Q 51 15.33 13.97 129.59
N ILE Q 52 14.29 13.16 129.65
CA ILE Q 52 13.88 12.27 128.58
C ILE Q 52 12.38 12.01 128.73
N THR Q 53 11.67 11.96 127.61
CA THR Q 53 10.23 11.79 127.64
C THR Q 53 9.79 10.77 126.61
N THR Q 54 8.50 10.46 126.65
CA THR Q 54 7.89 9.52 125.72
C THR Q 54 6.64 10.14 125.13
N ALA Q 55 6.37 9.82 123.87
CA ALA Q 55 5.20 10.32 123.16
C ALA Q 55 4.17 9.22 123.08
N ASN Q 56 2.97 9.50 123.56
CA ASN Q 56 1.90 8.53 123.53
C ASN Q 56 1.22 8.55 122.16
N ARG Q 57 0.17 7.75 122.00
CA ARG Q 57 -0.58 7.74 120.77
C ARG Q 57 -2.02 7.37 121.08
N ARG Q 58 -2.94 7.86 120.25
CA ARG Q 58 -4.36 7.61 120.44
C ARG Q 58 -5.02 7.45 119.08
N ASP Q 59 -6.15 6.76 119.08
CA ASP Q 59 -6.87 6.51 117.84
C ASP Q 59 -7.48 7.78 117.29
N LEU Q 60 -7.42 7.96 115.98
CA LEU Q 60 -8.03 9.11 115.34
C LEU Q 60 -9.55 9.04 115.51
N ARG Q 61 -10.17 10.21 115.68
CA ARG Q 61 -11.62 10.33 115.79
C ARG Q 61 -12.17 9.51 116.97
N ASP Q 62 -11.39 9.40 118.02
CA ASP Q 62 -11.85 8.71 119.23
C ASP Q 62 -12.92 9.56 119.90
N PRO Q 63 -14.03 8.98 120.35
CA PRO Q 63 -15.05 9.80 121.03
C PRO Q 63 -14.55 10.52 122.27
N ASP Q 64 -13.61 9.96 123.02
CA ASP Q 64 -13.02 10.65 124.16
C ASP Q 64 -11.73 11.33 123.71
N ARG Q 65 -11.54 12.56 124.15
CA ARG Q 65 -10.48 13.41 123.62
C ARG Q 65 -9.43 13.72 124.68
N THR Q 66 -9.18 12.77 125.56
CA THR Q 66 -8.20 12.93 126.62
C THR Q 66 -6.81 12.55 126.14
N VAL Q 67 -5.80 13.16 126.77
CA VAL Q 67 -4.40 12.96 126.40
C VAL Q 67 -3.62 12.59 127.65
N ILE Q 68 -2.48 11.93 127.44
CA ILE Q 68 -1.62 11.46 128.51
C ILE Q 68 -0.42 12.39 128.60
N ALA Q 69 -0.21 12.97 129.78
CA ALA Q 69 0.89 13.91 129.97
C ALA Q 69 2.21 13.18 130.13
N SER Q 70 3.30 13.91 129.88
CA SER Q 70 4.64 13.40 130.07
C SER Q 70 5.39 14.29 131.05
N GLU Q 71 6.16 13.67 131.94
CA GLU Q 71 6.91 14.42 132.95
C GLU Q 71 8.37 14.45 132.56
N LEU Q 72 8.97 15.64 132.60
CA LEU Q 72 10.40 15.82 132.43
C LEU Q 72 11.08 15.42 133.73
N VAL Q 73 11.88 14.36 133.69
CA VAL Q 73 12.60 13.88 134.86
C VAL Q 73 14.10 14.00 134.60
N GLU Q 74 14.77 14.75 135.45
CA GLU Q 74 16.22 14.93 135.37
C GLU Q 74 16.87 14.15 136.50
N HIS Q 75 17.93 13.41 136.18
CA HIS Q 75 18.58 12.57 137.17
C HIS Q 75 19.90 13.18 137.59
N SER Q 76 20.55 12.58 138.58
CA SER Q 76 21.79 13.15 139.09
C SER Q 76 22.64 12.05 139.71
N PHE Q 77 23.94 12.31 139.76
CA PHE Q 77 24.85 11.41 140.45
C PHE Q 77 26.08 12.17 140.90
N GLY Q 78 26.65 11.73 142.02
CA GLY Q 78 27.72 12.46 142.69
C GLY Q 78 29.11 12.02 142.30
N VAL Q 79 30.04 12.97 142.32
CA VAL Q 79 31.48 12.73 142.14
C VAL Q 79 32.19 13.32 143.34
N THR Q 80 33.12 12.55 143.92
CA THR Q 80 33.71 12.91 145.20
C THR Q 80 35.21 12.62 145.18
N LEU Q 81 35.94 13.31 146.06
CA LEU Q 81 37.35 13.04 146.31
C LEU Q 81 37.48 12.12 147.51
N ASP Q 82 38.24 11.03 147.37
CA ASP Q 82 38.29 10.05 148.44
C ASP Q 82 39.66 9.41 148.64
N LYS Q 83 40.74 10.03 148.18
CA LYS Q 83 42.05 9.41 148.34
C LYS Q 83 43.12 10.48 148.57
N HIS Q 84 44.21 10.04 149.19
CA HIS Q 84 45.33 10.89 149.57
C HIS Q 84 46.65 10.23 149.17
N VAL Q 85 46.75 9.82 147.91
CA VAL Q 85 47.95 9.16 147.41
C VAL Q 85 49.18 9.98 147.75
N TYR Q 86 50.16 9.34 148.37
CA TYR Q 86 51.32 10.05 148.91
C TYR Q 86 52.53 9.13 148.89
N ALA Q 87 53.67 9.72 149.22
CA ALA Q 87 54.91 8.98 149.42
C ALA Q 87 55.72 9.72 150.48
N ALA Q 88 56.07 9.03 151.55
CA ALA Q 88 56.72 9.64 152.70
C ALA Q 88 58.04 8.95 152.99
N LEU Q 89 59.04 9.75 153.34
CA LEU Q 89 60.37 9.24 153.68
C LEU Q 89 60.82 9.83 155.00
N LYS Q 90 61.65 9.09 155.72
CA LYS Q 90 62.29 9.59 156.93
C LYS Q 90 63.75 9.22 156.89
N PHE Q 91 64.62 10.21 157.12
CA PHE Q 91 66.06 10.00 157.12
C PHE Q 91 66.61 10.37 158.48
N THR Q 92 67.24 9.42 159.14
CA THR Q 92 67.91 9.71 160.39
C THR Q 92 69.06 10.68 160.11
N ASP Q 93 69.35 11.55 161.09
CA ASP Q 93 70.38 12.55 160.88
C ASP Q 93 71.71 11.93 160.51
N GLU Q 94 71.97 10.70 160.95
CA GLU Q 94 73.16 9.98 160.51
C GLU Q 94 73.14 9.73 159.01
N GLN Q 95 71.98 9.33 158.48
CA GLN Q 95 71.87 9.04 157.05
C GLN Q 95 71.76 10.29 156.20
N ARG Q 96 71.41 11.42 156.80
CA ARG Q 96 71.25 12.64 156.00
C ARG Q 96 72.58 13.24 155.60
N THR Q 97 73.60 13.10 156.44
CA THR Q 97 74.91 13.70 156.18
C THR Q 97 75.87 12.72 155.53
N LEU Q 98 75.86 11.46 155.95
CA LEU Q 98 76.84 10.50 155.45
C LEU Q 98 76.37 9.80 154.18
N ASP Q 99 75.23 9.12 154.24
CA ASP Q 99 74.83 8.25 153.13
C ASP Q 99 74.37 9.06 151.92
N ILE Q 100 73.54 10.08 152.13
CA ILE Q 100 73.00 10.83 151.00
C ILE Q 100 74.11 11.67 150.38
N ARG Q 101 74.23 11.61 149.05
CA ARG Q 101 75.24 12.37 148.34
C ARG Q 101 74.68 13.30 147.27
N ASP Q 102 73.44 13.09 146.81
CA ASP Q 102 72.81 13.99 145.86
C ASP Q 102 71.31 13.87 146.05
N TYR Q 103 70.72 14.85 146.75
CA TYR Q 103 69.33 14.73 147.18
C TYR Q 103 68.38 14.62 145.99
N THR Q 104 68.55 15.48 145.00
CA THR Q 104 67.62 15.51 143.88
C THR Q 104 67.66 14.20 143.10
N LYS Q 105 68.86 13.72 142.79
CA LYS Q 105 68.98 12.50 141.99
C LYS Q 105 68.67 11.25 142.79
N GLN Q 106 68.94 11.25 144.10
CA GLN Q 106 68.87 10.03 144.87
C GLN Q 106 67.61 9.89 145.70
N VAL Q 107 66.98 11.00 146.09
CA VAL Q 107 65.81 10.92 146.96
C VAL Q 107 64.56 11.46 146.30
N LEU Q 108 64.66 12.61 145.65
CA LEU Q 108 63.47 13.26 145.10
C LEU Q 108 62.96 12.55 143.84
N MET Q 109 63.85 12.18 142.93
CA MET Q 109 63.41 11.49 141.72
C MET Q 109 62.77 10.14 142.01
N PRO Q 110 63.35 9.26 142.84
CA PRO Q 110 62.63 8.02 143.17
C PRO Q 110 61.28 8.28 143.83
N GLN Q 111 61.20 9.30 144.67
CA GLN Q 111 59.93 9.62 145.31
C GLN Q 111 58.87 10.02 144.28
N VAL Q 112 59.24 10.89 143.34
CA VAL Q 112 58.29 11.30 142.33
C VAL Q 112 57.88 10.13 141.45
N SER Q 113 58.83 9.26 141.11
CA SER Q 113 58.50 8.08 140.32
C SER Q 113 57.55 7.16 141.07
N ALA Q 114 57.76 7.00 142.37
CA ALA Q 114 56.85 6.17 143.16
C ALA Q 114 55.45 6.75 143.17
N VAL Q 115 55.34 8.07 143.32
CA VAL Q 115 54.01 8.68 143.30
C VAL Q 115 53.35 8.50 141.94
N ALA Q 116 54.12 8.66 140.86
CA ALA Q 116 53.55 8.47 139.52
C ALA Q 116 53.05 7.04 139.34
N TYR Q 117 53.82 6.06 139.80
CA TYR Q 117 53.38 4.68 139.67
C TYR Q 117 52.17 4.40 140.54
N GLU Q 118 52.08 5.05 141.70
CA GLU Q 118 50.89 4.87 142.53
C GLU Q 118 49.66 5.46 141.85
N LEU Q 119 49.81 6.60 141.19
CA LEU Q 119 48.69 7.16 140.44
C LEU Q 119 48.25 6.23 139.32
N GLU Q 120 49.22 5.68 138.58
CA GLU Q 120 48.86 4.73 137.53
C GLU Q 120 48.17 3.50 138.09
N ASP Q 121 48.65 3.00 139.24
CA ASP Q 121 47.97 1.88 139.89
C ASP Q 121 46.57 2.26 140.32
N TYR Q 122 46.37 3.50 140.74
CA TYR Q 122 45.03 3.97 141.06
C TYR Q 122 44.11 3.89 139.84
N ILE Q 123 44.60 4.36 138.69
CA ILE Q 123 43.80 4.29 137.47
C ILE Q 123 43.51 2.84 137.12
N ALA Q 124 44.52 1.97 137.25
CA ALA Q 124 44.33 0.57 136.90
C ALA Q 124 43.33 -0.11 137.83
N GLU Q 125 43.37 0.22 139.12
CA GLU Q 125 42.39 -0.32 140.06
C GLU Q 125 41.00 0.14 139.69
N LEU Q 126 40.87 1.41 139.28
CA LEU Q 126 39.56 1.91 138.86
C LEU Q 126 39.06 1.16 137.64
N ILE Q 127 39.93 0.94 136.65
CA ILE Q 127 39.50 0.31 135.42
C ILE Q 127 39.16 -1.16 135.65
N GLU Q 128 40.03 -1.89 136.35
CA GLU Q 128 39.80 -3.31 136.58
C GLU Q 128 38.66 -3.54 137.56
N GLY Q 129 38.49 -2.66 138.52
CA GLY Q 129 37.47 -2.82 139.54
C GLY Q 129 36.11 -2.28 139.17
N ALA Q 130 35.92 -1.82 137.94
CA ALA Q 130 34.63 -1.26 137.55
C ALA Q 130 33.55 -2.33 137.63
N PRO Q 131 32.31 -1.94 137.89
CA PRO Q 131 31.24 -2.93 138.05
C PRO Q 131 30.86 -3.63 136.75
N TYR Q 132 31.78 -4.39 136.18
CA TYR Q 132 31.45 -5.20 135.01
C TYR Q 132 30.53 -6.33 135.40
N GLU Q 133 29.49 -6.57 134.59
CA GLU Q 133 28.55 -7.64 134.86
C GLU Q 133 28.90 -8.93 134.16
N GLU Q 134 29.80 -8.91 133.18
CA GLU Q 134 30.24 -10.12 132.50
C GLU Q 134 31.61 -9.87 131.89
N THR Q 135 32.31 -10.96 131.60
CA THR Q 135 33.64 -10.91 130.99
C THR Q 135 33.60 -11.71 129.69
N ILE Q 136 33.67 -11.02 128.56
CA ILE Q 136 33.69 -11.68 127.27
C ILE Q 136 34.95 -12.51 127.17
N LEU Q 137 34.79 -13.83 127.13
CA LEU Q 137 35.93 -14.72 127.14
C LEU Q 137 36.58 -14.75 125.77
N ILE Q 138 37.90 -14.54 125.75
CA ILE Q 138 38.67 -14.62 124.52
C ILE Q 138 39.14 -16.05 124.33
N ASP Q 139 38.82 -16.65 123.19
CA ASP Q 139 39.33 -17.96 122.86
C ASP Q 139 40.70 -17.82 122.20
N PRO Q 140 41.77 -18.36 122.78
CA PRO Q 140 43.10 -18.17 122.18
C PRO Q 140 43.21 -18.69 120.76
N ALA Q 141 42.47 -19.75 120.42
CA ALA Q 141 42.52 -20.27 119.05
C ALA Q 141 41.92 -19.27 118.07
N ASP Q 142 40.83 -18.60 118.44
CA ASP Q 142 40.18 -17.61 117.59
C ASP Q 142 39.83 -16.41 118.48
N THR Q 143 40.62 -15.35 118.38
CA THR Q 143 40.49 -14.23 119.30
C THR Q 143 39.60 -13.11 118.78
N VAL Q 144 39.41 -13.02 117.46
CA VAL Q 144 38.59 -11.94 116.91
C VAL Q 144 37.15 -11.97 117.40
N PRO Q 145 36.47 -13.13 117.45
CA PRO Q 145 35.06 -13.09 117.86
C PRO Q 145 34.83 -12.45 119.21
N ALA Q 146 35.76 -12.58 120.15
CA ALA Q 146 35.60 -11.91 121.43
C ALA Q 146 35.58 -10.40 121.28
N PHE Q 147 36.47 -9.86 120.45
CA PHE Q 147 36.52 -8.41 120.28
C PHE Q 147 35.31 -7.91 119.50
N ILE Q 148 34.86 -8.67 118.51
CA ILE Q 148 33.63 -8.29 117.81
C ILE Q 148 32.45 -8.33 118.76
N THR Q 149 32.45 -9.28 119.69
CA THR Q 149 31.38 -9.33 120.69
C THR Q 149 31.47 -8.14 121.64
N ALA Q 150 32.67 -7.71 122.00
CA ALA Q 150 32.79 -6.51 122.83
C ALA Q 150 32.25 -5.30 122.11
N ASP Q 151 32.57 -5.17 120.83
CA ASP Q 151 32.02 -4.09 120.02
C ASP Q 151 30.50 -4.18 119.97
N GLN Q 152 29.96 -5.39 119.85
CA GLN Q 152 28.52 -5.57 119.85
C GLN Q 152 27.91 -5.13 121.17
N ARG Q 153 28.54 -5.50 122.29
CA ARG Q 153 28.00 -5.11 123.59
C ARG Q 153 27.96 -3.59 123.71
N MET Q 154 29.01 -2.91 123.28
CA MET Q 154 29.01 -1.47 123.41
C MET Q 154 28.23 -0.76 122.33
N GLY Q 155 27.84 -1.45 121.26
CA GLY Q 155 26.99 -0.84 120.26
C GLY Q 155 25.52 -1.01 120.57
N GLU Q 156 25.18 -2.09 121.27
CA GLU Q 156 23.78 -2.31 121.67
C GLU Q 156 23.33 -1.22 122.63
N ALA Q 157 24.18 -0.84 123.57
CA ALA Q 157 23.85 0.19 124.54
C ALA Q 157 23.89 1.58 123.95
N ASN Q 158 24.08 1.70 122.64
CA ASN Q 158 24.08 2.96 121.92
C ASN Q 158 25.23 3.87 122.35
N VAL Q 159 26.29 3.30 122.90
CA VAL Q 159 27.47 4.10 123.26
C VAL Q 159 28.09 4.66 121.98
N PRO Q 160 28.51 5.92 121.96
CA PRO Q 160 29.07 6.49 120.74
C PRO Q 160 30.28 5.73 120.24
N THR Q 161 30.43 5.69 118.92
CA THR Q 161 31.47 4.89 118.28
C THR Q 161 32.83 5.59 118.26
N ASP Q 162 32.92 6.83 118.69
CA ASP Q 162 34.17 7.57 118.67
C ASP Q 162 34.75 7.69 120.08
N SER Q 163 36.05 7.98 120.14
CA SER Q 163 36.78 8.12 121.39
C SER Q 163 36.68 6.86 122.25
N ARG Q 164 36.87 5.71 121.63
CA ARG Q 164 36.88 4.43 122.33
C ARG Q 164 38.33 3.98 122.50
N ARG Q 165 38.71 3.68 123.73
CA ARG Q 165 40.07 3.24 124.03
C ARG Q 165 40.06 1.75 124.34
N LEU Q 166 41.02 1.03 123.77
CA LEU Q 166 41.15 -0.40 124.01
C LEU Q 166 42.56 -0.68 124.53
N VAL Q 167 42.66 -1.07 125.80
CA VAL Q 167 43.93 -1.34 126.44
C VAL Q 167 43.98 -2.82 126.76
N VAL Q 168 44.95 -3.52 126.21
CA VAL Q 168 45.08 -4.96 126.38
C VAL Q 168 46.27 -5.27 127.26
N GLY Q 169 46.15 -6.33 128.04
CA GLY Q 169 47.27 -6.80 128.82
C GLY Q 169 48.33 -7.42 127.94
N SER Q 170 49.50 -7.66 128.53
CA SER Q 170 50.61 -8.20 127.75
C SER Q 170 50.27 -9.56 127.17
N ALA Q 171 49.65 -10.42 127.97
CA ALA Q 171 49.33 -11.77 127.49
C ALA Q 171 48.28 -11.73 126.39
N VAL Q 172 47.34 -10.79 126.47
CA VAL Q 172 46.33 -10.69 125.42
C VAL Q 172 46.96 -10.27 124.10
N ALA Q 173 47.89 -9.32 124.15
CA ALA Q 173 48.59 -8.94 122.91
C ALA Q 173 49.41 -10.09 122.38
N ALA Q 174 50.06 -10.84 123.26
CA ALA Q 174 50.81 -12.01 122.81
C ALA Q 174 49.90 -13.03 122.14
N ALA Q 175 48.72 -13.27 122.73
CA ALA Q 175 47.78 -14.21 122.14
C ALA Q 175 47.24 -13.71 120.82
N LEU Q 176 47.04 -12.40 120.69
CA LEU Q 176 46.65 -11.84 119.40
C LEU Q 176 47.73 -12.10 118.35
N ALA Q 177 48.99 -11.90 118.72
CA ALA Q 177 50.08 -12.16 117.78
C ALA Q 177 50.15 -13.65 117.41
N LYS Q 178 49.97 -14.53 118.38
CA LYS Q 178 50.02 -15.97 118.14
C LYS Q 178 48.79 -16.49 117.43
N ASP Q 179 47.73 -15.69 117.30
CA ASP Q 179 46.53 -16.15 116.63
C ASP Q 179 46.81 -16.38 115.15
N LYS Q 180 46.27 -17.48 114.62
CA LYS Q 180 46.46 -17.78 113.21
C LYS Q 180 45.80 -16.74 112.33
N GLN Q 181 44.75 -16.08 112.82
CA GLN Q 181 44.01 -15.13 112.01
C GLN Q 181 44.89 -13.94 111.62
N PHE Q 182 45.69 -13.45 112.56
CA PHE Q 182 46.56 -12.31 112.28
C PHE Q 182 47.92 -12.71 111.75
N ARG Q 183 48.30 -13.98 111.90
CA ARG Q 183 49.66 -14.40 111.61
C ARG Q 183 49.82 -14.97 110.21
N HIS Q 184 48.77 -15.56 109.63
CA HIS Q 184 48.92 -16.33 108.41
C HIS Q 184 48.92 -15.48 107.14
N ALA Q 185 48.63 -14.20 107.21
CA ALA Q 185 48.91 -13.30 106.10
C ALA Q 185 48.18 -13.65 104.80
N ASP Q 186 47.41 -14.73 104.80
CA ASP Q 186 46.38 -14.93 103.80
C ASP Q 186 45.00 -14.87 104.42
N TRP Q 187 44.91 -15.04 105.73
CA TRP Q 187 43.70 -14.82 106.50
C TRP Q 187 43.54 -13.38 106.95
N SER Q 188 44.54 -12.52 106.73
CA SER Q 188 44.44 -11.16 107.23
C SER Q 188 45.01 -10.13 106.26
N GLY Q 189 45.06 -10.43 104.97
CA GLY Q 189 45.65 -9.50 104.04
C GLY Q 189 47.11 -9.27 104.37
N ASP Q 190 47.44 -8.05 104.80
CA ASP Q 190 48.71 -7.68 105.42
C ASP Q 190 49.91 -8.46 104.88
N GLN Q 191 50.16 -8.33 103.58
CA GLN Q 191 51.25 -9.09 102.97
C GLN Q 191 52.58 -8.81 103.66
N ALA Q 192 52.72 -7.64 104.27
CA ALA Q 192 53.90 -7.36 105.08
C ALA Q 192 53.99 -8.27 106.30
N ASN Q 193 52.87 -8.85 106.74
CA ASN Q 193 52.83 -9.76 107.87
C ASN Q 193 53.41 -9.12 109.13
N ALA Q 194 52.70 -8.08 109.58
CA ALA Q 194 53.14 -7.37 110.77
C ALA Q 194 53.15 -8.30 111.98
N ALA Q 195 52.14 -9.17 112.09
CA ALA Q 195 52.05 -10.03 113.26
C ALA Q 195 53.11 -11.12 113.29
N LEU Q 196 53.65 -11.49 112.13
CA LEU Q 196 54.71 -12.51 112.09
C LEU Q 196 56.10 -11.88 112.14
N ARG Q 197 56.37 -10.94 111.23
CA ARG Q 197 57.67 -10.27 111.23
C ARG Q 197 57.90 -9.55 112.55
N GLU Q 198 57.11 -8.52 112.83
CA GLU Q 198 57.10 -7.92 114.15
C GLU Q 198 56.14 -8.72 115.03
N ALA Q 199 55.81 -8.20 116.20
CA ALA Q 199 54.86 -8.86 117.08
C ALA Q 199 53.58 -8.08 117.31
N HIS Q 200 53.58 -6.77 117.05
CA HIS Q 200 52.39 -5.97 117.33
C HIS Q 200 51.33 -6.26 116.29
N VAL Q 201 50.07 -6.25 116.73
CA VAL Q 201 48.96 -6.52 115.83
C VAL Q 201 48.35 -5.23 115.28
N GLY Q 202 48.33 -4.17 116.07
CA GLY Q 202 47.84 -2.89 115.60
C GLY Q 202 46.33 -2.78 115.65
N ARG Q 203 45.73 -2.26 114.59
CA ARG Q 203 44.29 -2.06 114.56
C ARG Q 203 43.56 -3.40 114.58
N LEU Q 204 42.46 -3.44 115.31
CA LEU Q 204 41.69 -4.67 115.46
C LEU Q 204 40.24 -4.32 115.74
N ALA Q 205 39.33 -4.81 114.91
CA ALA Q 205 37.89 -4.64 115.13
C ALA Q 205 37.52 -3.18 115.34
N GLY Q 206 38.17 -2.31 114.57
CA GLY Q 206 37.88 -0.88 114.65
C GLY Q 206 38.28 -0.21 115.95
N MET Q 207 39.42 -0.57 116.51
CA MET Q 207 39.94 0.10 117.69
C MET Q 207 41.41 -0.19 117.82
N ASN Q 208 42.22 0.87 117.88
CA ASN Q 208 43.66 0.70 117.98
C ASN Q 208 44.04 0.07 119.32
N VAL Q 209 44.88 -0.95 119.25
CA VAL Q 209 45.28 -1.69 120.44
C VAL Q 209 46.36 -0.92 121.18
N ILE Q 210 46.20 -0.75 122.49
CA ILE Q 210 47.21 -0.11 123.31
C ILE Q 210 47.65 -1.12 124.36
N ARG Q 211 48.94 -1.42 124.39
CA ARG Q 211 49.46 -2.41 125.34
C ARG Q 211 49.85 -1.73 126.64
N SER Q 212 49.61 -2.44 127.74
CA SER Q 212 49.92 -1.92 129.06
C SER Q 212 50.18 -3.07 130.01
N ASN Q 213 51.07 -2.85 130.96
CA ASN Q 213 51.38 -3.86 131.96
C ASN Q 213 50.77 -3.55 133.32
N ALA Q 214 50.12 -2.40 133.48
CA ALA Q 214 49.46 -2.10 134.74
C ALA Q 214 48.28 -3.01 134.98
N ILE Q 215 47.50 -3.31 133.95
CA ILE Q 215 46.34 -4.17 134.07
C ILE Q 215 46.81 -5.61 134.20
N ALA Q 216 45.88 -6.51 134.54
CA ALA Q 216 46.21 -7.91 134.68
C ALA Q 216 46.72 -8.45 133.34
N PRO Q 217 47.64 -9.41 133.35
CA PRO Q 217 48.27 -9.84 132.10
C PRO Q 217 47.29 -10.35 131.05
N ASP Q 218 46.25 -11.07 131.47
CA ASP Q 218 45.38 -11.78 130.54
C ASP Q 218 44.01 -11.11 130.41
N LYS Q 219 43.97 -9.78 130.46
CA LYS Q 219 42.70 -9.06 130.38
C LYS Q 219 42.84 -7.90 129.43
N ALA Q 220 41.71 -7.47 128.88
CA ALA Q 220 41.65 -6.34 127.98
C ALA Q 220 40.40 -5.54 128.29
N TYR Q 221 40.53 -4.23 128.40
CA TYR Q 221 39.42 -3.37 128.73
C TYR Q 221 39.16 -2.41 127.58
N LEU Q 222 37.91 -2.32 127.16
CA LEU Q 222 37.50 -1.40 126.10
C LEU Q 222 36.49 -0.43 126.70
N TRP Q 223 36.80 0.85 126.69
CA TRP Q 223 35.93 1.82 127.33
C TRP Q 223 35.79 3.08 126.49
N HIS Q 224 34.59 3.64 126.49
CA HIS Q 224 34.36 4.95 125.90
C HIS Q 224 35.07 6.01 126.74
N ARG Q 225 35.30 7.17 126.13
CA ARG Q 225 36.06 8.21 126.80
C ARG Q 225 35.39 8.66 128.09
N THR Q 226 34.06 8.78 128.07
CA THR Q 226 33.31 9.31 129.21
C THR Q 226 32.88 8.22 130.18
N ALA Q 227 33.57 7.08 130.19
CA ALA Q 227 33.18 6.03 131.13
C ALA Q 227 33.79 6.25 132.51
N PHE Q 228 35.04 6.72 132.56
CA PHE Q 228 35.75 6.89 133.82
C PHE Q 228 36.14 8.34 134.01
N ILE Q 229 36.00 8.84 135.23
CA ILE Q 229 36.29 10.23 135.57
C ILE Q 229 37.34 10.26 136.66
N LEU Q 230 38.40 11.03 136.44
CA LEU Q 230 39.44 11.23 137.43
C LEU Q 230 39.50 12.69 137.83
N ALA Q 231 39.77 12.95 139.11
CA ALA Q 231 39.88 14.30 139.62
C ALA Q 231 41.10 14.39 140.52
N TYR Q 232 41.92 15.42 140.32
CA TYR Q 232 43.12 15.64 141.10
C TYR Q 232 43.05 17.00 141.76
N ARG Q 233 43.61 17.09 142.97
CA ARG Q 233 43.64 18.34 143.70
C ARG Q 233 44.95 18.42 144.46
N THR Q 234 45.75 19.42 144.16
CA THR Q 234 47.03 19.60 144.84
C THR Q 234 46.78 20.18 146.22
N PRO Q 235 47.26 19.55 147.28
CA PRO Q 235 47.11 20.13 148.62
C PRO Q 235 47.88 21.43 148.75
N VAL Q 236 47.35 22.32 149.57
CA VAL Q 236 47.95 23.64 149.79
C VAL Q 236 48.86 23.57 150.99
N VAL Q 237 50.08 24.09 150.85
CA VAL Q 237 51.05 24.03 151.94
C VAL Q 237 50.55 24.89 153.10
N PRO Q 238 50.48 24.33 154.31
CA PRO Q 238 50.01 25.13 155.45
C PRO Q 238 51.03 26.19 155.84
N GLU Q 239 50.54 27.20 156.56
CA GLU Q 239 51.42 28.27 157.02
C GLU Q 239 52.45 27.74 158.02
N GLY Q 240 52.02 26.89 158.94
CA GLY Q 240 52.91 26.38 159.97
C GLY Q 240 53.80 25.25 159.50
N ALA Q 241 54.44 25.44 158.35
CA ALA Q 241 55.36 24.44 157.83
C ALA Q 241 56.34 25.12 156.90
N LYS Q 242 57.56 24.60 156.87
CA LYS Q 242 58.60 25.15 156.02
C LYS Q 242 58.17 25.05 154.56
N ALA Q 243 58.34 26.14 153.82
CA ALA Q 243 57.84 26.22 152.46
C ALA Q 243 58.47 25.15 151.56
N GLY Q 244 57.66 24.19 151.12
CA GLY Q 244 58.16 23.18 150.21
C GLY Q 244 57.84 23.51 148.77
N ALA Q 245 58.55 22.83 147.86
CA ALA Q 245 58.35 23.03 146.44
C ALA Q 245 57.22 22.13 145.95
N SER Q 246 56.98 22.17 144.63
CA SER Q 246 55.96 21.33 144.03
C SER Q 246 56.53 20.65 142.80
N PHE Q 247 56.25 19.36 142.65
CA PHE Q 247 56.72 18.57 141.52
C PHE Q 247 55.52 18.05 140.75
N SER Q 248 55.73 17.82 139.45
CA SER Q 248 54.68 17.34 138.56
C SER Q 248 54.93 15.89 138.22
N ALA Q 249 53.95 15.04 138.50
CA ALA Q 249 53.99 13.62 138.18
C ALA Q 249 52.98 13.34 137.08
N ASN Q 250 53.47 12.90 135.93
CA ASN Q 250 52.68 12.62 134.72
C ASN Q 250 51.53 13.61 134.54
N GLY Q 251 51.85 14.89 134.69
CA GLY Q 251 50.88 15.95 134.50
C GLY Q 251 50.06 16.32 135.71
N VAL Q 252 50.31 15.70 136.86
CA VAL Q 252 49.60 16.01 138.09
C VAL Q 252 50.53 16.78 139.00
N ALA Q 253 50.08 17.92 139.51
CA ALA Q 253 50.90 18.74 140.39
C ALA Q 253 50.81 18.22 141.81
N LEU Q 254 51.95 17.86 142.39
CA LEU Q 254 52.03 17.34 143.74
C LEU Q 254 52.43 18.43 144.70
N ARG Q 255 52.39 18.10 145.99
CA ARG Q 255 52.86 18.99 147.04
C ARG Q 255 53.96 18.29 147.83
N TRP Q 256 55.09 18.95 147.98
CA TRP Q 256 56.21 18.44 148.76
C TRP Q 256 56.35 19.25 150.04
N LEU Q 257 56.63 18.56 151.14
CA LEU Q 257 56.63 19.19 152.45
C LEU Q 257 57.62 18.46 153.34
N ALA Q 258 58.64 19.17 153.80
CA ALA Q 258 59.66 18.61 154.68
C ALA Q 258 59.48 19.14 156.09
N ASP Q 259 59.87 18.35 157.08
CA ASP Q 259 59.70 18.74 158.47
C ASP Q 259 60.68 17.97 159.33
N TYR Q 260 61.36 18.67 160.23
CA TYR Q 260 62.26 17.99 161.15
C TYR Q 260 61.48 17.27 162.24
N ASP Q 261 62.11 16.25 162.81
CA ASP Q 261 61.48 15.38 163.79
C ASP Q 261 62.33 15.29 165.06
N TYR Q 262 62.72 16.45 165.58
CA TYR Q 262 63.68 16.58 166.67
C TYR Q 262 63.47 15.56 167.79
N SER Q 263 62.23 15.11 167.98
CA SER Q 263 61.98 14.09 169.00
C SER Q 263 62.75 12.82 168.69
N GLN Q 264 62.76 12.40 167.43
CA GLN Q 264 63.59 11.30 166.96
C GLN Q 264 64.50 11.87 165.89
N LEU Q 265 65.75 12.17 166.26
CA LEU Q 265 66.66 12.97 165.46
C LEU Q 265 66.65 12.53 164.00
N GLY Q 266 66.16 13.38 163.11
CA GLY Q 266 66.06 13.05 161.71
C GLY Q 266 64.95 13.83 161.03
N ASP Q 267 65.06 13.92 159.72
CA ASP Q 267 64.13 14.65 158.87
C ASP Q 267 63.05 13.72 158.36
N ARG Q 268 61.90 14.29 158.01
CA ARG Q 268 60.85 13.51 157.37
C ARG Q 268 60.19 14.35 156.29
N THR Q 269 60.03 13.77 155.11
CA THR Q 269 59.49 14.47 153.95
C THR Q 269 58.25 13.73 153.47
N LEU Q 270 57.33 14.49 152.89
CA LEU Q 270 56.06 13.96 152.39
C LEU Q 270 55.80 14.55 151.02
N LEU Q 271 55.27 13.73 150.11
CA LEU Q 271 54.92 14.19 148.77
C LEU Q 271 53.56 13.63 148.43
N ASP Q 272 52.54 14.49 148.32
CA ASP Q 272 51.17 14.01 148.31
C ASP Q 272 50.32 14.79 147.31
N VAL Q 273 49.17 14.18 147.00
CA VAL Q 273 48.17 14.74 146.09
C VAL Q 273 46.83 14.09 146.42
N PHE Q 274 45.77 14.88 146.34
CA PHE Q 274 44.41 14.38 146.59
C PHE Q 274 43.82 13.87 145.29
N THR Q 275 43.17 12.71 145.35
CA THR Q 275 42.70 12.06 144.14
C THR Q 275 41.30 11.50 144.35
N GLY Q 276 40.51 11.50 143.29
CA GLY Q 276 39.19 10.89 143.31
C GLY Q 276 38.87 10.28 141.97
N ARG Q 277 38.07 9.21 142.01
CA ARG Q 277 37.73 8.47 140.81
C ARG Q 277 36.24 8.17 140.80
N LYS Q 278 35.68 8.00 139.61
CA LYS Q 278 34.26 7.70 139.47
C LYS Q 278 34.03 6.92 138.19
N VAL Q 279 33.07 5.99 138.24
CA VAL Q 279 32.60 5.27 137.07
C VAL Q 279 31.22 5.81 136.71
N VAL Q 280 31.03 6.14 135.44
CA VAL Q 280 29.80 6.77 134.99
C VAL Q 280 28.80 5.66 134.71
N THR Q 281 28.04 5.29 135.72
CA THR Q 281 26.99 4.30 135.57
C THR Q 281 25.77 4.92 134.89
N GLU Q 282 24.87 4.06 134.43
CA GLU Q 282 23.66 4.53 133.77
C GLU Q 282 22.63 5.01 134.79
N VAL Q 283 21.48 5.45 134.29
CA VAL Q 283 20.40 5.88 135.17
C VAL Q 283 19.85 4.71 135.95
N ASP Q 284 19.62 3.57 135.28
CA ASP Q 284 19.05 2.41 135.96
C ASP Q 284 20.02 1.83 136.96
N GLY Q 285 21.31 1.83 136.64
CA GLY Q 285 22.32 1.28 137.54
C GLY Q 285 23.32 0.40 136.81
N SER Q 286 22.95 -0.04 135.62
CA SER Q 286 23.84 -0.87 134.82
C SER Q 286 25.03 -0.07 134.32
N PHE Q 287 26.16 -0.76 134.15
CA PHE Q 287 27.37 -0.16 133.61
C PHE Q 287 27.55 -0.69 132.19
N VAL Q 288 27.38 0.19 131.20
CA VAL Q 288 27.38 -0.22 129.80
C VAL Q 288 28.40 0.53 128.96
N ARG Q 289 29.20 1.41 129.56
CA ARG Q 289 30.15 2.19 128.80
C ARG Q 289 31.53 1.55 128.71
N ALA Q 290 31.72 0.37 129.29
CA ALA Q 290 33.01 -0.30 129.25
C ALA Q 290 32.80 -1.80 129.35
N VAL Q 291 33.68 -2.56 128.70
CA VAL Q 291 33.60 -4.01 128.67
C VAL Q 291 34.97 -4.60 128.99
N GLU Q 292 34.92 -5.80 129.55
CA GLU Q 292 36.10 -6.53 130.03
C GLU Q 292 36.20 -7.86 129.31
N LEU Q 293 37.38 -8.18 128.81
CA LEU Q 293 37.62 -9.41 128.08
C LEU Q 293 38.76 -10.17 128.76
N GLN Q 294 38.63 -11.48 128.83
CA GLN Q 294 39.61 -12.30 129.53
C GLN Q 294 40.01 -13.48 128.65
N LEU Q 295 41.29 -13.83 128.69
CA LEU Q 295 41.76 -15.00 127.97
C LEU Q 295 41.25 -16.27 128.61
N GLN Q 296 40.90 -17.25 127.79
CA GLN Q 296 40.46 -18.54 128.30
C GLN Q 296 41.67 -19.42 128.62
N ALA Q 297 41.52 -20.25 129.64
CA ALA Q 297 42.55 -21.19 130.04
C ALA Q 297 42.04 -22.60 129.88
N SER Q 298 42.86 -23.48 129.32
CA SER Q 298 42.49 -24.87 129.09
C SER Q 298 43.25 -25.87 129.94
N SER Q 299 44.47 -25.54 130.36
CA SER Q 299 45.25 -26.43 131.22
C SER Q 299 46.29 -25.59 131.94
N ILE Q 300 46.85 -26.16 132.99
CA ILE Q 300 47.89 -25.52 133.78
C ILE Q 300 49.04 -26.48 133.96
N THR Q 301 50.26 -25.94 133.93
CA THR Q 301 51.47 -26.71 134.15
C THR Q 301 52.29 -26.02 135.24
N ILE Q 302 53.16 -26.81 135.87
CA ILE Q 302 54.01 -26.33 136.95
C ILE Q 302 55.42 -26.21 136.41
N VAL Q 303 56.01 -25.03 136.54
CA VAL Q 303 57.35 -24.78 136.02
C VAL Q 303 58.37 -25.59 136.82
N GLY Q 304 59.29 -26.23 136.11
CA GLY Q 304 60.35 -27.00 136.71
C GLY Q 304 60.12 -28.50 136.68
N GLY Q 305 58.90 -28.94 136.42
CA GLY Q 305 58.62 -30.36 136.35
C GLY Q 305 58.77 -31.03 137.71
N ALA Q 306 58.74 -32.36 137.67
CA ALA Q 306 58.84 -33.18 138.88
C ALA Q 306 60.30 -33.23 139.31
N PHE Q 307 60.65 -32.43 140.32
CA PHE Q 307 62.01 -32.40 140.82
C PHE Q 307 61.99 -32.35 142.34
N ALA Q 308 63.07 -32.84 142.95
CA ALA Q 308 63.17 -32.99 144.38
C ALA Q 308 63.88 -31.80 145.01
N LEU Q 309 63.60 -31.60 146.30
CA LEU Q 309 64.22 -30.52 147.04
C LEU Q 309 65.58 -30.95 147.58
N ALA Q 310 66.45 -29.97 147.83
CA ALA Q 310 67.81 -30.27 148.26
C ALA Q 310 67.82 -30.91 149.64
N THR Q 311 67.13 -30.32 150.61
CA THR Q 311 67.17 -30.77 151.99
C THR Q 311 65.79 -30.64 152.60
N THR Q 312 65.66 -31.13 153.84
CA THR Q 312 64.37 -31.06 154.53
C THR Q 312 63.96 -29.62 154.81
N THR Q 313 64.90 -28.77 155.20
CA THR Q 313 64.61 -27.38 155.53
C THR Q 313 64.56 -26.48 154.32
N GLY Q 314 64.79 -27.02 153.12
CA GLY Q 314 64.73 -26.21 151.93
C GLY Q 314 63.33 -25.71 151.63
N THR Q 315 63.27 -24.61 150.90
CA THR Q 315 62.00 -23.99 150.51
C THR Q 315 62.05 -23.67 149.03
N LYS Q 316 60.98 -23.99 148.30
CA LYS Q 316 60.93 -23.62 146.90
C LYS Q 316 59.55 -23.08 146.55
N GLN Q 317 59.52 -22.05 145.71
CA GLN Q 317 58.30 -21.37 145.32
C GLN Q 317 57.87 -21.90 143.96
N LEU Q 318 56.72 -22.57 143.92
CA LEU Q 318 56.22 -23.10 142.66
C LEU Q 318 55.78 -21.97 141.74
N LYS Q 319 55.87 -22.22 140.44
CA LYS Q 319 55.35 -21.32 139.42
C LYS Q 319 54.41 -22.10 138.52
N VAL Q 320 53.19 -21.59 138.36
CA VAL Q 320 52.16 -22.24 137.58
C VAL Q 320 51.84 -21.35 136.40
N ARG Q 321 51.77 -21.95 135.22
CA ARG Q 321 51.41 -21.22 134.00
C ARG Q 321 50.34 -21.98 133.26
N ASP Q 322 49.34 -21.26 132.75
CA ASP Q 322 48.36 -21.88 131.89
C ASP Q 322 48.90 -21.91 130.45
N ASP Q 323 48.13 -22.55 129.56
CA ASP Q 323 48.59 -22.70 128.18
C ASP Q 323 48.74 -21.36 127.46
N ASN Q 324 48.15 -20.30 128.01
CA ASN Q 324 48.34 -18.97 127.45
C ASN Q 324 49.67 -18.36 127.83
N GLY Q 325 50.38 -18.95 128.79
CA GLY Q 325 51.65 -18.42 129.25
C GLY Q 325 51.57 -17.45 130.41
N THR Q 326 50.37 -17.14 130.88
CA THR Q 326 50.23 -16.20 132.00
C THR Q 326 50.70 -16.86 133.29
N ASP Q 327 51.02 -16.01 134.26
CA ASP Q 327 51.38 -16.48 135.59
C ASP Q 327 50.12 -16.53 136.45
N VAL Q 328 49.74 -17.73 136.87
CA VAL Q 328 48.50 -17.92 137.61
C VAL Q 328 48.81 -18.43 139.01
N THR Q 329 50.02 -18.14 139.50
CA THR Q 329 50.42 -18.64 140.80
C THR Q 329 49.53 -18.08 141.91
N ALA Q 330 49.20 -16.80 141.82
CA ALA Q 330 48.32 -16.20 142.82
C ALA Q 330 46.87 -16.66 142.70
N ARG Q 331 46.50 -17.27 141.57
CA ARG Q 331 45.13 -17.72 141.35
C ARG Q 331 44.97 -19.22 141.51
N CYS Q 332 45.94 -19.90 142.10
CA CYS Q 332 45.89 -21.35 142.27
C CYS Q 332 45.82 -21.71 143.74
N THR Q 333 45.21 -22.86 144.01
CA THR Q 333 45.15 -23.43 145.35
C THR Q 333 45.97 -24.72 145.35
N PHE Q 334 46.88 -24.84 146.31
CA PHE Q 334 47.82 -25.95 146.35
C PHE Q 334 47.46 -26.91 147.47
N ALA Q 335 47.62 -28.21 147.20
CA ALA Q 335 47.41 -29.24 148.20
C ALA Q 335 48.55 -30.25 148.11
N SER Q 336 48.81 -30.94 149.21
CA SER Q 336 49.87 -31.93 149.30
C SER Q 336 49.25 -33.29 149.61
N SER Q 337 49.66 -34.30 148.84
CA SER Q 337 49.18 -35.65 149.10
C SER Q 337 49.66 -36.17 150.45
N ALA Q 338 50.92 -35.92 150.78
CA ALA Q 338 51.54 -36.41 152.02
C ALA Q 338 51.97 -35.21 152.85
N GLY Q 339 51.09 -34.79 153.76
CA GLY Q 339 51.39 -33.62 154.58
C GLY Q 339 52.58 -33.83 155.49
N THR Q 340 52.68 -35.02 156.08
CA THR Q 340 53.80 -35.32 156.98
C THR Q 340 55.13 -35.39 156.25
N LYS Q 341 55.12 -35.44 154.92
CA LYS Q 341 56.34 -35.53 154.13
C LYS Q 341 56.80 -34.19 153.59
N ALA Q 342 55.89 -33.38 153.05
CA ALA Q 342 56.23 -32.06 152.53
C ALA Q 342 54.96 -31.25 152.44
N THR Q 343 54.98 -30.03 152.98
CA THR Q 343 53.81 -29.17 153.08
C THR Q 343 53.98 -27.95 152.19
N VAL Q 344 52.90 -27.58 151.50
CA VAL Q 344 52.89 -26.44 150.59
C VAL Q 344 51.99 -25.37 151.18
N SER Q 345 52.47 -24.12 151.14
CA SER Q 345 51.66 -23.01 151.61
C SER Q 345 50.60 -22.66 150.57
N ALA Q 346 49.63 -21.84 150.99
CA ALA Q 346 48.57 -21.42 150.09
C ALA Q 346 49.06 -20.48 149.00
N ALA Q 347 50.28 -19.95 149.12
CA ALA Q 347 50.82 -19.04 148.12
C ALA Q 347 51.80 -19.73 147.16
N GLY Q 348 51.92 -21.05 147.24
CA GLY Q 348 52.78 -21.80 146.35
C GLY Q 348 54.10 -22.21 146.95
N LEU Q 349 54.54 -21.55 148.02
CA LEU Q 349 55.78 -21.94 148.68
C LEU Q 349 55.61 -23.31 149.31
N VAL Q 350 56.59 -24.19 149.11
CA VAL Q 350 56.53 -25.54 149.63
C VAL Q 350 57.85 -25.87 150.32
N THR Q 351 57.75 -26.57 151.46
CA THR Q 351 58.86 -26.95 152.31
C THR Q 351 58.73 -28.41 152.68
N GLY Q 352 59.84 -29.15 152.59
CA GLY Q 352 59.83 -30.56 152.94
C GLY Q 352 59.84 -30.80 154.43
N VAL Q 353 59.61 -32.06 154.81
CA VAL Q 353 59.61 -32.45 156.21
C VAL Q 353 60.63 -33.56 156.43
N ALA Q 354 60.46 -34.69 155.75
CA ALA Q 354 61.34 -35.83 155.89
C ALA Q 354 61.39 -36.58 154.56
N ALA Q 355 61.88 -37.82 154.61
CA ALA Q 355 62.02 -38.63 153.41
C ALA Q 355 60.66 -39.15 152.96
N GLY Q 356 60.63 -39.65 151.72
CA GLY Q 356 59.40 -40.17 151.15
C GLY Q 356 59.05 -39.53 149.82
N THR Q 357 57.75 -39.47 149.51
CA THR Q 357 57.25 -38.86 148.29
C THR Q 357 56.06 -37.97 148.61
N ALA Q 358 55.96 -36.84 147.91
CA ALA Q 358 54.84 -35.93 148.05
C ALA Q 358 54.31 -35.57 146.67
N ASP Q 359 53.01 -35.75 146.47
CA ASP Q 359 52.38 -35.47 145.18
C ASP Q 359 51.63 -34.14 145.29
N ILE Q 360 52.39 -33.06 145.10
CA ILE Q 360 51.81 -31.72 145.18
C ILE Q 360 50.87 -31.51 144.00
N THR Q 361 49.71 -30.95 144.27
CA THR Q 361 48.74 -30.64 143.23
C THR Q 361 48.33 -29.18 143.33
N ALA Q 362 48.12 -28.57 142.16
CA ALA Q 362 47.68 -27.18 142.07
C ALA Q 362 46.40 -27.14 141.24
N SER Q 363 45.37 -26.54 141.81
CA SER Q 363 44.06 -26.43 141.17
C SER Q 363 43.79 -24.97 140.83
N TYR Q 364 43.29 -24.74 139.62
CA TYR Q 364 43.05 -23.39 139.12
C TYR Q 364 41.69 -23.36 138.45
N VAL Q 365 40.75 -22.61 139.02
CA VAL Q 365 39.44 -22.43 138.40
C VAL Q 365 39.61 -21.46 137.25
N PRO Q 366 39.32 -21.87 136.02
CA PRO Q 366 39.59 -21.02 134.87
C PRO Q 366 38.64 -19.84 134.82
N PRO Q 367 38.93 -18.83 133.98
CA PRO Q 367 37.99 -17.72 133.85
C PRO Q 367 36.60 -18.14 133.43
N GLN Q 368 36.48 -19.15 132.56
CA GLN Q 368 35.17 -19.62 132.15
C GLN Q 368 34.42 -20.31 133.28
N GLY Q 369 35.11 -20.72 134.33
CA GLY Q 369 34.47 -21.38 135.44
C GLY Q 369 34.44 -22.88 135.30
N GLY Q 370 33.43 -23.52 135.89
CA GLY Q 370 33.32 -24.96 135.79
C GLY Q 370 34.38 -25.66 136.62
N THR Q 371 34.68 -26.90 136.22
CA THR Q 371 35.66 -27.70 136.94
C THR Q 371 37.04 -27.06 136.84
N ALA Q 372 37.80 -27.18 137.93
CA ALA Q 372 39.10 -26.54 138.01
C ALA Q 372 40.18 -27.39 137.35
N LYS Q 373 41.01 -26.75 136.54
CA LYS Q 373 42.14 -27.44 135.95
C LYS Q 373 43.13 -27.84 137.04
N THR Q 374 43.83 -28.94 136.81
CA THR Q 374 44.69 -29.53 137.82
C THR Q 374 46.08 -29.81 137.23
N ALA Q 375 47.10 -29.56 138.03
CA ALA Q 375 48.47 -29.92 137.68
C ALA Q 375 49.10 -30.65 138.85
N THR Q 376 49.95 -31.63 138.56
CA THR Q 376 50.56 -32.48 139.57
C THR Q 376 52.07 -32.49 139.40
N VAL Q 377 52.80 -32.35 140.51
CA VAL Q 377 54.24 -32.45 140.54
C VAL Q 377 54.64 -33.34 141.70
N THR Q 378 55.57 -34.26 141.46
CA THR Q 378 56.06 -35.17 142.48
C THR Q 378 57.39 -34.66 143.01
N VAL Q 379 57.47 -34.46 144.32
CA VAL Q 379 58.69 -33.99 144.97
C VAL Q 379 59.08 -35.00 146.03
N THR Q 380 60.34 -35.43 146.01
CA THR Q 380 60.87 -36.42 146.93
C THR Q 380 62.01 -35.78 147.72
N VAL Q 381 61.65 -35.08 148.79
CA VAL Q 381 62.66 -34.48 149.68
C VAL Q 381 63.41 -35.58 150.41
N PRO Q 382 64.75 -35.52 150.49
CA PRO Q 382 65.51 -36.51 151.26
C PRO Q 382 65.31 -36.38 152.76
N ALA R 2 114.55 -50.76 80.12
CA ALA R 2 114.18 -50.34 81.47
C ALA R 2 114.60 -48.90 81.73
N HIS R 3 113.80 -47.96 81.23
CA HIS R 3 114.08 -46.54 81.42
C HIS R 3 113.67 -46.12 82.82
N ILE R 4 114.61 -45.58 83.58
CA ILE R 4 114.38 -45.11 84.94
C ILE R 4 114.79 -43.66 85.01
N PHE R 5 113.87 -42.79 85.37
CA PHE R 5 114.12 -41.36 85.48
C PHE R 5 114.05 -40.94 86.94
N VAL R 6 115.07 -40.22 87.39
CA VAL R 6 115.06 -39.67 88.74
C VAL R 6 114.29 -38.35 88.71
N LYS R 7 113.27 -38.25 89.55
CA LYS R 7 112.36 -37.12 89.50
C LYS R 7 112.15 -36.53 90.87
N PRO R 8 111.84 -35.25 90.97
CA PRO R 8 111.67 -34.61 92.27
C PRO R 8 110.30 -34.94 92.87
N GLU R 9 110.21 -34.70 94.17
CA GLU R 9 108.91 -34.68 94.86
C GLU R 9 108.36 -33.27 94.78
N LEU R 10 107.06 -33.16 94.50
CA LEU R 10 106.43 -31.86 94.36
C LEU R 10 105.27 -31.72 95.34
N VAL R 11 105.19 -30.54 95.94
CA VAL R 11 104.11 -30.18 96.84
C VAL R 11 103.54 -28.84 96.39
N ALA R 12 102.22 -28.75 96.30
CA ALA R 12 101.56 -27.57 95.78
C ALA R 12 100.44 -27.16 96.72
N GLU R 13 100.07 -25.88 96.65
CA GLU R 13 99.00 -25.32 97.46
C GLU R 13 97.90 -24.87 96.52
N ILE R 14 96.97 -25.78 96.21
CA ILE R 14 95.88 -25.45 95.30
C ILE R 14 94.94 -24.44 95.93
N GLY R 15 94.76 -24.50 97.25
CA GLY R 15 93.85 -23.59 97.89
C GLY R 15 92.76 -24.28 98.70
N VAL R 16 93.05 -25.48 99.18
CA VAL R 16 92.18 -26.17 100.14
C VAL R 16 92.74 -25.90 101.53
N LYS R 17 91.87 -25.48 102.43
CA LYS R 17 92.26 -25.18 103.81
C LYS R 17 91.37 -25.98 104.75
N GLN R 18 91.83 -26.16 105.97
CA GLN R 18 91.01 -26.80 106.98
C GLN R 18 89.80 -25.94 107.29
N LEU R 19 88.62 -26.56 107.27
CA LEU R 19 87.40 -25.82 107.51
C LEU R 19 87.30 -25.39 108.97
N GLN R 20 86.86 -24.15 109.19
CA GLN R 20 86.78 -23.61 110.54
C GLN R 20 85.60 -22.66 110.64
N ARG R 21 85.15 -22.46 111.87
CA ARG R 21 83.99 -21.63 112.13
C ARG R 21 84.26 -20.17 111.77
N GLU R 22 83.18 -19.39 111.73
CA GLU R 22 83.27 -17.96 111.47
C GLU R 22 82.97 -17.20 112.76
N ILE R 23 83.82 -16.24 113.09
CA ILE R 23 83.74 -15.52 114.35
C ILE R 23 82.62 -14.49 114.26
N VAL R 24 81.53 -14.72 115.00
CA VAL R 24 80.39 -13.81 114.98
C VAL R 24 80.05 -13.32 116.39
N LEU R 25 80.11 -14.23 117.37
CA LEU R 25 79.67 -13.90 118.71
C LEU R 25 80.37 -12.71 119.37
N PRO R 26 81.69 -12.54 119.29
CA PRO R 26 82.34 -11.50 120.11
C PRO R 26 81.81 -10.10 119.89
N GLY R 27 81.25 -9.79 118.75
CA GLY R 27 80.79 -8.44 118.50
C GLY R 27 79.41 -8.12 119.05
N LEU R 28 78.80 -9.01 119.81
CA LEU R 28 77.41 -8.86 120.21
C LEU R 28 77.22 -8.58 121.70
N VAL R 29 78.07 -9.10 122.56
CA VAL R 29 77.98 -8.86 124.00
C VAL R 29 78.72 -7.58 124.35
N TRP R 30 78.54 -7.07 125.57
CA TRP R 30 79.48 -6.06 126.07
C TRP R 30 80.90 -6.58 126.06
N THR R 31 81.82 -5.70 125.68
CA THR R 31 83.25 -5.95 125.77
C THR R 31 83.87 -4.81 126.54
N ASN R 32 84.36 -5.09 127.74
CA ASN R 32 85.05 -4.13 128.58
C ASN R 32 84.18 -2.92 128.91
N PRO R 33 83.11 -3.08 129.69
CA PRO R 33 82.47 -1.90 130.28
C PRO R 33 83.27 -1.35 131.44
N LEU R 34 84.13 -2.17 132.03
CA LEU R 34 84.90 -1.81 133.21
C LEU R 34 86.26 -2.48 133.10
N THR R 35 87.33 -1.70 133.12
CA THR R 35 88.69 -2.24 133.17
C THR R 35 89.43 -1.53 134.30
N ASP R 36 89.20 -1.98 135.53
CA ASP R 36 89.98 -1.51 136.67
C ASP R 36 90.25 -2.63 137.66
N PHE R 37 90.24 -3.88 137.20
CA PHE R 37 90.34 -5.01 138.12
C PHE R 37 91.68 -5.07 138.82
N GLY R 38 92.69 -4.37 138.31
CA GLY R 38 93.96 -4.32 139.03
C GLY R 38 93.83 -3.64 140.37
N GLY R 39 93.18 -2.48 140.40
CA GLY R 39 92.95 -1.77 141.64
C GLY R 39 91.58 -1.99 142.25
N SER R 40 91.27 -3.23 142.62
CA SER R 40 90.00 -3.54 143.27
C SER R 40 90.15 -4.85 144.03
N LYS R 41 89.50 -4.94 145.18
CA LYS R 41 89.67 -6.12 146.03
C LYS R 41 89.15 -7.36 145.32
N ASN R 42 89.93 -8.44 145.41
CA ASN R 42 89.56 -9.74 144.87
C ASN R 42 89.30 -9.69 143.38
N ASP R 43 89.95 -8.76 142.68
CA ASP R 43 89.80 -8.59 141.24
C ASP R 43 88.34 -8.37 140.86
N THR R 44 87.57 -7.76 141.76
CA THR R 44 86.13 -7.63 141.61
C THR R 44 85.74 -6.17 141.66
N ILE R 45 84.89 -5.76 140.72
CA ILE R 45 84.30 -4.43 140.72
C ILE R 45 82.82 -4.57 141.02
N THR R 46 82.32 -3.78 141.96
CA THR R 46 80.96 -3.91 142.46
C THR R 46 80.07 -2.89 141.76
N VAL R 47 79.38 -3.33 140.71
CA VAL R 47 78.44 -2.46 140.02
C VAL R 47 77.23 -2.20 140.90
N ARG R 48 76.79 -0.96 140.96
CA ARG R 48 75.67 -0.53 141.79
C ARG R 48 74.46 -0.21 140.92
N VAL R 49 73.30 -0.68 141.33
CA VAL R 49 72.04 -0.45 140.63
C VAL R 49 71.23 0.56 141.43
N PRO R 50 70.74 1.64 140.81
CA PRO R 50 70.03 2.66 141.57
C PRO R 50 68.76 2.12 142.20
N ALA R 51 68.38 2.72 143.32
CA ALA R 51 67.24 2.27 144.10
C ALA R 51 65.93 2.79 143.52
N ILE R 52 64.83 2.11 143.88
CA ILE R 52 63.48 2.54 143.59
C ILE R 52 62.67 2.41 144.87
N THR R 53 61.53 3.09 144.90
CA THR R 53 60.67 3.09 146.07
C THR R 53 59.22 2.97 145.65
N THR R 54 58.36 2.70 146.63
CA THR R 54 56.93 2.61 146.44
C THR R 54 56.24 3.76 147.15
N ALA R 55 54.97 3.95 146.81
CA ALA R 55 54.16 5.02 147.39
C ALA R 55 52.86 4.43 147.92
N ASN R 56 52.51 4.78 149.15
CA ASN R 56 51.30 4.27 149.77
C ASN R 56 50.12 5.18 149.42
N ARG R 57 48.99 4.97 150.08
CA ARG R 57 47.83 5.82 149.91
C ARG R 57 46.93 5.67 151.13
N ARG R 58 46.03 6.63 151.28
CA ARG R 58 45.11 6.63 152.41
C ARG R 58 43.86 7.41 152.05
N ASP R 59 42.82 7.21 152.84
CA ASP R 59 41.54 7.84 152.57
C ASP R 59 41.50 9.27 153.10
N LEU R 60 40.82 10.14 152.36
CA LEU R 60 40.71 11.53 152.80
C LEU R 60 39.86 11.62 154.06
N ARG R 61 40.10 12.70 154.82
CA ARG R 61 39.36 13.04 156.03
C ARG R 61 39.36 11.93 157.07
N ASP R 62 40.20 10.92 156.90
CA ASP R 62 40.21 9.81 157.82
C ASP R 62 40.69 10.29 159.19
N PRO R 63 40.05 9.86 160.27
CA PRO R 63 40.54 10.23 161.61
C PRO R 63 41.93 9.72 161.90
N ASP R 64 42.34 8.61 161.30
CA ASP R 64 43.65 8.00 161.54
C ASP R 64 44.68 8.71 160.68
N ARG R 65 45.14 9.87 161.17
CA ARG R 65 46.14 10.65 160.45
C ARG R 65 47.51 10.03 160.72
N THR R 66 47.97 9.18 159.81
CA THR R 66 49.28 8.57 159.93
C THR R 66 49.79 8.23 158.54
N VAL R 67 51.11 8.07 158.44
CA VAL R 67 51.76 7.78 157.17
C VAL R 67 52.68 6.58 157.36
N ILE R 68 52.92 5.87 156.26
CA ILE R 68 53.78 4.69 156.24
C ILE R 68 55.04 5.06 155.47
N ALA R 69 56.17 5.11 156.17
CA ALA R 69 57.43 5.46 155.53
C ALA R 69 57.84 4.35 154.56
N SER R 70 58.31 4.75 153.38
CA SER R 70 58.76 3.82 152.36
C SER R 70 60.28 3.85 152.31
N GLU R 71 60.90 2.69 152.50
CA GLU R 71 62.35 2.58 152.49
C GLU R 71 62.82 2.17 151.10
N LEU R 72 63.79 2.91 150.57
CA LEU R 72 64.38 2.63 149.27
C LEU R 72 65.80 2.13 149.47
N VAL R 73 66.12 1.00 148.85
CA VAL R 73 67.38 0.30 149.07
C VAL R 73 68.08 0.11 147.73
N GLU R 74 69.40 0.26 147.73
CA GLU R 74 70.23 0.05 146.55
C GLU R 74 70.80 -1.36 146.57
N HIS R 75 70.99 -1.93 145.38
CA HIS R 75 71.54 -3.26 145.22
C HIS R 75 72.82 -3.19 144.41
N SER R 76 73.57 -4.29 144.41
CA SER R 76 74.85 -4.31 143.73
C SER R 76 75.21 -5.74 143.36
N PHE R 77 76.13 -5.88 142.42
CA PHE R 77 76.62 -7.19 142.02
C PHE R 77 78.05 -7.06 141.53
N GLY R 78 78.81 -8.15 141.67
CA GLY R 78 80.23 -8.13 141.39
C GLY R 78 80.60 -8.68 140.02
N VAL R 79 81.62 -8.06 139.42
CA VAL R 79 82.18 -8.48 138.14
C VAL R 79 83.65 -8.83 138.40
N THR R 80 84.05 -10.04 138.01
CA THR R 80 85.33 -10.60 138.42
C THR R 80 86.10 -11.15 137.23
N LEU R 81 87.42 -10.97 137.24
CA LEU R 81 88.30 -11.65 136.30
C LEU R 81 88.63 -13.03 136.83
N ASP R 82 88.44 -14.05 135.99
CA ASP R 82 88.62 -15.42 136.47
C ASP R 82 89.25 -16.38 135.49
N LYS R 83 89.55 -15.97 134.25
CA LYS R 83 90.09 -16.90 133.28
C LYS R 83 91.32 -16.31 132.61
N HIS R 84 92.21 -17.21 132.16
CA HIS R 84 93.47 -16.86 131.52
C HIS R 84 93.56 -17.67 130.23
N VAL R 85 93.19 -17.06 129.11
CA VAL R 85 93.17 -17.76 127.83
C VAL R 85 94.55 -17.65 127.21
N TYR R 86 95.17 -18.79 126.92
CA TYR R 86 96.54 -18.80 126.43
C TYR R 86 96.70 -19.82 125.32
N ALA R 87 97.81 -19.69 124.60
CA ALA R 87 98.19 -20.62 123.56
C ALA R 87 99.72 -20.66 123.54
N ALA R 88 100.28 -21.79 123.92
CA ALA R 88 101.73 -21.99 123.99
C ALA R 88 102.20 -22.79 122.80
N LEU R 89 103.50 -22.70 122.52
CA LEU R 89 104.04 -23.36 121.34
C LEU R 89 105.55 -23.49 121.46
N LYS R 90 106.06 -24.71 121.37
CA LYS R 90 107.49 -24.97 121.41
C LYS R 90 108.02 -25.17 120.01
N PHE R 91 109.34 -25.01 119.85
CA PHE R 91 109.96 -25.15 118.54
C PHE R 91 111.42 -25.50 118.74
N THR R 92 111.79 -26.76 118.47
CA THR R 92 113.19 -27.12 118.56
C THR R 92 114.00 -26.33 117.56
N ASP R 93 115.27 -26.10 117.89
CA ASP R 93 116.11 -25.23 117.06
C ASP R 93 116.23 -25.76 115.64
N GLU R 94 116.29 -27.08 115.49
CA GLU R 94 116.31 -27.67 114.16
C GLU R 94 115.04 -27.32 113.40
N GLN R 95 113.89 -27.41 114.07
CA GLN R 95 112.63 -27.07 113.42
C GLN R 95 112.60 -25.60 113.03
N ARG R 96 113.07 -24.73 113.91
CA ARG R 96 113.05 -23.30 113.61
C ARG R 96 113.97 -22.98 112.43
N THR R 97 115.11 -23.65 112.35
CA THR R 97 116.03 -23.40 111.25
C THR R 97 115.49 -23.94 109.93
N LEU R 98 114.88 -25.13 109.95
CA LEU R 98 114.53 -25.84 108.74
C LEU R 98 113.03 -25.84 108.46
N ASP R 99 112.21 -26.31 109.40
CA ASP R 99 110.78 -26.48 109.12
C ASP R 99 110.10 -25.15 108.84
N ILE R 100 110.38 -24.13 109.64
CA ILE R 100 109.60 -22.90 109.61
C ILE R 100 110.13 -22.00 108.49
N ARG R 101 109.38 -21.88 107.41
CA ARG R 101 109.78 -21.03 106.29
C ARG R 101 109.44 -19.57 106.56
N ASP R 102 108.15 -19.26 106.70
CA ASP R 102 107.66 -17.91 106.95
C ASP R 102 107.07 -17.88 108.35
N TYR R 103 107.87 -17.44 109.32
CA TYR R 103 107.45 -17.52 110.72
C TYR R 103 106.21 -16.68 111.00
N THR R 104 106.00 -15.61 110.23
CA THR R 104 104.85 -14.75 110.49
C THR R 104 103.54 -15.45 110.13
N LYS R 105 103.47 -16.03 108.93
CA LYS R 105 102.24 -16.61 108.43
C LYS R 105 102.13 -18.11 108.67
N GLN R 106 103.10 -18.70 109.37
CA GLN R 106 103.05 -20.11 109.68
C GLN R 106 102.91 -20.41 111.16
N VAL R 107 103.21 -19.46 112.04
CA VAL R 107 103.16 -19.70 113.48
C VAL R 107 102.26 -18.67 114.15
N LEU R 108 102.55 -17.38 113.91
CA LEU R 108 101.81 -16.33 114.57
C LEU R 108 100.33 -16.32 114.16
N MET R 109 100.06 -16.46 112.87
CA MET R 109 98.67 -16.44 112.42
C MET R 109 97.85 -17.60 112.96
N PRO R 110 98.31 -18.85 112.92
CA PRO R 110 97.53 -19.92 113.56
C PRO R 110 97.33 -19.69 115.05
N GLN R 111 98.33 -19.16 115.75
CA GLN R 111 98.19 -18.90 117.17
C GLN R 111 97.09 -17.86 117.42
N VAL R 112 97.12 -16.77 116.66
CA VAL R 112 96.11 -15.73 116.83
C VAL R 112 94.73 -16.27 116.53
N SER R 113 94.60 -17.06 115.45
CA SER R 113 93.29 -17.63 115.12
C SER R 113 92.80 -18.57 116.21
N ALA R 114 93.70 -19.38 116.78
CA ALA R 114 93.29 -20.29 117.84
C ALA R 114 92.82 -19.54 119.06
N VAL R 115 93.53 -18.46 119.41
CA VAL R 115 93.10 -17.67 120.57
C VAL R 115 91.76 -17.02 120.31
N ALA R 116 91.53 -16.55 119.07
CA ALA R 116 90.25 -15.95 118.76
C ALA R 116 89.12 -16.97 118.88
N TYR R 117 89.34 -18.19 118.38
CA TYR R 117 88.32 -19.22 118.48
C TYR R 117 88.07 -19.59 119.94
N GLU R 118 89.13 -19.63 120.75
CA GLU R 118 88.95 -19.93 122.16
C GLU R 118 88.15 -18.83 122.86
N LEU R 119 88.39 -17.57 122.50
CA LEU R 119 87.61 -16.49 123.08
C LEU R 119 86.14 -16.60 122.68
N GLU R 120 85.87 -16.94 121.41
CA GLU R 120 84.48 -17.12 121.00
C GLU R 120 83.84 -18.28 121.76
N ASP R 121 84.58 -19.37 121.96
CA ASP R 121 84.04 -20.48 122.74
C ASP R 121 83.77 -20.06 124.18
N TYR R 122 84.63 -19.21 124.74
CA TYR R 122 84.40 -18.70 126.08
C TYR R 122 83.11 -17.89 126.14
N ILE R 123 82.90 -17.02 125.16
CA ILE R 123 81.67 -16.24 125.12
C ILE R 123 80.46 -17.15 124.99
N ALA R 124 80.54 -18.14 124.10
CA ALA R 124 79.42 -19.05 123.91
C ALA R 124 79.11 -19.83 125.17
N GLU R 125 80.15 -20.27 125.89
CA GLU R 125 79.92 -20.92 127.17
C GLU R 125 79.28 -19.98 128.17
N LEU R 126 79.61 -18.68 128.09
CA LEU R 126 78.92 -17.71 128.93
C LEU R 126 77.43 -17.64 128.59
N ILE R 127 77.10 -17.63 127.29
CA ILE R 127 75.71 -17.49 126.88
C ILE R 127 74.88 -18.67 127.38
N GLU R 128 75.35 -19.88 127.11
CA GLU R 128 74.63 -21.09 127.51
C GLU R 128 75.23 -21.59 128.82
N GLY R 129 74.50 -21.42 129.91
CA GLY R 129 75.01 -21.74 131.22
C GLY R 129 74.56 -20.72 132.23
N ALA R 130 74.00 -19.62 131.73
CA ALA R 130 73.38 -18.65 132.62
C ALA R 130 72.17 -19.27 133.29
N PRO R 131 71.84 -18.84 134.51
CA PRO R 131 70.73 -19.48 135.21
C PRO R 131 69.39 -19.17 134.59
N TYR R 132 69.07 -19.80 133.46
CA TYR R 132 67.77 -19.65 132.85
C TYR R 132 66.72 -20.38 133.67
N GLU R 133 65.67 -19.67 134.07
CA GLU R 133 64.63 -20.27 134.88
C GLU R 133 63.71 -21.17 134.07
N GLU R 134 63.46 -20.82 132.81
CA GLU R 134 62.59 -21.61 131.94
C GLU R 134 63.25 -21.77 130.58
N THR R 135 62.89 -22.85 129.89
CA THR R 135 63.34 -23.09 128.53
C THR R 135 62.13 -23.11 127.62
N ILE R 136 61.96 -22.06 126.82
CA ILE R 136 60.80 -21.91 125.97
C ILE R 136 60.93 -22.86 124.79
N LEU R 137 60.26 -24.01 124.87
CA LEU R 137 60.42 -25.04 123.85
C LEU R 137 59.85 -24.58 122.51
N ILE R 138 60.53 -24.95 121.43
CA ILE R 138 60.12 -24.62 120.08
C ILE R 138 59.54 -25.86 119.44
N ASP R 139 58.26 -25.83 119.12
CA ASP R 139 57.66 -26.94 118.40
C ASP R 139 58.05 -26.86 116.94
N PRO R 140 58.72 -27.88 116.38
CA PRO R 140 59.17 -27.78 114.98
C PRO R 140 58.05 -27.60 113.98
N ALA R 141 56.83 -28.03 114.31
CA ALA R 141 55.71 -27.82 113.40
C ALA R 141 55.26 -26.36 113.41
N ASP R 142 55.24 -25.73 114.58
CA ASP R 142 54.82 -24.34 114.74
C ASP R 142 55.89 -23.63 115.56
N THR R 143 56.92 -23.13 114.88
CA THR R 143 58.05 -22.51 115.57
C THR R 143 57.74 -21.11 116.06
N VAL R 144 56.91 -20.35 115.34
CA VAL R 144 56.72 -18.94 115.66
C VAL R 144 56.13 -18.73 117.05
N PRO R 145 55.10 -19.46 117.49
CA PRO R 145 54.56 -19.19 118.83
C PRO R 145 55.60 -19.27 119.93
N ALA R 146 56.61 -20.12 119.80
CA ALA R 146 57.68 -20.14 120.78
C ALA R 146 58.43 -18.83 120.82
N PHE R 147 58.73 -18.25 119.65
CA PHE R 147 59.46 -16.99 119.62
C PHE R 147 58.61 -15.83 120.11
N ILE R 148 57.33 -15.82 119.76
CA ILE R 148 56.43 -14.79 120.29
C ILE R 148 56.32 -14.92 121.79
N THR R 149 56.30 -16.16 122.30
CA THR R 149 56.27 -16.36 123.74
C THR R 149 57.55 -15.86 124.40
N ALA R 150 58.70 -16.07 123.75
CA ALA R 150 59.94 -15.52 124.30
C ALA R 150 59.89 -14.00 124.35
N ASP R 151 59.38 -13.39 123.28
CA ASP R 151 59.24 -11.93 123.28
C ASP R 151 58.32 -11.47 124.40
N GLN R 152 57.22 -12.21 124.63
CA GLN R 152 56.31 -11.87 125.72
C GLN R 152 56.99 -12.01 127.07
N ARG R 153 57.79 -13.06 127.26
CA ARG R 153 58.49 -13.25 128.51
C ARG R 153 59.42 -12.08 128.78
N MET R 154 60.14 -11.65 127.76
CA MET R 154 61.09 -10.56 127.98
C MET R 154 60.42 -9.20 128.02
N GLY R 155 59.20 -9.07 127.50
CA GLY R 155 58.49 -7.81 127.57
C GLY R 155 57.65 -7.67 128.82
N GLU R 156 57.37 -8.80 129.49
CA GLU R 156 56.68 -8.76 130.77
C GLU R 156 57.59 -8.29 131.89
N ALA R 157 58.89 -8.44 131.72
CA ALA R 157 59.87 -7.96 132.68
C ALA R 157 60.32 -6.53 132.37
N ASN R 158 59.65 -5.86 131.44
CA ASN R 158 59.91 -4.47 131.10
C ASN R 158 61.30 -4.26 130.49
N VAL R 159 61.89 -5.33 129.96
CA VAL R 159 63.21 -5.20 129.33
C VAL R 159 63.09 -4.24 128.14
N PRO R 160 64.05 -3.34 127.93
CA PRO R 160 63.94 -2.41 126.79
C PRO R 160 63.83 -3.16 125.47
N THR R 161 63.07 -2.57 124.56
CA THR R 161 62.78 -3.23 123.29
C THR R 161 63.90 -3.11 122.27
N ASP R 162 64.87 -2.25 122.50
CA ASP R 162 65.97 -2.05 121.55
C ASP R 162 67.23 -2.75 122.04
N SER R 163 68.18 -2.90 121.13
CA SER R 163 69.47 -3.54 121.41
C SER R 163 69.29 -4.97 121.90
N ARG R 164 68.34 -5.67 121.30
CA ARG R 164 68.14 -7.10 121.57
C ARG R 164 68.80 -7.92 120.47
N ARG R 165 69.40 -9.04 120.86
CA ARG R 165 70.11 -9.90 119.93
C ARG R 165 69.51 -11.30 120.00
N LEU R 166 69.20 -11.86 118.84
CA LEU R 166 68.74 -13.24 118.73
C LEU R 166 69.78 -14.05 117.98
N VAL R 167 70.34 -15.05 118.66
CA VAL R 167 71.36 -15.91 118.09
C VAL R 167 70.81 -17.32 118.07
N VAL R 168 70.71 -17.91 116.89
CA VAL R 168 70.11 -19.23 116.71
C VAL R 168 71.20 -20.21 116.31
N GLY R 169 71.08 -21.44 116.80
CA GLY R 169 71.97 -22.49 116.39
C GLY R 169 71.67 -22.93 114.97
N SER R 170 72.45 -23.89 114.49
CA SER R 170 72.24 -24.39 113.14
C SER R 170 70.89 -25.11 113.02
N ALA R 171 70.56 -25.96 113.99
CA ALA R 171 69.33 -26.73 113.92
C ALA R 171 68.10 -25.84 113.96
N VAL R 172 68.11 -24.82 114.83
CA VAL R 172 66.96 -23.93 114.92
C VAL R 172 66.82 -23.10 113.66
N ALA R 173 67.94 -22.63 113.11
CA ALA R 173 67.87 -21.86 111.88
C ALA R 173 67.42 -22.71 110.71
N ALA R 174 67.68 -24.02 110.75
CA ALA R 174 67.13 -24.89 109.72
C ALA R 174 65.64 -25.14 109.94
N ALA R 175 65.24 -25.38 111.18
CA ALA R 175 63.83 -25.65 111.46
C ALA R 175 62.97 -24.44 111.15
N LEU R 176 63.52 -23.23 111.27
CA LEU R 176 62.77 -22.05 110.89
C LEU R 176 62.45 -22.06 109.40
N ALA R 177 63.40 -22.50 108.57
CA ALA R 177 63.14 -22.59 107.14
C ALA R 177 62.20 -23.74 106.82
N LYS R 178 62.36 -24.88 107.50
CA LYS R 178 61.50 -26.02 107.25
C LYS R 178 60.08 -25.82 107.77
N ASP R 179 59.85 -24.81 108.61
CA ASP R 179 58.53 -24.57 109.14
C ASP R 179 57.57 -24.12 108.04
N LYS R 180 56.35 -24.65 108.07
CA LYS R 180 55.38 -24.29 107.05
C LYS R 180 54.91 -22.85 107.19
N GLN R 181 55.13 -22.22 108.34
CA GLN R 181 54.76 -20.82 108.50
C GLN R 181 55.57 -19.92 107.58
N PHE R 182 56.86 -20.22 107.43
CA PHE R 182 57.74 -19.45 106.56
C PHE R 182 57.88 -20.05 105.17
N ARG R 183 57.87 -21.38 105.06
CA ARG R 183 58.10 -22.03 103.79
C ARG R 183 56.95 -21.78 102.82
N HIS R 184 55.71 -21.88 103.31
CA HIS R 184 54.53 -21.67 102.48
C HIS R 184 54.32 -20.18 102.27
N ALA R 185 54.25 -19.75 101.02
CA ALA R 185 54.20 -18.32 100.72
C ALA R 185 52.95 -17.67 101.29
N ASP R 186 51.80 -18.32 101.12
CA ASP R 186 50.55 -17.71 101.55
C ASP R 186 50.54 -17.50 103.06
N TRP R 187 51.03 -18.48 103.81
CA TRP R 187 51.06 -18.35 105.26
C TRP R 187 52.02 -17.24 105.70
N SER R 188 53.14 -17.09 105.02
CA SER R 188 54.13 -16.10 105.41
C SER R 188 53.93 -14.75 104.75
N GLY R 189 53.14 -14.69 103.68
CA GLY R 189 52.94 -13.42 103.02
C GLY R 189 54.13 -12.91 102.26
N ASP R 190 55.13 -13.74 102.03
CA ASP R 190 56.33 -13.37 101.29
C ASP R 190 56.29 -14.10 99.95
N GLN R 191 55.67 -13.45 98.96
CA GLN R 191 55.45 -14.11 97.67
C GLN R 191 56.77 -14.41 96.97
N ALA R 192 57.83 -13.68 97.29
CA ALA R 192 59.15 -14.04 96.79
C ALA R 192 59.64 -15.34 97.39
N ASN R 193 59.14 -15.71 98.57
CA ASN R 193 59.45 -16.97 99.23
C ASN R 193 60.96 -17.13 99.45
N ALA R 194 61.50 -16.23 100.27
CA ALA R 194 62.91 -16.27 100.61
C ALA R 194 63.24 -17.34 101.63
N ALA R 195 62.30 -18.22 101.96
CA ALA R 195 62.58 -19.34 102.84
C ALA R 195 62.64 -20.67 102.12
N LEU R 196 61.94 -20.79 101.00
CA LEU R 196 62.07 -21.97 100.15
C LEU R 196 63.29 -21.87 99.26
N ARG R 197 63.34 -20.85 98.41
CA ARG R 197 64.56 -20.50 97.70
C ARG R 197 65.41 -19.62 98.58
N GLU R 198 66.72 -19.88 98.62
CA GLU R 198 67.63 -19.20 99.54
C GLU R 198 67.15 -19.38 100.98
N ALA R 199 67.21 -20.64 101.44
CA ALA R 199 66.49 -21.00 102.65
C ALA R 199 67.09 -20.27 103.85
N HIS R 200 66.55 -19.10 104.15
CA HIS R 200 67.12 -18.23 105.16
C HIS R 200 65.99 -17.33 105.67
N VAL R 201 65.47 -17.66 106.85
CA VAL R 201 64.45 -16.85 107.49
C VAL R 201 65.11 -15.60 108.04
N GLY R 202 64.71 -14.44 107.53
CA GLY R 202 65.38 -13.21 107.89
C GLY R 202 64.99 -12.66 109.24
N ARG R 203 63.72 -12.34 109.41
CA ARG R 203 63.24 -11.68 110.62
C ARG R 203 61.93 -12.32 111.05
N LEU R 204 61.80 -12.57 112.36
CA LEU R 204 60.56 -13.08 112.91
C LEU R 204 60.39 -12.51 114.30
N ALA R 205 59.13 -12.32 114.69
CA ALA R 205 58.78 -11.85 116.04
C ALA R 205 59.50 -10.55 116.39
N GLY R 206 59.76 -9.73 115.39
CA GLY R 206 60.41 -8.45 115.63
C GLY R 206 61.83 -8.53 116.12
N MET R 207 62.63 -9.46 115.59
CA MET R 207 64.02 -9.57 115.99
C MET R 207 64.79 -10.29 114.88
N ASN R 208 65.90 -9.70 114.45
CA ASN R 208 66.71 -10.32 113.43
C ASN R 208 67.46 -11.52 113.99
N VAL R 209 67.68 -12.52 113.15
CA VAL R 209 68.37 -13.74 113.55
C VAL R 209 69.83 -13.65 113.16
N ILE R 210 70.70 -14.15 114.03
CA ILE R 210 72.11 -14.29 113.75
C ILE R 210 72.45 -15.76 113.91
N ARG R 211 72.99 -16.36 112.87
CA ARG R 211 73.36 -17.77 112.90
C ARG R 211 74.78 -17.93 113.38
N SER R 212 75.01 -18.93 114.21
CA SER R 212 76.34 -19.21 114.72
C SER R 212 76.44 -20.69 115.04
N ASN R 213 77.61 -21.26 114.75
CA ASN R 213 77.88 -22.65 115.10
C ASN R 213 78.54 -22.79 116.46
N ALA R 214 78.85 -21.67 117.13
CA ALA R 214 79.49 -21.75 118.43
C ALA R 214 78.56 -22.32 119.48
N ILE R 215 77.28 -21.93 119.45
CA ILE R 215 76.30 -22.37 120.43
C ILE R 215 75.81 -23.76 120.06
N ALA R 216 75.09 -24.40 120.97
CA ALA R 216 74.58 -25.74 120.71
C ALA R 216 73.65 -25.70 119.50
N PRO R 217 73.64 -26.77 118.69
CA PRO R 217 72.92 -26.69 117.41
C PRO R 217 71.44 -26.40 117.56
N ASP R 218 70.77 -26.97 118.56
CA ASP R 218 69.32 -26.91 118.66
C ASP R 218 68.85 -25.93 119.72
N LYS R 219 69.60 -24.85 119.95
CA LYS R 219 69.24 -23.84 120.93
C LYS R 219 69.36 -22.46 120.32
N ALA R 220 68.49 -21.57 120.77
CA ALA R 220 68.51 -20.17 120.39
C ALA R 220 68.48 -19.33 121.66
N TYR R 221 69.07 -18.14 121.59
CA TYR R 221 69.15 -17.26 122.74
C TYR R 221 68.74 -15.86 122.32
N LEU R 222 67.82 -15.27 123.06
CA LEU R 222 67.40 -13.90 122.85
C LEU R 222 67.78 -13.11 124.09
N TRP R 223 68.71 -12.16 123.93
CA TRP R 223 69.20 -11.44 125.09
C TRP R 223 69.30 -9.96 124.79
N HIS R 224 69.04 -9.16 125.82
CA HIS R 224 69.19 -7.72 125.76
C HIS R 224 70.66 -7.36 125.91
N ARG R 225 71.02 -6.16 125.44
CA ARG R 225 72.42 -5.74 125.49
C ARG R 225 72.98 -5.81 126.90
N THR R 226 72.15 -5.52 127.89
CA THR R 226 72.60 -5.44 129.27
C THR R 226 72.63 -6.79 129.95
N ALA R 227 72.55 -7.90 129.23
CA ALA R 227 72.44 -9.20 129.89
C ALA R 227 73.80 -9.76 130.29
N PHE R 228 74.79 -9.68 129.41
CA PHE R 228 76.08 -10.33 129.61
C PHE R 228 77.19 -9.30 129.58
N ILE R 229 78.13 -9.43 130.52
CA ILE R 229 79.27 -8.52 130.63
C ILE R 229 80.53 -9.33 130.39
N LEU R 230 81.43 -8.80 129.58
CA LEU R 230 82.71 -9.43 129.32
C LEU R 230 83.82 -8.41 129.48
N ALA R 231 84.91 -8.81 130.12
CA ALA R 231 86.04 -7.93 130.35
C ALA R 231 87.32 -8.63 129.96
N TYR R 232 88.23 -7.87 129.34
CA TYR R 232 89.50 -8.39 128.88
C TYR R 232 90.63 -7.51 129.40
N ARG R 233 91.74 -8.13 129.78
CA ARG R 233 92.92 -7.44 130.24
C ARG R 233 94.15 -8.05 129.58
N THR R 234 94.94 -7.21 128.94
CA THR R 234 96.16 -7.68 128.31
C THR R 234 97.28 -7.72 129.35
N PRO R 235 97.86 -8.87 129.63
CA PRO R 235 98.95 -8.93 130.60
C PRO R 235 100.14 -8.11 130.13
N VAL R 236 100.85 -7.52 131.09
CA VAL R 236 102.03 -6.74 130.78
C VAL R 236 103.21 -7.69 130.59
N VAL R 237 104.19 -7.25 129.79
CA VAL R 237 105.39 -8.03 129.57
C VAL R 237 106.29 -7.88 130.80
N PRO R 238 106.62 -8.97 131.49
CA PRO R 238 107.45 -8.84 132.69
C PRO R 238 108.82 -8.31 132.36
N GLU R 239 109.41 -7.62 133.35
CA GLU R 239 110.70 -6.97 133.14
C GLU R 239 111.78 -7.99 132.79
N GLY R 240 111.80 -9.12 133.50
CA GLY R 240 112.82 -10.13 133.25
C GLY R 240 112.48 -11.07 132.13
N ALA R 241 111.97 -10.52 131.02
CA ALA R 241 111.65 -11.34 129.85
C ALA R 241 111.90 -10.54 128.59
N LYS R 242 112.19 -11.25 127.51
CA LYS R 242 112.47 -10.61 126.23
C LYS R 242 111.26 -9.82 125.76
N ALA R 243 111.51 -8.70 125.10
CA ALA R 243 110.43 -7.84 124.63
C ALA R 243 109.51 -8.61 123.69
N GLY R 244 108.21 -8.46 123.89
CA GLY R 244 107.21 -9.17 123.13
C GLY R 244 106.58 -8.34 122.06
N ALA R 245 105.33 -8.66 121.73
CA ALA R 245 104.57 -7.96 120.71
C ALA R 245 103.15 -7.82 121.22
N SER R 246 102.23 -7.43 120.33
CA SER R 246 100.84 -7.24 120.72
C SER R 246 99.96 -7.54 119.51
N PHE R 247 99.38 -8.73 119.48
CA PHE R 247 98.47 -9.14 118.44
C PHE R 247 97.03 -9.03 118.94
N SER R 248 96.13 -8.65 118.04
CA SER R 248 94.74 -8.41 118.39
C SER R 248 93.86 -9.47 117.75
N ALA R 249 92.93 -10.01 118.53
CA ALA R 249 91.96 -11.00 118.06
C ALA R 249 90.57 -10.48 118.35
N ASN R 250 89.84 -10.12 117.29
CA ASN R 250 88.48 -9.58 117.42
C ASN R 250 88.47 -8.34 118.31
N GLY R 251 89.46 -7.47 118.14
CA GLY R 251 89.59 -6.26 118.92
C GLY R 251 90.30 -6.45 120.24
N VAL R 252 90.21 -7.65 120.83
CA VAL R 252 90.91 -7.94 122.07
C VAL R 252 92.40 -7.97 121.80
N ALA R 253 93.17 -7.26 122.63
CA ALA R 253 94.62 -7.21 122.49
C ALA R 253 95.26 -8.32 123.31
N LEU R 254 96.11 -9.12 122.67
CA LEU R 254 96.78 -10.23 123.30
C LEU R 254 98.24 -9.89 123.56
N ARG R 255 98.85 -10.67 124.46
CA ARG R 255 100.26 -10.49 124.79
C ARG R 255 101.05 -11.69 124.30
N TRP R 256 102.11 -11.41 123.53
CA TRP R 256 102.98 -12.44 122.97
C TRP R 256 104.35 -12.36 123.63
N LEU R 257 104.89 -13.50 124.02
CA LEU R 257 106.11 -13.54 124.80
C LEU R 257 106.89 -14.79 124.46
N ALA R 258 108.18 -14.63 124.15
CA ALA R 258 109.04 -15.74 123.77
C ALA R 258 110.22 -15.84 124.74
N ASP R 259 110.59 -17.07 125.10
CA ASP R 259 111.70 -17.28 126.00
C ASP R 259 112.42 -18.56 125.59
N TYR R 260 113.66 -18.42 125.13
CA TYR R 260 114.44 -19.57 124.68
C TYR R 260 114.69 -20.54 125.83
N ASP R 261 114.61 -21.83 125.54
CA ASP R 261 114.80 -22.88 126.53
C ASP R 261 116.10 -23.61 126.22
N TYR R 262 117.18 -23.19 126.89
CA TYR R 262 118.47 -23.81 126.65
C TYR R 262 118.48 -25.27 127.09
N SER R 263 117.64 -25.63 128.06
CA SER R 263 117.63 -27.01 128.53
C SER R 263 117.14 -27.96 127.45
N GLN R 264 116.09 -27.59 126.73
CA GLN R 264 115.56 -28.40 125.64
C GLN R 264 116.03 -27.91 124.28
N LEU R 265 116.92 -26.92 124.24
CA LEU R 265 117.49 -26.41 122.98
C LEU R 265 116.40 -26.03 122.00
N GLY R 266 115.39 -25.32 122.49
CA GLY R 266 114.27 -24.93 121.65
C GLY R 266 113.63 -23.66 122.13
N ASP R 267 113.09 -22.91 121.19
CA ASP R 267 112.31 -21.71 121.49
C ASP R 267 110.96 -22.11 122.10
N ARG R 268 110.41 -21.18 122.87
CA ARG R 268 109.12 -21.40 123.52
C ARG R 268 108.36 -20.09 123.51
N THR R 269 107.13 -20.10 122.99
CA THR R 269 106.34 -18.89 122.84
C THR R 269 104.99 -19.06 123.51
N LEU R 270 104.40 -17.94 123.91
CA LEU R 270 103.14 -17.93 124.65
C LEU R 270 102.34 -16.70 124.26
N LEU R 271 101.09 -16.89 123.89
CA LEU R 271 100.19 -15.79 123.53
C LEU R 271 98.95 -15.89 124.39
N ASP R 272 98.70 -14.87 125.21
CA ASP R 272 97.64 -15.01 126.20
C ASP R 272 96.94 -13.68 126.49
N VAL R 273 95.87 -13.79 127.27
CA VAL R 273 95.05 -12.65 127.68
C VAL R 273 94.24 -13.09 128.89
N PHE R 274 93.77 -12.13 129.68
CA PHE R 274 92.93 -12.41 130.84
C PHE R 274 91.50 -12.04 130.51
N THR R 275 90.57 -12.93 130.81
CA THR R 275 89.16 -12.73 130.48
C THR R 275 88.29 -12.97 131.71
N GLY R 276 87.17 -12.27 131.75
CA GLY R 276 86.19 -12.48 132.80
C GLY R 276 84.80 -12.21 132.27
N ARG R 277 83.82 -12.93 132.82
CA ARG R 277 82.45 -12.86 132.33
C ARG R 277 81.50 -12.74 133.51
N LYS R 278 80.34 -12.13 133.25
CA LYS R 278 79.33 -11.92 134.27
C LYS R 278 77.95 -11.98 133.64
N VAL R 279 77.03 -12.64 134.33
CA VAL R 279 75.62 -12.70 133.94
C VAL R 279 74.86 -11.72 134.81
N VAL R 280 74.19 -10.76 134.18
CA VAL R 280 73.49 -9.72 134.92
C VAL R 280 72.17 -10.26 135.43
N THR R 281 72.15 -10.71 136.68
CA THR R 281 70.92 -11.15 137.31
C THR R 281 70.13 -9.92 137.77
N GLU R 282 69.12 -10.13 138.59
CA GLU R 282 68.33 -9.03 139.12
C GLU R 282 68.42 -9.02 140.65
N VAL R 283 67.85 -7.97 141.24
CA VAL R 283 67.95 -7.76 142.68
C VAL R 283 67.29 -8.89 143.46
N ASP R 284 66.34 -9.59 142.85
CA ASP R 284 65.68 -10.72 143.47
C ASP R 284 66.31 -12.05 143.08
N GLY R 285 67.47 -12.02 142.45
CA GLY R 285 68.14 -13.25 142.03
C GLY R 285 67.42 -14.03 140.96
N SER R 286 66.75 -13.34 140.04
CA SER R 286 66.04 -13.96 138.94
C SER R 286 66.54 -13.39 137.63
N PHE R 287 66.98 -14.25 136.73
CA PHE R 287 67.56 -13.84 135.46
C PHE R 287 66.44 -13.67 134.45
N VAL R 288 66.15 -12.42 134.08
CA VAL R 288 65.04 -12.09 133.20
C VAL R 288 65.47 -11.39 131.92
N ARG R 289 66.73 -11.01 131.79
CA ARG R 289 67.15 -10.24 130.64
C ARG R 289 67.54 -11.10 129.44
N ALA R 290 67.48 -12.42 129.56
CA ALA R 290 67.79 -13.30 128.44
C ALA R 290 66.97 -14.57 128.56
N VAL R 291 66.49 -15.06 127.42
CA VAL R 291 65.65 -16.24 127.37
C VAL R 291 66.23 -17.22 126.35
N GLU R 292 66.25 -18.49 126.71
CA GLU R 292 66.72 -19.54 125.81
C GLU R 292 65.55 -20.34 125.29
N LEU R 293 65.68 -20.81 124.06
CA LEU R 293 64.66 -21.63 123.41
C LEU R 293 65.34 -22.88 122.89
N GLN R 294 64.68 -24.02 123.06
CA GLN R 294 65.23 -25.29 122.64
C GLN R 294 64.24 -26.02 121.75
N LEU R 295 64.74 -26.68 120.73
CA LEU R 295 63.88 -27.45 119.85
C LEU R 295 63.30 -28.64 120.59
N GLN R 296 62.08 -29.01 120.23
CA GLN R 296 61.36 -30.10 120.86
C GLN R 296 61.55 -31.37 120.04
N ALA R 297 62.10 -32.40 120.66
CA ALA R 297 62.38 -33.66 119.99
C ALA R 297 61.24 -34.63 120.24
N SER R 298 60.79 -35.30 119.18
CA SER R 298 59.70 -36.26 119.27
C SER R 298 60.19 -37.70 119.27
N SER R 299 61.21 -38.03 118.48
CA SER R 299 61.73 -39.39 118.42
C SER R 299 63.17 -39.34 117.95
N ILE R 300 63.90 -40.40 118.22
CA ILE R 300 65.30 -40.53 117.84
C ILE R 300 65.48 -41.82 117.06
N THR R 301 66.34 -41.78 116.06
CA THR R 301 66.68 -42.94 115.25
C THR R 301 68.19 -43.08 115.17
N ILE R 302 68.66 -44.32 115.18
CA ILE R 302 70.09 -44.60 115.07
C ILE R 302 70.44 -44.71 113.60
N VAL R 303 71.34 -43.85 113.13
CA VAL R 303 71.70 -43.86 111.72
C VAL R 303 72.42 -45.16 111.38
N GLY R 304 72.25 -45.61 110.14
CA GLY R 304 72.87 -46.81 109.66
C GLY R 304 72.01 -48.07 109.75
N GLY R 305 70.97 -48.05 110.58
CA GLY R 305 70.10 -49.20 110.68
C GLY R 305 70.82 -50.39 111.28
N ALA R 306 70.25 -51.57 111.03
CA ALA R 306 70.86 -52.79 111.50
C ALA R 306 72.22 -52.99 110.85
N PHE R 307 73.23 -53.27 111.66
CA PHE R 307 74.60 -53.36 111.20
C PHE R 307 75.26 -54.58 111.80
N ALA R 308 76.27 -55.08 111.10
CA ALA R 308 77.03 -56.24 111.56
C ALA R 308 78.48 -55.81 111.81
N LEU R 309 79.03 -56.26 112.93
CA LEU R 309 80.41 -55.94 113.24
C LEU R 309 81.36 -56.60 112.26
N ALA R 310 82.52 -55.98 112.07
CA ALA R 310 83.49 -56.48 111.11
C ALA R 310 84.03 -57.84 111.52
N THR R 311 84.46 -57.98 112.77
CA THR R 311 85.01 -59.21 113.30
C THR R 311 84.29 -59.58 114.59
N THR R 312 84.76 -60.66 115.22
CA THR R 312 84.21 -61.02 116.54
C THR R 312 84.57 -59.96 117.57
N THR R 313 85.78 -59.40 117.50
CA THR R 313 86.23 -58.36 118.40
C THR R 313 86.12 -56.97 117.77
N GLY R 314 85.25 -56.80 116.78
CA GLY R 314 85.13 -55.54 116.10
C GLY R 314 84.51 -54.47 116.96
N THR R 315 84.61 -53.23 116.47
CA THR R 315 84.08 -52.08 117.18
C THR R 315 83.39 -51.16 116.18
N LYS R 316 82.48 -50.33 116.70
CA LYS R 316 81.69 -49.43 115.87
C LYS R 316 81.25 -48.25 116.71
N GLN R 317 81.19 -47.08 116.10
CA GLN R 317 80.73 -45.87 116.78
C GLN R 317 79.30 -45.57 116.35
N LEU R 318 78.40 -45.47 117.32
CA LEU R 318 77.02 -45.18 117.01
C LEU R 318 76.80 -43.68 116.81
N LYS R 319 75.66 -43.35 116.22
CA LYS R 319 75.29 -41.96 116.02
C LYS R 319 73.76 -41.88 115.99
N VAL R 320 73.19 -41.17 116.95
CA VAL R 320 71.75 -41.05 117.10
C VAL R 320 71.31 -39.66 116.68
N ARG R 321 70.23 -39.59 115.91
CA ARG R 321 69.70 -38.31 115.44
C ARG R 321 68.21 -38.25 115.77
N ASP R 322 67.78 -37.13 116.34
CA ASP R 322 66.36 -36.93 116.59
C ASP R 322 65.64 -36.63 115.29
N ASP R 323 64.34 -36.37 115.38
CA ASP R 323 63.56 -36.10 114.17
C ASP R 323 64.01 -34.83 113.46
N ASN R 324 64.71 -33.94 114.14
CA ASN R 324 65.27 -32.75 113.51
C ASN R 324 66.65 -33.00 112.92
N GLY R 325 67.19 -34.21 113.07
CA GLY R 325 68.51 -34.52 112.56
C GLY R 325 69.65 -34.08 113.43
N THR R 326 69.38 -33.46 114.57
CA THR R 326 70.44 -32.99 115.45
C THR R 326 71.21 -34.16 116.02
N ASP R 327 72.53 -34.08 115.98
CA ASP R 327 73.37 -35.11 116.56
C ASP R 327 73.17 -35.11 118.07
N VAL R 328 72.49 -36.14 118.57
CA VAL R 328 72.10 -36.22 119.97
C VAL R 328 72.89 -37.28 120.72
N THR R 329 73.94 -37.83 120.09
CA THR R 329 74.66 -38.96 120.67
C THR R 329 75.33 -38.57 121.99
N ALA R 330 75.82 -37.34 122.08
CA ALA R 330 76.56 -36.91 123.27
C ALA R 330 75.69 -36.83 124.52
N ARG R 331 74.37 -36.91 124.39
CA ARG R 331 73.47 -36.81 125.53
C ARG R 331 72.49 -37.97 125.60
N CYS R 332 72.90 -39.14 125.09
CA CYS R 332 72.08 -40.34 125.14
C CYS R 332 72.70 -41.33 126.12
N THR R 333 71.88 -42.30 126.53
CA THR R 333 72.32 -43.39 127.38
C THR R 333 72.09 -44.71 126.65
N PHE R 334 73.15 -45.50 126.51
CA PHE R 334 73.12 -46.70 125.70
C PHE R 334 73.09 -47.95 126.58
N ALA R 335 72.27 -48.91 126.19
CA ALA R 335 72.16 -50.19 126.88
C ALA R 335 72.21 -51.32 125.88
N SER R 336 72.68 -52.47 126.34
CA SER R 336 72.82 -53.67 125.51
C SER R 336 71.93 -54.77 126.05
N SER R 337 71.18 -55.41 125.15
CA SER R 337 70.29 -56.49 125.56
C SER R 337 71.06 -57.67 126.13
N ALA R 338 72.20 -58.00 125.55
CA ALA R 338 73.02 -59.12 125.99
C ALA R 338 74.48 -58.69 125.99
N GLY R 339 75.02 -58.44 127.18
CA GLY R 339 76.41 -58.08 127.33
C GLY R 339 77.38 -59.24 127.23
N THR R 340 76.87 -60.47 127.10
CA THR R 340 77.73 -61.62 126.94
C THR R 340 78.44 -61.61 125.59
N LYS R 341 77.78 -61.10 124.55
CA LYS R 341 78.33 -61.12 123.19
C LYS R 341 78.68 -59.73 122.67
N ALA R 342 77.91 -58.71 123.00
CA ALA R 342 78.16 -57.36 122.53
C ALA R 342 77.92 -56.38 123.67
N THR R 343 78.87 -55.49 123.90
CA THR R 343 78.79 -54.50 124.95
C THR R 343 78.88 -53.11 124.36
N VAL R 344 77.95 -52.24 124.73
CA VAL R 344 77.93 -50.86 124.25
C VAL R 344 78.39 -49.95 125.38
N SER R 345 79.32 -49.05 125.07
CA SER R 345 79.85 -48.13 126.05
C SER R 345 78.87 -47.01 126.32
N ALA R 346 79.19 -46.18 127.31
CA ALA R 346 78.36 -45.03 127.63
C ALA R 346 78.46 -43.94 126.57
N ALA R 347 79.45 -43.99 125.69
CA ALA R 347 79.63 -43.01 124.63
C ALA R 347 79.16 -43.52 123.28
N GLY R 348 78.34 -44.57 123.26
CA GLY R 348 77.86 -45.12 122.02
C GLY R 348 78.84 -45.99 121.27
N LEU R 349 79.96 -46.36 121.91
CA LEU R 349 80.96 -47.21 121.28
C LEU R 349 80.59 -48.67 121.53
N VAL R 350 80.11 -49.35 120.50
CA VAL R 350 79.70 -50.75 120.62
C VAL R 350 80.87 -51.63 120.23
N THR R 351 81.08 -52.70 120.99
CA THR R 351 82.14 -53.65 120.74
C THR R 351 81.58 -55.06 120.89
N GLY R 352 82.26 -56.02 120.26
CA GLY R 352 81.84 -57.41 120.28
C GLY R 352 82.82 -58.25 121.08
N VAL R 353 82.27 -59.03 122.01
CA VAL R 353 83.06 -59.97 122.78
C VAL R 353 82.75 -61.42 122.46
N ALA R 354 81.64 -61.71 121.80
CA ALA R 354 81.31 -63.06 121.38
C ALA R 354 80.40 -62.99 120.16
N ALA R 355 80.39 -64.08 119.39
CA ALA R 355 79.56 -64.13 118.20
C ALA R 355 78.08 -64.27 118.57
N GLY R 356 77.23 -63.69 117.74
CA GLY R 356 75.79 -63.77 117.98
C GLY R 356 75.08 -62.46 117.76
N THR R 357 73.75 -62.46 117.90
CA THR R 357 72.94 -61.28 117.67
C THR R 357 72.52 -60.67 119.00
N ALA R 358 72.55 -59.33 119.07
CA ALA R 358 72.21 -58.59 120.26
C ALA R 358 71.46 -57.32 119.85
N ASP R 359 70.79 -56.71 120.82
CA ASP R 359 70.05 -55.48 120.60
C ASP R 359 70.68 -54.35 121.39
N ILE R 360 71.01 -53.27 120.70
CA ILE R 360 71.54 -52.06 121.32
C ILE R 360 70.45 -51.01 121.30
N THR R 361 70.13 -50.46 122.46
CA THR R 361 69.08 -49.46 122.59
C THR R 361 69.68 -48.17 123.12
N ALA R 362 69.15 -47.05 122.65
CA ALA R 362 69.56 -45.72 123.06
C ALA R 362 68.36 -44.98 123.62
N SER R 363 68.49 -44.47 124.83
CA SER R 363 67.44 -43.72 125.50
C SER R 363 67.90 -42.28 125.65
N TYR R 364 67.06 -41.34 125.20
CA TYR R 364 67.36 -39.92 125.21
C TYR R 364 66.23 -39.19 125.90
N VAL R 365 66.55 -38.44 126.95
CA VAL R 365 65.54 -37.65 127.64
C VAL R 365 65.31 -36.37 126.84
N PRO R 366 64.11 -36.15 126.33
CA PRO R 366 63.87 -35.01 125.44
C PRO R 366 63.99 -33.69 126.18
N PRO R 367 64.17 -32.59 125.45
CA PRO R 367 64.22 -31.29 126.12
C PRO R 367 62.96 -30.96 126.90
N GLN R 368 61.82 -31.48 126.48
CA GLN R 368 60.58 -31.27 127.24
C GLN R 368 60.45 -32.22 128.41
N GLY R 369 61.37 -33.16 128.57
CA GLY R 369 61.31 -34.10 129.67
C GLY R 369 60.30 -35.20 129.43
N GLY R 370 60.11 -36.01 130.47
CA GLY R 370 59.16 -37.10 130.41
C GLY R 370 59.77 -38.42 130.04
N THR R 371 59.00 -39.30 129.41
CA THR R 371 59.49 -40.62 129.04
C THR R 371 60.57 -40.51 127.99
N ALA R 372 61.69 -41.18 128.22
CA ALA R 372 62.83 -41.07 127.32
C ALA R 372 62.52 -41.73 125.98
N LYS R 373 62.82 -41.03 124.90
CA LYS R 373 62.69 -41.62 123.58
C LYS R 373 63.69 -42.75 123.41
N THR R 374 63.23 -43.86 122.85
CA THR R 374 64.02 -45.08 122.77
C THR R 374 64.17 -45.49 121.31
N ALA R 375 65.40 -45.79 120.90
CA ALA R 375 65.68 -46.30 119.57
C ALA R 375 66.47 -47.59 119.69
N THR R 376 65.98 -48.65 119.05
CA THR R 376 66.58 -49.98 119.14
C THR R 376 67.12 -50.40 117.79
N VAL R 377 68.31 -51.00 117.80
CA VAL R 377 68.95 -51.53 116.61
C VAL R 377 69.51 -52.90 116.96
N THR R 378 69.76 -53.72 115.94
CA THR R 378 70.26 -55.07 116.13
C THR R 378 71.64 -55.20 115.52
N VAL R 379 72.58 -55.73 116.30
CA VAL R 379 73.96 -55.94 115.86
C VAL R 379 74.23 -57.44 115.86
N THR R 380 74.86 -57.92 114.79
CA THR R 380 75.16 -59.35 114.63
C THR R 380 76.67 -59.52 114.56
N VAL R 381 77.29 -59.84 115.68
CA VAL R 381 78.72 -60.15 115.68
C VAL R 381 78.94 -61.47 114.96
N PRO R 382 79.80 -61.53 113.95
CA PRO R 382 80.02 -62.73 113.13
C PRO R 382 80.49 -63.93 113.96
N ALA S 2 53.57 -61.36 35.52
CA ALA S 2 53.23 -60.15 34.78
C ALA S 2 54.47 -59.32 34.52
N HIS S 3 54.31 -58.01 34.52
CA HIS S 3 55.45 -57.12 34.29
C HIS S 3 56.45 -57.25 35.41
N ILE S 4 57.73 -57.22 35.05
CA ILE S 4 58.83 -57.29 36.00
C ILE S 4 59.70 -56.07 35.79
N PHE S 5 59.92 -55.31 36.85
CA PHE S 5 60.70 -54.09 36.80
C PHE S 5 61.96 -54.25 37.65
N VAL S 6 63.00 -53.54 37.25
CA VAL S 6 64.27 -53.53 37.98
C VAL S 6 64.39 -52.18 38.67
N LYS S 7 64.39 -52.19 40.00
CA LYS S 7 64.38 -50.96 40.77
C LYS S 7 65.49 -50.99 41.81
N PRO S 8 66.05 -49.83 42.15
CA PRO S 8 67.08 -49.77 43.19
C PRO S 8 66.50 -49.92 44.58
N GLU S 9 67.32 -49.71 45.61
CA GLU S 9 66.93 -49.87 47.01
C GLU S 9 67.27 -48.61 47.81
N LEU S 10 66.80 -47.46 47.35
CA LEU S 10 67.13 -46.16 47.92
C LEU S 10 67.24 -46.20 49.44
N VAL S 11 68.28 -45.53 49.95
CA VAL S 11 68.50 -45.37 51.38
C VAL S 11 68.41 -43.88 51.70
N ALA S 12 67.58 -43.55 52.69
CA ALA S 12 67.32 -42.17 53.06
C ALA S 12 67.81 -41.91 54.48
N GLU S 13 68.00 -40.63 54.79
CA GLU S 13 68.36 -40.17 56.14
C GLU S 13 67.36 -39.09 56.52
N ILE S 14 66.21 -39.51 57.07
CA ILE S 14 65.16 -38.56 57.38
C ILE S 14 65.55 -37.65 58.54
N GLY S 15 66.32 -38.17 59.49
CA GLY S 15 66.72 -37.37 60.63
C GLY S 15 66.63 -38.13 61.93
N VAL S 16 66.23 -39.40 61.85
CA VAL S 16 66.21 -40.25 63.03
C VAL S 16 67.64 -40.63 63.38
N LYS S 17 68.04 -40.36 64.61
CA LYS S 17 69.37 -40.67 65.09
C LYS S 17 69.26 -41.37 66.43
N GLN S 18 70.29 -42.13 66.78
CA GLN S 18 70.29 -42.83 68.05
C GLN S 18 70.33 -41.82 69.19
N LEU S 19 69.45 -42.01 70.17
CA LEU S 19 69.32 -41.06 71.27
C LEU S 19 70.51 -41.19 72.22
N GLN S 20 70.99 -40.05 72.71
CA GLN S 20 72.15 -40.06 73.57
C GLN S 20 72.05 -38.94 74.60
N ARG S 21 72.78 -39.11 75.69
CA ARG S 21 72.78 -38.18 76.80
C ARG S 21 73.35 -36.83 76.38
N GLU S 22 73.05 -35.81 77.17
CA GLU S 22 73.61 -34.48 76.96
C GLU S 22 74.70 -34.25 77.99
N ILE S 23 75.86 -33.80 77.52
CA ILE S 23 77.05 -33.70 78.37
C ILE S 23 76.94 -32.47 79.25
N VAL S 24 76.88 -32.68 80.57
CA VAL S 24 76.74 -31.59 81.53
C VAL S 24 77.88 -31.60 82.53
N LEU S 25 78.19 -32.78 83.07
CA LEU S 25 79.07 -32.87 84.22
C LEU S 25 80.45 -32.24 84.04
N PRO S 26 81.15 -32.39 82.91
CA PRO S 26 82.54 -31.90 82.87
C PRO S 26 82.71 -30.43 83.18
N GLY S 27 81.73 -29.60 82.88
CA GLY S 27 81.87 -28.18 83.15
C GLY S 27 81.64 -27.77 84.59
N LEU S 28 81.36 -28.73 85.47
CA LEU S 28 81.01 -28.43 86.85
C LEU S 28 82.08 -28.82 87.85
N VAL S 29 82.94 -29.76 87.52
CA VAL S 29 83.94 -30.28 88.44
C VAL S 29 85.22 -29.46 88.29
N TRP S 30 85.95 -29.32 89.39
CA TRP S 30 87.17 -28.53 89.40
C TRP S 30 88.23 -29.18 88.52
N THR S 31 88.48 -28.58 87.37
CA THR S 31 89.31 -29.19 86.33
C THR S 31 90.68 -28.54 86.31
N ASN S 32 91.71 -29.38 86.38
CA ASN S 32 93.09 -28.98 86.20
C ASN S 32 93.51 -27.86 87.14
N PRO S 33 93.59 -28.11 88.46
CA PRO S 33 94.32 -27.19 89.32
C PRO S 33 95.80 -27.49 89.37
N LEU S 34 96.20 -28.69 88.95
CA LEU S 34 97.58 -29.13 88.94
C LEU S 34 97.93 -29.60 87.53
N THR S 35 99.07 -29.16 87.02
CA THR S 35 99.48 -29.49 85.67
C THR S 35 100.81 -30.22 85.57
N ASP S 36 101.76 -29.92 86.46
CA ASP S 36 103.10 -30.49 86.37
C ASP S 36 103.14 -31.92 86.92
N PHE S 37 102.29 -32.77 86.35
CA PHE S 37 102.27 -34.17 86.77
C PHE S 37 103.49 -34.91 86.25
N GLY S 38 104.06 -34.46 85.14
CA GLY S 38 105.21 -35.16 84.57
C GLY S 38 106.43 -35.14 85.48
N GLY S 39 106.73 -33.98 86.05
CA GLY S 39 107.88 -33.87 86.90
C GLY S 39 107.59 -34.16 88.36
N SER S 40 107.24 -35.40 88.68
CA SER S 40 107.04 -35.80 90.06
C SER S 40 107.08 -37.31 90.16
N LYS S 41 107.56 -37.81 91.29
CA LYS S 41 107.65 -39.25 91.49
C LYS S 41 106.26 -39.87 91.46
N ASN S 42 106.16 -41.01 90.79
CA ASN S 42 104.93 -41.79 90.69
C ASN S 42 103.80 -41.00 90.03
N ASP S 43 104.15 -39.94 89.30
CA ASP S 43 103.17 -39.07 88.63
C ASP S 43 102.17 -38.49 89.62
N THR S 44 102.60 -38.33 90.88
CA THR S 44 101.74 -37.87 91.96
C THR S 44 102.22 -36.50 92.45
N ILE S 45 101.32 -35.54 92.47
CA ILE S 45 101.59 -34.23 93.02
C ILE S 45 100.99 -34.16 94.41
N THR S 46 101.80 -33.82 95.40
CA THR S 46 101.33 -33.69 96.77
C THR S 46 100.70 -32.31 96.95
N VAL S 47 99.66 -32.25 97.77
CA VAL S 47 99.00 -31.01 98.14
C VAL S 47 99.07 -30.88 99.65
N ARG S 48 99.57 -29.75 100.12
CA ARG S 48 99.79 -29.50 101.53
C ARG S 48 98.70 -28.58 102.05
N VAL S 49 97.91 -29.07 103.01
CA VAL S 49 96.86 -28.30 103.63
C VAL S 49 97.46 -27.53 104.81
N PRO S 50 97.31 -26.21 104.88
CA PRO S 50 97.90 -25.46 105.99
C PRO S 50 97.36 -25.91 107.33
N ALA S 51 98.24 -25.87 108.33
CA ALA S 51 97.91 -26.38 109.65
C ALA S 51 97.12 -25.36 110.46
N ILE S 52 96.32 -25.87 111.39
CA ILE S 52 95.62 -25.05 112.37
C ILE S 52 95.89 -25.64 113.74
N THR S 53 95.74 -24.79 114.77
CA THR S 53 96.06 -25.17 116.13
C THR S 53 94.91 -24.80 117.05
N THR S 54 95.03 -25.19 118.31
CA THR S 54 94.03 -24.92 119.32
C THR S 54 94.69 -24.20 120.50
N ALA S 55 93.90 -23.42 121.21
CA ALA S 55 94.37 -22.66 122.36
C ALA S 55 93.69 -23.18 123.62
N ASN S 56 94.47 -23.40 124.67
CA ASN S 56 93.94 -23.90 125.92
C ASN S 56 93.45 -22.74 126.78
N ARG S 57 93.11 -23.02 128.03
CA ARG S 57 92.72 -21.99 128.97
C ARG S 57 92.99 -22.49 130.38
N ARG S 58 93.21 -21.57 131.30
CA ARG S 58 93.46 -21.90 132.69
C ARG S 58 92.85 -20.83 133.57
N ASP S 59 92.46 -21.22 134.77
CA ASP S 59 91.87 -20.26 135.69
C ASP S 59 92.94 -19.33 136.25
N LEU S 60 92.56 -18.09 136.46
CA LEU S 60 93.48 -17.06 136.90
C LEU S 60 93.91 -17.30 138.35
N ARG S 61 95.14 -16.91 138.66
CA ARG S 61 95.71 -17.02 140.01
C ARG S 61 95.78 -18.46 140.48
N ASP S 62 95.91 -19.40 139.56
CA ASP S 62 96.04 -20.80 139.93
C ASP S 62 97.44 -21.08 140.46
N PRO S 63 97.57 -21.80 141.57
CA PRO S 63 98.91 -22.24 141.98
C PRO S 63 99.58 -23.15 140.98
N ASP S 64 98.81 -23.94 140.23
CA ASP S 64 99.35 -24.84 139.22
C ASP S 64 99.68 -24.02 137.97
N ARG S 65 100.80 -23.31 138.04
CA ARG S 65 101.24 -22.46 136.93
C ARG S 65 102.00 -23.33 135.94
N THR S 66 101.25 -24.04 135.11
CA THR S 66 101.82 -24.93 134.10
C THR S 66 101.01 -24.80 132.82
N VAL S 67 101.71 -24.68 131.70
CA VAL S 67 101.07 -24.48 130.41
C VAL S 67 101.11 -25.78 129.61
N ILE S 68 100.22 -25.88 128.63
CA ILE S 68 100.12 -27.04 127.75
C ILE S 68 100.43 -26.59 126.34
N ALA S 69 101.45 -27.17 125.74
CA ALA S 69 101.87 -26.77 124.40
C ALA S 69 100.89 -27.26 123.35
N SER S 70 100.63 -26.42 122.35
CA SER S 70 99.77 -26.80 121.24
C SER S 70 100.59 -27.52 120.17
N GLU S 71 99.93 -27.89 119.08
CA GLU S 71 100.56 -28.63 118.00
C GLU S 71 100.23 -27.98 116.67
N LEU S 72 101.18 -28.07 115.74
CA LEU S 72 101.04 -27.51 114.39
C LEU S 72 101.43 -28.59 113.40
N VAL S 73 100.47 -29.41 112.99
CA VAL S 73 100.71 -30.52 112.08
C VAL S 73 100.08 -30.19 110.74
N GLU S 74 100.88 -30.29 109.67
CA GLU S 74 100.42 -30.02 108.32
C GLU S 74 100.10 -31.34 107.63
N HIS S 75 98.90 -31.45 107.11
CA HIS S 75 98.47 -32.66 106.42
C HIS S 75 98.62 -32.48 104.91
N SER S 76 98.53 -33.60 104.20
CA SER S 76 98.74 -33.57 102.76
C SER S 76 98.02 -34.74 102.12
N PHE S 77 97.70 -34.57 100.83
CA PHE S 77 97.11 -35.65 100.05
C PHE S 77 97.65 -35.61 98.64
N GLY S 78 97.70 -36.76 97.98
CA GLY S 78 98.31 -36.89 96.66
C GLY S 78 97.28 -36.96 95.57
N VAL S 79 97.53 -36.25 94.48
CA VAL S 79 96.73 -36.31 93.27
C VAL S 79 97.53 -37.03 92.21
N THR S 80 96.94 -38.07 91.62
CA THR S 80 97.67 -38.98 90.75
C THR S 80 97.05 -39.05 89.37
N LEU S 81 97.90 -39.10 88.35
CA LEU S 81 97.49 -39.33 86.96
C LEU S 81 97.66 -40.81 86.67
N ASP S 82 96.54 -41.54 86.58
CA ASP S 82 96.66 -42.99 86.46
C ASP S 82 95.60 -43.61 85.56
N LYS S 83 95.07 -42.88 84.58
CA LYS S 83 94.16 -43.47 83.63
C LYS S 83 94.47 -42.95 82.23
N HIS S 84 94.10 -43.73 81.24
CA HIS S 84 94.40 -43.43 79.83
C HIS S 84 93.16 -43.76 79.02
N VAL S 85 92.51 -42.73 78.48
CA VAL S 85 91.25 -42.88 77.76
C VAL S 85 91.53 -42.73 76.27
N TYR S 86 91.04 -43.66 75.47
CA TYR S 86 91.31 -43.65 74.04
C TYR S 86 90.10 -44.17 73.28
N ALA S 87 90.19 -44.10 71.95
CA ALA S 87 89.18 -44.68 71.07
C ALA S 87 89.88 -45.02 69.75
N ALA S 88 90.24 -46.28 69.58
CA ALA S 88 91.04 -46.72 68.45
C ALA S 88 90.15 -47.32 67.38
N LEU S 89 90.38 -46.92 66.13
CA LEU S 89 89.66 -47.44 64.98
C LEU S 89 90.65 -47.90 63.93
N LYS S 90 90.30 -48.97 63.22
CA LYS S 90 91.10 -49.45 62.09
C LYS S 90 90.20 -49.63 60.87
N PHE S 91 90.68 -49.19 59.72
CA PHE S 91 89.94 -49.26 58.47
C PHE S 91 90.82 -49.89 57.41
N THR S 92 90.34 -50.97 56.79
CA THR S 92 91.08 -51.53 55.67
C THR S 92 91.01 -50.57 54.49
N ASP S 93 91.99 -50.69 53.59
CA ASP S 93 92.11 -49.74 52.50
C ASP S 93 90.88 -49.76 51.59
N GLU S 94 90.29 -50.93 51.39
CA GLU S 94 89.05 -50.99 50.63
C GLU S 94 87.94 -50.23 51.34
N GLN S 95 87.83 -50.39 52.66
CA GLN S 95 86.82 -49.66 53.40
C GLN S 95 87.06 -48.17 53.35
N ARG S 96 88.32 -47.75 53.47
CA ARG S 96 88.63 -46.32 53.42
C ARG S 96 88.38 -45.75 52.03
N THR S 97 88.52 -46.56 50.99
CA THR S 97 88.32 -46.07 49.63
C THR S 97 86.85 -46.00 49.28
N LEU S 98 86.14 -47.12 49.39
CA LEU S 98 84.76 -47.22 48.92
C LEU S 98 83.74 -46.95 50.02
N ASP S 99 83.88 -47.61 51.16
CA ASP S 99 82.81 -47.57 52.17
C ASP S 99 82.74 -46.22 52.86
N ILE S 100 83.87 -45.66 53.27
CA ILE S 100 83.89 -44.39 54.00
C ILE S 100 83.59 -43.27 53.02
N ARG S 101 82.43 -42.63 53.19
CA ARG S 101 82.04 -41.55 52.28
C ARG S 101 82.73 -40.24 52.63
N ASP S 102 82.45 -39.71 53.82
CA ASP S 102 83.05 -38.48 54.30
C ASP S 102 83.73 -38.75 55.62
N TYR S 103 85.06 -38.59 55.66
CA TYR S 103 85.82 -39.03 56.82
C TYR S 103 85.47 -38.22 58.07
N THR S 104 85.28 -36.91 57.92
CA THR S 104 85.04 -36.07 59.09
C THR S 104 83.70 -36.41 59.74
N LYS S 105 82.64 -36.48 58.96
CA LYS S 105 81.30 -36.66 59.50
C LYS S 105 80.97 -38.11 59.82
N GLN S 106 81.85 -39.06 59.50
CA GLN S 106 81.55 -40.47 59.66
C GLN S 106 82.51 -41.21 60.55
N VAL S 107 83.69 -40.66 60.84
CA VAL S 107 84.70 -41.31 61.66
C VAL S 107 85.13 -40.44 62.83
N LEU S 108 85.56 -39.21 62.55
CA LEU S 108 86.16 -38.37 63.59
C LEU S 108 85.12 -37.91 64.61
N MET S 109 83.97 -37.45 64.14
CA MET S 109 82.95 -36.98 65.07
C MET S 109 82.46 -38.07 66.01
N PRO S 110 82.11 -39.28 65.53
CA PRO S 110 81.76 -40.34 66.50
C PRO S 110 82.89 -40.68 67.44
N GLN S 111 84.14 -40.61 66.98
CA GLN S 111 85.26 -40.94 67.84
C GLN S 111 85.40 -39.93 68.99
N VAL S 112 85.39 -38.64 68.66
CA VAL S 112 85.50 -37.64 69.71
C VAL S 112 84.29 -37.66 70.62
N SER S 113 83.10 -37.96 70.07
CA SER S 113 81.93 -38.08 70.92
C SER S 113 82.06 -39.24 71.90
N ALA S 114 82.59 -40.38 71.42
CA ALA S 114 82.79 -41.51 72.32
C ALA S 114 83.76 -41.16 73.44
N VAL S 115 84.85 -40.46 73.10
CA VAL S 115 85.81 -40.09 74.13
C VAL S 115 85.20 -39.11 75.12
N ALA S 116 84.41 -38.15 74.63
CA ALA S 116 83.76 -37.19 75.53
C ALA S 116 82.81 -37.89 76.48
N TYR S 117 82.01 -38.83 75.97
CA TYR S 117 81.10 -39.54 76.84
C TYR S 117 81.84 -40.42 77.82
N GLU S 118 82.98 -40.99 77.43
CA GLU S 118 83.79 -41.75 78.36
C GLU S 118 84.30 -40.86 79.48
N LEU S 119 84.73 -39.65 79.16
CA LEU S 119 85.17 -38.72 80.19
C LEU S 119 84.04 -38.36 81.13
N GLU S 120 82.84 -38.14 80.59
CA GLU S 120 81.71 -37.83 81.47
C GLU S 120 81.38 -39.01 82.38
N ASP S 121 81.44 -40.23 81.86
CA ASP S 121 81.23 -41.40 82.71
C ASP S 121 82.31 -41.51 83.78
N TYR S 122 83.55 -41.15 83.43
CA TYR S 122 84.63 -41.10 84.41
C TYR S 122 84.28 -40.15 85.56
N ILE S 123 83.83 -38.95 85.21
CA ILE S 123 83.46 -37.97 86.24
C ILE S 123 82.31 -38.48 87.08
N ALA S 124 81.30 -39.09 86.45
CA ALA S 124 80.15 -39.59 87.19
C ALA S 124 80.56 -40.68 88.16
N GLU S 125 81.47 -41.57 87.75
CA GLU S 125 81.98 -42.58 88.68
C GLU S 125 82.72 -41.92 89.84
N LEU S 126 83.52 -40.90 89.54
CA LEU S 126 84.18 -40.15 90.61
C LEU S 126 83.18 -39.64 91.63
N ILE S 127 82.11 -39.02 91.15
CA ILE S 127 81.13 -38.42 92.06
C ILE S 127 80.40 -39.50 92.85
N GLU S 128 79.97 -40.57 92.18
CA GLU S 128 79.35 -41.69 92.90
C GLU S 128 80.37 -42.74 93.30
N GLY S 129 81.51 -42.30 93.78
CA GLY S 129 82.45 -43.21 94.42
C GLY S 129 82.97 -42.59 95.69
N ALA S 130 82.57 -41.36 95.95
CA ALA S 130 83.05 -40.65 97.11
C ALA S 130 82.56 -41.32 98.38
N PRO S 131 83.35 -41.32 99.44
CA PRO S 131 82.92 -41.99 100.69
C PRO S 131 81.95 -41.13 101.49
N TYR S 132 80.74 -40.98 100.96
CA TYR S 132 79.70 -40.29 101.70
C TYR S 132 79.37 -41.06 102.98
N GLU S 133 79.28 -40.34 104.09
CA GLU S 133 79.07 -40.98 105.38
C GLU S 133 77.59 -41.22 105.67
N GLU S 134 76.73 -40.26 105.36
CA GLU S 134 75.30 -40.39 105.61
C GLU S 134 74.53 -39.87 104.42
N THR S 135 73.46 -40.57 104.06
CA THR S 135 72.64 -40.21 102.92
C THR S 135 71.34 -39.59 103.43
N ILE S 136 71.07 -38.36 103.03
CA ILE S 136 69.82 -37.70 103.36
C ILE S 136 68.72 -38.33 102.51
N LEU S 137 67.65 -38.77 103.15
CA LEU S 137 66.54 -39.40 102.45
C LEU S 137 65.51 -38.34 102.09
N ILE S 138 65.27 -38.18 100.80
CA ILE S 138 64.27 -37.23 100.31
C ILE S 138 62.92 -37.89 100.37
N ASP S 139 61.99 -37.29 101.10
CA ASP S 139 60.63 -37.79 101.15
C ASP S 139 59.83 -37.17 100.01
N PRO S 140 59.24 -37.98 99.12
CA PRO S 140 58.50 -37.40 97.99
C PRO S 140 57.30 -36.56 98.40
N ALA S 141 56.75 -36.78 99.60
CA ALA S 141 55.62 -35.97 100.05
C ALA S 141 56.02 -34.50 100.24
N ASP S 142 57.19 -34.26 100.84
CA ASP S 142 57.71 -32.90 100.96
C ASP S 142 59.23 -33.01 100.86
N THR S 143 59.76 -32.68 99.68
CA THR S 143 61.18 -32.81 99.43
C THR S 143 62.01 -31.66 100.00
N VAL S 144 61.37 -30.52 100.30
CA VAL S 144 62.13 -29.36 100.77
C VAL S 144 62.85 -29.63 102.09
N PRO S 145 62.25 -30.28 103.09
CA PRO S 145 63.01 -30.55 104.32
C PRO S 145 64.29 -31.32 104.08
N ALA S 146 64.31 -32.26 103.14
CA ALA S 146 65.53 -33.00 102.86
C ALA S 146 66.62 -32.09 102.32
N PHE S 147 66.29 -31.21 101.38
CA PHE S 147 67.32 -30.35 100.81
C PHE S 147 67.79 -29.31 101.81
N ILE S 148 66.88 -28.77 102.61
CA ILE S 148 67.29 -27.84 103.65
C ILE S 148 68.18 -28.54 104.66
N THR S 149 67.89 -29.80 104.97
CA THR S 149 68.73 -30.56 105.86
C THR S 149 70.11 -30.80 105.25
N ALA S 150 70.17 -31.07 103.96
CA ALA S 150 71.47 -31.25 103.32
C ALA S 150 72.29 -29.97 103.38
N ASP S 151 71.65 -28.84 103.11
CA ASP S 151 72.35 -27.56 103.22
C ASP S 151 72.82 -27.31 104.64
N GLN S 152 71.97 -27.62 105.63
CA GLN S 152 72.37 -27.45 107.02
C GLN S 152 73.52 -28.36 107.40
N ARG S 153 73.53 -29.59 106.89
CA ARG S 153 74.62 -30.51 107.17
C ARG S 153 75.93 -29.99 106.59
N MET S 154 75.88 -29.48 105.37
CA MET S 154 77.10 -28.97 104.77
C MET S 154 77.52 -27.64 105.38
N GLY S 155 76.59 -26.91 106.00
CA GLY S 155 76.95 -25.72 106.75
C GLY S 155 77.46 -25.98 108.14
N GLU S 156 77.13 -27.13 108.72
CA GLU S 156 77.68 -27.50 110.02
C GLU S 156 79.15 -27.82 109.94
N ALA S 157 79.66 -28.18 108.76
CA ALA S 157 81.08 -28.41 108.57
C ALA S 157 81.82 -27.15 108.19
N ASN S 158 81.14 -26.00 108.22
CA ASN S 158 81.73 -24.69 107.90
C ASN S 158 82.18 -24.60 106.45
N VAL S 159 81.62 -25.42 105.58
CA VAL S 159 81.95 -25.34 104.15
C VAL S 159 81.49 -24.00 103.62
N PRO S 160 82.28 -23.33 102.77
CA PRO S 160 81.85 -22.02 102.26
C PRO S 160 80.55 -22.11 101.50
N THR S 161 79.75 -21.05 101.59
CA THR S 161 78.41 -21.03 101.04
C THR S 161 78.36 -20.65 99.57
N ASP S 162 79.50 -20.36 98.95
CA ASP S 162 79.53 -19.94 97.56
C ASP S 162 80.12 -21.05 96.69
N SER S 163 79.77 -21.01 95.41
CA SER S 163 80.26 -21.92 94.39
C SER S 163 79.87 -23.36 94.64
N ARG S 164 78.84 -23.60 95.44
CA ARG S 164 78.30 -24.94 95.59
C ARG S 164 77.53 -25.34 94.34
N ARG S 165 77.53 -26.64 94.06
CA ARG S 165 76.84 -27.19 92.90
C ARG S 165 75.89 -28.28 93.37
N LEU S 166 74.68 -28.28 92.82
CA LEU S 166 73.68 -29.31 93.11
C LEU S 166 73.25 -29.96 91.81
N VAL S 167 73.52 -31.25 91.68
CA VAL S 167 73.17 -32.03 90.50
C VAL S 167 72.14 -33.07 90.91
N VAL S 168 71.01 -33.09 90.22
CA VAL S 168 69.90 -33.98 90.53
C VAL S 168 69.64 -34.88 89.33
N GLY S 169 69.36 -36.15 89.60
CA GLY S 169 69.01 -37.07 88.55
C GLY S 169 67.62 -36.78 88.02
N SER S 170 67.23 -37.54 87.00
CA SER S 170 65.92 -37.30 86.39
C SER S 170 64.79 -37.56 87.38
N ALA S 171 64.90 -38.65 88.14
CA ALA S 171 63.83 -38.98 89.08
C ALA S 171 63.75 -37.95 90.21
N VAL S 172 64.90 -37.42 90.64
CA VAL S 172 64.88 -36.41 91.69
C VAL S 172 64.17 -35.15 91.21
N ALA S 173 64.46 -34.72 89.98
CA ALA S 173 63.79 -33.55 89.44
C ALA S 173 62.30 -33.80 89.27
N ALA S 174 61.93 -35.01 88.86
CA ALA S 174 60.51 -35.34 88.78
C ALA S 174 59.84 -35.26 90.14
N ALA S 175 60.52 -35.75 91.17
CA ALA S 175 59.95 -35.68 92.52
C ALA S 175 59.85 -34.24 92.99
N LEU S 176 60.81 -33.40 92.62
CA LEU S 176 60.73 -31.98 92.95
C LEU S 176 59.51 -31.35 92.31
N ALA S 177 59.32 -31.58 91.01
CA ALA S 177 58.19 -30.98 90.31
C ALA S 177 56.87 -31.57 90.76
N LYS S 178 56.85 -32.80 91.26
CA LYS S 178 55.64 -33.45 91.72
C LYS S 178 55.31 -33.11 93.16
N ASP S 179 56.21 -32.45 93.88
CA ASP S 179 55.94 -32.07 95.25
C ASP S 179 54.88 -30.97 95.29
N LYS S 180 54.00 -31.05 96.28
CA LYS S 180 52.96 -30.05 96.41
C LYS S 180 53.53 -28.69 96.79
N GLN S 181 54.74 -28.64 97.33
CA GLN S 181 55.33 -27.36 97.69
C GLN S 181 55.54 -26.47 96.48
N PHE S 182 56.07 -27.03 95.39
CA PHE S 182 56.31 -26.26 94.18
C PHE S 182 55.14 -26.30 93.21
N ARG S 183 54.34 -27.35 93.25
CA ARG S 183 53.26 -27.51 92.28
C ARG S 183 52.11 -26.55 92.59
N HIS S 184 51.82 -26.33 93.87
CA HIS S 184 50.77 -25.41 94.27
C HIS S 184 51.29 -23.99 94.29
N ALA S 185 50.60 -23.09 93.60
CA ALA S 185 51.06 -21.73 93.42
C ALA S 185 50.72 -20.85 94.60
N ASP S 186 50.06 -21.38 95.62
CA ASP S 186 49.86 -20.65 96.86
C ASP S 186 50.91 -20.98 97.90
N TRP S 187 51.50 -22.16 97.83
CA TRP S 187 52.51 -22.58 98.79
C TRP S 187 53.92 -22.17 98.41
N SER S 188 54.12 -21.61 97.22
CA SER S 188 55.47 -21.29 96.81
C SER S 188 55.57 -19.97 96.06
N GLY S 189 54.61 -19.07 96.22
CA GLY S 189 54.56 -17.92 95.35
C GLY S 189 54.46 -18.43 93.94
N ASP S 190 55.33 -17.92 93.07
CA ASP S 190 55.52 -18.51 91.74
C ASP S 190 54.19 -18.61 90.98
N GLN S 191 53.52 -17.47 90.84
CA GLN S 191 52.33 -17.44 90.01
C GLN S 191 52.73 -17.80 88.57
N ALA S 192 51.79 -18.40 87.85
CA ALA S 192 52.09 -19.04 86.58
C ALA S 192 53.18 -20.10 86.78
N ASN S 193 52.78 -21.13 87.53
CA ASN S 193 53.68 -22.18 88.00
C ASN S 193 54.67 -22.61 86.93
N ALA S 194 55.95 -22.59 87.29
CA ALA S 194 56.92 -23.30 86.48
C ALA S 194 56.95 -24.78 86.82
N ALA S 195 56.51 -25.15 88.01
CA ALA S 195 56.51 -26.55 88.43
C ALA S 195 55.29 -27.31 87.95
N LEU S 196 54.28 -26.62 87.45
CA LEU S 196 53.08 -27.23 86.92
C LEU S 196 52.92 -27.04 85.42
N ARG S 197 53.18 -25.84 84.91
CA ARG S 197 53.07 -25.57 83.49
C ARG S 197 54.39 -25.72 82.75
N GLU S 198 55.49 -26.02 83.46
CA GLU S 198 56.77 -26.26 82.81
C GLU S 198 57.52 -27.44 83.39
N ALA S 199 57.09 -28.01 84.51
CA ALA S 199 57.75 -29.14 85.17
C ALA S 199 59.20 -28.82 85.51
N HIS S 200 59.47 -27.57 85.89
CA HIS S 200 60.82 -27.11 86.20
C HIS S 200 60.81 -26.45 87.57
N VAL S 201 61.89 -26.62 88.32
CA VAL S 201 61.95 -26.13 89.69
C VAL S 201 62.93 -24.98 89.87
N GLY S 202 64.00 -24.92 89.10
CA GLY S 202 64.93 -23.81 89.24
C GLY S 202 65.58 -23.82 90.62
N ARG S 203 65.54 -22.67 91.29
CA ARG S 203 66.18 -22.56 92.59
C ARG S 203 65.49 -23.45 93.62
N LEU S 204 66.25 -23.85 94.63
CA LEU S 204 65.72 -24.69 95.69
C LEU S 204 66.69 -24.63 96.87
N ALA S 205 66.19 -24.23 98.03
CA ALA S 205 66.98 -24.20 99.26
C ALA S 205 68.29 -23.44 99.11
N GLY S 206 68.35 -22.53 98.15
CA GLY S 206 69.53 -21.70 97.95
C GLY S 206 70.47 -22.16 96.87
N MET S 207 70.19 -23.27 96.20
CA MET S 207 71.09 -23.81 95.20
C MET S 207 70.34 -24.04 93.89
N ASN S 208 70.98 -23.69 92.78
CA ASN S 208 70.41 -23.92 91.46
C ASN S 208 70.55 -25.39 91.10
N VAL S 209 69.44 -26.03 90.77
CA VAL S 209 69.47 -27.44 90.41
C VAL S 209 70.01 -27.58 89.00
N ILE S 210 70.78 -28.65 88.77
CA ILE S 210 71.26 -28.99 87.44
C ILE S 210 70.90 -30.44 87.19
N ARG S 211 70.14 -30.68 86.12
CA ARG S 211 69.63 -32.02 85.82
C ARG S 211 70.63 -32.74 84.92
N SER S 212 71.09 -33.90 85.35
CA SER S 212 72.01 -34.72 84.58
C SER S 212 71.57 -36.17 84.59
N ASN S 213 71.65 -36.82 83.43
CA ASN S 213 71.34 -38.22 83.32
C ASN S 213 72.53 -39.13 83.57
N ALA S 214 73.73 -38.56 83.74
CA ALA S 214 74.90 -39.39 84.01
C ALA S 214 74.80 -40.07 85.37
N ILE S 215 74.26 -39.37 86.37
CA ILE S 215 74.14 -39.90 87.71
C ILE S 215 72.92 -40.81 87.80
N ALA S 216 72.85 -41.59 88.87
CA ALA S 216 71.71 -42.49 89.06
C ALA S 216 70.42 -41.68 89.17
N PRO S 217 69.30 -42.18 88.65
CA PRO S 217 68.09 -41.37 88.60
C PRO S 217 67.62 -40.87 89.96
N ASP S 218 67.73 -41.68 91.00
CA ASP S 218 67.15 -41.36 92.31
C ASP S 218 68.17 -40.81 93.29
N LYS S 219 69.23 -40.17 92.80
CA LYS S 219 70.24 -39.59 93.67
C LYS S 219 70.55 -38.17 93.25
N ALA S 220 70.88 -37.35 94.24
CA ALA S 220 71.30 -35.98 94.04
C ALA S 220 72.56 -35.74 94.83
N TYR S 221 73.45 -34.92 94.29
CA TYR S 221 74.73 -34.65 94.92
C TYR S 221 74.92 -33.14 95.03
N LEU S 222 75.28 -32.69 96.23
CA LEU S 222 75.58 -31.28 96.46
C LEU S 222 77.01 -31.19 96.94
N TRP S 223 77.87 -30.55 96.16
CA TRP S 223 79.29 -30.50 96.48
C TRP S 223 79.83 -29.09 96.31
N HIS S 224 80.74 -28.71 97.20
CA HIS S 224 81.52 -27.49 97.04
C HIS S 224 82.55 -27.70 95.95
N ARG S 225 82.99 -26.60 95.32
CA ARG S 225 83.89 -26.74 94.17
C ARG S 225 85.18 -27.43 94.55
N THR S 226 85.71 -27.15 95.74
CA THR S 226 86.95 -27.77 96.19
C THR S 226 86.65 -29.09 96.88
N ALA S 227 85.94 -29.96 96.17
CA ALA S 227 85.63 -31.29 96.66
C ALA S 227 86.13 -32.39 95.75
N PHE S 228 85.98 -32.22 94.44
CA PHE S 228 86.46 -33.19 93.46
C PHE S 228 87.50 -32.52 92.58
N ILE S 229 88.67 -33.14 92.48
CA ILE S 229 89.77 -32.64 91.66
C ILE S 229 89.87 -33.53 90.43
N LEU S 230 89.91 -32.91 89.27
CA LEU S 230 89.96 -33.61 87.99
C LEU S 230 91.13 -33.08 87.19
N ALA S 231 92.04 -33.96 86.79
CA ALA S 231 93.28 -33.57 86.14
C ALA S 231 93.39 -34.25 84.78
N TYR S 232 93.81 -33.48 83.78
CA TYR S 232 93.91 -33.96 82.42
C TYR S 232 95.31 -33.68 81.89
N ARG S 233 95.71 -34.45 80.89
CA ARG S 233 96.98 -34.26 80.23
C ARG S 233 96.87 -34.77 78.80
N THR S 234 97.42 -34.00 77.86
CA THR S 234 97.37 -34.38 76.47
C THR S 234 98.69 -35.03 76.06
N PRO S 235 98.70 -36.28 75.64
CA PRO S 235 99.95 -36.91 75.22
C PRO S 235 100.53 -36.17 74.02
N VAL S 236 101.85 -36.11 73.99
CA VAL S 236 102.54 -35.44 72.89
C VAL S 236 102.67 -36.40 71.72
N VAL S 237 102.56 -35.87 70.50
CA VAL S 237 102.76 -36.67 69.31
C VAL S 237 104.23 -37.06 69.24
N PRO S 238 104.56 -38.34 69.23
CA PRO S 238 105.97 -38.74 69.23
C PRO S 238 106.65 -38.31 67.93
N GLU S 239 107.98 -38.22 68.01
CA GLU S 239 108.76 -37.76 66.88
C GLU S 239 108.61 -38.68 65.67
N GLY S 240 108.57 -39.99 65.91
CA GLY S 240 108.42 -40.93 64.82
C GLY S 240 106.98 -41.28 64.52
N ALA S 241 106.16 -40.27 64.20
CA ALA S 241 104.76 -40.50 63.91
C ALA S 241 104.28 -39.49 62.90
N LYS S 242 103.25 -39.87 62.15
CA LYS S 242 102.64 -38.96 61.21
C LYS S 242 101.98 -37.80 61.94
N ALA S 243 102.19 -36.59 61.44
CA ALA S 243 101.73 -35.39 62.13
C ALA S 243 100.21 -35.37 62.16
N GLY S 244 99.64 -35.76 63.29
CA GLY S 244 98.20 -35.76 63.46
C GLY S 244 97.69 -34.42 63.96
N ALA S 245 96.40 -34.37 64.25
CA ALA S 245 95.74 -33.17 64.71
C ALA S 245 95.41 -33.30 66.19
N SER S 246 94.88 -32.23 66.75
CA SER S 246 94.44 -32.19 68.14
C SER S 246 92.98 -31.80 68.17
N PHE S 247 92.20 -32.52 68.99
CA PHE S 247 90.76 -32.31 69.02
C PHE S 247 90.34 -31.84 70.41
N SER S 248 89.09 -31.39 70.50
CA SER S 248 88.55 -30.83 71.74
C SER S 248 87.29 -31.59 72.13
N ALA S 249 87.22 -32.00 73.39
CA ALA S 249 86.06 -32.67 73.97
C ALA S 249 85.70 -31.92 75.25
N ASN S 250 84.73 -31.01 75.16
CA ASN S 250 84.20 -30.28 76.31
C ASN S 250 85.32 -29.60 77.10
N GLY S 251 86.26 -28.99 76.39
CA GLY S 251 87.35 -28.29 76.98
C GLY S 251 88.62 -29.11 77.19
N VAL S 252 88.53 -30.42 77.05
CA VAL S 252 89.70 -31.27 77.17
C VAL S 252 90.37 -31.40 75.81
N ALA S 253 91.69 -31.44 75.79
CA ALA S 253 92.45 -31.57 74.55
C ALA S 253 92.86 -33.02 74.35
N LEU S 254 92.55 -33.57 73.18
CA LEU S 254 92.80 -34.96 72.86
C LEU S 254 93.81 -35.08 71.74
N ARG S 255 94.73 -36.03 71.88
CA ARG S 255 95.76 -36.29 70.88
C ARG S 255 95.22 -37.28 69.87
N TRP S 256 95.26 -36.91 68.59
CA TRP S 256 94.85 -37.77 67.50
C TRP S 256 96.06 -38.24 66.73
N LEU S 257 96.16 -39.55 66.54
CA LEU S 257 97.31 -40.17 65.89
C LEU S 257 96.82 -41.14 64.83
N ALA S 258 97.56 -41.22 63.73
CA ALA S 258 97.24 -42.14 62.66
C ALA S 258 98.51 -42.86 62.22
N ASP S 259 98.35 -44.09 61.75
CA ASP S 259 99.50 -44.86 61.31
C ASP S 259 99.04 -45.93 60.34
N TYR S 260 99.76 -46.07 59.22
CA TYR S 260 99.43 -47.10 58.27
C TYR S 260 99.80 -48.47 58.83
N ASP S 261 99.31 -49.51 58.19
CA ASP S 261 99.67 -50.89 58.52
C ASP S 261 99.83 -51.62 57.19
N TYR S 262 101.07 -51.69 56.71
CA TYR S 262 101.36 -52.39 55.47
C TYR S 262 101.14 -53.88 55.61
N SER S 263 101.36 -54.43 56.81
CA SER S 263 101.16 -55.85 57.01
C SER S 263 99.70 -56.24 56.79
N GLN S 264 98.77 -55.43 57.30
CA GLN S 264 97.35 -55.67 57.10
C GLN S 264 96.74 -54.75 56.06
N LEU S 265 97.53 -53.91 55.41
CA LEU S 265 97.06 -53.03 54.35
C LEU S 265 95.87 -52.19 54.81
N GLY S 266 96.00 -51.58 55.97
CA GLY S 266 94.91 -50.80 56.52
C GLY S 266 95.41 -49.71 57.44
N ASP S 267 94.64 -48.63 57.52
CA ASP S 267 94.97 -47.52 58.40
C ASP S 267 94.50 -47.81 59.81
N ARG S 268 95.23 -47.30 60.79
CA ARG S 268 94.89 -47.41 62.19
C ARG S 268 94.89 -46.02 62.80
N THR S 269 93.92 -45.75 63.66
CA THR S 269 93.77 -44.44 64.27
C THR S 269 93.77 -44.59 65.79
N LEU S 270 93.95 -43.46 66.47
CA LEU S 270 93.95 -43.41 67.91
C LEU S 270 93.60 -41.99 68.34
N LEU S 271 92.92 -41.87 69.47
CA LEU S 271 92.52 -40.56 69.97
C LEU S 271 92.46 -40.68 71.49
N ASP S 272 93.44 -40.11 72.18
CA ASP S 272 93.66 -40.44 73.57
C ASP S 272 93.93 -39.21 74.41
N VAL S 273 93.91 -39.44 75.72
CA VAL S 273 94.17 -38.41 76.73
C VAL S 273 94.45 -39.12 78.05
N PHE S 274 95.35 -38.56 78.85
CA PHE S 274 95.62 -39.09 80.17
C PHE S 274 94.78 -38.36 81.20
N THR S 275 94.19 -39.10 82.13
CA THR S 275 93.23 -38.56 83.07
C THR S 275 93.54 -39.04 84.49
N GLY S 276 93.11 -38.23 85.46
CA GLY S 276 93.23 -38.62 86.85
C GLY S 276 92.22 -37.87 87.69
N ARG S 277 91.86 -38.46 88.83
CA ARG S 277 90.81 -37.89 89.67
C ARG S 277 91.20 -38.03 91.13
N LYS S 278 90.57 -37.21 91.97
CA LYS S 278 90.83 -37.25 93.40
C LYS S 278 89.62 -36.66 94.13
N VAL S 279 89.39 -37.14 95.34
CA VAL S 279 88.40 -36.56 96.24
C VAL S 279 89.13 -36.04 97.47
N VAL S 280 89.00 -34.75 97.74
CA VAL S 280 89.72 -34.14 98.84
C VAL S 280 88.96 -34.41 100.14
N THR S 281 89.33 -35.48 100.83
CA THR S 281 88.45 -35.95 101.90
C THR S 281 88.49 -35.03 103.10
N GLU S 282 89.61 -35.00 103.83
CA GLU S 282 89.74 -34.22 105.04
C GLU S 282 91.12 -34.47 105.61
N VAL S 283 91.46 -33.74 106.68
CA VAL S 283 92.67 -34.00 107.44
C VAL S 283 92.47 -35.11 108.47
N ASP S 284 91.27 -35.68 108.57
CA ASP S 284 91.01 -36.75 109.51
C ASP S 284 90.33 -37.95 108.85
N GLY S 285 90.27 -37.99 107.53
CA GLY S 285 89.72 -39.12 106.81
C GLY S 285 88.24 -39.05 106.52
N SER S 286 87.53 -38.07 107.07
CA SER S 286 86.11 -37.93 106.81
C SER S 286 85.89 -37.30 105.44
N PHE S 287 84.64 -37.17 105.04
CA PHE S 287 84.26 -36.49 103.80
C PHE S 287 83.07 -35.60 104.11
N VAL S 288 83.29 -34.28 104.05
CA VAL S 288 82.28 -33.34 104.50
C VAL S 288 81.97 -32.32 103.42
N ARG S 289 82.67 -32.38 102.31
CA ARG S 289 82.53 -31.36 101.28
C ARG S 289 81.52 -31.76 100.20
N ALA S 290 80.72 -32.79 100.45
CA ALA S 290 79.68 -33.17 99.51
C ALA S 290 78.67 -34.05 100.25
N VAL S 291 77.40 -33.84 99.95
CA VAL S 291 76.32 -34.59 100.57
C VAL S 291 75.49 -35.26 99.50
N GLU S 292 75.05 -36.48 99.78
CA GLU S 292 74.32 -37.33 98.86
C GLU S 292 72.90 -37.51 99.36
N LEU S 293 71.93 -37.22 98.51
CA LEU S 293 70.53 -37.37 98.83
C LEU S 293 69.91 -38.44 97.95
N GLN S 294 69.01 -39.23 98.52
CA GLN S 294 68.38 -40.33 97.81
C GLN S 294 66.89 -40.34 98.12
N LEU S 295 66.07 -40.60 97.12
CA LEU S 295 64.63 -40.65 97.33
C LEU S 295 64.23 -41.86 98.16
N GLN S 296 63.24 -41.67 99.01
CA GLN S 296 62.65 -42.76 99.77
C GLN S 296 61.70 -43.54 98.88
N ALA S 297 61.72 -44.87 99.02
CA ALA S 297 60.85 -45.75 98.27
C ALA S 297 59.94 -46.49 99.25
N SER S 298 58.64 -46.52 98.94
CA SER S 298 57.67 -47.17 99.79
C SER S 298 57.11 -48.46 99.22
N SER S 299 57.15 -48.64 97.91
CA SER S 299 56.65 -49.86 97.29
C SER S 299 57.29 -50.01 95.92
N ILE S 300 57.23 -51.22 95.39
CA ILE S 300 57.72 -51.51 94.05
C ILE S 300 56.68 -52.33 93.32
N THR S 301 56.68 -52.23 91.98
CA THR S 301 55.77 -52.97 91.13
C THR S 301 56.51 -53.47 89.92
N ILE S 302 56.20 -54.70 89.50
CA ILE S 302 56.80 -55.26 88.31
C ILE S 302 56.00 -54.81 87.09
N VAL S 303 56.70 -54.28 86.09
CA VAL S 303 56.04 -53.77 84.90
C VAL S 303 55.33 -54.92 84.20
N GLY S 304 54.02 -54.77 83.99
CA GLY S 304 53.21 -55.77 83.34
C GLY S 304 52.44 -56.68 84.29
N GLY S 305 52.81 -56.69 85.57
CA GLY S 305 52.10 -57.51 86.53
C GLY S 305 52.21 -58.99 86.22
N ALA S 306 51.11 -59.70 86.44
CA ALA S 306 51.06 -61.13 86.10
C ALA S 306 50.99 -61.30 84.58
N PHE S 307 51.79 -62.23 84.06
CA PHE S 307 51.76 -62.51 82.64
C PHE S 307 52.26 -63.93 82.41
N ALA S 308 51.95 -64.44 81.22
CA ALA S 308 52.35 -65.78 80.81
C ALA S 308 53.27 -65.70 79.61
N LEU S 309 54.18 -66.66 79.49
CA LEU S 309 55.18 -66.68 78.44
C LEU S 309 54.66 -67.42 77.22
N ALA S 310 55.24 -67.08 76.06
CA ALA S 310 54.81 -67.69 74.81
C ALA S 310 55.11 -69.18 74.77
N THR S 311 56.29 -69.59 75.23
CA THR S 311 56.70 -70.97 75.18
C THR S 311 57.65 -71.26 76.33
N THR S 312 57.94 -72.55 76.53
CA THR S 312 58.85 -72.95 77.61
C THR S 312 60.24 -72.40 77.38
N THR S 313 60.74 -72.47 76.14
CA THR S 313 62.10 -72.04 75.83
C THR S 313 62.23 -70.53 75.69
N GLY S 314 61.13 -69.79 75.71
CA GLY S 314 61.19 -68.35 75.59
C GLY S 314 61.80 -67.70 76.83
N THR S 315 62.25 -66.46 76.64
CA THR S 315 62.83 -65.67 77.72
C THR S 315 62.19 -64.29 77.74
N LYS S 316 61.91 -63.80 78.95
CA LYS S 316 61.37 -62.46 79.13
C LYS S 316 62.18 -61.74 80.19
N GLN S 317 62.47 -60.47 79.95
CA GLN S 317 63.25 -59.65 80.86
C GLN S 317 62.32 -58.84 81.74
N LEU S 318 62.39 -59.06 83.05
CA LEU S 318 61.54 -58.34 83.98
C LEU S 318 62.02 -56.90 84.14
N LYS S 319 61.16 -56.09 84.77
CA LYS S 319 61.51 -54.72 85.11
C LYS S 319 60.69 -54.31 86.32
N VAL S 320 61.36 -53.77 87.34
CA VAL S 320 60.71 -53.38 88.59
C VAL S 320 60.89 -51.88 88.76
N ARG S 321 59.80 -51.19 89.08
CA ARG S 321 59.81 -49.76 89.30
C ARG S 321 59.25 -49.46 90.68
N ASP S 322 59.96 -48.63 91.44
CA ASP S 322 59.46 -48.23 92.75
C ASP S 322 58.41 -47.13 92.58
N ASP S 323 57.80 -46.73 93.70
CA ASP S 323 56.70 -45.78 93.62
C ASP S 323 57.14 -44.42 93.08
N ASN S 324 58.42 -44.08 93.28
CA ASN S 324 58.94 -42.85 92.70
C ASN S 324 59.10 -42.96 91.18
N GLY S 325 59.09 -44.18 90.64
CA GLY S 325 59.20 -44.38 89.22
C GLY S 325 60.57 -44.71 88.68
N THR S 326 61.53 -45.01 89.54
CA THR S 326 62.88 -45.30 89.09
C THR S 326 62.99 -46.74 88.61
N ASP S 327 63.94 -46.99 87.71
CA ASP S 327 64.22 -48.34 87.23
C ASP S 327 65.14 -49.03 88.22
N VAL S 328 64.59 -49.98 88.98
CA VAL S 328 65.31 -50.56 90.09
C VAL S 328 65.52 -52.06 89.86
N THR S 329 65.47 -52.48 88.60
CA THR S 329 65.63 -53.90 88.31
C THR S 329 66.99 -54.41 88.75
N ALA S 330 68.04 -53.64 88.49
CA ALA S 330 69.40 -54.07 88.81
C ALA S 330 69.67 -54.11 90.30
N ARG S 331 68.80 -53.53 91.13
CA ARG S 331 69.00 -53.49 92.57
C ARG S 331 68.08 -54.44 93.34
N CYS S 332 67.26 -55.21 92.65
CA CYS S 332 66.32 -56.12 93.30
C CYS S 332 66.82 -57.55 93.20
N THR S 333 66.43 -58.38 94.15
CA THR S 333 66.74 -59.80 94.14
C THR S 333 65.48 -60.58 93.79
N PHE S 334 65.58 -61.44 92.78
CA PHE S 334 64.44 -62.19 92.29
C PHE S 334 64.43 -63.60 92.86
N ALA S 335 63.23 -64.19 92.90
CA ALA S 335 63.06 -65.56 93.34
C ALA S 335 61.85 -66.15 92.64
N SER S 336 61.82 -67.47 92.58
CA SER S 336 60.73 -68.21 91.94
C SER S 336 60.14 -69.18 92.94
N SER S 337 58.81 -69.18 93.06
CA SER S 337 58.14 -70.11 93.97
C SER S 337 58.35 -71.55 93.52
N ALA S 338 58.23 -71.81 92.22
CA ALA S 338 58.39 -73.16 91.67
C ALA S 338 59.59 -73.13 90.73
N GLY S 339 60.76 -73.48 91.28
CA GLY S 339 61.96 -73.52 90.46
C GLY S 339 61.90 -74.59 89.39
N THR S 340 61.29 -75.72 89.71
CA THR S 340 61.13 -76.81 88.75
C THR S 340 60.13 -76.48 87.65
N LYS S 341 59.39 -75.39 87.77
CA LYS S 341 58.39 -74.99 86.79
C LYS S 341 58.80 -73.76 86.00
N ALA S 342 59.16 -72.67 86.69
CA ALA S 342 59.62 -71.45 86.04
C ALA S 342 60.85 -70.94 86.78
N THR S 343 61.91 -70.62 86.03
CA THR S 343 63.15 -70.15 86.60
C THR S 343 63.44 -68.73 86.15
N VAL S 344 64.04 -67.95 87.05
CA VAL S 344 64.42 -66.57 86.78
C VAL S 344 65.81 -66.33 87.36
N SER S 345 66.65 -65.67 86.57
CA SER S 345 67.99 -65.34 87.04
C SER S 345 67.93 -64.15 87.98
N ALA S 346 69.08 -63.79 88.55
CA ALA S 346 69.16 -62.63 89.42
C ALA S 346 68.96 -61.33 88.65
N ALA S 347 69.13 -61.33 87.34
CA ALA S 347 68.99 -60.13 86.53
C ALA S 347 67.58 -59.94 85.99
N GLY S 348 66.66 -60.84 86.27
CA GLY S 348 65.29 -60.70 85.83
C GLY S 348 64.92 -61.42 84.55
N LEU S 349 65.77 -62.32 84.05
CA LEU S 349 65.43 -63.13 82.89
C LEU S 349 64.61 -64.32 83.35
N VAL S 350 63.33 -64.34 82.99
CA VAL S 350 62.42 -65.40 83.42
C VAL S 350 62.29 -66.43 82.30
N THR S 351 62.31 -67.70 82.69
CA THR S 351 62.09 -68.81 81.77
C THR S 351 61.33 -69.91 82.49
N GLY S 352 60.36 -70.51 81.79
CA GLY S 352 59.58 -71.57 82.39
C GLY S 352 59.91 -72.94 81.83
N VAL S 353 60.62 -73.75 82.62
CA VAL S 353 61.04 -75.06 82.14
C VAL S 353 59.83 -75.99 81.99
N ALA S 354 58.90 -75.95 82.94
CA ALA S 354 57.75 -76.83 82.96
C ALA S 354 56.46 -76.04 82.89
N ALA S 355 55.46 -76.59 82.21
CA ALA S 355 54.16 -75.94 82.11
C ALA S 355 53.46 -75.94 83.47
N GLY S 356 52.65 -74.91 83.69
CA GLY S 356 51.91 -74.74 84.91
C GLY S 356 52.08 -73.34 85.48
N THR S 357 51.35 -73.08 86.55
CA THR S 357 51.35 -71.77 87.20
C THR S 357 52.35 -71.76 88.35
N ALA S 358 52.99 -70.61 88.54
CA ALA S 358 53.95 -70.43 89.62
C ALA S 358 54.03 -68.95 89.95
N ASP S 359 54.79 -68.63 90.99
CA ASP S 359 54.96 -67.26 91.44
C ASP S 359 56.39 -66.80 91.22
N ILE S 360 56.55 -65.56 90.78
CA ILE S 360 57.83 -64.89 90.71
C ILE S 360 57.78 -63.71 91.68
N THR S 361 58.90 -63.41 92.32
CA THR S 361 58.93 -62.44 93.40
C THR S 361 60.19 -61.59 93.29
N ALA S 362 60.05 -60.31 93.58
CA ALA S 362 61.16 -59.36 93.58
C ALA S 362 61.22 -58.69 94.93
N SER S 363 62.40 -58.66 95.53
CA SER S 363 62.64 -58.04 96.82
C SER S 363 63.59 -56.88 96.64
N TYR S 364 63.23 -55.72 97.21
CA TYR S 364 64.02 -54.51 97.12
C TYR S 364 64.24 -53.97 98.52
N VAL S 365 65.49 -53.82 98.92
CA VAL S 365 65.84 -53.18 100.19
C VAL S 365 65.81 -51.68 99.96
N PRO S 366 64.90 -50.95 100.61
CA PRO S 366 64.76 -49.52 100.32
C PRO S 366 65.96 -48.75 100.82
N PRO S 367 66.18 -47.53 100.29
CA PRO S 367 67.33 -46.74 100.76
C PRO S 367 67.27 -46.45 102.25
N GLN S 368 66.08 -46.32 102.83
CA GLN S 368 65.97 -46.16 104.27
C GLN S 368 66.34 -47.43 105.01
N GLY S 369 66.38 -48.57 104.33
CA GLY S 369 66.70 -49.83 104.96
C GLY S 369 65.49 -50.54 105.50
N GLY S 370 65.67 -51.33 106.56
CA GLY S 370 64.54 -51.98 107.18
C GLY S 370 63.95 -53.08 106.32
N THR S 371 62.64 -53.27 106.47
CA THR S 371 61.96 -54.34 105.76
C THR S 371 62.05 -54.15 104.26
N ALA S 372 62.20 -55.26 103.54
CA ALA S 372 62.34 -55.22 102.09
C ALA S 372 60.97 -55.21 101.43
N LYS S 373 60.77 -54.26 100.52
CA LYS S 373 59.55 -54.23 99.74
C LYS S 373 59.50 -55.41 98.81
N THR S 374 58.33 -56.05 98.73
CA THR S 374 58.15 -57.27 97.96
C THR S 374 57.06 -57.05 96.92
N ALA S 375 57.38 -57.36 95.66
CA ALA S 375 56.41 -57.33 94.58
C ALA S 375 56.46 -58.66 93.86
N THR S 376 55.36 -59.39 93.88
CA THR S 376 55.31 -60.73 93.32
C THR S 376 54.13 -60.83 92.36
N VAL S 377 54.32 -61.56 91.27
CA VAL S 377 53.25 -61.80 90.31
C VAL S 377 53.25 -63.27 89.90
N THR S 378 52.09 -63.71 89.42
CA THR S 378 51.90 -65.10 89.01
C THR S 378 52.20 -65.24 87.52
N VAL S 379 53.05 -66.20 87.18
CA VAL S 379 53.40 -66.49 85.80
C VAL S 379 53.08 -67.94 85.51
N THR S 380 52.39 -68.18 84.39
CA THR S 380 52.05 -69.52 83.95
C THR S 380 52.79 -69.85 82.65
N VAL S 381 53.33 -71.05 82.59
CA VAL S 381 54.13 -71.50 81.46
C VAL S 381 53.30 -72.47 80.63
N PRO S 382 53.20 -72.27 79.31
CA PRO S 382 52.48 -73.19 78.42
C PRO S 382 53.27 -74.47 78.16
N ILE T 14 17.16 -28.45 57.17
CA ILE T 14 17.05 -27.00 57.28
C ILE T 14 18.26 -26.44 58.01
N GLY T 15 19.21 -27.32 58.32
CA GLY T 15 20.41 -26.91 59.00
C GLY T 15 20.90 -27.92 60.00
N VAL T 16 20.09 -28.94 60.25
CA VAL T 16 20.46 -29.99 61.20
C VAL T 16 21.42 -30.95 60.50
N LYS T 17 22.66 -31.00 60.97
CA LYS T 17 23.67 -31.88 60.43
C LYS T 17 23.93 -33.01 61.40
N GLN T 18 24.30 -34.17 60.85
CA GLN T 18 24.66 -35.29 61.70
C GLN T 18 25.92 -34.98 62.48
N LEU T 19 25.99 -35.49 63.70
CA LEU T 19 27.10 -35.19 64.59
C LEU T 19 28.32 -36.02 64.19
N GLN T 20 29.39 -35.34 63.79
CA GLN T 20 30.60 -36.01 63.34
C GLN T 20 31.80 -35.46 64.09
N ARG T 21 32.84 -36.28 64.13
CA ARG T 21 34.05 -35.96 64.88
C ARG T 21 34.75 -34.74 64.29
N GLU T 22 35.86 -34.36 64.90
CA GLU T 22 36.69 -33.26 64.41
C GLU T 22 38.11 -33.77 64.19
N ILE T 23 38.77 -33.20 63.19
CA ILE T 23 40.05 -33.70 62.72
C ILE T 23 41.19 -32.97 63.44
N VAL T 24 41.99 -33.71 64.20
CA VAL T 24 43.17 -33.15 64.84
C VAL T 24 44.41 -33.96 64.47
N LEU T 25 44.27 -35.29 64.48
CA LEU T 25 45.43 -36.18 64.40
C LEU T 25 46.27 -36.00 63.14
N PRO T 26 45.72 -35.88 61.93
CA PRO T 26 46.58 -35.85 60.74
C PRO T 26 47.62 -34.75 60.74
N GLY T 27 47.34 -33.61 61.37
CA GLY T 27 48.32 -32.55 61.40
C GLY T 27 49.39 -32.69 62.46
N LEU T 28 49.27 -33.69 63.33
CA LEU T 28 50.15 -33.83 64.48
C LEU T 28 51.15 -34.96 64.35
N VAL T 29 51.24 -35.60 63.18
CA VAL T 29 52.18 -36.68 62.97
C VAL T 29 53.18 -36.24 61.91
N TRP T 30 54.24 -37.04 61.77
CA TRP T 30 55.32 -36.75 60.85
C TRP T 30 54.93 -37.32 59.49
N THR T 31 54.43 -36.47 58.61
CA THR T 31 53.86 -36.89 57.34
C THR T 31 54.85 -36.65 56.22
N ASN T 32 55.13 -37.70 55.45
CA ASN T 32 55.95 -37.62 54.25
C ASN T 32 57.33 -36.99 54.49
N PRO T 33 58.17 -37.61 55.32
CA PRO T 33 59.58 -37.20 55.36
C PRO T 33 60.35 -37.72 54.17
N LEU T 34 59.85 -38.76 53.52
CA LEU T 34 60.48 -39.41 52.38
C LEU T 34 59.38 -39.83 51.42
N THR T 35 59.61 -39.63 50.12
CA THR T 35 58.51 -39.74 49.17
C THR T 35 58.72 -40.80 48.11
N ASP T 36 59.93 -40.93 47.56
CA ASP T 36 60.13 -41.79 46.39
C ASP T 36 59.98 -43.25 46.74
N PHE T 37 58.75 -43.70 46.97
CA PHE T 37 58.50 -45.10 47.25
C PHE T 37 58.54 -45.95 45.99
N GLY T 38 58.22 -45.36 44.84
CA GLY T 38 58.22 -46.11 43.60
C GLY T 38 59.59 -46.46 43.08
N GLY T 39 60.64 -45.87 43.64
CA GLY T 39 61.99 -46.16 43.22
C GLY T 39 62.69 -47.26 43.97
N SER T 40 61.99 -47.96 44.86
CA SER T 40 62.65 -48.95 45.72
C SER T 40 61.94 -50.29 45.59
N LYS T 41 62.72 -51.36 45.71
CA LYS T 41 62.16 -52.70 45.65
C LYS T 41 61.26 -52.95 46.85
N ASN T 42 60.15 -53.64 46.62
CA ASN T 42 59.12 -53.95 47.61
C ASN T 42 58.48 -52.69 48.18
N ASP T 43 58.68 -51.54 47.54
CA ASP T 43 58.13 -50.27 48.00
C ASP T 43 58.60 -49.93 49.41
N THR T 44 59.81 -50.37 49.76
CA THR T 44 60.38 -50.12 51.08
C THR T 44 61.60 -49.22 50.90
N ILE T 45 61.61 -48.11 51.60
CA ILE T 45 62.78 -47.25 51.67
C ILE T 45 63.52 -47.54 52.97
N THR T 46 64.82 -47.77 52.88
CA THR T 46 65.62 -48.18 54.03
C THR T 46 66.27 -46.94 54.64
N VAL T 47 65.71 -46.46 55.74
CA VAL T 47 66.29 -45.34 56.47
C VAL T 47 67.47 -45.84 57.29
N ARG T 48 68.61 -45.18 57.15
CA ARG T 48 69.78 -45.52 57.95
C ARG T 48 69.89 -44.58 59.13
N VAL T 49 70.48 -45.07 60.21
CA VAL T 49 70.74 -44.28 61.41
C VAL T 49 72.25 -44.16 61.57
N PRO T 50 72.78 -42.97 61.84
CA PRO T 50 74.23 -42.83 61.98
C PRO T 50 74.76 -43.68 63.12
N ALA T 51 76.00 -44.14 62.95
CA ALA T 51 76.63 -45.01 63.91
C ALA T 51 77.25 -44.23 65.06
N ILE T 52 77.25 -44.85 66.24
CA ILE T 52 77.96 -44.34 67.40
C ILE T 52 78.87 -45.44 67.90
N THR T 53 79.93 -45.05 68.60
CA THR T 53 80.97 -45.96 69.03
C THR T 53 81.20 -45.81 70.53
N THR T 54 82.15 -46.58 71.04
CA THR T 54 82.48 -46.58 72.46
C THR T 54 83.99 -46.44 72.63
N ALA T 55 84.38 -45.77 73.70
CA ALA T 55 85.79 -45.58 74.02
C ALA T 55 86.26 -46.69 74.94
N ASN T 56 87.49 -46.59 75.43
CA ASN T 56 88.04 -47.59 76.32
C ASN T 56 89.02 -46.92 77.27
N ARG T 57 89.35 -47.61 78.35
CA ARG T 57 90.22 -47.07 79.38
C ARG T 57 91.37 -48.04 79.65
N ARG T 58 92.59 -47.54 79.56
CA ARG T 58 93.78 -48.28 79.89
C ARG T 58 94.31 -47.81 81.24
N ASP T 59 95.50 -48.25 81.59
CA ASP T 59 96.20 -47.75 82.77
C ASP T 59 97.57 -47.25 82.36
N LEU T 60 97.96 -46.10 82.90
CA LEU T 60 99.25 -45.53 82.55
C LEU T 60 100.39 -46.44 82.99
N ARG T 61 101.44 -46.50 82.17
CA ARG T 61 102.64 -47.28 82.45
C ARG T 61 102.33 -48.76 82.58
N ASP T 62 101.28 -49.22 81.91
CA ASP T 62 100.95 -50.63 81.90
C ASP T 62 101.87 -51.38 80.95
N PRO T 63 102.50 -52.47 81.39
CA PRO T 63 103.28 -53.27 80.45
C PRO T 63 102.49 -53.75 79.26
N ASP T 64 101.20 -54.03 79.43
CA ASP T 64 100.35 -54.39 78.31
C ASP T 64 100.11 -53.16 77.44
N ARG T 65 100.53 -53.25 76.18
CA ARG T 65 100.53 -52.10 75.28
C ARG T 65 99.63 -52.40 74.09
N THR T 66 98.45 -52.94 74.34
CA THR T 66 97.48 -53.22 73.29
C THR T 66 96.22 -52.40 73.51
N VAL T 67 95.51 -52.15 72.42
CA VAL T 67 94.33 -51.30 72.42
C VAL T 67 93.15 -52.09 71.88
N ILE T 68 91.99 -51.90 72.48
CA ILE T 68 90.76 -52.55 72.04
C ILE T 68 90.15 -51.70 70.93
N ALA T 69 89.98 -52.28 69.75
CA ALA T 69 89.50 -51.53 68.60
C ALA T 69 87.97 -51.47 68.62
N SER T 70 87.42 -50.27 68.67
CA SER T 70 85.99 -50.09 68.63
C SER T 70 85.49 -50.22 67.19
N GLU T 71 84.17 -50.22 67.03
CA GLU T 71 83.54 -50.46 65.74
C GLU T 71 82.45 -49.45 65.47
N LEU T 72 82.28 -49.11 64.20
CA LEU T 72 81.23 -48.20 63.73
C LEU T 72 80.23 -49.03 62.92
N VAL T 73 79.10 -49.35 63.54
CA VAL T 73 78.03 -50.07 62.87
C VAL T 73 76.80 -49.17 62.81
N GLU T 74 76.30 -48.93 61.60
CA GLU T 74 75.13 -48.09 61.41
C GLU T 74 73.93 -48.98 61.07
N HIS T 75 72.88 -48.87 61.86
CA HIS T 75 71.70 -49.69 61.68
C HIS T 75 70.75 -49.05 60.69
N SER T 76 69.64 -49.72 60.42
CA SER T 76 68.68 -49.23 59.46
C SER T 76 67.33 -49.90 59.71
N PHE T 77 66.28 -49.27 59.17
CA PHE T 77 64.94 -49.83 59.28
C PHE T 77 64.15 -49.40 58.05
N GLY T 78 63.16 -50.21 57.68
CA GLY T 78 62.40 -49.99 56.47
C GLY T 78 61.07 -49.30 56.70
N VAL T 79 60.71 -48.44 55.74
CA VAL T 79 59.40 -47.80 55.70
C VAL T 79 58.70 -48.26 54.43
N THR T 80 57.46 -48.70 54.56
CA THR T 80 56.76 -49.36 53.46
C THR T 80 55.37 -48.78 53.27
N LEU T 81 54.94 -48.69 52.01
CA LEU T 81 53.54 -48.43 51.68
C LEU T 81 52.81 -49.77 51.64
N ASP T 82 51.81 -49.93 52.50
CA ASP T 82 51.14 -51.22 52.62
C ASP T 82 49.63 -51.13 52.73
N LYS T 83 49.02 -49.97 52.62
CA LYS T 83 47.57 -49.86 52.65
C LYS T 83 47.09 -48.95 51.53
N HIS T 84 45.84 -49.15 51.14
CA HIS T 84 45.20 -48.42 50.05
C HIS T 84 43.83 -48.00 50.56
N VAL T 85 43.73 -46.79 51.07
CA VAL T 85 42.48 -46.31 51.65
C VAL T 85 41.60 -45.74 50.55
N TYR T 86 40.38 -46.26 50.43
CA TYR T 86 39.49 -45.86 49.36
C TYR T 86 38.07 -45.73 49.89
N ALA T 87 37.31 -44.88 49.22
CA ALA T 87 35.86 -44.79 49.41
C ALA T 87 35.22 -44.95 48.04
N ALA T 88 34.47 -46.02 47.87
CA ALA T 88 33.88 -46.37 46.57
C ALA T 88 32.38 -46.21 46.65
N LEU T 89 31.80 -45.49 45.69
CA LEU T 89 30.36 -45.30 45.63
C LEU T 89 29.83 -45.84 44.32
N LYS T 90 28.79 -46.67 44.43
CA LYS T 90 28.12 -47.27 43.28
C LYS T 90 26.70 -46.72 43.25
N PHE T 91 26.47 -45.69 42.44
CA PHE T 91 25.15 -45.17 42.22
C PHE T 91 24.83 -45.24 40.73
N THR T 92 23.62 -45.70 40.41
CA THR T 92 23.19 -45.87 39.04
C THR T 92 22.67 -44.55 38.49
N ASP T 93 22.84 -44.37 37.17
CA ASP T 93 22.29 -43.22 36.48
C ASP T 93 20.79 -43.09 36.68
N GLU T 94 20.13 -44.14 37.17
CA GLU T 94 18.74 -44.09 37.59
C GLU T 94 18.54 -43.18 38.79
N GLN T 95 19.62 -42.78 39.48
CA GLN T 95 19.53 -41.88 40.61
C GLN T 95 20.38 -40.63 40.48
N ARG T 96 21.22 -40.52 39.45
CA ARG T 96 22.14 -39.40 39.36
C ARG T 96 21.43 -38.11 38.95
N THR T 97 20.52 -38.18 37.99
CA THR T 97 19.99 -36.98 37.36
C THR T 97 18.72 -36.46 38.01
N LEU T 98 18.11 -37.19 38.95
CA LEU T 98 16.87 -36.75 39.55
C LEU T 98 16.84 -36.88 41.07
N ASP T 99 17.83 -37.50 41.69
CA ASP T 99 17.89 -37.60 43.14
C ASP T 99 18.92 -36.67 43.75
N ILE T 100 20.16 -36.72 43.27
CA ILE T 100 21.19 -35.79 43.73
C ILE T 100 21.04 -34.48 42.96
N ARG T 101 20.83 -33.39 43.69
CA ARG T 101 20.67 -32.09 43.06
C ARG T 101 22.00 -31.41 42.78
N ASP T 102 22.93 -31.43 43.73
CA ASP T 102 24.26 -30.88 43.53
C ASP T 102 25.28 -31.95 43.86
N TYR T 103 26.05 -32.36 42.85
CA TYR T 103 27.04 -33.41 43.06
C TYR T 103 28.13 -32.97 44.02
N THR T 104 28.62 -31.74 43.87
CA THR T 104 29.78 -31.31 44.65
C THR T 104 29.46 -31.05 46.10
N LYS T 105 28.24 -31.32 46.57
CA LYS T 105 27.93 -31.16 47.98
C LYS T 105 27.12 -32.29 48.59
N GLN T 106 26.53 -33.18 47.79
CA GLN T 106 25.76 -34.29 48.33
C GLN T 106 26.47 -35.63 48.22
N VAL T 107 27.49 -35.75 47.38
CA VAL T 107 28.25 -36.99 47.24
C VAL T 107 29.74 -36.76 47.38
N LEU T 108 30.29 -35.72 46.75
CA LEU T 108 31.73 -35.51 46.80
C LEU T 108 32.20 -35.16 48.20
N MET T 109 31.55 -34.20 48.85
CA MET T 109 31.95 -33.83 50.20
C MET T 109 31.79 -34.96 51.20
N PRO T 110 30.67 -35.71 51.23
CA PRO T 110 30.63 -36.86 52.14
C PRO T 110 31.73 -37.87 51.86
N GLN T 111 32.06 -38.10 50.59
CA GLN T 111 33.12 -39.05 50.27
C GLN T 111 34.47 -38.56 50.78
N VAL T 112 34.77 -37.28 50.58
CA VAL T 112 36.03 -36.72 51.06
C VAL T 112 36.09 -36.80 52.58
N SER T 113 34.99 -36.48 53.25
CA SER T 113 34.97 -36.55 54.70
C SER T 113 35.17 -37.99 55.18
N ALA T 114 34.58 -38.96 54.47
CA ALA T 114 34.75 -40.35 54.84
C ALA T 114 36.21 -40.78 54.73
N VAL T 115 36.87 -40.39 53.64
CA VAL T 115 38.28 -40.75 53.50
C VAL T 115 39.12 -40.04 54.56
N ALA T 116 38.79 -38.79 54.88
CA ALA T 116 39.53 -38.07 55.91
C ALA T 116 39.39 -38.76 57.26
N TYR T 117 38.18 -39.17 57.61
CA TYR T 117 37.99 -39.87 58.88
C TYR T 117 38.69 -41.22 58.87
N GLU T 118 38.73 -41.88 57.72
CA GLU T 118 39.44 -43.15 57.65
C GLU T 118 40.94 -42.95 57.85
N LEU T 119 41.51 -41.90 57.27
CA LEU T 119 42.92 -41.60 57.50
C LEU T 119 43.19 -41.28 58.96
N GLU T 120 42.29 -40.52 59.58
CA GLU T 120 42.45 -40.22 61.01
C GLU T 120 42.38 -41.48 61.85
N ASP T 121 41.48 -42.40 61.51
CA ASP T 121 41.40 -43.67 62.21
C ASP T 121 42.66 -44.49 61.99
N TYR T 122 43.22 -44.43 60.78
CA TYR T 122 44.48 -45.12 60.49
C TYR T 122 45.59 -44.61 61.40
N ILE T 123 45.73 -43.29 61.49
CA ILE T 123 46.75 -42.71 62.35
C ILE T 123 46.47 -43.05 63.81
N ALA T 124 45.20 -43.03 64.23
CA ALA T 124 44.87 -43.34 65.61
C ALA T 124 45.21 -44.77 65.96
N GLU T 125 44.94 -45.71 65.05
CA GLU T 125 45.35 -47.09 65.27
C GLU T 125 46.87 -47.20 65.34
N LEU T 126 47.57 -46.39 64.54
CA LEU T 126 49.03 -46.39 64.64
C LEU T 126 49.48 -45.92 66.02
N ILE T 127 48.88 -44.86 66.54
CA ILE T 127 49.30 -44.31 67.82
C ILE T 127 48.98 -45.28 68.95
N GLU T 128 47.76 -45.81 68.96
CA GLU T 128 47.34 -46.68 70.06
C GLU T 128 47.97 -48.06 69.97
N GLY T 129 48.27 -48.52 68.75
CA GLY T 129 48.82 -49.84 68.56
C GLY T 129 50.31 -49.96 68.73
N ALA T 130 51.00 -48.89 69.11
CA ALA T 130 52.44 -48.96 69.27
C ALA T 130 52.79 -49.85 70.45
N PRO T 131 53.97 -50.48 70.42
CA PRO T 131 54.35 -51.40 71.51
C PRO T 131 54.85 -50.66 72.75
N TYR T 132 53.93 -50.03 73.46
CA TYR T 132 54.27 -49.36 74.70
C TYR T 132 54.61 -50.39 75.77
N GLU T 133 55.76 -50.21 76.42
CA GLU T 133 56.18 -51.17 77.45
C GLU T 133 55.24 -51.15 78.65
N GLU T 134 54.84 -49.96 79.09
CA GLU T 134 53.99 -49.86 80.26
C GLU T 134 53.10 -48.63 80.13
N THR T 135 52.02 -48.64 80.90
CA THR T 135 51.04 -47.57 80.91
C THR T 135 51.17 -46.78 82.21
N ILE T 136 51.15 -45.46 82.11
CA ILE T 136 51.22 -44.59 83.28
C ILE T 136 49.81 -44.28 83.74
N LEU T 137 49.54 -44.55 85.01
CA LEU T 137 48.20 -44.38 85.55
C LEU T 137 47.98 -42.93 85.98
N ILE T 138 46.82 -42.40 85.64
CA ILE T 138 46.44 -41.04 85.99
C ILE T 138 45.43 -41.11 87.12
N ASP T 139 45.82 -40.66 88.30
CA ASP T 139 44.90 -40.60 89.42
C ASP T 139 43.91 -39.46 89.21
N PRO T 140 42.60 -39.72 89.17
CA PRO T 140 41.65 -38.63 88.95
C PRO T 140 41.71 -37.54 90.00
N ALA T 141 42.12 -37.88 91.23
CA ALA T 141 42.21 -36.87 92.28
C ALA T 141 43.29 -35.84 91.97
N ASP T 142 44.49 -36.31 91.62
CA ASP T 142 45.59 -35.43 91.23
C ASP T 142 46.20 -36.01 89.96
N THR T 143 46.06 -35.30 88.85
CA THR T 143 46.50 -35.81 87.56
C THR T 143 47.89 -35.36 87.18
N VAL T 144 48.39 -34.29 87.80
CA VAL T 144 49.70 -33.75 87.40
C VAL T 144 50.83 -34.73 87.63
N PRO T 145 50.91 -35.47 88.74
CA PRO T 145 52.01 -36.43 88.88
C PRO T 145 52.10 -37.42 87.75
N ALA T 146 50.98 -37.87 87.21
CA ALA T 146 51.03 -38.80 86.07
C ALA T 146 51.68 -38.15 84.86
N PHE T 147 51.34 -36.90 84.57
CA PHE T 147 51.91 -36.25 83.39
C PHE T 147 53.37 -35.89 83.59
N ILE T 148 53.74 -35.51 84.81
CA ILE T 148 55.15 -35.28 85.09
C ILE T 148 55.95 -36.56 84.98
N THR T 149 55.37 -37.69 85.42
CA THR T 149 56.01 -38.97 85.23
C THR T 149 56.15 -39.31 83.76
N ALA T 150 55.12 -38.96 82.96
CA ALA T 150 55.22 -39.19 81.52
C ALA T 150 56.35 -38.38 80.92
N ASP T 151 56.50 -37.13 81.35
CA ASP T 151 57.61 -36.30 80.88
C ASP T 151 58.95 -36.86 81.36
N GLN T 152 58.97 -37.48 82.53
CA GLN T 152 60.20 -38.00 83.09
C GLN T 152 60.64 -39.29 82.40
N ARG T 153 59.68 -40.15 82.04
CA ARG T 153 60.04 -41.39 81.36
C ARG T 153 60.64 -41.10 80.00
N MET T 154 60.13 -40.09 79.32
CA MET T 154 60.62 -39.74 78.01
C MET T 154 61.86 -38.86 78.07
N GLY T 155 62.31 -38.50 79.27
CA GLY T 155 63.56 -37.81 79.43
C GLY T 155 64.70 -38.74 79.81
N GLU T 156 64.37 -39.91 80.36
CA GLU T 156 65.39 -40.91 80.63
C GLU T 156 65.89 -41.57 79.36
N ALA T 157 65.11 -41.52 78.28
CA ALA T 157 65.53 -42.03 77.00
C ALA T 157 66.23 -40.98 76.15
N ASN T 158 66.48 -39.79 76.73
CA ASN T 158 67.19 -38.71 76.05
C ASN T 158 66.45 -38.24 74.81
N VAL T 159 65.13 -38.38 74.82
CA VAL T 159 64.31 -37.82 73.74
C VAL T 159 64.37 -36.30 73.80
N PRO T 160 64.53 -35.59 72.68
CA PRO T 160 64.61 -34.13 72.73
C PRO T 160 63.35 -33.52 73.32
N THR T 161 63.52 -32.37 73.96
CA THR T 161 62.41 -31.71 74.64
C THR T 161 61.52 -30.91 73.71
N ASP T 162 61.85 -30.80 72.43
CA ASP T 162 61.05 -30.04 71.48
C ASP T 162 60.29 -30.97 70.55
N SER T 163 59.29 -30.40 69.88
CA SER T 163 58.45 -31.14 68.93
C SER T 163 57.78 -32.34 69.60
N ARG T 164 57.34 -32.16 70.84
CA ARG T 164 56.58 -33.18 71.56
C ARG T 164 55.10 -32.83 71.50
N ARG T 165 54.27 -33.81 71.18
CA ARG T 165 52.84 -33.63 71.07
C ARG T 165 52.14 -34.44 72.15
N LEU T 166 51.10 -33.85 72.74
CA LEU T 166 50.30 -34.50 73.77
C LEU T 166 48.84 -34.45 73.37
N VAL T 167 48.26 -35.61 73.10
CA VAL T 167 46.87 -35.72 72.68
C VAL T 167 46.12 -36.50 73.74
N VAL T 168 45.09 -35.89 74.31
CA VAL T 168 44.30 -36.51 75.36
C VAL T 168 42.90 -36.78 74.85
N GLY T 169 42.26 -37.81 75.41
CA GLY T 169 40.88 -38.10 75.10
C GLY T 169 39.96 -37.14 75.82
N SER T 170 38.67 -37.29 75.55
CA SER T 170 37.69 -36.44 76.20
C SER T 170 37.69 -36.64 77.71
N ALA T 171 37.79 -37.90 78.15
CA ALA T 171 37.74 -38.18 79.57
C ALA T 171 38.92 -37.55 80.32
N VAL T 172 40.12 -37.63 79.74
CA VAL T 172 41.28 -37.06 80.41
C VAL T 172 41.15 -35.55 80.49
N ALA T 173 40.64 -34.92 79.43
CA ALA T 173 40.44 -33.48 79.46
C ALA T 173 39.41 -33.09 80.53
N ALA T 174 38.34 -33.86 80.64
CA ALA T 174 37.35 -33.59 81.67
C ALA T 174 37.95 -33.75 83.07
N ALA T 175 38.75 -34.80 83.27
CA ALA T 175 39.40 -34.99 84.57
C ALA T 175 40.38 -33.87 84.87
N LEU T 176 41.10 -33.38 83.86
CA LEU T 176 42.00 -32.26 84.07
C LEU T 176 41.24 -31.03 84.52
N ALA T 177 40.11 -30.75 83.87
CA ALA T 177 39.30 -29.61 84.28
C ALA T 177 38.75 -29.80 85.69
N LYS T 178 38.33 -31.02 86.03
CA LYS T 178 37.79 -31.31 87.35
C LYS T 178 38.86 -31.37 88.42
N ASP T 179 40.14 -31.42 88.06
CA ASP T 179 41.19 -31.54 89.05
C ASP T 179 41.31 -30.25 89.86
N LYS T 180 41.38 -30.38 91.17
CA LYS T 180 41.52 -29.21 92.02
C LYS T 180 42.85 -28.50 91.82
N GLN T 181 43.83 -29.16 91.21
CA GLN T 181 45.09 -28.49 90.89
C GLN T 181 44.88 -27.39 89.87
N PHE T 182 43.90 -27.54 88.97
CA PHE T 182 43.60 -26.53 87.97
C PHE T 182 42.34 -25.74 88.27
N ARG T 183 41.40 -26.34 89.01
CA ARG T 183 40.12 -25.69 89.26
C ARG T 183 40.23 -24.62 90.33
N HIS T 184 41.07 -24.84 91.36
CA HIS T 184 41.24 -23.86 92.42
C HIS T 184 42.34 -22.89 92.03
N ALA T 185 41.99 -21.59 92.00
CA ALA T 185 42.94 -20.59 91.52
C ALA T 185 44.15 -20.47 92.42
N ASP T 186 43.98 -20.65 93.73
CA ASP T 186 45.13 -20.53 94.62
C ASP T 186 46.12 -21.66 94.39
N TRP T 187 45.63 -22.84 94.01
CA TRP T 187 46.47 -24.00 93.77
C TRP T 187 47.13 -24.01 92.39
N SER T 188 46.78 -23.09 91.51
CA SER T 188 47.38 -23.06 90.19
C SER T 188 47.94 -21.71 89.80
N GLY T 189 47.60 -20.63 90.51
CA GLY T 189 48.12 -19.31 90.18
C GLY T 189 47.46 -18.64 89.01
N ASP T 190 46.52 -19.31 88.35
CA ASP T 190 45.78 -18.73 87.23
C ASP T 190 44.60 -17.96 87.81
N GLN T 191 44.80 -16.67 88.06
CA GLN T 191 43.73 -15.89 88.68
C GLN T 191 42.72 -15.47 87.63
N ALA T 192 42.35 -16.40 86.77
CA ALA T 192 41.19 -16.28 85.91
C ALA T 192 40.44 -17.59 85.78
N ASN T 193 40.95 -18.67 86.36
CA ASN T 193 40.34 -19.99 86.34
C ASN T 193 39.85 -20.35 84.94
N ALA T 194 40.82 -20.47 84.03
CA ALA T 194 40.50 -20.99 82.72
C ALA T 194 39.91 -22.39 82.79
N ALA T 195 40.16 -23.10 83.89
CA ALA T 195 39.58 -24.41 84.11
C ALA T 195 38.24 -24.36 84.84
N LEU T 196 37.78 -23.17 85.21
CA LEU T 196 36.48 -23.02 85.84
C LEU T 196 35.54 -22.17 85.01
N ARG T 197 35.97 -20.98 84.59
CA ARG T 197 35.16 -20.18 83.68
C ARG T 197 34.97 -20.90 82.35
N GLU T 198 36.03 -21.47 81.83
CA GLU T 198 35.97 -22.42 80.73
C GLU T 198 36.34 -23.80 81.27
N ALA T 199 36.23 -24.82 80.42
CA ALA T 199 36.64 -26.15 80.78
C ALA T 199 38.03 -26.49 80.25
N HIS T 200 38.80 -25.47 79.88
CA HIS T 200 40.03 -25.65 79.12
C HIS T 200 41.23 -25.67 80.05
N VAL T 201 42.16 -26.59 79.78
CA VAL T 201 43.45 -26.66 80.48
C VAL T 201 44.52 -26.70 79.39
N GLY T 202 45.01 -25.53 79.00
CA GLY T 202 45.91 -25.46 77.86
C GLY T 202 47.27 -26.06 78.10
N ARG T 203 48.07 -25.44 78.95
CA ARG T 203 49.44 -25.87 79.20
C ARG T 203 49.50 -26.72 80.45
N LEU T 204 50.35 -27.74 80.43
CA LEU T 204 50.39 -28.72 81.50
C LEU T 204 51.71 -29.46 81.42
N ALA T 205 52.52 -29.34 82.47
CA ALA T 205 53.80 -30.05 82.56
C ALA T 205 54.66 -29.78 81.34
N GLY T 206 54.57 -28.57 80.81
CA GLY T 206 55.34 -28.17 79.65
C GLY T 206 54.79 -28.64 78.32
N MET T 207 53.67 -29.35 78.30
CA MET T 207 53.11 -29.91 77.08
C MET T 207 51.78 -29.25 76.79
N ASN T 208 51.60 -28.80 75.56
CA ASN T 208 50.32 -28.23 75.13
C ASN T 208 49.33 -29.36 74.90
N VAL T 209 48.22 -29.34 75.63
CA VAL T 209 47.23 -30.39 75.55
C VAL T 209 46.38 -30.19 74.30
N ILE T 210 46.20 -31.26 73.53
CA ILE T 210 45.27 -31.25 72.40
C ILE T 210 44.18 -32.27 72.67
N ARG T 211 42.94 -31.81 72.70
CA ARG T 211 41.81 -32.70 72.89
C ARG T 211 41.52 -33.46 71.61
N SER T 212 41.05 -34.70 71.75
CA SER T 212 40.70 -35.48 70.58
C SER T 212 39.68 -36.55 70.96
N ASN T 213 38.93 -37.01 69.97
CA ASN T 213 37.99 -38.09 70.14
C ASN T 213 38.36 -39.34 69.35
N ALA T 214 39.30 -39.24 68.41
CA ALA T 214 39.71 -40.41 67.64
C ALA T 214 40.33 -41.48 68.53
N ILE T 215 41.18 -41.06 69.47
CA ILE T 215 41.83 -41.98 70.39
C ILE T 215 40.82 -42.44 71.43
N ALA T 216 41.16 -43.47 72.19
CA ALA T 216 40.26 -43.97 73.21
C ALA T 216 39.95 -42.86 74.22
N PRO T 217 38.72 -42.77 74.71
CA PRO T 217 38.34 -41.60 75.52
C PRO T 217 39.15 -41.43 76.78
N ASP T 218 39.59 -42.51 77.42
CA ASP T 218 40.25 -42.41 78.72
C ASP T 218 41.76 -42.56 78.63
N LYS T 219 42.36 -42.24 77.49
CA LYS T 219 43.79 -42.41 77.32
C LYS T 219 44.39 -41.14 76.75
N ALA T 220 45.66 -40.92 77.07
CA ALA T 220 46.43 -39.80 76.55
C ALA T 220 47.75 -40.33 76.00
N TYR T 221 48.27 -39.67 74.98
CA TYR T 221 49.49 -40.11 74.32
C TYR T 221 50.44 -38.94 74.17
N LEU T 222 51.70 -39.14 74.55
CA LEU T 222 52.74 -38.14 74.40
C LEU T 222 53.80 -38.72 73.48
N TRP T 223 54.17 -37.99 72.45
CA TRP T 223 55.14 -38.55 71.51
C TRP T 223 55.99 -37.45 70.91
N HIS T 224 57.27 -37.77 70.70
CA HIS T 224 58.16 -36.91 69.95
C HIS T 224 57.77 -36.94 68.49
N ARG T 225 58.19 -35.91 67.74
CA ARG T 225 57.85 -35.85 66.33
C ARG T 225 58.37 -37.06 65.57
N THR T 226 59.57 -37.52 65.91
CA THR T 226 60.20 -38.64 65.23
C THR T 226 59.89 -39.96 65.94
N ALA T 227 58.60 -40.23 66.10
CA ALA T 227 58.17 -41.45 66.75
C ALA T 227 57.22 -42.23 65.85
N PHE T 228 56.47 -41.52 65.02
CA PHE T 228 55.54 -42.13 64.09
C PHE T 228 55.70 -41.46 62.74
N ILE T 229 55.70 -42.26 61.68
CA ILE T 229 55.87 -41.77 60.31
C ILE T 229 54.68 -42.21 59.48
N LEU T 230 54.05 -41.25 58.81
CA LEU T 230 53.00 -41.51 57.84
C LEU T 230 53.51 -41.15 56.45
N ALA T 231 53.34 -42.07 55.51
CA ALA T 231 53.73 -41.87 54.12
C ALA T 231 52.51 -41.96 53.24
N TYR T 232 52.33 -40.99 52.36
CA TYR T 232 51.16 -40.93 51.49
C TYR T 232 51.59 -40.84 50.05
N ARG T 233 50.79 -41.42 49.18
CA ARG T 233 51.02 -41.31 47.74
C ARG T 233 49.67 -41.22 47.05
N THR T 234 49.49 -40.18 46.24
CA THR T 234 48.28 -40.06 45.45
C THR T 234 48.40 -40.97 44.24
N PRO T 235 47.49 -41.91 44.05
CA PRO T 235 47.52 -42.72 42.82
C PRO T 235 47.40 -41.82 41.60
N VAL T 236 48.27 -42.06 40.62
CA VAL T 236 48.22 -41.26 39.41
C VAL T 236 46.96 -41.59 38.63
N VAL T 237 46.29 -40.57 38.12
CA VAL T 237 45.02 -40.76 37.42
C VAL T 237 45.28 -41.52 36.13
N PRO T 238 44.71 -42.69 35.95
CA PRO T 238 44.93 -43.44 34.71
C PRO T 238 44.40 -42.66 33.51
N GLU T 239 45.11 -42.81 32.39
CA GLU T 239 44.68 -42.18 31.15
C GLU T 239 43.37 -42.74 30.65
N GLY T 240 43.02 -43.96 31.09
CA GLY T 240 41.84 -44.64 30.60
C GLY T 240 40.57 -44.39 31.39
N ALA T 241 40.53 -43.29 32.13
CA ALA T 241 39.38 -42.95 32.96
C ALA T 241 38.78 -41.64 32.47
N LYS T 242 37.46 -41.63 32.31
CA LYS T 242 36.81 -40.41 31.82
C LYS T 242 36.95 -39.26 32.81
N ALA T 243 36.78 -39.54 34.09
CA ALA T 243 36.87 -38.50 35.10
C ALA T 243 38.30 -38.43 35.64
N GLY T 244 38.50 -37.69 36.72
CA GLY T 244 39.81 -37.57 37.32
C GLY T 244 40.02 -36.23 37.98
N ALA T 245 40.46 -36.24 39.23
CA ALA T 245 40.66 -35.02 40.00
C ALA T 245 41.72 -35.29 41.06
N SER T 246 42.01 -34.28 41.86
CA SER T 246 43.03 -34.35 42.90
C SER T 246 42.51 -33.73 44.19
N PHE T 247 41.34 -34.18 44.64
CA PHE T 247 40.75 -33.65 45.86
C PHE T 247 41.69 -33.82 47.04
N SER T 248 41.76 -32.79 47.87
CA SER T 248 42.65 -32.76 49.03
C SER T 248 41.83 -32.89 50.31
N ALA T 249 42.26 -33.77 51.20
CA ALA T 249 41.61 -33.98 52.48
C ALA T 249 42.64 -33.92 53.58
N ASN T 250 42.51 -32.93 54.47
CA ASN T 250 43.41 -32.76 55.61
C ASN T 250 44.86 -32.65 55.17
N GLY T 251 45.09 -31.91 54.09
CA GLY T 251 46.43 -31.73 53.58
C GLY T 251 47.01 -32.92 52.87
N VAL T 252 46.20 -33.96 52.62
CA VAL T 252 46.65 -35.16 51.94
C VAL T 252 45.83 -35.27 50.67
N ALA T 253 46.49 -35.14 49.52
CA ALA T 253 45.78 -35.19 48.25
C ALA T 253 45.27 -36.60 48.00
N LEU T 254 44.11 -36.69 47.36
CA LEU T 254 43.49 -37.96 47.03
C LEU T 254 43.23 -37.99 45.54
N ARG T 255 43.03 -39.20 45.02
CA ARG T 255 42.69 -39.38 43.62
C ARG T 255 41.22 -39.74 43.51
N TRP T 256 40.45 -38.95 42.77
CA TRP T 256 39.05 -39.23 42.51
C TRP T 256 38.91 -39.69 41.07
N LEU T 257 38.26 -40.83 40.88
CA LEU T 257 38.17 -41.48 39.59
C LEU T 257 36.77 -42.02 39.41
N ALA T 258 36.08 -41.57 38.36
CA ALA T 258 34.73 -42.02 38.08
C ALA T 258 34.70 -42.71 36.71
N ASP T 259 34.19 -43.93 36.68
CA ASP T 259 34.12 -44.71 35.46
C ASP T 259 32.67 -45.13 35.21
N TYR T 260 32.19 -44.90 33.99
CA TYR T 260 30.81 -45.16 33.64
C TYR T 260 30.70 -46.61 33.15
N ASP T 261 30.73 -47.52 34.11
CA ASP T 261 30.68 -48.95 33.79
C ASP T 261 29.37 -49.30 33.11
N TYR T 262 29.46 -50.05 32.02
CA TYR T 262 28.29 -50.53 31.31
C TYR T 262 27.90 -51.96 31.68
N SER T 263 28.61 -52.55 32.65
CA SER T 263 28.29 -53.91 33.07
C SER T 263 26.90 -54.00 33.68
N GLN T 264 26.52 -52.98 34.46
CA GLN T 264 25.15 -52.86 34.97
C GLN T 264 24.59 -51.46 34.76
N LEU T 265 25.14 -50.72 33.80
CA LEU T 265 24.66 -49.37 33.46
C LEU T 265 24.67 -48.45 34.69
N GLY T 266 25.69 -48.61 35.53
CA GLY T 266 25.83 -47.75 36.68
C GLY T 266 27.24 -47.23 36.84
N ASP T 267 27.40 -45.92 36.77
CA ASP T 267 28.72 -45.33 36.92
C ASP T 267 29.19 -45.44 38.37
N ARG T 268 30.44 -45.84 38.54
CA ARG T 268 31.03 -45.97 39.87
C ARG T 268 32.07 -44.87 40.07
N THR T 269 32.30 -44.50 41.32
CA THR T 269 33.31 -43.52 41.68
C THR T 269 34.18 -44.08 42.79
N LEU T 270 35.42 -43.63 42.83
CA LEU T 270 36.41 -44.13 43.77
C LEU T 270 37.31 -42.98 44.19
N LEU T 271 37.43 -42.75 45.49
CA LEU T 271 38.31 -41.72 46.03
C LEU T 271 39.34 -42.42 46.91
N ASP T 272 40.61 -42.42 46.49
CA ASP T 272 41.56 -43.29 47.16
C ASP T 272 42.93 -42.65 47.28
N VAL T 273 43.77 -43.28 48.09
CA VAL T 273 45.14 -42.86 48.34
C VAL T 273 45.90 -44.06 48.88
N PHE T 274 47.23 -44.05 48.72
CA PHE T 274 48.08 -45.10 49.25
C PHE T 274 48.76 -44.62 50.51
N THR T 275 48.67 -45.41 51.57
CA THR T 275 49.14 -45.00 52.89
C THR T 275 50.08 -46.04 53.48
N GLY T 276 51.01 -45.57 54.28
CA GLY T 276 51.94 -46.43 54.99
C GLY T 276 52.31 -45.86 56.34
N ARG T 277 52.39 -46.71 57.35
CA ARG T 277 52.65 -46.30 58.72
C ARG T 277 53.93 -46.94 59.22
N LYS T 278 54.59 -46.26 60.16
CA LYS T 278 55.77 -46.85 60.79
C LYS T 278 55.94 -46.27 62.18
N VAL T 279 56.31 -47.12 63.14
CA VAL T 279 56.76 -46.70 64.46
C VAL T 279 58.27 -46.79 64.49
N VAL T 280 58.92 -45.72 64.96
CA VAL T 280 60.37 -45.66 64.94
C VAL T 280 60.93 -46.29 66.21
N THR T 281 61.09 -47.61 66.20
CA THR T 281 61.73 -48.28 67.31
C THR T 281 63.23 -48.01 67.28
N GLU T 282 63.86 -48.18 68.44
CA GLU T 282 65.30 -47.95 68.53
C GLU T 282 66.07 -49.17 68.03
N VAL T 283 67.40 -49.06 68.06
CA VAL T 283 68.25 -50.10 67.51
C VAL T 283 68.12 -51.41 68.28
N ASP T 284 67.69 -51.36 69.54
CA ASP T 284 67.49 -52.56 70.34
C ASP T 284 66.05 -53.02 70.34
N GLY T 285 65.21 -52.47 69.47
CA GLY T 285 63.83 -52.88 69.39
C GLY T 285 63.00 -52.55 70.61
N SER T 286 63.29 -51.43 71.26
CA SER T 286 62.52 -50.95 72.40
C SER T 286 61.96 -49.58 72.06
N PHE T 287 60.66 -49.41 72.26
CA PHE T 287 59.97 -48.18 71.87
C PHE T 287 60.02 -47.19 73.02
N VAL T 288 60.79 -46.11 72.86
CA VAL T 288 61.01 -45.14 73.92
C VAL T 288 60.70 -43.72 73.49
N ARG T 289 60.26 -43.49 72.26
CA ARG T 289 59.97 -42.15 71.78
C ARG T 289 58.53 -41.73 71.99
N ALA T 290 57.74 -42.55 72.68
CA ALA T 290 56.37 -42.18 72.98
C ALA T 290 55.91 -42.95 74.20
N VAL T 291 55.03 -42.33 74.98
CA VAL T 291 54.45 -42.95 76.17
C VAL T 291 52.94 -42.75 76.15
N GLU T 292 52.25 -43.63 76.84
CA GLU T 292 50.80 -43.58 76.95
C GLU T 292 50.40 -43.54 78.40
N LEU T 293 49.28 -42.88 78.67
CA LEU T 293 48.73 -42.73 80.00
C LEU T 293 47.28 -43.15 79.96
N GLN T 294 46.82 -43.86 80.97
CA GLN T 294 45.42 -44.26 81.05
C GLN T 294 44.82 -43.77 82.35
N LEU T 295 43.60 -43.24 82.25
CA LEU T 295 42.90 -42.72 83.41
C LEU T 295 42.51 -43.87 84.34
N GLN T 296 42.82 -43.71 85.62
CA GLN T 296 42.52 -44.75 86.60
C GLN T 296 41.04 -44.75 86.94
N ALA T 297 40.49 -45.95 87.11
CA ALA T 297 39.08 -46.12 87.41
C ALA T 297 38.90 -46.79 88.77
N SER T 298 37.80 -46.46 89.44
CA SER T 298 37.55 -46.97 90.77
C SER T 298 36.17 -47.60 90.96
N SER T 299 35.17 -47.23 90.15
CA SER T 299 33.84 -47.80 90.30
C SER T 299 33.11 -47.66 88.98
N ILE T 300 32.06 -48.45 88.83
CA ILE T 300 31.23 -48.44 87.62
C ILE T 300 29.77 -48.41 88.02
N THR T 301 28.95 -47.85 87.13
CA THR T 301 27.51 -47.80 87.29
C THR T 301 26.88 -48.00 85.93
N ILE T 302 25.56 -48.19 85.92
CA ILE T 302 24.80 -48.41 84.70
C ILE T 302 23.82 -47.26 84.54
N VAL T 303 23.84 -46.62 83.36
CA VAL T 303 22.97 -45.47 83.14
C VAL T 303 21.51 -45.93 83.09
N GLY T 304 20.62 -45.07 83.56
CA GLY T 304 19.21 -45.34 83.58
C GLY T 304 18.73 -46.10 84.80
N GLY T 305 19.63 -46.72 85.56
CA GLY T 305 19.25 -47.44 86.76
C GLY T 305 18.31 -48.57 86.45
N ALA T 306 17.44 -48.88 87.41
CA ALA T 306 16.42 -49.90 87.21
C ALA T 306 15.41 -49.43 86.16
N PHE T 307 15.07 -50.32 85.25
CA PHE T 307 14.18 -49.99 84.14
C PHE T 307 13.27 -51.17 83.83
N ALA T 308 12.40 -50.99 82.85
CA ALA T 308 11.47 -52.01 82.41
C ALA T 308 11.49 -52.10 80.89
N LEU T 309 11.45 -53.32 80.38
CA LEU T 309 11.43 -53.53 78.94
C LEU T 309 10.06 -53.16 78.36
N ALA T 310 10.01 -53.05 77.03
CA ALA T 310 8.75 -52.73 76.38
C ALA T 310 7.80 -53.93 76.40
N THR T 311 8.31 -55.11 76.07
CA THR T 311 7.51 -56.32 76.02
C THR T 311 8.17 -57.41 76.86
N THR T 312 7.52 -58.57 76.94
CA THR T 312 8.13 -59.72 77.60
C THR T 312 9.40 -60.14 76.86
N THR T 313 9.37 -60.07 75.53
CA THR T 313 10.55 -60.35 74.71
C THR T 313 11.28 -59.09 74.31
N GLY T 314 11.24 -58.06 75.15
CA GLY T 314 11.88 -56.80 74.82
C GLY T 314 13.39 -56.86 74.93
N THR T 315 14.04 -55.94 74.21
CA THR T 315 15.49 -55.85 74.16
C THR T 315 15.91 -54.44 74.50
N LYS T 316 16.86 -54.31 75.42
CA LYS T 316 17.43 -53.00 75.76
C LYS T 316 18.94 -53.10 75.83
N GLN T 317 19.62 -52.12 75.24
CA GLN T 317 21.08 -52.10 75.21
C GLN T 317 21.59 -51.37 76.44
N LEU T 318 22.25 -52.10 77.34
CA LEU T 318 22.81 -51.48 78.53
C LEU T 318 24.00 -50.61 78.16
N LYS T 319 24.36 -49.72 79.08
CA LYS T 319 25.49 -48.82 78.88
C LYS T 319 26.11 -48.57 80.25
N VAL T 320 27.35 -49.02 80.44
CA VAL T 320 28.05 -48.91 81.70
C VAL T 320 29.01 -47.74 81.62
N ARG T 321 28.98 -46.86 82.61
CA ARG T 321 29.93 -45.77 82.73
C ARG T 321 30.66 -45.89 84.06
N ASP T 322 31.97 -45.71 84.03
CA ASP T 322 32.72 -45.65 85.26
C ASP T 322 32.56 -44.28 85.89
N ASP T 323 33.20 -44.08 87.04
CA ASP T 323 33.08 -42.78 87.72
C ASP T 323 33.63 -41.65 86.88
N ASN T 324 34.56 -41.94 85.97
CA ASN T 324 35.10 -40.90 85.09
C ASN T 324 34.12 -40.52 83.99
N GLY T 325 33.15 -41.37 83.69
CA GLY T 325 32.18 -41.10 82.65
C GLY T 325 32.45 -41.78 81.33
N THR T 326 33.51 -42.58 81.23
CA THR T 326 33.81 -43.26 79.98
C THR T 326 32.83 -44.39 79.74
N ASP T 327 32.40 -44.56 78.50
CA ASP T 327 31.54 -45.70 78.16
C ASP T 327 32.37 -46.97 78.20
N VAL T 328 32.17 -47.78 79.21
CA VAL T 328 32.97 -48.99 79.40
C VAL T 328 32.15 -50.24 79.08
N THR T 329 31.14 -50.08 78.22
CA THR T 329 30.27 -51.22 77.88
C THR T 329 31.06 -52.32 77.18
N ALA T 330 31.93 -51.96 76.25
CA ALA T 330 32.67 -52.95 75.49
C ALA T 330 33.72 -53.68 76.31
N ARG T 331 33.99 -53.22 77.54
CA ARG T 331 35.04 -53.78 78.37
C ARG T 331 34.48 -54.40 79.64
N CYS T 332 33.22 -54.84 79.61
CA CYS T 332 32.57 -55.38 80.78
C CYS T 332 32.02 -56.77 80.49
N THR T 333 31.95 -57.59 81.54
CA THR T 333 31.35 -58.91 81.47
C THR T 333 30.03 -58.88 82.21
N PHE T 334 28.97 -59.35 81.55
CA PHE T 334 27.61 -59.23 82.05
C PHE T 334 27.06 -60.59 82.42
N ALA T 335 26.41 -60.66 83.59
CA ALA T 335 25.78 -61.88 84.07
C ALA T 335 24.37 -61.57 84.55
N SER T 336 23.49 -62.56 84.44
CA SER T 336 22.11 -62.43 84.87
C SER T 336 21.87 -63.31 86.09
N SER T 337 21.35 -62.72 87.16
CA SER T 337 21.01 -63.49 88.35
C SER T 337 19.90 -64.50 88.06
N ALA T 338 18.88 -64.07 87.31
CA ALA T 338 17.75 -64.93 86.96
C ALA T 338 17.64 -64.95 85.44
N GLY T 339 18.35 -65.90 84.82
CA GLY T 339 18.26 -66.06 83.37
C GLY T 339 16.95 -66.62 82.89
N THR T 340 16.17 -67.24 83.79
CA THR T 340 14.90 -67.83 83.40
C THR T 340 13.89 -66.75 83.02
N LYS T 341 14.02 -65.55 83.58
CA LYS T 341 13.15 -64.43 83.22
C LYS T 341 13.77 -63.49 82.19
N ALA T 342 15.08 -63.25 82.28
CA ALA T 342 15.75 -62.40 81.30
C ALA T 342 17.22 -62.75 81.29
N THR T 343 17.84 -62.63 80.11
CA THR T 343 19.26 -62.90 79.93
C THR T 343 19.91 -61.67 79.33
N VAL T 344 21.23 -61.58 79.48
CA VAL T 344 21.99 -60.44 79.01
C VAL T 344 23.15 -60.93 78.16
N SER T 345 23.34 -60.31 77.00
CA SER T 345 24.41 -60.69 76.09
C SER T 345 25.76 -60.22 76.63
N ALA T 346 26.83 -60.72 76.00
CA ALA T 346 28.17 -60.28 76.36
C ALA T 346 28.43 -58.83 75.99
N ALA T 347 27.64 -58.27 75.07
CA ALA T 347 27.77 -56.88 74.66
C ALA T 347 26.88 -55.94 75.46
N GLY T 348 26.20 -56.45 76.48
CA GLY T 348 25.36 -55.63 77.34
C GLY T 348 23.90 -55.63 76.98
N LEU T 349 23.54 -56.11 75.79
CA LEU T 349 22.13 -56.13 75.40
C LEU T 349 21.38 -57.16 76.22
N VAL T 350 20.24 -56.77 76.77
CA VAL T 350 19.42 -57.63 77.61
C VAL T 350 18.13 -57.95 76.86
N THR T 351 17.78 -59.23 76.84
CA THR T 351 16.54 -59.73 76.27
C THR T 351 15.74 -60.43 77.37
N GLY T 352 14.48 -60.04 77.53
CA GLY T 352 13.60 -60.72 78.46
C GLY T 352 13.00 -61.96 77.84
N VAL T 353 12.88 -63.02 78.64
CA VAL T 353 12.22 -64.25 78.21
C VAL T 353 11.02 -64.59 79.06
N ALA T 354 10.81 -63.92 80.20
CA ALA T 354 9.62 -64.12 81.01
C ALA T 354 9.38 -62.86 81.83
N ALA T 355 8.11 -62.60 82.12
CA ALA T 355 7.77 -61.45 82.93
C ALA T 355 8.26 -61.63 84.36
N GLY T 356 8.75 -60.55 84.96
CA GLY T 356 9.19 -60.56 86.32
C GLY T 356 10.48 -59.78 86.47
N THR T 357 11.04 -59.83 87.68
CA THR T 357 12.25 -59.09 87.99
C THR T 357 13.48 -59.93 87.73
N ALA T 358 14.60 -59.25 87.46
CA ALA T 358 15.89 -59.89 87.30
C ALA T 358 16.96 -58.91 87.75
N ASP T 359 18.11 -59.46 88.14
CA ASP T 359 19.25 -58.66 88.57
C ASP T 359 20.42 -58.93 87.63
N ILE T 360 20.97 -57.86 87.07
CA ILE T 360 22.07 -57.93 86.12
C ILE T 360 23.33 -57.39 86.79
N THR T 361 24.40 -58.17 86.73
CA THR T 361 25.69 -57.79 87.31
C THR T 361 26.69 -57.53 86.21
N ALA T 362 27.31 -56.36 86.23
CA ALA T 362 28.34 -55.98 85.28
C ALA T 362 29.68 -55.91 86.01
N SER T 363 30.67 -56.63 85.50
CA SER T 363 32.00 -56.69 86.09
C SER T 363 33.01 -56.06 85.15
N TYR T 364 33.88 -55.22 85.69
CA TYR T 364 34.88 -54.53 84.90
C TYR T 364 36.20 -54.55 85.65
N VAL T 365 37.21 -55.22 85.09
CA VAL T 365 38.53 -55.19 85.68
C VAL T 365 39.12 -53.80 85.44
N PRO T 366 39.53 -53.09 86.48
CA PRO T 366 40.01 -51.73 86.30
C PRO T 366 41.35 -51.71 85.59
N PRO T 367 41.71 -50.60 84.94
CA PRO T 367 42.98 -50.55 84.24
C PRO T 367 44.17 -50.34 85.16
N GLN T 368 44.21 -51.10 86.26
CA GLN T 368 45.38 -51.13 87.12
C GLN T 368 45.56 -52.47 87.81
N GLY T 369 44.77 -53.48 87.44
CA GLY T 369 44.81 -54.77 88.10
C GLY T 369 43.98 -54.79 89.37
N GLY T 370 43.74 -56.00 89.86
CA GLY T 370 43.00 -56.20 91.08
C GLY T 370 41.60 -56.70 90.82
N THR T 371 40.84 -56.80 91.91
CA THR T 371 39.47 -57.30 91.83
C THR T 371 38.61 -56.36 91.00
N ALA T 372 37.81 -56.95 90.12
CA ALA T 372 37.00 -56.15 89.20
C ALA T 372 35.86 -55.45 89.94
N LYS T 373 35.55 -54.24 89.49
CA LYS T 373 34.41 -53.51 90.03
C LYS T 373 33.10 -54.12 89.53
N THR T 374 32.07 -54.02 90.37
CA THR T 374 30.79 -54.68 90.13
C THR T 374 29.66 -53.68 90.27
N ALA T 375 28.77 -53.65 89.28
CA ALA T 375 27.59 -52.80 89.28
C ALA T 375 26.35 -53.66 89.06
N THR T 376 25.39 -53.59 89.97
CA THR T 376 24.20 -54.40 89.92
C THR T 376 22.98 -53.53 89.63
N VAL T 377 22.14 -53.99 88.69
CA VAL T 377 20.95 -53.25 88.29
C VAL T 377 19.79 -54.23 88.28
N THR T 378 18.57 -53.68 88.34
CA THR T 378 17.35 -54.48 88.34
C THR T 378 16.55 -54.18 87.08
N VAL T 379 16.12 -55.24 86.39
CA VAL T 379 15.34 -55.13 85.17
C VAL T 379 13.99 -55.80 85.41
N THR T 380 12.91 -55.09 85.13
CA THR T 380 11.56 -55.61 85.29
C THR T 380 10.97 -55.86 83.91
N VAL T 381 11.03 -57.13 83.48
CA VAL T 381 10.44 -57.53 82.21
C VAL T 381 8.93 -57.54 82.35
N PRO T 382 8.18 -56.81 81.52
CA PRO T 382 6.73 -56.76 81.64
C PRO T 382 6.07 -58.08 81.24
N GLY U 2 38.64 19.95 171.91
CA GLY U 2 39.11 19.60 173.24
C GLY U 2 40.50 20.13 173.53
N LEU U 3 41.51 19.41 173.05
CA LEU U 3 42.89 19.81 173.19
C LEU U 3 43.61 19.60 171.86
N ILE U 4 44.66 20.37 171.65
CA ILE U 4 45.47 20.20 170.43
C ILE U 4 46.14 18.83 170.44
N SER U 5 46.66 18.41 171.60
CA SER U 5 47.33 17.13 171.72
C SER U 5 46.38 15.95 171.53
N ASP U 6 45.08 16.17 171.58
CA ASP U 6 44.12 15.08 171.45
C ASP U 6 44.14 14.53 170.03
N PRO U 7 43.83 13.24 169.87
CA PRO U 7 43.77 12.67 168.52
C PRO U 7 42.65 13.28 167.70
N VAL U 8 42.85 13.26 166.38
CA VAL U 8 41.90 13.90 165.48
C VAL U 8 40.56 13.19 165.57
N GLU U 9 39.49 13.97 165.65
CA GLU U 9 38.14 13.43 165.68
C GLU U 9 37.63 13.16 164.27
N VAL U 10 36.48 12.46 164.20
CA VAL U 10 35.88 12.15 162.91
C VAL U 10 35.38 13.44 162.25
N ASP U 11 35.63 13.56 160.95
CA ASP U 11 35.24 14.76 160.23
C ASP U 11 33.74 14.72 159.94
N PRO U 12 32.97 15.70 160.39
CA PRO U 12 31.54 15.72 160.02
C PRO U 12 31.32 15.80 158.52
N ILE U 13 32.21 16.45 157.79
CA ILE U 13 32.10 16.48 156.33
C ILE U 13 32.30 15.07 155.77
N GLN U 14 33.21 14.29 156.38
CA GLN U 14 33.39 12.90 155.96
C GLN U 14 32.17 12.06 156.31
N VAL U 15 31.56 12.32 157.47
CA VAL U 15 30.34 11.61 157.84
C VAL U 15 29.24 11.87 156.81
N GLY U 16 29.07 13.14 156.44
CA GLY U 16 28.07 13.46 155.42
C GLY U 16 28.40 12.85 154.07
N ARG U 17 29.67 12.87 153.68
CA ARG U 17 30.07 12.29 152.40
C ARG U 17 29.78 10.79 152.36
N ASP U 18 30.09 10.08 153.44
CA ASP U 18 29.76 8.66 153.50
C ASP U 18 28.26 8.43 153.55
N GLU U 19 27.51 9.33 154.20
CA GLU U 19 26.06 9.19 154.23
C GLU U 19 25.46 9.34 152.84
N ALA U 20 25.99 10.27 152.05
CA ALA U 20 25.50 10.43 150.67
C ALA U 20 25.74 9.17 149.86
N GLY U 21 26.80 8.43 150.18
CA GLY U 21 27.03 7.14 149.56
C GLY U 21 27.53 7.17 148.14
N TRP U 22 28.13 8.28 147.71
CA TRP U 22 28.66 8.39 146.36
C TRP U 22 30.15 8.11 146.28
N VAL U 23 30.77 7.72 147.39
CA VAL U 23 32.17 7.30 147.34
C VAL U 23 32.28 5.99 146.57
N GLN U 24 33.23 5.92 145.65
CA GLN U 24 33.28 4.82 144.71
C GLN U 24 33.87 3.57 145.36
N GLU U 25 33.17 2.45 145.20
CA GLU U 25 33.64 1.15 145.65
C GLU U 25 33.87 0.26 144.44
N LEU U 26 34.96 -0.50 144.48
CA LEU U 26 35.39 -1.29 143.34
C LEU U 26 35.76 -2.70 143.79
N ARG U 27 35.66 -3.64 142.86
CA ARG U 27 36.07 -5.01 143.13
C ARG U 27 37.59 -5.08 143.28
N ASP U 28 38.04 -5.97 144.14
CA ASP U 28 39.47 -6.22 144.29
C ASP U 28 40.02 -6.79 142.98
N ARG U 29 41.17 -6.28 142.56
CA ARG U 29 41.76 -6.73 141.31
C ARG U 29 42.65 -7.96 141.49
N GLU U 30 42.87 -8.41 142.72
CA GLU U 30 43.77 -9.52 143.00
C GLU U 30 43.09 -10.59 143.84
N ALA U 31 41.82 -10.84 143.57
CA ALA U 31 41.06 -11.85 144.29
C ALA U 31 40.46 -12.83 143.29
N TRP U 32 40.65 -14.12 143.54
CA TRP U 32 40.13 -15.16 142.68
C TRP U 32 39.25 -16.10 143.48
N PRO U 33 38.04 -16.42 143.01
CA PRO U 33 37.42 -15.98 141.74
C PRO U 33 37.02 -14.51 141.81
N LYS U 34 36.64 -13.91 140.69
CA LYS U 34 36.32 -12.49 140.67
C LYS U 34 35.18 -12.19 141.63
N GLN U 35 35.34 -11.12 142.41
CA GLN U 35 34.38 -10.76 143.43
C GLN U 35 33.09 -10.27 142.78
N GLU U 36 32.01 -10.28 143.56
CA GLU U 36 30.76 -9.76 143.06
C GLU U 36 30.74 -8.23 143.16
N VAL U 37 29.86 -7.63 142.37
CA VAL U 37 29.78 -6.17 142.30
C VAL U 37 29.27 -5.63 143.64
N PRO U 38 29.95 -4.68 144.25
CA PRO U 38 29.45 -4.09 145.50
C PRO U 38 28.12 -3.39 145.27
N GLU U 39 27.30 -3.35 146.32
CA GLU U 39 25.96 -2.79 146.19
C GLU U 39 25.99 -1.33 145.81
N GLN U 40 27.00 -0.59 146.27
CA GLN U 40 27.09 0.83 145.93
C GLN U 40 27.36 1.04 144.46
N ALA U 41 28.21 0.19 143.87
CA ALA U 41 28.65 0.42 142.50
C ALA U 41 27.55 0.29 141.47
N LYS U 42 26.42 -0.32 141.83
CA LYS U 42 25.32 -0.52 140.89
C LYS U 42 24.04 0.18 141.36
N LYS U 43 24.17 1.21 142.18
CA LYS U 43 22.99 1.93 142.65
C LYS U 43 22.45 2.83 141.54
N PRO U 44 21.13 3.00 141.48
CA PRO U 44 20.54 3.86 140.44
C PRO U 44 20.78 5.33 140.75
N ALA U 45 20.70 6.14 139.70
CA ALA U 45 20.88 7.57 139.86
C ALA U 45 19.73 8.19 140.63
N LYS U 46 20.06 9.20 141.43
CA LYS U 46 19.04 9.93 142.19
C LYS U 46 18.05 10.59 141.25
N VAL U 47 16.79 10.64 141.66
CA VAL U 47 15.75 11.16 140.79
C VAL U 47 15.65 12.68 140.84
N GLY U 48 16.18 13.32 141.88
CA GLY U 48 16.04 14.76 142.00
C GLY U 48 17.36 15.49 142.01
N ASN U 49 17.50 16.47 141.11
CA ASN U 49 18.71 17.26 141.03
C ASN U 49 18.77 18.29 142.14
N ALA V 2 -101.86 58.31 10.11
CA ALA V 2 -101.45 59.39 9.23
C ALA V 2 -100.12 59.08 8.56
N HIS V 3 -99.08 59.81 8.96
CA HIS V 3 -97.75 59.57 8.42
C HIS V 3 -97.25 58.21 8.86
N ILE V 4 -96.61 57.49 7.94
CA ILE V 4 -96.03 56.18 8.21
C ILE V 4 -94.55 56.25 7.91
N PHE V 5 -93.73 55.81 8.87
CA PHE V 5 -92.30 55.79 8.70
C PHE V 5 -91.79 54.35 8.81
N VAL V 6 -90.71 54.07 8.10
CA VAL V 6 -90.07 52.76 8.12
C VAL V 6 -88.79 52.88 8.91
N LYS V 7 -88.71 52.17 10.04
CA LYS V 7 -87.55 52.27 10.91
C LYS V 7 -87.05 50.89 11.27
N PRO V 8 -85.75 50.75 11.53
CA PRO V 8 -85.21 49.46 11.98
C PRO V 8 -85.63 49.14 13.40
N GLU V 9 -85.01 48.12 13.99
CA GLU V 9 -85.35 47.69 15.33
C GLU V 9 -84.11 47.64 16.23
N LEU V 10 -83.35 48.72 16.25
CA LEU V 10 -82.01 48.79 16.85
C LEU V 10 -81.86 47.87 18.07
N VAL V 11 -80.81 47.06 18.03
CA VAL V 11 -80.41 46.23 19.16
C VAL V 11 -79.07 46.74 19.63
N ALA V 12 -79.00 47.13 20.90
CA ALA V 12 -77.77 47.68 21.46
C ALA V 12 -77.39 46.92 22.72
N GLU V 13 -76.10 46.85 22.99
CA GLU V 13 -75.58 46.23 24.19
C GLU V 13 -75.00 47.32 25.08
N ILE V 14 -75.46 47.36 26.33
CA ILE V 14 -75.12 48.43 27.26
C ILE V 14 -74.30 47.93 28.44
N GLY V 15 -73.85 46.69 28.40
CA GLY V 15 -73.08 46.14 29.50
C GLY V 15 -73.88 45.34 30.49
N VAL V 16 -75.18 45.17 30.28
CA VAL V 16 -75.99 44.29 31.11
C VAL V 16 -75.72 42.87 30.68
N LYS V 17 -75.27 42.03 31.60
CA LYS V 17 -74.91 40.65 31.31
C LYS V 17 -75.44 39.75 32.42
N GLN V 18 -75.63 38.49 32.08
CA GLN V 18 -76.11 37.53 33.08
C GLN V 18 -75.09 37.39 34.20
N LEU V 19 -75.59 37.39 35.43
CA LEU V 19 -74.71 37.37 36.59
C LEU V 19 -74.16 35.96 36.80
N GLN V 20 -72.86 35.88 37.08
CA GLN V 20 -72.17 34.60 37.16
C GLN V 20 -71.29 34.55 38.40
N ARG V 21 -71.05 33.33 38.87
CA ARG V 21 -70.21 33.10 40.03
C ARG V 21 -68.76 33.45 39.73
N GLU V 22 -68.02 33.80 40.78
CA GLU V 22 -66.59 34.06 40.68
C GLU V 22 -65.83 32.79 41.02
N ILE V 23 -64.83 32.46 40.21
CA ILE V 23 -64.08 31.22 40.34
C ILE V 23 -62.97 31.41 41.37
N VAL V 24 -63.06 30.68 42.48
CA VAL V 24 -62.07 30.78 43.54
C VAL V 24 -61.46 29.42 43.88
N LEU V 25 -62.30 28.39 43.97
CA LEU V 25 -61.83 27.09 44.45
C LEU V 25 -60.69 26.48 43.66
N PRO V 26 -60.68 26.47 42.33
CA PRO V 26 -59.64 25.70 41.62
C PRO V 26 -58.22 26.07 42.00
N GLY V 27 -57.95 27.33 42.32
CA GLY V 27 -56.61 27.71 42.71
C GLY V 27 -56.16 27.10 44.01
N LEU V 28 -57.08 26.92 44.97
CA LEU V 28 -56.71 26.52 46.31
C LEU V 28 -56.46 25.03 46.46
N VAL V 29 -56.96 24.21 45.53
CA VAL V 29 -56.92 22.75 45.67
C VAL V 29 -55.73 22.21 44.91
N TRP V 30 -54.97 21.34 45.57
CA TRP V 30 -53.79 20.74 44.95
C TRP V 30 -54.15 20.04 43.66
N THR V 31 -53.41 20.35 42.59
CA THR V 31 -53.72 19.85 41.26
C THR V 31 -52.49 19.18 40.67
N ASN V 32 -52.73 18.24 39.77
CA ASN V 32 -51.65 17.47 39.19
C ASN V 32 -51.88 17.19 37.72
N PRO V 33 -51.08 17.75 36.83
CA PRO V 33 -51.17 17.41 35.41
C PRO V 33 -50.57 16.04 35.14
N LEU V 34 -51.43 15.06 34.87
CA LEU V 34 -50.97 13.69 34.68
C LEU V 34 -50.36 13.52 33.29
N ASP V 43 -52.75 7.43 33.09
CA ASP V 43 -54.06 6.91 33.43
C ASP V 43 -54.29 6.93 34.93
N THR V 44 -53.19 6.91 35.69
CA THR V 44 -53.26 6.99 37.14
C THR V 44 -51.90 7.45 37.65
N ILE V 45 -51.90 7.93 38.89
CA ILE V 45 -50.68 8.31 39.59
C ILE V 45 -50.68 7.66 40.95
N THR V 46 -49.57 7.02 41.31
CA THR V 46 -49.41 6.42 42.61
C THR V 46 -48.58 7.34 43.50
N VAL V 47 -48.95 7.43 44.77
CA VAL V 47 -48.29 8.27 45.75
C VAL V 47 -47.86 7.39 46.91
N ARG V 48 -46.59 7.43 47.26
CA ARG V 48 -46.06 6.61 48.33
C ARG V 48 -45.91 7.44 49.59
N VAL V 49 -46.23 6.85 50.73
CA VAL V 49 -46.06 7.49 52.04
C VAL V 49 -44.81 6.92 52.68
N PRO V 50 -43.89 7.75 53.15
CA PRO V 50 -42.68 7.22 53.80
C PRO V 50 -43.03 6.41 55.04
N ALA V 51 -42.20 5.41 55.32
CA ALA V 51 -42.42 4.54 56.45
C ALA V 51 -41.95 5.19 57.75
N ILE V 52 -42.61 4.82 58.85
CA ILE V 52 -42.19 5.20 60.19
C ILE V 52 -42.12 3.96 61.05
N THR V 53 -41.38 4.04 62.15
CA THR V 53 -41.18 2.92 63.04
C THR V 53 -41.18 3.39 64.48
N THR V 54 -41.09 2.42 65.39
CA THR V 54 -41.06 2.68 66.82
C THR V 54 -39.82 2.04 67.44
N ALA V 55 -39.19 2.77 68.36
CA ALA V 55 -38.00 2.28 69.03
C ALA V 55 -38.39 1.52 70.30
N ASN V 56 -37.39 1.10 71.07
CA ASN V 56 -37.61 0.34 72.28
C ASN V 56 -36.54 0.69 73.30
N ARG V 57 -36.80 0.34 74.55
CA ARG V 57 -35.88 0.58 75.63
C ARG V 57 -35.73 -0.66 76.49
N ARG V 58 -34.52 -0.88 76.99
CA ARG V 58 -34.22 -2.00 77.85
C ARG V 58 -33.34 -1.52 78.99
N ASP V 59 -33.37 -2.26 80.09
CA ASP V 59 -32.59 -1.91 81.26
C ASP V 59 -31.10 -2.05 80.98
N LEU V 60 -30.32 -1.19 81.63
CA LEU V 60 -28.87 -1.23 81.49
C LEU V 60 -28.30 -2.40 82.29
N ARG V 61 -27.27 -3.03 81.74
CA ARG V 61 -26.61 -4.18 82.37
C ARG V 61 -27.58 -5.32 82.64
N ASP V 62 -28.53 -5.50 81.74
CA ASP V 62 -29.52 -6.56 81.90
C ASP V 62 -28.98 -7.86 81.33
N PRO V 63 -28.91 -8.95 82.11
CA PRO V 63 -28.39 -10.21 81.57
C PRO V 63 -29.24 -10.78 80.44
N ASP V 64 -30.49 -10.37 80.31
CA ASP V 64 -31.32 -10.78 79.18
C ASP V 64 -30.98 -9.88 78.00
N ARG V 65 -29.98 -10.29 77.24
CA ARG V 65 -29.43 -9.46 76.18
C ARG V 65 -30.12 -9.76 74.85
N THR V 66 -31.35 -9.24 74.74
CA THR V 66 -32.13 -9.42 73.54
C THR V 66 -32.63 -8.07 73.04
N VAL V 67 -32.77 -7.95 71.73
CA VAL V 67 -33.22 -6.71 71.09
C VAL V 67 -34.47 -7.01 70.29
N ILE V 68 -35.48 -6.17 70.46
CA ILE V 68 -36.73 -6.30 69.73
C ILE V 68 -36.59 -5.55 68.41
N ALA V 69 -36.68 -6.27 67.30
CA ALA V 69 -36.56 -5.64 66.00
C ALA V 69 -37.79 -4.79 65.69
N SER V 70 -37.60 -3.79 64.86
CA SER V 70 -38.66 -2.89 64.45
C SER V 70 -38.99 -3.11 62.98
N GLU V 71 -40.16 -2.64 62.58
CA GLU V 71 -40.71 -2.90 61.25
C GLU V 71 -40.78 -1.60 60.47
N LEU V 72 -40.37 -1.65 59.21
CA LEU V 72 -40.48 -0.52 58.30
C LEU V 72 -41.42 -0.91 57.16
N VAL V 73 -42.65 -0.42 57.20
CA VAL V 73 -43.66 -0.71 56.19
C VAL V 73 -44.02 0.59 55.49
N GLU V 74 -43.92 0.60 54.17
CA GLU V 74 -44.20 1.78 53.36
C GLU V 74 -45.44 1.54 52.53
N HIS V 75 -46.41 2.44 52.64
CA HIS V 75 -47.68 2.28 51.97
C HIS V 75 -47.75 3.18 50.74
N SER V 76 -48.80 2.99 49.96
CA SER V 76 -49.04 3.83 48.78
C SER V 76 -50.53 3.84 48.49
N PHE V 77 -50.95 4.86 47.74
CA PHE V 77 -52.35 4.97 47.33
C PHE V 77 -52.40 5.66 45.98
N GLY V 78 -53.45 5.38 45.22
CA GLY V 78 -53.54 5.79 43.84
C GLY V 78 -54.63 6.80 43.58
N VAL V 79 -54.41 7.65 42.58
CA VAL V 79 -55.38 8.60 42.07
C VAL V 79 -55.60 8.30 40.60
N THR V 80 -56.86 8.07 40.22
CA THR V 80 -57.19 7.63 38.87
C THR V 80 -58.21 8.57 38.25
N LEU V 81 -58.15 8.67 36.92
CA LEU V 81 -59.04 9.54 36.17
C LEU V 81 -60.37 8.82 35.93
N ASP V 82 -61.47 9.49 36.26
CA ASP V 82 -62.77 8.85 36.15
C ASP V 82 -63.89 9.73 35.61
N LYS V 83 -63.62 10.99 35.26
CA LYS V 83 -64.66 11.86 34.75
C LYS V 83 -64.17 12.59 33.52
N HIS V 84 -65.11 12.95 32.66
CA HIS V 84 -64.83 13.64 31.39
C HIS V 84 -65.69 14.90 31.38
N VAL V 85 -65.08 16.04 31.69
CA VAL V 85 -65.81 17.31 31.73
C VAL V 85 -65.74 17.94 30.35
N TYR V 86 -66.89 18.19 29.74
CA TYR V 86 -66.92 18.65 28.36
C TYR V 86 -68.02 19.67 28.17
N ALA V 87 -67.82 20.52 27.17
CA ALA V 87 -68.84 21.44 26.68
C ALA V 87 -68.81 21.39 25.17
N ALA V 88 -69.95 21.04 24.56
CA ALA V 88 -70.03 20.82 23.12
C ALA V 88 -71.10 21.71 22.52
N LEU V 89 -70.79 22.26 21.34
CA LEU V 89 -71.70 23.13 20.62
C LEU V 89 -71.77 22.70 19.17
N LYS V 90 -72.98 22.53 18.65
CA LYS V 90 -73.21 22.12 17.27
C LYS V 90 -73.91 23.25 16.52
N PHE V 91 -73.33 23.67 15.41
CA PHE V 91 -73.82 24.79 14.63
C PHE V 91 -74.10 24.34 13.20
N THR V 92 -75.33 24.51 12.74
CA THR V 92 -75.59 24.30 11.33
C THR V 92 -74.86 25.36 10.50
N ASP V 93 -74.64 25.06 9.23
CA ASP V 93 -73.79 25.92 8.41
C ASP V 93 -74.38 27.32 8.27
N GLU V 94 -75.70 27.42 8.19
CA GLU V 94 -76.32 28.74 8.12
C GLU V 94 -76.08 29.52 9.41
N GLN V 95 -76.19 28.86 10.56
CA GLN V 95 -75.96 29.54 11.83
C GLN V 95 -74.52 30.01 11.94
N ARG V 96 -73.57 29.19 11.50
CA ARG V 96 -72.17 29.59 11.54
C ARG V 96 -71.89 30.71 10.55
N THR V 97 -72.62 30.75 9.43
CA THR V 97 -72.36 31.78 8.42
C THR V 97 -73.01 33.10 8.79
N LEU V 98 -74.29 33.08 9.11
CA LEU V 98 -75.07 34.31 9.28
C LEU V 98 -75.24 34.69 10.75
N ASP V 99 -75.76 33.77 11.57
CA ASP V 99 -76.15 34.14 12.92
C ASP V 99 -74.94 34.52 13.79
N ILE V 100 -73.85 33.79 13.68
CA ILE V 100 -72.67 34.06 14.50
C ILE V 100 -71.87 35.18 13.84
N ARG V 101 -71.70 36.28 14.56
CA ARG V 101 -70.95 37.42 14.05
C ARG V 101 -69.50 37.45 14.54
N ASP V 102 -69.25 37.10 15.80
CA ASP V 102 -67.91 37.07 16.38
C ASP V 102 -67.71 35.74 17.07
N TYR V 103 -66.83 34.90 16.52
CA TYR V 103 -66.69 33.54 17.03
C TYR V 103 -66.09 33.53 18.43
N THR V 104 -64.96 34.23 18.63
CA THR V 104 -64.26 34.14 19.89
C THR V 104 -65.04 34.78 21.04
N LYS V 105 -66.07 35.56 20.75
CA LYS V 105 -66.88 36.17 21.79
C LYS V 105 -68.22 35.48 21.97
N GLN V 106 -68.79 34.93 20.90
CA GLN V 106 -70.10 34.31 20.95
C GLN V 106 -70.07 32.82 21.23
N VAL V 107 -68.93 32.16 21.03
CA VAL V 107 -68.87 30.71 21.16
C VAL V 107 -67.79 30.27 22.13
N LEU V 108 -66.55 30.71 21.90
CA LEU V 108 -65.44 30.20 22.70
C LEU V 108 -65.53 30.65 24.15
N MET V 109 -65.81 31.92 24.39
CA MET V 109 -65.87 32.41 25.76
C MET V 109 -66.95 31.74 26.59
N PRO V 110 -68.21 31.62 26.13
CA PRO V 110 -69.20 30.89 26.93
C PRO V 110 -68.80 29.46 27.19
N GLN V 111 -68.17 28.82 26.21
CA GLN V 111 -67.75 27.44 26.38
C GLN V 111 -66.70 27.31 27.47
N VAL V 112 -65.67 28.17 27.43
CA VAL V 112 -64.63 28.12 28.45
C VAL V 112 -65.22 28.42 29.82
N SER V 113 -66.14 29.38 29.90
CA SER V 113 -66.77 29.68 31.18
C SER V 113 -67.55 28.49 31.70
N ALA V 114 -68.29 27.80 30.83
CA ALA V 114 -69.05 26.64 31.26
C ALA V 114 -68.15 25.54 31.77
N VAL V 115 -67.05 25.27 31.07
CA VAL V 115 -66.12 24.24 31.53
C VAL V 115 -65.51 24.64 32.86
N ALA V 116 -65.17 25.92 33.03
CA ALA V 116 -64.59 26.37 34.29
C ALA V 116 -65.56 26.19 35.45
N TYR V 117 -66.83 26.56 35.25
CA TYR V 117 -67.80 26.42 36.32
C TYR V 117 -68.07 24.95 36.62
N GLU V 118 -68.07 24.10 35.61
CA GLU V 118 -68.23 22.67 35.86
C GLU V 118 -67.07 22.13 36.66
N LEU V 119 -65.84 22.55 36.34
CA LEU V 119 -64.69 22.08 37.10
C LEU V 119 -64.74 22.55 38.55
N GLU V 120 -65.14 23.80 38.76
CA GLU V 120 -65.25 24.29 40.14
C GLU V 120 -66.33 23.55 40.89
N ASP V 121 -67.45 23.23 40.23
CA ASP V 121 -68.48 22.42 40.86
C ASP V 121 -67.96 21.04 41.21
N TYR V 122 -67.15 20.45 40.33
CA TYR V 122 -66.54 19.16 40.62
C TYR V 122 -65.67 19.24 41.86
N ILE V 123 -64.84 20.27 41.94
CA ILE V 123 -63.95 20.41 43.09
C ILE V 123 -64.75 20.62 44.38
N ALA V 124 -65.82 21.43 44.30
CA ALA V 124 -66.65 21.64 45.48
C ALA V 124 -67.34 20.36 45.92
N GLU V 125 -67.78 19.54 44.97
CA GLU V 125 -68.34 18.24 45.32
C GLU V 125 -67.30 17.37 46.00
N LEU V 126 -66.06 17.44 45.52
CA LEU V 126 -64.97 16.70 46.19
C LEU V 126 -64.80 17.17 47.63
N ILE V 127 -64.79 18.49 47.84
CA ILE V 127 -64.55 19.03 49.17
C ILE V 127 -65.67 18.64 50.12
N GLU V 128 -66.91 18.86 49.70
CA GLU V 128 -68.04 18.66 50.59
C GLU V 128 -68.33 17.19 50.83
N GLY V 129 -67.92 16.32 49.93
CA GLY V 129 -68.19 14.91 50.05
C GLY V 129 -67.18 14.10 50.82
N ALA V 130 -66.15 14.72 51.37
CA ALA V 130 -65.13 13.98 52.09
C ALA V 130 -65.72 13.38 53.37
N PRO V 131 -65.19 12.26 53.83
CA PRO V 131 -65.75 11.60 55.03
C PRO V 131 -65.31 12.26 56.33
N TYR V 132 -65.90 13.42 56.62
CA TYR V 132 -65.65 14.09 57.89
C TYR V 132 -66.40 13.34 58.99
N GLU V 133 -65.69 12.93 60.03
CA GLU V 133 -66.33 12.20 61.12
C GLU V 133 -67.14 13.11 62.02
N GLU V 134 -66.76 14.39 62.11
CA GLU V 134 -67.42 15.34 62.99
C GLU V 134 -67.49 16.68 62.30
N THR V 135 -68.52 17.45 62.63
CA THR V 135 -68.69 18.80 62.12
C THR V 135 -68.75 19.76 63.29
N ILE V 136 -67.75 20.63 63.41
CA ILE V 136 -67.75 21.63 64.46
C ILE V 136 -68.89 22.61 64.23
N LEU V 137 -69.68 22.86 65.27
CA LEU V 137 -70.85 23.71 65.16
C LEU V 137 -70.47 25.14 65.50
N ILE V 138 -70.59 26.04 64.53
CA ILE V 138 -70.28 27.45 64.73
C ILE V 138 -71.49 28.10 65.41
N ASP V 139 -71.36 28.42 66.69
CA ASP V 139 -72.41 29.14 67.37
C ASP V 139 -72.42 30.58 66.86
N PRO V 140 -73.50 31.04 66.24
CA PRO V 140 -73.49 32.40 65.69
C PRO V 140 -73.32 33.50 66.72
N ALA V 141 -73.64 33.23 67.99
CA ALA V 141 -73.42 34.24 69.02
C ALA V 141 -71.93 34.52 69.21
N ASP V 142 -71.11 33.47 69.27
CA ASP V 142 -69.66 33.60 69.34
C ASP V 142 -69.05 32.56 68.42
N THR V 143 -68.56 33.01 67.26
CA THR V 143 -68.07 32.11 66.24
C THR V 143 -66.61 31.74 66.40
N VAL V 144 -65.84 32.56 67.11
CA VAL V 144 -64.40 32.28 67.23
C VAL V 144 -64.09 30.98 67.95
N PRO V 145 -64.77 30.61 69.04
CA PRO V 145 -64.46 29.31 69.67
C PRO V 145 -64.56 28.14 68.71
N ALA V 146 -65.51 28.18 67.77
CA ALA V 146 -65.63 27.09 66.80
C ALA V 146 -64.39 26.98 65.94
N PHE V 147 -63.87 28.11 65.46
CA PHE V 147 -62.69 28.05 64.59
C PHE V 147 -61.43 27.72 65.37
N ILE V 148 -61.33 28.20 66.61
CA ILE V 148 -60.21 27.79 67.45
C ILE V 148 -60.28 26.30 67.74
N THR V 149 -61.48 25.76 67.90
CA THR V 149 -61.63 24.32 68.09
C THR V 149 -61.24 23.56 66.84
N ALA V 150 -61.59 24.07 65.66
CA ALA V 150 -61.15 23.43 64.43
C ALA V 150 -59.63 23.45 64.31
N ASP V 151 -59.01 24.58 64.65
CA ASP V 151 -57.56 24.67 64.62
C ASP V 151 -56.92 23.71 65.60
N GLN V 152 -57.49 23.58 66.80
CA GLN V 152 -57.04 22.58 67.76
C GLN V 152 -57.16 21.18 67.19
N ARG V 153 -58.31 20.88 66.57
CA ARG V 153 -58.56 19.55 66.06
C ARG V 153 -57.56 19.16 65.00
N MET V 154 -57.22 20.11 64.12
CA MET V 154 -56.17 19.83 63.15
C MET V 154 -54.77 19.94 63.72
N GLY V 155 -54.61 20.51 64.91
CA GLY V 155 -53.31 20.61 65.53
C GLY V 155 -52.97 19.42 66.39
N GLU V 156 -53.99 18.67 66.82
CA GLU V 156 -53.74 17.47 67.60
C GLU V 156 -53.48 16.25 66.72
N ALA V 157 -53.71 16.36 65.42
CA ALA V 157 -53.33 15.34 64.47
C ALA V 157 -51.97 15.60 63.85
N ASN V 158 -51.25 16.60 64.35
CA ASN V 158 -49.90 16.94 63.90
C ASN V 158 -49.89 17.36 62.44
N VAL V 159 -50.98 17.92 61.96
CA VAL V 159 -51.00 18.49 60.61
C VAL V 159 -50.16 19.75 60.59
N PRO V 160 -49.31 19.96 59.58
CA PRO V 160 -48.47 21.17 59.57
C PRO V 160 -49.31 22.43 59.57
N THR V 161 -48.78 23.46 60.23
CA THR V 161 -49.53 24.70 60.39
C THR V 161 -49.58 25.51 59.10
N ASP V 162 -48.58 25.38 58.24
CA ASP V 162 -48.58 26.18 57.02
C ASP V 162 -49.44 25.52 55.95
N SER V 163 -49.76 26.32 54.92
CA SER V 163 -50.50 25.91 53.73
C SER V 163 -51.95 25.52 54.03
N ARG V 164 -52.43 25.75 55.24
CA ARG V 164 -53.84 25.51 55.54
C ARG V 164 -54.71 26.52 54.80
N ARG V 165 -55.86 26.06 54.32
CA ARG V 165 -56.79 26.93 53.61
C ARG V 165 -58.16 26.83 54.24
N LEU V 166 -58.80 27.99 54.40
CA LEU V 166 -60.13 28.09 55.00
C LEU V 166 -61.07 28.73 54.00
N VAL V 167 -62.04 27.97 53.52
CA VAL V 167 -63.02 28.43 52.56
C VAL V 167 -64.38 28.41 53.25
N VAL V 168 -65.01 29.58 53.35
CA VAL V 168 -66.29 29.70 54.02
C VAL V 168 -67.37 29.94 52.99
N GLY V 169 -68.57 29.48 53.31
CA GLY V 169 -69.73 29.79 52.49
C GLY V 169 -70.17 31.21 52.70
N SER V 170 -71.18 31.61 51.93
CA SER V 170 -71.68 32.98 52.05
C SER V 170 -72.25 33.23 53.43
N ALA V 171 -73.06 32.30 53.94
CA ALA V 171 -73.73 32.52 55.22
C ALA V 171 -72.73 32.53 56.37
N VAL V 172 -71.69 31.70 56.29
CA VAL V 172 -70.68 31.70 57.35
C VAL V 172 -69.93 33.02 57.37
N ALA V 173 -69.58 33.55 56.20
CA ALA V 173 -68.90 34.84 56.16
C ALA V 173 -69.79 35.95 56.71
N ALA V 174 -71.07 35.93 56.35
CA ALA V 174 -71.99 36.93 56.89
C ALA V 174 -72.11 36.80 58.40
N ALA V 175 -72.17 35.58 58.91
CA ALA V 175 -72.28 35.39 60.35
C ALA V 175 -71.02 35.85 61.06
N LEU V 176 -69.86 35.62 60.45
CA LEU V 176 -68.61 36.12 61.03
C LEU V 176 -68.61 37.63 61.10
N ALA V 177 -69.04 38.30 60.02
CA ALA V 177 -69.08 39.76 60.06
C ALA V 177 -70.11 40.26 61.06
N LYS V 178 -71.18 39.51 61.27
CA LYS V 178 -72.22 39.90 62.22
C LYS V 178 -71.84 39.66 63.66
N ASP V 179 -70.78 38.88 63.91
CA ASP V 179 -70.44 38.49 65.26
C ASP V 179 -70.04 39.71 66.09
N LYS V 180 -70.46 39.72 67.35
CA LYS V 180 -70.07 40.79 68.25
C LYS V 180 -68.58 40.77 68.54
N GLN V 181 -67.91 39.64 68.32
CA GLN V 181 -66.46 39.60 68.46
C GLN V 181 -65.76 40.49 67.45
N PHE V 182 -66.36 40.73 66.29
CA PHE V 182 -65.71 41.50 65.25
C PHE V 182 -66.33 42.88 65.03
N ARG V 183 -67.63 43.06 65.25
CA ARG V 183 -68.22 44.38 65.11
C ARG V 183 -67.71 45.33 66.19
N HIS V 184 -67.75 44.90 67.46
CA HIS V 184 -67.38 45.77 68.55
C HIS V 184 -65.88 45.94 68.58
N ALA V 185 -65.41 47.18 68.38
CA ALA V 185 -63.98 47.42 68.25
C ALA V 185 -63.24 47.25 69.56
N ASP V 186 -63.91 47.42 70.71
CA ASP V 186 -63.25 47.15 71.98
C ASP V 186 -62.89 45.68 72.13
N TRP V 187 -63.56 44.80 71.40
CA TRP V 187 -63.26 43.37 71.41
C TRP V 187 -62.40 42.96 70.23
N SER V 188 -62.78 43.36 69.02
CA SER V 188 -62.04 42.95 67.83
C SER V 188 -60.63 43.50 67.82
N GLY V 189 -60.41 44.63 68.47
CA GLY V 189 -59.07 45.17 68.57
C GLY V 189 -58.79 46.36 67.70
N ASP V 190 -59.23 46.32 66.44
CA ASP V 190 -58.91 47.38 65.49
C ASP V 190 -59.91 48.51 65.61
N GLN V 191 -59.44 49.69 65.99
CA GLN V 191 -60.27 50.87 66.08
C GLN V 191 -60.58 51.49 64.73
N ALA V 192 -60.26 50.78 63.64
CA ALA V 192 -60.59 51.21 62.30
C ALA V 192 -61.53 50.17 61.72
N ASN V 193 -62.56 49.85 62.51
CA ASN V 193 -63.39 48.66 62.36
C ASN V 193 -63.63 48.30 60.90
N ALA V 194 -63.33 47.06 60.56
CA ALA V 194 -63.51 46.57 59.20
C ALA V 194 -64.70 45.63 59.07
N ALA V 195 -65.04 44.92 60.13
CA ALA V 195 -66.23 44.07 60.11
C ALA V 195 -67.52 44.87 60.11
N LEU V 196 -67.43 46.18 60.32
CA LEU V 196 -68.59 47.05 60.34
C LEU V 196 -68.58 48.08 59.23
N ARG V 197 -67.43 48.66 58.92
CA ARG V 197 -67.32 49.62 57.84
C ARG V 197 -67.09 48.96 56.49
N GLU V 198 -66.74 47.67 56.46
CA GLU V 198 -66.58 46.95 55.22
C GLU V 198 -67.18 45.55 55.22
N ALA V 199 -67.69 45.07 56.35
CA ALA V 199 -68.32 43.75 56.44
C ALA V 199 -67.38 42.66 55.95
N HIS V 200 -66.10 42.77 56.31
CA HIS V 200 -65.07 41.84 55.89
C HIS V 200 -64.25 41.44 57.10
N VAL V 201 -64.38 40.17 57.51
CA VAL V 201 -63.58 39.68 58.64
C VAL V 201 -62.10 39.65 58.26
N GLY V 202 -61.79 39.08 57.09
CA GLY V 202 -60.44 39.11 56.59
C GLY V 202 -59.54 38.01 57.08
N ARG V 203 -59.13 38.07 58.35
CA ARG V 203 -58.26 37.06 58.92
C ARG V 203 -58.85 36.59 60.24
N LEU V 204 -59.14 35.31 60.34
CA LEU V 204 -59.63 34.69 61.55
C LEU V 204 -58.48 33.92 62.18
N ALA V 205 -58.79 33.12 63.21
CA ALA V 205 -57.74 32.51 64.02
C ALA V 205 -56.76 31.72 63.17
N GLY V 206 -55.55 32.26 63.01
CA GLY V 206 -54.49 31.57 62.31
C GLY V 206 -54.60 31.50 60.81
N MET V 207 -55.81 31.64 60.28
CA MET V 207 -56.08 31.36 58.88
C MET V 207 -56.76 32.55 58.22
N ASN V 208 -56.56 32.68 56.91
CA ASN V 208 -57.14 33.76 56.13
C ASN V 208 -58.44 33.26 55.50
N VAL V 209 -59.55 33.89 55.87
CA VAL V 209 -60.87 33.49 55.38
C VAL V 209 -60.95 33.77 53.90
N ILE V 210 -61.47 32.81 53.13
CA ILE V 210 -61.76 33.00 51.72
C ILE V 210 -63.23 32.71 51.49
N ARG V 211 -63.98 33.70 51.03
CA ARG V 211 -65.40 33.52 50.78
C ARG V 211 -65.61 32.88 49.42
N SER V 212 -66.61 31.99 49.36
CA SER V 212 -66.90 31.30 48.11
C SER V 212 -68.39 30.98 48.05
N ASN V 213 -68.87 30.75 46.84
CA ASN V 213 -70.26 30.39 46.61
C ASN V 213 -70.44 28.98 46.07
N ALA V 214 -69.37 28.30 45.68
CA ALA V 214 -69.50 26.93 45.20
C ALA V 214 -69.98 26.01 46.31
N ILE V 215 -69.43 26.14 47.50
CA ILE V 215 -69.81 25.31 48.64
C ILE V 215 -71.13 25.79 49.20
N ALA V 216 -71.72 25.00 50.09
CA ALA V 216 -72.99 25.36 50.69
C ALA V 216 -72.85 26.68 51.45
N PRO V 217 -73.93 27.47 51.52
CA PRO V 217 -73.81 28.80 52.14
C PRO V 217 -73.36 28.78 53.59
N ASP V 218 -73.76 27.77 54.36
CA ASP V 218 -73.50 27.76 55.80
C ASP V 218 -72.49 26.70 56.21
N LYS V 219 -71.49 26.45 55.37
CA LYS V 219 -70.43 25.50 55.70
C LYS V 219 -69.07 26.13 55.42
N ALA V 220 -68.13 25.85 56.31
CA ALA V 220 -66.76 26.35 56.19
C ALA V 220 -65.80 25.18 56.33
N TYR V 221 -64.91 25.03 55.37
CA TYR V 221 -63.98 23.91 55.34
C TYR V 221 -62.55 24.41 55.55
N LEU V 222 -61.82 23.72 56.42
CA LEU V 222 -60.42 23.99 56.68
C LEU V 222 -59.62 22.77 56.30
N TRP V 223 -58.68 22.92 55.37
CA TRP V 223 -57.93 21.74 54.95
C TRP V 223 -56.50 22.11 54.63
N HIS V 224 -55.59 21.19 54.98
CA HIS V 224 -54.20 21.33 54.60
C HIS V 224 -54.04 21.08 53.10
N ARG V 225 -52.90 21.50 52.57
CA ARG V 225 -52.68 21.39 51.13
C ARG V 225 -52.78 19.96 50.65
N THR V 226 -52.16 19.03 51.37
CA THR V 226 -52.14 17.62 50.98
C THR V 226 -53.36 16.87 51.50
N ALA V 227 -54.55 17.44 51.28
CA ALA V 227 -55.78 16.82 51.73
C ALA V 227 -56.76 16.51 50.62
N PHE V 228 -56.64 17.16 49.47
CA PHE V 228 -57.44 16.84 48.30
C PHE V 228 -56.55 16.95 47.07
N ILE V 229 -56.62 15.97 46.18
CA ILE V 229 -55.81 15.94 44.97
C ILE V 229 -56.73 15.90 43.77
N LEU V 230 -56.53 16.84 42.85
CA LEU V 230 -57.28 16.87 41.60
C LEU V 230 -56.30 16.58 40.47
N ALA V 231 -56.34 15.37 39.94
CA ALA V 231 -55.50 14.99 38.80
C ALA V 231 -56.27 15.29 37.52
N TYR V 232 -55.56 15.78 36.51
CA TYR V 232 -56.21 16.07 35.24
C TYR V 232 -55.29 15.67 34.09
N ARG V 233 -55.90 15.48 32.93
CA ARG V 233 -55.18 15.25 31.69
C ARG V 233 -55.94 15.92 30.55
N THR V 234 -55.20 16.64 29.71
CA THR V 234 -55.78 17.20 28.51
C THR V 234 -55.73 16.15 27.41
N PRO V 235 -56.87 15.72 26.88
CA PRO V 235 -56.85 14.64 25.88
C PRO V 235 -56.09 15.08 24.63
N VAL V 236 -55.41 14.12 24.02
CA VAL V 236 -54.74 14.39 22.74
C VAL V 236 -55.80 14.63 21.67
N VAL V 237 -55.48 15.51 20.73
CA VAL V 237 -56.44 15.83 19.67
C VAL V 237 -56.65 14.61 18.79
N PRO V 238 -57.89 14.24 18.49
CA PRO V 238 -58.13 13.09 17.62
C PRO V 238 -57.84 13.44 16.17
N GLU V 239 -56.58 13.26 15.74
CA GLU V 239 -56.16 13.62 14.39
C GLU V 239 -57.13 13.16 13.31
N GLY V 240 -57.96 12.15 13.60
CA GLY V 240 -58.95 11.73 12.64
C GLY V 240 -59.90 12.84 12.24
N ALA V 241 -60.28 13.69 13.19
CA ALA V 241 -61.28 14.73 12.88
C ALA V 241 -60.63 16.06 12.49
N LYS V 242 -59.96 16.72 13.43
CA LYS V 242 -59.30 18.00 13.18
C LYS V 242 -58.65 18.47 14.46
N ALA V 243 -57.69 19.39 14.31
CA ALA V 243 -57.04 20.06 15.43
C ALA V 243 -57.74 21.37 15.73
N GLY V 244 -57.30 22.04 16.77
CA GLY V 244 -57.91 23.29 17.22
C GLY V 244 -56.89 24.22 17.85
N ALA V 245 -57.38 25.09 18.72
CA ALA V 245 -56.59 26.10 19.39
C ALA V 245 -56.26 25.66 20.82
N SER V 246 -55.72 26.59 21.61
CA SER V 246 -55.33 26.33 22.99
C SER V 246 -56.21 27.11 23.95
N PHE V 247 -56.53 26.50 25.09
CA PHE V 247 -57.36 27.14 26.09
C PHE V 247 -57.07 26.55 27.45
N SER V 248 -57.26 27.36 28.48
CA SER V 248 -57.09 26.93 29.86
C SER V 248 -58.17 27.56 30.72
N ALA V 249 -58.57 26.83 31.76
CA ALA V 249 -59.63 27.26 32.67
C ALA V 249 -59.06 27.27 34.08
N ASN V 250 -58.44 28.38 34.46
CA ASN V 250 -57.82 28.55 35.77
C ASN V 250 -56.74 27.48 36.00
N GLY V 251 -55.72 27.53 35.15
CA GLY V 251 -54.59 26.63 35.30
C GLY V 251 -54.73 25.34 34.51
N VAL V 252 -55.78 24.57 34.79
CA VAL V 252 -56.00 23.32 34.09
C VAL V 252 -56.27 23.60 32.62
N ALA V 253 -55.50 22.96 31.75
CA ALA V 253 -55.66 23.19 30.32
C ALA V 253 -56.81 22.36 29.78
N LEU V 254 -57.28 22.73 28.58
CA LEU V 254 -58.41 22.07 27.96
C LEU V 254 -58.11 21.82 26.49
N ARG V 255 -58.75 20.80 25.93
CA ARG V 255 -58.61 20.45 24.52
C ARG V 255 -59.81 21.01 23.77
N TRP V 256 -59.56 21.84 22.77
CA TRP V 256 -60.60 22.39 21.92
C TRP V 256 -60.59 21.69 20.58
N LEU V 257 -61.76 21.30 20.10
CA LEU V 257 -61.90 20.58 18.84
C LEU V 257 -62.78 21.34 17.88
N ALA V 258 -62.89 20.77 16.68
CA ALA V 258 -63.85 21.19 15.67
C ALA V 258 -63.92 20.07 14.64
N ASP V 259 -65.11 19.55 14.35
CA ASP V 259 -65.24 18.43 13.43
C ASP V 259 -66.49 18.63 12.60
N TYR V 260 -66.32 19.13 11.38
CA TYR V 260 -67.46 19.34 10.49
C TYR V 260 -68.18 18.02 10.23
N ASP V 261 -69.49 18.03 10.38
CA ASP V 261 -70.32 16.86 10.13
C ASP V 261 -70.96 17.05 8.76
N TYR V 262 -70.31 16.51 7.74
CA TYR V 262 -70.83 16.64 6.38
C TYR V 262 -72.22 16.07 6.26
N SER V 263 -72.54 15.02 7.02
CA SER V 263 -73.86 14.42 6.95
C SER V 263 -74.94 15.40 7.38
N GLN V 264 -74.67 16.17 8.42
CA GLN V 264 -75.62 17.16 8.92
C GLN V 264 -75.34 18.57 8.39
N LEU V 265 -74.35 18.72 7.53
CA LEU V 265 -73.94 20.02 6.97
C LEU V 265 -73.55 21.02 8.04
N GLY V 266 -73.29 20.54 9.26
CA GLY V 266 -73.00 21.44 10.36
C GLY V 266 -71.70 21.07 11.04
N ASP V 267 -71.13 22.07 11.70
CA ASP V 267 -69.89 21.91 12.44
C ASP V 267 -70.17 21.59 13.90
N ARG V 268 -69.22 20.94 14.54
CA ARG V 268 -69.33 20.55 15.94
C ARG V 268 -68.02 20.88 16.64
N THR V 269 -68.11 21.53 17.80
CA THR V 269 -66.95 21.92 18.58
C THR V 269 -67.06 21.37 19.99
N LEU V 270 -65.92 20.99 20.55
CA LEU V 270 -65.88 20.36 21.86
C LEU V 270 -64.71 20.91 22.66
N LEU V 271 -64.95 21.20 23.93
CA LEU V 271 -63.91 21.66 24.85
C LEU V 271 -64.00 20.82 26.12
N ASP V 272 -62.97 20.02 26.38
CA ASP V 272 -63.10 19.00 27.42
C ASP V 272 -61.77 18.72 28.09
N VAL V 273 -61.84 17.89 29.13
CA VAL V 273 -60.67 17.50 29.92
C VAL V 273 -61.05 16.26 30.71
N PHE V 274 -60.04 15.43 31.03
CA PHE V 274 -60.25 14.23 31.85
C PHE V 274 -59.79 14.53 33.27
N THR V 275 -60.69 14.35 34.22
CA THR V 275 -60.39 14.71 35.61
C THR V 275 -60.67 13.55 36.54
N GLY V 276 -59.92 13.53 37.65
CA GLY V 276 -60.11 12.56 38.71
C GLY V 276 -59.75 13.14 40.06
N ARG V 277 -60.68 13.06 40.99
CA ARG V 277 -60.49 13.62 42.33
C ARG V 277 -60.15 12.50 43.31
N LYS V 278 -59.38 12.84 44.34
CA LYS V 278 -59.07 11.87 45.37
C LYS V 278 -58.83 12.59 46.69
N VAL V 279 -59.53 12.15 47.72
CA VAL V 279 -59.32 12.64 49.07
C VAL V 279 -58.20 11.82 49.69
N VAL V 280 -57.33 12.47 50.44
CA VAL V 280 -56.17 11.81 51.02
C VAL V 280 -56.53 11.30 52.40
N THR V 281 -56.39 10.00 52.59
CA THR V 281 -56.69 9.35 53.86
C THR V 281 -55.41 8.74 54.41
N GLU V 282 -55.34 8.62 55.73
CA GLU V 282 -54.15 8.15 56.41
C GLU V 282 -53.93 6.66 56.14
N VAL V 283 -52.91 6.09 56.78
CA VAL V 283 -52.63 4.67 56.61
C VAL V 283 -53.81 3.81 57.02
N ASP V 284 -54.64 4.30 57.94
CA ASP V 284 -55.91 3.68 58.28
C ASP V 284 -57.03 4.55 57.71
N GLY V 285 -58.27 4.19 58.03
CA GLY V 285 -59.42 4.89 57.47
C GLY V 285 -59.64 6.28 58.00
N SER V 286 -58.88 6.70 59.03
CA SER V 286 -59.09 8.01 59.63
C SER V 286 -58.72 9.11 58.66
N PHE V 287 -59.56 10.14 58.61
CA PHE V 287 -59.34 11.32 57.77
C PHE V 287 -59.19 12.52 58.68
N VAL V 288 -57.99 13.09 58.73
CA VAL V 288 -57.69 14.10 59.74
C VAL V 288 -57.10 15.37 59.13
N ARG V 289 -56.81 15.34 57.84
CA ARG V 289 -56.20 16.51 57.21
C ARG V 289 -57.22 17.54 56.75
N ALA V 290 -58.47 17.45 57.21
CA ALA V 290 -59.47 18.45 56.86
C ALA V 290 -60.62 18.39 57.85
N VAL V 291 -61.18 19.54 58.17
CA VAL V 291 -62.29 19.65 59.12
C VAL V 291 -63.40 20.49 58.52
N GLU V 292 -64.62 20.19 58.93
CA GLU V 292 -65.83 20.83 58.44
C GLU V 292 -66.53 21.55 59.58
N LEU V 293 -67.04 22.74 59.30
CA LEU V 293 -67.78 23.52 60.28
C LEU V 293 -69.12 23.93 59.68
N GLN V 294 -70.17 23.88 60.48
CA GLN V 294 -71.51 24.21 60.02
C GLN V 294 -72.18 25.11 61.05
N LEU V 295 -72.81 26.17 60.57
CA LEU V 295 -73.54 27.08 61.45
C LEU V 295 -74.69 26.36 62.12
N GLN V 296 -74.97 26.73 63.36
CA GLN V 296 -76.11 26.20 64.07
C GLN V 296 -77.40 26.82 63.52
N ALA V 297 -78.53 26.47 64.13
CA ALA V 297 -79.80 27.03 63.71
C ALA V 297 -80.76 26.98 64.89
N SER V 298 -81.03 28.13 65.50
CA SER V 298 -81.93 28.16 66.64
C SER V 298 -83.36 27.82 66.24
N SER V 299 -83.84 28.38 65.13
CA SER V 299 -85.19 28.15 64.67
C SER V 299 -85.30 28.55 63.21
N ILE V 300 -86.45 28.27 62.61
CA ILE V 300 -86.71 28.60 61.23
C ILE V 300 -88.03 29.35 61.13
N THR V 301 -88.18 30.09 60.04
CA THR V 301 -89.39 30.84 59.74
C THR V 301 -89.73 30.65 58.27
N ILE V 302 -91.01 30.79 57.95
CA ILE V 302 -91.50 30.73 56.58
C ILE V 302 -91.66 32.16 56.09
N VAL V 303 -91.01 32.48 54.97
CA VAL V 303 -91.03 33.85 54.48
C VAL V 303 -92.42 34.20 53.98
N GLY V 304 -92.82 35.45 54.17
CA GLY V 304 -94.10 35.93 53.73
C GLY V 304 -95.23 35.73 54.71
N GLY V 305 -95.01 35.02 55.81
CA GLY V 305 -96.05 34.80 56.79
C GLY V 305 -97.24 34.08 56.19
N ALA V 306 -98.41 34.34 56.76
CA ALA V 306 -99.64 33.80 56.21
C ALA V 306 -99.93 34.41 54.84
N PHE V 307 -100.63 33.65 54.01
CA PHE V 307 -100.89 34.09 52.64
C PHE V 307 -102.18 33.47 52.15
N ALA V 308 -102.68 34.03 51.05
CA ALA V 308 -103.88 33.53 50.39
C ALA V 308 -103.54 33.19 48.96
N LEU V 309 -103.95 32.00 48.52
CA LEU V 309 -103.69 31.59 47.15
C LEU V 309 -104.56 32.39 46.18
N ALA V 310 -104.08 32.52 44.94
CA ALA V 310 -104.86 33.19 43.91
C ALA V 310 -106.10 32.38 43.56
N THR V 311 -105.97 31.07 43.46
CA THR V 311 -107.07 30.19 43.12
C THR V 311 -106.77 28.80 43.67
N THR V 312 -107.81 27.97 43.73
CA THR V 312 -107.63 26.62 44.26
C THR V 312 -106.72 25.77 43.39
N THR V 313 -106.55 26.14 42.12
CA THR V 313 -105.62 25.46 41.24
C THR V 313 -104.24 26.11 41.24
N GLY V 314 -104.04 27.15 42.04
CA GLY V 314 -102.79 27.88 42.03
C GLY V 314 -101.79 27.27 43.00
N THR V 315 -100.56 27.11 42.52
CA THR V 315 -99.49 26.50 43.30
C THR V 315 -98.53 27.60 43.75
N LYS V 316 -98.22 27.62 45.05
CA LYS V 316 -97.30 28.59 45.61
C LYS V 316 -96.06 27.88 46.14
N GLN V 317 -94.89 28.35 45.72
CA GLN V 317 -93.63 27.75 46.15
C GLN V 317 -93.19 28.38 47.46
N LEU V 318 -93.05 27.57 48.50
CA LEU V 318 -92.64 28.07 49.80
C LEU V 318 -91.13 28.31 49.82
N LYS V 319 -90.69 28.99 50.89
CA LYS V 319 -89.27 29.21 51.13
C LYS V 319 -89.08 29.43 52.62
N VAL V 320 -88.19 28.65 53.22
CA VAL V 320 -87.97 28.66 54.66
C VAL V 320 -86.56 29.15 54.93
N ARG V 321 -86.44 30.12 55.85
CA ARG V 321 -85.15 30.68 56.21
C ARG V 321 -84.94 30.48 57.70
N ASP V 322 -83.75 30.03 58.08
CA ASP V 322 -83.44 29.82 59.48
C ASP V 322 -83.06 31.15 60.12
N ASP V 323 -82.58 31.11 61.37
CA ASP V 323 -82.24 32.34 62.08
C ASP V 323 -81.05 33.06 61.45
N ASN V 324 -80.26 32.39 60.64
CA ASN V 324 -79.11 32.99 59.97
C ASN V 324 -79.45 33.50 58.59
N GLY V 325 -80.69 33.39 58.15
CA GLY V 325 -81.08 33.83 56.83
C GLY V 325 -80.81 32.83 55.72
N THR V 326 -80.22 31.68 56.04
CA THR V 326 -79.95 30.67 55.03
C THR V 326 -81.24 30.08 54.50
N ASP V 327 -81.27 29.77 53.21
CA ASP V 327 -82.43 29.13 52.60
C ASP V 327 -82.35 27.63 52.84
N VAL V 328 -83.26 27.10 53.65
CA VAL V 328 -83.23 25.70 54.03
C VAL V 328 -84.47 24.99 53.52
N THR V 329 -85.00 25.45 52.39
CA THR V 329 -86.17 24.78 51.81
C THR V 329 -85.82 23.36 51.38
N ALA V 330 -84.63 23.16 50.79
CA ALA V 330 -84.25 21.85 50.30
C ALA V 330 -83.95 20.87 51.43
N ARG V 331 -83.74 21.35 52.65
CA ARG V 331 -83.41 20.51 53.78
C ARG V 331 -84.53 20.44 54.80
N CYS V 332 -85.77 20.70 54.38
CA CYS V 332 -86.90 20.79 55.29
C CYS V 332 -87.99 19.85 54.80
N THR V 333 -88.88 19.45 55.72
CA THR V 333 -90.00 18.58 55.40
C THR V 333 -91.30 19.31 55.72
N PHE V 334 -92.20 19.37 54.74
CA PHE V 334 -93.45 20.09 54.88
C PHE V 334 -94.59 19.11 55.12
N ALA V 335 -95.46 19.42 56.07
CA ALA V 335 -96.64 18.63 56.36
C ALA V 335 -97.85 19.54 56.34
N SER V 336 -98.86 19.18 55.56
CA SER V 336 -100.12 19.90 55.54
C SER V 336 -101.03 19.33 56.64
N SER V 337 -101.50 20.21 57.52
CA SER V 337 -102.37 19.75 58.61
C SER V 337 -103.66 19.16 58.06
N ALA V 338 -104.24 19.81 57.05
CA ALA V 338 -105.48 19.36 56.43
C ALA V 338 -105.20 19.08 54.95
N GLY V 339 -104.82 17.83 54.66
CA GLY V 339 -104.58 17.45 53.27
C GLY V 339 -105.84 17.52 52.42
N THR V 340 -107.00 17.28 53.02
CA THR V 340 -108.27 17.38 52.31
C THR V 340 -108.64 18.82 51.99
N LYS V 341 -107.91 19.80 52.52
CA LYS V 341 -108.13 21.21 52.22
C LYS V 341 -107.06 21.79 51.33
N ALA V 342 -105.78 21.56 51.65
CA ALA V 342 -104.67 22.02 50.82
C ALA V 342 -103.50 21.07 51.02
N THR V 343 -102.79 20.78 49.93
CA THR V 343 -101.70 19.83 49.95
C THR V 343 -100.38 20.51 49.59
N VAL V 344 -99.30 20.01 50.17
CA VAL V 344 -97.97 20.54 49.95
C VAL V 344 -97.03 19.39 49.66
N SER V 345 -96.18 19.56 48.63
CA SER V 345 -95.25 18.52 48.23
C SER V 345 -94.01 18.58 49.12
N ALA V 346 -92.98 17.82 48.74
CA ALA V 346 -91.71 17.88 49.45
C ALA V 346 -90.90 19.13 49.11
N ALA V 347 -91.19 19.76 47.97
CA ALA V 347 -90.50 20.97 47.55
C ALA V 347 -91.19 22.24 48.01
N GLY V 348 -92.26 22.13 48.78
CA GLY V 348 -92.97 23.29 49.28
C GLY V 348 -94.04 23.83 48.37
N LEU V 349 -94.40 23.12 47.30
CA LEU V 349 -95.42 23.60 46.38
C LEU V 349 -96.81 23.43 46.98
N VAL V 350 -97.26 24.43 47.74
CA VAL V 350 -98.57 24.37 48.35
C VAL V 350 -99.64 24.53 47.28
N THR V 351 -100.61 23.61 47.29
CA THR V 351 -101.75 23.64 46.39
C THR V 351 -103.01 23.41 47.20
N GLY V 352 -104.05 24.19 46.92
CA GLY V 352 -105.29 24.06 47.67
C GLY V 352 -106.34 23.19 47.00
N VAL V 353 -106.46 21.94 47.46
CA VAL V 353 -107.41 21.03 46.84
C VAL V 353 -108.85 21.50 47.07
N ALA V 354 -109.08 22.27 48.14
CA ALA V 354 -110.41 22.77 48.43
C ALA V 354 -110.31 24.21 48.93
N ALA V 355 -111.42 24.93 48.81
CA ALA V 355 -111.47 26.32 49.25
C ALA V 355 -111.75 26.36 50.75
N GLY V 356 -110.81 26.88 51.52
CA GLY V 356 -110.96 26.94 52.96
C GLY V 356 -109.64 27.28 53.63
N THR V 357 -109.60 27.05 54.94
CA THR V 357 -108.43 27.37 55.75
C THR V 357 -107.66 26.10 56.06
N ALA V 358 -106.36 26.12 55.78
CA ALA V 358 -105.47 25.00 56.05
C ALA V 358 -104.23 25.51 56.76
N ASP V 359 -103.49 24.56 57.34
CA ASP V 359 -102.26 24.86 58.06
C ASP V 359 -101.12 24.04 57.47
N ILE V 360 -100.00 24.70 57.22
CA ILE V 360 -98.80 24.05 56.70
C ILE V 360 -97.68 24.24 57.72
N THR V 361 -97.05 23.14 58.12
CA THR V 361 -95.97 23.20 59.10
C THR V 361 -94.71 22.62 58.48
N ALA V 362 -93.62 23.37 58.56
CA ALA V 362 -92.33 22.96 58.00
C ALA V 362 -91.39 22.64 59.14
N SER V 363 -90.84 21.42 59.13
CA SER V 363 -89.94 20.96 60.17
C SER V 363 -88.54 20.78 59.58
N TYR V 364 -87.55 21.32 60.28
CA TYR V 364 -86.15 21.28 59.86
C TYR V 364 -85.31 20.72 61.00
N VAL V 365 -84.50 19.71 60.69
CA VAL V 365 -83.60 19.11 61.68
C VAL V 365 -82.32 19.93 61.69
N PRO V 366 -81.97 20.57 62.80
CA PRO V 366 -80.82 21.47 62.81
C PRO V 366 -79.53 20.69 62.68
N PRO V 367 -78.43 21.34 62.30
CA PRO V 367 -77.14 20.64 62.24
C PRO V 367 -76.73 20.05 63.58
N GLN V 368 -77.06 20.71 64.70
CA GLN V 368 -76.72 20.15 65.99
C GLN V 368 -77.60 18.96 66.36
N GLY V 369 -78.62 18.66 65.56
CA GLY V 369 -79.46 17.51 65.85
C GLY V 369 -80.49 17.82 66.92
N GLY V 370 -81.00 16.74 67.52
CA GLY V 370 -82.03 16.89 68.52
C GLY V 370 -83.39 17.11 67.89
N THR V 371 -84.28 17.74 68.66
CA THR V 371 -85.63 18.02 68.18
C THR V 371 -85.58 18.95 66.97
N ALA V 372 -86.50 18.73 66.04
CA ALA V 372 -86.54 19.53 64.82
C ALA V 372 -87.33 20.80 65.05
N LYS V 373 -86.81 21.93 64.58
CA LYS V 373 -87.49 23.20 64.69
C LYS V 373 -88.61 23.27 63.67
N THR V 374 -89.79 23.71 64.11
CA THR V 374 -90.97 23.74 63.26
C THR V 374 -91.49 25.17 63.14
N ALA V 375 -91.87 25.55 61.92
CA ALA V 375 -92.49 26.84 61.65
C ALA V 375 -93.83 26.61 60.98
N THR V 376 -94.87 27.24 61.49
CA THR V 376 -96.22 27.05 60.99
C THR V 376 -96.66 28.23 60.16
N VAL V 377 -97.66 28.00 59.31
CA VAL V 377 -98.23 29.04 58.48
C VAL V 377 -99.67 28.67 58.18
N THR V 378 -100.52 29.67 58.08
CA THR V 378 -101.95 29.48 57.79
C THR V 378 -102.22 29.96 56.37
N VAL V 379 -102.90 29.13 55.60
CA VAL V 379 -103.18 29.41 54.20
C VAL V 379 -104.69 29.40 53.99
N THR V 380 -105.19 30.36 53.22
CA THR V 380 -106.59 30.42 52.85
C THR V 380 -106.69 30.27 51.33
N VAL V 381 -107.49 29.30 50.90
CA VAL V 381 -107.59 28.90 49.50
C VAL V 381 -108.97 29.28 48.99
N PRO V 382 -109.06 30.04 47.88
CA PRO V 382 -110.35 30.45 47.31
C PRO V 382 -110.91 29.44 46.32
N ALA W 2 -113.58 108.58 67.42
CA ALA W 2 -112.16 108.34 67.64
C ALA W 2 -111.36 108.73 66.41
N HIS W 3 -110.04 108.75 66.55
CA HIS W 3 -109.17 109.09 65.43
C HIS W 3 -109.10 107.92 64.45
N ILE W 4 -109.39 108.20 63.19
CA ILE W 4 -109.33 107.20 62.12
C ILE W 4 -108.21 107.60 61.17
N PHE W 5 -107.32 106.66 60.90
CA PHE W 5 -106.18 106.90 60.02
C PHE W 5 -106.22 105.94 58.85
N VAL W 6 -105.93 106.45 57.66
CA VAL W 6 -105.87 105.65 56.45
C VAL W 6 -104.43 105.24 56.23
N LYS W 7 -104.18 103.93 56.22
CA LYS W 7 -102.82 103.44 56.12
C LYS W 7 -102.71 102.45 54.96
N PRO W 8 -101.59 102.45 54.25
CA PRO W 8 -101.44 101.50 53.14
C PRO W 8 -101.27 100.09 53.65
N GLU W 9 -101.68 99.13 52.84
CA GLU W 9 -101.29 97.75 53.07
C GLU W 9 -99.80 97.61 52.83
N LEU W 10 -99.14 96.82 53.66
CA LEU W 10 -97.70 96.65 53.56
C LEU W 10 -97.37 95.17 53.41
N VAL W 11 -96.53 94.86 52.43
CA VAL W 11 -96.11 93.49 52.16
C VAL W 11 -94.60 93.46 52.07
N ALA W 12 -93.98 92.54 52.80
CA ALA W 12 -92.53 92.39 52.79
C ALA W 12 -92.20 90.91 52.71
N GLU W 13 -91.02 90.61 52.19
CA GLU W 13 -90.50 89.26 52.12
C GLU W 13 -89.25 89.16 52.99
N ILE W 14 -89.25 88.23 53.93
CA ILE W 14 -88.14 88.11 54.87
C ILE W 14 -87.51 86.73 54.77
N GLY W 15 -87.56 86.13 53.59
CA GLY W 15 -86.93 84.84 53.37
C GLY W 15 -87.73 83.66 53.86
N VAL W 16 -88.93 83.87 54.39
CA VAL W 16 -89.81 82.76 54.75
C VAL W 16 -90.43 82.22 53.46
N LYS W 17 -90.28 80.92 53.23
CA LYS W 17 -90.77 80.30 52.01
C LYS W 17 -91.36 78.95 52.38
N GLN W 18 -91.64 78.15 51.36
CA GLN W 18 -92.10 76.78 51.57
C GLN W 18 -90.90 75.84 51.53
N LEU W 19 -90.78 75.03 52.57
CA LEU W 19 -89.63 74.13 52.67
C LEU W 19 -89.80 72.97 51.69
N GLN W 20 -88.76 72.73 50.90
CA GLN W 20 -88.79 71.70 49.88
C GLN W 20 -87.55 70.83 49.99
N ARG W 21 -87.68 69.58 49.56
CA ARG W 21 -86.60 68.62 49.70
C ARG W 21 -85.44 68.98 48.80
N GLU W 22 -84.30 68.33 49.05
CA GLU W 22 -83.12 68.47 48.22
C GLU W 22 -83.08 67.33 47.22
N ILE W 23 -82.99 67.67 45.94
CA ILE W 23 -83.06 66.70 44.86
C ILE W 23 -81.72 65.98 44.78
N VAL W 24 -81.70 64.70 45.14
CA VAL W 24 -80.45 63.95 45.17
C VAL W 24 -80.57 62.68 44.34
N LEU W 25 -81.80 62.20 44.14
CA LEU W 25 -82.00 60.93 43.45
C LEU W 25 -81.55 60.93 41.99
N PRO W 26 -81.88 61.93 41.16
CA PRO W 26 -81.56 61.81 39.73
C PRO W 26 -80.08 61.71 39.44
N GLY W 27 -79.22 62.15 40.33
CA GLY W 27 -77.80 62.02 40.08
C GLY W 27 -77.22 60.66 40.34
N LEU W 28 -78.03 59.71 40.81
CA LEU W 28 -77.55 58.39 41.20
C LEU W 28 -77.87 57.30 40.19
N VAL W 29 -79.10 57.27 39.67
CA VAL W 29 -79.49 56.17 38.80
C VAL W 29 -78.79 56.27 37.46
N TRP W 30 -78.84 55.17 36.71
CA TRP W 30 -78.21 55.09 35.40
C TRP W 30 -79.00 55.93 34.41
N THR W 31 -78.39 56.99 33.89
CA THR W 31 -79.08 57.93 33.02
C THR W 31 -78.51 57.82 31.61
N ASN W 32 -79.41 57.67 30.64
CA ASN W 32 -79.11 57.71 29.22
C ASN W 32 -77.98 56.77 28.81
N PRO W 33 -78.17 55.47 28.88
CA PRO W 33 -77.24 54.57 28.21
C PRO W 33 -77.65 54.37 26.75
N LEU W 34 -78.92 54.60 26.48
CA LEU W 34 -79.50 54.47 25.15
C LEU W 34 -80.08 55.82 24.74
N THR W 35 -79.64 56.33 23.60
CA THR W 35 -80.05 57.66 23.14
C THR W 35 -80.86 57.64 21.86
N ASP W 36 -80.53 56.75 20.92
CA ASP W 36 -81.19 56.75 19.61
C ASP W 36 -82.55 56.08 19.73
N PHE W 37 -83.44 56.74 20.46
CA PHE W 37 -84.80 56.24 20.60
C PHE W 37 -85.65 56.49 19.36
N GLY W 38 -85.31 57.49 18.58
CA GLY W 38 -85.82 57.54 17.23
C GLY W 38 -85.11 56.52 16.36
N GLY W 39 -85.71 56.23 15.22
CA GLY W 39 -85.14 55.22 14.36
C GLY W 39 -85.35 53.80 14.83
N SER W 40 -86.19 53.58 15.83
CA SER W 40 -86.58 52.24 16.26
C SER W 40 -88.09 52.22 16.43
N LYS W 41 -88.75 51.22 15.85
CA LYS W 41 -90.19 51.19 15.88
C LYS W 41 -90.70 51.00 17.30
N ASN W 42 -91.81 51.67 17.60
CA ASN W 42 -92.42 51.72 18.94
C ASN W 42 -91.50 52.36 19.96
N ASP W 43 -90.52 53.14 19.50
CA ASP W 43 -89.64 53.91 20.38
C ASP W 43 -88.95 53.02 21.40
N THR W 44 -88.56 51.83 20.97
CA THR W 44 -88.01 50.81 21.85
C THR W 44 -86.67 50.33 21.31
N ILE W 45 -85.66 50.28 22.17
CA ILE W 45 -84.39 49.66 21.85
C ILE W 45 -84.32 48.37 22.65
N THR W 46 -84.11 47.26 21.95
CA THR W 46 -84.12 45.94 22.59
C THR W 46 -82.69 45.59 22.98
N VAL W 47 -82.33 45.90 24.22
CA VAL W 47 -81.01 45.54 24.73
C VAL W 47 -80.84 44.03 24.71
N ARG W 48 -79.69 43.57 24.27
CA ARG W 48 -79.39 42.15 24.16
C ARG W 48 -78.48 41.71 25.29
N VAL W 49 -78.97 40.81 26.13
CA VAL W 49 -78.18 40.19 27.18
C VAL W 49 -77.55 38.92 26.61
N PRO W 50 -76.22 38.78 26.64
CA PRO W 50 -75.56 37.68 25.94
C PRO W 50 -75.94 36.33 26.52
N ALA W 51 -75.54 35.29 25.79
CA ALA W 51 -75.89 33.92 26.13
C ALA W 51 -74.84 33.26 26.99
N ILE W 52 -75.29 32.36 27.85
CA ILE W 52 -74.41 31.52 28.65
C ILE W 52 -74.81 30.07 28.43
N THR W 53 -73.86 29.18 28.67
CA THR W 53 -74.06 27.76 28.45
C THR W 53 -73.63 26.96 29.67
N THR W 54 -73.94 25.67 29.64
CA THR W 54 -73.57 24.76 30.71
C THR W 54 -72.77 23.60 30.14
N ALA W 55 -71.86 23.08 30.96
CA ALA W 55 -71.08 21.92 30.61
C ALA W 55 -71.71 20.66 31.17
N ASN W 56 -71.19 19.52 30.74
CA ASN W 56 -71.73 18.24 31.16
C ASN W 56 -70.61 17.32 31.63
N ARG W 57 -70.95 16.41 32.53
CA ARG W 57 -70.01 15.41 33.02
C ARG W 57 -70.33 14.08 32.38
N ARG W 58 -69.35 13.50 31.70
CA ARG W 58 -69.46 12.17 31.12
C ARG W 58 -68.54 11.24 31.88
N ASP W 59 -69.08 10.14 32.37
CA ASP W 59 -68.27 9.16 33.07
C ASP W 59 -67.26 8.57 32.10
N LEU W 60 -65.98 8.68 32.43
CA LEU W 60 -64.95 8.18 31.54
C LEU W 60 -65.06 6.66 31.42
N ARG W 61 -64.74 6.16 30.22
CA ARG W 61 -64.90 4.74 29.88
C ARG W 61 -66.37 4.32 30.05
N ASP W 62 -67.23 4.94 29.24
CA ASP W 62 -68.66 4.70 29.20
C ASP W 62 -69.05 3.99 27.91
N PRO W 63 -70.11 3.17 27.93
CA PRO W 63 -70.52 2.47 26.70
C PRO W 63 -70.80 3.41 25.55
N ASP W 64 -71.72 4.34 25.74
CA ASP W 64 -72.10 5.30 24.72
C ASP W 64 -71.77 6.70 25.20
N ARG W 65 -71.02 7.44 24.38
CA ARG W 65 -70.66 8.81 24.73
C ARG W 65 -71.90 9.68 24.88
N THR W 66 -72.78 9.65 23.88
CA THR W 66 -73.98 10.47 23.83
C THR W 66 -73.68 11.89 24.26
N VAL W 67 -72.72 12.50 23.56
CA VAL W 67 -72.27 13.85 23.88
C VAL W 67 -73.46 14.79 23.69
N ILE W 68 -73.92 15.36 24.80
CA ILE W 68 -75.11 16.21 24.78
C ILE W 68 -74.70 17.61 24.36
N ALA W 69 -75.19 18.06 23.21
CA ALA W 69 -74.90 19.40 22.75
C ALA W 69 -75.58 20.42 23.65
N SER W 70 -74.87 21.51 23.92
CA SER W 70 -75.41 22.59 24.73
C SER W 70 -76.13 23.59 23.81
N GLU W 71 -76.71 24.62 24.42
CA GLU W 71 -77.47 25.63 23.69
C GLU W 71 -76.99 27.01 24.09
N LEU W 72 -77.10 27.95 23.16
CA LEU W 72 -76.74 29.35 23.38
C LEU W 72 -77.99 30.19 23.19
N VAL W 73 -78.73 30.40 24.27
CA VAL W 73 -79.95 31.18 24.24
C VAL W 73 -79.64 32.55 24.81
N GLU W 74 -79.44 33.53 23.94
CA GLU W 74 -79.22 34.90 24.37
C GLU W 74 -80.53 35.65 24.43
N HIS W 75 -80.71 36.46 25.46
CA HIS W 75 -82.01 37.05 25.75
C HIS W 75 -82.00 38.54 25.45
N SER W 76 -83.15 39.18 25.66
CA SER W 76 -83.27 40.59 25.36
C SER W 76 -84.38 41.19 26.19
N PHE W 77 -84.32 42.52 26.33
CA PHE W 77 -85.38 43.26 26.98
C PHE W 77 -85.42 44.67 26.40
N GLY W 78 -86.62 45.21 26.25
CA GLY W 78 -86.82 46.46 25.55
C GLY W 78 -86.94 47.65 26.47
N VAL W 79 -86.07 48.64 26.27
CA VAL W 79 -86.17 49.92 26.94
C VAL W 79 -86.89 50.88 26.02
N THR W 80 -87.93 51.53 26.55
CA THR W 80 -88.84 52.31 25.73
C THR W 80 -89.00 53.72 26.30
N LEU W 81 -89.41 54.64 25.43
CA LEU W 81 -89.65 56.03 25.78
C LEU W 81 -91.15 56.26 25.74
N ASP W 82 -91.78 56.41 26.91
CA ASP W 82 -93.23 56.42 26.92
C ASP W 82 -93.85 57.45 27.87
N LYS W 83 -93.12 58.46 28.31
CA LYS W 83 -93.70 59.51 29.13
C LYS W 83 -93.28 60.86 28.61
N HIS W 84 -94.14 61.85 28.84
CA HIS W 84 -93.90 63.23 28.41
C HIS W 84 -94.18 64.11 29.62
N VAL W 85 -93.13 64.52 30.33
CA VAL W 85 -93.27 65.29 31.55
C VAL W 85 -93.27 66.76 31.19
N TYR W 86 -94.32 67.47 31.56
CA TYR W 86 -94.49 68.86 31.16
C TYR W 86 -94.97 69.69 32.34
N ALA W 87 -94.92 71.00 32.14
CA ALA W 87 -95.50 71.96 33.07
C ALA W 87 -95.93 73.15 32.22
N ALA W 88 -97.23 73.44 32.22
CA ALA W 88 -97.79 74.44 31.32
C ALA W 88 -98.58 75.49 32.10
N LEU W 89 -98.55 76.71 31.59
CA LEU W 89 -99.22 77.84 32.23
C LEU W 89 -99.95 78.64 31.17
N LYS W 90 -101.01 79.34 31.60
CA LYS W 90 -101.67 80.30 30.75
C LYS W 90 -101.98 81.55 31.55
N PHE W 91 -101.61 82.70 31.01
CA PHE W 91 -101.84 83.99 31.63
C PHE W 91 -102.67 84.86 30.69
N THR W 92 -103.78 85.38 31.19
CA THR W 92 -104.50 86.36 30.39
C THR W 92 -103.69 87.66 30.33
N ASP W 93 -104.04 88.53 29.39
CA ASP W 93 -103.33 89.79 29.26
C ASP W 93 -103.44 90.64 30.51
N GLU W 94 -104.59 90.58 31.19
CA GLU W 94 -104.74 91.30 32.45
C GLU W 94 -103.67 90.86 33.44
N GLN W 95 -103.45 89.54 33.53
CA GLN W 95 -102.49 89.03 34.50
C GLN W 95 -101.05 89.29 34.06
N ARG W 96 -100.77 89.17 32.77
CA ARG W 96 -99.42 89.40 32.29
C ARG W 96 -99.02 90.85 32.48
N THR W 97 -99.94 91.79 32.26
CA THR W 97 -99.61 93.19 32.41
C THR W 97 -99.51 93.61 33.87
N LEU W 98 -100.40 93.09 34.72
CA LEU W 98 -100.55 93.59 36.08
C LEU W 98 -100.06 92.62 37.15
N ASP W 99 -100.55 91.37 37.15
CA ASP W 99 -100.21 90.46 38.24
C ASP W 99 -98.71 90.19 38.31
N ILE W 100 -98.08 89.96 37.17
CA ILE W 100 -96.68 89.54 37.13
C ILE W 100 -95.79 90.77 37.16
N ARG W 101 -94.87 90.80 38.12
CA ARG W 101 -93.90 91.87 38.26
C ARG W 101 -92.52 91.48 37.74
N ASP W 102 -92.07 90.26 38.01
CA ASP W 102 -90.79 89.76 37.54
C ASP W 102 -91.04 88.38 36.91
N TYR W 103 -91.03 88.33 35.58
CA TYR W 103 -91.45 87.11 34.90
C TYR W 103 -90.50 85.95 35.20
N THR W 104 -89.20 86.21 35.18
CA THR W 104 -88.24 85.12 35.35
C THR W 104 -88.36 84.49 36.73
N LYS W 105 -88.41 85.32 37.77
CA LYS W 105 -88.44 84.78 39.13
C LYS W 105 -89.80 84.24 39.51
N GLN W 106 -90.87 84.80 38.96
CA GLN W 106 -92.22 84.40 39.34
C GLN W 106 -92.79 83.28 38.49
N VAL W 107 -92.18 82.99 37.34
CA VAL W 107 -92.77 82.01 36.43
C VAL W 107 -91.75 80.94 36.04
N LEU W 108 -90.61 81.35 35.50
CA LEU W 108 -89.65 80.39 34.98
C LEU W 108 -89.03 79.55 36.10
N MET W 109 -88.59 80.20 37.18
CA MET W 109 -88.01 79.44 38.29
C MET W 109 -89.00 78.47 38.92
N PRO W 110 -90.23 78.86 39.26
CA PRO W 110 -91.18 77.86 39.78
C PRO W 110 -91.46 76.74 38.79
N GLN W 111 -91.53 77.04 37.49
CA GLN W 111 -91.82 76.02 36.50
C GLN W 111 -90.68 75.00 36.43
N VAL W 112 -89.44 75.48 36.37
CA VAL W 112 -88.30 74.58 36.29
C VAL W 112 -88.20 73.76 37.57
N SER W 113 -88.45 74.39 38.72
CA SER W 113 -88.42 73.64 39.98
C SER W 113 -89.48 72.54 39.99
N ALA W 114 -90.67 72.85 39.49
CA ALA W 114 -91.74 71.85 39.45
C ALA W 114 -91.36 70.67 38.56
N VAL W 115 -90.78 70.96 37.40
CA VAL W 115 -90.38 69.86 36.51
C VAL W 115 -89.28 69.03 37.15
N ALA W 116 -88.32 69.67 37.81
CA ALA W 116 -87.25 68.91 38.46
C ALA W 116 -87.80 68.00 39.55
N TYR W 117 -88.72 68.52 40.36
CA TYR W 117 -89.30 67.69 41.42
C TYR W 117 -90.14 66.57 40.85
N GLU W 118 -90.84 66.81 39.74
CA GLU W 118 -91.60 65.74 39.10
C GLU W 118 -90.67 64.65 38.58
N LEU W 119 -89.53 65.04 38.02
CA LEU W 119 -88.58 64.04 37.56
C LEU W 119 -88.03 63.22 38.73
N GLU W 120 -87.74 63.88 39.85
CA GLU W 120 -87.28 63.13 41.02
C GLU W 120 -88.34 62.16 41.51
N ASP W 121 -89.60 62.59 41.52
CA ASP W 121 -90.68 61.68 41.88
C ASP W 121 -90.79 60.53 40.89
N TYR W 122 -90.49 60.78 39.62
CA TYR W 122 -90.47 59.73 38.62
C TYR W 122 -89.41 58.68 38.97
N ILE W 123 -88.21 59.13 39.30
CA ILE W 123 -87.15 58.21 39.71
C ILE W 123 -87.56 57.42 40.95
N ALA W 124 -88.11 58.11 41.94
CA ALA W 124 -88.60 57.43 43.13
C ALA W 124 -89.58 56.34 42.77
N GLU W 125 -90.70 56.71 42.13
CA GLU W 125 -91.72 55.75 41.74
C GLU W 125 -91.12 54.57 41.00
N LEU W 126 -90.05 54.80 40.24
CA LEU W 126 -89.30 53.69 39.68
C LEU W 126 -88.73 52.80 40.79
N ILE W 127 -88.09 53.41 41.78
CA ILE W 127 -87.33 52.63 42.75
C ILE W 127 -88.26 51.85 43.69
N GLU W 128 -89.26 52.51 44.28
CA GLU W 128 -90.23 51.77 45.09
C GLU W 128 -91.01 50.77 44.25
N GLY W 129 -91.42 51.16 43.04
CA GLY W 129 -92.27 50.28 42.26
C GLY W 129 -91.59 49.00 41.79
N ALA W 130 -90.29 48.87 42.00
CA ALA W 130 -89.58 47.69 41.55
C ALA W 130 -90.09 46.46 42.29
N PRO W 131 -90.10 45.30 41.63
CA PRO W 131 -90.56 44.06 42.27
C PRO W 131 -89.46 43.43 43.10
N TYR W 132 -89.62 43.47 44.41
CA TYR W 132 -88.64 42.93 45.35
C TYR W 132 -89.17 41.63 45.93
N GLU W 133 -88.37 40.56 45.84
CA GLU W 133 -88.80 39.27 46.36
C GLU W 133 -88.87 39.29 47.89
N GLU W 134 -87.82 39.78 48.53
CA GLU W 134 -87.72 39.75 49.98
C GLU W 134 -87.44 41.14 50.50
N THR W 135 -88.20 41.58 51.49
CA THR W 135 -87.98 42.85 52.16
C THR W 135 -87.26 42.55 53.46
N ILE W 136 -86.01 42.97 53.56
CA ILE W 136 -85.21 42.73 54.76
C ILE W 136 -85.68 43.65 55.86
N LEU W 137 -85.85 43.10 57.05
CA LEU W 137 -86.36 43.84 58.20
C LEU W 137 -85.20 44.30 59.05
N ILE W 138 -85.09 45.61 59.24
CA ILE W 138 -84.01 46.20 60.03
C ILE W 138 -84.44 46.26 61.48
N ASP W 139 -83.66 45.64 62.36
CA ASP W 139 -83.95 45.72 63.78
C ASP W 139 -83.51 47.07 64.32
N PRO W 140 -84.41 47.87 64.87
CA PRO W 140 -83.98 49.19 65.40
C PRO W 140 -82.95 49.08 66.50
N ALA W 141 -82.99 48.03 67.31
CA ALA W 141 -82.02 47.86 68.37
C ALA W 141 -80.66 47.41 67.85
N ASP W 142 -80.64 46.67 66.73
CA ASP W 142 -79.40 46.15 66.15
C ASP W 142 -79.55 46.27 64.64
N THR W 143 -79.05 47.38 64.08
CA THR W 143 -79.26 47.68 62.68
C THR W 143 -78.24 47.02 61.77
N VAL W 144 -77.02 46.79 62.24
CA VAL W 144 -75.98 46.25 61.37
C VAL W 144 -76.34 44.90 60.77
N PRO W 145 -76.88 43.94 61.52
CA PRO W 145 -77.18 42.63 60.90
C PRO W 145 -78.07 42.73 59.68
N ALA W 146 -79.01 43.67 59.65
CA ALA W 146 -79.85 43.82 58.46
C ALA W 146 -79.02 44.20 57.26
N PHE W 147 -78.07 45.13 57.42
CA PHE W 147 -77.26 45.54 56.29
C PHE W 147 -76.23 44.49 55.90
N ILE W 148 -75.70 43.74 56.87
CA ILE W 148 -74.83 42.62 56.52
C ILE W 148 -75.62 41.59 55.73
N THR W 149 -76.88 41.36 56.10
CA THR W 149 -77.73 40.46 55.33
C THR W 149 -77.98 40.99 53.94
N ALA W 150 -78.19 42.31 53.81
CA ALA W 150 -78.38 42.89 52.49
C ALA W 150 -77.16 42.67 51.61
N ASP W 151 -75.97 42.91 52.16
CA ASP W 151 -74.75 42.66 51.40
C ASP W 151 -74.61 41.18 51.06
N GLN W 152 -74.96 40.30 51.99
CA GLN W 152 -74.85 38.87 51.72
C GLN W 152 -75.80 38.44 50.61
N ARG W 153 -77.02 38.96 50.61
CA ARG W 153 -77.97 38.62 49.56
C ARG W 153 -77.52 39.16 48.21
N MET W 154 -76.96 40.37 48.19
CA MET W 154 -76.42 40.89 46.93
C MET W 154 -75.27 40.03 46.44
N GLY W 155 -74.39 39.60 47.33
CA GLY W 155 -73.29 38.73 46.94
C GLY W 155 -73.74 37.36 46.49
N GLU W 156 -74.82 36.85 47.09
CA GLU W 156 -75.33 35.54 46.72
C GLU W 156 -75.82 35.53 45.28
N ALA W 157 -76.45 36.60 44.84
CA ALA W 157 -76.90 36.74 43.46
C ALA W 157 -75.78 37.08 42.49
N ASN W 158 -74.53 37.10 42.98
CA ASN W 158 -73.36 37.37 42.16
C ASN W 158 -73.36 38.77 41.57
N VAL W 159 -74.06 39.70 42.19
CA VAL W 159 -74.06 41.09 41.74
C VAL W 159 -72.67 41.68 41.96
N PRO W 160 -72.14 42.47 41.03
CA PRO W 160 -70.80 43.05 41.22
C PRO W 160 -70.73 43.89 42.48
N THR W 161 -69.55 43.88 43.10
CA THR W 161 -69.34 44.55 44.37
C THR W 161 -69.11 46.05 44.25
N ASP W 162 -68.90 46.56 43.05
CA ASP W 162 -68.64 47.98 42.85
C ASP W 162 -69.86 48.67 42.27
N SER W 163 -69.82 50.01 42.32
CA SER W 163 -70.88 50.85 41.79
C SER W 163 -72.23 50.57 42.45
N ARG W 164 -72.21 50.17 43.71
CA ARG W 164 -73.44 50.00 44.48
C ARG W 164 -73.84 51.33 45.10
N ARG W 165 -75.14 51.55 45.24
CA ARG W 165 -75.67 52.76 45.83
C ARG W 165 -76.64 52.37 46.94
N LEU W 166 -76.50 53.02 48.09
CA LEU W 166 -77.38 52.79 49.24
C LEU W 166 -78.04 54.10 49.62
N VAL W 167 -79.36 54.18 49.41
CA VAL W 167 -80.15 55.38 49.69
C VAL W 167 -81.14 55.04 50.78
N VAL W 168 -81.08 55.76 51.89
CA VAL W 168 -81.92 55.49 53.04
C VAL W 168 -82.85 56.67 53.28
N GLY W 169 -83.99 56.39 53.88
CA GLY W 169 -84.91 57.44 54.27
C GLY W 169 -84.43 58.14 55.51
N SER W 170 -85.21 59.12 55.94
CA SER W 170 -84.85 59.86 57.15
C SER W 170 -84.87 58.95 58.37
N ALA W 171 -85.90 58.11 58.48
CA ALA W 171 -86.03 57.26 59.67
C ALA W 171 -84.93 56.22 59.73
N VAL W 172 -84.53 55.68 58.59
CA VAL W 172 -83.45 54.69 58.60
C VAL W 172 -82.16 55.33 59.05
N ALA W 173 -81.86 56.54 58.56
CA ALA W 173 -80.65 57.23 58.99
C ALA W 173 -80.69 57.52 60.49
N ALA W 174 -81.84 57.96 60.98
CA ALA W 174 -81.97 58.18 62.42
C ALA W 174 -81.77 56.90 63.20
N ALA W 175 -82.31 55.79 62.70
CA ALA W 175 -82.15 54.51 63.38
C ALA W 175 -80.69 54.09 63.42
N LEU W 176 -79.97 54.32 62.33
CA LEU W 176 -78.53 54.02 62.33
C LEU W 176 -77.81 54.88 63.35
N ALA W 177 -78.15 56.16 63.43
CA ALA W 177 -77.47 57.05 64.37
C ALA W 177 -77.82 56.69 65.81
N LYS W 178 -79.04 56.23 66.06
CA LYS W 178 -79.50 55.92 67.39
C LYS W 178 -79.04 54.55 67.88
N ASP W 179 -78.44 53.74 67.02
CA ASP W 179 -78.01 52.42 67.41
C ASP W 179 -76.79 52.51 68.30
N LYS W 180 -76.81 51.75 69.40
CA LYS W 180 -75.66 51.74 70.30
C LYS W 180 -74.40 51.27 69.63
N GLN W 181 -74.52 50.53 68.53
CA GLN W 181 -73.34 50.03 67.84
C GLN W 181 -72.50 51.18 67.27
N PHE W 182 -73.15 52.20 66.72
CA PHE W 182 -72.43 53.36 66.21
C PHE W 182 -72.30 54.46 67.23
N ARG W 183 -73.28 54.56 68.14
CA ARG W 183 -73.28 55.66 69.09
C ARG W 183 -72.15 55.51 70.11
N HIS W 184 -71.94 54.30 70.61
CA HIS W 184 -70.89 54.06 71.60
C HIS W 184 -69.53 54.03 70.92
N ALA W 185 -68.59 54.80 71.45
CA ALA W 185 -67.29 54.96 70.80
C ALA W 185 -66.51 53.66 70.79
N ASP W 186 -66.56 52.90 71.88
CA ASP W 186 -65.81 51.65 71.92
C ASP W 186 -66.34 50.65 70.92
N TRP W 187 -67.67 50.54 70.79
CA TRP W 187 -68.24 49.58 69.88
C TRP W 187 -68.00 49.99 68.43
N SER W 188 -68.29 51.24 68.10
CA SER W 188 -68.09 51.70 66.72
C SER W 188 -66.61 51.75 66.37
N GLY W 189 -65.78 52.22 67.29
CA GLY W 189 -64.35 52.25 67.11
C GLY W 189 -63.79 53.61 66.79
N ASP W 190 -64.61 54.58 66.40
CA ASP W 190 -64.13 55.91 66.08
C ASP W 190 -64.24 56.80 67.32
N GLN W 191 -63.08 57.24 67.83
CA GLN W 191 -63.08 58.09 69.02
C GLN W 191 -63.67 59.46 68.74
N ALA W 192 -63.69 59.89 67.48
CA ALA W 192 -64.36 61.15 67.16
C ALA W 192 -65.85 61.08 67.44
N ASN W 193 -66.44 59.90 67.28
CA ASN W 193 -67.85 59.67 67.58
C ASN W 193 -68.75 60.61 66.79
N ALA W 194 -68.68 60.47 65.46
CA ALA W 194 -69.56 61.25 64.60
C ALA W 194 -71.01 60.89 64.80
N ALA W 195 -71.30 59.67 65.28
CA ALA W 195 -72.68 59.25 65.48
C ALA W 195 -73.31 59.82 66.74
N LEU W 196 -72.52 60.44 67.61
CA LEU W 196 -73.04 61.08 68.81
C LEU W 196 -72.91 62.60 68.76
N ARG W 197 -71.75 63.09 68.34
CA ARG W 197 -71.61 64.52 68.14
C ARG W 197 -72.50 65.01 67.01
N GLU W 198 -72.81 64.14 66.05
CA GLU W 198 -73.81 64.42 65.02
C GLU W 198 -74.70 63.20 64.89
N ALA W 199 -75.65 63.28 63.96
CA ALA W 199 -76.50 62.13 63.63
C ALA W 199 -76.01 61.45 62.35
N HIS W 200 -74.74 61.61 62.03
CA HIS W 200 -74.18 61.20 60.75
C HIS W 200 -73.39 59.92 60.92
N VAL W 201 -73.72 58.91 60.14
CA VAL W 201 -73.04 57.62 60.22
C VAL W 201 -72.06 57.39 59.08
N GLY W 202 -72.27 57.99 57.93
CA GLY W 202 -71.33 57.81 56.84
C GLY W 202 -71.31 56.37 56.37
N ARG W 203 -70.11 55.80 56.31
CA ARG W 203 -69.95 54.47 55.73
C ARG W 203 -70.49 53.40 56.68
N LEU W 204 -71.02 52.34 56.08
CA LEU W 204 -71.71 51.30 56.85
C LEU W 204 -71.72 50.02 56.05
N ALA W 205 -71.15 48.95 56.61
CA ALA W 205 -71.17 47.63 55.99
C ALA W 205 -70.65 47.67 54.56
N GLY W 206 -69.61 48.47 54.34
CA GLY W 206 -69.07 48.60 53.01
C GLY W 206 -69.92 49.39 52.04
N MET W 207 -70.82 50.23 52.56
CA MET W 207 -71.68 51.05 51.72
C MET W 207 -71.70 52.47 52.28
N ASN W 208 -71.77 53.46 51.39
CA ASN W 208 -71.83 54.86 51.78
C ASN W 208 -73.28 55.29 51.82
N VAL W 209 -73.78 55.54 53.03
CA VAL W 209 -75.18 55.89 53.22
C VAL W 209 -75.47 57.23 52.57
N ILE W 210 -76.56 57.32 51.81
CA ILE W 210 -77.02 58.57 51.23
C ILE W 210 -78.43 58.85 51.72
N ARG W 211 -78.62 59.98 52.37
CA ARG W 211 -79.93 60.37 52.86
C ARG W 211 -80.77 60.95 51.74
N SER W 212 -82.07 60.69 51.79
CA SER W 212 -83.01 61.25 50.83
C SER W 212 -84.37 61.35 51.48
N ASN W 213 -85.20 62.22 50.94
CA ASN W 213 -86.57 62.38 51.43
C ASN W 213 -87.61 61.89 50.45
N ALA W 214 -87.25 61.70 49.18
CA ALA W 214 -88.23 61.27 48.19
C ALA W 214 -88.77 59.89 48.53
N ILE W 215 -87.89 58.98 48.94
CA ILE W 215 -88.29 57.62 49.28
C ILE W 215 -89.02 57.62 50.62
N ALA W 216 -89.68 56.50 50.93
CA ALA W 216 -90.45 56.41 52.15
C ALA W 216 -89.54 56.60 53.36
N PRO W 217 -90.06 57.17 54.45
CA PRO W 217 -89.18 57.53 55.57
C PRO W 217 -88.40 56.36 56.15
N ASP W 218 -88.98 55.17 56.22
CA ASP W 218 -88.36 54.06 56.92
C ASP W 218 -87.93 52.94 55.98
N LYS W 219 -87.54 53.27 54.76
CA LYS W 219 -87.17 52.26 53.79
C LYS W 219 -85.84 52.64 53.15
N ALA W 220 -84.98 51.65 52.97
CA ALA W 220 -83.68 51.85 52.33
C ALA W 220 -83.61 50.98 51.09
N TYR W 221 -82.82 51.43 50.12
CA TYR W 221 -82.67 50.71 48.86
C TYR W 221 -81.20 50.63 48.50
N LEU W 222 -80.74 49.43 48.23
CA LEU W 222 -79.35 49.18 47.84
C LEU W 222 -79.36 48.56 46.46
N TRP W 223 -78.89 49.30 45.47
CA TRP W 223 -78.98 48.82 44.10
C TRP W 223 -77.65 48.96 43.37
N HIS W 224 -77.34 47.99 42.53
CA HIS W 224 -76.23 48.09 41.62
C HIS W 224 -76.55 49.11 40.52
N ARG W 225 -75.50 49.63 39.89
CA ARG W 225 -75.69 50.70 38.92
C ARG W 225 -76.61 50.29 37.79
N THR W 226 -76.60 49.01 37.41
CA THR W 226 -77.36 48.55 36.25
C THR W 226 -78.78 48.15 36.59
N ALA W 227 -79.23 48.34 37.82
CA ALA W 227 -80.56 47.89 38.20
C ALA W 227 -81.63 48.71 37.49
N PHE W 228 -81.49 50.03 37.48
CA PHE W 228 -82.49 50.93 36.93
C PHE W 228 -81.89 51.75 35.80
N ILE W 229 -82.65 51.94 34.73
CA ILE W 229 -82.20 52.67 33.55
C ILE W 229 -83.15 53.82 33.30
N LEU W 230 -82.60 55.02 33.14
CA LEU W 230 -83.38 56.21 32.82
C LEU W 230 -82.97 56.73 31.46
N ALA W 231 -83.95 57.18 30.68
CA ALA W 231 -83.71 57.72 29.36
C ALA W 231 -84.46 59.03 29.22
N TYR W 232 -83.79 60.03 28.66
CA TYR W 232 -84.36 61.36 28.50
C TYR W 232 -84.16 61.83 27.08
N ARG W 233 -85.09 62.64 26.60
CA ARG W 233 -85.01 63.20 25.26
C ARG W 233 -85.61 64.60 25.28
N THR W 234 -84.83 65.58 24.87
CA THR W 234 -85.32 66.95 24.78
C THR W 234 -86.11 67.12 23.48
N PRO W 235 -87.38 67.49 23.54
CA PRO W 235 -88.14 67.69 22.31
C PRO W 235 -87.52 68.79 21.46
N VAL W 236 -87.52 68.58 20.15
CA VAL W 236 -87.00 69.57 19.22
C VAL W 236 -88.06 70.64 19.00
N VAL W 237 -87.70 71.89 19.26
CA VAL W 237 -88.67 72.97 19.06
C VAL W 237 -88.93 73.14 17.56
N PRO W 238 -90.16 73.06 17.10
CA PRO W 238 -90.42 73.17 15.67
C PRO W 238 -90.19 74.58 15.16
N GLU W 239 -89.89 74.67 13.87
CA GLU W 239 -89.67 75.96 13.24
C GLU W 239 -90.92 76.82 13.21
N GLY W 240 -92.09 76.21 13.37
CA GLY W 240 -93.34 76.94 13.35
C GLY W 240 -93.73 77.59 14.64
N ALA W 241 -92.83 77.65 15.62
CA ALA W 241 -93.13 78.23 16.91
C ALA W 241 -92.10 79.28 17.26
N LYS W 242 -92.53 80.29 18.02
CA LYS W 242 -91.62 81.33 18.46
C LYS W 242 -90.47 80.71 19.26
N ALA W 243 -89.25 81.17 18.97
CA ALA W 243 -88.07 80.59 19.59
C ALA W 243 -88.16 80.68 21.10
N GLY W 244 -87.84 79.58 21.77
CA GLY W 244 -87.86 79.54 23.22
C GLY W 244 -86.57 78.99 23.75
N ALA W 245 -86.21 79.47 24.94
CA ALA W 245 -84.96 79.04 25.57
C ALA W 245 -85.07 77.58 26.01
N SER W 246 -83.91 76.97 26.23
CA SER W 246 -83.81 75.62 26.73
C SER W 246 -83.24 75.66 28.13
N PHE W 247 -83.93 75.02 29.06
CA PHE W 247 -83.55 75.05 30.47
C PHE W 247 -82.92 73.74 30.88
N SER W 248 -82.47 73.67 32.12
CA SER W 248 -81.83 72.47 32.64
C SER W 248 -82.32 72.22 34.05
N ALA W 249 -82.77 70.99 34.30
CA ALA W 249 -83.16 70.56 35.64
C ALA W 249 -82.48 69.25 35.94
N ASN W 250 -81.76 69.21 37.07
CA ASN W 250 -81.06 68.01 37.52
C ASN W 250 -80.06 67.48 36.51
N GLY W 251 -79.70 68.28 35.50
CA GLY W 251 -78.79 67.84 34.47
C GLY W 251 -79.44 67.41 33.18
N VAL W 252 -80.76 67.48 33.07
CA VAL W 252 -81.47 67.13 31.84
C VAL W 252 -81.99 68.40 31.21
N ALA W 253 -81.95 68.46 29.88
CA ALA W 253 -82.40 69.63 29.16
C ALA W 253 -83.92 69.59 28.97
N LEU W 254 -84.52 70.77 28.97
CA LEU W 254 -85.97 70.93 28.96
C LEU W 254 -86.32 71.96 27.89
N ARG W 255 -87.30 71.64 27.05
CA ARG W 255 -87.73 72.57 26.02
C ARG W 255 -88.80 73.48 26.57
N TRP W 256 -88.59 74.78 26.45
CA TRP W 256 -89.57 75.79 26.83
C TRP W 256 -90.15 76.43 25.58
N LEU W 257 -91.46 76.56 25.54
CA LEU W 257 -92.16 77.02 24.36
C LEU W 257 -93.24 78.01 24.77
N ALA W 258 -93.40 79.07 23.99
CA ALA W 258 -94.42 80.07 24.27
C ALA W 258 -95.27 80.27 23.03
N ASP W 259 -96.54 80.60 23.26
CA ASP W 259 -97.46 80.80 22.14
C ASP W 259 -98.61 81.68 22.62
N TYR W 260 -98.86 82.75 21.87
CA TYR W 260 -99.95 83.66 22.21
C TYR W 260 -101.26 83.13 21.65
N ASP W 261 -102.26 83.02 22.51
CA ASP W 261 -103.59 82.56 22.13
C ASP W 261 -104.46 83.78 21.88
N TYR W 262 -104.62 84.14 20.61
CA TYR W 262 -105.43 85.29 20.26
C TYR W 262 -106.89 85.07 20.62
N SER W 263 -107.40 83.86 20.40
CA SER W 263 -108.80 83.60 20.68
C SER W 263 -109.12 83.78 22.16
N GLN W 264 -108.23 83.31 23.03
CA GLN W 264 -108.40 83.48 24.47
C GLN W 264 -107.76 84.75 24.99
N LEU W 265 -107.13 85.54 24.11
CA LEU W 265 -106.49 86.80 24.49
C LEU W 265 -105.50 86.61 25.63
N GLY W 266 -104.69 85.56 25.52
CA GLY W 266 -103.73 85.27 26.56
C GLY W 266 -102.43 84.69 26.04
N ASP W 267 -101.60 84.19 26.92
CA ASP W 267 -100.33 83.58 26.59
C ASP W 267 -100.27 82.20 27.20
N ARG W 268 -99.67 81.25 26.49
CA ARG W 268 -99.51 79.89 26.98
C ARG W 268 -98.04 79.50 26.89
N THR W 269 -97.53 78.91 27.96
CA THR W 269 -96.16 78.44 28.02
C THR W 269 -96.15 76.97 28.39
N LEU W 270 -95.14 76.26 27.89
CA LEU W 270 -95.03 74.82 28.11
C LEU W 270 -93.57 74.46 28.23
N LEU W 271 -93.17 73.86 29.34
CA LEU W 271 -91.81 73.42 29.57
C LEU W 271 -91.83 71.91 29.79
N ASP W 272 -91.11 71.17 28.95
CA ASP W 272 -91.34 69.73 28.95
C ASP W 272 -90.11 68.96 28.46
N VAL W 273 -90.20 67.64 28.62
CA VAL W 273 -89.16 66.71 28.19
C VAL W 273 -89.82 65.35 28.02
N PHE W 274 -89.16 64.45 27.30
CA PHE W 274 -89.64 63.08 27.14
C PHE W 274 -88.80 62.17 28.02
N THR W 275 -89.46 61.33 28.81
CA THR W 275 -88.78 60.47 29.75
C THR W 275 -89.21 59.02 29.57
N GLY W 276 -88.32 58.11 29.92
CA GLY W 276 -88.63 56.69 29.97
C GLY W 276 -87.77 56.02 31.01
N ARG W 277 -88.30 54.94 31.58
CA ARG W 277 -87.62 54.26 32.67
C ARG W 277 -87.73 52.76 32.48
N LYS W 278 -86.80 52.03 33.10
CA LYS W 278 -86.82 50.58 33.01
C LYS W 278 -86.17 49.99 34.26
N VAL W 279 -86.72 48.87 34.71
CA VAL W 279 -86.13 48.06 35.77
C VAL W 279 -85.53 46.82 35.13
N VAL W 280 -84.23 46.62 35.33
CA VAL W 280 -83.54 45.50 34.71
C VAL W 280 -83.80 44.25 35.52
N THR W 281 -84.54 43.31 34.94
CA THR W 281 -84.81 42.02 35.56
C THR W 281 -84.00 40.94 34.86
N GLU W 282 -83.86 39.81 35.53
CA GLU W 282 -83.07 38.72 34.99
C GLU W 282 -83.87 37.97 33.93
N VAL W 283 -83.23 36.95 33.34
CA VAL W 283 -83.86 36.22 32.24
C VAL W 283 -85.07 35.43 32.73
N ASP W 284 -85.08 35.02 33.98
CA ASP W 284 -86.21 34.29 34.53
C ASP W 284 -87.25 35.19 35.18
N GLY W 285 -87.09 36.51 35.08
CA GLY W 285 -88.02 37.45 35.67
C GLY W 285 -87.69 37.87 37.08
N SER W 286 -86.71 37.25 37.73
CA SER W 286 -86.32 37.66 39.06
C SER W 286 -85.60 38.99 39.01
N PHE W 287 -85.71 39.75 40.09
CA PHE W 287 -85.05 41.05 40.25
C PHE W 287 -84.04 40.91 41.38
N VAL W 288 -82.76 40.82 41.01
CA VAL W 288 -81.70 40.57 41.99
C VAL W 288 -80.68 41.69 42.05
N ARG W 289 -80.77 42.69 41.18
CA ARG W 289 -79.79 43.77 41.20
C ARG W 289 -80.01 44.75 42.34
N ALA W 290 -81.17 44.74 42.98
CA ALA W 290 -81.47 45.67 44.05
C ALA W 290 -82.11 44.94 45.22
N VAL W 291 -81.95 45.53 46.40
CA VAL W 291 -82.43 44.95 47.66
C VAL W 291 -83.10 46.04 48.46
N GLU W 292 -84.25 45.72 49.05
CA GLU W 292 -85.07 46.68 49.77
C GLU W 292 -85.05 46.36 51.26
N LEU W 293 -84.89 47.39 52.08
CA LEU W 293 -84.73 47.26 53.51
C LEU W 293 -85.82 48.05 54.21
N GLN W 294 -86.39 47.50 55.28
CA GLN W 294 -87.45 48.18 55.99
C GLN W 294 -87.26 48.02 57.49
N LEU W 295 -87.54 49.07 58.25
CA LEU W 295 -87.45 48.98 59.70
C LEU W 295 -88.60 48.19 60.28
N GLN W 296 -88.29 47.39 61.29
CA GLN W 296 -89.31 46.68 62.04
C GLN W 296 -90.13 47.68 62.85
N ALA W 297 -91.42 47.37 63.01
CA ALA W 297 -92.32 48.14 63.85
C ALA W 297 -92.80 47.25 64.98
N SER W 298 -92.66 47.71 66.21
CA SER W 298 -93.07 46.94 67.38
C SER W 298 -94.31 47.46 68.07
N SER W 299 -94.55 48.77 68.02
CA SER W 299 -95.74 49.35 68.62
C SER W 299 -95.99 50.70 67.98
N ILE W 300 -97.25 51.12 67.99
CA ILE W 300 -97.65 52.40 67.44
C ILE W 300 -98.44 53.17 68.49
N THR W 301 -98.28 54.49 68.48
CA THR W 301 -98.98 55.37 69.39
C THR W 301 -99.52 56.57 68.62
N ILE W 302 -100.67 57.04 69.04
CA ILE W 302 -101.34 58.17 68.40
C ILE W 302 -100.74 59.47 68.93
N VAL W 303 -100.39 60.38 68.01
CA VAL W 303 -99.68 61.58 68.40
C VAL W 303 -100.55 62.45 69.30
N GLY W 304 -99.92 63.12 70.26
CA GLY W 304 -100.62 64.04 71.13
C GLY W 304 -101.36 63.40 72.28
N GLY W 305 -101.48 62.08 72.30
CA GLY W 305 -102.24 61.45 73.36
C GLY W 305 -103.70 61.83 73.29
N ALA W 306 -104.36 61.82 74.44
CA ALA W 306 -105.75 62.23 74.52
C ALA W 306 -105.90 63.70 74.12
N PHE W 307 -106.90 63.97 73.30
CA PHE W 307 -107.11 65.32 72.77
C PHE W 307 -108.58 65.65 72.82
N ALA W 308 -108.93 66.81 72.26
CA ALA W 308 -110.30 67.29 72.26
C ALA W 308 -110.51 68.18 71.04
N LEU W 309 -111.77 68.33 70.66
CA LEU W 309 -112.12 69.17 69.53
C LEU W 309 -112.35 70.61 69.99
N ALA W 310 -112.37 71.52 69.02
CA ALA W 310 -112.59 72.94 69.33
C ALA W 310 -114.02 73.18 69.79
N THR W 311 -114.99 72.63 69.07
CA THR W 311 -116.40 72.75 69.40
C THR W 311 -117.01 71.37 69.49
N THR W 312 -118.31 71.31 69.77
CA THR W 312 -119.02 70.04 69.76
C THR W 312 -119.16 69.46 68.36
N THR W 313 -118.87 70.26 67.32
CA THR W 313 -118.96 69.81 65.93
C THR W 313 -117.73 70.34 65.20
N GLY W 314 -116.67 69.53 65.17
CA GLY W 314 -115.44 69.93 64.51
C GLY W 314 -114.73 68.71 63.93
N THR W 315 -113.74 68.99 63.10
CA THR W 315 -112.95 67.96 62.45
C THR W 315 -111.47 68.17 62.77
N LYS W 316 -110.79 67.06 63.04
CA LYS W 316 -109.34 67.07 63.26
C LYS W 316 -108.74 65.82 62.65
N GLN W 317 -107.64 65.98 61.92
CA GLN W 317 -106.96 64.84 61.31
C GLN W 317 -106.01 64.22 62.32
N LEU W 318 -106.17 62.92 62.57
CA LEU W 318 -105.27 62.24 63.48
C LEU W 318 -103.93 61.96 62.81
N LYS W 319 -102.99 61.49 63.62
CA LYS W 319 -101.67 61.10 63.13
C LYS W 319 -101.10 60.08 64.10
N VAL W 320 -100.57 58.98 63.58
CA VAL W 320 -100.06 57.89 64.40
C VAL W 320 -98.62 57.63 64.01
N ARG W 321 -97.76 57.42 65.01
CA ARG W 321 -96.36 57.16 64.81
C ARG W 321 -95.97 55.87 65.51
N ASP W 322 -95.17 55.04 64.84
CA ASP W 322 -94.69 53.82 65.46
C ASP W 322 -93.52 54.15 66.38
N ASP W 323 -92.87 53.12 66.92
CA ASP W 323 -91.75 53.33 67.82
C ASP W 323 -90.52 53.90 67.12
N ASN W 324 -90.50 53.90 65.79
CA ASN W 324 -89.40 54.47 65.02
C ASN W 324 -89.65 55.91 64.63
N GLY W 325 -90.80 56.48 65.01
CA GLY W 325 -91.09 57.86 64.73
C GLY W 325 -91.64 58.13 63.34
N THR W 326 -91.84 57.11 62.52
CA THR W 326 -92.38 57.33 61.19
C THR W 326 -93.88 57.63 61.26
N ASP W 327 -94.37 58.33 60.24
CA ASP W 327 -95.78 58.68 60.15
C ASP W 327 -96.48 57.59 59.36
N VAL W 328 -97.17 56.69 60.07
CA VAL W 328 -97.87 55.58 59.45
C VAL W 328 -99.37 55.81 59.40
N THR W 329 -99.81 57.07 59.42
CA THR W 329 -101.24 57.36 59.37
C THR W 329 -101.85 56.87 58.07
N ALA W 330 -101.14 57.04 56.96
CA ALA W 330 -101.70 56.68 55.66
C ALA W 330 -101.94 55.18 55.54
N ARG W 331 -101.22 54.37 56.31
CA ARG W 331 -101.29 52.92 56.19
C ARG W 331 -101.96 52.27 57.41
N CYS W 332 -102.87 52.99 58.06
CA CYS W 332 -103.56 52.48 59.24
C CYS W 332 -105.06 52.37 58.98
N THR W 333 -105.73 51.62 59.84
CA THR W 333 -107.18 51.47 59.81
C THR W 333 -107.76 52.00 61.11
N PHE W 334 -108.72 52.91 61.01
CA PHE W 334 -109.25 53.60 62.18
C PHE W 334 -110.67 53.15 62.47
N ALA W 335 -111.00 53.02 63.76
CA ALA W 335 -112.33 52.66 64.19
C ALA W 335 -112.69 53.46 65.43
N SER W 336 -113.98 53.64 65.64
CA SER W 336 -114.50 54.35 66.81
C SER W 336 -115.32 53.40 67.66
N SER W 337 -115.06 53.40 68.97
CA SER W 337 -115.84 52.54 69.87
C SER W 337 -117.30 52.98 69.91
N ALA W 338 -117.55 54.29 69.96
CA ALA W 338 -118.89 54.84 70.04
C ALA W 338 -119.03 55.94 68.98
N GLY W 339 -119.71 55.63 67.88
CA GLY W 339 -119.91 56.61 66.84
C GLY W 339 -120.95 57.66 67.17
N THR W 340 -121.70 57.48 68.25
CA THR W 340 -122.70 58.47 68.65
C THR W 340 -122.07 59.77 69.13
N LYS W 341 -120.80 59.74 69.55
CA LYS W 341 -120.10 60.93 70.00
C LYS W 341 -119.25 61.53 68.89
N ALA W 342 -118.34 60.74 68.31
CA ALA W 342 -117.50 61.19 67.22
C ALA W 342 -117.34 60.08 66.21
N THR W 343 -117.17 60.46 64.95
CA THR W 343 -117.00 59.52 63.85
C THR W 343 -115.61 59.70 63.26
N VAL W 344 -114.93 58.58 63.02
CA VAL W 344 -113.57 58.60 62.49
C VAL W 344 -113.61 58.20 61.02
N SER W 345 -112.77 58.83 60.22
CA SER W 345 -112.67 58.52 58.81
C SER W 345 -111.63 57.43 58.58
N ALA W 346 -111.66 56.84 57.39
CA ALA W 346 -110.66 55.84 57.04
C ALA W 346 -109.26 56.45 56.98
N ALA W 347 -109.15 57.67 56.44
CA ALA W 347 -107.85 58.32 56.34
C ALA W 347 -107.32 58.79 57.68
N GLY W 348 -108.18 58.88 58.69
CA GLY W 348 -107.76 59.28 60.03
C GLY W 348 -108.49 60.48 60.58
N LEU W 349 -109.24 61.22 59.77
CA LEU W 349 -109.95 62.38 60.26
C LEU W 349 -111.07 61.97 61.22
N VAL W 350 -111.30 62.81 62.23
CA VAL W 350 -112.34 62.57 63.22
C VAL W 350 -113.26 63.79 63.27
N THR W 351 -114.56 63.52 63.32
CA THR W 351 -115.59 64.56 63.36
C THR W 351 -116.50 64.31 64.54
N GLY W 352 -116.76 65.36 65.31
CA GLY W 352 -117.61 65.23 66.49
C GLY W 352 -119.07 65.47 66.20
N VAL W 353 -119.85 64.40 66.09
CA VAL W 353 -121.28 64.55 65.85
C VAL W 353 -121.98 65.10 67.08
N ALA W 354 -121.56 64.68 68.27
CA ALA W 354 -122.18 65.10 69.52
C ALA W 354 -121.14 65.22 70.61
N ALA W 355 -121.46 66.02 71.62
CA ALA W 355 -120.55 66.21 72.74
C ALA W 355 -120.45 64.94 73.58
N GLY W 356 -119.24 64.63 74.01
CA GLY W 356 -119.00 63.46 74.83
C GLY W 356 -117.60 62.93 74.61
N THR W 357 -117.31 61.85 75.32
CA THR W 357 -116.00 61.20 75.26
C THR W 357 -116.11 59.96 74.41
N ALA W 358 -115.18 59.82 73.46
CA ALA W 358 -115.18 58.71 72.51
C ALA W 358 -113.82 58.03 72.53
N ASP W 359 -113.81 56.76 72.15
CA ASP W 359 -112.62 55.95 72.12
C ASP W 359 -112.31 55.57 70.67
N ILE W 360 -111.08 55.85 70.24
CA ILE W 360 -110.66 55.65 68.85
C ILE W 360 -109.50 54.68 68.84
N THR W 361 -109.60 53.65 68.01
CA THR W 361 -108.56 52.63 67.87
C THR W 361 -107.97 52.69 66.48
N ALA W 362 -106.64 52.78 66.41
CA ALA W 362 -105.91 52.75 65.15
C ALA W 362 -105.11 51.46 65.08
N SER W 363 -105.31 50.69 64.02
CA SER W 363 -104.68 49.40 63.83
C SER W 363 -103.71 49.48 62.66
N TYR W 364 -102.53 48.90 62.84
CA TYR W 364 -101.49 48.95 61.82
C TYR W 364 -100.82 47.59 61.74
N VAL W 365 -100.77 47.02 60.55
CA VAL W 365 -100.10 45.75 60.31
C VAL W 365 -98.61 46.02 60.15
N PRO W 366 -97.75 45.38 60.94
CA PRO W 366 -96.32 45.68 60.88
C PRO W 366 -95.70 45.14 59.60
N PRO W 367 -94.55 45.68 59.20
CA PRO W 367 -93.87 45.12 58.02
C PRO W 367 -93.51 43.65 58.19
N GLN W 368 -93.16 43.23 59.40
CA GLN W 368 -92.90 41.81 59.62
C GLN W 368 -94.17 40.97 59.58
N GLY W 369 -95.34 41.60 59.57
CA GLY W 369 -96.59 40.88 59.52
C GLY W 369 -96.99 40.31 60.87
N GLY W 370 -98.10 39.59 60.86
CA GLY W 370 -98.62 38.99 62.07
C GLY W 370 -99.74 39.79 62.69
N THR W 371 -99.80 39.81 64.02
CA THR W 371 -100.83 40.58 64.70
C THR W 371 -100.64 42.08 64.44
N ALA W 372 -101.76 42.79 64.36
CA ALA W 372 -101.75 44.21 64.07
C ALA W 372 -101.62 44.99 65.36
N LYS W 373 -100.65 45.90 65.41
CA LYS W 373 -100.48 46.75 66.58
C LYS W 373 -101.62 47.77 66.64
N THR W 374 -102.18 47.95 67.83
CA THR W 374 -103.34 48.80 68.02
C THR W 374 -103.04 49.88 69.05
N ALA W 375 -103.36 51.12 68.71
CA ALA W 375 -103.21 52.26 69.61
C ALA W 375 -104.58 52.84 69.90
N THR W 376 -104.89 53.00 71.19
CA THR W 376 -106.18 53.47 71.64
C THR W 376 -106.04 54.87 72.24
N VAL W 377 -106.89 55.80 71.79
CA VAL W 377 -106.89 57.16 72.29
C VAL W 377 -108.32 57.51 72.66
N THR W 378 -108.47 58.54 73.50
CA THR W 378 -109.77 59.06 73.86
C THR W 378 -109.86 60.53 73.49
N VAL W 379 -111.01 60.92 72.94
CA VAL W 379 -111.24 62.28 72.48
C VAL W 379 -112.49 62.82 73.17
N THR W 380 -112.40 64.03 73.70
CA THR W 380 -113.49 64.65 74.44
C THR W 380 -114.05 65.79 73.60
N VAL W 381 -115.05 65.49 72.79
CA VAL W 381 -115.69 66.51 71.95
C VAL W 381 -116.56 67.38 72.86
N PRO W 382 -116.29 68.69 72.91
CA PRO W 382 -117.04 69.60 73.80
C PRO W 382 -118.44 69.91 73.29
N ALA X 2 -75.19 96.89 135.59
CA ALA X 2 -73.90 96.89 134.89
C ALA X 2 -73.82 98.05 133.91
N HIS X 3 -72.65 98.20 133.30
CA HIS X 3 -72.43 99.29 132.35
C HIS X 3 -73.30 99.08 131.13
N ILE X 4 -73.94 100.16 130.67
CA ILE X 4 -74.77 100.13 129.48
C ILE X 4 -74.26 101.20 128.53
N PHE X 5 -73.86 100.79 127.34
CA PHE X 5 -73.32 101.70 126.33
C PHE X 5 -74.33 101.88 125.21
N VAL X 6 -74.48 103.11 124.75
CA VAL X 6 -75.34 103.43 123.62
C VAL X 6 -74.48 103.47 122.37
N LYS X 7 -74.81 102.61 121.41
CA LYS X 7 -74.04 102.50 120.18
C LYS X 7 -74.97 102.58 118.98
N PRO X 8 -74.50 103.12 117.87
CA PRO X 8 -75.37 103.26 116.70
C PRO X 8 -75.55 101.94 115.97
N GLU X 9 -76.67 101.84 115.26
CA GLU X 9 -76.82 100.75 114.30
C GLU X 9 -75.88 100.98 113.14
N LEU X 10 -75.33 99.90 112.59
CA LEU X 10 -74.46 99.99 111.43
C LEU X 10 -75.00 99.14 110.30
N VAL X 11 -74.99 99.70 109.10
CA VAL X 11 -75.40 99.00 107.90
C VAL X 11 -74.26 99.09 106.90
N ALA X 12 -73.80 97.95 106.41
CA ALA X 12 -72.70 97.89 105.46
C ALA X 12 -73.07 96.93 104.34
N GLU X 13 -72.49 97.17 103.17
CA GLU X 13 -72.68 96.31 102.02
C GLU X 13 -71.35 95.62 101.71
N ILE X 14 -71.37 94.29 101.73
CA ILE X 14 -70.16 93.49 101.58
C ILE X 14 -70.14 92.74 100.27
N GLY X 15 -71.09 92.99 99.38
CA GLY X 15 -71.12 92.34 98.09
C GLY X 15 -72.07 91.18 97.97
N VAL X 16 -72.83 90.86 99.01
CA VAL X 16 -73.88 89.86 98.91
C VAL X 16 -75.07 90.49 98.22
N LYS X 17 -75.60 89.81 97.20
CA LYS X 17 -76.68 90.35 96.39
C LYS X 17 -77.70 89.26 96.14
N GLN X 18 -78.90 89.67 95.78
CA GLN X 18 -79.93 88.72 95.37
C GLN X 18 -79.50 88.04 94.08
N LEU X 19 -79.70 86.72 94.02
CA LEU X 19 -79.21 85.95 92.89
C LEU X 19 -80.17 86.03 91.72
N GLN X 20 -79.67 86.46 90.57
CA GLN X 20 -80.47 86.61 89.37
C GLN X 20 -79.82 85.85 88.22
N ARG X 21 -80.63 85.18 87.42
CA ARG X 21 -80.11 84.41 86.30
C ARG X 21 -79.53 85.34 85.24
N GLU X 22 -78.79 84.74 84.31
CA GLU X 22 -78.19 85.49 83.22
C GLU X 22 -79.20 85.72 82.10
N ILE X 23 -78.82 86.59 81.15
CA ILE X 23 -79.65 86.94 80.01
C ILE X 23 -79.08 86.24 78.78
N VAL X 24 -79.81 85.26 78.25
CA VAL X 24 -79.32 84.49 77.11
C VAL X 24 -80.33 84.33 75.99
N LEU X 25 -81.64 84.38 76.24
CA LEU X 25 -82.61 84.18 75.14
C LEU X 25 -82.60 85.32 74.12
N PRO X 26 -82.60 86.60 74.50
CA PRO X 26 -82.76 87.64 73.49
C PRO X 26 -81.70 87.62 72.40
N GLY X 27 -80.52 87.08 72.68
CA GLY X 27 -79.51 87.00 71.65
C GLY X 27 -79.66 85.86 70.69
N LEU X 28 -80.71 85.05 70.84
CA LEU X 28 -80.90 83.85 70.02
C LEU X 28 -82.05 83.96 69.03
N VAL X 29 -83.17 84.54 69.44
CA VAL X 29 -84.33 84.62 68.56
C VAL X 29 -84.08 85.62 67.46
N TRP X 30 -84.93 85.59 66.44
CA TRP X 30 -84.79 86.45 65.27
C TRP X 30 -85.50 87.76 65.55
N THR X 31 -84.72 88.80 65.82
CA THR X 31 -85.27 90.08 66.25
C THR X 31 -85.28 91.08 65.11
N ASN X 32 -86.32 91.91 65.10
CA ASN X 32 -86.51 93.00 64.14
C ASN X 32 -86.19 92.60 62.69
N PRO X 33 -86.95 91.66 62.12
CA PRO X 33 -86.90 91.50 60.66
C PRO X 33 -87.88 92.42 59.96
N LEU X 34 -88.83 92.99 60.69
CA LEU X 34 -89.81 93.92 60.17
C LEU X 34 -89.84 95.14 61.07
N THR X 35 -89.89 96.33 60.48
CA THR X 35 -89.79 97.55 61.25
C THR X 35 -90.99 98.47 61.12
N ASP X 36 -91.53 98.65 59.92
CA ASP X 36 -92.56 99.65 59.68
C ASP X 36 -93.95 99.14 60.07
N PHE X 37 -94.07 98.77 61.35
CA PHE X 37 -95.37 98.34 61.86
C PHE X 37 -96.33 99.50 61.98
N GLY X 38 -95.84 100.66 62.40
CA GLY X 38 -96.66 101.85 62.42
C GLY X 38 -96.62 102.51 61.06
N GLY X 39 -97.65 102.28 60.26
CA GLY X 39 -97.61 102.67 58.86
C GLY X 39 -98.21 101.61 57.98
N SER X 40 -98.76 100.57 58.60
CA SER X 40 -99.57 99.57 57.91
C SER X 40 -100.86 99.38 58.68
N LYS X 41 -101.93 99.07 57.95
CA LYS X 41 -103.25 98.99 58.56
C LYS X 41 -103.29 97.87 59.59
N ASN X 42 -104.01 98.11 60.68
CA ASN X 42 -104.21 97.14 61.75
C ASN X 42 -102.92 96.72 62.41
N ASP X 43 -101.89 97.55 62.33
CA ASP X 43 -100.57 97.28 62.93
C ASP X 43 -100.00 95.96 62.43
N THR X 44 -100.37 95.55 61.23
CA THR X 44 -100.01 94.25 60.70
C THR X 44 -99.19 94.42 59.43
N ILE X 45 -98.03 93.77 59.38
CA ILE X 45 -97.23 93.64 58.17
C ILE X 45 -97.56 92.29 57.56
N THR X 46 -97.85 92.27 56.26
CA THR X 46 -98.12 91.04 55.57
C THR X 46 -96.84 90.49 54.96
N VAL X 47 -96.54 89.23 55.25
CA VAL X 47 -95.38 88.54 54.72
C VAL X 47 -95.87 87.60 53.64
N ARG X 48 -95.18 87.61 52.50
CA ARG X 48 -95.59 86.86 51.32
C ARG X 48 -94.75 85.60 51.19
N VAL X 49 -95.40 84.45 51.21
CA VAL X 49 -94.76 83.17 50.97
C VAL X 49 -94.86 82.88 49.47
N PRO X 50 -93.73 82.77 48.76
CA PRO X 50 -93.78 82.66 47.30
C PRO X 50 -94.43 81.36 46.84
N ALA X 51 -94.90 81.38 45.60
CA ALA X 51 -95.66 80.27 45.05
C ALA X 51 -94.75 79.16 44.54
N ILE X 52 -95.29 77.94 44.52
CA ILE X 52 -94.65 76.80 43.90
C ILE X 52 -95.69 76.05 43.10
N THR X 53 -95.33 75.61 41.90
CA THR X 53 -96.23 74.92 40.99
C THR X 53 -95.94 73.44 40.99
N THR X 54 -96.70 72.70 40.20
CA THR X 54 -96.51 71.27 40.05
C THR X 54 -96.51 70.90 38.58
N ALA X 55 -95.74 69.89 38.22
CA ALA X 55 -95.68 69.41 36.85
C ALA X 55 -96.63 68.24 36.66
N ASN X 56 -96.88 67.91 35.40
CA ASN X 56 -97.79 66.84 35.05
C ASN X 56 -97.15 65.99 33.96
N ARG X 57 -97.57 64.75 33.88
CA ARG X 57 -97.04 63.82 32.88
C ARG X 57 -98.17 63.21 32.07
N ARG X 58 -97.94 63.06 30.77
CA ARG X 58 -98.91 62.45 29.88
C ARG X 58 -98.20 61.45 28.99
N ASP X 59 -98.95 60.45 28.54
CA ASP X 59 -98.35 59.40 27.72
C ASP X 59 -97.93 59.95 26.37
N LEU X 60 -96.78 59.48 25.90
CA LEU X 60 -96.28 59.89 24.59
C LEU X 60 -97.20 59.37 23.50
N ARG X 61 -97.29 60.13 22.41
CA ARG X 61 -98.09 59.76 21.24
C ARG X 61 -99.55 59.52 21.61
N ASP X 62 -100.04 60.20 22.62
CA ASP X 62 -101.43 60.09 23.01
C ASP X 62 -102.30 60.74 21.93
N PRO X 63 -103.35 60.07 21.46
CA PRO X 63 -104.22 60.71 20.45
C PRO X 63 -104.82 62.02 20.90
N ASP X 64 -105.12 62.16 22.19
CA ASP X 64 -105.63 63.43 22.70
C ASP X 64 -104.46 64.30 23.15
N ARG X 65 -104.60 65.61 22.95
CA ARG X 65 -103.49 66.54 23.14
C ARG X 65 -103.76 67.54 24.24
N THR X 66 -104.78 67.30 25.07
CA THR X 66 -105.09 68.24 26.15
C THR X 66 -103.95 68.30 27.14
N VAL X 67 -103.71 69.49 27.68
CA VAL X 67 -102.58 69.76 28.56
C VAL X 67 -103.12 70.38 29.85
N ILE X 68 -102.71 69.82 30.99
CA ILE X 68 -103.23 70.27 32.28
C ILE X 68 -102.45 71.50 32.73
N ALA X 69 -103.14 72.60 32.91
CA ALA X 69 -102.50 73.84 33.34
C ALA X 69 -102.35 73.84 34.85
N SER X 70 -101.20 74.33 35.32
CA SER X 70 -100.92 74.43 36.73
C SER X 70 -100.96 75.89 37.16
N GLU X 71 -101.65 76.17 38.25
CA GLU X 71 -101.77 77.53 38.75
C GLU X 71 -100.83 77.71 39.93
N LEU X 72 -100.14 78.84 39.96
CA LEU X 72 -99.25 79.19 41.06
C LEU X 72 -99.97 80.10 42.04
N VAL X 73 -99.88 79.77 43.33
CA VAL X 73 -100.62 80.45 44.38
C VAL X 73 -99.63 80.96 45.42
N GLU X 74 -99.61 82.27 45.63
CA GLU X 74 -98.78 82.89 46.64
C GLU X 74 -99.58 83.02 47.93
N HIS X 75 -98.95 82.71 49.06
CA HIS X 75 -99.64 82.75 50.34
C HIS X 75 -99.15 83.94 51.16
N SER X 76 -99.79 84.17 52.30
CA SER X 76 -99.43 85.32 53.11
C SER X 76 -99.80 85.06 54.56
N PHE X 77 -99.10 85.77 55.45
CA PHE X 77 -99.45 85.73 56.86
C PHE X 77 -99.06 87.04 57.52
N GLY X 78 -99.71 87.36 58.64
CA GLY X 78 -99.56 88.65 59.29
C GLY X 78 -98.63 88.61 60.49
N VAL X 79 -97.89 89.71 60.68
CA VAL X 79 -97.06 89.93 61.86
C VAL X 79 -97.52 91.23 62.50
N THR X 80 -97.75 91.20 63.81
CA THR X 80 -98.41 92.32 64.47
C THR X 80 -97.81 92.58 65.84
N LEU X 81 -97.70 93.86 66.20
CA LEU X 81 -97.41 94.25 67.58
C LEU X 81 -98.65 94.10 68.44
N ASP X 82 -98.50 93.44 69.59
CA ASP X 82 -99.65 93.20 70.45
C ASP X 82 -99.33 93.35 71.93
N LYS X 83 -98.16 93.85 72.31
CA LYS X 83 -97.82 93.89 73.73
C LYS X 83 -97.09 95.19 74.04
N HIS X 84 -97.22 95.62 75.30
CA HIS X 84 -96.64 96.87 75.79
C HIS X 84 -95.99 96.58 77.13
N VAL X 85 -94.69 96.30 77.12
CA VAL X 85 -93.97 95.90 78.32
C VAL X 85 -93.46 97.14 79.04
N TYR X 86 -93.80 97.27 80.31
CA TYR X 86 -93.49 98.48 81.06
C TYR X 86 -93.03 98.13 82.47
N ALA X 87 -92.52 99.14 83.15
CA ALA X 87 -92.23 99.08 84.58
C ALA X 87 -92.49 100.47 85.15
N ALA X 88 -93.33 100.56 86.17
CA ALA X 88 -93.76 101.83 86.71
C ALA X 88 -93.50 101.89 88.21
N LEU X 89 -93.01 103.04 88.67
CA LEU X 89 -92.73 103.26 90.07
C LEU X 89 -93.40 104.55 90.54
N LYS X 90 -93.95 104.53 91.74
CA LYS X 90 -94.51 105.72 92.36
C LYS X 90 -93.84 105.94 93.70
N PHE X 91 -93.30 107.14 93.90
CA PHE X 91 -92.66 107.52 95.14
C PHE X 91 -93.39 108.70 95.74
N THR X 92 -93.84 108.57 96.98
CA THR X 92 -94.35 109.73 97.68
C THR X 92 -93.21 110.71 97.90
N ASP X 93 -93.56 112.00 98.04
CA ASP X 93 -92.55 113.02 98.23
C ASP X 93 -91.68 112.73 99.44
N GLU X 94 -92.26 112.12 100.48
CA GLU X 94 -91.47 111.72 101.64
C GLU X 94 -90.43 110.69 101.27
N GLN X 95 -90.80 109.71 100.44
CA GLN X 95 -89.84 108.68 100.03
C GLN X 95 -88.79 109.26 99.10
N ARG X 96 -89.17 110.21 98.26
CA ARG X 96 -88.20 110.81 97.34
C ARG X 96 -87.19 111.67 98.08
N THR X 97 -87.64 112.41 99.09
CA THR X 97 -86.75 113.33 99.78
C THR X 97 -85.77 112.58 100.67
N LEU X 98 -86.26 111.63 101.46
CA LEU X 98 -85.46 111.01 102.52
C LEU X 98 -84.88 109.67 102.11
N ASP X 99 -85.74 108.72 101.73
CA ASP X 99 -85.29 107.33 101.59
C ASP X 99 -84.28 107.18 100.46
N ILE X 100 -84.50 107.81 99.33
CA ILE X 100 -83.65 107.61 98.16
C ILE X 100 -82.38 108.43 98.32
N ARG X 101 -81.23 107.76 98.22
CA ARG X 101 -79.94 108.44 98.37
C ARG X 101 -79.13 108.51 97.07
N ASP X 102 -79.44 107.68 96.09
CA ASP X 102 -78.76 107.74 94.79
C ASP X 102 -79.73 107.21 93.74
N TYR X 103 -80.39 108.12 93.03
CA TYR X 103 -81.50 107.73 92.16
C TYR X 103 -81.05 106.79 91.05
N THR X 104 -79.90 107.08 90.42
CA THR X 104 -79.45 106.26 89.31
C THR X 104 -79.19 104.83 89.75
N LYS X 105 -78.42 104.65 90.82
CA LYS X 105 -78.05 103.31 91.26
C LYS X 105 -79.21 102.58 91.93
N GLN X 106 -80.09 103.31 92.60
CA GLN X 106 -81.08 102.68 93.45
C GLN X 106 -82.43 102.48 92.79
N VAL X 107 -82.75 103.21 91.72
CA VAL X 107 -84.07 103.19 91.12
C VAL X 107 -84.01 102.87 89.62
N LEU X 108 -83.20 103.61 88.87
CA LEU X 108 -83.18 103.43 87.42
C LEU X 108 -82.63 102.07 87.03
N MET X 109 -81.53 101.65 87.65
CA MET X 109 -80.94 100.35 87.32
C MET X 109 -81.87 99.20 87.65
N PRO X 110 -82.53 99.14 88.82
CA PRO X 110 -83.52 98.09 89.01
C PRO X 110 -84.64 98.12 87.99
N GLN X 111 -85.09 99.30 87.57
CA GLN X 111 -86.12 99.38 86.53
C GLN X 111 -85.64 98.74 85.24
N VAL X 112 -84.45 99.11 84.79
CA VAL X 112 -83.94 98.58 83.54
C VAL X 112 -83.75 97.08 83.63
N SER X 113 -83.22 96.59 84.76
CA SER X 113 -83.04 95.16 84.92
C SER X 113 -84.37 94.42 84.92
N ALA X 114 -85.38 95.00 85.58
CA ALA X 114 -86.68 94.37 85.62
C ALA X 114 -87.28 94.26 84.22
N VAL X 115 -87.15 95.31 83.42
CA VAL X 115 -87.70 95.25 82.07
C VAL X 115 -86.90 94.28 81.21
N ALA X 116 -85.60 94.21 81.39
CA ALA X 116 -84.82 93.24 80.63
C ALA X 116 -85.25 91.81 80.95
N TYR X 117 -85.43 91.50 82.23
CA TYR X 117 -85.92 90.17 82.58
C TYR X 117 -87.33 89.95 82.09
N GLU X 118 -88.14 91.00 82.04
CA GLU X 118 -89.50 90.84 81.55
C GLU X 118 -89.50 90.53 80.06
N LEU X 119 -88.57 91.14 79.30
CA LEU X 119 -88.45 90.81 77.89
C LEU X 119 -87.96 89.38 77.70
N GLU X 120 -87.02 88.93 78.54
CA GLU X 120 -86.61 87.53 78.42
C GLU X 120 -87.79 86.62 78.70
N ASP X 121 -88.60 86.94 79.71
CA ASP X 121 -89.77 86.11 79.99
C ASP X 121 -90.77 86.17 78.86
N TYR X 122 -90.89 87.30 78.19
CA TYR X 122 -91.72 87.40 76.99
C TYR X 122 -91.26 86.42 75.93
N ILE X 123 -89.94 86.40 75.66
CA ILE X 123 -89.39 85.50 74.65
C ILE X 123 -89.57 84.05 75.06
N ALA X 124 -89.35 83.74 76.34
CA ALA X 124 -89.54 82.38 76.81
C ALA X 124 -91.01 81.96 76.72
N GLU X 125 -91.93 82.87 77.01
CA GLU X 125 -93.34 82.57 76.82
C GLU X 125 -93.61 82.23 75.38
N LEU X 126 -93.00 82.99 74.45
CA LEU X 126 -93.17 82.70 73.04
C LEU X 126 -92.64 81.31 72.69
N ILE X 127 -91.45 80.98 73.20
CA ILE X 127 -90.80 79.73 72.80
C ILE X 127 -91.55 78.53 73.36
N GLU X 128 -91.87 78.57 74.65
CA GLU X 128 -92.55 77.43 75.26
C GLU X 128 -94.02 77.36 74.87
N GLY X 129 -94.65 78.50 74.65
CA GLY X 129 -96.05 78.50 74.30
C GLY X 129 -96.36 78.21 72.85
N ALA X 130 -95.34 78.00 72.02
CA ALA X 130 -95.56 77.80 70.60
C ALA X 130 -96.39 76.53 70.37
N PRO X 131 -97.15 76.48 69.28
CA PRO X 131 -97.94 75.28 69.01
C PRO X 131 -97.09 74.09 68.59
N TYR X 132 -96.90 73.14 69.49
CA TYR X 132 -96.17 71.92 69.20
C TYR X 132 -97.15 70.77 69.09
N GLU X 133 -97.06 70.02 67.98
CA GLU X 133 -97.94 68.87 67.81
C GLU X 133 -97.68 67.82 68.88
N GLU X 134 -96.41 67.59 69.19
CA GLU X 134 -96.03 66.57 70.16
C GLU X 134 -94.76 67.02 70.87
N THR X 135 -94.54 66.45 72.05
CA THR X 135 -93.33 66.69 72.84
C THR X 135 -92.53 65.40 72.87
N ILE X 136 -91.30 65.46 72.39
CA ILE X 136 -90.42 64.29 72.39
C ILE X 136 -89.96 64.02 73.80
N LEU X 137 -90.06 62.77 74.23
CA LEU X 137 -89.75 62.41 75.60
C LEU X 137 -88.31 61.93 75.70
N ILE X 138 -87.55 62.51 76.62
CA ILE X 138 -86.16 62.15 76.85
C ILE X 138 -86.12 61.11 77.95
N ASP X 139 -85.53 59.96 77.65
CA ASP X 139 -85.30 58.96 78.68
C ASP X 139 -84.05 59.31 79.47
N PRO X 140 -84.15 59.53 80.78
CA PRO X 140 -82.93 59.85 81.54
C PRO X 140 -81.85 58.79 81.46
N ALA X 141 -82.24 57.52 81.33
CA ALA X 141 -81.23 56.46 81.21
C ALA X 141 -80.47 56.57 79.90
N ASP X 142 -81.15 56.93 78.81
CA ASP X 142 -80.52 57.09 77.50
C ASP X 142 -81.13 58.33 76.86
N THR X 143 -80.38 59.44 76.88
CA THR X 143 -80.91 60.72 76.45
C THR X 143 -80.65 61.03 74.98
N VAL X 144 -79.65 60.40 74.36
CA VAL X 144 -79.34 60.72 72.97
C VAL X 144 -80.48 60.39 72.01
N PRO X 145 -81.15 59.23 72.11
CA PRO X 145 -82.18 58.94 71.11
C PRO X 145 -83.25 60.01 71.00
N ALA X 146 -83.60 60.67 72.09
CA ALA X 146 -84.58 61.75 72.01
C ALA X 146 -84.06 62.89 71.15
N PHE X 147 -82.80 63.26 71.31
CA PHE X 147 -82.27 64.38 70.54
C PHE X 147 -82.09 64.00 69.07
N ILE X 148 -81.66 62.77 68.80
CA ILE X 148 -81.59 62.34 67.41
C ILE X 148 -82.98 62.28 66.79
N THR X 149 -83.99 61.93 67.59
CA THR X 149 -85.36 61.98 67.09
C THR X 149 -85.79 63.41 66.79
N ALA X 150 -85.39 64.36 67.63
CA ALA X 150 -85.71 65.76 67.34
C ALA X 150 -85.04 66.22 66.06
N ASP X 151 -83.78 65.86 65.87
CA ASP X 151 -83.08 66.20 64.64
C ASP X 151 -83.77 65.57 63.45
N GLN X 152 -84.23 64.33 63.59
CA GLN X 152 -84.94 63.66 62.50
C GLN X 152 -86.28 64.33 62.20
N ARG X 153 -86.99 64.77 63.23
CA ARG X 153 -88.24 65.51 63.01
C ARG X 153 -87.98 66.78 62.21
N MET X 154 -86.92 67.50 62.57
CA MET X 154 -86.59 68.71 61.81
C MET X 154 -86.13 68.37 60.39
N GLY X 155 -85.45 67.24 60.22
CA GLY X 155 -85.02 66.84 58.89
C GLY X 155 -86.16 66.47 57.97
N GLU X 156 -87.19 65.81 58.51
CA GLU X 156 -88.32 65.40 57.68
C GLU X 156 -89.02 66.60 57.08
N ALA X 157 -89.22 67.66 57.87
CA ALA X 157 -89.86 68.86 57.35
C ALA X 157 -88.98 69.65 56.41
N ASN X 158 -87.80 69.14 56.06
CA ASN X 158 -86.87 69.78 55.14
C ASN X 158 -86.34 71.09 55.68
N VAL X 159 -86.40 71.28 57.00
CA VAL X 159 -85.86 72.52 57.59
C VAL X 159 -84.36 72.57 57.35
N PRO X 160 -83.80 73.71 56.94
CA PRO X 160 -82.37 73.77 56.68
C PRO X 160 -81.56 73.41 57.91
N THR X 161 -80.43 72.74 57.68
CA THR X 161 -79.61 72.27 58.80
C THR X 161 -78.92 73.42 59.51
N ASP X 162 -78.47 74.42 58.77
CA ASP X 162 -77.69 75.50 59.35
C ASP X 162 -78.58 76.43 60.18
N SER X 163 -77.95 77.14 61.11
CA SER X 163 -78.60 78.14 61.95
C SER X 163 -79.73 77.53 62.77
N ARG X 164 -79.36 76.56 63.60
CA ARG X 164 -80.29 75.88 64.51
C ARG X 164 -79.85 76.13 65.94
N ARG X 165 -80.79 76.50 66.80
CA ARG X 165 -80.50 76.78 68.19
C ARG X 165 -81.09 75.69 69.06
N LEU X 166 -80.33 75.21 70.04
CA LEU X 166 -80.79 74.22 70.99
C LEU X 166 -80.59 74.76 72.39
N VAL X 167 -81.69 75.08 73.07
CA VAL X 167 -81.65 75.63 74.42
C VAL X 167 -82.28 74.61 75.35
N VAL X 168 -81.52 74.17 76.35
CA VAL X 168 -81.95 73.14 77.27
C VAL X 168 -82.10 73.74 78.65
N GLY X 169 -83.09 73.26 79.40
CA GLY X 169 -83.27 73.70 80.76
C GLY X 169 -82.20 73.10 81.66
N SER X 170 -82.18 73.58 82.91
CA SER X 170 -81.15 73.14 83.84
C SER X 170 -81.23 71.64 84.09
N ALA X 171 -82.45 71.13 84.30
CA ALA X 171 -82.61 69.70 84.58
C ALA X 171 -82.19 68.85 83.39
N VAL X 172 -82.47 69.32 82.17
CA VAL X 172 -82.08 68.55 80.99
C VAL X 172 -80.57 68.48 80.86
N ALA X 173 -79.88 69.60 81.08
CA ALA X 173 -78.42 69.58 81.02
C ALA X 173 -77.84 68.69 82.11
N ALA X 174 -78.42 68.73 83.30
CA ALA X 174 -77.96 67.85 84.36
C ALA X 174 -78.17 66.39 83.98
N ALA X 175 -79.31 66.07 83.36
CA ALA X 175 -79.57 64.70 82.95
C ALA X 175 -78.61 64.25 81.86
N LEU X 176 -78.26 65.17 80.96
CA LEU X 176 -77.25 64.86 79.95
C LEU X 176 -75.91 64.54 80.62
N ALA X 177 -75.53 65.34 81.61
CA ALA X 177 -74.28 65.08 82.31
C ALA X 177 -74.32 63.75 83.04
N LYS X 178 -75.45 63.43 83.67
CA LYS X 178 -75.57 62.17 84.40
C LYS X 178 -75.63 60.96 83.48
N ASP X 179 -75.96 61.15 82.21
CA ASP X 179 -76.15 60.03 81.31
C ASP X 179 -74.85 59.26 81.14
N LYS X 180 -74.94 57.94 81.25
CA LYS X 180 -73.76 57.11 81.09
C LYS X 180 -73.14 57.26 79.71
N GLN X 181 -73.92 57.65 78.71
CA GLN X 181 -73.41 57.77 77.36
C GLN X 181 -72.33 58.84 77.26
N PHE X 182 -72.55 59.98 77.90
CA PHE X 182 -71.58 61.07 77.88
C PHE X 182 -70.57 61.01 79.01
N ARG X 183 -70.78 60.13 79.99
CA ARG X 183 -70.00 60.15 81.21
C ARG X 183 -68.92 59.08 81.26
N HIS X 184 -69.08 57.99 80.51
CA HIS X 184 -68.21 56.85 80.69
C HIS X 184 -66.94 56.89 79.85
N ALA X 185 -66.77 57.87 78.98
CA ALA X 185 -65.47 58.13 78.38
C ALA X 185 -64.90 56.95 77.60
N ASP X 186 -65.64 55.85 77.54
CA ASP X 186 -65.44 54.83 76.53
C ASP X 186 -66.65 54.67 75.64
N TRP X 187 -67.81 55.16 76.09
CA TRP X 187 -68.99 55.30 75.28
C TRP X 187 -69.07 56.62 74.55
N SER X 188 -68.13 57.53 74.80
CA SER X 188 -68.19 58.84 74.16
C SER X 188 -66.83 59.34 73.70
N GLY X 189 -65.85 58.47 73.57
CA GLY X 189 -64.52 58.92 73.19
C GLY X 189 -63.93 59.78 74.27
N ASP X 190 -63.70 61.07 73.96
CA ASP X 190 -63.35 62.13 74.88
C ASP X 190 -62.50 61.65 76.07
N GLN X 191 -61.33 61.07 75.77
CA GLN X 191 -60.49 60.51 76.82
C GLN X 191 -60.24 61.52 77.93
N ALA X 192 -60.02 62.78 77.57
CA ALA X 192 -60.06 63.84 78.56
C ALA X 192 -61.52 64.10 78.92
N ASN X 193 -62.03 63.38 79.91
CA ASN X 193 -63.46 63.37 80.19
C ASN X 193 -63.98 64.78 80.44
N ALA X 194 -65.13 65.08 79.85
CA ALA X 194 -65.76 66.39 79.99
C ALA X 194 -67.00 66.34 80.85
N ALA X 195 -67.89 65.38 80.62
CA ALA X 195 -69.12 65.29 81.39
C ALA X 195 -68.87 64.79 82.81
N LEU X 196 -67.70 64.21 83.07
CA LEU X 196 -67.34 63.77 84.42
C LEU X 196 -66.48 64.79 85.15
N ARG X 197 -65.37 65.20 84.56
CA ARG X 197 -64.53 66.20 85.20
C ARG X 197 -65.27 67.52 85.34
N GLU X 198 -65.87 68.00 84.27
CA GLU X 198 -66.76 69.15 84.31
C GLU X 198 -68.19 68.66 84.33
N ALA X 199 -69.13 69.58 84.18
CA ALA X 199 -70.54 69.20 84.09
C ALA X 199 -71.15 69.47 82.72
N HIS X 200 -70.55 70.33 81.91
CA HIS X 200 -71.14 70.66 80.63
C HIS X 200 -70.91 69.51 79.65
N VAL X 201 -71.85 69.36 78.72
CA VAL X 201 -71.79 68.26 77.76
C VAL X 201 -71.35 68.80 76.41
N GLY X 202 -71.59 70.08 76.15
CA GLY X 202 -71.15 70.69 74.91
C GLY X 202 -71.93 70.25 73.69
N ARG X 203 -71.23 69.91 72.62
CA ARG X 203 -71.88 69.52 71.38
C ARG X 203 -72.64 68.21 71.57
N LEU X 204 -73.76 68.09 70.86
CA LEU X 204 -74.64 66.93 71.02
C LEU X 204 -75.49 66.80 69.78
N ALA X 205 -75.34 65.68 69.07
CA ALA X 205 -76.21 65.35 67.94
C ALA X 205 -76.29 66.48 66.92
N GLY X 206 -75.14 67.09 66.65
CA GLY X 206 -75.06 68.12 65.63
C GLY X 206 -75.65 69.46 66.01
N MET X 207 -75.70 69.78 67.31
CA MET X 207 -76.22 71.07 67.73
C MET X 207 -75.61 71.41 69.08
N ASN X 208 -75.01 72.60 69.17
CA ASN X 208 -74.41 73.02 70.43
C ASN X 208 -75.48 73.28 71.47
N VAL X 209 -75.18 72.90 72.70
CA VAL X 209 -76.12 73.02 73.81
C VAL X 209 -75.98 74.39 74.44
N ILE X 210 -77.09 75.08 74.65
CA ILE X 210 -77.11 76.35 75.37
C ILE X 210 -78.02 76.20 76.58
N ARG X 211 -77.49 76.46 77.76
CA ARG X 211 -78.26 76.29 78.99
C ARG X 211 -78.91 77.60 79.38
N SER X 212 -80.19 77.54 79.72
CA SER X 212 -80.95 78.72 80.09
C SER X 212 -81.91 78.37 81.22
N ASN X 213 -82.04 79.27 82.19
CA ASN X 213 -82.94 79.07 83.31
C ASN X 213 -84.30 79.75 83.11
N ALA X 214 -84.50 80.44 81.99
CA ALA X 214 -85.80 81.06 81.74
C ALA X 214 -86.85 80.03 81.37
N ILE X 215 -86.47 79.02 80.59
CA ILE X 215 -87.40 77.97 80.18
C ILE X 215 -87.65 77.04 81.35
N ALA X 216 -88.65 76.16 81.21
CA ALA X 216 -88.95 75.22 82.26
C ALA X 216 -87.75 74.31 82.51
N PRO X 217 -87.51 73.90 83.76
CA PRO X 217 -86.26 73.21 84.08
C PRO X 217 -86.04 71.93 83.29
N ASP X 218 -87.09 71.16 83.04
CA ASP X 218 -86.98 69.82 82.47
C ASP X 218 -87.39 69.77 81.01
N LYS X 219 -87.12 70.84 80.26
CA LYS X 219 -87.51 70.91 78.86
C LYS X 219 -86.36 71.45 78.04
N ALA X 220 -86.38 71.11 76.76
CA ALA X 220 -85.43 71.64 75.78
C ALA X 220 -86.18 72.03 74.53
N TYR X 221 -85.65 73.01 73.82
CA TYR X 221 -86.27 73.49 72.60
C TYR X 221 -85.22 73.63 71.52
N LEU X 222 -85.50 73.06 70.35
CA LEU X 222 -84.63 73.18 69.19
C LEU X 222 -85.39 73.90 68.10
N TRP X 223 -84.83 74.98 67.58
CA TRP X 223 -85.57 75.74 66.57
C TRP X 223 -84.63 76.33 65.55
N HIS X 224 -85.08 76.34 64.30
CA HIS X 224 -84.40 77.04 63.23
C HIS X 224 -84.49 78.55 63.46
N ARG X 225 -83.59 79.29 62.84
CA ARG X 225 -83.52 80.72 63.08
C ARG X 225 -84.82 81.42 62.69
N THR X 226 -85.45 80.97 61.62
CA THR X 226 -86.65 81.63 61.11
C THR X 226 -87.92 81.19 61.79
N ALA X 227 -87.84 80.31 62.80
CA ALA X 227 -89.05 79.84 63.44
C ALA X 227 -89.78 80.95 64.17
N PHE X 228 -89.05 81.80 64.90
CA PHE X 228 -89.64 82.81 65.75
C PHE X 228 -89.25 84.21 65.29
N ILE X 229 -90.16 85.16 65.43
CA ILE X 229 -89.95 86.53 64.99
C ILE X 229 -90.31 87.46 66.14
N LEU X 230 -89.40 88.37 66.46
CA LEU X 230 -89.63 89.39 67.49
C LEU X 230 -89.56 90.76 66.85
N ALA X 231 -90.35 91.71 67.36
CA ALA X 231 -90.34 93.07 66.90
C ALA X 231 -90.43 94.01 68.09
N TYR X 232 -89.57 95.02 68.11
CA TYR X 232 -89.52 95.98 69.20
C TYR X 232 -89.70 97.38 68.65
N ARG X 233 -90.43 98.21 69.38
CA ARG X 233 -90.61 99.60 69.02
C ARG X 233 -90.49 100.47 70.26
N THR X 234 -89.85 101.61 70.10
CA THR X 234 -89.67 102.53 71.20
C THR X 234 -90.75 103.60 71.14
N PRO X 235 -91.61 103.72 72.15
CA PRO X 235 -92.62 104.77 72.12
C PRO X 235 -92.00 106.15 72.08
N VAL X 236 -92.63 107.06 71.35
CA VAL X 236 -92.15 108.42 71.20
C VAL X 236 -92.68 109.26 72.35
N VAL X 237 -91.81 110.04 72.96
CA VAL X 237 -92.20 110.85 74.12
C VAL X 237 -93.21 111.90 73.68
N PRO X 238 -94.38 111.99 74.32
CA PRO X 238 -95.36 113.00 73.92
C PRO X 238 -94.88 114.40 74.24
N GLU X 239 -95.38 115.36 73.47
CA GLU X 239 -95.01 116.75 73.68
C GLU X 239 -95.50 117.26 75.03
N GLY X 240 -96.73 116.89 75.42
CA GLY X 240 -97.28 117.38 76.66
C GLY X 240 -96.50 116.91 77.87
N ALA X 241 -96.08 115.65 77.88
CA ALA X 241 -95.36 115.11 79.01
C ALA X 241 -93.93 115.68 79.06
N LYS X 242 -93.39 115.75 80.27
CA LYS X 242 -92.06 116.31 80.46
C LYS X 242 -91.03 115.44 79.77
N ALA X 243 -89.98 116.08 79.24
CA ALA X 243 -88.97 115.36 78.48
C ALA X 243 -88.28 114.32 79.35
N GLY X 244 -88.06 113.14 78.78
CA GLY X 244 -87.39 112.07 79.48
C GLY X 244 -86.33 111.44 78.59
N ALA X 245 -85.38 110.77 79.24
CA ALA X 245 -84.30 110.12 78.53
C ALA X 245 -84.76 108.78 77.98
N SER X 246 -83.87 108.11 77.26
CA SER X 246 -84.12 106.78 76.75
C SER X 246 -83.01 105.84 77.19
N PHE X 247 -83.37 104.64 77.56
CA PHE X 247 -82.42 103.67 78.08
C PHE X 247 -82.30 102.50 77.12
N SER X 248 -81.42 101.56 77.46
CA SER X 248 -81.19 100.38 76.65
C SER X 248 -81.21 99.14 77.53
N ALA X 249 -81.87 98.10 77.04
CA ALA X 249 -81.97 96.83 77.75
C ALA X 249 -81.71 95.70 76.76
N ASN X 250 -80.61 94.97 76.98
CA ASN X 250 -80.16 93.86 76.13
C ASN X 250 -80.40 94.13 74.65
N GLY X 251 -79.98 95.31 74.20
CA GLY X 251 -80.06 95.66 72.80
C GLY X 251 -81.38 96.21 72.34
N VAL X 252 -82.19 96.74 73.24
CA VAL X 252 -83.48 97.32 72.93
C VAL X 252 -83.49 98.75 73.46
N ALA X 253 -84.14 99.65 72.73
CA ALA X 253 -84.27 101.03 73.17
C ALA X 253 -85.61 101.20 73.88
N LEU X 254 -85.58 101.81 75.06
CA LEU X 254 -86.73 101.87 75.95
C LEU X 254 -87.03 103.32 76.30
N ARG X 255 -88.31 103.67 76.28
CA ARG X 255 -88.74 105.03 76.58
C ARG X 255 -88.87 105.20 78.09
N TRP X 256 -88.38 106.32 78.60
CA TRP X 256 -88.51 106.66 80.00
C TRP X 256 -89.27 107.97 80.14
N LEU X 257 -90.23 107.99 81.05
CA LEU X 257 -91.12 109.13 81.24
C LEU X 257 -91.33 109.36 82.72
N ALA X 258 -91.48 110.62 83.10
CA ALA X 258 -91.73 110.98 84.48
C ALA X 258 -92.86 112.00 84.56
N ASP X 259 -93.69 111.90 85.59
CA ASP X 259 -94.82 112.81 85.74
C ASP X 259 -95.13 112.96 87.22
N TYR X 260 -95.34 114.20 87.65
CA TYR X 260 -95.64 114.46 89.06
C TYR X 260 -97.14 114.39 89.28
N ASP X 261 -97.56 113.45 90.14
CA ASP X 261 -98.95 113.32 90.53
C ASP X 261 -99.19 114.25 91.71
N TYR X 262 -99.72 115.43 91.41
CA TYR X 262 -100.00 116.41 92.46
C TYR X 262 -101.15 115.98 93.34
N SER X 263 -102.11 115.24 92.78
CA SER X 263 -103.26 114.82 93.58
C SER X 263 -102.84 113.89 94.70
N GLN X 264 -101.94 112.95 94.42
CA GLN X 264 -101.44 112.02 95.41
C GLN X 264 -100.14 112.46 96.05
N LEU X 265 -99.62 113.63 95.67
CA LEU X 265 -98.40 114.19 96.24
C LEU X 265 -97.23 113.23 96.06
N GLY X 266 -96.91 112.94 94.80
CA GLY X 266 -95.84 112.00 94.53
C GLY X 266 -95.34 112.11 93.11
N ASP X 267 -94.41 111.23 92.78
CA ASP X 267 -93.79 111.16 91.46
C ASP X 267 -94.07 109.79 90.88
N ARG X 268 -94.34 109.73 89.58
CA ARG X 268 -94.57 108.48 88.88
C ARG X 268 -93.64 108.39 87.68
N THR X 269 -92.83 107.35 87.63
CA THR X 269 -91.94 107.11 86.51
C THR X 269 -92.37 105.84 85.79
N LEU X 270 -92.35 105.90 84.46
CA LEU X 270 -92.73 104.78 83.62
C LEU X 270 -91.58 104.50 82.65
N LEU X 271 -91.33 103.23 82.39
CA LEU X 271 -90.23 102.85 81.49
C LEU X 271 -90.73 101.67 80.66
N ASP X 272 -90.87 101.87 79.35
CA ASP X 272 -91.67 100.96 78.55
C ASP X 272 -91.13 100.79 77.13
N VAL X 273 -91.71 99.81 76.44
CA VAL X 273 -91.34 99.45 75.08
C VAL X 273 -92.46 98.59 74.50
N PHE X 274 -92.79 98.83 73.23
CA PHE X 274 -93.81 98.03 72.54
C PHE X 274 -93.16 96.81 71.92
N THR X 275 -93.81 95.66 72.06
CA THR X 275 -93.25 94.40 71.60
C THR X 275 -94.30 93.61 70.82
N GLY X 276 -93.82 92.80 69.89
CA GLY X 276 -94.65 91.86 69.18
C GLY X 276 -93.88 90.60 68.92
N ARG X 277 -94.59 89.47 68.92
CA ARG X 277 -93.98 88.17 68.75
C ARG X 277 -94.81 87.36 67.76
N LYS X 278 -94.15 86.43 67.06
CA LYS X 278 -94.84 85.60 66.09
C LYS X 278 -94.09 84.30 65.90
N VAL X 279 -94.83 83.20 65.73
CA VAL X 279 -94.25 81.96 65.27
C VAL X 279 -94.57 81.81 63.79
N VAL X 280 -93.64 81.24 63.04
CA VAL X 280 -93.76 81.14 61.59
C VAL X 280 -94.29 79.75 61.29
N THR X 281 -95.62 79.64 61.21
CA THR X 281 -96.25 78.38 60.86
C THR X 281 -96.18 78.16 59.35
N GLU X 282 -96.52 76.95 58.92
CA GLU X 282 -96.45 76.61 57.52
C GLU X 282 -97.70 77.11 56.79
N VAL X 283 -97.84 76.70 55.53
CA VAL X 283 -98.97 77.14 54.72
C VAL X 283 -100.27 76.54 55.25
N ASP X 284 -100.25 75.28 55.64
CA ASP X 284 -101.45 74.59 56.08
C ASP X 284 -101.68 74.68 57.59
N GLY X 285 -100.85 75.41 58.32
CA GLY X 285 -101.04 75.64 59.73
C GLY X 285 -100.18 74.79 60.64
N SER X 286 -99.60 73.71 60.12
CA SER X 286 -98.72 72.88 60.93
C SER X 286 -97.44 73.64 61.25
N PHE X 287 -96.94 73.46 62.47
CA PHE X 287 -95.70 74.07 62.91
C PHE X 287 -94.61 73.01 62.92
N VAL X 288 -93.59 73.19 62.09
CA VAL X 288 -92.55 72.18 61.93
C VAL X 288 -91.15 72.76 62.04
N ARG X 289 -91.00 74.05 62.32
CA ARG X 289 -89.68 74.65 62.41
C ARG X 289 -89.08 74.59 63.81
N ALA X 290 -89.80 74.05 64.79
CA ALA X 290 -89.29 73.96 66.15
C ALA X 290 -89.82 72.70 66.81
N VAL X 291 -88.99 72.12 67.67
CA VAL X 291 -89.30 70.87 68.35
C VAL X 291 -89.08 71.06 69.84
N GLU X 292 -90.03 70.56 70.63
CA GLU X 292 -89.96 70.62 72.08
C GLU X 292 -89.72 69.23 72.64
N LEU X 293 -88.68 69.09 73.45
CA LEU X 293 -88.33 67.83 74.09
C LEU X 293 -88.54 67.98 75.59
N GLN X 294 -89.01 66.92 76.23
CA GLN X 294 -89.27 66.95 77.66
C GLN X 294 -88.68 65.71 78.32
N LEU X 295 -88.34 65.86 79.60
CA LEU X 295 -87.63 64.83 80.34
C LEU X 295 -88.63 63.95 81.08
N GLN X 296 -88.51 62.64 80.91
CA GLN X 296 -89.44 61.71 81.53
C GLN X 296 -89.28 61.70 83.05
N ALA X 297 -90.37 61.36 83.73
CA ALA X 297 -90.37 61.16 85.17
C ALA X 297 -90.94 59.79 85.47
N SER X 298 -90.24 59.03 86.31
CA SER X 298 -90.66 57.67 86.64
C SER X 298 -91.23 57.52 88.04
N SER X 299 -90.83 58.39 88.97
CA SER X 299 -91.36 58.34 90.33
C SER X 299 -91.18 59.71 90.96
N ILE X 300 -91.93 59.95 92.03
CA ILE X 300 -91.86 61.21 92.74
C ILE X 300 -91.68 60.93 94.23
N THR X 301 -91.05 61.88 94.91
CA THR X 301 -90.82 61.81 96.34
C THR X 301 -91.14 63.16 96.94
N ILE X 302 -91.40 63.17 98.24
CA ILE X 302 -91.68 64.37 99.00
C ILE X 302 -90.48 64.69 99.85
N VAL X 303 -89.92 65.89 99.68
CA VAL X 303 -88.73 66.29 100.41
C VAL X 303 -89.07 66.46 101.88
N GLY X 304 -88.23 65.89 102.75
CA GLY X 304 -88.39 65.98 104.18
C GLY X 304 -88.95 64.74 104.83
N GLY X 305 -89.55 63.84 104.06
CA GLY X 305 -90.09 62.63 104.63
C GLY X 305 -91.28 62.90 105.53
N ALA X 306 -91.64 61.88 106.31
CA ALA X 306 -92.78 61.98 107.21
C ALA X 306 -92.33 62.59 108.53
N PHE X 307 -92.80 63.78 108.83
CA PHE X 307 -92.43 64.45 110.07
C PHE X 307 -93.65 65.18 110.62
N ALA X 308 -93.67 65.32 111.95
CA ALA X 308 -94.82 65.88 112.64
C ALA X 308 -94.81 67.40 112.60
N LEU X 309 -96.01 67.96 112.57
CA LEU X 309 -96.16 69.42 112.58
C LEU X 309 -95.98 69.96 114.00
N ALA X 310 -95.48 71.19 114.08
CA ALA X 310 -95.18 71.79 115.37
C ALA X 310 -96.44 72.02 116.19
N THR X 311 -97.46 72.60 115.57
CA THR X 311 -98.69 72.95 116.28
C THR X 311 -99.85 72.89 115.30
N THR X 312 -101.06 72.99 115.86
CA THR X 312 -102.26 72.91 115.04
C THR X 312 -102.32 74.05 114.03
N THR X 313 -101.98 75.27 114.45
CA THR X 313 -101.96 76.40 113.54
C THR X 313 -100.72 76.43 112.65
N GLY X 314 -99.76 75.54 112.88
CA GLY X 314 -98.57 75.52 112.06
C GLY X 314 -98.86 75.12 110.64
N THR X 315 -98.06 75.66 109.71
CA THR X 315 -98.19 75.38 108.29
C THR X 315 -96.85 74.95 107.74
N LYS X 316 -96.87 73.94 106.86
CA LYS X 316 -95.66 73.53 106.17
C LYS X 316 -95.93 73.43 104.68
N GLN X 317 -94.97 73.89 103.88
CA GLN X 317 -95.08 73.89 102.43
C GLN X 317 -94.38 72.66 101.88
N LEU X 318 -95.14 71.71 101.39
CA LEU X 318 -94.55 70.49 100.85
C LEU X 318 -93.76 70.79 99.60
N LYS X 319 -92.64 70.09 99.44
CA LYS X 319 -91.83 70.14 98.24
C LYS X 319 -91.83 68.76 97.61
N VAL X 320 -92.13 68.69 96.32
CA VAL X 320 -92.20 67.43 95.60
C VAL X 320 -91.11 67.44 94.53
N ARG X 321 -90.47 66.29 94.35
CA ARG X 321 -89.45 66.15 93.32
C ARG X 321 -89.68 64.85 92.58
N ASP X 322 -89.09 64.75 91.40
CA ASP X 322 -89.09 63.51 90.64
C ASP X 322 -87.69 62.92 90.64
N ASP X 323 -87.54 61.75 90.04
CA ASP X 323 -86.24 61.09 90.02
C ASP X 323 -85.20 61.88 89.23
N ASN X 324 -85.64 62.86 88.44
CA ASN X 324 -84.73 63.72 87.71
C ASN X 324 -84.24 64.90 88.53
N GLY X 325 -84.78 65.09 89.73
CA GLY X 325 -84.43 66.23 90.55
C GLY X 325 -85.22 67.48 90.26
N THR X 326 -86.13 67.45 89.30
CA THR X 326 -86.93 68.62 88.97
C THR X 326 -87.96 68.89 90.06
N ASP X 327 -88.24 70.17 90.30
CA ASP X 327 -89.29 70.55 91.22
C ASP X 327 -90.63 70.48 90.49
N VAL X 328 -91.55 69.67 91.03
CA VAL X 328 -92.83 69.45 90.37
C VAL X 328 -93.95 69.82 91.33
N THR X 329 -93.68 70.72 92.27
CA THR X 329 -94.68 71.11 93.26
C THR X 329 -95.89 71.75 92.58
N ALA X 330 -95.66 72.57 91.57
CA ALA X 330 -96.77 73.21 90.87
C ALA X 330 -97.62 72.18 90.13
N ARG X 331 -96.97 71.17 89.52
CA ARG X 331 -97.68 70.21 88.70
C ARG X 331 -98.41 69.15 89.50
N CYS X 332 -98.15 69.04 90.80
CA CYS X 332 -98.76 67.99 91.61
C CYS X 332 -100.10 68.44 92.17
N THR X 333 -100.95 67.47 92.46
CA THR X 333 -102.21 67.69 93.15
C THR X 333 -102.20 66.90 94.45
N PHE X 334 -102.58 67.56 95.54
CA PHE X 334 -102.46 66.99 96.86
C PHE X 334 -103.82 66.66 97.44
N ALA X 335 -103.85 65.59 98.24
CA ALA X 335 -105.05 65.19 98.96
C ALA X 335 -104.67 64.72 100.35
N SER X 336 -105.61 64.80 101.28
CA SER X 336 -105.38 64.41 102.67
C SER X 336 -106.33 63.27 103.04
N SER X 337 -105.77 62.21 103.61
CA SER X 337 -106.59 61.08 104.03
C SER X 337 -107.51 61.45 105.19
N ALA X 338 -107.00 62.24 106.15
CA ALA X 338 -107.75 62.63 107.34
C ALA X 338 -107.90 64.14 107.30
N GLY X 339 -108.99 64.62 106.69
CA GLY X 339 -109.23 66.05 106.60
C GLY X 339 -109.41 66.70 107.95
N THR X 340 -110.02 65.98 108.90
CA THR X 340 -110.24 66.53 110.24
C THR X 340 -108.94 66.72 111.01
N LYS X 341 -107.84 66.15 110.53
CA LYS X 341 -106.55 66.28 111.19
C LYS X 341 -105.68 67.34 110.52
N ALA X 342 -105.41 67.18 109.22
CA ALA X 342 -104.57 68.11 108.49
C ALA X 342 -105.13 68.31 107.10
N THR X 343 -105.27 69.58 106.71
CA THR X 343 -105.83 69.96 105.43
C THR X 343 -104.72 70.56 104.56
N VAL X 344 -104.63 70.10 103.32
CA VAL X 344 -103.56 70.49 102.41
C VAL X 344 -104.15 71.31 101.28
N SER X 345 -103.54 72.46 101.01
CA SER X 345 -103.97 73.30 99.90
C SER X 345 -103.53 72.68 98.58
N ALA X 346 -104.11 73.19 97.49
CA ALA X 346 -103.76 72.70 96.17
C ALA X 346 -102.36 73.09 95.73
N ALA X 347 -101.70 74.00 96.44
CA ALA X 347 -100.36 74.44 96.10
C ALA X 347 -99.28 73.78 96.95
N GLY X 348 -99.64 72.79 97.76
CA GLY X 348 -98.70 72.07 98.58
C GLY X 348 -98.67 72.50 100.03
N LEU X 349 -99.18 73.68 100.35
CA LEU X 349 -99.25 74.11 101.74
C LEU X 349 -100.24 73.25 102.51
N VAL X 350 -99.84 72.80 103.70
CA VAL X 350 -100.70 71.98 104.53
C VAL X 350 -100.64 72.47 105.97
N THR X 351 -101.81 72.52 106.61
CA THR X 351 -101.98 73.01 107.97
C THR X 351 -102.80 72.00 108.77
N GLY X 352 -102.38 71.72 110.00
CA GLY X 352 -103.09 70.77 110.84
C GLY X 352 -104.36 71.35 111.42
N VAL X 353 -105.17 70.47 112.01
CA VAL X 353 -106.41 70.87 112.65
C VAL X 353 -106.44 70.37 114.09
N ALA X 354 -106.29 69.07 114.27
CA ALA X 354 -106.36 68.46 115.60
C ALA X 354 -105.45 67.24 115.65
N ALA X 355 -105.09 66.85 116.87
CA ALA X 355 -104.09 65.81 117.08
C ALA X 355 -104.51 64.49 116.44
N GLY X 356 -103.54 63.81 115.84
CA GLY X 356 -103.77 62.55 115.16
C GLY X 356 -102.79 62.38 114.03
N THR X 357 -103.15 61.49 113.10
CA THR X 357 -102.32 61.22 111.93
C THR X 357 -103.12 61.46 110.66
N ALA X 358 -102.48 62.05 109.65
CA ALA X 358 -103.07 62.26 108.35
C ALA X 358 -102.10 61.80 107.28
N ASP X 359 -102.60 60.99 106.34
CA ASP X 359 -101.77 60.43 105.27
C ASP X 359 -101.94 61.30 104.03
N ILE X 360 -101.02 62.23 103.85
CA ILE X 360 -101.04 63.13 102.70
C ILE X 360 -100.54 62.40 101.48
N THR X 361 -101.19 62.60 100.34
CA THR X 361 -100.76 62.03 99.08
C THR X 361 -100.61 63.14 98.04
N ALA X 362 -99.59 62.99 97.20
CA ALA X 362 -99.34 63.92 96.11
C ALA X 362 -99.28 63.12 94.81
N SER X 363 -100.14 63.48 93.86
CA SER X 363 -100.23 62.81 92.58
C SER X 363 -99.67 63.72 91.50
N TYR X 364 -99.00 63.11 90.52
CA TYR X 364 -98.33 63.86 89.46
C TYR X 364 -98.45 63.07 88.18
N VAL X 365 -99.20 63.59 87.21
CA VAL X 365 -99.30 62.96 85.91
C VAL X 365 -98.01 63.25 85.15
N PRO X 366 -97.25 62.24 84.77
CA PRO X 366 -95.95 62.48 84.17
C PRO X 366 -96.10 63.04 82.76
N PRO X 367 -94.99 63.45 82.12
CA PRO X 367 -95.09 63.87 80.72
C PRO X 367 -95.64 62.80 79.80
N GLN X 368 -95.34 61.53 80.04
CA GLN X 368 -95.89 60.47 79.21
C GLN X 368 -97.39 60.26 79.44
N GLY X 369 -97.96 60.85 80.49
CA GLY X 369 -99.36 60.67 80.76
C GLY X 369 -99.65 59.31 81.37
N GLY X 370 -100.93 58.96 81.38
CA GLY X 370 -101.35 57.69 81.91
C GLY X 370 -101.53 57.71 83.42
N THR X 371 -101.16 56.61 84.08
CA THR X 371 -101.29 56.53 85.52
C THR X 371 -100.41 57.58 86.19
N ALA X 372 -100.99 58.28 87.15
CA ALA X 372 -100.28 59.36 87.83
C ALA X 372 -99.38 58.79 88.92
N LYS X 373 -98.13 59.20 88.92
CA LYS X 373 -97.23 58.80 89.98
C LYS X 373 -97.70 59.37 91.32
N THR X 374 -97.45 58.63 92.40
CA THR X 374 -97.97 58.99 93.70
C THR X 374 -96.86 58.96 94.74
N ALA X 375 -96.86 59.96 95.62
CA ALA X 375 -95.97 60.00 96.77
C ALA X 375 -96.81 60.16 98.03
N THR X 376 -96.59 59.29 99.01
CA THR X 376 -97.36 59.30 100.25
C THR X 376 -96.45 59.71 101.41
N VAL X 377 -96.94 60.63 102.22
CA VAL X 377 -96.25 61.07 103.44
C VAL X 377 -97.26 61.01 104.57
N THR X 378 -96.75 60.93 105.79
CA THR X 378 -97.59 60.91 106.98
C THR X 378 -97.25 62.09 107.86
N VAL X 379 -98.27 62.84 108.28
CA VAL X 379 -98.09 63.99 109.15
C VAL X 379 -98.80 63.69 110.47
N THR X 380 -98.14 63.99 111.57
CA THR X 380 -98.69 63.79 112.90
C THR X 380 -99.02 65.16 113.49
N VAL X 381 -100.29 65.46 113.59
CA VAL X 381 -100.73 66.74 114.17
C VAL X 381 -100.71 66.61 115.70
N PRO X 382 -99.98 67.47 116.41
CA PRO X 382 -99.85 67.38 117.87
C PRO X 382 -101.13 67.77 118.59
N ALA Y 2 -20.61 39.31 141.25
CA ALA Y 2 -21.79 40.12 141.57
C ALA Y 2 -21.53 41.58 141.27
N HIS Y 3 -21.13 41.87 140.04
CA HIS Y 3 -20.85 43.25 139.64
C HIS Y 3 -22.15 44.03 139.50
N ILE Y 4 -22.16 45.25 140.04
CA ILE Y 4 -23.29 46.14 139.89
C ILE Y 4 -22.75 47.54 139.64
N PHE Y 5 -23.45 48.28 138.76
CA PHE Y 5 -23.02 49.59 138.34
C PHE Y 5 -24.17 50.58 138.50
N VAL Y 6 -23.81 51.83 138.78
CA VAL Y 6 -24.77 52.93 138.78
C VAL Y 6 -24.72 53.59 137.41
N LYS Y 7 -25.88 53.74 136.79
CA LYS Y 7 -25.99 54.22 135.43
C LYS Y 7 -27.05 55.29 135.35
N PRO Y 8 -26.98 56.17 134.37
CA PRO Y 8 -27.98 57.24 134.25
C PRO Y 8 -29.35 56.73 133.82
N GLU Y 9 -30.24 57.67 133.53
CA GLU Y 9 -31.63 57.38 133.24
C GLU Y 9 -32.02 57.93 131.87
N LEU Y 10 -31.17 57.71 130.87
CA LEU Y 10 -31.20 58.47 129.63
C LEU Y 10 -32.59 58.54 129.02
N VAL Y 11 -32.96 59.74 128.57
CA VAL Y 11 -34.18 59.98 127.83
C VAL Y 11 -33.82 60.74 126.56
N ALA Y 12 -34.33 60.28 125.43
CA ALA Y 12 -33.96 60.82 124.13
C ALA Y 12 -35.20 61.10 123.30
N GLU Y 13 -35.05 62.02 122.35
CA GLU Y 13 -36.11 62.35 121.41
C GLU Y 13 -35.70 61.88 120.02
N ILE Y 14 -36.60 61.20 119.33
CA ILE Y 14 -36.27 60.64 118.02
C ILE Y 14 -37.30 61.07 116.99
N GLY Y 15 -38.11 62.07 117.31
CA GLY Y 15 -39.08 62.56 116.37
C GLY Y 15 -40.40 61.82 116.36
N VAL Y 16 -40.72 61.09 117.43
CA VAL Y 16 -42.03 60.47 117.56
C VAL Y 16 -42.94 61.50 118.23
N LYS Y 17 -43.76 62.17 117.43
CA LYS Y 17 -44.69 63.18 117.91
C LYS Y 17 -46.10 62.63 117.96
N GLN Y 18 -46.96 63.31 118.69
CA GLN Y 18 -48.37 62.91 118.73
C GLN Y 18 -49.06 63.33 117.45
N LEU Y 19 -49.80 62.41 116.85
CA LEU Y 19 -50.44 62.68 115.57
C LEU Y 19 -51.57 63.68 115.75
N GLN Y 20 -51.61 64.70 114.88
CA GLN Y 20 -52.62 65.75 114.95
C GLN Y 20 -53.09 66.10 113.55
N ARG Y 21 -54.28 66.69 113.48
CA ARG Y 21 -54.91 67.00 112.21
C ARG Y 21 -54.15 68.08 111.47
N GLU Y 22 -54.30 68.08 110.14
CA GLU Y 22 -53.79 69.14 109.29
C GLU Y 22 -54.84 70.22 109.15
N ILE Y 23 -54.46 71.47 109.38
CA ILE Y 23 -55.41 72.59 109.39
C ILE Y 23 -55.61 73.08 107.96
N VAL Y 24 -56.82 72.92 107.44
CA VAL Y 24 -57.12 73.36 106.08
C VAL Y 24 -58.35 74.24 105.98
N LEU Y 25 -59.28 74.20 106.94
CA LEU Y 25 -60.52 74.97 106.79
C LEU Y 25 -60.32 76.48 106.79
N PRO Y 26 -59.56 77.08 107.72
CA PRO Y 26 -59.62 78.56 107.86
C PRO Y 26 -59.29 79.32 106.59
N GLY Y 27 -58.46 78.77 105.71
CA GLY Y 27 -58.16 79.50 104.50
C GLY Y 27 -59.22 79.45 103.43
N LEU Y 28 -60.31 78.73 103.65
CA LEU Y 28 -61.32 78.56 102.61
C LEU Y 28 -62.56 79.42 102.82
N VAL Y 29 -62.95 79.69 104.06
CA VAL Y 29 -64.15 80.46 104.35
C VAL Y 29 -63.87 81.94 104.20
N TRP Y 30 -64.92 82.76 104.30
CA TRP Y 30 -64.81 84.21 104.21
C TRP Y 30 -64.45 84.75 105.59
N THR Y 31 -63.26 85.31 105.72
CA THR Y 31 -62.76 85.76 107.01
C THR Y 31 -62.73 87.29 107.05
N ASN Y 32 -63.32 87.85 108.10
CA ASN Y 32 -63.29 89.28 108.38
C ASN Y 32 -63.77 90.14 107.21
N PRO Y 33 -65.02 89.98 106.76
CA PRO Y 33 -65.59 91.00 105.88
C PRO Y 33 -65.92 92.27 106.65
N LEU Y 34 -66.22 92.14 107.93
CA LEU Y 34 -66.63 93.24 108.78
C LEU Y 34 -65.80 93.21 110.05
N THR Y 35 -65.33 94.38 110.48
CA THR Y 35 -64.45 94.43 111.64
C THR Y 35 -64.79 95.61 112.55
N ASP Y 36 -66.06 96.00 112.60
CA ASP Y 36 -66.49 97.14 113.40
C ASP Y 36 -67.57 96.74 114.38
N PHE Y 37 -67.45 95.54 114.96
CA PHE Y 37 -68.45 95.08 115.90
C PHE Y 37 -68.42 95.85 117.21
N GLY Y 38 -67.29 96.43 117.56
CA GLY Y 38 -67.24 97.31 118.70
C GLY Y 38 -67.60 98.71 118.28
N GLY Y 39 -68.85 99.10 118.50
CA GLY Y 39 -69.34 100.36 117.97
C GLY Y 39 -70.65 100.19 117.26
N SER Y 40 -71.28 99.03 117.43
CA SER Y 40 -72.60 98.76 116.89
C SER Y 40 -73.45 98.10 117.96
N LYS Y 41 -74.77 98.24 117.83
CA LYS Y 41 -75.68 97.76 118.85
C LYS Y 41 -75.65 96.23 118.91
N ASN Y 42 -75.59 95.71 120.14
CA ASN Y 42 -75.62 94.26 120.39
C ASN Y 42 -74.50 93.53 119.65
N ASP Y 43 -73.37 94.21 119.42
CA ASP Y 43 -72.23 93.62 118.74
C ASP Y 43 -72.60 93.10 117.36
N THR Y 44 -73.65 93.66 116.77
CA THR Y 44 -74.22 93.16 115.52
C THR Y 44 -74.07 94.21 114.44
N ILE Y 45 -73.51 93.81 113.30
CA ILE Y 45 -73.43 94.65 112.12
C ILE Y 45 -74.49 94.18 111.13
N THR Y 46 -75.34 95.10 110.69
CA THR Y 46 -76.36 94.78 109.71
C THR Y 46 -75.76 94.89 108.32
N VAL Y 47 -76.04 93.90 107.46
CA VAL Y 47 -75.60 93.88 106.08
C VAL Y 47 -76.83 94.02 105.21
N ARG Y 48 -76.76 94.93 104.24
CA ARG Y 48 -77.90 95.26 103.40
C ARG Y 48 -77.74 94.58 102.03
N VAL Y 49 -78.73 93.76 101.68
CA VAL Y 49 -78.84 93.17 100.35
C VAL Y 49 -79.71 94.10 99.51
N PRO Y 50 -79.21 94.56 98.37
CA PRO Y 50 -79.91 95.61 97.61
C PRO Y 50 -81.26 95.15 97.10
N ALA Y 51 -82.01 96.10 96.58
CA ALA Y 51 -83.38 95.89 96.18
C ALA Y 51 -83.45 95.17 94.83
N ILE Y 52 -84.65 94.73 94.50
CA ILE Y 52 -84.93 94.01 93.26
C ILE Y 52 -86.39 94.29 92.91
N THR Y 53 -86.68 94.35 91.61
CA THR Y 53 -88.05 94.64 91.19
C THR Y 53 -88.38 93.80 89.97
N THR Y 54 -89.68 93.69 89.71
CA THR Y 54 -90.19 92.97 88.55
C THR Y 54 -91.07 93.89 87.72
N ALA Y 55 -90.95 93.77 86.41
CA ALA Y 55 -91.77 94.53 85.47
C ALA Y 55 -92.91 93.66 84.98
N ASN Y 56 -93.99 94.30 84.57
CA ASN Y 56 -95.16 93.58 84.08
C ASN Y 56 -95.72 94.26 82.84
N ARG Y 57 -96.37 93.48 82.00
CA ARG Y 57 -96.81 93.91 80.68
C ARG Y 57 -98.30 94.19 80.67
N ARG Y 58 -98.76 94.73 79.54
CA ARG Y 58 -100.17 94.97 79.30
C ARG Y 58 -100.42 94.89 77.80
N ASP Y 59 -101.67 94.63 77.44
CA ASP Y 59 -102.03 94.53 76.04
C ASP Y 59 -101.96 95.88 75.35
N LEU Y 60 -101.42 95.89 74.14
CA LEU Y 60 -101.34 97.12 73.36
C LEU Y 60 -102.73 97.58 72.94
N ARG Y 61 -102.91 98.90 72.89
CA ARG Y 61 -104.15 99.54 72.48
C ARG Y 61 -105.34 99.13 73.34
N ASP Y 62 -105.08 98.53 74.48
CA ASP Y 62 -106.16 98.16 75.39
C ASP Y 62 -106.82 99.41 75.92
N PRO Y 63 -108.16 99.49 75.89
CA PRO Y 63 -108.83 100.65 76.50
C PRO Y 63 -108.57 100.79 77.98
N ASP Y 64 -108.14 99.73 78.66
CA ASP Y 64 -107.80 99.80 80.08
C ASP Y 64 -106.40 100.40 80.21
N ARG Y 65 -106.35 101.71 80.41
CA ARG Y 65 -105.07 102.43 80.54
C ARG Y 65 -104.71 102.56 82.02
N THR Y 66 -104.31 101.43 82.60
CA THR Y 66 -103.90 101.38 83.99
C THR Y 66 -102.60 100.61 84.12
N VAL Y 67 -101.68 101.15 84.91
CA VAL Y 67 -100.37 100.55 85.14
C VAL Y 67 -100.29 100.10 86.59
N ILE Y 68 -99.71 98.94 86.81
CA ILE Y 68 -99.53 98.40 88.15
C ILE Y 68 -98.14 98.81 88.64
N ALA Y 69 -98.11 99.61 89.71
CA ALA Y 69 -96.85 100.14 90.21
C ALA Y 69 -96.09 99.04 90.93
N SER Y 70 -94.98 98.61 90.36
CA SER Y 70 -94.15 97.62 91.02
C SER Y 70 -93.48 98.23 92.24
N GLU Y 71 -93.21 97.40 93.24
CA GLU Y 71 -92.57 97.83 94.48
C GLU Y 71 -91.27 97.06 94.66
N LEU Y 72 -90.21 97.79 95.02
CA LEU Y 72 -88.89 97.21 95.25
C LEU Y 72 -88.49 97.44 96.70
N VAL Y 73 -87.96 96.38 97.33
CA VAL Y 73 -87.65 96.39 98.75
C VAL Y 73 -86.20 95.93 98.93
N GLU Y 74 -85.50 96.56 99.87
CA GLU Y 74 -84.18 96.12 100.26
C GLU Y 74 -84.28 95.18 101.46
N HIS Y 75 -83.29 94.31 101.60
CA HIS Y 75 -83.30 93.32 102.67
C HIS Y 75 -82.04 93.45 103.50
N SER Y 76 -81.98 92.74 104.62
CA SER Y 76 -80.83 92.85 105.50
C SER Y 76 -80.71 91.62 106.38
N PHE Y 77 -79.51 91.42 106.92
CA PHE Y 77 -79.27 90.36 107.88
C PHE Y 77 -78.11 90.76 108.78
N GLY Y 78 -78.14 90.29 110.03
CA GLY Y 78 -77.22 90.75 111.05
C GLY Y 78 -76.13 89.73 111.34
N VAL Y 79 -74.88 90.19 111.25
CA VAL Y 79 -73.70 89.40 111.61
C VAL Y 79 -73.33 89.75 113.04
N THR Y 80 -73.23 88.73 113.89
CA THR Y 80 -73.04 88.93 115.32
C THR Y 80 -71.76 88.28 115.80
N LEU Y 81 -71.15 88.88 116.81
CA LEU Y 81 -69.98 88.33 117.49
C LEU Y 81 -70.45 87.67 118.78
N ASP Y 82 -70.16 86.38 118.95
CA ASP Y 82 -70.81 85.60 119.98
C ASP Y 82 -69.91 84.70 120.80
N LYS Y 83 -68.74 84.28 120.32
CA LYS Y 83 -67.94 83.28 121.01
C LYS Y 83 -66.59 83.84 121.41
N HIS Y 84 -66.01 83.23 122.43
CA HIS Y 84 -64.73 83.67 123.01
C HIS Y 84 -63.84 82.44 123.12
N VAL Y 85 -62.93 82.27 122.17
CA VAL Y 85 -62.06 81.10 122.15
C VAL Y 85 -60.84 81.38 122.99
N TYR Y 86 -60.52 80.48 123.91
CA TYR Y 86 -59.41 80.72 124.81
C TYR Y 86 -58.73 79.42 125.18
N ALA Y 87 -57.50 79.55 125.67
CA ALA Y 87 -56.72 78.42 126.18
C ALA Y 87 -55.89 78.95 127.35
N ALA Y 88 -56.06 78.34 128.52
CA ALA Y 88 -55.44 78.83 129.74
C ALA Y 88 -54.54 77.77 130.35
N LEU Y 89 -53.48 78.23 131.02
CA LEU Y 89 -52.51 77.34 131.62
C LEU Y 89 -52.11 77.86 132.98
N LYS Y 90 -51.81 76.94 133.89
CA LYS Y 90 -51.28 77.25 135.21
C LYS Y 90 -49.90 76.62 135.35
N PHE Y 91 -49.05 77.26 136.15
CA PHE Y 91 -47.71 76.73 136.36
C PHE Y 91 -47.27 77.11 137.77
N THR Y 92 -47.24 76.13 138.66
CA THR Y 92 -46.72 76.40 139.99
C THR Y 92 -45.28 76.86 139.90
N ASP Y 93 -44.85 77.61 140.91
CA ASP Y 93 -43.54 78.24 140.86
C ASP Y 93 -42.44 77.18 140.77
N GLU Y 94 -42.63 76.05 141.46
CA GLU Y 94 -41.68 74.95 141.33
C GLU Y 94 -41.61 74.43 139.91
N GLN Y 95 -42.77 74.24 139.26
CA GLN Y 95 -42.77 73.75 137.89
C GLN Y 95 -42.07 74.72 136.95
N ARG Y 96 -42.33 76.02 137.12
CA ARG Y 96 -41.70 77.01 136.27
C ARG Y 96 -40.20 77.05 136.49
N THR Y 97 -39.75 76.89 137.73
CA THR Y 97 -38.32 76.94 138.00
C THR Y 97 -37.60 75.71 137.46
N LEU Y 98 -38.16 74.52 137.69
CA LEU Y 98 -37.46 73.28 137.40
C LEU Y 98 -37.97 72.57 136.15
N ASP Y 99 -39.28 72.39 136.03
CA ASP Y 99 -39.80 71.54 134.96
C ASP Y 99 -39.67 72.19 133.59
N ILE Y 100 -40.02 73.47 133.46
CA ILE Y 100 -40.09 74.12 132.16
C ILE Y 100 -38.66 74.49 131.76
N ARG Y 101 -38.03 73.64 130.96
CA ARG Y 101 -36.66 73.89 130.51
C ARG Y 101 -36.60 74.91 129.39
N ASP Y 102 -37.65 75.01 128.56
CA ASP Y 102 -37.66 75.91 127.40
C ASP Y 102 -39.08 76.45 127.26
N TYR Y 103 -39.31 77.66 127.77
CA TYR Y 103 -40.67 78.16 127.92
C TYR Y 103 -41.33 78.37 126.57
N THR Y 104 -40.59 78.86 125.58
CA THR Y 104 -41.19 79.14 124.28
C THR Y 104 -41.68 77.87 123.60
N LYS Y 105 -40.83 76.86 123.52
CA LYS Y 105 -41.20 75.63 122.83
C LYS Y 105 -42.16 74.78 123.65
N GLN Y 106 -41.94 74.69 124.96
CA GLN Y 106 -42.72 73.76 125.76
C GLN Y 106 -44.13 74.27 126.03
N VAL Y 107 -44.35 75.57 126.01
CA VAL Y 107 -45.62 76.10 126.49
C VAL Y 107 -46.34 76.90 125.40
N LEU Y 108 -45.68 77.92 124.85
CA LEU Y 108 -46.36 78.83 123.93
C LEU Y 108 -46.80 78.13 122.66
N MET Y 109 -45.93 77.31 122.08
CA MET Y 109 -46.28 76.62 120.85
C MET Y 109 -47.45 75.67 121.01
N PRO Y 110 -47.50 74.81 122.05
CA PRO Y 110 -48.72 73.99 122.24
C PRO Y 110 -49.97 74.83 122.42
N GLN Y 111 -49.88 75.96 123.12
CA GLN Y 111 -51.05 76.81 123.30
C GLN Y 111 -51.54 77.36 121.97
N VAL Y 112 -50.61 77.85 121.14
CA VAL Y 112 -51.01 78.39 119.85
C VAL Y 112 -51.64 77.30 118.99
N SER Y 113 -51.04 76.11 118.99
CA SER Y 113 -51.61 75.02 118.19
C SER Y 113 -52.98 74.63 118.69
N ALA Y 114 -53.19 74.60 120.00
CA ALA Y 114 -54.50 74.27 120.54
C ALA Y 114 -55.54 75.29 120.13
N VAL Y 115 -55.19 76.57 120.18
CA VAL Y 115 -56.15 77.59 119.78
C VAL Y 115 -56.45 77.50 118.29
N ALA Y 116 -55.44 77.21 117.48
CA ALA Y 116 -55.67 77.06 116.05
C ALA Y 116 -56.61 75.89 115.76
N TYR Y 117 -56.39 74.76 116.44
CA TYR Y 117 -57.27 73.63 116.25
C TYR Y 117 -58.69 73.94 116.72
N GLU Y 118 -58.82 74.72 117.78
CA GLU Y 118 -60.15 75.09 118.25
C GLU Y 118 -60.85 75.98 117.24
N LEU Y 119 -60.12 76.90 116.61
CA LEU Y 119 -60.71 77.74 115.58
C LEU Y 119 -61.15 76.90 114.38
N GLU Y 120 -60.33 75.92 113.99
CA GLU Y 120 -60.74 75.03 112.91
C GLU Y 120 -62.00 74.25 113.28
N ASP Y 121 -62.06 73.76 114.51
CA ASP Y 121 -63.26 73.06 114.95
C ASP Y 121 -64.48 73.98 114.93
N TYR Y 122 -64.28 75.25 115.29
CA TYR Y 122 -65.38 76.21 115.23
C TYR Y 122 -65.87 76.39 113.81
N ILE Y 123 -64.96 76.52 112.86
CA ILE Y 123 -65.35 76.68 111.45
C ILE Y 123 -66.09 75.44 110.97
N ALA Y 124 -65.58 74.26 111.33
CA ALA Y 124 -66.23 73.02 110.92
C ALA Y 124 -67.63 72.93 111.51
N GLU Y 125 -67.80 73.35 112.77
CA GLU Y 125 -69.13 73.36 113.38
C GLU Y 125 -70.04 74.31 112.63
N LEU Y 126 -69.53 75.47 112.22
CA LEU Y 126 -70.32 76.40 111.43
C LEU Y 126 -70.80 75.74 110.15
N ILE Y 127 -69.91 75.07 109.44
CA ILE Y 127 -70.28 74.43 108.18
C ILE Y 127 -71.30 73.32 108.41
N GLU Y 128 -71.09 72.52 109.45
CA GLU Y 128 -71.99 71.40 109.72
C GLU Y 128 -73.39 71.89 110.08
N GLY Y 129 -73.47 72.90 110.94
CA GLY Y 129 -74.76 73.29 111.50
C GLY Y 129 -75.60 74.20 110.66
N ALA Y 130 -75.17 74.54 109.46
CA ALA Y 130 -75.96 75.42 108.62
C ALA Y 130 -77.29 74.77 108.28
N PRO Y 131 -78.37 75.53 108.21
CA PRO Y 131 -79.67 74.91 107.91
C PRO Y 131 -79.77 74.49 106.46
N TYR Y 132 -79.64 73.20 106.20
CA TYR Y 132 -79.73 72.64 104.86
C TYR Y 132 -81.10 72.03 104.67
N GLU Y 133 -81.82 72.47 103.65
CA GLU Y 133 -83.15 71.91 103.39
C GLU Y 133 -83.04 70.52 102.77
N GLU Y 134 -82.11 70.33 101.85
CA GLU Y 134 -81.94 69.08 101.14
C GLU Y 134 -80.58 68.49 101.47
N THR Y 135 -80.56 67.22 101.83
CA THR Y 135 -79.31 66.49 102.05
C THR Y 135 -79.15 65.49 100.91
N ILE Y 136 -78.39 65.87 99.89
CA ILE Y 136 -78.17 64.99 98.75
C ILE Y 136 -77.42 63.76 99.21
N LEU Y 137 -77.88 62.59 98.78
CA LEU Y 137 -77.34 61.32 99.24
C LEU Y 137 -76.39 60.77 98.18
N ILE Y 138 -75.16 60.47 98.57
CA ILE Y 138 -74.17 59.92 97.67
C ILE Y 138 -74.30 58.40 97.70
N ASP Y 139 -74.72 57.82 96.59
CA ASP Y 139 -74.79 56.37 96.49
C ASP Y 139 -73.38 55.83 96.30
N PRO Y 140 -72.89 54.99 97.20
CA PRO Y 140 -71.49 54.53 97.09
C PRO Y 140 -71.20 53.77 95.81
N ALA Y 141 -72.21 53.16 95.20
CA ALA Y 141 -71.98 52.46 93.93
C ALA Y 141 -71.81 53.45 92.78
N ASP Y 142 -72.55 54.54 92.80
CA ASP Y 142 -72.49 55.57 91.75
C ASP Y 142 -72.50 56.92 92.43
N THR Y 143 -71.31 57.45 92.70
CA THR Y 143 -71.18 58.68 93.47
C THR Y 143 -71.31 59.94 92.63
N VAL Y 144 -70.99 59.87 91.34
CA VAL Y 144 -70.99 61.08 90.50
C VAL Y 144 -72.35 61.72 90.40
N PRO Y 145 -73.45 60.99 90.18
CA PRO Y 145 -74.75 61.67 90.04
C PRO Y 145 -75.11 62.54 91.23
N ALA Y 146 -74.70 62.18 92.44
CA ALA Y 146 -74.97 63.05 93.58
C ALA Y 146 -74.25 64.39 93.44
N PHE Y 147 -72.99 64.36 93.01
CA PHE Y 147 -72.25 65.62 92.87
C PHE Y 147 -72.77 66.44 91.70
N ILE Y 148 -73.14 65.78 90.60
CA ILE Y 148 -73.75 66.51 89.49
C ILE Y 148 -75.08 67.12 89.93
N THR Y 149 -75.82 66.41 90.78
CA THR Y 149 -77.05 66.97 91.32
C THR Y 149 -76.77 68.18 92.19
N ALA Y 150 -75.71 68.13 92.99
CA ALA Y 150 -75.36 69.30 93.80
C ALA Y 150 -75.02 70.49 92.92
N ASP Y 151 -74.25 70.25 91.86
CA ASP Y 151 -73.94 71.32 90.92
C ASP Y 151 -75.20 71.87 90.29
N GLN Y 152 -76.13 70.99 89.91
CA GLN Y 152 -77.39 71.44 89.32
C GLN Y 152 -78.21 72.26 90.31
N ARG Y 153 -78.24 71.83 91.58
CA ARG Y 153 -79.02 72.56 92.58
C ARG Y 153 -78.45 73.96 92.79
N MET Y 154 -77.13 74.09 92.81
CA MET Y 154 -76.56 75.42 92.94
C MET Y 154 -76.76 76.24 91.68
N GLY Y 155 -76.76 75.60 90.51
CA GLY Y 155 -76.96 76.33 89.27
C GLY Y 155 -78.39 76.80 89.08
N GLU Y 156 -79.36 76.06 89.62
CA GLU Y 156 -80.75 76.48 89.53
C GLU Y 156 -81.05 77.67 90.42
N ALA Y 157 -80.23 77.92 91.43
CA ALA Y 157 -80.36 79.09 92.28
C ALA Y 157 -79.53 80.26 91.78
N ASN Y 158 -78.92 80.13 90.60
CA ASN Y 158 -78.15 81.18 89.94
C ASN Y 158 -76.89 81.56 90.72
N VAL Y 159 -76.43 80.68 91.60
CA VAL Y 159 -75.19 80.97 92.35
C VAL Y 159 -74.03 81.07 91.38
N PRO Y 160 -73.11 82.02 91.54
CA PRO Y 160 -72.00 82.13 90.59
C PRO Y 160 -71.18 80.86 90.51
N THR Y 161 -70.67 80.58 89.31
CA THR Y 161 -69.94 79.35 89.07
C THR Y 161 -68.53 79.37 89.62
N ASP Y 162 -67.99 80.52 89.95
CA ASP Y 162 -66.62 80.64 90.42
C ASP Y 162 -66.58 80.78 91.94
N SER Y 163 -65.39 80.59 92.50
CA SER Y 163 -65.16 80.67 93.94
C SER Y 163 -66.04 79.70 94.71
N ARG Y 164 -66.17 78.49 94.20
CA ARG Y 164 -66.88 77.41 94.88
C ARG Y 164 -65.87 76.45 95.47
N ARG Y 165 -66.07 76.07 96.72
CA ARG Y 165 -65.17 75.15 97.41
C ARG Y 165 -65.92 73.87 97.73
N LEU Y 166 -65.30 72.74 97.43
CA LEU Y 166 -65.84 71.43 97.79
C LEU Y 166 -64.91 70.78 98.80
N VAL Y 167 -65.41 70.56 100.01
CA VAL Y 167 -64.65 69.96 101.10
C VAL Y 167 -65.33 68.65 101.46
N VAL Y 168 -64.60 67.55 101.34
CA VAL Y 168 -65.14 66.23 101.61
C VAL Y 168 -64.46 65.64 102.83
N GLY Y 169 -65.17 64.75 103.51
CA GLY Y 169 -64.58 64.04 104.62
C GLY Y 169 -63.69 62.92 104.15
N SER Y 170 -63.14 62.18 105.12
CA SER Y 170 -62.31 61.05 104.77
C SER Y 170 -63.10 59.95 104.08
N ALA Y 171 -64.30 59.65 104.60
CA ALA Y 171 -65.09 58.56 104.04
C ALA Y 171 -65.53 58.87 102.62
N VAL Y 172 -65.90 60.13 102.34
CA VAL Y 172 -66.36 60.47 101.00
C VAL Y 172 -65.20 60.40 100.00
N ALA Y 173 -64.01 60.85 100.39
CA ALA Y 173 -62.86 60.71 99.51
C ALA Y 173 -62.54 59.25 99.25
N ALA Y 174 -62.62 58.41 100.28
CA ALA Y 174 -62.40 56.98 100.09
C ALA Y 174 -63.43 56.39 99.14
N ALA Y 175 -64.71 56.79 99.29
CA ALA Y 175 -65.74 56.27 98.42
C ALA Y 175 -65.52 56.72 96.99
N LEU Y 176 -65.09 57.97 96.80
CA LEU Y 176 -64.78 58.44 95.45
C LEU Y 176 -63.66 57.61 94.82
N ALA Y 177 -62.64 57.30 95.61
CA ALA Y 177 -61.57 56.45 95.08
C ALA Y 177 -62.08 55.06 94.76
N LYS Y 178 -62.94 54.50 95.63
CA LYS Y 178 -63.45 53.15 95.43
C LYS Y 178 -64.50 53.09 94.33
N ASP Y 179 -65.09 54.22 93.96
CA ASP Y 179 -66.17 54.21 92.97
C ASP Y 179 -65.65 53.72 91.63
N LYS Y 180 -66.42 52.83 91.00
CA LYS Y 180 -66.00 52.26 89.73
C LYS Y 180 -65.97 53.29 88.62
N GLN Y 181 -66.62 54.44 88.80
CA GLN Y 181 -66.53 55.50 87.80
C GLN Y 181 -65.10 56.00 87.66
N PHE Y 182 -64.40 56.19 88.79
CA PHE Y 182 -63.04 56.69 88.76
C PHE Y 182 -62.00 55.59 88.79
N ARG Y 183 -62.33 54.46 89.42
CA ARG Y 183 -61.36 53.38 89.57
C ARG Y 183 -61.07 52.70 88.24
N HIS Y 184 -62.11 52.43 87.46
CA HIS Y 184 -61.96 51.77 86.17
C HIS Y 184 -61.48 52.77 85.14
N ALA Y 185 -60.39 52.44 84.45
CA ALA Y 185 -59.79 53.38 83.51
C ALA Y 185 -60.71 53.66 82.34
N ASP Y 186 -61.34 52.61 81.79
CA ASP Y 186 -62.15 52.80 80.59
C ASP Y 186 -63.33 53.72 80.86
N TRP Y 187 -63.85 53.71 82.08
CA TRP Y 187 -65.00 54.52 82.41
C TRP Y 187 -64.66 55.98 82.66
N SER Y 188 -63.38 56.34 82.76
CA SER Y 188 -63.04 57.70 83.13
C SER Y 188 -61.85 58.27 82.36
N GLY Y 189 -61.56 57.77 81.17
CA GLY Y 189 -60.38 58.23 80.47
C GLY Y 189 -59.15 57.90 81.29
N ASP Y 190 -58.28 58.90 81.45
CA ASP Y 190 -57.10 58.87 82.32
C ASP Y 190 -56.46 57.48 82.38
N GLN Y 191 -56.02 57.03 81.20
CA GLN Y 191 -55.42 55.70 81.09
C GLN Y 191 -54.31 55.51 82.11
N ALA Y 192 -53.53 56.56 82.38
CA ALA Y 192 -52.61 56.54 83.50
C ALA Y 192 -53.42 56.67 84.78
N ASN Y 193 -53.93 55.55 85.28
CA ASN Y 193 -54.92 55.59 86.36
C ASN Y 193 -54.40 56.31 87.57
N ALA Y 194 -55.23 57.20 88.12
CA ALA Y 194 -54.87 57.95 89.31
C ALA Y 194 -55.77 57.65 90.51
N ALA Y 195 -56.98 57.16 90.29
CA ALA Y 195 -57.84 56.78 91.39
C ALA Y 195 -57.55 55.37 91.90
N LEU Y 196 -56.69 54.63 91.21
CA LEU Y 196 -56.31 53.29 91.58
C LEU Y 196 -54.84 53.19 91.97
N ARG Y 197 -53.93 53.67 91.13
CA ARG Y 197 -52.52 53.70 91.49
C ARG Y 197 -52.31 54.61 92.70
N GLU Y 198 -52.85 55.82 92.63
CA GLU Y 198 -52.99 56.67 93.81
C GLU Y 198 -54.40 56.53 94.34
N ALA Y 199 -54.61 57.00 95.57
CA ALA Y 199 -55.87 56.75 96.25
C ALA Y 199 -56.80 57.95 96.25
N HIS Y 200 -56.53 58.95 95.42
CA HIS Y 200 -57.34 60.16 95.44
C HIS Y 200 -57.78 60.53 94.03
N VAL Y 201 -58.98 61.08 93.95
CA VAL Y 201 -59.50 61.68 92.74
C VAL Y 201 -59.25 63.18 92.80
N GLY Y 202 -58.99 63.79 91.65
CA GLY Y 202 -58.60 65.17 91.64
C GLY Y 202 -59.75 66.14 91.44
N ARG Y 203 -60.57 65.90 90.43
CA ARG Y 203 -61.60 66.85 90.05
C ARG Y 203 -62.82 66.09 89.56
N LEU Y 204 -63.99 66.48 90.03
CA LEU Y 204 -65.22 65.84 89.60
C LEU Y 204 -66.33 66.88 89.56
N ALA Y 205 -67.21 66.74 88.57
CA ALA Y 205 -68.38 67.61 88.43
C ALA Y 205 -67.98 69.09 88.36
N GLY Y 206 -66.79 69.37 87.84
CA GLY Y 206 -66.37 70.73 87.65
C GLY Y 206 -65.89 71.45 88.88
N MET Y 207 -65.61 70.75 89.97
CA MET Y 207 -65.15 71.37 91.19
C MET Y 207 -63.99 70.58 91.77
N ASN Y 208 -62.97 71.29 92.23
CA ASN Y 208 -61.85 70.63 92.90
C ASN Y 208 -62.27 70.10 94.25
N VAL Y 209 -61.73 68.96 94.64
CA VAL Y 209 -62.08 68.30 95.88
C VAL Y 209 -60.97 68.54 96.89
N ILE Y 210 -61.35 68.90 98.11
CA ILE Y 210 -60.40 69.18 99.18
C ILE Y 210 -60.74 68.27 100.35
N ARG Y 211 -59.79 67.45 100.76
CA ARG Y 211 -60.00 66.56 101.88
C ARG Y 211 -59.78 67.30 103.18
N SER Y 212 -60.46 66.85 104.23
CA SER Y 212 -60.32 67.46 105.55
C SER Y 212 -60.86 66.50 106.59
N ASN Y 213 -60.14 66.34 107.69
CA ASN Y 213 -60.57 65.49 108.79
C ASN Y 213 -61.42 66.24 109.81
N ALA Y 214 -61.56 67.55 109.67
CA ALA Y 214 -62.32 68.32 110.66
C ALA Y 214 -63.80 68.03 110.57
N ILE Y 215 -64.34 67.93 109.35
CA ILE Y 215 -65.76 67.69 109.15
C ILE Y 215 -66.07 66.22 109.39
N ALA Y 216 -67.36 65.90 109.48
CA ALA Y 216 -67.76 64.53 109.73
C ALA Y 216 -67.24 63.62 108.63
N PRO Y 217 -66.86 62.38 108.94
CA PRO Y 217 -66.17 61.55 107.95
C PRO Y 217 -66.96 61.31 106.68
N ASP Y 218 -68.27 61.12 106.77
CA ASP Y 218 -69.07 60.70 105.62
C ASP Y 218 -69.91 61.85 105.05
N LYS Y 219 -69.41 63.08 105.15
CA LYS Y 219 -70.12 64.23 104.63
C LYS Y 219 -69.21 65.05 103.74
N ALA Y 220 -69.82 65.69 102.74
CA ALA Y 220 -69.14 66.62 101.85
C ALA Y 220 -69.97 67.89 101.77
N TYR Y 221 -69.30 69.00 101.54
CA TYR Y 221 -69.96 70.30 101.49
C TYR Y 221 -69.45 71.07 100.29
N LEU Y 222 -70.37 71.60 99.50
CA LEU Y 222 -70.02 72.43 98.36
C LEU Y 222 -70.64 73.80 98.58
N TRP Y 223 -69.81 74.82 98.72
CA TRP Y 223 -70.33 76.13 99.09
C TRP Y 223 -69.65 77.22 98.29
N HIS Y 224 -70.41 78.26 97.98
CA HIS Y 224 -69.89 79.46 97.34
C HIS Y 224 -69.22 80.32 98.40
N ARG Y 225 -68.32 81.20 97.95
CA ARG Y 225 -67.55 82.00 98.89
C ARG Y 225 -68.45 82.79 99.83
N THR Y 226 -69.52 83.36 99.29
CA THR Y 226 -70.38 84.26 100.06
C THR Y 226 -71.37 83.53 100.94
N ALA Y 227 -71.16 82.25 101.23
CA ALA Y 227 -72.11 81.49 102.03
C ALA Y 227 -71.84 81.57 103.52
N PHE Y 228 -70.58 81.59 103.94
CA PHE Y 228 -70.20 81.56 105.34
C PHE Y 228 -69.32 82.75 105.65
N ILE Y 229 -69.62 83.48 106.72
CA ILE Y 229 -68.90 84.67 107.11
C ILE Y 229 -68.33 84.45 108.50
N LEU Y 230 -67.05 84.74 108.68
CA LEU Y 230 -66.40 84.68 109.97
C LEU Y 230 -65.82 86.04 110.32
N ALA Y 231 -65.78 86.32 111.62
CA ALA Y 231 -65.23 87.57 112.11
C ALA Y 231 -64.40 87.31 113.36
N TYR Y 232 -63.24 87.95 113.43
CA TYR Y 232 -62.31 87.78 114.53
C TYR Y 232 -61.98 89.13 115.13
N ARG Y 233 -61.83 89.16 116.45
CA ARG Y 233 -61.48 90.38 117.16
C ARG Y 233 -60.45 90.03 118.23
N THR Y 234 -59.32 90.70 118.21
CA THR Y 234 -58.30 90.47 119.21
C THR Y 234 -58.58 91.31 120.45
N PRO Y 235 -58.79 90.71 121.61
CA PRO Y 235 -59.04 91.51 122.81
C PRO Y 235 -57.85 92.39 123.14
N VAL Y 236 -58.14 93.58 123.64
CA VAL Y 236 -57.08 94.51 124.02
C VAL Y 236 -56.58 94.14 125.42
N VAL Y 237 -55.31 94.36 125.65
CA VAL Y 237 -54.71 94.04 126.95
C VAL Y 237 -55.11 95.13 127.94
N PRO Y 238 -55.81 94.79 129.01
CA PRO Y 238 -56.25 95.82 129.97
C PRO Y 238 -55.06 96.45 130.65
N GLU Y 239 -55.25 97.72 131.05
CA GLU Y 239 -54.18 98.47 131.69
C GLU Y 239 -53.77 97.83 133.01
N GLY Y 240 -54.74 97.37 133.79
CA GLY Y 240 -54.43 96.76 135.07
C GLY Y 240 -53.58 95.50 134.92
N ALA Y 241 -53.84 94.71 133.89
CA ALA Y 241 -53.08 93.50 133.67
C ALA Y 241 -51.71 93.82 133.10
N LYS Y 242 -50.73 92.98 133.47
CA LYS Y 242 -49.37 93.15 132.97
C LYS Y 242 -49.34 92.97 131.46
N ALA Y 243 -48.57 93.81 130.79
CA ALA Y 243 -48.52 93.79 129.33
C ALA Y 243 -48.06 92.43 128.83
N GLY Y 244 -48.69 91.96 127.75
CA GLY Y 244 -48.34 90.69 127.17
C GLY Y 244 -48.25 90.79 125.65
N ALA Y 245 -47.59 89.80 125.08
CA ALA Y 245 -47.38 89.76 123.63
C ALA Y 245 -48.63 89.28 122.93
N SER Y 246 -48.59 89.30 121.59
CA SER Y 246 -49.68 88.82 120.77
C SER Y 246 -49.15 87.82 119.76
N PHE Y 247 -49.88 86.73 119.58
CA PHE Y 247 -49.44 85.64 118.72
C PHE Y 247 -50.38 85.52 117.51
N SER Y 248 -50.07 84.59 116.63
CA SER Y 248 -50.83 84.40 115.41
C SER Y 248 -51.13 82.93 115.18
N ALA Y 249 -52.37 82.63 114.83
CA ALA Y 249 -52.81 81.28 114.48
C ALA Y 249 -53.63 81.35 113.21
N ASN Y 250 -53.10 80.78 112.12
CA ASN Y 250 -53.77 80.77 110.82
C ASN Y 250 -54.13 82.19 110.38
N GLY Y 251 -53.22 83.14 110.63
CA GLY Y 251 -53.45 84.52 110.26
C GLY Y 251 -54.37 85.28 111.19
N VAL Y 252 -54.74 84.70 112.32
CA VAL Y 252 -55.64 85.34 113.29
C VAL Y 252 -54.80 85.77 114.49
N ALA Y 253 -54.94 87.03 114.88
CA ALA Y 253 -54.17 87.54 116.01
C ALA Y 253 -54.84 87.17 117.32
N LEU Y 254 -54.05 86.62 118.24
CA LEU Y 254 -54.51 86.16 119.54
C LEU Y 254 -53.81 86.95 120.63
N ARG Y 255 -54.55 87.30 121.68
CA ARG Y 255 -54.00 88.07 122.78
C ARG Y 255 -53.54 87.13 123.88
N TRP Y 256 -52.31 87.32 124.34
CA TRP Y 256 -51.70 86.51 125.39
C TRP Y 256 -51.51 87.37 126.63
N LEU Y 257 -52.01 86.89 127.76
CA LEU Y 257 -52.02 87.65 129.01
C LEU Y 257 -51.53 86.76 130.14
N ALA Y 258 -50.62 87.29 130.95
CA ALA Y 258 -50.03 86.54 132.05
C ALA Y 258 -50.30 87.26 133.37
N ASP Y 259 -50.61 86.49 134.40
CA ASP Y 259 -50.88 87.05 135.72
C ASP Y 259 -50.44 86.05 136.78
N TYR Y 260 -49.84 86.55 137.85
CA TYR Y 260 -49.29 85.71 138.91
C TYR Y 260 -50.30 85.58 140.03
N ASP Y 261 -50.75 84.36 140.29
CA ASP Y 261 -51.66 84.09 141.40
C ASP Y 261 -50.82 83.83 142.63
N TYR Y 262 -50.77 84.81 143.52
CA TYR Y 262 -50.03 84.67 144.77
C TYR Y 262 -50.69 83.66 145.70
N SER Y 263 -52.01 83.55 145.66
CA SER Y 263 -52.70 82.61 146.53
C SER Y 263 -52.31 81.17 146.21
N GLN Y 264 -52.23 80.83 144.93
CA GLN Y 264 -51.79 79.51 144.50
C GLN Y 264 -50.30 79.46 144.22
N LEU Y 265 -49.59 80.58 144.41
CA LEU Y 265 -48.14 80.64 144.23
C LEU Y 265 -47.74 80.13 142.85
N GLY Y 266 -48.46 80.57 141.83
CA GLY Y 266 -48.22 80.07 140.49
C GLY Y 266 -48.56 81.07 139.43
N ASP Y 267 -47.83 81.00 138.32
CA ASP Y 267 -48.11 81.83 137.17
C ASP Y 267 -49.33 81.28 136.44
N ARG Y 268 -50.04 82.16 135.74
CA ARG Y 268 -51.18 81.79 134.93
C ARG Y 268 -51.12 82.52 133.60
N THR Y 269 -51.44 81.82 132.53
CA THR Y 269 -51.42 82.39 131.19
C THR Y 269 -52.77 82.14 130.52
N LEU Y 270 -53.16 83.06 129.65
CA LEU Y 270 -54.44 82.97 128.96
C LEU Y 270 -54.27 83.52 127.56
N LEU Y 271 -54.52 82.70 126.55
CA LEU Y 271 -54.42 83.10 125.15
C LEU Y 271 -55.80 83.02 124.54
N ASP Y 272 -56.30 84.13 123.99
CA ASP Y 272 -57.70 84.13 123.57
C ASP Y 272 -57.94 85.05 122.39
N VAL Y 273 -59.17 84.96 121.88
CA VAL Y 273 -59.65 85.77 120.77
C VAL Y 273 -61.17 85.70 120.78
N PHE Y 274 -61.82 86.68 120.13
CA PHE Y 274 -63.25 86.68 119.98
C PHE Y 274 -63.62 86.32 118.55
N THR Y 275 -64.66 85.51 118.40
CA THR Y 275 -65.00 84.94 117.10
C THR Y 275 -66.51 84.95 116.92
N GLY Y 276 -66.95 85.24 115.69
CA GLY Y 276 -68.35 85.16 115.35
C GLY Y 276 -68.53 84.59 113.97
N ARG Y 277 -69.68 83.95 113.76
CA ARG Y 277 -69.94 83.25 112.51
C ARG Y 277 -71.36 83.55 112.04
N LYS Y 278 -71.58 83.39 110.73
CA LYS Y 278 -72.90 83.63 110.16
C LYS Y 278 -73.03 82.85 108.87
N VAL Y 279 -74.19 82.22 108.67
CA VAL Y 279 -74.55 81.57 107.42
C VAL Y 279 -75.43 82.50 106.63
N VAL Y 280 -75.02 82.83 105.40
CA VAL Y 280 -75.74 83.82 104.59
C VAL Y 280 -76.96 83.11 104.01
N THR Y 281 -78.12 83.33 104.63
CA THR Y 281 -79.37 82.84 104.08
C THR Y 281 -79.86 83.77 102.98
N GLU Y 282 -81.05 83.51 102.47
CA GLU Y 282 -81.64 84.34 101.44
C GLU Y 282 -82.78 85.17 102.01
N VAL Y 283 -83.28 86.09 101.18
CA VAL Y 283 -84.31 87.03 101.63
C VAL Y 283 -85.60 86.30 101.99
N ASP Y 284 -85.86 85.15 101.37
CA ASP Y 284 -87.05 84.36 101.66
C ASP Y 284 -86.81 83.36 102.77
N GLY Y 285 -85.62 83.32 103.37
CA GLY Y 285 -85.31 82.41 104.44
C GLY Y 285 -84.66 81.10 104.02
N SER Y 286 -84.71 80.76 102.75
CA SER Y 286 -84.09 79.54 102.27
C SER Y 286 -82.57 79.70 102.22
N PHE Y 287 -81.88 78.56 102.27
CA PHE Y 287 -80.43 78.50 102.18
C PHE Y 287 -80.07 77.80 100.88
N VAL Y 288 -79.52 78.56 99.93
CA VAL Y 288 -79.22 78.03 98.60
C VAL Y 288 -77.76 78.12 98.23
N ARG Y 289 -76.92 78.74 99.05
CA ARG Y 289 -75.53 78.98 98.70
C ARG Y 289 -74.60 77.86 99.10
N ALA Y 290 -75.10 76.82 99.77
CA ALA Y 290 -74.26 75.71 100.17
C ALA Y 290 -75.09 74.44 100.18
N VAL Y 291 -74.51 73.35 99.70
CA VAL Y 291 -75.20 72.07 99.60
C VAL Y 291 -74.39 71.01 100.33
N GLU Y 292 -75.10 70.16 101.06
CA GLU Y 292 -74.51 69.10 101.86
C GLU Y 292 -74.80 67.76 101.21
N LEU Y 293 -73.78 66.94 101.07
CA LEU Y 293 -73.89 65.59 100.54
C LEU Y 293 -73.49 64.60 101.63
N GLN Y 294 -74.22 63.50 101.73
CA GLN Y 294 -73.95 62.49 102.74
C GLN Y 294 -73.90 61.12 102.10
N LEU Y 295 -72.97 60.29 102.57
CA LEU Y 295 -72.89 58.92 102.08
C LEU Y 295 -74.13 58.13 102.48
N GLN Y 296 -74.49 57.16 101.66
CA GLN Y 296 -75.68 56.34 101.87
C GLN Y 296 -75.26 55.00 102.45
N ALA Y 297 -75.76 54.68 103.63
CA ALA Y 297 -75.42 53.44 104.32
C ALA Y 297 -76.49 52.40 104.05
N SER Y 298 -76.07 51.20 103.67
CA SER Y 298 -76.98 50.10 103.37
C SER Y 298 -77.08 49.09 104.51
N SER Y 299 -75.97 48.78 105.17
CA SER Y 299 -75.97 47.82 106.25
C SER Y 299 -74.86 48.18 107.23
N ILE Y 300 -75.02 47.73 108.47
CA ILE Y 300 -74.06 47.97 109.53
C ILE Y 300 -73.66 46.63 110.14
N THR Y 301 -72.36 46.48 110.41
CA THR Y 301 -71.83 45.28 111.02
C THR Y 301 -71.04 45.69 112.27
N ILE Y 302 -71.13 44.87 113.30
CA ILE Y 302 -70.40 45.12 114.54
C ILE Y 302 -69.03 44.44 114.43
N VAL Y 303 -67.97 45.24 114.49
CA VAL Y 303 -66.63 44.69 114.37
C VAL Y 303 -66.32 43.80 115.58
N GLY Y 304 -65.58 42.73 115.33
CA GLY Y 304 -65.21 41.79 116.35
C GLY Y 304 -66.06 40.54 116.40
N GLY Y 305 -67.26 40.58 115.81
CA GLY Y 305 -68.11 39.42 115.77
C GLY Y 305 -68.55 39.00 117.16
N ALA Y 306 -68.90 37.72 117.29
CA ALA Y 306 -69.27 37.19 118.58
C ALA Y 306 -68.09 37.23 119.53
N PHE Y 307 -68.32 37.74 120.73
CA PHE Y 307 -67.26 37.95 121.70
C PHE Y 307 -67.73 37.48 123.07
N ALA Y 308 -66.77 37.11 123.91
CA ALA Y 308 -67.05 36.66 125.26
C ALA Y 308 -66.43 37.65 126.24
N LEU Y 309 -67.20 38.05 127.24
CA LEU Y 309 -66.70 38.97 128.25
C LEU Y 309 -65.60 38.31 129.07
N ALA Y 310 -64.67 39.13 129.57
CA ALA Y 310 -63.53 38.61 130.30
C ALA Y 310 -63.97 37.88 131.57
N THR Y 311 -64.80 38.53 132.38
CA THR Y 311 -65.28 37.94 133.62
C THR Y 311 -66.79 38.06 133.73
N THR Y 312 -67.35 37.71 134.88
CA THR Y 312 -68.78 37.88 135.09
C THR Y 312 -69.16 39.35 135.11
N THR Y 313 -68.28 40.20 135.63
CA THR Y 313 -68.52 41.64 135.70
C THR Y 313 -67.70 42.42 134.67
N GLY Y 314 -67.25 41.76 133.61
CA GLY Y 314 -66.41 42.41 132.63
C GLY Y 314 -67.16 43.42 131.81
N THR Y 315 -66.40 44.21 131.05
CA THR Y 315 -66.95 45.24 130.20
C THR Y 315 -66.28 45.20 128.84
N LYS Y 316 -66.97 45.76 127.85
CA LYS Y 316 -66.47 45.80 126.48
C LYS Y 316 -67.06 47.01 125.78
N GLN Y 317 -66.24 47.68 124.97
CA GLN Y 317 -66.68 48.84 124.21
C GLN Y 317 -66.96 48.41 122.78
N LEU Y 318 -68.22 48.53 122.36
CA LEU Y 318 -68.61 48.08 121.04
C LEU Y 318 -68.19 49.10 119.98
N LYS Y 319 -68.26 48.68 118.72
CA LYS Y 319 -67.94 49.55 117.60
C LYS Y 319 -68.64 49.01 116.36
N VAL Y 320 -69.42 49.88 115.72
CA VAL Y 320 -70.26 49.49 114.59
C VAL Y 320 -69.79 50.25 113.36
N ARG Y 321 -69.64 49.56 112.24
CA ARG Y 321 -69.22 50.17 110.99
C ARG Y 321 -70.21 49.83 109.90
N ASP Y 322 -70.62 50.84 109.14
CA ASP Y 322 -71.51 50.60 108.00
C ASP Y 322 -70.74 49.93 106.87
N ASP Y 323 -71.41 49.72 105.74
CA ASP Y 323 -70.75 49.10 104.60
C ASP Y 323 -69.60 49.94 104.06
N ASN Y 324 -69.57 51.22 104.38
CA ASN Y 324 -68.50 52.10 103.97
C ASN Y 324 -67.34 52.12 104.96
N GLY Y 325 -67.47 51.43 106.09
CA GLY Y 325 -66.43 51.42 107.10
C GLY Y 325 -66.49 52.58 108.07
N THR Y 326 -67.39 53.53 107.87
CA THR Y 326 -67.49 54.67 108.77
C THR Y 326 -67.97 54.23 110.15
N ASP Y 327 -67.33 54.75 111.18
CA ASP Y 327 -67.72 54.44 112.55
C ASP Y 327 -68.99 55.22 112.90
N VAL Y 328 -70.07 54.50 113.14
CA VAL Y 328 -71.35 55.10 113.47
C VAL Y 328 -71.78 54.75 114.89
N THR Y 329 -70.81 54.46 115.77
CA THR Y 329 -71.16 54.06 117.13
C THR Y 329 -71.86 55.18 117.88
N ALA Y 330 -71.54 56.43 117.56
CA ALA Y 330 -72.21 57.56 118.18
C ALA Y 330 -73.58 57.85 117.58
N ARG Y 331 -73.95 57.16 116.50
CA ARG Y 331 -75.23 57.36 115.85
C ARG Y 331 -76.15 56.16 115.97
N CYS Y 332 -75.80 55.19 116.80
CA CYS Y 332 -76.58 53.97 116.94
C CYS Y 332 -77.28 53.93 118.30
N THR Y 333 -78.28 53.05 118.38
CA THR Y 333 -78.99 52.77 119.62
C THR Y 333 -78.86 51.29 119.93
N PHE Y 334 -78.43 50.98 121.15
CA PHE Y 334 -78.09 49.62 121.54
C PHE Y 334 -79.13 49.05 122.49
N ALA Y 335 -79.51 47.80 122.26
CA ALA Y 335 -80.46 47.11 123.10
C ALA Y 335 -79.93 45.72 123.42
N SER Y 336 -80.38 45.17 124.54
CA SER Y 336 -79.95 43.86 125.01
C SER Y 336 -81.16 42.93 125.04
N SER Y 337 -80.99 41.73 124.48
CA SER Y 337 -82.08 40.75 124.49
C SER Y 337 -82.41 40.31 125.91
N ALA Y 338 -81.39 40.10 126.74
CA ALA Y 338 -81.58 39.65 128.12
C ALA Y 338 -80.81 40.60 129.04
N GLY Y 339 -81.51 41.59 129.60
CA GLY Y 339 -80.89 42.50 130.53
C GLY Y 339 -80.65 41.93 131.91
N THR Y 340 -81.15 40.72 132.17
CA THR Y 340 -80.91 40.07 133.46
C THR Y 340 -79.44 39.67 133.61
N LYS Y 341 -78.76 39.35 132.51
CA LYS Y 341 -77.38 38.87 132.57
C LYS Y 341 -76.38 39.82 131.93
N ALA Y 342 -76.76 40.56 130.89
CA ALA Y 342 -75.86 41.50 130.24
C ALA Y 342 -76.63 42.75 129.89
N THR Y 343 -76.04 43.91 130.21
CA THR Y 343 -76.68 45.20 129.98
C THR Y 343 -75.77 46.05 129.12
N VAL Y 344 -76.32 46.64 128.06
CA VAL Y 344 -75.59 47.52 127.17
C VAL Y 344 -76.16 48.93 127.31
N SER Y 345 -75.27 49.90 127.46
CA SER Y 345 -75.70 51.29 127.62
C SER Y 345 -75.97 51.91 126.26
N ALA Y 346 -76.28 53.21 126.26
CA ALA Y 346 -76.53 53.93 125.02
C ALA Y 346 -75.24 54.22 124.26
N ALA Y 347 -74.08 54.07 124.88
CA ALA Y 347 -72.80 54.34 124.25
C ALA Y 347 -72.12 53.09 123.74
N GLY Y 348 -72.81 51.96 123.71
CA GLY Y 348 -72.21 50.72 123.26
C GLY Y 348 -71.35 50.03 124.29
N LEU Y 349 -71.32 50.50 125.52
CA LEU Y 349 -70.53 49.89 126.57
C LEU Y 349 -71.33 48.76 127.18
N VAL Y 350 -70.98 47.53 126.83
CA VAL Y 350 -71.69 46.35 127.30
C VAL Y 350 -71.00 45.82 128.55
N THR Y 351 -71.80 45.47 129.56
CA THR Y 351 -71.30 44.95 130.82
C THR Y 351 -72.08 43.70 131.18
N GLY Y 352 -71.48 42.85 132.00
CA GLY Y 352 -72.08 41.61 132.42
C GLY Y 352 -72.49 41.66 133.88
N VAL Y 353 -73.72 41.24 134.15
CA VAL Y 353 -74.20 41.14 135.52
C VAL Y 353 -74.53 39.72 135.94
N ALA Y 354 -74.66 38.78 134.99
CA ALA Y 354 -74.89 37.38 135.32
C ALA Y 354 -74.32 36.52 134.20
N ALA Y 355 -73.86 35.33 134.58
CA ALA Y 355 -73.28 34.43 133.59
C ALA Y 355 -74.37 33.88 132.67
N GLY Y 356 -74.06 33.79 131.40
CA GLY Y 356 -75.01 33.29 130.41
C GLY Y 356 -74.81 33.99 129.08
N THR Y 357 -75.62 33.58 128.11
CA THR Y 357 -75.54 34.09 126.75
C THR Y 357 -76.64 35.11 126.50
N ALA Y 358 -76.28 36.20 125.82
CA ALA Y 358 -77.22 37.27 125.50
C ALA Y 358 -76.94 37.74 124.08
N ASP Y 359 -77.89 38.49 123.54
CA ASP Y 359 -77.77 39.08 122.22
C ASP Y 359 -77.83 40.59 122.33
N ILE Y 360 -76.79 41.26 121.86
CA ILE Y 360 -76.73 42.72 121.83
C ILE Y 360 -77.01 43.16 120.40
N THR Y 361 -78.01 44.03 120.24
CA THR Y 361 -78.41 44.51 118.93
C THR Y 361 -78.18 46.01 118.84
N ALA Y 362 -77.77 46.45 117.66
CA ALA Y 362 -77.52 47.86 117.38
C ALA Y 362 -78.39 48.27 116.20
N SER Y 363 -79.16 49.34 116.39
CA SER Y 363 -80.04 49.88 115.36
C SER Y 363 -79.53 51.26 114.96
N TYR Y 364 -79.38 51.47 113.66
CA TYR Y 364 -78.84 52.72 113.12
C TYR Y 364 -79.81 53.24 112.07
N VAL Y 365 -80.25 54.47 112.23
CA VAL Y 365 -81.12 55.10 111.24
C VAL Y 365 -80.25 55.63 110.11
N PRO Y 366 -80.43 55.15 108.89
CA PRO Y 366 -79.56 55.57 107.78
C PRO Y 366 -79.80 57.02 107.42
N PRO Y 367 -78.86 57.66 106.72
CA PRO Y 367 -79.07 59.04 106.29
C PRO Y 367 -80.28 59.20 105.38
N GLN Y 368 -80.62 58.18 104.59
CA GLN Y 368 -81.81 58.25 103.76
C GLN Y 368 -83.10 58.05 104.57
N GLY Y 369 -82.99 57.69 105.84
CA GLY Y 369 -84.16 57.48 106.65
C GLY Y 369 -84.79 56.12 106.40
N GLY Y 370 -85.97 55.94 107.00
CA GLY Y 370 -86.70 54.69 106.83
C GLY Y 370 -86.38 53.66 107.89
N THR Y 371 -86.40 52.39 107.51
CA THR Y 371 -86.14 51.32 108.47
C THR Y 371 -84.72 51.41 108.99
N ALA Y 372 -84.54 51.01 110.24
CA ALA Y 372 -83.25 51.10 110.90
C ALA Y 372 -82.44 49.83 110.62
N LYS Y 373 -81.22 50.02 110.14
CA LYS Y 373 -80.34 48.87 109.93
C LYS Y 373 -79.96 48.27 111.27
N THR Y 374 -80.02 46.95 111.35
CA THR Y 374 -79.88 46.22 112.61
C THR Y 374 -78.73 45.23 112.50
N ALA Y 375 -77.88 45.21 113.52
CA ALA Y 375 -76.79 44.25 113.61
C ALA Y 375 -76.79 43.61 114.99
N THR Y 376 -76.81 42.28 115.03
CA THR Y 376 -76.89 41.54 116.28
C THR Y 376 -75.61 40.73 116.50
N VAL Y 377 -75.15 40.70 117.74
CA VAL Y 377 -73.93 39.99 118.12
C VAL Y 377 -74.18 39.26 119.43
N THR Y 378 -73.76 38.00 119.50
CA THR Y 378 -73.98 37.17 120.68
C THR Y 378 -72.81 37.31 121.64
N VAL Y 379 -73.10 37.70 122.89
CA VAL Y 379 -72.11 37.80 123.95
C VAL Y 379 -72.35 36.65 124.92
N THR Y 380 -71.28 36.16 125.53
CA THR Y 380 -71.37 35.05 126.48
C THR Y 380 -70.59 35.41 127.75
N VAL Y 381 -71.30 35.88 128.76
CA VAL Y 381 -70.68 36.15 130.06
C VAL Y 381 -70.30 34.81 130.70
N PRO Y 382 -69.04 34.60 131.09
CA PRO Y 382 -68.56 33.33 131.65
C PRO Y 382 -69.32 32.90 132.90
N ALA Z 2 -17.89 -12.59 86.17
CA ALA Z 2 -17.17 -12.09 85.01
C ALA Z 2 -16.11 -11.07 85.43
N HIS Z 3 -15.88 -10.09 84.58
CA HIS Z 3 -14.90 -9.05 84.90
C HIS Z 3 -15.35 -8.25 86.10
N ILE Z 4 -14.40 -7.89 86.96
CA ILE Z 4 -14.67 -7.11 88.16
C ILE Z 4 -13.75 -5.89 88.15
N PHE Z 5 -14.33 -4.72 88.33
CA PHE Z 5 -13.59 -3.47 88.29
C PHE Z 5 -13.73 -2.74 89.62
N VAL Z 6 -12.74 -1.90 89.93
CA VAL Z 6 -12.77 -1.05 91.11
C VAL Z 6 -12.84 0.40 90.65
N LYS Z 7 -13.84 1.12 91.13
CA LYS Z 7 -14.14 2.46 90.64
C LYS Z 7 -14.47 3.38 91.79
N PRO Z 8 -14.23 4.68 91.64
CA PRO Z 8 -14.53 5.64 92.72
C PRO Z 8 -16.01 5.91 92.90
N GLU Z 9 -16.34 6.95 93.66
CA GLU Z 9 -17.72 7.37 93.85
C GLU Z 9 -18.08 8.67 93.12
N LEU Z 10 -17.13 9.58 92.98
CA LEU Z 10 -17.31 10.82 92.21
C LEU Z 10 -18.49 11.64 92.72
N VAL Z 11 -18.33 12.16 93.93
CA VAL Z 11 -19.26 13.17 94.43
C VAL Z 11 -19.13 14.43 93.57
N ALA Z 12 -20.27 14.95 93.12
CA ALA Z 12 -20.29 16.08 92.20
C ALA Z 12 -21.18 17.18 92.75
N GLU Z 13 -20.93 18.40 92.26
CA GLU Z 13 -21.75 19.56 92.60
C GLU Z 13 -22.20 20.20 91.29
N ILE Z 14 -23.51 20.27 91.08
CA ILE Z 14 -24.09 20.75 89.84
C ILE Z 14 -24.95 21.98 90.04
N GLY Z 15 -24.82 22.67 91.17
CA GLY Z 15 -25.57 23.87 91.40
C GLY Z 15 -26.91 23.69 92.05
N VAL Z 16 -27.29 22.47 92.41
CA VAL Z 16 -28.51 22.24 93.17
C VAL Z 16 -28.22 22.58 94.63
N LYS Z 17 -29.01 23.48 95.19
CA LYS Z 17 -28.82 23.95 96.56
C LYS Z 17 -30.17 23.98 97.25
N GLN Z 18 -30.14 23.88 98.58
CA GLN Z 18 -31.38 23.97 99.34
C GLN Z 18 -31.98 25.35 99.17
N LEU Z 19 -33.29 25.39 98.94
CA LEU Z 19 -33.96 26.64 98.63
C LEU Z 19 -34.10 27.49 99.89
N GLN Z 20 -33.74 28.76 99.77
CA GLN Z 20 -33.75 29.68 100.89
C GLN Z 20 -34.55 30.93 100.53
N ARG Z 21 -35.19 31.51 101.54
CA ARG Z 21 -35.99 32.71 101.36
C ARG Z 21 -35.09 33.90 101.03
N GLU Z 22 -35.63 34.81 100.23
CA GLU Z 22 -34.97 36.09 100.00
C GLU Z 22 -35.15 36.99 101.21
N ILE Z 23 -34.23 37.93 101.37
CA ILE Z 23 -34.21 38.82 102.53
C ILE Z 23 -34.59 40.22 102.08
N VAL Z 24 -35.74 40.71 102.56
CA VAL Z 24 -36.19 42.05 102.22
C VAL Z 24 -36.62 42.86 103.43
N LEU Z 25 -36.81 42.27 104.59
CA LEU Z 25 -37.35 42.98 105.74
C LEU Z 25 -36.36 43.90 106.45
N PRO Z 26 -35.11 43.50 106.68
CA PRO Z 26 -34.22 44.35 107.50
C PRO Z 26 -34.05 45.76 106.98
N GLY Z 27 -34.12 45.96 105.67
CA GLY Z 27 -33.96 47.30 105.15
C GLY Z 27 -35.19 48.16 105.18
N LEU Z 28 -36.29 47.66 105.74
CA LEU Z 28 -37.56 48.36 105.72
C LEU Z 28 -37.97 48.92 107.06
N VAL Z 29 -37.34 48.49 108.15
CA VAL Z 29 -37.74 48.88 109.49
C VAL Z 29 -36.76 49.91 110.02
N TRP Z 30 -37.27 50.81 110.85
CA TRP Z 30 -36.45 51.84 111.45
C TRP Z 30 -35.41 51.23 112.37
N THR Z 31 -34.16 51.21 111.94
CA THR Z 31 -33.11 50.52 112.68
C THR Z 31 -32.16 51.53 113.31
N ASN Z 32 -31.81 51.27 114.56
CA ASN Z 32 -30.84 52.06 115.31
C ASN Z 32 -31.14 53.56 115.33
N PRO Z 33 -32.26 53.98 115.91
CA PRO Z 33 -32.43 55.41 116.19
C PRO Z 33 -31.80 55.75 117.53
N LEU Z 34 -31.61 54.72 118.35
CA LEU Z 34 -31.00 54.85 119.67
C LEU Z 34 -29.84 53.87 119.76
N THR Z 35 -28.70 54.34 120.25
CA THR Z 35 -27.50 53.52 120.31
C THR Z 35 -26.93 53.36 121.71
N ASP Z 36 -26.98 54.40 122.54
CA ASP Z 36 -26.33 54.37 123.85
C ASP Z 36 -27.16 53.59 124.86
N PHE Z 37 -27.38 52.32 124.55
CA PHE Z 37 -28.09 51.46 125.49
C PHE Z 37 -27.23 51.08 126.68
N GLY Z 38 -25.91 51.13 126.53
CA GLY Z 38 -25.03 50.77 127.64
C GLY Z 38 -25.12 51.74 128.81
N GLY Z 39 -25.17 53.04 128.50
CA GLY Z 39 -25.19 54.04 129.55
C GLY Z 39 -26.58 54.39 130.03
N SER Z 40 -27.39 53.37 130.30
CA SER Z 40 -28.74 53.60 130.79
C SER Z 40 -29.15 52.47 131.72
N LYS Z 41 -30.02 52.79 132.67
CA LYS Z 41 -30.47 51.79 133.63
C LYS Z 41 -31.34 50.75 132.94
N ASN Z 42 -31.15 49.49 133.33
CA ASN Z 42 -31.89 48.36 132.80
C ASN Z 42 -31.77 48.24 131.28
N ASP Z 43 -30.72 48.80 130.71
CA ASP Z 43 -30.46 48.78 129.27
C ASP Z 43 -31.60 49.39 128.47
N THR Z 44 -32.39 50.25 129.10
CA THR Z 44 -33.58 50.83 128.49
C THR Z 44 -33.39 52.33 128.31
N ILE Z 45 -33.59 52.79 127.09
CA ILE Z 45 -33.57 54.22 126.79
C ILE Z 45 -35.00 54.70 126.69
N THR Z 46 -35.33 55.73 127.45
CA THR Z 46 -36.65 56.32 127.40
C THR Z 46 -36.75 57.26 126.20
N VAL Z 47 -37.91 57.27 125.57
CA VAL Z 47 -38.21 58.18 124.47
C VAL Z 47 -39.38 59.05 124.92
N ARG Z 48 -39.21 60.36 124.76
CA ARG Z 48 -40.17 61.34 125.26
C ARG Z 48 -41.00 61.88 124.11
N VAL Z 49 -42.31 61.68 124.18
CA VAL Z 49 -43.26 62.22 123.22
C VAL Z 49 -43.78 63.55 123.78
N PRO Z 50 -43.63 64.65 123.06
CA PRO Z 50 -43.97 65.96 123.62
C PRO Z 50 -45.46 66.09 123.90
N ALA Z 51 -45.78 66.96 124.86
CA ALA Z 51 -47.15 67.19 125.27
C ALA Z 51 -47.91 67.97 124.20
N ILE Z 52 -49.22 67.77 124.18
CA ILE Z 52 -50.13 68.57 123.39
C ILE Z 52 -51.30 68.95 124.28
N THR Z 53 -51.95 70.07 123.95
CA THR Z 53 -53.02 70.61 124.75
C THR Z 53 -54.21 70.95 123.87
N THR Z 54 -55.34 71.19 124.52
CA THR Z 54 -56.58 71.56 123.85
C THR Z 54 -57.08 72.88 124.41
N ALA Z 55 -57.69 73.67 123.54
CA ALA Z 55 -58.27 74.94 123.97
C ALA Z 55 -59.69 74.72 124.46
N ASN Z 56 -60.38 75.81 124.76
CA ASN Z 56 -61.78 75.75 125.17
C ASN Z 56 -62.50 76.90 124.46
N ARG Z 57 -63.75 77.11 124.86
CA ARG Z 57 -64.55 78.19 124.31
C ARG Z 57 -65.64 78.54 125.30
N ARG Z 58 -66.09 79.79 125.25
CA ARG Z 58 -67.15 80.24 126.13
C ARG Z 58 -67.96 81.31 125.43
N ASP Z 59 -69.22 81.45 125.86
CA ASP Z 59 -70.08 82.46 125.26
C ASP Z 59 -69.61 83.86 125.62
N LEU Z 60 -69.61 84.74 124.64
CA LEU Z 60 -69.22 86.12 124.87
C LEU Z 60 -70.21 86.81 125.79
N ARG Z 61 -69.71 87.71 126.63
CA ARG Z 61 -70.52 88.47 127.58
C ARG Z 61 -71.29 87.56 128.53
N ASP Z 62 -70.73 86.41 128.84
CA ASP Z 62 -71.39 85.49 129.77
C ASP Z 62 -71.28 86.04 131.17
N PRO Z 63 -72.37 86.03 131.96
CA PRO Z 63 -72.26 86.46 133.36
C PRO Z 63 -71.31 85.59 134.17
N ASP Z 64 -71.23 84.29 133.87
CA ASP Z 64 -70.31 83.39 134.55
C ASP Z 64 -68.98 83.39 133.81
N ARG Z 65 -67.96 83.95 134.45
CA ARG Z 65 -66.68 84.20 133.80
C ARG Z 65 -65.60 83.24 134.29
N THR Z 66 -65.95 81.99 134.51
CA THR Z 66 -64.97 80.98 134.90
C THR Z 66 -64.09 80.62 133.73
N VAL Z 67 -62.94 80.00 134.04
CA VAL Z 67 -61.94 79.63 133.05
C VAL Z 67 -61.51 78.20 133.31
N ILE Z 68 -61.48 77.39 132.25
CA ILE Z 68 -61.09 75.99 132.34
C ILE Z 68 -59.61 75.88 131.99
N ALA Z 69 -58.80 75.40 132.92
CA ALA Z 69 -57.36 75.33 132.73
C ALA Z 69 -56.98 74.07 131.98
N SER Z 70 -56.16 74.22 130.95
CA SER Z 70 -55.71 73.09 130.17
C SER Z 70 -54.55 72.38 130.89
N GLU Z 71 -54.23 71.18 130.41
CA GLU Z 71 -53.19 70.35 131.00
C GLU Z 71 -52.16 70.00 129.94
N LEU Z 72 -50.89 69.99 130.33
CA LEU Z 72 -49.77 69.69 129.44
C LEU Z 72 -49.03 68.49 130.00
N VAL Z 73 -49.27 67.30 129.44
CA VAL Z 73 -48.67 66.07 129.93
C VAL Z 73 -47.79 65.50 128.84
N GLU Z 74 -46.50 65.31 129.17
CA GLU Z 74 -45.54 64.71 128.25
C GLU Z 74 -45.54 63.21 128.48
N HIS Z 75 -45.50 62.44 127.40
CA HIS Z 75 -45.57 60.98 127.52
C HIS Z 75 -44.23 60.37 127.20
N SER Z 76 -44.10 59.07 127.44
CA SER Z 76 -42.83 58.41 127.21
C SER Z 76 -43.05 56.93 127.00
N PHE Z 77 -42.06 56.30 126.37
CA PHE Z 77 -42.04 54.85 126.23
C PHE Z 77 -40.59 54.38 126.16
N GLY Z 78 -40.33 53.21 126.72
CA GLY Z 78 -38.97 52.71 126.84
C GLY Z 78 -38.63 51.71 125.75
N VAL Z 79 -37.42 51.86 125.20
CA VAL Z 79 -36.86 50.92 124.24
C VAL Z 79 -35.80 50.11 124.95
N THR Z 80 -35.94 48.79 124.95
CA THR Z 80 -35.08 47.91 125.73
C THR Z 80 -34.35 46.95 124.81
N LEU Z 81 -33.06 46.76 125.08
CA LEU Z 81 -32.20 45.84 124.34
C LEU Z 81 -32.08 44.57 125.17
N ASP Z 82 -32.85 43.55 124.84
CA ASP Z 82 -32.97 42.37 125.69
C ASP Z 82 -33.02 41.09 124.87
N LYS Z 83 -32.16 40.96 123.87
CA LYS Z 83 -32.08 39.71 123.12
C LYS Z 83 -30.65 39.51 122.64
N HIS Z 84 -30.27 38.26 122.48
CA HIS Z 84 -28.89 37.91 122.11
C HIS Z 84 -28.95 36.81 121.07
N VAL Z 85 -28.55 37.11 119.83
CA VAL Z 85 -28.64 36.18 118.71
C VAL Z 85 -27.24 35.72 118.37
N TYR Z 86 -27.06 34.39 118.30
CA TYR Z 86 -25.75 33.81 118.04
C TYR Z 86 -25.89 32.61 117.13
N ALA Z 87 -24.74 32.04 116.77
CA ALA Z 87 -24.69 30.79 115.99
C ALA Z 87 -23.34 30.14 116.30
N ALA Z 88 -23.34 29.19 117.22
CA ALA Z 88 -22.11 28.57 117.71
C ALA Z 88 -21.84 27.27 116.98
N LEU Z 89 -20.56 27.01 116.71
CA LEU Z 89 -20.13 25.79 116.05
C LEU Z 89 -18.94 25.21 116.80
N LYS Z 90 -18.75 23.89 116.67
CA LYS Z 90 -17.58 23.24 117.23
C LYS Z 90 -17.08 22.19 116.26
N PHE Z 91 -15.77 22.21 116.02
CA PHE Z 91 -15.13 21.28 115.10
C PHE Z 91 -13.99 20.56 115.80
N THR Z 92 -14.05 19.24 115.81
CA THR Z 92 -12.92 18.47 116.29
C THR Z 92 -11.71 18.69 115.39
N ASP Z 93 -10.52 18.52 115.97
CA ASP Z 93 -9.30 18.80 115.22
C ASP Z 93 -9.19 17.91 113.98
N GLU Z 94 -9.64 16.67 114.07
CA GLU Z 94 -9.69 15.81 112.89
C GLU Z 94 -10.63 16.39 111.84
N GLN Z 95 -11.80 16.85 112.26
CA GLN Z 95 -12.75 17.44 111.31
C GLN Z 95 -12.18 18.71 110.70
N ARG Z 96 -11.51 19.53 111.50
CA ARG Z 96 -10.92 20.75 110.99
C ARG Z 96 -9.78 20.45 110.03
N THR Z 97 -9.07 19.34 110.23
CA THR Z 97 -7.93 19.03 109.38
C THR Z 97 -8.37 18.40 108.06
N LEU Z 98 -9.10 17.30 108.13
CA LEU Z 98 -9.43 16.51 106.96
C LEU Z 98 -10.78 16.89 106.34
N ASP Z 99 -11.82 16.98 107.15
CA ASP Z 99 -13.16 17.10 106.60
C ASP Z 99 -13.45 18.50 106.04
N ILE Z 100 -13.00 19.54 106.73
CA ILE Z 100 -13.28 20.91 106.29
C ILE Z 100 -12.36 21.24 105.12
N ARG Z 101 -12.93 21.39 103.93
CA ARG Z 101 -12.13 21.68 102.75
C ARG Z 101 -11.75 23.16 102.68
N ASP Z 102 -12.76 24.04 102.57
CA ASP Z 102 -12.55 25.48 102.51
C ASP Z 102 -13.31 26.12 103.65
N TYR Z 103 -12.58 26.77 104.57
CA TYR Z 103 -13.22 27.29 105.77
C TYR Z 103 -14.22 28.39 105.45
N THR Z 104 -13.88 29.28 104.51
CA THR Z 104 -14.75 30.42 104.22
C THR Z 104 -16.06 29.99 103.61
N LYS Z 105 -16.01 29.09 102.63
CA LYS Z 105 -17.19 28.72 101.86
C LYS Z 105 -17.94 27.54 102.47
N GLN Z 106 -17.49 27.02 103.60
CA GLN Z 106 -18.13 25.86 104.21
C GLN Z 106 -18.48 26.05 105.67
N VAL Z 107 -17.98 27.09 106.32
CA VAL Z 107 -18.31 27.34 107.73
C VAL Z 107 -18.85 28.75 107.91
N LEU Z 108 -18.08 29.75 107.46
CA LEU Z 108 -18.43 31.14 107.77
C LEU Z 108 -19.67 31.59 107.02
N MET Z 109 -19.75 31.30 105.72
CA MET Z 109 -20.93 31.73 104.96
C MET Z 109 -22.22 31.13 105.49
N PRO Z 110 -22.33 29.82 105.73
CA PRO Z 110 -23.56 29.30 106.34
C PRO Z 110 -23.86 29.92 107.69
N GLN Z 111 -22.84 30.22 108.48
CA GLN Z 111 -23.06 30.76 109.82
C GLN Z 111 -23.63 32.17 109.75
N VAL Z 112 -23.02 33.04 108.94
CA VAL Z 112 -23.56 34.39 108.81
C VAL Z 112 -24.93 34.37 108.16
N SER Z 113 -25.17 33.45 107.22
CA SER Z 113 -26.50 33.34 106.64
C SER Z 113 -27.53 32.93 107.69
N ALA Z 114 -27.17 31.99 108.57
CA ALA Z 114 -28.08 31.59 109.62
C ALA Z 114 -28.42 32.76 110.53
N VAL Z 115 -27.41 33.55 110.90
CA VAL Z 115 -27.67 34.68 111.77
C VAL Z 115 -28.53 35.74 111.06
N ALA Z 116 -28.27 35.97 109.77
CA ALA Z 116 -29.08 36.92 109.02
C ALA Z 116 -30.54 36.47 108.96
N TYR Z 117 -30.77 35.19 108.70
CA TYR Z 117 -32.15 34.72 108.66
C TYR Z 117 -32.80 34.76 110.03
N GLU Z 118 -32.02 34.55 111.10
CA GLU Z 118 -32.58 34.67 112.44
C GLU Z 118 -33.00 36.11 112.71
N LEU Z 119 -32.18 37.08 112.29
CA LEU Z 119 -32.56 38.48 112.47
C LEU Z 119 -33.80 38.82 111.67
N GLU Z 120 -33.91 38.32 110.44
CA GLU Z 120 -35.11 38.57 109.65
C GLU Z 120 -36.34 37.96 110.31
N ASP Z 121 -36.21 36.75 110.85
CA ASP Z 121 -37.33 36.14 111.57
C ASP Z 121 -37.67 36.95 112.81
N TYR Z 122 -36.67 37.54 113.46
CA TYR Z 122 -36.93 38.43 114.59
C TYR Z 122 -37.78 39.62 114.17
N ILE Z 123 -37.43 40.26 113.06
CA ILE Z 123 -38.20 41.39 112.57
C ILE Z 123 -39.61 40.96 112.20
N ALA Z 124 -39.74 39.81 111.54
CA ALA Z 124 -41.06 39.31 111.17
C ALA Z 124 -41.92 39.05 112.39
N GLU Z 125 -41.34 38.45 113.44
CA GLU Z 125 -42.07 38.25 114.67
C GLU Z 125 -42.49 39.58 115.28
N LEU Z 126 -41.62 40.59 115.19
CA LEU Z 126 -41.98 41.91 115.67
C LEU Z 126 -43.22 42.43 114.95
N ILE Z 127 -43.24 42.32 113.63
CA ILE Z 127 -44.34 42.88 112.85
C ILE Z 127 -45.63 42.09 113.08
N GLU Z 128 -45.54 40.76 113.10
CA GLU Z 128 -46.72 39.94 113.32
C GLU Z 128 -47.35 40.23 114.67
N GLY Z 129 -46.54 40.32 115.71
CA GLY Z 129 -47.06 40.42 117.05
C GLY Z 129 -47.56 41.77 117.48
N ALA Z 130 -47.47 42.78 116.61
CA ALA Z 130 -47.93 44.10 116.96
C ALA Z 130 -49.43 44.08 117.23
N PRO Z 131 -49.91 44.84 118.20
CA PRO Z 131 -51.33 44.78 118.58
C PRO Z 131 -52.26 45.58 117.66
N TYR Z 132 -52.49 45.04 116.47
CA TYR Z 132 -53.44 45.67 115.55
C TYR Z 132 -54.85 45.55 116.10
N GLU Z 133 -55.55 46.68 116.16
CA GLU Z 133 -56.88 46.69 116.76
C GLU Z 133 -57.92 46.05 115.86
N GLU Z 134 -57.89 46.35 114.57
CA GLU Z 134 -58.86 45.81 113.63
C GLU Z 134 -58.15 45.35 112.37
N THR Z 135 -58.58 44.20 111.85
CA THR Z 135 -58.00 43.61 110.66
C THR Z 135 -58.90 43.90 109.47
N ILE Z 136 -58.34 44.50 108.42
CA ILE Z 136 -59.09 44.78 107.22
C ILE Z 136 -59.13 43.53 106.35
N LEU Z 137 -60.33 43.11 105.98
CA LEU Z 137 -60.51 41.89 105.21
C LEU Z 137 -60.47 42.23 103.72
N ILE Z 138 -59.51 41.63 103.01
CA ILE Z 138 -59.39 41.83 101.57
C ILE Z 138 -60.31 40.85 100.87
N ASP Z 139 -61.21 41.37 100.05
CA ASP Z 139 -62.08 40.51 99.26
C ASP Z 139 -61.35 40.13 97.97
N PRO Z 140 -61.13 38.85 97.70
CA PRO Z 140 -60.42 38.47 96.47
C PRO Z 140 -61.12 38.87 95.19
N ALA Z 141 -62.44 39.09 95.24
CA ALA Z 141 -63.16 39.54 94.05
C ALA Z 141 -62.71 40.92 93.61
N ASP Z 142 -62.56 41.85 94.56
CA ASP Z 142 -62.04 43.19 94.26
C ASP Z 142 -61.21 43.61 95.47
N THR Z 143 -59.89 43.55 95.32
CA THR Z 143 -58.99 43.82 96.42
C THR Z 143 -58.69 45.30 96.62
N VAL Z 144 -58.97 46.13 95.62
CA VAL Z 144 -58.68 47.57 95.75
C VAL Z 144 -59.44 48.22 96.89
N PRO Z 145 -60.73 47.95 97.11
CA PRO Z 145 -61.41 48.61 98.24
C PRO Z 145 -60.75 48.35 99.58
N ALA Z 146 -60.19 47.16 99.79
CA ALA Z 146 -59.53 46.88 101.07
C ALA Z 146 -58.32 47.78 101.27
N PHE Z 147 -57.49 47.92 100.24
CA PHE Z 147 -56.29 48.74 100.39
C PHE Z 147 -56.63 50.21 100.49
N ILE Z 148 -57.65 50.65 99.75
CA ILE Z 148 -58.11 52.03 99.88
C ILE Z 148 -58.64 52.28 101.28
N THR Z 149 -59.33 51.29 101.85
CA THR Z 149 -59.81 51.42 103.22
C THR Z 149 -58.65 51.49 104.20
N ALA Z 150 -57.59 50.71 103.98
CA ALA Z 150 -56.42 50.79 104.84
C ALA Z 150 -55.78 52.18 104.77
N ASP Z 151 -55.66 52.72 103.56
CA ASP Z 151 -55.14 54.07 103.41
C ASP Z 151 -56.01 55.09 104.12
N GLN Z 152 -57.34 54.93 104.02
CA GLN Z 152 -58.24 55.82 104.72
C GLN Z 152 -58.07 55.70 106.23
N ARG Z 153 -57.90 54.48 106.73
CA ARG Z 153 -57.75 54.28 108.16
C ARG Z 153 -56.49 54.95 108.67
N MET Z 154 -55.40 54.84 107.93
CA MET Z 154 -54.18 55.53 108.35
C MET Z 154 -54.30 57.04 108.20
N GLY Z 155 -55.06 57.51 107.20
CA GLY Z 155 -55.29 58.93 107.08
C GLY Z 155 -56.12 59.50 108.21
N GLU Z 156 -57.10 58.74 108.68
CA GLU Z 156 -57.96 59.19 109.78
C GLU Z 156 -57.20 59.30 111.10
N ALA Z 157 -56.08 58.61 111.23
CA ALA Z 157 -55.23 58.75 112.40
C ALA Z 157 -54.20 59.85 112.23
N ASN Z 158 -54.25 60.59 111.13
CA ASN Z 158 -53.36 61.71 110.82
C ASN Z 158 -51.91 61.27 110.67
N VAL Z 159 -51.68 60.00 110.35
CA VAL Z 159 -50.32 59.52 110.13
C VAL Z 159 -49.75 60.19 108.89
N PRO Z 160 -48.48 60.59 108.89
CA PRO Z 160 -47.91 61.22 107.69
C PRO Z 160 -47.96 60.28 106.49
N THR Z 161 -48.09 60.88 105.31
CA THR Z 161 -48.30 60.13 104.09
C THR Z 161 -47.02 59.73 103.38
N ASP Z 162 -45.86 60.05 103.94
CA ASP Z 162 -44.59 59.70 103.33
C ASP Z 162 -43.87 58.63 104.14
N SER Z 163 -42.95 57.95 103.48
CA SER Z 163 -42.14 56.90 104.09
C SER Z 163 -43.03 55.80 104.67
N ARG Z 164 -44.10 55.47 103.97
CA ARG Z 164 -44.93 54.33 104.32
C ARG Z 164 -44.43 53.09 103.60
N ARG Z 165 -44.62 51.94 104.22
CA ARG Z 165 -44.21 50.67 103.65
C ARG Z 165 -45.39 49.72 103.59
N LEU Z 166 -45.52 49.01 102.48
CA LEU Z 166 -46.56 48.01 102.29
C LEU Z 166 -45.88 46.69 101.93
N VAL Z 167 -45.96 45.72 102.84
CA VAL Z 167 -45.39 44.40 102.64
C VAL Z 167 -46.53 43.41 102.51
N VAL Z 168 -46.53 42.65 101.42
CA VAL Z 168 -47.58 41.70 101.11
C VAL Z 168 -46.99 40.31 101.03
N GLY Z 169 -47.65 39.34 101.66
CA GLY Z 169 -47.25 37.96 101.55
C GLY Z 169 -47.48 37.43 100.16
N SER Z 170 -47.04 36.20 99.94
CA SER Z 170 -47.15 35.61 98.61
C SER Z 170 -48.61 35.46 98.18
N ALA Z 171 -49.47 35.00 99.09
CA ALA Z 171 -50.87 34.79 98.73
C ALA Z 171 -51.56 36.11 98.42
N VAL Z 172 -51.22 37.18 99.15
CA VAL Z 172 -51.83 38.47 98.90
C VAL Z 172 -51.42 39.00 97.53
N ALA Z 173 -50.14 38.85 97.18
CA ALA Z 173 -49.70 39.30 95.87
C ALA Z 173 -50.37 38.48 94.76
N ALA Z 174 -50.54 37.18 94.98
CA ALA Z 174 -51.27 36.38 94.00
C ALA Z 174 -52.71 36.85 93.86
N ALA Z 175 -53.35 37.18 94.98
CA ALA Z 175 -54.72 37.67 94.91
C ALA Z 175 -54.80 39.02 94.22
N LEU Z 176 -53.77 39.86 94.41
CA LEU Z 176 -53.73 41.14 93.71
C LEU Z 176 -53.64 40.93 92.21
N ALA Z 177 -52.76 40.02 91.78
CA ALA Z 177 -52.64 39.75 90.35
C ALA Z 177 -53.91 39.11 89.79
N LYS Z 178 -54.56 38.26 90.58
CA LYS Z 178 -55.77 37.58 90.12
C LYS Z 178 -56.97 38.50 90.05
N ASP Z 179 -56.92 39.66 90.70
CA ASP Z 179 -58.05 40.57 90.69
C ASP Z 179 -58.33 41.06 89.28
N LYS Z 180 -59.62 41.09 88.92
CA LYS Z 180 -59.98 41.52 87.59
C LYS Z 180 -59.66 42.98 87.34
N GLN Z 181 -59.53 43.78 88.39
CA GLN Z 181 -59.21 45.19 88.21
C GLN Z 181 -57.83 45.37 87.58
N PHE Z 182 -56.82 44.74 88.16
CA PHE Z 182 -55.48 44.82 87.59
C PHE Z 182 -55.29 43.94 86.37
N ARG Z 183 -56.02 42.84 86.30
CA ARG Z 183 -55.83 41.87 85.22
C ARG Z 183 -56.46 42.35 83.92
N HIS Z 184 -57.65 42.94 83.98
CA HIS Z 184 -58.30 43.46 82.79
C HIS Z 184 -57.69 44.80 82.42
N ALA Z 185 -57.11 44.87 81.21
CA ALA Z 185 -56.37 46.06 80.82
C ALA Z 185 -57.29 47.27 80.67
N ASP Z 186 -58.55 47.04 80.30
CA ASP Z 186 -59.46 48.17 80.17
C ASP Z 186 -59.72 48.83 81.50
N TRP Z 187 -59.76 48.04 82.57
CA TRP Z 187 -60.10 48.55 83.89
C TRP Z 187 -58.93 49.17 84.63
N SER Z 188 -57.71 49.08 84.12
CA SER Z 188 -56.58 49.57 84.88
C SER Z 188 -55.53 50.27 84.02
N GLY Z 189 -55.90 50.79 82.87
CA GLY Z 189 -54.90 51.40 82.01
C GLY Z 189 -53.89 50.36 81.59
N ASP Z 190 -52.61 50.65 81.84
CA ASP Z 190 -51.48 49.74 81.69
C ASP Z 190 -51.65 48.76 80.53
N GLN Z 191 -51.82 49.28 79.32
CA GLN Z 191 -52.13 48.41 78.18
C GLN Z 191 -51.07 47.34 77.95
N ALA Z 192 -49.86 47.53 78.46
CA ALA Z 192 -48.90 46.43 78.50
C ALA Z 192 -49.39 45.28 79.34
N ASN Z 193 -50.28 45.54 80.30
CA ASN Z 193 -50.91 44.52 81.12
C ASN Z 193 -49.87 43.67 81.87
N ALA Z 194 -49.14 44.35 82.75
CA ALA Z 194 -48.16 43.66 83.56
C ALA Z 194 -48.82 42.64 84.49
N ALA Z 195 -50.02 42.95 84.98
CA ALA Z 195 -50.67 42.06 85.93
C ALA Z 195 -51.07 40.73 85.30
N LEU Z 196 -51.10 40.64 83.97
CA LEU Z 196 -51.43 39.41 83.27
C LEU Z 196 -50.21 38.77 82.62
N ARG Z 197 -49.42 39.55 81.88
CA ARG Z 197 -48.26 39.00 81.20
C ARG Z 197 -47.02 38.93 82.08
N GLU Z 198 -47.03 39.57 83.25
CA GLU Z 198 -45.91 39.52 84.18
C GLU Z 198 -46.31 39.13 85.59
N ALA Z 199 -47.60 39.12 85.91
CA ALA Z 199 -48.09 38.75 87.24
C ALA Z 199 -47.47 39.64 88.33
N HIS Z 200 -47.34 40.92 88.04
CA HIS Z 200 -46.70 41.88 88.94
C HIS Z 200 -47.59 43.11 89.05
N VAL Z 201 -48.29 43.24 90.18
CA VAL Z 201 -49.19 44.38 90.35
C VAL Z 201 -48.40 45.67 90.52
N GLY Z 202 -47.32 45.64 91.30
CA GLY Z 202 -46.59 46.87 91.54
C GLY Z 202 -47.41 47.84 92.37
N ARG Z 203 -47.33 49.11 92.00
CA ARG Z 203 -47.95 50.17 92.78
C ARG Z 203 -49.47 50.04 92.79
N LEU Z 204 -50.08 50.34 93.94
CA LEU Z 204 -51.52 50.50 94.00
C LEU Z 204 -51.86 51.36 95.20
N ALA Z 205 -52.94 52.14 95.06
CA ALA Z 205 -53.48 52.95 96.16
C ALA Z 205 -52.42 53.83 96.80
N GLY Z 206 -51.44 54.27 96.01
CA GLY Z 206 -50.37 55.11 96.51
C GLY Z 206 -49.26 54.37 97.21
N MET Z 207 -49.23 53.04 97.14
CA MET Z 207 -48.25 52.24 97.86
C MET Z 207 -47.56 51.29 96.90
N ASN Z 208 -46.27 51.05 97.14
CA ASN Z 208 -45.48 50.11 96.35
C ASN Z 208 -45.43 48.79 97.11
N VAL Z 209 -45.91 47.72 96.50
CA VAL Z 209 -45.92 46.42 97.17
C VAL Z 209 -44.49 45.91 97.29
N ILE Z 210 -44.19 45.29 98.43
CA ILE Z 210 -42.94 44.58 98.62
C ILE Z 210 -43.29 43.17 99.09
N ARG Z 211 -42.85 42.17 98.33
CA ARG Z 211 -43.21 40.80 98.61
C ARG Z 211 -42.19 40.18 99.55
N SER Z 212 -42.67 39.53 100.61
CA SER Z 212 -41.81 38.85 101.55
C SER Z 212 -42.44 37.53 101.95
N ASN Z 213 -41.61 36.49 102.04
CA ASN Z 213 -42.07 35.20 102.52
C ASN Z 213 -41.91 35.04 104.02
N ALA Z 214 -41.34 36.03 104.71
CA ALA Z 214 -41.22 35.95 106.16
C ALA Z 214 -42.58 36.03 106.83
N ILE Z 215 -43.46 36.88 106.33
CA ILE Z 215 -44.79 37.06 106.90
C ILE Z 215 -45.70 35.95 106.42
N ALA Z 216 -46.85 35.80 107.07
CA ALA Z 216 -47.81 34.78 106.67
C ALA Z 216 -48.26 35.03 105.24
N PRO Z 217 -48.53 33.98 104.46
CA PRO Z 217 -48.81 34.19 103.03
C PRO Z 217 -49.99 35.09 102.76
N ASP Z 218 -51.05 35.00 103.56
CA ASP Z 218 -52.30 35.70 103.28
C ASP Z 218 -52.49 36.94 104.14
N LYS Z 219 -51.40 37.65 104.47
CA LYS Z 219 -51.49 38.85 105.27
C LYS Z 219 -50.61 39.93 104.68
N ALA Z 220 -51.02 41.17 104.87
CA ALA Z 220 -50.28 42.33 104.42
C ALA Z 220 -50.20 43.33 105.54
N TYR Z 221 -49.10 44.08 105.59
CA TYR Z 221 -48.89 45.07 106.63
C TYR Z 221 -48.51 46.39 105.98
N LEU Z 222 -49.19 47.46 106.38
CA LEU Z 222 -48.86 48.80 105.91
C LEU Z 222 -48.51 49.63 107.13
N TRP Z 223 -47.26 50.08 107.21
CA TRP Z 223 -46.81 50.78 108.40
C TRP Z 223 -46.03 52.03 108.04
N HIS Z 224 -46.24 53.08 108.84
CA HIS Z 224 -45.39 54.26 108.79
C HIS Z 224 -44.01 53.91 109.34
N ARG Z 225 -43.01 54.68 108.93
CA ARG Z 225 -41.63 54.36 109.29
C ARG Z 225 -41.45 54.32 110.80
N THR Z 226 -42.09 55.22 111.51
CA THR Z 226 -41.92 55.31 112.96
C THR Z 226 -42.73 54.29 113.72
N ALA Z 227 -43.32 53.30 113.05
CA ALA Z 227 -44.15 52.33 113.77
C ALA Z 227 -43.30 51.36 114.58
N PHE Z 228 -42.25 50.82 113.98
CA PHE Z 228 -41.43 49.80 114.61
C PHE Z 228 -40.00 50.31 114.76
N ILE Z 229 -39.39 50.02 115.91
CA ILE Z 229 -38.04 50.45 116.22
C ILE Z 229 -37.17 49.21 116.43
N LEU Z 230 -36.02 49.18 115.77
CA LEU Z 230 -35.05 48.11 115.93
C LEU Z 230 -33.75 48.68 116.47
N ALA Z 231 -33.10 47.93 117.34
CA ALA Z 231 -31.86 48.35 117.96
C ALA Z 231 -30.88 47.20 117.93
N TYR Z 232 -29.65 47.47 117.47
CA TYR Z 232 -28.62 46.47 117.38
C TYR Z 232 -27.38 46.95 118.12
N ARG Z 233 -26.62 45.99 118.65
CA ARG Z 233 -25.37 46.30 119.32
C ARG Z 233 -24.40 45.16 119.07
N THR Z 234 -23.14 45.51 118.81
CA THR Z 234 -22.14 44.51 118.53
C THR Z 234 -21.30 44.27 119.77
N PRO Z 235 -21.25 43.05 120.29
CA PRO Z 235 -20.43 42.78 121.46
C PRO Z 235 -18.96 43.05 121.16
N VAL Z 236 -18.26 43.53 122.17
CA VAL Z 236 -16.84 43.83 122.04
C VAL Z 236 -16.05 42.55 122.31
N VAL Z 237 -14.97 42.37 121.55
CA VAL Z 237 -14.10 41.22 121.75
C VAL Z 237 -13.33 41.45 123.05
N PRO Z 238 -13.48 40.59 124.05
CA PRO Z 238 -12.82 40.83 125.33
C PRO Z 238 -11.32 40.69 125.21
N GLU Z 239 -10.63 41.20 126.24
CA GLU Z 239 -9.17 41.16 126.23
C GLU Z 239 -8.66 39.72 126.24
N GLY Z 240 -9.32 38.84 127.00
CA GLY Z 240 -8.89 37.46 127.08
C GLY Z 240 -9.44 36.57 126.00
N ALA Z 241 -9.27 36.98 124.75
CA ALA Z 241 -9.75 36.19 123.62
C ALA Z 241 -8.92 36.52 122.39
N LYS Z 242 -8.76 35.52 121.52
CA LYS Z 242 -8.02 35.73 120.28
C LYS Z 242 -8.79 36.68 119.37
N ALA Z 243 -8.05 37.60 118.73
CA ALA Z 243 -8.66 38.61 117.89
C ALA Z 243 -9.45 37.98 116.76
N GLY Z 244 -10.77 38.10 116.81
CA GLY Z 244 -11.64 37.58 115.77
C GLY Z 244 -12.15 38.68 114.87
N ALA Z 245 -12.49 38.31 113.64
CA ALA Z 245 -12.97 39.27 112.67
C ALA Z 245 -14.38 39.73 113.03
N SER Z 246 -14.87 40.71 112.28
CA SER Z 246 -16.23 41.20 112.41
C SER Z 246 -16.94 41.06 111.07
N PHE Z 247 -18.18 40.59 111.11
CA PHE Z 247 -18.91 40.31 109.89
C PHE Z 247 -20.14 41.21 109.78
N SER Z 248 -20.88 41.05 108.69
CA SER Z 248 -22.05 41.86 108.43
C SER Z 248 -23.18 40.99 107.90
N ALA Z 249 -24.40 41.25 108.39
CA ALA Z 249 -25.61 40.55 107.96
C ALA Z 249 -26.67 41.59 107.62
N ASN Z 250 -26.65 42.07 106.37
CA ASN Z 250 -27.58 43.08 105.89
C ASN Z 250 -27.51 44.35 106.74
N GLY Z 251 -26.31 44.92 106.81
CA GLY Z 251 -26.12 46.17 107.52
C GLY Z 251 -26.04 46.07 109.02
N VAL Z 252 -25.87 44.87 109.57
CA VAL Z 252 -25.74 44.66 111.00
C VAL Z 252 -24.37 44.06 111.27
N ALA Z 253 -23.62 44.67 112.17
CA ALA Z 253 -22.30 44.18 112.52
C ALA Z 253 -22.41 43.01 113.50
N LEU Z 254 -21.58 42.00 113.28
CA LEU Z 254 -21.62 40.76 114.04
C LEU Z 254 -20.24 40.47 114.60
N ARG Z 255 -20.20 40.10 115.89
CA ARG Z 255 -18.96 39.76 116.57
C ARG Z 255 -18.66 38.28 116.34
N TRP Z 256 -17.47 37.99 115.82
CA TRP Z 256 -17.01 36.63 115.61
C TRP Z 256 -15.89 36.30 116.59
N LEU Z 257 -16.04 35.21 117.32
CA LEU Z 257 -15.10 34.81 118.36
C LEU Z 257 -14.73 33.36 118.17
N ALA Z 258 -13.51 33.00 118.55
CA ALA Z 258 -13.03 31.64 118.39
C ALA Z 258 -12.14 31.28 119.57
N ASP Z 259 -12.29 30.05 120.06
CA ASP Z 259 -11.51 29.58 121.18
C ASP Z 259 -11.25 28.09 121.04
N TYR Z 260 -10.05 27.67 121.42
CA TYR Z 260 -9.64 26.28 121.29
C TYR Z 260 -9.90 25.55 122.61
N ASP Z 261 -10.83 24.62 122.60
CA ASP Z 261 -11.09 23.76 123.76
C ASP Z 261 -10.04 22.65 123.72
N TYR Z 262 -9.02 22.79 124.57
CA TYR Z 262 -7.97 21.77 124.67
C TYR Z 262 -8.49 20.50 125.31
N SER Z 263 -9.43 20.62 126.26
CA SER Z 263 -9.95 19.43 126.91
C SER Z 263 -10.66 18.53 125.92
N GLN Z 264 -11.45 19.11 125.02
CA GLN Z 264 -12.12 18.36 123.98
C GLN Z 264 -11.32 18.29 122.69
N LEU Z 265 -10.14 18.91 122.65
CA LEU Z 265 -9.25 18.85 121.50
C LEU Z 265 -9.96 19.31 120.23
N GLY Z 266 -10.60 20.47 120.30
CA GLY Z 266 -11.32 20.97 119.15
C GLY Z 266 -11.58 22.45 119.26
N ASP Z 267 -11.81 23.06 118.11
CA ASP Z 267 -12.08 24.49 118.03
C ASP Z 267 -13.56 24.76 118.24
N ARG Z 268 -13.87 25.94 118.79
CA ARG Z 268 -15.24 26.40 118.96
C ARG Z 268 -15.33 27.83 118.45
N THR Z 269 -16.44 28.13 117.79
CA THR Z 269 -16.65 29.42 117.18
C THR Z 269 -18.02 29.96 117.57
N LEU Z 270 -18.13 31.28 117.61
CA LEU Z 270 -19.35 31.97 117.99
C LEU Z 270 -19.49 33.20 117.11
N LEU Z 271 -20.73 33.55 116.78
CA LEU Z 271 -21.01 34.72 115.96
C LEU Z 271 -22.30 35.33 116.46
N ASP Z 272 -22.21 36.49 117.10
CA ASP Z 272 -23.35 36.99 117.87
C ASP Z 272 -23.56 38.48 117.69
N VAL Z 273 -24.71 38.92 118.19
CA VAL Z 273 -25.13 40.32 118.15
C VAL Z 273 -26.26 40.49 119.15
N PHE Z 274 -26.30 41.63 119.83
CA PHE Z 274 -27.38 41.93 120.76
C PHE Z 274 -28.46 42.70 120.02
N THR Z 275 -29.71 42.30 120.21
CA THR Z 275 -30.83 42.86 119.46
C THR Z 275 -31.96 43.24 120.41
N GLY Z 276 -32.72 44.25 120.00
CA GLY Z 276 -33.91 44.66 120.75
C GLY Z 276 -34.89 45.33 119.82
N ARG Z 277 -36.17 45.25 120.18
CA ARG Z 277 -37.22 45.75 119.32
C ARG Z 277 -38.28 46.45 120.13
N LYS Z 278 -39.04 47.34 119.48
CA LYS Z 278 -40.11 48.06 120.14
C LYS Z 278 -41.20 48.40 119.13
N VAL Z 279 -42.44 48.39 119.62
CA VAL Z 279 -43.61 48.81 118.85
C VAL Z 279 -44.06 50.15 119.41
N VAL Z 280 -44.06 51.18 118.58
CA VAL Z 280 -44.36 52.53 119.05
C VAL Z 280 -45.86 52.71 119.16
N THR Z 281 -46.42 52.41 120.33
CA THR Z 281 -47.84 52.59 120.55
C THR Z 281 -48.16 54.08 120.66
N GLU Z 282 -49.44 54.37 120.86
CA GLU Z 282 -49.89 55.74 121.04
C GLU Z 282 -49.94 56.06 122.53
N VAL Z 283 -50.10 57.35 122.84
CA VAL Z 283 -50.11 57.80 124.24
C VAL Z 283 -51.29 57.21 124.99
N ASP Z 284 -52.40 56.92 124.29
CA ASP Z 284 -53.57 56.34 124.92
C ASP Z 284 -53.57 54.82 124.86
N GLY Z 285 -52.46 54.21 124.44
CA GLY Z 285 -52.33 52.77 124.42
C GLY Z 285 -52.73 52.10 123.13
N SER Z 286 -53.33 52.83 122.20
CA SER Z 286 -53.73 52.23 120.93
C SER Z 286 -52.53 52.11 120.00
N PHE Z 287 -52.71 51.35 118.93
CA PHE Z 287 -51.72 51.20 117.87
C PHE Z 287 -52.36 51.70 116.58
N VAL Z 288 -51.92 52.86 116.11
CA VAL Z 288 -52.51 53.50 114.95
C VAL Z 288 -51.51 53.70 113.82
N ARG Z 289 -50.24 53.37 114.03
CA ARG Z 289 -49.22 53.62 113.04
C ARG Z 289 -49.03 52.47 112.06
N ALA Z 290 -49.88 51.45 112.13
CA ALA Z 290 -49.80 50.35 111.18
C ALA Z 290 -51.16 49.68 111.05
N VAL Z 291 -51.42 49.12 109.88
CA VAL Z 291 -52.67 48.44 109.60
C VAL Z 291 -52.36 47.07 109.02
N GLU Z 292 -53.20 46.10 109.40
CA GLU Z 292 -53.01 44.69 109.08
C GLU Z 292 -54.18 44.24 108.23
N LEU Z 293 -53.88 43.73 107.04
CA LEU Z 293 -54.89 43.27 106.10
C LEU Z 293 -54.80 41.77 105.94
N GLN Z 294 -55.94 41.11 105.80
CA GLN Z 294 -55.98 39.67 105.69
C GLN Z 294 -56.98 39.26 104.62
N LEU Z 295 -56.60 38.27 103.81
CA LEU Z 295 -57.47 37.78 102.76
C LEU Z 295 -58.67 37.05 103.35
N GLN Z 296 -59.83 37.22 102.72
CA GLN Z 296 -61.01 36.45 103.11
C GLN Z 296 -60.91 35.02 102.58
N ALA Z 297 -61.57 34.11 103.29
CA ALA Z 297 -61.64 32.72 102.89
C ALA Z 297 -63.09 32.31 102.81
N SER Z 298 -63.47 31.66 101.70
CA SER Z 298 -64.85 31.23 101.50
C SER Z 298 -65.03 29.72 101.53
N SER Z 299 -63.95 28.96 101.37
CA SER Z 299 -64.04 27.51 101.43
C SER Z 299 -62.65 26.94 101.65
N ILE Z 300 -62.60 25.70 102.12
CA ILE Z 300 -61.34 24.98 102.30
C ILE Z 300 -61.48 23.60 101.66
N THR Z 301 -60.35 23.08 101.20
CA THR Z 301 -60.29 21.76 100.60
C THR Z 301 -59.06 21.03 101.12
N ILE Z 302 -59.22 19.74 101.40
CA ILE Z 302 -58.12 18.90 101.84
C ILE Z 302 -57.41 18.36 100.61
N VAL Z 303 -56.10 18.62 100.52
CA VAL Z 303 -55.34 18.26 99.33
C VAL Z 303 -55.34 16.75 99.15
N GLY Z 304 -55.71 16.30 97.95
CA GLY Z 304 -55.76 14.89 97.63
C GLY Z 304 -57.14 14.27 97.70
N GLY Z 305 -58.08 14.91 98.39
CA GLY Z 305 -59.41 14.35 98.50
C GLY Z 305 -59.41 13.02 99.22
N ALA Z 306 -60.35 12.16 98.83
CA ALA Z 306 -60.42 10.83 99.42
C ALA Z 306 -59.17 10.02 99.08
N PHE Z 307 -58.66 9.29 100.08
CA PHE Z 307 -57.50 8.45 99.87
C PHE Z 307 -57.48 7.39 100.96
N ALA Z 308 -56.66 6.36 100.75
CA ALA Z 308 -56.53 5.24 101.67
C ALA Z 308 -55.07 5.05 102.04
N LEU Z 309 -54.84 4.66 103.30
CA LEU Z 309 -53.49 4.41 103.77
C LEU Z 309 -52.96 3.09 103.23
N ALA Z 310 -51.63 2.97 103.19
CA ALA Z 310 -51.01 1.73 102.75
C ALA Z 310 -51.32 0.59 103.71
N THR Z 311 -51.26 0.86 105.02
CA THR Z 311 -51.53 -0.16 106.03
C THR Z 311 -52.19 0.52 107.22
N THR Z 312 -52.50 -0.27 108.24
CA THR Z 312 -53.09 0.27 109.45
C THR Z 312 -52.14 1.23 110.14
N THR Z 313 -50.85 0.86 110.24
CA THR Z 313 -49.87 1.69 110.91
C THR Z 313 -49.34 2.82 110.05
N GLY Z 314 -49.70 2.86 108.77
CA GLY Z 314 -49.25 3.96 107.91
C GLY Z 314 -49.80 5.29 108.38
N THR Z 315 -48.94 6.30 108.40
CA THR Z 315 -49.29 7.63 108.85
C THR Z 315 -49.20 8.61 107.69
N LYS Z 316 -50.22 9.43 107.52
CA LYS Z 316 -50.26 10.39 106.43
C LYS Z 316 -50.44 11.80 106.99
N GLN Z 317 -49.67 12.74 106.44
CA GLN Z 317 -49.77 14.14 106.85
C GLN Z 317 -50.77 14.84 105.95
N LEU Z 318 -51.79 15.44 106.55
CA LEU Z 318 -52.83 16.10 105.78
C LEU Z 318 -52.34 17.45 105.26
N LYS Z 319 -53.21 18.10 104.48
CA LYS Z 319 -52.92 19.40 103.90
C LYS Z 319 -54.24 20.07 103.55
N VAL Z 320 -54.52 21.22 104.15
CA VAL Z 320 -55.76 21.95 103.92
C VAL Z 320 -55.41 23.28 103.27
N ARG Z 321 -56.12 23.62 102.20
CA ARG Z 321 -55.90 24.88 101.50
C ARG Z 321 -57.23 25.59 101.35
N ASP Z 322 -57.26 26.88 101.70
CA ASP Z 322 -58.46 27.67 101.49
C ASP Z 322 -58.58 28.02 100.00
N ASP Z 323 -59.69 28.67 99.64
CA ASP Z 323 -59.96 28.96 98.24
C ASP Z 323 -58.92 29.90 97.63
N ASN Z 324 -58.22 30.68 98.44
CA ASN Z 324 -57.16 31.54 97.95
C ASN Z 324 -55.85 30.81 97.76
N GLY Z 325 -55.77 29.54 98.14
CA GLY Z 325 -54.54 28.78 98.03
C GLY Z 325 -53.61 28.88 99.21
N THR Z 326 -54.00 29.56 100.27
CA THR Z 326 -53.15 29.66 101.45
C THR Z 326 -53.05 28.33 102.18
N ASP Z 327 -51.85 27.97 102.58
CA ASP Z 327 -51.65 26.77 103.39
C ASP Z 327 -52.18 27.02 104.79
N VAL Z 328 -53.24 26.30 105.17
CA VAL Z 328 -53.98 26.64 106.38
C VAL Z 328 -54.07 25.41 107.28
N THR Z 329 -53.16 24.45 107.09
CA THR Z 329 -53.20 23.23 107.90
C THR Z 329 -53.01 23.54 109.38
N ALA Z 330 -52.08 24.44 109.70
CA ALA Z 330 -51.79 24.74 111.09
C ALA Z 330 -52.91 25.51 111.78
N ARG Z 331 -53.90 26.00 111.05
CA ARG Z 331 -54.99 26.78 111.61
C ARG Z 331 -56.33 26.06 111.54
N CYS Z 332 -56.33 24.76 111.31
CA CYS Z 332 -57.56 23.99 111.19
C CYS Z 332 -57.62 22.95 112.31
N THR Z 333 -58.84 22.63 112.74
CA THR Z 333 -59.08 21.61 113.75
C THR Z 333 -59.62 20.37 113.05
N PHE Z 334 -58.98 19.24 113.29
CA PHE Z 334 -59.35 17.99 112.64
C PHE Z 334 -60.17 17.13 113.58
N ALA Z 335 -61.15 16.44 113.03
CA ALA Z 335 -61.95 15.49 113.79
C ALA Z 335 -62.16 14.24 112.95
N SER Z 336 -62.35 13.11 113.63
CA SER Z 336 -62.59 11.84 112.97
C SER Z 336 -63.96 11.31 113.35
N SER Z 337 -64.75 10.94 112.35
CA SER Z 337 -66.07 10.40 112.62
C SER Z 337 -66.00 9.09 113.40
N ALA Z 338 -65.06 8.22 113.03
CA ALA Z 338 -64.89 6.91 113.68
C ALA Z 338 -63.50 6.87 114.28
N GLY Z 339 -63.39 7.29 115.55
CA GLY Z 339 -62.10 7.28 116.21
C GLY Z 339 -61.56 5.88 116.41
N THR Z 340 -62.45 4.93 116.71
CA THR Z 340 -62.05 3.54 116.87
C THR Z 340 -61.61 2.89 115.56
N LYS Z 341 -61.85 3.55 114.43
CA LYS Z 341 -61.47 3.02 113.13
C LYS Z 341 -60.25 3.71 112.55
N ALA Z 342 -60.26 5.05 112.47
CA ALA Z 342 -59.12 5.81 112.00
C ALA Z 342 -59.00 7.08 112.84
N THR Z 343 -57.79 7.37 113.30
CA THR Z 343 -57.52 8.52 114.15
C THR Z 343 -56.69 9.55 113.40
N VAL Z 344 -56.96 10.83 113.65
CA VAL Z 344 -56.21 11.93 113.06
C VAL Z 344 -55.77 12.86 114.18
N SER Z 345 -54.50 13.25 114.17
CA SER Z 345 -53.98 14.14 115.18
C SER Z 345 -54.49 15.56 114.92
N ALA Z 346 -54.29 16.43 115.92
CA ALA Z 346 -54.67 17.82 115.76
C ALA Z 346 -53.79 18.54 114.75
N ALA Z 347 -52.62 18.00 114.45
CA ALA Z 347 -51.70 18.63 113.50
C ALA Z 347 -51.84 18.11 112.08
N GLY Z 348 -52.79 17.21 111.83
CA GLY Z 348 -52.99 16.68 110.50
C GLY Z 348 -52.40 15.31 110.24
N LEU Z 349 -51.87 14.64 111.26
CA LEU Z 349 -51.37 13.28 111.11
C LEU Z 349 -52.54 12.31 111.27
N VAL Z 350 -52.75 11.47 110.27
CA VAL Z 350 -53.86 10.53 110.26
C VAL Z 350 -53.31 9.12 110.19
N THR Z 351 -53.88 8.24 111.02
CA THR Z 351 -53.53 6.83 111.04
C THR Z 351 -54.79 6.02 111.34
N GLY Z 352 -54.91 4.86 110.73
CA GLY Z 352 -56.09 4.04 110.90
C GLY Z 352 -55.86 2.79 111.73
N VAL Z 353 -56.39 2.77 112.95
CA VAL Z 353 -56.17 1.63 113.83
C VAL Z 353 -56.94 0.41 113.32
N ALA Z 354 -58.17 0.61 112.86
CA ALA Z 354 -59.04 -0.49 112.45
C ALA Z 354 -59.41 -0.34 110.98
N ALA Z 355 -59.43 -1.45 110.26
CA ALA Z 355 -59.79 -1.44 108.85
C ALA Z 355 -61.25 -1.02 108.67
N GLY Z 356 -61.49 -0.20 107.65
CA GLY Z 356 -62.84 0.26 107.37
C GLY Z 356 -62.88 1.72 106.95
N THR Z 357 -64.07 2.23 106.64
CA THR Z 357 -64.23 3.58 106.16
C THR Z 357 -64.54 4.52 107.32
N ALA Z 358 -63.75 5.58 107.46
CA ALA Z 358 -63.97 6.59 108.49
C ALA Z 358 -63.76 7.97 107.89
N ASP Z 359 -64.48 8.95 108.41
CA ASP Z 359 -64.43 10.30 107.88
C ASP Z 359 -63.44 11.16 108.66
N ILE Z 360 -62.81 12.08 107.95
CA ILE Z 360 -61.96 13.10 108.53
C ILE Z 360 -62.53 14.45 108.11
N THR Z 361 -62.87 15.28 109.10
CA THR Z 361 -63.44 16.60 108.85
C THR Z 361 -62.50 17.66 109.39
N ALA Z 362 -62.12 18.59 108.52
CA ALA Z 362 -61.27 19.71 108.89
C ALA Z 362 -62.15 20.95 108.99
N SER Z 363 -62.12 21.60 110.15
CA SER Z 363 -62.90 22.80 110.42
C SER Z 363 -61.95 23.99 110.50
N TYR Z 364 -62.31 25.06 109.79
CA TYR Z 364 -61.49 26.27 109.75
C TYR Z 364 -62.36 27.46 110.07
N VAL Z 365 -61.92 28.28 111.01
CA VAL Z 365 -62.61 29.53 111.34
C VAL Z 365 -62.06 30.62 110.43
N PRO Z 366 -62.85 31.17 109.53
CA PRO Z 366 -62.33 32.13 108.55
C PRO Z 366 -61.89 33.41 109.23
N PRO Z 367 -61.03 34.20 108.59
CA PRO Z 367 -60.58 35.46 109.20
C PRO Z 367 -61.71 36.40 109.55
N GLN Z 368 -62.79 36.42 108.75
CA GLN Z 368 -63.95 37.21 109.11
C GLN Z 368 -64.70 36.63 110.29
N GLY Z 369 -64.44 35.38 110.67
CA GLY Z 369 -65.16 34.76 111.75
C GLY Z 369 -66.37 33.99 111.27
N GLY Z 370 -67.43 33.99 112.05
CA GLY Z 370 -68.66 33.36 111.63
C GLY Z 370 -68.55 31.84 111.59
N THR Z 371 -69.37 31.24 110.72
CA THR Z 371 -69.42 29.79 110.61
C THR Z 371 -68.08 29.25 110.10
N ALA Z 372 -67.68 28.10 110.63
CA ALA Z 372 -66.42 27.49 110.26
C ALA Z 372 -66.61 26.61 109.04
N LYS Z 373 -65.80 26.85 108.01
CA LYS Z 373 -65.83 26.02 106.81
C LYS Z 373 -65.35 24.61 107.15
N THR Z 374 -66.00 23.62 106.55
CA THR Z 374 -65.69 22.22 106.81
C THR Z 374 -65.35 21.52 105.50
N ALA Z 375 -64.26 20.76 105.52
CA ALA Z 375 -63.88 19.90 104.41
C ALA Z 375 -63.85 18.46 104.89
N THR Z 376 -64.56 17.59 104.18
CA THR Z 376 -64.73 16.20 104.59
C THR Z 376 -64.02 15.28 103.60
N VAL Z 377 -63.31 14.29 104.11
CA VAL Z 377 -62.64 13.29 103.30
C VAL Z 377 -62.87 11.92 103.93
N THR Z 378 -63.32 10.96 103.13
CA THR Z 378 -63.50 9.60 103.59
C THR Z 378 -62.22 8.80 103.32
N VAL Z 379 -61.68 8.19 104.38
CA VAL Z 379 -60.45 7.40 104.29
C VAL Z 379 -60.77 5.98 104.71
N THR Z 380 -60.37 5.02 103.89
CA THR Z 380 -60.56 3.60 104.17
C THR Z 380 -59.25 2.98 104.59
N VAL Z 381 -59.26 2.36 105.77
CA VAL Z 381 -58.09 1.70 106.34
C VAL Z 381 -58.06 0.26 105.88
N PRO Z 382 -56.98 -0.20 105.23
CA PRO Z 382 -56.83 -1.60 104.83
C PRO Z 382 -56.54 -2.51 106.00
N ILE AA 14 -45.16 12.17 43.44
CA ILE AA 14 -45.20 12.99 44.65
C ILE AA 14 -45.44 12.11 45.86
N GLY AA 15 -45.21 12.65 47.04
CA GLY AA 15 -45.38 11.89 48.27
C GLY AA 15 -45.92 12.76 49.38
N VAL AA 16 -46.73 12.14 50.25
CA VAL AA 16 -47.29 12.81 51.41
C VAL AA 16 -46.75 12.10 52.65
N LYS AA 17 -46.11 12.86 53.53
CA LYS AA 17 -45.52 12.28 54.72
C LYS AA 17 -46.61 11.92 55.72
N GLN AA 18 -46.33 10.88 56.52
CA GLN AA 18 -47.23 10.55 57.62
C GLN AA 18 -47.18 11.65 58.67
N LEU AA 19 -48.27 11.79 59.42
CA LEU AA 19 -48.39 12.86 60.39
C LEU AA 19 -47.68 12.48 61.67
N GLN AA 20 -46.60 13.21 61.98
CA GLN AA 20 -45.79 12.94 63.15
C GLN AA 20 -45.58 14.24 63.92
N ARG AA 21 -45.56 14.14 65.24
CA ARG AA 21 -45.52 15.31 66.10
C ARG AA 21 -44.16 15.99 66.04
N GLU AA 22 -44.12 17.23 66.52
CA GLU AA 22 -42.88 17.98 66.60
C GLU AA 22 -42.12 17.62 67.86
N ILE AA 23 -40.88 18.08 67.94
CA ILE AA 23 -39.99 17.78 69.06
C ILE AA 23 -39.67 19.08 69.78
N VAL AA 24 -40.10 19.19 71.03
CA VAL AA 24 -39.83 20.37 71.84
C VAL AA 24 -39.13 20.00 73.14
N LEU AA 25 -39.58 18.92 73.78
CA LEU AA 25 -39.15 18.60 75.13
C LEU AA 25 -37.64 18.48 75.32
N PRO AA 26 -36.88 17.79 74.46
CA PRO AA 26 -35.45 17.59 74.75
C PRO AA 26 -34.67 18.89 74.94
N GLY AA 27 -35.08 19.98 74.30
CA GLY AA 27 -34.37 21.23 74.49
C GLY AA 27 -34.75 22.00 75.74
N LEU AA 28 -35.85 21.64 76.40
CA LEU AA 28 -36.35 22.38 77.54
C LEU AA 28 -36.00 21.72 78.87
N VAL AA 29 -35.13 20.73 78.88
CA VAL AA 29 -34.83 19.96 80.07
C VAL AA 29 -33.33 19.97 80.31
N TRP AA 30 -32.93 20.13 81.56
CA TRP AA 30 -31.53 20.08 81.97
C TRP AA 30 -30.91 18.76 81.55
N THR AA 31 -29.99 18.80 80.59
CA THR AA 31 -29.41 17.60 80.02
C THR AA 31 -27.91 17.57 80.28
N ASN AA 32 -27.42 16.41 80.69
CA ASN AA 32 -26.01 16.20 80.98
C ASN AA 32 -25.38 17.28 81.86
N PRO AA 33 -25.94 17.54 83.05
CA PRO AA 33 -25.24 18.43 83.97
C PRO AA 33 -23.89 17.89 84.37
N LEU AA 34 -23.77 16.57 84.43
CA LEU AA 34 -22.60 15.87 84.92
C LEU AA 34 -22.40 14.62 84.08
N THR AA 35 -21.15 14.20 83.95
CA THR AA 35 -20.79 13.12 83.04
C THR AA 35 -19.86 12.18 83.81
N ASP AA 36 -19.14 11.32 83.09
CA ASP AA 36 -18.22 10.35 83.68
C ASP AA 36 -18.97 9.39 84.60
N PHE AA 37 -20.11 8.91 84.12
CA PHE AA 37 -20.81 7.85 84.82
C PHE AA 37 -20.02 6.56 84.82
N GLY AA 38 -19.12 6.38 83.85
CA GLY AA 38 -18.35 5.15 83.77
C GLY AA 38 -17.40 4.98 84.94
N GLY AA 39 -16.84 6.06 85.44
CA GLY AA 39 -15.87 5.96 86.52
C GLY AA 39 -16.48 6.07 87.90
N SER AA 40 -17.67 5.53 88.09
CA SER AA 40 -18.35 5.61 89.37
C SER AA 40 -18.98 4.27 89.71
N LYS AA 41 -19.11 4.00 91.00
CA LYS AA 41 -19.71 2.75 91.45
C LYS AA 41 -21.17 2.68 91.04
N ASN AA 42 -21.57 1.53 90.52
CA ASN AA 42 -22.95 1.25 90.09
C ASN AA 42 -23.45 2.25 89.06
N ASP AA 43 -22.54 2.92 88.36
CA ASP AA 43 -22.90 3.92 87.35
C ASP AA 43 -23.74 5.05 87.94
N THR AA 44 -23.51 5.35 89.22
CA THR AA 44 -24.23 6.41 89.92
C THR AA 44 -23.24 7.50 90.31
N ILE AA 45 -23.62 8.75 90.03
CA ILE AA 45 -22.88 9.91 90.50
C ILE AA 45 -23.63 10.51 91.67
N THR AA 46 -22.91 10.77 92.76
CA THR AA 46 -23.52 11.35 93.95
C THR AA 46 -23.40 12.86 93.89
N VAL AA 47 -24.54 13.53 93.91
CA VAL AA 47 -24.61 14.99 93.91
C VAL AA 47 -24.72 15.45 95.35
N ARG AA 48 -23.88 16.42 95.73
CA ARG AA 48 -23.82 16.94 97.07
C ARG AA 48 -24.58 18.26 97.15
N VAL AA 49 -25.54 18.32 98.07
CA VAL AA 49 -26.29 19.54 98.35
C VAL AA 49 -25.67 20.18 99.59
N PRO AA 50 -25.13 21.40 99.49
CA PRO AA 50 -24.43 22.00 100.63
C PRO AA 50 -25.35 22.25 101.81
N ALA AA 51 -24.75 22.35 102.99
CA ALA AA 51 -25.48 22.45 104.23
C ALA AA 51 -25.91 23.89 104.51
N ILE AA 52 -26.92 24.01 105.38
CA ILE AA 52 -27.35 25.28 105.93
C ILE AA 52 -27.40 25.13 107.44
N THR AA 53 -27.34 26.27 108.13
CA THR AA 53 -27.21 26.32 109.57
C THR AA 53 -28.44 26.96 110.18
N THR AA 54 -28.75 26.60 111.42
CA THR AA 54 -29.77 27.27 112.20
C THR AA 54 -29.11 28.05 113.33
N ALA AA 55 -29.61 29.25 113.58
CA ALA AA 55 -29.09 30.09 114.65
C ALA AA 55 -29.89 29.85 115.92
N ASN AA 56 -29.61 30.63 116.96
CA ASN AA 56 -30.29 30.49 118.24
C ASN AA 56 -30.43 31.85 118.88
N ARG AA 57 -31.31 31.94 119.88
CA ARG AA 57 -31.58 33.20 120.56
C ARG AA 57 -31.46 33.00 122.05
N ARG AA 58 -30.57 33.76 122.68
CA ARG AA 58 -30.41 33.77 124.12
C ARG AA 58 -30.97 35.08 124.67
N ASP AA 59 -31.06 35.19 125.98
CA ASP AA 59 -31.53 36.40 126.62
C ASP AA 59 -30.37 37.10 127.31
N LEU AA 60 -30.31 38.41 127.16
CA LEU AA 60 -29.22 39.17 127.76
C LEU AA 60 -29.24 39.04 129.28
N ARG AA 61 -28.05 38.94 129.86
CA ARG AA 61 -27.87 38.87 131.31
C ARG AA 61 -28.54 37.64 131.90
N ASP AA 62 -28.64 36.57 131.12
CA ASP AA 62 -29.18 35.32 131.63
C ASP AA 62 -28.14 34.66 132.53
N PRO AA 63 -28.52 34.17 133.71
CA PRO AA 63 -27.53 33.53 134.58
C PRO AA 63 -26.80 32.36 133.94
N ASP AA 64 -27.49 31.54 133.15
CA ASP AA 64 -26.84 30.43 132.47
C ASP AA 64 -26.22 30.92 131.17
N ARG AA 65 -24.96 30.57 130.95
CA ARG AA 65 -24.21 31.06 129.81
C ARG AA 65 -23.82 29.92 128.88
N THR AA 66 -24.73 28.99 128.64
CA THR AA 66 -24.50 27.90 127.71
C THR AA 66 -25.11 28.23 126.36
N VAL AA 67 -24.46 27.75 125.30
CA VAL AA 67 -24.86 28.03 123.93
C VAL AA 67 -25.22 26.71 123.24
N ILE AA 68 -26.33 26.71 122.51
CA ILE AA 68 -26.76 25.54 121.77
C ILE AA 68 -25.95 25.47 120.48
N ALA AA 69 -25.13 24.42 120.35
CA ALA AA 69 -24.27 24.29 119.19
C ALA AA 69 -25.08 23.81 118.00
N SER AA 70 -25.00 24.54 116.89
CA SER AA 70 -25.72 24.18 115.68
C SER AA 70 -24.99 23.05 114.96
N GLU AA 71 -25.48 22.68 113.78
CA GLU AA 71 -24.94 21.57 113.02
C GLU AA 71 -24.79 21.97 111.56
N LEU AA 72 -23.89 21.27 110.87
CA LEU AA 72 -23.60 21.52 109.46
C LEU AA 72 -23.59 20.17 108.75
N VAL AA 73 -24.76 19.75 108.26
CA VAL AA 73 -24.92 18.44 107.64
C VAL AA 73 -25.16 18.64 106.15
N GLU AA 74 -24.20 18.21 105.33
CA GLU AA 74 -24.38 18.22 103.89
C GLU AA 74 -25.25 17.04 103.47
N HIS AA 75 -26.09 17.26 102.47
CA HIS AA 75 -26.98 16.21 101.99
C HIS AA 75 -26.50 15.73 100.63
N SER AA 76 -27.13 14.68 100.13
CA SER AA 76 -26.72 14.16 98.83
C SER AA 76 -27.85 13.34 98.23
N PHE AA 77 -27.81 13.20 96.91
CA PHE AA 77 -28.67 12.27 96.21
C PHE AA 77 -27.87 11.66 95.07
N GLY AA 78 -28.50 10.82 94.28
CA GLY AA 78 -27.79 10.06 93.25
C GLY AA 78 -28.45 10.14 91.89
N VAL AA 79 -27.61 10.22 90.86
CA VAL AA 79 -28.05 10.19 89.47
C VAL AA 79 -27.50 8.93 88.83
N THR AA 80 -28.35 8.18 88.13
CA THR AA 80 -27.98 6.87 87.63
C THR AA 80 -28.41 6.70 86.18
N LEU AA 81 -27.55 6.07 85.39
CA LEU AA 81 -27.93 5.52 84.08
C LEU AA 81 -28.58 4.17 84.30
N ASP AA 82 -29.83 4.03 83.87
CA ASP AA 82 -30.54 2.78 84.07
C ASP AA 82 -31.41 2.37 82.90
N LYS AA 83 -31.36 3.08 81.78
CA LYS AA 83 -32.12 2.65 80.61
C LYS AA 83 -31.25 2.73 79.38
N HIS AA 84 -31.64 1.98 78.35
CA HIS AA 84 -30.85 1.83 77.13
C HIS AA 84 -31.85 1.86 75.97
N VAL AA 85 -31.94 3.01 75.31
CA VAL AA 85 -32.93 3.20 74.25
C VAL AA 85 -32.30 2.81 72.92
N TYR AA 86 -32.99 1.94 72.18
CA TYR AA 86 -32.47 1.42 70.92
C TYR AA 86 -33.60 1.29 69.92
N ALA AA 87 -33.23 1.23 68.64
CA ALA AA 87 -34.15 0.96 67.55
C ALA AA 87 -33.48 -0.06 66.63
N ALA AA 88 -33.70 -1.34 66.91
CA ALA AA 88 -33.08 -2.41 66.16
C ALA AA 88 -33.87 -2.72 64.90
N LEU AA 89 -33.16 -2.98 63.81
CA LEU AA 89 -33.77 -3.34 62.55
C LEU AA 89 -33.19 -4.65 62.03
N LYS AA 90 -34.08 -5.62 61.81
CA LYS AA 90 -33.74 -6.90 61.19
C LYS AA 90 -33.79 -6.70 59.68
N PHE AA 91 -32.70 -6.13 59.16
CA PHE AA 91 -32.66 -5.71 57.77
C PHE AA 91 -32.06 -6.85 56.93
N THR AA 92 -32.92 -7.79 56.56
CA THR AA 92 -32.49 -8.96 55.82
C THR AA 92 -31.88 -8.54 54.47
N ASP AA 93 -30.78 -9.21 54.11
CA ASP AA 93 -30.03 -8.84 52.91
C ASP AA 93 -30.84 -9.05 51.64
N GLU AA 94 -31.87 -9.90 51.69
CA GLU AA 94 -32.76 -10.05 50.56
C GLU AA 94 -33.48 -8.75 50.24
N GLN AA 95 -33.91 -8.03 51.29
CA GLN AA 95 -34.56 -6.75 51.10
C GLN AA 95 -33.58 -5.71 50.55
N ARG AA 96 -32.33 -5.74 51.01
CA ARG AA 96 -31.34 -4.79 50.53
C ARG AA 96 -31.10 -4.97 49.05
N THR AA 97 -30.90 -3.86 48.34
CA THR AA 97 -30.73 -3.80 46.89
C THR AA 97 -31.92 -4.38 46.13
N LEU AA 98 -33.04 -4.60 46.81
CA LEU AA 98 -34.27 -5.11 46.20
C LEU AA 98 -35.39 -4.08 46.20
N ASP AA 99 -35.73 -3.55 47.38
CA ASP AA 99 -36.72 -2.51 47.51
C ASP AA 99 -36.19 -1.25 48.17
N ILE AA 100 -35.17 -1.36 49.02
CA ILE AA 100 -34.63 -0.20 49.73
C ILE AA 100 -33.62 0.49 48.84
N ARG AA 101 -33.88 1.75 48.52
CA ARG AA 101 -32.96 2.59 47.76
C ARG AA 101 -32.73 3.88 48.53
N ASP AA 102 -31.56 4.46 48.35
CA ASP AA 102 -31.13 5.63 49.13
C ASP AA 102 -31.25 5.33 50.62
N TYR AA 103 -30.41 4.37 51.03
CA TYR AA 103 -30.38 3.91 52.42
C TYR AA 103 -30.35 5.07 53.41
N THR AA 104 -29.71 6.17 53.04
CA THR AA 104 -29.54 7.27 53.98
C THR AA 104 -30.85 7.94 54.34
N LYS AA 105 -31.90 7.78 53.52
CA LYS AA 105 -33.16 8.45 53.75
C LYS AA 105 -34.36 7.53 53.93
N GLN AA 106 -34.28 6.29 53.46
CA GLN AA 106 -35.44 5.40 53.55
C GLN AA 106 -35.42 4.53 54.78
N VAL AA 107 -34.26 4.33 55.43
CA VAL AA 107 -34.16 3.54 56.64
C VAL AA 107 -33.46 4.30 57.76
N LEU AA 108 -32.37 5.00 57.47
CA LEU AA 108 -31.63 5.67 58.52
C LEU AA 108 -32.44 6.80 59.14
N MET AA 109 -33.05 7.64 58.31
CA MET AA 109 -33.87 8.73 58.83
C MET AA 109 -35.04 8.25 59.66
N PRO AA 110 -35.84 7.25 59.23
CA PRO AA 110 -36.88 6.74 60.12
C PRO AA 110 -36.34 6.19 61.43
N GLN AA 111 -35.19 5.53 61.41
CA GLN AA 111 -34.62 5.00 62.64
C GLN AA 111 -34.24 6.12 63.60
N VAL AA 112 -33.57 7.16 63.07
CA VAL AA 112 -33.18 8.28 63.92
C VAL AA 112 -34.42 8.97 64.47
N SER AA 113 -35.44 9.16 63.63
CA SER AA 113 -36.66 9.80 64.11
C SER AA 113 -37.34 8.97 65.18
N ALA AA 114 -37.32 7.65 65.02
CA ALA AA 114 -37.92 6.78 66.04
C ALA AA 114 -37.20 6.90 67.38
N VAL AA 115 -35.87 6.91 67.35
CA VAL AA 115 -35.13 7.05 68.60
C VAL AA 115 -35.38 8.43 69.22
N ALA AA 116 -35.45 9.47 68.39
CA ALA AA 116 -35.71 10.80 68.92
C ALA AA 116 -37.07 10.86 69.58
N TYR AA 117 -38.09 10.26 68.95
CA TYR AA 117 -39.42 10.26 69.55
C TYR AA 117 -39.43 9.44 70.83
N GLU AA 118 -38.65 8.36 70.87
CA GLU AA 118 -38.59 7.57 72.10
C GLU AA 118 -37.94 8.35 73.23
N LEU AA 119 -36.88 9.10 72.94
CA LEU AA 119 -36.28 9.95 73.97
C LEU AA 119 -37.25 11.01 74.45
N GLU AA 120 -38.01 11.60 73.53
CA GLU AA 120 -39.00 12.59 73.93
C GLU AA 120 -40.08 11.95 74.81
N ASP AA 121 -40.50 10.74 74.48
CA ASP AA 121 -41.46 10.04 75.33
C ASP AA 121 -40.86 9.72 76.69
N TYR AA 122 -39.57 9.40 76.72
CA TYR AA 122 -38.88 9.16 77.98
C TYR AA 122 -38.92 10.39 78.87
N ILE AA 123 -38.57 11.55 78.30
CA ILE AA 123 -38.60 12.79 79.06
C ILE AA 123 -40.03 13.13 79.48
N ALA AA 124 -41.00 12.87 78.61
CA ALA AA 124 -42.39 13.16 78.94
C ALA AA 124 -42.88 12.30 80.10
N GLU AA 125 -42.51 11.01 80.10
CA GLU AA 125 -42.85 10.17 81.24
C GLU AA 125 -42.17 10.66 82.50
N LEU AA 126 -40.94 11.16 82.39
CA LEU AA 126 -40.28 11.74 83.56
C LEU AA 126 -41.07 12.91 84.11
N ILE AA 127 -41.48 13.82 83.22
CA ILE AA 127 -42.13 15.05 83.66
C ILE AA 127 -43.52 14.75 84.22
N GLU AA 128 -44.31 13.95 83.52
CA GLU AA 128 -45.65 13.64 83.99
C GLU AA 128 -45.60 12.75 85.23
N GLY AA 129 -44.70 11.78 85.24
CA GLY AA 129 -44.61 10.86 86.37
C GLY AA 129 -43.73 11.36 87.49
N ALA AA 130 -44.16 12.44 88.14
CA ALA AA 130 -43.41 13.03 89.23
C ALA AA 130 -44.30 13.16 90.45
N PRO AA 131 -43.72 13.17 91.65
CA PRO AA 131 -44.55 13.23 92.86
C PRO AA 131 -45.23 14.58 93.06
N TYR AA 132 -46.16 14.92 92.16
CA TYR AA 132 -46.96 16.13 92.31
C TYR AA 132 -48.03 15.87 93.36
N GLU AA 133 -47.92 16.55 94.51
CA GLU AA 133 -48.82 16.25 95.61
C GLU AA 133 -50.21 16.85 95.41
N GLU AA 134 -50.35 17.95 94.67
CA GLU AA 134 -51.66 18.40 94.22
C GLU AA 134 -51.57 18.82 92.76
N THR AA 135 -52.74 18.90 92.14
CA THR AA 135 -52.88 19.36 90.77
C THR AA 135 -53.65 20.67 90.78
N ILE AA 136 -53.16 21.65 90.04
CA ILE AA 136 -53.82 22.95 89.97
C ILE AA 136 -54.88 22.92 88.88
N LEU AA 137 -56.11 23.23 89.24
CA LEU AA 137 -57.22 23.14 88.30
C LEU AA 137 -57.32 24.42 87.48
N ILE AA 138 -57.53 24.27 86.18
CA ILE AA 138 -57.66 25.39 85.26
C ILE AA 138 -59.14 25.49 84.88
N ASP AA 139 -59.78 26.57 85.28
CA ASP AA 139 -61.16 26.81 84.87
C ASP AA 139 -61.18 27.30 83.43
N PRO AA 140 -61.90 26.63 82.52
CA PRO AA 140 -61.90 27.08 81.12
C PRO AA 140 -62.42 28.49 80.92
N ALA AA 141 -63.35 28.94 81.76
CA ALA AA 141 -63.90 30.28 81.61
C ALA AA 141 -62.83 31.35 81.83
N ASP AA 142 -62.01 31.20 82.87
CA ASP AA 142 -60.89 32.09 83.12
C ASP AA 142 -59.71 31.25 83.54
N THR AA 143 -58.66 31.27 82.73
CA THR AA 143 -57.52 30.39 82.94
C THR AA 143 -56.35 31.05 83.64
N VAL AA 144 -56.27 32.38 83.62
CA VAL AA 144 -55.14 33.07 84.24
C VAL AA 144 -55.02 32.77 85.73
N PRO AA 145 -56.10 32.71 86.52
CA PRO AA 145 -55.92 32.41 87.95
C PRO AA 145 -55.16 31.11 88.20
N ALA AA 146 -55.36 30.09 87.37
CA ALA AA 146 -54.61 28.85 87.58
C ALA AA 146 -53.12 29.05 87.39
N PHE AA 147 -52.71 29.79 86.36
CA PHE AA 147 -51.29 29.99 86.13
C PHE AA 147 -50.68 30.91 87.17
N ILE AA 148 -51.43 31.92 87.60
CA ILE AA 148 -50.94 32.76 88.69
C ILE AA 148 -50.79 31.94 89.96
N THR AA 149 -51.70 31.00 90.20
CA THR AA 149 -51.58 30.11 91.35
C THR AA 149 -50.35 29.23 91.23
N ALA AA 150 -50.05 28.75 90.02
CA ALA AA 150 -48.84 27.95 89.83
C ALA AA 150 -47.60 28.77 90.15
N ASP AA 151 -47.56 30.01 89.66
CA ASP AA 151 -46.44 30.89 89.98
C ASP AA 151 -46.34 31.13 91.47
N GLN AA 152 -47.48 31.31 92.14
CA GLN AA 152 -47.49 31.52 93.58
C GLN AA 152 -47.00 30.29 94.33
N ARG AA 153 -47.37 29.09 93.87
CA ARG AA 153 -46.90 27.86 94.50
C ARG AA 153 -45.39 27.75 94.37
N MET AA 154 -44.85 28.04 93.20
CA MET AA 154 -43.41 27.97 93.04
C MET AA 154 -42.69 29.11 93.76
N GLY AA 155 -43.38 30.21 94.04
CA GLY AA 155 -42.78 31.24 94.85
C GLY AA 155 -42.81 30.98 96.34
N GLU AA 156 -43.77 30.17 96.82
CA GLU AA 156 -43.78 29.82 98.23
C GLU AA 156 -42.65 28.88 98.60
N ALA AA 157 -42.07 28.19 97.64
CA ALA AA 157 -40.95 27.30 97.88
C ALA AA 157 -39.60 27.96 97.62
N ASN AA 158 -39.59 29.28 97.39
CA ASN AA 158 -38.37 30.03 97.15
C ASN AA 158 -37.61 29.54 95.93
N VAL AA 159 -38.33 28.98 94.97
CA VAL AA 159 -37.72 28.58 93.71
C VAL AA 159 -37.29 29.83 92.94
N PRO AA 160 -36.10 29.86 92.35
CA PRO AA 160 -35.69 31.05 91.60
C PRO AA 160 -36.65 31.34 90.46
N THR AA 161 -36.80 32.62 90.14
CA THR AA 161 -37.74 33.07 89.13
C THR AA 161 -37.19 33.01 87.72
N ASP AA 162 -35.94 32.61 87.54
CA ASP AA 162 -35.33 32.57 86.22
C ASP AA 162 -35.22 31.14 85.73
N SER AA 163 -35.13 31.01 84.40
CA SER AA 163 -35.00 29.72 83.73
C SER AA 163 -36.15 28.78 84.12
N ARG AA 164 -37.36 29.31 84.16
CA ARG AA 164 -38.56 28.54 84.41
C ARG AA 164 -39.22 28.21 83.07
N ARG AA 165 -39.54 26.94 82.86
CA ARG AA 165 -40.11 26.48 81.61
C ARG AA 165 -41.55 26.04 81.82
N LEU AA 166 -42.43 26.45 80.91
CA LEU AA 166 -43.83 26.07 80.94
C LEU AA 166 -44.18 25.36 79.64
N VAL AA 167 -44.75 24.16 79.75
CA VAL AA 167 -45.15 23.36 78.61
C VAL AA 167 -46.62 23.02 78.75
N VAL AA 168 -47.42 23.36 77.75
CA VAL AA 168 -48.85 23.13 77.80
C VAL AA 168 -49.24 22.16 76.70
N GLY AA 169 -50.24 21.35 76.99
CA GLY AA 169 -50.79 20.47 75.98
C GLY AA 169 -51.59 21.24 74.97
N SER AA 170 -52.05 20.53 73.94
CA SER AA 170 -52.85 21.19 72.90
C SER AA 170 -54.15 21.74 73.47
N ALA AA 171 -54.80 20.98 74.35
CA ALA AA 171 -56.08 21.42 74.90
C ALA AA 171 -55.93 22.68 75.73
N VAL AA 172 -54.88 22.77 76.53
CA VAL AA 172 -54.68 23.97 77.35
C VAL AA 172 -54.41 25.18 76.48
N ALA AA 173 -53.60 25.00 75.43
CA ALA AA 173 -53.34 26.12 74.52
C ALA AA 173 -54.62 26.58 73.83
N ALA AA 174 -55.45 25.64 73.40
CA ALA AA 174 -56.71 26.00 72.78
C ALA AA 174 -57.62 26.73 73.77
N ALA AA 175 -57.67 26.25 75.01
CA ALA AA 175 -58.50 26.90 76.02
C ALA AA 175 -58.00 28.31 76.31
N LEU AA 176 -56.68 28.49 76.35
CA LEU AA 176 -56.13 29.83 76.55
C LEU AA 176 -56.52 30.76 75.41
N ALA AA 177 -56.43 30.27 74.17
CA ALA AA 177 -56.83 31.10 73.04
C ALA AA 177 -58.31 31.44 73.11
N LYS AA 178 -59.15 30.47 73.49
CA LYS AA 178 -60.59 30.70 73.60
C LYS AA 178 -60.96 31.56 74.80
N ASP AA 179 -60.05 31.73 75.77
CA ASP AA 179 -60.37 32.52 76.94
C ASP AA 179 -60.65 33.96 76.57
N LYS AA 180 -61.71 34.52 77.12
CA LYS AA 180 -62.05 35.90 76.85
C LYS AA 180 -61.02 36.86 77.41
N GLN AA 181 -60.19 36.41 78.35
CA GLN AA 181 -59.13 37.25 78.88
C GLN AA 181 -58.11 37.59 77.81
N PHE AA 182 -57.80 36.64 76.94
CA PHE AA 182 -56.83 36.86 75.87
C PHE AA 182 -57.48 37.19 74.54
N ARG AA 183 -58.76 36.90 74.37
CA ARG AA 183 -59.41 37.04 73.08
C ARG AA 183 -60.00 38.43 72.87
N HIS AA 184 -60.57 39.03 73.91
CA HIS AA 184 -61.06 40.40 73.84
C HIS AA 184 -59.90 41.35 74.04
N ALA AA 185 -59.74 42.30 73.11
CA ALA AA 185 -58.61 43.23 73.18
C ALA AA 185 -58.69 44.13 74.40
N ASP AA 186 -59.88 44.62 74.74
CA ASP AA 186 -59.99 45.52 75.89
C ASP AA 186 -59.62 44.81 77.18
N TRP AA 187 -59.89 43.51 77.27
CA TRP AA 187 -59.58 42.75 78.46
C TRP AA 187 -58.13 42.31 78.54
N SER AA 188 -57.36 42.45 77.45
CA SER AA 188 -55.97 42.03 77.45
C SER AA 188 -54.99 43.15 77.11
N GLY AA 189 -55.46 44.24 76.52
CA GLY AA 189 -54.58 45.34 76.16
C GLY AA 189 -53.77 45.12 74.92
N ASP AA 190 -53.86 43.94 74.29
CA ASP AA 190 -53.15 43.65 73.06
C ASP AA 190 -54.05 44.07 71.91
N GLN AA 191 -53.87 45.30 71.44
CA GLN AA 191 -54.73 45.79 70.37
C GLN AA 191 -54.25 45.28 69.03
N ALA AA 192 -53.97 43.99 68.97
CA ALA AA 192 -53.78 43.27 67.72
C ALA AA 192 -54.40 41.88 67.81
N ASN AA 193 -54.91 41.52 69.00
CA ASN AA 193 -55.52 40.22 69.24
C ASN AA 193 -54.69 39.08 68.69
N ALA AA 194 -53.47 38.92 69.20
CA ALA AA 194 -52.66 37.77 68.85
C ALA AA 194 -53.28 36.47 69.29
N ALA AA 195 -54.42 36.51 69.98
CA ALA AA 195 -55.20 35.33 70.30
C ALA AA 195 -56.47 35.22 69.49
N LEU AA 196 -56.77 36.19 68.64
CA LEU AA 196 -57.94 36.16 67.77
C LEU AA 196 -57.57 36.13 66.29
N ARG AA 197 -56.69 37.02 65.86
CA ARG AA 197 -56.18 36.93 64.49
C ARG AA 197 -55.26 35.73 64.35
N GLU AA 198 -54.18 35.70 65.11
CA GLU AA 198 -53.42 34.48 65.30
C GLU AA 198 -54.02 33.73 66.48
N ALA AA 199 -53.98 32.40 66.42
CA ALA AA 199 -54.52 31.60 67.51
C ALA AA 199 -53.45 31.24 68.50
N HIS AA 200 -52.67 32.22 68.96
CA HIS AA 200 -51.44 31.95 69.70
C HIS AA 200 -51.28 32.96 70.82
N VAL AA 201 -51.60 32.54 72.04
CA VAL AA 201 -51.24 33.31 73.23
C VAL AA 201 -49.81 32.93 73.60
N GLY AA 202 -48.96 33.94 73.75
CA GLY AA 202 -47.53 33.69 73.91
C GLY AA 202 -47.02 33.74 75.34
N ARG AA 203 -47.41 34.78 76.07
CA ARG AA 203 -46.88 35.05 77.40
C ARG AA 203 -48.02 35.29 78.37
N LEU AA 204 -48.00 34.62 79.51
CA LEU AA 204 -48.96 34.91 80.55
C LEU AA 204 -48.34 34.57 81.89
N ALA AA 205 -48.77 35.29 82.93
CA ALA AA 205 -48.32 35.06 84.30
C ALA AA 205 -46.81 35.11 84.42
N GLY AA 206 -46.17 35.83 83.50
CA GLY AA 206 -44.73 36.00 83.54
C GLY AA 206 -43.92 34.88 82.92
N MET AA 207 -44.55 33.86 82.40
CA MET AA 207 -43.84 32.72 81.82
C MET AA 207 -44.27 32.53 80.38
N ASN AA 208 -43.32 32.15 79.53
CA ASN AA 208 -43.63 31.87 78.14
C ASN AA 208 -44.46 30.60 78.01
N VAL AA 209 -44.91 30.33 76.79
CA VAL AA 209 -45.73 29.16 76.50
C VAL AA 209 -45.07 28.36 75.40
N ILE AA 210 -44.88 27.07 75.64
CA ILE AA 210 -44.40 26.14 74.63
C ILE AA 210 -45.46 25.07 74.47
N ARG AA 211 -45.91 24.86 73.24
CA ARG AA 211 -46.96 23.90 72.95
C ARG AA 211 -46.32 22.54 72.63
N SER AA 212 -46.84 21.49 73.25
CA SER AA 212 -46.32 20.15 73.00
C SER AA 212 -47.47 19.16 72.93
N ASN AA 213 -47.25 18.11 72.15
CA ASN AA 213 -48.19 17.00 72.09
C ASN AA 213 -47.69 15.75 72.82
N ALA AA 214 -46.41 15.72 73.23
CA ALA AA 214 -45.91 14.58 73.96
C ALA AA 214 -46.62 14.41 75.29
N ILE AA 215 -46.85 15.51 76.00
CA ILE AA 215 -47.54 15.48 77.28
C ILE AA 215 -49.03 15.26 77.04
N ALA AA 216 -49.77 14.96 78.10
CA ALA AA 216 -51.20 14.72 77.95
C ALA AA 216 -51.88 15.98 77.44
N PRO AA 217 -52.93 15.85 76.63
CA PRO AA 217 -53.49 17.03 75.96
C PRO AA 217 -53.98 18.11 76.90
N ASP AA 218 -54.57 17.74 78.04
CA ASP AA 218 -55.22 18.70 78.93
C ASP AA 218 -54.41 18.97 80.19
N LYS AA 219 -53.08 18.92 80.09
CA LYS AA 219 -52.22 19.16 81.23
C LYS AA 219 -51.14 20.16 80.87
N ALA AA 220 -50.69 20.91 81.85
CA ALA AA 220 -49.60 21.85 81.71
C ALA AA 220 -48.62 21.64 82.84
N TYR AA 221 -47.33 21.86 82.58
CA TYR AA 221 -46.30 21.66 83.58
C TYR AA 221 -45.38 22.86 83.60
N LEU AA 222 -45.05 23.32 84.81
CA LEU AA 222 -44.15 24.44 85.00
C LEU AA 222 -43.03 23.97 85.90
N TRP AA 223 -41.79 24.09 85.43
CA TRP AA 223 -40.68 23.57 86.21
C TRP AA 223 -39.46 24.48 86.11
N HIS AA 224 -38.75 24.61 87.21
CA HIS AA 224 -37.46 25.24 87.20
C HIS AA 224 -36.45 24.35 86.48
N ARG AA 225 -35.37 24.94 86.01
CA ARG AA 225 -34.37 24.17 85.28
C ARG AA 225 -33.81 23.03 86.13
N THR AA 226 -33.59 23.29 87.41
CA THR AA 226 -33.02 22.30 88.32
C THR AA 226 -34.10 21.45 88.97
N ALA AA 227 -34.97 20.84 88.17
CA ALA AA 227 -36.04 20.01 88.70
C ALA AA 227 -35.99 18.63 88.10
N PHE AA 228 -35.56 18.53 86.85
CA PHE AA 228 -35.42 17.27 86.14
C PHE AA 228 -34.05 17.21 85.50
N ILE AA 229 -33.39 16.05 85.58
CA ILE AA 229 -32.06 15.87 85.04
C ILE AA 229 -32.07 14.66 84.10
N LEU AA 230 -31.60 14.88 82.88
CA LEU AA 230 -31.40 13.83 81.89
C LEU AA 230 -29.90 13.63 81.67
N ALA AA 231 -29.45 12.39 81.81
CA ALA AA 231 -28.07 12.02 81.57
C ALA AA 231 -27.98 11.08 80.39
N TYR AA 232 -27.13 11.40 79.43
CA TYR AA 232 -26.99 10.62 78.21
C TYR AA 232 -25.56 10.12 78.08
N ARG AA 233 -25.41 8.96 77.45
CA ARG AA 233 -24.10 8.42 77.14
C ARG AA 233 -24.17 7.73 75.79
N THR AA 234 -23.32 8.16 74.88
CA THR AA 234 -23.20 7.50 73.59
C THR AA 234 -22.41 6.21 73.77
N PRO AA 235 -22.98 5.06 73.45
CA PRO AA 235 -22.20 3.83 73.52
C PRO AA 235 -21.01 3.90 72.57
N VAL AA 236 -19.86 3.44 73.04
CA VAL AA 236 -18.66 3.49 72.22
C VAL AA 236 -18.76 2.42 71.14
N VAL AA 237 -18.41 2.80 69.92
CA VAL AA 237 -18.49 1.87 68.80
C VAL AA 237 -17.46 0.78 69.02
N PRO AA 238 -17.87 -0.48 69.14
CA PRO AA 238 -16.92 -1.54 69.44
C PRO AA 238 -15.97 -1.76 68.28
N GLU AA 239 -14.77 -2.26 68.61
CA GLU AA 239 -13.77 -2.53 67.60
C GLU AA 239 -14.21 -3.64 66.66
N GLY AA 240 -15.03 -4.58 67.13
CA GLY AA 240 -15.42 -5.72 66.33
C GLY AA 240 -16.66 -5.51 65.49
N ALA AA 241 -17.05 -4.26 65.29
CA ALA AA 241 -18.24 -3.95 64.51
C ALA AA 241 -17.82 -3.60 63.08
N LYS AA 242 -18.45 -4.26 62.11
CA LYS AA 242 -18.11 -4.02 60.71
C LYS AA 242 -18.41 -2.59 60.31
N ALA AA 243 -19.58 -2.08 60.67
CA ALA AA 243 -19.99 -0.73 60.31
C ALA AA 243 -20.43 0.00 61.56
N GLY AA 244 -19.80 1.15 61.81
CA GLY AA 244 -20.15 1.96 62.96
C GLY AA 244 -20.17 3.44 62.63
N ALA AA 245 -21.08 4.17 63.27
CA ALA AA 245 -21.21 5.61 63.04
C ALA AA 245 -21.88 6.23 64.25
N SER AA 246 -21.81 7.55 64.33
CA SER AA 246 -22.34 8.27 65.47
C SER AA 246 -23.43 9.25 65.05
N PHE AA 247 -24.40 8.77 64.28
CA PHE AA 247 -25.52 9.60 63.82
C PHE AA 247 -26.15 10.34 64.98
N SER AA 248 -26.14 11.66 64.90
CA SER AA 248 -26.63 12.49 65.98
C SER AA 248 -28.15 12.55 65.97
N ALA AA 249 -28.70 13.19 66.99
CA ALA AA 249 -30.14 13.37 67.14
C ALA AA 249 -30.35 14.77 67.67
N ASN AA 250 -31.54 15.02 68.22
CA ASN AA 250 -31.90 16.35 68.72
C ASN AA 250 -31.07 16.63 69.98
N GLY AA 251 -29.80 16.96 69.75
CA GLY AA 251 -28.89 17.23 70.84
C GLY AA 251 -28.26 16.00 71.47
N VAL AA 252 -28.53 14.81 70.95
CA VAL AA 252 -28.03 13.56 71.49
C VAL AA 252 -27.24 12.84 70.42
N ALA AA 253 -26.10 12.28 70.80
CA ALA AA 253 -25.25 11.54 69.88
C ALA AA 253 -25.54 10.06 70.06
N LEU AA 254 -26.27 9.48 69.11
CA LEU AA 254 -26.57 8.07 69.13
C LEU AA 254 -25.40 7.28 68.55
N ARG AA 255 -25.44 5.96 68.76
CA ARG AA 255 -24.47 5.07 68.14
C ARG AA 255 -25.21 4.10 67.23
N TRP AA 256 -24.76 4.01 65.98
CA TRP AA 256 -25.34 3.12 64.99
C TRP AA 256 -24.29 2.09 64.62
N LEU AA 257 -24.63 0.82 64.80
CA LEU AA 257 -23.72 -0.26 64.42
C LEU AA 257 -24.50 -1.32 63.65
N ALA AA 258 -23.83 -1.92 62.66
CA ALA AA 258 -24.50 -2.81 61.74
C ALA AA 258 -23.71 -4.10 61.60
N ASP AA 259 -24.30 -5.21 62.05
CA ASP AA 259 -23.80 -6.53 61.71
C ASP AA 259 -24.28 -6.90 60.31
N TYR AA 260 -23.50 -7.72 59.61
CA TYR AA 260 -23.81 -8.02 58.21
C TYR AA 260 -24.29 -9.43 57.95
N ASP AA 261 -23.89 -10.42 58.73
CA ASP AA 261 -24.08 -11.81 58.31
C ASP AA 261 -24.64 -12.62 59.48
N TYR AA 262 -24.61 -13.94 59.30
CA TYR AA 262 -24.93 -14.94 60.32
C TYR AA 262 -26.44 -15.03 60.55
N SER AA 263 -26.89 -16.16 61.10
CA SER AA 263 -28.29 -16.42 61.40
C SER AA 263 -29.14 -16.41 60.13
N GLN AA 264 -29.26 -15.24 59.49
CA GLN AA 264 -30.06 -15.09 58.29
C GLN AA 264 -29.25 -14.63 57.08
N LEU AA 265 -27.93 -14.48 57.23
CA LEU AA 265 -27.08 -13.93 56.18
C LEU AA 265 -27.57 -12.56 55.73
N GLY AA 266 -28.09 -11.79 56.68
CA GLY AA 266 -28.62 -10.48 56.38
C GLY AA 266 -28.20 -9.46 57.42
N ASP AA 267 -28.34 -8.19 57.07
CA ASP AA 267 -27.92 -7.12 57.93
C ASP AA 267 -28.79 -7.07 59.19
N ARG AA 268 -28.20 -6.54 60.26
CA ARG AA 268 -28.94 -6.26 61.49
C ARG AA 268 -28.35 -4.97 62.04
N THR AA 269 -29.16 -3.92 62.10
CA THR AA 269 -28.67 -2.61 62.53
C THR AA 269 -29.23 -2.25 63.89
N LEU AA 270 -28.46 -1.46 64.64
CA LEU AA 270 -28.86 -1.07 65.98
C LEU AA 270 -28.42 0.37 66.22
N LEU AA 271 -29.38 1.22 66.57
CA LEU AA 271 -29.15 2.63 66.87
C LEU AA 271 -29.58 2.86 68.30
N ASP AA 272 -28.64 3.22 69.18
CA ASP AA 272 -28.95 3.22 70.59
C ASP AA 272 -28.16 4.27 71.35
N VAL AA 273 -28.56 4.46 72.61
CA VAL AA 273 -27.93 5.42 73.52
C VAL AA 273 -28.37 5.05 74.94
N PHE AA 274 -27.47 5.26 75.90
CA PHE AA 274 -27.78 4.97 77.30
C PHE AA 274 -28.32 6.23 77.96
N THR AA 275 -29.41 6.09 78.71
CA THR AA 275 -30.12 7.23 79.27
C THR AA 275 -30.44 7.01 80.74
N GLY AA 276 -30.53 8.12 81.46
CA GLY AA 276 -30.93 8.08 82.86
C GLY AA 276 -31.66 9.35 83.23
N ARG AA 277 -32.57 9.22 84.19
CA ARG AA 277 -33.44 10.31 84.62
C ARG AA 277 -33.28 10.55 86.10
N LYS AA 278 -33.61 11.76 86.54
CA LYS AA 278 -33.69 12.05 87.96
C LYS AA 278 -34.64 13.22 88.18
N VAL AA 279 -35.46 13.12 89.23
CA VAL AA 279 -36.26 14.24 89.71
C VAL AA 279 -35.60 14.76 90.97
N VAL AA 280 -35.26 16.04 90.98
CA VAL AA 280 -34.51 16.61 92.10
C VAL AA 280 -35.48 16.96 93.22
N THR AA 281 -35.71 16.00 94.12
CA THR AA 281 -36.51 16.28 95.30
C THR AA 281 -35.66 17.03 96.33
N GLU AA 282 -36.34 17.65 97.28
CA GLU AA 282 -35.64 18.39 98.32
C GLU AA 282 -35.07 17.43 99.36
N VAL AA 283 -34.38 18.00 100.36
CA VAL AA 283 -33.75 17.19 101.39
C VAL AA 283 -34.76 16.43 102.24
N ASP AA 284 -36.00 16.90 102.29
CA ASP AA 284 -37.05 16.24 103.05
C ASP AA 284 -37.94 15.36 102.19
N GLY AA 285 -37.53 15.09 100.95
CA GLY AA 285 -38.30 14.24 100.07
C GLY AA 285 -39.64 14.81 99.65
N SER AA 286 -39.71 16.11 99.46
CA SER AA 286 -40.91 16.78 98.96
C SER AA 286 -40.56 17.50 97.66
N PHE AA 287 -41.38 17.30 96.64
CA PHE AA 287 -41.12 17.84 95.31
C PHE AA 287 -41.78 19.20 95.18
N VAL AA 288 -40.97 20.26 95.11
CA VAL AA 288 -41.47 21.63 95.07
C VAL AA 288 -40.90 22.44 93.92
N ARG AA 289 -40.05 21.85 93.08
CA ARG AA 289 -39.43 22.59 91.99
C ARG AA 289 -40.20 22.45 90.68
N ALA AA 290 -41.39 21.87 90.71
CA ALA AA 290 -42.24 21.79 89.54
C ALA AA 290 -43.68 21.61 89.98
N VAL AA 291 -44.60 22.16 89.20
CA VAL AA 291 -46.03 22.06 89.47
C VAL AA 291 -46.75 21.66 88.19
N GLU AA 292 -47.92 21.06 88.38
CA GLU AA 292 -48.74 20.60 87.26
C GLU AA 292 -50.14 21.15 87.38
N LEU AA 293 -50.74 21.41 86.23
CA LEU AA 293 -52.08 21.97 86.12
C LEU AA 293 -52.87 21.09 85.18
N GLN AA 294 -54.14 20.86 85.51
CA GLN AA 294 -55.02 20.10 84.65
C GLN AA 294 -56.25 20.92 84.33
N LEU AA 295 -56.74 20.74 83.11
CA LEU AA 295 -57.88 21.49 82.60
C LEU AA 295 -59.16 20.91 83.19
N GLN AA 296 -59.95 21.76 83.84
CA GLN AA 296 -61.18 21.33 84.47
C GLN AA 296 -62.23 21.01 83.41
N ALA AA 297 -62.92 19.89 83.58
CA ALA AA 297 -63.92 19.43 82.62
C ALA AA 297 -65.30 19.43 83.27
N SER AA 298 -66.32 19.66 82.45
CA SER AA 298 -67.68 19.77 82.94
C SER AA 298 -68.68 18.84 82.26
N SER AA 299 -68.41 18.38 81.04
CA SER AA 299 -69.33 17.47 80.38
C SER AA 299 -68.57 16.71 79.30
N ILE AA 300 -69.15 15.58 78.88
CA ILE AA 300 -68.57 14.74 77.85
C ILE AA 300 -69.65 14.39 76.84
N THR AA 301 -69.23 14.16 75.60
CA THR AA 301 -70.12 13.74 74.53
C THR AA 301 -69.40 12.73 73.65
N ILE AA 302 -70.14 11.74 73.18
CA ILE AA 302 -69.60 10.76 72.24
C ILE AA 302 -69.59 11.39 70.85
N VAL AA 303 -68.44 11.37 70.18
CA VAL AA 303 -68.34 11.96 68.87
C VAL AA 303 -69.13 11.13 67.87
N GLY AA 304 -69.71 11.80 66.88
CA GLY AA 304 -70.49 11.14 65.86
C GLY AA 304 -71.94 10.92 66.21
N GLY AA 305 -72.32 11.06 67.48
CA GLY AA 305 -73.70 10.93 67.89
C GLY AA 305 -74.22 9.53 67.61
N ALA AA 306 -75.53 9.44 67.40
CA ALA AA 306 -76.15 8.16 67.06
C ALA AA 306 -75.69 7.72 65.69
N PHE AA 307 -75.45 6.41 65.55
CA PHE AA 307 -74.94 5.86 64.29
C PHE AA 307 -75.51 4.46 64.10
N ALA AA 308 -75.04 3.80 63.05
CA ALA AA 308 -75.41 2.43 62.73
C ALA AA 308 -74.17 1.63 62.36
N LEU AA 309 -74.20 0.34 62.70
CA LEU AA 309 -73.08 -0.54 62.38
C LEU AA 309 -73.17 -1.04 60.94
N ALA AA 310 -72.07 -1.63 60.48
CA ALA AA 310 -72.04 -2.18 59.12
C ALA AA 310 -72.86 -3.47 59.04
N THR AA 311 -72.68 -4.37 60.00
CA THR AA 311 -73.36 -5.65 60.01
C THR AA 311 -73.99 -5.87 61.38
N THR AA 312 -74.69 -7.01 61.53
CA THR AA 312 -75.21 -7.38 62.83
C THR AA 312 -74.08 -7.61 63.83
N THR AA 313 -72.98 -8.21 63.36
CA THR AA 313 -71.79 -8.41 64.18
C THR AA 313 -70.73 -7.36 63.91
N GLY AA 314 -71.14 -6.13 63.59
CA GLY AA 314 -70.20 -5.09 63.29
C GLY AA 314 -69.51 -4.54 64.53
N THR AA 315 -68.36 -3.92 64.30
CA THR AA 315 -67.55 -3.32 65.36
C THR AA 315 -67.25 -1.87 65.02
N LYS AA 316 -67.46 -0.98 65.98
CA LYS AA 316 -67.07 0.41 65.83
C LYS AA 316 -66.40 0.92 67.09
N GLN AA 317 -65.33 1.68 66.94
CA GLN AA 317 -64.57 2.19 68.07
C GLN AA 317 -65.13 3.55 68.45
N LEU AA 318 -65.78 3.62 69.62
CA LEU AA 318 -66.33 4.88 70.09
C LEU AA 318 -65.20 5.83 70.48
N LYS AA 319 -65.55 7.12 70.54
CA LYS AA 319 -64.61 8.15 70.95
C LYS AA 319 -65.38 9.23 71.67
N VAL AA 320 -64.94 9.57 72.89
CA VAL AA 320 -65.62 10.54 73.73
C VAL AA 320 -64.72 11.76 73.85
N ARG AA 321 -65.32 12.94 73.68
CA ARG AA 321 -64.61 14.20 73.88
C ARG AA 321 -65.31 14.99 74.97
N ASP AA 322 -64.54 15.58 75.87
CA ASP AA 322 -65.11 16.46 76.87
C ASP AA 322 -65.47 17.79 76.23
N ASP AA 323 -66.02 18.70 77.04
CA ASP AA 323 -66.38 20.01 76.50
C ASP AA 323 -65.17 20.80 76.05
N ASN AA 324 -63.97 20.41 76.47
CA ASN AA 324 -62.74 21.09 76.08
C ASN AA 324 -62.13 20.50 74.81
N GLY AA 325 -62.71 19.44 74.26
CA GLY AA 325 -62.18 18.81 73.08
C GLY AA 325 -61.19 17.68 73.34
N THR AA 326 -60.78 17.49 74.58
CA THR AA 326 -59.86 16.40 74.91
C THR AA 326 -60.57 15.06 74.76
N ASP AA 327 -59.92 14.11 74.09
CA ASP AA 327 -60.48 12.77 74.01
C ASP AA 327 -60.29 12.06 75.34
N VAL AA 328 -61.38 11.52 75.88
CA VAL AA 328 -61.33 10.88 77.18
C VAL AA 328 -61.74 9.42 77.03
N THR AA 329 -61.50 8.85 75.85
CA THR AA 329 -61.88 7.47 75.61
C THR AA 329 -61.15 6.52 76.56
N ALA AA 330 -59.86 6.74 76.77
CA ALA AA 330 -59.09 5.86 77.64
C ALA AA 330 -59.43 6.05 79.11
N ARG AA 331 -60.21 7.08 79.45
CA ARG AA 331 -60.51 7.39 80.85
C ARG AA 331 -62.00 7.31 81.15
N CYS AA 332 -62.76 6.60 80.32
CA CYS AA 332 -64.20 6.48 80.48
C CYS AA 332 -64.61 5.04 80.74
N THR AA 333 -65.69 4.89 81.49
CA THR AA 333 -66.31 3.58 81.74
C THR AA 333 -67.57 3.48 80.91
N PHE AA 334 -67.67 2.41 80.12
CA PHE AA 334 -68.76 2.25 79.17
C PHE AA 334 -69.70 1.14 79.61
N ALA AA 335 -71.00 1.39 79.48
CA ALA AA 335 -72.03 0.42 79.80
C ALA AA 335 -73.06 0.39 78.69
N SER AA 336 -73.73 -0.76 78.56
CA SER AA 336 -74.76 -0.95 77.55
C SER AA 336 -76.12 -1.10 78.22
N SER AA 337 -77.11 -0.35 77.72
CA SER AA 337 -78.47 -0.51 78.23
C SER AA 337 -79.04 -1.87 77.84
N ALA AA 338 -78.73 -2.35 76.63
CA ALA AA 338 -79.20 -3.65 76.16
C ALA AA 338 -78.03 -4.36 75.51
N GLY AA 339 -77.41 -5.27 76.27
CA GLY AA 339 -76.29 -6.04 75.74
C GLY AA 339 -76.70 -7.19 74.84
N THR AA 340 -77.98 -7.58 74.87
CA THR AA 340 -78.44 -8.66 74.00
C THR AA 340 -78.45 -8.27 72.54
N LYS AA 341 -78.46 -6.97 72.24
CA LYS AA 341 -78.39 -6.47 70.87
C LYS AA 341 -77.00 -5.99 70.50
N ALA AA 342 -76.32 -5.32 71.42
CA ALA AA 342 -74.94 -4.89 71.21
C ALA AA 342 -74.29 -4.67 72.55
N THR AA 343 -73.00 -5.01 72.64
CA THR AA 343 -72.22 -4.84 73.85
C THR AA 343 -71.08 -3.87 73.56
N VAL AA 344 -70.56 -3.25 74.62
CA VAL AA 344 -69.50 -2.27 74.50
C VAL AA 344 -68.35 -2.68 75.42
N SER AA 345 -67.13 -2.64 74.89
CA SER AA 345 -65.95 -3.03 75.65
C SER AA 345 -65.59 -1.94 76.65
N ALA AA 346 -64.53 -2.20 77.43
CA ALA AA 346 -64.03 -1.20 78.37
C ALA AA 346 -63.20 -0.12 77.68
N ALA AA 347 -62.75 -0.35 76.45
CA ALA AA 347 -61.98 0.62 75.70
C ALA AA 347 -62.82 1.42 74.72
N GLY AA 348 -64.15 1.27 74.77
CA GLY AA 348 -65.04 2.00 73.92
C GLY AA 348 -65.50 1.26 72.68
N LEU AA 349 -64.83 0.17 72.32
CA LEU AA 349 -65.23 -0.59 71.16
C LEU AA 349 -66.58 -1.25 71.39
N VAL AA 350 -67.49 -1.09 70.43
CA VAL AA 350 -68.83 -1.64 70.51
C VAL AA 350 -68.98 -2.69 69.41
N THR AA 351 -69.50 -3.86 69.79
CA THR AA 351 -69.77 -4.94 68.86
C THR AA 351 -71.23 -5.34 68.98
N GLY AA 352 -71.92 -5.42 67.85
CA GLY AA 352 -73.30 -5.85 67.86
C GLY AA 352 -73.44 -7.35 67.90
N VAL AA 353 -74.49 -7.81 68.57
CA VAL AA 353 -74.81 -9.23 68.62
C VAL AA 353 -76.22 -9.54 68.13
N ALA AA 354 -77.05 -8.54 67.86
CA ALA AA 354 -78.38 -8.75 67.33
C ALA AA 354 -78.83 -7.50 66.60
N ALA AA 355 -79.85 -7.66 65.77
CA ALA AA 355 -80.40 -6.53 65.05
C ALA AA 355 -81.28 -5.70 65.97
N GLY AA 356 -81.18 -4.38 65.84
CA GLY AA 356 -81.99 -3.46 66.61
C GLY AA 356 -81.16 -2.36 67.23
N THR AA 357 -81.82 -1.55 68.05
CA THR AA 357 -81.17 -0.42 68.68
C THR AA 357 -80.65 -0.79 70.07
N ALA AA 358 -79.73 0.03 70.56
CA ALA AA 358 -79.19 -0.10 71.90
C ALA AA 358 -78.74 1.27 72.38
N ASP AA 359 -78.65 1.43 73.69
CA ASP AA 359 -78.24 2.67 74.31
C ASP AA 359 -76.95 2.44 75.08
N ILE AA 360 -75.94 3.27 74.80
CA ILE AA 360 -74.63 3.16 75.40
C ILE AA 360 -74.40 4.38 76.29
N THR AA 361 -73.99 4.14 77.53
CA THR AA 361 -73.71 5.19 78.49
C THR AA 361 -72.23 5.24 78.78
N ALA AA 362 -71.64 6.42 78.67
CA ALA AA 362 -70.23 6.65 78.98
C ALA AA 362 -70.14 7.53 80.21
N SER AA 363 -69.40 7.07 81.22
CA SER AA 363 -69.23 7.79 82.47
C SER AA 363 -67.77 8.19 82.63
N TYR AA 364 -67.54 9.44 83.00
CA TYR AA 364 -66.18 9.95 83.16
C TYR AA 364 -66.11 10.74 84.46
N VAL AA 365 -65.28 10.28 85.39
CA VAL AA 365 -65.05 11.04 86.62
C VAL AA 365 -64.23 12.27 86.26
N PRO AA 366 -64.69 13.47 86.60
CA PRO AA 366 -63.97 14.68 86.21
C PRO AA 366 -62.69 14.83 86.99
N PRO AA 367 -61.71 15.56 86.45
CA PRO AA 367 -60.48 15.82 87.22
C PRO AA 367 -60.73 16.51 88.53
N GLN AA 368 -61.70 17.43 88.58
CA GLN AA 368 -62.00 18.12 89.83
C GLN AA 368 -62.63 17.20 90.86
N GLY AA 369 -63.08 16.02 90.46
CA GLY AA 369 -63.73 15.10 91.37
C GLY AA 369 -65.22 15.31 91.45
N GLY AA 370 -65.88 14.35 92.09
CA GLY AA 370 -67.31 14.41 92.28
C GLY AA 370 -68.06 13.42 91.40
N THR AA 371 -69.34 13.69 91.22
CA THR AA 371 -70.19 12.83 90.40
C THR AA 371 -69.69 12.82 88.97
N ALA AA 372 -69.58 11.62 88.40
CA ALA AA 372 -69.06 11.49 87.05
C ALA AA 372 -70.05 12.01 86.03
N LYS AA 373 -69.52 12.59 84.95
CA LYS AA 373 -70.35 13.07 83.86
C LYS AA 373 -70.76 11.91 82.96
N THR AA 374 -72.01 11.93 82.52
CA THR AA 374 -72.62 10.81 81.80
C THR AA 374 -73.11 11.28 80.43
N ALA AA 375 -72.74 10.55 79.39
CA ALA AA 375 -73.18 10.85 78.03
C ALA AA 375 -73.79 9.59 77.41
N THR AA 376 -75.00 9.72 76.88
CA THR AA 376 -75.75 8.60 76.35
C THR AA 376 -75.90 8.72 74.84
N VAL AA 377 -75.67 7.61 74.14
CA VAL AA 377 -75.74 7.57 72.68
C VAL AA 377 -76.56 6.35 72.28
N THR AA 378 -77.10 6.39 71.06
CA THR AA 378 -77.89 5.30 70.53
C THR AA 378 -77.19 4.67 69.34
N VAL AA 379 -77.02 3.35 69.40
CA VAL AA 379 -76.36 2.58 68.34
C VAL AA 379 -77.39 1.64 67.74
N THR AA 380 -77.61 1.77 66.44
CA THR AA 380 -78.61 0.96 65.73
C THR AA 380 -77.87 -0.10 64.92
N VAL AA 381 -77.69 -1.28 65.51
CA VAL AA 381 -77.08 -2.40 64.79
C VAL AA 381 -78.05 -2.88 63.72
N PRO AA 382 -77.64 -2.95 62.44
CA PRO AA 382 -78.54 -3.31 61.34
C PRO AA 382 -79.15 -4.70 61.52
N GLY BA 2 -115.88 112.57 72.87
CA GLY BA 2 -116.84 113.20 73.73
C GLY BA 2 -116.22 114.26 74.62
N LEU BA 3 -115.58 113.82 75.70
CA LEU BA 3 -114.88 114.71 76.61
C LEU BA 3 -113.48 114.17 76.85
N ILE BA 4 -112.54 115.07 77.16
CA ILE BA 4 -111.18 114.65 77.44
C ILE BA 4 -111.13 113.78 78.69
N SER BA 5 -111.87 114.17 79.73
CA SER BA 5 -111.89 113.41 80.97
C SER BA 5 -112.63 112.08 80.85
N ASP BA 6 -113.32 111.84 79.75
CA ASP BA 6 -114.05 110.60 79.58
C ASP BA 6 -113.08 109.42 79.46
N PRO BA 7 -113.48 108.23 79.88
CA PRO BA 7 -112.60 107.07 79.78
C PRO BA 7 -112.28 106.74 78.33
N VAL BA 8 -111.10 106.16 78.12
CA VAL BA 8 -110.64 105.87 76.77
C VAL BA 8 -111.57 104.86 76.11
N GLU BA 9 -111.95 105.13 74.87
CA GLU BA 9 -112.81 104.24 74.10
C GLU BA 9 -111.96 103.22 73.34
N VAL BA 10 -112.64 102.21 72.79
CA VAL BA 10 -111.97 101.16 72.06
C VAL BA 10 -111.38 101.70 70.77
N ASP BA 11 -110.17 101.28 70.45
CA ASP BA 11 -109.51 101.75 69.24
C ASP BA 11 -110.07 101.04 68.02
N PRO BA 12 -110.56 101.76 67.00
CA PRO BA 12 -111.01 101.08 65.77
C PRO BA 12 -109.89 100.28 65.11
N ILE BA 13 -108.66 100.76 65.18
CA ILE BA 13 -107.55 99.98 64.65
C ILE BA 13 -107.38 98.69 65.45
N GLN BA 14 -107.63 98.75 66.76
CA GLN BA 14 -107.51 97.55 67.58
C GLN BA 14 -108.60 96.53 67.23
N VAL BA 15 -109.84 96.97 67.06
CA VAL BA 15 -110.90 96.02 66.72
C VAL BA 15 -110.67 95.47 65.31
N GLY BA 16 -110.15 96.30 64.39
CA GLY BA 16 -109.81 95.77 63.08
C GLY BA 16 -108.70 94.74 63.13
N ARG BA 17 -107.69 94.98 63.96
CA ARG BA 17 -106.60 94.02 64.12
C ARG BA 17 -107.10 92.71 64.71
N ASP BA 18 -107.99 92.79 65.70
CA ASP BA 18 -108.58 91.58 66.25
C ASP BA 18 -109.42 90.85 65.21
N GLU BA 19 -110.14 91.61 64.37
CA GLU BA 19 -110.92 90.99 63.31
C GLU BA 19 -110.02 90.25 62.32
N ALA BA 20 -108.88 90.86 61.97
CA ALA BA 20 -107.93 90.16 61.10
C ALA BA 20 -107.44 88.88 61.75
N GLY BA 21 -107.38 88.85 63.08
CA GLY BA 21 -107.05 87.64 63.82
C GLY BA 21 -105.64 87.13 63.64
N TRP BA 22 -104.67 88.03 63.60
CA TRP BA 22 -103.27 87.63 63.50
C TRP BA 22 -102.49 87.88 64.77
N VAL BA 23 -103.14 88.33 65.85
CA VAL BA 23 -102.47 88.44 67.13
C VAL BA 23 -102.12 87.05 67.62
N GLN BA 24 -100.95 86.93 68.25
CA GLN BA 24 -100.38 85.63 68.60
C GLN BA 24 -100.81 85.23 70.00
N GLU BA 25 -101.45 84.06 70.10
CA GLU BA 25 -101.85 83.50 71.38
C GLU BA 25 -101.19 82.13 71.54
N LEU BA 26 -100.81 81.81 72.77
CA LEU BA 26 -99.93 80.69 73.06
C LEU BA 26 -100.44 79.92 74.27
N ARG BA 27 -99.94 78.69 74.41
CA ARG BA 27 -100.28 77.89 75.57
C ARG BA 27 -99.64 78.46 76.83
N ASP BA 28 -100.33 78.29 77.95
CA ASP BA 28 -99.81 78.76 79.23
C ASP BA 28 -98.61 77.94 79.65
N ARG BA 29 -97.61 78.61 80.23
CA ARG BA 29 -96.41 77.92 80.67
C ARG BA 29 -96.65 77.05 81.89
N GLU BA 30 -97.46 77.52 82.84
CA GLU BA 30 -97.59 76.89 84.14
C GLU BA 30 -98.96 76.22 84.30
N ALA BA 31 -99.43 75.58 83.25
CA ALA BA 31 -100.68 74.82 83.29
C ALA BA 31 -100.35 73.35 83.09
N TRP BA 32 -100.76 72.51 84.02
CA TRP BA 32 -100.52 71.08 83.94
C TRP BA 32 -101.85 70.34 83.99
N PRO BA 33 -102.11 69.41 83.06
CA PRO BA 33 -101.25 69.00 81.94
C PRO BA 33 -101.20 70.08 80.87
N LYS BA 34 -100.29 69.97 79.90
CA LYS BA 34 -100.21 70.99 78.86
C LYS BA 34 -101.53 71.09 78.11
N GLN BA 35 -102.00 72.31 77.91
CA GLN BA 35 -103.30 72.51 77.28
C GLN BA 35 -103.18 72.37 75.76
N GLU BA 36 -104.31 72.43 75.09
CA GLU BA 36 -104.32 72.21 73.65
C GLU BA 36 -103.91 73.49 72.91
N VAL BA 37 -103.52 73.30 71.66
CA VAL BA 37 -103.08 74.42 70.83
C VAL BA 37 -104.29 75.31 70.52
N PRO BA 38 -104.20 76.62 70.77
CA PRO BA 38 -105.33 77.49 70.44
C PRO BA 38 -105.57 77.51 68.94
N GLU BA 39 -106.83 77.75 68.57
CA GLU BA 39 -107.22 77.66 67.17
C GLU BA 39 -106.48 78.65 66.29
N GLN BA 40 -105.99 79.76 66.86
CA GLN BA 40 -105.28 80.74 66.06
C GLN BA 40 -103.88 80.25 65.71
N ALA BA 41 -103.22 79.56 66.63
CA ALA BA 41 -101.84 79.15 66.42
C ALA BA 41 -101.69 78.10 65.35
N LYS BA 42 -102.78 77.48 64.91
CA LYS BA 42 -102.73 76.45 63.87
C LYS BA 42 -103.62 76.80 62.68
N LYS BA 43 -103.97 78.07 62.51
CA LYS BA 43 -104.73 78.47 61.35
C LYS BA 43 -103.84 78.50 60.11
N PRO BA 44 -104.41 78.19 58.94
CA PRO BA 44 -103.59 78.17 57.72
C PRO BA 44 -103.37 79.57 57.18
N ALA BA 45 -102.34 79.68 56.33
CA ALA BA 45 -102.02 80.96 55.72
C ALA BA 45 -103.08 81.37 54.71
N LYS BA 46 -103.29 82.68 54.61
CA LYS BA 46 -104.25 83.21 53.66
C LYS BA 46 -103.84 82.87 52.24
N VAL BA 47 -104.83 82.57 51.40
CA VAL BA 47 -104.55 82.13 50.04
C VAL BA 47 -104.15 83.28 49.12
N GLY BA 48 -104.50 84.52 49.47
CA GLY BA 48 -104.22 85.63 48.59
C GLY BA 48 -103.40 86.74 49.23
N ASN BA 49 -102.35 87.17 48.55
CA ASN BA 49 -101.48 88.23 49.06
C ASN BA 49 -102.15 89.60 48.94
N ALA CA 2 -43.20 16.11 -109.74
CA ALA CA 2 -43.68 15.64 -108.44
C ALA CA 2 -42.52 15.37 -107.50
N HIS CA 3 -41.90 16.44 -107.01
CA HIS CA 3 -40.82 16.30 -106.05
C HIS CA 3 -41.34 15.68 -104.76
N ILE CA 4 -40.51 14.84 -104.16
CA ILE CA 4 -40.84 14.16 -102.91
C ILE CA 4 -39.79 14.56 -101.87
N PHE CA 5 -40.26 15.03 -100.73
CA PHE CA 5 -39.39 15.43 -99.63
C PHE CA 5 -39.60 14.51 -98.44
N VAL CA 6 -38.55 14.31 -97.67
CA VAL CA 6 -38.59 13.50 -96.47
C VAL CA 6 -38.56 14.44 -95.28
N LYS CA 7 -39.65 14.50 -94.54
CA LYS CA 7 -39.77 15.39 -93.39
C LYS CA 7 -40.22 14.61 -92.17
N PRO CA 8 -39.82 15.03 -90.99
CA PRO CA 8 -40.21 14.33 -89.77
C PRO CA 8 -41.50 14.88 -89.18
N GLU CA 9 -42.28 13.98 -88.57
CA GLU CA 9 -43.41 14.42 -87.77
C GLU CA 9 -42.91 15.25 -86.60
N LEU CA 10 -43.55 16.37 -86.36
CA LEU CA 10 -43.17 17.26 -85.28
C LEU CA 10 -44.20 17.16 -84.16
N VAL CA 11 -43.73 16.91 -82.95
CA VAL CA 11 -44.56 16.94 -81.75
C VAL CA 11 -44.06 18.07 -80.88
N ALA CA 12 -44.92 19.04 -80.60
CA ALA CA 12 -44.57 20.18 -79.79
C ALA CA 12 -45.63 20.38 -78.71
N GLU CA 13 -45.20 20.90 -77.58
CA GLU CA 13 -46.10 21.21 -76.48
C GLU CA 13 -46.24 22.72 -76.38
N ILE CA 14 -47.50 23.19 -76.36
CA ILE CA 14 -47.81 24.61 -76.40
C ILE CA 14 -48.51 25.07 -75.13
N GLY CA 15 -48.46 24.29 -74.07
CA GLY CA 15 -49.13 24.65 -72.84
C GLY CA 15 -50.56 24.17 -72.74
N VAL CA 16 -51.09 23.53 -73.77
CA VAL CA 16 -52.41 22.93 -73.68
C VAL CA 16 -52.29 21.65 -72.85
N LYS CA 17 -53.10 21.54 -71.81
CA LYS CA 17 -53.05 20.40 -70.91
C LYS CA 17 -54.46 20.06 -70.47
N GLN CA 18 -54.64 18.84 -69.98
CA GLN CA 18 -55.94 18.42 -69.50
C GLN CA 18 -56.35 19.25 -68.30
N LEU CA 19 -57.62 19.67 -68.28
CA LEU CA 19 -58.13 20.50 -67.20
C LEU CA 19 -58.40 19.65 -65.97
N GLN CA 20 -57.96 20.14 -64.81
CA GLN CA 20 -58.02 19.39 -63.58
C GLN CA 20 -58.58 20.26 -62.46
N ARG CA 21 -59.19 19.60 -61.47
CA ARG CA 21 -59.80 20.30 -60.35
C ARG CA 21 -58.74 20.98 -59.49
N GLU CA 22 -59.15 22.04 -58.80
CA GLU CA 22 -58.30 22.71 -57.84
C GLU CA 22 -58.56 22.18 -56.45
N ILE CA 23 -57.47 21.92 -55.71
CA ILE CA 23 -57.55 21.23 -54.43
C ILE CA 23 -57.74 22.25 -53.33
N VAL CA 24 -58.88 22.18 -52.65
CA VAL CA 24 -59.20 23.13 -51.59
C VAL CA 24 -59.50 22.41 -50.28
N LEU CA 25 -60.26 21.31 -50.35
CA LEU CA 25 -60.74 20.66 -49.14
C LEU CA 25 -59.66 20.19 -48.17
N PRO CA 26 -58.55 19.58 -48.59
CA PRO CA 26 -57.62 19.02 -47.61
C PRO CA 26 -57.10 20.02 -46.60
N GLY CA 27 -56.95 21.28 -46.98
CA GLY CA 27 -56.44 22.26 -46.02
C GLY CA 27 -57.44 22.70 -44.97
N LEU CA 28 -58.69 22.29 -45.10
CA LEU CA 28 -59.76 22.79 -44.25
C LEU CA 28 -60.25 21.77 -43.23
N VAL CA 29 -59.77 20.54 -43.30
CA VAL CA 29 -60.27 19.46 -42.45
C VAL CA 29 -59.20 19.08 -41.45
N TRP CA 30 -59.57 19.02 -40.18
CA TRP CA 30 -58.68 18.62 -39.11
C TRP CA 30 -57.97 17.33 -39.45
N THR CA 31 -56.64 17.38 -39.52
CA THR CA 31 -55.84 16.23 -39.89
C THR CA 31 -54.91 15.84 -38.76
N ASN CA 32 -54.59 14.55 -38.68
CA ASN CA 32 -53.77 14.05 -37.59
C ASN CA 32 -52.81 12.97 -38.07
N PRO CA 33 -51.51 13.22 -38.04
CA PRO CA 33 -50.54 12.15 -38.25
C PRO CA 33 -50.46 11.24 -37.04
N LEU CA 34 -50.02 10.01 -37.26
CA LEU CA 34 -49.91 9.06 -36.17
C LEU CA 34 -48.46 8.68 -35.91
N ASP CA 43 -52.64 2.70 -34.40
CA ASP CA 43 -53.59 3.07 -35.45
C ASP CA 43 -54.88 3.62 -34.85
N THR CA 44 -54.81 4.06 -33.61
CA THR CA 44 -55.95 4.63 -32.92
C THR CA 44 -55.53 5.90 -32.20
N ILE CA 45 -56.47 6.82 -32.04
CA ILE CA 45 -56.20 8.09 -31.38
C ILE CA 45 -56.89 8.20 -30.03
N THR CA 46 -57.99 7.49 -29.81
CA THR CA 46 -58.76 7.47 -28.56
C THR CA 46 -58.84 8.86 -27.93
N VAL CA 47 -59.49 9.76 -28.67
CA VAL CA 47 -59.72 11.12 -28.20
C VAL CA 47 -60.47 11.10 -26.88
N ARG CA 48 -60.00 11.91 -25.93
CA ARG CA 48 -60.61 12.02 -24.61
C ARG CA 48 -61.57 13.21 -24.59
N VAL CA 49 -62.82 12.96 -24.22
CA VAL CA 49 -63.85 13.98 -24.10
C VAL CA 49 -64.09 14.25 -22.62
N PRO CA 50 -63.80 15.44 -22.12
CA PRO CA 50 -63.92 15.70 -20.69
C PRO CA 50 -65.37 15.62 -20.22
N ALA CA 51 -65.52 15.60 -18.90
CA ALA CA 51 -66.80 15.39 -18.26
C ALA CA 51 -67.40 16.71 -17.78
N ILE CA 52 -68.73 16.74 -17.71
CA ILE CA 52 -69.47 17.86 -17.15
C ILE CA 52 -70.45 17.32 -16.13
N THR CA 53 -70.88 18.19 -15.22
CA THR CA 53 -71.79 17.79 -14.16
C THR CA 53 -72.83 18.87 -13.93
N THR CA 54 -73.71 18.62 -12.96
CA THR CA 54 -74.79 19.54 -12.62
C THR CA 54 -74.82 19.77 -11.13
N ALA CA 55 -75.18 20.99 -10.73
CA ALA CA 55 -75.31 21.36 -9.33
C ALA CA 55 -76.77 21.32 -8.91
N ASN CA 56 -76.99 21.45 -7.61
CA ASN CA 56 -78.33 21.41 -7.04
C ASN CA 56 -78.50 22.53 -6.04
N ARG CA 57 -79.76 22.82 -5.72
CA ARG CA 57 -80.08 23.88 -4.78
C ARG CA 57 -81.05 23.36 -3.73
N ARG CA 58 -80.90 23.88 -2.52
CA ARG CA 58 -81.77 23.52 -1.40
C ARG CA 58 -82.06 24.77 -0.58
N ASP CA 59 -83.15 24.72 0.17
CA ASP CA 59 -83.58 25.87 0.94
C ASP CA 59 -82.63 26.12 2.11
N LEU CA 60 -82.58 27.37 2.56
CA LEU CA 60 -81.79 27.71 3.73
C LEU CA 60 -82.52 27.29 5.00
N ARG CA 61 -81.74 26.81 5.97
CA ARG CA 61 -82.26 26.42 7.28
C ARG CA 61 -83.33 25.34 7.18
N ASP CA 62 -83.27 24.54 6.14
CA ASP CA 62 -84.17 23.41 5.99
C ASP CA 62 -83.67 22.27 6.88
N PRO CA 63 -84.49 21.74 7.79
CA PRO CA 63 -83.99 20.70 8.69
C PRO CA 63 -83.55 19.42 7.99
N ASP CA 64 -83.97 19.20 6.75
CA ASP CA 64 -83.54 18.03 5.99
C ASP CA 64 -82.14 18.29 5.44
N ARG CA 65 -81.14 17.97 6.27
CA ARG CA 65 -79.75 18.30 5.93
C ARG CA 65 -79.17 17.20 5.04
N THR CA 66 -79.56 17.23 3.77
CA THR CA 66 -79.09 16.25 2.81
C THR CA 66 -78.57 16.95 1.56
N VAL CA 67 -77.56 16.36 0.95
CA VAL CA 67 -76.93 16.88 -0.26
C VAL CA 67 -76.96 15.79 -1.32
N ILE CA 68 -77.39 16.15 -2.52
CA ILE CA 68 -77.42 15.22 -3.64
C ILE CA 68 -76.07 15.25 -4.33
N ALA CA 69 -75.44 14.09 -4.47
CA ALA CA 69 -74.14 14.03 -5.08
C ALA CA 69 -74.26 14.21 -6.59
N SER CA 70 -73.11 14.44 -7.23
CA SER CA 70 -73.04 14.64 -8.66
C SER CA 70 -71.99 13.72 -9.25
N GLU CA 71 -72.15 13.40 -10.53
CA GLU CA 71 -71.34 12.40 -11.21
C GLU CA 71 -70.48 13.06 -12.28
N LEU CA 72 -69.25 12.57 -12.43
CA LEU CA 72 -68.32 13.07 -13.44
C LEU CA 72 -67.91 11.89 -14.31
N VAL CA 73 -68.67 11.66 -15.38
CA VAL CA 73 -68.41 10.56 -16.31
C VAL CA 73 -67.63 11.12 -17.49
N GLU CA 74 -66.36 10.76 -17.58
CA GLU CA 74 -65.49 11.24 -18.66
C GLU CA 74 -65.56 10.26 -19.83
N HIS CA 75 -65.76 10.80 -21.03
CA HIS CA 75 -66.00 9.98 -22.20
C HIS CA 75 -64.75 9.89 -23.07
N SER CA 76 -64.82 9.01 -24.07
CA SER CA 76 -63.74 8.86 -25.02
C SER CA 76 -64.29 8.25 -26.29
N PHE CA 77 -63.59 8.49 -27.39
CA PHE CA 77 -63.95 7.91 -28.68
C PHE CA 77 -62.75 8.02 -29.60
N GLY CA 78 -62.46 6.95 -30.33
CA GLY CA 78 -61.26 6.92 -31.15
C GLY CA 78 -61.51 6.82 -32.64
N VAL CA 79 -60.47 7.07 -33.42
CA VAL CA 79 -60.52 6.92 -34.87
C VAL CA 79 -59.57 5.80 -35.25
N THR CA 80 -59.84 5.16 -36.39
CA THR CA 80 -59.03 4.05 -36.83
C THR CA 80 -58.76 4.17 -38.32
N LEU CA 81 -57.63 3.60 -38.75
CA LEU CA 81 -57.26 3.62 -40.16
C LEU CA 81 -57.98 2.49 -40.89
N ASP CA 82 -58.71 2.84 -41.95
CA ASP CA 82 -59.51 1.87 -42.66
C ASP CA 82 -59.27 1.82 -44.17
N LYS CA 83 -58.60 2.81 -44.75
CA LYS CA 83 -58.40 2.84 -46.19
C LYS CA 83 -56.93 3.02 -46.51
N HIS CA 84 -56.54 2.55 -47.69
CA HIS CA 84 -55.17 2.62 -48.18
C HIS CA 84 -55.22 3.26 -49.56
N VAL CA 85 -54.85 4.53 -49.64
CA VAL CA 85 -54.92 5.27 -50.89
C VAL CA 85 -53.57 5.16 -51.59
N TYR CA 86 -53.57 4.64 -52.81
CA TYR CA 86 -52.33 4.36 -53.52
C TYR CA 86 -52.49 4.67 -54.99
N ALA CA 87 -51.36 4.98 -55.62
CA ALA CA 87 -51.26 5.10 -57.06
C ALA CA 87 -50.01 4.36 -57.51
N ALA CA 88 -50.17 3.38 -58.40
CA ALA CA 88 -49.10 2.49 -58.80
C ALA CA 88 -48.90 2.55 -60.31
N LEU CA 89 -47.65 2.38 -60.73
CA LEU CA 89 -47.30 2.37 -62.14
C LEU CA 89 -46.28 1.27 -62.41
N LYS CA 90 -46.44 0.58 -63.53
CA LYS CA 90 -45.53 -0.48 -63.93
C LYS CA 90 -44.95 -0.16 -65.30
N PHE CA 91 -43.62 -0.18 -65.41
CA PHE CA 91 -42.93 0.14 -66.65
C PHE CA 91 -41.99 -1.00 -67.00
N THR CA 92 -42.23 -1.65 -68.13
CA THR CA 92 -41.24 -2.59 -68.62
C THR CA 92 -39.98 -1.85 -69.03
N ASP CA 93 -38.84 -2.54 -68.92
CA ASP CA 93 -37.56 -1.87 -69.08
C ASP CA 93 -37.41 -1.19 -70.44
N GLU CA 94 -38.05 -1.75 -71.47
CA GLU CA 94 -37.96 -1.15 -72.79
C GLU CA 94 -38.58 0.24 -72.81
N GLN CA 95 -39.75 0.39 -72.21
CA GLN CA 95 -40.41 1.70 -72.22
C GLN CA 95 -39.92 2.60 -71.10
N ARG CA 96 -39.22 2.06 -70.12
CA ARG CA 96 -38.54 2.92 -69.15
C ARG CA 96 -37.26 3.50 -69.72
N THR CA 97 -36.56 2.74 -70.56
CA THR CA 97 -35.33 3.25 -71.17
C THR CA 97 -35.62 4.24 -72.28
N LEU CA 98 -36.59 3.96 -73.13
CA LEU CA 98 -36.82 4.73 -74.34
C LEU CA 98 -37.99 5.69 -74.23
N ASP CA 99 -39.17 5.20 -73.87
CA ASP CA 99 -40.37 6.04 -73.94
C ASP CA 99 -40.34 7.18 -72.94
N ILE CA 100 -39.88 6.91 -71.72
CA ILE CA 100 -39.87 7.94 -70.68
C ILE CA 100 -38.62 8.80 -70.86
N ARG CA 101 -38.81 10.03 -71.32
CA ARG CA 101 -37.67 10.94 -71.49
C ARG CA 101 -37.16 11.42 -70.14
N ASP CA 102 -38.00 12.11 -69.38
CA ASP CA 102 -37.66 12.59 -68.05
C ASP CA 102 -38.61 12.00 -67.02
N TYR CA 103 -38.07 11.64 -65.86
CA TYR CA 103 -38.83 10.88 -64.89
C TYR CA 103 -39.82 11.75 -64.14
N THR CA 104 -39.35 12.78 -63.45
CA THR CA 104 -40.26 13.58 -62.64
C THR CA 104 -41.00 14.61 -63.49
N LYS CA 105 -41.50 14.16 -64.64
CA LYS CA 105 -42.52 14.88 -65.38
C LYS CA 105 -43.58 13.98 -65.98
N GLN CA 106 -43.33 12.67 -66.07
CA GLN CA 106 -44.30 11.71 -66.59
C GLN CA 106 -44.77 10.73 -65.54
N VAL CA 107 -43.98 10.48 -64.50
CA VAL CA 107 -44.28 9.47 -63.50
C VAL CA 107 -44.63 10.11 -62.16
N LEU CA 108 -43.72 10.91 -61.61
CA LEU CA 108 -43.90 11.40 -60.25
C LEU CA 108 -45.03 12.43 -60.17
N MET CA 109 -45.02 13.42 -61.06
CA MET CA 109 -46.05 14.46 -60.99
C MET CA 109 -47.46 13.93 -61.20
N PRO CA 110 -47.76 13.15 -62.24
CA PRO CA 110 -49.12 12.60 -62.36
C PRO CA 110 -49.50 11.73 -61.20
N GLN CA 111 -48.55 10.98 -60.65
CA GLN CA 111 -48.85 10.11 -59.52
C GLN CA 111 -49.24 10.92 -58.29
N VAL CA 112 -48.47 11.97 -57.99
CA VAL CA 112 -48.80 12.81 -56.84
C VAL CA 112 -50.15 13.50 -57.05
N SER CA 113 -50.42 13.94 -58.28
CA SER CA 113 -51.71 14.56 -58.55
C SER CA 113 -52.85 13.57 -58.34
N ALA CA 114 -52.68 12.33 -58.79
CA ALA CA 114 -53.73 11.33 -58.63
C ALA CA 114 -53.99 11.04 -57.15
N VAL CA 115 -52.91 10.90 -56.37
CA VAL CA 115 -53.09 10.63 -54.94
C VAL CA 115 -53.76 11.81 -54.26
N ALA CA 116 -53.38 13.04 -54.62
CA ALA CA 116 -54.00 14.21 -54.03
C ALA CA 116 -55.49 14.28 -54.34
N TYR CA 117 -55.86 14.01 -55.59
CA TYR CA 117 -57.27 14.05 -55.95
C TYR CA 117 -58.05 12.94 -55.25
N GLU CA 118 -57.44 11.77 -55.10
CA GLU CA 118 -58.10 10.70 -54.36
C GLU CA 118 -58.32 11.09 -52.90
N LEU CA 119 -57.32 11.71 -52.28
CA LEU CA 119 -57.49 12.12 -50.88
C LEU CA 119 -58.58 13.18 -50.74
N GLU CA 120 -58.62 14.13 -51.68
CA GLU CA 120 -59.66 15.16 -51.62
C GLU CA 120 -61.04 14.54 -51.82
N ASP CA 121 -61.14 13.56 -52.72
CA ASP CA 121 -62.41 12.86 -52.89
C ASP CA 121 -62.78 12.10 -51.62
N TYR CA 122 -61.80 11.52 -50.94
CA TYR CA 122 -62.04 10.86 -49.67
C TYR CA 122 -62.64 11.83 -48.66
N ILE CA 123 -62.03 13.01 -48.54
CA ILE CA 123 -62.52 14.01 -47.59
C ILE CA 123 -63.93 14.46 -47.96
N ALA CA 124 -64.18 14.67 -49.25
CA ALA CA 124 -65.51 15.10 -49.68
C ALA CA 124 -66.56 14.03 -49.37
N GLU CA 125 -66.21 12.77 -49.58
CA GLU CA 125 -67.13 11.69 -49.23
C GLU CA 125 -67.39 11.66 -47.73
N LEU CA 126 -66.35 11.93 -46.93
CA LEU CA 126 -66.53 12.02 -45.49
C LEU CA 126 -67.51 13.12 -45.12
N ILE CA 127 -67.34 14.29 -45.72
CA ILE CA 127 -68.15 15.45 -45.36
C ILE CA 127 -69.60 15.26 -45.79
N GLU CA 128 -69.80 14.82 -47.04
CA GLU CA 128 -71.16 14.71 -47.56
C GLU CA 128 -71.92 13.55 -46.92
N GLY CA 129 -71.21 12.55 -46.43
CA GLY CA 129 -71.86 11.39 -45.87
C GLY CA 129 -72.15 11.45 -44.38
N ALA CA 130 -71.87 12.56 -43.72
CA ALA CA 130 -72.11 12.65 -42.30
C ALA CA 130 -73.61 12.61 -42.00
N PRO CA 131 -73.99 12.11 -40.84
CA PRO CA 131 -75.43 12.00 -40.50
C PRO CA 131 -76.09 13.32 -40.13
N TYR CA 132 -76.38 14.12 -41.16
CA TYR CA 132 -77.08 15.38 -40.96
C TYR CA 132 -78.56 15.09 -40.71
N GLU CA 133 -79.05 15.49 -39.54
CA GLU CA 133 -80.45 15.22 -39.21
C GLU CA 133 -81.39 16.02 -40.10
N GLU CA 134 -81.04 17.26 -40.42
CA GLU CA 134 -81.88 18.13 -41.20
C GLU CA 134 -81.05 18.83 -42.27
N THR CA 135 -81.70 19.20 -43.36
CA THR CA 135 -81.05 19.89 -44.48
C THR CA 135 -81.75 21.22 -44.69
N ILE CA 136 -81.04 22.32 -44.43
CA ILE CA 136 -81.61 23.64 -44.64
C ILE CA 136 -81.75 23.90 -46.14
N LEU CA 137 -82.90 24.41 -46.54
CA LEU CA 137 -83.18 24.63 -47.95
C LEU CA 137 -82.91 26.09 -48.29
N ILE CA 138 -82.00 26.32 -49.22
CA ILE CA 138 -81.64 27.66 -49.67
C ILE CA 138 -82.64 28.07 -50.75
N ASP CA 139 -83.52 28.99 -50.42
CA ASP CA 139 -84.43 29.52 -51.44
C ASP CA 139 -83.61 30.36 -52.41
N PRO CA 140 -83.56 30.01 -53.69
CA PRO CA 140 -82.70 30.77 -54.61
C PRO CA 140 -83.06 32.25 -54.71
N ALA CA 141 -84.35 32.59 -54.56
CA ALA CA 141 -84.73 33.99 -54.59
C ALA CA 141 -84.18 34.75 -53.39
N ASP CA 142 -84.18 34.11 -52.22
CA ASP CA 142 -83.71 34.72 -50.97
C ASP CA 142 -82.78 33.73 -50.27
N THR CA 143 -81.48 33.90 -50.45
CA THR CA 143 -80.52 32.91 -49.96
C THR CA 143 -79.97 33.23 -48.59
N VAL CA 144 -79.92 34.51 -48.21
CA VAL CA 144 -79.33 34.88 -46.93
C VAL CA 144 -80.08 34.29 -45.74
N PRO CA 145 -81.41 34.30 -45.68
CA PRO CA 145 -82.08 33.67 -44.54
C PRO CA 145 -81.69 32.22 -44.32
N ALA CA 146 -81.39 31.48 -45.39
CA ALA CA 146 -80.95 30.10 -45.22
C ALA CA 146 -79.63 30.02 -44.46
N PHE CA 147 -78.67 30.86 -44.83
CA PHE CA 147 -77.39 30.83 -44.13
C PHE CA 147 -77.49 31.40 -42.72
N ILE CA 148 -78.34 32.40 -42.51
CA ILE CA 148 -78.55 32.91 -41.16
C ILE CA 148 -79.18 31.85 -40.28
N THR CA 149 -80.12 31.08 -40.81
CA THR CA 149 -80.74 30.05 -39.99
C THR CA 149 -79.81 28.85 -39.80
N ALA CA 150 -78.90 28.59 -40.75
CA ALA CA 150 -77.87 27.59 -40.49
C ALA CA 150 -76.96 28.04 -39.36
N ASP CA 151 -76.56 29.31 -39.37
CA ASP CA 151 -75.77 29.85 -38.28
C ASP CA 151 -76.52 29.77 -36.96
N GLN CA 152 -77.83 30.05 -36.98
CA GLN CA 152 -78.63 29.94 -35.77
C GLN CA 152 -78.70 28.51 -35.27
N ARG CA 153 -78.87 27.55 -36.19
CA ARG CA 153 -78.90 26.14 -35.80
C ARG CA 153 -77.60 25.75 -35.12
N MET CA 154 -76.47 26.19 -35.67
CA MET CA 154 -75.20 25.82 -35.07
C MET CA 154 -74.83 26.69 -33.89
N GLY CA 155 -75.57 27.77 -33.63
CA GLY CA 155 -75.31 28.62 -32.50
C GLY CA 155 -76.14 28.27 -31.28
N GLU CA 156 -77.27 27.62 -31.50
CA GLU CA 156 -78.09 27.15 -30.39
C GLU CA 156 -77.60 25.83 -29.82
N ALA CA 157 -76.63 25.20 -30.45
CA ALA CA 157 -75.96 24.04 -29.91
C ALA CA 157 -74.67 24.40 -29.20
N ASN CA 158 -74.42 25.68 -28.99
CA ASN CA 158 -73.27 26.19 -28.26
C ASN CA 158 -71.95 25.88 -28.95
N VAL CA 159 -71.97 25.65 -30.26
CA VAL CA 159 -70.72 25.46 -31.01
C VAL CA 159 -69.97 26.78 -31.06
N PRO CA 160 -68.66 26.79 -30.82
CA PRO CA 160 -67.92 28.06 -30.84
C PRO CA 160 -68.03 28.76 -32.18
N THR CA 161 -68.01 30.09 -32.12
CA THR CA 161 -68.19 30.91 -33.32
C THR CA 161 -66.96 31.01 -34.19
N ASP CA 162 -65.78 30.61 -33.70
CA ASP CA 162 -64.57 30.69 -34.48
C ASP CA 162 -64.27 29.34 -35.13
N SER CA 163 -63.38 29.38 -36.13
CA SER CA 163 -62.90 28.22 -36.88
C SER CA 163 -64.00 27.56 -37.71
N ARG CA 164 -65.18 28.15 -37.77
CA ARG CA 164 -66.23 27.62 -38.64
C ARG CA 164 -65.83 27.80 -40.09
N ARG CA 165 -66.13 26.81 -40.91
CA ARG CA 165 -65.79 26.86 -42.33
C ARG CA 165 -67.03 26.56 -43.17
N LEU CA 166 -67.21 27.35 -44.22
CA LEU CA 166 -68.34 27.21 -45.14
C LEU CA 166 -67.81 26.90 -46.53
N VAL CA 167 -68.09 25.69 -47.00
CA VAL CA 167 -67.66 25.24 -48.31
C VAL CA 167 -68.90 25.02 -49.16
N VAL CA 168 -68.98 25.71 -50.30
CA VAL CA 168 -70.15 25.65 -51.16
C VAL CA 168 -69.75 25.05 -52.50
N GLY CA 169 -70.71 24.42 -53.15
CA GLY CA 169 -70.51 23.90 -54.48
C GLY CA 169 -70.61 24.98 -55.52
N SER CA 170 -70.43 24.59 -56.78
CA SER CA 170 -70.50 25.55 -57.87
C SER CA 170 -71.88 26.19 -57.96
N ALA CA 171 -72.93 25.37 -57.88
CA ALA CA 171 -74.28 25.90 -58.04
C ALA CA 171 -74.66 26.83 -56.90
N VAL CA 172 -74.24 26.50 -55.68
CA VAL CA 172 -74.55 27.37 -54.54
C VAL CA 172 -73.85 28.71 -54.69
N ALA CA 173 -72.59 28.70 -55.11
CA ALA CA 173 -71.87 29.97 -55.30
C ALA CA 173 -72.52 30.79 -56.40
N ALA CA 174 -72.91 30.15 -57.50
CA ALA CA 174 -73.59 30.88 -58.56
C ALA CA 174 -74.92 31.45 -58.08
N ALA CA 175 -75.67 30.68 -57.30
CA ALA CA 175 -76.94 31.17 -56.79
C ALA CA 175 -76.74 32.35 -55.86
N LEU CA 176 -75.70 32.30 -55.02
CA LEU CA 176 -75.41 33.42 -54.14
C LEU CA 176 -75.07 34.66 -54.94
N ALA CA 177 -74.25 34.52 -55.98
CA ALA CA 177 -73.91 35.70 -56.78
C ALA CA 177 -75.11 36.20 -57.57
N LYS CA 178 -76.04 35.32 -57.90
CA LYS CA 178 -77.24 35.71 -58.64
C LYS CA 178 -78.30 36.36 -57.77
N ASP CA 179 -78.20 36.21 -56.45
CA ASP CA 179 -79.24 36.72 -55.56
C ASP CA 179 -79.32 38.23 -55.63
N LYS CA 180 -80.54 38.75 -55.66
CA LYS CA 180 -80.72 40.20 -55.67
C LYS CA 180 -80.26 40.83 -54.38
N GLN CA 181 -80.09 40.04 -53.32
CA GLN CA 181 -79.53 40.55 -52.08
C GLN CA 181 -78.09 41.00 -52.27
N PHE CA 182 -77.35 40.35 -53.17
CA PHE CA 182 -75.95 40.69 -53.39
C PHE CA 182 -75.72 41.47 -54.67
N ARG CA 183 -76.51 41.25 -55.71
CA ARG CA 183 -76.33 41.99 -56.95
C ARG CA 183 -76.71 43.45 -56.78
N HIS CA 184 -77.87 43.72 -56.18
CA HIS CA 184 -78.35 45.09 -56.03
C HIS CA 184 -77.52 45.80 -54.97
N ALA CA 185 -76.88 46.91 -55.37
CA ALA CA 185 -75.95 47.57 -54.46
C ALA CA 185 -76.67 48.27 -53.32
N ASP CA 186 -77.89 48.75 -53.56
CA ASP CA 186 -78.64 49.38 -52.49
C ASP CA 186 -78.96 48.39 -51.38
N TRP CA 187 -79.19 47.13 -51.74
CA TRP CA 187 -79.47 46.11 -50.75
C TRP CA 187 -78.23 45.48 -50.15
N SER CA 188 -77.14 45.40 -50.89
CA SER CA 188 -75.94 44.75 -50.40
C SER CA 188 -74.98 45.69 -49.69
N GLY CA 189 -75.06 46.97 -49.96
CA GLY CA 189 -74.17 47.94 -49.33
C GLY CA 189 -72.93 48.32 -50.09
N ASP CA 190 -72.19 47.33 -50.57
CA ASP CA 190 -70.93 47.62 -51.26
C ASP CA 190 -71.24 48.22 -52.63
N GLN CA 191 -71.04 49.52 -52.76
CA GLN CA 191 -71.30 50.18 -54.04
C GLN CA 191 -70.34 49.75 -55.12
N ALA CA 192 -69.19 49.17 -54.75
CA ALA CA 192 -68.31 48.58 -55.76
C ALA CA 192 -68.97 47.38 -56.43
N ASN CA 193 -69.89 46.73 -55.72
CA ASN CA 193 -70.71 45.65 -56.26
C ASN CA 193 -69.85 44.51 -56.81
N ALA CA 194 -69.09 43.90 -55.91
CA ALA CA 194 -68.25 42.77 -56.29
C ALA CA 194 -69.08 41.56 -56.71
N ALA CA 195 -70.34 41.49 -56.31
CA ALA CA 195 -71.18 40.36 -56.69
C ALA CA 195 -71.72 40.47 -58.10
N LEU CA 196 -71.52 41.59 -58.77
CA LEU CA 196 -71.96 41.78 -60.14
C LEU CA 196 -70.81 42.08 -61.09
N ARG CA 197 -69.89 42.96 -60.70
CA ARG CA 197 -68.71 43.21 -61.52
C ARG CA 197 -67.69 42.09 -61.43
N GLU CA 198 -67.75 41.26 -60.40
CA GLU CA 198 -66.78 40.19 -60.23
C GLU CA 198 -67.41 38.82 -60.02
N ALA CA 199 -68.72 38.74 -59.75
CA ALA CA 199 -69.42 37.48 -59.56
C ALA CA 199 -68.78 36.65 -58.45
N HIS CA 200 -68.64 37.27 -57.27
CA HIS CA 200 -67.94 36.64 -56.16
C HIS CA 200 -68.50 37.20 -54.86
N VAL CA 201 -69.27 36.40 -54.13
CA VAL CA 201 -69.91 36.89 -52.92
C VAL CA 201 -68.87 37.19 -51.84
N GLY CA 202 -67.97 36.24 -51.59
CA GLY CA 202 -66.88 36.49 -50.67
C GLY CA 202 -67.19 36.21 -49.21
N ARG CA 203 -68.00 37.05 -48.58
CA ARG CA 203 -68.34 36.90 -47.17
C ARG CA 203 -69.85 36.92 -47.01
N LEU CA 204 -70.34 36.14 -46.05
CA LEU CA 204 -71.79 35.97 -45.89
C LEU CA 204 -72.06 35.45 -44.49
N ALA CA 205 -72.74 36.25 -43.68
CA ALA CA 205 -73.17 35.85 -42.34
C ALA CA 205 -72.01 35.34 -41.50
N GLY CA 206 -71.01 36.19 -41.33
CA GLY CA 206 -69.91 35.90 -40.44
C GLY CA 206 -68.86 34.98 -41.04
N MET CA 207 -69.30 34.00 -41.81
CA MET CA 207 -68.44 32.99 -42.37
C MET CA 207 -68.04 33.34 -43.80
N ASN CA 208 -66.83 32.94 -44.19
CA ASN CA 208 -66.28 33.27 -45.49
C ASN CA 208 -66.54 32.12 -46.45
N VAL CA 209 -67.25 32.41 -47.54
CA VAL CA 209 -67.60 31.39 -48.51
C VAL CA 209 -66.35 30.87 -49.19
N ILE CA 210 -66.24 29.54 -49.33
CA ILE CA 210 -65.14 28.93 -50.07
C ILE CA 210 -65.75 28.01 -51.11
N ARG CA 211 -65.46 28.29 -52.38
CA ARG CA 211 -65.97 27.45 -53.45
C ARG CA 211 -65.20 26.15 -53.54
N SER CA 212 -65.85 25.13 -54.09
CA SER CA 212 -65.20 23.85 -54.30
C SER CA 212 -66.00 23.06 -55.33
N ASN CA 213 -65.32 22.12 -55.97
CA ASN CA 213 -65.95 21.23 -56.93
C ASN CA 213 -65.95 19.77 -56.48
N ALA CA 214 -65.32 19.46 -55.35
CA ALA CA 214 -65.37 18.10 -54.85
C ALA CA 214 -66.79 17.74 -54.40
N ILE CA 215 -67.43 18.63 -53.65
CA ILE CA 215 -68.78 18.40 -53.15
C ILE CA 215 -69.78 18.57 -54.29
N ALA CA 216 -71.01 18.16 -54.05
CA ALA CA 216 -72.04 18.29 -55.08
C ALA CA 216 -72.25 19.76 -55.41
N PRO CA 217 -72.64 20.07 -56.65
CA PRO CA 217 -72.75 21.48 -57.05
C PRO CA 217 -73.72 22.29 -56.23
N ASP CA 218 -74.83 21.71 -55.76
CA ASP CA 218 -75.87 22.44 -55.05
C ASP CA 218 -75.90 22.12 -53.57
N LYS CA 219 -74.74 21.89 -52.97
CA LYS CA 219 -74.63 21.63 -51.54
C LYS CA 219 -73.67 22.62 -50.91
N ALA CA 220 -73.99 23.05 -49.70
CA ALA CA 220 -73.15 23.95 -48.93
C ALA CA 220 -73.03 23.41 -47.52
N TYR CA 221 -71.81 23.10 -47.09
CA TYR CA 221 -71.57 22.52 -45.79
C TYR CA 221 -70.89 23.53 -44.89
N LEU CA 222 -71.42 23.71 -43.70
CA LEU CA 222 -70.84 24.63 -42.72
C LEU CA 222 -70.52 23.83 -41.47
N TRP CA 223 -69.24 23.80 -41.10
CA TRP CA 223 -68.86 22.93 -40.00
C TRP CA 223 -67.76 23.56 -39.17
N HIS CA 224 -67.79 23.28 -37.87
CA HIS CA 224 -66.74 23.69 -36.97
C HIS CA 224 -65.48 22.85 -37.20
N ARG CA 225 -64.36 23.34 -36.69
CA ARG CA 225 -63.09 22.65 -36.92
C ARG CA 225 -63.10 21.24 -36.40
N THR CA 226 -63.64 21.02 -35.21
CA THR CA 226 -63.64 19.71 -34.58
C THR CA 226 -64.78 18.82 -35.06
N ALA CA 227 -65.42 19.14 -36.19
CA ALA CA 227 -66.53 18.33 -36.65
C ALA CA 227 -66.06 17.04 -37.30
N PHE CA 228 -65.18 17.16 -38.30
CA PHE CA 228 -64.64 16.01 -39.00
C PHE CA 228 -63.15 15.89 -38.73
N ILE CA 229 -62.69 14.69 -38.41
CA ILE CA 229 -61.28 14.43 -38.13
C ILE CA 229 -60.80 13.36 -39.10
N LEU CA 230 -59.65 13.61 -39.72
CA LEU CA 230 -59.03 12.67 -40.65
C LEU CA 230 -57.64 12.35 -40.15
N ALA CA 231 -57.39 11.07 -39.87
CA ALA CA 231 -56.10 10.60 -39.41
C ALA CA 231 -55.40 9.88 -40.53
N TYR CA 232 -54.08 10.02 -40.58
CA TYR CA 232 -53.31 9.36 -41.62
C TYR CA 232 -51.99 8.85 -41.05
N ARG CA 233 -51.41 7.88 -41.76
CA ARG CA 233 -50.08 7.38 -41.46
C ARG CA 233 -49.35 7.12 -42.76
N THR CA 234 -48.10 7.55 -42.82
CA THR CA 234 -47.25 7.26 -43.95
C THR CA 234 -46.59 5.90 -43.74
N PRO CA 235 -46.83 4.92 -44.59
CA PRO CA 235 -46.26 3.60 -44.37
C PRO CA 235 -44.74 3.64 -44.41
N VAL CA 236 -44.11 2.78 -43.60
CA VAL CA 236 -42.67 2.67 -43.65
C VAL CA 236 -42.27 1.92 -44.91
N VAL CA 237 -41.09 2.24 -45.43
CA VAL CA 237 -40.63 1.59 -46.66
C VAL CA 237 -40.38 0.11 -46.40
N PRO CA 238 -40.85 -0.79 -47.26
CA PRO CA 238 -40.61 -2.22 -47.05
C PRO CA 238 -39.18 -2.60 -47.37
N GLU CA 239 -38.30 -2.54 -46.37
CA GLU CA 239 -36.87 -2.79 -46.56
C GLU CA 239 -36.60 -4.04 -47.41
N GLY CA 240 -37.54 -4.98 -47.46
CA GLY CA 240 -37.43 -6.07 -48.42
C GLY CA 240 -37.37 -5.60 -49.86
N ALA CA 241 -37.83 -4.40 -50.14
CA ALA CA 241 -37.72 -3.78 -51.46
C ALA CA 241 -36.91 -2.48 -51.33
N LYS CA 242 -36.82 -1.75 -52.43
CA LYS CA 242 -35.97 -0.56 -52.50
C LYS CA 242 -36.74 0.66 -52.01
N ALA CA 243 -36.00 1.62 -51.45
CA ALA CA 243 -36.57 2.86 -50.96
C ALA CA 243 -36.61 3.90 -52.07
N GLY CA 244 -37.03 5.11 -51.73
CA GLY CA 244 -37.14 6.16 -52.72
C GLY CA 244 -37.15 7.55 -52.12
N ALA CA 245 -37.75 8.48 -52.87
CA ALA CA 245 -37.76 9.89 -52.51
C ALA CA 245 -38.92 10.18 -51.55
N SER CA 246 -39.23 11.46 -51.36
CA SER CA 246 -40.28 11.89 -50.46
C SER CA 246 -41.21 12.88 -51.15
N PHE CA 247 -42.51 12.73 -50.92
CA PHE CA 247 -43.51 13.63 -51.48
C PHE CA 247 -44.61 13.86 -50.47
N SER CA 248 -45.32 14.97 -50.66
CA SER CA 248 -46.46 15.32 -49.82
C SER CA 248 -47.57 15.85 -50.71
N ALA CA 249 -48.80 15.41 -50.46
CA ALA CA 249 -49.97 15.80 -51.23
C ALA CA 249 -50.81 16.71 -50.35
N ASN CA 250 -50.49 18.00 -50.36
CA ASN CA 250 -51.18 19.01 -49.57
C ASN CA 250 -51.10 18.69 -48.07
N GLY CA 251 -49.87 18.67 -47.57
CA GLY CA 251 -49.65 18.44 -46.16
C GLY CA 251 -49.44 16.98 -45.80
N VAL CA 252 -50.41 16.14 -46.09
CA VAL CA 252 -50.28 14.71 -45.80
C VAL CA 252 -49.15 14.12 -46.63
N ALA CA 253 -48.19 13.50 -45.95
CA ALA CA 253 -47.04 12.94 -46.65
C ALA CA 253 -47.40 11.60 -47.26
N LEU CA 254 -46.57 11.14 -48.20
CA LEU CA 254 -46.83 9.91 -48.92
C LEU CA 254 -45.57 9.07 -48.99
N ARG CA 255 -45.75 7.75 -48.91
CA ARG CA 255 -44.64 6.82 -49.13
C ARG CA 255 -44.46 6.61 -50.62
N TRP CA 256 -43.26 6.85 -51.12
CA TRP CA 256 -42.91 6.52 -52.48
C TRP CA 256 -42.02 5.29 -52.49
N LEU CA 257 -42.34 4.34 -53.37
CA LEU CA 257 -41.75 3.02 -53.36
C LEU CA 257 -41.40 2.63 -54.78
N ALA CA 258 -40.31 1.87 -54.92
CA ALA CA 258 -39.93 1.31 -56.20
C ALA CA 258 -39.36 -0.07 -55.98
N ASP CA 259 -39.82 -1.05 -56.76
CA ASP CA 259 -39.38 -2.43 -56.62
C ASP CA 259 -39.28 -3.08 -58.00
N TYR CA 260 -38.05 -3.17 -58.52
CA TYR CA 260 -37.83 -3.79 -59.81
C TYR CA 260 -38.25 -5.25 -59.79
N ASP CA 261 -38.97 -5.66 -60.83
CA ASP CA 261 -39.48 -7.02 -60.94
C ASP CA 261 -38.65 -7.76 -61.99
N TYR CA 262 -37.67 -8.54 -61.52
CA TYR CA 262 -36.81 -9.28 -62.43
C TYR CA 262 -37.62 -10.29 -63.23
N SER CA 263 -38.59 -10.95 -62.59
CA SER CA 263 -39.39 -11.94 -63.29
C SER CA 263 -40.18 -11.35 -64.44
N GLN CA 264 -40.43 -10.05 -64.43
CA GLN CA 264 -41.12 -9.38 -65.52
C GLN CA 264 -40.25 -8.36 -66.23
N LEU CA 265 -38.96 -8.28 -65.88
CA LEU CA 265 -38.02 -7.33 -66.50
C LEU CA 265 -38.51 -5.89 -66.39
N GLY CA 266 -39.40 -5.60 -65.46
CA GLY CA 266 -40.01 -4.30 -65.39
C GLY CA 266 -40.00 -3.74 -63.99
N ASP CA 267 -39.89 -2.42 -63.91
CA ASP CA 267 -39.89 -1.72 -62.64
C ASP CA 267 -41.32 -1.39 -62.23
N ARG CA 268 -41.53 -1.29 -60.93
CA ARG CA 268 -42.83 -0.98 -60.36
C ARG CA 268 -42.67 0.14 -59.33
N THR CA 269 -43.57 1.11 -59.37
CA THR CA 269 -43.53 2.25 -58.48
C THR CA 269 -44.89 2.42 -57.81
N LEU CA 270 -44.86 2.94 -56.59
CA LEU CA 270 -46.07 3.08 -55.78
C LEU CA 270 -45.97 4.38 -54.99
N LEU CA 271 -47.12 5.01 -54.76
CA LEU CA 271 -47.19 6.22 -53.95
C LEU CA 271 -48.46 6.12 -53.11
N ASP CA 272 -48.33 5.98 -51.80
CA ASP CA 272 -49.49 5.59 -51.02
C ASP CA 272 -49.46 6.17 -49.62
N VAL CA 273 -50.57 5.97 -48.91
CA VAL CA 273 -50.77 6.44 -47.54
C VAL CA 273 -51.93 5.67 -46.94
N PHE CA 274 -51.98 5.59 -45.61
CA PHE CA 274 -53.10 4.97 -44.91
C PHE CA 274 -53.94 6.06 -44.26
N THR CA 275 -55.26 6.01 -44.47
CA THR CA 275 -56.14 7.07 -44.00
C THR CA 275 -57.35 6.48 -43.30
N GLY CA 276 -57.91 7.27 -42.39
CA GLY CA 276 -59.14 6.95 -41.70
C GLY CA 276 -59.91 8.19 -41.30
N ARG CA 277 -61.18 8.27 -41.66
CA ARG CA 277 -62.01 9.44 -41.41
C ARG CA 277 -62.98 9.17 -40.27
N LYS CA 278 -63.45 10.25 -39.64
CA LYS CA 278 -64.43 10.11 -38.58
C LYS CA 278 -65.19 11.43 -38.41
N VAL CA 279 -66.48 11.32 -38.13
CA VAL CA 279 -67.29 12.47 -37.77
C VAL CA 279 -67.41 12.48 -36.26
N VAL CA 280 -67.21 13.66 -35.65
CA VAL CA 280 -67.21 13.79 -34.21
C VAL CA 280 -68.64 14.04 -33.76
N THR CA 281 -69.31 12.98 -33.31
CA THR CA 281 -70.65 13.11 -32.76
C THR CA 281 -70.57 13.40 -31.28
N GLU CA 282 -71.70 13.86 -30.73
CA GLU CA 282 -71.76 14.25 -29.33
C GLU CA 282 -71.85 13.00 -28.45
N VAL CA 283 -72.00 13.21 -27.14
CA VAL CA 283 -72.04 12.10 -26.21
C VAL CA 283 -73.24 11.20 -26.51
N ASP CA 284 -74.41 11.80 -26.69
CA ASP CA 284 -75.63 11.04 -26.94
C ASP CA 284 -75.89 10.84 -28.42
N GLY CA 285 -74.86 10.44 -29.16
CA GLY CA 285 -74.99 10.04 -30.54
C GLY CA 285 -75.63 11.07 -31.46
N SER CA 286 -75.47 12.35 -31.15
CA SER CA 286 -76.09 13.42 -31.92
C SER CA 286 -75.01 14.22 -32.63
N PHE CA 287 -75.32 14.66 -33.84
CA PHE CA 287 -74.39 15.43 -34.66
C PHE CA 287 -74.91 16.86 -34.76
N VAL CA 288 -74.16 17.81 -34.20
CA VAL CA 288 -74.60 19.20 -34.17
C VAL CA 288 -73.48 20.13 -34.61
N ARG CA 289 -72.29 19.58 -34.83
CA ARG CA 289 -71.14 20.41 -35.18
C ARG CA 289 -71.08 20.75 -36.65
N ALA CA 290 -72.01 20.27 -37.46
CA ALA CA 290 -71.98 20.55 -38.89
C ALA CA 290 -73.40 20.60 -39.42
N VAL CA 291 -73.64 21.52 -40.36
CA VAL CA 291 -74.95 21.69 -40.95
C VAL CA 291 -74.83 21.66 -42.46
N GLU CA 292 -75.90 21.23 -43.11
CA GLU CA 292 -75.95 21.02 -44.55
C GLU CA 292 -77.04 21.88 -45.15
N LEU CA 293 -76.75 22.48 -46.30
CA LEU CA 293 -77.72 23.30 -47.00
C LEU CA 293 -77.79 22.85 -48.46
N GLN CA 294 -79.00 22.79 -49.00
CA GLN CA 294 -79.23 22.35 -50.37
C GLN CA 294 -80.18 23.32 -51.06
N LEU CA 295 -79.83 23.70 -52.29
CA LEU CA 295 -80.68 24.61 -53.05
C LEU CA 295 -82.01 23.96 -53.37
N GLN CA 296 -83.09 24.73 -53.28
CA GLN CA 296 -84.38 24.25 -53.72
C GLN CA 296 -84.41 24.15 -55.25
N ALA CA 297 -85.38 23.41 -55.76
CA ALA CA 297 -85.58 23.25 -57.19
C ALA CA 297 -87.06 23.40 -57.50
N SER CA 298 -87.41 24.50 -58.17
CA SER CA 298 -88.82 24.75 -58.48
C SER CA 298 -89.33 23.85 -59.60
N SER CA 299 -88.50 23.59 -60.60
CA SER CA 299 -88.90 22.77 -61.74
C SER CA 299 -87.65 22.29 -62.45
N ILE CA 300 -87.83 21.42 -63.44
CA ILE CA 300 -86.75 20.89 -64.24
C ILE CA 300 -87.12 20.98 -65.71
N THR CA 301 -86.11 20.88 -66.56
CA THR CA 301 -86.29 20.93 -68.00
C THR CA 301 -85.32 19.95 -68.65
N ILE CA 302 -85.70 19.50 -69.84
CA ILE CA 302 -84.85 18.64 -70.67
C ILE CA 302 -84.07 19.54 -71.61
N VAL CA 303 -82.75 19.37 -71.65
CA VAL CA 303 -81.93 20.22 -72.50
C VAL CA 303 -82.21 19.89 -73.96
N GLY CA 304 -82.35 20.93 -74.78
CA GLY CA 304 -82.55 20.77 -76.19
C GLY CA 304 -83.99 20.60 -76.64
N GLY CA 305 -84.93 20.49 -75.70
CA GLY CA 305 -86.32 20.36 -76.07
C GLY CA 305 -86.57 19.10 -76.88
N ALA CA 306 -87.57 19.15 -77.75
CA ALA CA 306 -87.90 18.03 -78.61
C ALA CA 306 -86.78 17.76 -79.59
N PHE CA 307 -86.66 16.51 -80.01
CA PHE CA 307 -85.56 16.11 -80.87
C PHE CA 307 -85.98 14.90 -81.69
N ALA CA 308 -85.19 14.62 -82.73
CA ALA CA 308 -85.39 13.45 -83.57
C ALA CA 308 -84.11 12.63 -83.58
N LEU CA 309 -84.24 11.32 -83.38
CA LEU CA 309 -83.08 10.46 -83.38
C LEU CA 309 -82.51 10.32 -84.80
N ALA CA 310 -81.22 9.99 -84.86
CA ALA CA 310 -80.60 9.74 -86.16
C ALA CA 310 -81.19 8.50 -86.81
N THR CA 311 -81.43 7.45 -86.03
CA THR CA 311 -82.03 6.22 -86.53
C THR CA 311 -82.67 5.50 -85.35
N THR CA 312 -83.41 4.44 -85.66
CA THR CA 312 -84.06 3.68 -84.60
C THR CA 312 -83.04 3.10 -83.63
N THR CA 313 -81.96 2.53 -84.15
CA THR CA 313 -80.91 2.00 -83.31
C THR CA 313 -80.10 3.09 -82.61
N GLY CA 314 -80.28 4.35 -83.01
CA GLY CA 314 -79.50 5.42 -82.41
C GLY CA 314 -79.89 5.67 -80.96
N THR CA 315 -78.87 5.81 -80.11
CA THR CA 315 -79.07 6.04 -78.69
C THR CA 315 -78.67 7.47 -78.37
N LYS CA 316 -79.55 8.20 -77.68
CA LYS CA 316 -79.32 9.58 -77.30
C LYS CA 316 -79.28 9.69 -75.78
N GLN CA 317 -78.24 10.30 -75.24
CA GLN CA 317 -78.12 10.48 -73.79
C GLN CA 317 -78.80 11.78 -73.40
N LEU CA 318 -79.78 11.69 -72.52
CA LEU CA 318 -80.49 12.88 -72.09
C LEU CA 318 -79.71 13.63 -71.02
N LYS CA 319 -80.19 14.82 -70.69
CA LYS CA 319 -79.62 15.62 -69.62
C LYS CA 319 -80.70 16.56 -69.10
N VAL CA 320 -80.96 16.50 -67.81
CA VAL CA 320 -82.04 17.27 -67.18
C VAL CA 320 -81.41 18.33 -66.29
N ARG CA 321 -81.86 19.57 -66.45
CA ARG CA 321 -81.35 20.69 -65.69
C ARG CA 321 -82.50 21.36 -64.95
N ASP CA 322 -82.32 21.60 -63.66
CA ASP CA 322 -83.35 22.25 -62.87
C ASP CA 322 -83.30 23.76 -63.12
N ASP CA 323 -84.11 24.52 -62.38
CA ASP CA 323 -84.18 25.96 -62.61
C ASP CA 323 -82.89 26.68 -62.28
N ASN CA 324 -81.99 26.06 -61.51
CA ASN CA 324 -80.72 26.66 -61.18
C ASN CA 324 -79.59 26.24 -62.11
N GLY CA 325 -79.90 25.48 -63.16
CA GLY CA 325 -78.89 25.04 -64.09
C GLY CA 325 -78.11 23.82 -63.64
N THR CA 326 -78.39 23.27 -62.47
CA THR CA 326 -77.66 22.10 -62.00
C THR CA 326 -78.00 20.89 -62.87
N ASP CA 327 -76.99 20.07 -63.14
CA ASP CA 327 -77.19 18.84 -63.90
C ASP CA 327 -77.75 17.78 -62.97
N VAL CA 328 -79.04 17.51 -63.08
CA VAL CA 328 -79.72 16.60 -62.19
C VAL CA 328 -80.11 15.31 -62.92
N THR CA 329 -79.38 14.96 -63.98
CA THR CA 329 -79.70 13.76 -64.75
C THR CA 329 -79.58 12.52 -63.91
N ALA CA 330 -78.53 12.43 -63.08
CA ALA CA 330 -78.32 11.23 -62.27
C ALA CA 330 -79.46 11.01 -61.30
N ARG CA 331 -79.94 12.06 -60.65
CA ARG CA 331 -80.98 11.95 -59.64
C ARG CA 331 -82.35 12.17 -60.25
N CYS CA 332 -82.70 11.33 -61.21
CA CYS CA 332 -83.96 11.49 -61.94
C CYS CA 332 -84.50 10.12 -62.32
N THR CA 333 -85.80 10.08 -62.60
CA THR CA 333 -86.48 8.87 -63.02
C THR CA 333 -87.10 9.11 -64.39
N PHE CA 334 -86.73 8.30 -65.36
CA PHE CA 334 -87.18 8.48 -66.74
C PHE CA 334 -88.25 7.44 -67.07
N ALA CA 335 -89.36 7.91 -67.64
CA ALA CA 335 -90.44 7.03 -68.07
C ALA CA 335 -90.77 7.32 -69.52
N SER CA 336 -90.75 6.28 -70.34
CA SER CA 336 -91.16 6.40 -71.73
C SER CA 336 -92.65 6.11 -71.83
N SER CA 337 -93.41 7.07 -72.36
CA SER CA 337 -94.85 6.90 -72.44
C SER CA 337 -95.22 5.73 -73.35
N ALA CA 338 -94.54 5.61 -74.48
CA ALA CA 338 -94.79 4.56 -75.46
C ALA CA 338 -93.55 3.68 -75.52
N GLY CA 339 -93.53 2.65 -74.68
CA GLY CA 339 -92.40 1.72 -74.68
C GLY CA 339 -92.26 0.97 -75.99
N THR CA 340 -93.37 0.67 -76.65
CA THR CA 340 -93.35 -0.03 -77.93
C THR CA 340 -92.81 0.84 -79.05
N LYS CA 341 -92.65 2.14 -78.82
CA LYS CA 341 -92.13 3.06 -79.83
C LYS CA 341 -90.70 3.48 -79.55
N ALA CA 342 -90.41 3.92 -78.33
CA ALA CA 342 -89.06 4.28 -77.94
C ALA CA 342 -88.91 4.02 -76.45
N THR CA 343 -87.75 3.50 -76.05
CA THR CA 343 -87.49 3.14 -74.67
C THR CA 343 -86.33 3.97 -74.12
N VAL CA 344 -86.40 4.27 -72.83
CA VAL CA 344 -85.39 5.07 -72.15
C VAL CA 344 -85.01 4.34 -70.86
N SER CA 345 -83.70 4.27 -70.60
CA SER CA 345 -83.19 3.59 -69.42
C SER CA 345 -83.29 4.52 -68.22
N ALA CA 346 -82.68 4.12 -67.10
CA ALA CA 346 -82.61 4.99 -65.93
C ALA CA 346 -81.54 6.05 -66.06
N ALA CA 347 -80.60 5.91 -66.99
CA ALA CA 347 -79.56 6.90 -67.22
C ALA CA 347 -79.92 7.89 -68.31
N GLY CA 348 -81.12 7.81 -68.86
CA GLY CA 348 -81.54 8.73 -69.89
C GLY CA 348 -81.17 8.34 -71.30
N LEU CA 349 -80.73 7.11 -71.52
CA LEU CA 349 -80.35 6.65 -72.86
C LEU CA 349 -81.61 6.29 -73.63
N VAL CA 350 -82.12 7.25 -74.40
CA VAL CA 350 -83.30 7.05 -75.22
C VAL CA 350 -82.91 6.25 -76.45
N THR CA 351 -83.63 5.16 -76.70
CA THR CA 351 -83.41 4.32 -77.87
C THR CA 351 -84.76 4.05 -78.53
N GLY CA 352 -84.79 4.11 -79.85
CA GLY CA 352 -86.04 3.92 -80.57
C GLY CA 352 -86.25 2.49 -81.05
N VAL CA 353 -87.10 1.75 -80.35
CA VAL CA 353 -87.39 0.38 -80.77
C VAL CA 353 -88.16 0.37 -82.08
N ALA CA 354 -89.06 1.33 -82.27
CA ALA CA 354 -89.87 1.42 -83.48
C ALA CA 354 -89.86 2.86 -83.99
N ALA CA 355 -90.21 3.02 -85.26
CA ALA CA 355 -90.24 4.33 -85.90
C ALA CA 355 -91.61 4.97 -85.67
N GLY CA 356 -91.61 6.13 -85.04
CA GLY CA 356 -92.85 6.84 -84.76
C GLY CA 356 -92.61 7.89 -83.70
N THR CA 357 -93.72 8.45 -83.22
CA THR CA 357 -93.70 9.51 -82.22
C THR CA 357 -93.92 8.93 -80.83
N ALA CA 358 -93.04 9.27 -79.91
CA ALA CA 358 -93.11 8.81 -78.53
C ALA CA 358 -92.86 10.00 -77.60
N ASP CA 359 -93.16 9.80 -76.32
CA ASP CA 359 -92.98 10.83 -75.31
C ASP CA 359 -92.13 10.28 -74.17
N ILE CA 360 -91.19 11.10 -73.70
CA ILE CA 360 -90.31 10.75 -72.59
C ILE CA 360 -90.51 11.79 -71.50
N THR CA 361 -90.76 11.33 -70.28
CA THR CA 361 -90.99 12.23 -69.15
C THR CA 361 -90.00 11.93 -68.05
N ALA CA 362 -89.33 12.97 -67.56
CA ALA CA 362 -88.36 12.85 -66.49
C ALA CA 362 -88.95 13.45 -65.23
N SER CA 363 -88.97 12.67 -64.16
CA SER CA 363 -89.51 13.09 -62.87
C SER CA 363 -88.39 13.17 -61.85
N TYR CA 364 -88.34 14.28 -61.12
CA TYR CA 364 -87.29 14.54 -60.15
C TYR CA 364 -87.93 15.00 -58.85
N VAL CA 365 -87.60 14.32 -57.76
CA VAL CA 365 -88.12 14.69 -56.44
C VAL CA 365 -87.27 15.84 -55.90
N PRO CA 366 -87.85 17.00 -55.63
CA PRO CA 366 -87.05 18.15 -55.24
C PRO CA 366 -86.44 17.95 -53.87
N PRO CA 367 -85.36 18.67 -53.55
CA PRO CA 367 -84.78 18.56 -52.21
C PRO CA 367 -85.76 18.90 -51.11
N GLN CA 368 -86.68 19.83 -51.35
CA GLN CA 368 -87.69 20.13 -50.35
C GLN CA 368 -88.73 19.03 -50.22
N GLY CA 369 -88.72 18.04 -51.10
CA GLY CA 369 -89.66 16.97 -51.03
C GLY CA 369 -91.02 17.35 -51.60
N GLY CA 370 -91.97 16.43 -51.43
CA GLY CA 370 -93.31 16.64 -51.90
C GLY CA 370 -93.54 16.12 -53.31
N THR CA 371 -94.44 16.76 -54.04
CA THR CA 371 -94.76 16.31 -55.38
C THR CA 371 -93.55 16.48 -56.29
N ALA CA 372 -93.20 15.43 -57.02
CA ALA CA 372 -92.05 15.47 -57.89
C ALA CA 372 -92.33 16.35 -59.11
N LYS CA 373 -91.29 17.04 -59.57
CA LYS CA 373 -91.40 17.90 -60.75
C LYS CA 373 -91.12 17.08 -61.99
N THR CA 374 -91.96 17.25 -63.01
CA THR CA 374 -91.88 16.47 -64.23
C THR CA 374 -91.64 17.37 -65.43
N ALA CA 375 -90.75 16.94 -66.31
CA ALA CA 375 -90.50 17.63 -67.57
C ALA CA 375 -90.66 16.62 -68.70
N THR CA 376 -91.44 16.98 -69.71
CA THR CA 376 -91.75 16.09 -70.80
C THR CA 376 -91.01 16.51 -72.07
N VAL CA 377 -90.88 15.56 -72.99
CA VAL CA 377 -90.22 15.80 -74.26
C VAL CA 377 -90.79 14.83 -75.28
N THR CA 378 -90.83 15.27 -76.54
CA THR CA 378 -91.39 14.48 -77.63
C THR CA 378 -90.27 14.05 -78.56
N VAL CA 379 -90.18 12.75 -78.83
CA VAL CA 379 -89.14 12.19 -79.68
C VAL CA 379 -89.81 11.58 -80.91
N THR CA 380 -89.19 11.78 -82.07
CA THR CA 380 -89.68 11.23 -83.33
C THR CA 380 -88.61 10.31 -83.89
N VAL CA 381 -88.73 9.02 -83.59
CA VAL CA 381 -87.75 8.03 -84.01
C VAL CA 381 -87.98 7.70 -85.49
N PRO CA 382 -86.95 7.76 -86.35
CA PRO CA 382 -87.08 7.45 -87.77
C PRO CA 382 -86.93 5.94 -88.04
N ALA DA 2 -84.54 77.78 -126.26
CA ALA DA 2 -84.03 78.55 -125.13
C ALA DA 2 -82.51 78.62 -125.19
N HIS DA 3 -81.90 78.99 -124.06
CA HIS DA 3 -80.45 79.09 -123.95
C HIS DA 3 -79.89 77.73 -123.58
N ILE DA 4 -78.95 77.24 -124.37
CA ILE DA 4 -78.29 75.96 -124.13
C ILE DA 4 -76.84 76.24 -123.76
N PHE DA 5 -76.40 75.66 -122.64
CA PHE DA 5 -75.03 75.85 -122.17
C PHE DA 5 -74.35 74.50 -122.05
N VAL DA 6 -73.07 74.46 -122.43
CA VAL DA 6 -72.27 73.25 -122.33
C VAL DA 6 -71.46 73.33 -121.05
N LYS DA 7 -71.66 72.38 -120.16
CA LYS DA 7 -71.05 72.43 -118.85
C LYS DA 7 -70.29 71.13 -118.56
N PRO DA 8 -69.16 71.21 -117.88
CA PRO DA 8 -68.40 70.00 -117.60
C PRO DA 8 -69.10 69.14 -116.56
N GLU DA 9 -68.88 67.83 -116.67
CA GLU DA 9 -69.20 66.94 -115.57
C GLU DA 9 -68.29 67.26 -114.39
N LEU DA 10 -68.82 67.16 -113.18
CA LEU DA 10 -68.04 67.50 -111.99
C LEU DA 10 -68.13 66.38 -110.98
N VAL DA 11 -66.99 66.01 -110.41
CA VAL DA 11 -66.90 64.95 -109.42
C VAL DA 11 -66.12 65.48 -108.23
N ALA DA 12 -66.65 65.26 -107.02
CA ALA DA 12 -66.00 65.75 -105.82
C ALA DA 12 -65.99 64.66 -104.76
N GLU DA 13 -65.05 64.79 -103.83
CA GLU DA 13 -64.93 63.90 -102.68
C GLU DA 13 -65.24 64.70 -101.41
N ILE DA 14 -66.20 64.21 -100.63
CA ILE DA 14 -66.57 64.90 -99.41
C ILE DA 14 -66.50 63.97 -98.22
N GLY DA 15 -65.71 62.91 -98.34
CA GLY DA 15 -65.56 61.97 -97.25
C GLY DA 15 -66.67 60.97 -97.10
N VAL DA 16 -67.67 61.01 -97.96
CA VAL DA 16 -68.70 59.99 -97.95
C VAL DA 16 -68.13 58.71 -98.55
N LYS DA 17 -68.18 57.63 -97.79
CA LYS DA 17 -67.61 56.37 -98.22
C LYS DA 17 -68.57 55.26 -97.82
N GLN DA 18 -68.10 54.02 -97.89
CA GLN DA 18 -68.89 52.87 -97.47
C GLN DA 18 -68.50 52.54 -96.03
N LEU DA 19 -69.50 52.44 -95.16
CA LEU DA 19 -69.24 52.19 -93.75
C LEU DA 19 -68.84 50.74 -93.54
N GLN DA 20 -67.74 50.53 -92.82
CA GLN DA 20 -67.16 49.21 -92.69
C GLN DA 20 -66.83 48.91 -91.23
N ARG DA 21 -66.79 47.62 -90.92
CA ARG DA 21 -66.59 47.15 -89.56
C ARG DA 21 -65.20 47.50 -89.05
N GLU DA 22 -65.12 47.76 -87.75
CA GLU DA 22 -63.83 47.94 -87.08
C GLU DA 22 -63.22 46.58 -86.77
N ILE DA 23 -61.94 46.43 -87.07
CA ILE DA 23 -61.25 45.16 -86.88
C ILE DA 23 -60.95 44.98 -85.40
N VAL DA 24 -61.60 44.00 -84.77
CA VAL DA 24 -61.39 43.75 -83.35
C VAL DA 24 -61.04 42.31 -83.04
N LEU DA 25 -61.41 41.34 -83.86
CA LEU DA 25 -61.24 39.93 -83.55
C LEU DA 25 -59.80 39.43 -83.66
N PRO DA 26 -59.05 39.74 -84.72
CA PRO DA 26 -57.73 39.11 -84.89
C PRO DA 26 -56.76 39.39 -83.77
N GLY DA 27 -56.96 40.46 -83.00
CA GLY DA 27 -56.07 40.72 -81.89
C GLY DA 27 -56.36 39.96 -80.63
N LEU DA 28 -57.39 39.11 -80.62
CA LEU DA 28 -57.81 38.42 -79.41
C LEU DA 28 -57.47 36.94 -79.40
N VAL DA 29 -57.61 36.24 -80.52
CA VAL DA 29 -57.39 34.80 -80.53
C VAL DA 29 -55.90 34.49 -80.41
N TRP DA 30 -55.63 33.22 -80.11
CA TRP DA 30 -54.26 32.76 -79.97
C TRP DA 30 -53.60 32.64 -81.33
N THR DA 31 -52.58 33.44 -81.59
CA THR DA 31 -51.95 33.51 -82.89
C THR DA 31 -50.53 32.96 -82.82
N ASN DA 32 -50.22 32.03 -83.73
CA ASN DA 32 -48.89 31.49 -83.93
C ASN DA 32 -48.24 30.98 -82.65
N PRO DA 33 -48.77 29.92 -82.04
CA PRO DA 33 -47.97 29.22 -81.04
C PRO DA 33 -47.08 28.19 -81.72
N LEU DA 34 -47.47 27.81 -82.93
CA LEU DA 34 -46.76 26.84 -83.75
C LEU DA 34 -46.31 27.52 -85.04
N THR DA 35 -45.02 27.47 -85.32
CA THR DA 35 -44.47 28.20 -86.46
C THR DA 35 -43.87 27.28 -87.50
N ASP DA 36 -43.08 26.29 -87.10
CA ASP DA 36 -42.34 25.46 -88.04
C ASP DA 36 -43.28 24.46 -88.71
N PHE DA 37 -44.19 25.00 -89.52
CA PHE DA 37 -45.12 24.13 -90.25
C PHE DA 37 -44.42 23.44 -91.41
N GLY DA 38 -43.37 24.04 -91.95
CA GLY DA 38 -42.47 23.29 -92.80
C GLY DA 38 -41.68 22.29 -91.98
N GLY DA 39 -41.13 21.30 -92.67
CA GLY DA 39 -40.46 20.23 -91.93
C GLY DA 39 -41.40 19.44 -91.06
N SER DA 40 -42.58 19.12 -91.56
CA SER DA 40 -43.53 18.28 -90.85
C SER DA 40 -44.49 17.68 -91.86
N LYS DA 41 -44.68 16.37 -91.81
CA LYS DA 41 -45.47 15.70 -92.82
C LYS DA 41 -46.90 16.23 -92.85
N ASN DA 42 -47.41 16.45 -94.06
CA ASN DA 42 -48.75 16.95 -94.28
C ASN DA 42 -48.99 18.31 -93.63
N ASP DA 43 -47.93 19.08 -93.42
CA ASP DA 43 -48.02 20.44 -92.90
C ASP DA 43 -48.75 20.49 -91.57
N THR DA 44 -48.53 19.47 -90.74
CA THR DA 44 -49.25 19.31 -89.48
C THR DA 44 -48.26 19.17 -88.34
N ILE DA 45 -48.49 19.91 -87.26
CA ILE DA 45 -47.76 19.76 -86.02
C ILE DA 45 -48.70 19.07 -85.04
N THR DA 46 -48.28 17.94 -84.51
CA THR DA 46 -49.14 17.15 -83.64
C THR DA 46 -48.84 17.55 -82.20
N VAL DA 47 -49.58 18.54 -81.70
CA VAL DA 47 -49.43 18.97 -80.33
C VAL DA 47 -49.80 17.83 -79.40
N ARG DA 48 -48.99 17.63 -78.36
CA ARG DA 48 -49.25 16.57 -77.40
C ARG DA 48 -49.78 17.17 -76.10
N VAL DA 49 -50.64 16.40 -75.45
CA VAL DA 49 -51.27 16.75 -74.18
C VAL DA 49 -50.83 15.69 -73.16
N PRO DA 50 -50.21 16.08 -72.05
CA PRO DA 50 -49.62 15.11 -71.14
C PRO DA 50 -50.67 14.20 -70.50
N ALA DA 51 -50.22 13.01 -70.12
CA ALA DA 51 -51.10 12.02 -69.53
C ALA DA 51 -51.46 12.37 -68.10
N ILE DA 52 -52.60 11.86 -67.65
CA ILE DA 52 -53.03 11.94 -66.27
C ILE DA 52 -53.44 10.54 -65.83
N THR DA 53 -53.39 10.32 -64.53
CA THR DA 53 -53.67 9.01 -63.95
C THR DA 53 -54.65 9.15 -62.80
N THR DA 54 -55.18 8.00 -62.38
CA THR DA 54 -56.14 7.93 -61.29
C THR DA 54 -55.62 7.00 -60.20
N ALA DA 55 -55.78 7.43 -58.95
CA ALA DA 55 -55.41 6.60 -57.82
C ALA DA 55 -56.53 5.62 -57.49
N ASN DA 56 -56.22 4.66 -56.63
CA ASN DA 56 -57.17 3.64 -56.24
C ASN DA 56 -57.25 3.54 -54.72
N ARG DA 57 -58.43 3.16 -54.24
CA ARG DA 57 -58.66 2.94 -52.82
C ARG DA 57 -58.65 1.45 -52.56
N ARG DA 58 -57.65 0.97 -51.82
CA ARG DA 58 -57.61 -0.41 -51.37
C ARG DA 58 -57.96 -0.45 -49.90
N ASP DA 59 -58.96 -1.25 -49.55
CA ASP DA 59 -59.35 -1.38 -48.16
C ASP DA 59 -58.19 -1.95 -47.36
N LEU DA 60 -57.84 -1.29 -46.27
CA LEU DA 60 -56.74 -1.76 -45.45
C LEU DA 60 -57.14 -3.07 -44.78
N ARG DA 61 -56.16 -3.97 -44.63
CA ARG DA 61 -56.39 -5.32 -44.13
C ARG DA 61 -57.39 -6.06 -45.01
N ASP DA 62 -56.99 -6.26 -46.26
CA ASP DA 62 -57.78 -6.91 -47.29
C ASP DA 62 -57.23 -8.32 -47.57
N PRO DA 63 -58.10 -9.27 -47.93
CA PRO DA 63 -57.61 -10.63 -48.22
C PRO DA 63 -56.56 -10.67 -49.31
N ASP DA 64 -56.91 -10.16 -50.50
CA ASP DA 64 -55.98 -10.13 -51.63
C ASP DA 64 -55.43 -8.73 -51.76
N ARG DA 65 -54.11 -8.61 -51.61
CA ARG DA 65 -53.42 -7.33 -51.71
C ARG DA 65 -53.20 -6.90 -53.15
N THR DA 66 -53.96 -7.45 -54.09
CA THR DA 66 -53.81 -7.08 -55.50
C THR DA 66 -53.99 -5.59 -55.67
N VAL DA 67 -53.03 -4.95 -56.35
CA VAL DA 67 -53.05 -3.52 -56.58
C VAL DA 67 -53.28 -3.30 -58.07
N ILE DA 68 -54.28 -2.50 -58.40
CA ILE DA 68 -54.59 -2.22 -59.79
C ILE DA 68 -53.64 -1.13 -60.29
N ALA DA 69 -52.81 -1.49 -61.26
CA ALA DA 69 -51.85 -0.56 -61.81
C ALA DA 69 -52.55 0.40 -62.75
N SER DA 70 -52.50 1.69 -62.43
CA SER DA 70 -53.09 2.69 -63.31
C SER DA 70 -52.20 2.88 -64.55
N GLU DA 71 -52.73 3.63 -65.51
CA GLU DA 71 -52.07 3.76 -66.80
C GLU DA 71 -51.94 5.24 -67.17
N LEU DA 72 -50.91 5.54 -67.95
CA LEU DA 72 -50.65 6.89 -68.44
C LEU DA 72 -50.84 6.90 -69.95
N VAL DA 73 -51.80 7.67 -70.41
CA VAL DA 73 -52.15 7.73 -71.83
C VAL DA 73 -52.05 9.18 -72.27
N GLU DA 74 -50.92 9.55 -72.85
CA GLU DA 74 -50.77 10.88 -73.42
C GLU DA 74 -51.61 11.00 -74.68
N HIS DA 75 -52.14 12.19 -74.92
CA HIS DA 75 -53.03 12.39 -76.05
C HIS DA 75 -52.42 13.40 -77.01
N SER DA 76 -53.06 13.59 -78.16
CA SER DA 76 -52.49 14.48 -79.16
C SER DA 76 -53.58 14.99 -80.09
N PHE DA 77 -53.27 16.08 -80.76
CA PHE DA 77 -54.13 16.61 -81.81
C PHE DA 77 -53.29 17.45 -82.76
N GLY DA 78 -53.66 17.43 -84.04
CA GLY DA 78 -52.85 18.04 -85.07
C GLY DA 78 -53.37 19.41 -85.50
N VAL DA 79 -52.47 20.37 -85.53
CA VAL DA 79 -52.75 21.72 -86.05
C VAL DA 79 -52.05 21.83 -87.40
N THR DA 80 -52.81 22.23 -88.41
CA THR DA 80 -52.33 22.15 -89.79
C THR DA 80 -52.64 23.44 -90.55
N LEU DA 81 -51.83 23.68 -91.57
CA LEU DA 81 -52.05 24.78 -92.51
C LEU DA 81 -52.94 24.29 -93.63
N ASP DA 82 -54.06 24.97 -93.84
CA ASP DA 82 -55.02 24.50 -94.82
C ASP DA 82 -55.39 25.54 -95.87
N LYS DA 83 -55.58 26.79 -95.49
CA LYS DA 83 -56.12 27.78 -96.41
C LYS DA 83 -55.02 28.70 -96.94
N HIS DA 84 -55.29 29.26 -98.11
CA HIS DA 84 -54.40 30.22 -98.77
C HIS DA 84 -55.27 31.43 -99.11
N VAL DA 85 -55.26 32.43 -98.25
CA VAL DA 85 -56.11 33.59 -98.42
C VAL DA 85 -55.41 34.58 -99.34
N TYR DA 86 -56.08 34.97 -100.42
CA TYR DA 86 -55.47 35.83 -101.42
C TYR DA 86 -56.45 36.91 -101.85
N ALA DA 87 -55.90 37.87 -102.61
CA ALA DA 87 -56.69 38.88 -103.28
C ALA DA 87 -55.91 39.27 -104.53
N ALA DA 88 -56.48 39.01 -105.70
CA ALA DA 88 -55.78 39.16 -106.96
C ALA DA 88 -56.56 40.06 -107.90
N LEU DA 89 -55.82 40.87 -108.67
CA LEU DA 89 -56.41 41.81 -109.61
C LEU DA 89 -55.66 41.72 -110.93
N LYS DA 90 -56.34 42.10 -112.00
CA LYS DA 90 -55.69 42.22 -113.30
C LYS DA 90 -56.18 43.49 -113.99
N PHE DA 91 -55.23 44.31 -114.44
CA PHE DA 91 -55.52 45.56 -115.13
C PHE DA 91 -54.90 45.53 -116.50
N THR DA 92 -55.68 45.81 -117.53
CA THR DA 92 -55.09 45.94 -118.85
C THR DA 92 -54.21 47.18 -118.91
N ASP DA 93 -53.39 47.27 -119.97
CA ASP DA 93 -52.56 48.45 -120.14
C ASP DA 93 -53.40 49.70 -120.27
N GLU DA 94 -54.54 49.60 -120.97
CA GLU DA 94 -55.43 50.73 -121.10
C GLU DA 94 -55.96 51.17 -119.75
N GLN DA 95 -56.34 50.23 -118.90
CA GLN DA 95 -56.88 50.58 -117.59
C GLN DA 95 -55.78 51.10 -116.68
N ARG DA 96 -54.58 50.55 -116.77
CA ARG DA 96 -53.48 51.02 -115.95
C ARG DA 96 -53.07 52.44 -116.34
N THR DA 97 -53.10 52.75 -117.63
CA THR DA 97 -52.70 54.07 -118.07
C THR DA 97 -53.76 55.12 -117.77
N LEU DA 98 -55.03 54.79 -117.99
CA LEU DA 98 -56.11 55.78 -117.95
C LEU DA 98 -56.98 55.68 -116.71
N ASP DA 99 -57.52 54.51 -116.39
CA ASP DA 99 -58.43 54.41 -115.25
C ASP DA 99 -57.72 54.72 -113.95
N ILE DA 100 -56.51 54.20 -113.77
CA ILE DA 100 -55.81 54.34 -112.50
C ILE DA 100 -55.13 55.70 -112.44
N ARG DA 101 -55.39 56.45 -111.36
CA ARG DA 101 -54.74 57.72 -111.12
C ARG DA 101 -53.69 57.64 -110.03
N ASP DA 102 -54.05 57.12 -108.85
CA ASP DA 102 -53.11 56.91 -107.75
C ASP DA 102 -53.14 55.43 -107.40
N TYR DA 103 -52.09 54.70 -107.80
CA TYR DA 103 -52.11 53.25 -107.68
C TYR DA 103 -52.17 52.82 -106.22
N THR DA 104 -51.37 53.43 -105.35
CA THR DA 104 -51.32 52.99 -103.96
C THR DA 104 -52.65 53.20 -103.26
N LYS DA 105 -53.26 54.36 -103.44
CA LYS DA 105 -54.51 54.65 -102.75
C LYS DA 105 -55.70 53.92 -103.37
N GLN DA 106 -55.65 53.66 -104.67
CA GLN DA 106 -56.79 53.11 -105.38
C GLN DA 106 -56.72 51.59 -105.56
N VAL DA 107 -55.57 50.97 -105.36
CA VAL DA 107 -55.44 49.55 -105.60
C VAL DA 107 -54.86 48.82 -104.39
N LEU DA 108 -53.69 49.27 -103.92
CA LEU DA 108 -53.03 48.54 -102.85
C LEU DA 108 -53.81 48.62 -101.54
N MET DA 109 -54.28 49.81 -101.18
CA MET DA 109 -55.03 49.95 -99.93
C MET DA 109 -56.34 49.17 -99.95
N PRO DA 110 -57.18 49.23 -100.99
CA PRO DA 110 -58.36 48.36 -101.00
C PRO DA 110 -58.01 46.89 -100.94
N GLN DA 111 -56.91 46.47 -101.57
CA GLN DA 111 -56.52 45.06 -101.53
C GLN DA 111 -56.16 44.64 -100.11
N VAL DA 112 -55.35 45.45 -99.43
CA VAL DA 112 -54.95 45.11 -98.07
C VAL DA 112 -56.15 45.10 -97.15
N SER DA 113 -57.07 46.07 -97.32
CA SER DA 113 -58.28 46.08 -96.51
C SER DA 113 -59.12 44.83 -96.75
N ALA DA 114 -59.23 44.41 -98.01
CA ALA DA 114 -60.00 43.22 -98.33
C ALA DA 114 -59.42 41.99 -97.67
N VAL DA 115 -58.09 41.84 -97.72
CA VAL DA 115 -57.46 40.69 -97.08
C VAL DA 115 -57.66 40.73 -95.57
N ALA DA 116 -57.53 41.91 -94.97
CA ALA DA 116 -57.73 42.00 -93.52
C ALA DA 116 -59.14 41.61 -93.13
N TYR DA 117 -60.13 42.08 -93.88
CA TYR DA 117 -61.51 41.74 -93.56
C TYR DA 117 -61.78 40.26 -93.78
N GLU DA 118 -61.16 39.66 -94.80
CA GLU DA 118 -61.31 38.23 -95.00
C GLU DA 118 -60.71 37.44 -93.85
N LEU DA 119 -59.57 37.89 -93.33
CA LEU DA 119 -58.98 37.20 -92.19
C LEU DA 119 -59.86 37.32 -90.95
N GLU DA 120 -60.46 38.50 -90.73
CA GLU DA 120 -61.37 38.63 -89.60
C GLU DA 120 -62.59 37.72 -89.77
N ASP DA 121 -63.12 37.63 -90.99
CA ASP DA 121 -64.21 36.69 -91.24
C ASP DA 121 -63.77 35.26 -91.00
N TYR DA 122 -62.52 34.95 -91.30
CA TYR DA 122 -61.98 33.62 -91.02
C TYR DA 122 -62.02 33.32 -89.52
N ILE DA 123 -61.56 34.28 -88.71
CA ILE DA 123 -61.63 34.11 -87.26
C ILE DA 123 -63.06 33.96 -86.79
N ALA DA 124 -63.96 34.77 -87.35
CA ALA DA 124 -65.35 34.73 -86.93
C ALA DA 124 -66.00 33.39 -87.26
N GLU DA 125 -65.72 32.85 -88.45
CA GLU DA 125 -66.24 31.52 -88.78
C GLU DA 125 -65.66 30.47 -87.87
N LEU DA 126 -64.40 30.64 -87.46
CA LEU DA 126 -63.81 29.68 -86.52
C LEU DA 126 -64.54 29.72 -85.19
N ILE DA 127 -64.77 30.92 -84.65
CA ILE DA 127 -65.36 31.04 -83.31
C ILE DA 127 -66.83 30.62 -83.34
N GLU DA 128 -67.58 31.12 -84.31
CA GLU DA 128 -69.01 30.84 -84.35
C GLU DA 128 -69.30 29.38 -84.70
N GLY DA 129 -68.48 28.79 -85.57
CA GLY DA 129 -68.72 27.43 -86.00
C GLY DA 129 -68.20 26.35 -85.08
N ALA DA 130 -67.62 26.72 -83.95
CA ALA DA 130 -67.09 25.74 -83.03
C ALA DA 130 -68.22 24.88 -82.46
N PRO DA 131 -67.93 23.63 -82.11
CA PRO DA 131 -68.98 22.76 -81.58
C PRO DA 131 -69.34 23.09 -80.14
N TYR DA 132 -70.47 23.76 -79.94
CA TYR DA 132 -70.93 24.14 -78.61
C TYR DA 132 -72.04 23.19 -78.20
N GLU DA 133 -71.81 22.45 -77.11
CA GLU DA 133 -72.79 21.48 -76.65
C GLU DA 133 -73.97 22.14 -75.97
N GLU DA 134 -73.75 23.26 -75.27
CA GLU DA 134 -74.80 23.94 -74.53
C GLU DA 134 -74.81 25.42 -74.89
N THR DA 135 -75.96 25.92 -75.29
CA THR DA 135 -76.14 27.33 -75.59
C THR DA 135 -76.96 27.96 -74.47
N ILE DA 136 -76.40 28.98 -73.84
CA ILE DA 136 -77.03 29.62 -72.69
C ILE DA 136 -77.92 30.75 -73.19
N LEU DA 137 -79.16 30.78 -72.68
CA LEU DA 137 -80.14 31.76 -73.13
C LEU DA 137 -80.09 32.97 -72.22
N ILE DA 138 -79.84 34.14 -72.79
CA ILE DA 138 -79.75 35.38 -72.03
C ILE DA 138 -81.13 35.99 -71.92
N ASP DA 139 -81.61 36.19 -70.71
CA ASP DA 139 -82.90 36.82 -70.52
C ASP DA 139 -82.77 38.31 -70.73
N PRO DA 140 -83.46 38.91 -71.70
CA PRO DA 140 -83.33 40.35 -71.91
C PRO DA 140 -83.75 41.18 -70.70
N ALA DA 141 -84.69 40.68 -69.90
CA ALA DA 141 -85.10 41.43 -68.71
C ALA DA 141 -84.06 41.34 -67.61
N ASP DA 142 -83.42 40.18 -67.45
CA ASP DA 142 -82.43 39.94 -66.41
C ASP DA 142 -81.23 39.26 -67.06
N THR DA 143 -80.28 40.06 -67.54
CA THR DA 143 -79.15 39.52 -68.29
C THR DA 143 -78.10 38.89 -67.38
N VAL DA 144 -77.91 39.44 -66.18
CA VAL DA 144 -76.80 38.98 -65.33
C VAL DA 144 -76.87 37.50 -65.00
N PRO DA 145 -78.03 36.91 -64.68
CA PRO DA 145 -78.03 35.46 -64.40
C PRO DA 145 -77.43 34.63 -65.51
N ALA DA 146 -77.67 35.00 -66.77
CA ALA DA 146 -77.09 34.24 -67.87
C ALA DA 146 -75.57 34.29 -67.85
N PHE DA 147 -75.00 35.46 -67.58
CA PHE DA 147 -73.54 35.57 -67.59
C PHE DA 147 -72.92 34.90 -66.37
N ILE DA 148 -73.59 34.98 -65.22
CA ILE DA 148 -73.09 34.25 -64.07
C ILE DA 148 -73.18 32.75 -64.30
N THR DA 149 -74.22 32.29 -65.00
CA THR DA 149 -74.30 30.89 -65.38
C THR DA 149 -73.16 30.51 -66.33
N ALA DA 150 -72.84 31.40 -67.27
CA ALA DA 150 -71.73 31.13 -68.17
C ALA DA 150 -70.42 31.00 -67.41
N ASP DA 151 -70.18 31.89 -66.46
CA ASP DA 151 -68.98 31.79 -65.64
C ASP DA 151 -68.99 30.52 -64.80
N GLN DA 152 -70.14 30.13 -64.27
CA GLN DA 152 -70.24 28.91 -63.49
C GLN DA 152 -69.92 27.68 -64.34
N ARG DA 153 -70.43 27.64 -65.57
CA ARG DA 153 -70.15 26.51 -66.44
C ARG DA 153 -68.67 26.48 -66.82
N MET DA 154 -68.07 27.66 -67.05
CA MET DA 154 -66.65 27.69 -67.34
C MET DA 154 -65.84 27.17 -66.16
N GLY DA 155 -66.21 27.57 -64.94
CA GLY DA 155 -65.51 27.10 -63.76
C GLY DA 155 -65.80 25.65 -63.41
N GLU DA 156 -66.91 25.11 -63.89
CA GLU DA 156 -67.25 23.71 -63.63
C GLU DA 156 -66.35 22.77 -64.42
N ALA DA 157 -65.86 23.22 -65.57
CA ALA DA 157 -64.92 22.45 -66.37
C ALA DA 157 -63.48 22.68 -65.97
N ASN DA 158 -63.25 23.43 -64.88
CA ASN DA 158 -61.92 23.70 -64.36
C ASN DA 158 -61.07 24.49 -65.34
N VAL DA 159 -61.72 25.25 -66.21
CA VAL DA 159 -60.99 26.16 -67.10
C VAL DA 159 -60.33 27.25 -66.27
N PRO DA 160 -59.10 27.63 -66.57
CA PRO DA 160 -58.44 28.68 -65.77
C PRO DA 160 -59.22 29.99 -65.81
N THR DA 161 -59.16 30.72 -64.70
CA THR DA 161 -59.94 31.94 -64.53
C THR DA 161 -59.33 33.14 -65.24
N ASP DA 162 -58.09 33.06 -65.69
CA ASP DA 162 -57.44 34.19 -66.33
C ASP DA 162 -57.36 33.99 -67.84
N SER DA 163 -57.01 35.07 -68.54
CA SER DA 163 -56.91 35.06 -69.99
C SER DA 163 -58.21 34.63 -70.65
N ARG DA 164 -59.32 35.04 -70.07
CA ARG DA 164 -60.64 34.78 -70.65
C ARG DA 164 -61.07 36.01 -71.44
N ARG DA 165 -61.66 35.78 -72.61
CA ARG DA 165 -62.13 36.85 -73.46
C ARG DA 165 -63.63 36.71 -73.65
N LEU DA 166 -64.35 37.82 -73.50
CA LEU DA 166 -65.79 37.87 -73.70
C LEU DA 166 -66.10 38.86 -74.82
N VAL DA 167 -66.59 38.34 -75.94
CA VAL DA 167 -66.89 39.15 -77.12
C VAL DA 167 -68.39 39.06 -77.37
N VAL DA 168 -69.06 40.20 -77.38
CA VAL DA 168 -70.51 40.24 -77.54
C VAL DA 168 -70.85 40.95 -78.84
N GLY DA 169 -72.00 40.59 -79.41
CA GLY DA 169 -72.50 41.28 -80.57
C GLY DA 169 -73.11 42.60 -80.19
N SER DA 170 -73.58 43.33 -81.20
CA SER DA 170 -74.19 44.63 -80.94
C SER DA 170 -75.44 44.47 -80.09
N ALA DA 171 -76.28 43.49 -80.42
CA ALA DA 171 -77.55 43.34 -79.72
C ALA DA 171 -77.35 42.96 -78.26
N VAL DA 172 -76.39 42.10 -77.97
CA VAL DA 172 -76.15 41.71 -76.59
C VAL DA 172 -75.65 42.89 -75.77
N ALA DA 173 -74.76 43.70 -76.35
CA ALA DA 173 -74.28 44.89 -75.65
C ALA DA 173 -75.42 45.86 -75.39
N ALA DA 174 -76.29 46.06 -76.38
CA ALA DA 174 -77.43 46.94 -76.18
C ALA DA 174 -78.37 46.38 -75.12
N ALA DA 175 -78.57 45.07 -75.10
CA ALA DA 175 -79.42 44.46 -74.09
C ALA DA 175 -78.84 44.65 -72.70
N LEU DA 176 -77.52 44.54 -72.57
CA LEU DA 176 -76.88 44.80 -71.28
C LEU DA 176 -77.10 46.26 -70.87
N ALA DA 177 -76.94 47.18 -71.81
CA ALA DA 177 -77.14 48.59 -71.48
C ALA DA 177 -78.59 48.86 -71.07
N LYS DA 178 -79.54 48.22 -71.73
CA LYS DA 178 -80.95 48.39 -71.41
C LYS DA 178 -81.39 47.65 -70.16
N ASP DA 179 -80.54 46.79 -69.62
CA ASP DA 179 -80.92 46.02 -68.44
C ASP DA 179 -81.05 46.94 -67.24
N LYS DA 180 -82.13 46.76 -66.49
CA LYS DA 180 -82.36 47.59 -65.31
C LYS DA 180 -81.30 47.39 -64.25
N GLN DA 181 -80.60 46.26 -64.28
CA GLN DA 181 -79.55 46.01 -63.30
C GLN DA 181 -78.42 47.01 -63.43
N PHE DA 182 -78.04 47.35 -64.66
CA PHE DA 182 -76.96 48.31 -64.87
C PHE DA 182 -77.46 49.72 -65.06
N ARG DA 183 -78.70 49.90 -65.51
CA ARG DA 183 -79.23 51.21 -65.83
C ARG DA 183 -79.65 51.99 -64.59
N HIS DA 184 -80.13 51.32 -63.55
CA HIS DA 184 -80.52 51.96 -62.30
C HIS DA 184 -79.30 52.08 -61.42
N ALA DA 185 -78.99 53.30 -60.97
CA ALA DA 185 -77.77 53.54 -60.22
C ALA DA 185 -77.73 52.79 -58.91
N ASP DA 186 -78.85 52.73 -58.20
CA ASP DA 186 -78.86 52.03 -56.92
C ASP DA 186 -78.57 50.55 -57.11
N TRP DA 187 -79.16 49.95 -58.14
CA TRP DA 187 -78.95 48.53 -58.37
C TRP DA 187 -77.54 48.25 -58.88
N SER DA 188 -77.05 49.04 -59.82
CA SER DA 188 -75.73 48.81 -60.39
C SER DA 188 -74.63 49.17 -59.41
N GLY DA 189 -74.78 50.29 -58.71
CA GLY DA 189 -73.83 50.72 -57.70
C GLY DA 189 -72.98 51.91 -58.08
N ASP DA 190 -72.84 52.20 -59.36
CA ASP DA 190 -72.03 53.35 -59.80
C ASP DA 190 -72.92 54.57 -59.86
N GLN DA 191 -72.64 55.54 -58.99
CA GLN DA 191 -73.42 56.78 -59.00
C GLN DA 191 -73.26 57.51 -60.33
N ALA DA 192 -72.04 57.55 -60.86
CA ALA DA 192 -71.84 58.10 -62.20
C ALA DA 192 -72.33 57.08 -63.21
N ASN DA 193 -73.60 57.16 -63.56
CA ASN DA 193 -74.24 56.13 -64.37
C ASN DA 193 -73.57 56.02 -65.74
N ALA DA 194 -72.79 54.97 -65.94
CA ALA DA 194 -72.17 54.75 -67.24
C ALA DA 194 -73.08 54.03 -68.21
N ALA DA 195 -74.03 53.24 -67.69
CA ALA DA 195 -74.95 52.49 -68.53
C ALA DA 195 -76.17 53.30 -68.94
N LEU DA 196 -76.32 54.51 -68.41
CA LEU DA 196 -77.43 55.39 -68.77
C LEU DA 196 -76.96 56.66 -69.43
N ARG DA 197 -75.93 57.31 -68.88
CA ARG DA 197 -75.34 58.45 -69.56
C ARG DA 197 -74.73 58.03 -70.90
N GLU DA 198 -74.09 56.87 -70.92
CA GLU DA 198 -73.67 56.23 -72.15
C GLU DA 198 -74.35 54.87 -72.26
N ALA DA 199 -74.13 54.19 -73.38
CA ALA DA 199 -74.58 52.82 -73.53
C ALA DA 199 -73.53 51.83 -73.06
N HIS DA 200 -72.40 52.33 -72.54
CA HIS DA 200 -71.31 51.48 -72.11
C HIS DA 200 -71.73 50.61 -70.94
N VAL DA 201 -71.12 49.44 -70.83
CA VAL DA 201 -71.33 48.52 -69.72
C VAL DA 201 -70.02 48.21 -69.00
N GLY DA 202 -68.98 47.89 -69.75
CA GLY DA 202 -67.68 47.66 -69.15
C GLY DA 202 -67.63 46.29 -68.51
N ARG DA 203 -67.08 46.23 -67.30
CA ARG DA 203 -66.90 44.95 -66.63
C ARG DA 203 -68.25 44.33 -66.30
N LEU DA 204 -68.28 43.01 -66.28
CA LEU DA 204 -69.53 42.27 -66.08
C LEU DA 204 -69.20 40.86 -65.66
N ALA DA 205 -69.62 40.48 -64.45
CA ALA DA 205 -69.42 39.13 -63.94
C ALA DA 205 -67.97 38.70 -64.03
N GLY DA 206 -67.06 39.64 -63.73
CA GLY DA 206 -65.64 39.37 -63.86
C GLY DA 206 -65.18 39.15 -65.28
N MET DA 207 -65.80 39.83 -66.24
CA MET DA 207 -65.37 39.78 -67.64
C MET DA 207 -65.42 41.18 -68.22
N ASN DA 208 -64.44 41.50 -69.06
CA ASN DA 208 -64.41 42.78 -69.75
C ASN DA 208 -65.10 42.62 -71.09
N VAL DA 209 -66.29 43.21 -71.21
CA VAL DA 209 -67.08 43.07 -72.42
C VAL DA 209 -66.36 43.73 -73.58
N ILE DA 210 -66.26 43.02 -74.70
CA ILE DA 210 -65.67 43.57 -75.92
C ILE DA 210 -66.72 43.50 -77.02
N ARG DA 211 -67.05 44.66 -77.59
CA ARG DA 211 -68.05 44.71 -78.64
C ARG DA 211 -67.43 44.34 -79.98
N SER DA 212 -68.25 43.74 -80.84
CA SER DA 212 -67.81 43.37 -82.17
C SER DA 212 -69.02 43.26 -83.08
N ASN DA 213 -68.76 43.33 -84.38
CA ASN DA 213 -69.81 43.15 -85.38
C ASN DA 213 -69.63 41.91 -86.24
N ALA DA 214 -68.44 41.30 -86.23
CA ALA DA 214 -68.23 40.12 -87.07
C ALA DA 214 -69.15 38.98 -86.65
N ILE DA 215 -69.30 38.76 -85.36
CA ILE DA 215 -70.15 37.70 -84.84
C ILE DA 215 -71.61 38.10 -85.02
N ALA DA 216 -72.51 37.14 -84.85
CA ALA DA 216 -73.93 37.41 -85.01
C ALA DA 216 -74.38 38.48 -84.02
N PRO DA 217 -75.38 39.29 -84.39
CA PRO DA 217 -75.73 40.43 -83.53
C PRO DA 217 -76.11 40.06 -82.11
N ASP DA 218 -76.81 38.95 -81.91
CA ASP DA 218 -77.38 38.63 -80.60
C ASP DA 218 -76.70 37.44 -79.94
N LYS DA 219 -75.44 37.21 -80.24
CA LYS DA 219 -74.71 36.09 -79.65
C LYS DA 219 -73.41 36.58 -79.05
N ALA DA 220 -73.02 35.98 -77.95
CA ALA DA 220 -71.79 36.31 -77.25
C ALA DA 220 -70.96 35.05 -77.08
N TYR DA 221 -69.65 35.23 -76.98
CA TYR DA 221 -68.75 34.10 -76.83
C TYR DA 221 -67.74 34.41 -75.75
N LEU DA 222 -67.57 33.48 -74.82
CA LEU DA 222 -66.62 33.61 -73.73
C LEU DA 222 -65.65 32.45 -73.84
N TRP DA 223 -64.42 32.72 -74.22
CA TRP DA 223 -63.46 31.66 -74.47
C TRP DA 223 -62.17 31.90 -73.72
N HIS DA 224 -61.59 30.82 -73.21
CA HIS DA 224 -60.25 30.87 -72.66
C HIS DA 224 -59.25 31.08 -73.79
N ARG DA 225 -58.03 31.48 -73.41
CA ARG DA 225 -57.01 31.76 -74.41
C ARG DA 225 -56.75 30.54 -75.29
N THR DA 226 -56.64 29.37 -74.68
CA THR DA 226 -56.23 28.17 -75.40
C THR DA 226 -57.37 27.53 -76.18
N ALA DA 227 -58.51 28.18 -76.30
CA ALA DA 227 -59.64 27.56 -76.98
C ALA DA 227 -59.42 27.46 -78.49
N PHE DA 228 -58.96 28.55 -79.10
CA PHE DA 228 -58.78 28.60 -80.54
C PHE DA 228 -57.34 28.95 -80.87
N ILE DA 229 -56.78 28.29 -81.89
CA ILE DA 229 -55.41 28.47 -82.30
C ILE DA 229 -55.39 28.93 -83.75
N LEU DA 230 -54.64 29.99 -84.03
CA LEU DA 230 -54.46 30.49 -85.38
C LEU DA 230 -52.99 30.39 -85.77
N ALA DA 231 -52.74 30.08 -87.04
CA ALA DA 231 -51.39 29.98 -87.56
C ALA DA 231 -51.32 30.70 -88.90
N TYR DA 232 -50.27 31.48 -89.09
CA TYR DA 232 -50.09 32.26 -90.31
C TYR DA 232 -48.69 32.05 -90.84
N ARG DA 233 -48.57 32.10 -92.16
CA ARG DA 233 -47.27 31.95 -92.83
C ARG DA 233 -47.25 32.87 -94.04
N THR DA 234 -46.23 33.69 -94.14
CA THR DA 234 -46.09 34.55 -95.30
C THR DA 234 -45.35 33.79 -96.39
N PRO DA 235 -45.95 33.62 -97.57
CA PRO DA 235 -45.26 32.90 -98.64
C PRO DA 235 -43.97 33.61 -99.02
N VAL DA 236 -42.95 32.83 -99.34
CA VAL DA 236 -41.67 33.37 -99.74
C VAL DA 236 -41.71 33.67 -101.23
N VAL DA 237 -41.49 34.92 -101.60
CA VAL DA 237 -41.51 35.27 -103.02
C VAL DA 237 -40.31 34.62 -103.71
N PRO DA 238 -40.51 33.88 -104.78
CA PRO DA 238 -39.40 33.17 -105.41
C PRO DA 238 -38.51 34.12 -106.19
N GLU DA 239 -37.35 33.60 -106.60
CA GLU DA 239 -36.39 34.42 -107.33
C GLU DA 239 -36.88 34.75 -108.73
N GLY DA 240 -37.82 33.99 -109.27
CA GLY DA 240 -38.30 34.20 -110.62
C GLY DA 240 -39.36 35.25 -110.78
N ALA DA 241 -39.68 35.99 -109.72
CA ALA DA 241 -40.72 37.00 -109.77
C ALA DA 241 -40.12 38.36 -109.46
N LYS DA 242 -40.66 39.39 -110.12
CA LYS DA 242 -40.24 40.74 -109.83
C LYS DA 242 -40.51 41.06 -108.36
N ALA DA 243 -39.50 41.64 -107.70
CA ALA DA 243 -39.59 41.88 -106.26
C ALA DA 243 -40.78 42.77 -105.94
N GLY DA 244 -41.56 42.36 -104.93
CA GLY DA 244 -42.70 43.13 -104.50
C GLY DA 244 -42.64 43.36 -103.00
N ALA DA 245 -43.31 44.42 -102.57
CA ALA DA 245 -43.30 44.77 -101.16
C ALA DA 245 -44.10 43.76 -100.35
N SER DA 246 -43.86 43.76 -99.05
CA SER DA 246 -44.61 42.96 -98.10
C SER DA 246 -45.51 43.88 -97.29
N PHE DA 247 -46.79 43.55 -97.21
CA PHE DA 247 -47.76 44.40 -96.54
C PHE DA 247 -48.14 43.80 -95.19
N SER DA 248 -48.91 44.56 -94.43
CA SER DA 248 -49.33 44.14 -93.10
C SER DA 248 -50.84 44.30 -92.97
N ALA DA 249 -51.45 43.34 -92.28
CA ALA DA 249 -52.88 43.38 -91.99
C ALA DA 249 -53.07 42.81 -90.59
N ASN DA 250 -53.47 43.67 -89.65
CA ASN DA 250 -53.81 43.24 -88.30
C ASN DA 250 -52.66 42.50 -87.63
N GLY DA 251 -51.42 42.82 -88.03
CA GLY DA 251 -50.25 42.22 -87.46
C GLY DA 251 -49.65 41.10 -88.28
N VAL DA 252 -50.40 40.51 -89.20
CA VAL DA 252 -49.86 39.44 -90.03
C VAL DA 252 -49.25 40.08 -91.27
N ALA DA 253 -48.25 39.41 -91.84
CA ALA DA 253 -47.60 39.91 -93.04
C ALA DA 253 -48.13 39.19 -94.26
N LEU DA 254 -48.18 39.91 -95.37
CA LEU DA 254 -48.78 39.43 -96.61
C LEU DA 254 -47.80 39.64 -97.75
N ARG DA 255 -47.74 38.65 -98.63
CA ARG DA 255 -46.84 38.68 -99.78
C ARG DA 255 -47.57 39.32 -100.96
N TRP DA 256 -46.98 40.36 -101.52
CA TRP DA 256 -47.51 41.02 -102.71
C TRP DA 256 -46.60 40.74 -103.88
N LEU DA 257 -47.18 40.37 -105.02
CA LEU DA 257 -46.42 39.90 -106.16
C LEU DA 257 -47.10 40.37 -107.44
N ALA DA 258 -46.35 41.03 -108.31
CA ALA DA 258 -46.86 41.54 -109.56
C ALA DA 258 -46.19 40.81 -110.72
N ASP DA 259 -46.94 40.63 -111.80
CA ASP DA 259 -46.42 39.94 -112.98
C ASP DA 259 -47.17 40.45 -114.21
N TYR DA 260 -46.42 40.81 -115.24
CA TYR DA 260 -47.02 41.33 -116.47
C TYR DA 260 -47.36 40.17 -117.40
N ASP DA 261 -48.63 40.09 -117.78
CA ASP DA 261 -49.11 39.06 -118.69
C ASP DA 261 -49.04 39.63 -120.10
N TYR DA 262 -48.04 39.17 -120.86
CA TYR DA 262 -47.88 39.67 -122.23
C TYR DA 262 -48.99 39.19 -123.14
N SER DA 263 -49.44 37.94 -122.96
CA SER DA 263 -50.47 37.40 -123.83
C SER DA 263 -51.77 38.19 -123.71
N GLN DA 264 -52.16 38.54 -122.49
CA GLN DA 264 -53.36 39.33 -122.26
C GLN DA 264 -53.09 40.83 -122.26
N LEU DA 265 -51.83 41.23 -122.44
CA LEU DA 265 -51.44 42.65 -122.46
C LEU DA 265 -51.88 43.36 -121.18
N GLY DA 266 -51.74 42.67 -120.05
CA GLY DA 266 -52.17 43.24 -118.80
C GLY DA 266 -51.17 43.05 -117.68
N ASP DA 267 -51.56 43.42 -116.47
CA ASP DA 267 -50.73 43.29 -115.29
C ASP DA 267 -51.55 42.63 -114.21
N ARG DA 268 -51.02 41.57 -113.60
CA ARG DA 268 -51.72 40.82 -112.58
C ARG DA 268 -50.98 40.96 -111.26
N THR DA 269 -51.72 41.29 -110.21
CA THR DA 269 -51.16 41.42 -108.88
C THR DA 269 -51.86 40.45 -107.95
N LEU DA 270 -51.09 39.89 -107.01
CA LEU DA 270 -51.59 38.91 -106.05
C LEU DA 270 -51.07 39.26 -104.67
N LEU DA 271 -51.97 39.32 -103.70
CA LEU DA 271 -51.61 39.62 -102.31
C LEU DA 271 -52.17 38.51 -101.44
N ASP DA 272 -51.30 37.74 -100.79
CA ASP DA 272 -51.79 36.52 -100.17
C ASP DA 272 -50.99 36.15 -98.93
N VAL DA 273 -51.50 35.11 -98.26
CA VAL DA 273 -50.90 34.58 -97.04
C VAL DA 273 -51.47 33.17 -96.85
N PHE DA 274 -50.77 32.35 -96.07
CA PHE DA 274 -51.23 31.00 -95.75
C PHE DA 274 -51.76 31.00 -94.32
N THR DA 275 -52.96 30.48 -94.13
CA THR DA 275 -53.60 30.50 -92.83
C THR DA 275 -54.05 29.10 -92.44
N GLY DA 276 -54.11 28.86 -91.15
CA GLY DA 276 -54.67 27.62 -90.62
C GLY DA 276 -55.27 27.90 -89.26
N ARG DA 277 -56.30 27.13 -88.91
CA ARG DA 277 -57.01 27.36 -87.66
C ARG DA 277 -57.33 26.02 -87.00
N LYS DA 278 -57.54 26.08 -85.70
CA LYS DA 278 -57.89 24.87 -84.94
C LYS DA 278 -58.72 25.23 -83.72
N VAL DA 279 -59.65 24.35 -83.38
CA VAL DA 279 -60.43 24.44 -82.15
C VAL DA 279 -59.92 23.37 -81.21
N VAL DA 280 -59.44 23.76 -80.04
CA VAL DA 280 -58.89 22.81 -79.08
C VAL DA 280 -60.03 22.13 -78.35
N THR DA 281 -60.17 20.82 -78.55
CA THR DA 281 -61.18 20.04 -77.88
C THR DA 281 -60.52 19.12 -76.86
N GLU DA 282 -61.33 18.61 -75.93
CA GLU DA 282 -60.81 17.71 -74.91
C GLU DA 282 -60.49 16.36 -75.51
N VAL DA 283 -59.92 15.48 -74.68
CA VAL DA 283 -59.49 14.17 -75.15
C VAL DA 283 -60.67 13.29 -75.53
N ASP DA 284 -61.86 13.57 -75.00
CA ASP DA 284 -63.06 12.80 -75.34
C ASP DA 284 -63.90 13.49 -76.39
N GLY DA 285 -63.41 14.55 -77.01
CA GLY DA 285 -64.13 15.26 -78.03
C GLY DA 285 -65.03 16.37 -77.53
N SER DA 286 -65.17 16.52 -76.21
CA SER DA 286 -65.96 17.61 -75.67
C SER DA 286 -65.22 18.93 -75.82
N PHE DA 287 -65.99 19.99 -76.03
CA PHE DA 287 -65.46 21.34 -76.13
C PHE DA 287 -65.90 22.11 -74.89
N VAL DA 288 -64.94 22.44 -74.02
CA VAL DA 288 -65.23 23.09 -72.75
C VAL DA 288 -64.43 24.35 -72.53
N ARG DA 289 -63.52 24.70 -73.43
CA ARG DA 289 -62.76 25.94 -73.26
C ARG DA 289 -63.53 27.18 -73.63
N ALA DA 290 -64.68 27.05 -74.30
CA ALA DA 290 -65.47 28.20 -74.72
C ALA DA 290 -66.94 27.94 -74.41
N VAL DA 291 -67.67 29.04 -74.24
CA VAL DA 291 -69.09 29.00 -73.92
C VAL DA 291 -69.79 30.00 -74.82
N GLU DA 292 -70.94 29.61 -75.37
CA GLU DA 292 -71.71 30.43 -76.29
C GLU DA 292 -72.98 30.90 -75.61
N LEU DA 293 -73.33 32.16 -75.80
CA LEU DA 293 -74.45 32.81 -75.15
C LEU DA 293 -75.37 33.36 -76.23
N GLN DA 294 -76.68 33.21 -76.05
CA GLN DA 294 -77.62 33.72 -77.03
C GLN DA 294 -78.76 34.43 -76.34
N LEU DA 295 -79.23 35.51 -76.94
CA LEU DA 295 -80.35 36.26 -76.39
C LEU DA 295 -81.66 35.51 -76.61
N GLN DA 296 -82.54 35.53 -75.62
CA GLN DA 296 -83.87 34.94 -75.78
C GLN DA 296 -84.72 35.83 -76.67
N ALA DA 297 -85.46 35.22 -77.58
CA ALA DA 297 -86.42 35.91 -78.42
C ALA DA 297 -87.81 35.50 -77.99
N SER DA 298 -88.65 36.48 -77.67
CA SER DA 298 -90.00 36.21 -77.20
C SER DA 298 -91.08 36.46 -78.24
N SER DA 299 -90.86 37.42 -79.14
CA SER DA 299 -91.82 37.71 -80.19
C SER DA 299 -91.10 38.40 -81.33
N ILE DA 300 -91.66 38.30 -82.52
CA ILE DA 300 -91.11 38.94 -83.70
C ILE DA 300 -92.18 39.78 -84.36
N THR DA 301 -91.74 40.84 -85.04
CA THR DA 301 -92.63 41.76 -85.73
C THR DA 301 -91.98 42.17 -87.04
N ILE DA 302 -92.79 42.34 -88.06
CA ILE DA 302 -92.30 42.69 -89.38
C ILE DA 302 -92.11 44.19 -89.46
N VAL DA 303 -90.92 44.62 -89.88
CA VAL DA 303 -90.57 46.04 -89.85
C VAL DA 303 -91.46 46.81 -90.82
N GLY DA 304 -91.73 48.06 -90.46
CA GLY DA 304 -92.52 48.94 -91.29
C GLY DA 304 -94.01 48.81 -91.14
N GLY DA 305 -94.50 47.76 -90.49
CA GLY DA 305 -95.92 47.57 -90.34
C GLY DA 305 -96.60 47.41 -91.69
N ALA DA 306 -97.82 47.96 -91.78
CA ALA DA 306 -98.56 47.92 -93.03
C ALA DA 306 -97.79 48.64 -94.13
N PHE DA 307 -97.72 48.02 -95.30
CA PHE DA 307 -96.96 48.58 -96.40
C PHE DA 307 -97.66 48.26 -97.71
N ALA DA 308 -97.30 49.02 -98.74
CA ALA DA 308 -97.86 48.85 -100.07
C ALA DA 308 -96.74 48.84 -101.10
N LEU DA 309 -96.96 48.10 -102.18
CA LEU DA 309 -95.99 48.05 -103.25
C LEU DA 309 -96.09 49.28 -104.14
N ALA DA 310 -95.01 49.56 -104.88
CA ALA DA 310 -94.97 50.74 -105.73
C ALA DA 310 -95.94 50.60 -106.90
N THR DA 311 -95.88 49.46 -107.60
CA THR DA 311 -96.78 49.22 -108.73
C THR DA 311 -97.48 47.88 -108.58
N THR DA 312 -98.19 47.45 -109.61
CA THR DA 312 -98.79 46.12 -109.60
C THR DA 312 -97.72 45.03 -109.61
N THR DA 313 -96.68 45.20 -110.42
CA THR DA 313 -95.64 44.21 -110.57
C THR DA 313 -94.43 44.46 -109.66
N GLY DA 314 -94.43 45.57 -108.92
CA GLY DA 314 -93.28 45.89 -108.11
C GLY DA 314 -93.01 44.86 -107.03
N THR DA 315 -91.73 44.73 -106.68
CA THR DA 315 -91.28 43.79 -105.67
C THR DA 315 -90.50 44.55 -104.59
N LYS DA 316 -90.42 43.95 -103.41
CA LYS DA 316 -89.64 44.54 -102.33
C LYS DA 316 -89.16 43.46 -101.38
N GLN DA 317 -87.99 43.68 -100.80
CA GLN DA 317 -87.40 42.73 -99.87
C GLN DA 317 -87.92 43.01 -98.47
N LEU DA 318 -88.44 41.98 -97.82
CA LEU DA 318 -89.04 42.13 -96.50
C LEU DA 318 -87.97 41.97 -95.42
N LYS DA 319 -88.29 42.48 -94.22
CA LYS DA 319 -87.39 42.38 -93.08
C LYS DA 319 -88.22 42.23 -91.82
N VAL DA 320 -87.75 41.40 -90.90
CA VAL DA 320 -88.45 41.12 -89.65
C VAL DA 320 -87.46 41.21 -88.49
N ARG DA 321 -87.90 41.83 -87.40
CA ARG DA 321 -87.07 42.03 -86.22
C ARG DA 321 -87.79 41.47 -85.00
N ASP DA 322 -87.05 40.79 -84.13
CA ASP DA 322 -87.65 40.29 -82.91
C ASP DA 322 -87.71 41.41 -81.88
N ASP DA 323 -88.13 41.08 -80.65
CA ASP DA 323 -88.23 42.08 -79.60
C ASP DA 323 -86.88 42.59 -79.14
N ASN DA 324 -85.78 41.94 -79.52
CA ASN DA 324 -84.45 42.40 -79.18
C ASN DA 324 -83.85 43.31 -80.24
N GLY DA 325 -84.59 43.60 -81.31
CA GLY DA 325 -84.11 44.47 -82.36
C GLY DA 325 -83.20 43.83 -83.37
N THR DA 326 -82.94 42.53 -83.26
CA THR DA 326 -82.05 41.86 -84.20
C THR DA 326 -82.77 41.57 -85.51
N ASP DA 327 -81.98 41.45 -86.57
CA ASP DA 327 -82.50 41.16 -87.90
C ASP DA 327 -82.52 39.65 -88.07
N VAL DA 328 -83.71 39.05 -87.93
CA VAL DA 328 -83.87 37.61 -88.06
C VAL DA 328 -84.55 37.26 -89.38
N THR DA 329 -84.40 38.10 -90.41
CA THR DA 329 -85.01 37.82 -91.69
C THR DA 329 -84.47 36.53 -92.29
N ALA DA 330 -83.17 36.30 -92.16
CA ALA DA 330 -82.57 35.10 -92.74
C ALA DA 330 -83.11 33.84 -92.10
N ARG DA 331 -83.38 33.89 -90.79
CA ARG DA 331 -83.78 32.72 -90.02
C ARG DA 331 -85.29 32.53 -89.95
N CYS DA 332 -86.04 33.10 -90.89
CA CYS DA 332 -87.49 33.04 -90.86
C CYS DA 332 -88.03 32.31 -92.07
N THR DA 333 -89.24 31.78 -91.91
CA THR DA 333 -89.96 31.12 -92.99
C THR DA 333 -91.20 31.95 -93.32
N PHE DA 334 -91.37 32.28 -94.60
CA PHE DA 334 -92.41 33.20 -95.03
C PHE DA 334 -93.48 32.46 -95.81
N ALA DA 335 -94.74 32.86 -95.60
CA ALA DA 335 -95.87 32.30 -96.31
C ALA DA 335 -96.83 33.42 -96.67
N SER DA 336 -97.65 33.18 -97.68
CA SER DA 336 -98.62 34.16 -98.15
C SER DA 336 -100.03 33.66 -97.88
N SER DA 337 -100.89 34.54 -97.36
CA SER DA 337 -102.28 34.17 -97.13
C SER DA 337 -102.98 33.86 -98.44
N ALA DA 338 -102.76 34.68 -99.47
CA ALA DA 338 -103.37 34.49 -100.78
C ALA DA 338 -102.30 34.74 -101.83
N GLY DA 339 -101.91 33.69 -102.55
CA GLY DA 339 -100.91 33.84 -103.58
C GLY DA 339 -101.38 34.51 -104.84
N THR DA 340 -102.70 34.71 -104.99
CA THR DA 340 -103.24 35.37 -106.16
C THR DA 340 -102.93 36.86 -106.19
N LYS DA 341 -102.67 37.46 -105.03
CA LYS DA 341 -102.36 38.89 -104.96
C LYS DA 341 -100.86 39.14 -105.00
N ALA DA 342 -100.11 38.47 -104.14
CA ALA DA 342 -98.66 38.59 -104.14
C ALA DA 342 -98.05 37.30 -103.63
N THR DA 343 -96.80 37.06 -104.00
CA THR DA 343 -96.08 35.85 -103.61
C THR DA 343 -94.79 36.24 -102.92
N VAL DA 344 -94.53 35.64 -101.77
CA VAL DA 344 -93.36 35.96 -100.97
C VAL DA 344 -92.34 34.83 -101.14
N SER DA 345 -91.09 35.21 -101.39
CA SER DA 345 -90.02 34.23 -101.53
C SER DA 345 -89.65 33.66 -100.17
N ALA DA 346 -88.90 32.56 -100.20
CA ALA DA 346 -88.41 31.97 -98.96
C ALA DA 346 -87.46 32.92 -98.23
N ALA DA 347 -86.60 33.60 -98.98
CA ALA DA 347 -85.66 34.54 -98.37
C ALA DA 347 -86.39 35.72 -97.75
N GLY DA 348 -87.53 36.12 -98.30
CA GLY DA 348 -88.30 37.21 -97.75
C GLY DA 348 -88.88 38.15 -98.78
N LEU DA 349 -88.29 38.16 -99.98
CA LEU DA 349 -88.74 39.10 -101.00
C LEU DA 349 -90.16 38.79 -101.41
N VAL DA 350 -90.94 39.84 -101.66
CA VAL DA 350 -92.34 39.72 -102.04
C VAL DA 350 -92.53 40.39 -103.39
N THR DA 351 -93.25 39.72 -104.28
CA THR DA 351 -93.51 40.18 -105.64
C THR DA 351 -95.01 40.23 -105.87
N GLY DA 352 -95.47 41.34 -106.43
CA GLY DA 352 -96.89 41.51 -106.71
C GLY DA 352 -97.31 40.93 -108.04
N VAL DA 353 -97.99 39.78 -108.01
CA VAL DA 353 -98.52 39.22 -109.25
C VAL DA 353 -99.69 40.05 -109.76
N ALA DA 354 -100.55 40.52 -108.85
CA ALA DA 354 -101.73 41.26 -109.24
C ALA DA 354 -102.10 42.24 -108.13
N ALA DA 355 -102.91 43.24 -108.49
CA ALA DA 355 -103.35 44.23 -107.52
C ALA DA 355 -104.27 43.62 -106.50
N GLY DA 356 -104.19 44.09 -105.27
CA GLY DA 356 -105.04 43.61 -104.20
C GLY DA 356 -104.30 43.63 -102.88
N THR DA 357 -105.05 43.29 -101.83
CA THR DA 357 -104.52 43.26 -100.48
C THR DA 357 -104.35 41.81 -100.03
N ALA DA 358 -103.17 41.49 -99.53
CA ALA DA 358 -102.83 40.15 -99.08
C ALA DA 358 -102.16 40.23 -97.72
N ASP DA 359 -101.89 39.07 -97.13
CA ASP DA 359 -101.22 38.98 -95.84
C ASP DA 359 -100.04 38.04 -95.94
N ILE DA 360 -98.95 38.41 -95.30
CA ILE DA 360 -97.71 37.64 -95.28
C ILE DA 360 -97.42 37.26 -93.84
N THR DA 361 -97.16 35.98 -93.61
CA THR DA 361 -96.88 35.45 -92.28
C THR DA 361 -95.44 34.98 -92.20
N ALA DA 362 -94.70 35.48 -91.23
CA ALA DA 362 -93.31 35.10 -91.01
C ALA DA 362 -93.22 34.34 -89.69
N SER DA 363 -92.63 33.15 -89.75
CA SER DA 363 -92.48 32.27 -88.59
C SER DA 363 -91.01 32.11 -88.27
N TYR DA 364 -90.67 32.26 -87.00
CA TYR DA 364 -89.30 32.18 -86.52
C TYR DA 364 -89.23 31.22 -85.34
N VAL DA 365 -88.26 30.32 -85.37
CA VAL DA 365 -88.03 29.38 -84.28
C VAL DA 365 -87.14 30.06 -83.26
N PRO DA 366 -87.61 30.26 -82.02
CA PRO DA 366 -86.81 30.98 -81.03
C PRO DA 366 -85.57 30.18 -80.66
N PRO DA 367 -84.52 30.86 -80.17
CA PRO DA 367 -83.34 30.12 -79.71
C PRO DA 367 -83.63 29.12 -78.63
N GLN DA 368 -84.58 29.42 -77.73
CA GLN DA 368 -84.98 28.44 -76.74
C GLN DA 368 -85.78 27.29 -77.33
N GLY DA 369 -86.21 27.41 -78.59
CA GLY DA 369 -86.99 26.38 -79.22
C GLY DA 369 -88.45 26.43 -78.83
N GLY DA 370 -89.19 25.43 -79.31
CA GLY DA 370 -90.60 25.32 -79.00
C GLY DA 370 -91.49 25.85 -80.10
N THR DA 371 -92.59 26.50 -79.71
CA THR DA 371 -93.51 27.06 -80.69
C THR DA 371 -92.84 28.19 -81.46
N ALA DA 372 -93.18 28.29 -82.74
CA ALA DA 372 -92.61 29.31 -83.61
C ALA DA 372 -93.38 30.61 -83.43
N LYS DA 373 -92.65 31.70 -83.20
CA LYS DA 373 -93.27 33.00 -83.12
C LYS DA 373 -93.65 33.47 -84.53
N THR DA 374 -94.89 33.91 -84.69
CA THR DA 374 -95.43 34.25 -86.00
C THR DA 374 -95.89 35.70 -86.02
N ALA DA 375 -95.53 36.41 -87.08
CA ALA DA 375 -95.93 37.80 -87.26
C ALA DA 375 -96.60 37.94 -88.62
N THR DA 376 -97.78 38.56 -88.65
CA THR DA 376 -98.56 38.72 -89.87
C THR DA 376 -98.60 40.19 -90.25
N VAL DA 377 -98.33 40.47 -91.52
CA VAL DA 377 -98.34 41.84 -92.04
C VAL DA 377 -99.26 41.88 -93.26
N THR DA 378 -99.72 43.07 -93.59
CA THR DA 378 -100.61 43.27 -94.74
C THR DA 378 -99.87 44.01 -95.85
N VAL DA 379 -100.02 43.51 -97.07
CA VAL DA 379 -99.39 44.06 -98.25
C VAL DA 379 -100.47 44.54 -99.21
N THR DA 380 -100.26 45.72 -99.79
CA THR DA 380 -101.20 46.31 -100.73
C THR DA 380 -100.51 46.48 -102.07
N VAL DA 381 -101.12 45.95 -103.12
CA VAL DA 381 -100.61 46.04 -104.49
C VAL DA 381 -101.56 46.97 -105.25
N PRO DA 382 -101.12 48.17 -105.64
CA PRO DA 382 -101.97 49.15 -106.33
C PRO DA 382 -102.46 48.68 -107.69
N ALA EA 2 -123.77 115.92 -68.65
CA ALA EA 2 -122.45 115.51 -68.19
C ALA EA 2 -121.37 116.03 -69.14
N HIS EA 3 -120.19 116.28 -68.58
CA HIS EA 3 -119.08 116.79 -69.38
C HIS EA 3 -118.60 115.71 -70.35
N ILE EA 4 -118.42 116.09 -71.61
CA ILE EA 4 -117.99 115.17 -72.65
C ILE EA 4 -116.66 115.67 -73.18
N PHE EA 5 -115.57 115.20 -72.60
CA PHE EA 5 -114.25 115.58 -73.04
C PHE EA 5 -113.88 114.81 -74.32
N VAL EA 6 -113.03 115.42 -75.13
CA VAL EA 6 -112.50 114.77 -76.33
C VAL EA 6 -111.01 114.53 -76.11
N LYS EA 7 -110.58 113.29 -76.29
CA LYS EA 7 -109.21 112.91 -76.02
C LYS EA 7 -108.68 112.07 -77.17
N PRO EA 8 -107.37 112.15 -77.44
CA PRO EA 8 -106.81 111.40 -78.56
C PRO EA 8 -106.62 109.93 -78.22
N GLU EA 9 -106.63 109.12 -79.27
CA GLU EA 9 -106.21 107.73 -79.12
C GLU EA 9 -104.71 107.70 -78.81
N LEU EA 10 -104.29 106.75 -77.99
CA LEU EA 10 -102.89 106.57 -77.66
C LEU EA 10 -102.46 105.15 -77.97
N VAL EA 11 -101.33 105.01 -78.66
CA VAL EA 11 -100.75 103.73 -78.99
C VAL EA 11 -99.33 103.72 -78.44
N ALA EA 12 -99.01 102.71 -77.63
CA ALA EA 12 -97.71 102.61 -76.99
C ALA EA 12 -97.18 101.20 -77.17
N GLU EA 13 -95.85 101.08 -77.14
CA GLU EA 13 -95.18 99.79 -77.21
C GLU EA 13 -94.46 99.56 -75.89
N ILE EA 14 -94.86 98.53 -75.16
CA ILE EA 14 -94.32 98.23 -73.84
C ILE EA 14 -93.41 97.02 -73.84
N GLY EA 15 -93.10 96.46 -74.99
CA GLY EA 15 -92.21 95.32 -75.07
C GLY EA 15 -92.87 93.97 -75.21
N VAL EA 16 -94.20 93.92 -75.22
CA VAL EA 16 -94.90 92.67 -75.51
C VAL EA 16 -94.86 92.42 -77.00
N LYS EA 17 -94.45 91.21 -77.38
CA LYS EA 17 -94.22 90.86 -78.77
C LYS EA 17 -94.80 89.49 -79.05
N GLN EA 18 -94.98 89.20 -80.33
CA GLN EA 18 -95.43 87.87 -80.73
C GLN EA 18 -94.34 86.85 -80.46
N LEU EA 19 -94.69 85.77 -79.79
CA LEU EA 19 -93.73 84.75 -79.41
C LEU EA 19 -93.33 83.93 -80.62
N GLN EA 20 -92.02 83.77 -80.81
CA GLN EA 20 -91.49 82.98 -81.91
C GLN EA 20 -90.34 82.13 -81.41
N ARG EA 21 -90.23 80.93 -81.95
CA ARG EA 21 -89.22 79.99 -81.49
C ARG EA 21 -87.83 80.49 -81.86
N GLU EA 22 -86.82 79.74 -81.45
CA GLU EA 22 -85.43 80.05 -81.75
C GLU EA 22 -84.96 79.21 -82.93
N ILE EA 23 -83.77 79.53 -83.41
CA ILE EA 23 -83.17 78.87 -84.57
C ILE EA 23 -82.02 78.01 -84.07
N VAL EA 24 -82.18 76.69 -84.14
CA VAL EA 24 -81.17 75.77 -83.65
C VAL EA 24 -80.78 74.76 -84.73
N LEU EA 25 -81.70 74.47 -85.65
CA LEU EA 25 -81.43 73.45 -86.66
C LEU EA 25 -80.30 73.84 -87.62
N PRO EA 26 -80.27 75.04 -88.20
CA PRO EA 26 -79.23 75.31 -89.22
C PRO EA 26 -77.81 75.17 -88.71
N GLY EA 27 -77.56 75.33 -87.43
CA GLY EA 27 -76.22 75.15 -86.93
C GLY EA 27 -75.79 73.73 -86.74
N LEU EA 28 -76.65 72.76 -87.07
CA LEU EA 28 -76.37 71.35 -86.83
C LEU EA 28 -76.13 70.56 -88.10
N VAL EA 29 -76.85 70.84 -89.18
CA VAL EA 29 -76.73 70.06 -90.40
C VAL EA 29 -75.45 70.44 -91.13
N TRP EA 30 -75.05 69.61 -92.08
CA TRP EA 30 -73.83 69.81 -92.85
C TRP EA 30 -74.10 70.80 -93.96
N THR EA 31 -73.67 72.04 -93.78
CA THR EA 31 -73.93 73.10 -94.74
C THR EA 31 -72.73 73.30 -95.66
N ASN EA 32 -73.03 73.52 -96.93
CA ASN EA 32 -72.06 73.82 -97.98
C ASN EA 32 -70.83 72.92 -97.95
N PRO EA 33 -70.97 71.61 -98.17
CA PRO EA 33 -69.79 70.81 -98.49
C PRO EA 33 -69.46 70.86 -99.98
N LEU EA 34 -70.42 71.23 -100.81
CA LEU EA 34 -70.24 71.40 -102.24
C LEU EA 34 -70.68 72.81 -102.61
N THR EA 35 -69.90 73.50 -103.44
CA THR EA 35 -70.14 74.90 -103.74
C THR EA 35 -70.51 75.14 -105.19
N ASP EA 36 -69.68 74.67 -106.13
CA ASP EA 36 -69.83 75.02 -107.53
C ASP EA 36 -70.93 74.16 -108.16
N PHE EA 37 -72.18 74.55 -107.92
CA PHE EA 37 -73.31 73.85 -108.51
C PHE EA 37 -73.66 74.32 -109.90
N GLY EA 38 -73.48 75.62 -110.18
CA GLY EA 38 -73.75 76.11 -111.52
C GLY EA 38 -72.73 75.66 -112.55
N GLY EA 39 -71.51 75.36 -112.11
CA GLY EA 39 -70.49 74.92 -113.05
C GLY EA 39 -70.81 73.58 -113.69
N SER EA 40 -71.26 72.62 -112.89
CA SER EA 40 -71.55 71.30 -113.41
C SER EA 40 -72.86 71.29 -114.19
N LYS EA 41 -73.05 70.25 -114.97
CA LYS EA 41 -74.24 70.14 -115.80
C LYS EA 41 -75.43 69.68 -114.98
N ASN EA 42 -76.62 70.10 -115.40
CA ASN EA 42 -77.88 69.75 -114.77
C ASN EA 42 -77.93 70.18 -113.30
N ASP EA 43 -77.15 71.19 -112.92
CA ASP EA 43 -77.06 71.65 -111.54
C ASP EA 43 -76.72 70.52 -110.58
N THR EA 44 -76.07 69.47 -111.08
CA THR EA 44 -75.82 68.27 -110.30
C THR EA 44 -74.32 68.08 -110.15
N ILE EA 45 -73.86 68.00 -108.92
CA ILE EA 45 -72.50 67.59 -108.60
C ILE EA 45 -72.52 66.10 -108.33
N THR EA 46 -71.62 65.37 -108.97
CA THR EA 46 -71.51 63.93 -108.75
C THR EA 46 -70.49 63.67 -107.66
N VAL EA 47 -70.91 62.95 -106.62
CA VAL EA 47 -70.05 62.57 -105.52
C VAL EA 47 -69.67 61.12 -105.70
N ARG EA 48 -68.38 60.81 -105.55
CA ARG EA 48 -67.85 59.48 -105.80
C ARG EA 48 -67.56 58.79 -104.48
N VAL EA 49 -68.12 57.59 -104.32
CA VAL EA 49 -67.87 56.76 -103.15
C VAL EA 49 -66.68 55.87 -103.45
N PRO EA 50 -65.61 55.90 -102.65
CA PRO EA 50 -64.43 55.09 -102.96
C PRO EA 50 -64.74 53.61 -103.01
N ALA EA 51 -63.99 52.91 -103.85
CA ALA EA 51 -64.27 51.51 -104.14
C ALA EA 51 -63.97 50.61 -102.96
N ILE EA 52 -64.50 49.40 -103.03
CA ILE EA 52 -64.30 48.37 -102.02
C ILE EA 52 -64.02 47.06 -102.74
N THR EA 53 -63.27 46.18 -102.08
CA THR EA 53 -62.83 44.94 -102.70
C THR EA 53 -63.02 43.80 -101.71
N THR EA 54 -63.18 42.59 -102.23
CA THR EA 54 -63.34 41.39 -101.43
C THR EA 54 -62.24 40.40 -101.77
N ALA EA 55 -61.77 39.69 -100.76
CA ALA EA 55 -60.74 38.67 -100.94
C ALA EA 55 -61.37 37.31 -101.14
N ASN EA 56 -60.52 36.33 -101.43
CA ASN EA 56 -60.96 34.96 -101.64
C ASN EA 56 -59.96 34.03 -100.98
N ARG EA 57 -60.38 32.78 -100.77
CA ARG EA 57 -59.51 31.78 -100.18
C ARG EA 57 -59.57 30.50 -100.99
N ARG EA 58 -58.44 29.82 -101.05
CA ARG EA 58 -58.34 28.55 -101.76
C ARG EA 58 -57.53 27.57 -100.93
N ASP EA 59 -57.78 26.28 -101.13
CA ASP EA 59 -57.10 25.26 -100.36
C ASP EA 59 -55.62 25.22 -100.72
N LEU EA 60 -54.79 25.01 -99.71
CA LEU EA 60 -53.36 24.87 -99.94
C LEU EA 60 -53.07 23.60 -100.70
N ARG EA 61 -52.02 23.64 -101.53
CA ARG EA 61 -51.57 22.48 -102.30
C ARG EA 61 -52.66 21.92 -103.21
N ASP EA 62 -53.55 22.78 -103.67
CA ASP EA 62 -54.61 22.35 -104.57
C ASP EA 62 -53.99 22.00 -105.92
N PRO EA 63 -54.38 20.89 -106.56
CA PRO EA 63 -53.85 20.60 -107.89
C PRO EA 63 -54.12 21.69 -108.91
N ASP EA 64 -55.27 22.34 -108.85
CA ASP EA 64 -55.55 23.45 -109.75
C ASP EA 64 -55.00 24.75 -109.17
N ARG EA 65 -54.73 25.70 -110.05
CA ARG EA 65 -54.06 26.93 -109.66
C ARG EA 65 -54.84 28.17 -110.10
N THR EA 66 -56.10 28.01 -110.48
CA THR EA 66 -56.91 29.14 -110.89
C THR EA 66 -57.14 30.09 -109.72
N VAL EA 67 -57.15 31.37 -110.02
CA VAL EA 67 -57.24 32.43 -109.00
C VAL EA 67 -58.41 33.32 -109.35
N ILE EA 68 -59.27 33.60 -108.37
CA ILE EA 68 -60.48 34.37 -108.61
C ILE EA 68 -60.15 35.85 -108.55
N ALA EA 69 -60.30 36.54 -109.68
CA ALA EA 69 -60.03 37.97 -109.74
C ALA EA 69 -61.13 38.76 -109.05
N SER EA 70 -60.73 39.82 -108.37
CA SER EA 70 -61.66 40.72 -107.69
C SER EA 70 -61.56 42.10 -108.31
N GLU EA 71 -62.64 42.57 -108.92
CA GLU EA 71 -62.69 43.89 -109.54
C GLU EA 71 -63.33 44.87 -108.57
N LEU EA 72 -62.74 46.04 -108.46
CA LEU EA 72 -63.22 47.10 -107.58
C LEU EA 72 -64.15 48.02 -108.36
N VAL EA 73 -65.25 48.40 -107.73
CA VAL EA 73 -66.30 49.19 -108.36
C VAL EA 73 -66.50 50.47 -107.57
N GLU EA 74 -66.55 51.60 -108.27
CA GLU EA 74 -66.77 52.90 -107.66
C GLU EA 74 -68.18 53.37 -107.97
N HIS EA 75 -68.92 53.75 -106.93
CA HIS EA 75 -70.29 54.21 -107.07
C HIS EA 75 -70.34 55.74 -106.97
N SER EA 76 -71.50 56.30 -107.30
CA SER EA 76 -71.63 57.74 -107.31
C SER EA 76 -73.09 58.13 -107.09
N PHE EA 77 -73.29 59.36 -106.63
CA PHE EA 77 -74.64 59.88 -106.48
C PHE EA 77 -74.63 61.39 -106.67
N GLY EA 78 -75.79 61.94 -107.00
CA GLY EA 78 -75.91 63.33 -107.36
C GLY EA 78 -76.43 64.23 -106.26
N VAL EA 79 -75.92 65.47 -106.23
CA VAL EA 79 -76.38 66.52 -105.34
C VAL EA 79 -76.81 67.70 -106.19
N THR EA 80 -78.00 68.22 -105.92
CA THR EA 80 -78.60 69.19 -106.84
C THR EA 80 -79.28 70.32 -106.07
N LEU EA 81 -79.26 71.52 -106.64
CA LEU EA 81 -80.07 72.62 -106.17
C LEU EA 81 -81.48 72.51 -106.73
N ASP EA 82 -82.48 72.62 -105.86
CA ASP EA 82 -83.85 72.41 -106.32
C ASP EA 82 -84.89 73.32 -105.68
N LYS EA 83 -84.51 74.28 -104.84
CA LYS EA 83 -85.49 75.15 -104.21
C LYS EA 83 -85.03 76.59 -104.27
N HIS EA 84 -86.01 77.50 -104.26
CA HIS EA 84 -85.78 78.94 -104.37
C HIS EA 84 -86.59 79.60 -103.25
N VAL EA 85 -85.97 79.78 -102.09
CA VAL EA 85 -86.67 80.29 -100.93
C VAL EA 85 -86.67 81.80 -100.97
N TYR EA 86 -87.85 82.41 -100.85
CA TYR EA 86 -87.99 83.84 -101.05
C TYR EA 86 -89.02 84.40 -100.10
N ALA EA 87 -89.00 85.73 -99.96
CA ALA EA 87 -90.05 86.48 -99.30
C ALA EA 87 -90.30 87.73 -100.12
N ALA EA 88 -91.54 87.92 -100.56
CA ALA EA 88 -91.90 89.01 -101.45
C ALA EA 88 -92.95 89.88 -100.80
N LEU EA 89 -92.76 91.19 -100.89
CA LEU EA 89 -93.69 92.17 -100.33
C LEU EA 89 -94.05 93.17 -101.41
N LYS EA 90 -95.26 93.70 -101.32
CA LYS EA 90 -95.70 94.76 -102.21
C LYS EA 90 -96.42 95.82 -101.40
N PHE EA 91 -96.16 97.08 -101.74
CA PHE EA 91 -96.77 98.22 -101.05
C PHE EA 91 -97.26 99.22 -102.08
N THR EA 92 -98.51 99.62 -101.97
CA THR EA 92 -98.99 100.73 -102.77
C THR EA 92 -98.35 102.03 -102.29
N ASP EA 93 -98.43 103.07 -103.12
CA ASP EA 93 -97.88 104.36 -102.73
C ASP EA 93 -98.53 104.87 -101.46
N GLU EA 94 -99.83 104.60 -101.30
CA GLU EA 94 -100.51 105.03 -100.07
C GLU EA 94 -99.91 104.37 -98.85
N GLN EA 95 -99.59 103.07 -98.95
CA GLN EA 95 -98.99 102.38 -97.82
C GLN EA 95 -97.53 102.76 -97.65
N ARG EA 96 -96.83 103.03 -98.75
CA ARG EA 96 -95.41 103.37 -98.66
C ARG EA 96 -95.20 104.76 -98.06
N THR EA 97 -96.11 105.69 -98.33
CA THR EA 97 -95.92 107.06 -97.88
C THR EA 97 -96.39 107.24 -96.45
N LEU EA 98 -97.61 106.82 -96.15
CA LEU EA 98 -98.24 107.11 -94.86
C LEU EA 98 -98.00 106.00 -93.83
N ASP EA 99 -98.38 104.77 -94.15
CA ASP EA 99 -98.40 103.71 -93.14
C ASP EA 99 -97.00 103.40 -92.62
N ILE EA 100 -96.01 103.35 -93.50
CA ILE EA 100 -94.66 102.92 -93.10
C ILE EA 100 -93.93 104.11 -92.49
N ARG EA 101 -93.46 103.94 -91.25
CA ARG EA 101 -92.73 104.99 -90.55
C ARG EA 101 -91.24 104.73 -90.43
N ASP EA 102 -90.80 103.49 -90.48
CA ASP EA 102 -89.37 103.16 -90.45
C ASP EA 102 -89.17 101.88 -91.25
N TYR EA 103 -88.59 102.00 -92.44
CA TYR EA 103 -88.51 100.87 -93.35
C TYR EA 103 -87.69 99.73 -92.77
N THR EA 104 -86.55 100.06 -92.15
CA THR EA 104 -85.68 99.01 -91.63
C THR EA 104 -86.37 98.18 -90.54
N LYS EA 105 -87.06 98.86 -89.62
CA LYS EA 105 -87.65 98.19 -88.47
C LYS EA 105 -89.07 97.70 -88.73
N GLN EA 106 -89.61 97.92 -89.93
CA GLN EA 106 -90.97 97.49 -90.23
C GLN EA 106 -91.09 96.57 -91.42
N VAL EA 107 -90.10 96.51 -92.30
CA VAL EA 107 -90.18 95.74 -93.53
C VAL EA 107 -88.99 94.81 -93.70
N LEU EA 108 -87.77 95.34 -93.56
CA LEU EA 108 -86.60 94.52 -93.82
C LEU EA 108 -86.39 93.47 -92.73
N MET EA 109 -86.50 93.86 -91.47
CA MET EA 109 -86.30 92.91 -90.39
C MET EA 109 -87.35 91.80 -90.36
N PRO EA 110 -88.65 92.08 -90.45
CA PRO EA 110 -89.60 90.96 -90.52
C PRO EA 110 -89.37 90.08 -91.74
N GLN EA 111 -88.98 90.67 -92.87
CA GLN EA 111 -88.72 89.88 -94.06
C GLN EA 111 -87.55 88.92 -93.84
N VAL EA 112 -86.46 89.43 -93.26
CA VAL EA 112 -85.31 88.57 -93.00
C VAL EA 112 -85.66 87.48 -92.01
N SER EA 113 -86.44 87.81 -90.98
CA SER EA 113 -86.84 86.80 -90.01
C SER EA 113 -87.70 85.73 -90.67
N ALA EA 114 -88.61 86.14 -91.55
CA ALA EA 114 -89.45 85.17 -92.25
C ALA EA 114 -88.61 84.24 -93.10
N VAL EA 115 -87.61 84.78 -93.80
CA VAL EA 115 -86.74 83.93 -94.62
C VAL EA 115 -85.94 82.98 -93.74
N ALA EA 116 -85.45 83.46 -92.60
CA ALA EA 116 -84.70 82.59 -91.70
C ALA EA 116 -85.57 81.43 -91.22
N TYR EA 117 -86.80 81.72 -90.84
CA TYR EA 117 -87.68 80.66 -90.38
C TYR EA 117 -88.03 79.72 -91.53
N GLU EA 118 -88.13 80.24 -92.76
CA GLU EA 118 -88.39 79.35 -93.88
C GLU EA 118 -87.21 78.42 -94.13
N LEU EA 119 -85.99 78.92 -93.96
CA LEU EA 119 -84.82 78.05 -94.10
C LEU EA 119 -84.80 76.97 -93.03
N GLU EA 120 -85.13 77.34 -91.78
CA GLU EA 120 -85.20 76.34 -90.74
C GLU EA 120 -86.29 75.31 -91.03
N ASP EA 121 -87.43 75.76 -91.54
CA ASP EA 121 -88.48 74.82 -91.93
C ASP EA 121 -88.02 73.92 -93.07
N TYR EA 122 -87.24 74.45 -94.00
CA TYR EA 122 -86.67 73.64 -95.06
C TYR EA 122 -85.81 72.52 -94.48
N ILE EA 123 -84.93 72.87 -93.54
CA ILE EA 123 -84.06 71.87 -92.92
C ILE EA 123 -84.88 70.85 -92.14
N ALA EA 124 -85.90 71.30 -91.42
CA ALA EA 124 -86.74 70.37 -90.67
C ALA EA 124 -87.51 69.44 -91.58
N GLU EA 125 -88.00 69.96 -92.72
CA GLU EA 125 -88.64 69.10 -93.70
C GLU EA 125 -87.67 68.05 -94.21
N LEU EA 126 -86.42 68.45 -94.43
CA LEU EA 126 -85.39 67.47 -94.82
C LEU EA 126 -85.23 66.40 -93.76
N ILE EA 127 -85.13 66.80 -92.50
CA ILE EA 127 -84.81 65.85 -91.44
C ILE EA 127 -85.97 64.89 -91.22
N GLU EA 128 -87.19 65.41 -91.10
CA GLU EA 128 -88.33 64.55 -90.85
C GLU EA 128 -88.76 63.78 -92.09
N GLY EA 129 -88.59 64.36 -93.27
CA GLY EA 129 -89.00 63.68 -94.48
C GLY EA 129 -88.03 62.65 -94.99
N ALA EA 130 -86.91 62.44 -94.32
CA ALA EA 130 -85.91 61.51 -94.80
C ALA EA 130 -86.48 60.10 -94.84
N PRO EA 131 -85.99 59.25 -95.73
CA PRO EA 131 -86.51 57.88 -95.79
C PRO EA 131 -86.08 57.04 -94.59
N TYR EA 132 -86.99 56.82 -93.66
CA TYR EA 132 -86.75 55.98 -92.50
C TYR EA 132 -87.49 54.67 -92.67
N GLU EA 133 -86.77 53.56 -92.53
CA GLU EA 133 -87.42 52.26 -92.65
C GLU EA 133 -88.44 52.05 -91.54
N GLU EA 134 -88.09 52.46 -90.32
CA GLU EA 134 -88.97 52.27 -89.18
C GLU EA 134 -88.79 53.44 -88.22
N THR EA 135 -89.78 53.62 -87.35
CA THR EA 135 -89.73 54.65 -86.32
C THR EA 135 -89.70 53.96 -84.97
N ILE EA 136 -88.58 54.07 -84.26
CA ILE EA 136 -88.46 53.47 -82.94
C ILE EA 136 -89.46 54.12 -82.00
N LEU EA 137 -90.19 53.31 -81.25
CA LEU EA 137 -91.24 53.82 -80.38
C LEU EA 137 -90.69 53.98 -78.97
N ILE EA 138 -90.88 55.17 -78.41
CA ILE EA 138 -90.44 55.46 -77.05
C ILE EA 138 -91.59 55.20 -76.10
N ASP EA 139 -91.39 54.30 -75.16
CA ASP EA 139 -92.37 54.08 -74.11
C ASP EA 139 -92.27 55.22 -73.10
N PRO EA 140 -93.34 55.98 -72.87
CA PRO EA 140 -93.26 57.05 -71.86
C PRO EA 140 -92.90 56.56 -70.47
N ALA EA 141 -93.31 55.35 -70.10
CA ALA EA 141 -92.96 54.82 -68.79
C ALA EA 141 -91.46 54.54 -68.68
N ASP EA 142 -90.86 54.05 -69.75
CA ASP EA 142 -89.42 53.77 -69.79
C ASP EA 142 -88.89 54.24 -71.14
N THR EA 143 -88.21 55.38 -71.14
CA THR EA 143 -87.78 56.02 -72.38
C THR EA 143 -86.36 55.65 -72.78
N VAL EA 144 -85.52 55.22 -71.85
CA VAL EA 144 -84.13 54.92 -72.17
C VAL EA 144 -83.98 53.79 -73.19
N PRO EA 145 -84.74 52.69 -73.10
CA PRO EA 145 -84.54 51.62 -74.09
C PRO EA 145 -84.70 52.06 -75.53
N ALA EA 146 -85.57 53.03 -75.80
CA ALA EA 146 -85.70 53.52 -77.17
C ALA EA 146 -84.42 54.17 -77.66
N PHE EA 147 -83.79 54.98 -76.82
CA PHE EA 147 -82.57 55.65 -77.24
C PHE EA 147 -81.40 54.67 -77.34
N ILE EA 148 -81.33 53.71 -76.42
CA ILE EA 148 -80.29 52.68 -76.55
C ILE EA 148 -80.53 51.85 -77.80
N THR EA 149 -81.78 51.63 -78.18
CA THR EA 149 -82.06 50.91 -79.42
C THR EA 149 -81.64 51.74 -80.64
N ALA EA 150 -81.84 53.05 -80.59
CA ALA EA 150 -81.36 53.89 -81.69
C ALA EA 150 -79.84 53.83 -81.80
N ASP EA 151 -79.16 53.89 -80.66
CA ASP EA 151 -77.71 53.74 -80.67
C ASP EA 151 -77.31 52.38 -81.23
N GLN EA 152 -78.05 51.33 -80.87
CA GLN EA 152 -77.78 50.00 -81.40
C GLN EA 152 -77.96 49.97 -82.90
N ARG EA 153 -79.02 50.59 -83.41
CA ARG EA 153 -79.28 50.58 -84.85
C ARG EA 153 -78.14 51.26 -85.59
N MET EA 154 -77.65 52.38 -85.08
CA MET EA 154 -76.58 53.07 -85.78
C MET EA 154 -75.21 52.44 -85.57
N GLY EA 155 -75.01 51.74 -84.45
CA GLY EA 155 -73.77 50.99 -84.29
C GLY EA 155 -73.74 49.75 -85.17
N GLU EA 156 -74.90 49.16 -85.42
CA GLU EA 156 -74.97 47.96 -86.25
C GLU EA 156 -74.57 48.27 -87.69
N ALA EA 157 -74.95 49.45 -88.18
CA ALA EA 157 -74.60 49.87 -89.53
C ALA EA 157 -73.19 50.44 -89.62
N ASN EA 158 -72.41 50.36 -88.55
CA ASN EA 158 -71.01 50.78 -88.52
C ASN EA 158 -70.85 52.29 -88.71
N VAL EA 159 -71.87 53.06 -88.39
CA VAL EA 159 -71.75 54.53 -88.48
C VAL EA 159 -70.76 55.00 -87.43
N PRO EA 160 -69.88 55.95 -87.74
CA PRO EA 160 -68.91 56.42 -86.73
C PRO EA 160 -69.60 57.01 -85.52
N THR EA 161 -68.97 56.84 -84.36
CA THR EA 161 -69.58 57.27 -83.11
C THR EA 161 -69.56 58.79 -82.97
N ASP EA 162 -68.46 59.43 -83.38
CA ASP EA 162 -68.31 60.85 -83.17
C ASP EA 162 -69.20 61.66 -84.11
N SER EA 163 -69.43 62.92 -83.74
CA SER EA 163 -70.20 63.87 -84.55
C SER EA 163 -71.62 63.36 -84.78
N ARG EA 164 -72.28 62.95 -83.71
CA ARG EA 164 -73.67 62.52 -83.75
C ARG EA 164 -74.53 63.56 -83.06
N ARG EA 165 -75.64 63.92 -83.69
CA ARG EA 165 -76.55 64.91 -83.15
C ARG EA 165 -77.86 64.24 -82.77
N LEU EA 166 -78.47 64.71 -81.68
CA LEU EA 166 -79.75 64.19 -81.20
C LEU EA 166 -80.66 65.36 -80.91
N VAL EA 167 -81.65 65.57 -81.77
CA VAL EA 167 -82.59 66.68 -81.65
C VAL EA 167 -83.94 66.10 -81.30
N VAL EA 168 -84.47 66.49 -80.13
CA VAL EA 168 -85.73 65.95 -79.66
C VAL EA 168 -86.78 67.05 -79.66
N GLY EA 169 -88.01 66.67 -79.93
CA GLY EA 169 -89.11 67.60 -79.86
C GLY EA 169 -89.41 67.97 -78.42
N SER EA 170 -90.26 68.98 -78.27
CA SER EA 170 -90.58 69.47 -76.92
C SER EA 170 -91.23 68.38 -76.08
N ALA EA 171 -92.17 67.64 -76.67
CA ALA EA 171 -92.87 66.61 -75.92
C ALA EA 171 -91.95 65.49 -75.51
N VAL EA 172 -90.98 65.14 -76.37
CA VAL EA 172 -90.04 64.08 -76.03
C VAL EA 172 -89.17 64.50 -74.86
N ALA EA 173 -88.72 65.76 -74.85
CA ALA EA 173 -87.93 66.25 -73.72
C ALA EA 173 -88.76 66.27 -72.45
N ALA EA 174 -90.03 66.65 -72.57
CA ALA EA 174 -90.91 66.62 -71.39
C ALA EA 174 -91.08 65.19 -70.88
N ALA EA 175 -91.22 64.23 -71.78
CA ALA EA 175 -91.37 62.84 -71.36
C ALA EA 175 -90.10 62.32 -70.73
N LEU EA 176 -88.93 62.74 -71.23
CA LEU EA 176 -87.68 62.39 -70.58
C LEU EA 176 -87.62 62.93 -69.17
N ALA EA 177 -88.03 64.19 -68.99
CA ALA EA 177 -88.02 64.77 -67.66
C ALA EA 177 -89.03 64.07 -66.75
N LYS EA 178 -90.17 63.64 -67.29
CA LYS EA 178 -91.21 63.00 -66.51
C LYS EA 178 -90.90 61.55 -66.18
N ASP EA 179 -89.89 60.96 -66.81
CA ASP EA 179 -89.59 59.56 -66.59
C ASP EA 179 -89.06 59.35 -65.18
N LYS EA 180 -89.53 58.29 -64.52
CA LYS EA 180 -89.01 57.95 -63.21
C LYS EA 180 -87.53 57.63 -63.25
N GLN EA 181 -87.03 57.19 -64.41
CA GLN EA 181 -85.61 56.85 -64.53
C GLN EA 181 -84.73 58.07 -64.29
N PHE EA 182 -85.21 59.26 -64.66
CA PHE EA 182 -84.43 60.48 -64.47
C PHE EA 182 -84.88 61.32 -63.27
N ARG EA 183 -86.17 61.27 -62.91
CA ARG EA 183 -86.61 62.01 -61.73
C ARG EA 183 -86.03 61.43 -60.46
N HIS EA 184 -86.16 60.12 -60.27
CA HIS EA 184 -85.73 59.49 -59.04
C HIS EA 184 -84.21 59.48 -58.96
N ALA EA 185 -83.66 60.17 -57.97
CA ALA EA 185 -82.21 60.27 -57.85
C ALA EA 185 -81.56 58.93 -57.49
N ASP EA 186 -82.30 58.02 -56.86
CA ASP EA 186 -81.72 56.71 -56.60
C ASP EA 186 -81.64 55.86 -57.85
N TRP EA 187 -82.41 56.20 -58.88
CA TRP EA 187 -82.44 55.46 -60.13
C TRP EA 187 -81.50 56.01 -61.18
N SER EA 188 -80.90 57.17 -60.95
CA SER EA 188 -80.02 57.73 -61.97
C SER EA 188 -78.77 58.36 -61.38
N GLY EA 189 -78.43 58.09 -60.13
CA GLY EA 189 -77.38 58.86 -59.50
C GLY EA 189 -77.78 60.32 -59.50
N ASP EA 190 -76.80 61.20 -59.70
CA ASP EA 190 -77.08 62.62 -59.87
C ASP EA 190 -77.86 63.16 -58.69
N GLN EA 191 -77.18 63.16 -57.53
CA GLN EA 191 -77.83 63.52 -56.28
C GLN EA 191 -78.48 64.89 -56.35
N ALA EA 192 -77.78 65.87 -56.91
CA ALA EA 192 -78.41 67.15 -57.20
C ALA EA 192 -79.36 66.95 -58.37
N ASN EA 193 -80.62 66.67 -58.07
CA ASN EA 193 -81.54 66.14 -59.08
C ASN EA 193 -81.78 67.13 -60.20
N ALA EA 194 -81.18 66.88 -61.36
CA ALA EA 194 -81.34 67.79 -62.48
C ALA EA 194 -82.71 67.69 -63.11
N ALA EA 195 -83.24 66.47 -63.25
CA ALA EA 195 -84.51 66.27 -63.94
C ALA EA 195 -85.70 66.69 -63.09
N LEU EA 196 -85.51 66.88 -61.79
CA LEU EA 196 -86.60 67.31 -60.91
C LEU EA 196 -86.49 68.77 -60.53
N ARG EA 197 -85.33 69.22 -60.03
CA ARG EA 197 -85.16 70.63 -59.70
C ARG EA 197 -85.30 71.48 -60.94
N GLU EA 198 -84.56 71.17 -61.99
CA GLU EA 198 -84.78 71.77 -63.30
C GLU EA 198 -85.57 70.78 -64.15
N ALA EA 199 -85.77 71.11 -65.42
CA ALA EA 199 -86.48 70.22 -66.31
C ALA EA 199 -85.60 69.57 -67.36
N HIS EA 200 -84.42 70.11 -67.63
CA HIS EA 200 -83.59 69.54 -68.68
C HIS EA 200 -82.97 68.23 -68.19
N VAL EA 201 -82.82 67.30 -69.11
CA VAL EA 201 -82.25 65.99 -68.79
C VAL EA 201 -80.79 65.97 -69.18
N GLY EA 202 -80.42 66.68 -70.24
CA GLY EA 202 -79.03 66.79 -70.61
C GLY EA 202 -78.55 65.55 -71.32
N ARG EA 203 -77.39 65.04 -70.91
CA ARG EA 203 -76.80 63.88 -71.57
C ARG EA 203 -77.67 62.65 -71.37
N LEU EA 204 -77.73 61.81 -72.41
CA LEU EA 204 -78.56 60.62 -72.37
C LEU EA 204 -78.03 59.62 -73.37
N ALA EA 205 -77.65 58.44 -72.89
CA ALA EA 205 -77.18 57.35 -73.76
C ALA EA 205 -76.05 57.81 -74.68
N GLY EA 206 -75.12 58.57 -74.12
CA GLY EA 206 -73.96 59.01 -74.86
C GLY EA 206 -74.23 60.00 -75.99
N MET EA 207 -75.10 60.97 -75.76
CA MET EA 207 -75.35 62.01 -76.76
C MET EA 207 -76.13 63.17 -76.14
N ASN EA 208 -75.63 64.39 -76.33
CA ASN EA 208 -76.27 65.56 -75.74
C ASN EA 208 -77.61 65.82 -76.40
N VAL EA 209 -78.64 66.01 -75.58
CA VAL EA 209 -79.98 66.26 -76.07
C VAL EA 209 -80.10 67.73 -76.46
N ILE EA 210 -80.63 67.98 -77.65
CA ILE EA 210 -80.88 69.34 -78.11
C ILE EA 210 -82.37 69.48 -78.38
N ARG EA 211 -83.00 70.46 -77.73
CA ARG EA 211 -84.44 70.65 -77.86
C ARG EA 211 -84.73 71.62 -78.98
N SER EA 212 -85.67 71.25 -79.85
CA SER EA 212 -86.04 72.09 -80.98
C SER EA 212 -87.54 72.01 -81.19
N ASN EA 213 -88.16 73.15 -81.44
CA ASN EA 213 -89.59 73.20 -81.71
C ASN EA 213 -89.90 73.17 -83.19
N ALA EA 214 -88.89 73.13 -84.06
CA ALA EA 214 -89.15 73.06 -85.49
C ALA EA 214 -89.69 71.69 -85.89
N ILE EA 215 -89.20 70.63 -85.26
CA ILE EA 215 -89.64 69.28 -85.58
C ILE EA 215 -90.97 69.02 -84.91
N ALA EA 216 -91.61 67.91 -85.27
CA ALA EA 216 -92.88 67.54 -84.68
C ALA EA 216 -92.70 67.35 -83.17
N PRO EA 217 -93.72 67.67 -82.37
CA PRO EA 217 -93.53 67.70 -80.92
C PRO EA 217 -93.08 66.38 -80.32
N ASP EA 218 -93.58 65.25 -80.83
CA ASP EA 218 -93.35 63.95 -80.21
C ASP EA 218 -92.37 63.09 -81.02
N LYS EA 219 -91.35 63.71 -81.59
CA LYS EA 219 -90.36 63.01 -82.37
C LYS EA 219 -88.97 63.37 -81.89
N ALA EA 220 -88.02 62.49 -82.16
CA ALA EA 220 -86.62 62.70 -81.84
C ALA EA 220 -85.79 62.13 -82.98
N TYR EA 221 -85.01 62.97 -83.64
CA TYR EA 221 -84.20 62.54 -84.77
C TYR EA 221 -82.74 62.52 -84.36
N LEU EA 222 -82.06 61.42 -84.65
CA LEU EA 222 -80.65 61.27 -84.33
C LEU EA 222 -79.92 61.07 -85.64
N TRP EA 223 -78.83 61.78 -85.85
CA TRP EA 223 -78.16 61.64 -87.14
C TRP EA 223 -76.67 61.90 -87.02
N HIS EA 224 -75.90 61.16 -87.79
CA HIS EA 224 -74.49 61.44 -87.96
C HIS EA 224 -74.30 62.72 -88.76
N ARG EA 225 -73.11 63.31 -88.67
CA ARG EA 225 -72.88 64.60 -89.31
C ARG EA 225 -73.05 64.52 -90.81
N THR EA 226 -72.64 63.41 -91.42
CA THR EA 226 -72.65 63.28 -92.87
C THR EA 226 -73.98 62.78 -93.42
N ALA EA 227 -75.00 62.63 -92.57
CA ALA EA 227 -76.27 62.10 -93.05
C ALA EA 227 -76.96 63.06 -94.00
N PHE EA 228 -77.02 64.34 -93.63
CA PHE EA 228 -77.76 65.33 -94.39
C PHE EA 228 -76.81 66.39 -94.93
N ILE EA 229 -77.06 66.82 -96.17
CA ILE EA 229 -76.22 67.80 -96.86
C ILE EA 229 -77.09 68.97 -97.29
N LEU EA 230 -76.66 70.18 -96.95
CA LEU EA 230 -77.34 71.41 -97.36
C LEU EA 230 -76.41 72.22 -98.24
N ALA EA 231 -76.99 72.94 -99.20
CA ALA EA 231 -76.22 73.82 -100.06
C ALA EA 231 -77.02 75.08 -100.32
N TYR EA 232 -76.35 76.23 -100.27
CA TYR EA 232 -76.99 77.52 -100.46
C TYR EA 232 -76.26 78.30 -101.53
N ARG EA 233 -76.99 79.13 -102.25
CA ARG EA 233 -76.43 79.98 -103.29
C ARG EA 233 -77.14 81.32 -103.29
N THR EA 234 -76.37 82.38 -103.44
CA THR EA 234 -76.93 83.72 -103.48
C THR EA 234 -77.20 84.12 -104.92
N PRO EA 235 -78.44 84.41 -105.29
CA PRO EA 235 -78.69 84.88 -106.66
C PRO EA 235 -77.97 86.18 -106.93
N VAL EA 236 -77.48 86.33 -108.15
CA VAL EA 236 -76.70 87.48 -108.54
C VAL EA 236 -77.65 88.56 -109.06
N VAL EA 237 -77.46 89.78 -108.61
CA VAL EA 237 -78.35 90.88 -108.99
C VAL EA 237 -78.20 91.15 -110.48
N PRO EA 238 -79.29 91.13 -111.25
CA PRO EA 238 -79.18 91.37 -112.69
C PRO EA 238 -78.83 92.81 -113.00
N GLU EA 239 -78.23 93.00 -114.18
CA GLU EA 239 -77.86 94.34 -114.61
C GLU EA 239 -79.10 95.18 -114.90
N GLY EA 240 -80.14 94.58 -115.46
CA GLY EA 240 -81.31 95.33 -115.85
C GLY EA 240 -82.21 95.74 -114.70
N ALA EA 241 -81.89 95.31 -113.48
CA ALA EA 241 -82.68 95.66 -112.31
C ALA EA 241 -81.90 96.62 -111.42
N LYS EA 242 -82.63 97.44 -110.68
CA LYS EA 242 -82.00 98.42 -109.81
C LYS EA 242 -81.17 97.72 -108.75
N ALA EA 243 -80.03 98.32 -108.42
CA ALA EA 243 -79.12 97.71 -107.46
C ALA EA 243 -79.80 97.51 -106.11
N GLY EA 244 -79.59 96.35 -105.53
CA GLY EA 244 -80.16 96.04 -104.23
C GLY EA 244 -79.08 95.57 -103.27
N ALA EA 245 -79.36 95.76 -101.98
CA ALA EA 245 -78.42 95.36 -100.95
C ALA EA 245 -78.45 93.84 -100.76
N SER EA 246 -77.48 93.35 -100.03
CA SER EA 246 -77.37 91.93 -99.71
C SER EA 246 -77.49 91.75 -98.20
N PHE EA 247 -78.33 90.83 -97.77
CA PHE EA 247 -78.56 90.61 -96.36
C PHE EA 247 -78.00 89.26 -95.94
N SER EA 248 -78.15 88.94 -94.66
CA SER EA 248 -77.65 87.67 -94.14
C SER EA 248 -78.58 87.17 -93.06
N ALA EA 249 -79.15 85.99 -93.27
CA ALA EA 249 -79.97 85.33 -92.26
C ALA EA 249 -79.26 84.07 -91.80
N ASN EA 250 -79.00 84.00 -90.49
CA ASN EA 250 -78.36 82.89 -89.78
C ASN EA 250 -77.28 82.20 -90.62
N GLY EA 251 -76.33 82.99 -91.12
CA GLY EA 251 -75.19 82.44 -91.84
C GLY EA 251 -75.43 82.16 -93.31
N VAL EA 252 -76.41 82.81 -93.92
CA VAL EA 252 -76.76 82.58 -95.32
C VAL EA 252 -76.94 83.94 -95.97
N ALA EA 253 -76.23 84.18 -97.07
CA ALA EA 253 -76.37 85.42 -97.80
C ALA EA 253 -77.66 85.41 -98.61
N LEU EA 254 -78.29 86.57 -98.70
CA LEU EA 254 -79.60 86.71 -99.31
C LEU EA 254 -79.60 87.88 -100.27
N ARG EA 255 -80.18 87.68 -101.45
CA ARG EA 255 -80.27 88.72 -102.46
C ARG EA 255 -81.54 89.52 -102.22
N TRP EA 256 -81.40 90.84 -102.13
CA TRP EA 256 -82.54 91.74 -101.98
C TRP EA 256 -82.67 92.59 -103.23
N LEU EA 257 -83.89 92.65 -103.77
CA LEU EA 257 -84.17 93.33 -105.02
C LEU EA 257 -85.44 94.14 -104.86
N ALA EA 258 -85.47 95.32 -105.48
CA ALA EA 258 -86.64 96.18 -105.41
C ALA EA 258 -86.99 96.66 -106.81
N ASP EA 259 -88.27 96.60 -107.17
CA ASP EA 259 -88.72 97.02 -108.49
C ASP EA 259 -90.04 97.75 -108.35
N TYR EA 260 -90.19 98.86 -109.05
CA TYR EA 260 -91.41 99.65 -108.99
C TYR EA 260 -92.39 99.15 -110.03
N ASP EA 261 -93.52 98.62 -109.56
CA ASP EA 261 -94.60 98.17 -110.44
C ASP EA 261 -95.45 99.39 -110.77
N TYR EA 262 -95.14 100.03 -111.90
CA TYR EA 262 -95.87 101.21 -112.31
C TYR EA 262 -97.30 100.88 -112.73
N SER EA 263 -97.53 99.68 -113.25
CA SER EA 263 -98.87 99.32 -113.71
C SER EA 263 -99.86 99.31 -112.56
N GLN EA 264 -99.46 98.76 -111.41
CA GLN EA 264 -100.30 98.73 -110.23
C GLN EA 264 -100.01 99.85 -109.24
N LEU EA 265 -99.10 100.77 -109.59
CA LEU EA 265 -98.77 101.91 -108.76
C LEU EA 265 -98.28 101.48 -107.38
N GLY EA 266 -97.17 100.75 -107.38
CA GLY EA 266 -96.64 100.28 -106.12
C GLY EA 266 -95.19 99.85 -106.23
N ASP EA 267 -94.68 99.32 -105.14
CA ASP EA 267 -93.32 98.83 -105.05
C ASP EA 267 -93.36 97.35 -104.68
N ARG EA 268 -92.41 96.59 -105.22
CA ARG EA 268 -92.28 95.18 -104.92
C ARG EA 268 -90.86 94.88 -104.51
N THR EA 269 -90.70 94.23 -103.37
CA THR EA 269 -89.39 93.83 -102.87
C THR EA 269 -89.34 92.32 -102.76
N LEU EA 270 -88.22 91.74 -103.19
CA LEU EA 270 -88.03 90.29 -103.19
C LEU EA 270 -86.70 89.99 -102.51
N LEU EA 271 -86.74 89.12 -101.50
CA LEU EA 271 -85.53 88.72 -100.78
C LEU EA 271 -85.42 87.21 -100.89
N ASP EA 272 -84.39 86.72 -101.57
CA ASP EA 272 -84.40 85.33 -101.99
C ASP EA 272 -83.02 84.69 -101.88
N VAL EA 273 -83.01 83.36 -101.97
CA VAL EA 273 -81.80 82.55 -101.93
C VAL EA 273 -82.11 81.20 -102.53
N PHE EA 274 -81.19 80.68 -103.34
CA PHE EA 274 -81.34 79.34 -103.89
C PHE EA 274 -80.78 78.33 -102.91
N THR EA 275 -81.38 77.15 -102.85
CA THR EA 275 -81.00 76.18 -101.84
C THR EA 275 -81.28 74.77 -102.34
N GLY EA 276 -80.54 73.83 -101.77
CA GLY EA 276 -80.70 72.43 -102.15
C GLY EA 276 -80.36 71.54 -100.97
N ARG EA 277 -81.00 70.38 -100.92
CA ARG EA 277 -80.86 69.47 -99.79
C ARG EA 277 -80.68 68.05 -100.31
N LYS EA 278 -80.03 67.22 -99.52
CA LYS EA 278 -79.80 65.83 -99.91
C LYS EA 278 -79.62 64.98 -98.66
N VAL EA 279 -80.04 63.72 -98.75
CA VAL EA 279 -79.71 62.73 -97.74
C VAL EA 279 -78.69 61.78 -98.35
N VAL EA 280 -77.73 61.35 -97.54
CA VAL EA 280 -76.64 60.51 -98.03
C VAL EA 280 -77.06 59.07 -97.76
N THR EA 281 -77.68 58.46 -98.76
CA THR EA 281 -78.08 57.06 -98.67
C THR EA 281 -76.89 56.15 -98.96
N GLU EA 282 -77.06 54.87 -98.66
CA GLU EA 282 -76.00 53.89 -98.85
C GLU EA 282 -75.88 53.53 -100.32
N VAL EA 283 -75.03 52.54 -100.61
CA VAL EA 283 -74.81 52.13 -101.99
C VAL EA 283 -76.06 51.48 -102.57
N ASP EA 284 -76.74 50.65 -101.77
CA ASP EA 284 -77.90 49.91 -102.24
C ASP EA 284 -79.22 50.61 -101.95
N GLY EA 285 -79.19 51.82 -101.41
CA GLY EA 285 -80.38 52.61 -101.22
C GLY EA 285 -80.91 52.66 -99.80
N SER EA 286 -80.46 51.76 -98.93
CA SER EA 286 -80.88 51.79 -97.54
C SER EA 286 -80.32 53.03 -96.85
N PHE EA 287 -81.13 53.64 -95.99
CA PHE EA 287 -80.72 54.81 -95.22
C PHE EA 287 -80.41 54.36 -93.80
N VAL EA 288 -79.14 54.45 -93.41
CA VAL EA 288 -78.68 53.94 -92.13
C VAL EA 288 -77.98 54.99 -91.29
N ARG EA 289 -77.86 56.23 -91.77
CA ARG EA 289 -77.12 57.24 -91.05
C ARG EA 289 -77.99 58.10 -90.13
N ALA EA 290 -79.28 57.84 -90.05
CA ALA EA 290 -80.16 58.62 -89.20
C ALA EA 290 -81.31 57.76 -88.73
N VAL EA 291 -81.77 58.00 -87.51
CA VAL EA 291 -82.80 57.22 -86.86
C VAL EA 291 -83.89 58.15 -86.34
N GLU EA 292 -85.14 57.73 -86.52
CA GLU EA 292 -86.31 58.47 -86.08
C GLU EA 292 -86.96 57.74 -84.92
N LEU EA 293 -87.22 58.46 -83.83
CA LEU EA 293 -87.87 57.91 -82.65
C LEU EA 293 -89.16 58.67 -82.41
N GLN EA 294 -90.21 57.97 -82.01
CA GLN EA 294 -91.50 58.61 -81.78
C GLN EA 294 -92.08 58.13 -80.46
N LEU EA 295 -92.87 58.99 -79.84
CA LEU EA 295 -93.40 58.77 -78.51
C LEU EA 295 -94.72 58.03 -78.60
N GLN EA 296 -94.85 56.92 -77.87
CA GLN EA 296 -96.06 56.12 -77.92
C GLN EA 296 -97.24 56.88 -77.33
N ALA EA 297 -98.44 56.55 -77.80
CA ALA EA 297 -99.67 57.10 -77.25
C ALA EA 297 -100.56 55.95 -76.83
N SER EA 298 -101.14 56.05 -75.64
CA SER EA 298 -102.00 55.00 -75.10
C SER EA 298 -103.47 55.37 -75.04
N SER EA 299 -103.80 56.66 -74.95
CA SER EA 299 -105.18 57.08 -74.91
C SER EA 299 -105.25 58.54 -75.33
N ILE EA 300 -106.44 58.97 -75.72
CA ILE EA 300 -106.66 60.34 -76.16
C ILE EA 300 -107.85 60.91 -75.41
N THR EA 301 -107.78 62.21 -75.15
CA THR EA 301 -108.84 62.95 -74.49
C THR EA 301 -109.10 64.23 -75.27
N ILE EA 302 -110.23 64.86 -74.97
CA ILE EA 302 -110.63 66.10 -75.61
C ILE EA 302 -110.59 67.21 -74.57
N VAL EA 303 -109.84 68.27 -74.87
CA VAL EA 303 -109.74 69.40 -73.96
C VAL EA 303 -111.08 70.13 -73.92
N GLY EA 304 -111.55 70.42 -72.71
CA GLY EA 304 -112.80 71.09 -72.50
C GLY EA 304 -113.94 70.19 -72.06
N GLY EA 305 -113.80 68.88 -72.23
CA GLY EA 305 -114.82 67.97 -71.77
C GLY EA 305 -116.10 68.11 -72.58
N ALA EA 306 -117.18 67.53 -72.04
CA ALA EA 306 -118.48 67.56 -72.69
C ALA EA 306 -119.20 68.84 -72.29
N PHE EA 307 -119.35 69.76 -73.23
CA PHE EA 307 -120.05 71.00 -72.98
C PHE EA 307 -120.94 71.33 -74.17
N ALA EA 308 -121.99 72.08 -73.88
CA ALA EA 308 -123.00 72.40 -74.88
C ALA EA 308 -122.61 73.63 -75.67
N LEU EA 309 -123.08 73.68 -76.91
CA LEU EA 309 -122.82 74.83 -77.77
C LEU EA 309 -123.84 75.93 -77.48
N ALA EA 310 -123.39 77.18 -77.53
CA ALA EA 310 -124.25 78.30 -77.16
C ALA EA 310 -125.43 78.44 -78.10
N THR EA 311 -125.19 78.31 -79.42
CA THR EA 311 -126.23 78.52 -80.41
C THR EA 311 -125.98 77.62 -81.60
N THR EA 312 -127.02 77.44 -82.41
CA THR EA 312 -126.92 76.56 -83.57
C THR EA 312 -125.86 77.06 -84.55
N THR EA 313 -125.82 78.36 -84.79
CA THR EA 313 -124.82 78.93 -85.68
C THR EA 313 -123.44 78.99 -85.06
N GLY EA 314 -123.32 78.73 -83.77
CA GLY EA 314 -122.01 78.77 -83.13
C GLY EA 314 -121.11 77.65 -83.60
N THR EA 315 -119.81 77.89 -83.51
CA THR EA 315 -118.80 76.91 -83.91
C THR EA 315 -117.78 76.77 -82.80
N LYS EA 316 -117.30 75.54 -82.59
CA LYS EA 316 -116.22 75.32 -81.64
C LYS EA 316 -115.19 74.37 -82.25
N GLN EA 317 -113.92 74.70 -82.04
CA GLN EA 317 -112.80 73.93 -82.58
C GLN EA 317 -112.31 72.97 -81.51
N LEU EA 318 -112.58 71.68 -81.71
CA LEU EA 318 -112.16 70.69 -80.73
C LEU EA 318 -110.64 70.62 -80.65
N LYS EA 319 -110.13 70.38 -79.44
CA LYS EA 319 -108.73 70.16 -79.20
C LYS EA 319 -108.56 68.76 -78.63
N VAL EA 320 -107.66 67.98 -79.22
CA VAL EA 320 -107.42 66.60 -78.81
C VAL EA 320 -106.00 66.49 -78.29
N ARG EA 321 -105.83 65.72 -77.22
CA ARG EA 321 -104.52 65.46 -76.67
C ARG EA 321 -104.40 63.98 -76.34
N ASP EA 322 -103.19 63.54 -76.08
CA ASP EA 322 -102.95 62.18 -75.62
C ASP EA 322 -102.29 62.23 -74.24
N ASP EA 323 -102.05 61.04 -73.67
CA ASP EA 323 -101.44 60.97 -72.35
C ASP EA 323 -100.04 61.56 -72.31
N ASN EA 324 -99.40 61.71 -73.47
CA ASN EA 324 -98.10 62.36 -73.53
C ASN EA 324 -98.20 63.87 -73.47
N GLY EA 325 -99.40 64.43 -73.66
CA GLY EA 325 -99.58 65.86 -73.69
C GLY EA 325 -99.44 66.50 -75.04
N THR EA 326 -99.15 65.73 -76.09
CA THR EA 326 -99.02 66.30 -77.42
C THR EA 326 -100.38 66.71 -77.96
N ASP EA 327 -100.36 67.57 -78.96
CA ASP EA 327 -101.57 67.98 -79.67
C ASP EA 327 -101.72 67.12 -80.91
N VAL EA 328 -102.76 66.31 -80.96
CA VAL EA 328 -102.99 65.39 -82.06
C VAL EA 328 -104.26 65.74 -82.83
N THR EA 329 -104.68 67.01 -82.78
CA THR EA 329 -105.90 67.41 -83.45
C THR EA 329 -105.81 67.21 -84.94
N ALA EA 330 -104.65 67.53 -85.53
CA ALA EA 330 -104.48 67.32 -86.97
C ALA EA 330 -104.37 65.85 -87.33
N ARG EA 331 -104.10 64.98 -86.37
CA ARG EA 331 -103.91 63.56 -86.63
C ARG EA 331 -105.15 62.73 -86.35
N CYS EA 332 -106.27 63.36 -85.97
CA CYS EA 332 -107.47 62.64 -85.59
C CYS EA 332 -108.54 62.76 -86.68
N THR EA 333 -109.42 61.78 -86.71
CA THR EA 333 -110.58 61.79 -87.58
C THR EA 333 -111.84 61.86 -86.72
N PHE EA 334 -112.73 62.78 -87.05
CA PHE EA 334 -113.90 63.06 -86.23
C PHE EA 334 -115.16 62.56 -86.92
N ALA EA 335 -116.10 62.06 -86.10
CA ALA EA 335 -117.40 61.64 -86.59
C ALA EA 335 -118.46 62.11 -85.60
N SER EA 336 -119.68 62.28 -86.09
CA SER EA 336 -120.80 62.73 -85.28
C SER EA 336 -121.91 61.69 -85.30
N SER EA 337 -122.36 61.28 -84.11
CA SER EA 337 -123.45 60.31 -84.02
C SER EA 337 -124.75 60.90 -84.53
N ALA EA 338 -125.04 62.15 -84.19
CA ALA EA 338 -126.28 62.84 -84.56
C ALA EA 338 -125.93 63.93 -85.56
N GLY EA 339 -125.94 63.57 -86.84
CA GLY EA 339 -125.59 64.54 -87.88
C GLY EA 339 -126.59 65.68 -87.97
N THR EA 340 -127.88 65.39 -87.79
CA THR EA 340 -128.89 66.42 -87.90
C THR EA 340 -128.87 67.40 -86.74
N LYS EA 341 -128.11 67.13 -85.68
CA LYS EA 341 -127.98 68.05 -84.56
C LYS EA 341 -126.70 68.88 -84.63
N ALA EA 342 -125.57 68.24 -84.88
CA ALA EA 342 -124.29 68.94 -84.95
C ALA EA 342 -123.35 68.16 -85.87
N THR EA 343 -122.69 68.89 -86.76
CA THR EA 343 -121.77 68.31 -87.73
C THR EA 343 -120.35 68.79 -87.44
N VAL EA 344 -119.40 67.87 -87.47
CA VAL EA 344 -118.00 68.17 -87.18
C VAL EA 344 -117.20 68.03 -88.47
N SER EA 345 -116.37 69.03 -88.76
CA SER EA 345 -115.52 69.00 -89.93
C SER EA 345 -114.39 68.00 -89.74
N ALA EA 346 -113.67 67.72 -90.82
CA ALA EA 346 -112.55 66.80 -90.76
C ALA EA 346 -111.35 67.37 -90.02
N ALA EA 347 -111.36 68.67 -89.71
CA ALA EA 347 -110.27 69.29 -88.99
C ALA EA 347 -110.60 69.54 -87.52
N GLY EA 348 -111.72 69.02 -87.04
CA GLY EA 348 -112.11 69.15 -85.66
C GLY EA 348 -113.13 70.23 -85.37
N LEU EA 349 -113.30 71.18 -86.29
CA LEU EA 349 -114.30 72.22 -86.10
C LEU EA 349 -115.70 71.60 -86.17
N VAL EA 350 -116.55 71.95 -85.21
CA VAL EA 350 -117.90 71.40 -85.14
C VAL EA 350 -118.90 72.53 -84.97
N THR EA 351 -120.01 72.44 -85.71
CA THR EA 351 -121.06 73.44 -85.73
C THR EA 351 -122.41 72.75 -85.54
N GLY EA 352 -123.27 73.35 -84.72
CA GLY EA 352 -124.57 72.77 -84.47
C GLY EA 352 -125.53 72.94 -85.64
N VAL EA 353 -126.58 72.13 -85.63
CA VAL EA 353 -127.60 72.17 -86.68
C VAL EA 353 -128.97 72.40 -86.06
N ALA EA 354 -129.40 71.47 -85.22
CA ALA EA 354 -130.71 71.54 -84.59
C ALA EA 354 -130.62 71.05 -83.15
N ALA EA 355 -131.60 71.46 -82.34
CA ALA EA 355 -131.57 71.16 -80.93
C ALA EA 355 -131.56 69.65 -80.68
N GLY EA 356 -130.84 69.24 -79.64
CA GLY EA 356 -130.73 67.84 -79.30
C GLY EA 356 -129.36 67.55 -78.73
N THR EA 357 -128.96 66.28 -78.84
CA THR EA 357 -127.66 65.83 -78.36
C THR EA 357 -126.93 65.09 -79.47
N ALA EA 358 -125.63 65.35 -79.61
CA ALA EA 358 -124.79 64.67 -80.57
C ALA EA 358 -123.56 64.12 -79.87
N ASP EA 359 -123.26 62.86 -80.11
CA ASP EA 359 -122.13 62.18 -79.48
C ASP EA 359 -120.96 62.18 -80.46
N ILE EA 360 -120.12 63.21 -80.36
CA ILE EA 360 -118.97 63.32 -81.25
C ILE EA 360 -117.89 62.34 -80.80
N THR EA 361 -117.18 61.77 -81.76
CA THR EA 361 -116.08 60.86 -81.48
C THR EA 361 -114.86 61.27 -82.30
N ALA EA 362 -113.69 61.15 -81.69
CA ALA EA 362 -112.42 61.43 -82.33
C ALA EA 362 -111.57 60.18 -82.26
N SER EA 363 -111.14 59.68 -83.41
CA SER EA 363 -110.35 58.46 -83.51
C SER EA 363 -108.94 58.82 -83.95
N TYR EA 364 -107.95 58.28 -83.24
CA TYR EA 364 -106.54 58.56 -83.49
C TYR EA 364 -105.81 57.24 -83.58
N VAL EA 365 -105.20 56.97 -84.73
CA VAL EA 365 -104.38 55.78 -84.92
C VAL EA 365 -103.00 56.09 -84.34
N PRO EA 366 -102.56 55.39 -83.30
CA PRO EA 366 -101.33 55.78 -82.62
C PRO EA 366 -100.11 55.49 -83.48
N PRO EA 367 -98.95 56.05 -83.11
CA PRO EA 367 -97.73 55.70 -83.84
C PRO EA 367 -97.42 54.22 -83.80
N GLN EA 368 -97.76 53.54 -82.71
CA GLN EA 368 -97.55 52.09 -82.61
C GLN EA 368 -98.42 51.34 -83.61
N GLY EA 369 -99.47 51.95 -84.12
CA GLY EA 369 -100.34 51.30 -85.08
C GLY EA 369 -101.37 50.41 -84.42
N GLY EA 370 -102.22 49.83 -85.27
CA GLY EA 370 -103.23 48.90 -84.79
C GLY EA 370 -104.57 49.54 -84.51
N THR EA 371 -105.19 49.14 -83.40
CA THR EA 371 -106.50 49.68 -83.04
C THR EA 371 -106.40 51.17 -82.77
N ALA EA 372 -107.40 51.91 -83.24
CA ALA EA 372 -107.40 53.35 -83.11
C ALA EA 372 -108.00 53.76 -81.76
N LYS EA 373 -107.25 54.55 -81.01
CA LYS EA 373 -107.78 55.08 -79.76
C LYS EA 373 -108.95 56.01 -80.05
N THR EA 374 -109.90 56.05 -79.12
CA THR EA 374 -111.15 56.77 -79.32
C THR EA 374 -111.43 57.67 -78.13
N ALA EA 375 -111.88 58.89 -78.41
CA ALA EA 375 -112.36 59.82 -77.38
C ALA EA 375 -113.77 60.24 -77.74
N THR EA 376 -114.68 60.17 -76.78
CA THR EA 376 -116.08 60.50 -77.00
C THR EA 376 -116.45 61.73 -76.18
N VAL EA 377 -117.14 62.67 -76.82
CA VAL EA 377 -117.64 63.87 -76.16
C VAL EA 377 -119.11 63.99 -76.54
N THR EA 378 -119.87 64.67 -75.69
CA THR EA 378 -121.29 64.91 -75.91
C THR EA 378 -121.54 66.41 -76.01
N VAL EA 379 -122.22 66.82 -77.07
CA VAL EA 379 -122.54 68.23 -77.29
C VAL EA 379 -124.06 68.37 -77.34
N THR EA 380 -124.57 69.39 -76.66
CA THR EA 380 -125.99 69.69 -76.64
C THR EA 380 -126.25 70.94 -77.44
N VAL EA 381 -127.08 70.81 -78.48
CA VAL EA 381 -127.46 71.95 -79.32
C VAL EA 381 -128.77 72.51 -78.76
N PRO EA 382 -128.82 73.79 -78.39
CA PRO EA 382 -129.99 74.41 -77.77
C PRO EA 382 -131.21 74.42 -78.68
N ALA FA 2 -116.14 92.23 6.46
CA ALA FA 2 -116.59 92.45 5.10
C ALA FA 2 -115.82 93.57 4.43
N HIS FA 3 -114.52 93.35 4.24
CA HIS FA 3 -113.68 94.35 3.61
C HIS FA 3 -114.03 94.49 2.14
N ILE FA 4 -114.18 95.72 1.68
CA ILE FA 4 -114.48 96.02 0.29
C ILE FA 4 -113.52 97.10 -0.18
N PHE FA 5 -112.87 96.88 -1.32
CA PHE FA 5 -111.92 97.83 -1.87
C PHE FA 5 -112.40 98.31 -3.23
N VAL FA 6 -111.90 99.48 -3.63
CA VAL FA 6 -112.17 100.03 -4.95
C VAL FA 6 -110.90 99.90 -5.79
N LYS FA 7 -111.08 99.41 -7.02
CA LYS FA 7 -109.95 99.08 -7.86
C LYS FA 7 -110.16 99.63 -9.27
N PRO FA 8 -109.08 99.93 -9.99
CA PRO FA 8 -109.20 100.66 -11.26
C PRO FA 8 -109.44 99.82 -12.51
N GLU FA 9 -109.68 98.51 -12.39
CA GLU FA 9 -110.04 97.65 -13.53
C GLU FA 9 -109.19 97.93 -14.77
N LEU FA 10 -107.88 98.04 -14.57
CA LEU FA 10 -106.99 98.52 -15.62
C LEU FA 10 -106.89 97.51 -16.76
N VAL FA 11 -106.60 98.03 -17.95
CA VAL FA 11 -106.42 97.23 -19.15
C VAL FA 11 -104.96 97.30 -19.56
N ALA FA 12 -104.48 96.22 -20.19
CA ALA FA 12 -103.09 96.12 -20.56
C ALA FA 12 -102.97 95.51 -21.95
N GLU FA 13 -101.87 95.80 -22.62
CA GLU FA 13 -101.54 95.23 -23.92
C GLU FA 13 -100.31 94.36 -23.78
N ILE FA 14 -100.41 93.12 -24.25
CA ILE FA 14 -99.32 92.16 -24.08
C ILE FA 14 -98.62 91.82 -25.39
N GLY FA 15 -99.26 92.02 -26.53
CA GLY FA 15 -98.64 91.67 -27.79
C GLY FA 15 -99.42 90.64 -28.57
N VAL FA 16 -100.72 90.58 -28.31
CA VAL FA 16 -101.63 89.71 -29.06
C VAL FA 16 -102.35 90.58 -30.08
N LYS FA 17 -102.20 90.23 -31.36
CA LYS FA 17 -102.75 91.02 -32.46
C LYS FA 17 -103.67 90.13 -33.29
N GLN FA 18 -104.61 90.77 -33.98
CA GLN FA 18 -105.44 90.04 -34.91
C GLN FA 18 -104.59 89.48 -36.05
N LEU FA 19 -104.80 88.22 -36.39
CA LEU FA 19 -103.97 87.56 -37.39
C LEU FA 19 -104.37 88.00 -38.78
N GLN FA 20 -103.39 88.38 -39.58
CA GLN FA 20 -103.61 88.80 -40.97
C GLN FA 20 -102.50 88.22 -41.84
N ARG FA 21 -102.81 88.00 -43.10
CA ARG FA 21 -101.87 87.36 -44.00
C ARG FA 21 -100.76 88.32 -44.39
N GLU FA 22 -99.79 87.80 -45.14
CA GLU FA 22 -98.63 88.57 -45.56
C GLU FA 22 -98.75 88.97 -47.02
N ILE FA 23 -98.36 90.21 -47.31
CA ILE FA 23 -98.48 90.77 -48.65
C ILE FA 23 -97.35 90.22 -49.52
N VAL FA 24 -97.72 89.44 -50.54
CA VAL FA 24 -96.73 88.82 -51.41
C VAL FA 24 -96.99 89.21 -52.86
N LEU FA 25 -98.26 89.15 -53.27
CA LEU FA 25 -98.59 89.30 -54.68
C LEU FA 25 -98.16 90.63 -55.32
N PRO FA 26 -98.35 91.79 -54.70
CA PRO FA 26 -98.10 93.04 -55.45
C PRO FA 26 -96.71 93.18 -56.04
N GLY FA 27 -95.69 92.61 -55.40
CA GLY FA 27 -94.36 92.76 -55.94
C GLY FA 27 -94.01 91.86 -57.10
N LEU FA 28 -94.91 90.97 -57.51
CA LEU FA 28 -94.60 89.99 -58.53
C LEU FA 28 -95.16 90.32 -59.90
N VAL FA 29 -96.30 90.98 -59.97
CA VAL FA 29 -96.96 91.28 -61.25
C VAL FA 29 -96.32 92.51 -61.88
N TRP FA 30 -96.68 92.78 -63.13
CA TRP FA 30 -96.18 93.95 -63.84
C TRP FA 30 -96.96 95.18 -63.37
N THR FA 31 -96.27 96.11 -62.73
CA THR FA 31 -96.91 97.28 -62.14
C THR FA 31 -96.55 98.53 -62.92
N ASN FA 32 -97.57 99.23 -63.39
CA ASN FA 32 -97.42 100.52 -64.07
C ASN FA 32 -96.49 100.47 -65.29
N PRO FA 33 -96.84 99.70 -66.32
CA PRO FA 33 -96.15 99.89 -67.60
C PRO FA 33 -96.65 101.12 -68.33
N LEU FA 34 -97.89 101.52 -68.07
CA LEU FA 34 -98.53 102.64 -68.71
C LEU FA 34 -99.14 103.53 -67.64
N THR FA 35 -98.92 104.84 -67.76
CA THR FA 35 -99.39 105.77 -66.74
C THR FA 35 -99.96 107.04 -67.34
N ASP FA 36 -100.60 106.95 -68.50
CA ASP FA 36 -101.16 108.10 -69.18
C ASP FA 36 -102.62 107.84 -69.55
N PHE FA 37 -103.38 107.30 -68.60
CA PHE FA 37 -104.78 107.00 -68.87
C PHE FA 37 -105.65 108.26 -68.90
N GLY FA 38 -105.18 109.35 -68.31
CA GLY FA 38 -105.87 110.61 -68.47
C GLY FA 38 -105.37 111.33 -69.70
N GLY FA 39 -106.12 111.25 -70.79
CA GLY FA 39 -105.65 111.76 -72.05
C GLY FA 39 -105.83 110.77 -73.19
N SER FA 40 -106.62 109.73 -72.95
CA SER FA 40 -106.96 108.76 -73.98
C SER FA 40 -108.44 108.43 -73.88
N LYS FA 41 -109.11 108.27 -75.02
CA LYS FA 41 -110.54 108.08 -75.01
C LYS FA 41 -110.89 106.77 -74.31
N ASN FA 42 -111.98 106.80 -73.54
CA ASN FA 42 -112.45 105.65 -72.78
C ASN FA 42 -111.43 105.15 -71.78
N ASP FA 43 -110.50 106.01 -71.36
CA ASP FA 43 -109.48 105.68 -70.37
C ASP FA 43 -108.64 104.49 -70.81
N THR FA 44 -108.54 104.28 -72.13
CA THR FA 44 -107.93 103.08 -72.68
C THR FA 44 -106.65 103.44 -73.42
N ILE FA 45 -105.56 102.77 -73.07
CA ILE FA 45 -104.31 102.87 -73.79
C ILE FA 45 -104.18 101.65 -74.69
N THR FA 46 -103.91 101.89 -75.97
CA THR FA 46 -103.73 100.80 -76.92
C THR FA 46 -102.26 100.44 -76.98
N VAL FA 47 -101.97 99.15 -76.90
CA VAL FA 47 -100.61 98.63 -76.98
C VAL FA 47 -100.50 97.83 -78.27
N ARG FA 48 -99.47 98.14 -79.05
CA ARG FA 48 -99.27 97.55 -80.36
C ARG FA 48 -98.12 96.56 -80.32
N VAL FA 49 -98.35 95.37 -80.86
CA VAL FA 49 -97.30 94.36 -80.99
C VAL FA 49 -96.76 94.41 -82.41
N PRO FA 50 -95.45 94.21 -82.60
CA PRO FA 50 -94.90 94.30 -83.95
C PRO FA 50 -95.42 93.20 -84.86
N ALA FA 51 -95.38 93.49 -86.16
CA ALA FA 51 -95.89 92.57 -87.16
C ALA FA 51 -94.93 91.39 -87.37
N ILE FA 52 -95.50 90.28 -87.83
CA ILE FA 52 -94.75 89.08 -88.19
C ILE FA 52 -95.22 88.62 -89.56
N THR FA 53 -94.28 88.32 -90.45
CA THR FA 53 -94.59 87.83 -91.78
C THR FA 53 -94.02 86.43 -91.96
N THR FA 54 -94.40 85.81 -93.08
CA THR FA 54 -93.94 84.47 -93.42
C THR FA 54 -93.35 84.49 -94.82
N ALA FA 55 -92.40 83.60 -95.05
CA ALA FA 55 -91.81 83.46 -96.38
C ALA FA 55 -92.55 82.41 -97.17
N ASN FA 56 -92.03 82.09 -98.35
CA ASN FA 56 -92.62 81.04 -99.19
C ASN FA 56 -91.50 80.27 -99.83
N ARG FA 57 -91.85 79.44 -100.82
CA ARG FA 57 -90.90 78.53 -101.42
C ARG FA 57 -91.41 78.15 -102.80
N ARG FA 58 -90.51 78.12 -103.77
CA ARG FA 58 -90.87 77.74 -105.13
C ARG FA 58 -89.78 76.87 -105.71
N ASP FA 59 -90.16 76.01 -106.65
CA ASP FA 59 -89.21 75.12 -107.30
C ASP FA 59 -88.28 75.89 -108.20
N LEU FA 60 -87.01 75.52 -108.19
CA LEU FA 60 -86.03 76.19 -109.04
C LEU FA 60 -86.31 75.88 -110.51
N ARG FA 61 -86.02 76.86 -111.36
CA ARG FA 61 -86.20 76.75 -112.82
C ARG FA 61 -87.62 76.39 -113.21
N ASP FA 62 -88.59 76.67 -112.34
CA ASP FA 62 -89.97 76.39 -112.65
C ASP FA 62 -90.41 77.28 -113.81
N PRO FA 63 -91.11 76.72 -114.80
CA PRO FA 63 -91.54 77.56 -115.94
C PRO FA 63 -92.40 78.75 -115.56
N ASP FA 64 -93.22 78.66 -114.52
CA ASP FA 64 -94.05 79.80 -114.13
C ASP FA 64 -93.31 80.63 -113.10
N ARG FA 65 -93.08 81.90 -113.43
CA ARG FA 65 -92.32 82.81 -112.59
C ARG FA 65 -93.24 83.70 -111.77
N THR FA 66 -94.01 83.06 -110.89
CA THR FA 66 -95.00 83.75 -110.07
C THR FA 66 -94.61 83.69 -108.61
N VAL FA 67 -94.58 84.85 -107.97
CA VAL FA 67 -94.31 84.95 -106.54
C VAL FA 67 -95.56 85.47 -105.86
N ILE FA 68 -95.89 84.90 -104.71
CA ILE FA 68 -97.06 85.29 -103.95
C ILE FA 68 -96.62 86.19 -102.81
N ALA FA 69 -97.22 87.38 -102.73
CA ALA FA 69 -96.83 88.35 -101.73
C ALA FA 69 -97.29 87.92 -100.35
N SER FA 70 -96.45 88.15 -99.35
CA SER FA 70 -96.81 87.88 -97.97
C SER FA 70 -97.24 89.17 -97.30
N GLU FA 71 -98.39 89.14 -96.63
CA GLU FA 71 -98.93 90.31 -95.96
C GLU FA 71 -98.64 90.23 -94.47
N LEU FA 72 -98.05 91.29 -93.92
CA LEU FA 72 -97.74 91.37 -92.51
C LEU FA 72 -98.68 92.36 -91.84
N VAL FA 73 -99.23 91.97 -90.69
CA VAL FA 73 -100.24 92.74 -90.00
C VAL FA 73 -99.79 92.98 -88.57
N GLU FA 74 -100.22 94.12 -88.02
CA GLU FA 74 -99.93 94.50 -86.64
C GLU FA 74 -101.18 94.37 -85.79
N HIS FA 75 -101.02 93.82 -84.60
CA HIS FA 75 -102.13 93.63 -83.68
C HIS FA 75 -101.97 94.54 -82.47
N SER FA 76 -103.07 94.70 -81.72
CA SER FA 76 -103.07 95.61 -80.60
C SER FA 76 -104.11 95.15 -79.58
N PHE FA 77 -103.95 95.64 -78.35
CA PHE FA 77 -104.90 95.34 -77.30
C PHE FA 77 -105.00 96.53 -76.35
N GLY FA 78 -106.12 96.60 -75.63
CA GLY FA 78 -106.44 97.76 -74.81
C GLY FA 78 -106.19 97.50 -73.33
N VAL FA 79 -105.67 98.51 -72.64
CA VAL FA 79 -105.47 98.51 -71.21
C VAL FA 79 -106.34 99.61 -70.62
N THR FA 80 -107.19 99.26 -69.66
CA THR FA 80 -108.22 100.15 -69.16
C THR FA 80 -108.09 100.33 -67.65
N LEU FA 81 -108.48 101.51 -67.17
CA LEU FA 81 -108.47 101.84 -65.75
C LEU FA 81 -109.92 101.93 -65.29
N ASP FA 82 -110.36 100.99 -64.45
CA ASP FA 82 -111.79 100.89 -64.19
C ASP FA 82 -112.13 100.51 -62.75
N LYS FA 83 -111.28 100.81 -61.77
CA LYS FA 83 -111.62 100.51 -60.39
C LYS FA 83 -111.18 101.64 -59.47
N HIS FA 84 -111.85 101.73 -58.33
CA HIS FA 84 -111.71 102.82 -57.37
C HIS FA 84 -111.59 102.28 -55.96
N VAL FA 85 -110.62 101.38 -55.74
CA VAL FA 85 -110.35 100.85 -54.42
C VAL FA 85 -110.28 101.98 -53.41
N TYR FA 86 -111.03 101.86 -52.33
CA TYR FA 86 -111.11 102.94 -51.35
C TYR FA 86 -111.43 102.37 -49.97
N ALA FA 87 -111.22 103.20 -48.96
CA ALA FA 87 -111.54 102.85 -47.58
C ALA FA 87 -112.00 104.13 -46.89
N ALA FA 88 -113.23 104.13 -46.38
CA ALA FA 88 -113.84 105.31 -45.81
C ALA FA 88 -114.12 105.12 -44.34
N LEU FA 89 -114.06 106.22 -43.60
CA LEU FA 89 -114.26 106.20 -42.16
C LEU FA 89 -115.05 107.42 -41.72
N LYS FA 90 -115.81 107.25 -40.64
CA LYS FA 90 -116.55 108.35 -40.03
C LYS FA 90 -116.29 108.33 -38.54
N PHE FA 91 -116.20 109.51 -37.94
CA PHE FA 91 -115.84 109.64 -36.52
C PHE FA 91 -116.64 110.78 -35.92
N THR FA 92 -117.60 110.46 -35.06
CA THR FA 92 -118.33 111.52 -34.38
C THR FA 92 -117.40 112.32 -33.49
N ASP FA 93 -117.77 113.58 -33.26
CA ASP FA 93 -116.88 114.49 -32.53
C ASP FA 93 -116.57 113.97 -31.14
N GLU FA 94 -117.55 113.34 -30.49
CA GLU FA 94 -117.30 112.73 -29.19
C GLU FA 94 -116.25 111.64 -29.28
N GLN FA 95 -116.34 110.79 -30.30
CA GLN FA 95 -115.35 109.73 -30.47
C GLN FA 95 -113.97 110.31 -30.76
N ARG FA 96 -113.91 111.35 -31.59
CA ARG FA 96 -112.62 111.94 -31.92
C ARG FA 96 -111.99 112.60 -30.71
N THR FA 97 -112.80 113.18 -29.83
CA THR FA 97 -112.25 113.82 -28.64
C THR FA 97 -111.83 112.81 -27.60
N LEU FA 98 -112.59 111.72 -27.45
CA LEU FA 98 -112.41 110.78 -26.35
C LEU FA 98 -111.90 109.42 -26.79
N ASP FA 99 -112.59 108.76 -27.73
CA ASP FA 99 -112.20 107.40 -28.10
C ASP FA 99 -110.82 107.35 -28.70
N ILE FA 100 -110.49 108.32 -29.56
CA ILE FA 100 -109.25 108.26 -30.35
C ILE FA 100 -108.14 108.88 -29.53
N ARG FA 101 -107.29 108.03 -28.93
CA ARG FA 101 -106.18 108.55 -28.15
C ARG FA 101 -105.01 108.93 -29.04
N ASP FA 102 -104.70 108.11 -30.04
CA ASP FA 102 -103.57 108.31 -30.95
C ASP FA 102 -104.09 108.18 -32.37
N TYR FA 103 -104.34 109.30 -33.03
CA TYR FA 103 -105.00 109.28 -34.32
C TYR FA 103 -104.13 108.62 -35.38
N THR FA 104 -102.82 108.81 -35.33
CA THR FA 104 -101.95 108.25 -36.35
C THR FA 104 -101.95 106.73 -36.30
N LYS FA 105 -101.95 106.16 -35.11
CA LYS FA 105 -101.81 104.71 -34.99
C LYS FA 105 -103.15 103.98 -35.02
N GLN FA 106 -104.19 104.58 -34.44
CA GLN FA 106 -105.47 103.88 -34.36
C GLN FA 106 -106.32 104.02 -35.60
N VAL FA 107 -106.01 104.96 -36.50
CA VAL FA 107 -106.88 105.23 -37.63
C VAL FA 107 -106.14 105.07 -38.95
N LEU FA 108 -105.07 105.84 -39.14
CA LEU FA 108 -104.41 105.85 -40.44
C LEU FA 108 -103.78 104.51 -40.76
N MET FA 109 -103.08 103.91 -39.81
CA MET FA 109 -102.45 102.62 -40.07
C MET FA 109 -103.45 101.51 -40.39
N PRO FA 110 -104.55 101.35 -39.65
CA PRO FA 110 -105.56 100.36 -40.09
C PRO FA 110 -106.10 100.63 -41.48
N GLN FA 111 -106.32 101.90 -41.84
CA GLN FA 111 -106.81 102.21 -43.17
C GLN FA 111 -105.81 101.79 -44.24
N VAL FA 112 -104.53 102.10 -44.03
CA VAL FA 112 -103.51 101.75 -45.00
C VAL FA 112 -103.40 100.24 -45.14
N SER FA 113 -103.41 99.52 -44.01
CA SER FA 113 -103.33 98.07 -44.08
C SER FA 113 -104.54 97.47 -44.81
N ALA FA 114 -105.74 97.98 -44.51
CA ALA FA 114 -106.93 97.45 -45.15
C ALA FA 114 -106.90 97.67 -46.65
N VAL FA 115 -106.48 98.86 -47.08
CA VAL FA 115 -106.45 99.12 -48.51
C VAL FA 115 -105.33 98.32 -49.18
N ALA FA 116 -104.22 98.07 -48.49
CA ALA FA 116 -103.19 97.22 -49.07
C ALA FA 116 -103.70 95.80 -49.28
N TYR FA 117 -104.41 95.26 -48.28
CA TYR FA 117 -104.98 93.93 -48.45
C TYR FA 117 -106.02 93.91 -49.55
N GLU FA 118 -106.78 94.99 -49.72
CA GLU FA 118 -107.75 95.04 -50.82
C GLU FA 118 -107.05 95.06 -52.16
N LEU FA 119 -105.92 95.77 -52.27
CA LEU FA 119 -105.15 95.74 -53.51
C LEU FA 119 -104.61 94.35 -53.80
N GLU FA 120 -104.13 93.65 -52.77
CA GLU FA 120 -103.68 92.27 -52.97
C GLU FA 120 -104.83 91.39 -53.44
N ASP FA 121 -106.02 91.58 -52.85
CA ASP FA 121 -107.19 90.82 -53.28
C ASP FA 121 -107.53 91.12 -54.74
N TYR FA 122 -107.38 92.38 -55.14
CA TYR FA 122 -107.61 92.74 -56.53
C TYR FA 122 -106.65 92.02 -57.46
N ILE FA 123 -105.37 91.99 -57.09
CA ILE FA 123 -104.38 91.29 -57.91
C ILE FA 123 -104.70 89.81 -57.99
N ALA FA 124 -105.07 89.20 -56.86
CA ALA FA 124 -105.38 87.77 -56.86
C ALA FA 124 -106.61 87.48 -57.71
N GLU FA 125 -107.62 88.35 -57.66
CA GLU FA 125 -108.78 88.18 -58.53
C GLU FA 125 -108.36 88.27 -59.99
N LEU FA 126 -107.47 89.20 -60.32
CA LEU FA 126 -106.95 89.28 -61.67
C LEU FA 126 -106.30 87.97 -62.09
N ILE FA 127 -105.43 87.43 -61.24
CA ILE FA 127 -104.66 86.25 -61.59
C ILE FA 127 -105.59 85.05 -61.77
N GLU FA 128 -106.52 84.85 -60.83
CA GLU FA 128 -107.37 83.67 -60.89
C GLU FA 128 -108.44 83.78 -61.97
N GLY FA 129 -108.94 84.97 -62.26
CA GLY FA 129 -110.01 85.09 -63.21
C GLY FA 129 -109.61 85.15 -64.67
N ALA FA 130 -108.32 85.03 -64.97
CA ALA FA 130 -107.89 85.10 -66.36
C ALA FA 130 -108.43 83.93 -67.16
N PRO FA 131 -108.69 84.12 -68.44
CA PRO FA 131 -109.23 83.03 -69.25
C PRO FA 131 -108.20 81.96 -69.56
N TYR FA 132 -108.30 80.82 -68.90
CA TYR FA 132 -107.41 79.70 -69.13
C TYR FA 132 -108.11 78.65 -69.96
N GLU FA 133 -107.45 78.19 -71.03
CA GLU FA 133 -108.06 77.20 -71.91
C GLU FA 133 -108.27 75.88 -71.18
N GLU FA 134 -107.25 75.42 -70.46
CA GLU FA 134 -107.33 74.16 -69.74
C GLU FA 134 -106.59 74.29 -68.42
N THR FA 135 -106.97 73.43 -67.48
CA THR FA 135 -106.36 73.42 -66.15
C THR FA 135 -105.49 72.17 -66.02
N ILE FA 136 -104.23 72.35 -65.69
CA ILE FA 136 -103.28 71.25 -65.60
C ILE FA 136 -103.45 70.62 -64.22
N LEU FA 137 -104.15 69.48 -64.18
CA LEU FA 137 -104.49 68.85 -62.91
C LEU FA 137 -103.24 68.31 -62.24
N ILE FA 138 -103.18 68.45 -60.92
CA ILE FA 138 -102.08 67.96 -60.11
C ILE FA 138 -102.55 66.73 -59.36
N ASP FA 139 -101.95 65.59 -59.65
CA ASP FA 139 -102.27 64.38 -58.91
C ASP FA 139 -101.54 64.39 -57.57
N PRO FA 140 -102.25 64.38 -56.44
CA PRO FA 140 -101.56 64.50 -55.15
C PRO FA 140 -100.57 63.37 -54.88
N ALA FA 141 -100.79 62.19 -55.45
CA ALA FA 141 -99.85 61.09 -55.26
C ALA FA 141 -98.52 61.35 -55.96
N ASP FA 142 -98.57 61.99 -57.14
CA ASP FA 142 -97.37 62.28 -57.91
C ASP FA 142 -97.59 63.62 -58.60
N THR FA 143 -97.06 64.68 -57.97
CA THR FA 143 -97.36 66.05 -58.39
C THR FA 143 -96.42 66.59 -59.44
N VAL FA 144 -95.19 66.09 -59.52
CA VAL FA 144 -94.19 66.68 -60.41
C VAL FA 144 -94.61 66.65 -61.87
N PRO FA 145 -95.15 65.56 -62.42
CA PRO FA 145 -95.54 65.57 -63.84
C PRO FA 145 -96.47 66.71 -64.20
N ALA FA 146 -97.35 67.14 -63.30
CA ALA FA 146 -98.20 68.30 -63.60
C ALA FA 146 -97.36 69.55 -63.82
N PHE FA 147 -96.36 69.79 -62.96
CA PHE FA 147 -95.54 70.98 -63.12
C PHE FA 147 -94.65 70.88 -64.35
N ILE FA 148 -94.13 69.68 -64.64
CA ILE FA 148 -93.33 69.51 -65.85
C ILE FA 148 -94.20 69.75 -67.08
N THR FA 149 -95.47 69.33 -67.03
CA THR FA 149 -96.37 69.59 -68.13
C THR FA 149 -96.66 71.07 -68.28
N ALA FA 150 -96.78 71.79 -67.16
CA ALA FA 150 -96.94 73.23 -67.25
C ALA FA 150 -95.74 73.89 -67.90
N ASP FA 151 -94.53 73.45 -67.51
CA ASP FA 151 -93.33 73.97 -68.12
C ASP FA 151 -93.30 73.65 -69.62
N GLN FA 152 -93.74 72.45 -70.00
CA GLN FA 152 -93.80 72.09 -71.41
C GLN FA 152 -94.76 72.99 -72.17
N ARG FA 153 -95.95 73.23 -71.61
CA ARG FA 153 -96.95 74.01 -72.31
C ARG FA 153 -96.50 75.45 -72.49
N MET FA 154 -95.80 76.00 -71.50
CA MET FA 154 -95.26 77.33 -71.68
C MET FA 154 -94.05 77.35 -72.60
N GLY FA 155 -93.25 76.29 -72.61
CA GLY FA 155 -92.08 76.25 -73.46
C GLY FA 155 -92.39 75.93 -74.91
N GLU FA 156 -93.47 75.19 -75.15
CA GLU FA 156 -93.91 74.90 -76.51
C GLU FA 156 -94.63 76.07 -77.16
N ALA FA 157 -94.99 77.09 -76.39
CA ALA FA 157 -95.52 78.33 -76.91
C ALA FA 157 -94.46 79.40 -77.05
N ASN FA 158 -93.18 79.01 -76.92
CA ASN FA 158 -92.03 79.89 -77.10
C ASN FA 158 -92.01 81.02 -76.08
N VAL FA 159 -92.70 80.87 -74.96
CA VAL FA 159 -92.65 81.89 -73.92
C VAL FA 159 -91.22 81.97 -73.38
N PRO FA 160 -90.66 83.16 -73.16
CA PRO FA 160 -89.29 83.24 -72.66
C PRO FA 160 -89.15 82.50 -71.32
N THR FA 161 -87.97 81.92 -71.13
CA THR FA 161 -87.74 81.08 -69.97
C THR FA 161 -87.39 81.86 -68.71
N ASP FA 162 -87.14 83.15 -68.82
CA ASP FA 162 -86.75 83.96 -67.67
C ASP FA 162 -87.91 84.82 -67.19
N SER FA 163 -87.79 85.29 -65.96
CA SER FA 163 -88.80 86.13 -65.32
C SER FA 163 -90.16 85.43 -65.25
N ARG FA 164 -90.13 84.15 -64.89
CA ARG FA 164 -91.35 83.38 -64.66
C ARG FA 164 -91.61 83.29 -63.16
N ARG FA 165 -92.87 83.43 -62.77
CA ARG FA 165 -93.27 83.41 -61.38
C ARG FA 165 -94.21 82.23 -61.16
N LEU FA 166 -93.94 81.45 -60.12
CA LEU FA 166 -94.82 80.35 -59.73
C LEU FA 166 -95.34 80.62 -58.33
N VAL FA 167 -96.65 80.83 -58.23
CA VAL FA 167 -97.30 81.15 -56.96
C VAL FA 167 -98.30 80.05 -56.68
N VAL FA 168 -98.12 79.37 -55.54
CA VAL FA 168 -98.97 78.25 -55.17
C VAL FA 168 -99.81 78.64 -53.97
N GLY FA 169 -100.95 77.98 -53.83
CA GLY FA 169 -101.76 78.13 -52.64
C GLY FA 169 -101.18 77.37 -51.49
N SER FA 170 -101.89 77.42 -50.36
CA SER FA 170 -101.45 76.66 -49.20
C SER FA 170 -101.58 75.16 -49.43
N ALA FA 171 -102.70 74.73 -50.03
CA ALA FA 171 -102.92 73.31 -50.23
C ALA FA 171 -101.90 72.71 -51.19
N VAL FA 172 -101.54 73.44 -52.24
CA VAL FA 172 -100.57 72.92 -53.19
C VAL FA 172 -99.20 72.78 -52.56
N ALA FA 173 -98.80 73.75 -51.74
CA ALA FA 173 -97.52 73.63 -51.04
C ALA FA 173 -97.54 72.45 -50.07
N ALA FA 174 -98.65 72.27 -49.36
CA ALA FA 174 -98.75 71.12 -48.48
C ALA FA 174 -98.67 69.82 -49.26
N ALA FA 175 -99.32 69.74 -50.41
CA ALA FA 175 -99.26 68.53 -51.21
C ALA FA 175 -97.85 68.28 -51.72
N LEU FA 176 -97.15 69.33 -52.13
CA LEU FA 176 -95.77 69.17 -52.56
C LEU FA 176 -94.90 68.64 -51.43
N ALA FA 177 -95.11 69.14 -50.21
CA ALA FA 177 -94.36 68.61 -49.08
C ALA FA 177 -94.72 67.15 -48.81
N LYS FA 178 -95.99 66.81 -48.91
CA LYS FA 178 -96.45 65.45 -48.63
C LYS FA 178 -96.18 64.49 -49.78
N ASP FA 179 -95.80 64.98 -50.95
CA ASP FA 179 -95.55 64.11 -52.08
C ASP FA 179 -94.36 63.20 -51.81
N LYS FA 180 -94.51 61.93 -52.16
CA LYS FA 180 -93.43 60.99 -51.94
C LYS FA 180 -92.22 61.29 -52.80
N GLN FA 181 -92.39 62.05 -53.88
CA GLN FA 181 -91.25 62.43 -54.71
C GLN FA 181 -90.27 63.30 -53.93
N PHE FA 182 -90.78 64.25 -53.16
CA PHE FA 182 -89.92 65.15 -52.40
C PHE FA 182 -89.67 64.66 -50.98
N ARG FA 183 -90.63 63.97 -50.37
CA ARG FA 183 -90.49 63.55 -48.99
C ARG FA 183 -89.40 62.50 -48.83
N HIS FA 184 -89.34 61.55 -49.76
CA HIS FA 184 -88.38 60.45 -49.69
C HIS FA 184 -87.02 60.93 -50.19
N ALA FA 185 -85.97 60.66 -49.41
CA ALA FA 185 -84.65 61.17 -49.77
C ALA FA 185 -84.13 60.51 -51.04
N ASP FA 186 -84.30 59.19 -51.15
CA ASP FA 186 -83.72 58.48 -52.29
C ASP FA 186 -84.35 58.94 -53.60
N TRP FA 187 -85.62 59.31 -53.58
CA TRP FA 187 -86.28 59.75 -54.79
C TRP FA 187 -85.95 61.18 -55.18
N SER FA 188 -85.27 61.93 -54.32
CA SER FA 188 -85.08 63.35 -54.62
C SER FA 188 -83.72 63.89 -54.20
N GLY FA 189 -82.69 63.04 -54.18
CA GLY FA 189 -81.38 63.53 -53.74
C GLY FA 189 -81.46 64.03 -52.32
N ASP FA 190 -80.92 65.24 -52.10
CA ASP FA 190 -81.04 66.03 -50.87
C ASP FA 190 -81.12 65.18 -49.61
N GLN FA 191 -80.11 64.35 -49.36
CA GLN FA 191 -80.13 63.47 -48.19
C GLN FA 191 -80.32 64.27 -46.91
N ALA FA 192 -79.86 65.52 -46.87
CA ALA FA 192 -80.22 66.43 -45.80
C ALA FA 192 -81.65 66.89 -46.08
N ASN FA 193 -82.61 66.05 -45.69
CA ASN FA 193 -83.99 66.20 -46.14
C ASN FA 193 -84.55 67.55 -45.73
N ALA FA 194 -85.22 68.21 -46.68
CA ALA FA 194 -85.85 69.49 -46.43
C ALA FA 194 -87.36 69.43 -46.52
N ALA FA 195 -87.92 68.59 -47.38
CA ALA FA 195 -89.37 68.44 -47.46
C ALA FA 195 -89.93 67.68 -46.28
N LEU FA 196 -89.09 67.07 -45.45
CA LEU FA 196 -89.52 66.28 -44.31
C LEU FA 196 -89.17 66.96 -42.99
N ARG FA 197 -87.90 67.30 -42.77
CA ARG FA 197 -87.52 68.04 -41.58
C ARG FA 197 -88.24 69.37 -41.52
N GLU FA 198 -87.99 70.23 -42.51
CA GLU FA 198 -88.87 71.36 -42.75
C GLU FA 198 -90.08 70.87 -43.55
N ALA FA 199 -91.02 71.77 -43.81
CA ALA FA 199 -92.25 71.38 -44.48
C ALA FA 199 -92.40 72.04 -45.85
N HIS FA 200 -91.30 72.46 -46.47
CA HIS FA 200 -91.39 73.19 -47.72
C HIS FA 200 -90.43 72.61 -48.74
N VAL FA 201 -90.82 72.69 -50.00
CA VAL FA 201 -89.97 72.35 -51.12
C VAL FA 201 -89.46 73.65 -51.73
N GLY FA 202 -88.18 73.71 -52.01
CA GLY FA 202 -87.59 74.95 -52.48
C GLY FA 202 -87.85 75.23 -53.94
N ARG FA 203 -87.52 74.27 -54.80
CA ARG FA 203 -87.56 74.49 -56.24
C ARG FA 203 -87.94 73.20 -56.93
N LEU FA 204 -88.84 73.30 -57.91
CA LEU FA 204 -89.25 72.14 -58.68
C LEU FA 204 -89.50 72.55 -60.12
N ALA FA 205 -89.19 71.64 -61.03
CA ALA FA 205 -89.46 71.83 -62.45
C ALA FA 205 -88.86 73.12 -62.98
N GLY FA 206 -87.68 73.48 -62.47
CA GLY FA 206 -86.97 74.65 -62.94
C GLY FA 206 -87.66 75.97 -62.68
N MET FA 207 -88.26 76.14 -61.50
CA MET FA 207 -88.91 77.40 -61.15
C MET FA 207 -89.11 77.45 -59.65
N ASN FA 208 -88.71 78.57 -59.04
CA ASN FA 208 -88.89 78.73 -57.61
C ASN FA 208 -90.37 78.84 -57.28
N VAL FA 209 -90.73 78.34 -56.11
CA VAL FA 209 -92.13 78.27 -55.68
C VAL FA 209 -92.35 79.34 -54.61
N ILE FA 210 -93.46 80.07 -54.72
CA ILE FA 210 -93.79 81.14 -53.80
C ILE FA 210 -95.16 80.86 -53.23
N ARG FA 211 -95.24 80.77 -51.90
CA ARG FA 211 -96.52 80.54 -51.23
C ARG FA 211 -97.27 81.85 -51.07
N SER FA 212 -98.60 81.74 -51.02
CA SER FA 212 -99.45 82.90 -50.81
C SER FA 212 -100.83 82.43 -50.43
N ASN FA 213 -101.43 83.08 -49.43
CA ASN FA 213 -102.78 82.78 -49.02
C ASN FA 213 -103.84 83.58 -49.78
N ALA FA 214 -103.41 84.52 -50.62
CA ALA FA 214 -104.37 85.34 -51.35
C ALA FA 214 -105.16 84.52 -52.35
N ILE FA 215 -104.49 83.63 -53.08
CA ILE FA 215 -105.14 82.80 -54.08
C ILE FA 215 -105.85 81.64 -53.43
N ALA FA 216 -106.69 80.94 -54.19
CA ALA FA 216 -107.43 79.81 -53.65
C ALA FA 216 -106.45 78.75 -53.15
N PRO FA 217 -106.81 78.01 -52.08
CA PRO FA 217 -105.82 77.13 -51.46
C PRO FA 217 -105.26 76.07 -52.38
N ASP FA 218 -106.06 75.47 -53.25
CA ASP FA 218 -105.64 74.35 -54.07
C ASP FA 218 -105.32 74.74 -55.50
N LYS FA 219 -104.83 75.96 -55.71
CA LYS FA 219 -104.47 76.42 -57.04
C LYS FA 219 -103.01 76.87 -57.06
N ALA FA 220 -102.38 76.67 -58.21
CA ALA FA 220 -101.05 77.18 -58.48
C ALA FA 220 -101.07 77.87 -59.82
N TYR FA 221 -100.27 78.92 -59.96
CA TYR FA 221 -100.23 79.69 -61.20
C TYR FA 221 -98.79 79.92 -61.59
N LEU FA 222 -98.47 79.61 -62.84
CA LEU FA 222 -97.13 79.85 -63.38
C LEU FA 222 -97.30 80.83 -64.52
N TRP FA 223 -96.77 82.04 -64.37
CA TRP FA 223 -96.98 83.08 -65.36
C TRP FA 223 -95.69 83.82 -65.65
N HIS FA 224 -95.53 84.19 -66.91
CA HIS FA 224 -94.42 85.02 -67.34
C HIS FA 224 -94.70 86.47 -66.96
N ARG FA 225 -93.64 87.26 -66.86
CA ARG FA 225 -93.78 88.64 -66.40
C ARG FA 225 -94.80 89.40 -67.21
N THR FA 226 -94.79 89.21 -68.53
CA THR FA 226 -95.61 90.00 -69.43
C THR FA 226 -97.04 89.49 -69.54
N ALA FA 227 -97.50 88.66 -68.61
CA ALA FA 227 -98.84 88.12 -68.72
C ALA FA 227 -99.90 89.07 -68.16
N PHE FA 228 -99.65 89.62 -66.98
CA PHE FA 228 -100.62 90.45 -66.27
C PHE FA 228 -100.07 91.86 -66.14
N ILE FA 229 -100.90 92.85 -66.41
CA ILE FA 229 -100.52 94.25 -66.36
C ILE FA 229 -101.40 94.95 -65.33
N LEU FA 230 -100.79 95.72 -64.44
CA LEU FA 230 -101.52 96.52 -63.47
C LEU FA 230 -101.15 97.98 -63.63
N ALA FA 231 -102.12 98.85 -63.38
CA ALA FA 231 -101.90 100.29 -63.48
C ALA FA 231 -102.59 100.99 -62.33
N TYR FA 232 -101.88 101.94 -61.73
CA TYR FA 232 -102.38 102.69 -60.58
C TYR FA 232 -102.29 104.18 -60.87
N ARG FA 233 -103.38 104.89 -60.63
CA ARG FA 233 -103.43 106.34 -60.78
C ARG FA 233 -103.94 106.92 -59.48
N THR FA 234 -103.14 107.77 -58.85
CA THR FA 234 -103.52 108.39 -57.59
C THR FA 234 -104.43 109.57 -57.86
N PRO FA 235 -105.62 109.62 -57.27
CA PRO FA 235 -106.52 110.75 -57.52
C PRO FA 235 -105.94 112.05 -56.98
N VAL FA 236 -106.25 113.14 -57.65
CA VAL FA 236 -105.80 114.45 -57.21
C VAL FA 236 -106.76 114.98 -56.16
N VAL FA 237 -106.23 115.81 -55.26
CA VAL FA 237 -107.05 116.42 -54.22
C VAL FA 237 -107.79 117.60 -54.81
N PRO FA 238 -109.12 117.59 -54.81
CA PRO FA 238 -109.87 118.69 -55.41
C PRO FA 238 -109.64 119.99 -54.65
N GLU FA 239 -109.74 121.10 -55.38
CA GLU FA 239 -109.54 122.41 -54.76
C GLU FA 239 -110.59 122.69 -53.70
N GLY FA 240 -111.85 122.33 -53.97
CA GLY FA 240 -112.90 122.58 -53.00
C GLY FA 240 -112.68 121.83 -51.70
N ALA FA 241 -112.21 120.60 -51.78
CA ALA FA 241 -111.96 119.80 -50.59
C ALA FA 241 -110.69 120.25 -49.89
N LYS FA 242 -110.66 120.08 -48.57
CA LYS FA 242 -109.51 120.47 -47.78
C LYS FA 242 -108.29 119.63 -48.15
N ALA FA 243 -107.12 120.25 -48.10
CA ALA FA 243 -105.89 119.56 -48.46
C ALA FA 243 -105.66 118.39 -47.51
N GLY FA 244 -105.14 117.30 -48.07
CA GLY FA 244 -104.87 116.11 -47.28
C GLY FA 244 -103.57 115.46 -47.72
N ALA FA 245 -102.99 114.70 -46.80
CA ALA FA 245 -101.74 114.03 -47.07
C ALA FA 245 -101.94 112.85 -48.00
N SER FA 246 -100.83 112.30 -48.48
CA SER FA 246 -100.82 111.14 -49.35
C SER FA 246 -100.01 110.04 -48.71
N PHE FA 247 -100.54 108.82 -48.72
CA PHE FA 247 -99.92 107.69 -48.06
C PHE FA 247 -99.44 106.69 -49.10
N SER FA 248 -98.80 105.62 -48.65
CA SER FA 248 -98.23 104.62 -49.53
C SER FA 248 -98.57 103.23 -49.03
N ALA FA 249 -98.93 102.36 -49.97
CA ALA FA 249 -99.25 100.96 -49.68
C ALA FA 249 -98.58 100.10 -50.74
N ASN FA 250 -97.59 99.31 -50.33
CA ASN FA 250 -96.84 98.44 -51.23
C ASN FA 250 -96.27 99.21 -52.42
N GLY FA 251 -95.74 100.40 -52.14
CA GLY FA 251 -95.19 101.23 -53.18
C GLY FA 251 -96.19 101.95 -54.04
N VAL FA 252 -97.47 101.92 -53.69
CA VAL FA 252 -98.52 102.58 -54.43
C VAL FA 252 -98.93 103.83 -53.68
N ALA FA 253 -99.03 104.95 -54.37
CA ALA FA 253 -99.43 106.20 -53.72
C ALA FA 253 -100.94 106.29 -53.67
N LEU FA 254 -101.46 106.67 -52.50
CA LEU FA 254 -102.88 106.76 -52.25
C LEU FA 254 -103.23 108.13 -51.70
N ARG FA 255 -104.41 108.62 -52.08
CA ARG FA 255 -104.85 109.95 -51.69
C ARG FA 255 -105.76 109.85 -50.48
N TRP FA 256 -105.46 110.63 -49.44
CA TRP FA 256 -106.24 110.68 -48.21
C TRP FA 256 -106.91 112.04 -48.12
N LEU FA 257 -108.22 112.04 -47.93
CA LEU FA 257 -109.03 113.25 -47.96
C LEU FA 257 -109.92 113.29 -46.73
N ALA FA 258 -110.07 114.48 -46.15
CA ALA FA 258 -110.87 114.66 -44.94
C ALA FA 258 -111.94 115.71 -45.18
N ASP FA 259 -113.10 115.51 -44.56
CA ASP FA 259 -114.20 116.45 -44.69
C ASP FA 259 -115.10 116.34 -43.48
N TYR FA 260 -115.48 117.47 -42.91
CA TYR FA 260 -116.28 117.51 -41.68
C TYR FA 260 -117.75 117.58 -42.04
N ASP FA 261 -118.51 116.54 -41.71
CA ASP FA 261 -119.96 116.53 -41.91
C ASP FA 261 -120.60 117.24 -40.72
N TYR FA 262 -121.08 118.46 -40.95
CA TYR FA 262 -121.73 119.21 -39.90
C TYR FA 262 -123.11 118.64 -39.58
N SER FA 263 -123.78 118.03 -40.56
CA SER FA 263 -125.09 117.45 -40.32
C SER FA 263 -125.00 116.30 -39.32
N GLN FA 264 -124.00 115.43 -39.47
CA GLN FA 264 -123.77 114.34 -38.55
C GLN FA 264 -122.81 114.70 -37.44
N LEU FA 265 -122.30 115.94 -37.43
CA LEU FA 265 -121.41 116.43 -36.39
C LEU FA 265 -120.20 115.50 -36.22
N GLY FA 266 -119.60 115.13 -37.34
CA GLY FA 266 -118.49 114.19 -37.29
C GLY FA 266 -117.55 114.34 -38.47
N ASP FA 267 -116.29 114.01 -38.22
CA ASP FA 267 -115.30 113.99 -39.28
C ASP FA 267 -115.52 112.78 -40.18
N ARG FA 268 -115.05 112.88 -41.43
CA ARG FA 268 -115.09 111.78 -42.37
C ARG FA 268 -113.79 111.76 -43.14
N THR FA 269 -113.27 110.56 -43.38
CA THR FA 269 -112.01 110.39 -44.08
C THR FA 269 -112.18 109.37 -45.20
N LEU FA 270 -111.38 109.52 -46.24
CA LEU FA 270 -111.48 108.66 -47.42
C LEU FA 270 -110.10 108.48 -48.00
N LEU FA 271 -109.62 107.23 -48.03
CA LEU FA 271 -108.31 106.91 -48.58
C LEU FA 271 -108.53 106.05 -49.81
N ASP FA 272 -108.06 106.50 -50.97
CA ASP FA 272 -108.39 105.77 -52.18
C ASP FA 272 -107.28 105.86 -53.22
N VAL FA 273 -107.48 105.10 -54.30
CA VAL FA 273 -106.57 105.03 -55.43
C VAL FA 273 -107.33 104.40 -56.59
N PHE FA 274 -106.94 104.73 -57.81
CA PHE FA 274 -107.57 104.18 -59.01
C PHE FA 274 -106.70 103.04 -59.53
N THR FA 275 -107.34 101.91 -59.82
CA THR FA 275 -106.63 100.71 -60.26
C THR FA 275 -107.24 100.17 -61.54
N GLY FA 276 -106.39 99.54 -62.35
CA GLY FA 276 -106.84 98.86 -63.54
C GLY FA 276 -105.95 97.68 -63.83
N ARG FA 277 -106.54 96.64 -64.43
CA ARG FA 277 -105.84 95.39 -64.67
C ARG FA 277 -106.08 94.91 -66.10
N LYS FA 278 -105.15 94.12 -66.60
CA LYS FA 278 -105.24 93.61 -67.97
C LYS FA 278 -104.54 92.25 -68.05
N VAL FA 279 -105.16 91.34 -68.80
CA VAL FA 279 -104.58 90.04 -69.08
C VAL FA 279 -104.09 90.05 -70.52
N VAL FA 280 -102.80 89.77 -70.72
CA VAL FA 280 -102.19 89.88 -72.04
C VAL FA 280 -102.47 88.61 -72.81
N THR FA 281 -103.52 88.63 -73.63
CA THR FA 281 -103.82 87.51 -74.52
C THR FA 281 -102.92 87.58 -75.74
N GLU FA 282 -103.17 86.70 -76.70
CA GLU FA 282 -102.39 86.67 -77.93
C GLU FA 282 -103.22 87.21 -79.10
N VAL FA 283 -102.58 87.31 -80.25
CA VAL FA 283 -103.23 87.90 -81.42
C VAL FA 283 -104.40 87.05 -81.87
N ASP FA 284 -104.37 85.75 -81.61
CA ASP FA 284 -105.45 84.85 -81.99
C ASP FA 284 -106.49 84.68 -80.89
N GLY FA 285 -106.35 85.38 -79.77
CA GLY FA 285 -107.28 85.27 -78.68
C GLY FA 285 -106.94 84.24 -77.63
N SER FA 286 -106.00 83.35 -77.92
CA SER FA 286 -105.59 82.35 -76.94
C SER FA 286 -104.72 82.98 -75.87
N PHE FA 287 -104.74 82.37 -74.68
CA PHE FA 287 -103.96 82.82 -73.55
C PHE FA 287 -102.89 81.79 -73.26
N VAL FA 288 -101.64 82.12 -73.59
CA VAL FA 288 -100.53 81.19 -73.44
C VAL FA 288 -99.46 81.70 -72.49
N ARG FA 289 -99.58 82.92 -71.96
CA ARG FA 289 -98.56 83.47 -71.09
C ARG FA 289 -98.61 82.91 -69.68
N ALA FA 290 -99.70 82.26 -69.28
CA ALA FA 290 -99.83 81.76 -67.92
C ALA FA 290 -100.56 80.44 -67.93
N VAL FA 291 -100.26 79.61 -66.94
CA VAL FA 291 -100.87 78.29 -66.82
C VAL FA 291 -101.36 78.10 -65.39
N GLU FA 292 -102.52 77.44 -65.27
CA GLU FA 292 -103.20 77.23 -64.01
C GLU FA 292 -103.17 75.75 -63.68
N LEU FA 293 -102.88 75.44 -62.42
CA LEU FA 293 -102.81 74.08 -61.93
C LEU FA 293 -103.77 73.95 -60.75
N GLN FA 294 -104.51 72.86 -60.70
CA GLN FA 294 -105.47 72.64 -59.63
C GLN FA 294 -105.25 71.25 -59.05
N LEU FA 295 -105.29 71.16 -57.73
CA LEU FA 295 -105.18 69.86 -57.08
C LEU FA 295 -106.36 68.98 -57.44
N GLN FA 296 -106.12 67.68 -57.52
CA GLN FA 296 -107.12 66.71 -57.92
C GLN FA 296 -107.71 66.05 -56.69
N ALA FA 297 -109.03 66.15 -56.54
CA ALA FA 297 -109.74 65.62 -55.39
C ALA FA 297 -110.30 64.25 -55.72
N SER FA 298 -110.06 63.28 -54.82
CA SER FA 298 -110.55 61.92 -55.01
C SER FA 298 -111.86 61.67 -54.29
N SER FA 299 -111.97 62.09 -53.03
CA SER FA 299 -113.19 61.88 -52.25
C SER FA 299 -113.30 62.98 -51.21
N ILE FA 300 -114.52 63.22 -50.75
CA ILE FA 300 -114.81 64.25 -49.76
C ILE FA 300 -115.44 63.60 -48.55
N THR FA 301 -115.15 64.13 -47.37
CA THR FA 301 -115.72 63.69 -46.12
C THR FA 301 -116.25 64.89 -45.36
N ILE FA 302 -117.40 64.72 -44.71
CA ILE FA 302 -117.96 65.78 -43.89
C ILE FA 302 -117.35 65.68 -42.50
N VAL FA 303 -116.68 66.74 -42.06
CA VAL FA 303 -116.02 66.72 -40.77
C VAL FA 303 -117.05 66.63 -39.67
N GLY FA 304 -116.65 66.02 -38.55
CA GLY FA 304 -117.52 65.87 -37.41
C GLY FA 304 -118.28 64.56 -37.34
N GLY FA 305 -118.41 63.85 -38.46
CA GLY FA 305 -119.12 62.59 -38.45
C GLY FA 305 -120.59 62.78 -38.14
N ALA FA 306 -121.22 61.68 -37.74
CA ALA FA 306 -122.63 61.73 -37.35
C ALA FA 306 -122.80 62.64 -36.15
N PHE FA 307 -123.74 63.56 -36.25
CA PHE FA 307 -123.95 64.57 -35.22
C PHE FA 307 -125.44 64.71 -34.93
N ALA FA 308 -125.75 65.05 -33.69
CA ALA FA 308 -127.11 65.26 -33.23
C ALA FA 308 -127.34 66.75 -32.99
N LEU FA 309 -128.45 67.27 -33.49
CA LEU FA 309 -128.77 68.67 -33.31
C LEU FA 309 -129.02 68.97 -31.84
N ALA FA 310 -128.73 70.21 -31.44
CA ALA FA 310 -128.86 70.59 -30.04
C ALA FA 310 -130.31 70.51 -29.57
N THR FA 311 -131.22 71.10 -30.34
CA THR FA 311 -132.64 71.14 -30.01
C THR FA 311 -133.46 70.66 -31.20
N THR FA 312 -134.78 70.72 -31.06
CA THR FA 312 -135.65 70.40 -32.19
C THR FA 312 -135.49 71.40 -33.32
N THR FA 313 -135.33 72.69 -32.97
CA THR FA 313 -135.11 73.75 -33.94
C THR FA 313 -133.65 74.17 -34.00
N GLY FA 314 -132.73 73.27 -33.68
CA GLY FA 314 -131.32 73.59 -33.66
C GLY FA 314 -130.75 73.80 -35.05
N THR FA 315 -129.55 74.36 -35.08
CA THR FA 315 -128.85 74.62 -36.34
C THR FA 315 -127.40 74.19 -36.20
N LYS FA 316 -126.78 73.95 -37.35
CA LYS FA 316 -125.39 73.51 -37.39
C LYS FA 316 -124.80 73.91 -38.74
N GLN FA 317 -123.51 74.22 -38.74
CA GLN FA 317 -122.80 74.56 -39.97
C GLN FA 317 -121.87 73.41 -40.34
N LEU FA 318 -121.99 72.94 -41.58
CA LEU FA 318 -121.19 71.81 -42.03
C LEU FA 318 -119.90 72.28 -42.68
N LYS FA 319 -118.88 71.42 -42.62
CA LYS FA 319 -117.61 71.64 -43.30
C LYS FA 319 -117.22 70.36 -44.00
N VAL FA 320 -116.99 70.44 -45.30
CA VAL FA 320 -116.63 69.29 -46.12
C VAL FA 320 -115.18 69.46 -46.56
N ARG FA 321 -114.38 68.41 -46.37
CA ARG FA 321 -112.98 68.44 -46.74
C ARG FA 321 -112.68 67.27 -47.66
N ASP FA 322 -111.99 67.53 -48.77
CA ASP FA 322 -111.60 66.48 -49.69
C ASP FA 322 -110.43 65.71 -49.08
N ASP FA 323 -109.85 64.78 -49.85
CA ASP FA 323 -108.74 63.98 -49.34
C ASP FA 323 -107.50 64.83 -49.08
N ASN FA 324 -107.44 66.05 -49.61
CA ASN FA 324 -106.34 66.96 -49.34
C ASN FA 324 -106.60 67.84 -48.13
N GLY FA 325 -107.77 67.74 -47.52
CA GLY FA 325 -108.12 68.58 -46.40
C GLY FA 325 -108.62 69.96 -46.77
N THR FA 326 -108.67 70.29 -48.06
CA THR FA 326 -109.12 71.61 -48.48
C THR FA 326 -110.61 71.77 -48.22
N ASP FA 327 -110.99 72.89 -47.65
CA ASP FA 327 -112.40 73.18 -47.39
C ASP FA 327 -113.09 73.49 -48.70
N VAL FA 328 -114.01 72.63 -49.12
CA VAL FA 328 -114.72 72.80 -50.37
C VAL FA 328 -116.20 73.03 -50.10
N THR FA 329 -116.51 73.58 -48.92
CA THR FA 329 -117.91 73.78 -48.55
C THR FA 329 -118.59 74.75 -49.52
N ALA FA 330 -117.89 75.78 -49.95
CA ALA FA 330 -118.47 76.74 -50.91
C ALA FA 330 -118.61 76.15 -52.31
N ARG FA 331 -118.03 74.98 -52.57
CA ARG FA 331 -118.10 74.35 -53.89
C ARG FA 331 -118.96 73.09 -53.88
N CYS FA 332 -119.79 72.90 -52.87
CA CYS FA 332 -120.62 71.71 -52.75
C CYS FA 332 -122.09 72.06 -52.79
N THR FA 333 -122.91 71.08 -53.15
CA THR FA 333 -124.36 71.19 -53.12
C THR FA 333 -124.90 70.18 -52.13
N PHE FA 334 -125.74 70.65 -51.21
CA PHE FA 334 -126.22 69.84 -50.10
C PHE FA 334 -127.68 69.47 -50.31
N ALA FA 335 -128.01 68.21 -50.02
CA ALA FA 335 -129.35 67.69 -50.14
C ALA FA 335 -129.72 66.92 -48.88
N SER FA 336 -131.01 66.87 -48.59
CA SER FA 336 -131.53 66.21 -47.41
C SER FA 336 -132.42 65.05 -47.83
N SER FA 337 -132.22 63.89 -47.21
CA SER FA 337 -133.02 62.72 -47.54
C SER FA 337 -134.48 62.93 -47.17
N ALA FA 338 -134.73 63.59 -46.04
CA ALA FA 338 -136.11 63.85 -45.58
C ALA FA 338 -136.17 65.28 -45.08
N GLY FA 339 -136.71 66.18 -45.90
CA GLY FA 339 -136.87 67.56 -45.52
C GLY FA 339 -138.02 67.84 -44.59
N THR FA 340 -138.82 66.81 -44.26
CA THR FA 340 -139.92 66.99 -43.33
C THR FA 340 -139.42 67.29 -41.93
N LYS FA 341 -138.28 66.71 -41.53
CA LYS FA 341 -137.76 66.87 -40.18
C LYS FA 341 -136.47 67.67 -40.11
N ALA FA 342 -135.65 67.64 -41.16
CA ALA FA 342 -134.39 68.38 -41.17
C ALA FA 342 -134.14 68.88 -42.58
N THR FA 343 -133.81 70.16 -42.70
CA THR FA 343 -133.57 70.80 -43.98
C THR FA 343 -132.18 71.42 -43.99
N VAL FA 344 -131.44 71.19 -45.07
CA VAL FA 344 -130.09 71.73 -45.24
C VAL FA 344 -130.13 72.78 -46.34
N SER FA 345 -129.51 73.92 -46.08
CA SER FA 345 -129.45 75.00 -47.06
C SER FA 345 -128.41 74.70 -48.12
N ALA FA 346 -128.21 75.64 -49.03
CA ALA FA 346 -127.19 75.49 -50.06
C ALA FA 346 -125.79 75.80 -49.56
N ALA FA 347 -125.65 76.41 -48.40
CA ALA FA 347 -124.36 76.76 -47.83
C ALA FA 347 -123.91 75.80 -46.75
N GLY FA 348 -124.56 74.64 -46.65
CA GLY FA 348 -124.20 73.68 -45.63
C GLY FA 348 -124.79 73.93 -44.26
N LEU FA 349 -125.73 74.87 -44.15
CA LEU FA 349 -126.38 75.17 -42.87
C LEU FA 349 -127.56 74.23 -42.72
N VAL FA 350 -127.45 73.29 -41.79
CA VAL FA 350 -128.49 72.30 -41.53
C VAL FA 350 -129.31 72.75 -40.34
N THR FA 351 -130.63 72.65 -40.45
CA THR FA 351 -131.55 73.02 -39.40
C THR FA 351 -132.59 71.92 -39.24
N GLY FA 352 -133.18 71.86 -38.05
CA GLY FA 352 -134.18 70.87 -37.72
C GLY FA 352 -135.56 71.51 -37.61
N VAL FA 353 -136.52 70.89 -38.28
CA VAL FA 353 -137.91 71.34 -38.20
C VAL FA 353 -138.80 70.33 -37.50
N ALA FA 354 -138.36 69.07 -37.38
CA ALA FA 354 -139.11 68.06 -36.62
C ALA FA 354 -138.13 67.04 -36.07
N ALA FA 355 -138.56 66.35 -35.03
CA ALA FA 355 -137.71 65.34 -34.40
C ALA FA 355 -137.61 64.11 -35.29
N GLY FA 356 -136.45 63.43 -35.21
CA GLY FA 356 -136.22 62.24 -35.98
C GLY FA 356 -134.86 62.21 -36.66
N THR FA 357 -134.59 61.14 -37.40
CA THR FA 357 -133.29 60.97 -38.04
C THR FA 357 -133.41 61.22 -39.54
N ALA FA 358 -132.39 61.89 -40.10
CA ALA FA 358 -132.34 62.23 -41.50
C ALA FA 358 -130.92 62.05 -42.01
N ASP FA 359 -130.78 62.03 -43.33
CA ASP FA 359 -129.47 61.91 -43.97
C ASP FA 359 -129.19 63.16 -44.79
N ILE FA 360 -128.04 63.77 -44.53
CA ILE FA 360 -127.59 64.94 -45.29
C ILE FA 360 -126.44 64.49 -46.17
N THR FA 361 -126.56 64.75 -47.47
CA THR FA 361 -125.55 64.37 -48.44
C THR FA 361 -124.97 65.63 -49.09
N ALA FA 362 -123.68 65.59 -49.36
CA ALA FA 362 -122.97 66.67 -50.02
C ALA FA 362 -122.35 66.14 -51.30
N SER FA 363 -122.64 66.82 -52.40
CA SER FA 363 -122.12 66.45 -53.71
C SER FA 363 -121.17 67.54 -54.17
N TYR FA 364 -119.96 67.13 -54.56
CA TYR FA 364 -118.91 68.04 -54.99
C TYR FA 364 -118.42 67.61 -56.36
N VAL FA 365 -118.49 68.52 -57.32
CA VAL FA 365 -117.97 68.25 -58.66
C VAL FA 365 -116.46 68.44 -58.61
N PRO FA 366 -115.68 67.39 -58.88
CA PRO FA 366 -114.23 67.49 -58.73
C PRO FA 366 -113.62 68.40 -59.78
N PRO FA 367 -112.40 68.88 -59.56
CA PRO FA 367 -111.73 69.70 -60.59
C PRO FA 367 -111.55 68.97 -61.91
N GLN FA 368 -111.45 67.65 -61.89
CA GLN FA 368 -111.34 66.87 -63.12
C GLN FA 368 -112.69 66.61 -63.77
N GLY FA 369 -113.79 67.03 -63.14
CA GLY FA 369 -115.10 66.79 -63.69
C GLY FA 369 -115.55 65.36 -63.47
N GLY FA 370 -116.64 65.01 -64.16
CA GLY FA 370 -117.17 63.67 -64.07
C GLY FA 370 -118.19 63.51 -62.95
N THR FA 371 -118.34 62.28 -62.46
CA THR FA 371 -119.33 62.02 -61.43
C THR FA 371 -118.98 62.76 -60.15
N ALA FA 372 -119.98 63.39 -59.55
CA ALA FA 372 -119.76 64.19 -58.35
C ALA FA 372 -119.47 63.29 -57.16
N LYS FA 373 -118.41 63.60 -56.43
CA LYS FA 373 -118.12 62.88 -55.20
C LYS FA 373 -119.19 63.18 -54.16
N THR FA 374 -119.62 62.13 -53.47
CA THR FA 374 -120.75 62.20 -52.55
C THR FA 374 -120.32 61.78 -51.16
N ALA FA 375 -120.65 62.59 -50.17
CA ALA FA 375 -120.39 62.27 -48.76
C ALA FA 375 -121.70 62.38 -47.99
N THR FA 376 -122.07 61.30 -47.30
CA THR FA 376 -123.33 61.24 -46.57
C THR FA 376 -123.08 61.15 -45.08
N VAL FA 377 -123.86 61.90 -44.32
CA VAL FA 377 -123.81 61.89 -42.86
C VAL FA 377 -125.24 61.81 -42.35
N THR FA 378 -125.39 61.34 -41.11
CA THR FA 378 -126.70 61.15 -40.51
C THR FA 378 -126.89 62.12 -39.35
N VAL FA 379 -127.97 62.88 -39.38
CA VAL FA 379 -128.32 63.80 -38.31
C VAL FA 379 -129.52 63.23 -37.57
N THR FA 380 -129.60 63.54 -36.28
CA THR FA 380 -130.67 63.04 -35.41
C THR FA 380 -131.21 64.19 -34.58
N VAL FA 381 -132.26 64.83 -35.06
CA VAL FA 381 -132.93 65.89 -34.29
C VAL FA 381 -133.63 65.25 -33.10
N PRO FA 382 -133.37 65.71 -31.86
CA PRO FA 382 -133.95 65.12 -30.65
C PRO FA 382 -135.48 65.21 -30.63
N ALA GA 2 -83.06 24.90 19.64
CA ALA GA 2 -81.61 24.98 19.63
C ALA GA 2 -81.17 26.40 20.00
N HIS GA 3 -80.11 26.85 19.34
CA HIS GA 3 -79.59 28.20 19.59
C HIS GA 3 -80.62 29.24 19.19
N ILE GA 4 -80.79 30.24 20.04
CA ILE GA 4 -81.69 31.35 19.79
C ILE GA 4 -80.87 32.64 19.85
N PHE GA 5 -80.90 33.41 18.77
CA PHE GA 5 -80.11 34.62 18.65
C PHE GA 5 -81.02 35.83 18.62
N VAL GA 6 -80.56 36.93 19.20
CA VAL GA 6 -81.29 38.19 19.19
C VAL GA 6 -80.60 39.10 18.18
N LYS GA 7 -81.28 39.38 17.08
CA LYS GA 7 -80.70 40.17 16.00
C LYS GA 7 -81.63 41.30 15.62
N PRO GA 8 -81.09 42.44 15.17
CA PRO GA 8 -81.93 43.57 14.78
C PRO GA 8 -82.31 43.52 13.32
N GLU GA 9 -83.57 43.82 13.02
CA GLU GA 9 -83.96 43.91 11.63
C GLU GA 9 -83.48 45.25 11.07
N LEU GA 10 -82.88 45.21 9.88
CA LEU GA 10 -82.23 46.37 9.31
C LEU GA 10 -83.12 47.02 8.26
N VAL GA 11 -82.89 48.31 8.05
CA VAL GA 11 -83.53 49.07 6.98
C VAL GA 11 -82.44 49.72 6.16
N ALA GA 12 -82.49 49.52 4.84
CA ALA GA 12 -81.47 50.05 3.95
C ALA GA 12 -82.13 50.78 2.79
N GLU GA 13 -81.45 51.80 2.29
CA GLU GA 13 -81.85 52.51 1.08
C GLU GA 13 -80.81 52.24 0.01
N ILE GA 14 -81.26 51.70 -1.13
CA ILE GA 14 -80.35 51.26 -2.18
C ILE GA 14 -80.61 51.98 -3.50
N GLY GA 15 -81.39 53.05 -3.49
CA GLY GA 15 -81.66 53.80 -4.69
C GLY GA 15 -82.98 53.50 -5.35
N VAL GA 16 -83.71 52.48 -4.88
CA VAL GA 16 -85.04 52.24 -5.41
C VAL GA 16 -85.97 53.32 -4.89
N LYS GA 17 -86.57 54.08 -5.81
CA LYS GA 17 -87.44 55.18 -5.46
C LYS GA 17 -88.70 55.09 -6.32
N GLN GA 18 -89.76 55.71 -5.83
CA GLN GA 18 -91.01 55.72 -6.58
C GLN GA 18 -90.81 56.47 -7.89
N LEU GA 19 -91.27 55.86 -8.98
CA LEU GA 19 -91.11 56.43 -10.31
C LEU GA 19 -92.03 57.61 -10.49
N GLN GA 20 -91.54 58.66 -11.16
CA GLN GA 20 -92.32 59.86 -11.36
C GLN GA 20 -91.94 60.52 -12.68
N ARG GA 21 -92.85 61.36 -13.16
CA ARG GA 21 -92.70 62.04 -14.43
C ARG GA 21 -91.56 63.06 -14.37
N GLU GA 22 -91.07 63.44 -15.54
CA GLU GA 22 -90.11 64.51 -15.69
C GLU GA 22 -90.85 65.77 -16.10
N ILE GA 23 -90.65 66.86 -15.36
CA ILE GA 23 -91.43 68.07 -15.54
C ILE GA 23 -90.91 68.82 -16.76
N VAL GA 24 -91.76 68.99 -17.76
CA VAL GA 24 -91.36 69.61 -19.02
C VAL GA 24 -92.23 70.83 -19.32
N LEU GA 25 -93.54 70.67 -19.16
CA LEU GA 25 -94.49 71.65 -19.66
C LEU GA 25 -94.26 73.09 -19.19
N PRO GA 26 -93.93 73.37 -17.93
CA PRO GA 26 -93.91 74.78 -17.49
C PRO GA 26 -93.02 75.68 -18.34
N GLY GA 27 -91.93 75.17 -18.89
CA GLY GA 27 -91.05 76.02 -19.67
C GLY GA 27 -91.51 76.31 -21.08
N LEU GA 28 -92.61 75.70 -21.52
CA LEU GA 28 -93.08 75.86 -22.89
C LEU GA 28 -94.31 76.73 -23.02
N VAL GA 29 -94.81 77.27 -21.92
CA VAL GA 29 -96.05 78.03 -21.91
C VAL GA 29 -95.75 79.46 -21.49
N TRP GA 30 -96.40 80.41 -22.17
CA TRP GA 30 -96.23 81.82 -21.85
C TRP GA 30 -96.58 82.08 -20.40
N THR GA 31 -95.59 82.39 -19.58
CA THR GA 31 -95.79 82.54 -18.15
C THR GA 31 -95.55 83.98 -17.74
N ASN GA 32 -96.48 84.53 -16.97
CA ASN GA 32 -96.39 85.88 -16.42
C ASN GA 32 -96.13 86.95 -17.48
N PRO GA 33 -97.06 87.18 -18.40
CA PRO GA 33 -97.06 88.43 -19.15
C PRO GA 33 -97.80 89.54 -18.43
N LEU GA 34 -98.57 89.19 -17.40
CA LEU GA 34 -99.34 90.13 -16.60
C LEU GA 34 -99.09 89.83 -15.14
N THR GA 35 -98.86 90.87 -14.35
CA THR GA 35 -98.51 90.65 -12.95
C THR GA 35 -99.40 91.45 -12.01
N ASP GA 36 -99.85 92.63 -12.46
CA ASP GA 36 -100.58 93.56 -11.61
C ASP GA 36 -102.04 93.13 -11.45
N PHE GA 37 -102.23 91.90 -10.98
CA PHE GA 37 -103.58 91.41 -10.72
C PHE GA 37 -104.16 91.99 -9.45
N GLY GA 38 -103.32 92.45 -8.52
CA GLY GA 38 -103.83 92.98 -7.27
C GLY GA 38 -104.61 94.28 -7.45
N GLY GA 39 -104.11 95.17 -8.31
CA GLY GA 39 -104.76 96.43 -8.52
C GLY GA 39 -105.75 96.43 -9.66
N SER GA 40 -106.58 95.40 -9.74
CA SER GA 40 -107.58 95.28 -10.79
C SER GA 40 -108.85 94.68 -10.22
N LYS GA 41 -109.99 95.17 -10.70
CA LYS GA 41 -111.28 94.67 -10.21
C LYS GA 41 -111.46 93.21 -10.57
N ASN GA 42 -112.02 92.45 -9.63
CA ASN GA 42 -112.26 91.02 -9.77
C ASN GA 42 -110.99 90.23 -10.06
N ASP GA 43 -109.83 90.80 -9.74
CA ASP GA 43 -108.54 90.16 -9.98
C ASP GA 43 -108.34 89.83 -11.45
N THR GA 44 -109.02 90.57 -12.32
CA THR GA 44 -109.03 90.32 -13.75
C THR GA 44 -108.37 91.48 -14.48
N ILE GA 45 -107.32 91.17 -15.25
CA ILE GA 45 -106.68 92.16 -16.10
C ILE GA 45 -107.22 91.99 -17.51
N THR GA 46 -107.72 93.07 -18.09
CA THR GA 46 -108.22 93.05 -19.45
C THR GA 46 -107.07 93.23 -20.42
N VAL GA 47 -107.12 92.49 -21.53
CA VAL GA 47 -106.14 92.57 -22.60
C VAL GA 47 -106.86 93.00 -23.85
N ARG GA 48 -106.33 94.03 -24.51
CA ARG GA 48 -106.95 94.65 -25.67
C ARG GA 48 -106.18 94.28 -26.93
N VAL GA 49 -106.89 93.85 -27.97
CA VAL GA 49 -106.28 93.56 -29.25
C VAL GA 49 -106.59 94.72 -30.20
N PRO GA 50 -105.61 95.20 -30.95
CA PRO GA 50 -105.87 96.32 -31.86
C PRO GA 50 -106.85 95.96 -32.95
N ALA GA 51 -107.56 96.96 -33.43
CA ALA GA 51 -108.59 96.75 -34.44
C ALA GA 51 -108.00 96.69 -35.83
N ILE GA 52 -108.69 95.97 -36.72
CA ILE GA 52 -108.37 95.93 -38.13
C ILE GA 52 -109.65 96.17 -38.91
N THR GA 53 -109.50 96.61 -40.15
CA THR GA 53 -110.64 97.02 -40.96
C THR GA 53 -110.54 96.40 -42.35
N THR GA 54 -111.47 96.79 -43.21
CA THR GA 54 -111.53 96.34 -44.58
C THR GA 54 -111.78 97.54 -45.49
N ALA GA 55 -111.35 97.41 -46.74
CA ALA GA 55 -111.52 98.45 -47.74
C ALA GA 55 -112.45 97.94 -48.83
N ASN GA 56 -113.39 98.78 -49.24
CA ASN GA 56 -114.36 98.39 -50.25
C ASN GA 56 -113.83 98.71 -51.65
N ARG GA 57 -114.63 98.40 -52.66
CA ARG GA 57 -114.29 98.66 -54.04
C ARG GA 57 -115.52 99.14 -54.78
N ARG GA 58 -115.32 100.10 -55.68
CA ARG GA 58 -116.39 100.54 -56.56
C ARG GA 58 -115.81 100.77 -57.95
N ASP GA 59 -116.63 100.51 -58.96
CA ASP GA 59 -116.18 100.68 -60.33
C ASP GA 59 -116.01 102.16 -60.66
N LEU GA 60 -115.01 102.45 -61.47
CA LEU GA 60 -114.71 103.83 -61.82
C LEU GA 60 -115.80 104.42 -62.71
N ARG GA 61 -116.03 105.72 -62.55
CA ARG GA 61 -117.01 106.47 -63.34
C ARG GA 61 -118.43 105.94 -63.16
N ASP GA 62 -118.73 105.40 -62.01
CA ASP GA 62 -120.07 104.92 -61.73
C ASP GA 62 -121.00 106.10 -61.46
N PRO GA 63 -122.18 106.14 -62.08
CA PRO GA 63 -123.15 107.21 -61.74
C PRO GA 63 -123.58 107.18 -60.29
N ASP GA 64 -123.61 106.00 -59.65
CA ASP GA 64 -124.01 105.89 -58.26
C ASP GA 64 -122.79 106.13 -57.39
N ARG GA 65 -122.50 107.39 -57.11
CA ARG GA 65 -121.32 107.77 -56.34
C ARG GA 65 -121.68 107.73 -54.86
N THR GA 66 -121.28 106.66 -54.18
CA THR GA 66 -121.54 106.49 -52.76
C THR GA 66 -120.45 105.63 -52.14
N VAL GA 67 -120.34 105.70 -50.83
CA VAL GA 67 -119.27 105.04 -50.10
C VAL GA 67 -119.84 104.21 -48.97
N ILE GA 68 -119.08 103.18 -48.57
CA ILE GA 68 -119.43 102.32 -47.44
C ILE GA 68 -118.37 102.53 -46.37
N ALA GA 69 -118.79 102.97 -45.19
CA ALA GA 69 -117.85 103.29 -44.13
C ALA GA 69 -117.46 102.04 -43.36
N SER GA 70 -116.17 101.88 -43.12
CA SER GA 70 -115.67 100.78 -42.33
C SER GA 70 -115.88 101.07 -40.84
N GLU GA 71 -115.67 100.04 -40.01
CA GLU GA 71 -115.87 100.15 -38.58
C GLU GA 71 -114.62 99.68 -37.85
N LEU GA 72 -114.15 100.48 -36.90
CA LEU GA 72 -113.02 100.12 -36.05
C LEU GA 72 -113.57 99.52 -34.77
N VAL GA 73 -113.40 98.21 -34.60
CA VAL GA 73 -113.87 97.50 -33.42
C VAL GA 73 -112.67 96.87 -32.74
N GLU GA 74 -112.44 97.23 -31.49
CA GLU GA 74 -111.35 96.67 -30.71
C GLU GA 74 -111.90 95.66 -29.72
N HIS GA 75 -111.32 94.47 -29.71
CA HIS GA 75 -111.80 93.40 -28.85
C HIS GA 75 -110.88 93.23 -27.65
N SER GA 76 -111.33 92.45 -26.68
CA SER GA 76 -110.59 92.30 -25.44
C SER GA 76 -110.98 90.99 -24.78
N PHE GA 77 -110.09 90.51 -23.92
CA PHE GA 77 -110.36 89.32 -23.12
C PHE GA 77 -109.68 89.44 -21.78
N GLY GA 78 -110.26 88.81 -20.76
CA GLY GA 78 -109.81 88.97 -19.38
C GLY GA 78 -108.98 87.78 -18.92
N VAL GA 79 -107.92 88.07 -18.17
CA VAL GA 79 -107.09 87.07 -17.54
C VAL GA 79 -107.27 87.19 -16.03
N THR GA 80 -107.60 86.06 -15.39
CA THR GA 80 -108.02 86.08 -13.99
C THR GA 80 -107.19 85.11 -13.15
N LEU GA 81 -106.83 85.55 -11.95
CA LEU GA 81 -106.29 84.66 -10.92
C LEU GA 81 -107.46 84.03 -10.19
N ASP GA 82 -107.62 82.71 -10.34
CA ASP GA 82 -108.73 82.04 -9.68
C ASP GA 82 -108.35 80.65 -9.18
N LYS GA 83 -107.10 80.45 -8.80
CA LYS GA 83 -106.73 79.18 -8.19
C LYS GA 83 -105.67 79.42 -7.13
N HIS GA 84 -105.63 78.51 -6.16
CA HIS GA 84 -104.69 78.62 -5.03
C HIS GA 84 -104.16 77.21 -4.78
N VAL GA 85 -102.91 76.97 -5.17
CA VAL GA 85 -102.31 75.65 -5.07
C VAL GA 85 -101.44 75.61 -3.82
N TYR GA 86 -101.67 74.59 -2.98
CA TYR GA 86 -100.97 74.48 -1.72
C TYR GA 86 -100.61 73.02 -1.45
N ALA GA 87 -99.84 72.82 -0.38
CA ALA GA 87 -99.50 71.49 0.09
C ALA GA 87 -99.26 71.58 1.60
N ALA GA 88 -100.28 71.27 2.38
CA ALA GA 88 -100.22 71.43 3.82
C ALA GA 88 -99.70 70.15 4.49
N LEU GA 89 -99.06 70.32 5.64
CA LEU GA 89 -98.52 69.21 6.41
C LEU GA 89 -98.60 69.50 7.90
N LYS GA 90 -99.09 68.55 8.67
CA LYS GA 90 -99.11 68.65 10.12
C LYS GA 90 -98.22 67.57 10.72
N PHE GA 91 -97.50 67.92 11.78
CA PHE GA 91 -96.56 67.01 12.41
C PHE GA 91 -96.67 67.15 13.92
N THR GA 92 -97.08 66.08 14.59
CA THR GA 92 -97.09 66.11 16.04
C THR GA 92 -95.67 66.25 16.58
N ASP GA 93 -95.56 66.87 17.75
CA ASP GA 93 -94.24 67.19 18.30
C ASP GA 93 -93.39 65.93 18.49
N GLU GA 94 -94.01 64.81 18.86
CA GLU GA 94 -93.27 63.57 18.94
C GLU GA 94 -92.73 63.15 17.58
N GLN GA 95 -93.56 63.28 16.53
CA GLN GA 95 -93.10 62.93 15.19
C GLN GA 95 -91.99 63.86 14.73
N ARG GA 96 -92.10 65.15 15.07
CA ARG GA 96 -91.04 66.09 14.70
C ARG GA 96 -89.76 65.82 15.47
N THR GA 97 -89.87 65.31 16.70
CA THR GA 97 -88.67 65.05 17.49
C THR GA 97 -88.01 63.73 17.10
N LEU GA 98 -88.78 62.64 17.14
CA LEU GA 98 -88.23 61.30 16.97
C LEU GA 98 -88.26 60.82 15.52
N ASP GA 99 -89.44 60.86 14.89
CA ASP GA 99 -89.60 60.19 13.60
C ASP GA 99 -88.90 60.96 12.47
N ILE GA 100 -89.03 62.29 12.45
CA ILE GA 100 -88.44 63.07 11.37
C ILE GA 100 -86.92 63.09 11.56
N ARG GA 101 -86.21 62.44 10.64
CA ARG GA 101 -84.75 62.34 10.76
C ARG GA 101 -84.06 63.60 10.26
N ASP GA 102 -84.23 63.92 8.98
CA ASP GA 102 -83.67 65.12 8.37
C ASP GA 102 -84.81 65.90 7.74
N TYR GA 103 -85.08 67.10 8.27
CA TYR GA 103 -86.27 67.84 7.86
C TYR GA 103 -86.23 68.21 6.38
N THR GA 104 -85.07 68.65 5.88
CA THR GA 104 -84.99 69.12 4.50
C THR GA 104 -85.24 67.99 3.52
N LYS GA 105 -84.55 66.86 3.71
CA LYS GA 105 -84.63 65.77 2.74
C LYS GA 105 -85.85 64.88 2.95
N GLN GA 106 -86.60 65.07 4.03
CA GLN GA 106 -87.75 64.22 4.32
C GLN GA 106 -89.09 64.93 4.23
N VAL GA 107 -89.12 66.26 4.30
CA VAL GA 107 -90.38 66.98 4.33
C VAL GA 107 -90.44 68.05 3.24
N LEU GA 108 -89.43 68.92 3.20
CA LEU GA 108 -89.51 70.08 2.31
C LEU GA 108 -89.40 69.68 0.85
N MET GA 109 -88.44 68.84 0.51
CA MET GA 109 -88.28 68.42 -0.88
C MET GA 109 -89.52 67.71 -1.41
N PRO GA 110 -90.10 66.72 -0.72
CA PRO GA 110 -91.36 66.14 -1.23
C PRO GA 110 -92.46 67.14 -1.35
N GLN GA 111 -92.53 68.13 -0.46
CA GLN GA 111 -93.59 69.13 -0.52
C GLN GA 111 -93.46 69.99 -1.77
N VAL GA 112 -92.27 70.53 -2.02
CA VAL GA 112 -92.10 71.36 -3.22
C VAL GA 112 -92.26 70.52 -4.47
N SER GA 113 -91.86 69.25 -4.44
CA SER GA 113 -92.08 68.40 -5.61
C SER GA 113 -93.55 68.18 -5.86
N ALA GA 114 -94.34 67.98 -4.81
CA ALA GA 114 -95.77 67.82 -4.99
C ALA GA 114 -96.39 69.07 -5.58
N VAL GA 115 -95.97 70.25 -5.10
CA VAL GA 115 -96.53 71.49 -5.65
C VAL GA 115 -96.12 71.66 -7.11
N ALA GA 116 -94.87 71.33 -7.45
CA ALA GA 116 -94.43 71.43 -8.83
C ALA GA 116 -95.23 70.50 -9.74
N TYR GA 117 -95.46 69.28 -9.30
CA TYR GA 117 -96.24 68.35 -10.12
C TYR GA 117 -97.68 68.80 -10.25
N GLU GA 118 -98.24 69.40 -9.18
CA GLU GA 118 -99.58 69.94 -9.28
C GLU GA 118 -99.65 71.08 -10.29
N LEU GA 119 -98.64 71.94 -10.31
CA LEU GA 119 -98.61 73.02 -11.30
C LEU GA 119 -98.50 72.47 -12.71
N GLU GA 120 -97.68 71.42 -12.91
CA GLU GA 120 -97.59 70.84 -14.24
C GLU GA 120 -98.90 70.21 -14.66
N ASP GA 121 -99.59 69.55 -13.73
CA ASP GA 121 -100.92 69.01 -14.04
C ASP GA 121 -101.89 70.14 -14.38
N TYR GA 122 -101.77 71.28 -13.70
CA TYR GA 122 -102.58 72.44 -14.03
C TYR GA 122 -102.36 72.89 -15.46
N ILE GA 123 -101.09 72.99 -15.86
CA ILE GA 123 -100.76 73.41 -17.22
C ILE GA 123 -101.28 72.40 -18.23
N ALA GA 124 -101.12 71.10 -17.94
CA ALA GA 124 -101.61 70.09 -18.85
C ALA GA 124 -103.12 70.13 -19.01
N GLU GA 125 -103.83 70.37 -17.90
CA GLU GA 125 -105.28 70.55 -17.98
C GLU GA 125 -105.63 71.75 -18.84
N LEU GA 126 -104.85 72.83 -18.72
CA LEU GA 126 -105.08 73.99 -19.56
C LEU GA 126 -104.89 73.66 -21.04
N ILE GA 127 -103.82 72.93 -21.36
CA ILE GA 127 -103.54 72.59 -22.75
C ILE GA 127 -104.63 71.70 -23.32
N GLU GA 128 -104.98 70.63 -22.59
CA GLU GA 128 -105.92 69.66 -23.11
C GLU GA 128 -107.35 70.19 -23.13
N GLY GA 129 -107.69 71.09 -22.23
CA GLY GA 129 -109.04 71.59 -22.19
C GLY GA 129 -109.36 72.67 -23.20
N ALA GA 130 -108.39 73.08 -24.01
CA ALA GA 130 -108.61 74.16 -24.95
C ALA GA 130 -109.67 73.75 -25.98
N PRO GA 131 -110.46 74.70 -26.46
CA PRO GA 131 -111.54 74.37 -27.41
C PRO GA 131 -111.05 74.23 -28.84
N TYR GA 132 -110.34 73.15 -29.12
CA TYR GA 132 -109.90 72.87 -30.47
C TYR GA 132 -111.11 72.58 -31.36
N GLU GA 133 -111.02 73.01 -32.61
CA GLU GA 133 -112.15 72.85 -33.54
C GLU GA 133 -112.16 71.47 -34.17
N GLU GA 134 -111.10 71.12 -34.87
CA GLU GA 134 -111.00 69.85 -35.57
C GLU GA 134 -109.73 69.13 -35.15
N THR GA 135 -109.87 67.85 -34.79
CA THR GA 135 -108.73 67.04 -34.39
C THR GA 135 -108.15 66.36 -35.62
N ILE GA 136 -106.87 66.57 -35.86
CA ILE GA 136 -106.19 65.95 -36.99
C ILE GA 136 -105.79 64.54 -36.61
N LEU GA 137 -106.12 63.58 -37.46
CA LEU GA 137 -105.86 62.18 -37.16
C LEU GA 137 -104.54 61.76 -37.78
N ILE GA 138 -103.62 61.30 -36.96
CA ILE GA 138 -102.32 60.81 -37.41
C ILE GA 138 -102.48 59.34 -37.78
N ASP GA 139 -102.29 59.03 -39.04
CA ASP GA 139 -102.30 57.63 -39.46
C ASP GA 139 -100.99 56.98 -39.04
N PRO GA 140 -101.02 55.88 -38.29
CA PRO GA 140 -99.77 55.28 -37.81
C PRO GA 140 -98.85 54.83 -38.94
N ALA GA 141 -99.39 54.40 -40.07
CA ALA GA 141 -98.55 53.96 -41.17
C ALA GA 141 -97.89 55.12 -41.90
N ASP GA 142 -98.54 56.29 -41.91
CA ASP GA 142 -98.01 57.49 -42.56
C ASP GA 142 -98.31 58.67 -41.64
N THR GA 143 -97.35 59.03 -40.80
CA THR GA 143 -97.56 60.07 -39.82
C THR GA 143 -97.16 61.45 -40.31
N VAL GA 144 -96.22 61.53 -41.25
CA VAL GA 144 -95.77 62.84 -41.73
C VAL GA 144 -96.89 63.64 -42.37
N PRO GA 145 -97.77 63.08 -43.20
CA PRO GA 145 -98.86 63.90 -43.76
C PRO GA 145 -99.72 64.57 -42.70
N ALA GA 146 -99.95 63.92 -41.56
CA ALA GA 146 -100.74 64.55 -40.52
C ALA GA 146 -100.07 65.79 -39.97
N PHE GA 147 -98.77 65.71 -39.71
CA PHE GA 147 -98.07 66.87 -39.16
C PHE GA 147 -97.93 67.98 -40.19
N ILE GA 148 -97.71 67.62 -41.46
CA ILE GA 148 -97.68 68.63 -42.50
C ILE GA 148 -99.04 69.31 -42.62
N THR GA 149 -100.12 68.53 -42.46
CA THR GA 149 -101.45 69.12 -42.48
C THR GA 149 -101.66 70.06 -41.30
N ALA GA 150 -101.14 69.71 -40.12
CA ALA GA 150 -101.23 70.61 -38.98
C ALA GA 150 -100.49 71.91 -39.25
N ASP GA 151 -99.30 71.81 -39.82
CA ASP GA 151 -98.54 73.01 -40.18
C ASP GA 151 -99.31 73.85 -41.20
N GLN GA 152 -99.93 73.19 -42.18
CA GLN GA 152 -100.76 73.91 -43.14
C GLN GA 152 -101.93 74.61 -42.46
N ARG GA 153 -102.56 73.93 -41.50
CA ARG GA 153 -103.70 74.53 -40.80
C ARG GA 153 -103.27 75.77 -40.05
N MET GA 154 -102.13 75.71 -39.37
CA MET GA 154 -101.67 76.89 -38.64
C MET GA 154 -101.19 77.99 -39.60
N GLY GA 155 -100.66 77.62 -40.76
CA GLY GA 155 -100.26 78.62 -41.72
C GLY GA 155 -101.41 79.26 -42.45
N GLU GA 156 -102.54 78.56 -42.52
CA GLU GA 156 -103.74 79.12 -43.16
C GLU GA 156 -104.46 80.10 -42.26
N ALA GA 157 -104.19 80.09 -40.97
CA ALA GA 157 -104.71 81.08 -40.04
C ALA GA 157 -103.78 82.27 -39.90
N ASN GA 158 -102.70 82.31 -40.68
CA ASN GA 158 -101.72 83.39 -40.68
C ASN GA 158 -100.98 83.49 -39.36
N VAL GA 159 -100.93 82.40 -38.61
CA VAL GA 159 -100.20 82.37 -37.35
C VAL GA 159 -98.70 82.50 -37.63
N PRO GA 160 -97.96 83.29 -36.86
CA PRO GA 160 -96.52 83.42 -37.13
C PRO GA 160 -95.81 82.07 -37.05
N THR GA 161 -94.80 81.91 -37.89
CA THR GA 161 -94.11 80.64 -38.05
C THR GA 161 -92.99 80.43 -37.06
N ASP GA 162 -92.72 81.39 -36.17
CA ASP GA 162 -91.66 81.28 -35.20
C ASP GA 162 -92.23 81.09 -33.80
N SER GA 163 -91.40 80.53 -32.92
CA SER GA 163 -91.77 80.28 -31.53
C SER GA 163 -92.98 79.37 -31.41
N ARG GA 164 -93.12 78.42 -32.32
CA ARG GA 164 -94.11 77.36 -32.18
C ARG GA 164 -93.54 76.22 -31.36
N ARG GA 165 -94.42 75.53 -30.64
CA ARG GA 165 -94.01 74.40 -29.80
C ARG GA 165 -94.86 73.20 -30.15
N LEU GA 166 -94.22 72.05 -30.33
CA LEU GA 166 -94.90 70.80 -30.61
C LEU GA 166 -94.58 69.81 -29.51
N VAL GA 167 -95.60 69.41 -28.76
CA VAL GA 167 -95.46 68.47 -27.65
C VAL GA 167 -96.23 67.21 -28.01
N VAL GA 168 -95.53 66.07 -27.99
CA VAL GA 168 -96.10 64.79 -28.38
C VAL GA 168 -96.07 63.85 -27.18
N GLY GA 169 -97.17 63.14 -26.98
CA GLY GA 169 -97.23 62.15 -25.93
C GLY GA 169 -96.34 60.97 -26.24
N SER GA 170 -96.28 60.04 -25.30
CA SER GA 170 -95.41 58.88 -25.47
C SER GA 170 -95.83 58.04 -26.67
N ALA GA 171 -97.13 57.79 -26.82
CA ALA GA 171 -97.61 56.96 -27.92
C ALA GA 171 -97.36 57.62 -29.26
N VAL GA 172 -97.52 58.94 -29.36
CA VAL GA 172 -97.27 59.62 -30.63
C VAL GA 172 -95.80 59.52 -31.00
N ALA GA 173 -94.91 59.69 -30.03
CA ALA GA 173 -93.48 59.56 -30.31
C ALA GA 173 -93.13 58.15 -30.74
N ALA GA 174 -93.74 57.14 -30.10
CA ALA GA 174 -93.51 55.78 -30.52
C ALA GA 174 -94.00 55.56 -31.94
N ALA GA 175 -95.16 56.14 -32.29
CA ALA GA 175 -95.67 56.01 -33.64
C ALA GA 175 -94.75 56.68 -34.64
N LEU GA 176 -94.19 57.83 -34.29
CA LEU GA 176 -93.24 58.50 -35.16
C LEU GA 176 -92.01 57.63 -35.40
N ALA GA 177 -91.47 57.06 -34.33
CA ALA GA 177 -90.30 56.20 -34.50
C ALA GA 177 -90.63 54.94 -35.29
N LYS GA 178 -91.85 54.43 -35.15
CA LYS GA 178 -92.27 53.22 -35.85
C LYS GA 178 -92.61 53.47 -37.31
N ASP GA 179 -92.78 54.72 -37.72
CA ASP GA 179 -93.13 55.00 -39.09
C ASP GA 179 -91.98 54.65 -40.02
N LYS GA 180 -92.32 54.02 -41.15
CA LYS GA 180 -91.28 53.65 -42.11
C LYS GA 180 -90.63 54.87 -42.75
N GLN GA 181 -91.27 56.04 -42.64
CA GLN GA 181 -90.67 57.26 -43.17
C GLN GA 181 -89.36 57.57 -42.46
N PHE GA 182 -89.34 57.46 -41.14
CA PHE GA 182 -88.14 57.74 -40.37
C PHE GA 182 -87.31 56.49 -40.12
N ARG GA 183 -87.98 55.34 -40.01
CA ARG GA 183 -87.29 54.10 -39.66
C ARG GA 183 -86.38 53.66 -40.81
N HIS GA 184 -86.89 53.71 -42.04
CA HIS GA 184 -86.12 53.32 -43.21
C HIS GA 184 -85.21 54.47 -43.59
N ALA GA 185 -83.91 54.30 -43.38
CA ALA GA 185 -82.98 55.23 -43.99
C ALA GA 185 -83.10 55.11 -45.50
N ASP GA 186 -82.68 56.17 -46.19
CA ASP GA 186 -82.82 56.56 -47.59
C ASP GA 186 -84.21 57.10 -47.86
N TRP GA 187 -85.18 56.89 -46.98
CA TRP GA 187 -86.46 57.55 -47.07
C TRP GA 187 -86.53 58.80 -46.23
N SER GA 188 -85.51 59.04 -45.41
CA SER GA 188 -85.48 60.22 -44.54
C SER GA 188 -84.08 60.78 -44.44
N GLY GA 189 -83.22 60.48 -45.41
CA GLY GA 189 -81.82 60.76 -45.20
C GLY GA 189 -81.36 60.00 -43.98
N ASP GA 190 -80.65 60.68 -43.08
CA ASP GA 190 -80.33 60.14 -41.77
C ASP GA 190 -79.62 58.80 -41.89
N GLN GA 191 -78.44 58.83 -42.50
CA GLN GA 191 -77.69 57.58 -42.67
C GLN GA 191 -77.31 56.98 -41.33
N ALA GA 192 -77.17 57.80 -40.28
CA ALA GA 192 -76.96 57.26 -38.95
C ALA GA 192 -78.19 56.52 -38.46
N ASN GA 193 -79.36 56.85 -39.01
CA ASN GA 193 -80.63 56.19 -38.70
C ASN GA 193 -80.93 56.25 -37.20
N ALA GA 194 -81.12 57.48 -36.72
CA ALA GA 194 -81.46 57.67 -35.32
C ALA GA 194 -82.80 57.05 -34.98
N ALA GA 195 -83.74 57.07 -35.92
CA ALA GA 195 -85.07 56.55 -35.65
C ALA GA 195 -85.10 55.04 -35.48
N LEU GA 196 -84.01 54.35 -35.82
CA LEU GA 196 -83.92 52.91 -35.68
C LEU GA 196 -82.99 52.50 -34.55
N ARG GA 197 -81.82 53.13 -34.45
CA ARG GA 197 -80.84 52.77 -33.44
C ARG GA 197 -80.95 53.62 -32.17
N GLU GA 198 -81.78 54.66 -32.17
CA GLU GA 198 -82.01 55.46 -30.98
C GLU GA 198 -83.48 55.67 -30.67
N ALA GA 199 -84.38 55.31 -31.58
CA ALA GA 199 -85.83 55.46 -31.39
C ALA GA 199 -86.23 56.91 -31.16
N HIS GA 200 -85.47 57.84 -31.72
CA HIS GA 200 -85.70 59.26 -31.55
C HIS GA 200 -85.89 59.91 -32.90
N VAL GA 201 -86.91 60.76 -33.01
CA VAL GA 201 -87.26 61.36 -34.29
C VAL GA 201 -86.72 62.79 -34.38
N GLY GA 202 -86.69 63.49 -33.26
CA GLY GA 202 -86.17 64.86 -33.28
C GLY GA 202 -87.02 65.75 -34.14
N ARG GA 203 -86.38 66.45 -35.08
CA ARG GA 203 -87.08 67.42 -35.91
C ARG GA 203 -88.08 66.72 -36.83
N LEU GA 204 -89.14 67.45 -37.18
CA LEU GA 204 -90.20 66.90 -38.01
C LEU GA 204 -91.07 68.03 -38.52
N ALA GA 205 -91.21 68.12 -39.84
CA ALA GA 205 -92.15 69.05 -40.48
C ALA GA 205 -91.94 70.49 -40.03
N GLY GA 206 -90.71 70.82 -39.61
CA GLY GA 206 -90.38 72.14 -39.15
C GLY GA 206 -90.39 72.32 -37.65
N MET GA 207 -90.93 71.37 -36.90
CA MET GA 207 -91.05 71.49 -35.45
C MET GA 207 -90.14 70.50 -34.76
N ASN GA 208 -89.56 70.91 -33.64
CA ASN GA 208 -88.77 70.03 -32.80
C ASN GA 208 -89.69 69.37 -31.80
N VAL GA 209 -89.84 68.05 -31.87
CA VAL GA 209 -90.77 67.37 -30.99
C VAL GA 209 -90.27 67.44 -29.55
N ILE GA 210 -91.20 67.62 -28.61
CA ILE GA 210 -90.90 67.58 -27.19
C ILE GA 210 -91.77 66.52 -26.55
N ARG GA 211 -91.14 65.59 -25.85
CA ARG GA 211 -91.84 64.44 -25.29
C ARG GA 211 -92.27 64.75 -23.88
N SER GA 212 -93.56 64.57 -23.58
CA SER GA 212 -94.08 64.82 -22.25
C SER GA 212 -95.12 63.77 -21.90
N ASN GA 213 -95.05 63.27 -20.66
CA ASN GA 213 -96.02 62.30 -20.17
C ASN GA 213 -97.21 62.96 -19.49
N ALA GA 214 -97.20 64.28 -19.34
CA ALA GA 214 -98.34 64.95 -18.71
C ALA GA 214 -99.59 64.83 -19.57
N ILE GA 215 -99.44 64.98 -20.88
CA ILE GA 215 -100.56 64.90 -21.80
C ILE GA 215 -100.91 63.44 -22.05
N ALA GA 216 -102.09 63.20 -22.62
CA ALA GA 216 -102.51 61.83 -22.91
C ALA GA 216 -101.56 61.20 -23.92
N PRO GA 217 -101.35 59.89 -23.85
CA PRO GA 217 -100.31 59.26 -24.68
C PRO GA 217 -100.51 59.47 -26.17
N ASP GA 218 -101.74 59.43 -26.66
CA ASP GA 218 -102.01 59.45 -28.09
C ASP GA 218 -102.38 60.85 -28.60
N LYS GA 219 -101.93 61.89 -27.91
CA LYS GA 219 -102.24 63.26 -28.30
C LYS GA 219 -100.96 64.03 -28.56
N ALA GA 220 -101.03 64.94 -29.53
CA ALA GA 220 -99.96 65.89 -29.81
C ALA GA 220 -100.59 67.27 -29.91
N TYR GA 221 -99.91 68.27 -29.39
CA TYR GA 221 -100.40 69.64 -29.42
C TYR GA 221 -99.34 70.53 -30.03
N LEU GA 222 -99.74 71.33 -31.02
CA LEU GA 222 -98.85 72.29 -31.64
C LEU GA 222 -99.43 73.67 -31.43
N TRP GA 223 -98.71 74.53 -30.72
CA TRP GA 223 -99.26 75.83 -30.38
C TRP GA 223 -98.23 76.93 -30.57
N HIS GA 224 -98.71 78.07 -31.05
CA HIS GA 224 -97.93 79.30 -31.02
C HIS GA 224 -97.82 79.79 -29.59
N ARG GA 225 -96.76 80.56 -29.31
CA ARG GA 225 -96.53 80.98 -27.94
C ARG GA 225 -97.69 81.81 -27.41
N THR GA 226 -98.21 82.73 -28.21
CA THR GA 226 -99.25 83.62 -27.75
C THR GA 226 -100.61 82.93 -27.79
N ALA GA 227 -100.69 81.73 -27.23
CA ALA GA 227 -101.95 80.99 -27.19
C ALA GA 227 -102.43 80.72 -25.77
N PHE GA 228 -101.56 80.22 -24.91
CA PHE GA 228 -101.90 79.93 -23.52
C PHE GA 228 -101.16 80.89 -22.62
N ILE GA 229 -101.87 81.51 -21.70
CA ILE GA 229 -101.32 82.50 -20.77
C ILE GA 229 -101.37 81.93 -19.37
N LEU GA 230 -100.24 81.95 -18.68
CA LEU GA 230 -100.13 81.52 -17.30
C LEU GA 230 -99.77 82.71 -16.42
N ALA GA 231 -100.41 82.81 -15.26
CA ALA GA 231 -100.16 83.88 -14.32
C ALA GA 231 -99.93 83.30 -12.94
N TYR GA 232 -98.88 83.75 -12.27
CA TYR GA 232 -98.53 83.28 -10.93
C TYR GA 232 -98.36 84.47 -10.00
N ARG GA 233 -98.68 84.25 -8.73
CA ARG GA 233 -98.47 85.26 -7.70
C ARG GA 233 -98.04 84.55 -6.43
N THR GA 234 -97.07 85.13 -5.74
CA THR GA 234 -96.58 84.56 -4.51
C THR GA 234 -97.24 85.27 -3.34
N PRO GA 235 -98.02 84.59 -2.50
CA PRO GA 235 -98.66 85.26 -1.37
C PRO GA 235 -97.61 85.85 -0.44
N VAL GA 236 -97.91 87.02 0.10
CA VAL GA 236 -96.99 87.67 1.02
C VAL GA 236 -97.14 87.04 2.39
N VAL GA 237 -96.02 86.87 3.08
CA VAL GA 237 -96.04 86.35 4.44
C VAL GA 237 -96.71 87.40 5.30
N PRO GA 238 -97.81 87.07 5.97
CA PRO GA 238 -98.54 88.09 6.73
C PRO GA 238 -97.74 88.58 7.92
N GLU GA 239 -98.11 89.76 8.39
CA GLU GA 239 -97.36 90.41 9.46
C GLU GA 239 -97.37 89.58 10.73
N GLY GA 240 -98.52 88.99 11.07
CA GLY GA 240 -98.62 88.19 12.26
C GLY GA 240 -98.33 86.72 12.04
N ALA GA 241 -97.14 86.40 11.54
CA ALA GA 241 -96.79 85.03 11.25
C ALA GA 241 -95.28 84.85 11.40
N LYS GA 242 -94.88 83.61 11.66
CA LYS GA 242 -93.47 83.29 11.77
C LYS GA 242 -92.80 83.47 10.41
N ALA GA 243 -91.61 84.09 10.42
CA ALA GA 243 -90.92 84.42 9.19
C ALA GA 243 -90.51 83.14 8.48
N GLY GA 244 -91.27 82.77 7.45
CA GLY GA 244 -90.96 81.59 6.68
C GLY GA 244 -90.01 81.89 5.53
N ALA GA 245 -89.73 80.85 4.75
CA ALA GA 245 -88.84 80.96 3.61
C ALA GA 245 -89.62 80.99 2.31
N SER GA 246 -88.89 81.19 1.21
CA SER GA 246 -89.47 81.18 -0.12
C SER GA 246 -88.78 80.11 -0.94
N PHE GA 247 -89.57 79.32 -1.67
CA PHE GA 247 -89.04 78.20 -2.43
C PHE GA 247 -89.31 78.40 -3.91
N SER GA 248 -88.75 77.51 -4.73
CA SER GA 248 -88.88 77.61 -6.17
C SER GA 248 -89.32 76.26 -6.74
N ALA GA 249 -90.24 76.33 -7.69
CA ALA GA 249 -90.72 75.15 -8.43
C ALA GA 249 -90.74 75.52 -9.91
N ASN GA 250 -89.69 75.10 -10.63
CA ASN GA 250 -89.59 75.30 -12.08
C ASN GA 250 -89.76 76.77 -12.45
N GLY GA 251 -89.18 77.65 -11.66
CA GLY GA 251 -89.23 79.07 -11.89
C GLY GA 251 -90.35 79.80 -11.19
N VAL GA 252 -91.31 79.08 -10.62
CA VAL GA 252 -92.39 79.70 -9.88
C VAL GA 252 -91.96 79.88 -8.42
N ALA GA 253 -92.32 81.01 -7.83
CA ALA GA 253 -91.97 81.29 -6.45
C ALA GA 253 -93.11 80.84 -5.53
N LEU GA 254 -92.74 80.19 -4.43
CA LEU GA 254 -93.67 79.54 -3.53
C LEU GA 254 -93.51 80.10 -2.13
N ARG GA 255 -94.63 80.41 -1.49
CA ARG GA 255 -94.65 80.93 -0.12
C ARG GA 255 -94.71 79.75 0.84
N TRP GA 256 -93.75 79.68 1.75
CA TRP GA 256 -93.72 78.66 2.80
C TRP GA 256 -94.02 79.31 4.13
N LEU GA 257 -95.05 78.82 4.81
CA LEU GA 257 -95.50 79.38 6.08
C LEU GA 257 -95.55 78.27 7.11
N ALA GA 258 -95.14 78.58 8.33
CA ALA GA 258 -95.14 77.62 9.42
C ALA GA 258 -95.85 78.22 10.60
N ASP GA 259 -96.51 77.39 11.38
CA ASP GA 259 -97.23 77.87 12.56
C ASP GA 259 -97.42 76.72 13.54
N TYR GA 260 -97.19 77.01 14.81
CA TYR GA 260 -97.38 75.99 15.83
C TYR GA 260 -98.87 75.78 16.09
N ASP GA 261 -99.18 74.71 16.81
CA ASP GA 261 -100.56 74.44 17.25
C ASP GA 261 -100.44 73.93 18.68
N TYR GA 262 -100.59 74.83 19.63
CA TYR GA 262 -100.54 74.46 21.04
C TYR GA 262 -101.72 73.59 21.42
N SER GA 263 -102.89 73.80 20.81
CA SER GA 263 -104.04 73.00 21.14
C SER GA 263 -103.82 71.53 20.79
N GLN GA 264 -103.19 71.25 19.65
CA GLN GA 264 -102.86 69.90 19.25
C GLN GA 264 -101.40 69.56 19.44
N LEU GA 265 -100.60 70.48 19.99
CA LEU GA 265 -99.19 70.23 20.29
C LEU GA 265 -98.45 69.72 19.05
N GLY GA 266 -98.64 70.41 17.94
CA GLY GA 266 -98.01 69.99 16.70
C GLY GA 266 -97.75 71.14 15.77
N ASP GA 267 -96.71 71.01 14.96
CA ASP GA 267 -96.38 72.01 13.96
C ASP GA 267 -97.26 71.84 12.74
N ARG GA 268 -97.46 72.95 12.02
CA ARG GA 268 -98.21 72.95 10.77
C ARG GA 268 -97.45 73.78 9.75
N THR GA 269 -97.46 73.33 8.51
CA THR GA 269 -96.74 73.98 7.42
C THR GA 269 -97.64 74.06 6.20
N LEU GA 270 -97.47 75.13 5.43
CA LEU GA 270 -98.31 75.40 4.27
C LEU GA 270 -97.45 76.04 3.20
N LEU GA 271 -97.33 75.38 2.05
CA LEU GA 271 -96.56 75.90 0.93
C LEU GA 271 -97.54 76.13 -0.22
N ASP GA 272 -97.58 77.37 -0.74
CA ASP GA 272 -98.66 77.71 -1.64
C ASP GA 272 -98.26 78.79 -2.64
N VAL GA 273 -99.15 79.00 -3.61
CA VAL GA 273 -98.98 79.96 -4.69
C VAL GA 273 -100.33 80.19 -5.34
N PHE GA 274 -100.60 81.41 -5.77
CA PHE GA 274 -101.83 81.71 -6.48
C PHE GA 274 -101.59 81.61 -7.97
N THR GA 275 -102.47 80.91 -8.68
CA THR GA 275 -102.29 80.63 -10.09
C THR GA 275 -103.54 80.97 -10.87
N GLY GA 276 -103.34 81.28 -12.15
CA GLY GA 276 -104.45 81.51 -13.06
C GLY GA 276 -104.02 81.25 -14.49
N ARG GA 277 -104.99 80.92 -15.34
CA ARG GA 277 -104.69 80.52 -16.70
C ARG GA 277 -105.72 81.13 -17.64
N LYS GA 278 -105.33 81.25 -18.91
CA LYS GA 278 -106.22 81.78 -19.92
C LYS GA 278 -105.86 81.20 -21.28
N VAL GA 279 -106.87 81.08 -22.14
CA VAL GA 279 -106.71 80.62 -23.51
C VAL GA 279 -107.08 81.77 -24.44
N VAL GA 280 -106.12 82.20 -25.26
CA VAL GA 280 -106.33 83.33 -26.16
C VAL GA 280 -107.04 82.80 -27.40
N THR GA 281 -108.37 82.93 -27.44
CA THR GA 281 -109.10 82.27 -28.51
C THR GA 281 -109.05 83.07 -29.80
N GLU GA 282 -109.73 84.20 -29.85
CA GLU GA 282 -109.84 85.02 -31.05
C GLU GA 282 -110.74 86.20 -30.74
N VAL GA 283 -110.85 87.11 -31.71
CA VAL GA 283 -111.86 88.15 -31.63
C VAL GA 283 -113.24 87.61 -31.93
N ASP GA 284 -113.33 86.51 -32.68
CA ASP GA 284 -114.61 85.90 -33.02
C ASP GA 284 -114.88 84.61 -32.26
N GLY GA 285 -114.05 84.30 -31.27
CA GLY GA 285 -114.28 83.13 -30.44
C GLY GA 285 -113.88 81.81 -31.06
N SER GA 286 -113.09 81.83 -32.12
CA SER GA 286 -112.64 80.60 -32.78
C SER GA 286 -111.17 80.40 -32.45
N PHE GA 287 -110.88 79.35 -31.69
CA PHE GA 287 -109.51 79.05 -31.30
C PHE GA 287 -108.73 78.52 -32.49
N VAL GA 288 -107.73 79.28 -32.94
CA VAL GA 288 -106.97 78.93 -34.13
C VAL GA 288 -105.47 78.98 -33.90
N ARG GA 289 -105.00 79.31 -32.70
CA ARG GA 289 -103.58 79.43 -32.45
C ARG GA 289 -102.95 78.13 -31.99
N ALA GA 290 -103.70 77.03 -31.96
CA ALA GA 290 -103.14 75.74 -31.60
C ALA GA 290 -103.96 74.65 -32.26
N VAL GA 291 -103.29 73.54 -32.58
CA VAL GA 291 -103.92 72.42 -33.24
C VAL GA 291 -103.63 71.14 -32.46
N GLU GA 292 -104.58 70.22 -32.53
CA GLU GA 292 -104.57 68.98 -31.76
C GLU GA 292 -104.53 67.80 -32.72
N LEU GA 293 -103.61 66.87 -32.48
CA LEU GA 293 -103.44 65.71 -33.31
C LEU GA 293 -103.65 64.46 -32.46
N GLN GA 294 -104.32 63.46 -33.03
CA GLN GA 294 -104.61 62.24 -32.30
C GLN GA 294 -104.39 61.04 -33.20
N LEU GA 295 -103.76 60.01 -32.65
CA LEU GA 295 -103.50 58.80 -33.43
C LEU GA 295 -104.81 58.09 -33.77
N GLN GA 296 -104.84 57.54 -34.98
CA GLN GA 296 -105.94 56.69 -35.39
C GLN GA 296 -105.84 55.33 -34.73
N ALA GA 297 -106.99 54.75 -34.40
CA ALA GA 297 -107.07 53.44 -33.80
C ALA GA 297 -107.86 52.52 -34.72
N SER GA 298 -107.33 51.32 -34.95
CA SER GA 298 -107.96 50.36 -35.84
C SER GA 298 -108.52 49.13 -35.12
N SER GA 299 -108.01 48.81 -33.95
CA SER GA 299 -108.49 47.65 -33.21
C SER GA 299 -108.14 47.82 -31.75
N ILE GA 300 -108.79 47.00 -30.91
CA ILE GA 300 -108.52 46.95 -29.48
C ILE GA 300 -108.43 45.50 -29.06
N THR GA 301 -107.64 45.25 -28.02
CA THR GA 301 -107.47 43.92 -27.46
C THR GA 301 -107.41 44.01 -25.94
N ILE GA 302 -108.06 43.07 -25.26
CA ILE GA 302 -107.96 42.98 -23.82
C ILE GA 302 -106.63 42.29 -23.47
N VAL GA 303 -105.84 42.93 -22.62
CA VAL GA 303 -104.56 42.35 -22.22
C VAL GA 303 -104.80 41.05 -21.48
N GLY GA 304 -104.23 39.96 -22.01
CA GLY GA 304 -104.40 38.64 -21.45
C GLY GA 304 -105.46 37.80 -22.12
N GLY GA 305 -106.34 38.41 -22.91
CA GLY GA 305 -107.38 37.64 -23.60
C GLY GA 305 -108.33 37.01 -22.61
N ALA GA 306 -108.75 35.78 -22.94
CA ALA GA 306 -109.63 35.03 -22.05
C ALA GA 306 -108.90 34.62 -20.78
N PHE GA 307 -109.60 34.63 -19.66
CA PHE GA 307 -109.04 34.18 -18.40
C PHE GA 307 -110.19 33.84 -17.46
N ALA GA 308 -109.84 33.25 -16.32
CA ALA GA 308 -110.81 32.87 -15.30
C ALA GA 308 -110.32 33.32 -13.94
N LEU GA 309 -111.26 33.59 -13.05
CA LEU GA 309 -110.97 34.05 -11.70
C LEU GA 309 -110.75 32.87 -10.76
N ALA GA 310 -110.04 33.15 -9.67
CA ALA GA 310 -109.79 32.12 -8.67
C ALA GA 310 -111.09 31.68 -8.00
N THR GA 311 -111.96 32.62 -7.66
CA THR GA 311 -113.22 32.34 -7.01
C THR GA 311 -114.27 33.30 -7.53
N THR GA 312 -115.52 33.09 -7.13
CA THR GA 312 -116.60 33.98 -7.57
C THR GA 312 -116.38 35.39 -7.04
N THR GA 313 -116.00 35.54 -5.77
CA THR GA 313 -115.81 36.85 -5.18
C THR GA 313 -114.52 37.53 -5.64
N GLY GA 314 -113.63 36.80 -6.33
CA GLY GA 314 -112.42 37.41 -6.83
C GLY GA 314 -112.70 38.48 -7.88
N THR GA 315 -111.87 39.52 -7.86
CA THR GA 315 -112.01 40.65 -8.78
C THR GA 315 -110.72 40.85 -9.55
N LYS GA 316 -110.85 41.10 -10.84
CA LYS GA 316 -109.70 41.38 -11.71
C LYS GA 316 -109.97 42.65 -12.49
N GLN GA 317 -108.94 43.50 -12.59
CA GLN GA 317 -109.04 44.76 -13.31
C GLN GA 317 -108.71 44.52 -14.78
N LEU GA 318 -109.64 44.83 -15.67
CA LEU GA 318 -109.40 44.66 -17.09
C LEU GA 318 -108.42 45.70 -17.60
N LYS GA 319 -107.89 45.43 -18.79
CA LYS GA 319 -106.97 46.35 -19.46
C LYS GA 319 -107.18 46.20 -20.95
N VAL GA 320 -107.52 47.29 -21.62
CA VAL GA 320 -107.77 47.29 -23.06
C VAL GA 320 -106.72 48.18 -23.72
N ARG GA 321 -106.04 47.64 -24.72
CA ARG GA 321 -105.02 48.37 -25.46
C ARG GA 321 -105.41 48.43 -26.92
N ASP GA 322 -105.32 49.60 -27.52
CA ASP GA 322 -105.70 49.78 -28.90
C ASP GA 322 -104.58 49.30 -29.81
N ASP GA 323 -104.72 49.57 -31.11
CA ASP GA 323 -103.72 49.12 -32.08
C ASP GA 323 -102.35 49.75 -31.80
N ASN GA 324 -102.34 51.03 -31.45
CA ASN GA 324 -101.09 51.76 -31.25
C ASN GA 324 -100.44 51.45 -29.91
N GLY GA 325 -101.10 50.70 -29.04
CA GLY GA 325 -100.58 50.42 -27.72
C GLY GA 325 -100.99 51.40 -26.65
N THR GA 326 -101.93 52.31 -26.94
CA THR GA 326 -102.39 53.27 -25.95
C THR GA 326 -103.27 52.59 -24.91
N ASP GA 327 -103.05 52.91 -23.64
CA ASP GA 327 -103.90 52.42 -22.56
C ASP GA 327 -105.26 53.12 -22.66
N VAL GA 328 -106.26 52.39 -23.14
CA VAL GA 328 -107.53 53.01 -23.52
C VAL GA 328 -108.66 52.41 -22.69
N THR GA 329 -108.33 51.83 -21.55
CA THR GA 329 -109.34 51.18 -20.73
C THR GA 329 -110.37 52.19 -20.22
N ALA GA 330 -109.92 53.38 -19.81
CA ALA GA 330 -110.83 54.37 -19.27
C ALA GA 330 -111.77 54.93 -20.32
N ARG GA 331 -111.47 54.75 -21.60
CA ARG GA 331 -112.29 55.28 -22.68
C ARG GA 331 -113.22 54.25 -23.31
N CYS GA 332 -113.21 53.02 -22.82
CA CYS GA 332 -114.03 51.95 -23.38
C CYS GA 332 -115.30 51.75 -22.57
N THR GA 333 -116.23 51.02 -23.15
CA THR GA 333 -117.47 50.62 -22.48
C THR GA 333 -117.52 49.10 -22.45
N PHE GA 334 -117.62 48.54 -21.25
CA PHE GA 334 -117.64 47.09 -21.08
C PHE GA 334 -119.08 46.60 -20.96
N ALA GA 335 -119.30 45.36 -21.38
CA ALA GA 335 -120.62 44.75 -21.26
C ALA GA 335 -120.44 43.24 -21.14
N SER GA 336 -121.00 42.66 -20.09
CA SER GA 336 -120.97 41.21 -19.91
C SER GA 336 -122.19 40.59 -20.58
N SER GA 337 -121.96 39.63 -21.47
CA SER GA 337 -123.06 38.97 -22.16
C SER GA 337 -123.96 38.23 -21.17
N ALA GA 338 -123.35 37.48 -20.25
CA ALA GA 338 -124.09 36.73 -19.24
C ALA GA 338 -123.92 37.46 -17.92
N GLY GA 339 -124.84 38.39 -17.65
CA GLY GA 339 -124.80 39.12 -16.39
C GLY GA 339 -125.00 38.21 -15.19
N THR GA 340 -125.81 37.17 -15.34
CA THR GA 340 -126.01 36.19 -14.27
C THR GA 340 -124.73 35.42 -13.96
N LYS GA 341 -123.83 35.28 -14.93
CA LYS GA 341 -122.58 34.55 -14.72
C LYS GA 341 -121.47 35.47 -14.22
N ALA GA 342 -121.13 36.49 -15.00
CA ALA GA 342 -120.05 37.41 -14.67
C ALA GA 342 -120.54 38.84 -14.79
N THR GA 343 -120.02 39.70 -13.92
CA THR GA 343 -120.37 41.11 -13.89
C THR GA 343 -119.12 41.95 -14.07
N VAL GA 344 -119.20 42.96 -14.93
CA VAL GA 344 -118.10 43.89 -15.18
C VAL GA 344 -118.62 45.31 -14.95
N SER GA 345 -117.85 46.11 -14.23
CA SER GA 345 -118.24 47.48 -13.94
C SER GA 345 -117.98 48.34 -15.17
N ALA GA 346 -118.16 49.65 -15.02
CA ALA GA 346 -117.83 50.57 -16.10
C ALA GA 346 -116.33 50.70 -16.31
N ALA GA 347 -115.54 50.50 -15.26
CA ALA GA 347 -114.10 50.63 -15.34
C ALA GA 347 -113.39 49.31 -15.62
N GLY GA 348 -114.10 48.20 -15.66
CA GLY GA 348 -113.49 46.92 -15.97
C GLY GA 348 -113.09 46.12 -14.75
N LEU GA 349 -113.94 46.10 -13.73
CA LEU GA 349 -113.73 45.28 -12.54
C LEU GA 349 -114.57 44.02 -12.70
N VAL GA 350 -114.02 43.02 -13.39
CA VAL GA 350 -114.76 41.80 -13.63
C VAL GA 350 -114.94 41.04 -12.33
N THR GA 351 -116.16 40.57 -12.08
CA THR GA 351 -116.46 39.75 -10.92
C THR GA 351 -117.67 38.88 -11.28
N GLY GA 352 -117.50 37.56 -11.18
CA GLY GA 352 -118.53 36.63 -11.55
C GLY GA 352 -119.26 36.09 -10.34
N VAL GA 353 -120.59 36.20 -10.36
CA VAL GA 353 -121.38 35.76 -9.22
C VAL GA 353 -121.77 34.30 -9.30
N ALA GA 354 -121.97 33.77 -10.51
CA ALA GA 354 -122.37 32.38 -10.69
C ALA GA 354 -121.40 31.67 -11.62
N ALA GA 355 -121.07 30.43 -11.28
CA ALA GA 355 -120.14 29.65 -12.08
C ALA GA 355 -120.70 29.42 -13.48
N GLY GA 356 -119.82 29.47 -14.48
CA GLY GA 356 -120.24 29.29 -15.85
C GLY GA 356 -119.56 30.25 -16.80
N THR GA 357 -119.69 30.03 -18.10
CA THR GA 357 -119.05 30.88 -19.09
C THR GA 357 -119.84 32.17 -19.28
N ALA GA 358 -119.11 33.25 -19.57
CA ALA GA 358 -119.73 34.54 -19.85
C ALA GA 358 -118.81 35.35 -20.74
N ASP GA 359 -119.37 36.00 -21.75
CA ASP GA 359 -118.60 36.82 -22.67
C ASP GA 359 -118.52 38.24 -22.17
N ILE GA 360 -117.32 38.81 -22.25
CA ILE GA 360 -117.08 40.21 -21.92
C ILE GA 360 -116.71 40.92 -23.22
N THR GA 361 -117.45 41.97 -23.55
CA THR GA 361 -117.24 42.72 -24.77
C THR GA 361 -116.85 44.15 -24.41
N ALA GA 362 -115.73 44.61 -24.94
CA ALA GA 362 -115.27 45.98 -24.77
C ALA GA 362 -115.47 46.71 -26.08
N SER GA 363 -116.23 47.80 -26.05
CA SER GA 363 -116.50 48.62 -27.21
C SER GA 363 -115.78 49.95 -27.05
N TYR GA 364 -115.05 50.35 -28.08
CA TYR GA 364 -114.30 51.60 -28.07
C TYR GA 364 -114.59 52.37 -29.34
N VAL GA 365 -115.00 53.62 -29.19
CA VAL GA 365 -115.27 54.49 -30.32
C VAL GA 365 -113.95 55.12 -30.75
N PRO GA 366 -113.47 54.87 -31.96
CA PRO GA 366 -112.16 55.37 -32.36
C PRO GA 366 -112.17 56.88 -32.49
N PRO GA 367 -111.01 57.52 -32.45
CA PRO GA 367 -110.97 58.98 -32.59
C PRO GA 367 -111.59 59.48 -33.88
N GLN GA 368 -111.45 58.72 -34.97
CA GLN GA 368 -112.11 59.10 -36.22
C GLN GA 368 -113.62 58.93 -36.15
N GLY GA 369 -114.14 58.28 -35.10
CA GLY GA 369 -115.57 58.06 -34.99
C GLY GA 369 -116.02 56.82 -35.72
N GLY GA 370 -117.23 56.87 -36.30
CA GLY GA 370 -117.71 55.73 -37.05
C GLY GA 370 -118.05 54.55 -36.16
N THR GA 371 -117.98 53.36 -36.75
CA THR GA 371 -118.31 52.15 -36.02
C THR GA 371 -117.32 51.92 -34.89
N ALA GA 372 -117.82 51.45 -33.76
CA ALA GA 372 -116.99 51.23 -32.59
C ALA GA 372 -116.29 49.89 -32.69
N LYS GA 373 -114.96 49.90 -32.54
CA LYS GA 373 -114.21 48.67 -32.50
C LYS GA 373 -114.61 47.85 -31.27
N THR GA 374 -114.63 46.54 -31.42
CA THR GA 374 -115.05 45.66 -30.35
C THR GA 374 -114.01 44.56 -30.13
N ALA GA 375 -113.78 44.23 -28.86
CA ALA GA 375 -112.90 43.14 -28.49
C ALA GA 375 -113.60 42.27 -27.46
N THR GA 376 -113.66 40.98 -27.73
CA THR GA 376 -114.43 40.05 -26.92
C THR GA 376 -113.51 39.01 -26.29
N VAL GA 377 -113.78 38.69 -25.03
CA VAL GA 377 -113.11 37.58 -24.35
C VAL GA 377 -114.19 36.75 -23.65
N THR GA 378 -113.79 35.58 -23.19
CA THR GA 378 -114.69 34.68 -22.47
C THR GA 378 -114.09 34.35 -21.11
N VAL GA 379 -114.87 34.52 -20.05
CA VAL GA 379 -114.44 34.24 -18.69
C VAL GA 379 -115.39 33.21 -18.10
N THR GA 380 -114.83 32.13 -17.57
CA THR GA 380 -115.60 31.06 -16.94
C THR GA 380 -115.45 31.20 -15.44
N VAL GA 381 -116.54 31.57 -14.78
CA VAL GA 381 -116.53 31.74 -13.32
C VAL GA 381 -116.50 30.37 -12.66
N PRO GA 382 -115.56 30.11 -11.72
CA PRO GA 382 -115.50 28.86 -10.98
C PRO GA 382 -116.63 28.72 -9.98
N ILE HA 14 -56.08 15.47 -27.03
CA ILE HA 14 -56.94 16.02 -28.08
C ILE HA 14 -58.17 16.66 -27.45
N GLY HA 15 -58.23 17.99 -27.51
CA GLY HA 15 -59.26 18.73 -26.82
C GLY HA 15 -60.57 18.84 -27.58
N VAL HA 16 -61.34 17.76 -27.61
CA VAL HA 16 -62.70 17.79 -28.13
C VAL HA 16 -63.61 17.94 -26.92
N LYS HA 17 -63.87 19.18 -26.54
CA LYS HA 17 -64.68 19.46 -25.37
C LYS HA 17 -66.16 19.29 -25.70
N GLN HA 18 -66.96 19.09 -24.66
CA GLN HA 18 -68.40 19.08 -24.83
C GLN HA 18 -68.91 20.50 -25.02
N LEU HA 19 -70.06 20.61 -25.68
CA LEU HA 19 -70.64 21.91 -25.99
C LEU HA 19 -71.43 22.42 -24.80
N GLN HA 20 -71.05 23.58 -24.29
CA GLN HA 20 -71.69 24.16 -23.12
C GLN HA 20 -71.98 25.63 -23.37
N ARG HA 21 -73.01 26.11 -22.67
CA ARG HA 21 -73.53 27.45 -22.89
C ARG HA 21 -72.52 28.51 -22.46
N GLU HA 22 -72.57 29.65 -23.15
CA GLU HA 22 -71.83 30.83 -22.73
C GLU HA 22 -72.61 31.56 -21.65
N ILE HA 23 -71.90 32.11 -20.68
CA ILE HA 23 -72.52 32.72 -19.51
C ILE HA 23 -72.43 34.25 -19.63
N VAL HA 24 -73.60 34.89 -19.70
CA VAL HA 24 -73.69 36.35 -19.74
C VAL HA 24 -74.49 36.90 -18.58
N LEU HA 25 -75.57 36.22 -18.19
CA LEU HA 25 -76.55 36.78 -17.26
C LEU HA 25 -75.98 37.32 -15.95
N PRO HA 26 -75.05 36.66 -15.25
CA PRO HA 26 -74.63 37.16 -13.94
C PRO HA 26 -74.11 38.59 -13.96
N GLY HA 27 -73.51 39.03 -15.05
CA GLY HA 27 -73.02 40.39 -15.08
C GLY HA 27 -74.05 41.44 -15.44
N LEU HA 28 -75.28 41.04 -15.78
CA LEU HA 28 -76.29 41.98 -16.24
C LEU HA 28 -77.39 42.24 -15.21
N VAL HA 29 -77.20 41.82 -13.97
CA VAL HA 29 -78.22 42.02 -12.94
C VAL HA 29 -77.58 42.74 -11.77
N TRP HA 30 -78.43 43.38 -10.99
CA TRP HA 30 -78.01 44.10 -9.79
C TRP HA 30 -77.62 43.08 -8.73
N THR HA 31 -76.31 42.93 -8.52
CA THR HA 31 -75.79 41.90 -7.61
C THR HA 31 -75.23 42.56 -6.35
N ASN HA 32 -75.61 42.02 -5.20
CA ASN HA 32 -75.16 42.50 -3.91
C ASN HA 32 -75.24 44.02 -3.75
N PRO HA 33 -76.44 44.61 -3.85
CA PRO HA 33 -76.57 46.03 -3.49
C PRO HA 33 -76.66 46.22 -1.99
N LEU HA 34 -76.95 45.17 -1.24
CA LEU HA 34 -77.04 45.22 0.22
C LEU HA 34 -76.82 43.79 0.71
N THR HA 35 -75.82 43.59 1.57
CA THR HA 35 -75.34 42.25 1.82
C THR HA 35 -75.21 41.85 3.28
N ASP HA 36 -75.63 42.70 4.23
CA ASP HA 36 -75.53 42.34 5.64
C ASP HA 36 -76.77 41.58 6.09
N PHE HA 37 -76.96 40.41 5.49
CA PHE HA 37 -78.09 39.56 5.84
C PHE HA 37 -77.87 38.83 7.16
N GLY HA 38 -76.64 38.75 7.64
CA GLY HA 38 -76.38 38.07 8.89
C GLY HA 38 -77.04 38.75 10.08
N GLY HA 39 -76.94 40.07 10.13
CA GLY HA 39 -77.54 40.83 11.21
C GLY HA 39 -78.94 41.30 10.92
N SER HA 40 -79.87 40.39 10.72
CA SER HA 40 -81.27 40.76 10.50
C SER HA 40 -82.15 39.56 10.81
N LYS HA 41 -83.33 39.84 11.37
CA LYS HA 41 -84.27 38.79 11.69
C LYS HA 41 -84.77 38.12 10.42
N ASN HA 42 -84.87 36.79 10.47
CA ASN HA 42 -85.34 35.96 9.37
C ASN HA 42 -84.47 36.08 8.13
N ASP HA 43 -83.25 36.61 8.29
CA ASP HA 43 -82.30 36.78 7.18
C ASP HA 43 -82.87 37.68 6.10
N THR HA 44 -83.80 38.57 6.46
CA THR HA 44 -84.41 39.51 5.53
C THR HA 44 -83.97 40.92 5.90
N ILE HA 45 -83.62 41.71 4.89
CA ILE HA 45 -83.34 43.13 5.07
C ILE HA 45 -84.48 43.92 4.45
N THR HA 46 -85.02 44.85 5.22
CA THR HA 46 -86.09 45.71 4.73
C THR HA 46 -85.49 46.88 3.96
N VAL HA 47 -86.01 47.13 2.76
CA VAL HA 47 -85.58 48.23 1.91
C VAL HA 47 -86.68 49.27 1.93
N ARG HA 48 -86.32 50.50 2.30
CA ARG HA 48 -87.26 51.60 2.41
C ARG HA 48 -87.22 52.45 1.14
N VAL HA 49 -88.40 52.70 0.57
CA VAL HA 49 -88.49 53.60 -0.57
C VAL HA 49 -88.89 54.98 -0.04
N PRO HA 50 -88.31 56.05 -0.57
CA PRO HA 50 -88.68 57.39 -0.08
C PRO HA 50 -90.13 57.71 -0.37
N ALA HA 51 -90.70 58.56 0.46
CA ALA HA 51 -92.11 58.92 0.35
C ALA HA 51 -92.32 60.07 -0.61
N ILE HA 52 -93.46 60.07 -1.27
CA ILE HA 52 -93.92 61.17 -2.09
C ILE HA 52 -95.30 61.58 -1.61
N THR HA 53 -95.67 62.82 -1.87
CA THR HA 53 -96.92 63.37 -1.39
C THR HA 53 -97.68 64.00 -2.55
N THR HA 54 -98.88 64.48 -2.25
CA THR HA 54 -99.76 65.09 -3.24
C THR HA 54 -100.16 66.48 -2.76
N ALA HA 55 -100.24 67.42 -3.71
CA ALA HA 55 -100.68 68.76 -3.41
C ALA HA 55 -102.19 68.85 -3.59
N ASN HA 56 -102.76 70.01 -3.30
CA ASN HA 56 -104.18 70.23 -3.42
C ASN HA 56 -104.43 71.60 -4.04
N ARG HA 57 -105.63 71.77 -4.58
CA ARG HA 57 -106.02 73.00 -5.24
C ARG HA 57 -107.19 73.60 -4.50
N ARG HA 58 -107.05 74.87 -4.12
CA ARG HA 58 -108.09 75.63 -3.45
C ARG HA 58 -108.53 76.77 -4.34
N ASP HA 59 -109.81 77.11 -4.26
CA ASP HA 59 -110.38 78.20 -5.05
C ASP HA 59 -110.09 79.52 -4.35
N LEU HA 60 -109.63 80.49 -5.12
CA LEU HA 60 -109.24 81.77 -4.54
C LEU HA 60 -110.46 82.52 -4.02
N ARG HA 61 -110.26 83.23 -2.91
CA ARG HA 61 -111.34 83.98 -2.24
C ARG HA 61 -112.51 83.09 -1.86
N ASP HA 62 -112.22 81.84 -1.54
CA ASP HA 62 -113.27 80.91 -1.15
C ASP HA 62 -113.75 81.25 0.24
N PRO HA 63 -115.06 81.37 0.47
CA PRO HA 63 -115.53 81.74 1.83
C PRO HA 63 -115.02 80.84 2.93
N ASP HA 64 -114.91 79.53 2.70
CA ASP HA 64 -114.39 78.64 3.73
C ASP HA 64 -112.87 78.51 3.57
N ARG HA 65 -112.16 78.64 4.67
CA ARG HA 65 -110.70 78.64 4.67
C ARG HA 65 -110.24 77.38 5.39
N THR HA 66 -110.12 76.27 4.65
CA THR HA 66 -109.62 75.03 5.22
C THR HA 66 -108.72 74.35 4.20
N VAL HA 67 -107.74 73.60 4.70
CA VAL HA 67 -106.72 72.97 3.87
C VAL HA 67 -106.73 71.47 4.13
N ILE HA 68 -106.60 70.71 3.06
CA ILE HA 68 -106.54 69.25 3.17
C ILE HA 68 -105.11 68.84 3.47
N ALA HA 69 -104.91 68.20 4.62
CA ALA HA 69 -103.56 67.82 5.04
C ALA HA 69 -103.07 66.63 4.23
N SER HA 70 -101.85 66.74 3.72
CA SER HA 70 -101.24 65.67 2.95
C SER HA 70 -100.65 64.63 3.89
N GLU HA 71 -100.16 63.54 3.30
CA GLU HA 71 -99.57 62.45 4.06
C GLU HA 71 -98.23 62.05 3.43
N LEU HA 72 -97.28 61.67 4.28
CA LEU HA 72 -95.96 61.20 3.86
C LEU HA 72 -95.78 59.78 4.35
N VAL HA 73 -96.24 58.82 3.56
CA VAL HA 73 -96.14 57.41 3.91
C VAL HA 73 -94.92 56.82 3.19
N GLU HA 74 -94.03 56.21 3.96
CA GLU HA 74 -92.84 55.57 3.42
C GLU HA 74 -93.11 54.08 3.27
N HIS HA 75 -93.03 53.59 2.04
CA HIS HA 75 -93.25 52.18 1.79
C HIS HA 75 -91.93 51.41 1.86
N SER HA 76 -92.03 50.09 1.89
CA SER HA 76 -90.85 49.27 2.02
C SER HA 76 -91.16 47.87 1.50
N PHE HA 77 -90.12 47.18 1.07
CA PHE HA 77 -90.21 45.77 0.72
C PHE HA 77 -89.06 45.02 1.38
N GLY HA 78 -88.89 43.75 1.04
CA GLY HA 78 -87.88 42.97 1.72
C GLY HA 78 -87.06 42.05 0.85
N VAL HA 79 -85.75 42.04 1.04
CA VAL HA 79 -84.85 41.13 0.36
C VAL HA 79 -84.51 40.00 1.31
N THR HA 80 -84.41 38.78 0.79
CA THR HA 80 -84.24 37.61 1.63
C THR HA 80 -83.27 36.62 1.01
N LEU HA 81 -82.39 36.05 1.83
CA LEU HA 81 -81.61 34.89 1.44
C LEU HA 81 -82.46 33.64 1.64
N ASP HA 82 -82.70 32.89 0.56
CA ASP HA 82 -83.64 31.78 0.66
C ASP HA 82 -83.06 30.48 0.11
N LYS HA 83 -82.14 30.57 -0.86
CA LYS HA 83 -81.65 29.38 -1.52
C LYS HA 83 -80.18 29.14 -1.18
N HIS HA 84 -79.74 27.91 -1.40
CA HIS HA 84 -78.39 27.47 -1.09
C HIS HA 84 -77.94 26.58 -2.24
N VAL HA 85 -77.19 27.15 -3.18
CA VAL HA 85 -76.80 26.43 -4.39
C VAL HA 85 -75.50 25.70 -4.11
N TYR HA 86 -75.48 24.39 -4.40
CA TYR HA 86 -74.32 23.57 -4.10
C TYR HA 86 -74.10 22.54 -5.20
N ALA HA 87 -72.85 22.12 -5.32
CA ALA HA 87 -72.45 20.98 -6.13
C ALA HA 87 -71.64 20.05 -5.25
N ALA HA 88 -72.07 18.79 -5.16
CA ALA HA 88 -71.48 17.82 -4.25
C ALA HA 88 -70.92 16.66 -5.03
N LEU HA 89 -69.68 16.27 -4.71
CA LEU HA 89 -69.03 15.13 -5.34
C LEU HA 89 -68.64 14.12 -4.28
N LYS HA 90 -68.82 12.85 -4.61
CA LYS HA 90 -68.49 11.74 -3.72
C LYS HA 90 -67.38 10.92 -4.37
N PHE HA 91 -66.24 10.84 -3.69
CA PHE HA 91 -65.12 10.01 -4.14
C PHE HA 91 -64.97 8.85 -3.17
N THR HA 92 -65.08 7.63 -3.69
CA THR HA 92 -65.09 6.42 -2.86
C THR HA 92 -63.77 5.66 -2.92
N ASP HA 93 -62.66 6.35 -3.17
CA ASP HA 93 -61.36 5.72 -3.22
C ASP HA 93 -60.29 6.79 -3.00
N GLU HA 94 -59.03 6.38 -3.05
CA GLU HA 94 -57.92 7.31 -2.88
C GLU HA 94 -57.92 8.37 -3.97
N GLN HA 95 -57.96 7.93 -5.23
CA GLN HA 95 -58.11 8.82 -6.38
C GLN HA 95 -59.16 8.27 -7.34
N ARG HA 96 -60.24 7.71 -6.78
CA ARG HA 96 -61.24 6.99 -7.56
C ARG HA 96 -60.56 5.88 -8.37
N THR HA 97 -59.74 5.10 -7.67
CA THR HA 97 -58.95 4.01 -8.26
C THR HA 97 -58.07 4.55 -9.39
N LEU HA 98 -57.20 5.49 -9.03
CA LEU HA 98 -56.21 6.07 -9.94
C LEU HA 98 -56.86 6.59 -11.22
N ASP HA 99 -57.98 7.29 -11.04
CA ASP HA 99 -58.71 7.85 -12.18
C ASP HA 99 -58.28 9.28 -12.47
N ILE HA 100 -58.41 10.16 -11.48
CA ILE HA 100 -58.15 11.59 -11.67
C ILE HA 100 -56.64 11.81 -11.68
N ARG HA 101 -56.08 12.08 -12.85
CA ARG HA 101 -54.66 12.38 -12.94
C ARG HA 101 -54.34 13.73 -12.32
N ASP HA 102 -55.10 14.76 -12.69
CA ASP HA 102 -54.96 16.09 -12.12
C ASP HA 102 -56.29 16.50 -11.51
N TYR HA 103 -56.25 16.86 -10.22
CA TYR HA 103 -57.47 17.15 -9.50
C TYR HA 103 -58.04 18.52 -9.84
N THR HA 104 -57.18 19.50 -10.13
CA THR HA 104 -57.64 20.86 -10.33
C THR HA 104 -58.28 21.10 -11.69
N LYS HA 105 -58.12 20.18 -12.64
CA LYS HA 105 -58.71 20.36 -13.95
C LYS HA 105 -59.76 19.33 -14.29
N GLN HA 106 -59.73 18.15 -13.67
CA GLN HA 106 -60.74 17.14 -13.92
C GLN HA 106 -61.84 17.10 -12.87
N VAL HA 107 -61.71 17.87 -11.79
CA VAL HA 107 -62.75 17.89 -10.76
C VAL HA 107 -63.16 19.32 -10.44
N LEU HA 108 -62.20 20.16 -10.07
CA LEU HA 108 -62.53 21.51 -9.63
C LEU HA 108 -63.17 22.33 -10.75
N MET HA 109 -62.59 22.29 -11.94
CA MET HA 109 -63.16 23.07 -13.03
C MET HA 109 -64.57 22.62 -13.40
N PRO HA 110 -64.87 21.32 -13.57
CA PRO HA 110 -66.27 20.95 -13.82
C PRO HA 110 -67.21 21.34 -12.70
N GLN HA 111 -66.77 21.24 -11.45
CA GLN HA 111 -67.64 21.59 -10.33
C GLN HA 111 -67.94 23.09 -10.32
N VAL HA 112 -66.90 23.91 -10.52
CA VAL HA 112 -67.09 25.36 -10.57
C VAL HA 112 -67.99 25.73 -11.73
N SER HA 113 -67.79 25.11 -12.89
CA SER HA 113 -68.65 25.40 -14.03
C SER HA 113 -70.08 24.99 -13.74
N ALA HA 114 -70.29 23.86 -13.06
CA ALA HA 114 -71.64 23.44 -12.73
C ALA HA 114 -72.32 24.46 -11.84
N VAL HA 115 -71.63 24.94 -10.81
CA VAL HA 115 -72.23 25.94 -9.93
C VAL HA 115 -72.49 27.24 -10.69
N ALA HA 116 -71.58 27.63 -11.57
CA ALA HA 116 -71.79 28.85 -12.35
C ALA HA 116 -73.03 28.73 -13.23
N TYR HA 117 -73.20 27.59 -13.87
CA TYR HA 117 -74.36 27.39 -14.72
C TYR HA 117 -75.64 27.35 -13.89
N GLU HA 118 -75.57 26.77 -12.68
CA GLU HA 118 -76.74 26.77 -11.82
C GLU HA 118 -77.12 28.18 -11.40
N LEU HA 119 -76.14 29.02 -11.10
CA LEU HA 119 -76.44 30.41 -10.76
C LEU HA 119 -77.05 31.14 -11.95
N GLU HA 120 -76.52 30.89 -13.15
CA GLU HA 120 -77.09 31.52 -14.33
C GLU HA 120 -78.53 31.07 -14.54
N ASP HA 121 -78.81 29.79 -14.33
CA ASP HA 121 -80.19 29.31 -14.43
C ASP HA 121 -81.06 29.93 -13.35
N TYR HA 122 -80.50 30.16 -12.17
CA TYR HA 122 -81.24 30.81 -11.09
C TYR HA 122 -81.66 32.21 -11.50
N ILE HA 123 -80.73 32.98 -12.05
CA ILE HA 123 -81.04 34.32 -12.53
C ILE HA 123 -82.03 34.27 -13.68
N ALA HA 124 -81.89 33.28 -14.56
CA ALA HA 124 -82.80 33.16 -15.70
C ALA HA 124 -84.22 32.86 -15.23
N GLU HA 125 -84.37 32.01 -14.22
CA GLU HA 125 -85.69 31.77 -13.66
C GLU HA 125 -86.23 33.03 -12.99
N LEU HA 126 -85.35 33.80 -12.36
CA LEU HA 126 -85.79 35.06 -11.75
C LEU HA 126 -86.34 36.00 -12.81
N ILE HA 127 -85.63 36.14 -13.93
CA ILE HA 127 -86.03 37.08 -14.96
C ILE HA 127 -87.27 36.60 -15.69
N GLU HA 128 -87.30 35.32 -16.06
CA GLU HA 128 -88.43 34.78 -16.81
C GLU HA 128 -89.68 34.72 -15.96
N GLY HA 129 -89.53 34.40 -14.68
CA GLY HA 129 -90.67 34.22 -13.81
C GLY HA 129 -91.24 35.48 -13.20
N ALA HA 130 -90.81 36.64 -13.68
CA ALA HA 130 -91.32 37.89 -13.14
C ALA HA 130 -92.80 38.05 -13.50
N PRO HA 131 -93.56 38.78 -12.69
CA PRO HA 131 -95.00 38.92 -12.95
C PRO HA 131 -95.30 39.90 -14.09
N TYR HA 132 -94.83 39.57 -15.29
CA TYR HA 132 -95.20 40.35 -16.46
C TYR HA 132 -96.67 40.17 -16.74
N GLU HA 133 -97.37 41.28 -16.97
CA GLU HA 133 -98.81 41.23 -17.19
C GLU HA 133 -99.20 41.22 -18.66
N GLU HA 134 -98.33 41.72 -19.54
CA GLU HA 134 -98.56 41.60 -20.97
C GLU HA 134 -97.27 41.16 -21.64
N THR HA 135 -97.41 40.54 -22.81
CA THR HA 135 -96.28 40.12 -23.62
C THR HA 135 -96.35 40.85 -24.95
N ILE HA 136 -95.23 41.46 -25.33
CA ILE HA 136 -95.14 42.19 -26.58
C ILE HA 136 -94.78 41.22 -27.70
N LEU HA 137 -95.55 41.23 -28.77
CA LEU HA 137 -95.36 40.28 -29.86
C LEU HA 137 -94.42 40.86 -30.90
N ILE HA 138 -93.45 40.07 -31.32
CA ILE HA 138 -92.48 40.48 -32.32
C ILE HA 138 -92.90 39.88 -33.66
N ASP HA 139 -93.24 40.72 -34.61
CA ASP HA 139 -93.56 40.24 -35.95
C ASP HA 139 -92.27 39.91 -36.68
N PRO HA 140 -92.09 38.67 -37.15
CA PRO HA 140 -90.83 38.33 -37.82
C PRO HA 140 -90.56 39.14 -39.07
N ALA HA 141 -91.59 39.61 -39.76
CA ALA HA 141 -91.38 40.42 -40.95
C ALA HA 141 -90.74 41.77 -40.60
N ASP HA 142 -91.27 42.46 -39.60
CA ASP HA 142 -90.72 43.71 -39.11
C ASP HA 142 -90.64 43.64 -37.60
N THR HA 143 -89.44 43.54 -37.06
CA THR HA 143 -89.26 43.35 -35.64
C THR HA 143 -89.10 44.65 -34.86
N VAL HA 144 -88.68 45.73 -35.53
CA VAL HA 144 -88.42 46.98 -34.81
C VAL HA 144 -89.65 47.52 -34.10
N PRO HA 145 -90.87 47.49 -34.67
CA PRO HA 145 -92.02 48.00 -33.91
C PRO HA 145 -92.18 47.35 -32.55
N ALA HA 146 -91.89 46.06 -32.40
CA ALA HA 146 -92.02 45.42 -31.10
C ALA HA 146 -91.06 46.04 -30.09
N PHE HA 147 -89.81 46.27 -30.50
CA PHE HA 147 -88.84 46.82 -29.55
C PHE HA 147 -89.12 48.28 -29.25
N ILE HA 148 -89.55 49.05 -30.24
CA ILE HA 148 -89.96 50.43 -29.97
C ILE HA 148 -91.15 50.45 -29.02
N THR HA 149 -92.06 49.49 -29.18
CA THR HA 149 -93.18 49.38 -28.25
C THR HA 149 -92.70 49.05 -26.85
N ALA HA 150 -91.69 48.18 -26.72
CA ALA HA 150 -91.15 47.89 -25.39
C ALA HA 150 -90.55 49.14 -24.76
N ASP HA 151 -89.78 49.90 -25.54
CA ASP HA 151 -89.21 51.14 -25.04
C ASP HA 151 -90.30 52.13 -24.63
N GLN HA 152 -91.36 52.23 -25.42
CA GLN HA 152 -92.47 53.11 -25.07
C GLN HA 152 -93.20 52.64 -23.82
N ARG HA 153 -93.35 51.33 -23.63
CA ARG HA 153 -93.99 50.83 -22.41
C ARG HA 153 -93.16 51.17 -21.19
N MET HA 154 -91.85 51.01 -21.26
CA MET HA 154 -91.02 51.40 -20.13
C MET HA 154 -90.92 52.90 -19.95
N GLY HA 155 -91.18 53.68 -20.99
CA GLY HA 155 -91.23 55.12 -20.85
C GLY HA 155 -92.53 55.61 -20.25
N GLU HA 156 -93.62 54.88 -20.49
CA GLU HA 156 -94.90 55.27 -19.91
C GLU HA 156 -94.93 55.13 -18.40
N ALA HA 157 -94.09 54.26 -17.84
CA ALA HA 157 -93.99 54.09 -16.39
C ALA HA 157 -92.92 54.97 -15.78
N ASN HA 158 -92.33 55.87 -16.55
CA ASN HA 158 -91.32 56.81 -16.08
C ASN HA 158 -90.06 56.11 -15.58
N VAL HA 159 -89.82 54.91 -16.07
CA VAL HA 159 -88.54 54.23 -15.76
C VAL HA 159 -87.40 55.02 -16.40
N PRO HA 160 -86.31 55.28 -15.68
CA PRO HA 160 -85.25 56.12 -16.25
C PRO HA 160 -84.67 55.52 -17.52
N THR HA 161 -84.21 56.41 -18.40
CA THR HA 161 -83.50 56.00 -19.60
C THR HA 161 -82.04 55.68 -19.33
N ASP HA 162 -81.69 55.48 -18.07
CA ASP HA 162 -80.33 55.15 -17.66
C ASP HA 162 -80.05 53.69 -18.00
N SER HA 163 -79.04 53.11 -17.35
CA SER HA 163 -78.60 51.75 -17.65
C SER HA 163 -79.76 50.79 -17.78
N ARG HA 164 -79.98 50.30 -19.00
CA ARG HA 164 -81.01 49.33 -19.32
C ARG HA 164 -80.37 48.14 -20.00
N ARG HA 165 -80.90 46.95 -19.73
CA ARG HA 165 -80.32 45.73 -20.27
C ARG HA 165 -81.35 45.05 -21.16
N LEU HA 166 -80.90 44.62 -22.34
CA LEU HA 166 -81.74 43.88 -23.27
C LEU HA 166 -81.05 42.55 -23.56
N VAL HA 167 -81.73 41.45 -23.26
CA VAL HA 167 -81.20 40.11 -23.48
C VAL HA 167 -82.17 39.38 -24.39
N VAL HA 168 -81.68 38.91 -25.54
CA VAL HA 168 -82.53 38.25 -26.51
C VAL HA 168 -82.07 36.80 -26.66
N GLY HA 169 -83.03 35.92 -26.93
CA GLY HA 169 -82.71 34.54 -27.18
C GLY HA 169 -82.09 34.38 -28.55
N SER HA 170 -81.67 33.14 -28.83
CA SER HA 170 -81.05 32.87 -30.12
C SER HA 170 -82.01 33.11 -31.27
N ALA HA 171 -83.27 32.68 -31.11
CA ALA HA 171 -84.25 32.84 -32.18
C ALA HA 171 -84.53 34.30 -32.46
N VAL HA 172 -84.61 35.13 -31.43
CA VAL HA 172 -84.88 36.55 -31.65
C VAL HA 172 -83.71 37.20 -32.38
N ALA HA 173 -82.48 36.84 -32.01
CA ALA HA 173 -81.32 37.39 -32.71
C ALA HA 173 -81.30 36.95 -34.17
N ALA HA 174 -81.64 35.69 -34.43
CA ALA HA 174 -81.71 35.22 -35.81
C ALA HA 174 -82.79 35.98 -36.59
N ALA HA 175 -83.94 36.22 -35.96
CA ALA HA 175 -84.99 36.97 -36.63
C ALA HA 175 -84.56 38.40 -36.90
N LEU HA 176 -83.83 39.01 -35.97
CA LEU HA 176 -83.31 40.36 -36.19
C LEU HA 176 -82.37 40.38 -37.39
N ALA HA 177 -81.47 39.41 -37.47
CA ALA HA 177 -80.55 39.37 -38.60
C ALA HA 177 -81.29 39.15 -39.91
N LYS HA 178 -82.30 38.26 -39.90
CA LYS HA 178 -83.05 37.97 -41.11
C LYS HA 178 -84.02 39.07 -41.48
N ASP HA 179 -84.25 40.05 -40.60
CA ASP HA 179 -85.18 41.12 -40.91
C ASP HA 179 -84.65 41.97 -42.05
N LYS HA 180 -85.51 42.27 -43.02
CA LYS HA 180 -85.11 43.13 -44.13
C LYS HA 180 -84.81 44.54 -43.66
N GLN HA 181 -85.25 44.92 -42.46
CA GLN HA 181 -84.91 46.22 -41.91
C GLN HA 181 -83.42 46.33 -41.64
N PHE HA 182 -82.75 45.21 -41.40
CA PHE HA 182 -81.32 45.19 -41.12
C PHE HA 182 -80.49 44.59 -42.23
N ARG HA 183 -81.02 43.64 -42.99
CA ARG HA 183 -80.27 43.05 -44.10
C ARG HA 183 -80.04 44.07 -45.20
N HIS HA 184 -81.10 44.75 -45.65
CA HIS HA 184 -80.98 45.67 -46.76
C HIS HA 184 -80.30 46.95 -46.30
N ALA HA 185 -79.10 47.20 -46.81
CA ALA HA 185 -78.32 48.34 -46.36
C ALA HA 185 -78.99 49.67 -46.64
N ASP HA 186 -79.79 49.77 -47.70
CA ASP HA 186 -80.49 51.03 -47.94
C ASP HA 186 -81.48 51.33 -46.83
N TRP HA 187 -82.21 50.31 -46.36
CA TRP HA 187 -83.25 50.46 -45.36
C TRP HA 187 -82.71 50.72 -43.96
N SER HA 188 -81.42 50.57 -43.73
CA SER HA 188 -80.87 50.76 -42.40
C SER HA 188 -79.73 51.74 -42.33
N GLY HA 189 -79.15 52.15 -43.46
CA GLY HA 189 -78.06 53.09 -43.46
C GLY HA 189 -76.72 52.49 -43.09
N ASP HA 190 -76.67 51.19 -42.84
CA ASP HA 190 -75.42 50.51 -42.51
C ASP HA 190 -74.78 50.07 -43.81
N GLN HA 191 -73.95 50.93 -44.39
CA GLN HA 191 -73.32 50.60 -45.66
C GLN HA 191 -72.41 49.40 -45.54
N ALA HA 192 -71.70 49.27 -44.43
CA ALA HA 192 -70.92 48.07 -44.19
C ALA HA 192 -71.81 46.84 -44.07
N ASN HA 193 -73.09 47.03 -43.76
CA ASN HA 193 -74.07 45.96 -43.66
C ASN HA 193 -73.61 44.89 -42.67
N ALA HA 194 -73.48 45.30 -41.42
CA ALA HA 194 -73.04 44.39 -40.37
C ALA HA 194 -74.05 43.30 -40.08
N ALA HA 195 -75.26 43.39 -40.60
CA ALA HA 195 -76.27 42.36 -40.43
C ALA HA 195 -76.30 41.36 -41.58
N LEU HA 196 -75.44 41.52 -42.57
CA LEU HA 196 -75.34 40.60 -43.69
C LEU HA 196 -73.98 39.94 -43.77
N ARG HA 197 -72.90 40.72 -43.70
CA ARG HA 197 -71.57 40.11 -43.62
C ARG HA 197 -71.42 39.31 -42.33
N GLU HA 198 -71.94 39.83 -41.22
CA GLU HA 198 -72.06 39.09 -39.98
C GLU HA 198 -73.53 39.00 -39.61
N ALA HA 199 -73.88 37.96 -38.85
CA ALA HA 199 -75.26 37.84 -38.39
C ALA HA 199 -75.47 38.61 -37.10
N HIS HA 200 -75.04 39.87 -37.09
CA HIS HA 200 -74.96 40.66 -35.87
C HIS HA 200 -75.81 41.90 -35.99
N VAL HA 201 -76.59 42.19 -34.95
CA VAL HA 201 -77.38 43.41 -34.86
C VAL HA 201 -77.07 44.04 -33.50
N GLY HA 202 -76.08 44.91 -33.47
CA GLY HA 202 -75.62 45.47 -32.20
C GLY HA 202 -76.61 46.39 -31.53
N ARG HA 203 -76.84 47.56 -32.12
CA ARG HA 203 -77.70 48.56 -31.53
C ARG HA 203 -79.08 48.51 -32.18
N LEU HA 204 -80.11 48.73 -31.37
CA LEU HA 204 -81.47 48.55 -31.84
C LEU HA 204 -82.40 49.30 -30.90
N ALA HA 205 -83.17 50.25 -31.44
CA ALA HA 205 -84.18 50.98 -30.67
C ALA HA 205 -83.59 51.62 -29.42
N GLY HA 206 -82.34 52.06 -29.52
CA GLY HA 206 -81.69 52.76 -28.43
C GLY HA 206 -81.03 51.89 -27.39
N MET HA 207 -81.15 50.57 -27.49
CA MET HA 207 -80.61 49.67 -26.48
C MET HA 207 -79.78 48.60 -27.15
N ASN HA 208 -78.63 48.29 -26.56
CA ASN HA 208 -77.75 47.28 -27.12
C ASN HA 208 -78.38 45.90 -26.98
N VAL HA 209 -77.94 44.98 -27.82
CA VAL HA 209 -78.48 43.64 -27.88
C VAL HA 209 -77.43 42.67 -27.36
N ILE HA 210 -77.82 41.84 -26.40
CA ILE HA 210 -76.97 40.79 -25.85
C ILE HA 210 -77.63 39.45 -26.12
N ARG HA 211 -76.89 38.54 -26.72
CA ARG HA 211 -77.41 37.21 -27.05
C ARG HA 211 -77.17 36.27 -25.87
N SER HA 212 -78.21 35.52 -25.50
CA SER HA 212 -78.08 34.55 -24.43
C SER HA 212 -78.88 33.31 -24.74
N ASN HA 213 -78.32 32.15 -24.42
CA ASN HA 213 -79.05 30.90 -24.54
C ASN HA 213 -79.71 30.47 -23.25
N ALA HA 214 -79.42 31.15 -22.13
CA ALA HA 214 -80.03 30.78 -20.86
C ALA HA 214 -81.54 30.99 -20.89
N ILE HA 215 -81.99 32.10 -21.47
CA ILE HA 215 -83.41 32.40 -21.57
C ILE HA 215 -84.03 31.56 -22.67
N ALA HA 216 -85.36 31.56 -22.73
CA ALA HA 216 -86.05 30.79 -23.75
C ALA HA 216 -85.65 31.29 -25.13
N PRO HA 217 -85.54 30.40 -26.13
CA PRO HA 217 -84.98 30.81 -27.42
C PRO HA 217 -85.72 31.95 -28.10
N ASP HA 218 -87.04 31.99 -27.98
CA ASP HA 218 -87.87 32.97 -28.69
C ASP HA 218 -88.37 34.07 -27.76
N LYS HA 219 -87.55 34.48 -26.81
CA LYS HA 219 -87.92 35.49 -25.84
C LYS HA 219 -86.87 36.59 -25.81
N ALA HA 220 -87.32 37.80 -25.50
CA ALA HA 220 -86.44 38.92 -25.25
C ALA HA 220 -86.90 39.62 -23.99
N TYR HA 221 -85.96 40.10 -23.19
CA TYR HA 221 -86.28 40.74 -21.93
C TYR HA 221 -85.53 42.05 -21.84
N LEU HA 222 -86.23 43.10 -21.44
CA LEU HA 222 -85.63 44.42 -21.29
C LEU HA 222 -85.94 44.91 -19.89
N TRP HA 223 -84.91 45.26 -19.13
CA TRP HA 223 -85.12 45.63 -17.74
C TRP HA 223 -84.17 46.73 -17.32
N HIS HA 224 -84.67 47.61 -16.45
CA HIS HA 224 -83.82 48.59 -15.80
C HIS HA 224 -82.95 47.89 -14.77
N ARG HA 225 -81.86 48.56 -14.38
CA ARG HA 225 -80.94 47.96 -13.41
C ARG HA 225 -81.65 47.67 -12.09
N THR HA 226 -82.53 48.57 -11.66
CA THR HA 226 -83.26 48.40 -10.41
C THR HA 226 -84.56 47.65 -10.62
N ALA HA 227 -84.48 46.49 -11.26
CA ALA HA 227 -85.62 45.64 -11.49
C ALA HA 227 -85.49 44.26 -10.90
N PHE HA 228 -84.28 43.73 -10.81
CA PHE HA 228 -84.04 42.40 -10.26
C PHE HA 228 -82.85 42.50 -9.32
N ILE HA 229 -83.09 42.35 -8.02
CA ILE HA 229 -82.03 42.37 -7.04
C ILE HA 229 -81.60 40.93 -6.76
N LEU HA 230 -80.30 40.70 -6.80
CA LEU HA 230 -79.75 39.36 -6.64
C LEU HA 230 -78.65 39.40 -5.59
N ALA HA 231 -78.88 38.76 -4.45
CA ALA HA 231 -77.99 38.84 -3.30
C ALA HA 231 -77.26 37.53 -3.11
N TYR HA 232 -75.99 37.62 -2.77
CA TYR HA 232 -75.12 36.46 -2.62
C TYR HA 232 -74.47 36.48 -1.24
N ARG HA 233 -74.03 35.31 -0.80
CA ARG HA 233 -73.31 35.20 0.46
C ARG HA 233 -72.43 33.97 0.42
N THR HA 234 -71.14 34.17 0.61
CA THR HA 234 -70.20 33.05 0.67
C THR HA 234 -70.23 32.44 2.06
N PRO HA 235 -70.59 31.17 2.19
CA PRO HA 235 -70.56 30.55 3.52
C PRO HA 235 -69.15 30.52 4.07
N VAL HA 236 -69.02 30.76 5.36
CA VAL HA 236 -67.72 30.79 6.00
C VAL HA 236 -67.24 29.36 6.24
N VAL HA 237 -65.98 29.12 5.92
CA VAL HA 237 -65.40 27.77 6.05
C VAL HA 237 -65.30 27.43 7.54
N PRO HA 238 -65.95 26.36 7.99
CA PRO HA 238 -65.87 26.00 9.40
C PRO HA 238 -64.48 25.54 9.79
N GLU HA 239 -64.19 25.65 11.08
CA GLU HA 239 -62.88 25.25 11.58
C GLU HA 239 -62.66 23.75 11.42
N GLY HA 240 -63.72 22.96 11.61
CA GLY HA 240 -63.59 21.52 11.54
C GLY HA 240 -63.57 20.97 10.13
N ALA HA 241 -63.14 21.77 9.17
CA ALA HA 241 -63.09 21.38 7.78
C ALA HA 241 -61.68 20.94 7.41
N LYS HA 242 -61.57 19.72 6.89
CA LYS HA 242 -60.26 19.19 6.53
C LYS HA 242 -59.62 20.00 5.41
N ALA HA 243 -60.41 20.42 4.43
CA ALA HA 243 -59.90 21.29 3.38
C ALA HA 243 -60.92 22.37 3.08
N GLY HA 244 -60.44 23.61 2.97
CA GLY HA 244 -61.31 24.73 2.68
C GLY HA 244 -60.67 25.69 1.71
N ALA HA 245 -61.51 26.27 0.85
CA ALA HA 245 -61.04 27.23 -0.14
C ALA HA 245 -62.22 28.11 -0.56
N SER HA 246 -61.89 29.21 -1.24
CA SER HA 246 -62.88 30.21 -1.63
C SER HA 246 -62.82 30.48 -3.12
N PHE HA 247 -62.93 29.42 -3.92
CA PHE HA 247 -62.90 29.57 -5.36
C PHE HA 247 -64.06 30.42 -5.85
N SER HA 248 -63.78 31.30 -6.81
CA SER HA 248 -64.78 32.20 -7.37
C SER HA 248 -65.32 31.64 -8.68
N ALA HA 249 -66.48 32.15 -9.08
CA ALA HA 249 -67.14 31.69 -10.31
C ALA HA 249 -68.05 32.82 -10.80
N ASN HA 250 -67.59 33.55 -11.82
CA ASN HA 250 -68.36 34.64 -12.42
C ASN HA 250 -68.70 35.71 -11.39
N GLY HA 251 -67.68 36.19 -10.72
CA GLY HA 251 -67.85 37.27 -9.75
C GLY HA 251 -68.12 36.84 -8.33
N VAL HA 252 -69.08 35.93 -8.15
CA VAL HA 252 -69.42 35.48 -6.81
C VAL HA 252 -68.30 34.60 -6.27
N ALA HA 253 -68.19 34.54 -4.95
CA ALA HA 253 -67.19 33.71 -4.28
C ALA HA 253 -67.88 32.52 -3.66
N LEU HA 254 -67.51 31.32 -4.09
CA LEU HA 254 -68.06 30.09 -3.57
C LEU HA 254 -67.20 29.57 -2.44
N ARG HA 255 -67.79 28.72 -1.61
CA ARG HA 255 -67.05 28.01 -0.58
C ARG HA 255 -66.86 26.57 -1.02
N TRP HA 256 -65.61 26.13 -1.04
CA TRP HA 256 -65.26 24.75 -1.37
C TRP HA 256 -64.78 24.09 -0.10
N LEU HA 257 -65.43 22.99 0.27
CA LEU HA 257 -65.18 22.29 1.52
C LEU HA 257 -65.03 20.81 1.24
N ALA HA 258 -63.88 20.26 1.57
CA ALA HA 258 -63.59 18.84 1.37
C ALA HA 258 -63.40 18.17 2.71
N ASP HA 259 -64.16 17.10 2.94
CA ASP HA 259 -64.14 16.37 4.19
C ASP HA 259 -63.96 14.89 3.92
N TYR HA 260 -63.09 14.24 4.69
CA TYR HA 260 -62.69 12.85 4.45
C TYR HA 260 -63.41 11.88 5.36
N ASP HA 261 -64.71 12.12 5.60
CA ASP HA 261 -65.46 11.32 6.57
C ASP HA 261 -65.40 9.83 6.25
N TYR HA 262 -65.25 9.03 7.30
CA TYR HA 262 -65.07 7.58 7.19
C TYR HA 262 -66.37 6.81 7.23
N SER HA 263 -67.50 7.47 6.98
CA SER HA 263 -68.79 6.77 6.97
C SER HA 263 -68.82 5.73 5.87
N GLN HA 264 -68.28 6.05 4.69
CA GLN HA 264 -68.11 5.09 3.61
C GLN HA 264 -66.65 4.97 3.18
N LEU HA 265 -65.73 5.45 4.02
CA LEU HA 265 -64.30 5.47 3.70
C LEU HA 265 -64.05 6.20 2.39
N GLY HA 266 -64.81 7.27 2.15
CA GLY HA 266 -64.66 8.03 0.94
C GLY HA 266 -64.79 9.52 1.15
N ASP HA 267 -63.79 10.28 0.72
CA ASP HA 267 -63.82 11.72 0.88
C ASP HA 267 -64.92 12.32 0.01
N ARG HA 268 -65.59 13.32 0.56
CA ARG HA 268 -66.64 14.05 -0.12
C ARG HA 268 -66.26 15.51 -0.25
N THR HA 269 -66.85 16.17 -1.24
CA THR HA 269 -66.52 17.53 -1.60
C THR HA 269 -67.81 18.31 -1.84
N LEU HA 270 -67.85 19.55 -1.35
CA LEU HA 270 -69.00 20.42 -1.52
C LEU HA 270 -68.52 21.77 -2.02
N LEU HA 271 -69.30 22.39 -2.89
CA LEU HA 271 -69.00 23.73 -3.42
C LEU HA 271 -70.31 24.50 -3.44
N ASP HA 272 -70.45 25.50 -2.58
CA ASP HA 272 -71.78 26.08 -2.37
C ASP HA 272 -71.70 27.57 -2.09
N VAL HA 273 -72.89 28.19 -2.14
CA VAL HA 273 -73.05 29.62 -1.90
C VAL HA 273 -74.52 29.87 -1.61
N PHE HA 274 -74.80 30.82 -0.71
CA PHE HA 274 -76.17 31.18 -0.39
C PHE HA 274 -76.64 32.29 -1.31
N THR HA 275 -77.88 32.18 -1.79
CA THR HA 275 -78.40 33.06 -2.84
C THR HA 275 -79.79 33.53 -2.49
N GLY HA 276 -80.15 34.70 -3.00
CA GLY HA 276 -81.48 35.24 -2.82
C GLY HA 276 -81.86 36.14 -3.98
N ARG HA 277 -83.15 36.17 -4.28
CA ARG HA 277 -83.68 36.92 -5.41
C ARG HA 277 -84.79 37.85 -4.95
N LYS HA 278 -85.00 38.91 -5.73
CA LYS HA 278 -86.15 39.78 -5.50
C LYS HA 278 -86.48 40.51 -6.79
N VAL HA 279 -87.77 40.60 -7.10
CA VAL HA 279 -88.26 41.45 -8.17
C VAL HA 279 -88.82 42.72 -7.55
N VAL HA 280 -88.33 43.86 -8.00
CA VAL HA 280 -88.70 45.12 -7.38
C VAL HA 280 -90.03 45.61 -7.96
N THR HA 281 -91.12 45.21 -7.31
CA THR HA 281 -92.42 45.72 -7.71
C THR HA 281 -92.65 47.10 -7.09
N GLU HA 282 -93.61 47.83 -7.65
CA GLU HA 282 -93.90 49.17 -7.18
C GLU HA 282 -94.75 49.10 -5.91
N VAL HA 283 -95.11 50.28 -5.40
CA VAL HA 283 -95.85 50.34 -4.15
C VAL HA 283 -97.25 49.74 -4.31
N ASP HA 284 -97.80 49.77 -5.51
CA ASP HA 284 -99.11 49.18 -5.78
C ASP HA 284 -99.02 47.74 -6.22
N GLY HA 285 -97.83 47.13 -6.21
CA GLY HA 285 -97.70 45.73 -6.54
C GLY HA 285 -97.82 45.41 -8.01
N SER HA 286 -97.53 46.37 -8.88
CA SER HA 286 -97.55 46.16 -10.32
C SER HA 286 -96.13 46.27 -10.86
N PHE HA 287 -95.74 45.30 -11.68
CA PHE HA 287 -94.38 45.25 -12.21
C PHE HA 287 -94.26 46.12 -13.44
N VAL HA 288 -93.45 47.18 -13.35
CA VAL HA 288 -93.25 48.09 -14.47
C VAL HA 288 -91.78 48.34 -14.78
N ARG HA 289 -90.86 47.71 -14.06
CA ARG HA 289 -89.44 47.92 -14.28
C ARG HA 289 -88.87 47.06 -15.40
N ALA HA 290 -89.66 46.15 -15.97
CA ALA HA 290 -89.15 45.27 -17.02
C ALA HA 290 -90.30 44.86 -17.92
N VAL HA 291 -89.95 44.52 -19.15
CA VAL HA 291 -90.91 44.05 -20.14
C VAL HA 291 -90.34 42.84 -20.85
N GLU HA 292 -91.23 41.99 -21.35
CA GLU HA 292 -90.84 40.80 -22.09
C GLU HA 292 -91.49 40.84 -23.46
N LEU HA 293 -90.80 40.25 -24.43
CA LEU HA 293 -91.23 40.20 -25.80
C LEU HA 293 -91.12 38.75 -26.27
N GLN HA 294 -92.13 38.28 -27.00
CA GLN HA 294 -92.09 36.93 -27.53
C GLN HA 294 -92.25 36.96 -29.03
N LEU HA 295 -91.44 36.16 -29.71
CA LEU HA 295 -91.49 36.07 -31.16
C LEU HA 295 -92.77 35.37 -31.60
N GLN HA 296 -93.43 35.93 -32.61
CA GLN HA 296 -94.63 35.31 -33.14
C GLN HA 296 -94.31 34.03 -33.89
N ALA HA 297 -95.32 33.17 -34.00
CA ALA HA 297 -95.21 31.95 -34.77
C ALA HA 297 -96.37 31.86 -35.75
N SER HA 298 -96.07 31.44 -36.97
CA SER HA 298 -97.09 31.32 -38.00
C SER HA 298 -97.29 29.91 -38.54
N SER HA 299 -96.31 29.02 -38.38
CA SER HA 299 -96.47 27.64 -38.81
C SER HA 299 -95.45 26.78 -38.09
N ILE HA 300 -95.72 25.48 -38.06
CA ILE HA 300 -94.84 24.50 -37.42
C ILE HA 300 -94.66 23.33 -38.37
N THR HA 301 -93.45 22.77 -38.38
CA THR HA 301 -93.14 21.60 -39.19
C THR HA 301 -92.30 20.65 -38.36
N ILE HA 302 -92.53 19.36 -38.54
CA ILE HA 302 -91.78 18.33 -37.82
C ILE HA 302 -90.50 18.04 -38.58
N VAL HA 303 -89.36 18.16 -37.90
CA VAL HA 303 -88.08 17.99 -38.56
C VAL HA 303 -87.89 16.54 -38.96
N GLY HA 304 -87.17 16.32 -40.06
CA GLY HA 304 -86.91 15.00 -40.57
C GLY HA 304 -87.94 14.44 -41.52
N GLY HA 305 -89.13 15.03 -41.55
CA GLY HA 305 -90.17 14.58 -42.46
C GLY HA 305 -90.58 13.15 -42.17
N ALA HA 306 -91.09 12.48 -43.20
CA ALA HA 306 -91.45 11.08 -43.09
C ALA HA 306 -90.21 10.23 -42.87
N PHE HA 307 -90.33 9.24 -41.98
CA PHE HA 307 -89.19 8.41 -41.62
C PHE HA 307 -89.66 6.99 -41.36
N ALA HA 308 -88.73 6.15 -40.91
CA ALA HA 308 -89.03 4.77 -40.55
C ALA HA 308 -88.24 4.42 -39.29
N LEU HA 309 -88.81 3.50 -38.51
CA LEU HA 309 -88.18 3.05 -37.27
C LEU HA 309 -87.22 1.90 -37.53
N ALA HA 310 -86.45 1.56 -36.50
CA ALA HA 310 -85.53 0.43 -36.61
C ALA HA 310 -86.28 -0.90 -36.59
N THR HA 311 -87.23 -1.06 -35.68
CA THR HA 311 -87.99 -2.28 -35.53
C THR HA 311 -89.47 -1.94 -35.47
N THR HA 312 -90.31 -2.98 -35.32
CA THR HA 312 -91.73 -2.75 -35.11
C THR HA 312 -91.96 -2.01 -33.80
N THR HA 313 -91.22 -2.37 -32.76
CA THR HA 313 -91.29 -1.68 -31.47
C THR HA 313 -90.24 -0.58 -31.34
N GLY HA 314 -89.84 0.02 -32.45
CA GLY HA 314 -88.84 1.08 -32.40
C GLY HA 314 -89.40 2.36 -31.79
N THR HA 315 -88.48 3.20 -31.34
CA THR HA 315 -88.81 4.48 -30.71
C THR HA 315 -88.01 5.58 -31.37
N LYS HA 316 -88.69 6.66 -31.76
CA LYS HA 316 -88.02 7.84 -32.28
C LYS HA 316 -88.54 9.09 -31.58
N GLN HA 317 -87.63 9.96 -31.17
CA GLN HA 317 -87.98 11.18 -30.47
C GLN HA 317 -88.28 12.26 -31.50
N LEU HA 318 -89.57 12.58 -31.68
CA LEU HA 318 -89.96 13.60 -32.64
C LEU HA 318 -89.48 14.97 -32.19
N LYS HA 319 -89.10 15.80 -33.14
CA LYS HA 319 -88.73 17.18 -32.90
C LYS HA 319 -89.47 18.06 -33.89
N VAL HA 320 -90.11 19.11 -33.40
CA VAL HA 320 -90.90 20.01 -34.22
C VAL HA 320 -90.36 21.42 -34.05
N ARG HA 321 -90.26 22.14 -35.16
CA ARG HA 321 -89.75 23.51 -35.17
C ARG HA 321 -90.78 24.42 -35.82
N ASP HA 322 -90.97 25.60 -35.24
CA ASP HA 322 -91.82 26.59 -35.87
C ASP HA 322 -91.08 27.21 -37.04
N ASP HA 323 -91.76 28.11 -37.75
CA ASP HA 323 -91.15 28.74 -38.91
C ASP HA 323 -89.91 29.56 -38.54
N ASN HA 324 -89.77 29.92 -37.27
CA ASN HA 324 -88.65 30.71 -36.81
C ASN HA 324 -87.46 29.85 -36.39
N GLY HA 325 -87.59 28.53 -36.42
CA GLY HA 325 -86.53 27.65 -36.01
C GLY HA 325 -86.55 27.25 -34.55
N THR HA 326 -87.41 27.85 -33.74
CA THR HA 326 -87.51 27.47 -32.34
C THR HA 326 -88.12 26.09 -32.21
N ASP HA 327 -87.49 25.24 -31.38
CA ASP HA 327 -88.07 23.92 -31.13
C ASP HA 327 -89.24 24.06 -30.17
N VAL HA 328 -90.39 23.53 -30.55
CA VAL HA 328 -91.59 23.64 -29.74
C VAL HA 328 -92.06 22.24 -29.36
N THR HA 329 -91.12 21.32 -29.21
CA THR HA 329 -91.47 19.95 -28.86
C THR HA 329 -92.17 19.89 -27.51
N ALA HA 330 -91.65 20.63 -26.53
CA ALA HA 330 -92.25 20.63 -25.19
C ALA HA 330 -93.56 21.40 -25.13
N ARG HA 331 -93.92 22.12 -26.18
CA ARG HA 331 -95.12 22.96 -26.18
C ARG HA 331 -96.15 22.48 -27.19
N CYS HA 332 -96.08 21.23 -27.63
CA CYS HA 332 -96.96 20.71 -28.66
C CYS HA 332 -97.75 19.51 -28.14
N THR HA 333 -98.94 19.34 -28.68
CA THR HA 333 -99.80 18.19 -28.37
C THR HA 333 -99.76 17.23 -29.55
N PHE HA 334 -99.44 15.98 -29.27
CA PHE HA 334 -99.20 14.98 -30.31
C PHE HA 334 -100.32 13.95 -30.33
N ALA HA 335 -100.82 13.65 -31.52
CA ALA HA 335 -101.88 12.68 -31.70
C ALA HA 335 -101.51 11.74 -32.84
N SER HA 336 -102.03 10.52 -32.78
CA SER HA 336 -101.79 9.50 -33.79
C SER HA 336 -103.08 9.22 -34.54
N SER HA 337 -103.00 9.26 -35.87
CA SER HA 337 -104.17 8.89 -36.68
C SER HA 337 -104.49 7.41 -36.52
N ALA HA 338 -103.47 6.56 -36.49
CA ALA HA 338 -103.64 5.10 -36.35
C ALA HA 338 -102.80 4.65 -35.15
N GLY HA 339 -103.38 4.71 -33.96
CA GLY HA 339 -102.69 4.23 -32.78
C GLY HA 339 -102.51 2.72 -32.77
N THR HA 340 -103.39 2.00 -33.44
CA THR HA 340 -103.25 0.55 -33.54
C THR HA 340 -102.02 0.14 -34.35
N LYS HA 341 -101.48 1.05 -35.15
CA LYS HA 341 -100.27 0.82 -35.92
C LYS HA 341 -99.03 1.41 -35.26
N ALA HA 342 -99.15 2.60 -34.70
CA ALA HA 342 -98.05 3.24 -33.96
C ALA HA 342 -98.63 4.38 -33.13
N THR HA 343 -98.15 4.51 -31.91
CA THR HA 343 -98.61 5.55 -31.00
C THR HA 343 -97.50 6.57 -30.77
N VAL HA 344 -97.88 7.72 -30.23
CA VAL HA 344 -96.93 8.77 -29.91
C VAL HA 344 -97.31 9.39 -28.57
N SER HA 345 -96.33 9.62 -27.72
CA SER HA 345 -96.58 10.18 -26.39
C SER HA 345 -96.75 11.68 -26.48
N ALA HA 346 -97.01 12.31 -25.33
CA ALA HA 346 -97.14 13.75 -25.27
C ALA HA 346 -95.81 14.48 -25.32
N ALA HA 347 -94.69 13.76 -25.16
CA ALA HA 347 -93.37 14.36 -25.22
C ALA HA 347 -92.74 14.24 -26.60
N GLY HA 348 -93.43 13.66 -27.58
CA GLY HA 348 -92.88 13.53 -28.91
C GLY HA 348 -92.00 12.31 -29.09
N LEU HA 349 -92.43 11.19 -28.54
CA LEU HA 349 -91.70 9.92 -28.65
C LEU HA 349 -92.64 8.91 -29.30
N VAL HA 350 -92.45 8.67 -30.60
CA VAL HA 350 -93.28 7.73 -31.33
C VAL HA 350 -92.74 6.33 -31.17
N THR HA 351 -93.63 5.41 -30.79
CA THR HA 351 -93.31 3.99 -30.67
C THR HA 351 -94.30 3.20 -31.53
N GLY HA 352 -93.80 2.31 -32.35
CA GLY HA 352 -94.64 1.49 -33.19
C GLY HA 352 -95.13 0.24 -32.47
N VAL HA 353 -96.32 -0.23 -32.88
CA VAL HA 353 -96.86 -1.48 -32.37
C VAL HA 353 -97.10 -2.51 -33.47
N ALA HA 354 -97.12 -2.11 -34.73
CA ALA HA 354 -97.27 -3.04 -35.84
C ALA HA 354 -96.62 -2.44 -37.07
N ALA HA 355 -96.26 -3.31 -38.02
CA ALA HA 355 -95.68 -2.84 -39.26
C ALA HA 355 -96.74 -2.17 -40.11
N GLY HA 356 -96.41 -1.01 -40.65
CA GLY HA 356 -97.32 -0.27 -41.49
C GLY HA 356 -97.12 1.22 -41.31
N THR HA 357 -97.95 1.98 -42.00
CA THR HA 357 -97.88 3.44 -41.96
C THR HA 357 -98.80 4.00 -40.90
N ALA HA 358 -98.43 5.15 -40.37
CA ALA HA 358 -99.25 5.90 -39.42
C ALA HA 358 -99.04 7.38 -39.68
N ASP HA 359 -100.03 8.18 -39.29
CA ASP HA 359 -99.98 9.63 -39.45
C ASP HA 359 -100.00 10.28 -38.08
N ILE HA 360 -99.04 11.16 -37.84
CA ILE HA 360 -98.88 11.85 -36.57
C ILE HA 360 -99.19 13.32 -36.79
N THR HA 361 -100.06 13.88 -35.95
CA THR HA 361 -100.44 15.28 -36.00
C THR HA 361 -99.91 16.00 -34.77
N ALA HA 362 -99.21 17.10 -34.99
CA ALA HA 362 -98.68 17.95 -33.93
C ALA HA 362 -99.47 19.26 -33.94
N SER HA 363 -100.05 19.61 -32.80
CA SER HA 363 -100.84 20.81 -32.65
C SER HA 363 -100.16 21.75 -31.69
N TYR HA 364 -99.98 23.00 -32.11
CA TYR HA 364 -99.29 24.01 -31.31
C TYR HA 364 -100.13 25.27 -31.27
N VAL HA 365 -100.50 25.70 -30.08
CA VAL HA 365 -101.19 26.98 -29.91
C VAL HA 365 -100.14 28.09 -29.99
N PRO HA 366 -100.28 29.04 -30.91
CA PRO HA 366 -99.25 30.06 -31.09
C PRO HA 366 -99.23 31.03 -29.93
N PRO HA 367 -98.11 31.72 -29.71
CA PRO HA 367 -98.05 32.71 -28.62
C PRO HA 367 -99.08 33.81 -28.76
N GLN HA 368 -99.40 34.24 -29.97
CA GLN HA 368 -100.39 35.29 -30.13
C GLN HA 368 -101.80 34.82 -29.83
N GLY HA 369 -102.01 33.52 -29.65
CA GLY HA 369 -103.32 32.98 -29.37
C GLY HA 369 -104.11 32.72 -30.63
N GLY HA 370 -105.23 32.04 -30.44
CA GLY HA 370 -106.13 31.70 -31.53
C GLY HA 370 -106.12 30.22 -31.84
N THR HA 371 -106.58 29.91 -33.04
CA THR HA 371 -106.65 28.51 -33.47
C THR HA 371 -105.26 27.92 -33.57
N ALA HA 372 -105.12 26.68 -33.12
CA ALA HA 372 -103.81 26.03 -33.10
C ALA HA 372 -103.36 25.71 -34.52
N LYS HA 373 -102.08 25.37 -34.64
CA LYS HA 373 -101.45 25.08 -35.91
C LYS HA 373 -101.01 23.62 -35.96
N THR HA 374 -101.22 22.99 -37.11
CA THR HA 374 -101.13 21.54 -37.25
C THR HA 374 -100.04 21.18 -38.24
N ALA HA 375 -99.16 20.25 -37.85
CA ALA HA 375 -98.14 19.68 -38.72
C ALA HA 375 -98.32 18.17 -38.75
N THR HA 376 -98.48 17.62 -39.95
CA THR HA 376 -98.77 16.20 -40.13
C THR HA 376 -97.57 15.50 -40.77
N VAL HA 377 -97.19 14.36 -40.21
CA VAL HA 377 -96.06 13.59 -40.71
C VAL HA 377 -96.49 12.12 -40.80
N THR HA 378 -95.76 11.36 -41.61
CA THR HA 378 -96.04 9.95 -41.81
C THR HA 378 -94.87 9.12 -41.29
N VAL HA 379 -95.17 8.10 -40.49
CA VAL HA 379 -94.19 7.22 -39.90
C VAL HA 379 -94.44 5.81 -40.43
N THR HA 380 -93.43 5.21 -41.03
CA THR HA 380 -93.54 3.86 -41.57
C THR HA 380 -92.82 2.92 -40.60
N VAL HA 381 -93.58 2.31 -39.71
CA VAL HA 381 -93.01 1.38 -38.73
C VAL HA 381 -92.72 0.06 -39.43
N PRO HA 382 -91.48 -0.45 -39.37
CA PRO HA 382 -91.17 -1.73 -40.02
C PRO HA 382 -91.80 -2.91 -39.28
N GLY IA 2 -89.13 82.94 -128.82
CA GLY IA 2 -90.10 83.57 -129.70
C GLY IA 2 -90.19 85.07 -129.49
N LEU IA 3 -90.95 85.47 -128.49
CA LEU IA 3 -91.10 86.87 -128.13
C LEU IA 3 -90.67 87.06 -126.67
N ILE IA 4 -90.23 88.28 -126.35
CA ILE IA 4 -89.83 88.58 -124.99
C ILE IA 4 -91.02 88.49 -124.04
N SER IA 5 -92.17 89.02 -124.48
CA SER IA 5 -93.37 89.00 -123.64
C SER IA 5 -93.98 87.61 -123.50
N ASP IA 6 -93.50 86.63 -124.26
CA ASP IA 6 -94.06 85.29 -124.19
C ASP IA 6 -93.74 84.65 -122.84
N PRO IA 7 -94.57 83.71 -122.38
CA PRO IA 7 -94.28 83.01 -121.12
C PRO IA 7 -92.99 82.21 -121.22
N VAL IA 8 -92.34 82.06 -120.07
CA VAL IA 8 -91.04 81.41 -120.03
C VAL IA 8 -91.16 79.96 -120.48
N GLU IA 9 -90.27 79.55 -121.37
CA GLU IA 9 -90.22 78.16 -121.82
C GLU IA 9 -89.59 77.29 -120.75
N VAL IA 10 -89.90 75.99 -120.82
CA VAL IA 10 -89.34 75.03 -119.87
C VAL IA 10 -87.82 74.98 -120.03
N ASP IA 11 -87.11 74.94 -118.90
CA ASP IA 11 -85.66 74.99 -118.93
C ASP IA 11 -85.10 73.63 -119.34
N PRO IA 12 -84.28 73.56 -120.40
CA PRO IA 12 -83.62 72.29 -120.72
C PRO IA 12 -82.75 71.77 -119.59
N ILE IA 13 -82.13 72.65 -118.81
CA ILE IA 13 -81.36 72.20 -117.65
C ILE IA 13 -82.28 71.52 -116.66
N GLN IA 14 -83.46 72.10 -116.42
CA GLN IA 14 -84.43 71.48 -115.52
C GLN IA 14 -84.91 70.14 -116.06
N VAL IA 15 -85.13 70.05 -117.37
CA VAL IA 15 -85.57 68.80 -117.97
C VAL IA 15 -84.52 67.72 -117.77
N GLY IA 16 -83.25 68.06 -118.03
CA GLY IA 16 -82.18 67.09 -117.83
C GLY IA 16 -82.00 66.71 -116.38
N ARG IA 17 -82.14 67.67 -115.47
CA ARG IA 17 -82.00 67.37 -114.05
C ARG IA 17 -83.11 66.45 -113.58
N ASP IA 18 -84.33 66.67 -114.04
CA ASP IA 18 -85.43 65.75 -113.72
C ASP IA 18 -85.17 64.37 -114.32
N GLU IA 19 -84.64 64.32 -115.54
CA GLU IA 19 -84.33 63.03 -116.16
C GLU IA 19 -83.30 62.26 -115.37
N ALA IA 20 -82.26 62.95 -114.89
CA ALA IA 20 -81.26 62.28 -114.06
C ALA IA 20 -81.87 61.76 -112.77
N GLY IA 21 -82.93 62.40 -112.28
CA GLY IA 21 -83.67 61.92 -111.13
C GLY IA 21 -82.91 61.94 -109.82
N TRP IA 22 -82.16 63.01 -109.56
CA TRP IA 22 -81.47 63.17 -108.30
C TRP IA 22 -82.06 64.27 -107.43
N VAL IA 23 -83.14 64.91 -107.86
CA VAL IA 23 -83.83 65.85 -106.99
C VAL IA 23 -84.41 65.10 -105.81
N GLN IA 24 -84.48 65.76 -104.66
CA GLN IA 24 -84.83 65.11 -103.40
C GLN IA 24 -86.31 65.30 -103.11
N GLU IA 25 -87.03 64.20 -102.99
CA GLU IA 25 -88.42 64.19 -102.56
C GLU IA 25 -88.52 63.45 -101.24
N LEU IA 26 -89.37 63.96 -100.34
CA LEU IA 26 -89.44 63.50 -98.98
C LEU IA 26 -90.90 63.29 -98.58
N ARG IA 27 -91.08 62.56 -97.48
CA ARG IA 27 -92.42 62.35 -96.95
C ARG IA 27 -92.98 63.63 -96.36
N ASP IA 28 -94.29 63.80 -96.47
CA ASP IA 28 -94.95 64.96 -95.92
C ASP IA 28 -94.89 64.92 -94.39
N ARG IA 29 -94.66 66.09 -93.79
CA ARG IA 29 -94.61 66.16 -92.33
C ARG IA 29 -95.99 65.97 -91.72
N GLU IA 30 -97.02 66.50 -92.37
CA GLU IA 30 -98.36 66.59 -91.79
C GLU IA 30 -99.33 65.62 -92.43
N ALA IA 31 -98.86 64.41 -92.73
CA ALA IA 31 -99.71 63.36 -93.28
C ALA IA 31 -99.78 62.22 -92.27
N TRP IA 32 -101.00 61.84 -91.89
CA TRP IA 32 -101.20 60.74 -90.97
C TRP IA 32 -102.08 59.69 -91.62
N PRO IA 33 -101.67 58.42 -91.62
CA PRO IA 33 -100.44 57.85 -91.05
C PRO IA 33 -99.21 58.26 -91.85
N LYS IA 34 -98.01 57.96 -91.36
CA LYS IA 34 -96.80 58.38 -92.06
C LYS IA 34 -96.75 57.79 -93.46
N GLN IA 35 -96.41 58.63 -94.43
CA GLN IA 35 -96.42 58.22 -95.83
C GLN IA 35 -95.32 57.21 -96.10
N GLU IA 36 -95.50 56.45 -97.18
CA GLU IA 36 -94.46 55.50 -97.58
C GLU IA 36 -93.28 56.24 -98.18
N VAL IA 37 -92.14 55.57 -98.18
CA VAL IA 37 -90.91 56.16 -98.74
C VAL IA 37 -91.08 56.30 -100.24
N PRO IA 38 -90.86 57.50 -100.81
CA PRO IA 38 -90.95 57.64 -102.26
C PRO IA 38 -89.88 56.80 -102.95
N GLU IA 39 -90.21 56.33 -104.15
CA GLU IA 39 -89.31 55.42 -104.85
C GLU IA 39 -87.97 56.05 -105.16
N GLN IA 40 -87.91 57.38 -105.23
CA GLN IA 40 -86.65 58.04 -105.55
C GLN IA 40 -85.69 58.01 -104.36
N ALA IA 41 -86.22 58.11 -103.14
CA ALA IA 41 -85.37 58.24 -101.96
C ALA IA 41 -84.60 56.97 -101.64
N LYS IA 42 -85.03 55.82 -102.18
CA LYS IA 42 -84.36 54.56 -101.88
C LYS IA 42 -83.70 53.94 -103.11
N LYS IA 43 -83.44 54.74 -104.15
CA LYS IA 43 -82.75 54.21 -105.31
C LYS IA 43 -81.27 54.01 -104.99
N PRO IA 44 -80.63 53.00 -105.57
CA PRO IA 44 -79.22 52.75 -105.28
C PRO IA 44 -78.31 53.66 -106.08
N ALA IA 45 -77.08 53.77 -105.60
CA ALA IA 45 -76.10 54.62 -106.25
C ALA IA 45 -75.73 54.08 -107.62
N LYS IA 46 -75.47 55.00 -108.55
CA LYS IA 46 -75.07 54.61 -109.90
C LYS IA 46 -73.76 53.83 -109.87
N VAL IA 47 -73.68 52.79 -110.71
CA VAL IA 47 -72.52 51.90 -110.67
C VAL IA 47 -71.29 52.54 -111.29
N GLY IA 48 -71.43 53.59 -112.09
CA GLY IA 48 -70.29 54.17 -112.75
C GLY IA 48 -70.10 55.65 -112.50
N ASN IA 49 -68.88 56.04 -112.12
CA ASN IA 49 -68.58 57.44 -111.83
C ASN IA 49 -68.46 58.24 -113.14
#